data_8IXF
#
_entry.id   8IXF
#
loop_
_entity.id
_entity.type
_entity.pdbx_description
1 polymer 'Tubulin alpha-4A chain'
2 polymer 'Tubulin beta-2A chain'
3 polymer 'Kinesin-1 heavy chain'
4 non-polymer "GUANOSINE-5'-TRIPHOSPHATE"
5 non-polymer 'PHOSPHOMETHYLPHOSPHONIC ACID GUANYLATE ESTER'
6 non-polymer "ADENOSINE-5'-TRIPHOSPHATE"
#
loop_
_entity_poly.entity_id
_entity_poly.type
_entity_poly.pdbx_seq_one_letter_code
_entity_poly.pdbx_strand_id
1 'polypeptide(L)'
;MRECISVHVGQAGVQMGNACWELYCLEHGIQPDGQMPSDKTIHHHHHHGGGDDSFTTFFCETGAGKHVPRAVFVDLEPTV
IDEIRNGPYRQLFHPEQLITGKEDAANNYARGHYTIGKEIIDPVLDRIRKLSDQCTGLQGFLVFHSFGGGTGSGFTSLLM
ERLSVDYGKKSKLEFSIYPAPQVSTAVVEPYNSILTTHTTLEHSDCAFMVDNEAIYDICRRNLDIERPTYTNLNRLISQI
VSSITASLRFDGALNVDLTEFQTNLVPYPRIHFPLATYAPVISAEKAYHEQLSVAEITNACFEPANQMVKCDPRHGKYMA
CCLLYRGDVVPKDVNAAIAAIKTKRSIQFVDWCPTGFKVGINYQPPTVVPGGDLAKVQRAVCMLSNTTAIAEAWARLDHK
FDLMYAKRAFVHWYVGEGMEEGEFSEAREDMAALEKDYEEVGIDSYEDEDEGEE
;
I,A,B,C,D,E,F,G,H
2 'polypeptide(L)'
;MREIVHIQAGQCGNQIGAKFWEVISDEHGIDPTGSYHGDSDLQLERINVYYNEAAGNKYVPRAILVDLEPGTMDSVRSGP
FGQIFRPDNFVFGQSGAGNNWAKGHYTEGAELVDSVLDVVRKESESCDCLQGFQLTHSLGGGTGSGMGTLLISKIREEYP
DRIMNTFSVMPSPKVSDTVVEPYNATLSVHQLVENTDETYSIDNEALYDICFRTLKLTTPTYGDLNHLVSATMSGVTTCL
RFPGQLNADLRKLAVNMVPFPRLHFFMPGFAPLTSRGSQQYRALTVPELTQQMFDSKNMMAACDPRHGRYLTVAAIFRGR
MSMKEVDEQMLNVQNKNSSYFVEWIPNNVKTAVCDIPPRGLKMSATFIGNSTAIQELFKRISEQFTAMFRRKAFLHWYTG
EGMDEMEFTEAESNMNDLVSEYQQYQDATADEQGEFEEEEGEDEAGGSGGDYKDDDK
;
Q,J,K,L,M,N,O,P,R
3 'polypeptide(L)'
;MGSSHHHHHHSSGLVPRGSHMASMADLAECNIKVMCRFRPLNESEVNRGDKYIAKFQGEDTVVIASKPYAFDRVFQSSTS
QEQVYNDCAKKIVKDVLEGYNGTIFAYGQTSSGKTHTMEGKLHDPEGMGIIPRIVQDIFNYIYSMDENLEFHIKVSYFEI
YLDKIRDLLDVSKTNLSVHEDKNRVPYVKGCTERFVCSPDEVMDTIDEGKSNRHVAVTNMNEHSSRSHSIFLINVKQENT
QTEQKLSGKLYLVDLAGSAKVSKTGAEGAVLDEAKNINKSLSALGNVISALAEGSTYVPYRDSKMTRILQDSLGGNCRTT
IVICCSPSSYNESETKSTLLFGQRAKTIKNTVCVNVELTAEQWKKKYEKEKE
;
Y,S,T,U,V,W,X,Z,a
#
loop_
_chem_comp.id
_chem_comp.type
_chem_comp.name
_chem_comp.formula
ATP non-polymer ADENOSINE-5'-TRIPHOSPHATE 'C10 H16 N5 O13 P3'
G2P non-polymer 'PHOSPHOMETHYLPHOSPHONIC ACID GUANYLATE ESTER' 'C11 H18 N5 O13 P3'
GTP non-polymer GUANOSINE-5'-TRIPHOSPHATE 'C10 H16 N5 O14 P3'
#
# COMPACT_ATOMS: atom_id res chain seq x y z
N ARG A 2 -28.56 2.93 27.83
CA ARG A 2 -28.26 2.27 26.56
C ARG A 2 -27.26 3.10 25.75
N GLU A 3 -26.11 2.49 25.44
CA GLU A 3 -25.07 3.14 24.67
C GLU A 3 -24.34 2.10 23.84
N CYS A 4 -23.56 2.57 22.87
CA CYS A 4 -22.79 1.70 22.00
C CYS A 4 -21.61 2.49 21.43
N ILE A 5 -20.48 1.79 21.28
CA ILE A 5 -19.24 2.37 20.78
C ILE A 5 -18.88 1.68 19.47
N SER A 6 -18.01 2.34 18.70
CA SER A 6 -17.63 1.87 17.37
C SER A 6 -16.19 2.26 17.07
N VAL A 7 -15.52 1.40 16.29
CA VAL A 7 -14.15 1.61 15.84
C VAL A 7 -14.10 1.39 14.34
N HIS A 8 -13.41 2.30 13.64
CA HIS A 8 -13.30 2.27 12.18
C HIS A 8 -11.86 1.96 11.81
N VAL A 9 -11.69 1.03 10.87
CA VAL A 9 -10.38 0.53 10.46
C VAL A 9 -10.26 0.68 8.94
N GLY A 10 -9.16 1.28 8.50
CA GLY A 10 -8.83 1.34 7.09
C GLY A 10 -9.44 2.53 6.38
N GLN A 11 -9.09 2.65 5.09
CA GLN A 11 -9.65 3.69 4.25
C GLN A 11 -11.16 3.50 4.09
N ALA A 12 -11.60 2.24 4.02
CA ALA A 12 -13.03 1.97 3.90
C ALA A 12 -13.78 2.36 5.17
N GLY A 13 -13.15 2.18 6.34
CA GLY A 13 -13.82 2.50 7.58
C GLY A 13 -13.96 3.99 7.81
N VAL A 14 -12.84 4.72 7.69
CA VAL A 14 -12.85 6.15 7.97
C VAL A 14 -13.65 6.93 6.95
N GLN A 15 -13.69 6.48 5.70
CA GLN A 15 -14.55 7.12 4.71
C GLN A 15 -16.02 6.95 5.04
N MET A 16 -16.39 5.78 5.55
CA MET A 16 -17.73 5.61 6.12
C MET A 16 -17.84 6.29 7.48
N GLY A 17 -16.75 6.37 8.23
CA GLY A 17 -16.78 7.08 9.50
C GLY A 17 -17.01 8.56 9.34
N ASN A 18 -16.34 9.18 8.37
CA ASN A 18 -16.56 10.59 8.10
C ASN A 18 -17.95 10.85 7.55
N ALA A 19 -18.53 9.88 6.85
CA ALA A 19 -19.84 10.04 6.22
C ALA A 19 -21.00 9.73 7.16
N CYS A 20 -20.82 8.84 8.14
CA CYS A 20 -21.90 8.46 9.03
C CYS A 20 -22.05 9.39 10.21
N TRP A 21 -20.94 9.92 10.75
CA TRP A 21 -21.02 10.81 11.90
C TRP A 21 -21.52 12.20 11.54
N GLU A 22 -21.36 12.62 10.28
CA GLU A 22 -22.01 13.85 9.83
C GLU A 22 -23.52 13.66 9.74
N LEU A 23 -23.96 12.43 9.46
CA LEU A 23 -25.40 12.14 9.47
C LEU A 23 -25.93 12.09 10.89
N TYR A 24 -25.17 11.51 11.83
CA TYR A 24 -25.64 11.42 13.21
C TYR A 24 -25.71 12.79 13.87
N CYS A 25 -24.83 13.72 13.50
CA CYS A 25 -24.81 15.03 14.12
C CYS A 25 -25.96 15.92 13.66
N LEU A 26 -26.33 15.84 12.37
CA LEU A 26 -27.44 16.65 11.87
C LEU A 26 -28.80 16.10 12.28
N GLU A 27 -28.88 14.81 12.62
CA GLU A 27 -30.14 14.26 13.11
C GLU A 27 -30.50 14.85 14.46
N HIS A 28 -29.55 14.87 15.39
CA HIS A 28 -29.76 15.39 16.74
C HIS A 28 -29.50 16.89 16.85
N GLY A 29 -29.44 17.61 15.72
CA GLY A 29 -29.21 19.04 15.77
C GLY A 29 -27.84 19.45 16.28
N ILE A 30 -26.85 18.56 16.21
CA ILE A 30 -25.50 18.85 16.66
C ILE A 30 -24.76 19.55 15.53
N GLN A 31 -24.42 20.81 15.74
CA GLN A 31 -23.68 21.57 14.76
C GLN A 31 -22.26 21.01 14.65
N PRO A 32 -21.55 21.24 13.53
CA PRO A 32 -20.20 20.67 13.40
C PRO A 32 -19.15 21.29 14.31
N ASP A 33 -19.45 22.41 14.99
CA ASP A 33 -18.49 23.04 15.89
C ASP A 33 -18.41 22.37 17.26
N GLY A 34 -19.18 21.30 17.52
CA GLY A 34 -19.09 20.50 18.73
C GLY A 34 -20.27 20.63 19.67
N GLN A 35 -21.19 21.57 19.45
CA GLN A 35 -22.36 21.81 20.30
C GLN A 35 -23.61 21.88 19.43
N MET A 36 -24.76 22.02 20.08
CA MET A 36 -26.03 22.13 19.38
C MET A 36 -26.12 23.46 18.62
N ASP A 52 -33.36 15.00 24.51
CA ASP A 52 -32.41 14.99 25.62
C ASP A 52 -31.71 13.64 25.71
N ASP A 53 -32.50 12.57 25.85
CA ASP A 53 -31.99 11.21 25.95
C ASP A 53 -31.87 10.53 24.58
N SER A 54 -31.85 11.30 23.49
CA SER A 54 -31.73 10.75 22.14
C SER A 54 -30.29 10.63 21.68
N PHE A 55 -29.44 11.61 21.99
CA PHE A 55 -28.03 11.59 21.61
C PHE A 55 -27.14 10.89 22.64
N THR A 56 -27.68 10.43 23.77
CA THR A 56 -26.85 9.80 24.80
C THR A 56 -26.33 8.44 24.38
N THR A 57 -26.90 7.81 23.35
CA THR A 57 -26.44 6.50 22.93
C THR A 57 -25.06 6.58 22.28
N PHE A 58 -24.88 7.52 21.37
CA PHE A 58 -23.64 7.69 20.61
C PHE A 58 -22.77 8.83 21.11
N PHE A 59 -23.36 9.97 21.46
CA PHE A 59 -22.64 11.16 21.90
C PHE A 59 -22.72 11.30 23.41
N CYS A 60 -21.62 11.76 24.00
CA CYS A 60 -21.51 11.99 25.44
C CYS A 60 -21.82 13.45 25.76
N GLU A 61 -21.83 13.76 27.05
CA GLU A 61 -22.04 15.12 27.56
C GLU A 61 -20.72 15.60 28.13
N THR A 62 -20.08 16.53 27.43
CA THR A 62 -18.75 17.04 27.79
C THR A 62 -18.88 18.29 28.65
N GLY A 63 -19.33 18.07 29.89
CA GLY A 63 -19.40 19.13 30.87
C GLY A 63 -20.64 19.99 30.76
N ALA A 64 -20.66 20.91 29.78
CA ALA A 64 -21.77 21.84 29.63
C ALA A 64 -21.71 22.42 28.22
N GLY A 65 -22.74 22.16 27.43
CA GLY A 65 -22.84 22.71 26.09
C GLY A 65 -21.73 22.24 25.15
N LYS A 66 -21.38 20.96 25.25
CA LYS A 66 -20.35 20.40 24.39
C LYS A 66 -20.48 18.88 24.45
N HIS A 67 -20.23 18.22 23.31
CA HIS A 67 -20.37 16.78 23.14
C HIS A 67 -19.13 16.22 22.49
N VAL A 68 -18.98 14.89 22.59
CA VAL A 68 -17.89 14.16 21.95
C VAL A 68 -18.45 12.82 21.50
N PRO A 69 -18.18 12.33 20.28
CA PRO A 69 -18.67 11.00 19.92
C PRO A 69 -17.91 9.89 20.62
N ARG A 70 -18.57 8.74 20.73
CA ARG A 70 -17.96 7.51 21.21
C ARG A 70 -17.37 6.74 20.01
N ALA A 71 -16.34 7.36 19.42
CA ALA A 71 -15.69 6.85 18.22
C ALA A 71 -14.18 6.89 18.39
N VAL A 72 -13.51 5.90 17.81
CA VAL A 72 -12.05 5.84 17.75
C VAL A 72 -11.66 5.36 16.36
N PHE A 73 -11.26 6.30 15.50
CA PHE A 73 -10.81 5.97 14.16
C PHE A 73 -9.35 5.54 14.24
N VAL A 74 -9.10 4.26 13.97
CA VAL A 74 -7.77 3.67 13.99
C VAL A 74 -7.38 3.36 12.55
N ASP A 75 -6.13 3.68 12.20
CA ASP A 75 -5.61 3.36 10.88
C ASP A 75 -4.10 3.47 10.93
N LEU A 76 -3.43 2.55 10.22
CA LEU A 76 -1.97 2.53 10.20
C LEU A 76 -1.40 3.61 9.29
N GLU A 77 -1.99 3.80 8.10
CA GLU A 77 -1.53 4.84 7.19
C GLU A 77 -2.07 6.20 7.65
N PRO A 78 -1.24 7.25 7.73
CA PRO A 78 -1.68 8.48 8.38
C PRO A 78 -2.38 9.51 7.49
N THR A 79 -2.59 9.21 6.21
CA THR A 79 -3.20 10.19 5.32
C THR A 79 -4.65 10.48 5.66
N VAL A 80 -5.40 9.47 6.10
CA VAL A 80 -6.81 9.67 6.44
C VAL A 80 -6.98 10.32 7.81
N ILE A 81 -6.06 10.10 8.74
CA ILE A 81 -6.23 10.58 10.10
C ILE A 81 -6.05 12.08 10.16
N ASP A 82 -4.92 12.58 9.64
CA ASP A 82 -4.67 14.02 9.68
C ASP A 82 -5.59 14.80 8.75
N GLU A 83 -6.13 14.16 7.70
CA GLU A 83 -7.13 14.81 6.88
C GLU A 83 -8.40 15.07 7.68
N ILE A 84 -8.74 14.15 8.59
CA ILE A 84 -9.88 14.37 9.47
C ILE A 84 -9.56 15.46 10.48
N ARG A 85 -8.31 15.52 10.94
CA ARG A 85 -7.90 16.60 11.84
C ARG A 85 -7.90 17.95 11.15
N ASN A 86 -7.49 18.00 9.88
CA ASN A 86 -7.57 19.21 9.06
C ASN A 86 -8.83 19.27 8.21
N GLY A 87 -9.82 18.41 8.47
CA GLY A 87 -11.06 18.42 7.72
C GLY A 87 -12.00 19.49 8.23
N PRO A 88 -13.27 19.43 7.83
CA PRO A 88 -14.26 20.38 8.38
C PRO A 88 -14.71 20.02 9.78
N TYR A 89 -14.81 18.72 10.06
CA TYR A 89 -15.29 18.23 11.36
C TYR A 89 -14.13 18.07 12.34
N ARG A 90 -13.52 19.20 12.70
CA ARG A 90 -12.37 19.19 13.60
C ARG A 90 -12.79 19.09 15.06
N GLN A 91 -13.74 19.92 15.48
CA GLN A 91 -14.09 20.04 16.89
C GLN A 91 -15.00 18.92 17.40
N LEU A 92 -15.66 18.18 16.50
CA LEU A 92 -16.53 17.11 16.96
C LEU A 92 -15.74 15.97 17.58
N PHE A 93 -14.85 15.36 16.80
CA PHE A 93 -14.09 14.21 17.27
C PHE A 93 -12.96 14.66 18.19
N HIS A 94 -12.62 13.81 19.15
CA HIS A 94 -11.54 14.11 20.08
C HIS A 94 -10.21 14.07 19.32
N PRO A 95 -9.26 14.98 19.61
CA PRO A 95 -7.98 14.89 18.89
C PRO A 95 -7.16 13.66 19.26
N GLU A 96 -7.33 13.14 20.49
CA GLU A 96 -6.60 11.95 20.91
C GLU A 96 -7.23 10.68 20.39
N GLN A 97 -8.56 10.66 20.20
CA GLN A 97 -9.23 9.46 19.71
C GLN A 97 -8.82 9.12 18.27
N LEU A 98 -8.43 10.12 17.49
CA LEU A 98 -8.00 9.90 16.10
C LEU A 98 -6.60 9.31 16.13
N ILE A 99 -6.52 7.98 16.24
CA ILE A 99 -5.25 7.27 16.33
C ILE A 99 -4.66 7.15 14.93
N THR A 100 -3.35 7.30 14.83
CA THR A 100 -2.60 7.15 13.60
C THR A 100 -1.38 6.27 13.85
N GLY A 101 -1.00 5.51 12.84
CA GLY A 101 0.15 4.61 12.90
C GLY A 101 1.41 5.28 12.43
N LYS A 102 2.35 4.46 11.94
CA LYS A 102 3.66 4.89 11.47
C LYS A 102 3.97 4.36 10.07
N GLU A 103 3.47 3.18 9.74
CA GLU A 103 3.75 2.54 8.46
C GLU A 103 2.50 1.78 8.01
N ASP A 104 2.21 1.86 6.71
CA ASP A 104 0.99 1.29 6.17
C ASP A 104 1.03 -0.23 6.21
N ALA A 105 -0.16 -0.83 6.32
CA ALA A 105 -0.28 -2.29 6.25
C ALA A 105 0.15 -2.83 4.90
N ALA A 106 -0.03 -2.04 3.84
CA ALA A 106 0.44 -2.37 2.49
C ALA A 106 -0.24 -3.62 1.95
N ASN A 107 -1.57 -3.67 2.14
CA ASN A 107 -2.43 -4.64 1.46
C ASN A 107 -2.11 -6.09 1.85
N ASN A 108 -1.56 -6.27 3.06
CA ASN A 108 -1.07 -7.56 3.54
C ASN A 108 -1.77 -7.91 4.83
N TYR A 109 -2.32 -9.12 4.90
CA TYR A 109 -2.95 -9.59 6.13
C TYR A 109 -1.93 -9.74 7.25
N ALA A 110 -0.72 -10.22 6.91
CA ALA A 110 0.27 -10.49 7.94
C ALA A 110 0.90 -9.21 8.48
N ARG A 111 1.10 -8.21 7.62
CA ARG A 111 1.83 -7.02 8.03
C ARG A 111 1.02 -6.17 9.01
N GLY A 112 -0.29 -6.07 8.79
CA GLY A 112 -1.15 -5.37 9.72
C GLY A 112 -1.56 -6.15 10.96
N HIS A 113 -1.07 -7.39 11.12
CA HIS A 113 -1.45 -8.29 12.21
C HIS A 113 -0.30 -8.60 13.16
N TYR A 114 0.94 -8.71 12.66
CA TYR A 114 2.09 -9.14 13.44
C TYR A 114 3.14 -8.06 13.60
N THR A 115 3.63 -7.47 12.51
CA THR A 115 4.68 -6.47 12.60
C THR A 115 4.13 -5.13 13.06
N ILE A 116 3.23 -4.54 12.27
CA ILE A 116 2.65 -3.25 12.60
C ILE A 116 1.44 -3.40 13.54
N GLY A 117 0.78 -4.55 13.54
CA GLY A 117 -0.40 -4.72 14.37
C GLY A 117 -0.07 -4.81 15.84
N LYS A 118 0.95 -5.61 16.19
CA LYS A 118 1.26 -5.86 17.59
C LYS A 118 1.75 -4.61 18.32
N GLU A 119 2.40 -3.68 17.62
CA GLU A 119 2.98 -2.51 18.27
C GLU A 119 2.02 -1.35 18.43
N ILE A 120 0.76 -1.47 17.99
CA ILE A 120 -0.23 -0.39 18.02
C ILE A 120 -1.52 -0.81 18.74
N ILE A 121 -1.76 -2.11 18.90
CA ILE A 121 -2.94 -2.56 19.65
C ILE A 121 -2.89 -2.13 21.11
N ASP A 122 -1.70 -1.96 21.69
CA ASP A 122 -1.61 -1.66 23.12
C ASP A 122 -2.14 -0.26 23.42
N PRO A 123 -1.84 0.76 22.62
CA PRO A 123 -2.60 2.02 22.76
C PRO A 123 -4.08 1.89 22.47
N VAL A 124 -4.48 0.94 21.63
CA VAL A 124 -5.88 0.88 21.16
C VAL A 124 -6.74 0.08 22.13
N LEU A 125 -6.26 -1.06 22.58
CA LEU A 125 -7.10 -1.97 23.37
C LEU A 125 -7.41 -1.38 24.75
N ASP A 126 -6.41 -0.79 25.40
CA ASP A 126 -6.65 -0.13 26.68
C ASP A 126 -7.51 1.12 26.55
N ARG A 127 -7.58 1.72 25.37
CA ARG A 127 -8.42 2.91 25.18
C ARG A 127 -9.90 2.54 25.21
N ILE A 128 -10.27 1.49 24.47
CA ILE A 128 -11.66 1.06 24.46
C ILE A 128 -12.10 0.52 25.83
N ARG A 129 -11.15 0.03 26.64
CA ARG A 129 -11.48 -0.36 28.00
C ARG A 129 -11.94 0.85 28.83
N LYS A 130 -11.08 1.86 28.95
CA LYS A 130 -11.42 3.03 29.76
C LYS A 130 -12.48 3.89 29.09
N LEU A 131 -12.56 3.88 27.75
CA LEU A 131 -13.66 4.54 27.06
C LEU A 131 -14.99 3.85 27.29
N SER A 132 -14.98 2.56 27.65
CA SER A 132 -16.20 1.86 28.05
C SER A 132 -16.49 1.98 29.53
N ASP A 133 -15.48 2.24 30.37
CA ASP A 133 -15.70 2.35 31.81
C ASP A 133 -16.53 3.58 32.15
N GLN A 134 -16.31 4.70 31.46
CA GLN A 134 -17.16 5.87 31.64
C GLN A 134 -18.60 5.60 31.23
N CYS A 135 -18.81 4.71 30.26
CA CYS A 135 -20.15 4.26 29.90
C CYS A 135 -20.65 3.24 30.92
N THR A 136 -21.97 2.99 30.87
CA THR A 136 -22.63 2.02 31.75
C THR A 136 -23.58 1.08 31.03
N GLY A 137 -24.16 1.48 29.89
CA GLY A 137 -25.11 0.69 29.15
C GLY A 137 -24.57 0.22 27.81
N LEU A 138 -23.31 -0.20 27.80
CA LEU A 138 -22.66 -0.66 26.57
C LEU A 138 -23.35 -1.93 26.08
N GLN A 139 -24.12 -1.80 25.00
CA GLN A 139 -24.86 -2.94 24.47
C GLN A 139 -23.95 -3.88 23.69
N GLY A 140 -22.99 -3.32 22.95
CA GLY A 140 -22.09 -4.16 22.17
C GLY A 140 -21.08 -3.31 21.43
N PHE A 141 -20.67 -3.82 20.25
CA PHE A 141 -19.71 -3.17 19.38
C PHE A 141 -20.18 -3.26 17.95
N LEU A 142 -19.76 -2.29 17.13
CA LEU A 142 -19.92 -2.34 15.68
C LEU A 142 -18.67 -1.76 15.04
N VAL A 143 -18.12 -2.48 14.06
CA VAL A 143 -16.88 -2.12 13.38
C VAL A 143 -17.18 -1.81 11.93
N PHE A 144 -16.22 -1.15 11.29
CA PHE A 144 -16.30 -0.75 9.88
C PHE A 144 -14.94 -0.93 9.25
N HIS A 145 -14.88 -1.73 8.19
CA HIS A 145 -13.59 -2.09 7.58
C HIS A 145 -13.89 -2.74 6.22
N SER A 146 -12.84 -3.25 5.58
CA SER A 146 -12.95 -3.99 4.33
C SER A 146 -11.80 -4.99 4.27
N PHE A 147 -12.13 -6.26 4.07
CA PHE A 147 -11.12 -7.32 4.00
C PHE A 147 -10.33 -7.33 2.70
N GLY A 148 -10.62 -6.44 1.74
CA GLY A 148 -9.83 -6.33 0.54
C GLY A 148 -8.44 -5.76 0.73
N GLY A 149 -8.17 -5.13 1.88
CA GLY A 149 -6.88 -4.54 2.17
C GLY A 149 -6.14 -5.30 3.26
N GLY A 150 -5.08 -4.66 3.76
CA GLY A 150 -4.23 -5.23 4.77
C GLY A 150 -4.65 -4.84 6.17
N THR A 151 -4.80 -3.54 6.42
CA THR A 151 -5.20 -3.08 7.75
C THR A 151 -6.64 -3.48 8.05
N GLY A 152 -7.49 -3.55 7.04
CA GLY A 152 -8.85 -4.03 7.23
C GLY A 152 -8.98 -5.52 7.46
N SER A 153 -7.91 -6.30 7.17
CA SER A 153 -7.92 -7.75 7.31
C SER A 153 -7.12 -8.21 8.53
N GLY A 154 -5.87 -7.77 8.63
CA GLY A 154 -5.01 -8.25 9.71
C GLY A 154 -5.33 -7.59 11.04
N PHE A 155 -5.31 -6.25 11.06
CA PHE A 155 -5.50 -5.52 12.31
C PHE A 155 -6.92 -5.70 12.85
N THR A 156 -7.91 -5.87 11.96
CA THR A 156 -9.29 -6.03 12.41
C THR A 156 -9.48 -7.37 13.13
N SER A 157 -8.91 -8.44 12.57
CA SER A 157 -8.99 -9.74 13.23
C SER A 157 -8.22 -9.74 14.54
N LEU A 158 -7.16 -8.93 14.64
CA LEU A 158 -6.36 -8.88 15.85
C LEU A 158 -7.14 -8.21 16.98
N LEU A 159 -7.72 -7.04 16.73
CA LEU A 159 -8.43 -6.33 17.78
C LEU A 159 -9.71 -7.05 18.16
N MET A 160 -10.44 -7.58 17.17
CA MET A 160 -11.67 -8.31 17.43
C MET A 160 -11.39 -9.60 18.20
N GLU A 161 -10.23 -10.21 17.98
CA GLU A 161 -9.82 -11.35 18.79
C GLU A 161 -9.37 -10.89 20.18
N ARG A 162 -8.76 -9.71 20.27
CA ARG A 162 -8.24 -9.23 21.55
C ARG A 162 -9.34 -8.75 22.49
N LEU A 163 -10.47 -8.28 21.96
CA LEU A 163 -11.60 -7.87 22.79
C LEU A 163 -12.59 -9.00 23.01
N SER A 164 -12.66 -9.97 22.10
CA SER A 164 -13.58 -11.08 22.29
C SER A 164 -13.15 -11.99 23.43
N VAL A 165 -11.84 -12.15 23.63
CA VAL A 165 -11.36 -12.92 24.78
C VAL A 165 -11.58 -12.17 26.08
N ASP A 166 -11.68 -10.84 26.05
CA ASP A 166 -11.91 -10.04 27.24
C ASP A 166 -13.40 -9.96 27.58
N TYR A 167 -14.21 -9.47 26.64
CA TYR A 167 -15.65 -9.32 26.86
C TYR A 167 -16.40 -10.61 26.51
N GLY A 168 -16.32 -11.04 25.25
CA GLY A 168 -16.92 -12.29 24.84
C GLY A 168 -18.44 -12.23 24.69
N LYS A 169 -19.15 -12.02 25.80
CA LYS A 169 -20.60 -12.05 25.81
C LYS A 169 -21.24 -10.94 25.01
N LYS A 170 -20.56 -9.80 24.84
CA LYS A 170 -21.14 -8.68 24.13
C LYS A 170 -21.15 -8.94 22.63
N SER A 171 -22.06 -8.25 21.94
CA SER A 171 -22.27 -8.48 20.52
C SER A 171 -21.19 -7.78 19.70
N LYS A 172 -21.08 -8.19 18.43
CA LYS A 172 -20.14 -7.63 17.48
C LYS A 172 -20.82 -7.54 16.13
N LEU A 173 -21.07 -6.32 15.66
CA LEU A 173 -21.78 -6.06 14.41
C LEU A 173 -20.74 -5.67 13.36
N GLU A 174 -20.29 -6.67 12.60
CA GLU A 174 -19.25 -6.46 11.59
C GLU A 174 -19.87 -5.92 10.31
N PHE A 175 -19.19 -4.94 9.69
CA PHE A 175 -19.60 -4.32 8.44
C PHE A 175 -18.39 -4.31 7.51
N SER A 176 -18.24 -5.37 6.73
CA SER A 176 -17.11 -5.56 5.82
C SER A 176 -17.56 -5.38 4.38
N ILE A 177 -16.70 -4.75 3.58
CA ILE A 177 -16.93 -4.53 2.15
C ILE A 177 -16.15 -5.61 1.40
N TYR A 178 -16.88 -6.64 0.88
CA TYR A 178 -16.28 -7.72 0.12
C TYR A 178 -16.05 -7.29 -1.34
N PRO A 179 -15.18 -7.98 -2.09
CA PRO A 179 -14.99 -7.60 -3.50
C PRO A 179 -16.12 -8.14 -4.36
N ALA A 180 -16.32 -7.50 -5.51
CA ALA A 180 -17.35 -7.90 -6.44
C ALA A 180 -16.93 -9.15 -7.20
N PRO A 181 -17.87 -9.80 -7.94
CA PRO A 181 -17.48 -11.00 -8.71
C PRO A 181 -16.43 -10.73 -9.78
N GLN A 182 -16.63 -9.71 -10.61
CA GLN A 182 -15.73 -9.35 -11.70
C GLN A 182 -15.01 -8.04 -11.48
N VAL A 183 -15.65 -7.05 -10.85
CA VAL A 183 -15.00 -5.80 -10.50
C VAL A 183 -14.13 -6.04 -9.27
N SER A 184 -12.98 -5.38 -9.21
CA SER A 184 -12.10 -5.50 -8.06
C SER A 184 -11.10 -4.36 -8.08
N THR A 185 -10.69 -3.94 -6.88
CA THR A 185 -9.76 -2.84 -6.69
C THR A 185 -8.32 -3.31 -6.57
N ALA A 186 -8.10 -4.48 -5.96
CA ALA A 186 -6.78 -5.08 -5.78
C ALA A 186 -6.66 -6.35 -6.61
N VAL A 187 -5.53 -7.04 -6.44
CA VAL A 187 -5.27 -8.32 -7.07
C VAL A 187 -5.13 -9.47 -6.07
N VAL A 188 -4.67 -9.20 -4.85
CA VAL A 188 -4.47 -10.22 -3.82
C VAL A 188 -5.61 -10.28 -2.80
N GLU A 189 -6.76 -9.65 -3.09
CA GLU A 189 -7.87 -9.67 -2.15
C GLU A 189 -8.44 -11.07 -1.82
N PRO A 190 -8.31 -12.11 -2.66
CA PRO A 190 -8.68 -13.44 -2.14
C PRO A 190 -7.77 -13.90 -1.02
N TYR A 191 -6.47 -13.61 -1.10
CA TYR A 191 -5.56 -13.98 -0.02
C TYR A 191 -5.87 -13.19 1.25
N ASN A 192 -6.26 -11.93 1.11
CA ASN A 192 -6.56 -11.11 2.27
C ASN A 192 -7.88 -11.54 2.91
N SER A 193 -8.87 -11.89 2.10
CA SER A 193 -10.19 -12.25 2.63
C SER A 193 -10.20 -13.68 3.17
N ILE A 194 -9.45 -14.59 2.54
CA ILE A 194 -9.50 -15.98 2.96
C ILE A 194 -8.78 -16.19 4.29
N LEU A 195 -7.74 -15.39 4.56
CA LEU A 195 -6.99 -15.53 5.81
C LEU A 195 -7.73 -14.91 7.00
N THR A 196 -8.30 -13.72 6.81
CA THR A 196 -8.99 -13.04 7.89
C THR A 196 -10.33 -13.67 8.24
N THR A 197 -10.99 -14.32 7.28
CA THR A 197 -12.22 -15.04 7.56
C THR A 197 -11.98 -16.31 8.38
N HIS A 198 -10.76 -16.85 8.38
CA HIS A 198 -10.46 -18.01 9.21
C HIS A 198 -10.58 -17.68 10.69
N THR A 199 -10.22 -16.46 11.08
CA THR A 199 -10.37 -15.99 12.45
C THR A 199 -11.74 -15.39 12.74
N THR A 200 -12.39 -14.81 11.73
CA THR A 200 -13.70 -14.20 11.89
C THR A 200 -14.83 -15.22 11.90
N LEU A 201 -14.60 -16.45 11.43
CA LEU A 201 -15.68 -17.43 11.33
C LEU A 201 -16.18 -17.87 12.69
N GLU A 202 -15.34 -17.81 13.74
CA GLU A 202 -15.65 -18.35 15.06
C GLU A 202 -15.92 -17.28 16.11
N HIS A 203 -15.29 -16.10 15.99
CA HIS A 203 -15.40 -15.05 17.00
C HIS A 203 -16.52 -14.06 16.73
N SER A 204 -16.90 -13.85 15.47
CA SER A 204 -17.92 -12.86 15.12
C SER A 204 -19.31 -13.46 15.28
N ASP A 205 -20.19 -12.71 15.95
CA ASP A 205 -21.57 -13.15 16.13
C ASP A 205 -22.39 -12.94 14.87
N CYS A 206 -22.23 -11.80 14.22
CA CYS A 206 -22.92 -11.50 12.97
C CYS A 206 -22.09 -10.50 12.19
N ALA A 207 -22.26 -10.52 10.86
CA ALA A 207 -21.45 -9.71 9.95
C ALA A 207 -22.27 -9.37 8.72
N PHE A 208 -22.73 -8.13 8.63
CA PHE A 208 -23.39 -7.63 7.43
C PHE A 208 -22.34 -7.26 6.40
N MET A 209 -22.71 -7.39 5.13
CA MET A 209 -21.77 -7.29 4.01
C MET A 209 -22.25 -6.28 2.98
N VAL A 210 -21.28 -5.68 2.30
CA VAL A 210 -21.49 -4.67 1.27
C VAL A 210 -20.59 -5.03 0.09
N ASP A 211 -21.02 -4.67 -1.12
CA ASP A 211 -20.31 -4.97 -2.36
C ASP A 211 -20.04 -3.68 -3.13
N ASN A 212 -19.13 -3.76 -4.11
CA ASN A 212 -18.66 -2.61 -4.86
C ASN A 212 -19.52 -2.27 -6.06
N GLU A 213 -19.70 -3.21 -7.00
CA GLU A 213 -20.51 -2.93 -8.18
C GLU A 213 -22.01 -2.96 -7.90
N ALA A 214 -22.43 -3.67 -6.84
CA ALA A 214 -23.85 -3.74 -6.52
C ALA A 214 -24.37 -2.37 -6.10
N ILE A 215 -23.68 -1.70 -5.19
CA ILE A 215 -24.11 -0.38 -4.74
C ILE A 215 -24.00 0.64 -5.87
N TYR A 216 -23.06 0.45 -6.81
CA TYR A 216 -23.04 1.28 -8.00
C TYR A 216 -24.29 1.06 -8.85
N ASP A 217 -24.79 -0.18 -8.86
CA ASP A 217 -26.01 -0.47 -9.63
C ASP A 217 -27.23 0.18 -9.01
N ILE A 218 -27.22 0.43 -7.70
CA ILE A 218 -28.35 1.08 -7.04
C ILE A 218 -28.48 2.52 -7.53
N CYS A 219 -27.38 3.27 -7.47
CA CYS A 219 -27.40 4.67 -7.88
C CYS A 219 -27.44 4.86 -9.39
N ARG A 220 -27.13 3.82 -10.17
CA ARG A 220 -27.17 3.93 -11.63
C ARG A 220 -28.60 3.88 -12.17
N ARG A 221 -29.38 2.89 -11.74
CA ARG A 221 -30.72 2.70 -12.27
C ARG A 221 -31.72 3.63 -11.60
N ASN A 222 -31.86 3.53 -10.28
CA ASN A 222 -32.90 4.26 -9.57
C ASN A 222 -32.55 5.72 -9.32
N LEU A 223 -31.33 6.01 -8.88
CA LEU A 223 -30.90 7.37 -8.58
C LEU A 223 -30.30 8.11 -9.78
N ASP A 224 -30.13 7.44 -10.93
CA ASP A 224 -29.66 7.99 -12.21
C ASP A 224 -28.40 8.85 -12.10
N ILE A 225 -27.52 8.52 -11.16
CA ILE A 225 -26.23 9.19 -11.01
C ILE A 225 -25.25 8.41 -11.87
N GLU A 226 -24.98 8.93 -13.07
CA GLU A 226 -24.08 8.27 -14.01
C GLU A 226 -22.60 8.43 -13.66
N ARG A 227 -22.25 9.39 -12.79
CA ARG A 227 -20.87 9.61 -12.35
C ARG A 227 -20.84 9.77 -10.83
N PRO A 228 -21.01 8.67 -10.09
CA PRO A 228 -20.92 8.74 -8.63
C PRO A 228 -19.49 8.55 -8.14
N THR A 229 -19.32 8.74 -6.83
CA THR A 229 -18.04 8.57 -6.14
C THR A 229 -18.27 7.87 -4.81
N TYR A 230 -17.17 7.57 -4.11
CA TYR A 230 -17.28 6.91 -2.82
C TYR A 230 -17.95 7.79 -1.78
N THR A 231 -17.88 9.12 -1.95
CA THR A 231 -18.60 10.02 -1.05
C THR A 231 -20.10 9.80 -1.14
N ASN A 232 -20.62 9.55 -2.35
CA ASN A 232 -22.03 9.28 -2.52
C ASN A 232 -22.41 7.89 -2.04
N LEU A 233 -21.49 6.91 -2.18
CA LEU A 233 -21.78 5.54 -1.75
C LEU A 233 -21.94 5.47 -0.23
N ASN A 234 -21.10 6.20 0.50
CA ASN A 234 -21.14 6.12 1.96
C ASN A 234 -22.37 6.80 2.56
N ARG A 235 -23.04 7.68 1.81
CA ARG A 235 -24.22 8.35 2.34
C ARG A 235 -25.36 7.35 2.55
N LEU A 236 -25.72 6.60 1.52
CA LEU A 236 -26.77 5.60 1.67
C LEU A 236 -26.37 4.46 2.60
N ILE A 237 -25.07 4.19 2.73
CA ILE A 237 -24.61 3.23 3.73
C ILE A 237 -24.82 3.81 5.12
N SER A 238 -24.63 5.11 5.28
CA SER A 238 -24.90 5.76 6.56
C SER A 238 -26.39 5.70 6.89
N GLN A 239 -27.25 5.76 5.87
CA GLN A 239 -28.69 5.60 6.10
C GLN A 239 -29.02 4.21 6.61
N ILE A 240 -28.27 3.19 6.16
CA ILE A 240 -28.53 1.83 6.58
C ILE A 240 -28.14 1.65 8.04
N VAL A 241 -26.87 1.95 8.38
CA VAL A 241 -26.37 1.71 9.72
C VAL A 241 -26.94 2.68 10.76
N SER A 242 -27.47 3.83 10.33
CA SER A 242 -28.17 4.73 11.23
C SER A 242 -29.61 4.29 11.46
N SER A 243 -30.24 3.65 10.48
CA SER A 243 -31.61 3.20 10.61
C SER A 243 -31.74 1.96 11.49
N ILE A 244 -30.74 1.07 11.49
CA ILE A 244 -30.81 -0.10 12.36
C ILE A 244 -30.68 0.28 13.83
N THR A 245 -29.86 1.28 14.15
CA THR A 245 -29.72 1.80 15.52
C THR A 245 -30.68 2.94 15.82
N ALA A 246 -31.63 3.23 14.93
CA ALA A 246 -32.60 4.29 15.18
C ALA A 246 -33.64 3.92 16.23
N SER A 247 -33.81 2.62 16.53
CA SER A 247 -34.78 2.22 17.52
C SER A 247 -34.35 2.60 18.94
N LEU A 248 -33.06 2.43 19.25
CA LEU A 248 -32.56 2.77 20.58
C LEU A 248 -32.41 4.28 20.77
N ARG A 249 -32.24 5.05 19.70
CA ARG A 249 -32.09 6.49 19.83
C ARG A 249 -33.43 7.17 20.09
N PHE A 250 -34.36 7.04 19.15
CA PHE A 250 -35.67 7.67 19.21
C PHE A 250 -36.72 6.64 19.63
N ASP A 251 -37.85 7.16 20.12
CA ASP A 251 -38.94 6.29 20.55
C ASP A 251 -39.63 5.69 19.35
N GLY A 252 -40.08 4.43 19.51
CA GLY A 252 -40.73 3.70 18.44
C GLY A 252 -41.90 2.89 18.98
N ALA A 253 -42.81 2.54 18.07
CA ALA A 253 -43.96 1.73 18.43
C ALA A 253 -43.57 0.31 18.79
N LEU A 254 -42.50 -0.21 18.19
CA LEU A 254 -41.96 -1.54 18.49
C LEU A 254 -40.44 -1.38 18.54
N ASN A 255 -39.92 -1.12 19.74
CA ASN A 255 -38.49 -0.87 19.91
C ASN A 255 -37.72 -2.17 19.84
N VAL A 256 -36.64 -2.17 19.05
CA VAL A 256 -35.72 -3.30 18.93
C VAL A 256 -34.33 -2.81 19.30
N ASP A 257 -33.50 -3.75 19.76
CA ASP A 257 -32.16 -3.50 20.26
C ASP A 257 -31.14 -4.29 19.43
N LEU A 258 -29.87 -4.05 19.72
CA LEU A 258 -28.79 -4.69 18.98
C LEU A 258 -28.71 -6.20 19.21
N THR A 259 -29.22 -6.70 20.35
CA THR A 259 -29.22 -8.13 20.61
C THR A 259 -30.23 -8.90 19.77
N GLU A 260 -31.18 -8.21 19.13
CA GLU A 260 -32.12 -8.90 18.25
C GLU A 260 -31.43 -9.45 17.00
N PHE A 261 -30.35 -8.80 16.55
CA PHE A 261 -29.62 -9.25 15.38
C PHE A 261 -28.87 -10.56 15.59
N GLN A 262 -28.67 -11.00 16.83
CA GLN A 262 -28.02 -12.28 17.13
C GLN A 262 -29.02 -13.42 17.22
N THR A 263 -30.18 -13.17 17.81
CA THR A 263 -31.15 -14.23 18.05
C THR A 263 -31.95 -14.58 16.79
N ASN A 264 -32.40 -13.56 16.06
CA ASN A 264 -33.35 -13.75 14.97
C ASN A 264 -32.69 -14.07 13.63
N LEU A 265 -31.38 -13.86 13.48
CA LEU A 265 -30.69 -13.98 12.21
C LEU A 265 -29.62 -15.07 12.16
N VAL A 266 -29.12 -15.52 13.31
CA VAL A 266 -28.03 -16.49 13.40
C VAL A 266 -28.65 -17.84 13.80
N PRO A 267 -29.04 -18.71 12.85
CA PRO A 267 -29.59 -20.01 13.26
C PRO A 267 -28.55 -20.97 13.82
N TYR A 268 -27.28 -20.81 13.41
CA TYR A 268 -26.16 -21.63 13.86
C TYR A 268 -24.97 -20.72 14.09
N PRO A 269 -24.08 -21.04 15.03
CA PRO A 269 -23.04 -20.06 15.41
C PRO A 269 -21.99 -19.82 14.35
N ARG A 270 -21.82 -20.73 13.39
CA ARG A 270 -20.85 -20.60 12.30
C ARG A 270 -21.48 -20.21 10.97
N ILE A 271 -22.81 -20.03 10.89
CA ILE A 271 -23.49 -19.46 9.74
C ILE A 271 -24.06 -18.12 10.18
N HIS A 272 -23.29 -17.05 9.95
CA HIS A 272 -23.54 -15.72 10.51
C HIS A 272 -23.28 -14.66 9.45
N PHE A 273 -23.88 -14.82 8.27
CA PHE A 273 -23.64 -13.95 7.11
C PHE A 273 -24.98 -13.50 6.53
N PRO A 274 -25.60 -12.44 7.07
CA PRO A 274 -26.77 -11.85 6.42
C PRO A 274 -26.40 -10.95 5.24
N LEU A 275 -27.40 -10.68 4.42
CA LEU A 275 -27.30 -9.71 3.33
C LEU A 275 -27.72 -8.33 3.83
N ALA A 276 -27.68 -7.35 2.92
CA ALA A 276 -28.03 -5.97 3.24
C ALA A 276 -28.66 -5.30 2.03
N THR A 277 -29.70 -4.51 2.28
CA THR A 277 -30.37 -3.75 1.23
C THR A 277 -31.12 -2.59 1.88
N TYR A 278 -31.63 -1.69 1.04
CA TYR A 278 -32.28 -0.49 1.50
C TYR A 278 -33.27 -0.01 0.44
N ALA A 279 -34.35 0.62 0.89
CA ALA A 279 -35.33 1.21 -0.01
C ALA A 279 -36.12 2.24 0.78
N PRO A 280 -36.69 3.27 0.12
CA PRO A 280 -36.66 3.65 -1.30
C PRO A 280 -35.45 4.51 -1.65
N VAL A 281 -34.79 4.18 -2.76
CA VAL A 281 -33.72 5.01 -3.33
C VAL A 281 -34.31 5.75 -4.52
N ILE A 282 -34.43 7.06 -4.40
CA ILE A 282 -35.12 7.88 -5.39
C ILE A 282 -34.53 9.28 -5.34
N SER A 283 -34.44 9.92 -6.51
CA SER A 283 -33.84 11.23 -6.64
C SER A 283 -34.86 12.31 -6.27
N ALA A 284 -34.45 13.58 -6.38
CA ALA A 284 -35.32 14.68 -5.97
C ALA A 284 -36.50 14.83 -6.93
N GLU A 285 -36.22 15.02 -8.22
CA GLU A 285 -37.28 15.17 -9.22
C GLU A 285 -38.14 13.93 -9.35
N LYS A 286 -37.60 12.74 -9.08
CA LYS A 286 -38.37 11.51 -9.14
C LYS A 286 -39.17 11.23 -7.87
N ALA A 287 -38.82 11.89 -6.75
CA ALA A 287 -39.56 11.64 -5.51
C ALA A 287 -40.98 12.17 -5.58
N TYR A 288 -41.16 13.33 -6.20
CA TYR A 288 -42.48 13.95 -6.28
C TYR A 288 -43.42 13.24 -7.25
N HIS A 289 -42.87 12.56 -8.27
CA HIS A 289 -43.68 11.81 -9.23
C HIS A 289 -43.99 10.39 -8.77
N GLU A 290 -43.13 9.78 -7.97
CA GLU A 290 -43.32 8.41 -7.50
C GLU A 290 -44.11 8.41 -6.20
N GLN A 291 -45.04 7.47 -6.09
CA GLN A 291 -45.87 7.34 -4.89
C GLN A 291 -45.06 6.65 -3.79
N LEU A 292 -45.27 7.10 -2.55
CA LEU A 292 -44.54 6.63 -1.37
C LEU A 292 -45.51 5.91 -0.44
N SER A 293 -45.40 4.58 -0.37
CA SER A 293 -46.14 3.78 0.60
C SER A 293 -45.33 2.52 0.89
N VAL A 294 -45.82 1.69 1.81
CA VAL A 294 -45.08 0.48 2.19
C VAL A 294 -45.19 -0.62 1.14
N ALA A 295 -46.25 -0.63 0.33
CA ALA A 295 -46.47 -1.74 -0.60
C ALA A 295 -45.41 -1.75 -1.70
N GLU A 296 -45.11 -0.58 -2.28
CA GLU A 296 -44.18 -0.53 -3.40
C GLU A 296 -42.74 -0.74 -2.94
N ILE A 297 -42.37 -0.24 -1.76
CA ILE A 297 -41.01 -0.42 -1.27
C ILE A 297 -40.79 -1.81 -0.68
N THR A 298 -41.85 -2.45 -0.18
CA THR A 298 -41.73 -3.83 0.29
C THR A 298 -41.39 -4.77 -0.86
N ASN A 299 -41.91 -4.49 -2.05
CA ASN A 299 -41.53 -5.25 -3.23
C ASN A 299 -40.16 -4.83 -3.78
N ALA A 300 -39.70 -3.62 -3.46
CA ALA A 300 -38.44 -3.13 -4.01
C ALA A 300 -37.24 -3.76 -3.31
N CYS A 301 -37.31 -3.93 -1.99
CA CYS A 301 -36.19 -4.51 -1.26
C CYS A 301 -36.03 -6.00 -1.54
N PHE A 302 -37.12 -6.72 -1.77
CA PHE A 302 -37.06 -8.10 -2.20
C PHE A 302 -36.72 -8.27 -3.68
N GLU A 303 -36.67 -7.18 -4.45
CA GLU A 303 -36.23 -7.27 -5.83
C GLU A 303 -34.76 -7.68 -5.86
N PRO A 304 -34.34 -8.64 -6.72
CA PRO A 304 -32.98 -9.16 -6.57
C PRO A 304 -31.89 -8.17 -6.96
N ALA A 305 -32.10 -7.35 -7.98
CA ALA A 305 -31.12 -6.36 -8.40
C ALA A 305 -31.04 -5.15 -7.48
N ASN A 306 -31.96 -5.00 -6.53
CA ASN A 306 -31.96 -3.89 -5.58
C ASN A 306 -31.17 -4.19 -4.31
N GLN A 307 -30.35 -5.23 -4.30
CA GLN A 307 -29.53 -5.59 -3.15
C GLN A 307 -28.13 -4.99 -3.28
N MET A 308 -27.41 -4.97 -2.15
CA MET A 308 -26.05 -4.47 -2.08
C MET A 308 -25.02 -5.58 -2.29
N VAL A 309 -25.38 -6.65 -2.98
CA VAL A 309 -24.46 -7.75 -3.25
C VAL A 309 -24.92 -8.45 -4.53
N LYS A 310 -24.00 -8.71 -5.44
CA LYS A 310 -24.30 -9.40 -6.69
C LYS A 310 -24.51 -10.88 -6.34
N CYS A 311 -25.76 -11.22 -6.08
CA CYS A 311 -26.13 -12.57 -5.67
C CYS A 311 -27.61 -12.77 -5.93
N ASP A 312 -27.94 -13.93 -6.48
CA ASP A 312 -29.31 -14.24 -6.86
C ASP A 312 -30.02 -14.87 -5.68
N PRO A 313 -31.00 -14.22 -5.03
CA PRO A 313 -31.73 -14.91 -3.94
C PRO A 313 -32.62 -16.04 -4.41
N ARG A 314 -32.97 -16.09 -5.71
CA ARG A 314 -33.78 -17.19 -6.20
C ARG A 314 -33.05 -18.52 -6.14
N HIS A 315 -31.72 -18.50 -6.25
CA HIS A 315 -30.95 -19.74 -6.21
C HIS A 315 -30.99 -20.38 -4.82
N GLY A 316 -30.95 -19.57 -3.77
CA GLY A 316 -30.93 -20.06 -2.40
C GLY A 316 -32.28 -20.00 -1.71
N LYS A 317 -32.26 -20.09 -0.38
CA LYS A 317 -33.46 -20.01 0.44
C LYS A 317 -33.16 -19.15 1.66
N TYR A 318 -34.05 -18.21 1.96
CA TYR A 318 -33.86 -17.31 3.09
C TYR A 318 -34.01 -18.09 4.39
N MET A 319 -32.94 -18.09 5.20
CA MET A 319 -32.99 -18.72 6.51
C MET A 319 -33.79 -17.88 7.49
N ALA A 320 -33.58 -16.57 7.47
CA ALA A 320 -34.30 -15.65 8.34
C ALA A 320 -34.29 -14.28 7.69
N CYS A 321 -35.28 -13.45 8.06
CA CYS A 321 -35.44 -12.12 7.52
C CYS A 321 -35.87 -11.17 8.63
N CYS A 322 -35.28 -9.96 8.62
CA CYS A 322 -35.57 -8.91 9.57
C CYS A 322 -35.91 -7.63 8.81
N LEU A 323 -36.88 -6.88 9.32
CA LEU A 323 -37.36 -5.64 8.72
C LEU A 323 -37.35 -4.56 9.79
N LEU A 324 -36.93 -3.35 9.39
CA LEU A 324 -36.92 -2.19 10.27
C LEU A 324 -37.35 -0.97 9.45
N TYR A 325 -38.47 -0.36 9.86
CA TYR A 325 -39.07 0.76 9.17
C TYR A 325 -38.85 2.05 9.96
N ARG A 326 -39.07 3.17 9.29
CA ARG A 326 -38.96 4.50 9.88
C ARG A 326 -40.08 5.38 9.36
N GLY A 327 -40.42 6.40 10.13
CA GLY A 327 -41.42 7.37 9.74
C GLY A 327 -42.83 6.94 10.10
N ASP A 328 -43.79 7.62 9.47
CA ASP A 328 -45.22 7.39 9.74
C ASP A 328 -45.68 6.18 8.92
N VAL A 329 -45.43 5.00 9.50
CA VAL A 329 -45.83 3.71 8.94
C VAL A 329 -46.69 3.01 9.98
N VAL A 330 -47.99 2.91 9.69
CA VAL A 330 -48.93 2.26 10.60
C VAL A 330 -48.77 0.75 10.47
N PRO A 331 -49.15 -0.05 11.49
CA PRO A 331 -48.88 -1.50 11.40
C PRO A 331 -49.88 -2.29 10.56
N LYS A 332 -50.85 -1.62 9.93
CA LYS A 332 -51.86 -2.31 9.13
C LYS A 332 -51.31 -2.66 7.75
N ASP A 333 -50.99 -1.63 6.95
CA ASP A 333 -50.58 -1.86 5.57
C ASP A 333 -49.22 -2.51 5.46
N VAL A 334 -48.38 -2.43 6.51
CA VAL A 334 -47.09 -3.13 6.48
C VAL A 334 -47.28 -4.62 6.69
N ASN A 335 -48.29 -5.02 7.47
CA ASN A 335 -48.56 -6.43 7.68
C ASN A 335 -49.23 -7.06 6.46
N ALA A 336 -50.06 -6.28 5.76
CA ALA A 336 -50.67 -6.77 4.53
C ALA A 336 -49.62 -6.93 3.43
N ALA A 337 -48.58 -6.08 3.45
CA ALA A 337 -47.54 -6.16 2.44
C ALA A 337 -46.73 -7.44 2.57
N ILE A 338 -46.27 -7.75 3.78
CA ILE A 338 -45.45 -8.95 3.97
C ILE A 338 -46.29 -10.21 3.77
N ALA A 339 -47.60 -10.14 4.01
CA ALA A 339 -48.46 -11.29 3.71
C ALA A 339 -48.50 -11.59 2.23
N ALA A 340 -48.40 -10.56 1.39
CA ALA A 340 -48.31 -10.78 -0.06
C ALA A 340 -46.98 -11.39 -0.45
N ILE A 341 -45.92 -11.16 0.33
CA ILE A 341 -44.62 -11.75 0.05
C ILE A 341 -44.64 -13.24 0.35
N LYS A 342 -45.44 -13.66 1.33
CA LYS A 342 -45.48 -15.07 1.71
C LYS A 342 -46.10 -15.93 0.61
N THR A 343 -47.18 -15.47 0.01
CA THR A 343 -47.84 -16.20 -1.06
C THR A 343 -47.18 -16.00 -2.42
N LYS A 344 -46.30 -15.01 -2.57
CA LYS A 344 -45.57 -14.82 -3.82
C LYS A 344 -44.52 -15.91 -3.95
N ARG A 345 -44.66 -16.74 -4.99
CA ARG A 345 -43.76 -17.87 -5.22
C ARG A 345 -42.54 -17.51 -6.06
N SER A 346 -42.30 -16.23 -6.33
CA SER A 346 -41.07 -15.83 -7.01
C SER A 346 -39.85 -16.11 -6.15
N ILE A 347 -39.98 -15.97 -4.83
CA ILE A 347 -38.95 -16.33 -3.85
C ILE A 347 -39.50 -17.48 -3.00
N GLN A 348 -38.59 -18.28 -2.46
CA GLN A 348 -38.91 -19.47 -1.70
C GLN A 348 -38.15 -19.46 -0.38
N PHE A 349 -38.88 -19.64 0.73
CA PHE A 349 -38.30 -19.74 2.06
C PHE A 349 -38.00 -21.19 2.40
N VAL A 350 -37.04 -21.37 3.30
CA VAL A 350 -36.62 -22.71 3.70
C VAL A 350 -37.62 -23.27 4.71
N ASP A 351 -37.77 -24.59 4.70
CA ASP A 351 -38.68 -25.26 5.62
C ASP A 351 -38.19 -25.24 7.07
N TRP A 352 -36.91 -24.94 7.32
CA TRP A 352 -36.39 -24.93 8.69
C TRP A 352 -36.78 -23.68 9.46
N CYS A 353 -37.41 -22.68 8.82
CA CYS A 353 -37.84 -21.47 9.50
C CYS A 353 -39.03 -20.88 8.75
N PRO A 354 -40.25 -21.41 8.91
CA PRO A 354 -41.40 -20.83 8.18
C PRO A 354 -41.72 -19.41 8.58
N THR A 355 -41.70 -19.11 9.88
CA THR A 355 -42.06 -17.77 10.39
C THR A 355 -40.80 -16.92 10.56
N GLY A 356 -40.04 -16.84 9.47
CA GLY A 356 -38.79 -16.11 9.46
C GLY A 356 -38.97 -14.64 9.13
N PHE A 357 -39.71 -13.91 9.98
CA PHE A 357 -39.97 -12.49 9.81
C PHE A 357 -39.84 -11.81 11.16
N LYS A 358 -39.04 -10.73 11.20
CA LYS A 358 -38.88 -9.89 12.39
C LYS A 358 -39.14 -8.45 11.95
N VAL A 359 -40.28 -7.90 12.36
CA VAL A 359 -40.74 -6.59 11.92
C VAL A 359 -40.39 -5.57 13.00
N GLY A 360 -40.01 -4.38 12.57
CA GLY A 360 -39.71 -3.30 13.49
C GLY A 360 -40.16 -1.97 12.91
N ILE A 361 -40.37 -1.00 13.78
CA ILE A 361 -40.92 0.30 13.40
C ILE A 361 -40.38 1.35 14.35
N ASN A 362 -39.97 2.49 13.80
CA ASN A 362 -39.55 3.66 14.55
C ASN A 362 -40.31 4.88 14.06
N TYR A 363 -40.67 5.76 14.98
CA TYR A 363 -41.45 6.94 14.63
C TYR A 363 -40.63 8.03 13.95
N GLN A 364 -39.33 8.13 14.27
CA GLN A 364 -38.53 9.21 13.71
C GLN A 364 -38.28 8.95 12.22
N PRO A 365 -38.52 9.91 11.32
CA PRO A 365 -38.50 9.59 9.90
C PRO A 365 -37.09 9.61 9.35
N PRO A 366 -36.88 9.19 8.09
CA PRO A 366 -35.55 9.33 7.50
C PRO A 366 -35.22 10.79 7.23
N THR A 367 -34.04 11.21 7.67
CA THR A 367 -33.58 12.58 7.45
C THR A 367 -33.00 12.71 6.03
N VAL A 368 -32.40 13.86 5.76
CA VAL A 368 -31.73 14.12 4.49
C VAL A 368 -30.57 15.08 4.76
N VAL A 369 -29.47 14.86 4.05
CA VAL A 369 -28.27 15.69 4.22
C VAL A 369 -28.42 16.94 3.35
N PRO A 370 -27.94 18.12 3.76
CA PRO A 370 -27.98 19.26 2.84
C PRO A 370 -27.01 19.04 1.69
N GLY A 371 -27.54 19.08 0.47
CA GLY A 371 -26.76 18.83 -0.72
C GLY A 371 -26.53 17.37 -1.06
N GLY A 372 -27.19 16.45 -0.37
CA GLY A 372 -26.98 15.04 -0.62
C GLY A 372 -27.69 14.55 -1.88
N ASP A 373 -27.28 13.36 -2.32
CA ASP A 373 -27.85 12.78 -3.52
C ASP A 373 -29.25 12.19 -3.28
N LEU A 374 -29.50 11.68 -2.08
CA LEU A 374 -30.80 11.13 -1.75
C LEU A 374 -31.79 12.24 -1.41
N ALA A 375 -33.06 11.98 -1.71
CA ALA A 375 -34.14 12.92 -1.47
C ALA A 375 -34.84 12.61 -0.15
N LYS A 376 -35.66 13.56 0.29
CA LYS A 376 -36.42 13.41 1.53
C LYS A 376 -37.61 12.50 1.26
N VAL A 377 -37.80 11.52 2.15
CA VAL A 377 -38.90 10.55 2.07
C VAL A 377 -39.55 10.43 3.44
N GLN A 378 -40.87 10.28 3.44
CA GLN A 378 -41.63 10.16 4.68
C GLN A 378 -41.56 8.76 5.30
N ARG A 379 -40.96 7.78 4.61
CA ARG A 379 -40.85 6.43 5.15
C ARG A 379 -39.68 5.72 4.48
N ALA A 380 -39.19 4.67 5.12
CA ALA A 380 -38.06 3.91 4.59
C ALA A 380 -38.07 2.53 5.20
N VAL A 381 -37.19 1.67 4.67
CA VAL A 381 -37.06 0.29 5.14
C VAL A 381 -35.66 -0.19 4.83
N CYS A 382 -35.12 -1.02 5.72
CA CYS A 382 -33.84 -1.70 5.53
C CYS A 382 -33.99 -3.15 5.98
N MET A 383 -33.65 -4.07 5.09
CA MET A 383 -33.84 -5.51 5.30
C MET A 383 -32.48 -6.17 5.46
N LEU A 384 -32.31 -6.90 6.56
CA LEU A 384 -31.17 -7.76 6.81
C LEU A 384 -31.73 -9.17 6.92
N SER A 385 -31.23 -10.09 6.10
CA SER A 385 -31.79 -11.43 5.97
C SER A 385 -30.68 -12.44 5.73
N ASN A 386 -30.70 -13.53 6.49
CA ASN A 386 -29.79 -14.64 6.26
C ASN A 386 -30.35 -15.54 5.17
N THR A 387 -29.46 -16.05 4.32
CA THR A 387 -29.86 -16.88 3.18
C THR A 387 -28.71 -17.80 2.81
N THR A 388 -29.05 -18.90 2.16
CA THR A 388 -28.06 -19.81 1.58
C THR A 388 -27.62 -19.40 0.18
N ALA A 389 -28.02 -18.21 -0.29
CA ALA A 389 -27.62 -17.76 -1.62
C ALA A 389 -26.15 -17.36 -1.69
N ILE A 390 -25.54 -16.99 -0.55
CA ILE A 390 -24.17 -16.48 -0.57
C ILE A 390 -23.13 -17.60 -0.59
N ALA A 391 -23.55 -18.87 -0.70
CA ALA A 391 -22.58 -19.96 -0.78
C ALA A 391 -21.84 -19.93 -2.12
N GLU A 392 -22.52 -19.49 -3.19
CA GLU A 392 -21.86 -19.43 -4.50
C GLU A 392 -20.76 -18.37 -4.53
N ALA A 393 -20.91 -17.30 -3.76
CA ALA A 393 -19.86 -16.30 -3.68
C ALA A 393 -18.63 -16.86 -2.98
N TRP A 394 -18.82 -17.60 -1.89
CA TRP A 394 -17.71 -18.29 -1.25
C TRP A 394 -17.14 -19.37 -2.16
N ALA A 395 -17.99 -20.01 -2.97
CA ALA A 395 -17.48 -20.92 -3.99
C ALA A 395 -16.69 -20.17 -5.05
N ARG A 396 -17.14 -18.96 -5.40
CA ARG A 396 -16.41 -18.16 -6.39
C ARG A 396 -15.08 -17.68 -5.82
N LEU A 397 -15.10 -17.18 -4.59
CA LEU A 397 -13.85 -16.72 -3.97
C LEU A 397 -12.91 -17.89 -3.72
N ASP A 398 -13.44 -19.04 -3.32
CA ASP A 398 -12.59 -20.22 -3.12
C ASP A 398 -12.11 -20.77 -4.45
N HIS A 399 -12.91 -20.65 -5.50
CA HIS A 399 -12.51 -21.15 -6.82
C HIS A 399 -11.33 -20.37 -7.38
N LYS A 400 -11.41 -19.04 -7.36
CA LYS A 400 -10.32 -18.22 -7.88
C LYS A 400 -9.08 -18.31 -7.01
N PHE A 401 -9.23 -18.53 -5.70
CA PHE A 401 -8.09 -18.74 -4.82
C PHE A 401 -7.29 -19.98 -5.18
N ASP A 402 -7.96 -21.05 -5.63
CA ASP A 402 -7.26 -22.26 -6.01
C ASP A 402 -6.41 -22.05 -7.25
N LEU A 403 -6.81 -21.13 -8.13
CA LEU A 403 -6.01 -20.85 -9.33
C LEU A 403 -4.69 -20.20 -8.96
N MET A 404 -4.72 -19.24 -8.03
CA MET A 404 -3.49 -18.57 -7.60
C MET A 404 -2.70 -19.42 -6.61
N TYR A 405 -3.40 -20.18 -5.76
CA TYR A 405 -2.70 -21.04 -4.80
C TYR A 405 -1.97 -22.18 -5.49
N ALA A 406 -2.50 -22.67 -6.62
CA ALA A 406 -1.84 -23.73 -7.36
C ALA A 406 -0.49 -23.28 -7.91
N LYS A 407 -0.38 -22.03 -8.34
CA LYS A 407 0.87 -21.44 -8.81
C LYS A 407 1.67 -20.75 -7.70
N ARG A 408 1.18 -20.75 -6.46
CA ARG A 408 1.87 -20.10 -5.33
C ARG A 408 2.07 -18.62 -5.59
N ALA A 409 1.04 -17.97 -6.11
CA ALA A 409 1.12 -16.57 -6.48
C ALA A 409 0.98 -15.67 -5.26
N PHE A 410 1.84 -14.65 -5.20
CA PHE A 410 1.81 -13.63 -4.15
C PHE A 410 2.03 -14.22 -2.75
N VAL A 411 2.73 -15.36 -2.66
CA VAL A 411 2.93 -16.04 -1.39
C VAL A 411 4.21 -15.57 -0.69
N HIS A 412 5.23 -15.15 -1.45
CA HIS A 412 6.51 -14.80 -0.84
C HIS A 412 6.43 -13.55 0.02
N TRP A 413 5.44 -12.68 -0.20
CA TRP A 413 5.26 -11.52 0.67
C TRP A 413 4.71 -11.92 2.04
N TYR A 414 3.80 -12.89 2.09
CA TYR A 414 3.21 -13.28 3.37
C TYR A 414 4.23 -14.03 4.23
N VAL A 415 4.97 -14.97 3.64
CA VAL A 415 5.99 -15.70 4.40
C VAL A 415 7.18 -14.80 4.74
N GLY A 416 7.42 -13.75 3.97
CA GLY A 416 8.41 -12.75 4.35
C GLY A 416 8.04 -11.97 5.58
N GLU A 417 6.74 -11.91 5.92
CA GLU A 417 6.28 -11.23 7.12
C GLU A 417 6.45 -12.09 8.38
N GLY A 418 6.40 -13.42 8.25
CA GLY A 418 6.56 -14.33 9.37
C GLY A 418 5.70 -15.58 9.32
N MET A 419 4.75 -15.65 8.38
CA MET A 419 3.85 -16.80 8.27
C MET A 419 4.52 -17.89 7.43
N GLU A 420 3.79 -18.97 7.17
CA GLU A 420 4.29 -20.14 6.46
C GLU A 420 3.19 -20.62 5.51
N GLU A 421 3.37 -21.83 4.95
CA GLU A 421 2.40 -22.42 4.06
C GLU A 421 1.26 -23.13 4.80
N GLY A 422 1.44 -23.42 6.09
CA GLY A 422 0.47 -24.25 6.80
C GLY A 422 -0.87 -23.57 6.99
N GLU A 423 -0.86 -22.34 7.52
CA GLU A 423 -2.12 -21.65 7.80
C GLU A 423 -2.87 -21.26 6.53
N PHE A 424 -2.19 -21.19 5.38
CA PHE A 424 -2.91 -21.07 4.11
C PHE A 424 -3.78 -22.29 3.88
N SER A 425 -3.29 -23.48 4.25
CA SER A 425 -4.11 -24.69 4.15
C SER A 425 -5.26 -24.66 5.13
N GLU A 426 -5.04 -24.09 6.33
CA GLU A 426 -6.14 -23.96 7.29
C GLU A 426 -7.18 -22.97 6.79
N ALA A 427 -6.74 -21.90 6.13
CA ALA A 427 -7.68 -20.94 5.57
C ALA A 427 -8.48 -21.56 4.42
N ARG A 428 -7.87 -22.46 3.66
CA ARG A 428 -8.57 -23.10 2.55
C ARG A 428 -9.62 -24.08 3.08
N GLU A 429 -9.23 -24.97 3.98
CA GLU A 429 -10.15 -25.99 4.48
C GLU A 429 -11.25 -25.40 5.36
N ASP A 430 -10.99 -24.28 6.02
CA ASP A 430 -12.02 -23.67 6.86
C ASP A 430 -13.16 -23.12 6.01
N MET A 431 -12.84 -22.51 4.87
CA MET A 431 -13.88 -22.11 3.94
C MET A 431 -14.52 -23.32 3.27
N ALA A 432 -13.75 -24.39 3.05
CA ALA A 432 -14.33 -25.62 2.52
C ALA A 432 -15.30 -26.24 3.52
N ALA A 433 -15.02 -26.08 4.82
CA ALA A 433 -15.98 -26.51 5.83
C ALA A 433 -17.26 -25.69 5.76
N LEU A 434 -17.17 -24.42 5.38
CA LEU A 434 -18.35 -23.56 5.32
C LEU A 434 -19.27 -23.95 4.17
N GLU A 435 -18.70 -24.39 3.04
CA GLU A 435 -19.52 -24.74 1.89
C GLU A 435 -20.35 -26.00 2.16
N LYS A 436 -19.75 -27.01 2.78
CA LYS A 436 -20.50 -28.21 3.13
C LYS A 436 -21.56 -27.93 4.19
N ASP A 437 -21.35 -26.91 5.02
CA ASP A 437 -22.39 -26.50 5.96
C ASP A 437 -23.51 -25.74 5.26
N TYR A 438 -23.17 -24.97 4.22
CA TYR A 438 -24.19 -24.20 3.51
C TYR A 438 -25.07 -25.07 2.64
N GLU A 439 -24.51 -26.12 2.02
CA GLU A 439 -25.32 -27.05 1.25
C GLU A 439 -26.10 -28.01 2.13
N GLU A 440 -25.60 -28.29 3.35
CA GLU A 440 -26.35 -29.14 4.27
C GLU A 440 -27.52 -28.38 4.88
N VAL A 441 -27.28 -27.16 5.37
CA VAL A 441 -28.36 -26.37 5.95
C VAL A 441 -29.38 -25.94 4.90
N GLY A 442 -28.99 -25.84 3.64
CA GLY A 442 -29.91 -25.47 2.58
C GLY A 442 -30.81 -26.57 2.07
N ILE A 443 -30.80 -27.75 2.69
CA ILE A 443 -31.66 -28.85 2.25
C ILE A 443 -33.09 -28.51 2.65
N MET B 1 7.11 11.14 8.64
CA MET B 1 6.15 10.04 8.33
C MET B 1 6.45 9.43 6.96
N ARG B 2 7.12 8.28 6.96
CA ARG B 2 7.35 7.48 5.75
C ARG B 2 8.22 8.25 4.74
N GLU B 3 9.35 8.75 5.22
CA GLU B 3 10.25 9.50 4.36
C GLU B 3 10.89 8.60 3.32
N ILE B 4 11.23 9.21 2.18
CA ILE B 4 11.87 8.53 1.06
C ILE B 4 13.20 9.23 0.80
N VAL B 5 14.29 8.46 0.82
CA VAL B 5 15.63 8.98 0.64
C VAL B 5 15.97 8.87 -0.85
N HIS B 6 16.17 10.02 -1.50
CA HIS B 6 16.50 10.09 -2.91
C HIS B 6 18.02 10.04 -3.08
N ILE B 7 18.45 9.32 -4.12
CA ILE B 7 19.86 9.10 -4.40
C ILE B 7 20.04 9.05 -5.91
N GLN B 8 20.70 10.06 -6.47
CA GLN B 8 20.86 10.24 -7.91
C GLN B 8 22.24 9.76 -8.32
N ALA B 9 22.29 8.58 -8.95
CA ALA B 9 23.53 7.96 -9.41
C ALA B 9 23.60 8.00 -10.92
N GLY B 10 24.80 8.25 -11.45
CA GLY B 10 25.02 8.28 -12.88
C GLY B 10 24.64 9.62 -13.49
N GLN B 11 25.03 9.77 -14.76
CA GLN B 11 24.73 11.02 -15.47
C GLN B 11 23.23 11.16 -15.74
N CYS B 12 22.63 10.12 -16.30
CA CYS B 12 21.21 10.19 -16.62
C CYS B 12 20.35 10.24 -15.36
N GLY B 13 20.79 9.57 -14.30
CA GLY B 13 20.06 9.61 -13.04
C GLY B 13 20.04 11.00 -12.43
N ASN B 14 21.13 11.74 -12.61
CA ASN B 14 21.17 13.12 -12.13
C ASN B 14 20.26 14.01 -12.96
N GLN B 15 20.15 13.75 -14.25
CA GLN B 15 19.29 14.56 -15.12
C GLN B 15 17.82 14.35 -14.79
N ILE B 16 17.36 13.09 -14.81
CA ILE B 16 15.97 12.81 -14.49
C ILE B 16 15.69 13.07 -13.01
N GLY B 17 16.68 12.87 -12.14
CA GLY B 17 16.52 13.22 -10.75
C GLY B 17 16.39 14.72 -10.55
N ALA B 18 17.18 15.50 -11.30
CA ALA B 18 17.04 16.95 -11.26
C ALA B 18 15.68 17.38 -11.80
N LYS B 19 15.21 16.72 -12.86
CA LYS B 19 13.88 17.01 -13.38
C LYS B 19 12.80 16.50 -12.43
N PHE B 20 13.09 15.45 -11.66
CA PHE B 20 12.10 14.93 -10.71
C PHE B 20 11.82 15.94 -9.61
N TRP B 21 12.86 16.54 -9.04
CA TRP B 21 12.65 17.60 -8.06
C TRP B 21 12.02 18.84 -8.70
N GLU B 22 12.24 19.06 -9.99
CA GLU B 22 11.68 20.22 -10.65
C GLU B 22 10.17 20.10 -10.78
N VAL B 23 9.68 18.95 -11.27
CA VAL B 23 8.26 18.82 -11.59
C VAL B 23 7.42 18.75 -10.31
N ILE B 24 7.94 18.11 -9.26
CA ILE B 24 7.20 18.02 -8.00
C ILE B 24 7.26 19.33 -7.21
N SER B 25 8.31 20.14 -7.42
CA SER B 25 8.38 21.43 -6.75
C SER B 25 7.26 22.36 -7.20
N ASP B 26 6.83 22.27 -8.45
CA ASP B 26 5.69 23.04 -8.92
C ASP B 26 4.39 22.52 -8.31
N GLU B 27 4.31 21.20 -8.07
CA GLU B 27 3.13 20.64 -7.44
C GLU B 27 3.01 21.11 -5.99
N HIS B 28 4.12 21.10 -5.25
CA HIS B 28 4.15 21.61 -3.88
C HIS B 28 4.26 23.13 -3.82
N GLY B 29 4.58 23.80 -4.92
CA GLY B 29 4.66 25.25 -4.92
C GLY B 29 5.86 25.77 -4.17
N ILE B 30 7.04 25.22 -4.47
CA ILE B 30 8.30 25.60 -3.86
C ILE B 30 9.09 26.44 -4.85
N ASP B 31 9.64 27.56 -4.38
CA ASP B 31 10.47 28.40 -5.23
C ASP B 31 11.80 27.70 -5.48
N PRO B 32 12.54 28.07 -6.55
CA PRO B 32 13.90 27.52 -6.69
C PRO B 32 14.85 27.94 -5.59
N THR B 33 14.63 29.10 -4.97
CA THR B 33 15.47 29.51 -3.85
C THR B 33 15.25 28.65 -2.62
N GLY B 34 14.06 28.08 -2.45
CA GLY B 34 13.71 27.19 -1.34
C GLY B 34 12.52 27.62 -0.52
N SER B 35 11.96 28.81 -0.74
CA SER B 35 10.81 29.30 0.01
C SER B 35 9.51 28.85 -0.64
N TYR B 36 8.45 28.81 0.17
CA TYR B 36 7.14 28.37 -0.28
C TYR B 36 6.34 29.55 -0.82
N HIS B 37 5.72 29.36 -2.00
CA HIS B 37 4.84 30.36 -2.61
C HIS B 37 3.62 29.69 -3.24
N GLY B 38 3.16 28.59 -2.67
CA GLY B 38 2.01 27.89 -3.20
C GLY B 38 0.70 28.54 -2.79
N ASP B 39 -0.38 27.77 -2.94
CA ASP B 39 -1.75 28.20 -2.66
C ASP B 39 -2.49 27.28 -1.72
N SER B 40 -2.28 25.97 -1.80
CA SER B 40 -3.01 24.98 -1.02
C SER B 40 -2.26 24.67 0.27
N ASP B 41 -3.03 24.36 1.31
CA ASP B 41 -2.47 23.94 2.59
C ASP B 41 -2.04 22.48 2.60
N LEU B 42 -2.57 21.65 1.71
CA LEU B 42 -2.17 20.24 1.65
C LEU B 42 -0.76 20.06 1.12
N GLN B 43 -0.19 21.06 0.45
CA GLN B 43 1.20 20.96 0.01
C GLN B 43 2.16 20.87 1.18
N LEU B 44 1.87 21.58 2.27
CA LEU B 44 2.66 21.48 3.50
C LEU B 44 2.30 20.27 4.34
N GLU B 45 1.19 19.57 4.04
CA GLU B 45 0.80 18.40 4.82
C GLU B 45 1.82 17.28 4.70
N ARG B 46 2.41 17.11 3.51
CA ARG B 46 3.36 16.04 3.22
C ARG B 46 4.54 16.58 2.43
N ILE B 47 5.03 17.75 2.84
CA ILE B 47 6.29 18.28 2.31
C ILE B 47 7.49 17.61 2.95
N ASN B 48 7.36 17.11 4.19
CA ASN B 48 8.44 16.42 4.87
C ASN B 48 8.70 15.02 4.32
N VAL B 49 7.82 14.48 3.48
CA VAL B 49 8.01 13.12 2.97
C VAL B 49 9.18 13.05 2.00
N TYR B 50 9.58 14.18 1.40
CA TYR B 50 10.75 14.29 0.52
C TYR B 50 11.74 15.35 0.97
N TYR B 51 11.29 16.44 1.58
CA TYR B 51 12.13 17.56 1.96
C TYR B 51 12.37 17.54 3.47
N ASN B 52 13.30 18.39 3.91
CA ASN B 52 13.60 18.62 5.32
C ASN B 52 13.38 20.08 5.65
N GLU B 53 12.80 20.33 6.83
CA GLU B 53 12.54 21.69 7.26
C GLU B 53 13.84 22.37 7.69
N ALA B 54 13.91 23.68 7.49
CA ALA B 54 15.07 24.48 7.89
C ALA B 54 14.62 25.86 8.34
N ALA B 55 15.58 26.71 8.71
CA ALA B 55 15.26 28.05 9.20
C ALA B 55 14.74 28.93 8.07
N GLY B 56 13.94 29.93 8.43
CA GLY B 56 13.39 30.84 7.44
C GLY B 56 12.35 30.23 6.54
N ASN B 57 11.70 29.15 6.97
CA ASN B 57 10.69 28.44 6.17
C ASN B 57 11.26 27.92 4.85
N LYS B 58 12.54 27.55 4.86
CA LYS B 58 13.22 26.98 3.70
C LYS B 58 13.20 25.46 3.79
N TYR B 59 12.99 24.81 2.64
CA TYR B 59 12.91 23.37 2.53
C TYR B 59 13.98 22.87 1.58
N VAL B 60 14.99 22.20 2.14
CA VAL B 60 16.09 21.62 1.37
C VAL B 60 15.66 20.21 0.94
N PRO B 61 15.94 19.75 -0.28
CA PRO B 61 15.52 18.38 -0.63
C PRO B 61 16.47 17.33 -0.07
N ARG B 62 15.91 16.16 0.19
CA ARG B 62 16.68 15.01 0.67
C ARG B 62 17.21 14.22 -0.52
N ALA B 63 18.09 14.89 -1.27
CA ALA B 63 18.71 14.35 -2.47
C ALA B 63 20.20 14.15 -2.21
N ILE B 64 20.73 13.03 -2.70
CA ILE B 64 22.14 12.68 -2.56
C ILE B 64 22.66 12.42 -3.97
N LEU B 65 23.33 13.40 -4.56
CA LEU B 65 23.85 13.31 -5.91
C LEU B 65 25.24 12.69 -5.84
N VAL B 66 25.41 11.55 -6.53
CA VAL B 66 26.66 10.81 -6.61
C VAL B 66 27.02 10.60 -8.07
N ASP B 67 28.28 10.90 -8.39
CA ASP B 67 28.79 10.71 -9.75
C ASP B 67 30.30 10.78 -9.67
N LEU B 68 30.95 10.05 -10.59
CA LEU B 68 32.41 9.98 -10.67
C LEU B 68 33.00 10.98 -11.65
N GLU B 69 32.25 12.02 -12.05
CA GLU B 69 32.65 13.00 -13.04
C GLU B 69 32.23 14.38 -12.55
N PRO B 70 33.15 15.29 -12.18
CA PRO B 70 32.71 16.54 -11.54
C PRO B 70 32.00 17.50 -12.48
N GLY B 71 32.14 17.34 -13.79
CA GLY B 71 31.46 18.23 -14.71
C GLY B 71 29.94 18.08 -14.68
N THR B 72 29.45 16.90 -14.31
CA THR B 72 28.01 16.69 -14.25
C THR B 72 27.37 17.52 -13.15
N MET B 73 28.02 17.59 -11.98
CA MET B 73 27.46 18.36 -10.87
C MET B 73 27.46 19.85 -11.17
N ASP B 74 28.42 20.32 -11.97
CA ASP B 74 28.44 21.74 -12.34
C ASP B 74 27.23 22.11 -13.20
N SER B 75 26.78 21.19 -14.05
CA SER B 75 25.60 21.44 -14.87
C SER B 75 24.32 21.35 -14.04
N VAL B 76 24.28 20.44 -13.08
CA VAL B 76 23.10 20.31 -12.23
C VAL B 76 23.02 21.45 -11.23
N ARG B 77 24.16 21.87 -10.68
CA ARG B 77 24.17 22.97 -9.72
C ARG B 77 23.84 24.29 -10.39
N SER B 78 24.24 24.47 -11.65
CA SER B 78 23.96 25.68 -12.41
C SER B 78 22.62 25.63 -13.14
N GLY B 79 21.73 24.69 -12.80
CA GLY B 79 20.45 24.57 -13.46
C GLY B 79 19.43 25.54 -12.88
N PRO B 80 18.17 25.39 -13.28
CA PRO B 80 17.13 26.25 -12.66
C PRO B 80 16.93 25.98 -11.18
N PHE B 81 16.80 24.71 -10.79
CA PHE B 81 16.61 24.30 -9.40
C PHE B 81 17.91 23.75 -8.80
N GLY B 82 19.06 24.15 -9.33
CA GLY B 82 20.32 23.65 -8.81
C GLY B 82 20.74 24.22 -7.47
N GLN B 83 20.25 25.41 -7.12
CA GLN B 83 20.64 26.08 -5.88
C GLN B 83 19.89 25.57 -4.66
N ILE B 84 18.77 24.85 -4.83
CA ILE B 84 18.00 24.39 -3.69
C ILE B 84 18.64 23.18 -2.99
N PHE B 85 19.42 22.39 -3.71
CA PHE B 85 20.04 21.20 -3.13
C PHE B 85 21.08 21.60 -2.08
N ARG B 86 21.38 20.65 -1.20
CA ARG B 86 22.36 20.88 -0.14
C ARG B 86 23.77 20.82 -0.73
N PRO B 87 24.68 21.76 -0.40
CA PRO B 87 26.06 21.59 -0.91
C PRO B 87 26.79 20.40 -0.33
N ASP B 88 26.46 19.97 0.89
CA ASP B 88 27.14 18.83 1.49
C ASP B 88 26.79 17.53 0.77
N ASN B 89 25.58 17.43 0.23
CA ASN B 89 25.18 16.23 -0.51
C ASN B 89 25.92 16.05 -1.82
N PHE B 90 26.51 17.10 -2.38
CA PHE B 90 27.25 17.01 -3.65
C PHE B 90 28.61 16.37 -3.38
N VAL B 91 28.59 15.04 -3.25
CA VAL B 91 29.80 14.22 -3.14
C VAL B 91 30.08 13.63 -4.51
N PHE B 92 31.36 13.59 -4.88
CA PHE B 92 31.74 13.18 -6.22
C PHE B 92 33.23 12.95 -6.28
N GLY B 93 33.64 12.15 -7.26
CA GLY B 93 35.05 11.92 -7.55
C GLY B 93 35.59 12.96 -8.51
N GLN B 94 36.72 12.62 -9.13
CA GLN B 94 37.42 13.44 -10.11
C GLN B 94 37.61 12.75 -11.44
N SER B 95 37.92 11.45 -11.44
CA SER B 95 38.16 10.68 -12.65
C SER B 95 36.92 9.87 -12.99
N GLY B 96 36.48 9.96 -14.24
CA GLY B 96 35.32 9.21 -14.68
C GLY B 96 35.61 7.73 -14.85
N ALA B 97 34.53 6.96 -14.91
CA ALA B 97 34.62 5.51 -15.09
C ALA B 97 34.92 5.11 -16.52
N GLY B 98 34.56 5.94 -17.50
CA GLY B 98 34.83 5.62 -18.89
C GLY B 98 34.03 4.45 -19.41
N ASN B 99 32.80 4.27 -18.93
CA ASN B 99 31.92 3.18 -19.34
C ASN B 99 32.54 1.81 -19.06
N ASN B 100 32.83 1.57 -17.78
CA ASN B 100 33.41 0.31 -17.32
C ASN B 100 32.77 -0.05 -15.99
N TRP B 101 32.10 -1.20 -15.95
CA TRP B 101 31.43 -1.63 -14.73
C TRP B 101 32.42 -2.00 -13.64
N ALA B 102 33.59 -2.54 -14.03
CA ALA B 102 34.57 -2.95 -13.04
C ALA B 102 35.20 -1.76 -12.33
N LYS B 103 35.39 -0.65 -13.02
CA LYS B 103 36.02 0.52 -12.41
C LYS B 103 35.13 1.14 -11.36
N GLY B 104 33.86 1.37 -11.70
CA GLY B 104 32.92 1.98 -10.79
C GLY B 104 32.39 1.09 -9.68
N HIS B 105 32.79 -0.20 -9.66
CA HIS B 105 32.29 -1.18 -8.70
C HIS B 105 33.36 -1.69 -7.75
N TYR B 106 34.63 -1.75 -8.18
CA TYR B 106 35.72 -2.34 -7.42
C TYR B 106 36.77 -1.34 -6.99
N THR B 107 37.21 -0.45 -7.88
CA THR B 107 38.32 0.48 -7.63
C THR B 107 37.85 1.92 -7.53
N GLU B 108 37.18 2.44 -8.56
CA GLU B 108 36.78 3.85 -8.54
C GLU B 108 35.59 4.08 -7.62
N GLY B 109 34.73 3.09 -7.45
CA GLY B 109 33.59 3.21 -6.56
C GLY B 109 33.93 2.92 -5.12
N ALA B 110 34.85 2.00 -4.88
CA ALA B 110 35.21 1.60 -3.52
C ALA B 110 35.85 2.73 -2.72
N GLU B 111 36.59 3.63 -3.37
CA GLU B 111 37.16 4.77 -2.66
C GLU B 111 36.12 5.81 -2.28
N LEU B 112 35.02 5.90 -3.03
CA LEU B 112 33.95 6.86 -2.77
C LEU B 112 32.79 6.27 -1.98
N VAL B 113 32.59 4.95 -2.02
CA VAL B 113 31.44 4.35 -1.35
C VAL B 113 31.56 4.50 0.17
N ASP B 114 32.78 4.58 0.69
CA ASP B 114 32.94 4.90 2.11
C ASP B 114 32.49 6.33 2.42
N SER B 115 32.56 7.24 1.43
CA SER B 115 32.18 8.63 1.62
C SER B 115 30.68 8.87 1.50
N VAL B 116 29.98 8.07 0.69
CA VAL B 116 28.54 8.25 0.51
C VAL B 116 27.71 7.54 1.58
N LEU B 117 28.24 6.47 2.19
CA LEU B 117 27.46 5.76 3.21
C LEU B 117 27.27 6.60 4.46
N ASP B 118 28.26 7.43 4.80
CA ASP B 118 28.09 8.33 5.94
C ASP B 118 27.13 9.48 5.62
N VAL B 119 26.93 9.81 4.34
CA VAL B 119 26.01 10.88 3.99
C VAL B 119 24.57 10.38 4.03
N VAL B 120 24.30 9.22 3.43
CA VAL B 120 22.95 8.67 3.46
C VAL B 120 22.54 8.25 4.86
N ARG B 121 23.50 7.87 5.70
CA ARG B 121 23.18 7.57 7.10
C ARG B 121 22.70 8.82 7.83
N LYS B 122 23.22 10.00 7.44
CA LYS B 122 22.75 11.23 8.05
C LYS B 122 21.30 11.51 7.70
N GLU B 123 20.94 11.38 6.42
CA GLU B 123 19.57 11.60 5.99
C GLU B 123 18.62 10.51 6.51
N SER B 124 19.13 9.31 6.77
CA SER B 124 18.29 8.22 7.26
C SER B 124 17.93 8.38 8.74
N GLU B 125 18.91 8.72 9.58
CA GLU B 125 18.66 8.91 11.00
C GLU B 125 17.98 10.25 11.31
N SER B 126 18.17 11.26 10.46
CA SER B 126 17.55 12.56 10.67
C SER B 126 16.04 12.52 10.48
N CYS B 127 15.51 11.57 9.71
CA CYS B 127 14.08 11.49 9.46
C CYS B 127 13.37 10.86 10.64
N ASP B 128 12.04 10.94 10.62
CA ASP B 128 11.23 10.36 11.68
C ASP B 128 11.08 8.85 11.51
N CYS B 129 10.71 8.41 10.31
CA CYS B 129 10.60 6.99 10.02
C CYS B 129 10.75 6.80 8.52
N LEU B 130 11.88 6.29 8.07
CA LEU B 130 12.15 6.11 6.66
C LEU B 130 11.31 4.96 6.09
N GLN B 131 10.85 5.13 4.86
CA GLN B 131 10.06 4.14 4.14
C GLN B 131 10.89 3.34 3.14
N GLY B 132 11.63 4.02 2.28
CA GLY B 132 12.40 3.33 1.27
C GLY B 132 13.43 4.25 0.64
N PHE B 133 13.89 3.84 -0.55
CA PHE B 133 14.92 4.54 -1.30
C PHE B 133 14.48 4.68 -2.75
N GLN B 134 14.43 5.93 -3.23
CA GLN B 134 14.03 6.25 -4.60
C GLN B 134 15.29 6.61 -5.38
N LEU B 135 15.83 5.64 -6.11
CA LEU B 135 17.10 5.76 -6.81
C LEU B 135 16.86 5.87 -8.31
N THR B 136 17.77 6.59 -8.99
CA THR B 136 17.76 6.77 -10.44
C THR B 136 19.16 6.46 -10.97
N HIS B 137 19.23 5.61 -11.99
CA HIS B 137 20.50 5.25 -12.60
C HIS B 137 20.24 4.76 -14.02
N SER B 138 21.30 4.34 -14.69
CA SER B 138 21.25 3.78 -16.03
C SER B 138 22.08 2.51 -16.07
N LEU B 139 21.53 1.47 -16.70
CA LEU B 139 22.24 0.20 -16.83
C LEU B 139 23.47 0.30 -17.72
N GLY B 140 23.52 1.30 -18.62
CA GLY B 140 24.73 1.57 -19.38
C GLY B 140 25.73 2.38 -18.59
N GLY B 141 26.96 2.43 -19.11
CA GLY B 141 28.03 3.14 -18.44
C GLY B 141 28.59 2.37 -17.26
N GLY B 142 29.54 3.00 -16.59
CA GLY B 142 30.24 2.43 -15.45
C GLY B 142 29.84 3.03 -14.13
N THR B 143 29.61 4.34 -14.11
CA THR B 143 29.27 5.01 -12.85
C THR B 143 27.83 4.76 -12.44
N GLY B 144 26.92 4.59 -13.41
CA GLY B 144 25.54 4.33 -13.10
C GLY B 144 25.31 2.88 -12.72
N SER B 145 25.81 1.96 -13.54
CA SER B 145 25.62 0.54 -13.30
C SER B 145 26.61 -0.02 -12.28
N GLY B 146 27.83 0.50 -12.22
CA GLY B 146 28.83 -0.03 -11.32
C GLY B 146 28.69 0.48 -9.90
N MET B 147 28.73 1.82 -9.75
CA MET B 147 28.66 2.42 -8.42
C MET B 147 27.21 2.51 -7.93
N GLY B 148 26.26 2.70 -8.85
CA GLY B 148 24.87 2.77 -8.44
C GLY B 148 24.35 1.44 -7.92
N THR B 149 24.73 0.34 -8.59
CA THR B 149 24.33 -0.98 -8.12
C THR B 149 25.14 -1.42 -6.89
N LEU B 150 26.31 -0.83 -6.67
CA LEU B 150 27.12 -1.19 -5.51
C LEU B 150 26.43 -0.77 -4.21
N LEU B 151 26.01 0.49 -4.13
CA LEU B 151 25.37 0.98 -2.91
C LEU B 151 23.99 0.37 -2.70
N ILE B 152 23.36 -0.17 -3.75
CA ILE B 152 22.17 -0.98 -3.57
C ILE B 152 22.50 -2.21 -2.73
N SER B 153 23.67 -2.80 -2.97
CA SER B 153 24.08 -3.96 -2.18
C SER B 153 24.38 -3.57 -0.74
N LYS B 154 25.02 -2.42 -0.54
CA LYS B 154 25.36 -2.00 0.83
C LYS B 154 24.12 -1.57 1.60
N ILE B 155 23.18 -0.92 0.93
CA ILE B 155 21.95 -0.50 1.61
C ILE B 155 21.08 -1.72 1.93
N ARG B 156 21.14 -2.76 1.10
CA ARG B 156 20.46 -4.01 1.42
C ARG B 156 21.04 -4.65 2.67
N GLU B 157 22.36 -4.53 2.86
CA GLU B 157 23.00 -5.07 4.05
C GLU B 157 22.59 -4.30 5.31
N GLU B 158 22.48 -2.97 5.20
CA GLU B 158 22.19 -2.14 6.37
C GLU B 158 20.69 -2.08 6.65
N TYR B 159 19.88 -1.92 5.59
CA TYR B 159 18.43 -1.78 5.68
C TYR B 159 17.78 -2.89 4.86
N PRO B 160 17.80 -4.13 5.34
CA PRO B 160 17.16 -5.22 4.59
C PRO B 160 15.64 -5.20 4.59
N ASP B 161 15.01 -4.45 5.50
CA ASP B 161 13.56 -4.43 5.63
C ASP B 161 12.89 -3.33 4.82
N ARG B 162 13.63 -2.27 4.45
CA ARG B 162 13.04 -1.16 3.74
C ARG B 162 12.88 -1.48 2.25
N ILE B 163 12.06 -0.67 1.59
CA ILE B 163 11.78 -0.83 0.17
C ILE B 163 12.91 -0.19 -0.62
N MET B 164 13.35 -0.88 -1.68
CA MET B 164 14.42 -0.42 -2.57
C MET B 164 13.82 -0.20 -3.96
N ASN B 165 13.40 1.04 -4.22
CA ASN B 165 12.77 1.41 -5.48
C ASN B 165 13.83 1.99 -6.41
N THR B 166 13.75 1.63 -7.69
CA THR B 166 14.71 2.06 -8.70
C THR B 166 13.97 2.43 -9.99
N PHE B 167 14.22 3.64 -10.49
CA PHE B 167 13.78 4.08 -11.81
C PHE B 167 15.00 4.01 -12.72
N SER B 168 15.14 2.90 -13.44
CA SER B 168 16.35 2.57 -14.20
C SER B 168 16.03 2.58 -15.68
N VAL B 169 16.74 3.42 -16.44
CA VAL B 169 16.71 3.39 -17.90
C VAL B 169 17.73 2.35 -18.36
N MET B 170 17.41 1.66 -19.46
CA MET B 170 18.17 0.52 -19.96
C MET B 170 18.35 0.63 -21.46
N PRO B 171 19.39 -0.03 -22.04
CA PRO B 171 19.68 0.20 -23.46
C PRO B 171 18.80 -0.62 -24.39
N SER B 172 19.02 -0.48 -25.69
CA SER B 172 18.28 -1.21 -26.71
C SER B 172 19.13 -1.26 -27.97
N PRO B 173 18.86 -2.20 -28.89
CA PRO B 173 19.74 -2.31 -30.08
C PRO B 173 19.48 -1.24 -31.12
N LYS B 174 18.25 -0.72 -31.23
CA LYS B 174 17.96 0.27 -32.26
C LYS B 174 18.62 1.60 -31.95
N VAL B 175 18.61 2.00 -30.67
CA VAL B 175 19.24 3.22 -30.18
C VAL B 175 20.28 2.79 -29.15
N SER B 176 21.56 2.97 -29.49
CA SER B 176 22.67 2.56 -28.63
C SER B 176 23.80 3.57 -28.78
N ASP B 177 23.98 4.41 -27.77
CA ASP B 177 25.02 5.44 -27.75
C ASP B 177 26.26 5.00 -26.99
N THR B 178 26.53 3.70 -26.93
CA THR B 178 27.66 3.18 -26.19
C THR B 178 27.93 1.75 -26.63
N VAL B 179 29.21 1.38 -26.74
CA VAL B 179 29.57 0.07 -27.26
C VAL B 179 29.46 -1.00 -26.17
N VAL B 180 29.66 -0.61 -24.91
CA VAL B 180 29.81 -1.57 -23.79
C VAL B 180 28.48 -1.71 -23.06
N GLU B 181 27.36 -1.49 -23.77
CA GLU B 181 26.06 -1.58 -23.12
C GLU B 181 25.68 -2.99 -22.65
N PRO B 182 25.82 -4.07 -23.45
CA PRO B 182 25.35 -5.37 -22.95
C PRO B 182 26.20 -5.92 -21.82
N TYR B 183 27.49 -5.61 -21.80
CA TYR B 183 28.32 -6.03 -20.67
C TYR B 183 27.91 -5.29 -19.40
N ASN B 184 27.72 -3.97 -19.50
CA ASN B 184 27.23 -3.21 -18.35
C ASN B 184 25.80 -3.59 -18.01
N ALA B 185 24.99 -3.96 -19.00
CA ALA B 185 23.60 -4.30 -18.73
C ALA B 185 23.48 -5.61 -17.97
N THR B 186 24.14 -6.67 -18.47
CA THR B 186 24.03 -7.98 -17.85
C THR B 186 24.65 -8.03 -16.46
N LEU B 187 25.63 -7.18 -16.19
CA LEU B 187 26.23 -7.13 -14.85
C LEU B 187 25.33 -6.38 -13.87
N SER B 188 24.54 -5.41 -14.35
CA SER B 188 23.65 -4.65 -13.47
C SER B 188 22.41 -5.43 -13.06
N VAL B 189 21.81 -6.18 -13.99
CA VAL B 189 20.61 -6.95 -13.65
C VAL B 189 20.91 -8.10 -12.69
N HIS B 190 22.17 -8.54 -12.58
CA HIS B 190 22.52 -9.52 -11.58
C HIS B 190 22.30 -9.00 -10.17
N GLN B 191 22.52 -7.71 -9.95
CA GLN B 191 22.28 -7.08 -8.65
C GLN B 191 20.83 -6.63 -8.48
N LEU B 192 20.21 -6.12 -9.54
CA LEU B 192 18.82 -5.65 -9.43
C LEU B 192 17.86 -6.80 -9.21
N VAL B 193 18.14 -7.98 -9.78
CA VAL B 193 17.21 -9.10 -9.66
C VAL B 193 17.22 -9.71 -8.26
N GLU B 194 18.32 -9.61 -7.53
CA GLU B 194 18.47 -10.22 -6.22
C GLU B 194 18.13 -9.27 -5.08
N ASN B 195 18.63 -8.03 -5.14
CA ASN B 195 18.54 -7.10 -4.02
C ASN B 195 17.27 -6.26 -4.04
N THR B 196 16.99 -5.59 -5.15
CA THR B 196 15.88 -4.65 -5.19
C THR B 196 14.54 -5.36 -5.21
N ASP B 197 13.54 -4.73 -4.58
CA ASP B 197 12.18 -5.24 -4.51
C ASP B 197 11.34 -4.81 -5.71
N GLU B 198 11.66 -3.67 -6.33
CA GLU B 198 10.89 -3.14 -7.43
C GLU B 198 11.78 -2.31 -8.34
N THR B 199 11.54 -2.42 -9.64
CA THR B 199 12.31 -1.71 -10.66
C THR B 199 11.42 -1.41 -11.85
N TYR B 200 11.63 -0.24 -12.45
CA TYR B 200 10.88 0.22 -13.62
C TYR B 200 11.78 0.14 -14.84
N SER B 201 11.40 -0.70 -15.81
CA SER B 201 12.18 -0.91 -17.03
C SER B 201 11.78 0.15 -18.05
N ILE B 202 12.66 1.12 -18.27
CA ILE B 202 12.45 2.22 -19.21
C ILE B 202 13.43 2.04 -20.37
N ASP B 203 12.90 2.01 -21.59
CA ASP B 203 13.69 1.84 -22.81
C ASP B 203 13.83 3.19 -23.50
N ASN B 204 15.05 3.50 -23.94
CA ASN B 204 15.33 4.83 -24.49
C ASN B 204 14.68 5.04 -25.85
N GLU B 205 14.57 3.99 -26.68
CA GLU B 205 13.96 4.15 -27.99
C GLU B 205 12.47 4.45 -27.87
N ALA B 206 11.81 3.90 -26.85
CA ALA B 206 10.38 4.18 -26.65
C ALA B 206 10.15 5.62 -26.19
N LEU B 207 11.14 6.24 -25.56
CA LEU B 207 11.03 7.66 -25.24
C LEU B 207 11.00 8.49 -26.52
N TYR B 208 11.69 8.04 -27.57
CA TYR B 208 11.61 8.68 -28.86
C TYR B 208 10.36 8.26 -29.63
N ASP B 209 9.92 7.01 -29.46
CA ASP B 209 8.75 6.52 -30.18
C ASP B 209 7.48 7.22 -29.73
N ILE B 210 7.36 7.49 -28.43
CA ILE B 210 6.17 8.14 -27.91
C ILE B 210 6.10 9.61 -28.29
N CYS B 211 7.24 10.26 -28.50
CA CYS B 211 7.25 11.69 -28.83
C CYS B 211 6.94 11.97 -30.29
N PHE B 212 7.03 10.96 -31.17
CA PHE B 212 6.64 11.15 -32.57
C PHE B 212 5.13 11.06 -32.73
N ARG B 213 4.52 9.99 -32.22
CA ARG B 213 3.13 9.67 -32.53
C ARG B 213 2.17 10.57 -31.78
N THR B 214 2.24 10.54 -30.44
CA THR B 214 1.26 11.24 -29.61
C THR B 214 1.63 12.68 -29.35
N LEU B 215 2.86 12.96 -28.92
CA LEU B 215 3.28 14.32 -28.58
C LEU B 215 3.76 15.11 -29.79
N LYS B 216 4.32 14.42 -30.80
CA LYS B 216 4.75 14.98 -32.09
C LYS B 216 5.61 16.24 -31.94
N LEU B 217 6.60 16.16 -31.05
CA LEU B 217 7.57 17.24 -30.92
C LEU B 217 8.51 17.22 -32.13
N THR B 218 8.66 18.39 -32.78
CA THR B 218 9.52 18.51 -33.95
C THR B 218 10.99 18.67 -33.61
N THR B 219 11.31 19.16 -32.40
CA THR B 219 12.69 19.35 -31.96
C THR B 219 12.83 18.89 -30.50
N PRO B 220 12.70 17.59 -30.24
CA PRO B 220 12.81 17.10 -28.87
C PRO B 220 14.26 16.95 -28.42
N THR B 221 14.51 17.39 -27.18
CA THR B 221 15.80 17.28 -26.50
C THR B 221 15.67 16.27 -25.37
N TYR B 222 16.78 16.06 -24.65
CA TYR B 222 16.75 15.15 -23.51
C TYR B 222 15.87 15.67 -22.39
N GLY B 223 15.74 17.00 -22.27
CA GLY B 223 14.89 17.56 -21.23
C GLY B 223 13.43 17.22 -21.42
N ASP B 224 12.99 17.12 -22.68
CA ASP B 224 11.62 16.72 -22.96
C ASP B 224 11.40 15.26 -22.59
N LEU B 225 12.41 14.41 -22.80
CA LEU B 225 12.30 13.02 -22.40
C LEU B 225 12.28 12.87 -20.88
N ASN B 226 13.03 13.73 -20.18
CA ASN B 226 13.03 13.68 -18.72
C ASN B 226 11.69 14.10 -18.14
N HIS B 227 10.92 14.93 -18.86
CA HIS B 227 9.66 15.44 -18.32
C HIS B 227 8.63 14.33 -18.20
N LEU B 228 8.51 13.47 -19.22
CA LEU B 228 7.48 12.44 -19.22
C LEU B 228 7.81 11.29 -18.28
N VAL B 229 9.10 10.94 -18.13
CA VAL B 229 9.49 9.88 -17.21
C VAL B 229 9.48 10.37 -15.76
N SER B 230 9.76 11.66 -15.53
CA SER B 230 9.66 12.22 -14.18
C SER B 230 8.22 12.34 -13.72
N ALA B 231 7.27 12.46 -14.63
CA ALA B 231 5.86 12.46 -14.24
C ALA B 231 5.46 11.11 -13.65
N THR B 232 6.03 10.02 -14.18
CA THR B 232 5.79 8.71 -13.61
C THR B 232 6.38 8.58 -12.22
N MET B 233 7.51 9.22 -11.95
CA MET B 233 8.05 9.23 -10.61
C MET B 233 7.15 9.98 -9.64
N SER B 234 6.43 10.99 -10.12
CA SER B 234 5.46 11.71 -9.29
C SER B 234 4.17 10.90 -9.12
N GLY B 235 3.82 10.08 -10.11
CA GLY B 235 2.59 9.31 -10.02
C GLY B 235 2.68 8.17 -9.03
N VAL B 236 3.85 7.54 -8.92
CA VAL B 236 4.01 6.40 -8.01
C VAL B 236 3.94 6.83 -6.56
N THR B 237 4.39 8.05 -6.22
CA THR B 237 4.42 8.57 -4.87
C THR B 237 3.42 9.70 -4.67
N THR B 238 2.27 9.64 -5.34
CA THR B 238 1.24 10.65 -5.19
C THR B 238 0.34 10.38 -3.98
N CYS B 239 0.12 9.10 -3.66
CA CYS B 239 -0.83 8.74 -2.61
C CYS B 239 -0.39 9.20 -1.23
N LEU B 240 0.92 9.25 -0.96
CA LEU B 240 1.47 9.69 0.31
C LEU B 240 1.93 11.14 0.31
N ARG B 241 1.98 11.79 -0.86
CA ARG B 241 2.26 13.23 -0.95
C ARG B 241 1.00 14.09 -0.88
N PHE B 242 -0.18 13.52 -1.15
CA PHE B 242 -1.45 14.22 -1.08
C PHE B 242 -2.52 13.22 -0.68
N PRO B 243 -3.64 13.66 -0.11
CA PRO B 243 -4.67 12.70 0.28
C PRO B 243 -5.46 12.21 -0.92
N GLY B 244 -6.16 11.09 -0.72
CA GLY B 244 -6.95 10.50 -1.78
C GLY B 244 -8.02 9.59 -1.22
N GLN B 245 -8.96 9.21 -2.09
CA GLN B 245 -10.04 8.34 -1.68
C GLN B 245 -9.57 6.90 -1.53
N LEU B 246 -8.55 6.49 -2.28
CA LEU B 246 -7.97 5.14 -2.19
C LEU B 246 -6.46 5.30 -2.33
N ASN B 247 -5.77 5.41 -1.20
CA ASN B 247 -4.33 5.59 -1.18
C ASN B 247 -3.64 4.24 -1.31
N ALA B 248 -2.56 4.22 -2.10
CA ALA B 248 -1.72 3.05 -2.27
C ALA B 248 -0.27 3.47 -2.10
N ASP B 249 0.34 3.05 -1.00
CA ASP B 249 1.74 3.36 -0.73
C ASP B 249 2.63 2.57 -1.70
N LEU B 250 3.93 2.89 -1.68
CA LEU B 250 4.88 2.18 -2.53
C LEU B 250 4.98 0.71 -2.13
N ARG B 251 4.81 0.39 -0.85
CA ARG B 251 4.75 -1.00 -0.44
C ARG B 251 3.45 -1.65 -0.87
N LYS B 252 2.35 -0.90 -0.86
CA LYS B 252 1.08 -1.42 -1.36
C LYS B 252 1.12 -1.69 -2.85
N LEU B 253 1.94 -0.95 -3.60
CA LEU B 253 2.15 -1.25 -5.01
C LEU B 253 3.03 -2.48 -5.20
N ALA B 254 3.93 -2.73 -4.26
CA ALA B 254 4.89 -3.82 -4.43
C ALA B 254 4.21 -5.18 -4.33
N VAL B 255 3.32 -5.37 -3.36
CA VAL B 255 2.74 -6.69 -3.13
C VAL B 255 1.79 -7.07 -4.27
N ASN B 256 1.14 -6.09 -4.90
CA ASN B 256 0.25 -6.36 -6.01
C ASN B 256 1.00 -6.59 -7.32
N MET B 257 2.17 -5.98 -7.49
CA MET B 257 2.93 -6.03 -8.74
C MET B 257 4.05 -7.07 -8.74
N VAL B 258 4.50 -7.53 -7.58
CA VAL B 258 5.64 -8.44 -7.45
C VAL B 258 5.12 -9.78 -6.96
N PRO B 259 4.57 -10.62 -7.86
CA PRO B 259 4.03 -11.91 -7.40
C PRO B 259 5.08 -12.91 -6.94
N PHE B 260 6.32 -12.76 -7.42
CA PHE B 260 7.45 -13.60 -7.06
C PHE B 260 8.66 -12.73 -6.76
N PRO B 261 9.65 -13.20 -5.99
CA PRO B 261 10.73 -12.30 -5.54
C PRO B 261 11.61 -11.77 -6.66
N ARG B 262 11.73 -12.50 -7.78
CA ARG B 262 12.57 -12.08 -8.90
C ARG B 262 11.79 -11.32 -9.97
N LEU B 263 10.50 -11.60 -10.13
CA LEU B 263 9.68 -10.96 -11.15
C LEU B 263 9.13 -9.63 -10.61
N HIS B 264 10.00 -8.60 -10.66
CA HIS B 264 9.67 -7.26 -10.21
C HIS B 264 10.13 -6.17 -11.18
N PHE B 265 10.40 -6.53 -12.44
CA PHE B 265 10.78 -5.58 -13.48
C PHE B 265 9.52 -5.08 -14.16
N PHE B 266 9.17 -3.82 -13.94
CA PHE B 266 7.91 -3.25 -14.38
C PHE B 266 8.09 -2.52 -15.70
N MET B 267 6.98 -1.98 -16.20
CA MET B 267 6.91 -1.31 -17.51
C MET B 267 6.07 -0.04 -17.35
N PRO B 268 6.66 1.14 -17.11
CA PRO B 268 5.84 2.32 -16.80
C PRO B 268 5.14 2.92 -18.01
N GLY B 269 4.17 3.78 -17.72
CA GLY B 269 3.44 4.51 -18.73
C GLY B 269 2.73 5.69 -18.09
N PHE B 270 2.32 6.64 -18.93
CA PHE B 270 1.70 7.87 -18.46
C PHE B 270 0.75 8.41 -19.51
N ALA B 271 -0.31 9.08 -19.03
CA ALA B 271 -1.30 9.73 -19.86
C ALA B 271 -1.90 10.87 -19.04
N PRO B 272 -2.45 11.92 -19.67
CA PRO B 272 -2.61 12.21 -21.10
C PRO B 272 -1.33 12.67 -21.77
N LEU B 273 -1.05 12.12 -22.94
CA LEU B 273 0.06 12.52 -23.80
C LEU B 273 -0.56 13.05 -25.09
N THR B 274 -0.73 14.36 -25.16
CA THR B 274 -1.38 15.02 -26.29
C THR B 274 -0.64 16.32 -26.61
N SER B 275 -0.48 16.59 -27.89
CA SER B 275 0.19 17.80 -28.33
C SER B 275 -0.72 19.02 -28.12
N ARG B 276 -0.12 20.21 -28.21
CA ARG B 276 -0.90 21.44 -28.09
C ARG B 276 -1.84 21.63 -29.27
N GLY B 277 -1.45 21.17 -30.45
CA GLY B 277 -2.32 21.26 -31.62
C GLY B 277 -3.46 20.26 -31.66
N SER B 278 -3.58 19.37 -30.67
CA SER B 278 -4.66 18.40 -30.58
C SER B 278 -5.22 18.28 -29.17
N GLN B 279 -5.01 19.29 -28.31
CA GLN B 279 -5.55 19.24 -26.96
C GLN B 279 -7.05 19.55 -26.94
N GLN B 280 -7.48 20.53 -27.76
CA GLN B 280 -8.88 20.90 -27.81
C GLN B 280 -9.76 19.79 -28.38
N TYR B 281 -9.20 18.90 -29.22
CA TYR B 281 -9.95 17.82 -29.86
C TYR B 281 -9.89 16.52 -29.08
N ARG B 282 -9.83 16.59 -27.75
CA ARG B 282 -9.77 15.41 -26.89
C ARG B 282 -10.60 15.67 -25.64
N ALA B 283 -11.28 14.62 -25.19
CA ALA B 283 -12.10 14.66 -23.98
C ALA B 283 -11.29 14.09 -22.81
N LEU B 284 -11.30 14.81 -21.70
CA LEU B 284 -10.56 14.40 -20.50
C LEU B 284 -11.27 13.32 -19.68
N THR B 285 -12.39 12.77 -20.16
CA THR B 285 -13.06 11.70 -19.43
C THR B 285 -12.20 10.44 -19.44
N VAL B 286 -12.43 9.59 -18.43
CA VAL B 286 -11.58 8.42 -18.19
C VAL B 286 -11.59 7.34 -19.26
N PRO B 287 -12.66 7.09 -20.06
CA PRO B 287 -12.52 6.02 -21.07
C PRO B 287 -11.54 6.35 -22.17
N GLU B 288 -11.41 7.62 -22.55
CA GLU B 288 -10.38 8.00 -23.52
C GLU B 288 -9.00 7.92 -22.89
N LEU B 289 -8.90 8.06 -21.57
CA LEU B 289 -7.63 7.89 -20.87
C LEU B 289 -7.30 6.41 -20.67
N THR B 290 -8.31 5.58 -20.41
CA THR B 290 -8.05 4.16 -20.11
C THR B 290 -7.55 3.43 -21.35
N GLN B 291 -8.13 3.71 -22.52
CA GLN B 291 -7.65 3.09 -23.75
C GLN B 291 -6.24 3.54 -24.10
N GLN B 292 -5.84 4.74 -23.67
CA GLN B 292 -4.46 5.19 -23.87
C GLN B 292 -3.49 4.55 -22.88
N MET B 293 -3.96 4.22 -21.69
CA MET B 293 -3.09 3.62 -20.68
C MET B 293 -2.65 2.22 -21.10
N PHE B 294 -3.61 1.36 -21.43
CA PHE B 294 -3.33 -0.01 -21.84
C PHE B 294 -2.96 -0.14 -23.32
N ASP B 295 -2.72 0.96 -24.02
CA ASP B 295 -2.34 0.89 -25.42
C ASP B 295 -0.95 0.27 -25.56
N SER B 296 -0.77 -0.53 -26.61
CA SER B 296 0.50 -1.18 -26.86
C SER B 296 1.62 -0.20 -27.16
N LYS B 297 1.31 0.94 -27.77
CA LYS B 297 2.29 1.93 -28.21
C LYS B 297 2.48 3.08 -27.22
N ASN B 298 1.68 3.17 -26.16
CA ASN B 298 1.77 4.29 -25.23
C ASN B 298 2.92 4.16 -24.23
N MET B 299 3.29 2.93 -23.87
CA MET B 299 4.26 2.71 -22.81
C MET B 299 5.66 3.13 -23.25
N MET B 300 6.52 3.36 -22.26
CA MET B 300 7.91 3.75 -22.47
C MET B 300 8.86 2.55 -22.50
N ALA B 301 8.38 1.39 -22.96
CA ALA B 301 9.22 0.22 -23.26
C ALA B 301 8.83 -0.30 -24.63
N ALA B 302 9.84 -0.73 -25.39
CA ALA B 302 9.63 -1.18 -26.76
C ALA B 302 9.05 -2.59 -26.85
N CYS B 303 8.89 -3.31 -25.74
CA CYS B 303 8.33 -4.65 -25.78
C CYS B 303 6.82 -4.58 -26.01
N ASP B 304 6.36 -5.25 -27.04
CA ASP B 304 4.94 -5.23 -27.39
C ASP B 304 4.18 -6.17 -26.45
N PRO B 305 3.19 -5.71 -25.67
CA PRO B 305 2.54 -6.62 -24.72
C PRO B 305 1.66 -7.67 -25.37
N ARG B 306 1.21 -7.46 -26.61
CA ARG B 306 0.37 -8.42 -27.30
C ARG B 306 1.09 -9.73 -27.60
N HIS B 307 2.42 -9.71 -27.67
CA HIS B 307 3.21 -10.94 -27.85
C HIS B 307 3.33 -11.77 -26.57
N GLY B 308 2.79 -11.30 -25.44
CA GLY B 308 2.82 -12.04 -24.19
C GLY B 308 1.53 -11.89 -23.41
N ARG B 309 1.61 -12.01 -22.08
CA ARG B 309 0.47 -11.93 -21.19
C ARG B 309 0.86 -11.14 -19.94
N TYR B 310 -0.02 -10.24 -19.51
CA TYR B 310 0.26 -9.42 -18.34
C TYR B 310 0.20 -10.26 -17.06
N LEU B 311 1.27 -10.21 -16.27
CA LEU B 311 1.26 -10.87 -14.97
C LEU B 311 0.43 -10.08 -13.98
N THR B 312 0.63 -8.77 -13.92
CA THR B 312 -0.12 -7.92 -13.00
C THR B 312 0.16 -6.48 -13.36
N VAL B 313 -0.85 -5.62 -13.18
CA VAL B 313 -0.82 -4.24 -13.63
C VAL B 313 -1.46 -3.37 -12.56
N ALA B 314 -0.99 -2.12 -12.47
CA ALA B 314 -1.49 -1.13 -11.51
C ALA B 314 -1.66 0.20 -12.23
N ALA B 315 -2.70 0.94 -11.86
CA ALA B 315 -3.00 2.25 -12.42
C ALA B 315 -3.37 3.19 -11.28
N ILE B 316 -2.53 4.18 -11.04
CA ILE B 316 -2.73 5.17 -9.98
C ILE B 316 -3.24 6.44 -10.65
N PHE B 317 -4.53 6.71 -10.49
CA PHE B 317 -5.17 7.87 -11.07
C PHE B 317 -4.89 9.12 -10.22
N ARG B 318 -5.21 10.28 -10.79
CA ARG B 318 -5.03 11.56 -10.11
C ARG B 318 -6.15 12.50 -10.52
N GLY B 319 -6.66 13.26 -9.55
CA GLY B 319 -7.71 14.25 -9.78
C GLY B 319 -9.07 13.79 -9.33
N ARG B 320 -9.98 14.74 -9.09
CA ARG B 320 -11.34 14.41 -8.67
C ARG B 320 -12.07 13.78 -9.85
N MET B 321 -12.61 12.58 -9.62
CA MET B 321 -13.28 11.83 -10.68
C MET B 321 -14.30 10.89 -10.04
N SER B 322 -15.10 10.26 -10.89
CA SER B 322 -16.13 9.31 -10.47
C SER B 322 -15.55 7.90 -10.47
N MET B 323 -15.82 7.17 -9.39
CA MET B 323 -15.19 5.86 -9.21
C MET B 323 -15.86 4.78 -10.05
N LYS B 324 -17.15 4.92 -10.34
CA LYS B 324 -17.85 3.91 -11.12
C LYS B 324 -17.29 3.83 -12.54
N GLU B 325 -17.13 4.99 -13.19
CA GLU B 325 -16.50 5.01 -14.52
C GLU B 325 -15.05 4.55 -14.45
N VAL B 326 -14.36 4.81 -13.34
CA VAL B 326 -12.99 4.35 -13.19
C VAL B 326 -12.96 2.83 -13.05
N ASP B 327 -13.76 2.30 -12.13
CA ASP B 327 -13.72 0.86 -11.85
C ASP B 327 -14.24 0.04 -13.01
N GLU B 328 -15.32 0.50 -13.66
CA GLU B 328 -15.89 -0.27 -14.75
C GLU B 328 -14.99 -0.30 -15.98
N GLN B 329 -14.14 0.72 -16.15
CA GLN B 329 -13.18 0.69 -17.25
C GLN B 329 -12.13 -0.39 -17.04
N MET B 330 -11.80 -0.69 -15.79
CA MET B 330 -10.87 -1.79 -15.51
C MET B 330 -11.51 -3.16 -15.79
N LEU B 331 -12.83 -3.24 -15.85
CA LEU B 331 -13.50 -4.51 -16.13
C LEU B 331 -13.43 -4.84 -17.61
N ASN B 332 -13.92 -3.93 -18.47
CA ASN B 332 -13.99 -4.23 -19.90
C ASN B 332 -12.62 -4.25 -20.55
N VAL B 333 -11.61 -3.58 -19.96
CA VAL B 333 -10.30 -3.56 -20.58
C VAL B 333 -9.60 -4.90 -20.50
N GLN B 334 -9.89 -5.72 -19.48
CA GLN B 334 -9.24 -7.00 -19.26
C GLN B 334 -10.01 -8.19 -19.82
N ASN B 335 -11.35 -8.15 -19.77
CA ASN B 335 -12.13 -9.28 -20.24
C ASN B 335 -12.22 -9.36 -21.76
N LYS B 336 -12.29 -8.20 -22.42
CA LYS B 336 -12.25 -8.17 -23.87
C LYS B 336 -10.90 -8.62 -24.43
N ASN B 337 -9.82 -8.50 -23.66
CA ASN B 337 -8.46 -8.85 -24.06
C ASN B 337 -7.91 -9.94 -23.15
N SER B 338 -8.73 -10.96 -22.89
CA SER B 338 -8.36 -12.06 -22.01
C SER B 338 -7.15 -12.85 -22.50
N SER B 339 -6.88 -12.86 -23.81
CA SER B 339 -5.69 -13.53 -24.31
C SER B 339 -4.41 -12.84 -23.83
N TYR B 340 -4.44 -11.51 -23.64
CA TYR B 340 -3.31 -10.75 -23.15
C TYR B 340 -3.26 -10.63 -21.63
N PHE B 341 -3.97 -11.51 -20.90
CA PHE B 341 -3.96 -11.54 -19.45
C PHE B 341 -3.98 -12.98 -18.98
N VAL B 342 -3.22 -13.27 -17.92
CA VAL B 342 -3.10 -14.63 -17.43
C VAL B 342 -4.41 -15.09 -16.81
N GLU B 343 -4.79 -16.33 -17.11
CA GLU B 343 -6.01 -16.94 -16.59
C GLU B 343 -5.86 -17.47 -15.18
N TRP B 344 -4.65 -17.72 -14.71
CA TRP B 344 -4.40 -18.19 -13.34
C TRP B 344 -4.36 -17.06 -12.30
N ILE B 345 -4.83 -15.87 -12.65
CA ILE B 345 -5.06 -14.78 -11.70
C ILE B 345 -6.43 -14.20 -12.03
N PRO B 346 -7.37 -14.04 -11.08
CA PRO B 346 -8.70 -13.58 -11.49
C PRO B 346 -8.75 -12.12 -11.84
N ASN B 347 -7.96 -11.28 -11.16
CA ASN B 347 -7.96 -9.84 -11.36
C ASN B 347 -6.51 -9.35 -11.31
N ASN B 348 -6.00 -8.89 -12.45
CA ASN B 348 -4.64 -8.42 -12.58
C ASN B 348 -4.47 -6.93 -12.31
N VAL B 349 -5.56 -6.16 -12.22
CA VAL B 349 -5.51 -4.70 -12.13
C VAL B 349 -5.52 -4.28 -10.68
N LYS B 350 -4.75 -3.23 -10.37
CA LYS B 350 -4.72 -2.58 -9.07
C LYS B 350 -5.10 -1.12 -9.26
N THR B 351 -6.03 -0.64 -8.43
CA THR B 351 -6.63 0.68 -8.56
C THR B 351 -6.15 1.60 -7.46
N ALA B 352 -6.07 2.89 -7.77
CA ALA B 352 -5.72 3.92 -6.83
C ALA B 352 -6.02 5.28 -7.46
N VAL B 353 -6.39 6.25 -6.61
CA VAL B 353 -6.81 7.57 -7.07
C VAL B 353 -6.41 8.60 -6.02
N CYS B 354 -6.19 9.84 -6.46
CA CYS B 354 -5.88 10.96 -5.60
C CYS B 354 -6.77 12.14 -5.96
N ASP B 355 -6.98 13.03 -4.98
CA ASP B 355 -7.86 14.19 -5.13
C ASP B 355 -7.14 15.45 -5.61
N ILE B 356 -5.81 15.43 -5.76
CA ILE B 356 -5.00 16.61 -6.06
C ILE B 356 -4.26 16.34 -7.38
N PRO B 357 -4.75 16.77 -8.54
CA PRO B 357 -4.05 16.41 -9.79
C PRO B 357 -2.82 17.29 -9.99
N PRO B 358 -2.05 17.05 -11.05
CA PRO B 358 -0.93 17.94 -11.35
C PRO B 358 -1.41 19.34 -11.72
N ARG B 359 -0.49 20.28 -11.61
CA ARG B 359 -0.79 21.67 -11.97
C ARG B 359 -0.88 21.79 -13.50
N GLY B 360 -1.98 22.39 -13.96
CA GLY B 360 -2.24 22.54 -15.38
C GLY B 360 -3.06 21.43 -16.02
N LEU B 361 -3.33 20.34 -15.29
CA LEU B 361 -4.13 19.22 -15.78
C LEU B 361 -5.14 18.83 -14.71
N LYS B 362 -6.37 18.57 -15.14
CA LYS B 362 -7.46 18.19 -14.25
C LYS B 362 -7.62 16.69 -14.10
N MET B 363 -7.18 15.90 -15.09
CA MET B 363 -7.29 14.45 -15.10
C MET B 363 -5.98 13.86 -15.58
N SER B 364 -5.48 12.85 -14.86
CA SER B 364 -4.24 12.20 -15.24
C SER B 364 -4.12 10.89 -14.48
N ALA B 365 -3.20 10.05 -14.96
CA ALA B 365 -2.95 8.76 -14.35
C ALA B 365 -1.59 8.25 -14.82
N THR B 366 -1.07 7.25 -14.12
CA THR B 366 0.18 6.60 -14.45
C THR B 366 -0.03 5.09 -14.55
N PHE B 367 0.52 4.50 -15.61
CA PHE B 367 0.37 3.09 -15.94
C PHE B 367 1.60 2.36 -15.46
N ILE B 368 1.39 1.31 -14.66
CA ILE B 368 2.46 0.48 -14.10
C ILE B 368 2.09 -0.96 -14.40
N GLY B 369 2.93 -1.65 -15.17
CA GLY B 369 2.65 -2.99 -15.67
C GLY B 369 3.83 -3.92 -15.58
N ASN B 370 3.60 -5.12 -15.01
CA ASN B 370 4.55 -6.22 -15.01
C ASN B 370 4.02 -7.26 -16.01
N SER B 371 4.66 -7.33 -17.17
CA SER B 371 4.24 -8.19 -18.28
C SER B 371 5.37 -9.12 -18.66
N THR B 372 4.99 -10.26 -19.25
CA THR B 372 5.94 -11.23 -19.75
C THR B 372 6.57 -10.83 -21.08
N ALA B 373 6.12 -9.73 -21.70
CA ALA B 373 6.77 -9.24 -22.92
C ALA B 373 8.16 -8.67 -22.65
N ILE B 374 8.50 -8.35 -21.40
CA ILE B 374 9.81 -7.81 -21.06
C ILE B 374 10.95 -8.78 -21.34
N GLN B 375 10.67 -10.08 -21.44
CA GLN B 375 11.71 -11.05 -21.78
C GLN B 375 12.29 -10.83 -23.17
N GLU B 376 11.55 -10.19 -24.07
CA GLU B 376 12.10 -9.83 -25.39
C GLU B 376 13.29 -8.90 -25.25
N LEU B 377 13.23 -7.98 -24.29
CA LEU B 377 14.39 -7.12 -24.01
C LEU B 377 15.53 -7.94 -23.43
N PHE B 378 15.22 -8.87 -22.52
CA PHE B 378 16.27 -9.74 -21.98
C PHE B 378 16.77 -10.71 -23.03
N LYS B 379 15.95 -11.05 -24.03
CA LYS B 379 16.43 -11.88 -25.13
C LYS B 379 17.50 -11.16 -25.94
N ARG B 380 17.18 -9.97 -26.44
CA ARG B 380 18.11 -9.24 -27.31
C ARG B 380 19.33 -8.77 -26.54
N ILE B 381 19.17 -8.42 -25.26
CA ILE B 381 20.32 -8.02 -24.45
C ILE B 381 21.21 -9.23 -24.18
N SER B 382 20.62 -10.40 -23.98
CA SER B 382 21.41 -11.60 -23.73
C SER B 382 22.18 -12.03 -24.98
N GLU B 383 21.55 -11.92 -26.15
CA GLU B 383 22.22 -12.29 -27.39
C GLU B 383 23.36 -11.35 -27.72
N GLN B 384 23.20 -10.05 -27.42
CA GLN B 384 24.30 -9.12 -27.63
C GLN B 384 25.44 -9.38 -26.67
N PHE B 385 25.13 -9.80 -25.44
CA PHE B 385 26.18 -10.14 -24.49
C PHE B 385 26.86 -11.45 -24.87
N THR B 386 26.09 -12.46 -25.27
CA THR B 386 26.67 -13.74 -25.66
C THR B 386 27.44 -13.62 -26.97
N ALA B 387 27.02 -12.72 -27.85
CA ALA B 387 27.73 -12.54 -29.12
C ALA B 387 29.12 -11.95 -28.92
N MET B 388 29.28 -11.05 -27.94
CA MET B 388 30.56 -10.43 -27.64
C MET B 388 31.38 -11.22 -26.63
N PHE B 389 30.72 -11.97 -25.74
CA PHE B 389 31.41 -12.73 -24.72
C PHE B 389 32.00 -14.05 -25.22
N ARG B 390 31.44 -14.62 -26.29
CA ARG B 390 31.87 -15.94 -26.73
C ARG B 390 33.29 -15.97 -27.29
N ARG B 391 33.84 -14.80 -27.66
CA ARG B 391 35.26 -14.67 -28.02
C ARG B 391 36.00 -13.72 -27.08
N LYS B 392 35.45 -13.40 -25.90
CA LYS B 392 36.13 -12.60 -24.88
C LYS B 392 36.47 -11.20 -25.39
N ALA B 393 35.55 -10.61 -26.13
CA ALA B 393 35.75 -9.26 -26.65
C ALA B 393 35.48 -8.22 -25.57
N PHE B 394 36.36 -7.23 -25.50
CA PHE B 394 36.24 -6.09 -24.57
C PHE B 394 36.22 -6.53 -23.11
N LEU B 395 36.93 -7.62 -22.78
CA LEU B 395 37.05 -8.13 -21.41
C LEU B 395 38.39 -7.83 -20.76
N HIS B 396 39.44 -7.55 -21.55
CA HIS B 396 40.75 -7.34 -20.95
C HIS B 396 40.82 -6.04 -20.14
N TRP B 397 39.97 -5.06 -20.48
CA TRP B 397 39.90 -3.85 -19.66
C TRP B 397 39.28 -4.14 -18.30
N TYR B 398 38.31 -5.06 -18.24
CA TYR B 398 37.68 -5.40 -16.97
C TYR B 398 38.62 -6.19 -16.06
N THR B 399 39.46 -7.04 -16.66
CA THR B 399 40.41 -7.82 -15.88
C THR B 399 41.51 -6.97 -15.24
N GLY B 400 41.76 -5.77 -15.77
CA GLY B 400 42.74 -4.88 -15.18
C GLY B 400 42.42 -4.47 -13.76
N GLU B 401 41.13 -4.36 -13.43
CA GLU B 401 40.67 -4.02 -12.08
C GLU B 401 40.50 -5.25 -11.19
N GLY B 402 41.04 -6.41 -11.59
CA GLY B 402 40.94 -7.62 -10.79
C GLY B 402 39.65 -8.39 -10.95
N MET B 403 38.86 -8.11 -11.97
CA MET B 403 37.60 -8.81 -12.19
C MET B 403 37.84 -10.11 -12.94
N ASP B 404 37.11 -11.15 -12.54
CA ASP B 404 37.22 -12.47 -13.10
C ASP B 404 36.17 -12.68 -14.19
N GLU B 405 36.53 -13.48 -15.19
CA GLU B 405 35.62 -13.81 -16.28
C GLU B 405 34.48 -14.72 -15.83
N MET B 406 34.63 -15.43 -14.71
CA MET B 406 33.54 -16.26 -14.21
C MET B 406 32.34 -15.43 -13.79
N GLU B 407 32.59 -14.21 -13.29
CA GLU B 407 31.49 -13.33 -12.90
C GLU B 407 30.65 -12.93 -14.10
N PHE B 408 31.27 -12.80 -15.28
CA PHE B 408 30.50 -12.59 -16.50
C PHE B 408 29.67 -13.82 -16.82
N THR B 409 30.21 -15.02 -16.58
CA THR B 409 29.44 -16.23 -16.80
C THR B 409 28.34 -16.39 -15.76
N GLU B 410 28.63 -16.01 -14.51
CA GLU B 410 27.59 -16.02 -13.48
C GLU B 410 26.50 -15.01 -13.78
N ALA B 411 26.87 -13.84 -14.32
CA ALA B 411 25.86 -12.90 -14.79
C ALA B 411 25.09 -13.46 -15.96
N GLU B 412 25.76 -14.24 -16.82
CA GLU B 412 25.07 -14.89 -17.93
C GLU B 412 24.14 -15.99 -17.43
N SER B 413 24.51 -16.67 -16.34
CA SER B 413 23.63 -17.69 -15.77
C SER B 413 22.35 -17.06 -15.22
N ASN B 414 22.48 -15.88 -14.60
CA ASN B 414 21.30 -15.18 -14.11
C ASN B 414 20.42 -14.68 -15.25
N MET B 415 21.01 -14.39 -16.41
CA MET B 415 20.24 -13.80 -17.50
C MET B 415 19.26 -14.80 -18.08
N ASN B 416 19.73 -16.01 -18.43
CA ASN B 416 18.83 -17.02 -18.96
C ASN B 416 17.85 -17.54 -17.91
N ASP B 417 18.21 -17.46 -16.63
CA ASP B 417 17.30 -17.89 -15.58
C ASP B 417 16.07 -16.99 -15.49
N LEU B 418 16.28 -15.68 -15.36
CA LEU B 418 15.15 -14.76 -15.30
C LEU B 418 14.39 -14.72 -16.62
N VAL B 419 15.07 -14.99 -17.74
CA VAL B 419 14.37 -15.13 -19.02
C VAL B 419 13.44 -16.33 -18.98
N SER B 420 13.95 -17.47 -18.51
CA SER B 420 13.13 -18.67 -18.41
C SER B 420 12.06 -18.52 -17.32
N GLU B 421 12.30 -17.68 -16.32
CA GLU B 421 11.28 -17.45 -15.30
C GLU B 421 10.06 -16.74 -15.89
N TYR B 422 10.28 -15.71 -16.71
CA TYR B 422 9.17 -15.06 -17.41
C TYR B 422 8.50 -16.00 -18.40
N GLN B 423 9.26 -16.93 -19.00
CA GLN B 423 8.68 -17.89 -19.94
C GLN B 423 7.85 -18.94 -19.23
N GLN B 424 8.11 -19.20 -17.95
CA GLN B 424 7.31 -20.15 -17.18
C GLN B 424 5.86 -19.70 -17.07
N TYR B 425 5.65 -18.40 -16.84
CA TYR B 425 4.34 -17.83 -16.59
C TYR B 425 3.73 -17.18 -17.84
N GLN B 426 3.99 -17.76 -19.01
CA GLN B 426 3.39 -17.31 -20.27
C GLN B 426 2.87 -18.52 -21.04
N ALA C 28 22.00 -43.12 -13.29
CA ALA C 28 21.44 -42.14 -14.22
C ALA C 28 20.34 -41.33 -13.54
N GLU C 29 19.40 -42.03 -12.91
CA GLU C 29 18.28 -41.42 -12.20
C GLU C 29 17.97 -42.26 -10.98
N CYS C 30 18.00 -41.63 -9.80
CA CYS C 30 17.73 -42.28 -8.52
C CYS C 30 16.72 -41.45 -7.75
N ASN C 31 15.70 -42.13 -7.19
CA ASN C 31 14.66 -41.45 -6.45
C ASN C 31 15.17 -41.02 -5.07
N ILE C 32 14.75 -39.83 -4.64
CA ILE C 32 15.15 -39.31 -3.34
C ILE C 32 14.39 -40.09 -2.28
N LYS C 33 15.13 -40.67 -1.33
CA LYS C 33 14.53 -41.47 -0.28
C LYS C 33 13.83 -40.55 0.72
N VAL C 34 12.53 -40.79 0.93
CA VAL C 34 11.69 -40.01 1.84
C VAL C 34 11.34 -40.92 3.01
N MET C 35 11.83 -40.56 4.20
CA MET C 35 11.58 -41.27 5.44
C MET C 35 10.95 -40.32 6.45
N CYS C 36 10.26 -40.91 7.44
CA CYS C 36 9.53 -40.18 8.47
C CYS C 36 9.96 -40.67 9.84
N ARG C 37 9.88 -39.78 10.83
CA ARG C 37 10.20 -40.11 12.22
C ARG C 37 9.27 -39.33 13.13
N PHE C 38 8.61 -40.05 14.05
CA PHE C 38 7.87 -39.47 15.16
C PHE C 38 8.66 -39.66 16.45
N ARG C 39 8.44 -38.75 17.40
CA ARG C 39 9.13 -38.71 18.68
C ARG C 39 8.16 -38.96 19.83
N PRO C 40 8.64 -39.13 21.06
CA PRO C 40 7.73 -39.12 22.21
C PRO C 40 7.25 -37.71 22.52
N LEU C 41 6.22 -37.64 23.35
CA LEU C 41 5.67 -36.35 23.76
C LEU C 41 6.60 -35.70 24.79
N ASN C 42 6.93 -34.43 24.55
CA ASN C 42 7.82 -33.70 25.44
C ASN C 42 7.04 -33.21 26.65
N GLU C 43 7.69 -32.39 27.49
CA GLU C 43 7.07 -31.97 28.74
C GLU C 43 5.92 -30.98 28.51
N SER C 44 6.00 -30.16 27.48
CA SER C 44 4.99 -29.15 27.23
C SER C 44 3.69 -29.70 26.64
N GLU C 45 3.71 -30.93 26.09
CA GLU C 45 2.54 -31.53 25.46
C GLU C 45 1.78 -32.50 26.36
N VAL C 46 2.49 -33.26 27.21
CA VAL C 46 1.80 -34.23 28.07
C VAL C 46 0.97 -33.53 29.14
N ASN C 47 1.44 -32.39 29.65
CA ASN C 47 0.69 -31.67 30.66
C ASN C 47 -0.53 -30.96 30.09
N ARG C 48 -0.51 -30.58 28.81
CA ARG C 48 -1.67 -29.97 28.18
C ARG C 48 -2.76 -31.00 27.91
N GLY C 49 -2.37 -32.24 27.60
CA GLY C 49 -3.31 -33.34 27.42
C GLY C 49 -3.55 -33.71 25.98
N ASP C 50 -2.50 -33.62 25.15
CA ASP C 50 -2.63 -33.97 23.74
C ASP C 50 -2.67 -35.47 23.55
N LYS C 51 -3.48 -35.92 22.59
CA LYS C 51 -3.66 -37.34 22.32
C LYS C 51 -2.63 -37.82 21.30
N TYR C 52 -2.19 -39.07 21.46
CA TYR C 52 -1.19 -39.66 20.59
C TYR C 52 -1.85 -40.15 19.31
N ILE C 53 -1.86 -39.30 18.28
CA ILE C 53 -2.55 -39.61 17.02
C ILE C 53 -1.70 -40.44 16.07
N ALA C 54 -0.41 -40.63 16.34
CA ALA C 54 0.48 -41.30 15.40
C ALA C 54 0.15 -42.80 15.38
N LYS C 55 -0.35 -43.26 14.23
CA LYS C 55 -0.70 -44.67 14.00
C LYS C 55 0.15 -45.19 12.86
N PHE C 56 0.93 -46.24 13.13
CA PHE C 56 1.86 -46.82 12.18
C PHE C 56 1.29 -48.13 11.64
N GLN C 57 1.56 -48.38 10.36
CA GLN C 57 1.13 -49.61 9.67
C GLN C 57 2.36 -50.11 8.91
N GLY C 58 3.11 -51.02 9.53
CA GLY C 58 4.34 -51.50 8.93
C GLY C 58 5.42 -50.43 8.97
N GLU C 59 6.38 -50.56 8.05
CA GLU C 59 7.51 -49.65 7.95
C GLU C 59 7.34 -48.57 6.88
N ASP C 60 6.65 -48.88 5.78
CA ASP C 60 6.63 -47.98 4.64
C ASP C 60 5.59 -46.86 4.77
N THR C 61 4.42 -47.17 5.35
CA THR C 61 3.27 -46.26 5.38
C THR C 61 2.88 -45.96 6.83
N VAL C 62 2.28 -44.79 7.03
CA VAL C 62 1.78 -44.34 8.33
C VAL C 62 0.37 -43.78 8.12
N VAL C 63 -0.49 -44.04 9.10
CA VAL C 63 -1.89 -43.62 9.08
C VAL C 63 -2.05 -42.46 10.05
N ILE C 64 -2.68 -41.38 9.58
CA ILE C 64 -2.95 -40.19 10.39
C ILE C 64 -4.37 -39.75 10.07
N ALA C 65 -5.26 -39.83 11.06
CA ALA C 65 -6.66 -39.42 10.91
C ALA C 65 -7.36 -40.23 9.81
N SER C 66 -7.08 -41.53 9.79
CA SER C 66 -7.67 -42.45 8.81
C SER C 66 -7.28 -42.08 7.38
N LYS C 67 -6.02 -41.67 7.19
CA LYS C 67 -5.45 -41.31 5.90
C LYS C 67 -4.06 -41.94 5.78
N PRO C 68 -3.85 -42.95 4.92
CA PRO C 68 -2.48 -43.46 4.78
C PRO C 68 -1.57 -42.50 4.03
N TYR C 69 -0.30 -42.52 4.41
CA TYR C 69 0.75 -41.72 3.76
C TYR C 69 1.94 -42.65 3.52
N ALA C 70 2.18 -43.03 2.27
CA ALA C 70 3.21 -43.98 1.93
C ALA C 70 4.58 -43.31 1.89
N PHE C 71 5.57 -43.95 2.51
CA PHE C 71 6.95 -43.51 2.50
C PHE C 71 7.87 -44.70 2.31
N ASP C 72 9.18 -44.49 2.35
CA ASP C 72 10.14 -45.59 2.24
C ASP C 72 10.32 -46.29 3.59
N ARG C 73 10.47 -45.52 4.66
CA ARG C 73 10.68 -46.08 5.99
C ARG C 73 10.22 -45.06 7.02
N VAL C 74 9.27 -45.46 7.88
CA VAL C 74 8.76 -44.63 8.96
C VAL C 74 9.34 -45.14 10.27
N PHE C 75 9.93 -44.23 11.05
CA PHE C 75 10.51 -44.54 12.34
C PHE C 75 9.53 -44.18 13.44
N GLN C 76 9.37 -45.09 14.41
CA GLN C 76 8.43 -44.91 15.50
C GLN C 76 9.09 -44.12 16.62
N SER C 77 8.34 -43.86 17.71
CA SER C 77 8.87 -43.08 18.83
C SER C 77 9.95 -43.83 19.59
N SER C 78 9.86 -45.17 19.64
CA SER C 78 10.85 -45.97 20.35
C SER C 78 12.15 -46.16 19.58
N THR C 79 12.27 -45.62 18.37
CA THR C 79 13.49 -45.77 17.59
C THR C 79 14.60 -44.92 18.21
N SER C 80 15.70 -45.57 18.62
CA SER C 80 16.80 -44.88 19.26
C SER C 80 17.63 -44.13 18.22
N GLN C 81 18.67 -43.44 18.69
CA GLN C 81 19.50 -42.64 17.79
C GLN C 81 20.31 -43.53 16.86
N GLU C 82 20.86 -44.63 17.38
CA GLU C 82 21.68 -45.50 16.55
C GLU C 82 20.83 -46.23 15.52
N GLN C 83 19.59 -46.55 15.85
CA GLN C 83 18.73 -47.28 14.92
C GLN C 83 18.36 -46.43 13.71
N VAL C 84 18.15 -45.13 13.91
CA VAL C 84 17.81 -44.25 12.79
C VAL C 84 19.00 -44.11 11.85
N TYR C 85 20.21 -44.02 12.42
CA TYR C 85 21.40 -43.80 11.60
C TYR C 85 21.69 -45.02 10.72
N ASN C 86 21.61 -46.22 11.28
CA ASN C 86 21.89 -47.43 10.52
C ASN C 86 20.87 -47.68 9.42
N ASP C 87 19.64 -47.18 9.56
CA ASP C 87 18.60 -47.39 8.58
C ASP C 87 18.61 -46.36 7.46
N CYS C 88 18.88 -45.09 7.77
CA CYS C 88 18.75 -44.00 6.82
C CYS C 88 20.06 -43.67 6.10
N ALA C 89 21.09 -43.26 6.86
CA ALA C 89 22.32 -42.69 6.30
C ALA C 89 23.48 -43.68 6.31
N LYS C 90 23.21 -44.98 6.39
CA LYS C 90 24.29 -45.97 6.35
C LYS C 90 24.83 -46.14 4.94
N LYS C 91 23.96 -46.35 3.98
CA LYS C 91 24.38 -46.51 2.59
C LYS C 91 24.85 -45.20 1.96
N ILE C 92 24.44 -44.05 2.49
CA ILE C 92 24.87 -42.77 1.94
C ILE C 92 26.36 -42.57 2.15
N VAL C 93 26.92 -43.12 3.23
CA VAL C 93 28.37 -43.03 3.44
C VAL C 93 29.11 -43.80 2.36
N LYS C 94 28.54 -44.91 1.90
CA LYS C 94 29.14 -45.67 0.82
C LYS C 94 28.97 -44.97 -0.52
N ASP C 95 27.83 -44.30 -0.73
CA ASP C 95 27.57 -43.67 -2.01
C ASP C 95 28.43 -42.42 -2.20
N VAL C 96 28.61 -41.62 -1.16
CA VAL C 96 29.39 -40.40 -1.28
C VAL C 96 30.88 -40.68 -1.45
N LEU C 97 31.37 -41.81 -0.94
CA LEU C 97 32.75 -42.22 -1.12
C LEU C 97 32.99 -42.93 -2.46
N GLU C 98 31.95 -43.45 -3.10
CA GLU C 98 32.10 -44.08 -4.40
C GLU C 98 32.49 -43.09 -5.48
N GLY C 99 32.13 -41.81 -5.33
CA GLY C 99 32.43 -40.78 -6.31
C GLY C 99 31.32 -39.76 -6.46
N TYR C 100 30.10 -40.11 -6.09
CA TYR C 100 28.96 -39.22 -6.18
C TYR C 100 28.94 -38.26 -4.99
N ASN C 101 27.99 -37.33 -5.02
CA ASN C 101 27.77 -36.36 -3.95
C ASN C 101 26.72 -36.88 -2.99
N GLY C 102 26.58 -36.19 -1.85
CA GLY C 102 25.61 -36.55 -0.84
C GLY C 102 25.04 -35.33 -0.16
N THR C 103 23.78 -35.45 0.26
CA THR C 103 23.11 -34.35 0.96
C THR C 103 21.96 -34.93 1.76
N ILE C 104 21.88 -34.56 3.04
CA ILE C 104 20.81 -34.96 3.94
C ILE C 104 20.35 -33.74 4.71
N PHE C 105 19.03 -33.57 4.80
CA PHE C 105 18.44 -32.44 5.50
C PHE C 105 17.10 -32.85 6.10
N ALA C 106 16.65 -32.08 7.08
CA ALA C 106 15.46 -32.39 7.88
C ALA C 106 14.47 -31.25 7.76
N TYR C 107 13.22 -31.58 7.43
CA TYR C 107 12.12 -30.65 7.31
C TYR C 107 11.07 -30.96 8.37
N GLY C 108 10.48 -29.91 8.92
CA GLY C 108 9.47 -30.07 9.94
C GLY C 108 9.25 -28.78 10.70
N GLN C 109 8.36 -28.87 11.69
CA GLN C 109 7.96 -27.75 12.53
C GLN C 109 8.83 -27.72 13.80
N THR C 110 8.69 -26.64 14.56
CA THR C 110 9.45 -26.48 15.80
C THR C 110 9.03 -27.53 16.82
N SER C 111 10.02 -28.02 17.58
CA SER C 111 9.86 -29.08 18.56
C SER C 111 9.52 -30.43 17.95
N SER C 112 9.73 -30.61 16.63
CA SER C 112 9.46 -31.88 15.97
C SER C 112 10.57 -32.91 16.18
N GLY C 113 11.79 -32.45 16.51
CA GLY C 113 12.91 -33.33 16.81
C GLY C 113 13.93 -33.37 15.69
N LYS C 114 14.18 -32.22 15.06
CA LYS C 114 15.19 -32.11 14.01
C LYS C 114 16.59 -31.90 14.59
N THR C 115 16.72 -31.06 15.60
CA THR C 115 18.01 -30.84 16.23
C THR C 115 18.50 -32.07 16.98
N HIS C 116 17.62 -32.72 17.73
CA HIS C 116 18.00 -33.93 18.46
C HIS C 116 18.33 -35.08 17.51
N THR C 117 17.69 -35.11 16.34
CA THR C 117 17.97 -36.18 15.37
C THR C 117 19.39 -36.06 14.82
N MET C 118 19.78 -34.84 14.44
CA MET C 118 21.08 -34.60 13.83
C MET C 118 22.17 -34.26 14.84
N GLU C 119 21.90 -33.32 15.74
CA GLU C 119 22.88 -32.89 16.73
C GLU C 119 22.85 -33.77 17.99
N GLY C 120 21.69 -33.85 18.64
CA GLY C 120 21.59 -34.61 19.87
C GLY C 120 22.48 -34.04 20.97
N LYS C 121 23.17 -34.95 21.67
CA LYS C 121 24.21 -34.60 22.64
C LYS C 121 25.48 -35.31 22.20
N LEU C 122 26.44 -34.52 21.69
CA LEU C 122 27.55 -35.08 20.92
C LEU C 122 28.49 -35.93 21.76
N HIS C 123 28.71 -35.56 23.02
CA HIS C 123 29.73 -36.20 23.84
C HIS C 123 29.30 -37.56 24.40
N ASP C 124 28.02 -37.93 24.29
CA ASP C 124 27.52 -39.21 24.79
C ASP C 124 27.58 -40.27 23.68
N PRO C 125 27.81 -41.57 23.94
CA PRO C 125 27.76 -42.54 22.84
C PRO C 125 26.38 -42.77 22.28
N GLU C 126 25.34 -42.83 23.12
CA GLU C 126 23.98 -43.13 22.70
C GLU C 126 23.21 -41.89 22.27
N GLY C 127 23.26 -40.83 23.06
CA GLY C 127 22.50 -39.63 22.77
C GLY C 127 23.01 -38.78 21.62
N MET C 128 24.14 -39.13 21.01
CA MET C 128 24.65 -38.35 19.90
C MET C 128 23.81 -38.57 18.66
N GLY C 129 23.64 -37.50 17.88
CA GLY C 129 22.81 -37.52 16.69
C GLY C 129 23.52 -38.13 15.50
N ILE C 130 23.22 -37.58 14.32
CA ILE C 130 23.68 -38.17 13.06
C ILE C 130 25.04 -37.59 12.67
N ILE C 131 25.23 -36.28 12.83
CA ILE C 131 26.40 -35.60 12.29
C ILE C 131 27.72 -36.03 12.95
N PRO C 132 27.80 -36.50 14.25
CA PRO C 132 29.04 -37.17 14.66
C PRO C 132 29.15 -38.59 14.12
N ARG C 133 28.02 -39.27 13.98
CA ARG C 133 28.03 -40.62 13.41
C ARG C 133 28.46 -40.62 11.96
N ILE C 134 28.13 -39.56 11.22
CA ILE C 134 28.60 -39.44 9.84
C ILE C 134 30.11 -39.25 9.82
N VAL C 135 30.64 -38.47 10.77
CA VAL C 135 32.07 -38.23 10.84
C VAL C 135 32.81 -39.51 11.22
N GLN C 136 32.28 -40.24 12.21
CA GLN C 136 32.96 -41.44 12.69
C GLN C 136 32.99 -42.55 11.65
N ASP C 137 31.91 -42.67 10.86
CA ASP C 137 31.86 -43.72 9.85
C ASP C 137 32.82 -43.45 8.71
N ILE C 138 33.06 -42.18 8.38
CA ILE C 138 33.97 -41.84 7.29
C ILE C 138 35.40 -42.22 7.66
N PHE C 139 35.84 -41.85 8.86
CA PHE C 139 37.19 -42.19 9.30
C PHE C 139 37.35 -43.67 9.59
N ASN C 140 36.32 -44.32 10.13
CA ASN C 140 36.38 -45.77 10.32
C ASN C 140 36.46 -46.52 8.99
N TYR C 141 35.81 -45.98 7.95
CA TYR C 141 35.91 -46.59 6.63
C TYR C 141 37.29 -46.39 6.02
N ILE C 142 37.93 -45.25 6.30
CA ILE C 142 39.25 -44.98 5.75
C ILE C 142 40.28 -45.92 6.37
N TYR C 143 40.12 -46.24 7.66
CA TYR C 143 41.04 -47.16 8.31
C TYR C 143 40.91 -48.57 7.75
N SER C 144 39.72 -48.94 7.29
CA SER C 144 39.50 -50.25 6.67
C SER C 144 40.04 -50.32 5.25
N MET C 145 40.14 -49.19 4.56
CA MET C 145 40.69 -49.16 3.21
C MET C 145 42.22 -49.28 3.26
N ASP C 146 42.79 -49.59 2.09
CA ASP C 146 44.23 -49.76 1.98
C ASP C 146 44.94 -48.42 2.14
N GLU C 147 46.25 -48.49 2.40
CA GLU C 147 47.02 -47.28 2.70
C GLU C 147 47.20 -46.38 1.49
N ASN C 148 47.22 -46.95 0.29
CA ASN C 148 47.53 -46.17 -0.91
C ASN C 148 46.45 -45.16 -1.27
N LEU C 149 45.23 -45.30 -0.76
CA LEU C 149 44.17 -44.33 -1.01
C LEU C 149 44.37 -43.13 -0.09
N GLU C 150 44.84 -42.03 -0.66
CA GLU C 150 45.07 -40.78 0.08
C GLU C 150 43.79 -39.97 0.09
N PHE C 151 43.37 -39.56 1.29
CA PHE C 151 42.15 -38.78 1.50
C PHE C 151 42.52 -37.36 1.93
N HIS C 152 41.84 -36.38 1.33
CA HIS C 152 42.00 -34.96 1.64
C HIS C 152 40.62 -34.42 2.00
N ILE C 153 40.33 -34.38 3.30
CA ILE C 153 39.02 -33.96 3.82
C ILE C 153 39.19 -32.55 4.37
N LYS C 154 38.30 -31.65 3.96
CA LYS C 154 38.23 -30.29 4.48
C LYS C 154 36.79 -29.98 4.86
N VAL C 155 36.62 -29.35 6.01
CA VAL C 155 35.31 -29.10 6.62
C VAL C 155 35.00 -27.61 6.55
N SER C 156 33.70 -27.31 6.47
CA SER C 156 33.20 -25.95 6.46
C SER C 156 31.87 -25.94 7.20
N TYR C 157 31.56 -24.81 7.83
CA TYR C 157 30.36 -24.70 8.66
C TYR C 157 29.93 -23.25 8.72
N PHE C 158 28.72 -22.97 8.22
CA PHE C 158 28.14 -21.63 8.26
C PHE C 158 26.64 -21.77 8.46
N GLU C 159 25.98 -20.62 8.63
CA GLU C 159 24.56 -20.56 8.94
C GLU C 159 23.95 -19.32 8.30
N ILE C 160 22.69 -19.45 7.89
CA ILE C 160 21.98 -18.39 7.15
C ILE C 160 21.00 -17.75 8.14
N TYR C 161 21.40 -16.60 8.68
CA TYR C 161 20.71 -15.94 9.78
C TYR C 161 20.51 -14.47 9.44
N LEU C 162 19.25 -14.01 9.50
CA LEU C 162 18.86 -12.65 9.12
C LEU C 162 19.33 -12.34 7.70
N ASP C 163 18.97 -13.25 6.78
CA ASP C 163 19.31 -13.25 5.35
C ASP C 163 20.80 -12.94 5.08
N LYS C 164 21.67 -13.44 5.95
CA LYS C 164 23.12 -13.31 5.79
C LYS C 164 23.79 -14.63 6.17
N ILE C 165 24.79 -15.03 5.38
CA ILE C 165 25.51 -16.28 5.59
C ILE C 165 26.67 -15.95 6.51
N ARG C 166 26.41 -16.04 7.82
CA ARG C 166 27.44 -15.80 8.83
C ARG C 166 28.23 -17.08 9.09
N ASP C 167 29.55 -16.95 9.09
CA ASP C 167 30.44 -18.07 9.40
C ASP C 167 30.61 -18.18 10.91
N LEU C 168 30.58 -19.43 11.40
CA LEU C 168 30.74 -19.73 12.81
C LEU C 168 32.13 -20.21 13.17
N LEU C 169 32.90 -20.74 12.19
CA LEU C 169 34.29 -21.09 12.44
C LEU C 169 35.16 -19.87 12.66
N ASP C 170 34.80 -18.73 12.05
CA ASP C 170 35.44 -17.45 12.27
C ASP C 170 34.36 -16.40 12.50
N VAL C 171 34.54 -15.59 13.55
CA VAL C 171 33.52 -14.62 13.95
C VAL C 171 33.60 -13.30 13.19
N SER C 172 34.67 -13.05 12.43
CA SER C 172 34.84 -11.76 11.78
C SER C 172 33.84 -11.58 10.64
N LYS C 173 33.92 -12.42 9.62
CA LYS C 173 33.07 -12.28 8.45
C LYS C 173 31.66 -12.78 8.75
N THR C 174 30.66 -12.00 8.32
CA THR C 174 29.25 -12.27 8.58
C THR C 174 28.43 -12.56 7.31
N ASN C 175 29.00 -12.38 6.12
CA ASN C 175 28.28 -12.64 4.88
C ASN C 175 29.27 -13.11 3.81
N LEU C 176 28.98 -14.27 3.22
CA LEU C 176 29.77 -14.86 2.16
C LEU C 176 28.97 -14.85 0.86
N SER C 177 29.69 -15.02 -0.25
CA SER C 177 29.11 -15.08 -1.59
C SER C 177 29.00 -16.54 -2.03
N VAL C 178 28.07 -16.77 -2.96
CA VAL C 178 27.80 -18.09 -3.53
C VAL C 178 28.07 -17.98 -5.03
N HIS C 179 29.18 -18.55 -5.48
CA HIS C 179 29.64 -18.49 -6.86
C HIS C 179 29.49 -19.87 -7.51
N GLU C 180 29.60 -19.87 -8.84
CA GLU C 180 29.45 -21.06 -9.65
C GLU C 180 30.81 -21.65 -10.00
N ASP C 181 30.85 -22.98 -10.06
CA ASP C 181 32.07 -23.73 -10.38
C ASP C 181 32.14 -23.95 -11.89
N LYS C 182 33.01 -24.86 -12.34
CA LYS C 182 33.26 -25.06 -13.76
C LYS C 182 32.02 -25.53 -14.52
N ASN C 183 31.20 -26.40 -13.90
CA ASN C 183 29.98 -26.93 -14.52
C ASN C 183 28.72 -26.25 -14.00
N ARG C 184 28.82 -24.98 -13.62
CA ARG C 184 27.67 -24.13 -13.27
C ARG C 184 26.89 -24.65 -12.06
N VAL C 185 27.56 -25.38 -11.16
CA VAL C 185 26.96 -25.84 -9.91
C VAL C 185 27.31 -24.83 -8.83
N PRO C 186 26.34 -24.19 -8.16
CA PRO C 186 26.72 -23.13 -7.21
C PRO C 186 27.30 -23.71 -5.93
N TYR C 187 28.25 -22.97 -5.35
CA TYR C 187 28.84 -23.35 -4.07
C TYR C 187 29.41 -22.08 -3.43
N VAL C 188 29.89 -22.24 -2.19
CA VAL C 188 30.32 -21.11 -1.37
C VAL C 188 31.77 -20.79 -1.66
N LYS C 189 32.12 -19.50 -1.54
CA LYS C 189 33.47 -19.00 -1.70
C LYS C 189 33.85 -18.20 -0.47
N GLY C 190 35.13 -18.23 -0.11
CA GLY C 190 35.64 -17.47 1.00
C GLY C 190 35.45 -18.11 2.36
N CYS C 191 34.68 -19.18 2.47
CA CYS C 191 34.43 -19.80 3.76
C CYS C 191 35.70 -20.45 4.30
N THR C 192 35.73 -20.63 5.62
CA THR C 192 36.89 -21.18 6.30
C THR C 192 36.92 -22.69 6.08
N GLU C 193 37.73 -23.14 5.14
CA GLU C 193 37.89 -24.56 4.81
C GLU C 193 39.05 -25.10 5.64
N ARG C 194 38.74 -25.65 6.82
CA ARG C 194 39.75 -26.16 7.72
C ARG C 194 40.13 -27.58 7.29
N PHE C 195 41.41 -27.76 6.96
CA PHE C 195 41.93 -29.08 6.60
C PHE C 195 42.14 -29.90 7.87
N VAL C 196 41.48 -31.06 7.94
CA VAL C 196 41.45 -31.89 9.12
C VAL C 196 42.19 -33.20 8.82
N CYS C 197 42.77 -33.78 9.87
CA CYS C 197 43.55 -35.01 9.80
C CYS C 197 42.92 -36.16 10.57
N SER C 198 42.60 -35.95 11.86
CA SER C 198 42.06 -36.96 12.77
C SER C 198 40.56 -36.74 12.98
N PRO C 199 39.81 -37.76 13.42
CA PRO C 199 38.38 -37.53 13.68
C PRO C 199 38.11 -36.69 14.91
N ASP C 200 39.01 -36.69 15.89
CA ASP C 200 38.80 -35.91 17.11
C ASP C 200 38.83 -34.41 16.81
N GLU C 201 39.67 -33.99 15.87
CA GLU C 201 39.69 -32.58 15.47
C GLU C 201 38.38 -32.16 14.82
N VAL C 202 37.73 -33.07 14.09
CA VAL C 202 36.45 -32.75 13.49
C VAL C 202 35.38 -32.61 14.57
N MET C 203 35.51 -33.36 15.66
CA MET C 203 34.61 -33.18 16.80
C MET C 203 34.86 -31.85 17.48
N ASP C 204 36.12 -31.38 17.48
CA ASP C 204 36.43 -30.14 18.15
C ASP C 204 35.83 -28.94 17.42
N THR C 205 35.99 -28.89 16.09
CA THR C 205 35.47 -27.74 15.34
C THR C 205 33.94 -27.76 15.28
N ILE C 206 33.32 -28.93 15.46
CA ILE C 206 31.86 -28.97 15.54
C ILE C 206 31.38 -28.41 16.87
N ASP C 207 32.12 -28.69 17.95
CA ASP C 207 31.70 -28.23 19.27
C ASP C 207 31.79 -26.71 19.38
N GLU C 208 32.90 -26.12 18.93
CA GLU C 208 33.05 -24.67 18.96
C GLU C 208 32.09 -23.99 17.99
N GLY C 209 31.73 -24.68 16.91
CA GLY C 209 30.75 -24.11 15.99
C GLY C 209 29.37 -24.02 16.58
N LYS C 210 28.93 -25.09 17.28
CA LYS C 210 27.62 -25.08 17.91
C LYS C 210 27.56 -24.11 19.08
N SER C 211 28.69 -23.84 19.74
CA SER C 211 28.72 -22.85 20.81
C SER C 211 28.46 -21.44 20.30
N ASN C 212 28.89 -21.12 19.08
CA ASN C 212 28.64 -19.83 18.46
C ASN C 212 27.26 -19.74 17.80
N ARG C 213 26.45 -20.80 17.84
CA ARG C 213 25.16 -20.80 17.19
C ARG C 213 24.18 -19.93 17.99
N HIS C 214 23.48 -19.04 17.29
CA HIS C 214 22.53 -18.15 17.93
C HIS C 214 21.24 -18.92 18.21
N VAL C 215 21.18 -19.56 19.36
CA VAL C 215 20.03 -20.35 19.80
C VAL C 215 19.21 -19.49 20.75
N ALA C 216 17.97 -19.20 20.37
CA ALA C 216 17.04 -18.42 21.16
C ALA C 216 16.09 -19.35 21.92
N VAL C 217 15.34 -18.76 22.85
CA VAL C 217 14.38 -19.46 23.70
C VAL C 217 12.98 -19.00 23.35
N THR C 218 12.05 -19.95 23.31
CA THR C 218 10.64 -19.68 23.03
C THR C 218 9.80 -20.63 23.88
N ASN C 219 8.47 -20.49 23.76
CA ASN C 219 7.55 -21.29 24.55
C ASN C 219 7.51 -22.75 24.11
N MET C 220 7.77 -23.05 22.85
CA MET C 220 7.66 -24.40 22.32
C MET C 220 8.93 -25.22 22.50
N ASN C 221 10.10 -24.59 22.51
CA ASN C 221 11.36 -25.31 22.65
C ASN C 221 12.42 -24.37 23.18
N GLU C 222 13.02 -24.72 24.31
CA GLU C 222 14.12 -23.94 24.86
C GLU C 222 15.34 -23.95 23.95
N HIS C 223 15.67 -25.10 23.37
CA HIS C 223 16.79 -25.25 22.45
C HIS C 223 16.33 -25.11 21.00
N SER C 224 15.73 -23.94 20.72
CA SER C 224 15.16 -23.67 19.41
C SER C 224 16.24 -23.17 18.46
N SER C 225 16.64 -24.00 17.51
CA SER C 225 17.56 -23.58 16.46
C SER C 225 16.81 -22.68 15.47
N ARG C 226 17.14 -21.39 15.48
CA ARG C 226 16.41 -20.38 14.73
C ARG C 226 16.98 -20.14 13.34
N SER C 227 17.75 -21.08 12.79
CA SER C 227 18.31 -20.90 11.46
C SER C 227 18.82 -22.25 10.96
N HIS C 228 19.33 -22.24 9.73
CA HIS C 228 19.73 -23.46 9.02
C HIS C 228 21.25 -23.56 9.06
N SER C 229 21.76 -24.52 9.84
CA SER C 229 23.19 -24.75 9.96
C SER C 229 23.63 -25.77 8.91
N ILE C 230 24.44 -25.31 7.95
CA ILE C 230 24.97 -26.13 6.88
C ILE C 230 26.37 -26.56 7.27
N PHE C 231 26.62 -27.87 7.29
CA PHE C 231 27.91 -28.46 7.60
C PHE C 231 28.36 -29.29 6.40
N LEU C 232 29.49 -28.91 5.81
CA LEU C 232 30.03 -29.53 4.61
C LEU C 232 31.24 -30.39 4.98
N ILE C 233 31.37 -31.53 4.31
CA ILE C 233 32.54 -32.40 4.41
C ILE C 233 32.94 -32.71 2.97
N ASN C 234 33.87 -31.92 2.43
CA ASN C 234 34.33 -32.08 1.04
C ASN C 234 35.43 -33.14 1.03
N VAL C 235 35.04 -34.39 0.79
CA VAL C 235 35.96 -35.52 0.82
C VAL C 235 36.56 -35.67 -0.56
N LYS C 236 37.82 -35.26 -0.71
CA LYS C 236 38.61 -35.48 -1.93
C LYS C 236 39.50 -36.70 -1.69
N GLN C 237 39.55 -37.60 -2.68
CA GLN C 237 40.33 -38.83 -2.60
C GLN C 237 40.95 -39.13 -3.96
N GLU C 238 42.10 -39.78 -3.92
CA GLU C 238 42.83 -40.13 -5.13
C GLU C 238 43.75 -41.31 -4.83
N ASN C 239 43.83 -42.24 -5.79
CA ASN C 239 44.68 -43.42 -5.67
C ASN C 239 46.02 -43.13 -6.32
N THR C 240 47.10 -43.59 -5.67
CA THR C 240 48.44 -43.36 -6.19
C THR C 240 48.76 -44.24 -7.39
N GLN C 241 48.21 -45.46 -7.44
CA GLN C 241 48.51 -46.39 -8.51
C GLN C 241 47.74 -46.08 -9.79
N THR C 242 46.42 -45.99 -9.72
CA THR C 242 45.59 -45.73 -10.89
C THR C 242 45.57 -44.26 -11.31
N GLU C 243 45.93 -43.34 -10.40
CA GLU C 243 45.95 -41.90 -10.69
C GLU C 243 44.57 -41.38 -11.08
N GLN C 244 43.56 -41.82 -10.33
CA GLN C 244 42.16 -41.45 -10.54
C GLN C 244 41.69 -40.60 -9.36
N LYS C 245 41.37 -39.34 -9.63
CA LYS C 245 40.94 -38.39 -8.61
C LYS C 245 39.42 -38.39 -8.54
N LEU C 246 38.89 -38.34 -7.31
CA LEU C 246 37.46 -38.33 -7.06
C LEU C 246 37.16 -37.40 -5.88
N SER C 247 36.01 -36.75 -5.94
CA SER C 247 35.55 -35.83 -4.91
C SER C 247 34.05 -35.97 -4.71
N GLY C 248 33.60 -35.71 -3.49
CA GLY C 248 32.20 -35.77 -3.14
C GLY C 248 31.81 -34.75 -2.09
N LYS C 249 30.81 -33.93 -2.39
CA LYS C 249 30.33 -32.91 -1.47
C LYS C 249 29.24 -33.51 -0.59
N LEU C 250 29.47 -33.50 0.73
CA LEU C 250 28.58 -34.11 1.72
C LEU C 250 27.97 -32.98 2.56
N TYR C 251 26.73 -32.62 2.23
CA TYR C 251 26.02 -31.54 2.89
C TYR C 251 25.21 -32.09 4.05
N LEU C 252 25.38 -31.48 5.23
CA LEU C 252 24.61 -31.81 6.44
C LEU C 252 23.91 -30.52 6.88
N VAL C 253 22.62 -30.41 6.55
CA VAL C 253 21.81 -29.23 6.82
C VAL C 253 20.83 -29.57 7.93
N ASP C 254 20.72 -28.68 8.92
CA ASP C 254 19.77 -28.81 10.03
C ASP C 254 18.94 -27.54 10.06
N LEU C 255 17.74 -27.61 9.50
CA LEU C 255 16.89 -26.43 9.34
C LEU C 255 16.08 -26.17 10.60
N ALA C 256 15.40 -25.02 10.62
CA ALA C 256 14.57 -24.58 11.74
C ALA C 256 13.11 -24.96 11.48
N GLY C 257 12.24 -24.59 12.41
CA GLY C 257 10.85 -25.03 12.40
C GLY C 257 9.92 -23.97 11.87
N SER C 258 8.93 -24.40 11.09
CA SER C 258 7.89 -23.51 10.54
C SER C 258 6.78 -23.40 11.57
N ALA C 259 7.01 -22.59 12.60
CA ALA C 259 6.10 -22.44 13.73
C ALA C 259 5.16 -21.27 13.50
N LYS C 260 3.99 -21.36 14.11
CA LYS C 260 3.00 -20.28 14.10
C LYS C 260 3.34 -19.26 15.17
N VAL C 261 3.10 -17.99 14.86
CA VAL C 261 3.40 -16.92 15.81
C VAL C 261 2.46 -16.97 17.00
N SER C 262 1.21 -17.42 16.79
CA SER C 262 0.26 -17.51 17.89
C SER C 262 0.65 -18.59 18.88
N LYS C 263 1.24 -19.68 18.41
CA LYS C 263 1.68 -20.77 19.28
C LYS C 263 2.98 -20.46 19.99
N THR C 264 3.97 -19.90 19.27
CA THR C 264 5.24 -19.55 19.88
C THR C 264 5.15 -18.29 20.72
N GLY C 265 4.29 -17.34 20.34
CA GLY C 265 4.22 -16.08 21.04
C GLY C 265 5.48 -15.27 20.85
N ALA C 266 5.91 -15.16 19.59
CA ALA C 266 7.14 -14.45 19.25
C ALA C 266 6.91 -12.95 19.24
N GLU C 267 7.89 -12.22 19.76
CA GLU C 267 7.83 -10.76 19.80
C GLU C 267 9.23 -10.21 19.91
N GLY C 268 9.51 -9.15 19.16
CA GLY C 268 10.80 -8.48 19.19
C GLY C 268 11.78 -9.01 18.17
N ALA C 269 13.01 -9.28 18.61
CA ALA C 269 14.06 -9.73 17.70
C ALA C 269 13.79 -11.11 17.13
N VAL C 270 13.08 -11.97 17.86
CA VAL C 270 12.77 -13.31 17.36
C VAL C 270 11.86 -13.27 16.14
N LEU C 271 11.04 -12.21 15.99
CA LEU C 271 10.22 -12.07 14.79
C LEU C 271 11.07 -11.92 13.55
N ASP C 272 12.18 -11.17 13.64
CA ASP C 272 13.08 -11.04 12.50
C ASP C 272 13.76 -12.37 12.19
N GLU C 273 14.03 -13.18 13.22
CA GLU C 273 14.60 -14.50 13.00
C GLU C 273 13.59 -15.42 12.31
N ALA C 274 12.30 -15.25 12.60
CA ALA C 274 11.28 -16.09 12.00
C ALA C 274 11.10 -15.79 10.51
N LYS C 275 11.37 -14.56 10.09
CA LYS C 275 11.11 -14.17 8.71
C LYS C 275 12.06 -14.87 7.74
N ASN C 276 13.37 -14.83 8.05
CA ASN C 276 14.36 -15.37 7.12
C ASN C 276 14.27 -16.89 7.00
N ILE C 277 13.92 -17.59 8.09
CA ILE C 277 13.77 -19.03 8.00
C ILE C 277 12.50 -19.39 7.23
N ASN C 278 11.44 -18.61 7.39
CA ASN C 278 10.19 -18.92 6.71
C ASN C 278 10.26 -18.63 5.21
N LYS C 279 11.07 -17.66 4.81
CA LYS C 279 11.32 -17.45 3.38
C LYS C 279 12.00 -18.66 2.75
N SER C 280 12.92 -19.27 3.49
CA SER C 280 13.69 -20.38 2.93
C SER C 280 12.85 -21.64 2.81
N LEU C 281 12.11 -22.01 3.86
CA LEU C 281 11.32 -23.23 3.81
C LEU C 281 10.16 -23.10 2.82
N SER C 282 9.62 -21.88 2.67
CA SER C 282 8.63 -21.64 1.62
C SER C 282 9.28 -21.66 0.24
N ALA C 283 10.54 -21.21 0.15
CA ALA C 283 11.23 -21.20 -1.14
C ALA C 283 11.48 -22.62 -1.64
N LEU C 284 12.07 -23.47 -0.80
CA LEU C 284 12.28 -24.86 -1.19
C LEU C 284 10.96 -25.62 -1.30
N GLY C 285 9.93 -25.17 -0.59
CA GLY C 285 8.60 -25.73 -0.79
C GLY C 285 8.08 -25.49 -2.19
N ASN C 286 8.45 -24.36 -2.79
CA ASN C 286 8.15 -24.13 -4.20
C ASN C 286 8.99 -25.04 -5.09
N VAL C 287 10.22 -25.35 -4.67
CA VAL C 287 11.10 -26.18 -5.48
C VAL C 287 10.58 -27.61 -5.55
N ILE C 288 10.12 -28.15 -4.41
CA ILE C 288 9.59 -29.51 -4.41
C ILE C 288 8.29 -29.58 -5.19
N SER C 289 7.43 -28.58 -5.03
CA SER C 289 6.19 -28.55 -5.80
C SER C 289 6.46 -28.31 -7.28
N ALA C 290 7.46 -27.49 -7.60
CA ALA C 290 7.84 -27.28 -8.98
C ALA C 290 8.43 -28.55 -9.58
N LEU C 291 9.28 -29.24 -8.81
CA LEU C 291 9.86 -30.50 -9.29
C LEU C 291 8.84 -31.62 -9.31
N ALA C 292 7.87 -31.61 -8.39
CA ALA C 292 6.85 -32.65 -8.35
C ALA C 292 5.91 -32.53 -9.54
N GLU C 293 5.32 -31.34 -9.74
CA GLU C 293 4.47 -31.11 -10.89
C GLU C 293 5.25 -31.04 -12.20
N GLY C 294 6.57 -30.80 -12.15
CA GLY C 294 7.38 -30.81 -13.35
C GLY C 294 7.31 -29.50 -14.12
N SER C 295 7.67 -28.40 -13.47
CA SER C 295 7.64 -27.10 -14.11
C SER C 295 8.79 -26.98 -15.11
N THR C 296 8.77 -25.88 -15.87
CA THR C 296 9.80 -25.64 -16.89
C THR C 296 11.04 -25.00 -16.28
N TYR C 297 10.87 -23.97 -15.45
CA TYR C 297 11.98 -23.19 -14.93
C TYR C 297 12.56 -23.77 -13.64
N VAL C 298 11.71 -24.30 -12.75
CA VAL C 298 12.14 -24.87 -11.47
C VAL C 298 12.84 -23.80 -10.65
N PRO C 299 12.11 -22.83 -10.08
CA PRO C 299 12.78 -21.65 -9.51
C PRO C 299 13.56 -21.93 -8.23
N TYR C 300 14.80 -22.39 -8.39
CA TYR C 300 15.71 -22.53 -7.26
C TYR C 300 16.13 -21.18 -6.69
N ARG C 301 16.10 -20.11 -7.49
CA ARG C 301 16.68 -18.82 -7.10
C ARG C 301 15.72 -17.93 -6.33
N ASP C 302 14.68 -18.50 -5.72
CA ASP C 302 13.79 -17.69 -4.87
C ASP C 302 14.53 -17.19 -3.64
N SER C 303 15.11 -18.11 -2.86
CA SER C 303 15.92 -17.81 -1.69
C SER C 303 17.32 -18.37 -1.88
N LYS C 304 18.30 -17.72 -1.25
CA LYS C 304 19.69 -18.16 -1.36
C LYS C 304 19.94 -19.47 -0.64
N MET C 305 19.08 -19.85 0.32
CA MET C 305 19.17 -21.18 0.91
C MET C 305 18.87 -22.25 -0.14
N THR C 306 17.95 -21.96 -1.05
CA THR C 306 17.63 -22.91 -2.11
C THR C 306 18.76 -23.03 -3.13
N ARG C 307 19.59 -21.98 -3.26
CA ARG C 307 20.73 -22.07 -4.16
C ARG C 307 21.75 -23.09 -3.69
N ILE C 308 21.85 -23.32 -2.38
CA ILE C 308 22.77 -24.32 -1.87
C ILE C 308 22.30 -25.73 -2.25
N LEU C 309 20.99 -25.96 -2.24
CA LEU C 309 20.41 -27.28 -2.43
C LEU C 309 20.06 -27.58 -3.88
N GLN C 310 20.75 -26.94 -4.84
CA GLN C 310 20.47 -27.21 -6.25
C GLN C 310 21.06 -28.55 -6.67
N ASP C 311 22.32 -28.81 -6.31
CA ASP C 311 22.95 -30.08 -6.66
C ASP C 311 22.30 -31.27 -5.97
N SER C 312 21.66 -31.05 -4.81
CA SER C 312 21.02 -32.16 -4.12
C SER C 312 19.75 -32.63 -4.83
N LEU C 313 18.94 -31.69 -5.31
CA LEU C 313 17.62 -31.99 -5.87
C LEU C 313 17.64 -32.17 -7.40
N GLY C 314 18.63 -31.59 -8.09
CA GLY C 314 18.70 -31.66 -9.55
C GLY C 314 20.11 -31.79 -10.09
N GLY C 315 21.00 -32.40 -9.31
CA GLY C 315 22.40 -32.56 -9.66
C GLY C 315 22.78 -34.03 -9.73
N ASN C 316 24.05 -34.30 -9.44
CA ASN C 316 24.64 -35.64 -9.50
C ASN C 316 24.74 -36.26 -8.10
N CYS C 317 23.76 -35.96 -7.26
CA CYS C 317 23.77 -36.30 -5.84
C CYS C 317 22.71 -37.35 -5.52
N ARG C 318 22.87 -37.99 -4.37
CA ARG C 318 21.91 -38.97 -3.83
C ARG C 318 21.34 -38.38 -2.55
N THR C 319 20.18 -37.72 -2.67
CA THR C 319 19.56 -37.00 -1.57
C THR C 319 18.61 -37.93 -0.81
N THR C 320 18.48 -37.67 0.49
CA THR C 320 17.58 -38.43 1.36
C THR C 320 16.99 -37.47 2.38
N ILE C 321 15.72 -37.11 2.18
CA ILE C 321 14.99 -36.23 3.10
C ILE C 321 14.39 -37.10 4.20
N VAL C 322 14.53 -36.63 5.44
CA VAL C 322 13.99 -37.30 6.63
C VAL C 322 13.16 -36.26 7.38
N ILE C 323 11.84 -36.35 7.25
CA ILE C 323 10.93 -35.40 7.87
C ILE C 323 10.64 -35.85 9.29
N CYS C 324 10.62 -34.89 10.21
CA CYS C 324 10.34 -35.12 11.63
C CYS C 324 9.01 -34.45 11.98
N CYS C 325 8.23 -35.11 12.83
CA CYS C 325 6.93 -34.61 13.25
C CYS C 325 6.65 -35.07 14.67
N SER C 326 5.74 -34.36 15.34
CA SER C 326 5.31 -34.64 16.70
C SER C 326 3.99 -35.43 16.68
N PRO C 327 3.75 -36.40 17.58
CA PRO C 327 2.48 -37.14 17.55
C PRO C 327 1.34 -36.45 18.27
N SER C 328 1.49 -35.20 18.71
CA SER C 328 0.45 -34.53 19.48
C SER C 328 -0.66 -34.04 18.57
N SER C 329 -1.87 -33.97 19.13
CA SER C 329 -3.02 -33.42 18.44
C SER C 329 -2.96 -31.90 18.29
N TYR C 330 -2.13 -31.21 19.08
CA TYR C 330 -2.06 -29.76 19.02
C TYR C 330 -1.35 -29.24 17.78
N ASN C 331 -0.42 -30.03 17.21
CA ASN C 331 0.29 -29.69 15.99
C ASN C 331 -0.21 -30.51 14.79
N GLU C 332 -1.50 -30.83 14.77
CA GLU C 332 -2.03 -31.71 13.73
C GLU C 332 -2.01 -31.06 12.35
N SER C 333 -2.20 -29.74 12.28
CA SER C 333 -2.29 -29.08 10.98
C SER C 333 -0.94 -28.99 10.31
N GLU C 334 0.08 -28.50 11.03
CA GLU C 334 1.41 -28.37 10.45
C GLU C 334 2.03 -29.73 10.13
N THR C 335 1.68 -30.77 10.90
CA THR C 335 2.24 -32.09 10.63
C THR C 335 1.62 -32.71 9.37
N LYS C 336 0.34 -32.47 9.12
CA LYS C 336 -0.28 -32.94 7.89
C LYS C 336 0.34 -32.26 6.67
N SER C 337 0.69 -30.98 6.80
CA SER C 337 1.38 -30.28 5.72
C SER C 337 2.76 -30.87 5.47
N THR C 338 3.42 -31.37 6.53
CA THR C 338 4.75 -31.95 6.36
C THR C 338 4.68 -33.31 5.68
N LEU C 339 3.62 -34.08 5.94
CA LEU C 339 3.49 -35.40 5.32
C LEU C 339 3.22 -35.26 3.82
N LEU C 340 2.24 -34.44 3.43
CA LEU C 340 1.97 -34.23 2.01
C LEU C 340 3.13 -33.54 1.32
N PHE C 341 3.88 -32.71 2.06
CA PHE C 341 5.15 -32.19 1.53
C PHE C 341 6.12 -33.33 1.26
N GLY C 342 6.11 -34.36 2.12
CA GLY C 342 6.91 -35.54 1.85
C GLY C 342 6.42 -36.32 0.65
N GLN C 343 5.10 -36.37 0.45
CA GLN C 343 4.54 -37.06 -0.71
C GLN C 343 4.95 -36.38 -2.00
N ARG C 344 5.00 -35.04 -2.02
CA ARG C 344 5.50 -34.32 -3.17
C ARG C 344 6.98 -34.58 -3.40
N ALA C 345 7.75 -34.88 -2.34
CA ALA C 345 9.16 -35.19 -2.47
C ALA C 345 9.41 -36.57 -3.06
N LYS C 346 8.43 -37.48 -3.01
CA LYS C 346 8.65 -38.83 -3.51
C LYS C 346 8.75 -38.88 -5.04
N THR C 347 8.04 -38.00 -5.74
CA THR C 347 8.02 -38.00 -7.20
C THR C 347 9.23 -37.31 -7.82
N ILE C 348 10.23 -36.88 -7.02
CA ILE C 348 11.40 -36.18 -7.53
C ILE C 348 12.49 -37.18 -7.84
N LYS C 349 13.30 -36.88 -8.85
CA LYS C 349 14.42 -37.72 -9.26
C LYS C 349 15.62 -36.83 -9.58
N ASN C 350 16.80 -37.31 -9.20
CA ASN C 350 18.05 -36.61 -9.44
C ASN C 350 18.62 -37.00 -10.80
N THR C 351 19.51 -36.15 -11.31
CA THR C 351 20.20 -36.38 -12.58
C THR C 351 21.54 -37.08 -12.32
N VAL C 352 21.47 -38.20 -11.59
CA VAL C 352 22.65 -38.95 -11.19
C VAL C 352 23.10 -39.87 -12.31
N ARG D 2 -96.76 -12.58 69.65
CA ARG D 2 -96.48 -13.23 68.37
C ARG D 2 -95.48 -12.40 67.56
N GLU D 3 -94.33 -13.00 67.25
CA GLU D 3 -93.29 -12.36 66.48
C GLU D 3 -92.57 -13.39 65.64
N CYS D 4 -91.79 -12.91 64.68
CA CYS D 4 -91.02 -13.78 63.79
C CYS D 4 -89.84 -12.99 63.23
N ILE D 5 -88.72 -13.69 63.07
CA ILE D 5 -87.47 -13.12 62.58
C ILE D 5 -87.12 -13.79 61.26
N SER D 6 -86.25 -13.12 60.48
CA SER D 6 -85.87 -13.58 59.15
C SER D 6 -84.44 -13.20 58.85
N VAL D 7 -83.77 -14.05 58.06
CA VAL D 7 -82.40 -13.84 57.60
C VAL D 7 -82.35 -14.06 56.10
N HIS D 8 -81.66 -13.15 55.41
CA HIS D 8 -81.55 -13.14 53.95
C HIS D 8 -80.11 -13.47 53.58
N VAL D 9 -79.95 -14.39 52.62
CA VAL D 9 -78.64 -14.89 52.20
C VAL D 9 -78.52 -14.73 50.69
N GLY D 10 -77.42 -14.12 50.25
CA GLY D 10 -77.10 -14.05 48.83
C GLY D 10 -77.71 -12.84 48.14
N GLN D 11 -77.35 -12.72 46.86
CA GLN D 11 -77.92 -11.66 46.03
C GLN D 11 -79.42 -11.84 45.87
N ALA D 12 -79.88 -13.09 45.79
CA ALA D 12 -81.31 -13.35 45.67
C ALA D 12 -82.04 -12.97 46.95
N GLY D 13 -81.42 -13.18 48.10
CA GLY D 13 -82.08 -12.87 49.35
C GLY D 13 -82.21 -11.38 49.60
N VAL D 14 -81.09 -10.66 49.49
CA VAL D 14 -81.09 -9.22 49.79
C VAL D 14 -81.89 -8.43 48.77
N GLN D 15 -81.94 -8.86 47.52
CA GLN D 15 -82.79 -8.20 46.53
C GLN D 15 -84.26 -8.38 46.87
N MET D 16 -84.65 -9.55 47.38
CA MET D 16 -85.98 -9.72 47.95
C MET D 16 -86.09 -9.05 49.32
N GLY D 17 -84.99 -8.98 50.06
CA GLY D 17 -85.01 -8.30 51.34
C GLY D 17 -85.24 -6.81 51.20
N ASN D 18 -84.56 -6.18 50.22
CA ASN D 18 -84.78 -4.77 49.98
C ASN D 18 -86.17 -4.49 49.43
N ALA D 19 -86.76 -5.46 48.71
CA ALA D 19 -88.07 -5.28 48.09
C ALA D 19 -89.22 -5.59 49.04
N CYS D 20 -89.04 -6.50 50.00
CA CYS D 20 -90.12 -6.89 50.89
C CYS D 20 -90.27 -5.96 52.09
N TRP D 21 -89.16 -5.45 52.62
CA TRP D 21 -89.23 -4.57 53.78
C TRP D 21 -89.71 -3.17 53.44
N GLU D 22 -89.56 -2.73 52.18
CA GLU D 22 -90.20 -1.50 51.75
C GLU D 22 -91.71 -1.68 51.67
N LEU D 23 -92.17 -2.90 51.37
CA LEU D 23 -93.60 -3.18 51.38
C LEU D 23 -94.13 -3.24 52.81
N TYR D 24 -93.38 -3.84 53.74
CA TYR D 24 -93.84 -3.94 55.12
C TYR D 24 -93.90 -2.58 55.79
N CYS D 25 -93.02 -1.65 55.42
CA CYS D 25 -93.00 -0.34 56.07
C CYS D 25 -94.13 0.56 55.61
N LEU D 26 -94.51 0.50 54.33
CA LEU D 26 -95.62 1.31 53.84
C LEU D 26 -96.97 0.77 54.25
N GLU D 27 -97.07 -0.53 54.57
CA GLU D 27 -98.33 -1.08 55.06
C GLU D 27 -98.68 -0.50 56.43
N HIS D 28 -97.73 -0.49 57.35
CA HIS D 28 -97.93 0.01 58.70
C HIS D 28 -97.66 1.50 58.83
N GLY D 29 -97.60 2.23 57.72
CA GLY D 29 -97.36 3.67 57.77
C GLY D 29 -95.99 4.05 58.28
N ILE D 30 -95.00 3.16 58.19
CA ILE D 30 -93.65 3.44 58.66
C ILE D 30 -92.91 4.15 57.53
N GLN D 31 -92.56 5.42 57.75
CA GLN D 31 -91.82 6.17 56.77
C GLN D 31 -90.40 5.60 56.65
N PRO D 32 -89.70 5.85 55.54
CA PRO D 32 -88.34 5.27 55.40
C PRO D 32 -87.30 5.88 56.32
N ASP D 33 -87.58 6.99 57.01
CA ASP D 33 -86.63 7.60 57.92
C ASP D 33 -86.54 6.92 59.28
N GLY D 34 -87.32 5.84 59.52
CA GLY D 34 -87.23 5.04 60.72
C GLY D 34 -88.42 5.16 61.67
N GLN D 35 -89.32 6.11 61.46
CA GLN D 35 -90.48 6.35 62.31
C GLN D 35 -91.73 6.44 61.45
N MET D 36 -92.88 6.58 62.10
CA MET D 36 -94.16 6.70 61.40
C MET D 36 -94.24 8.04 60.67
N ASP D 52 -101.51 -0.45 66.48
CA ASP D 52 -100.56 -0.49 67.58
C ASP D 52 -99.87 -1.85 67.66
N ASP D 53 -100.67 -2.91 67.79
CA ASP D 53 -100.16 -4.28 67.86
C ASP D 53 -100.04 -4.93 66.50
N SER D 54 -100.02 -4.15 65.41
CA SER D 54 -99.91 -4.69 64.06
C SER D 54 -98.47 -4.82 63.59
N PHE D 55 -97.62 -3.85 63.92
CA PHE D 55 -96.21 -3.86 63.53
C PHE D 55 -95.32 -4.57 64.54
N THR D 56 -95.86 -5.03 65.68
CA THR D 56 -95.04 -5.68 66.69
C THR D 56 -94.52 -7.06 66.25
N THR D 57 -95.09 -7.66 65.21
CA THR D 57 -94.64 -8.98 64.79
C THR D 57 -93.27 -8.89 64.14
N PHE D 58 -93.08 -7.94 63.23
CA PHE D 58 -91.84 -7.77 62.47
C PHE D 58 -90.96 -6.65 62.98
N PHE D 59 -91.55 -5.50 63.35
CA PHE D 59 -90.82 -4.33 63.80
C PHE D 59 -90.89 -4.20 65.31
N CYS D 60 -89.79 -3.75 65.90
CA CYS D 60 -89.68 -3.54 67.34
C CYS D 60 -89.98 -2.07 67.67
N GLU D 61 -89.98 -1.77 68.97
CA GLU D 61 -90.19 -0.42 69.50
C GLU D 61 -88.86 0.05 70.07
N THR D 62 -88.21 0.99 69.37
CA THR D 62 -86.88 1.47 69.75
C THR D 62 -87.01 2.72 70.61
N GLY D 63 -87.45 2.48 71.85
CA GLY D 63 -87.51 3.53 72.85
C GLY D 63 -88.75 4.40 72.74
N ALA D 64 -88.76 5.32 71.78
CA ALA D 64 -89.87 6.27 71.64
C ALA D 64 -89.81 6.87 70.23
N GLY D 65 -90.85 6.61 69.44
CA GLY D 65 -90.94 7.18 68.11
C GLY D 65 -89.85 6.72 67.17
N LYS D 66 -89.50 5.44 67.25
CA LYS D 66 -88.48 4.87 66.38
C LYS D 66 -88.61 3.35 66.42
N HIS D 67 -88.37 2.71 65.27
CA HIS D 67 -88.53 1.28 65.10
C HIS D 67 -87.29 0.71 64.43
N VAL D 68 -87.13 -0.61 64.52
CA VAL D 68 -86.05 -1.35 63.87
C VAL D 68 -86.62 -2.68 63.41
N PRO D 69 -86.36 -3.15 62.17
CA PRO D 69 -86.86 -4.48 61.81
C PRO D 69 -86.09 -5.60 62.49
N ARG D 70 -86.77 -6.75 62.59
CA ARG D 70 -86.15 -7.99 63.05
C ARG D 70 -85.58 -8.74 61.84
N ALA D 71 -84.55 -8.14 61.25
CA ALA D 71 -83.90 -8.63 60.04
C ALA D 71 -82.40 -8.60 60.21
N VAL D 72 -81.73 -9.57 59.61
CA VAL D 72 -80.27 -9.64 59.56
C VAL D 72 -79.88 -10.11 58.17
N PHE D 73 -79.48 -9.17 57.31
CA PHE D 73 -79.03 -9.48 55.96
C PHE D 73 -77.58 -9.91 56.03
N VAL D 74 -77.33 -11.20 55.75
CA VAL D 74 -76.00 -11.80 55.76
C VAL D 74 -75.62 -12.10 54.31
N ASP D 75 -74.38 -11.78 53.97
CA ASP D 75 -73.86 -12.09 52.64
C ASP D 75 -72.34 -11.99 52.70
N LEU D 76 -71.68 -12.90 51.98
CA LEU D 76 -70.23 -12.92 51.94
C LEU D 76 -69.65 -11.83 51.04
N GLU D 77 -70.24 -11.63 49.87
CA GLU D 77 -69.78 -10.59 48.96
C GLU D 77 -70.31 -9.23 49.44
N PRO D 78 -69.47 -8.18 49.52
CA PRO D 78 -69.91 -6.96 50.19
C PRO D 78 -70.60 -5.92 49.32
N THR D 79 -70.82 -6.20 48.03
CA THR D 79 -71.43 -5.21 47.15
C THR D 79 -72.89 -4.91 47.51
N VAL D 80 -73.63 -5.92 47.93
CA VAL D 80 -75.03 -5.72 48.28
C VAL D 80 -75.21 -5.09 49.66
N ILE D 81 -74.27 -5.33 50.58
CA ILE D 81 -74.45 -4.86 51.95
C ILE D 81 -74.25 -3.35 52.02
N ASP D 82 -73.12 -2.85 51.50
CA ASP D 82 -72.85 -1.43 51.55
C ASP D 82 -73.79 -0.63 50.65
N GLU D 83 -74.33 -1.25 49.59
CA GLU D 83 -75.33 -0.58 48.77
C GLU D 83 -76.60 -0.33 49.58
N ILE D 84 -76.94 -1.26 50.48
CA ILE D 84 -78.08 -1.04 51.37
C ILE D 84 -77.75 0.05 52.39
N ARG D 85 -76.49 0.09 52.85
CA ARG D 85 -76.07 1.15 53.76
C ARG D 85 -76.07 2.50 53.08
N ASN D 86 -75.67 2.57 51.81
CA ASN D 86 -75.73 3.79 51.00
C ASN D 86 -77.00 3.87 50.17
N GLY D 87 -78.00 3.02 50.42
CA GLY D 87 -79.23 3.04 49.67
C GLY D 87 -80.17 4.11 50.19
N PRO D 88 -81.44 4.06 49.79
CA PRO D 88 -82.42 5.00 50.35
C PRO D 88 -82.88 4.63 51.75
N TYR D 89 -82.98 3.34 52.02
CA TYR D 89 -83.46 2.83 53.32
C TYR D 89 -82.29 2.65 54.29
N ARG D 90 -81.69 3.78 54.66
CA ARG D 90 -80.53 3.74 55.55
C ARG D 90 -80.94 3.63 57.02
N GLN D 91 -81.90 4.46 57.45
CA GLN D 91 -82.23 4.57 58.87
C GLN D 91 -83.14 3.46 59.36
N LEU D 92 -83.82 2.73 58.46
CA LEU D 92 -84.70 1.65 58.90
C LEU D 92 -83.90 0.51 59.50
N PHE D 93 -83.02 -0.10 58.72
CA PHE D 93 -82.26 -1.26 59.18
C PHE D 93 -81.14 -0.83 60.11
N HIS D 94 -80.79 -1.70 61.05
CA HIS D 94 -79.71 -1.40 61.97
C HIS D 94 -78.39 -1.45 61.22
N PRO D 95 -77.43 -0.55 61.51
CA PRO D 95 -76.14 -0.64 60.79
C PRO D 95 -75.33 -1.88 61.15
N GLU D 96 -75.50 -2.40 62.36
CA GLU D 96 -74.78 -3.59 62.78
C GLU D 96 -75.42 -4.88 62.24
N GLN D 97 -76.74 -4.87 62.05
CA GLN D 97 -77.42 -6.07 61.55
C GLN D 97 -77.02 -6.39 60.12
N LEU D 98 -76.64 -5.39 59.33
CA LEU D 98 -76.21 -5.59 57.96
C LEU D 98 -74.81 -6.20 57.97
N ILE D 99 -74.74 -7.51 58.06
CA ILE D 99 -73.47 -8.24 58.14
C ILE D 99 -72.88 -8.34 56.74
N THR D 100 -71.57 -8.20 56.64
CA THR D 100 -70.81 -8.35 55.40
C THR D 100 -69.60 -9.23 55.64
N GLY D 101 -69.24 -9.99 54.62
CA GLY D 101 -68.10 -10.88 54.67
C GLY D 101 -66.82 -10.22 54.20
N LYS D 102 -65.90 -11.05 53.70
CA LYS D 102 -64.59 -10.61 53.23
C LYS D 102 -64.27 -11.13 51.83
N GLU D 103 -64.79 -12.31 51.47
CA GLU D 103 -64.52 -12.94 50.19
C GLU D 103 -65.76 -13.68 49.74
N ASP D 104 -66.05 -13.58 48.45
CA ASP D 104 -67.28 -14.13 47.90
C ASP D 104 -67.25 -15.65 47.91
N ALA D 105 -68.44 -16.26 48.03
CA ALA D 105 -68.57 -17.71 47.94
C ALA D 105 -68.15 -18.24 46.58
N ALA D 106 -68.32 -17.43 45.52
CA ALA D 106 -67.86 -17.76 44.18
C ALA D 106 -68.55 -19.00 43.61
N ASN D 107 -69.88 -19.04 43.81
CA ASN D 107 -70.75 -20.00 43.12
C ASN D 107 -70.43 -21.44 43.51
N ASN D 108 -69.88 -21.65 44.71
CA ASN D 108 -69.39 -22.94 45.17
C ASN D 108 -70.10 -23.31 46.46
N TYR D 109 -70.65 -24.52 46.52
CA TYR D 109 -71.28 -25.00 47.75
C TYR D 109 -70.25 -25.17 48.86
N ALA D 110 -69.06 -25.64 48.52
CA ALA D 110 -68.06 -25.94 49.54
C ALA D 110 -67.42 -24.67 50.08
N ARG D 111 -67.23 -23.66 49.23
CA ARG D 111 -66.48 -22.48 49.66
C ARG D 111 -67.28 -21.64 50.64
N GLY D 112 -68.59 -21.52 50.44
CA GLY D 112 -69.45 -20.83 51.37
C GLY D 112 -69.86 -21.62 52.61
N HIS D 113 -69.37 -22.86 52.75
CA HIS D 113 -69.75 -23.77 53.83
C HIS D 113 -68.61 -24.10 54.78
N TYR D 114 -67.37 -24.21 54.27
CA TYR D 114 -66.22 -24.66 55.05
C TYR D 114 -65.17 -23.59 55.22
N THR D 115 -64.68 -23.00 54.13
CA THR D 115 -63.61 -21.99 54.23
C THR D 115 -64.16 -20.66 54.70
N ILE D 116 -65.06 -20.04 53.92
CA ILE D 116 -65.64 -18.76 54.28
C ILE D 116 -66.84 -18.91 55.21
N GLY D 117 -67.50 -20.07 55.19
CA GLY D 117 -68.68 -20.23 56.03
C GLY D 117 -68.35 -20.34 57.51
N LYS D 118 -67.34 -21.15 57.83
CA LYS D 118 -67.02 -21.42 59.24
C LYS D 118 -66.53 -20.18 59.98
N GLU D 119 -65.87 -19.25 59.29
CA GLU D 119 -65.28 -18.09 59.94
C GLU D 119 -66.24 -16.92 60.12
N ILE D 120 -67.50 -17.04 59.69
CA ILE D 120 -68.48 -15.95 59.73
C ILE D 120 -69.77 -16.36 60.44
N ILE D 121 -70.02 -17.68 60.60
CA ILE D 121 -71.21 -18.12 61.34
C ILE D 121 -71.15 -17.70 62.80
N ASP D 122 -69.95 -17.54 63.38
CA ASP D 122 -69.85 -17.26 64.81
C ASP D 122 -70.39 -15.87 65.13
N PRO D 123 -70.08 -14.83 64.34
CA PRO D 123 -70.82 -13.57 64.50
C PRO D 123 -72.31 -13.69 64.22
N VAL D 124 -72.72 -14.63 63.36
CA VAL D 124 -74.11 -14.67 62.89
C VAL D 124 -74.98 -15.48 63.85
N LEU D 125 -74.49 -16.64 64.30
CA LEU D 125 -75.34 -17.55 65.08
C LEU D 125 -75.64 -16.98 66.46
N ASP D 126 -74.64 -16.39 67.12
CA ASP D 126 -74.88 -15.75 68.40
C ASP D 126 -75.74 -14.49 68.30
N ARG D 127 -75.80 -13.87 67.12
CA ARG D 127 -76.63 -12.68 66.95
C ARG D 127 -78.11 -13.05 66.97
N ILE D 128 -78.50 -14.08 66.22
CA ILE D 128 -79.89 -14.52 66.22
C ILE D 128 -80.33 -15.05 67.58
N ARG D 129 -79.38 -15.56 68.39
CA ARG D 129 -79.71 -15.96 69.74
C ARG D 129 -80.16 -14.77 70.58
N LYS D 130 -79.29 -13.76 70.71
CA LYS D 130 -79.63 -12.60 71.53
C LYS D 130 -80.69 -11.73 70.87
N LEU D 131 -80.77 -11.73 69.54
CA LEU D 131 -81.86 -11.05 68.86
C LEU D 131 -83.20 -11.73 69.08
N SER D 132 -83.20 -13.02 69.43
CA SER D 132 -84.41 -13.73 69.82
C SER D 132 -84.71 -13.61 71.31
N ASP D 133 -83.68 -13.38 72.15
CA ASP D 133 -83.90 -13.28 73.58
C ASP D 133 -84.73 -12.05 73.94
N GLN D 134 -84.50 -10.92 73.27
CA GLN D 134 -85.34 -9.75 73.47
C GLN D 134 -86.79 -10.01 73.05
N CYS D 135 -87.00 -10.88 72.07
CA CYS D 135 -88.35 -11.32 71.72
C CYS D 135 -88.85 -12.35 72.72
N THR D 136 -90.17 -12.60 72.67
CA THR D 136 -90.83 -13.56 73.54
C THR D 136 -91.79 -14.50 72.81
N GLY D 137 -92.37 -14.08 71.68
CA GLY D 137 -93.34 -14.86 70.93
C GLY D 137 -92.80 -15.32 69.59
N LEU D 138 -91.54 -15.75 69.56
CA LEU D 138 -90.90 -16.19 68.33
C LEU D 138 -91.59 -17.45 67.83
N GLN D 139 -92.37 -17.31 66.75
CA GLN D 139 -93.11 -18.44 66.21
C GLN D 139 -92.20 -19.37 65.43
N GLY D 140 -91.24 -18.81 64.69
CA GLY D 140 -90.34 -19.64 63.89
C GLY D 140 -89.34 -18.80 63.16
N PHE D 141 -88.93 -19.29 61.98
CA PHE D 141 -87.97 -18.62 61.11
C PHE D 141 -88.44 -18.70 59.67
N LEU D 142 -88.02 -17.73 58.87
CA LEU D 142 -88.18 -17.77 57.42
C LEU D 142 -86.93 -17.18 56.78
N VAL D 143 -86.39 -17.90 55.79
CA VAL D 143 -85.15 -17.54 55.12
C VAL D 143 -85.46 -17.21 53.66
N PHE D 144 -84.49 -16.54 53.02
CA PHE D 144 -84.57 -16.13 51.63
C PHE D 144 -83.21 -16.31 50.99
N HIS D 145 -83.15 -17.09 49.92
CA HIS D 145 -81.88 -17.46 49.30
C HIS D 145 -82.18 -18.09 47.94
N SER D 146 -81.14 -18.60 47.30
CA SER D 146 -81.25 -19.33 46.04
C SER D 146 -80.12 -20.33 45.95
N PHE D 147 -80.45 -21.60 45.74
CA PHE D 147 -79.44 -22.65 45.67
C PHE D 147 -78.66 -22.65 44.35
N GLY D 148 -78.95 -21.76 43.41
CA GLY D 148 -78.16 -21.64 42.21
C GLY D 148 -76.77 -21.07 42.40
N GLY D 149 -76.49 -20.46 43.55
CA GLY D 149 -75.19 -19.89 43.85
C GLY D 149 -74.45 -20.65 44.93
N GLY D 150 -73.39 -20.03 45.42
CA GLY D 150 -72.53 -20.62 46.44
C GLY D 150 -72.96 -20.24 47.85
N THR D 151 -73.10 -18.94 48.10
CA THR D 151 -73.50 -18.49 49.44
C THR D 151 -74.94 -18.89 49.75
N GLY D 152 -75.79 -18.94 48.72
CA GLY D 152 -77.15 -19.41 48.92
C GLY D 152 -77.28 -20.91 49.14
N SER D 153 -76.23 -21.69 48.83
CA SER D 153 -76.24 -23.15 48.95
C SER D 153 -75.43 -23.62 50.16
N GLY D 154 -74.18 -23.20 50.27
CA GLY D 154 -73.33 -23.68 51.34
C GLY D 154 -73.63 -23.03 52.67
N PHE D 155 -73.61 -21.70 52.72
CA PHE D 155 -73.80 -20.99 53.98
C PHE D 155 -75.22 -21.16 54.52
N THR D 156 -76.20 -21.32 53.64
CA THR D 156 -77.58 -21.47 54.08
C THR D 156 -77.78 -22.82 54.79
N SER D 157 -77.22 -23.89 54.21
CA SER D 157 -77.30 -25.19 54.86
C SER D 157 -76.53 -25.21 56.17
N LEU D 158 -75.46 -24.41 56.26
CA LEU D 158 -74.67 -24.38 57.49
C LEU D 158 -75.43 -23.72 58.62
N LEU D 159 -76.01 -22.54 58.38
CA LEU D 159 -76.72 -21.84 59.45
C LEU D 159 -78.00 -22.56 59.81
N MET D 160 -78.73 -23.07 58.82
CA MET D 160 -79.97 -23.79 59.09
C MET D 160 -79.70 -25.09 59.84
N GLU D 161 -78.54 -25.71 59.60
CA GLU D 161 -78.13 -26.86 60.40
C GLU D 161 -77.68 -26.42 61.79
N ARG D 162 -77.05 -25.24 61.90
CA ARG D 162 -76.53 -24.77 63.17
C ARG D 162 -77.63 -24.32 64.13
N LEU D 163 -78.75 -23.81 63.61
CA LEU D 163 -79.88 -23.42 64.44
C LEU D 163 -80.88 -24.54 64.66
N SER D 164 -80.96 -25.50 63.73
CA SER D 164 -81.87 -26.62 63.91
C SER D 164 -81.44 -27.53 65.05
N VAL D 165 -80.14 -27.71 65.23
CA VAL D 165 -79.66 -28.50 66.37
C VAL D 165 -79.86 -27.76 67.70
N ASP D 166 -79.96 -26.43 67.67
CA ASP D 166 -80.20 -25.63 68.88
C ASP D 166 -81.68 -25.56 69.22
N TYR D 167 -82.49 -25.04 68.29
CA TYR D 167 -83.93 -24.89 68.50
C TYR D 167 -84.69 -26.17 68.15
N GLY D 168 -84.61 -26.59 66.89
CA GLY D 168 -85.23 -27.83 66.45
C GLY D 168 -86.74 -27.75 66.31
N LYS D 169 -87.43 -27.56 67.43
CA LYS D 169 -88.89 -27.59 67.44
C LYS D 169 -89.52 -26.45 66.65
N LYS D 170 -88.84 -25.32 66.50
CA LYS D 170 -89.42 -24.19 65.80
C LYS D 170 -89.44 -24.43 64.30
N SER D 171 -90.34 -23.74 63.62
CA SER D 171 -90.56 -23.95 62.19
C SER D 171 -89.48 -23.24 61.38
N LYS D 172 -89.38 -23.64 60.11
CA LYS D 172 -88.43 -23.07 59.15
C LYS D 172 -89.11 -22.97 57.80
N LEU D 173 -89.36 -21.74 57.36
CA LEU D 173 -90.07 -21.46 56.11
C LEU D 173 -89.03 -21.08 55.06
N GLU D 174 -88.59 -22.06 54.28
CA GLU D 174 -87.55 -21.83 53.28
C GLU D 174 -88.17 -21.28 52.00
N PHE D 175 -87.49 -20.30 51.40
CA PHE D 175 -87.89 -19.66 50.15
C PHE D 175 -86.69 -19.65 49.23
N SER D 176 -86.54 -20.70 48.43
CA SER D 176 -85.42 -20.89 47.51
C SER D 176 -85.87 -20.69 46.08
N ILE D 177 -85.01 -20.06 45.28
CA ILE D 177 -85.25 -19.82 43.86
C ILE D 177 -84.47 -20.89 43.09
N TYR D 178 -85.21 -21.91 42.56
CA TYR D 178 -84.61 -22.99 41.78
C TYR D 178 -84.39 -22.55 40.33
N PRO D 179 -83.52 -23.23 39.57
CA PRO D 179 -83.33 -22.84 38.17
C PRO D 179 -84.47 -23.36 37.30
N ALA D 180 -84.66 -22.70 36.16
CA ALA D 180 -85.71 -23.09 35.23
C ALA D 180 -85.29 -24.34 34.45
N PRO D 181 -86.23 -24.97 33.70
CA PRO D 181 -85.85 -26.17 32.92
C PRO D 181 -84.80 -25.89 31.85
N GLN D 182 -85.01 -24.85 31.04
CA GLN D 182 -84.11 -24.49 29.95
C GLN D 182 -83.37 -23.17 30.19
N VAL D 183 -84.01 -22.20 30.82
CA VAL D 183 -83.35 -20.95 31.19
C VAL D 183 -82.48 -21.21 32.41
N SER D 184 -81.32 -20.57 32.47
CA SER D 184 -80.44 -20.69 33.62
C SER D 184 -79.43 -19.56 33.61
N THR D 185 -79.02 -19.16 34.82
CA THR D 185 -78.09 -18.07 35.03
C THR D 185 -76.65 -18.55 35.14
N ALA D 186 -76.43 -19.72 35.72
CA ALA D 186 -75.12 -20.33 35.90
C ALA D 186 -75.00 -21.59 35.04
N VAL D 187 -73.88 -22.29 35.22
CA VAL D 187 -73.63 -23.57 34.55
C VAL D 187 -73.50 -24.72 35.55
N VAL D 188 -73.03 -24.47 36.77
CA VAL D 188 -72.83 -25.51 37.79
C VAL D 188 -73.96 -25.57 38.81
N GLU D 189 -75.11 -24.93 38.53
CA GLU D 189 -76.22 -24.96 39.48
C GLU D 189 -76.80 -26.35 39.79
N PRO D 190 -76.68 -27.39 38.94
CA PRO D 190 -77.05 -28.73 39.45
C PRO D 190 -76.14 -29.21 40.56
N TYR D 191 -74.85 -28.92 40.48
CA TYR D 191 -73.93 -29.30 41.55
C TYR D 191 -74.23 -28.53 42.83
N ASN D 192 -74.61 -27.26 42.70
CA ASN D 192 -74.92 -26.45 43.88
C ASN D 192 -76.22 -26.89 44.51
N SER D 193 -77.22 -27.22 43.69
CA SER D 193 -78.54 -27.58 44.22
C SER D 193 -78.56 -29.01 44.76
N ILE D 194 -77.82 -29.92 44.11
CA ILE D 194 -77.88 -31.32 44.52
C ILE D 194 -77.15 -31.54 45.84
N LEU D 195 -76.10 -30.76 46.12
CA LEU D 195 -75.36 -30.92 47.37
C LEU D 195 -76.08 -30.30 48.56
N THR D 196 -76.66 -29.10 48.39
CA THR D 196 -77.34 -28.43 49.48
C THR D 196 -78.68 -29.06 49.83
N THR D 197 -79.34 -29.70 48.86
CA THR D 197 -80.57 -30.42 49.14
C THR D 197 -80.35 -31.68 49.95
N HIS D 198 -79.13 -32.23 49.93
CA HIS D 198 -78.82 -33.41 50.75
C HIS D 198 -78.95 -33.10 52.24
N THR D 199 -78.57 -31.87 52.64
CA THR D 199 -78.71 -31.43 54.01
C THR D 199 -80.09 -30.82 54.30
N THR D 200 -80.73 -30.22 53.31
CA THR D 200 -82.04 -29.61 53.49
C THR D 200 -83.18 -30.63 53.48
N LEU D 201 -82.95 -31.85 52.99
CA LEU D 201 -84.04 -32.82 52.89
C LEU D 201 -84.54 -33.29 54.25
N GLU D 202 -83.69 -33.24 55.29
CA GLU D 202 -84.01 -33.78 56.61
C GLU D 202 -84.27 -32.73 57.67
N HIS D 203 -83.63 -31.56 57.56
CA HIS D 203 -83.73 -30.51 58.58
C HIS D 203 -84.85 -29.51 58.32
N SER D 204 -85.23 -29.28 57.08
CA SER D 204 -86.25 -28.29 56.74
C SER D 204 -87.64 -28.88 56.90
N ASP D 205 -88.51 -28.12 57.57
CA ASP D 205 -89.90 -28.57 57.75
C ASP D 205 -90.72 -28.35 56.50
N CYS D 206 -90.56 -27.19 55.86
CA CYS D 206 -91.25 -26.87 54.62
C CYS D 206 -90.41 -25.87 53.83
N ALA D 207 -90.59 -25.87 52.51
CA ALA D 207 -89.77 -25.06 51.62
C ALA D 207 -90.60 -24.71 50.38
N PHE D 208 -91.05 -23.46 50.31
CA PHE D 208 -91.71 -22.95 49.13
C PHE D 208 -90.65 -22.56 48.09
N MET D 209 -91.02 -22.69 46.81
CA MET D 209 -90.09 -22.58 45.69
C MET D 209 -90.57 -21.55 44.68
N VAL D 210 -89.60 -20.94 44.01
CA VAL D 210 -89.81 -19.93 42.97
C VAL D 210 -88.91 -20.28 41.80
N ASP D 211 -89.34 -19.90 40.60
CA ASP D 211 -88.64 -20.19 39.35
C ASP D 211 -88.36 -18.89 38.60
N ASN D 212 -87.46 -18.96 37.62
CA ASN D 212 -86.98 -17.81 36.88
C ASN D 212 -87.84 -17.45 35.68
N GLU D 213 -88.03 -18.38 34.73
CA GLU D 213 -88.84 -18.08 33.55
C GLU D 213 -90.33 -18.12 33.84
N ALA D 214 -90.76 -18.83 34.89
CA ALA D 214 -92.18 -18.89 35.21
C ALA D 214 -92.70 -17.53 35.65
N ILE D 215 -91.99 -16.87 36.56
CA ILE D 215 -92.42 -15.56 37.03
C ILE D 215 -92.30 -14.52 35.91
N TYR D 216 -91.37 -14.71 34.98
CA TYR D 216 -91.35 -13.86 33.78
C TYR D 216 -92.60 -14.07 32.95
N ASP D 217 -93.12 -15.30 32.91
CA ASP D 217 -94.32 -15.58 32.15
C ASP D 217 -95.55 -14.93 32.77
N ILE D 218 -95.53 -14.70 34.09
CA ILE D 218 -96.66 -14.05 34.76
C ILE D 218 -96.78 -12.60 34.29
N CYS D 219 -95.68 -11.86 34.35
CA CYS D 219 -95.70 -10.45 33.96
C CYS D 219 -95.73 -10.24 32.45
N ARG D 220 -95.43 -11.26 31.65
CA ARG D 220 -95.47 -11.15 30.20
C ARG D 220 -96.90 -11.18 29.67
N ARG D 221 -97.68 -12.18 30.09
CA ARG D 221 -99.03 -12.35 29.56
C ARG D 221 -100.02 -11.43 30.23
N ASN D 222 -100.16 -11.54 31.56
CA ASN D 222 -101.20 -10.82 32.28
C ASN D 222 -100.83 -9.36 32.54
N LEU D 223 -99.61 -9.08 32.98
CA LEU D 223 -99.18 -7.72 33.29
C LEU D 223 -98.57 -6.97 32.11
N ASP D 224 -98.41 -7.64 30.94
CA ASP D 224 -97.95 -7.07 29.67
C ASP D 224 -96.68 -6.21 29.78
N ILE D 225 -95.80 -6.56 30.71
CA ILE D 225 -94.51 -5.90 30.88
C ILE D 225 -93.53 -6.67 30.00
N GLU D 226 -93.25 -6.14 28.80
CA GLU D 226 -92.37 -6.80 27.86
C GLU D 226 -90.89 -6.64 28.21
N ARG D 227 -90.53 -5.71 29.09
CA ARG D 227 -89.14 -5.49 29.53
C ARG D 227 -89.11 -5.36 31.05
N PRO D 228 -89.29 -6.46 31.78
CA PRO D 228 -89.19 -6.41 33.24
C PRO D 228 -87.76 -6.61 33.72
N THR D 229 -87.58 -6.44 35.04
CA THR D 229 -86.30 -6.62 35.71
C THR D 229 -86.53 -7.33 37.04
N TYR D 230 -85.43 -7.65 37.73
CA TYR D 230 -85.55 -8.33 39.02
C TYR D 230 -86.20 -7.44 40.07
N THR D 231 -86.13 -6.12 39.91
CA THR D 231 -86.85 -5.22 40.82
C THR D 231 -88.35 -5.43 40.73
N ASN D 232 -88.86 -5.67 39.52
CA ASN D 232 -90.29 -5.93 39.36
C ASN D 232 -90.66 -7.33 39.83
N LEU D 233 -89.77 -8.31 39.67
CA LEU D 233 -90.06 -9.68 40.09
C LEU D 233 -90.20 -9.77 41.60
N ASN D 234 -89.37 -9.05 42.34
CA ASN D 234 -89.39 -9.14 43.80
C ASN D 234 -90.62 -8.46 44.40
N ARG D 235 -91.29 -7.57 43.67
CA ARG D 235 -92.47 -6.91 44.21
C ARG D 235 -93.61 -7.89 44.41
N LEU D 236 -93.97 -8.64 43.38
CA LEU D 236 -95.03 -9.63 43.52
C LEU D 236 -94.63 -10.79 44.43
N ILE D 237 -93.33 -11.06 44.56
CA ILE D 237 -92.87 -12.03 45.55
C ILE D 237 -93.08 -11.48 46.94
N SER D 238 -92.88 -10.17 47.11
CA SER D 238 -93.15 -9.54 48.41
C SER D 238 -94.64 -9.60 48.74
N GLN D 239 -95.50 -9.52 47.72
CA GLN D 239 -96.93 -9.66 47.95
C GLN D 239 -97.28 -11.07 48.44
N ILE D 240 -96.53 -12.07 47.98
CA ILE D 240 -96.80 -13.45 48.39
C ILE D 240 -96.40 -13.64 49.86
N VAL D 241 -95.14 -13.35 50.18
CA VAL D 241 -94.63 -13.60 51.53
C VAL D 241 -95.20 -12.66 52.56
N SER D 242 -95.71 -11.49 52.16
CA SER D 242 -96.42 -10.61 53.07
C SER D 242 -97.85 -11.04 53.30
N SER D 243 -98.48 -11.67 52.31
CA SER D 243 -99.87 -12.10 52.44
C SER D 243 -99.99 -13.35 53.31
N ILE D 244 -99.00 -14.25 53.30
CA ILE D 244 -99.07 -15.43 54.15
C ILE D 244 -98.94 -15.06 55.63
N THR D 245 -98.11 -14.08 55.96
CA THR D 245 -97.97 -13.58 57.33
C THR D 245 -98.92 -12.43 57.64
N ALA D 246 -99.87 -12.12 56.75
CA ALA D 246 -100.84 -11.05 57.02
C ALA D 246 -101.88 -11.44 58.07
N SER D 247 -102.04 -12.73 58.36
CA SER D 247 -103.03 -13.15 59.36
C SER D 247 -102.58 -12.78 60.76
N LEU D 248 -101.30 -12.96 61.07
CA LEU D 248 -100.79 -12.63 62.40
C LEU D 248 -100.64 -11.14 62.62
N ARG D 249 -100.45 -10.35 61.55
CA ARG D 249 -100.29 -8.92 61.70
C ARG D 249 -101.64 -8.24 61.97
N PHE D 250 -102.57 -8.34 61.03
CA PHE D 250 -103.88 -7.72 61.10
C PHE D 250 -104.93 -8.74 61.52
N ASP D 251 -106.05 -8.23 62.01
CA ASP D 251 -107.15 -9.08 62.44
C ASP D 251 -107.85 -9.68 61.23
N GLY D 252 -108.30 -10.93 61.38
CA GLY D 252 -108.97 -11.65 60.30
C GLY D 252 -110.14 -12.45 60.83
N ALA D 253 -111.05 -12.79 59.92
CA ALA D 253 -112.20 -13.60 60.28
C ALA D 253 -111.81 -15.03 60.63
N LEU D 254 -110.74 -15.55 60.01
CA LEU D 254 -110.21 -16.89 60.29
C LEU D 254 -108.69 -16.73 60.34
N ASN D 255 -108.17 -16.49 61.54
CA ASN D 255 -106.75 -16.25 61.71
C ASN D 255 -105.98 -17.56 61.63
N VAL D 256 -104.90 -17.55 60.84
CA VAL D 256 -103.98 -18.67 60.69
C VAL D 256 -102.59 -18.20 61.08
N ASP D 257 -101.77 -19.15 61.53
CA ASP D 257 -100.42 -18.91 62.02
C ASP D 257 -99.41 -19.70 61.18
N LEU D 258 -98.14 -19.47 61.47
CA LEU D 258 -97.06 -20.11 60.72
C LEU D 258 -96.99 -21.61 60.93
N THR D 259 -97.51 -22.12 62.06
CA THR D 259 -97.50 -23.56 62.31
C THR D 259 -98.52 -24.31 61.46
N GLU D 260 -99.48 -23.62 60.83
CA GLU D 260 -100.42 -24.29 59.94
C GLU D 260 -99.73 -24.83 58.69
N PHE D 261 -98.65 -24.18 58.25
CA PHE D 261 -97.93 -24.63 57.06
C PHE D 261 -97.18 -25.94 57.26
N GLN D 262 -96.98 -26.39 58.50
CA GLN D 262 -96.33 -27.67 58.78
C GLN D 262 -97.34 -28.81 58.86
N THR D 263 -98.51 -28.56 59.45
CA THR D 263 -99.48 -29.62 59.68
C THR D 263 -100.28 -29.94 58.42
N ASN D 264 -100.73 -28.92 57.70
CA ASN D 264 -101.68 -29.09 56.62
C ASN D 264 -101.03 -29.40 55.27
N LEU D 265 -99.71 -29.20 55.12
CA LEU D 265 -99.02 -29.30 53.84
C LEU D 265 -97.95 -30.39 53.79
N VAL D 266 -97.45 -30.87 54.93
CA VAL D 266 -96.38 -31.84 55.01
C VAL D 266 -97.00 -33.19 55.39
N PRO D 267 -97.40 -34.06 54.43
CA PRO D 267 -97.96 -35.35 54.82
C PRO D 267 -96.92 -36.33 55.37
N TYR D 268 -95.66 -36.17 54.96
CA TYR D 268 -94.55 -37.01 55.39
C TYR D 268 -93.35 -36.10 55.63
N PRO D 269 -92.45 -36.44 56.57
CA PRO D 269 -91.41 -35.46 56.96
C PRO D 269 -90.36 -35.21 55.89
N ARG D 270 -90.19 -36.12 54.92
CA ARG D 270 -89.23 -35.97 53.83
C ARG D 270 -89.85 -35.57 52.50
N ILE D 271 -91.18 -35.38 52.44
CA ILE D 271 -91.86 -34.80 51.29
C ILE D 271 -92.42 -33.46 51.75
N HIS D 272 -91.65 -32.39 51.53
CA HIS D 272 -91.89 -31.07 52.11
C HIS D 272 -91.63 -29.99 51.07
N PHE D 273 -92.22 -30.14 49.87
CA PHE D 273 -92.00 -29.26 48.73
C PHE D 273 -93.33 -28.79 48.14
N PRO D 274 -93.94 -27.74 48.71
CA PRO D 274 -95.11 -27.14 48.06
C PRO D 274 -94.74 -26.22 46.90
N LEU D 275 -95.74 -25.93 46.08
CA LEU D 275 -95.64 -24.96 45.00
C LEU D 275 -96.06 -23.58 45.52
N ALA D 276 -96.02 -22.59 44.62
CA ALA D 276 -96.35 -21.21 44.96
C ALA D 276 -96.98 -20.52 43.75
N THR D 277 -98.01 -19.72 44.02
CA THR D 277 -98.68 -18.95 42.99
C THR D 277 -99.41 -17.79 43.65
N TYR D 278 -99.93 -16.89 42.82
CA TYR D 278 -100.58 -15.68 43.30
C TYR D 278 -101.56 -15.19 42.24
N ALA D 279 -102.64 -14.57 42.70
CA ALA D 279 -103.62 -13.96 41.81
C ALA D 279 -104.41 -12.94 42.61
N PRO D 280 -104.97 -11.89 41.97
CA PRO D 280 -104.94 -11.50 40.55
C PRO D 280 -103.73 -10.63 40.21
N VAL D 281 -103.07 -10.96 39.10
CA VAL D 281 -102.00 -10.13 38.53
C VAL D 281 -102.59 -9.38 37.34
N ILE D 282 -102.70 -8.06 37.48
CA ILE D 282 -103.38 -7.23 36.50
C ILE D 282 -102.79 -5.84 36.56
N SER D 283 -102.70 -5.18 35.41
CA SER D 283 -102.10 -3.87 35.28
C SER D 283 -103.11 -2.79 35.66
N ALA D 284 -102.69 -1.52 35.58
CA ALA D 284 -103.55 -0.43 36.00
C ALA D 284 -104.73 -0.25 35.05
N GLU D 285 -104.45 -0.06 33.75
CA GLU D 285 -105.51 0.12 32.77
C GLU D 285 -106.39 -1.13 32.63
N LYS D 286 -105.85 -2.32 32.87
CA LYS D 286 -106.63 -3.55 32.80
C LYS D 286 -107.42 -3.82 34.08
N ALA D 287 -107.07 -3.19 35.20
CA ALA D 287 -107.80 -3.44 36.44
C ALA D 287 -109.22 -2.91 36.37
N TYR D 288 -109.41 -1.74 35.77
CA TYR D 288 -110.72 -1.11 35.70
C TYR D 288 -111.66 -1.80 34.72
N HIS D 289 -111.12 -2.48 33.70
CA HIS D 289 -111.94 -3.21 32.73
C HIS D 289 -112.25 -4.63 33.17
N GLU D 290 -111.39 -5.25 33.97
CA GLU D 290 -111.58 -6.62 34.42
C GLU D 290 -112.37 -6.64 35.72
N GLN D 291 -113.31 -7.59 35.82
CA GLN D 291 -114.13 -7.72 37.02
C GLN D 291 -113.33 -8.42 38.11
N LEU D 292 -113.54 -7.98 39.36
CA LEU D 292 -112.81 -8.48 40.52
C LEU D 292 -113.78 -9.20 41.45
N SER D 293 -113.67 -10.53 41.51
CA SER D 293 -114.41 -11.34 42.47
C SER D 293 -113.62 -12.61 42.75
N VAL D 294 -114.10 -13.44 43.67
CA VAL D 294 -113.37 -14.66 44.02
C VAL D 294 -113.48 -15.75 42.97
N ALA D 295 -114.54 -15.75 42.15
CA ALA D 295 -114.77 -16.83 41.21
C ALA D 295 -113.72 -16.84 40.11
N GLU D 296 -113.42 -15.67 39.55
CA GLU D 296 -112.48 -15.62 38.43
C GLU D 296 -111.04 -15.83 38.87
N ILE D 297 -110.67 -15.35 40.06
CA ILE D 297 -109.30 -15.54 40.56
C ILE D 297 -109.10 -16.94 41.12
N THR D 298 -110.16 -17.58 41.62
CA THR D 298 -110.03 -18.97 42.07
C THR D 298 -109.71 -19.90 40.91
N ASN D 299 -110.23 -19.60 39.72
CA ASN D 299 -109.86 -20.34 38.53
C ASN D 299 -108.49 -19.93 37.99
N ALA D 300 -108.02 -18.72 38.31
CA ALA D 300 -106.76 -18.24 37.77
C ALA D 300 -105.57 -18.88 38.46
N CYS D 301 -105.63 -19.06 39.78
CA CYS D 301 -104.52 -19.66 40.50
C CYS D 301 -104.36 -21.15 40.20
N PHE D 302 -105.46 -21.85 39.96
CA PHE D 302 -105.40 -23.24 39.52
C PHE D 302 -105.07 -23.39 38.04
N GLU D 303 -105.02 -22.30 37.28
CA GLU D 303 -104.58 -22.37 35.90
C GLU D 303 -103.11 -22.79 35.85
N PRO D 304 -102.70 -23.73 34.99
CA PRO D 304 -101.34 -24.27 35.13
C PRO D 304 -100.25 -23.28 34.75
N ALA D 305 -100.46 -22.45 33.74
CA ALA D 305 -99.47 -21.47 33.32
C ALA D 305 -99.38 -20.26 34.25
N ASN D 306 -100.31 -20.11 35.22
CA ASN D 306 -100.29 -19.01 36.17
C ASN D 306 -99.49 -19.33 37.44
N GLN D 307 -98.68 -20.38 37.44
CA GLN D 307 -97.86 -20.75 38.58
C GLN D 307 -96.46 -20.15 38.45
N MET D 308 -95.74 -20.15 39.58
CA MET D 308 -94.37 -19.67 39.65
C MET D 308 -93.35 -20.78 39.42
N VAL D 309 -93.71 -21.84 38.72
CA VAL D 309 -92.80 -22.94 38.43
C VAL D 309 -93.28 -23.62 37.15
N LYS D 310 -92.35 -23.88 36.24
CA LYS D 310 -92.66 -24.55 34.98
C LYS D 310 -92.88 -26.03 35.32
N CYS D 311 -94.13 -26.37 35.57
CA CYS D 311 -94.50 -27.72 35.98
C CYS D 311 -95.99 -27.91 35.72
N ASP D 312 -96.33 -29.06 35.15
CA ASP D 312 -97.70 -29.36 34.76
C ASP D 312 -98.41 -30.00 35.95
N PRO D 313 -99.39 -29.35 36.61
CA PRO D 313 -100.10 -30.05 37.68
C PRO D 313 -101.01 -31.17 37.20
N ARG D 314 -101.36 -31.21 35.91
CA ARG D 314 -102.19 -32.30 35.41
C ARG D 314 -101.46 -33.63 35.45
N HIS D 315 -100.12 -33.62 35.34
CA HIS D 315 -99.37 -34.86 35.37
C HIS D 315 -99.41 -35.51 36.74
N GLY D 316 -99.36 -34.72 37.81
CA GLY D 316 -99.34 -35.22 39.17
C GLY D 316 -100.68 -35.16 39.87
N LYS D 317 -100.67 -35.26 41.19
CA LYS D 317 -101.86 -35.19 42.02
C LYS D 317 -101.55 -34.34 43.25
N TYR D 318 -102.44 -33.41 43.55
CA TYR D 318 -102.25 -32.52 44.69
C TYR D 318 -102.38 -33.31 45.99
N MET D 319 -101.32 -33.33 46.79
CA MET D 319 -101.37 -33.98 48.10
C MET D 319 -102.17 -33.14 49.09
N ALA D 320 -101.95 -31.82 49.09
CA ALA D 320 -102.65 -30.92 49.97
C ALA D 320 -102.64 -29.53 49.34
N CYS D 321 -103.62 -28.71 49.72
CA CYS D 321 -103.78 -27.36 49.19
C CYS D 321 -104.19 -26.42 50.31
N CYS D 322 -103.61 -25.23 50.31
CA CYS D 322 -103.89 -24.18 51.27
C CYS D 322 -104.21 -22.89 50.52
N LEU D 323 -105.19 -22.14 51.06
CA LEU D 323 -105.66 -20.89 50.47
C LEU D 323 -105.64 -19.82 51.54
N LEU D 324 -105.22 -18.62 51.17
CA LEU D 324 -105.20 -17.46 52.05
C LEU D 324 -105.62 -16.23 51.26
N TYR D 325 -106.74 -15.63 51.67
CA TYR D 325 -107.34 -14.49 50.99
C TYR D 325 -107.12 -13.22 51.79
N ARG D 326 -107.32 -12.08 51.13
CA ARG D 326 -107.20 -10.76 51.74
C ARG D 326 -108.33 -9.88 51.23
N GLY D 327 -108.65 -8.85 52.02
CA GLY D 327 -109.65 -7.88 51.63
C GLY D 327 -111.06 -8.30 52.00
N ASP D 328 -112.02 -7.61 51.38
CA ASP D 328 -113.45 -7.83 51.64
C ASP D 328 -113.91 -9.04 50.82
N VAL D 329 -113.67 -10.21 51.38
CA VAL D 329 -114.07 -11.50 50.81
C VAL D 329 -114.95 -12.20 51.84
N VAL D 330 -116.23 -12.30 51.56
CA VAL D 330 -117.19 -12.94 52.47
C VAL D 330 -117.03 -14.46 52.32
N PRO D 331 -117.41 -15.28 53.32
CA PRO D 331 -117.16 -16.72 53.22
C PRO D 331 -118.16 -17.49 52.38
N LYS D 332 -119.13 -16.82 51.76
CA LYS D 332 -120.13 -17.49 50.96
C LYS D 332 -119.60 -17.82 49.56
N ASP D 333 -119.28 -16.79 48.78
CA ASP D 333 -118.87 -17.00 47.40
C ASP D 333 -117.51 -17.67 47.28
N VAL D 334 -116.67 -17.61 48.32
CA VAL D 334 -115.38 -18.30 48.28
C VAL D 334 -115.59 -19.80 48.47
N ASN D 335 -116.60 -20.20 49.25
CA ASN D 335 -116.87 -21.62 49.45
C ASN D 335 -117.55 -22.22 48.22
N ALA D 336 -118.38 -21.44 47.53
CA ALA D 336 -118.98 -21.91 46.29
C ALA D 336 -117.94 -22.05 45.19
N ALA D 337 -116.91 -21.22 45.22
CA ALA D 337 -115.86 -21.29 44.20
C ALA D 337 -115.05 -22.58 44.32
N ILE D 338 -114.59 -22.90 45.52
CA ILE D 338 -113.78 -24.11 45.71
C ILE D 338 -114.62 -25.36 45.48
N ALA D 339 -115.93 -25.29 45.73
CA ALA D 339 -116.81 -26.42 45.44
C ALA D 339 -116.85 -26.70 43.93
N ALA D 340 -116.75 -25.67 43.11
CA ALA D 340 -116.67 -25.88 41.66
C ALA D 340 -115.34 -26.49 41.26
N ILE D 341 -114.28 -26.27 42.04
CA ILE D 341 -112.98 -26.87 41.73
C ILE D 341 -113.01 -28.37 42.03
N LYS D 342 -113.81 -28.79 43.01
CA LYS D 342 -113.84 -30.21 43.37
C LYS D 342 -114.47 -31.04 42.28
N THR D 343 -115.56 -30.57 41.67
CA THR D 343 -116.23 -31.29 40.59
C THR D 343 -115.57 -31.08 39.23
N LYS D 344 -114.68 -30.09 39.10
CA LYS D 344 -113.95 -29.90 37.85
C LYS D 344 -112.91 -30.99 37.70
N ARG D 345 -113.05 -31.81 36.65
CA ARG D 345 -112.17 -32.93 36.41
C ARG D 345 -110.93 -32.57 35.57
N SER D 346 -110.69 -31.28 35.31
CA SER D 346 -109.47 -30.89 34.63
C SER D 346 -108.24 -31.19 35.49
N ILE D 347 -108.37 -31.06 36.81
CA ILE D 347 -107.35 -31.44 37.78
C ILE D 347 -107.90 -32.58 38.62
N GLN D 348 -106.99 -33.40 39.14
CA GLN D 348 -107.32 -34.60 39.91
C GLN D 348 -106.54 -34.60 41.22
N PHE D 349 -107.27 -34.80 42.31
CA PHE D 349 -106.69 -34.91 43.65
C PHE D 349 -106.41 -36.36 43.97
N VAL D 350 -105.45 -36.57 44.86
CA VAL D 350 -105.03 -37.91 45.25
C VAL D 350 -106.03 -38.47 46.26
N ASP D 351 -106.18 -39.80 46.23
CA ASP D 351 -107.10 -40.48 47.15
C ASP D 351 -106.61 -40.47 48.60
N TRP D 352 -105.32 -40.18 48.85
CA TRP D 352 -104.80 -40.18 50.21
C TRP D 352 -105.19 -38.94 51.01
N CYS D 353 -105.81 -37.94 50.38
CA CYS D 353 -106.23 -36.72 51.08
C CYS D 353 -107.42 -36.12 50.32
N PRO D 354 -108.64 -36.64 50.49
CA PRO D 354 -109.78 -36.06 49.77
C PRO D 354 -110.10 -34.64 50.19
N THR D 355 -110.07 -34.35 51.49
CA THR D 355 -110.42 -33.03 52.02
C THR D 355 -109.15 -32.18 52.19
N GLY D 356 -108.40 -32.09 51.10
CA GLY D 356 -107.14 -31.36 51.09
C GLY D 356 -107.32 -29.89 50.78
N PHE D 357 -108.05 -29.18 51.64
CA PHE D 357 -108.30 -27.75 51.48
C PHE D 357 -108.18 -27.07 52.84
N LYS D 358 -107.37 -26.01 52.90
CA LYS D 358 -107.19 -25.17 54.09
C LYS D 358 -107.44 -23.73 53.67
N VAL D 359 -108.59 -23.18 54.08
CA VAL D 359 -109.04 -21.86 53.67
C VAL D 359 -108.68 -20.86 54.75
N GLY D 360 -108.30 -19.67 54.33
CA GLY D 360 -107.98 -18.59 55.26
C GLY D 360 -108.44 -17.26 54.70
N ILE D 361 -108.64 -16.29 55.59
CA ILE D 361 -109.18 -14.99 55.21
C ILE D 361 -108.63 -13.95 56.19
N ASN D 362 -108.20 -12.81 55.65
CA ASN D 362 -107.79 -11.65 56.42
C ASN D 362 -108.54 -10.42 55.93
N TYR D 363 -108.90 -9.54 56.87
CA TYR D 363 -109.67 -8.35 56.53
C TYR D 363 -108.84 -7.27 55.87
N GLN D 364 -107.55 -7.17 56.17
CA GLN D 364 -106.74 -6.09 55.62
C GLN D 364 -106.49 -6.34 54.13
N PRO D 365 -106.74 -5.37 53.25
CA PRO D 365 -106.72 -5.68 51.82
C PRO D 365 -105.31 -5.66 51.26
N PRO D 366 -105.10 -6.06 50.01
CA PRO D 366 -103.77 -5.92 49.40
C PRO D 366 -103.45 -4.46 49.16
N THR D 367 -102.26 -4.04 49.59
CA THR D 367 -101.79 -2.68 49.39
C THR D 367 -101.22 -2.54 47.98
N VAL D 368 -100.60 -1.38 47.72
CA VAL D 368 -99.93 -1.12 46.45
C VAL D 368 -98.78 -0.17 46.71
N VAL D 369 -97.67 -0.38 46.00
CA VAL D 369 -96.47 0.43 46.18
C VAL D 369 -96.62 1.70 45.32
N PRO D 370 -96.14 2.87 45.76
CA PRO D 370 -96.16 4.02 44.84
C PRO D 370 -95.20 3.81 43.68
N GLY D 371 -95.74 3.86 42.47
CA GLY D 371 -94.95 3.62 41.27
C GLY D 371 -94.73 2.18 40.92
N GLY D 372 -95.40 1.23 41.60
CA GLY D 372 -95.19 -0.17 41.33
C GLY D 372 -95.91 -0.64 40.07
N ASP D 373 -95.51 -1.83 39.62
CA ASP D 373 -96.09 -2.39 38.41
C ASP D 373 -97.48 -2.97 38.65
N LEU D 374 -97.74 -3.50 39.85
CA LEU D 374 -99.04 -4.05 40.17
C LEU D 374 -100.02 -2.94 40.52
N ALA D 375 -101.29 -3.18 40.23
CA ALA D 375 -102.37 -2.23 40.47
C ALA D 375 -103.07 -2.55 41.78
N LYS D 376 -103.88 -1.60 42.24
CA LYS D 376 -104.63 -1.78 43.48
C LYS D 376 -105.83 -2.68 43.22
N VAL D 377 -106.03 -3.66 44.10
CA VAL D 377 -107.13 -4.61 44.00
C VAL D 377 -107.77 -4.75 45.37
N GLN D 378 -109.10 -4.90 45.37
CA GLN D 378 -109.85 -5.03 46.62
C GLN D 378 -109.80 -6.44 47.21
N ARG D 379 -109.21 -7.41 46.52
CA ARG D 379 -109.09 -8.77 47.05
C ARG D 379 -107.94 -9.47 46.36
N ALA D 380 -107.45 -10.53 46.98
CA ALA D 380 -106.33 -11.29 46.44
C ALA D 380 -106.34 -12.68 47.04
N VAL D 381 -105.47 -13.54 46.50
CA VAL D 381 -105.34 -14.92 46.96
C VAL D 381 -103.94 -15.41 46.63
N CYS D 382 -103.41 -16.26 47.51
CA CYS D 382 -102.13 -16.93 47.32
C CYS D 382 -102.29 -18.38 47.74
N MET D 383 -101.96 -19.30 46.84
CA MET D 383 -102.15 -20.73 47.04
C MET D 383 -100.79 -21.41 47.18
N LEU D 384 -100.63 -22.15 48.28
CA LEU D 384 -99.49 -23.03 48.52
C LEU D 384 -100.06 -24.44 48.63
N SER D 385 -99.56 -25.35 47.78
CA SER D 385 -100.13 -26.68 47.63
C SER D 385 -99.02 -27.69 47.38
N ASN D 386 -99.04 -28.79 48.13
CA ASN D 386 -98.15 -29.91 47.90
C ASN D 386 -98.72 -30.80 46.79
N THR D 387 -97.84 -31.30 45.93
CA THR D 387 -98.24 -32.11 44.79
C THR D 387 -97.09 -33.03 44.41
N THR D 388 -97.44 -34.12 43.73
CA THR D 388 -96.46 -35.03 43.15
C THR D 388 -96.02 -34.60 41.75
N ALA D 389 -96.41 -33.41 41.29
CA ALA D 389 -96.02 -32.95 39.96
C ALA D 389 -94.54 -32.55 39.90
N ILE D 390 -93.93 -32.21 41.03
CA ILE D 390 -92.56 -31.70 41.02
C ILE D 390 -91.52 -32.82 40.98
N ALA D 391 -91.95 -34.09 40.87
CA ALA D 391 -90.98 -35.17 40.76
C ALA D 391 -90.24 -35.14 39.43
N GLU D 392 -90.92 -34.68 38.37
CA GLU D 392 -90.27 -34.62 37.06
C GLU D 392 -89.17 -33.57 37.03
N ALA D 393 -89.31 -32.50 37.82
CA ALA D 393 -88.25 -31.50 37.90
C ALA D 393 -87.01 -32.08 38.59
N TRP D 394 -87.21 -32.83 39.68
CA TRP D 394 -86.10 -33.54 40.30
C TRP D 394 -85.54 -34.61 39.38
N ALA D 395 -86.39 -35.24 38.57
CA ALA D 395 -85.89 -36.14 37.54
C ALA D 395 -85.12 -35.38 36.48
N ARG D 396 -85.55 -34.16 36.14
CA ARG D 396 -84.82 -33.36 35.17
C ARG D 396 -83.49 -32.89 35.73
N LEU D 397 -83.49 -32.39 36.97
CA LEU D 397 -82.25 -31.96 37.60
C LEU D 397 -81.30 -33.13 37.82
N ASP D 398 -81.84 -34.28 38.22
CA ASP D 398 -81.01 -35.46 38.40
C ASP D 398 -80.52 -36.00 37.07
N HIS D 399 -81.33 -35.87 36.01
CA HIS D 399 -80.93 -36.36 34.69
C HIS D 399 -79.75 -35.58 34.13
N LYS D 400 -79.82 -34.24 34.17
CA LYS D 400 -78.74 -33.43 33.66
C LYS D 400 -77.48 -33.54 34.52
N PHE D 401 -77.63 -33.78 35.82
CA PHE D 401 -76.50 -33.99 36.70
C PHE D 401 -75.71 -35.24 36.33
N ASP D 402 -76.39 -36.29 35.87
CA ASP D 402 -75.68 -37.50 35.47
C ASP D 402 -74.83 -37.28 34.23
N LEU D 403 -75.24 -36.36 33.36
CA LEU D 403 -74.44 -36.07 32.17
C LEU D 403 -73.11 -35.43 32.54
N MET D 404 -73.14 -34.48 33.48
CA MET D 404 -71.91 -33.82 33.91
C MET D 404 -71.12 -34.69 34.88
N TYR D 405 -71.81 -35.46 35.73
CA TYR D 405 -71.13 -36.32 36.68
C TYR D 405 -70.40 -37.46 35.97
N ALA D 406 -70.93 -37.94 34.85
CA ALA D 406 -70.27 -39.00 34.10
C ALA D 406 -68.93 -38.55 33.54
N LYS D 407 -68.82 -37.28 33.13
CA LYS D 407 -67.56 -36.70 32.66
C LYS D 407 -66.75 -36.03 33.77
N ARG D 408 -67.24 -36.03 35.03
CA ARG D 408 -66.55 -35.41 36.15
C ARG D 408 -66.34 -33.92 35.91
N ALA D 409 -67.36 -33.26 35.40
CA ALA D 409 -67.28 -31.85 35.04
C ALA D 409 -67.40 -30.97 36.27
N PHE D 410 -66.55 -29.96 36.35
CA PHE D 410 -66.57 -28.95 37.42
C PHE D 410 -66.35 -29.55 38.80
N VAL D 411 -65.65 -30.69 38.88
CA VAL D 411 -65.45 -31.39 40.14
C VAL D 411 -64.17 -30.93 40.84
N HIS D 412 -63.15 -30.52 40.08
CA HIS D 412 -61.87 -30.17 40.69
C HIS D 412 -61.94 -28.94 41.57
N TRP D 413 -62.93 -28.06 41.36
CA TRP D 413 -63.10 -26.91 42.24
C TRP D 413 -63.64 -27.31 43.61
N TYR D 414 -64.56 -28.28 43.65
CA TYR D 414 -65.15 -28.69 44.93
C TYR D 414 -64.13 -29.45 45.77
N VAL D 415 -63.40 -30.39 45.17
CA VAL D 415 -62.37 -31.13 45.91
C VAL D 415 -61.19 -30.25 46.27
N GLY D 416 -60.94 -29.18 45.50
CA GLY D 416 -59.95 -28.20 45.90
C GLY D 416 -60.31 -27.43 47.14
N GLU D 417 -61.60 -27.36 47.49
CA GLU D 417 -62.05 -26.71 48.70
C GLU D 417 -61.89 -27.57 49.95
N GLY D 418 -61.95 -28.90 49.80
CA GLY D 418 -61.79 -29.83 50.90
C GLY D 418 -62.66 -31.07 50.85
N MET D 419 -63.61 -31.12 49.91
CA MET D 419 -64.51 -32.27 49.79
C MET D 419 -63.85 -33.35 48.93
N GLU D 420 -64.59 -34.42 48.66
CA GLU D 420 -64.10 -35.59 47.93
C GLU D 420 -65.20 -36.05 46.99
N GLU D 421 -65.02 -37.25 46.42
CA GLU D 421 -66.02 -37.83 45.51
C GLU D 421 -67.15 -38.54 46.25
N GLY D 422 -66.96 -38.85 47.54
CA GLY D 422 -67.93 -39.68 48.24
C GLY D 422 -69.27 -39.00 48.44
N GLU D 423 -69.26 -37.78 48.98
CA GLU D 423 -70.51 -37.08 49.27
C GLU D 423 -71.27 -36.68 48.01
N PHE D 424 -70.59 -36.59 46.87
CA PHE D 424 -71.30 -36.45 45.60
C PHE D 424 -72.18 -37.67 45.35
N SER D 425 -71.70 -38.86 45.70
CA SER D 425 -72.52 -40.06 45.60
C SER D 425 -73.67 -40.04 46.58
N GLU D 426 -73.45 -39.50 47.79
CA GLU D 426 -74.54 -39.36 48.75
C GLU D 426 -75.58 -38.36 48.27
N ALA D 427 -75.14 -37.29 47.62
CA ALA D 427 -76.08 -36.32 47.06
C ALA D 427 -76.88 -36.91 45.92
N ARG D 428 -76.27 -37.81 45.14
CA ARG D 428 -76.99 -38.44 44.03
C ARG D 428 -78.04 -39.41 44.55
N GLU D 429 -77.65 -40.32 45.44
CA GLU D 429 -78.57 -41.33 45.92
C GLU D 429 -79.66 -40.76 46.81
N ASP D 430 -79.40 -39.64 47.49
CA ASP D 430 -80.43 -39.04 48.34
C ASP D 430 -81.57 -38.47 47.50
N MET D 431 -81.24 -37.85 46.37
CA MET D 431 -82.28 -37.43 45.44
C MET D 431 -82.94 -38.63 44.76
N ALA D 432 -82.16 -39.70 44.52
CA ALA D 432 -82.75 -40.93 43.98
C ALA D 432 -83.72 -41.55 44.98
N ALA D 433 -83.45 -41.41 46.28
CA ALA D 433 -84.40 -41.84 47.28
C ALA D 433 -85.68 -41.02 47.23
N LEU D 434 -85.58 -39.74 46.86
CA LEU D 434 -86.76 -38.87 46.82
C LEU D 434 -87.68 -39.25 45.67
N GLU D 435 -87.12 -39.68 44.53
CA GLU D 435 -87.94 -40.02 43.37
C GLU D 435 -88.78 -41.27 43.63
N LYS D 436 -88.18 -42.29 44.25
CA LYS D 436 -88.94 -43.49 44.57
C LYS D 436 -90.00 -43.22 45.64
N ASP D 437 -89.78 -42.21 46.49
CA ASP D 437 -90.81 -41.81 47.44
C ASP D 437 -91.93 -41.03 46.75
N TYR D 438 -91.59 -40.25 45.71
CA TYR D 438 -92.61 -39.46 45.02
C TYR D 438 -93.50 -40.32 44.14
N GLU D 439 -92.94 -41.36 43.51
CA GLU D 439 -93.76 -42.28 42.72
C GLU D 439 -94.54 -43.25 43.61
N GLU D 440 -94.04 -43.54 44.81
CA GLU D 440 -94.78 -44.40 45.72
C GLU D 440 -95.96 -43.64 46.34
N VAL D 441 -95.71 -42.43 46.85
CA VAL D 441 -96.78 -41.64 47.45
C VAL D 441 -97.80 -41.19 46.41
N GLY D 442 -97.42 -41.07 45.14
CA GLY D 442 -98.33 -40.69 44.08
C GLY D 442 -99.25 -41.78 43.57
N ILE D 443 -99.24 -42.96 44.17
CA ILE D 443 -100.11 -44.06 43.73
C ILE D 443 -101.53 -43.72 44.12
N MET E 1 -61.10 -4.36 50.46
CA MET E 1 -62.07 -5.44 50.14
C MET E 1 -61.78 -6.03 48.76
N ARG E 2 -61.11 -7.19 48.75
CA ARG E 2 -60.88 -7.97 47.54
C ARG E 2 -60.02 -7.20 46.53
N GLU E 3 -58.88 -6.71 47.00
CA GLU E 3 -57.99 -5.96 46.15
C GLU E 3 -57.35 -6.84 45.10
N ILE E 4 -57.01 -6.23 43.96
CA ILE E 4 -56.37 -6.90 42.83
C ILE E 4 -55.05 -6.20 42.59
N VAL E 5 -53.97 -6.98 42.59
CA VAL E 5 -52.61 -6.47 42.41
C VAL E 5 -52.28 -6.56 40.92
N HIS E 6 -52.08 -5.41 40.29
CA HIS E 6 -51.75 -5.33 38.88
C HIS E 6 -50.23 -5.37 38.69
N ILE E 7 -49.80 -6.09 37.65
CA ILE E 7 -48.39 -6.30 37.36
C ILE E 7 -48.23 -6.35 35.85
N GLN E 8 -47.56 -5.32 35.31
CA GLN E 8 -47.41 -5.14 33.86
C GLN E 8 -46.03 -5.63 33.45
N ALA E 9 -45.98 -6.79 32.80
CA ALA E 9 -44.75 -7.42 32.33
C ALA E 9 -44.69 -7.35 30.82
N GLY E 10 -43.48 -7.11 30.29
CA GLY E 10 -43.27 -7.05 28.86
C GLY E 10 -43.64 -5.71 28.27
N GLN E 11 -43.25 -5.54 26.99
CA GLN E 11 -43.54 -4.30 26.30
C GLN E 11 -45.04 -4.15 26.04
N CYS E 12 -45.66 -5.17 25.47
CA CYS E 12 -47.08 -5.09 25.15
C CYS E 12 -47.93 -5.05 26.42
N GLY E 13 -47.49 -5.74 27.47
CA GLY E 13 -48.23 -5.71 28.73
C GLY E 13 -48.22 -4.33 29.36
N ASN E 14 -47.13 -3.58 29.18
CA ASN E 14 -47.08 -2.21 29.68
C ASN E 14 -48.00 -1.30 28.86
N GLN E 15 -48.12 -1.56 27.55
CA GLN E 15 -48.96 -0.72 26.72
C GLN E 15 -50.44 -0.94 27.03
N ILE E 16 -50.90 -2.19 27.00
CA ILE E 16 -52.29 -2.47 27.33
C ILE E 16 -52.57 -2.22 28.81
N GLY E 17 -51.57 -2.45 29.67
CA GLY E 17 -51.74 -2.10 31.08
C GLY E 17 -51.85 -0.60 31.28
N ALA E 18 -51.06 0.18 30.53
CA ALA E 18 -51.19 1.63 30.60
C ALA E 18 -52.55 2.08 30.06
N LYS E 19 -53.03 1.43 29.01
CA LYS E 19 -54.36 1.73 28.49
C LYS E 19 -55.45 1.22 29.43
N PHE E 20 -55.16 0.16 30.20
CA PHE E 20 -56.14 -0.37 31.14
C PHE E 20 -56.42 0.62 32.26
N TRP E 21 -55.37 1.22 32.82
CA TRP E 21 -55.57 2.27 33.82
C TRP E 21 -56.19 3.51 33.20
N GLU E 22 -55.98 3.74 31.90
CA GLU E 22 -56.54 4.92 31.25
C GLU E 22 -58.06 4.81 31.13
N VAL E 23 -58.54 3.66 30.63
CA VAL E 23 -59.96 3.56 30.32
C VAL E 23 -60.79 3.47 31.60
N ILE E 24 -60.28 2.81 32.63
CA ILE E 24 -61.02 2.71 33.89
C ILE E 24 -60.95 4.01 34.69
N SER E 25 -59.91 4.82 34.50
CA SER E 25 -59.82 6.11 35.18
C SER E 25 -60.93 7.05 34.75
N ASP E 26 -61.36 6.97 33.49
CA ASP E 26 -62.50 7.76 33.04
C ASP E 26 -63.80 7.24 33.65
N GLU E 27 -63.89 5.92 33.87
CA GLU E 27 -65.07 5.35 34.50
C GLU E 27 -65.19 5.81 35.95
N HIS E 28 -64.08 5.78 36.69
CA HIS E 28 -64.05 6.27 38.06
C HIS E 28 -63.92 7.79 38.15
N GLY E 29 -63.60 8.48 37.05
CA GLY E 29 -63.51 9.92 37.06
C GLY E 29 -62.30 10.44 37.82
N ILE E 30 -61.13 9.87 37.51
CA ILE E 30 -59.87 10.25 38.12
C ILE E 30 -59.08 11.10 37.13
N ASP E 31 -58.52 12.20 37.61
CA ASP E 31 -57.69 13.05 36.78
C ASP E 31 -56.36 12.35 36.51
N PRO E 32 -55.63 12.72 35.46
CA PRO E 32 -54.27 12.16 35.29
C PRO E 32 -53.31 12.57 36.40
N THR E 33 -53.53 13.72 37.03
CA THR E 33 -52.68 14.12 38.16
C THR E 33 -52.89 13.23 39.37
N GLY E 34 -54.09 12.68 39.54
CA GLY E 34 -54.44 11.78 40.64
C GLY E 34 -55.63 12.21 41.48
N SER E 35 -56.19 13.40 41.27
CA SER E 35 -57.33 13.89 42.03
C SER E 35 -58.64 13.45 41.37
N TYR E 36 -59.69 13.40 42.18
CA TYR E 36 -61.01 12.98 41.74
C TYR E 36 -61.80 14.17 41.20
N HIS E 37 -62.42 14.00 40.02
CA HIS E 37 -63.29 15.00 39.43
C HIS E 37 -64.52 14.36 38.80
N GLY E 38 -64.99 13.25 39.36
CA GLY E 38 -66.15 12.55 38.82
C GLY E 38 -67.45 13.21 39.24
N ASP E 39 -68.53 12.45 39.08
CA ASP E 39 -69.90 12.89 39.37
C ASP E 39 -70.65 11.96 40.32
N SER E 40 -70.44 10.65 40.21
CA SER E 40 -71.17 9.66 40.98
C SER E 40 -70.43 9.32 42.26
N ASP E 41 -71.19 9.00 43.31
CA ASP E 41 -70.63 8.57 44.57
C ASP E 41 -70.21 7.11 44.58
N LEU E 42 -70.75 6.29 43.67
CA LEU E 42 -70.36 4.88 43.59
C LEU E 42 -68.95 4.69 43.07
N GLN E 43 -68.37 5.70 42.41
CA GLN E 43 -66.99 5.60 41.95
C GLN E 43 -66.02 5.49 43.12
N LEU E 44 -66.30 6.19 44.22
CA LEU E 44 -65.51 6.08 45.44
C LEU E 44 -65.88 4.84 46.28
N GLU E 45 -66.98 4.16 45.97
CA GLU E 45 -67.39 2.99 46.74
C GLU E 45 -66.37 1.86 46.60
N ARG E 46 -65.79 1.70 45.41
CA ARG E 46 -64.85 0.63 45.10
C ARG E 46 -63.66 1.17 44.32
N ILE E 47 -63.16 2.34 44.74
CA ILE E 47 -61.90 2.86 44.22
C ILE E 47 -60.70 2.19 44.85
N ASN E 48 -60.83 1.67 46.08
CA ASN E 48 -59.75 0.97 46.74
C ASN E 48 -59.50 -0.44 46.17
N VAL E 49 -60.40 -0.96 45.33
CA VAL E 49 -60.21 -2.30 44.81
C VAL E 49 -59.04 -2.38 43.84
N TYR E 50 -58.63 -1.25 43.24
CA TYR E 50 -57.47 -1.14 42.37
C TYR E 50 -56.46 -0.08 42.82
N TYR E 51 -56.91 1.00 43.45
CA TYR E 51 -56.07 2.12 43.84
C TYR E 51 -55.83 2.08 45.35
N ASN E 52 -54.89 2.92 45.79
CA ASN E 52 -54.57 3.13 47.20
C ASN E 52 -54.79 4.59 47.56
N GLU E 53 -55.37 4.83 48.73
CA GLU E 53 -55.62 6.19 49.18
C GLU E 53 -54.32 6.85 49.62
N ALA E 54 -54.24 8.17 49.44
CA ALA E 54 -53.08 8.96 49.84
C ALA E 54 -53.52 10.34 50.30
N ALA E 55 -52.55 11.18 50.68
CA ALA E 55 -52.87 12.51 51.18
C ALA E 55 -53.38 13.40 50.06
N GLY E 56 -54.17 14.40 50.44
CA GLY E 56 -54.73 15.33 49.47
C GLY E 56 -55.76 14.73 48.55
N ASN E 57 -56.43 13.66 48.98
CA ASN E 57 -57.44 12.96 48.18
C ASN E 57 -56.87 12.46 46.85
N LYS E 58 -55.60 12.06 46.85
CA LYS E 58 -54.92 11.51 45.69
C LYS E 58 -54.95 9.99 45.76
N TYR E 59 -55.16 9.36 44.59
CA TYR E 59 -55.26 7.91 44.47
C TYR E 59 -54.18 7.42 43.51
N VAL E 60 -53.18 6.74 44.06
CA VAL E 60 -52.08 6.16 43.28
C VAL E 60 -52.53 4.77 42.84
N PRO E 61 -52.25 4.31 41.60
CA PRO E 61 -52.68 2.95 41.24
C PRO E 61 -51.74 1.89 41.79
N ARG E 62 -52.30 0.71 42.03
CA ARG E 62 -51.53 -0.44 42.52
C ARG E 62 -51.01 -1.22 41.31
N ALA E 63 -50.13 -0.55 40.56
CA ALA E 63 -49.51 -1.07 39.35
C ALA E 63 -48.03 -1.29 39.62
N ILE E 64 -47.50 -2.40 39.11
CA ILE E 64 -46.10 -2.77 39.24
C ILE E 64 -45.59 -3.02 37.82
N LEU E 65 -44.91 -2.02 37.25
CA LEU E 65 -44.39 -2.10 35.90
C LEU E 65 -43.00 -2.74 35.94
N VAL E 66 -42.85 -3.87 35.25
CA VAL E 66 -41.59 -4.61 35.16
C VAL E 66 -41.24 -4.80 33.69
N ASP E 67 -39.99 -4.52 33.37
CA ASP E 67 -39.48 -4.69 32.02
C ASP E 67 -37.96 -4.63 32.08
N LEU E 68 -37.32 -5.35 31.16
CA LEU E 68 -35.86 -5.43 31.07
C LEU E 68 -35.26 -4.42 30.10
N GLU E 69 -36.01 -3.38 29.72
CA GLU E 69 -35.60 -2.38 28.73
C GLU E 69 -36.02 -1.00 29.25
N PRO E 70 -35.09 -0.11 29.62
CA PRO E 70 -35.53 1.13 30.28
C PRO E 70 -36.24 2.12 29.36
N GLY E 71 -36.10 1.98 28.03
CA GLY E 71 -36.78 2.87 27.12
C GLY E 71 -38.29 2.74 27.15
N THR E 72 -38.79 1.56 27.52
CA THR E 72 -40.24 1.35 27.57
C THR E 72 -40.86 2.17 28.69
N MET E 73 -40.22 2.22 29.86
CA MET E 73 -40.76 2.98 30.98
C MET E 73 -40.75 4.47 30.69
N ASP E 74 -39.80 4.96 29.90
CA ASP E 74 -39.77 6.38 29.55
C ASP E 74 -40.97 6.76 28.70
N SER E 75 -41.43 5.85 27.82
CA SER E 75 -42.62 6.12 27.03
C SER E 75 -43.90 6.03 27.85
N VAL E 76 -43.94 5.11 28.81
CA VAL E 76 -45.12 4.97 29.66
C VAL E 76 -45.19 6.10 30.67
N ARG E 77 -44.04 6.50 31.22
CA ARG E 77 -44.03 7.59 32.18
C ARG E 77 -44.36 8.93 31.53
N SER E 78 -43.95 9.12 30.27
CA SER E 78 -44.23 10.34 29.53
C SER E 78 -45.58 10.30 28.80
N GLY E 79 -46.46 9.37 29.13
CA GLY E 79 -47.75 9.26 28.48
C GLY E 79 -48.76 10.22 29.07
N PRO E 80 -50.03 10.09 28.68
CA PRO E 80 -51.05 10.94 29.30
C PRO E 80 -51.25 10.66 30.77
N PHE E 81 -51.40 9.39 31.15
CA PHE E 81 -51.58 8.95 32.54
C PHE E 81 -50.29 8.40 33.13
N GLY E 82 -49.13 8.80 32.61
CA GLY E 82 -47.87 8.28 33.12
C GLY E 82 -47.45 8.84 34.47
N GLN E 83 -47.93 10.03 34.83
CA GLN E 83 -47.53 10.68 36.07
C GLN E 83 -48.29 10.16 37.29
N ILE E 84 -49.40 9.46 37.12
CA ILE E 84 -50.18 8.98 38.25
C ILE E 84 -49.54 7.76 38.93
N PHE E 85 -48.76 6.97 38.21
CA PHE E 85 -48.15 5.78 38.77
C PHE E 85 -47.10 6.16 39.82
N ARG E 86 -46.81 5.20 40.69
CA ARG E 86 -45.83 5.41 41.75
C ARG E 86 -44.42 5.34 41.15
N PRO E 87 -43.50 6.27 41.49
CA PRO E 87 -42.12 6.11 40.98
C PRO E 87 -41.40 4.90 41.54
N ASP E 88 -41.73 4.46 42.76
CA ASP E 88 -41.05 3.31 43.34
C ASP E 88 -41.41 2.02 42.60
N ASN E 89 -42.62 1.93 42.06
CA ASN E 89 -43.03 0.74 41.32
C ASN E 89 -42.29 0.57 40.01
N PHE E 90 -41.70 1.63 39.46
CA PHE E 90 -40.96 1.54 38.18
C PHE E 90 -39.61 0.90 38.44
N VAL E 91 -39.63 -0.43 38.56
CA VAL E 91 -38.43 -1.26 38.66
C VAL E 91 -38.15 -1.84 37.28
N PHE E 92 -36.88 -1.87 36.90
CA PHE E 92 -36.51 -2.27 35.56
C PHE E 92 -35.00 -2.51 35.49
N GLY E 93 -34.60 -3.31 34.50
CA GLY E 93 -33.20 -3.54 34.21
C GLY E 93 -32.66 -2.49 33.26
N GLN E 94 -31.53 -2.84 32.63
CA GLN E 94 -30.84 -1.99 31.66
C GLN E 94 -30.64 -2.67 30.31
N SER E 95 -30.35 -3.97 30.30
CA SER E 95 -30.11 -4.74 29.09
C SER E 95 -31.35 -5.55 28.74
N GLY E 96 -31.79 -5.44 27.49
CA GLY E 96 -32.96 -6.17 27.04
C GLY E 96 -32.69 -7.64 26.86
N ALA E 97 -33.77 -8.41 26.79
CA ALA E 97 -33.68 -9.85 26.60
C ALA E 97 -33.38 -10.24 25.16
N GLY E 98 -33.75 -9.39 24.19
CA GLY E 98 -33.49 -9.71 22.80
C GLY E 98 -34.29 -10.87 22.26
N ASN E 99 -35.52 -11.04 22.75
CA ASN E 99 -36.42 -12.13 22.33
C ASN E 99 -35.78 -13.50 22.58
N ASN E 100 -35.50 -13.76 23.86
CA ASN E 100 -34.92 -15.02 24.31
C ASN E 100 -35.57 -15.40 25.64
N TRP E 101 -36.24 -16.55 25.66
CA TRP E 101 -36.92 -16.99 26.88
C TRP E 101 -35.91 -17.37 27.96
N ALA E 102 -34.76 -17.91 27.57
CA ALA E 102 -33.77 -18.35 28.55
C ALA E 102 -33.14 -17.17 29.28
N LYS E 103 -32.94 -16.05 28.59
CA LYS E 103 -32.29 -14.89 29.22
C LYS E 103 -33.20 -14.27 30.28
N GLY E 104 -34.46 -14.03 29.93
CA GLY E 104 -35.40 -13.43 30.87
C GLY E 104 -35.93 -14.34 31.95
N HIS E 105 -35.53 -15.62 31.97
CA HIS E 105 -36.04 -16.60 32.92
C HIS E 105 -34.96 -17.13 33.86
N TYR E 106 -33.71 -17.19 33.43
CA TYR E 106 -32.60 -17.80 34.17
C TYR E 106 -31.55 -16.81 34.61
N THR E 107 -31.10 -15.92 33.73
CA THR E 107 -29.99 -15.01 34.00
C THR E 107 -30.45 -13.56 34.11
N GLU E 108 -31.12 -13.02 33.09
CA GLU E 108 -31.51 -11.61 33.12
C GLU E 108 -32.70 -11.38 34.05
N GLY E 109 -33.56 -12.37 34.22
CA GLY E 109 -34.71 -12.25 35.10
C GLY E 109 -34.37 -12.55 36.54
N ALA E 110 -33.44 -13.48 36.77
CA ALA E 110 -33.09 -13.91 38.12
C ALA E 110 -32.44 -12.79 38.93
N GLU E 111 -31.70 -11.89 38.29
CA GLU E 111 -31.12 -10.75 39.00
C GLU E 111 -32.15 -9.72 39.41
N LEU E 112 -33.25 -9.60 38.65
CA LEU E 112 -34.31 -8.64 38.93
C LEU E 112 -35.48 -9.23 39.71
N VAL E 113 -35.68 -10.56 39.67
CA VAL E 113 -36.83 -11.15 40.33
C VAL E 113 -36.72 -11.03 41.84
N ASP E 114 -35.50 -10.95 42.37
CA ASP E 114 -35.32 -10.64 43.79
C ASP E 114 -35.76 -9.22 44.12
N SER E 115 -35.69 -8.30 43.14
CA SER E 115 -36.07 -6.92 43.36
C SER E 115 -37.56 -6.67 43.23
N VAL E 116 -38.27 -7.45 42.42
CA VAL E 116 -39.72 -7.26 42.24
C VAL E 116 -40.54 -7.98 43.31
N LEU E 117 -40.02 -9.06 43.91
CA LEU E 117 -40.79 -9.79 44.91
C LEU E 117 -40.97 -8.94 46.17
N ASP E 118 -39.98 -8.13 46.52
CA ASP E 118 -40.14 -7.23 47.67
C ASP E 118 -41.10 -6.08 47.37
N VAL E 119 -41.30 -5.73 46.11
CA VAL E 119 -42.22 -4.66 45.75
C VAL E 119 -43.66 -5.15 45.80
N VAL E 120 -43.94 -6.30 45.18
CA VAL E 120 -45.30 -6.84 45.20
C VAL E 120 -45.70 -7.28 46.60
N ARG E 121 -44.74 -7.68 47.44
CA ARG E 121 -45.05 -7.99 48.84
C ARG E 121 -45.52 -6.74 49.58
N LYS E 122 -45.01 -5.57 49.21
CA LYS E 122 -45.46 -4.33 49.83
C LYS E 122 -46.91 -4.04 49.48
N GLU E 123 -47.27 -4.16 48.20
CA GLU E 123 -48.65 -3.93 47.79
C GLU E 123 -49.60 -5.01 48.28
N SER E 124 -49.10 -6.23 48.54
CA SER E 124 -49.94 -7.31 49.02
C SER E 124 -50.29 -7.17 50.50
N GLU E 125 -49.32 -6.84 51.34
CA GLU E 125 -49.56 -6.66 52.77
C GLU E 125 -50.22 -5.33 53.09
N SER E 126 -50.04 -4.31 52.25
CA SER E 126 -50.65 -3.01 52.48
C SER E 126 -52.16 -3.04 52.29
N CYS E 127 -52.69 -3.96 51.51
CA CYS E 127 -54.12 -4.04 51.26
C CYS E 127 -54.84 -4.69 52.44
N ASP E 128 -56.17 -4.59 52.43
CA ASP E 128 -56.99 -5.18 53.48
C ASP E 128 -57.13 -6.69 53.29
N CYS E 129 -57.52 -7.12 52.09
CA CYS E 129 -57.63 -8.53 51.78
C CYS E 129 -57.49 -8.71 50.27
N LEU E 130 -56.36 -9.22 49.83
CA LEU E 130 -56.10 -9.38 48.40
C LEU E 130 -56.94 -10.52 47.83
N GLN E 131 -57.41 -10.34 46.61
CA GLN E 131 -58.20 -11.31 45.88
C GLN E 131 -57.38 -12.10 44.87
N GLY E 132 -56.64 -11.42 44.01
CA GLY E 132 -55.87 -12.10 42.98
C GLY E 132 -54.84 -11.18 42.37
N PHE E 133 -54.38 -11.58 41.18
CA PHE E 133 -53.35 -10.87 40.43
C PHE E 133 -53.79 -10.72 38.99
N GLN E 134 -53.84 -9.47 38.51
CA GLN E 134 -54.24 -9.12 37.15
C GLN E 134 -52.99 -8.76 36.36
N LEU E 135 -52.46 -9.73 35.62
CA LEU E 135 -51.18 -9.61 34.92
C LEU E 135 -51.42 -9.48 33.43
N THR E 136 -50.51 -8.76 32.76
CA THR E 136 -50.53 -8.57 31.31
C THR E 136 -49.14 -8.88 30.78
N HIS E 137 -49.07 -9.72 29.75
CA HIS E 137 -47.80 -10.08 29.13
C HIS E 137 -48.07 -10.54 27.70
N SER E 138 -47.00 -10.96 27.02
CA SER E 138 -47.06 -11.51 25.66
C SER E 138 -46.24 -12.79 25.62
N LEU E 139 -46.80 -13.82 24.97
CA LEU E 139 -46.10 -15.09 24.83
C LEU E 139 -44.87 -14.97 23.94
N GLY E 140 -44.81 -13.97 23.05
CA GLY E 140 -43.61 -13.70 22.29
C GLY E 140 -42.60 -12.90 23.09
N GLY E 141 -41.38 -12.86 22.57
CA GLY E 141 -40.30 -12.16 23.24
C GLY E 141 -39.74 -12.94 24.40
N GLY E 142 -38.78 -12.32 25.08
CA GLY E 142 -38.08 -12.92 26.21
C GLY E 142 -38.47 -12.33 27.55
N THR E 143 -38.71 -11.01 27.58
CA THR E 143 -39.03 -10.35 28.84
C THR E 143 -40.48 -10.60 29.26
N GLY E 144 -41.38 -10.76 28.29
CA GLY E 144 -42.77 -11.01 28.59
C GLY E 144 -43.01 -12.46 28.96
N SER E 145 -42.51 -13.37 28.12
CA SER E 145 -42.71 -14.80 28.35
C SER E 145 -41.72 -15.38 29.36
N GLY E 146 -40.50 -14.87 29.43
CA GLY E 146 -39.50 -15.41 30.32
C GLY E 146 -39.62 -14.91 31.74
N MET E 147 -39.57 -13.58 31.92
CA MET E 147 -39.65 -12.99 33.25
C MET E 147 -41.09 -12.90 33.74
N GLY E 148 -42.04 -12.69 32.83
CA GLY E 148 -43.43 -12.62 33.24
C GLY E 148 -43.96 -13.96 33.74
N THR E 149 -43.58 -15.05 33.07
CA THR E 149 -43.99 -16.38 33.52
C THR E 149 -43.19 -16.83 34.75
N LEU E 150 -42.00 -16.24 34.97
CA LEU E 150 -41.19 -16.62 36.12
C LEU E 150 -41.87 -16.22 37.42
N LEU E 151 -42.30 -14.96 37.52
CA LEU E 151 -42.93 -14.48 38.75
C LEU E 151 -44.31 -15.08 38.95
N ILE E 152 -44.95 -15.60 37.90
CA ILE E 152 -46.15 -16.41 38.08
C ILE E 152 -45.81 -17.65 38.89
N SER E 153 -44.64 -18.24 38.65
CA SER E 153 -44.24 -19.42 39.42
C SER E 153 -43.94 -19.05 40.87
N LYS E 154 -43.30 -17.90 41.09
CA LYS E 154 -42.95 -17.50 42.45
C LYS E 154 -44.19 -17.08 43.23
N ILE E 155 -45.13 -16.41 42.57
CA ILE E 155 -46.35 -15.99 43.26
C ILE E 155 -47.22 -17.21 43.57
N ARG E 156 -47.16 -18.24 42.72
CA ARG E 156 -47.85 -19.49 43.03
C ARG E 156 -47.27 -20.14 44.28
N GLU E 157 -45.95 -20.03 44.47
CA GLU E 157 -45.32 -20.59 45.66
C GLU E 157 -45.71 -19.83 46.91
N GLU E 158 -45.82 -18.50 46.83
CA GLU E 158 -46.10 -17.68 48.00
C GLU E 158 -47.60 -17.62 48.27
N TYR E 159 -48.41 -17.44 47.23
CA TYR E 159 -49.86 -17.29 47.32
C TYR E 159 -50.52 -18.39 46.49
N PRO E 160 -50.51 -19.65 46.97
CA PRO E 160 -51.15 -20.72 46.20
C PRO E 160 -52.67 -20.69 46.21
N ASP E 161 -53.30 -19.94 47.13
CA ASP E 161 -54.75 -19.92 47.27
C ASP E 161 -55.40 -18.81 46.46
N ARG E 162 -54.67 -17.74 46.10
CA ARG E 162 -55.26 -16.62 45.40
C ARG E 162 -55.42 -16.93 43.92
N ILE E 163 -56.24 -16.11 43.26
CA ILE E 163 -56.52 -16.25 41.84
C ILE E 163 -55.39 -15.61 41.06
N MET E 164 -54.95 -16.29 39.99
CA MET E 164 -53.88 -15.81 39.10
C MET E 164 -54.48 -15.58 37.72
N ASN E 165 -54.90 -14.35 37.47
CA ASN E 165 -55.53 -13.95 36.22
C ASN E 165 -54.47 -13.36 35.29
N THR E 166 -54.55 -13.72 34.00
CA THR E 166 -53.60 -13.28 33.00
C THR E 166 -54.34 -12.89 31.72
N PHE E 167 -54.07 -11.68 31.23
CA PHE E 167 -54.51 -11.22 29.91
C PHE E 167 -53.31 -11.27 29.00
N SER E 168 -53.18 -12.38 28.26
CA SER E 168 -51.97 -12.71 27.50
C SER E 168 -52.29 -12.68 26.01
N VAL E 169 -51.58 -11.84 25.27
CA VAL E 169 -51.61 -11.86 23.80
C VAL E 169 -50.61 -12.89 23.33
N MET E 170 -50.92 -13.57 22.22
CA MET E 170 -50.18 -14.71 21.72
C MET E 170 -49.99 -14.58 20.21
N PRO E 171 -48.96 -15.24 19.63
CA PRO E 171 -48.67 -15.00 18.21
C PRO E 171 -49.55 -15.81 17.27
N SER E 172 -49.35 -15.64 15.96
CA SER E 172 -50.10 -16.36 14.94
C SER E 172 -49.25 -16.41 13.68
N PRO E 173 -49.52 -17.34 12.74
CA PRO E 173 -48.64 -17.42 11.56
C PRO E 173 -48.90 -16.35 10.53
N LYS E 174 -50.12 -15.83 10.44
CA LYS E 174 -50.42 -14.82 9.41
C LYS E 174 -49.75 -13.49 9.75
N VAL E 175 -49.75 -13.11 11.02
CA VAL E 175 -49.11 -11.90 11.52
C VAL E 175 -48.07 -12.35 12.54
N SER E 176 -46.79 -12.17 12.20
CA SER E 176 -45.68 -12.59 13.06
C SER E 176 -44.55 -11.59 12.91
N ASP E 177 -44.36 -10.76 13.94
CA ASP E 177 -43.32 -9.74 13.97
C ASP E 177 -42.07 -10.19 14.72
N THR E 178 -41.82 -11.50 14.76
CA THR E 178 -40.68 -12.02 15.50
C THR E 178 -40.43 -13.45 15.04
N VAL E 179 -39.15 -13.82 14.91
CA VAL E 179 -38.78 -15.13 14.38
C VAL E 179 -38.90 -16.21 15.46
N VAL E 180 -38.70 -15.85 16.73
CA VAL E 180 -38.55 -16.80 17.83
C VAL E 180 -39.88 -16.96 18.57
N GLU E 181 -41.01 -16.72 17.86
CA GLU E 181 -42.31 -16.81 18.51
C GLU E 181 -42.68 -18.23 18.96
N PRO E 182 -42.56 -19.29 18.15
CA PRO E 182 -43.03 -20.60 18.64
C PRO E 182 -42.18 -21.17 19.76
N TYR E 183 -40.88 -20.87 19.79
CA TYR E 183 -40.06 -21.29 20.91
C TYR E 183 -40.46 -20.58 22.18
N ASN E 184 -40.65 -19.25 22.10
CA ASN E 184 -41.13 -18.50 23.25
C ASN E 184 -42.56 -18.87 23.61
N ALA E 185 -43.37 -19.24 22.61
CA ALA E 185 -44.77 -19.57 22.87
C ALA E 185 -44.89 -20.89 23.62
N THR E 186 -44.24 -21.94 23.11
CA THR E 186 -44.36 -23.26 23.71
C THR E 186 -43.73 -23.34 25.10
N LEU E 187 -42.74 -22.50 25.39
CA LEU E 187 -42.15 -22.45 26.71
C LEU E 187 -43.03 -21.71 27.71
N SER E 188 -43.82 -20.74 27.24
CA SER E 188 -44.70 -19.99 28.12
C SER E 188 -45.94 -20.76 28.54
N VAL E 189 -46.55 -21.51 27.60
CA VAL E 189 -47.75 -22.26 27.93
C VAL E 189 -47.46 -23.42 28.88
N HIS E 190 -46.21 -23.86 28.98
CA HIS E 190 -45.85 -24.87 29.97
C HIS E 190 -46.07 -24.36 31.39
N GLN E 191 -45.84 -23.07 31.63
CA GLN E 191 -46.08 -22.45 32.93
C GLN E 191 -47.51 -22.00 33.11
N LEU E 192 -48.14 -21.47 32.06
CA LEU E 192 -49.52 -21.00 32.18
C LEU E 192 -50.50 -22.15 32.38
N VAL E 193 -50.23 -23.32 31.80
CA VAL E 193 -51.15 -24.44 31.90
C VAL E 193 -51.15 -25.06 33.30
N GLU E 194 -50.04 -24.98 34.03
CA GLU E 194 -49.90 -25.61 35.34
C GLU E 194 -50.23 -24.66 36.48
N ASN E 195 -49.72 -23.43 36.43
CA ASN E 195 -49.80 -22.51 37.57
C ASN E 195 -51.08 -21.66 37.56
N THR E 196 -51.36 -20.98 36.46
CA THR E 196 -52.45 -20.02 36.44
C THR E 196 -53.80 -20.73 36.41
N ASP E 197 -54.79 -20.10 37.04
CA ASP E 197 -56.15 -20.62 37.11
C ASP E 197 -57.00 -20.17 35.92
N GLU E 198 -56.67 -19.02 35.32
CA GLU E 198 -57.44 -18.47 34.21
C GLU E 198 -56.55 -17.63 33.32
N THR E 199 -56.80 -17.72 32.02
CA THR E 199 -56.02 -17.02 31.01
C THR E 199 -56.92 -16.69 29.82
N TYR E 200 -56.70 -15.52 29.22
CA TYR E 200 -57.45 -15.04 28.07
C TYR E 200 -56.55 -15.11 26.84
N SER E 201 -56.94 -15.93 25.87
CA SER E 201 -56.16 -16.13 24.65
C SER E 201 -56.56 -15.07 23.63
N ILE E 202 -55.68 -14.10 23.42
CA ILE E 202 -55.88 -12.98 22.49
C ILE E 202 -54.91 -13.16 21.34
N ASP E 203 -55.44 -13.17 20.11
CA ASP E 203 -54.66 -13.33 18.89
C ASP E 203 -54.51 -11.97 18.21
N ASN E 204 -53.28 -11.67 17.77
CA ASN E 204 -53.00 -10.33 17.24
C ASN E 204 -53.66 -10.11 15.88
N GLU E 205 -53.77 -11.15 15.05
CA GLU E 205 -54.38 -10.97 13.74
C GLU E 205 -55.88 -10.66 13.87
N ALA E 206 -56.54 -11.22 14.88
CA ALA E 206 -57.96 -10.93 15.09
C ALA E 206 -58.18 -9.50 15.55
N LEU E 207 -57.18 -8.89 16.20
CA LEU E 207 -57.28 -7.47 16.53
C LEU E 207 -57.32 -6.62 15.26
N TYR E 208 -56.63 -7.07 14.21
CA TYR E 208 -56.71 -6.41 12.92
C TYR E 208 -57.97 -6.82 12.15
N ASP E 209 -58.41 -8.07 12.32
CA ASP E 209 -59.58 -8.55 11.58
C ASP E 209 -60.85 -7.84 12.05
N ILE E 210 -60.96 -7.58 13.35
CA ILE E 210 -62.16 -6.93 13.88
C ILE E 210 -62.22 -5.46 13.51
N CYS E 211 -61.07 -4.81 13.31
CA CYS E 211 -61.05 -3.38 13.01
C CYS E 211 -61.37 -3.09 11.53
N PHE E 212 -61.29 -4.08 10.65
CA PHE E 212 -61.68 -3.88 9.26
C PHE E 212 -63.19 -3.95 9.10
N ARG E 213 -63.80 -5.03 9.60
CA ARG E 213 -65.19 -5.34 9.28
C ARG E 213 -66.15 -4.44 10.05
N THR E 214 -66.08 -4.49 11.38
CA THR E 214 -67.05 -3.80 12.23
C THR E 214 -66.68 -2.35 12.51
N LEU E 215 -65.45 -2.08 12.93
CA LEU E 215 -65.02 -0.74 13.29
C LEU E 215 -64.54 0.07 12.08
N LYS E 216 -63.98 -0.61 11.07
CA LYS E 216 -63.55 -0.04 9.78
C LYS E 216 -62.68 1.20 9.94
N LEU E 217 -61.69 1.12 10.83
CA LEU E 217 -60.71 2.18 10.96
C LEU E 217 -59.78 2.19 9.75
N THR E 218 -59.62 3.36 9.13
CA THR E 218 -58.77 3.48 7.95
C THR E 218 -57.29 3.64 8.30
N THR E 219 -56.97 4.11 9.51
CA THR E 219 -55.58 4.29 9.95
C THR E 219 -55.45 3.81 11.39
N PRO E 220 -55.58 2.50 11.63
CA PRO E 220 -55.46 1.99 13.00
C PRO E 220 -54.01 1.84 13.45
N THR E 221 -53.76 2.26 14.69
CA THR E 221 -52.48 2.14 15.36
C THR E 221 -52.60 1.12 16.49
N TYR E 222 -51.49 0.88 17.20
CA TYR E 222 -51.53 -0.04 18.33
C TYR E 222 -52.40 0.49 19.47
N GLY E 223 -52.52 1.81 19.61
CA GLY E 223 -53.36 2.36 20.65
C GLY E 223 -54.83 2.03 20.45
N ASP E 224 -55.27 1.95 19.19
CA ASP E 224 -56.64 1.56 18.91
C ASP E 224 -56.88 0.09 19.26
N LEU E 225 -55.86 -0.76 19.06
CA LEU E 225 -55.98 -2.16 19.43
C LEU E 225 -56.00 -2.32 20.94
N ASN E 226 -55.24 -1.47 21.66
CA ASN E 226 -55.24 -1.54 23.12
C ASN E 226 -56.58 -1.10 23.70
N HIS E 227 -57.34 -0.27 22.99
CA HIS E 227 -58.60 0.23 23.54
C HIS E 227 -59.64 -0.88 23.65
N LEU E 228 -59.76 -1.71 22.62
CA LEU E 228 -60.79 -2.75 22.62
C LEU E 228 -60.46 -3.91 23.54
N VAL E 229 -59.19 -4.26 23.68
CA VAL E 229 -58.80 -5.33 24.59
C VAL E 229 -58.80 -4.86 26.05
N SER E 230 -58.51 -3.58 26.29
CA SER E 230 -58.60 -3.03 27.64
C SER E 230 -60.04 -2.90 28.13
N ALA E 231 -61.00 -2.77 27.21
CA ALA E 231 -62.41 -2.77 27.60
C ALA E 231 -62.81 -4.13 28.18
N THR E 232 -62.25 -5.21 27.63
CA THR E 232 -62.49 -6.53 28.19
C THR E 232 -61.91 -6.68 29.57
N MET E 233 -60.77 -6.04 29.85
CA MET E 233 -60.22 -6.05 31.19
C MET E 233 -61.12 -5.30 32.17
N SER E 234 -61.83 -4.27 31.70
CA SER E 234 -62.79 -3.57 32.53
C SER E 234 -64.08 -4.37 32.70
N GLY E 235 -64.45 -5.17 31.71
CA GLY E 235 -65.68 -5.95 31.79
C GLY E 235 -65.59 -7.09 32.78
N VAL E 236 -64.43 -7.74 32.87
CA VAL E 236 -64.27 -8.88 33.76
C VAL E 236 -64.34 -8.47 35.23
N THR E 237 -63.88 -7.26 35.57
CA THR E 237 -63.84 -6.75 36.93
C THR E 237 -64.84 -5.61 37.15
N THR E 238 -65.99 -5.67 36.47
CA THR E 238 -67.02 -4.65 36.64
C THR E 238 -67.91 -4.93 37.84
N CYS E 239 -68.14 -6.21 38.16
CA CYS E 239 -69.09 -6.58 39.20
C CYS E 239 -68.64 -6.14 40.59
N LEU E 240 -67.33 -6.09 40.85
CA LEU E 240 -66.77 -5.68 42.13
C LEU E 240 -66.31 -4.22 42.14
N ARG E 241 -66.25 -3.56 40.98
CA ARG E 241 -65.97 -2.13 40.91
C ARG E 241 -67.23 -1.27 40.99
N PHE E 242 -68.40 -1.82 40.70
CA PHE E 242 -69.67 -1.11 40.79
C PHE E 242 -70.75 -2.11 41.20
N PRO E 243 -71.87 -1.67 41.77
CA PRO E 243 -72.90 -2.63 42.15
C PRO E 243 -73.69 -3.12 40.95
N GLY E 244 -74.40 -4.22 41.14
CA GLY E 244 -75.19 -4.80 40.07
C GLY E 244 -76.26 -5.72 40.62
N GLN E 245 -77.20 -6.07 39.75
CA GLN E 245 -78.29 -6.94 40.15
C GLN E 245 -77.84 -8.39 40.29
N LEU E 246 -76.81 -8.80 39.53
CA LEU E 246 -76.24 -10.14 39.61
C LEU E 246 -74.73 -9.99 39.46
N ASN E 247 -74.04 -9.89 40.59
CA ASN E 247 -72.60 -9.72 40.61
C ASN E 247 -71.92 -11.07 40.45
N ALA E 248 -70.84 -11.09 39.67
CA ALA E 248 -70.01 -12.27 39.47
C ALA E 248 -68.55 -11.85 39.65
N ASP E 249 -67.94 -12.29 40.74
CA ASP E 249 -66.55 -11.99 41.01
C ASP E 249 -65.66 -12.79 40.04
N LEU E 250 -64.36 -12.47 40.06
CA LEU E 250 -63.42 -13.17 39.20
C LEU E 250 -63.31 -14.64 39.57
N ARG E 251 -63.49 -14.97 40.85
CA ARG E 251 -63.55 -16.38 41.25
C ARG E 251 -64.86 -17.02 40.81
N LYS E 252 -65.96 -16.26 40.84
CA LYS E 252 -67.23 -16.76 40.34
C LYS E 252 -67.19 -17.01 38.83
N LEU E 253 -66.37 -16.26 38.09
CA LEU E 253 -66.17 -16.56 36.68
C LEU E 253 -65.30 -17.79 36.47
N ALA E 254 -64.39 -18.06 37.41
CA ALA E 254 -63.44 -19.16 37.23
C ALA E 254 -64.12 -20.51 37.31
N VAL E 255 -65.01 -20.70 38.29
CA VAL E 255 -65.61 -22.02 38.50
C VAL E 255 -66.55 -22.38 37.36
N ASN E 256 -67.20 -21.39 36.75
CA ASN E 256 -68.09 -21.64 35.63
C ASN E 256 -67.36 -21.86 34.31
N MET E 257 -66.18 -21.27 34.15
CA MET E 257 -65.43 -21.31 32.90
C MET E 257 -64.30 -22.35 32.88
N VAL E 258 -63.85 -22.83 34.04
CA VAL E 258 -62.72 -23.73 34.16
C VAL E 258 -63.24 -25.08 34.64
N PRO E 259 -63.80 -25.91 33.73
CA PRO E 259 -64.35 -27.21 34.17
C PRO E 259 -63.30 -28.22 34.61
N PHE E 260 -62.06 -28.06 34.14
CA PHE E 260 -60.94 -28.92 34.49
C PHE E 260 -59.73 -28.04 34.79
N PRO E 261 -58.73 -28.54 35.55
CA PRO E 261 -57.65 -27.64 36.00
C PRO E 261 -56.76 -27.11 34.89
N ARG E 262 -56.65 -27.82 33.76
CA ARG E 262 -55.81 -27.41 32.64
C ARG E 262 -56.59 -26.63 31.59
N LEU E 263 -57.88 -26.89 31.43
CA LEU E 263 -58.71 -26.22 30.42
C LEU E 263 -59.24 -24.91 30.97
N HIS E 264 -58.38 -23.89 30.93
CA HIS E 264 -58.69 -22.54 31.40
C HIS E 264 -58.22 -21.46 30.43
N PHE E 265 -57.96 -21.81 29.17
CA PHE E 265 -57.57 -20.84 28.14
C PHE E 265 -58.84 -20.32 27.47
N PHE E 266 -59.18 -19.07 27.71
CA PHE E 266 -60.44 -18.48 27.28
C PHE E 266 -60.26 -17.74 25.95
N MET E 267 -61.37 -17.19 25.47
CA MET E 267 -61.45 -16.50 24.17
C MET E 267 -62.26 -15.23 24.34
N PRO E 268 -61.68 -14.05 24.60
CA PRO E 268 -62.49 -12.88 24.93
C PRO E 268 -63.18 -12.26 23.73
N GLY E 269 -64.16 -11.40 24.04
CA GLY E 269 -64.88 -10.65 23.03
C GLY E 269 -65.57 -9.48 23.68
N PHE E 270 -65.99 -8.52 22.85
CA PHE E 270 -66.60 -7.29 23.34
C PHE E 270 -67.56 -6.72 22.29
N ALA E 271 -68.60 -6.06 22.79
CA ALA E 271 -69.59 -5.39 21.96
C ALA E 271 -70.18 -4.27 22.80
N PRO E 272 -70.73 -3.21 22.19
CA PRO E 272 -70.90 -2.90 20.76
C PRO E 272 -69.61 -2.43 20.09
N LEU E 273 -69.34 -2.98 18.91
CA LEU E 273 -68.22 -2.57 18.06
C LEU E 273 -68.84 -2.03 16.78
N THR E 274 -69.01 -0.71 16.71
CA THR E 274 -69.66 -0.03 15.60
C THR E 274 -68.93 1.27 15.30
N SER E 275 -68.75 1.55 14.01
CA SER E 275 -68.09 2.77 13.59
C SER E 275 -68.98 3.98 13.80
N ARG E 276 -68.37 5.16 13.72
CA ARG E 276 -69.15 6.40 13.87
C ARG E 276 -70.09 6.61 12.70
N GLY E 277 -69.71 6.16 11.50
CA GLY E 277 -70.58 6.26 10.34
C GLY E 277 -71.72 5.28 10.28
N SER E 278 -71.85 4.38 11.28
CA SER E 278 -72.93 3.41 11.35
C SER E 278 -73.49 3.28 12.76
N GLN E 279 -73.28 4.27 13.63
CA GLN E 279 -73.81 4.21 14.99
C GLN E 279 -75.30 4.54 15.00
N GLN E 280 -75.73 5.52 14.20
CA GLN E 280 -77.14 5.90 14.17
C GLN E 280 -78.02 4.80 13.58
N TYR E 281 -77.47 3.92 12.74
CA TYR E 281 -78.23 2.85 12.08
C TYR E 281 -78.17 1.54 12.84
N ARG E 282 -78.10 1.59 14.18
CA ARG E 282 -78.04 0.41 15.02
C ARG E 282 -78.87 0.65 16.27
N ALA E 283 -79.57 -0.40 16.71
CA ALA E 283 -80.38 -0.36 17.93
C ALA E 283 -79.57 -0.95 19.09
N LEU E 284 -79.56 -0.25 20.22
CA LEU E 284 -78.83 -0.67 21.40
C LEU E 284 -79.55 -1.76 22.21
N THR E 285 -80.67 -2.29 21.73
CA THR E 285 -81.34 -3.37 22.45
C THR E 285 -80.48 -4.64 22.43
N VAL E 286 -80.71 -5.48 23.42
CA VAL E 286 -79.87 -6.66 23.65
C VAL E 286 -79.90 -7.75 22.56
N PRO E 287 -80.97 -7.97 21.77
CA PRO E 287 -80.84 -9.03 20.74
C PRO E 287 -79.86 -8.70 19.64
N GLU E 288 -79.73 -7.42 19.28
CA GLU E 288 -78.70 -7.04 18.32
C GLU E 288 -77.30 -7.13 18.93
N LEU E 289 -77.20 -7.01 20.26
CA LEU E 289 -75.94 -7.20 20.94
C LEU E 289 -75.61 -8.67 21.14
N THR E 290 -76.62 -9.51 21.38
CA THR E 290 -76.37 -10.92 21.66
C THR E 290 -75.88 -11.65 20.43
N GLN E 291 -76.47 -11.35 19.26
CA GLN E 291 -76.00 -11.95 18.02
C GLN E 291 -74.57 -11.51 17.67
N GLN E 292 -74.16 -10.32 18.11
CA GLN E 292 -72.79 -9.87 17.91
C GLN E 292 -71.83 -10.53 18.89
N MET E 293 -72.29 -10.87 20.09
CA MET E 293 -71.41 -11.48 21.08
C MET E 293 -70.98 -12.88 20.65
N PHE E 294 -71.95 -13.73 20.30
CA PHE E 294 -71.68 -15.10 19.88
C PHE E 294 -71.32 -15.22 18.40
N ASP E 295 -71.08 -14.10 17.71
CA ASP E 295 -70.69 -14.17 16.31
C ASP E 295 -69.31 -14.79 16.17
N SER E 296 -69.14 -15.58 15.10
CA SER E 296 -67.87 -16.24 14.85
C SER E 296 -66.75 -15.25 14.54
N LYS E 297 -67.06 -14.10 13.95
CA LYS E 297 -66.07 -13.12 13.52
C LYS E 297 -65.86 -11.98 14.51
N ASN E 298 -66.66 -11.90 15.59
CA ASN E 298 -66.57 -10.79 16.53
C ASN E 298 -65.42 -10.94 17.51
N MET E 299 -65.05 -12.18 17.87
CA MET E 299 -64.08 -12.42 18.92
C MET E 299 -62.68 -12.00 18.48
N MET E 300 -61.81 -11.78 19.48
CA MET E 300 -60.42 -11.39 19.27
C MET E 300 -59.47 -12.61 19.21
N ALA E 301 -59.96 -13.76 18.75
CA ALA E 301 -59.13 -14.91 18.43
C ALA E 301 -59.53 -15.43 17.05
N ALA E 302 -58.53 -15.85 16.29
CA ALA E 302 -58.74 -16.29 14.91
C ALA E 302 -59.33 -17.69 14.81
N CYS E 303 -59.49 -18.41 15.91
CA CYS E 303 -60.06 -19.75 15.86
C CYS E 303 -61.57 -19.67 15.64
N ASP E 304 -62.04 -20.34 14.59
CA ASP E 304 -63.45 -20.31 14.25
C ASP E 304 -64.22 -21.26 15.19
N PRO E 305 -65.20 -20.78 15.98
CA PRO E 305 -65.85 -21.71 16.92
C PRO E 305 -66.74 -22.75 16.25
N ARG E 306 -67.18 -22.52 15.02
CA ARG E 306 -68.04 -23.48 14.32
C ARG E 306 -67.33 -24.78 14.01
N HIS E 307 -65.99 -24.78 13.93
CA HIS E 307 -65.23 -25.99 13.74
C HIS E 307 -65.09 -26.84 15.00
N GLY E 308 -65.63 -26.39 16.15
CA GLY E 308 -65.60 -27.14 17.38
C GLY E 308 -66.89 -26.99 18.17
N ARG E 309 -66.80 -27.13 19.50
CA ARG E 309 -67.95 -27.04 20.39
C ARG E 309 -67.55 -26.28 21.65
N TYR E 310 -68.41 -25.38 22.09
CA TYR E 310 -68.13 -24.57 23.27
C TYR E 310 -68.19 -25.42 24.53
N LEU E 311 -67.12 -25.39 25.32
CA LEU E 311 -67.13 -26.07 26.62
C LEU E 311 -67.96 -25.29 27.63
N THR E 312 -67.75 -23.98 27.70
CA THR E 312 -68.49 -23.13 28.62
C THR E 312 -68.20 -21.68 28.29
N VAL E 313 -69.21 -20.83 28.48
CA VAL E 313 -69.17 -19.44 28.03
C VAL E 313 -69.81 -18.58 29.13
N ALA E 314 -69.34 -17.33 29.23
CA ALA E 314 -69.81 -16.35 30.19
C ALA E 314 -69.98 -15.01 29.49
N ALA E 315 -71.03 -14.27 29.87
CA ALA E 315 -71.32 -12.95 29.32
C ALA E 315 -71.68 -12.02 30.47
N ILE E 316 -70.82 -11.03 30.73
CA ILE E 316 -71.02 -10.05 31.79
C ILE E 316 -71.53 -8.78 31.14
N PHE E 317 -72.81 -8.51 31.31
CA PHE E 317 -73.45 -7.32 30.74
C PHE E 317 -73.16 -6.10 31.62
N ARG E 318 -73.47 -4.92 31.06
CA ARG E 318 -73.29 -3.65 31.75
C ARG E 318 -74.40 -2.70 31.35
N GLY E 319 -74.92 -1.95 32.33
CA GLY E 319 -75.95 -0.96 32.11
C GLY E 319 -77.32 -1.42 32.56
N ARG E 320 -78.21 -0.46 32.82
CA ARG E 320 -79.57 -0.78 33.24
C ARG E 320 -80.31 -1.40 32.06
N MET E 321 -80.87 -2.59 32.26
CA MET E 321 -81.54 -3.33 31.20
C MET E 321 -82.56 -4.27 31.83
N SER E 322 -83.36 -4.90 30.97
CA SER E 322 -84.40 -5.84 31.39
C SER E 322 -83.83 -7.25 31.37
N MET E 323 -84.09 -8.00 32.45
CA MET E 323 -83.48 -9.31 32.61
C MET E 323 -84.15 -10.37 31.75
N LYS E 324 -85.45 -10.23 31.47
CA LYS E 324 -86.15 -11.23 30.68
C LYS E 324 -85.60 -11.29 29.26
N GLU E 325 -85.44 -10.12 28.61
CA GLU E 325 -84.81 -10.09 27.29
C GLU E 325 -83.36 -10.57 27.36
N VAL E 326 -82.67 -10.32 28.46
CA VAL E 326 -81.29 -10.79 28.61
C VAL E 326 -81.26 -12.30 28.73
N ASP E 327 -82.08 -12.85 29.64
CA ASP E 327 -82.03 -14.28 29.91
C ASP E 327 -82.57 -15.09 28.74
N GLU E 328 -83.65 -14.62 28.10
CA GLU E 328 -84.23 -15.38 27.00
C GLU E 328 -83.32 -15.39 25.77
N GLN E 329 -82.47 -14.38 25.61
CA GLN E 329 -81.51 -14.39 24.51
C GLN E 329 -80.47 -15.49 24.70
N MET E 330 -80.14 -15.81 25.95
CA MET E 330 -79.22 -16.92 26.22
C MET E 330 -79.85 -18.27 25.91
N LEU E 331 -81.19 -18.35 25.86
CA LEU E 331 -81.85 -19.61 25.56
C LEU E 331 -81.79 -19.93 24.08
N ASN E 332 -82.29 -19.01 23.24
CA ASN E 332 -82.36 -19.28 21.81
C ASN E 332 -80.98 -19.31 21.15
N VAL E 333 -79.98 -18.65 21.74
CA VAL E 333 -78.66 -18.62 21.12
C VAL E 333 -77.98 -19.98 21.18
N GLN E 334 -78.27 -20.79 22.20
CA GLN E 334 -77.62 -22.09 22.40
C GLN E 334 -78.40 -23.26 21.83
N ASN E 335 -79.74 -23.21 21.88
CA ASN E 335 -80.53 -24.35 21.41
C ASN E 335 -80.63 -24.40 19.88
N LYS E 336 -80.68 -23.24 19.23
CA LYS E 336 -80.64 -23.20 17.77
C LYS E 336 -79.31 -23.64 17.21
N ASN E 337 -78.23 -23.54 17.98
CA ASN E 337 -76.85 -23.89 17.57
C ASN E 337 -76.31 -24.99 18.46
N SER E 338 -77.14 -26.02 18.71
CA SER E 338 -76.77 -27.12 19.59
C SER E 338 -75.57 -27.91 19.09
N SER E 339 -75.30 -27.91 17.79
CA SER E 339 -74.12 -28.57 17.27
C SER E 339 -72.83 -27.90 17.75
N TYR E 340 -72.86 -26.59 17.97
CA TYR E 340 -71.71 -25.83 18.45
C TYR E 340 -71.67 -25.73 19.97
N PHE E 341 -72.39 -26.60 20.70
CA PHE E 341 -72.36 -26.65 22.15
C PHE E 341 -72.39 -28.11 22.60
N VAL E 342 -71.63 -28.40 23.65
CA VAL E 342 -71.51 -29.77 24.12
C VAL E 342 -72.83 -30.23 24.75
N GLU E 343 -73.21 -31.46 24.43
CA GLU E 343 -74.43 -32.07 24.95
C GLU E 343 -74.30 -32.63 26.36
N TRP E 344 -73.07 -32.88 26.82
CA TRP E 344 -72.82 -33.37 28.18
C TRP E 344 -72.77 -32.25 29.22
N ILE E 345 -73.25 -31.06 28.90
CA ILE E 345 -73.47 -29.98 29.87
C ILE E 345 -74.83 -29.39 29.54
N PRO E 346 -75.77 -29.23 30.50
CA PRO E 346 -77.09 -28.77 30.10
C PRO E 346 -77.14 -27.29 29.77
N ASN E 347 -76.34 -26.47 30.45
CA ASN E 347 -76.33 -25.02 30.26
C ASN E 347 -74.88 -24.55 30.31
N ASN E 348 -74.38 -24.08 29.18
CA ASN E 348 -73.01 -23.61 29.06
C ASN E 348 -72.84 -22.12 29.34
N VAL E 349 -73.92 -21.35 29.45
CA VAL E 349 -73.87 -19.89 29.53
C VAL E 349 -73.86 -19.48 31.00
N LYS E 350 -73.09 -18.44 31.32
CA LYS E 350 -73.05 -17.80 32.63
C LYS E 350 -73.43 -16.34 32.46
N THR E 351 -74.36 -15.87 33.29
CA THR E 351 -74.94 -14.54 33.17
C THR E 351 -74.45 -13.64 34.29
N ALA E 352 -74.38 -12.34 33.99
CA ALA E 352 -74.01 -11.32 34.95
C ALA E 352 -74.31 -9.96 34.33
N VAL E 353 -74.68 -9.00 35.18
CA VAL E 353 -75.07 -7.67 34.74
C VAL E 353 -74.68 -6.66 35.81
N CYS E 354 -74.45 -5.41 35.38
CA CYS E 354 -74.13 -4.29 36.25
C CYS E 354 -75.02 -3.11 35.91
N ASP E 355 -75.22 -2.24 36.89
CA ASP E 355 -76.09 -1.07 36.76
C ASP E 355 -75.37 0.20 36.30
N ILE E 356 -74.04 0.16 36.14
CA ILE E 356 -73.22 1.34 35.85
C ILE E 356 -72.48 1.10 34.54
N PRO E 357 -72.98 1.54 33.37
CA PRO E 357 -72.28 1.19 32.12
C PRO E 357 -71.06 2.05 31.92
N PRO E 358 -70.28 1.82 30.87
CA PRO E 358 -69.15 2.71 30.56
C PRO E 358 -69.63 4.12 30.22
N ARG E 359 -68.71 5.06 30.32
CA ARG E 359 -69.01 6.45 29.99
C ARG E 359 -69.10 6.59 28.46
N GLY E 360 -70.19 7.20 28.00
CA GLY E 360 -70.45 7.37 26.59
C GLY E 360 -71.28 6.27 25.95
N LEU E 361 -71.55 5.17 26.65
CA LEU E 361 -72.37 4.07 26.17
C LEU E 361 -73.37 3.67 27.23
N LYS E 362 -74.60 3.43 26.80
CA LYS E 362 -75.70 3.04 27.69
C LYS E 362 -75.85 1.52 27.82
N MET E 363 -75.42 0.75 26.83
CA MET E 363 -75.55 -0.70 26.81
C MET E 363 -74.24 -1.30 26.31
N SER E 364 -73.75 -2.30 27.02
CA SER E 364 -72.51 -2.96 26.63
C SER E 364 -72.39 -4.28 27.37
N ALA E 365 -71.48 -5.12 26.88
CA ALA E 365 -71.23 -6.42 27.47
C ALA E 365 -69.88 -6.92 26.99
N THR E 366 -69.36 -7.95 27.67
CA THR E 366 -68.11 -8.60 27.33
C THR E 366 -68.34 -10.10 27.22
N PHE E 367 -67.78 -10.68 26.15
CA PHE E 367 -67.95 -12.08 25.81
C PHE E 367 -66.72 -12.84 26.28
N ILE E 368 -66.92 -13.89 27.07
CA ILE E 368 -65.87 -14.73 27.62
C ILE E 368 -66.24 -16.17 27.30
N GLY E 369 -65.41 -16.84 26.51
CA GLY E 369 -65.70 -18.18 26.00
C GLY E 369 -64.52 -19.13 26.07
N ASN E 370 -64.77 -20.32 26.64
CA ASN E 370 -63.81 -21.43 26.62
C ASN E 370 -64.35 -22.45 25.63
N SER E 371 -63.72 -22.51 24.45
CA SER E 371 -64.15 -23.36 23.34
C SER E 371 -63.02 -24.30 22.94
N THR E 372 -63.41 -25.43 22.35
CA THR E 372 -62.46 -26.40 21.82
C THR E 372 -61.83 -25.98 20.49
N ALA E 373 -62.28 -24.88 19.89
CA ALA E 373 -61.63 -24.37 18.69
C ALA E 373 -60.24 -23.81 18.94
N ILE E 374 -59.89 -23.52 20.20
CA ILE E 374 -58.58 -22.99 20.54
C ILE E 374 -57.45 -23.96 20.26
N GLN E 375 -57.73 -25.26 20.13
CA GLN E 375 -56.70 -26.22 19.79
C GLN E 375 -56.11 -25.99 18.39
N GLU E 376 -56.86 -25.33 17.50
CA GLU E 376 -56.31 -24.97 16.19
C GLU E 376 -55.12 -24.03 16.33
N LEU E 377 -55.17 -23.13 17.30
CA LEU E 377 -54.01 -22.29 17.59
C LEU E 377 -52.86 -23.11 18.15
N PHE E 378 -53.18 -24.05 19.06
CA PHE E 378 -52.14 -24.93 19.58
C PHE E 378 -51.63 -25.90 18.52
N LYS E 379 -52.46 -26.22 17.53
CA LYS E 379 -51.98 -27.05 16.42
C LYS E 379 -50.92 -26.32 15.61
N ARG E 380 -51.24 -25.12 15.11
CA ARG E 380 -50.31 -24.39 14.26
C ARG E 380 -49.08 -23.93 15.03
N ILE E 381 -49.23 -23.60 16.31
CA ILE E 381 -48.08 -23.21 17.13
C ILE E 381 -47.19 -24.42 17.38
N SER E 382 -47.79 -25.60 17.57
CA SER E 382 -47.00 -26.80 17.80
C SER E 382 -46.24 -27.22 16.54
N GLU E 383 -46.88 -27.09 15.37
CA GLU E 383 -46.21 -27.47 14.14
C GLU E 383 -45.07 -26.51 13.81
N GLN E 384 -45.22 -25.23 14.12
CA GLN E 384 -44.12 -24.29 13.92
C GLN E 384 -42.97 -24.57 14.88
N PHE E 385 -43.27 -25.00 16.10
CA PHE E 385 -42.23 -25.36 17.05
C PHE E 385 -41.56 -26.67 16.65
N THR E 386 -42.34 -27.67 16.25
CA THR E 386 -41.76 -28.94 15.84
C THR E 386 -40.99 -28.82 14.53
N ALA E 387 -41.41 -27.90 13.64
CA ALA E 387 -40.71 -27.71 12.38
C ALA E 387 -39.31 -27.13 12.59
N MET E 388 -39.15 -26.25 13.58
CA MET E 388 -37.86 -25.64 13.87
C MET E 388 -37.04 -26.44 14.88
N PHE E 389 -37.70 -27.20 15.76
CA PHE E 389 -37.01 -27.98 16.78
C PHE E 389 -36.44 -29.29 16.25
N ARG E 390 -37.01 -29.85 15.18
CA ARG E 390 -36.58 -31.17 14.71
C ARG E 390 -35.16 -31.19 14.16
N ARG E 391 -34.60 -30.03 13.80
CA ARG E 391 -33.19 -29.90 13.45
C ARG E 391 -32.43 -28.96 14.39
N LYS E 392 -32.99 -28.64 15.57
CA LYS E 392 -32.30 -27.87 16.60
C LYS E 392 -31.95 -26.46 16.11
N ALA E 393 -32.87 -25.86 15.37
CA ALA E 393 -32.66 -24.50 14.87
C ALA E 393 -32.93 -23.48 15.96
N PHE E 394 -32.03 -22.49 16.05
CA PHE E 394 -32.16 -21.37 16.98
C PHE E 394 -32.17 -21.82 18.44
N LEU E 395 -31.46 -22.92 18.75
CA LEU E 395 -31.34 -23.44 20.12
C LEU E 395 -30.00 -23.15 20.76
N HIS E 396 -28.95 -22.88 19.98
CA HIS E 396 -27.63 -22.67 20.58
C HIS E 396 -27.57 -21.39 21.39
N TRP E 397 -28.40 -20.39 21.08
CA TRP E 397 -28.47 -19.20 21.91
C TRP E 397 -29.09 -19.49 23.27
N TYR E 398 -30.05 -20.41 23.32
CA TYR E 398 -30.69 -20.76 24.59
C TYR E 398 -29.74 -21.57 25.47
N THR E 399 -28.91 -22.42 24.88
CA THR E 399 -27.97 -23.22 25.65
C THR E 399 -26.86 -22.38 26.29
N GLY E 400 -26.60 -21.16 25.77
CA GLY E 400 -25.62 -20.30 26.38
C GLY E 400 -25.94 -19.89 27.80
N GLU E 401 -27.23 -19.77 28.13
CA GLU E 401 -27.67 -19.46 29.48
C GLU E 401 -27.85 -20.70 30.36
N GLY E 402 -27.32 -21.85 29.95
CA GLY E 402 -27.43 -23.06 30.73
C GLY E 402 -28.72 -23.83 30.58
N MET E 403 -29.51 -23.54 29.55
CA MET E 403 -30.78 -24.22 29.32
C MET E 403 -30.54 -25.52 28.56
N ASP E 404 -31.28 -26.55 28.96
CA ASP E 404 -31.18 -27.88 28.38
C ASP E 404 -32.23 -28.06 27.28
N GLU E 405 -31.87 -28.86 26.27
CA GLU E 405 -32.79 -29.17 25.19
C GLU E 405 -33.93 -30.08 25.62
N MET E 406 -33.78 -30.81 26.74
CA MET E 406 -34.88 -31.64 27.23
C MET E 406 -36.07 -30.79 27.67
N GLU E 407 -35.82 -29.59 28.18
CA GLU E 407 -36.92 -28.71 28.59
C GLU E 407 -37.75 -28.29 27.39
N PHE E 408 -37.13 -28.15 26.22
CA PHE E 408 -37.90 -27.92 25.00
C PHE E 408 -38.75 -29.15 24.66
N THR E 409 -38.21 -30.34 24.89
CA THR E 409 -38.98 -31.56 24.66
C THR E 409 -40.08 -31.72 25.70
N GLU E 410 -39.79 -31.35 26.95
CA GLU E 410 -40.82 -31.36 27.98
C GLU E 410 -41.91 -30.34 27.69
N ALA E 411 -41.54 -29.17 27.17
CA ALA E 411 -42.54 -28.22 26.72
C ALA E 411 -43.32 -28.77 25.54
N GLU E 412 -42.66 -29.55 24.67
CA GLU E 412 -43.35 -30.18 23.56
C GLU E 412 -44.29 -31.27 24.05
N SER E 413 -43.91 -31.97 25.12
CA SER E 413 -44.80 -32.98 25.68
C SER E 413 -46.07 -32.35 26.25
N ASN E 414 -45.94 -31.19 26.88
CA ASN E 414 -47.11 -30.49 27.38
C ASN E 414 -47.99 -29.97 26.25
N MET E 415 -47.41 -29.67 25.10
CA MET E 415 -48.17 -29.06 24.00
C MET E 415 -49.16 -30.06 23.42
N ASN E 416 -48.70 -31.26 23.05
CA ASN E 416 -49.61 -32.26 22.51
C ASN E 416 -50.58 -32.78 23.56
N ASP E 417 -50.21 -32.72 24.85
CA ASP E 417 -51.13 -33.16 25.89
C ASP E 417 -52.35 -32.26 26.00
N LEU E 418 -52.13 -30.95 26.13
CA LEU E 418 -53.26 -30.03 26.20
C LEU E 418 -54.02 -29.96 24.89
N VAL E 419 -53.36 -30.23 23.76
CA VAL E 419 -54.05 -30.34 22.49
C VAL E 419 -54.99 -31.54 22.52
N SER E 420 -54.48 -32.69 22.97
CA SER E 420 -55.31 -33.88 23.07
C SER E 420 -56.38 -33.75 24.16
N GLU E 421 -56.13 -32.91 25.17
CA GLU E 421 -57.15 -32.68 26.19
C GLU E 421 -58.36 -31.97 25.61
N TYR E 422 -58.14 -30.93 24.81
CA TYR E 422 -59.25 -30.28 24.12
C TYR E 422 -59.92 -31.19 23.11
N GLN E 423 -59.17 -32.11 22.51
CA GLN E 423 -59.76 -33.06 21.56
C GLN E 423 -60.60 -34.12 22.26
N GLN E 424 -60.33 -34.39 23.54
CA GLN E 424 -61.14 -35.36 24.28
C GLN E 424 -62.59 -34.89 24.41
N TYR E 425 -62.78 -33.59 24.65
CA TYR E 425 -64.09 -33.02 24.92
C TYR E 425 -64.70 -32.35 23.68
N GLN E 426 -64.45 -32.92 22.49
CA GLN E 426 -65.05 -32.45 21.24
C GLN E 426 -65.57 -33.65 20.46
N ALA F 28 -46.57 -58.44 27.89
CA ALA F 28 -47.11 -57.45 26.98
C ALA F 28 -48.21 -56.64 27.66
N GLU F 29 -49.15 -57.35 28.28
CA GLU F 29 -50.27 -56.73 29.00
C GLU F 29 -50.58 -57.59 30.22
N CYS F 30 -50.54 -56.97 31.40
CA CYS F 30 -50.82 -57.63 32.67
C CYS F 30 -51.83 -56.81 33.46
N ASN F 31 -52.83 -57.48 34.01
CA ASN F 31 -53.88 -56.80 34.77
C ASN F 31 -53.35 -56.39 36.14
N ILE F 32 -53.77 -55.20 36.58
CA ILE F 32 -53.37 -54.69 37.89
C ILE F 32 -54.12 -55.49 38.95
N LYS F 33 -53.38 -56.09 39.88
CA LYS F 33 -54.00 -56.89 40.94
C LYS F 33 -54.68 -55.98 41.95
N VAL F 34 -55.98 -56.21 42.15
CA VAL F 34 -56.81 -55.45 43.07
C VAL F 34 -57.17 -56.36 44.24
N MET F 35 -56.66 -56.02 45.43
CA MET F 35 -56.91 -56.74 46.66
C MET F 35 -57.55 -55.80 47.69
N CYS F 36 -58.23 -56.39 48.66
CA CYS F 36 -58.95 -55.67 49.70
C CYS F 36 -58.53 -56.19 51.08
N ARG F 37 -58.60 -55.31 52.08
CA ARG F 37 -58.27 -55.65 53.45
C ARG F 37 -59.19 -54.88 54.38
N PHE F 38 -59.86 -55.61 55.29
CA PHE F 38 -60.59 -55.03 56.40
C PHE F 38 -59.81 -55.24 57.69
N ARG F 39 -60.01 -54.34 58.65
CA ARG F 39 -59.32 -54.32 59.93
C ARG F 39 -60.29 -54.57 61.08
N PRO F 40 -59.81 -54.77 62.32
CA PRO F 40 -60.71 -54.76 63.46
C PRO F 40 -61.19 -53.35 63.79
N LEU F 41 -62.22 -53.28 64.62
CA LEU F 41 -62.75 -52.00 65.05
C LEU F 41 -61.83 -51.36 66.08
N ASN F 42 -61.49 -50.10 65.86
CA ASN F 42 -60.59 -49.38 66.75
C ASN F 42 -61.36 -48.89 67.97
N GLU F 43 -60.72 -48.10 68.82
CA GLU F 43 -61.33 -47.68 70.08
C GLU F 43 -62.47 -46.69 69.87
N SER F 44 -62.40 -45.86 68.83
CA SER F 44 -63.41 -44.83 68.60
C SER F 44 -64.70 -45.37 68.01
N GLU F 45 -64.69 -46.59 67.45
CA GLU F 45 -65.86 -47.18 66.82
C GLU F 45 -66.62 -48.15 67.71
N VAL F 46 -65.92 -48.92 68.55
CA VAL F 46 -66.60 -49.90 69.38
C VAL F 46 -67.42 -49.22 70.47
N ASN F 47 -66.95 -48.08 71.00
CA ASN F 47 -67.70 -47.36 72.02
C ASN F 47 -68.91 -46.65 71.46
N ARG F 48 -68.89 -46.26 70.18
CA ARG F 48 -70.05 -45.63 69.56
C ARG F 48 -71.15 -46.65 69.29
N GLY F 49 -70.77 -47.89 68.95
CA GLY F 49 -71.70 -48.98 68.77
C GLY F 49 -71.95 -49.33 67.31
N ASP F 50 -70.92 -49.25 66.49
CA ASP F 50 -71.04 -49.57 65.07
C ASP F 50 -71.09 -51.08 64.88
N LYS F 51 -71.91 -51.51 63.91
CA LYS F 51 -72.09 -52.92 63.62
C LYS F 51 -71.08 -53.40 62.59
N TYR F 52 -70.64 -54.64 62.74
CA TYR F 52 -69.64 -55.24 61.86
C TYR F 52 -70.31 -55.71 60.58
N ILE F 53 -70.32 -54.84 59.56
CA ILE F 53 -71.01 -55.14 58.30
C ILE F 53 -70.16 -55.96 57.33
N ALA F 54 -68.88 -56.16 57.60
CA ALA F 54 -68.00 -56.83 56.65
C ALA F 54 -68.33 -58.32 56.61
N LYS F 55 -68.84 -58.77 55.47
CA LYS F 55 -69.19 -60.17 55.22
C LYS F 55 -68.35 -60.69 54.07
N PHE F 56 -67.58 -61.74 54.33
CA PHE F 56 -66.65 -62.32 53.37
C PHE F 56 -67.24 -63.62 52.81
N GLN F 57 -66.97 -63.86 51.52
CA GLN F 57 -67.40 -65.07 50.82
C GLN F 57 -66.18 -65.57 50.05
N GLY F 58 -65.44 -66.49 50.66
CA GLY F 58 -64.21 -66.97 50.05
C GLY F 58 -63.13 -65.90 50.10
N GLU F 59 -62.17 -66.03 49.17
CA GLU F 59 -61.03 -65.13 49.08
C GLU F 59 -61.19 -64.04 48.03
N ASP F 60 -61.89 -64.33 46.93
CA ASP F 60 -61.92 -63.41 45.79
C ASP F 60 -62.95 -62.30 45.94
N THR F 61 -64.11 -62.60 46.52
CA THR F 61 -65.25 -61.69 46.58
C THR F 61 -65.64 -61.40 48.02
N VAL F 62 -66.24 -60.23 48.23
CA VAL F 62 -66.73 -59.80 49.53
C VAL F 62 -68.13 -59.23 49.35
N VAL F 63 -69.00 -59.49 50.32
CA VAL F 63 -70.40 -59.07 50.31
C VAL F 63 -70.54 -57.91 51.29
N ILE F 64 -71.16 -56.82 50.83
CA ILE F 64 -71.43 -55.64 51.66
C ILE F 64 -72.85 -55.19 51.35
N ALA F 65 -73.74 -55.27 52.33
CA ALA F 65 -75.13 -54.86 52.20
C ALA F 65 -75.84 -55.64 51.10
N SER F 66 -75.58 -56.96 51.05
CA SER F 66 -76.17 -57.87 50.07
C SER F 66 -75.78 -57.47 48.65
N LYS F 67 -74.52 -57.07 48.46
CA LYS F 67 -73.95 -56.70 47.16
C LYS F 67 -72.57 -57.33 47.03
N PRO F 68 -72.35 -58.32 46.17
CA PRO F 68 -70.99 -58.86 46.02
C PRO F 68 -70.09 -57.88 45.28
N TYR F 69 -68.80 -57.91 45.64
CA TYR F 69 -67.75 -57.12 45.00
C TYR F 69 -66.57 -58.05 44.76
N ALA F 70 -66.35 -58.41 43.50
CA ALA F 70 -65.31 -59.38 43.14
C ALA F 70 -63.95 -58.71 43.12
N PHE F 71 -62.95 -59.36 43.72
CA PHE F 71 -61.57 -58.92 43.71
C PHE F 71 -60.66 -60.13 43.50
N ASP F 72 -59.34 -59.92 43.54
CA ASP F 72 -58.39 -61.02 43.42
C ASP F 72 -58.21 -61.74 44.75
N ARG F 73 -58.06 -60.98 45.84
CA ARG F 73 -57.85 -61.56 47.16
C ARG F 73 -58.30 -60.54 48.21
N VAL F 74 -59.25 -60.95 49.06
CA VAL F 74 -59.76 -60.13 50.15
C VAL F 74 -59.18 -60.65 51.45
N PHE F 75 -58.58 -59.75 52.23
CA PHE F 75 -57.99 -60.08 53.53
C PHE F 75 -58.97 -59.73 54.64
N GLN F 76 -59.14 -60.65 55.59
CA GLN F 76 -60.07 -60.48 56.69
C GLN F 76 -59.40 -59.70 57.82
N SER F 77 -60.14 -59.45 58.90
CA SER F 77 -59.61 -58.69 60.03
C SER F 77 -58.53 -59.46 60.78
N SER F 78 -58.63 -60.79 60.82
CA SER F 78 -57.64 -61.61 61.53
C SER F 78 -56.35 -61.80 60.74
N THR F 79 -56.22 -61.25 59.53
CA THR F 79 -55.00 -61.40 58.76
C THR F 79 -53.89 -60.55 59.39
N SER F 80 -52.80 -61.22 59.78
CA SER F 80 -51.69 -60.54 60.43
C SER F 80 -50.86 -59.78 59.39
N GLN F 81 -49.82 -59.09 59.87
CA GLN F 81 -48.98 -58.29 58.97
C GLN F 81 -48.18 -59.17 58.03
N GLU F 82 -47.63 -60.28 58.53
CA GLU F 82 -46.82 -61.16 57.70
C GLU F 82 -47.67 -61.87 56.66
N GLN F 83 -48.91 -62.18 57.00
CA GLN F 83 -49.78 -62.90 56.05
C GLN F 83 -50.14 -62.03 54.86
N VAL F 84 -50.35 -60.73 55.06
CA VAL F 84 -50.69 -59.84 53.96
C VAL F 84 -49.50 -59.68 53.02
N TYR F 85 -48.29 -59.61 53.59
CA TYR F 85 -47.10 -59.40 52.76
C TYR F 85 -46.81 -60.61 51.87
N ASN F 86 -46.91 -61.82 52.43
CA ASN F 86 -46.63 -63.01 51.64
C ASN F 86 -47.65 -63.24 50.54
N ASP F 87 -48.88 -62.74 50.70
CA ASP F 87 -49.93 -62.94 49.71
C ASP F 87 -49.91 -61.89 48.60
N CYS F 88 -49.63 -60.63 48.93
CA CYS F 88 -49.76 -59.52 47.99
C CYS F 88 -48.45 -59.20 47.28
N ALA F 89 -47.42 -58.80 48.03
CA ALA F 89 -46.19 -58.24 47.47
C ALA F 89 -45.03 -59.22 47.46
N LYS F 90 -45.30 -60.53 47.54
CA LYS F 90 -44.23 -61.52 47.49
C LYS F 90 -43.69 -61.67 46.08
N LYS F 91 -44.58 -61.87 45.10
CA LYS F 91 -44.16 -62.02 43.72
C LYS F 91 -43.67 -60.71 43.10
N ILE F 92 -44.08 -59.56 43.66
CA ILE F 92 -43.66 -58.28 43.11
C ILE F 92 -42.16 -58.08 43.33
N VAL F 93 -41.59 -58.65 44.38
CA VAL F 93 -40.15 -58.57 44.60
C VAL F 93 -39.41 -59.33 43.51
N LYS F 94 -40.00 -60.44 43.05
CA LYS F 94 -39.39 -61.19 41.95
C LYS F 94 -39.56 -60.47 40.62
N ASP F 95 -40.71 -59.79 40.42
CA ASP F 95 -40.97 -59.14 39.14
C ASP F 95 -40.09 -57.91 38.96
N VAL F 96 -39.91 -57.11 40.02
CA VAL F 96 -39.12 -55.89 39.90
C VAL F 96 -37.63 -56.18 39.72
N LEU F 97 -37.15 -57.32 40.22
CA LEU F 97 -35.77 -57.73 40.04
C LEU F 97 -35.54 -58.42 38.69
N GLU F 98 -36.59 -58.93 38.06
CA GLU F 98 -36.44 -59.56 36.74
C GLU F 98 -36.05 -58.54 35.66
N GLY F 99 -36.40 -57.27 35.83
CA GLY F 99 -36.11 -56.23 34.86
C GLY F 99 -37.20 -55.20 34.73
N TYR F 100 -38.43 -55.56 35.10
CA TYR F 100 -39.57 -54.65 35.01
C TYR F 100 -39.58 -53.71 36.21
N ASN F 101 -40.53 -52.77 36.20
CA ASN F 101 -40.73 -51.82 37.29
C ASN F 101 -41.78 -52.34 38.25
N GLY F 102 -41.91 -51.66 39.38
CA GLY F 102 -42.89 -52.03 40.39
C GLY F 102 -43.45 -50.82 41.09
N THR F 103 -44.70 -50.92 41.52
CA THR F 103 -45.37 -49.83 42.23
C THR F 103 -46.51 -50.42 43.03
N ILE F 104 -46.58 -50.06 44.31
CA ILE F 104 -47.66 -50.47 45.21
C ILE F 104 -48.12 -49.25 45.99
N PHE F 105 -49.43 -49.07 46.09
CA PHE F 105 -50.01 -47.94 46.81
C PHE F 105 -51.35 -48.36 47.41
N ALA F 106 -51.81 -47.60 48.40
CA ALA F 106 -52.99 -47.91 49.20
C ALA F 106 -53.97 -46.76 49.08
N TYR F 107 -55.23 -47.09 48.75
CA TYR F 107 -56.33 -46.14 48.64
C TYR F 107 -57.37 -46.46 49.70
N GLY F 108 -57.95 -45.42 50.28
CA GLY F 108 -58.97 -45.58 51.29
C GLY F 108 -59.17 -44.30 52.07
N GLN F 109 -60.06 -44.40 53.05
CA GLN F 109 -60.44 -43.28 53.91
C GLN F 109 -59.58 -43.27 55.18
N THR F 110 -59.72 -42.20 55.95
CA THR F 110 -58.95 -42.06 57.18
C THR F 110 -59.37 -43.12 58.20
N SER F 111 -58.39 -43.62 58.95
CA SER F 111 -58.54 -44.70 59.92
C SER F 111 -58.89 -46.04 59.29
N SER F 112 -58.69 -46.20 57.98
CA SER F 112 -58.96 -47.46 57.31
C SER F 112 -57.85 -48.49 57.49
N GLY F 113 -56.63 -48.05 57.83
CA GLY F 113 -55.52 -48.94 58.11
C GLY F 113 -54.49 -48.97 57.00
N LYS F 114 -54.25 -47.81 56.37
CA LYS F 114 -53.24 -47.69 55.33
C LYS F 114 -51.84 -47.51 55.91
N THR F 115 -51.71 -46.68 56.93
CA THR F 115 -50.40 -46.46 57.55
C THR F 115 -49.92 -47.72 58.28
N HIS F 116 -50.81 -48.37 59.03
CA HIS F 116 -50.43 -49.59 59.74
C HIS F 116 -50.10 -50.72 58.78
N THR F 117 -50.75 -50.75 57.61
CA THR F 117 -50.48 -51.80 56.64
C THR F 117 -49.07 -51.68 56.08
N MET F 118 -48.66 -50.45 55.71
CA MET F 118 -47.37 -50.21 55.10
C MET F 118 -46.27 -49.89 56.12
N GLU F 119 -46.53 -48.95 57.03
CA GLU F 119 -45.54 -48.55 58.02
C GLU F 119 -45.57 -49.45 59.25
N GLY F 120 -46.73 -49.52 59.92
CA GLY F 120 -46.83 -50.30 61.15
C GLY F 120 -45.94 -49.75 62.24
N LYS F 121 -45.26 -50.66 62.93
CA LYS F 121 -44.22 -50.34 63.90
C LYS F 121 -42.94 -51.05 63.44
N LEU F 122 -41.98 -50.26 62.95
CA LEU F 122 -40.88 -50.82 62.17
C LEU F 122 -39.95 -51.68 63.00
N HIS F 123 -39.72 -51.32 64.26
CA HIS F 123 -38.70 -51.98 65.08
C HIS F 123 -39.13 -53.34 65.61
N ASP F 124 -40.42 -53.71 65.51
CA ASP F 124 -40.92 -54.99 65.99
C ASP F 124 -40.88 -56.04 64.87
N PRO F 125 -40.64 -57.34 65.12
CA PRO F 125 -40.70 -58.30 64.01
C PRO F 125 -42.10 -58.51 63.45
N GLU F 126 -43.12 -58.58 64.30
CA GLU F 126 -44.49 -58.86 63.87
C GLU F 126 -45.26 -57.62 63.45
N GLY F 127 -45.20 -56.56 64.26
CA GLY F 127 -45.95 -55.35 63.98
C GLY F 127 -45.44 -54.49 62.84
N MET F 128 -44.31 -54.85 62.23
CA MET F 128 -43.79 -54.05 61.13
C MET F 128 -44.64 -54.26 59.88
N GLY F 129 -44.80 -53.18 59.11
CA GLY F 129 -45.64 -53.19 57.93
C GLY F 129 -44.94 -53.78 56.72
N ILE F 130 -45.24 -53.22 55.55
CA ILE F 130 -44.78 -53.79 54.28
C ILE F 130 -43.42 -53.21 53.89
N ILE F 131 -43.23 -51.91 54.07
CA ILE F 131 -42.05 -51.23 53.54
C ILE F 131 -40.73 -51.68 54.18
N PRO F 132 -40.67 -52.16 55.48
CA PRO F 132 -39.42 -52.84 55.88
C PRO F 132 -39.32 -54.25 55.33
N ARG F 133 -40.45 -54.93 55.18
CA ARG F 133 -40.45 -56.27 54.60
C ARG F 133 -40.02 -56.26 53.14
N ILE F 134 -40.35 -55.19 52.42
CA ILE F 134 -39.88 -55.04 51.03
C ILE F 134 -38.37 -54.87 51.02
N VAL F 135 -37.84 -54.10 51.98
CA VAL F 135 -36.40 -53.87 52.05
C VAL F 135 -35.68 -55.16 52.41
N GLN F 136 -36.20 -55.91 53.39
CA GLN F 136 -35.52 -57.11 53.86
C GLN F 136 -35.52 -58.20 52.80
N ASP F 137 -36.58 -58.31 52.01
CA ASP F 137 -36.64 -59.35 50.99
C ASP F 137 -35.69 -59.08 49.84
N ILE F 138 -35.44 -57.80 49.54
CA ILE F 138 -34.54 -57.45 48.45
C ILE F 138 -33.10 -57.84 48.81
N PHE F 139 -32.66 -57.49 50.01
CA PHE F 139 -31.31 -57.84 50.44
C PHE F 139 -31.16 -59.33 50.71
N ASN F 140 -32.18 -59.99 51.26
CA ASN F 140 -32.13 -61.43 51.43
C ASN F 140 -32.07 -62.15 50.10
N TYR F 141 -32.70 -61.61 49.06
CA TYR F 141 -32.62 -62.21 47.74
C TYR F 141 -31.24 -62.00 47.12
N ILE F 142 -30.59 -60.88 47.41
CA ILE F 142 -29.27 -60.61 46.86
C ILE F 142 -28.24 -61.55 47.47
N TYR F 143 -28.39 -61.88 48.75
CA TYR F 143 -27.48 -62.82 49.39
C TYR F 143 -27.62 -64.22 48.82
N SER F 144 -28.82 -64.58 48.36
CA SER F 144 -29.05 -65.88 47.72
C SER F 144 -28.52 -65.94 46.30
N MET F 145 -28.41 -64.80 45.62
CA MET F 145 -27.86 -64.76 44.27
C MET F 145 -26.34 -64.89 44.31
N ASP F 146 -25.76 -65.19 43.15
CA ASP F 146 -24.32 -65.37 43.02
C ASP F 146 -23.61 -64.03 43.19
N GLU F 147 -22.30 -64.11 43.45
CA GLU F 147 -21.53 -62.91 43.77
C GLU F 147 -21.33 -62.01 42.56
N ASN F 148 -21.33 -62.56 41.35
CA ASN F 148 -21.01 -61.76 40.16
C ASN F 148 -22.09 -60.74 39.81
N LEU F 149 -23.30 -60.88 40.34
CA LEU F 149 -24.37 -59.90 40.09
C LEU F 149 -24.16 -58.71 41.03
N GLU F 150 -23.68 -57.61 40.46
CA GLU F 150 -23.45 -56.38 41.23
C GLU F 150 -24.72 -55.55 41.24
N PHE F 151 -25.14 -55.15 42.45
CA PHE F 151 -26.35 -54.38 42.67
C PHE F 151 -25.97 -52.96 43.11
N HIS F 152 -26.65 -51.97 42.52
CA HIS F 152 -26.48 -50.55 42.86
C HIS F 152 -27.86 -50.01 43.22
N ILE F 153 -28.15 -49.99 44.52
CA ILE F 153 -29.44 -49.56 45.05
C ILE F 153 -29.27 -48.16 45.62
N LYS F 154 -30.15 -47.25 45.22
CA LYS F 154 -30.22 -45.90 45.75
C LYS F 154 -31.66 -45.59 46.14
N VAL F 155 -31.82 -44.96 47.31
CA VAL F 155 -33.12 -44.71 47.92
C VAL F 155 -33.43 -43.23 47.86
N SER F 156 -34.72 -42.92 47.78
CA SER F 156 -35.22 -41.55 47.80
C SER F 156 -36.55 -41.54 48.54
N TYR F 157 -36.85 -40.42 49.18
CA TYR F 157 -38.04 -40.31 50.02
C TYR F 157 -38.47 -38.86 50.09
N PHE F 158 -39.68 -38.57 49.61
CA PHE F 158 -40.25 -37.24 49.66
C PHE F 158 -41.75 -37.36 49.86
N GLU F 159 -42.40 -36.21 50.04
CA GLU F 159 -43.82 -36.14 50.37
C GLU F 159 -44.43 -34.90 49.74
N ILE F 160 -45.69 -35.00 49.32
CA ILE F 160 -46.39 -33.95 48.60
C ILE F 160 -47.36 -33.31 49.60
N TYR F 161 -46.97 -32.16 50.15
CA TYR F 161 -47.66 -31.51 51.26
C TYR F 161 -47.84 -30.03 50.95
N LEU F 162 -49.09 -29.57 51.01
CA LEU F 162 -49.47 -28.20 50.65
C LEU F 162 -49.01 -27.88 49.22
N ASP F 163 -49.38 -28.78 48.30
CA ASP F 163 -49.04 -28.76 46.86
C ASP F 163 -47.56 -28.45 46.60
N LYS F 164 -46.67 -28.98 47.45
CA LYS F 164 -45.23 -28.85 47.30
C LYS F 164 -44.57 -30.18 47.66
N ILE F 165 -43.58 -30.57 46.87
CA ILE F 165 -42.85 -31.83 47.05
C ILE F 165 -41.70 -31.52 47.98
N ARG F 166 -41.94 -31.62 49.29
CA ARG F 166 -40.93 -31.40 50.29
C ARG F 166 -40.14 -32.68 50.54
N ASP F 167 -38.81 -32.56 50.54
CA ASP F 167 -37.93 -33.68 50.83
C ASP F 167 -37.75 -33.82 52.34
N LEU F 168 -37.79 -35.07 52.82
CA LEU F 168 -37.63 -35.39 54.22
C LEU F 168 -36.23 -35.89 54.57
N LEU F 169 -35.48 -36.40 53.60
CA LEU F 169 -34.09 -36.76 53.83
C LEU F 169 -33.21 -35.55 54.06
N ASP F 170 -33.56 -34.41 53.46
CA ASP F 170 -32.92 -33.13 53.70
C ASP F 170 -34.00 -32.07 53.93
N VAL F 171 -33.81 -31.27 54.99
CA VAL F 171 -34.82 -30.30 55.41
C VAL F 171 -34.74 -28.98 54.66
N SER F 172 -33.66 -28.74 53.91
CA SER F 172 -33.49 -27.43 53.27
C SER F 172 -34.49 -27.23 52.14
N LYS F 173 -34.42 -28.06 51.11
CA LYS F 173 -35.27 -27.91 49.94
C LYS F 173 -36.68 -28.39 50.24
N THR F 174 -37.68 -27.61 49.82
CA THR F 174 -39.09 -27.88 50.08
C THR F 174 -39.92 -28.14 48.82
N ASN F 175 -39.35 -27.96 47.62
CA ASN F 175 -40.07 -28.19 46.38
C ASN F 175 -39.09 -28.66 45.30
N LEU F 176 -39.38 -29.81 44.70
CA LEU F 176 -38.61 -30.40 43.63
C LEU F 176 -39.41 -30.37 42.33
N SER F 177 -38.69 -30.53 41.22
CA SER F 177 -39.26 -30.57 39.88
C SER F 177 -39.39 -32.01 39.42
N VAL F 178 -40.32 -32.24 38.49
CA VAL F 178 -40.60 -33.55 37.91
C VAL F 178 -40.34 -33.43 36.42
N HIS F 179 -39.23 -34.00 35.96
CA HIS F 179 -38.77 -33.93 34.57
C HIS F 179 -38.94 -35.28 33.90
N GLU F 180 -38.83 -35.28 32.57
CA GLU F 180 -38.99 -36.47 31.75
C GLU F 180 -37.63 -37.06 31.40
N ASP F 181 -37.59 -38.39 31.32
CA ASP F 181 -36.38 -39.13 31.00
C ASP F 181 -36.31 -39.33 29.48
N LYS F 182 -35.45 -40.24 29.02
CA LYS F 182 -35.21 -40.44 27.59
C LYS F 182 -36.45 -40.88 26.83
N ASN F 183 -37.27 -41.76 27.44
CA ASN F 183 -38.49 -42.28 26.82
C ASN F 183 -39.75 -41.59 27.34
N ARG F 184 -39.64 -40.32 27.75
CA ARG F 184 -40.79 -39.48 28.10
C ARG F 184 -41.56 -40.01 29.31
N VAL F 185 -40.89 -40.75 30.20
CA VAL F 185 -41.50 -41.23 31.44
C VAL F 185 -41.14 -40.23 32.53
N PRO F 186 -42.10 -39.59 33.22
CA PRO F 186 -41.72 -38.55 34.17
C PRO F 186 -41.13 -39.15 35.45
N TYR F 187 -40.18 -38.42 36.03
CA TYR F 187 -39.59 -38.80 37.30
C TYR F 187 -39.01 -37.55 37.96
N VAL F 188 -38.53 -37.72 39.19
CA VAL F 188 -38.10 -36.61 40.04
C VAL F 188 -36.64 -36.29 39.74
N LYS F 189 -36.29 -35.01 39.87
CA LYS F 189 -34.92 -34.52 39.71
C LYS F 189 -34.55 -33.73 40.95
N GLY F 190 -33.26 -33.76 41.31
CA GLY F 190 -32.75 -33.02 42.43
C GLY F 190 -32.93 -33.66 43.79
N CYS F 191 -33.72 -34.75 43.88
CA CYS F 191 -33.97 -35.38 45.16
C CYS F 191 -32.69 -36.04 45.69
N THR F 192 -32.66 -36.23 47.01
CA THR F 192 -31.49 -36.80 47.68
C THR F 192 -31.50 -38.30 47.45
N GLU F 193 -30.68 -38.75 46.49
CA GLU F 193 -30.53 -40.17 46.15
C GLU F 193 -29.35 -40.72 46.98
N ARG F 194 -29.67 -41.27 48.14
CA ARG F 194 -28.67 -41.81 49.05
C ARG F 194 -28.29 -43.22 48.59
N PHE F 195 -27.01 -43.41 48.25
CA PHE F 195 -26.50 -44.73 47.88
C PHE F 195 -26.30 -45.56 49.14
N VAL F 196 -26.96 -46.71 49.19
CA VAL F 196 -26.99 -47.57 50.37
C VAL F 196 -26.27 -48.87 50.06
N CYS F 197 -25.68 -49.47 51.10
CA CYS F 197 -24.90 -50.70 51.01
C CYS F 197 -25.54 -51.86 51.77
N SER F 198 -25.86 -51.66 53.06
CA SER F 198 -26.40 -52.68 53.95
C SER F 198 -27.90 -52.45 54.18
N PRO F 199 -28.65 -53.48 54.60
CA PRO F 199 -30.08 -53.24 54.87
C PRO F 199 -30.34 -52.40 56.12
N ASP F 200 -29.44 -52.43 57.10
CA ASP F 200 -29.65 -51.65 58.31
C ASP F 200 -29.61 -50.15 58.04
N GLU F 201 -28.77 -49.72 57.10
CA GLU F 201 -28.74 -48.31 56.73
C GLU F 201 -30.05 -47.88 56.08
N VAL F 202 -30.71 -48.78 55.34
CA VAL F 202 -32.00 -48.45 54.74
C VAL F 202 -33.06 -48.31 55.82
N MET F 203 -32.92 -49.08 56.91
CA MET F 203 -33.82 -48.91 58.04
C MET F 203 -33.56 -47.58 58.75
N ASP F 204 -32.30 -47.12 58.75
CA ASP F 204 -31.98 -45.88 59.44
C ASP F 204 -32.57 -44.67 58.72
N THR F 205 -32.41 -44.60 57.39
CA THR F 205 -32.93 -43.46 56.65
C THR F 205 -34.46 -43.46 56.59
N ILE F 206 -35.09 -44.63 56.76
CA ILE F 206 -36.55 -44.67 56.84
C ILE F 206 -37.02 -44.12 58.17
N ASP F 207 -36.29 -44.41 59.26
CA ASP F 207 -36.70 -43.96 60.59
C ASP F 207 -36.59 -42.45 60.71
N GLU F 208 -35.47 -41.86 60.26
CA GLU F 208 -35.33 -40.42 60.31
C GLU F 208 -36.29 -39.72 59.35
N GLY F 209 -36.66 -40.38 58.26
CA GLY F 209 -37.63 -39.80 57.35
C GLY F 209 -39.02 -39.71 57.95
N LYS F 210 -39.45 -40.78 58.64
CA LYS F 210 -40.77 -40.77 59.27
C LYS F 210 -40.82 -39.82 60.46
N SER F 211 -39.68 -39.56 61.11
CA SER F 211 -39.64 -38.58 62.19
C SER F 211 -39.90 -37.17 61.70
N ASN F 212 -39.47 -36.84 60.48
CA ASN F 212 -39.73 -35.54 59.87
C ASN F 212 -41.10 -35.43 59.22
N ARG F 213 -41.90 -36.49 59.25
CA ARG F 213 -43.21 -36.47 58.60
C ARG F 213 -44.18 -35.62 59.41
N HIS F 214 -44.87 -34.71 58.73
CA HIS F 214 -45.82 -33.81 59.39
C HIS F 214 -47.11 -34.60 59.65
N VAL F 215 -47.17 -35.24 60.80
CA VAL F 215 -48.33 -36.03 61.23
C VAL F 215 -49.14 -35.18 62.19
N ALA F 216 -50.38 -34.88 61.82
CA ALA F 216 -51.31 -34.10 62.63
C ALA F 216 -52.25 -35.03 63.38
N VAL F 217 -53.00 -34.45 64.31
CA VAL F 217 -53.95 -35.15 65.16
C VAL F 217 -55.36 -34.69 64.81
N THR F 218 -56.30 -35.63 64.76
CA THR F 218 -57.70 -35.34 64.49
C THR F 218 -58.55 -36.30 65.33
N ASN F 219 -59.87 -36.16 65.22
CA ASN F 219 -60.79 -36.96 66.00
C ASN F 219 -60.85 -38.41 65.56
N MET F 220 -60.59 -38.70 64.28
CA MET F 220 -60.71 -40.05 63.74
C MET F 220 -59.45 -40.88 63.90
N ASN F 221 -58.27 -40.26 63.93
CA ASN F 221 -57.01 -40.98 64.05
C ASN F 221 -55.94 -40.04 64.59
N GLU F 222 -55.34 -40.42 65.72
CA GLU F 222 -54.24 -39.64 66.27
C GLU F 222 -53.02 -39.65 65.35
N HIS F 223 -52.71 -40.80 64.77
CA HIS F 223 -51.58 -40.94 63.84
C HIS F 223 -52.06 -40.78 62.39
N SER F 224 -52.65 -39.61 62.12
CA SER F 224 -53.21 -39.32 60.81
C SER F 224 -52.12 -38.82 59.87
N SER F 225 -51.74 -39.64 58.91
CA SER F 225 -50.83 -39.22 57.86
C SER F 225 -51.57 -38.29 56.89
N ARG F 226 -51.23 -37.01 56.92
CA ARG F 226 -51.96 -35.98 56.17
C ARG F 226 -51.39 -35.72 54.78
N SER F 227 -50.63 -36.66 54.22
CA SER F 227 -50.07 -36.48 52.89
C SER F 227 -49.57 -37.83 52.37
N HIS F 228 -49.07 -37.81 51.14
CA HIS F 228 -48.67 -39.02 50.41
C HIS F 228 -47.15 -39.13 50.45
N SER F 229 -46.64 -40.09 51.21
CA SER F 229 -45.21 -40.33 51.34
C SER F 229 -44.78 -41.34 50.28
N ILE F 230 -43.97 -40.88 49.32
CA ILE F 230 -43.45 -41.70 48.23
C ILE F 230 -42.04 -42.13 48.62
N PHE F 231 -41.81 -43.45 48.62
CA PHE F 231 -40.51 -44.05 48.93
C PHE F 231 -40.07 -44.86 47.72
N LEU F 232 -38.94 -44.48 47.12
CA LEU F 232 -38.41 -45.10 45.91
C LEU F 232 -37.21 -45.96 46.27
N ILE F 233 -37.08 -47.10 45.59
CA ILE F 233 -35.91 -47.96 45.67
C ILE F 233 -35.52 -48.27 44.24
N ASN F 234 -34.59 -47.48 43.70
CA ASN F 234 -34.14 -47.62 42.31
C ASN F 234 -33.04 -48.68 42.27
N VAL F 235 -33.44 -49.93 42.03
CA VAL F 235 -32.52 -51.07 42.04
C VAL F 235 -31.92 -51.21 40.66
N LYS F 236 -30.66 -50.81 40.51
CA LYS F 236 -29.88 -51.02 39.29
C LYS F 236 -29.00 -52.25 39.50
N GLN F 237 -28.96 -53.13 38.52
CA GLN F 237 -28.19 -54.36 38.58
C GLN F 237 -27.57 -54.66 37.21
N GLU F 238 -26.41 -55.32 37.24
CA GLU F 238 -25.69 -55.65 36.03
C GLU F 238 -24.78 -56.84 36.31
N ASN F 239 -24.70 -57.76 35.34
CA ASN F 239 -23.87 -58.94 35.44
C ASN F 239 -22.51 -58.67 34.79
N THR F 240 -21.44 -59.13 35.42
CA THR F 240 -20.10 -58.90 34.91
C THR F 240 -19.80 -59.77 33.70
N GLN F 241 -20.35 -60.98 33.64
CA GLN F 241 -20.05 -61.91 32.56
C GLN F 241 -20.82 -61.58 31.28
N THR F 242 -22.15 -61.48 31.37
CA THR F 242 -22.97 -61.19 30.19
C THR F 242 -22.99 -59.73 29.80
N GLU F 243 -22.62 -58.81 30.71
CA GLU F 243 -22.59 -57.37 30.43
C GLU F 243 -23.97 -56.85 30.05
N GLN F 244 -24.99 -57.29 30.80
CA GLN F 244 -26.39 -56.90 30.60
C GLN F 244 -26.84 -56.08 31.79
N LYS F 245 -27.15 -54.80 31.54
CA LYS F 245 -27.59 -53.87 32.57
C LYS F 245 -29.11 -53.85 32.65
N LEU F 246 -29.63 -53.82 33.87
CA LEU F 246 -31.06 -53.80 34.13
C LEU F 246 -31.34 -52.87 35.31
N SER F 247 -32.51 -52.23 35.27
CA SER F 247 -32.95 -51.31 36.31
C SER F 247 -34.45 -51.46 36.51
N GLY F 248 -34.89 -51.20 37.73
CA GLY F 248 -36.30 -51.26 38.09
C GLY F 248 -36.67 -50.25 39.15
N LYS F 249 -37.68 -49.42 38.86
CA LYS F 249 -38.15 -48.40 39.80
C LYS F 249 -39.24 -49.01 40.67
N LEU F 250 -39.00 -49.02 41.99
CA LEU F 250 -39.89 -49.63 42.98
C LEU F 250 -40.49 -48.51 43.83
N TYR F 251 -41.73 -48.14 43.50
CA TYR F 251 -42.43 -47.05 44.19
C TYR F 251 -43.25 -47.62 45.34
N LEU F 252 -43.07 -47.03 46.53
CA LEU F 252 -43.84 -47.36 47.74
C LEU F 252 -44.54 -46.08 48.20
N VAL F 253 -45.82 -45.96 47.86
CA VAL F 253 -46.63 -44.78 48.15
C VAL F 253 -47.61 -45.13 49.26
N ASP F 254 -47.71 -44.24 50.26
CA ASP F 254 -48.65 -44.38 51.37
C ASP F 254 -49.48 -43.10 51.42
N LEU F 255 -50.68 -43.16 50.86
CA LEU F 255 -51.52 -41.98 50.71
C LEU F 255 -52.33 -41.73 51.98
N ALA F 256 -53.01 -40.58 52.02
CA ALA F 256 -53.83 -40.14 53.13
C ALA F 256 -55.28 -40.51 52.88
N GLY F 257 -56.16 -40.15 53.81
CA GLY F 257 -57.54 -40.59 53.81
C GLY F 257 -58.48 -39.50 53.29
N SER F 258 -59.47 -39.92 52.50
CA SER F 258 -60.50 -39.02 51.98
C SER F 258 -61.61 -38.91 53.01
N ALA F 259 -61.37 -38.12 54.04
CA ALA F 259 -62.27 -37.98 55.17
C ALA F 259 -63.21 -36.80 54.96
N LYS F 260 -64.39 -36.89 55.58
CA LYS F 260 -65.36 -35.80 55.57
C LYS F 260 -65.02 -34.80 56.66
N VAL F 261 -65.25 -33.53 56.36
CA VAL F 261 -64.95 -32.47 57.32
C VAL F 261 -65.89 -32.53 58.51
N SER F 262 -67.14 -32.96 58.31
CA SER F 262 -68.08 -33.06 59.41
C SER F 262 -67.70 -34.15 60.39
N LYS F 263 -67.10 -35.25 59.90
CA LYS F 263 -66.68 -36.35 60.76
C LYS F 263 -65.37 -36.04 61.46
N THR F 264 -64.39 -35.49 60.75
CA THR F 264 -63.10 -35.16 61.36
C THR F 264 -63.19 -33.90 62.22
N GLY F 265 -64.05 -32.95 61.85
CA GLY F 265 -64.11 -31.69 62.57
C GLY F 265 -62.85 -30.88 62.37
N ALA F 266 -62.43 -30.75 61.12
CA ALA F 266 -61.19 -30.06 60.78
C ALA F 266 -61.40 -28.56 60.79
N GLU F 267 -60.42 -27.83 61.32
CA GLU F 267 -60.48 -26.38 61.37
C GLU F 267 -59.06 -25.84 61.49
N GLY F 268 -58.79 -24.76 60.75
CA GLY F 268 -57.50 -24.10 60.78
C GLY F 268 -56.52 -24.63 59.76
N ALA F 269 -55.28 -24.90 60.18
CA ALA F 269 -54.25 -25.35 59.27
C ALA F 269 -54.53 -26.73 58.68
N VAL F 270 -55.23 -27.60 59.41
CA VAL F 270 -55.56 -28.92 58.90
C VAL F 270 -56.47 -28.86 57.67
N LEU F 271 -57.27 -27.80 57.54
CA LEU F 271 -58.11 -27.64 56.35
C LEU F 271 -57.25 -27.49 55.09
N ASP F 272 -56.15 -26.75 55.20
CA ASP F 272 -55.23 -26.61 54.06
C ASP F 272 -54.58 -27.93 53.73
N GLU F 273 -54.30 -28.76 54.75
CA GLU F 273 -53.74 -30.07 54.51
C GLU F 273 -54.75 -30.99 53.82
N ALA F 274 -56.04 -30.81 54.11
CA ALA F 274 -57.07 -31.64 53.50
C ALA F 274 -57.26 -31.32 52.02
N LYS F 275 -56.98 -30.08 51.61
CA LYS F 275 -57.24 -29.68 50.23
C LYS F 275 -56.29 -30.38 49.26
N ASN F 276 -54.99 -30.35 49.56
CA ASN F 276 -54.00 -30.88 48.63
C ASN F 276 -54.09 -32.40 48.49
N ILE F 277 -54.44 -33.10 49.56
CA ILE F 277 -54.60 -34.56 49.47
C ILE F 277 -55.88 -34.90 48.69
N ASN F 278 -56.94 -34.11 48.87
CA ASN F 278 -58.20 -34.40 48.18
C ASN F 278 -58.12 -34.09 46.69
N LYS F 279 -57.30 -33.12 46.29
CA LYS F 279 -57.07 -32.89 44.87
C LYS F 279 -56.39 -34.09 44.22
N SER F 280 -55.47 -34.74 44.95
CA SER F 280 -54.70 -35.84 44.39
C SER F 280 -55.56 -37.10 44.24
N LEU F 281 -56.29 -37.47 45.30
CA LEU F 281 -57.09 -38.69 45.23
C LEU F 281 -58.25 -38.53 44.25
N SER F 282 -58.78 -37.31 44.11
CA SER F 282 -59.78 -37.06 43.07
C SER F 282 -59.13 -37.07 41.68
N ALA F 283 -57.87 -36.62 41.59
CA ALA F 283 -57.18 -36.60 40.30
C ALA F 283 -56.94 -38.02 39.79
N LEU F 284 -56.35 -38.88 40.62
CA LEU F 284 -56.16 -40.26 40.21
C LEU F 284 -57.47 -41.01 40.10
N GLY F 285 -58.50 -40.56 40.83
CA GLY F 285 -59.84 -41.11 40.62
C GLY F 285 -60.35 -40.85 39.22
N ASN F 286 -59.97 -39.72 38.63
CA ASN F 286 -60.29 -39.47 37.23
C ASN F 286 -59.45 -40.38 36.32
N VAL F 287 -58.23 -40.70 36.74
CA VAL F 287 -57.35 -41.53 35.91
C VAL F 287 -57.88 -42.95 35.82
N ILE F 288 -58.34 -43.50 36.95
CA ILE F 288 -58.87 -44.86 36.95
C ILE F 288 -60.18 -44.92 36.18
N SER F 289 -61.04 -43.91 36.35
CA SER F 289 -62.28 -43.87 35.58
C SER F 289 -62.01 -43.61 34.10
N ALA F 290 -61.00 -42.79 33.80
CA ALA F 290 -60.62 -42.58 32.40
C ALA F 290 -60.03 -43.84 31.79
N LEU F 291 -59.19 -44.55 32.55
CA LEU F 291 -58.62 -45.80 32.06
C LEU F 291 -59.65 -46.92 32.02
N ALA F 292 -60.62 -46.90 32.95
CA ALA F 292 -61.64 -47.94 32.98
C ALA F 292 -62.58 -47.81 31.80
N GLU F 293 -63.16 -46.62 31.61
CA GLU F 293 -64.02 -46.36 30.46
C GLU F 293 -63.24 -46.28 29.15
N GLY F 294 -61.92 -46.06 29.20
CA GLY F 294 -61.10 -46.05 28.00
C GLY F 294 -61.18 -44.73 27.25
N SER F 295 -60.81 -43.65 27.91
CA SER F 295 -60.83 -42.33 27.27
C SER F 295 -59.69 -42.21 26.27
N THR F 296 -59.70 -41.11 25.53
CA THR F 296 -58.68 -40.85 24.52
C THR F 296 -57.43 -40.23 25.12
N TYR F 297 -57.59 -39.21 25.98
CA TYR F 297 -56.47 -38.44 26.50
C TYR F 297 -55.89 -39.04 27.78
N VAL F 298 -56.75 -39.57 28.66
CA VAL F 298 -56.32 -40.17 29.93
C VAL F 298 -55.62 -39.10 30.76
N PRO F 299 -56.34 -38.12 31.36
CA PRO F 299 -55.65 -36.96 31.93
C PRO F 299 -54.88 -37.26 33.20
N TYR F 300 -53.64 -37.73 33.03
CA TYR F 300 -52.73 -37.88 34.16
C TYR F 300 -52.29 -36.54 34.75
N ARG F 301 -52.32 -35.46 33.96
CA ARG F 301 -51.73 -34.19 34.35
C ARG F 301 -52.69 -33.29 35.14
N ASP F 302 -53.73 -33.87 35.76
CA ASP F 302 -54.60 -33.07 36.61
C ASP F 302 -53.87 -32.58 37.85
N SER F 303 -53.29 -33.51 38.62
CA SER F 303 -52.47 -33.23 39.78
C SER F 303 -51.07 -33.79 39.58
N LYS F 304 -50.10 -33.15 40.22
CA LYS F 304 -48.71 -33.60 40.10
C LYS F 304 -48.46 -34.92 40.81
N MET F 305 -49.32 -35.30 41.76
CA MET F 305 -49.23 -36.64 42.34
C MET F 305 -49.54 -37.70 41.28
N THR F 306 -50.47 -37.39 40.38
CA THR F 306 -50.80 -38.33 39.30
C THR F 306 -49.67 -38.44 38.29
N ARG F 307 -48.83 -37.40 38.16
CA ARG F 307 -47.69 -37.48 37.25
C ARG F 307 -46.68 -38.53 37.70
N ILE F 308 -46.58 -38.76 39.01
CA ILE F 308 -45.66 -39.77 39.51
C ILE F 308 -46.14 -41.17 39.12
N LEU F 309 -47.45 -41.39 39.13
CA LEU F 309 -48.04 -42.72 38.93
C LEU F 309 -48.39 -42.99 37.47
N GLN F 310 -47.70 -42.35 36.52
CA GLN F 310 -47.99 -42.61 35.11
C GLN F 310 -47.41 -43.94 34.67
N ASP F 311 -46.15 -44.21 35.03
CA ASP F 311 -45.52 -45.48 34.65
C ASP F 311 -46.17 -46.67 35.33
N SER F 312 -46.81 -46.46 36.49
CA SER F 312 -47.46 -47.58 37.19
C SER F 312 -48.73 -48.02 36.47
N LEU F 313 -49.55 -47.08 36.00
CA LEU F 313 -50.85 -47.37 35.43
C LEU F 313 -50.83 -47.54 33.91
N GLY F 314 -49.85 -46.96 33.22
CA GLY F 314 -49.79 -47.00 31.76
C GLY F 314 -48.38 -47.13 31.22
N GLY F 315 -47.49 -47.75 31.99
CA GLY F 315 -46.09 -47.92 31.64
C GLY F 315 -45.72 -49.39 31.55
N ASN F 316 -44.45 -49.67 31.83
CA ASN F 316 -43.86 -51.01 31.76
C ASN F 316 -43.77 -51.64 33.14
N CYS F 317 -44.75 -51.35 33.99
CA CYS F 317 -44.74 -51.71 35.42
C CYS F 317 -45.81 -52.75 35.71
N ARG F 318 -45.64 -53.42 36.87
CA ARG F 318 -46.59 -54.39 37.40
C ARG F 318 -47.18 -53.82 38.68
N THR F 319 -48.31 -53.15 38.57
CA THR F 319 -48.94 -52.44 39.68
C THR F 319 -49.88 -53.37 40.43
N THR F 320 -50.01 -53.13 41.73
CA THR F 320 -50.91 -53.89 42.60
C THR F 320 -51.51 -52.94 43.63
N ILE F 321 -52.77 -52.57 43.44
CA ILE F 321 -53.49 -51.70 44.36
C ILE F 321 -54.09 -52.57 45.46
N VAL F 322 -53.94 -52.13 46.71
CA VAL F 322 -54.50 -52.80 47.88
C VAL F 322 -55.31 -51.77 48.66
N ILE F 323 -56.63 -51.84 48.52
CA ILE F 323 -57.55 -50.90 49.16
C ILE F 323 -57.82 -51.37 50.58
N CYS F 324 -57.84 -50.40 51.51
CA CYS F 324 -58.11 -50.65 52.92
C CYS F 324 -59.43 -49.98 53.28
N CYS F 325 -60.22 -50.64 54.12
CA CYS F 325 -61.52 -50.15 54.56
C CYS F 325 -61.80 -50.62 55.97
N SER F 326 -62.70 -49.91 56.65
CA SER F 326 -63.14 -50.21 58.01
C SER F 326 -64.45 -50.99 57.99
N PRO F 327 -64.69 -51.96 58.87
CA PRO F 327 -65.97 -52.69 58.84
C PRO F 327 -67.12 -52.02 59.57
N SER F 328 -66.95 -50.78 60.03
CA SER F 328 -67.97 -50.11 60.80
C SER F 328 -69.09 -49.59 59.90
N SER F 329 -70.30 -49.53 60.47
CA SER F 329 -71.45 -48.96 59.78
C SER F 329 -71.38 -47.44 59.65
N TYR F 330 -70.54 -46.77 60.45
CA TYR F 330 -70.46 -45.31 60.40
C TYR F 330 -69.75 -44.79 59.16
N ASN F 331 -68.85 -45.57 58.58
CA ASN F 331 -68.12 -45.22 57.36
C ASN F 331 -68.62 -46.03 56.16
N GLU F 332 -69.92 -46.34 56.14
CA GLU F 332 -70.45 -47.21 55.10
C GLU F 332 -70.44 -46.54 53.72
N SER F 333 -70.62 -45.22 53.67
CA SER F 333 -70.71 -44.54 52.37
C SER F 333 -69.35 -44.45 51.70
N GLU F 334 -68.34 -43.97 52.42
CA GLU F 334 -67.00 -43.84 51.84
C GLU F 334 -66.40 -45.21 51.51
N THR F 335 -66.75 -46.26 52.26
CA THR F 335 -66.20 -47.58 51.97
C THR F 335 -66.82 -48.18 50.71
N LYS F 336 -68.11 -47.92 50.47
CA LYS F 336 -68.73 -48.38 49.24
C LYS F 336 -68.11 -47.69 48.02
N SER F 337 -67.75 -46.41 48.16
CA SER F 337 -67.06 -45.70 47.09
C SER F 337 -65.68 -46.30 46.83
N THR F 338 -65.03 -46.81 47.88
CA THR F 338 -63.71 -47.40 47.70
C THR F 338 -63.79 -48.74 47.00
N LEU F 339 -64.84 -49.52 47.26
CA LEU F 339 -64.98 -50.82 46.62
C LEU F 339 -65.26 -50.67 45.13
N LEU F 340 -66.23 -49.84 44.75
CA LEU F 340 -66.50 -49.61 43.34
C LEU F 340 -65.34 -48.92 42.66
N PHE F 341 -64.58 -48.10 43.40
CA PHE F 341 -63.32 -47.59 42.88
C PHE F 341 -62.35 -48.73 42.59
N GLY F 342 -62.36 -49.76 43.42
CA GLY F 342 -61.57 -50.95 43.15
C GLY F 342 -62.07 -51.72 41.95
N GLN F 343 -63.39 -51.75 41.74
CA GLN F 343 -63.95 -52.43 40.57
C GLN F 343 -63.55 -51.73 39.29
N ARG F 344 -63.49 -50.40 39.29
CA ARG F 344 -62.98 -49.67 38.14
C ARG F 344 -61.50 -49.92 37.91
N ALA F 345 -60.74 -50.24 38.98
CA ALA F 345 -59.33 -50.56 38.83
C ALA F 345 -59.08 -51.94 38.22
N LYS F 346 -60.08 -52.84 38.26
CA LYS F 346 -59.87 -54.19 37.74
C LYS F 346 -59.76 -54.22 36.22
N THR F 347 -60.47 -53.33 35.53
CA THR F 347 -60.49 -53.31 34.07
C THR F 347 -59.27 -52.62 33.45
N ILE F 348 -58.28 -52.21 34.25
CA ILE F 348 -57.11 -51.50 33.75
C ILE F 348 -56.02 -52.51 33.43
N LYS F 349 -55.22 -52.22 32.41
CA LYS F 349 -54.10 -53.04 32.01
C LYS F 349 -52.89 -52.16 31.68
N ASN F 350 -51.72 -52.65 32.05
CA ASN F 350 -50.46 -51.95 31.82
C ASN F 350 -49.90 -52.33 30.45
N THR F 351 -49.01 -51.47 29.94
CA THR F 351 -48.31 -51.70 28.68
C THR F 351 -46.99 -52.42 28.92
N VAL F 352 -47.06 -53.53 29.65
CA VAL F 352 -45.88 -54.29 30.03
C VAL F 352 -45.45 -55.21 28.90
N ARG G 2 39.70 18.40 -13.97
CA ARG G 2 40.00 17.72 -15.22
C ARG G 2 41.00 18.55 -16.04
N GLU G 3 42.15 17.96 -16.33
CA GLU G 3 43.20 18.59 -17.11
C GLU G 3 43.93 17.55 -17.93
N CYS G 4 44.71 18.02 -18.90
CA CYS G 4 45.49 17.14 -19.77
C CYS G 4 46.66 17.93 -20.33
N ILE G 5 47.79 17.24 -20.47
CA ILE G 5 49.04 17.82 -20.98
C ILE G 5 49.40 17.12 -22.28
N SER G 6 50.27 17.77 -23.05
CA SER G 6 50.66 17.30 -24.37
C SER G 6 52.11 17.68 -24.68
N VAL G 7 52.77 16.83 -25.45
CA VAL G 7 54.15 17.04 -25.89
C VAL G 7 54.21 16.80 -27.40
N HIS G 8 54.89 17.70 -28.10
CA HIS G 8 55.01 17.68 -29.56
C HIS G 8 56.45 17.36 -29.92
N VAL G 9 56.63 16.42 -30.86
CA VAL G 9 57.95 15.93 -31.26
C VAL G 9 58.07 16.05 -32.77
N GLY G 10 59.17 16.66 -33.22
CA GLY G 10 59.50 16.71 -34.63
C GLY G 10 58.88 17.90 -35.35
N GLN G 11 59.24 18.00 -36.64
CA GLN G 11 58.67 19.04 -37.50
C GLN G 11 57.17 18.83 -37.66
N ALA G 12 56.73 17.58 -37.71
CA ALA G 12 55.31 17.30 -37.83
C ALA G 12 54.56 17.70 -36.57
N GLY G 13 55.18 17.52 -35.40
CA GLY G 13 54.49 17.84 -34.16
C GLY G 13 54.36 19.34 -33.96
N VAL G 14 55.46 20.08 -34.06
CA VAL G 14 55.45 21.51 -33.79
C VAL G 14 54.65 22.28 -34.84
N GLN G 15 54.62 21.81 -36.08
CA GLN G 15 53.77 22.45 -37.08
C GLN G 15 52.29 22.27 -36.75
N MET G 16 51.92 21.11 -36.22
CA MET G 16 50.58 20.93 -35.65
C MET G 16 50.46 21.62 -34.31
N GLY G 17 51.55 21.72 -33.55
CA GLY G 17 51.51 22.43 -32.28
C GLY G 17 51.28 23.91 -32.47
N ASN G 18 51.95 24.53 -33.44
CA ASN G 18 51.72 25.94 -33.72
C ASN G 18 50.32 26.18 -34.28
N ALA G 19 49.75 25.20 -34.98
CA ALA G 19 48.44 25.34 -35.61
C ALA G 19 47.28 25.04 -34.67
N CYS G 20 47.48 24.17 -33.68
CA CYS G 20 46.39 23.78 -32.79
C CYS G 20 46.23 24.73 -31.62
N TRP G 21 47.33 25.27 -31.09
CA TRP G 21 47.24 26.16 -29.94
C TRP G 21 46.75 27.55 -30.32
N GLU G 22 46.91 27.96 -31.58
CA GLU G 22 46.25 29.18 -32.04
C GLU G 22 44.74 28.99 -32.14
N LEU G 23 44.30 27.75 -32.41
CA LEU G 23 42.88 27.46 -32.39
C LEU G 23 42.33 27.41 -30.97
N TYR G 24 43.09 26.84 -30.03
CA TYR G 24 42.62 26.77 -28.66
C TYR G 24 42.54 28.14 -28.01
N CYS G 25 43.42 29.07 -28.39
CA CYS G 25 43.42 30.39 -27.77
C CYS G 25 42.28 31.27 -28.25
N LEU G 26 41.91 31.18 -29.53
CA LEU G 26 40.80 31.97 -30.04
C LEU G 26 39.44 31.41 -29.63
N GLU G 27 39.36 30.13 -29.29
CA GLU G 27 38.10 29.58 -28.79
C GLU G 27 37.74 30.19 -27.44
N HIS G 28 38.68 30.22 -26.51
CA HIS G 28 38.46 30.75 -25.17
C HIS G 28 38.72 32.26 -25.07
N GLY G 29 38.78 32.96 -26.20
CA GLY G 29 39.01 34.39 -26.17
C GLY G 29 40.37 34.81 -25.66
N ILE G 30 41.36 33.92 -25.73
CA ILE G 30 42.71 34.23 -25.26
C ILE G 30 43.45 34.92 -26.40
N GLN G 31 43.78 36.19 -26.20
CA GLN G 31 44.53 36.94 -27.20
C GLN G 31 45.95 36.38 -27.29
N PRO G 32 46.66 36.61 -28.40
CA PRO G 32 48.02 36.04 -28.53
C PRO G 32 49.05 36.68 -27.62
N ASP G 33 48.75 37.79 -26.95
CA ASP G 33 49.70 38.44 -26.05
C ASP G 33 49.79 37.78 -24.67
N GLY G 34 49.01 36.71 -24.41
CA GLY G 34 49.10 35.94 -23.20
C GLY G 34 47.92 36.06 -22.26
N GLN G 35 46.99 37.00 -22.49
CA GLN G 35 45.82 37.24 -21.65
C GLN G 35 44.58 37.30 -22.53
N MET G 36 43.42 37.43 -21.88
CA MET G 36 42.16 37.53 -22.59
C MET G 36 42.05 38.85 -23.35
N ASP G 52 34.84 30.41 -17.41
CA ASP G 52 35.79 30.41 -16.30
C ASP G 52 36.50 29.06 -16.19
N ASP G 53 35.71 27.99 -16.05
CA ASP G 53 36.23 26.64 -15.94
C ASP G 53 36.36 25.94 -17.29
N SER G 54 36.38 26.71 -18.39
CA SER G 54 36.51 26.14 -19.73
C SER G 54 37.95 26.02 -20.19
N PHE G 55 38.79 27.01 -19.88
CA PHE G 55 40.20 27.00 -20.25
C PHE G 55 41.09 26.31 -19.23
N THR G 56 40.56 25.87 -18.08
CA THR G 56 41.37 25.25 -17.06
C THR G 56 41.90 23.88 -17.46
N THR G 57 41.35 23.25 -18.49
CA THR G 57 41.81 21.93 -18.89
C THR G 57 43.20 22.01 -19.53
N PHE G 58 43.38 22.95 -20.45
CA PHE G 58 44.62 23.11 -21.21
C PHE G 58 45.48 24.26 -20.72
N PHE G 59 44.88 25.40 -20.37
CA PHE G 59 45.59 26.60 -19.95
C PHE G 59 45.50 26.75 -18.44
N CYS G 60 46.60 27.22 -17.85
CA CYS G 60 46.71 27.46 -16.42
C CYS G 60 46.39 28.93 -16.11
N GLU G 61 46.38 29.26 -14.82
CA GLU G 61 46.15 30.61 -14.33
C GLU G 61 47.48 31.11 -13.75
N THR G 62 48.11 32.04 -14.46
CA THR G 62 49.43 32.55 -14.10
C THR G 62 49.28 33.81 -13.25
N GLY G 63 48.84 33.60 -12.02
CA GLY G 63 48.76 34.67 -11.04
C GLY G 63 47.52 35.52 -11.17
N ALA G 64 47.51 36.43 -12.15
CA ALA G 64 46.38 37.36 -12.32
C ALA G 64 46.45 37.93 -13.74
N GLY G 65 45.43 37.64 -14.53
CA GLY G 65 45.32 38.19 -15.87
C GLY G 65 46.42 37.71 -16.80
N LYS G 66 46.79 36.44 -16.69
CA LYS G 66 47.82 35.86 -17.54
C LYS G 66 47.71 34.35 -17.47
N HIS G 67 47.96 33.69 -18.60
CA HIS G 67 47.82 32.25 -18.75
C HIS G 67 49.07 31.68 -19.40
N VAL G 68 49.24 30.36 -19.27
CA VAL G 68 50.33 29.63 -19.91
C VAL G 68 49.77 28.28 -20.35
N PRO G 69 50.05 27.78 -21.57
CA PRO G 69 49.57 26.44 -21.92
C PRO G 69 50.34 25.34 -21.20
N ARG G 70 49.67 24.19 -21.09
CA ARG G 70 50.30 22.96 -20.60
C ARG G 70 50.89 22.19 -21.78
N ALA G 71 51.92 22.81 -22.38
CA ALA G 71 52.58 22.29 -23.57
C ALA G 71 54.09 22.34 -23.40
N VAL G 72 54.76 21.35 -23.97
CA VAL G 72 56.22 21.30 -24.01
C VAL G 72 56.62 20.81 -25.40
N PHE G 73 57.02 21.74 -26.27
CA PHE G 73 57.47 21.41 -27.61
C PHE G 73 58.94 20.99 -27.52
N VAL G 74 59.20 19.70 -27.77
CA VAL G 74 60.54 19.11 -27.75
C VAL G 74 60.93 18.79 -29.18
N ASP G 75 62.17 19.12 -29.52
CA ASP G 75 62.70 18.78 -30.84
C ASP G 75 64.21 18.90 -30.79
N LEU G 76 64.88 17.99 -31.48
CA LEU G 76 66.34 17.97 -31.50
C LEU G 76 66.90 19.04 -32.42
N GLU G 77 66.33 19.21 -33.62
CA GLU G 77 66.78 20.25 -34.53
C GLU G 77 66.24 21.62 -34.09
N PRO G 78 67.05 22.66 -34.03
CA PRO G 78 66.61 23.91 -33.38
C PRO G 78 65.91 24.91 -34.28
N THR G 79 65.70 24.61 -35.56
CA THR G 79 65.09 25.58 -36.47
C THR G 79 63.63 25.86 -36.12
N VAL G 80 62.89 24.86 -35.67
CA VAL G 80 61.48 25.04 -35.34
C VAL G 80 61.30 25.71 -33.98
N ILE G 81 62.23 25.50 -33.05
CA ILE G 81 62.04 25.99 -31.69
C ILE G 81 62.22 27.50 -31.64
N ASP G 82 63.34 28.00 -32.17
CA ASP G 82 63.59 29.43 -32.15
C ASP G 82 62.67 30.20 -33.08
N GLU G 83 62.14 29.55 -34.11
CA GLU G 83 61.12 30.19 -34.95
C GLU G 83 59.86 30.45 -34.16
N ILE G 84 59.51 29.54 -33.24
CA ILE G 84 58.37 29.76 -32.36
C ILE G 84 58.68 30.87 -31.37
N ARG G 85 59.93 30.93 -30.91
CA ARG G 85 60.34 32.01 -30.02
C ARG G 85 60.33 33.37 -30.71
N ASN G 86 60.75 33.41 -31.99
CA ASN G 86 60.67 34.61 -32.81
C ASN G 86 59.41 34.66 -33.67
N GLY G 87 58.42 33.79 -33.41
CA GLY G 87 57.19 33.79 -34.16
C GLY G 87 56.24 34.86 -33.67
N PRO G 88 54.96 34.79 -34.06
CA PRO G 88 53.98 35.74 -33.53
C PRO G 88 53.51 35.39 -32.13
N TYR G 89 53.43 34.09 -31.83
CA TYR G 89 52.94 33.62 -30.53
C TYR G 89 54.10 33.46 -29.56
N ARG G 90 54.70 34.60 -29.20
CA ARG G 90 55.85 34.59 -28.29
C ARG G 90 55.43 34.52 -26.83
N GLN G 91 54.46 35.34 -26.43
CA GLN G 91 54.12 35.47 -25.02
C GLN G 91 53.21 34.37 -24.50
N LEU G 92 52.55 33.61 -25.39
CA LEU G 92 51.68 32.53 -24.93
C LEU G 92 52.49 31.41 -24.30
N PHE G 93 53.38 30.80 -25.06
CA PHE G 93 54.13 29.66 -24.58
C PHE G 93 55.26 30.12 -23.65
N HIS G 94 55.60 29.27 -22.69
CA HIS G 94 56.68 29.59 -21.77
C HIS G 94 58.01 29.55 -22.51
N PRO G 95 58.96 30.46 -22.24
CA PRO G 95 60.24 30.37 -22.95
C PRO G 95 61.07 29.16 -22.56
N GLU G 96 60.90 28.65 -21.34
CA GLU G 96 61.63 27.47 -20.89
C GLU G 96 61.01 26.18 -21.41
N GLN G 97 59.69 26.16 -21.60
CA GLN G 97 59.02 24.95 -22.09
C GLN G 97 59.43 24.60 -23.51
N LEU G 98 59.82 25.59 -24.30
CA LEU G 98 60.25 25.36 -25.68
C LEU G 98 61.65 24.77 -25.65
N ILE G 99 61.74 23.45 -25.52
CA ILE G 99 63.02 22.76 -25.43
C ILE G 99 63.61 22.62 -26.82
N THR G 100 64.92 22.78 -26.92
CA THR G 100 65.69 22.61 -28.15
C THR G 100 66.91 21.75 -27.89
N GLY G 101 67.28 20.97 -28.89
CA GLY G 101 68.44 20.08 -28.82
C GLY G 101 69.71 20.76 -29.29
N LYS G 102 70.65 19.93 -29.77
CA LYS G 102 71.95 20.37 -30.25
C LYS G 102 72.27 19.83 -31.63
N GLU G 103 71.78 18.64 -31.96
CA GLU G 103 72.06 17.98 -33.23
C GLU G 103 70.82 17.22 -33.67
N ASP G 104 70.54 17.29 -34.97
CA ASP G 104 69.33 16.71 -35.51
C ASP G 104 69.37 15.19 -35.47
N ALA G 105 68.19 14.58 -35.34
CA ALA G 105 68.08 13.13 -35.40
C ALA G 105 68.51 12.57 -36.75
N ALA G 106 68.33 13.35 -37.83
CA ALA G 106 68.80 13.01 -39.16
C ALA G 106 68.12 11.74 -39.69
N ASN G 107 66.80 11.69 -39.51
CA ASN G 107 65.95 10.71 -40.19
C ASN G 107 66.27 9.28 -39.77
N ASN G 108 66.83 9.10 -38.57
CA ASN G 108 67.32 7.83 -38.08
C ASN G 108 66.61 7.48 -36.77
N TYR G 109 66.07 6.26 -36.69
CA TYR G 109 65.44 5.81 -35.47
C TYR G 109 66.46 5.67 -34.35
N ALA G 110 67.66 5.20 -34.67
CA ALA G 110 68.66 4.93 -33.64
C ALA G 110 69.28 6.23 -33.11
N ARG G 111 69.47 7.22 -33.98
CA ARG G 111 70.20 8.42 -33.58
C ARG G 111 69.38 9.27 -32.61
N GLY G 112 68.07 9.36 -32.83
CA GLY G 112 67.19 10.07 -31.91
C GLY G 112 66.80 9.30 -30.66
N HIS G 113 67.29 8.06 -30.50
CA HIS G 113 66.92 7.18 -29.40
C HIS G 113 68.06 6.87 -28.44
N TYR G 114 69.29 6.76 -28.94
CA TYR G 114 70.45 6.34 -28.15
C TYR G 114 71.49 7.44 -28.00
N THR G 115 71.98 8.01 -29.10
CA THR G 115 73.03 9.02 -29.01
C THR G 115 72.47 10.36 -28.55
N ILE G 116 71.58 10.94 -29.36
CA ILE G 116 70.98 12.24 -29.03
C ILE G 116 69.78 12.09 -28.11
N GLY G 117 69.12 10.92 -28.10
CA GLY G 117 67.93 10.77 -27.27
C GLY G 117 68.26 10.68 -25.79
N LYS G 118 69.28 9.89 -25.44
CA LYS G 118 69.60 9.67 -24.03
C LYS G 118 70.06 10.92 -23.31
N GLU G 119 70.73 11.84 -24.01
CA GLU G 119 71.29 13.02 -23.38
C GLU G 119 70.32 14.19 -23.22
N ILE G 120 69.06 14.04 -23.67
CA ILE G 120 68.07 15.12 -23.65
C ILE G 120 66.78 14.71 -22.94
N ILE G 121 66.56 13.40 -22.76
CA ILE G 121 65.37 12.96 -22.02
C ILE G 121 65.41 13.40 -20.56
N ASP G 122 66.60 13.59 -19.98
CA ASP G 122 66.68 13.90 -18.56
C ASP G 122 66.14 15.30 -18.26
N PRO G 123 66.44 16.31 -19.08
CA PRO G 123 65.68 17.57 -18.94
C PRO G 123 64.19 17.44 -19.24
N VAL G 124 63.80 16.47 -20.07
CA VAL G 124 62.42 16.40 -20.55
C VAL G 124 61.54 15.61 -19.58
N LEU G 125 62.04 14.46 -19.11
CA LEU G 125 61.20 13.56 -18.30
C LEU G 125 60.88 14.16 -16.95
N ASP G 126 61.87 14.77 -16.29
CA ASP G 126 61.62 15.43 -15.02
C ASP G 126 60.75 16.67 -15.16
N ARG G 127 60.68 17.28 -16.35
CA ARG G 127 59.85 18.45 -16.55
C ARG G 127 58.37 18.07 -16.53
N ILE G 128 58.00 17.02 -17.26
CA ILE G 128 56.61 16.57 -17.25
C ILE G 128 56.18 16.06 -15.89
N ARG G 129 57.12 15.58 -15.07
CA ARG G 129 56.79 15.19 -13.70
C ARG G 129 56.33 16.41 -12.90
N LYS G 130 57.18 17.42 -12.78
CA LYS G 130 56.82 18.60 -11.99
C LYS G 130 55.76 19.45 -12.66
N LEU G 131 55.68 19.42 -14.00
CA LEU G 131 54.60 20.07 -14.70
C LEU G 131 53.26 19.38 -14.47
N SER G 132 53.27 18.10 -14.10
CA SER G 132 52.07 17.38 -13.69
C SER G 132 51.76 17.53 -12.21
N ASP G 133 52.78 17.79 -11.38
CA ASP G 133 52.54 17.92 -9.94
C ASP G 133 51.70 19.14 -9.61
N GLN G 134 51.92 20.26 -10.31
CA GLN G 134 51.06 21.43 -10.14
C GLN G 134 49.63 21.15 -10.56
N CYS G 135 49.43 20.25 -11.52
CA CYS G 135 48.09 19.79 -11.88
C CYS G 135 47.60 18.77 -10.85
N THR G 136 46.28 18.52 -10.90
CA THR G 136 45.61 17.56 -10.02
C THR G 136 44.67 16.60 -10.74
N GLY G 137 44.10 16.98 -11.88
CA GLY G 137 43.15 16.18 -12.62
C GLY G 137 43.70 15.71 -13.95
N LEU G 138 44.96 15.28 -13.95
CA LEU G 138 45.62 14.82 -15.17
C LEU G 138 44.93 13.54 -15.66
N GLN G 139 44.16 13.67 -16.74
CA GLN G 139 43.43 12.52 -17.26
C GLN G 139 44.35 11.57 -18.03
N GLY G 140 45.32 12.12 -18.76
CA GLY G 140 46.23 11.29 -19.54
C GLY G 140 47.23 12.13 -20.28
N PHE G 141 47.64 11.62 -21.45
CA PHE G 141 48.60 12.27 -22.33
C PHE G 141 48.14 12.16 -23.76
N LEU G 142 48.56 13.12 -24.59
CA LEU G 142 48.41 13.06 -26.04
C LEU G 142 49.65 13.63 -26.68
N VAL G 143 50.20 12.91 -27.65
CA VAL G 143 51.44 13.27 -28.32
C VAL G 143 51.15 13.58 -29.78
N PHE G 144 52.11 14.23 -30.44
CA PHE G 144 52.03 14.61 -31.84
C PHE G 144 53.40 14.43 -32.46
N HIS G 145 53.47 13.62 -33.52
CA HIS G 145 54.75 13.26 -34.12
C HIS G 145 54.47 12.61 -35.47
N SER G 146 55.52 12.09 -36.10
CA SER G 146 55.41 11.33 -37.35
C SER G 146 56.57 10.34 -37.40
N PHE G 147 56.25 9.06 -37.59
CA PHE G 147 57.27 8.02 -37.64
C PHE G 147 58.06 8.00 -38.95
N GLY G 148 57.76 8.87 -39.91
CA GLY G 148 58.56 8.97 -41.11
C GLY G 148 59.94 9.56 -40.92
N GLY G 149 60.21 10.21 -39.77
CA GLY G 149 61.50 10.79 -39.49
C GLY G 149 62.24 10.06 -38.39
N GLY G 150 63.29 10.71 -37.90
CA GLY G 150 64.15 10.15 -36.87
C GLY G 150 63.71 10.55 -35.47
N THR G 151 63.56 11.85 -35.24
CA THR G 151 63.14 12.32 -33.92
C THR G 151 61.71 11.91 -33.61
N GLY G 152 60.86 11.83 -34.63
CA GLY G 152 59.50 11.35 -34.44
C GLY G 152 59.39 9.86 -34.19
N SER G 153 60.44 9.08 -34.48
CA SER G 153 60.45 7.62 -34.32
C SER G 153 61.26 7.19 -33.10
N GLY G 154 62.51 7.63 -33.00
CA GLY G 154 63.36 7.17 -31.91
C GLY G 154 63.03 7.85 -30.59
N PHE G 155 63.04 9.18 -30.58
CA PHE G 155 62.84 9.91 -29.33
C PHE G 155 61.42 9.74 -28.80
N THR G 156 60.45 9.55 -29.68
CA THR G 156 59.06 9.39 -29.24
C THR G 156 58.87 8.06 -28.50
N SER G 157 59.44 6.99 -29.05
CA SER G 157 59.37 5.69 -28.38
C SER G 157 60.14 5.71 -27.07
N LEU G 158 61.20 6.52 -26.98
CA LEU G 158 61.98 6.59 -25.76
C LEU G 158 61.22 7.27 -24.64
N LEU G 159 60.63 8.43 -24.91
CA LEU G 159 59.90 9.15 -23.86
C LEU G 159 58.62 8.41 -23.49
N MET G 160 57.91 7.88 -24.48
CA MET G 160 56.67 7.15 -24.19
C MET G 160 56.95 5.87 -23.42
N GLU G 161 58.12 5.26 -23.64
CA GLU G 161 58.54 4.13 -22.82
C GLU G 161 58.98 4.61 -21.43
N ARG G 162 59.59 5.78 -21.34
CA ARG G 162 60.09 6.29 -20.07
C ARG G 162 58.99 6.76 -19.13
N LEU G 163 57.86 7.23 -19.67
CA LEU G 163 56.72 7.64 -18.85
C LEU G 163 55.74 6.51 -18.62
N SER G 164 55.67 5.53 -19.53
CA SER G 164 54.76 4.41 -19.33
C SER G 164 55.20 3.52 -18.17
N VAL G 165 56.51 3.35 -17.97
CA VAL G 165 56.98 2.61 -16.81
C VAL G 165 56.77 3.36 -15.52
N ASP G 166 56.66 4.69 -15.56
CA ASP G 166 56.40 5.51 -14.37
C ASP G 166 54.91 5.57 -14.04
N TYR G 167 54.11 6.06 -14.99
CA TYR G 167 52.67 6.20 -14.79
C TYR G 167 51.93 4.91 -15.12
N GLY G 168 52.02 4.47 -16.37
CA GLY G 168 51.42 3.21 -16.78
C GLY G 168 49.91 3.26 -16.94
N LYS G 169 49.20 3.48 -15.82
CA LYS G 169 47.74 3.43 -15.82
C LYS G 169 47.10 4.54 -16.64
N LYS G 170 47.78 5.67 -16.81
CA LYS G 170 47.19 6.80 -17.53
C LYS G 170 47.18 6.53 -19.03
N SER G 171 46.27 7.19 -19.73
CA SER G 171 46.07 6.96 -21.15
C SER G 171 47.15 7.64 -21.97
N LYS G 172 47.26 7.22 -23.23
CA LYS G 172 48.21 7.78 -24.20
C LYS G 172 47.53 7.85 -25.55
N LEU G 173 47.27 9.07 -26.02
CA LEU G 173 46.57 9.32 -27.28
C LEU G 173 47.60 9.70 -28.33
N GLU G 174 48.06 8.70 -29.08
CA GLU G 174 49.10 8.91 -30.08
C GLU G 174 48.48 9.43 -31.37
N PHE G 175 49.16 10.41 -31.99
CA PHE G 175 48.76 11.01 -33.26
C PHE G 175 49.97 11.02 -34.18
N SER G 176 50.13 9.95 -34.95
CA SER G 176 51.26 9.76 -35.86
C SER G 176 50.81 9.93 -37.31
N ILE G 177 51.67 10.55 -38.10
CA ILE G 177 51.44 10.75 -39.53
C ILE G 177 52.23 9.68 -40.27
N TYR G 178 51.51 8.65 -40.79
CA TYR G 178 52.12 7.56 -41.55
C TYR G 178 52.35 7.97 -43.00
N PRO G 179 53.23 7.28 -43.74
CA PRO G 179 53.42 7.65 -45.15
C PRO G 179 52.29 7.10 -46.02
N ALA G 180 52.09 7.73 -47.17
CA ALA G 180 51.06 7.31 -48.09
C ALA G 180 51.49 6.05 -48.84
N PRO G 181 50.57 5.39 -49.59
CA PRO G 181 50.97 4.19 -50.34
C PRO G 181 52.02 4.44 -51.41
N GLN G 182 51.80 5.47 -52.24
CA GLN G 182 52.71 5.82 -53.34
C GLN G 182 53.42 7.14 -53.12
N VAL G 183 52.77 8.13 -52.51
CA VAL G 183 53.43 9.38 -52.17
C VAL G 183 54.29 9.16 -50.93
N SER G 184 55.44 9.82 -50.89
CA SER G 184 56.31 9.72 -49.73
C SER G 184 57.31 10.87 -49.75
N THR G 185 57.70 11.30 -48.55
CA THR G 185 58.63 12.41 -48.37
C THR G 185 60.08 11.94 -48.24
N ALA G 186 60.30 10.78 -47.62
CA ALA G 186 61.62 10.19 -47.43
C ALA G 186 61.75 8.92 -48.25
N VAL G 187 62.89 8.23 -48.06
CA VAL G 187 63.15 6.94 -48.69
C VAL G 187 63.29 5.81 -47.68
N VAL G 188 63.75 6.09 -46.45
CA VAL G 188 63.95 5.07 -45.42
C VAL G 188 62.81 5.02 -44.41
N GLU G 189 61.66 5.64 -44.70
CA GLU G 189 60.55 5.62 -43.76
C GLU G 189 59.97 4.24 -43.42
N PRO G 190 60.12 3.18 -44.25
CA PRO G 190 59.76 1.85 -43.72
C PRO G 190 60.66 1.40 -42.59
N TYR G 191 61.96 1.70 -42.66
CA TYR G 191 62.87 1.35 -41.59
C TYR G 191 62.54 2.14 -40.32
N ASN G 192 62.16 3.40 -40.48
CA ASN G 192 61.84 4.23 -39.32
C ASN G 192 60.54 3.80 -38.68
N SER G 193 59.55 3.44 -39.50
CA SER G 193 58.23 3.07 -38.97
C SER G 193 58.22 1.66 -38.42
N ILE G 194 58.98 0.74 -39.03
CA ILE G 194 58.93 -0.65 -38.60
C ILE G 194 59.65 -0.83 -37.27
N LEU G 195 60.68 -0.03 -36.99
CA LEU G 195 61.43 -0.16 -35.74
C LEU G 195 60.68 0.47 -34.57
N THR G 196 60.10 1.65 -34.77
CA THR G 196 59.40 2.35 -33.69
C THR G 196 58.07 1.71 -33.34
N THR G 197 57.42 1.04 -34.30
CA THR G 197 56.19 0.32 -34.01
C THR G 197 56.43 -0.93 -33.18
N HIS G 198 57.66 -1.47 -33.18
CA HIS G 198 57.97 -2.62 -32.33
C HIS G 198 57.83 -2.28 -30.86
N THR G 199 58.19 -1.05 -30.48
CA THR G 199 58.03 -0.58 -29.11
C THR G 199 56.66 0.02 -28.84
N THR G 200 56.01 0.60 -29.85
CA THR G 200 54.69 1.19 -29.70
C THR G 200 53.57 0.17 -29.68
N LEU G 201 53.80 -1.06 -30.14
CA LEU G 201 52.73 -2.05 -30.24
C LEU G 201 52.22 -2.49 -28.87
N GLU G 202 53.06 -2.40 -27.83
CA GLU G 202 52.74 -2.93 -26.50
C GLU G 202 52.48 -1.85 -25.46
N HIS G 203 53.10 -0.67 -25.58
CA HIS G 203 52.99 0.39 -24.59
C HIS G 203 51.86 1.37 -24.87
N SER G 204 51.47 1.56 -26.14
CA SER G 204 50.45 2.54 -26.50
C SER G 204 49.07 1.94 -26.32
N ASP G 205 48.18 2.69 -25.67
CA ASP G 205 46.81 2.23 -25.49
C ASP G 205 45.98 2.43 -26.76
N CYS G 206 46.14 3.58 -27.42
CA CYS G 206 45.45 3.86 -28.67
C CYS G 206 46.28 4.86 -29.47
N ALA G 207 46.11 4.82 -30.79
CA ALA G 207 46.93 5.63 -31.69
C ALA G 207 46.11 5.94 -32.94
N PHE G 208 45.64 7.19 -33.03
CA PHE G 208 44.98 7.68 -34.24
C PHE G 208 46.04 8.05 -35.28
N MET G 209 45.68 7.89 -36.56
CA MET G 209 46.61 7.99 -37.67
C MET G 209 46.13 8.99 -38.71
N VAL G 210 47.10 9.59 -39.39
CA VAL G 210 46.88 10.58 -40.44
C VAL G 210 47.79 10.21 -41.60
N ASP G 211 47.37 10.56 -42.81
CA ASP G 211 48.08 10.26 -44.05
C ASP G 211 48.35 11.56 -44.83
N ASN G 212 49.26 11.46 -45.80
CA ASN G 212 49.73 12.61 -46.56
C ASN G 212 48.86 12.93 -47.77
N GLU G 213 48.70 11.99 -48.71
CA GLU G 213 47.89 12.26 -49.89
C GLU G 213 46.39 12.20 -49.61
N ALA G 214 45.97 11.50 -48.55
CA ALA G 214 44.54 11.44 -48.24
C ALA G 214 44.01 12.80 -47.83
N ILE G 215 44.71 13.48 -46.93
CA ILE G 215 44.27 14.81 -46.49
C ILE G 215 44.38 15.82 -47.63
N TYR G 216 45.32 15.63 -48.55
CA TYR G 216 45.34 16.44 -49.76
C TYR G 216 44.09 16.20 -50.60
N ASP G 217 43.60 14.97 -50.62
CA ASP G 217 42.39 14.66 -51.39
C ASP G 217 41.15 15.31 -50.77
N ILE G 218 41.16 15.57 -49.46
CA ILE G 218 40.02 16.22 -48.82
C ILE G 218 39.89 17.65 -49.32
N CYS G 219 40.99 18.42 -49.26
CA CYS G 219 40.96 19.81 -49.68
C CYS G 219 40.92 19.98 -51.19
N ARG G 220 41.24 18.95 -51.97
CA ARG G 220 41.21 19.04 -53.43
C ARG G 220 39.78 18.98 -53.96
N ARG G 221 39.01 17.99 -53.53
CA ARG G 221 37.66 17.79 -54.06
C ARG G 221 36.65 18.72 -53.40
N ASN G 222 36.52 18.62 -52.09
CA ASN G 222 35.46 19.35 -51.38
C ASN G 222 35.81 20.82 -51.15
N LEU G 223 37.03 21.12 -50.71
CA LEU G 223 37.45 22.50 -50.42
C LEU G 223 38.04 23.22 -51.62
N ASP G 224 38.22 22.54 -52.77
CA ASP G 224 38.69 23.08 -54.06
C ASP G 224 39.95 23.95 -53.96
N ILE G 225 40.83 23.63 -53.00
CA ILE G 225 42.12 24.31 -52.85
C ILE G 225 43.10 23.53 -53.71
N GLU G 226 43.39 24.04 -54.90
CA GLU G 226 44.28 23.37 -55.84
C GLU G 226 45.76 23.54 -55.48
N ARG G 227 46.11 24.51 -54.62
CA ARG G 227 47.48 24.75 -54.17
C ARG G 227 47.51 24.91 -52.66
N PRO G 228 47.34 23.83 -51.91
CA PRO G 228 47.42 23.91 -50.45
C PRO G 228 48.85 23.73 -49.95
N THR G 229 49.02 23.93 -48.64
CA THR G 229 50.30 23.78 -47.96
C THR G 229 50.06 23.09 -46.62
N TYR G 230 51.16 22.79 -45.91
CA TYR G 230 51.06 22.15 -44.61
C TYR G 230 50.37 23.04 -43.58
N THR G 231 50.43 24.37 -43.76
CA THR G 231 49.71 25.27 -42.87
C THR G 231 48.21 25.04 -42.97
N ASN G 232 47.71 24.77 -44.18
CA ASN G 232 46.28 24.49 -44.34
C ASN G 232 45.92 23.11 -43.85
N LEU G 233 46.83 22.13 -43.99
CA LEU G 233 46.54 20.77 -43.54
C LEU G 233 46.39 20.70 -42.03
N ASN G 234 47.22 21.45 -41.30
CA ASN G 234 47.19 21.39 -39.84
C ASN G 234 45.95 22.07 -39.25
N ARG G 235 45.28 22.93 -40.01
CA ARG G 235 44.08 23.60 -39.49
C ARG G 235 42.95 22.61 -39.27
N LEU G 236 42.61 21.83 -40.30
CA LEU G 236 41.56 20.83 -40.14
C LEU G 236 41.96 19.71 -39.20
N ILE G 237 43.26 19.44 -39.06
CA ILE G 237 43.73 18.50 -38.05
C ILE G 237 43.50 19.07 -36.66
N SER G 238 43.70 20.39 -36.52
CA SER G 238 43.40 21.04 -35.24
C SER G 238 41.91 20.98 -34.92
N GLN G 239 41.07 21.02 -35.94
CA GLN G 239 39.63 20.87 -35.72
C GLN G 239 39.30 19.47 -35.20
N ILE G 240 40.05 18.46 -35.64
CA ILE G 240 39.79 17.10 -35.19
C ILE G 240 40.19 16.94 -33.73
N VAL G 241 41.45 17.24 -33.40
CA VAL G 241 41.94 17.02 -32.04
C VAL G 241 41.37 17.99 -31.03
N SER G 242 40.84 19.14 -31.47
CA SER G 242 40.13 20.04 -30.57
C SER G 242 38.68 19.60 -30.34
N SER G 243 38.07 18.95 -31.33
CA SER G 243 36.70 18.49 -31.19
C SER G 243 36.58 17.26 -30.30
N ILE G 244 37.57 16.38 -30.29
CA ILE G 244 37.51 15.21 -29.41
C ILE G 244 37.64 15.61 -27.95
N THR G 245 38.45 16.62 -27.63
CA THR G 245 38.58 17.14 -26.27
C THR G 245 37.61 18.29 -25.98
N ALA G 246 36.66 18.57 -26.88
CA ALA G 246 35.69 19.62 -26.64
C ALA G 246 34.65 19.25 -25.59
N SER G 247 34.48 17.96 -25.28
CA SER G 247 33.50 17.56 -24.28
C SER G 247 33.94 17.96 -22.87
N LEU G 248 35.22 17.80 -22.55
CA LEU G 248 35.72 18.15 -21.23
C LEU G 248 35.86 19.66 -21.04
N ARG G 249 36.04 20.42 -22.12
CA ARG G 249 36.17 21.87 -22.00
C ARG G 249 34.83 22.54 -21.76
N PHE G 250 33.90 22.39 -22.71
CA PHE G 250 32.59 23.01 -22.65
C PHE G 250 31.54 21.99 -22.22
N ASP G 251 30.41 22.50 -21.73
CA ASP G 251 29.32 21.65 -21.30
C ASP G 251 28.63 21.02 -22.51
N GLY G 252 28.19 19.75 -22.33
CA GLY G 252 27.54 19.01 -23.40
C GLY G 252 26.38 18.20 -22.85
N ALA G 253 25.48 17.84 -23.77
CA ALA G 253 24.33 17.03 -23.39
C ALA G 253 24.73 15.61 -23.02
N LEU G 254 25.81 15.09 -23.62
CA LEU G 254 26.35 13.77 -23.31
C LEU G 254 27.87 13.94 -23.25
N ASN G 255 28.38 14.21 -22.05
CA ASN G 255 29.80 14.47 -21.88
C ASN G 255 30.59 13.17 -21.94
N VAL G 256 31.66 13.17 -22.72
CA VAL G 256 32.60 12.05 -22.84
C VAL G 256 33.98 12.55 -22.45
N ASP G 257 34.81 11.61 -21.98
CA ASP G 257 36.15 11.88 -21.48
C ASP G 257 37.17 11.09 -22.30
N LEU G 258 38.45 11.33 -22.01
CA LEU G 258 39.53 10.69 -22.74
C LEU G 258 39.62 9.18 -22.49
N THR G 259 39.11 8.70 -21.36
CA THR G 259 39.12 7.27 -21.08
C THR G 259 38.11 6.49 -21.92
N GLU G 260 37.16 7.16 -22.57
CA GLU G 260 36.23 6.47 -23.45
C GLU G 260 36.93 5.91 -24.68
N PHE G 261 38.00 6.54 -25.14
CA PHE G 261 38.73 6.09 -26.31
C PHE G 261 39.49 4.79 -26.08
N GLN G 262 39.69 4.36 -24.83
CA GLN G 262 40.35 3.10 -24.52
C GLN G 262 39.36 1.94 -24.42
N THR G 263 38.18 2.19 -23.84
CA THR G 263 37.22 1.13 -23.60
C THR G 263 36.43 0.77 -24.85
N ASN G 264 35.97 1.78 -25.58
CA ASN G 264 35.03 1.58 -26.68
C ASN G 264 35.69 1.25 -28.02
N LEU G 265 37.01 1.46 -28.16
CA LEU G 265 37.71 1.33 -29.44
C LEU G 265 38.78 0.25 -29.46
N VAL G 266 39.28 -0.19 -28.32
CA VAL G 266 40.37 -1.15 -28.21
C VAL G 266 39.77 -2.50 -27.79
N PRO G 267 39.38 -3.38 -28.74
CA PRO G 267 38.83 -4.69 -28.33
C PRO G 267 39.88 -5.63 -27.76
N TYR G 268 41.14 -5.47 -28.16
CA TYR G 268 42.26 -6.29 -27.71
C TYR G 268 43.45 -5.35 -27.48
N PRO G 269 44.35 -5.67 -26.53
CA PRO G 269 45.37 -4.68 -26.16
C PRO G 269 46.42 -4.44 -27.22
N ARG G 270 46.60 -5.37 -28.17
CA ARG G 270 47.57 -5.24 -29.26
C ARG G 270 46.94 -4.86 -30.59
N ILE G 271 45.62 -4.69 -30.66
CA ILE G 271 44.94 -4.14 -31.83
C ILE G 271 44.36 -2.79 -31.40
N HIS G 272 45.13 -1.73 -31.64
CA HIS G 272 44.86 -0.40 -31.10
C HIS G 272 45.12 0.67 -32.16
N PHE G 273 44.53 0.49 -33.35
CA PHE G 273 44.76 1.35 -34.52
C PHE G 273 43.43 1.80 -35.11
N PRO G 274 42.81 2.85 -34.57
CA PRO G 274 41.63 3.43 -35.24
C PRO G 274 42.00 4.32 -36.41
N LEU G 275 40.99 4.59 -37.25
CA LEU G 275 41.09 5.54 -38.34
C LEU G 275 40.66 6.92 -37.86
N ALA G 276 40.70 7.89 -38.78
CA ALA G 276 40.35 9.28 -38.47
C ALA G 276 39.71 9.93 -39.69
N THR G 277 38.67 10.71 -39.45
CA THR G 277 38.00 11.46 -40.50
C THR G 277 37.25 12.63 -39.86
N TYR G 278 36.73 13.51 -40.71
CA TYR G 278 36.07 14.72 -40.27
C TYR G 278 35.10 15.18 -41.34
N ALA G 279 34.00 15.80 -40.90
CA ALA G 279 33.03 16.38 -41.81
C ALA G 279 32.22 17.41 -41.03
N PRO G 280 31.65 18.44 -41.70
CA PRO G 280 31.68 18.80 -43.12
C PRO G 280 32.89 19.67 -43.47
N VAL G 281 33.55 19.34 -44.58
CA VAL G 281 34.61 20.16 -45.15
C VAL G 281 34.03 20.88 -46.36
N ILE G 282 33.92 22.20 -46.25
CA ILE G 282 33.21 23.01 -47.25
C ILE G 282 33.80 24.40 -47.22
N SER G 283 33.89 25.03 -48.38
CA SER G 283 34.49 26.36 -48.52
C SER G 283 33.46 27.43 -48.17
N ALA G 284 33.86 28.70 -48.29
CA ALA G 284 32.98 29.80 -47.89
C ALA G 284 31.81 29.94 -48.86
N GLU G 285 32.09 30.11 -50.15
CA GLU G 285 31.04 30.25 -51.15
C GLU G 285 30.17 29.00 -51.27
N LYS G 286 30.72 27.81 -50.99
CA LYS G 286 29.96 26.58 -51.04
C LYS G 286 29.16 26.32 -49.76
N ALA G 287 29.49 26.98 -48.66
CA ALA G 287 28.77 26.74 -47.41
C ALA G 287 27.34 27.26 -47.50
N TYR G 288 27.15 28.42 -48.13
CA TYR G 288 25.83 29.03 -48.21
C TYR G 288 24.90 28.31 -49.19
N HIS G 289 25.45 27.61 -50.19
CA HIS G 289 24.65 26.86 -51.15
C HIS G 289 24.34 25.44 -50.68
N GLU G 290 25.20 24.84 -49.87
CA GLU G 290 25.03 23.48 -49.39
C GLU G 290 24.22 23.49 -48.09
N GLN G 291 23.30 22.53 -47.97
CA GLN G 291 22.47 22.42 -46.78
C GLN G 291 23.27 21.74 -45.68
N LEU G 292 23.06 22.20 -44.44
CA LEU G 292 23.79 21.74 -43.25
C LEU G 292 22.81 21.03 -42.31
N SER G 293 22.94 19.70 -42.23
CA SER G 293 22.20 18.91 -41.26
C SER G 293 23.01 17.65 -40.95
N VAL G 294 22.53 16.82 -40.02
CA VAL G 294 23.27 15.63 -39.64
C VAL G 294 23.17 14.51 -40.67
N ALA G 295 22.11 14.49 -41.49
CA ALA G 295 21.90 13.38 -42.40
C ALA G 295 22.96 13.36 -43.50
N GLU G 296 23.26 14.52 -44.08
CA GLU G 296 24.19 14.57 -45.20
C GLU G 296 25.63 14.37 -44.74
N ILE G 297 26.00 14.88 -43.56
CA ILE G 297 27.36 14.72 -43.06
C ILE G 297 27.58 13.33 -42.47
N THR G 298 26.51 12.68 -41.96
CA THR G 298 26.66 11.32 -41.48
C THR G 298 27.00 10.37 -42.62
N ASN G 299 26.47 10.63 -43.82
CA ASN G 299 26.87 9.87 -44.99
C ASN G 299 28.24 10.28 -45.53
N ALA G 300 28.68 11.50 -45.23
CA ALA G 300 29.95 11.99 -45.78
C ALA G 300 31.14 11.37 -45.06
N CYS G 301 31.08 11.22 -43.74
CA CYS G 301 32.20 10.65 -43.00
C CYS G 301 32.37 9.17 -43.27
N PHE G 302 31.27 8.43 -43.50
CA PHE G 302 31.35 7.04 -43.91
C PHE G 302 31.70 6.87 -45.39
N GLU G 303 31.74 7.94 -46.17
CA GLU G 303 32.18 7.84 -47.55
C GLU G 303 33.65 7.44 -47.57
N PRO G 304 34.08 6.49 -48.42
CA PRO G 304 35.45 5.97 -48.27
C PRO G 304 36.54 6.95 -48.65
N ALA G 305 36.32 7.76 -49.69
CA ALA G 305 37.30 8.75 -50.12
C ALA G 305 37.36 9.97 -49.20
N ASN G 306 36.44 10.12 -48.26
CA ASN G 306 36.43 11.25 -47.32
C ASN G 306 37.22 10.98 -46.04
N GLN G 307 38.05 9.93 -46.02
CA GLN G 307 38.87 9.58 -44.86
C GLN G 307 40.25 10.20 -44.99
N MET G 308 40.97 10.23 -43.86
CA MET G 308 42.34 10.73 -43.80
C MET G 308 43.38 9.63 -43.99
N VAL G 309 43.02 8.54 -44.68
CA VAL G 309 43.95 7.44 -44.94
C VAL G 309 43.49 6.74 -46.21
N LYS G 310 44.43 6.48 -47.11
CA LYS G 310 44.13 5.77 -48.36
C LYS G 310 43.92 4.30 -48.00
N CYS G 311 42.67 3.94 -47.73
CA CYS G 311 42.32 2.60 -47.31
C CYS G 311 40.83 2.39 -47.57
N ASP G 312 40.51 1.22 -48.12
CA ASP G 312 39.14 0.91 -48.51
C ASP G 312 38.42 0.28 -47.31
N PRO G 313 37.45 0.94 -46.67
CA PRO G 313 36.73 0.25 -45.58
C PRO G 313 35.83 -0.89 -46.04
N ARG G 314 35.49 -0.95 -47.33
CA ARG G 314 34.68 -2.06 -47.83
C ARG G 314 35.42 -3.39 -47.75
N HIS G 315 36.75 -3.36 -47.85
CA HIS G 315 37.52 -4.60 -47.79
C HIS G 315 37.48 -5.23 -46.41
N GLY G 316 37.51 -4.41 -45.36
CA GLY G 316 37.53 -4.89 -43.99
C GLY G 316 36.19 -4.82 -43.30
N LYS G 317 36.20 -4.89 -41.97
CA LYS G 317 35.00 -4.82 -41.15
C LYS G 317 35.29 -3.95 -39.94
N TYR G 318 34.40 -3.01 -39.66
CA TYR G 318 34.58 -2.11 -38.54
C TYR G 318 34.43 -2.86 -37.22
N MET G 319 35.49 -2.86 -36.42
CA MET G 319 35.44 -3.48 -35.10
C MET G 319 34.62 -2.63 -34.13
N ALA G 320 34.83 -1.32 -34.16
CA ALA G 320 34.12 -0.39 -33.30
C ALA G 320 34.12 0.98 -33.96
N CYS G 321 33.13 1.80 -33.59
CA CYS G 321 32.96 3.13 -34.16
C CYS G 321 32.52 4.08 -33.06
N CYS G 322 33.11 5.29 -33.08
CA CYS G 322 32.80 6.36 -32.14
C CYS G 322 32.47 7.62 -32.91
N LEU G 323 31.49 8.38 -32.40
CA LEU G 323 31.01 9.61 -33.02
C LEU G 323 30.99 10.70 -31.97
N LEU G 324 31.42 11.90 -32.36
CA LEU G 324 31.42 13.08 -31.50
C LEU G 324 30.98 14.28 -32.32
N TYR G 325 29.86 14.88 -31.94
CA TYR G 325 29.25 16.00 -32.64
C TYR G 325 29.47 17.29 -31.86
N ARG G 326 29.25 18.42 -32.54
CA ARG G 326 29.35 19.75 -31.96
C ARG G 326 28.22 20.61 -32.49
N GLY G 327 27.88 21.64 -31.72
CA GLY G 327 26.88 22.60 -32.14
C GLY G 327 25.46 22.17 -31.77
N ASP G 328 24.50 22.84 -32.42
CA ASP G 328 23.07 22.60 -32.15
C ASP G 328 22.63 21.38 -32.95
N VAL G 329 22.88 20.21 -32.38
CA VAL G 329 22.49 18.92 -32.92
C VAL G 329 21.63 18.22 -31.88
N VAL G 330 20.33 18.11 -32.16
CA VAL G 330 19.38 17.47 -31.26
C VAL G 330 19.55 15.96 -31.37
N PRO G 331 19.17 15.16 -30.35
CA PRO G 331 19.45 13.72 -30.42
C PRO G 331 18.46 12.91 -31.25
N LYS G 332 17.49 13.57 -31.89
CA LYS G 332 16.49 12.86 -32.69
C LYS G 332 17.04 12.51 -34.06
N ASP G 333 17.36 13.53 -34.87
CA ASP G 333 17.77 13.29 -36.24
C ASP G 333 19.14 12.64 -36.34
N VAL G 334 19.97 12.73 -35.30
CA VAL G 334 21.26 12.05 -35.31
C VAL G 334 21.07 10.55 -35.09
N ASN G 335 20.07 10.16 -34.31
CA ASN G 335 19.81 8.74 -34.08
C ASN G 335 19.14 8.12 -35.30
N ALA G 336 18.30 8.87 -36.01
CA ALA G 336 17.71 8.37 -37.24
C ALA G 336 18.77 8.20 -38.33
N ALA G 337 19.80 9.06 -38.33
CA ALA G 337 20.84 8.98 -39.34
C ALA G 337 21.66 7.71 -39.19
N ILE G 338 22.12 7.40 -37.97
CA ILE G 338 22.94 6.21 -37.76
C ILE G 338 22.12 4.94 -37.97
N ALA G 339 20.80 5.01 -37.72
CA ALA G 339 19.95 3.86 -38.00
C ALA G 339 19.91 3.54 -39.50
N ALA G 340 20.01 4.57 -40.35
CA ALA G 340 20.10 4.33 -41.78
C ALA G 340 21.44 3.72 -42.17
N ILE G 341 22.49 3.97 -41.38
CA ILE G 341 23.79 3.37 -41.67
C ILE G 341 23.79 1.89 -41.34
N LYS G 342 22.98 1.47 -40.36
CA LYS G 342 22.95 0.07 -39.97
C LYS G 342 22.34 -0.80 -41.05
N THR G 343 21.25 -0.36 -41.67
CA THR G 343 20.60 -1.10 -42.74
C THR G 343 21.26 -0.90 -44.09
N LYS G 344 22.15 0.09 -44.25
CA LYS G 344 22.87 0.26 -45.50
C LYS G 344 23.94 -0.82 -45.62
N ARG G 345 23.80 -1.66 -46.65
CA ARG G 345 24.71 -2.79 -46.87
C ARG G 345 25.94 -2.43 -47.70
N SER G 346 26.16 -1.14 -47.99
CA SER G 346 27.39 -0.75 -48.67
C SER G 346 28.61 -1.01 -47.80
N ILE G 347 28.47 -0.86 -46.48
CA ILE G 347 29.50 -1.21 -45.50
C ILE G 347 28.96 -2.34 -44.64
N GLN G 348 29.87 -3.14 -44.09
CA GLN G 348 29.55 -4.34 -43.31
C GLN G 348 30.31 -4.30 -41.99
N PHE G 349 29.59 -4.48 -40.89
CA PHE G 349 30.15 -4.56 -39.56
C PHE G 349 30.46 -6.00 -39.20
N VAL G 350 31.41 -6.18 -38.30
CA VAL G 350 31.84 -7.51 -37.88
C VAL G 350 30.85 -8.06 -36.87
N ASP G 351 30.70 -9.38 -36.87
CA ASP G 351 29.79 -10.05 -35.95
C ASP G 351 30.27 -10.01 -34.49
N TRP G 352 31.55 -9.71 -34.25
CA TRP G 352 32.06 -9.67 -32.88
C TRP G 352 31.66 -8.42 -32.11
N CYS G 353 31.03 -7.44 -32.76
CA CYS G 353 30.58 -6.22 -32.10
C CYS G 353 29.40 -5.63 -32.86
N PRO G 354 28.19 -6.17 -32.69
CA PRO G 354 27.04 -5.61 -33.44
C PRO G 354 26.71 -4.18 -33.05
N THR G 355 26.73 -3.87 -31.74
CA THR G 355 26.36 -2.54 -31.25
C THR G 355 27.62 -1.68 -31.09
N GLY G 356 28.38 -1.61 -32.18
CA GLY G 356 29.62 -0.86 -32.18
C GLY G 356 29.43 0.60 -32.53
N PHE G 357 28.69 1.33 -31.69
CA PHE G 357 28.43 2.75 -31.88
C PHE G 357 28.54 3.46 -30.54
N LYS G 358 29.33 4.52 -30.50
CA LYS G 358 29.48 5.39 -29.32
C LYS G 358 29.23 6.82 -29.78
N VAL G 359 28.07 7.36 -29.37
CA VAL G 359 27.61 8.67 -29.82
C VAL G 359 27.96 9.69 -28.75
N GLY G 360 28.34 10.89 -29.19
CA GLY G 360 28.63 11.99 -28.29
C GLY G 360 28.17 13.30 -28.88
N ILE G 361 27.94 14.28 -28.01
CA ILE G 361 27.39 15.57 -28.40
C ILE G 361 27.93 16.63 -27.46
N ASN G 362 28.34 17.77 -28.02
CA ASN G 362 28.74 18.95 -27.27
C ASN G 362 27.98 20.16 -27.79
N TYR G 363 27.61 21.05 -26.87
CA TYR G 363 26.83 22.23 -27.24
C TYR G 363 27.65 23.31 -27.92
N GLN G 364 28.94 23.43 -27.60
CA GLN G 364 29.75 24.50 -28.18
C GLN G 364 29.99 24.21 -29.66
N PRO G 365 29.75 25.17 -30.56
CA PRO G 365 29.78 24.84 -31.99
C PRO G 365 31.20 24.86 -32.54
N PRO G 366 31.41 24.43 -33.78
CA PRO G 366 32.75 24.58 -34.38
C PRO G 366 33.05 26.03 -34.65
N THR G 367 34.24 26.47 -34.22
CA THR G 367 34.69 27.83 -34.45
C THR G 367 35.27 27.95 -35.86
N VAL G 368 35.88 29.10 -36.14
CA VAL G 368 36.55 29.35 -37.41
C VAL G 368 37.70 30.32 -37.16
N VAL G 369 38.81 30.10 -37.86
CA VAL G 369 39.99 30.94 -37.69
C VAL G 369 39.84 32.18 -38.57
N PRO G 370 40.31 33.36 -38.16
CA PRO G 370 40.28 34.51 -39.10
C PRO G 370 41.25 34.28 -40.25
N GLY G 371 40.72 34.29 -41.47
CA GLY G 371 41.51 34.04 -42.65
C GLY G 371 41.75 32.59 -42.97
N GLY G 372 41.09 31.65 -42.28
CA GLY G 372 41.31 30.25 -42.52
C GLY G 372 40.61 29.74 -43.77
N ASP G 373 41.02 28.56 -44.20
CA ASP G 373 40.45 27.95 -45.41
C ASP G 373 39.07 27.37 -45.16
N LEU G 374 38.81 26.86 -43.96
CA LEU G 374 37.51 26.31 -43.62
C LEU G 374 36.52 27.41 -43.30
N ALA G 375 35.24 27.15 -43.60
CA ALA G 375 34.16 28.09 -43.38
C ALA G 375 33.45 27.78 -42.05
N LYS G 376 32.63 28.74 -41.63
CA LYS G 376 31.87 28.59 -40.38
C LYS G 376 30.69 27.67 -40.64
N VAL G 377 30.49 26.70 -39.75
CA VAL G 377 29.39 25.73 -39.83
C VAL G 377 28.75 25.61 -38.45
N GLN G 378 27.43 25.46 -38.46
CA GLN G 378 26.66 25.34 -37.22
C GLN G 378 26.73 23.95 -36.59
N ARG G 379 27.34 22.97 -37.26
CA ARG G 379 27.47 21.62 -36.71
C ARG G 379 28.63 20.92 -37.38
N ALA G 380 29.13 19.87 -36.72
CA ALA G 380 30.26 19.12 -37.24
C ALA G 380 30.26 17.74 -36.62
N VAL G 381 31.14 16.88 -37.13
CA VAL G 381 31.28 15.51 -36.65
C VAL G 381 32.69 15.03 -36.95
N CYS G 382 33.22 14.21 -36.06
CA CYS G 382 34.51 13.54 -36.24
C CYS G 382 34.37 12.10 -35.78
N MET G 383 34.71 11.16 -36.66
CA MET G 383 34.53 9.73 -36.44
C MET G 383 35.89 9.07 -36.26
N LEU G 384 36.06 8.35 -35.15
CA LEU G 384 37.21 7.49 -34.89
C LEU G 384 36.66 6.09 -34.76
N SER G 385 37.16 5.16 -35.58
CA SER G 385 36.60 3.82 -35.70
C SER G 385 37.72 2.82 -35.93
N ASN G 386 37.71 1.73 -35.15
CA ASN G 386 38.62 0.61 -35.36
C ASN G 386 38.07 -0.30 -36.45
N THR G 387 38.95 -0.81 -37.30
CA THR G 387 38.57 -1.64 -38.43
C THR G 387 39.73 -2.56 -38.79
N THR G 388 39.40 -3.67 -39.44
CA THR G 388 40.39 -4.59 -40.01
C THR G 388 40.84 -4.17 -41.40
N ALA G 389 40.44 -2.99 -41.88
CA ALA G 389 40.83 -2.57 -43.22
C ALA G 389 42.30 -2.15 -43.29
N ILE G 390 42.91 -1.77 -42.15
CA ILE G 390 44.26 -1.25 -42.16
C ILE G 390 45.31 -2.36 -42.18
N ALA G 391 44.91 -3.64 -42.28
CA ALA G 391 45.88 -4.72 -42.35
C ALA G 391 46.63 -4.70 -43.68
N GLU G 392 45.95 -4.27 -44.76
CA GLU G 392 46.61 -4.23 -46.06
C GLU G 392 47.70 -3.17 -46.09
N ALA G 393 47.55 -2.08 -45.34
CA ALA G 393 48.60 -1.08 -45.27
C ALA G 393 49.83 -1.63 -44.56
N TRP G 394 49.63 -2.36 -43.45
CA TRP G 394 50.75 -3.03 -42.82
C TRP G 394 51.33 -4.11 -43.71
N ALA G 395 50.48 -4.77 -44.51
CA ALA G 395 51.00 -5.70 -45.53
C ALA G 395 51.78 -4.94 -46.59
N ARG G 396 51.33 -3.75 -46.96
CA ARG G 396 52.06 -2.95 -47.94
C ARG G 396 53.39 -2.46 -47.38
N LEU G 397 53.37 -1.94 -46.16
CA LEU G 397 54.60 -1.48 -45.53
C LEU G 397 55.56 -2.63 -45.27
N ASP G 398 55.03 -3.78 -44.85
CA ASP G 398 55.87 -4.95 -44.65
C ASP G 398 56.37 -5.52 -45.97
N HIS G 399 55.57 -5.40 -47.03
CA HIS G 399 55.98 -5.92 -48.34
C HIS G 399 57.15 -5.14 -48.90
N LYS G 400 57.06 -3.81 -48.90
CA LYS G 400 58.15 -2.99 -49.42
C LYS G 400 59.41 -3.06 -48.55
N PHE G 401 59.24 -3.28 -47.24
CA PHE G 401 60.38 -3.47 -46.35
C PHE G 401 61.18 -4.71 -46.70
N ASP G 402 60.52 -5.78 -47.13
CA ASP G 402 61.23 -7.00 -47.50
C ASP G 402 62.09 -6.79 -48.74
N LEU G 403 61.68 -5.88 -49.64
CA LEU G 403 62.49 -5.62 -50.83
C LEU G 403 63.80 -4.94 -50.46
N MET G 404 63.76 -3.98 -49.55
CA MET G 404 64.99 -3.30 -49.12
C MET G 404 65.77 -4.14 -48.12
N TYR G 405 65.08 -4.90 -47.26
CA TYR G 405 65.77 -5.74 -46.29
C TYR G 405 66.51 -6.89 -46.98
N ALA G 406 65.99 -7.39 -48.09
CA ALA G 406 66.67 -8.45 -48.83
C ALA G 406 68.01 -8.01 -49.38
N LYS G 407 68.11 -6.75 -49.82
CA LYS G 407 69.37 -6.17 -50.29
C LYS G 407 70.16 -5.46 -49.19
N ARG G 408 69.67 -5.45 -47.94
CA ARG G 408 70.34 -4.79 -46.81
C ARG G 408 70.54 -3.30 -47.09
N ALA G 409 69.51 -2.66 -47.62
CA ALA G 409 69.59 -1.26 -48.00
C ALA G 409 69.44 -0.36 -46.79
N PHE G 410 70.29 0.67 -46.73
CA PHE G 410 70.25 1.69 -45.69
C PHE G 410 70.47 1.11 -44.29
N VAL G 411 71.17 -0.01 -44.18
CA VAL G 411 71.38 -0.68 -42.90
C VAL G 411 72.65 -0.20 -42.21
N HIS G 412 73.67 0.22 -42.97
CA HIS G 412 74.94 0.58 -42.36
C HIS G 412 74.86 1.84 -41.52
N TRP G 413 73.86 2.70 -41.74
CA TRP G 413 73.66 3.87 -40.88
C TRP G 413 73.12 3.49 -39.51
N TYR G 414 72.21 2.50 -39.45
CA TYR G 414 71.64 2.12 -38.17
C TYR G 414 72.64 1.39 -37.30
N VAL G 415 73.39 0.45 -37.88
CA VAL G 415 74.41 -0.26 -37.12
C VAL G 415 75.59 0.63 -36.78
N GLY G 416 75.83 1.69 -37.56
CA GLY G 416 76.82 2.69 -37.18
C GLY G 416 76.44 3.48 -35.96
N GLU G 417 75.15 3.53 -35.62
CA GLU G 417 74.68 4.21 -34.42
C GLU G 417 74.84 3.38 -33.16
N GLY G 418 74.80 2.05 -33.29
CA GLY G 418 74.96 1.14 -32.15
C GLY G 418 74.10 -0.11 -32.20
N MET G 419 73.16 -0.20 -33.13
CA MET G 419 72.27 -1.35 -33.23
C MET G 419 72.94 -2.45 -34.07
N GLU G 420 72.22 -3.53 -34.32
CA GLU G 420 72.72 -4.71 -35.02
C GLU G 420 71.63 -5.20 -35.97
N GLU G 421 71.82 -6.40 -36.51
CA GLU G 421 70.85 -7.01 -37.41
C GLU G 421 69.71 -7.71 -36.66
N GLY G 422 69.90 -8.00 -35.37
CA GLY G 422 68.93 -8.83 -34.66
C GLY G 422 67.59 -8.15 -34.47
N GLU G 423 67.58 -6.92 -33.96
CA GLU G 423 66.33 -6.23 -33.69
C GLU G 423 65.57 -5.87 -34.96
N PHE G 424 66.25 -5.80 -36.11
CA PHE G 424 65.55 -5.69 -37.38
C PHE G 424 64.68 -6.93 -37.61
N SER G 425 65.17 -8.11 -37.22
CA SER G 425 64.37 -9.31 -37.32
C SER G 425 63.21 -9.28 -36.33
N GLU G 426 63.42 -8.71 -35.14
CA GLU G 426 62.33 -8.57 -34.19
C GLU G 426 61.27 -7.59 -34.69
N ALA G 427 61.72 -6.52 -35.37
CA ALA G 427 60.77 -5.57 -35.94
C ALA G 427 59.97 -6.20 -37.08
N ARG G 428 60.59 -7.11 -37.84
CA ARG G 428 59.89 -7.77 -38.93
C ARG G 428 58.85 -8.74 -38.41
N GLU G 429 59.24 -9.63 -37.49
CA GLU G 429 58.32 -10.65 -37.00
C GLU G 429 57.22 -10.05 -36.13
N ASP G 430 57.47 -8.92 -35.47
CA ASP G 430 56.43 -8.31 -34.63
C ASP G 430 55.30 -7.78 -35.49
N MET G 431 55.62 -7.18 -36.64
CA MET G 431 54.58 -6.79 -37.58
C MET G 431 53.94 -8.02 -38.24
N ALA G 432 54.72 -9.08 -38.45
CA ALA G 432 54.16 -10.32 -38.96
C ALA G 432 53.18 -10.93 -37.96
N ALA G 433 53.45 -10.75 -36.67
CA ALA G 433 52.49 -11.18 -35.65
C ALA G 433 51.21 -10.37 -35.74
N LEU G 434 51.30 -9.10 -36.13
CA LEU G 434 50.12 -8.25 -36.20
C LEU G 434 49.20 -8.65 -37.35
N GLU G 435 49.77 -9.10 -38.46
CA GLU G 435 48.95 -9.47 -39.62
C GLU G 435 48.14 -10.72 -39.33
N LYS G 436 48.74 -11.73 -38.71
CA LYS G 436 47.99 -12.93 -38.35
C LYS G 436 46.93 -12.65 -37.30
N ASP G 437 47.12 -11.61 -36.48
CA ASP G 437 46.08 -11.20 -35.54
C ASP G 437 44.97 -10.46 -36.25
N TYR G 438 45.30 -9.70 -37.31
CA TYR G 438 44.28 -8.93 -38.02
C TYR G 438 43.40 -9.82 -38.89
N GLU G 439 43.98 -10.87 -39.49
CA GLU G 439 43.17 -11.81 -40.26
C GLU G 439 42.40 -12.77 -39.36
N GLU G 440 42.89 -13.03 -38.15
CA GLU G 440 42.15 -13.88 -37.22
C GLU G 440 40.97 -13.12 -36.61
N VAL G 441 41.20 -11.89 -36.15
CA VAL G 441 40.11 -11.10 -35.57
C VAL G 441 39.09 -10.68 -36.62
N GLY G 442 39.49 -10.59 -37.89
CA GLY G 442 38.56 -10.24 -38.96
C GLY G 442 37.67 -11.36 -39.45
N ILE G 443 37.68 -12.52 -38.83
CA ILE G 443 36.84 -13.63 -39.26
C ILE G 443 35.40 -13.30 -38.87
N MET H 1 75.38 26.61 -33.12
CA MET H 1 74.43 25.50 -33.43
C MET H 1 74.73 24.88 -34.79
N ARG H 2 75.42 23.74 -34.77
CA ARG H 2 75.66 22.93 -35.97
C ARG H 2 76.51 23.69 -36.98
N GLU H 3 77.65 24.20 -36.51
CA GLU H 3 78.54 24.96 -37.37
C GLU H 3 79.19 24.04 -38.41
N ILE H 4 79.53 24.63 -39.55
CA ILE H 4 80.18 23.95 -40.67
C ILE H 4 81.50 24.66 -40.92
N VAL H 5 82.60 23.89 -40.88
CA VAL H 5 83.95 24.42 -41.08
C VAL H 5 84.29 24.30 -42.56
N HIS H 6 84.48 25.45 -43.21
CA HIS H 6 84.83 25.49 -44.62
C HIS H 6 86.34 25.46 -44.80
N ILE H 7 86.77 24.73 -45.82
CA ILE H 7 88.19 24.52 -46.10
C ILE H 7 88.36 24.45 -47.61
N GLN H 8 89.02 25.47 -48.17
CA GLN H 8 89.19 25.62 -49.62
C GLN H 8 90.57 25.14 -50.00
N ALA H 9 90.63 23.97 -50.65
CA ALA H 9 91.87 23.34 -51.08
C ALA H 9 91.95 23.37 -52.60
N GLY H 10 93.16 23.63 -53.12
CA GLY H 10 93.38 23.64 -54.55
C GLY H 10 93.00 24.98 -55.18
N GLN H 11 93.38 25.12 -56.45
CA GLN H 11 93.09 26.36 -57.18
C GLN H 11 91.59 26.49 -57.44
N CYS H 12 90.98 25.44 -58.00
CA CYS H 12 89.56 25.50 -58.32
C CYS H 12 88.70 25.56 -57.07
N GLY H 13 89.14 24.89 -56.00
CA GLY H 13 88.40 24.95 -54.75
C GLY H 13 88.39 26.34 -54.15
N ASN H 14 89.47 27.09 -54.33
CA ASN H 14 89.50 28.47 -53.86
C ASN H 14 88.59 29.36 -54.70
N GLN H 15 88.48 29.07 -56.00
CA GLN H 15 87.62 29.87 -56.86
C GLN H 15 86.15 29.65 -56.54
N ILE H 16 85.71 28.39 -56.55
CA ILE H 16 84.30 28.11 -56.23
C ILE H 16 84.03 28.38 -54.76
N GLY H 17 85.02 28.19 -53.88
CA GLY H 17 84.84 28.57 -52.49
C GLY H 17 84.71 30.06 -52.31
N ALA H 18 85.49 30.83 -53.07
CA ALA H 18 85.35 32.29 -53.04
C ALA H 18 83.99 32.71 -53.58
N LYS H 19 83.53 32.03 -54.63
CA LYS H 19 82.19 32.31 -55.16
C LYS H 19 81.11 31.81 -54.22
N PHE H 20 81.40 30.76 -53.44
CA PHE H 20 80.42 30.24 -52.49
C PHE H 20 80.13 31.26 -51.39
N TRP H 21 81.16 31.88 -50.83
CA TRP H 21 80.95 32.94 -49.86
C TRP H 21 80.31 34.17 -50.50
N GLU H 22 80.54 34.38 -51.80
CA GLU H 22 79.97 35.53 -52.48
C GLU H 22 78.45 35.40 -52.61
N VAL H 23 77.98 34.25 -53.10
CA VAL H 23 76.57 34.11 -53.41
C VAL H 23 75.72 34.05 -52.14
N ILE H 24 76.23 33.41 -51.08
CA ILE H 24 75.49 33.34 -49.82
C ILE H 24 75.55 34.65 -49.05
N SER H 25 76.58 35.47 -49.26
CA SER H 25 76.65 36.76 -48.60
C SER H 25 75.53 37.69 -49.05
N ASP H 26 75.11 37.57 -50.32
CA ASP H 26 73.96 38.35 -50.78
C ASP H 26 72.66 37.81 -50.18
N GLU H 27 72.59 36.50 -49.93
CA GLU H 27 71.40 35.95 -49.29
C GLU H 27 71.28 36.43 -47.85
N HIS H 28 72.39 36.43 -47.10
CA HIS H 28 72.40 36.95 -45.75
C HIS H 28 72.51 38.47 -45.69
N GLY H 29 72.83 39.13 -46.81
CA GLY H 29 72.91 40.58 -46.81
C GLY H 29 74.11 41.12 -46.07
N ILE H 30 75.29 40.57 -46.36
CA ILE H 30 76.55 40.96 -45.74
C ILE H 30 77.32 41.80 -46.74
N ASP H 31 77.87 42.92 -46.28
CA ASP H 31 78.70 43.76 -47.13
C ASP H 31 80.04 43.06 -47.38
N PRO H 32 80.77 43.43 -48.43
CA PRO H 32 82.13 42.88 -48.58
C PRO H 32 83.08 43.31 -47.48
N THR H 33 82.86 44.48 -46.87
CA THR H 33 83.69 44.90 -45.75
C THR H 33 83.48 44.05 -44.51
N GLY H 34 82.28 43.49 -44.34
CA GLY H 34 81.94 42.61 -43.22
C GLY H 34 80.73 43.03 -42.41
N SER H 35 80.17 44.22 -42.64
CA SER H 35 79.02 44.70 -41.89
C SER H 35 77.72 44.24 -42.55
N TYR H 36 76.66 44.21 -41.75
CA TYR H 36 75.35 43.76 -42.20
C TYR H 36 74.56 44.93 -42.75
N HIS H 37 73.94 44.73 -43.93
CA HIS H 37 73.06 45.71 -44.55
C HIS H 37 71.84 45.04 -45.18
N GLY H 38 71.38 43.93 -44.60
CA GLY H 38 70.24 43.22 -45.12
C GLY H 38 68.92 43.87 -44.72
N ASP H 39 67.85 43.09 -44.88
CA ASP H 39 66.48 43.52 -44.60
C ASP H 39 65.73 42.61 -43.65
N SER H 40 65.95 41.30 -43.72
CA SER H 40 65.23 40.31 -42.93
C SER H 40 65.97 40.01 -41.64
N ASP H 41 65.20 39.70 -40.60
CA ASP H 41 65.76 39.30 -39.31
C ASP H 41 66.21 37.85 -39.29
N LEU H 42 65.67 37.01 -40.17
CA LEU H 42 66.07 35.60 -40.22
C LEU H 42 67.49 35.41 -40.74
N GLN H 43 68.06 36.42 -41.41
CA GLN H 43 69.45 36.33 -41.86
C GLN H 43 70.41 36.24 -40.68
N LEU H 44 70.11 36.96 -39.60
CA LEU H 44 70.89 36.88 -38.37
C LEU H 44 70.54 35.66 -37.51
N GLU H 45 69.44 34.97 -37.82
CA GLU H 45 69.05 33.80 -37.02
C GLU H 45 70.08 32.68 -37.14
N ARG H 46 70.67 32.51 -38.31
CA ARG H 46 71.62 31.44 -38.59
C ARG H 46 72.81 31.98 -39.38
N ILE H 47 73.29 33.15 -38.98
CA ILE H 47 74.55 33.69 -39.51
C ILE H 47 75.75 33.03 -38.86
N ASN H 48 75.62 32.55 -37.62
CA ASN H 48 76.70 31.86 -36.93
C ASN H 48 76.97 30.46 -37.47
N VAL H 49 76.09 29.90 -38.31
CA VAL H 49 76.29 28.55 -38.80
C VAL H 49 77.47 28.47 -39.77
N TYR H 50 77.86 29.60 -40.38
CA TYR H 50 79.04 29.69 -41.25
C TYR H 50 80.02 30.77 -40.81
N TYR H 51 79.56 31.86 -40.22
CA TYR H 51 80.39 33.00 -39.84
C TYR H 51 80.62 32.99 -38.33
N ASN H 52 81.55 33.85 -37.90
CA ASN H 52 81.85 34.09 -36.49
C ASN H 52 81.61 35.56 -36.16
N GLU H 53 81.04 35.81 -35.00
CA GLU H 53 80.76 37.18 -34.58
C GLU H 53 82.06 37.86 -34.14
N ALA H 54 82.13 39.18 -34.36
CA ALA H 54 83.28 39.98 -33.97
C ALA H 54 82.83 41.37 -33.53
N ALA H 55 83.78 42.22 -33.17
CA ALA H 55 83.44 43.56 -32.69
C ALA H 55 82.93 44.43 -33.83
N GLY H 56 82.13 45.43 -33.48
CA GLY H 56 81.57 46.33 -34.47
C GLY H 56 80.53 45.71 -35.38
N ASN H 57 79.89 44.63 -34.93
CA ASN H 57 78.88 43.91 -35.73
C ASN H 57 79.47 43.39 -37.04
N LYS H 58 80.74 43.01 -37.03
CA LYS H 58 81.43 42.44 -38.18
C LYS H 58 81.42 40.92 -38.08
N TYR H 59 81.22 40.27 -39.22
CA TYR H 59 81.14 38.80 -39.32
C TYR H 59 82.22 38.31 -40.26
N VAL H 60 83.23 37.65 -39.69
CA VAL H 60 84.33 37.07 -40.46
C VAL H 60 83.91 35.66 -40.87
N PRO H 61 84.20 35.18 -42.09
CA PRO H 61 83.78 33.80 -42.44
C PRO H 61 84.74 32.78 -41.86
N ARG H 62 84.19 31.59 -41.59
CA ARG H 62 84.96 30.45 -41.09
C ARG H 62 85.50 29.65 -42.27
N ALA H 63 86.38 30.33 -43.03
CA ALA H 63 87.01 29.78 -44.23
C ALA H 63 88.49 29.59 -43.95
N ILE H 64 89.03 28.46 -44.42
CA ILE H 64 90.44 28.12 -44.28
C ILE H 64 90.96 27.85 -45.69
N LEU H 65 91.63 28.83 -46.27
CA LEU H 65 92.17 28.73 -47.63
C LEU H 65 93.55 28.12 -47.56
N VAL H 66 93.72 26.97 -48.24
CA VAL H 66 94.98 26.24 -48.29
C VAL H 66 95.35 26.02 -49.75
N ASP H 67 96.60 26.32 -50.08
CA ASP H 67 97.12 26.12 -51.43
C ASP H 67 98.64 26.19 -51.36
N LEU H 68 99.29 25.47 -52.26
CA LEU H 68 100.74 25.40 -52.33
C LEU H 68 101.34 26.39 -53.32
N GLU H 69 100.59 27.42 -53.73
CA GLU H 69 100.98 28.40 -54.74
C GLU H 69 100.56 29.79 -54.25
N PRO H 70 101.47 30.70 -53.89
CA PRO H 70 101.01 31.95 -53.26
C PRO H 70 100.31 32.91 -54.21
N GLY H 71 100.45 32.74 -55.52
CA GLY H 71 99.76 33.61 -56.46
C GLY H 71 98.26 33.46 -56.43
N THR H 72 97.77 32.28 -56.05
CA THR H 72 96.32 32.06 -56.00
C THR H 72 95.68 32.90 -54.89
N MET H 73 96.32 32.98 -53.73
CA MET H 73 95.76 33.75 -52.63
C MET H 73 95.76 35.25 -52.94
N ASP H 74 96.71 35.71 -53.75
CA ASP H 74 96.72 37.12 -54.13
C ASP H 74 95.53 37.48 -54.99
N SER H 75 95.08 36.55 -55.84
CA SER H 75 93.89 36.79 -56.66
C SER H 75 92.62 36.70 -55.83
N VAL H 76 92.57 35.80 -54.86
CA VAL H 76 91.39 35.66 -54.02
C VAL H 76 91.31 36.83 -53.03
N ARG H 77 92.45 37.25 -52.48
CA ARG H 77 92.45 38.35 -51.54
C ARG H 77 92.11 39.67 -52.22
N SER H 78 92.51 39.84 -53.48
CA SER H 78 92.23 41.04 -54.25
C SER H 78 90.89 40.98 -54.98
N GLY H 79 90.01 40.04 -54.63
CA GLY H 79 88.73 39.91 -55.29
C GLY H 79 87.70 40.87 -54.72
N PRO H 80 86.43 40.71 -55.13
CA PRO H 80 85.39 41.57 -54.53
C PRO H 80 85.20 41.32 -53.05
N PHE H 81 85.06 40.05 -52.64
CA PHE H 81 84.87 39.65 -51.25
C PHE H 81 86.18 39.12 -50.64
N GLY H 82 87.33 39.51 -51.16
CA GLY H 82 88.59 39.02 -50.64
C GLY H 82 89.00 39.61 -49.31
N GLN H 83 88.49 40.81 -48.96
CA GLN H 83 88.88 41.48 -47.73
C GLN H 83 88.13 40.98 -46.51
N ILE H 84 87.02 40.26 -46.67
CA ILE H 84 86.24 39.79 -45.53
C ILE H 84 86.89 38.62 -44.82
N PHE H 85 87.68 37.80 -45.52
CA PHE H 85 88.30 36.63 -44.93
C PHE H 85 89.34 37.03 -43.89
N ARG H 86 89.64 36.10 -42.99
CA ARG H 86 90.61 36.35 -41.94
C ARG H 86 92.03 36.28 -42.53
N PRO H 87 92.93 37.23 -42.21
CA PRO H 87 94.31 37.08 -42.71
C PRO H 87 95.04 35.88 -42.11
N ASP H 88 94.72 35.47 -40.89
CA ASP H 88 95.39 34.33 -40.28
C ASP H 88 95.07 33.03 -40.99
N ASN H 89 93.85 32.91 -41.54
CA ASN H 89 93.46 31.71 -42.25
C ASN H 89 94.21 31.51 -43.56
N PHE H 90 94.79 32.57 -44.13
CA PHE H 90 95.53 32.46 -45.39
C PHE H 90 96.90 31.84 -45.12
N VAL H 91 96.88 30.51 -44.97
CA VAL H 91 98.09 29.70 -44.85
C VAL H 91 98.39 29.09 -46.22
N PHE H 92 99.66 29.06 -46.59
CA PHE H 92 100.05 28.64 -47.92
C PHE H 92 101.54 28.42 -47.98
N GLY H 93 101.96 27.60 -48.94
CA GLY H 93 103.37 27.39 -49.23
C GLY H 93 103.91 28.42 -50.19
N GLN H 94 105.04 28.07 -50.81
CA GLN H 94 105.74 28.90 -51.79
C GLN H 94 105.94 28.19 -53.12
N SER H 95 106.26 26.90 -53.10
CA SER H 95 106.50 26.11 -54.30
C SER H 95 105.27 25.28 -54.64
N GLY H 96 104.83 25.36 -55.90
CA GLY H 96 103.68 24.61 -56.33
C GLY H 96 103.98 23.13 -56.48
N ALA H 97 102.89 22.35 -56.55
CA ALA H 97 103.00 20.91 -56.70
C ALA H 97 103.30 20.50 -58.13
N GLY H 98 102.94 21.32 -59.12
CA GLY H 98 103.21 20.97 -60.51
C GLY H 98 102.42 19.80 -61.02
N ASN H 99 101.19 19.62 -60.54
CA ASN H 99 100.32 18.51 -60.94
C ASN H 99 100.95 17.17 -60.65
N ASN H 100 101.24 16.93 -59.37
CA ASN H 100 101.83 15.68 -58.89
C ASN H 100 101.17 15.33 -57.57
N TRP H 101 100.51 14.16 -57.52
CA TRP H 101 99.84 13.75 -56.29
C TRP H 101 100.84 13.40 -55.20
N ALA H 102 102.00 12.86 -55.58
CA ALA H 102 102.98 12.46 -54.58
C ALA H 102 103.60 13.66 -53.87
N LYS H 103 103.79 14.76 -54.58
CA LYS H 103 104.42 15.94 -53.98
C LYS H 103 103.51 16.57 -52.93
N GLY H 104 102.25 16.79 -53.29
CA GLY H 104 101.30 17.41 -52.38
C GLY H 104 100.78 16.51 -51.27
N HIS H 105 101.18 15.24 -51.23
CA HIS H 105 100.68 14.26 -50.27
C HIS H 105 101.75 13.77 -49.30
N TYR H 106 103.02 13.71 -49.73
CA TYR H 106 104.11 13.12 -48.97
C TYR H 106 105.16 14.14 -48.53
N THR H 107 105.61 15.02 -49.44
CA THR H 107 106.70 15.96 -49.19
C THR H 107 106.23 17.39 -49.10
N GLU H 108 105.55 17.90 -50.14
CA GLU H 108 105.15 19.31 -50.14
C GLU H 108 103.95 19.55 -49.23
N GLY H 109 103.09 18.55 -49.04
CA GLY H 109 101.95 18.67 -48.16
C GLY H 109 102.29 18.40 -46.71
N ALA H 110 103.23 17.48 -46.46
CA ALA H 110 103.57 17.10 -45.10
C ALA H 110 104.21 18.23 -44.30
N GLU H 111 104.94 19.13 -44.96
CA GLU H 111 105.50 20.28 -44.27
C GLU H 111 104.46 21.32 -43.90
N LEU H 112 103.36 21.40 -44.66
CA LEU H 112 102.29 22.36 -44.41
C LEU H 112 101.12 21.77 -43.62
N VAL H 113 100.93 20.45 -43.64
CA VAL H 113 99.78 19.85 -42.96
C VAL H 113 99.89 20.01 -41.46
N ASP H 114 101.11 20.11 -40.92
CA ASP H 114 101.27 20.45 -39.51
C ASP H 114 100.81 21.87 -39.22
N SER H 115 100.88 22.77 -40.21
CA SER H 115 100.49 24.16 -40.03
C SER H 115 98.99 24.39 -40.16
N VAL H 116 98.29 23.59 -40.96
CA VAL H 116 96.85 23.74 -41.15
C VAL H 116 96.02 23.04 -40.08
N LEU H 117 96.55 21.99 -39.46
CA LEU H 117 95.78 21.28 -38.44
C LEU H 117 95.58 22.14 -37.19
N ASP H 118 96.57 22.97 -36.85
CA ASP H 118 96.39 23.89 -35.73
C ASP H 118 95.43 25.02 -36.05
N VAL H 119 95.23 25.34 -37.33
CA VAL H 119 94.30 26.40 -37.71
C VAL H 119 92.86 25.90 -37.67
N VAL H 120 92.60 24.72 -38.25
CA VAL H 120 91.25 24.18 -38.23
C VAL H 120 90.84 23.76 -36.82
N ARG H 121 91.80 23.39 -35.98
CA ARG H 121 91.49 23.11 -34.58
C ARG H 121 91.00 24.36 -33.86
N LYS H 122 91.50 25.54 -34.26
CA LYS H 122 91.03 26.78 -33.66
C LYS H 122 89.58 27.05 -34.01
N GLU H 123 89.22 26.89 -35.30
CA GLU H 123 87.85 27.10 -35.73
C GLU H 123 86.91 26.03 -35.21
N SER H 124 87.42 24.82 -34.93
CA SER H 124 86.59 23.74 -34.43
C SER H 124 86.23 23.91 -32.96
N GLU H 125 87.20 24.26 -32.12
CA GLU H 125 86.93 24.46 -30.69
C GLU H 125 86.26 25.80 -30.41
N SER H 126 86.44 26.80 -31.26
CA SER H 126 85.80 28.09 -31.06
C SER H 126 84.29 28.06 -31.26
N CYS H 127 83.78 27.09 -32.03
CA CYS H 127 82.35 27.01 -32.28
C CYS H 127 81.64 26.37 -31.10
N ASP H 128 80.31 26.46 -31.12
CA ASP H 128 79.50 25.89 -30.05
C ASP H 128 79.36 24.37 -30.21
N CYS H 129 78.99 23.91 -31.40
CA CYS H 129 78.90 22.49 -31.69
C CYS H 129 79.04 22.29 -33.19
N LEU H 130 80.19 21.78 -33.62
CA LEU H 130 80.45 21.58 -35.04
C LEU H 130 79.63 20.42 -35.59
N GLN H 131 79.16 20.58 -36.83
CA GLN H 131 78.38 19.59 -37.55
C GLN H 131 79.22 18.78 -38.53
N GLY H 132 79.96 19.46 -39.40
CA GLY H 132 80.74 18.77 -40.41
C GLY H 132 81.76 19.68 -41.04
N PHE H 133 82.23 19.26 -42.21
CA PHE H 133 83.26 19.96 -42.96
C PHE H 133 82.82 20.08 -44.42
N GLN H 134 82.76 21.32 -44.92
CA GLN H 134 82.37 21.64 -46.29
C GLN H 134 83.63 22.00 -47.07
N LEU H 135 84.18 21.02 -47.79
CA LEU H 135 85.45 21.14 -48.49
C LEU H 135 85.22 21.23 -49.99
N THR H 136 86.13 21.95 -50.66
CA THR H 136 86.12 22.12 -52.12
C THR H 136 87.51 21.81 -52.63
N HIS H 137 87.59 20.95 -53.65
CA HIS H 137 88.87 20.59 -54.26
C HIS H 137 88.61 20.08 -55.68
N SER H 138 89.69 19.67 -56.33
CA SER H 138 89.64 19.10 -57.67
C SER H 138 90.48 17.82 -57.70
N LEU H 139 89.93 16.78 -58.33
CA LEU H 139 90.65 15.51 -58.44
C LEU H 139 91.88 15.62 -59.33
N GLY H 140 91.94 16.60 -60.23
CA GLY H 140 93.14 16.87 -60.99
C GLY H 140 94.14 17.70 -60.20
N GLY H 141 95.36 17.74 -60.72
CA GLY H 141 96.43 18.46 -60.06
C GLY H 141 96.98 17.70 -58.87
N GLY H 142 97.94 18.36 -58.20
CA GLY H 142 98.63 17.79 -57.06
C GLY H 142 98.23 18.40 -55.73
N THR H 143 97.98 19.71 -55.73
CA THR H 143 97.65 20.40 -54.49
C THR H 143 96.20 20.15 -54.07
N GLY H 144 95.31 19.96 -55.04
CA GLY H 144 93.91 19.69 -54.74
C GLY H 144 93.68 18.25 -54.34
N SER H 145 94.20 17.33 -55.16
CA SER H 145 94.02 15.90 -54.91
C SER H 145 95.00 15.36 -53.88
N GLY H 146 96.22 15.88 -53.81
CA GLY H 146 97.22 15.37 -52.91
C GLY H 146 97.08 15.90 -51.49
N MET H 147 97.12 17.23 -51.35
CA MET H 147 97.03 17.84 -50.03
C MET H 147 95.58 17.93 -49.54
N GLY H 148 94.64 18.11 -50.46
CA GLY H 148 93.24 18.17 -50.06
C GLY H 148 92.72 16.85 -49.54
N THR H 149 93.11 15.74 -50.19
CA THR H 149 92.72 14.42 -49.71
C THR H 149 93.52 14.00 -48.48
N LEU H 150 94.70 14.60 -48.25
CA LEU H 150 95.50 14.25 -47.08
C LEU H 150 94.81 14.68 -45.80
N LEU H 151 94.38 15.95 -45.73
CA LEU H 151 93.74 16.44 -44.52
C LEU H 151 92.36 15.82 -44.30
N ILE H 152 91.73 15.28 -45.36
CA ILE H 152 90.54 14.46 -45.17
C ILE H 152 90.88 13.23 -44.32
N SER H 153 92.05 12.65 -44.54
CA SER H 153 92.47 11.49 -43.75
C SER H 153 92.76 11.89 -42.31
N LYS H 154 93.39 13.06 -42.11
CA LYS H 154 93.72 13.49 -40.76
C LYS H 154 92.48 13.92 -39.99
N ILE H 155 91.53 14.56 -40.66
CA ILE H 155 90.30 14.98 -40.00
C ILE H 155 89.44 13.77 -39.67
N ARG H 156 89.52 12.71 -40.49
CA ARG H 156 88.83 11.47 -40.16
C ARG H 156 89.41 10.84 -38.89
N GLU H 157 90.74 10.97 -38.70
CA GLU H 157 91.36 10.44 -37.50
C GLU H 157 90.96 11.23 -36.26
N GLU H 158 90.84 12.55 -36.37
CA GLU H 158 90.54 13.38 -35.21
C GLU H 158 89.04 13.45 -34.95
N TYR H 159 88.23 13.58 -36.00
CA TYR H 159 86.78 13.73 -35.93
C TYR H 159 86.14 12.60 -36.74
N PRO H 160 86.16 11.36 -36.24
CA PRO H 160 85.53 10.26 -36.99
C PRO H 160 84.01 10.28 -36.99
N ASP H 161 83.37 11.03 -36.08
CA ASP H 161 81.92 11.05 -35.96
C ASP H 161 81.26 12.14 -36.79
N ARG H 162 81.98 13.19 -37.16
CA ARG H 162 81.39 14.30 -37.89
C ARG H 162 81.24 13.96 -39.37
N ILE H 163 80.41 14.76 -40.04
CA ILE H 163 80.14 14.59 -41.46
C ILE H 163 81.28 15.22 -42.26
N MET H 164 81.72 14.53 -43.31
CA MET H 164 82.79 14.99 -44.20
C MET H 164 82.19 15.19 -45.58
N ASN H 165 81.77 16.42 -45.86
CA ASN H 165 81.14 16.78 -47.13
C ASN H 165 82.20 17.35 -48.06
N THR H 166 82.13 16.98 -49.33
CA THR H 166 83.09 17.42 -50.36
C THR H 166 82.34 17.76 -51.64
N PHE H 167 82.59 18.96 -52.15
CA PHE H 167 82.16 19.40 -53.48
C PHE H 167 83.38 19.33 -54.39
N SER H 168 83.53 18.21 -55.09
CA SER H 168 84.73 17.88 -55.85
C SER H 168 84.42 17.87 -57.33
N VAL H 169 85.13 18.70 -58.10
CA VAL H 169 85.11 18.66 -59.55
C VAL H 169 86.13 17.63 -60.01
N MET H 170 85.83 16.92 -61.10
CA MET H 170 86.59 15.78 -61.58
C MET H 170 86.78 15.88 -63.08
N PRO H 171 87.82 15.21 -63.65
CA PRO H 171 88.11 15.43 -65.08
C PRO H 171 87.25 14.60 -66.00
N SER H 172 87.46 14.75 -67.30
CA SER H 172 86.72 13.99 -68.32
C SER H 172 87.58 13.94 -69.58
N PRO H 173 87.32 12.99 -70.49
CA PRO H 173 88.21 12.88 -71.67
C PRO H 173 87.95 13.93 -72.73
N LYS H 174 86.72 14.43 -72.84
CA LYS H 174 86.42 15.41 -73.88
C LYS H 174 87.07 16.76 -73.57
N VAL H 175 87.06 17.16 -72.30
CA VAL H 175 87.68 18.40 -71.82
C VAL H 175 88.72 17.99 -70.79
N SER H 176 89.99 18.16 -71.12
CA SER H 176 91.11 17.77 -70.26
C SER H 176 92.22 18.78 -70.42
N ASP H 177 92.41 19.63 -69.40
CA ASP H 177 93.43 20.68 -69.40
C ASP H 177 94.68 20.25 -68.62
N THR H 178 94.95 18.94 -68.56
CA THR H 178 96.10 18.44 -67.80
C THR H 178 96.36 17.00 -68.24
N VAL H 179 97.64 16.64 -68.34
CA VAL H 179 98.03 15.32 -68.84
C VAL H 179 97.91 14.27 -67.74
N VAL H 180 98.10 14.67 -66.48
CA VAL H 180 98.25 13.73 -65.36
C VAL H 180 96.91 13.58 -64.63
N GLU H 181 95.80 13.79 -65.34
CA GLU H 181 94.49 13.69 -64.71
C GLU H 181 94.13 12.28 -64.21
N PRO H 182 94.27 11.21 -65.01
CA PRO H 182 93.81 9.90 -64.50
C PRO H 182 94.66 9.37 -63.36
N TYR H 183 95.96 9.68 -63.33
CA TYR H 183 96.78 9.29 -62.20
C TYR H 183 96.35 10.03 -60.94
N ASN H 184 96.16 11.35 -61.05
CA ASN H 184 95.66 12.11 -59.92
C ASN H 184 94.23 11.74 -59.57
N ALA H 185 93.43 11.35 -60.56
CA ALA H 185 92.04 11.00 -60.29
C ALA H 185 91.93 9.70 -59.52
N THR H 186 92.59 8.64 -60.01
CA THR H 186 92.48 7.33 -59.38
C THR H 186 93.10 7.29 -57.98
N LEU H 187 94.08 8.15 -57.71
CA LEU H 187 94.66 8.23 -56.38
C LEU H 187 93.76 8.97 -55.41
N SER H 188 92.98 9.94 -55.90
CA SER H 188 92.08 10.70 -55.03
C SER H 188 90.85 9.92 -54.62
N VAL H 189 90.25 9.15 -55.54
CA VAL H 189 89.05 8.39 -55.19
C VAL H 189 89.35 7.24 -54.23
N HIS H 190 90.61 6.82 -54.12
CA HIS H 190 90.97 5.84 -53.10
C HIS H 190 90.73 6.37 -51.69
N GLN H 191 90.95 7.68 -51.48
CA GLN H 191 90.70 8.31 -50.19
C GLN H 191 89.26 8.75 -50.02
N LEU H 192 88.63 9.24 -51.09
CA LEU H 192 87.24 9.71 -50.99
C LEU H 192 86.28 8.56 -50.76
N VAL H 193 86.56 7.38 -51.33
CA VAL H 193 85.65 6.26 -51.21
C VAL H 193 85.65 5.66 -49.80
N GLU H 194 86.75 5.76 -49.06
CA GLU H 194 86.90 5.17 -47.73
C GLU H 194 86.56 6.14 -46.61
N ASN H 195 87.04 7.37 -46.68
CA ASN H 195 86.95 8.31 -45.57
C ASN H 195 85.67 9.14 -45.60
N THR H 196 85.38 9.80 -46.72
CA THR H 196 84.28 10.75 -46.77
C THR H 196 82.94 10.02 -46.79
N ASP H 197 81.95 10.65 -46.17
CA ASP H 197 80.59 10.13 -46.11
C ASP H 197 79.74 10.54 -47.30
N GLU H 198 80.06 11.68 -47.92
CA GLU H 198 79.29 12.20 -49.05
C GLU H 198 80.18 13.03 -49.95
N THR H 199 79.94 12.91 -51.26
CA THR H 199 80.72 13.60 -52.28
C THR H 199 79.82 13.90 -53.47
N TYR H 200 80.03 15.06 -54.09
CA TYR H 200 79.28 15.51 -55.27
C TYR H 200 80.19 15.41 -56.49
N SER H 201 79.81 14.57 -57.44
CA SER H 201 80.60 14.35 -58.66
C SER H 201 80.19 15.39 -59.69
N ILE H 202 81.07 16.36 -59.92
CA ILE H 202 80.85 17.46 -60.87
C ILE H 202 81.84 17.27 -62.02
N ASP H 203 81.32 17.23 -63.25
CA ASP H 203 82.11 17.05 -64.45
C ASP H 203 82.24 18.40 -65.16
N ASN H 204 83.47 18.71 -65.60
CA ASN H 204 83.73 20.04 -66.16
C ASN H 204 83.08 20.23 -67.52
N GLU H 205 83.00 19.17 -68.34
CA GLU H 205 82.38 19.32 -69.65
C GLU H 205 80.89 19.61 -69.54
N ALA H 206 80.23 19.07 -68.53
CA ALA H 206 78.80 19.34 -68.33
C ALA H 206 78.56 20.78 -67.89
N LEU H 207 79.55 21.42 -67.25
CA LEU H 207 79.43 22.84 -66.95
C LEU H 207 79.40 23.66 -68.24
N TYR H 208 80.10 23.20 -69.28
CA TYR H 208 80.02 23.84 -70.59
C TYR H 208 78.77 23.39 -71.35
N ASP H 209 78.34 22.14 -71.16
CA ASP H 209 77.18 21.64 -71.89
C ASP H 209 75.90 22.34 -71.44
N ILE H 210 75.77 22.62 -70.15
CA ILE H 210 74.57 23.27 -69.64
C ILE H 210 74.50 24.74 -70.04
N CYS H 211 75.65 25.40 -70.24
CA CYS H 211 75.64 26.81 -70.59
C CYS H 211 75.33 27.07 -72.05
N PHE H 212 75.43 26.07 -72.93
CA PHE H 212 75.05 26.24 -74.32
C PHE H 212 73.54 26.14 -74.48
N ARG H 213 72.94 25.07 -73.97
CA ARG H 213 71.55 24.74 -74.28
C ARG H 213 70.57 25.64 -73.54
N THR H 214 70.64 25.62 -72.21
CA THR H 214 69.67 26.33 -71.38
C THR H 214 70.01 27.78 -71.13
N LEU H 215 71.24 28.07 -70.70
CA LEU H 215 71.65 29.42 -70.37
C LEU H 215 72.13 30.21 -71.59
N LYS H 216 72.70 29.51 -72.59
CA LYS H 216 73.14 30.06 -73.89
C LYS H 216 73.99 31.32 -73.75
N LEU H 217 74.97 31.26 -72.86
CA LEU H 217 75.94 32.34 -72.74
C LEU H 217 76.88 32.32 -73.94
N THR H 218 77.03 33.48 -74.59
CA THR H 218 77.89 33.59 -75.76
C THR H 218 79.36 33.77 -75.42
N THR H 219 79.67 34.28 -74.21
CA THR H 219 81.06 34.47 -73.76
C THR H 219 81.18 34.03 -72.31
N PRO H 220 81.07 32.73 -72.04
CA PRO H 220 81.18 32.25 -70.66
C PRO H 220 82.62 32.12 -70.20
N THR H 221 82.87 32.57 -68.98
CA THR H 221 84.15 32.47 -68.29
C THR H 221 84.02 31.47 -67.14
N TYR H 222 85.14 31.27 -66.42
CA TYR H 222 85.10 30.36 -65.28
C TYR H 222 84.22 30.91 -64.15
N GLY H 223 84.09 32.23 -64.05
CA GLY H 223 83.23 32.80 -63.01
C GLY H 223 81.76 32.45 -63.22
N ASP H 224 81.33 32.34 -64.48
CA ASP H 224 79.97 31.92 -64.75
C ASP H 224 79.75 30.46 -64.37
N LEU H 225 80.77 29.62 -64.56
CA LEU H 225 80.66 28.23 -64.16
C LEU H 225 80.64 28.10 -62.63
N ASN H 226 81.38 28.96 -61.94
CA ASN H 226 81.38 28.93 -60.48
C ASN H 226 80.03 29.35 -59.90
N HIS H 227 79.26 30.17 -60.64
CA HIS H 227 78.00 30.67 -60.11
C HIS H 227 76.97 29.56 -59.99
N LEU H 228 76.86 28.70 -60.99
CA LEU H 228 75.84 27.66 -60.98
C LEU H 228 76.18 26.51 -60.04
N VAL H 229 77.46 26.17 -59.88
CA VAL H 229 77.85 25.12 -58.94
C VAL H 229 77.83 25.63 -57.50
N SER H 230 78.10 26.92 -57.28
CA SER H 230 78.00 27.49 -55.94
C SER H 230 76.56 27.60 -55.48
N ALA H 231 75.61 27.71 -56.39
CA ALA H 231 74.20 27.71 -56.01
C ALA H 231 73.81 26.36 -55.41
N THR H 232 74.39 25.28 -55.93
CA THR H 232 74.15 23.96 -55.35
C THR H 232 74.73 23.84 -53.95
N MET H 233 75.86 24.50 -53.69
CA MET H 233 76.40 24.53 -52.34
C MET H 233 75.49 25.28 -51.38
N SER H 234 74.77 26.29 -51.88
CA SER H 234 73.79 27.00 -51.06
C SER H 234 72.51 26.19 -50.89
N GLY H 235 72.16 25.37 -51.86
CA GLY H 235 70.93 24.59 -51.77
C GLY H 235 71.03 23.45 -50.76
N VAL H 236 72.20 22.83 -50.65
CA VAL H 236 72.36 21.70 -49.73
C VAL H 236 72.28 22.15 -48.27
N THR H 237 72.73 23.37 -47.96
CA THR H 237 72.76 23.90 -46.60
C THR H 237 71.74 25.03 -46.42
N THR H 238 70.60 24.96 -47.09
CA THR H 238 69.56 25.96 -46.96
C THR H 238 68.66 25.69 -45.75
N CYS H 239 68.45 24.42 -45.42
CA CYS H 239 67.49 24.07 -44.36
C CYS H 239 67.93 24.54 -42.99
N LEU H 240 69.24 24.61 -42.73
CA LEU H 240 69.78 25.05 -41.45
C LEU H 240 70.23 26.51 -41.46
N ARG H 241 70.29 27.15 -42.64
CA ARG H 241 70.54 28.58 -42.74
C ARG H 241 69.29 29.43 -42.68
N PHE H 242 68.12 28.86 -42.96
CA PHE H 242 66.84 29.56 -42.90
C PHE H 242 65.77 28.55 -42.49
N PRO H 243 64.65 29.00 -41.92
CA PRO H 243 63.62 28.03 -41.52
C PRO H 243 62.84 27.52 -42.73
N GLY H 244 62.14 26.42 -42.51
CA GLY H 244 61.36 25.80 -43.57
C GLY H 244 60.30 24.88 -43.00
N GLN H 245 59.36 24.51 -43.88
CA GLN H 245 58.28 23.62 -43.47
C GLN H 245 58.75 22.19 -43.30
N LEU H 246 59.79 21.77 -44.04
CA LEU H 246 60.37 20.44 -43.94
C LEU H 246 61.88 20.60 -44.07
N ASN H 247 62.56 20.72 -42.94
CA ASN H 247 64.00 20.91 -42.91
C ASN H 247 64.70 19.57 -43.04
N ALA H 248 65.78 19.55 -43.82
CA ALA H 248 66.63 18.37 -43.99
C ALA H 248 68.08 18.80 -43.81
N ASP H 249 68.69 18.41 -42.70
CA ASP H 249 70.08 18.72 -42.44
C ASP H 249 70.98 17.92 -43.38
N LEU H 250 72.28 18.24 -43.37
CA LEU H 250 73.23 17.53 -44.21
C LEU H 250 73.35 16.07 -43.80
N ARG H 251 73.17 15.77 -42.52
CA ARG H 251 73.12 14.37 -42.09
C ARG H 251 71.82 13.71 -42.52
N LYS H 252 70.71 14.46 -42.52
CA LYS H 252 69.44 13.93 -43.02
C LYS H 252 69.49 13.66 -44.51
N LEU H 253 70.31 14.39 -45.26
CA LEU H 253 70.52 14.07 -46.68
C LEU H 253 71.41 12.84 -46.85
N ALA H 254 72.32 12.59 -45.90
CA ALA H 254 73.28 11.51 -46.05
C ALA H 254 72.61 10.15 -45.94
N VAL H 255 71.71 9.97 -44.97
CA VAL H 255 71.13 8.66 -44.74
C VAL H 255 70.20 8.26 -45.87
N ASN H 256 69.54 9.23 -46.51
CA ASN H 256 68.66 8.94 -47.63
C ASN H 256 69.41 8.71 -48.93
N MET H 257 70.58 9.32 -49.11
CA MET H 257 71.34 9.25 -50.34
C MET H 257 72.47 8.23 -50.34
N VAL H 258 72.92 7.77 -49.17
CA VAL H 258 74.07 6.88 -49.03
C VAL H 258 73.55 5.54 -48.53
N PRO H 259 73.00 4.68 -49.42
CA PRO H 259 72.46 3.39 -48.95
C PRO H 259 73.53 2.40 -48.48
N PHE H 260 74.77 2.56 -48.95
CA PHE H 260 75.90 1.73 -48.58
C PHE H 260 77.10 2.62 -48.29
N PRO H 261 78.09 2.15 -47.52
CA PRO H 261 79.17 3.07 -47.07
C PRO H 261 80.05 3.58 -48.19
N ARG H 262 80.18 2.85 -49.30
CA ARG H 262 81.01 3.25 -50.43
C ARG H 262 80.24 4.00 -51.50
N LEU H 263 78.95 3.72 -51.66
CA LEU H 263 78.13 4.35 -52.69
C LEU H 263 77.58 5.67 -52.17
N HIS H 264 78.43 6.70 -52.23
CA HIS H 264 78.09 8.05 -51.78
C HIS H 264 78.55 9.13 -52.77
N PHE H 265 78.83 8.76 -54.02
CA PHE H 265 79.21 9.71 -55.06
C PHE H 265 77.95 10.19 -55.77
N PHE H 266 77.59 11.45 -55.55
CA PHE H 266 76.32 12.01 -56.00
C PHE H 266 76.51 12.74 -57.33
N MET H 267 75.40 13.26 -57.84
CA MET H 267 75.33 13.92 -59.15
C MET H 267 74.48 15.19 -59.01
N PRO H 268 75.07 16.37 -58.77
CA PRO H 268 74.23 17.54 -58.48
C PRO H 268 73.54 18.14 -59.70
N GLY H 269 72.56 18.99 -59.41
CA GLY H 269 71.83 19.71 -60.44
C GLY H 269 71.12 20.89 -59.81
N PHE H 270 70.70 21.83 -60.66
CA PHE H 270 70.08 23.06 -60.20
C PHE H 270 69.12 23.58 -61.26
N ALA H 271 68.07 24.26 -60.79
CA ALA H 271 67.07 24.89 -61.63
C ALA H 271 66.47 26.04 -60.82
N PRO H 272 65.91 27.08 -61.46
CA PRO H 272 65.75 27.36 -62.90
C PRO H 272 67.03 27.83 -63.56
N LEU H 273 67.32 27.25 -64.73
CA LEU H 273 68.44 27.65 -65.59
C LEU H 273 67.82 28.16 -66.88
N THR H 274 67.64 29.48 -66.97
CA THR H 274 66.99 30.12 -68.11
C THR H 274 67.72 31.42 -68.43
N SER H 275 67.89 31.68 -69.72
CA SER H 275 68.54 32.90 -70.16
C SER H 275 67.63 34.11 -69.97
N ARG H 276 68.22 35.30 -70.08
CA ARG H 276 67.45 36.52 -69.96
C ARG H 276 66.51 36.70 -71.14
N GLY H 277 66.90 36.23 -72.33
CA GLY H 277 66.04 36.31 -73.50
C GLY H 277 64.90 35.30 -73.55
N SER H 278 64.78 34.43 -72.53
CA SER H 278 63.70 33.45 -72.45
C SER H 278 63.14 33.33 -71.03
N GLN H 279 63.34 34.36 -70.18
CA GLN H 279 62.79 34.32 -68.83
C GLN H 279 61.30 34.63 -68.82
N GLN H 280 60.87 35.58 -69.64
CA GLN H 280 59.46 35.95 -69.70
C GLN H 280 58.59 34.83 -70.27
N TYR H 281 59.16 33.94 -71.08
CA TYR H 281 58.42 32.85 -71.73
C TYR H 281 58.47 31.56 -70.93
N ARG H 282 58.54 31.63 -69.60
CA ARG H 282 58.60 30.47 -68.73
C ARG H 282 57.76 30.73 -67.49
N ALA H 283 57.08 29.69 -67.04
CA ALA H 283 56.27 29.73 -65.83
C ALA H 283 57.07 29.17 -64.66
N LEU H 284 57.06 29.90 -63.54
CA LEU H 284 57.80 29.50 -62.34
C LEU H 284 57.08 28.43 -61.52
N THR H 285 55.97 27.88 -61.98
CA THR H 285 55.30 26.80 -61.26
C THR H 285 56.17 25.54 -61.25
N VAL H 286 55.94 24.71 -60.23
CA VAL H 286 56.80 23.56 -59.97
C VAL H 286 56.79 22.45 -61.04
N PRO H 287 55.73 22.20 -61.84
CA PRO H 287 55.87 21.12 -62.84
C PRO H 287 56.85 21.44 -63.95
N GLU H 288 56.98 22.72 -64.33
CA GLU H 288 58.01 23.08 -65.29
C GLU H 288 59.39 23.01 -64.67
N LEU H 289 59.48 23.17 -63.34
CA LEU H 289 60.76 23.01 -62.65
C LEU H 289 61.09 21.54 -62.43
N THR H 290 60.08 20.70 -62.17
CA THR H 290 60.36 19.29 -61.85
C THR H 290 60.86 18.55 -63.08
N GLN H 291 60.28 18.81 -64.25
CA GLN H 291 60.77 18.19 -65.48
C GLN H 291 62.18 18.64 -65.83
N GLN H 292 62.58 19.85 -65.40
CA GLN H 292 63.95 20.30 -65.61
C GLN H 292 64.91 19.68 -64.61
N MET H 293 64.44 19.35 -63.40
CA MET H 293 65.32 18.76 -62.40
C MET H 293 65.76 17.37 -62.80
N PHE H 294 64.80 16.50 -63.14
CA PHE H 294 65.09 15.12 -63.53
C PHE H 294 65.47 14.98 -65.00
N ASP H 295 65.70 16.09 -65.72
CA ASP H 295 66.10 16.00 -67.12
C ASP H 295 67.49 15.39 -67.24
N SER H 296 67.67 14.58 -68.28
CA SER H 296 68.95 13.93 -68.52
C SER H 296 70.06 14.92 -68.83
N LYS H 297 69.74 16.05 -69.45
CA LYS H 297 70.73 17.04 -69.89
C LYS H 297 70.92 18.20 -68.92
N ASN H 298 70.11 18.30 -67.86
CA ASN H 298 70.19 19.42 -66.94
C ASN H 298 71.34 19.30 -65.94
N MET H 299 71.71 18.08 -65.56
CA MET H 299 72.67 17.87 -64.49
C MET H 299 74.08 18.29 -64.94
N MET H 300 74.94 18.54 -63.94
CA MET H 300 76.33 18.93 -64.16
C MET H 300 77.28 17.74 -64.17
N ALA H 301 76.80 16.57 -64.62
CA ALA H 301 77.65 15.42 -64.91
C ALA H 301 77.26 14.87 -66.28
N ALA H 302 78.28 14.44 -67.03
CA ALA H 302 78.08 13.98 -68.40
C ALA H 302 77.50 12.57 -68.48
N CYS H 303 77.35 11.86 -67.36
CA CYS H 303 76.79 10.52 -67.39
C CYS H 303 75.28 10.59 -67.62
N ASP H 304 74.82 9.88 -68.65
CA ASP H 304 73.41 9.89 -68.99
C ASP H 304 72.65 8.96 -68.05
N PRO H 305 71.66 9.43 -67.28
CA PRO H 305 71.01 8.52 -66.32
C PRO H 305 70.14 7.47 -66.97
N ARG H 306 69.69 7.67 -68.21
CA ARG H 306 68.86 6.68 -68.89
C ARG H 306 69.58 5.38 -69.18
N HIS H 307 70.92 5.40 -69.25
CA HIS H 307 71.70 4.18 -69.41
C HIS H 307 71.83 3.36 -68.12
N GLY H 308 71.29 3.84 -67.00
CA GLY H 308 71.32 3.10 -65.74
C GLY H 308 70.02 3.26 -64.96
N ARG H 309 70.10 3.15 -63.64
CA ARG H 309 68.96 3.25 -62.75
C ARG H 309 69.34 4.03 -61.50
N TYR H 310 68.46 4.94 -61.09
CA TYR H 310 68.72 5.77 -59.92
C TYR H 310 68.67 4.94 -58.65
N LEU H 311 69.73 5.01 -57.85
CA LEU H 311 69.73 4.36 -56.54
C LEU H 311 68.88 5.14 -55.55
N THR H 312 69.07 6.46 -55.50
CA THR H 312 68.32 7.31 -54.60
C THR H 312 68.60 8.76 -54.97
N VAL H 313 67.58 9.60 -54.80
CA VAL H 313 67.60 10.98 -55.27
C VAL H 313 66.96 11.87 -54.21
N ALA H 314 67.42 13.11 -54.13
CA ALA H 314 66.91 14.10 -53.19
C ALA H 314 66.74 15.44 -53.91
N ALA H 315 65.68 16.17 -53.56
CA ALA H 315 65.39 17.47 -54.13
C ALA H 315 65.00 18.41 -52.99
N ILE H 316 65.84 19.42 -52.76
CA ILE H 316 65.64 20.42 -51.72
C ILE H 316 65.12 21.68 -52.40
N PHE H 317 63.82 21.94 -52.24
CA PHE H 317 63.18 23.10 -52.84
C PHE H 317 63.45 24.35 -51.99
N ARG H 318 63.13 25.51 -52.56
CA ARG H 318 63.30 26.80 -51.90
C ARG H 318 62.17 27.73 -52.32
N GLY H 319 61.65 28.49 -51.37
CA GLY H 319 60.62 29.48 -51.61
C GLY H 319 59.24 29.02 -51.15
N ARG H 320 58.34 29.96 -50.94
CA ARG H 320 56.98 29.63 -50.51
C ARG H 320 56.25 28.98 -51.68
N MET H 321 55.71 27.79 -51.46
CA MET H 321 55.05 27.02 -52.50
C MET H 321 54.03 26.09 -51.86
N SER H 322 53.25 25.44 -52.71
CA SER H 322 52.22 24.49 -52.29
C SER H 322 52.80 23.09 -52.27
N MET H 323 52.54 22.36 -51.18
CA MET H 323 53.17 21.06 -50.98
C MET H 323 52.51 19.96 -51.82
N LYS H 324 51.21 20.09 -52.11
CA LYS H 324 50.52 19.07 -52.90
C LYS H 324 51.09 18.98 -54.30
N GLU H 325 51.24 20.13 -54.97
CA GLU H 325 51.87 20.14 -56.29
C GLU H 325 53.33 19.69 -56.22
N VAL H 326 54.01 19.97 -55.10
CA VAL H 326 55.39 19.52 -54.95
C VAL H 326 55.43 18.01 -54.79
N ASP H 327 54.62 17.47 -53.87
CA ASP H 327 54.68 16.04 -53.57
C ASP H 327 54.15 15.21 -54.73
N GLU H 328 53.08 15.66 -55.39
CA GLU H 328 52.51 14.87 -56.48
C GLU H 328 53.42 14.84 -57.70
N GLN H 329 54.27 15.85 -57.88
CA GLN H 329 55.24 15.83 -58.97
C GLN H 329 56.28 14.75 -58.75
N MET H 330 56.61 14.45 -57.49
CA MET H 330 57.54 13.36 -57.20
C MET H 330 56.92 11.99 -57.47
N LEU H 331 55.59 11.90 -57.53
CA LEU H 331 54.93 10.63 -57.81
C LEU H 331 55.01 10.28 -59.29
N ASN H 332 54.51 11.19 -60.15
CA ASN H 332 54.45 10.87 -61.57
C ASN H 332 55.83 10.86 -62.23
N VAL H 333 56.82 11.54 -61.64
CA VAL H 333 58.15 11.56 -62.26
C VAL H 333 58.85 10.21 -62.16
N GLN H 334 58.56 9.41 -61.13
CA GLN H 334 59.22 8.13 -60.90
C GLN H 334 58.45 6.94 -61.45
N ASN H 335 57.11 6.97 -61.41
CA ASN H 335 56.34 5.82 -61.86
C ASN H 335 56.25 5.74 -63.38
N LYS H 336 56.18 6.89 -64.06
CA LYS H 336 56.23 6.90 -65.51
C LYS H 336 57.58 6.45 -66.07
N ASN H 337 58.66 6.59 -65.29
CA ASN H 337 60.03 6.24 -65.69
C ASN H 337 60.57 5.16 -64.77
N SER H 338 59.75 4.14 -64.50
CA SER H 338 60.13 3.05 -63.60
C SER H 338 61.34 2.26 -64.08
N SER H 339 61.62 2.24 -65.38
CA SER H 339 62.82 1.59 -65.87
C SER H 339 64.09 2.28 -65.40
N TYR H 340 64.05 3.60 -65.22
CA TYR H 340 65.18 4.37 -64.74
C TYR H 340 65.21 4.51 -63.22
N PHE H 341 64.51 3.64 -62.49
CA PHE H 341 64.53 3.62 -61.04
C PHE H 341 64.50 2.17 -60.55
N VAL H 342 65.26 1.91 -59.49
CA VAL H 342 65.39 0.55 -58.98
C VAL H 342 64.08 0.09 -58.36
N GLU H 343 63.71 -1.15 -58.65
CA GLU H 343 62.48 -1.76 -58.14
C GLU H 343 62.63 -2.29 -56.70
N TRP H 344 63.85 -2.52 -56.24
CA TRP H 344 64.10 -2.98 -54.86
C TRP H 344 64.13 -1.84 -53.84
N ILE H 345 63.64 -0.66 -54.19
CA ILE H 345 63.41 0.43 -53.25
C ILE H 345 62.03 1.01 -53.60
N PRO H 346 61.10 1.18 -52.65
CA PRO H 346 59.76 1.62 -53.07
C PRO H 346 59.71 3.09 -53.43
N ASN H 347 60.49 3.93 -52.75
CA ASN H 347 60.49 5.37 -52.96
C ASN H 347 61.93 5.87 -52.91
N ASN H 348 62.44 6.32 -54.06
CA ASN H 348 63.81 6.80 -54.19
C ASN H 348 63.96 8.29 -53.93
N VAL H 349 62.86 9.05 -53.85
CA VAL H 349 62.91 10.51 -53.78
C VAL H 349 62.89 10.96 -52.33
N LYS H 350 63.65 12.01 -52.03
CA LYS H 350 63.68 12.67 -50.73
C LYS H 350 63.29 14.12 -50.94
N THR H 351 62.36 14.61 -50.11
CA THR H 351 61.75 15.93 -50.27
C THR H 351 62.23 16.86 -49.16
N ALA H 352 62.29 18.15 -49.50
CA ALA H 352 62.64 19.19 -48.55
C ALA H 352 62.33 20.53 -49.19
N VAL H 353 61.96 21.50 -48.37
CA VAL H 353 61.54 22.82 -48.84
C VAL H 353 61.92 23.87 -47.79
N CYS H 354 62.14 25.10 -48.24
CA CYS H 354 62.44 26.24 -47.40
C CYS H 354 61.55 27.41 -47.77
N ASP H 355 61.33 28.30 -46.79
CA ASP H 355 60.45 29.45 -46.96
C ASP H 355 61.16 30.71 -47.44
N ILE H 356 62.49 30.70 -47.59
CA ILE H 356 63.29 31.88 -47.90
C ILE H 356 64.04 31.61 -49.21
N PRO H 357 63.56 32.02 -50.38
CA PRO H 357 64.25 31.66 -51.62
C PRO H 357 65.48 32.53 -51.84
N PRO H 358 66.26 32.29 -52.89
CA PRO H 358 67.38 33.18 -53.20
C PRO H 358 66.88 34.57 -53.57
N ARG H 359 67.81 35.53 -53.48
CA ARG H 359 67.49 36.90 -53.86
C ARG H 359 67.41 37.02 -55.37
N GLY H 360 66.32 37.61 -55.85
CA GLY H 360 66.06 37.74 -57.27
C GLY H 360 65.24 36.62 -57.90
N LEU H 361 64.98 35.53 -57.17
CA LEU H 361 64.18 34.41 -57.64
C LEU H 361 63.17 34.02 -56.58
N LYS H 362 61.94 33.75 -57.00
CA LYS H 362 60.85 33.37 -56.12
C LYS H 362 60.70 31.87 -55.95
N MET H 363 61.15 31.08 -56.93
CA MET H 363 61.04 29.62 -56.92
C MET H 363 62.35 29.03 -57.39
N SER H 364 62.86 28.04 -56.66
CA SER H 364 64.10 27.40 -57.04
C SER H 364 64.24 26.09 -56.27
N ALA H 365 65.16 25.25 -56.73
CA ALA H 365 65.42 23.96 -56.12
C ALA H 365 66.77 23.47 -56.58
N THR H 366 67.29 22.46 -55.87
CA THR H 366 68.56 21.81 -56.19
C THR H 366 68.34 20.32 -56.28
N PHE H 367 68.91 19.72 -57.33
CA PHE H 367 68.76 18.30 -57.63
C PHE H 367 70.01 17.58 -57.15
N ILE H 368 69.80 16.53 -56.34
CA ILE H 368 70.86 15.72 -55.77
C ILE H 368 70.50 14.27 -56.06
N GLY H 369 71.35 13.58 -56.82
CA GLY H 369 71.07 12.25 -57.31
C GLY H 369 72.26 11.31 -57.22
N ASN H 370 72.03 10.12 -56.62
CA ASN H 370 72.99 9.02 -56.62
C ASN H 370 72.46 7.98 -57.60
N SER H 371 73.11 7.88 -58.76
CA SER H 371 72.70 7.03 -59.86
C SER H 371 73.84 6.08 -60.23
N THR H 372 73.46 4.94 -60.81
CA THR H 372 74.42 3.97 -61.31
C THR H 372 75.05 4.37 -62.63
N ALA H 373 74.60 5.46 -63.26
CA ALA H 373 75.25 5.94 -64.49
C ALA H 373 76.64 6.52 -64.22
N ILE H 374 76.97 6.84 -62.97
CA ILE H 374 78.27 7.40 -62.63
C ILE H 374 79.42 6.43 -62.89
N GLN H 375 79.15 5.13 -62.99
CA GLN H 375 80.20 4.17 -63.32
C GLN H 375 80.78 4.38 -64.70
N GLU H 376 80.04 5.01 -65.62
CA GLU H 376 80.59 5.34 -66.93
C GLU H 376 81.77 6.29 -66.80
N LEU H 377 81.71 7.23 -65.85
CA LEU H 377 82.86 8.08 -65.58
C LEU H 377 84.00 7.28 -64.98
N PHE H 378 83.70 6.36 -64.07
CA PHE H 378 84.74 5.50 -63.51
C PHE H 378 85.26 4.52 -64.56
N LYS H 379 84.44 4.16 -65.55
CA LYS H 379 84.92 3.32 -66.64
C LYS H 379 86.00 4.04 -67.45
N ARG H 380 85.67 5.23 -67.98
CA ARG H 380 86.61 5.95 -68.84
C ARG H 380 87.83 6.44 -68.07
N ILE H 381 87.65 6.80 -66.79
CA ILE H 381 88.79 7.22 -65.98
C ILE H 381 89.69 6.02 -65.70
N SER H 382 89.11 4.84 -65.49
CA SER H 382 89.91 3.65 -65.22
C SER H 382 90.67 3.21 -66.47
N GLU H 383 90.05 3.31 -67.64
CA GLU H 383 90.73 2.92 -68.88
C GLU H 383 91.86 3.88 -69.22
N GLN H 384 91.70 5.16 -68.93
CA GLN H 384 92.78 6.11 -69.15
C GLN H 384 93.93 5.86 -68.18
N PHE H 385 93.62 5.45 -66.94
CA PHE H 385 94.66 5.11 -65.99
C PHE H 385 95.36 3.81 -66.36
N THR H 386 94.59 2.79 -66.74
CA THR H 386 95.18 1.51 -67.12
C THR H 386 95.95 1.63 -68.42
N ALA H 387 95.53 2.51 -69.33
CA ALA H 387 96.24 2.69 -70.59
C ALA H 387 97.62 3.28 -70.39
N MET H 388 97.78 4.19 -69.42
CA MET H 388 99.06 4.83 -69.13
C MET H 388 99.88 4.06 -68.10
N PHE H 389 99.22 3.31 -67.22
CA PHE H 389 99.91 2.55 -66.18
C PHE H 389 100.51 1.24 -66.66
N ARG H 390 99.95 0.66 -67.73
CA ARG H 390 100.39 -0.67 -68.16
C ARG H 390 101.81 -0.69 -68.71
N ARG H 391 102.37 0.47 -69.10
CA ARG H 391 103.78 0.61 -69.44
C ARG H 391 104.52 1.56 -68.51
N LYS H 392 103.95 1.90 -67.34
CA LYS H 392 104.63 2.71 -66.32
C LYS H 392 104.97 4.11 -66.84
N ALA H 393 104.04 4.69 -67.60
CA ALA H 393 104.24 6.04 -68.12
C ALA H 393 103.96 7.08 -67.06
N PHE H 394 104.84 8.08 -66.98
CA PHE H 394 104.70 9.22 -66.08
C PHE H 394 104.69 8.80 -64.61
N LEU H 395 105.40 7.71 -64.27
CA LEU H 395 105.52 7.22 -62.90
C LEU H 395 106.86 7.54 -62.25
N HIS H 396 107.90 7.81 -63.03
CA HIS H 396 109.22 8.03 -62.43
C HIS H 396 109.26 9.34 -61.63
N TRP H 397 108.42 10.31 -61.97
CA TRP H 397 108.34 11.53 -61.18
C TRP H 397 107.71 11.24 -59.81
N TYR H 398 106.75 10.33 -59.75
CA TYR H 398 106.12 9.99 -58.47
C TYR H 398 107.06 9.21 -57.56
N THR H 399 107.91 8.36 -58.14
CA THR H 399 108.86 7.59 -57.34
C THR H 399 109.95 8.45 -56.72
N GLY H 400 110.20 9.65 -57.26
CA GLY H 400 111.17 10.55 -56.67
C GLY H 400 110.84 10.98 -55.26
N GLU H 401 109.55 11.08 -54.94
CA GLU H 401 109.08 11.42 -53.59
C GLU H 401 108.93 10.21 -52.69
N GLY H 402 109.47 9.05 -53.07
CA GLY H 402 109.36 7.85 -52.26
C GLY H 402 108.08 7.06 -52.42
N MET H 403 107.29 7.34 -53.45
CA MET H 403 106.04 6.63 -53.67
C MET H 403 106.29 5.32 -54.41
N ASP H 404 105.56 4.29 -53.99
CA ASP H 404 105.68 2.95 -54.55
C ASP H 404 104.64 2.73 -55.64
N GLU H 405 105.01 1.92 -56.63
CA GLU H 405 104.10 1.58 -57.72
C GLU H 405 102.96 0.66 -57.27
N MET H 406 103.11 -0.04 -56.14
CA MET H 406 102.02 -0.87 -55.64
C MET H 406 100.82 -0.03 -55.22
N GLU H 407 101.06 1.19 -54.73
CA GLU H 407 99.95 2.06 -54.35
C GLU H 407 99.11 2.45 -55.56
N PHE H 408 99.74 2.57 -56.73
CA PHE H 408 98.97 2.77 -57.96
C PHE H 408 98.14 1.52 -58.28
N THR H 409 98.69 0.35 -58.02
CA THR H 409 97.94 -0.88 -58.23
C THR H 409 96.84 -1.03 -57.19
N GLU H 410 97.12 -0.65 -55.95
CA GLU H 410 96.08 -0.65 -54.93
C GLU H 410 94.98 0.36 -55.24
N ALA H 411 95.34 1.52 -55.78
CA ALA H 411 94.32 2.46 -56.26
C ALA H 411 93.56 1.87 -57.43
N GLU H 412 94.24 1.09 -58.28
CA GLU H 412 93.56 0.42 -59.39
C GLU H 412 92.63 -0.67 -58.88
N SER H 413 93.01 -1.34 -57.78
CA SER H 413 92.12 -2.36 -57.22
C SER H 413 90.85 -1.72 -56.67
N ASN H 414 90.96 -0.55 -56.06
CA ASN H 414 89.78 0.16 -55.58
C ASN H 414 88.90 0.64 -56.72
N MET H 415 89.49 0.92 -57.88
CA MET H 415 88.72 1.49 -58.99
C MET H 415 87.74 0.48 -59.56
N ASN H 416 88.22 -0.72 -59.90
CA ASN H 416 87.33 -1.74 -60.42
C ASN H 416 86.36 -2.25 -59.37
N ASP H 417 86.71 -2.16 -58.08
CA ASP H 417 85.80 -2.60 -57.03
C ASP H 417 84.57 -1.70 -56.96
N LEU H 418 84.77 -0.38 -56.84
CA LEU H 418 83.63 0.53 -56.79
C LEU H 418 82.88 0.56 -58.11
N VAL H 419 83.55 0.28 -59.24
CA VAL H 419 82.87 0.13 -60.51
C VAL H 419 81.94 -1.08 -60.46
N SER H 420 82.46 -2.22 -59.98
CA SER H 420 81.64 -3.41 -59.86
C SER H 420 80.57 -3.26 -58.79
N GLU H 421 80.79 -2.41 -57.80
CA GLU H 421 79.78 -2.17 -56.78
C GLU H 421 78.55 -1.48 -57.38
N TYR H 422 78.77 -0.45 -58.20
CA TYR H 422 77.66 0.18 -58.92
C TYR H 422 77.00 -0.77 -59.90
N GLN H 423 77.76 -1.69 -60.49
CA GLN H 423 77.19 -2.67 -61.42
C GLN H 423 76.36 -3.73 -60.70
N GLN H 424 76.62 -3.97 -59.41
CA GLN H 424 75.82 -4.92 -58.64
C GLN H 424 74.37 -4.47 -58.55
N TYR H 425 74.15 -3.17 -58.32
CA TYR H 425 72.84 -2.61 -58.09
C TYR H 425 72.23 -1.97 -59.34
N GLN H 426 72.49 -2.56 -60.51
CA GLN H 426 71.89 -2.12 -61.77
C GLN H 426 71.39 -3.33 -62.54
N ALA I 28 90.61 -27.78 -54.50
CA ALA I 28 90.06 -26.81 -55.43
C ALA I 28 88.95 -25.99 -54.77
N GLU I 29 88.01 -26.69 -54.14
CA GLU I 29 86.89 -26.08 -53.44
C GLU I 29 86.57 -26.91 -52.21
N CYS I 30 86.60 -26.28 -51.04
CA CYS I 30 86.33 -26.91 -49.75
C CYS I 30 85.30 -26.08 -48.98
N ASN I 31 84.30 -26.75 -48.43
CA ASN I 31 83.24 -26.08 -47.69
C ASN I 31 83.75 -25.63 -46.32
N ILE I 32 83.33 -24.44 -45.91
CA ILE I 32 83.71 -23.90 -44.61
C ILE I 32 82.96 -24.69 -43.54
N LYS I 33 83.70 -25.24 -42.59
CA LYS I 33 83.10 -26.04 -41.52
C LYS I 33 82.38 -25.11 -40.53
N VAL I 34 81.09 -25.35 -40.34
CA VAL I 34 80.25 -24.58 -39.43
C VAL I 34 79.90 -25.48 -38.25
N MET I 35 80.39 -25.10 -37.07
CA MET I 35 80.14 -25.80 -35.81
C MET I 35 79.49 -24.85 -34.82
N CYS I 36 78.80 -25.43 -33.83
CA CYS I 36 78.06 -24.69 -32.81
C CYS I 36 78.49 -25.18 -31.43
N ARG I 37 78.40 -24.28 -30.44
CA ARG I 37 78.73 -24.58 -29.06
C ARG I 37 77.79 -23.81 -28.15
N PHE I 38 77.13 -24.52 -27.24
CA PHE I 38 76.38 -23.92 -26.14
C PHE I 38 77.16 -24.10 -24.84
N ARG I 39 76.94 -23.20 -23.90
CA ARG I 39 77.63 -23.13 -22.61
C ARG I 39 76.65 -23.37 -21.47
N PRO I 40 77.13 -23.54 -20.23
CA PRO I 40 76.22 -23.52 -19.08
C PRO I 40 75.73 -22.11 -18.79
N LEU I 41 74.69 -22.04 -17.96
CA LEU I 41 74.14 -20.74 -17.56
C LEU I 41 75.05 -20.08 -16.55
N ASN I 42 75.39 -18.82 -16.79
CA ASN I 42 76.27 -18.07 -15.91
C ASN I 42 75.48 -17.57 -14.69
N GLU I 43 76.12 -16.74 -13.86
CA GLU I 43 75.50 -16.31 -12.61
C GLU I 43 74.35 -15.34 -12.85
N SER I 44 74.42 -14.52 -13.92
CA SER I 44 73.40 -13.52 -14.16
C SER I 44 72.12 -14.08 -14.75
N GLU I 45 72.14 -15.31 -15.29
CA GLU I 45 70.98 -15.92 -15.92
C GLU I 45 70.23 -16.88 -15.01
N VAL I 46 70.92 -17.63 -14.16
CA VAL I 46 70.25 -18.60 -13.30
C VAL I 46 69.42 -17.90 -12.22
N ASN I 47 69.87 -16.75 -11.72
CA ASN I 47 69.11 -16.03 -10.72
C ASN I 47 67.88 -15.32 -11.30
N ARG I 48 67.92 -14.97 -12.59
CA ARG I 48 66.75 -14.37 -13.22
C ARG I 48 65.67 -15.41 -13.49
N GLY I 49 66.06 -16.65 -13.80
CA GLY I 49 65.14 -17.76 -13.96
C GLY I 49 64.90 -18.13 -15.41
N ASP I 50 65.94 -18.05 -16.22
CA ASP I 50 65.83 -18.41 -17.64
C ASP I 50 65.80 -19.92 -17.80
N LYS I 51 64.99 -20.38 -18.76
CA LYS I 51 64.82 -21.79 -19.02
C LYS I 51 65.85 -22.28 -20.04
N TYR I 52 66.29 -23.53 -19.86
CA TYR I 52 67.31 -24.12 -20.72
C TYR I 52 66.65 -24.63 -22.00
N ILE I 53 66.64 -23.78 -23.04
CA ILE I 53 65.96 -24.12 -24.29
C ILE I 53 66.82 -24.94 -25.25
N ALA I 54 68.11 -25.12 -24.97
CA ALA I 54 69.00 -25.80 -25.89
C ALA I 54 68.67 -27.29 -25.91
N LYS I 55 68.18 -27.78 -27.05
CA LYS I 55 67.84 -29.19 -27.26
C LYS I 55 68.70 -29.72 -28.40
N PHE I 56 69.48 -30.75 -28.11
CA PHE I 56 70.42 -31.35 -29.06
C PHE I 56 69.86 -32.66 -29.59
N GLN I 57 70.12 -32.92 -30.87
CA GLN I 57 69.71 -34.16 -31.55
C GLN I 57 70.94 -34.66 -32.30
N GLY I 58 71.70 -35.56 -31.67
CA GLY I 58 72.92 -36.03 -32.26
C GLY I 58 74.00 -34.96 -32.23
N GLU I 59 74.96 -35.09 -33.14
CA GLU I 59 76.10 -34.19 -33.25
C GLU I 59 75.93 -33.11 -34.32
N ASP I 60 75.25 -33.43 -35.42
CA ASP I 60 75.22 -32.54 -36.57
C ASP I 60 74.16 -31.44 -36.46
N THR I 61 73.00 -31.74 -35.88
CA THR I 61 71.85 -30.83 -35.85
C THR I 61 71.45 -30.53 -34.42
N VAL I 62 70.84 -29.35 -34.23
CA VAL I 62 70.33 -28.90 -32.94
C VAL I 62 68.93 -28.35 -33.15
N VAL I 63 68.06 -28.61 -32.17
CA VAL I 63 66.65 -28.19 -32.20
C VAL I 63 66.49 -27.02 -31.24
N ILE I 64 65.86 -25.95 -31.72
CA ILE I 64 65.58 -24.75 -30.93
C ILE I 64 64.16 -24.33 -31.26
N ALA I 65 63.26 -24.40 -30.26
CA ALA I 65 61.86 -24.00 -30.43
C ALA I 65 61.17 -24.82 -31.52
N SER I 66 61.45 -26.12 -31.53
CA SER I 66 60.88 -27.06 -32.50
C SER I 66 61.27 -26.69 -33.93
N LYS I 67 62.52 -26.28 -34.12
CA LYS I 67 63.10 -25.93 -35.41
C LYS I 67 64.49 -26.55 -35.53
N PRO I 68 64.71 -27.56 -36.37
CA PRO I 68 66.09 -28.08 -36.50
C PRO I 68 66.98 -27.11 -37.26
N TYR I 69 68.26 -27.12 -36.88
CA TYR I 69 69.31 -26.33 -37.54
C TYR I 69 70.51 -27.25 -37.75
N ALA I 70 70.73 -27.63 -39.00
CA ALA I 70 71.78 -28.60 -39.34
C ALA I 70 73.14 -27.91 -39.37
N PHE I 71 74.13 -28.55 -38.74
CA PHE I 71 75.52 -28.09 -38.76
C PHE I 71 76.45 -29.30 -38.93
N ASP I 72 77.76 -29.07 -38.89
CA ASP I 72 78.72 -30.15 -38.98
C ASP I 72 78.90 -30.85 -37.63
N ARG I 73 79.05 -30.08 -36.56
CA ARG I 73 79.24 -30.62 -35.22
C ARG I 73 78.77 -29.59 -34.21
N VAL I 74 77.84 -29.99 -33.35
CA VAL I 74 77.31 -29.15 -32.28
C VAL I 74 77.89 -29.64 -30.96
N PHE I 75 78.46 -28.72 -30.20
CA PHE I 75 79.05 -29.02 -28.89
C PHE I 75 78.07 -28.65 -27.79
N GLN I 76 77.91 -29.55 -26.82
CA GLN I 76 76.96 -29.36 -25.73
C GLN I 76 77.62 -28.56 -24.61
N SER I 77 76.87 -28.30 -23.54
CA SER I 77 77.38 -27.51 -22.43
C SER I 77 78.46 -28.25 -21.66
N SER I 78 78.38 -29.57 -21.59
CA SER I 78 79.37 -30.38 -20.87
C SER I 78 80.67 -30.56 -21.63
N THR I 79 80.80 -30.04 -22.85
CA THR I 79 82.03 -30.18 -23.62
C THR I 79 83.13 -29.32 -23.00
N SER I 80 84.22 -29.96 -22.59
CA SER I 80 85.33 -29.26 -21.95
C SER I 80 86.15 -28.52 -22.99
N GLN I 81 87.18 -27.81 -22.53
CA GLN I 81 88.01 -27.01 -23.43
C GLN I 81 88.83 -27.91 -24.35
N GLU I 82 89.38 -29.00 -23.82
CA GLU I 82 90.22 -29.88 -24.63
C GLU I 82 89.38 -30.63 -25.67
N GLN I 83 88.13 -30.95 -25.33
CA GLN I 83 87.28 -31.69 -26.26
C GLN I 83 86.91 -30.85 -27.47
N VAL I 84 86.69 -29.55 -27.30
CA VAL I 84 86.35 -28.69 -28.43
C VAL I 84 87.55 -28.54 -29.36
N TYR I 85 88.75 -28.45 -28.80
CA TYR I 85 89.95 -28.24 -29.60
C TYR I 85 90.25 -29.46 -30.48
N ASN I 86 90.16 -30.65 -29.90
CA ASN I 86 90.45 -31.87 -30.65
C ASN I 86 89.44 -32.13 -31.75
N ASP I 87 88.21 -31.63 -31.62
CA ASP I 87 87.16 -31.86 -32.61
C ASP I 87 87.18 -30.84 -33.74
N CYS I 88 87.45 -29.57 -33.44
CA CYS I 88 87.31 -28.48 -34.40
C CYS I 88 88.62 -28.16 -35.10
N ALA I 89 89.64 -27.73 -34.36
CA ALA I 89 90.87 -27.17 -34.92
C ALA I 89 92.04 -28.14 -34.90
N LYS I 90 91.78 -29.45 -34.80
CA LYS I 90 92.86 -30.42 -34.82
C LYS I 90 93.41 -30.61 -36.23
N LYS I 91 92.53 -30.83 -37.20
CA LYS I 91 92.96 -31.01 -38.58
C LYS I 91 93.44 -29.71 -39.22
N ILE I 92 93.02 -28.55 -38.69
CA ILE I 92 93.44 -27.27 -39.27
C ILE I 92 94.92 -27.05 -39.05
N VAL I 93 95.49 -27.59 -37.97
CA VAL I 93 96.93 -27.49 -37.75
C VAL I 93 97.68 -28.28 -38.82
N LYS I 94 97.12 -29.39 -39.27
CA LYS I 94 97.73 -30.17 -40.34
C LYS I 94 97.55 -29.47 -41.69
N ASP I 95 96.41 -28.81 -41.91
CA ASP I 95 96.15 -28.19 -43.20
C ASP I 95 97.02 -26.95 -43.40
N VAL I 96 97.18 -26.13 -42.36
CA VAL I 96 97.96 -24.90 -42.50
C VAL I 96 99.45 -25.18 -42.65
N LEU I 97 99.94 -26.30 -42.13
CA LEU I 97 101.34 -26.70 -42.31
C LEU I 97 101.58 -27.43 -43.63
N GLU I 98 100.53 -27.96 -44.27
CA GLU I 98 100.69 -28.60 -45.56
C GLU I 98 101.09 -27.61 -46.67
N GLY I 99 100.72 -26.34 -46.52
CA GLY I 99 101.01 -25.31 -47.51
C GLY I 99 99.90 -24.30 -47.67
N TYR I 100 98.67 -24.65 -47.29
CA TYR I 100 97.53 -23.77 -47.41
C TYR I 100 97.50 -22.80 -46.23
N ASN I 101 96.55 -21.87 -46.27
CA ASN I 101 96.33 -20.90 -45.20
C ASN I 101 95.27 -21.42 -44.24
N GLY I 102 95.12 -20.71 -43.12
CA GLY I 102 94.15 -21.08 -42.10
C GLY I 102 93.57 -19.85 -41.44
N THR I 103 92.32 -19.96 -41.02
CA THR I 103 91.64 -18.87 -40.32
C THR I 103 90.49 -19.45 -39.52
N ILE I 104 90.41 -19.06 -38.24
CA ILE I 104 89.33 -19.46 -37.34
C ILE I 104 88.86 -18.23 -36.59
N PHE I 105 87.54 -18.07 -36.50
CA PHE I 105 86.94 -16.94 -35.81
C PHE I 105 85.60 -17.35 -35.22
N ALA I 106 85.14 -16.57 -34.24
CA ALA I 106 83.96 -16.89 -33.45
C ALA I 106 82.95 -15.75 -33.59
N TYR I 107 81.71 -16.10 -33.92
CA TYR I 107 80.60 -15.16 -34.05
C TYR I 107 79.56 -15.47 -32.99
N GLY I 108 78.95 -14.42 -32.45
CA GLY I 108 77.93 -14.58 -31.43
C GLY I 108 77.72 -13.28 -30.69
N GLN I 109 76.82 -13.36 -29.69
CA GLN I 109 76.43 -12.23 -28.87
C GLN I 109 77.27 -12.19 -27.59
N THR I 110 77.13 -11.10 -26.84
CA THR I 110 77.89 -10.93 -25.60
C THR I 110 77.47 -11.97 -24.58
N SER I 111 78.46 -12.45 -23.81
CA SER I 111 78.31 -13.51 -22.81
C SER I 111 77.97 -14.87 -23.43
N SER I 112 78.19 -15.05 -24.74
CA SER I 112 77.93 -16.33 -25.38
C SER I 112 79.05 -17.34 -25.16
N GLY I 113 80.26 -16.88 -24.83
CA GLY I 113 81.38 -17.76 -24.53
C GLY I 113 82.41 -17.80 -25.64
N LYS I 114 82.65 -16.65 -26.28
CA LYS I 114 83.66 -16.54 -27.31
C LYS I 114 85.06 -16.34 -26.74
N THR I 115 85.18 -15.48 -25.73
CA THR I 115 86.48 -15.24 -25.11
C THR I 115 86.97 -16.46 -24.35
N HIS I 116 86.08 -17.12 -23.59
CA HIS I 116 86.47 -18.32 -22.85
C HIS I 116 86.81 -19.47 -23.79
N THR I 117 86.18 -19.53 -24.96
CA THR I 117 86.47 -20.59 -25.91
C THR I 117 87.88 -20.46 -26.47
N MET I 118 88.28 -19.25 -26.85
CA MET I 118 89.57 -19.01 -27.46
C MET I 118 90.65 -18.65 -26.45
N GLU I 119 90.38 -17.70 -25.55
CA GLU I 119 91.36 -17.26 -24.57
C GLU I 119 91.32 -18.13 -23.31
N GLY I 120 90.17 -18.20 -22.66
CA GLY I 120 90.07 -18.97 -21.42
C GLY I 120 90.94 -18.37 -20.33
N LYS I 121 91.63 -19.28 -19.61
CA LYS I 121 92.67 -18.92 -18.65
C LYS I 121 93.95 -19.62 -19.08
N LEU I 122 94.91 -18.84 -19.58
CA LEU I 122 96.02 -19.39 -20.35
C LEU I 122 96.96 -20.23 -19.50
N HIS I 123 97.18 -19.85 -18.24
CA HIS I 123 98.19 -20.47 -17.41
C HIS I 123 97.78 -21.83 -16.85
N ASP I 124 96.49 -22.22 -16.95
CA ASP I 124 96.00 -23.49 -16.44
C ASP I 124 96.06 -24.55 -17.54
N PRO I 125 96.30 -25.84 -17.26
CA PRO I 125 96.26 -26.83 -18.36
C PRO I 125 94.87 -27.07 -18.92
N GLU I 126 93.84 -27.13 -18.07
CA GLU I 126 92.49 -27.45 -18.50
C GLU I 126 91.70 -26.22 -18.95
N GLY I 127 91.75 -25.14 -18.17
CA GLY I 127 90.99 -23.94 -18.47
C GLY I 127 91.49 -23.11 -19.62
N MET I 128 92.63 -23.46 -20.22
CA MET I 128 93.14 -22.68 -21.35
C MET I 128 92.30 -22.92 -22.59
N GLY I 129 92.13 -21.86 -23.38
CA GLY I 129 91.30 -21.90 -24.57
C GLY I 129 92.01 -22.52 -25.75
N ILE I 130 91.72 -21.97 -26.95
CA ILE I 130 92.20 -22.57 -28.19
C ILE I 130 93.55 -21.98 -28.59
N ILE I 131 93.73 -20.68 -28.43
CA ILE I 131 94.90 -20.00 -28.98
C ILE I 131 96.21 -20.41 -28.31
N PRO I 132 96.29 -20.88 -27.01
CA PRO I 132 97.53 -21.53 -26.58
C PRO I 132 97.66 -22.96 -27.11
N ARG I 133 96.52 -23.65 -27.25
CA ARG I 133 96.55 -25.00 -27.80
C ARG I 133 96.99 -25.00 -29.25
N ILE I 134 96.65 -23.96 -30.00
CA ILE I 134 97.12 -23.85 -31.38
C ILE I 134 98.63 -23.64 -31.40
N VAL I 135 99.15 -22.86 -30.45
CA VAL I 135 100.59 -22.62 -30.39
C VAL I 135 101.32 -23.89 -29.99
N GLN I 136 100.80 -24.61 -29.00
CA GLN I 136 101.49 -25.79 -28.50
C GLN I 136 101.51 -26.92 -29.53
N ASP I 137 100.45 -27.06 -30.33
CA ASP I 137 100.40 -28.11 -31.33
C ASP I 137 101.37 -27.85 -32.47
N ILE I 138 101.60 -26.58 -32.81
CA ILE I 138 102.51 -26.24 -33.90
C ILE I 138 103.94 -26.61 -33.52
N PHE I 139 104.38 -26.23 -32.31
CA PHE I 139 105.73 -26.55 -31.87
C PHE I 139 105.90 -28.04 -31.57
N ASN I 140 104.87 -28.69 -31.03
CA ASN I 140 104.94 -30.13 -30.82
C ASN I 140 105.03 -30.88 -32.13
N TYR I 141 104.38 -30.37 -33.19
CA TYR I 141 104.48 -30.99 -34.50
C TYR I 141 105.86 -30.79 -35.11
N ILE I 142 106.49 -29.64 -34.84
CA ILE I 142 107.82 -29.37 -35.39
C ILE I 142 108.85 -30.29 -34.75
N TYR I 143 108.69 -30.60 -33.47
CA TYR I 143 109.62 -31.51 -32.81
C TYR I 143 109.49 -32.93 -33.35
N SER I 144 108.30 -33.32 -33.81
CA SER I 144 108.09 -34.63 -34.41
C SER I 144 108.63 -34.71 -35.83
N MET I 145 108.73 -33.58 -36.54
CA MET I 145 109.29 -33.56 -37.89
C MET I 145 110.81 -33.68 -37.84
N ASP I 146 111.40 -34.00 -38.99
CA ASP I 146 112.84 -34.16 -39.10
C ASP I 146 113.54 -32.81 -38.96
N GLU I 147 114.85 -32.87 -38.69
CA GLU I 147 115.60 -31.66 -38.39
C GLU I 147 115.80 -30.78 -39.61
N ASN I 148 115.82 -31.35 -40.81
CA ASN I 148 116.13 -30.58 -42.01
C ASN I 148 115.04 -29.58 -42.39
N LEU I 149 113.82 -29.71 -41.87
CA LEU I 149 112.75 -28.76 -42.14
C LEU I 149 112.94 -27.55 -41.23
N GLU I 150 113.42 -26.44 -41.81
CA GLU I 150 113.63 -25.20 -41.08
C GLU I 150 112.35 -24.38 -41.07
N PHE I 151 111.92 -23.97 -39.88
CA PHE I 151 110.70 -23.20 -39.68
C PHE I 151 111.06 -21.78 -39.27
N HIS I 152 110.37 -20.80 -39.88
CA HIS I 152 110.52 -19.38 -39.58
C HIS I 152 109.15 -18.84 -39.23
N ILE I 153 108.84 -18.80 -37.94
CA ILE I 153 107.54 -18.37 -37.42
C ILE I 153 107.70 -16.95 -36.88
N LYS I 154 106.81 -16.06 -37.31
CA LYS I 154 106.72 -14.69 -36.81
C LYS I 154 105.28 -14.40 -36.43
N VAL I 155 105.10 -13.75 -35.28
CA VAL I 155 103.80 -13.50 -34.68
C VAL I 155 103.48 -12.02 -34.76
N SER I 156 102.18 -11.73 -34.86
CA SER I 156 101.66 -10.36 -34.87
C SER I 156 100.34 -10.35 -34.14
N TYR I 157 100.01 -9.23 -33.52
CA TYR I 157 98.82 -9.12 -32.69
C TYR I 157 98.38 -7.66 -32.66
N PHE I 158 97.17 -7.40 -33.15
CA PHE I 158 96.58 -6.07 -33.13
C PHE I 158 95.07 -6.20 -32.93
N GLU I 159 94.41 -5.06 -32.78
CA GLU I 159 92.99 -5.00 -32.47
C GLU I 159 92.39 -3.77 -33.12
N ILE I 160 91.12 -3.90 -33.54
CA ILE I 160 90.41 -2.85 -34.28
C ILE I 160 89.43 -2.22 -33.31
N TYR I 161 89.81 -1.05 -32.77
CA TYR I 161 89.11 -0.39 -31.68
C TYR I 161 88.92 1.08 -32.03
N LEU I 162 87.65 1.53 -31.98
CA LEU I 162 87.26 2.90 -32.38
C LEU I 162 87.72 3.18 -33.81
N ASP I 163 87.37 2.25 -34.71
CA ASP I 163 87.73 2.26 -36.15
C ASP I 163 89.20 2.57 -36.41
N LYS I 164 90.09 2.08 -35.53
CA LYS I 164 91.54 2.21 -35.68
C LYS I 164 92.20 0.90 -35.30
N ILE I 165 93.21 0.50 -36.08
CA ILE I 165 93.93 -0.74 -35.87
C ILE I 165 95.09 -0.40 -34.93
N ARG I 166 94.83 -0.48 -33.62
CA ARG I 166 95.85 -0.22 -32.62
C ARG I 166 96.64 -1.49 -32.34
N ASP I 167 97.96 -1.36 -32.33
CA ASP I 167 98.85 -2.47 -32.01
C ASP I 167 99.02 -2.57 -30.50
N LEU I 168 99.01 -3.81 -30.01
CA LEU I 168 99.16 -4.11 -28.58
C LEU I 168 100.56 -4.58 -28.23
N LEU I 169 101.32 -5.10 -29.19
CA LEU I 169 102.71 -5.45 -28.93
C LEU I 169 103.58 -4.22 -28.73
N ASP I 170 103.22 -3.09 -29.36
CA ASP I 170 103.84 -1.80 -29.13
C ASP I 170 102.75 -0.76 -28.93
N VAL I 171 102.92 0.07 -27.88
CA VAL I 171 101.90 1.03 -27.48
C VAL I 171 101.98 2.34 -28.26
N SER I 172 103.05 2.59 -29.01
CA SER I 172 103.22 3.88 -29.68
C SER I 172 102.22 4.05 -30.82
N LYS I 173 102.31 3.19 -31.83
CA LYS I 173 101.46 3.31 -33.01
C LYS I 173 100.06 2.81 -32.71
N THR I 174 99.05 3.58 -33.16
CA THR I 174 97.64 3.32 -32.90
C THR I 174 96.82 3.01 -34.16
N ASN I 175 97.39 3.17 -35.35
CA ASN I 175 96.68 2.91 -36.60
C ASN I 175 97.67 2.44 -37.65
N LEU I 176 97.40 1.26 -38.23
CA LEU I 176 98.20 0.66 -39.29
C LEU I 176 97.40 0.66 -40.59
N SER I 177 98.12 0.48 -41.70
CA SER I 177 97.56 0.41 -43.04
C SER I 177 97.45 -1.05 -43.47
N VAL I 178 96.52 -1.30 -44.39
CA VAL I 178 96.27 -2.63 -44.95
C VAL I 178 96.53 -2.53 -46.45
N HIS I 179 97.66 -3.09 -46.89
CA HIS I 179 98.11 -3.05 -48.27
C HIS I 179 97.97 -4.42 -48.91
N GLU I 180 98.08 -4.45 -50.24
CA GLU I 180 97.94 -5.65 -51.04
C GLU I 180 99.31 -6.24 -51.37
N ASP I 181 99.37 -7.57 -51.43
CA ASP I 181 100.58 -8.30 -51.73
C ASP I 181 100.66 -8.54 -53.24
N LYS I 182 101.53 -9.45 -53.68
CA LYS I 182 101.79 -9.66 -55.10
C LYS I 182 100.55 -10.14 -55.85
N ASN I 183 99.73 -11.01 -55.23
CA ASN I 183 98.53 -11.56 -55.85
C ASN I 183 97.25 -10.87 -55.34
N ARG I 184 97.35 -9.59 -54.97
CA ARG I 184 96.19 -8.75 -54.63
C ARG I 184 95.41 -9.27 -53.42
N VAL I 185 96.08 -9.99 -52.52
CA VAL I 185 95.48 -10.44 -51.27
C VAL I 185 95.83 -9.41 -50.19
N PRO I 186 94.85 -8.77 -49.53
CA PRO I 186 95.22 -7.71 -48.59
C PRO I 186 95.80 -8.27 -47.30
N TYR I 187 96.74 -7.53 -46.73
CA TYR I 187 97.33 -7.88 -45.45
C TYR I 187 97.90 -6.61 -44.81
N VAL I 188 98.36 -6.75 -43.58
CA VAL I 188 98.78 -5.62 -42.75
C VAL I 188 100.24 -5.29 -43.04
N LYS I 189 100.57 -4.01 -42.94
CA LYS I 189 101.94 -3.50 -43.10
C LYS I 189 102.30 -2.67 -41.87
N GLY I 190 103.58 -2.70 -41.51
CA GLY I 190 104.08 -1.92 -40.40
C GLY I 190 103.89 -2.55 -39.03
N CYS I 191 103.12 -3.62 -38.92
CA CYS I 191 102.88 -4.24 -37.62
C CYS I 191 104.14 -4.87 -37.08
N THR I 192 104.18 -5.04 -35.75
CA THR I 192 105.35 -5.58 -35.07
C THR I 192 105.36 -7.09 -35.27
N GLU I 193 106.19 -7.54 -36.21
CA GLU I 193 106.35 -8.96 -36.52
C GLU I 193 107.53 -9.49 -35.69
N ARG I 194 107.21 -10.03 -34.50
CA ARG I 194 108.21 -10.54 -33.58
C ARG I 194 108.61 -11.95 -34.00
N PHE I 195 109.89 -12.13 -34.34
CA PHE I 195 110.41 -13.45 -34.67
C PHE I 195 110.62 -14.25 -33.39
N VAL I 196 109.97 -15.41 -33.32
CA VAL I 196 109.94 -16.25 -32.12
C VAL I 196 110.69 -17.55 -32.42
N CYS I 197 111.27 -18.11 -31.36
CA CYS I 197 112.06 -19.34 -31.41
C CYS I 197 111.43 -20.48 -30.64
N SER I 198 111.10 -20.27 -29.35
CA SER I 198 110.56 -21.27 -28.45
C SER I 198 109.06 -21.06 -28.23
N PRO I 199 108.32 -22.08 -27.78
CA PRO I 199 106.89 -21.86 -27.53
C PRO I 199 106.61 -21.00 -26.31
N ASP I 200 107.50 -20.99 -25.32
CA ASP I 200 107.27 -20.19 -24.12
C ASP I 200 107.30 -18.70 -24.42
N GLU I 201 108.15 -18.28 -25.37
CA GLU I 201 108.16 -16.87 -25.77
C GLU I 201 106.86 -16.47 -26.44
N VAL I 202 106.21 -17.39 -27.17
CA VAL I 202 104.92 -17.08 -27.77
C VAL I 202 103.86 -16.94 -26.70
N MET I 203 103.99 -17.68 -25.60
CA MET I 203 103.08 -17.50 -24.47
C MET I 203 103.32 -16.16 -23.80
N ASP I 204 104.57 -15.68 -23.79
CA ASP I 204 104.89 -14.42 -23.13
C ASP I 204 104.28 -13.24 -23.88
N THR I 205 104.44 -13.19 -25.20
CA THR I 205 103.91 -12.07 -25.97
C THR I 205 102.39 -12.09 -26.04
N ILE I 206 101.76 -13.26 -25.85
CA ILE I 206 100.31 -13.32 -25.77
C ILE I 206 99.83 -12.74 -24.45
N ASP I 207 100.56 -13.00 -23.36
CA ASP I 207 100.14 -12.53 -22.05
C ASP I 207 100.22 -11.01 -21.95
N GLU I 208 101.34 -10.43 -22.41
CA GLU I 208 101.47 -8.98 -22.38
C GLU I 208 100.51 -8.31 -23.36
N GLY I 209 100.14 -9.00 -24.45
CA GLY I 209 99.18 -8.45 -25.37
C GLY I 209 97.79 -8.36 -24.78
N LYS I 210 97.37 -9.42 -24.07
CA LYS I 210 96.05 -9.41 -23.45
C LYS I 210 95.98 -8.43 -22.28
N SER I 211 97.11 -8.16 -21.63
CA SER I 211 97.13 -7.15 -20.57
C SER I 211 96.86 -5.76 -21.09
N ASN I 212 97.30 -5.45 -22.32
CA ASN I 212 97.04 -4.16 -22.94
C ASN I 212 95.66 -4.08 -23.61
N ARG I 213 94.86 -5.15 -23.57
CA ARG I 213 93.56 -5.15 -24.22
C ARG I 213 92.58 -4.29 -23.44
N HIS I 214 91.88 -3.40 -24.14
CA HIS I 214 90.92 -2.51 -23.51
C HIS I 214 89.64 -3.29 -23.24
N VAL I 215 89.57 -3.92 -22.06
CA VAL I 215 88.42 -4.71 -21.62
C VAL I 215 87.59 -3.85 -20.69
N ALA I 216 86.36 -3.57 -21.08
CA ALA I 216 85.42 -2.79 -20.29
C ALA I 216 84.48 -3.71 -19.52
N VAL I 217 83.72 -3.11 -18.61
CA VAL I 217 82.76 -3.81 -17.74
C VAL I 217 81.36 -3.37 -18.11
N THR I 218 80.43 -4.32 -18.15
CA THR I 218 79.02 -4.06 -18.43
C THR I 218 78.18 -5.00 -17.59
N ASN I 219 76.86 -4.88 -17.70
CA ASN I 219 75.94 -5.67 -16.91
C ASN I 219 75.90 -7.13 -17.33
N MET I 220 76.18 -7.44 -18.60
CA MET I 220 76.07 -8.80 -19.11
C MET I 220 77.34 -9.61 -18.93
N ASN I 221 78.51 -8.98 -18.91
CA ASN I 221 79.78 -9.69 -18.76
C ASN I 221 80.84 -8.73 -18.23
N GLU I 222 81.43 -9.08 -17.09
CA GLU I 222 82.52 -8.28 -16.54
C GLU I 222 83.74 -8.30 -17.46
N HIS I 223 84.08 -9.46 -18.03
CA HIS I 223 85.21 -9.60 -18.95
C HIS I 223 84.74 -9.47 -20.40
N SER I 224 84.14 -8.33 -20.69
CA SER I 224 83.58 -8.07 -22.00
C SER I 224 84.66 -7.56 -22.95
N SER I 225 85.06 -8.41 -23.89
CA SER I 225 85.98 -7.98 -24.95
C SER I 225 85.23 -7.09 -25.94
N ARG I 226 85.56 -5.80 -25.94
CA ARG I 226 84.82 -4.80 -26.71
C ARG I 226 85.41 -4.57 -28.10
N SER I 227 86.17 -5.51 -28.64
CA SER I 227 86.74 -5.35 -29.97
C SER I 227 87.25 -6.69 -30.46
N HIS I 228 87.76 -6.71 -31.69
CA HIS I 228 88.18 -7.92 -32.38
C HIS I 228 89.70 -8.02 -32.34
N SER I 229 90.21 -8.96 -31.55
CA SER I 229 91.64 -9.19 -31.41
C SER I 229 92.10 -10.21 -32.45
N ILE I 230 92.90 -9.75 -33.41
CA ILE I 230 93.44 -10.59 -34.48
C ILE I 230 94.84 -11.01 -34.07
N PHE I 231 95.09 -12.31 -34.04
CA PHE I 231 96.39 -12.89 -33.73
C PHE I 231 96.85 -13.73 -34.92
N LEU I 232 97.98 -13.34 -35.51
CA LEU I 232 98.53 -13.98 -36.70
C LEU I 232 99.73 -14.83 -36.32
N ILE I 233 99.88 -15.97 -36.98
CA ILE I 233 101.06 -16.84 -36.87
C ILE I 233 101.45 -17.16 -38.30
N ASN I 234 102.39 -16.37 -38.85
CA ASN I 234 102.84 -16.54 -40.23
C ASN I 234 103.95 -17.59 -40.24
N VAL I 235 103.56 -18.85 -40.46
CA VAL I 235 104.49 -19.97 -40.42
C VAL I 235 105.10 -20.13 -41.81
N LYS I 236 106.36 -19.71 -41.95
CA LYS I 236 107.15 -19.95 -43.15
C LYS I 236 108.05 -21.16 -42.90
N GLN I 237 108.10 -22.06 -43.88
CA GLN I 237 108.89 -23.28 -43.79
C GLN I 237 109.51 -23.60 -45.14
N GLU I 238 110.67 -24.24 -45.10
CA GLU I 238 111.40 -24.60 -46.30
C GLU I 238 112.33 -25.77 -45.99
N ASN I 239 112.43 -26.70 -46.93
CA ASN I 239 113.28 -27.89 -46.81
C ASN I 239 114.62 -27.60 -47.46
N THR I 240 115.70 -28.04 -46.80
CA THR I 240 117.04 -27.81 -47.32
C THR I 240 117.35 -28.71 -48.51
N GLN I 241 116.82 -29.93 -48.54
CA GLN I 241 117.13 -30.86 -49.61
C GLN I 241 116.36 -30.57 -50.90
N THR I 242 115.03 -30.48 -50.82
CA THR I 242 114.22 -30.24 -52.00
C THR I 242 114.18 -28.78 -52.43
N GLU I 243 114.53 -27.84 -51.54
CA GLU I 243 114.55 -26.41 -51.84
C GLU I 243 113.17 -25.90 -52.24
N GLN I 244 112.16 -26.34 -51.48
CA GLN I 244 110.76 -25.97 -51.71
C GLN I 244 110.29 -25.12 -50.53
N LYS I 245 109.96 -23.86 -50.82
CA LYS I 245 109.51 -22.91 -49.81
C LYS I 245 107.99 -22.91 -49.73
N LEU I 246 107.46 -22.86 -48.51
CA LEU I 246 106.03 -22.85 -48.26
C LEU I 246 105.73 -21.90 -47.10
N SER I 247 104.56 -21.26 -47.16
CA SER I 247 104.11 -20.34 -46.15
C SER I 247 102.60 -20.49 -45.95
N GLY I 248 102.15 -20.20 -44.73
CA GLY I 248 100.74 -20.27 -44.39
C GLY I 248 100.35 -19.25 -43.35
N LYS I 249 99.34 -18.44 -43.66
CA LYS I 249 98.85 -17.41 -42.74
C LYS I 249 97.77 -18.01 -41.87
N LEU I 250 98.00 -18.00 -40.54
CA LEU I 250 97.11 -18.59 -39.55
C LEU I 250 96.49 -17.47 -38.73
N TYR I 251 95.25 -17.10 -39.07
CA TYR I 251 94.52 -16.02 -38.41
C TYR I 251 93.72 -16.57 -37.25
N LEU I 252 93.88 -15.96 -36.07
CA LEU I 252 93.11 -16.26 -34.86
C LEU I 252 92.39 -14.98 -34.43
N VAL I 253 91.11 -14.89 -34.77
CA VAL I 253 90.29 -13.70 -34.52
C VAL I 253 89.31 -14.04 -33.42
N ASP I 254 89.19 -13.14 -32.42
CA ASP I 254 88.25 -13.27 -31.32
C ASP I 254 87.41 -11.99 -31.30
N LEU I 255 86.20 -12.07 -31.87
CA LEU I 255 85.35 -10.91 -32.04
C LEU I 255 84.53 -10.64 -30.78
N ALA I 256 83.84 -9.49 -30.78
CA ALA I 256 83.02 -9.04 -29.67
C ALA I 256 81.56 -9.44 -29.93
N GLY I 257 80.68 -9.06 -29.00
CA GLY I 257 79.30 -9.51 -29.01
C GLY I 257 78.35 -8.45 -29.55
N SER I 258 77.38 -8.89 -30.34
CA SER I 258 76.34 -8.01 -30.89
C SER I 258 75.22 -7.89 -29.87
N ALA I 259 75.45 -7.08 -28.85
CA ALA I 259 74.53 -6.93 -27.73
C ALA I 259 73.58 -5.76 -27.96
N LYS I 260 72.40 -5.85 -27.36
CA LYS I 260 71.42 -4.78 -27.39
C LYS I 260 71.75 -3.74 -26.31
N VAL I 261 71.51 -2.48 -26.65
CA VAL I 261 71.79 -1.40 -25.70
C VAL I 261 70.84 -1.45 -24.51
N SER I 262 69.61 -1.91 -24.73
CA SER I 262 68.65 -1.98 -23.62
C SER I 262 69.04 -3.06 -22.62
N LYS I 263 69.64 -4.15 -23.08
CA LYS I 263 70.08 -5.23 -22.20
C LYS I 263 71.39 -4.90 -21.48
N THR I 264 72.36 -4.35 -22.21
CA THR I 264 73.64 -3.99 -21.60
C THR I 264 73.54 -2.72 -20.77
N GLY I 265 72.68 -1.78 -21.15
CA GLY I 265 72.59 -0.51 -20.47
C GLY I 265 73.85 0.31 -20.67
N ALA I 266 74.28 0.41 -21.92
CA ALA I 266 75.51 1.11 -22.27
C ALA I 266 75.27 2.61 -22.29
N GLU I 267 76.24 3.36 -21.77
CA GLU I 267 76.18 4.82 -21.76
C GLU I 267 77.58 5.37 -21.64
N GLY I 268 77.85 6.44 -22.40
CA GLY I 268 79.14 7.11 -22.37
C GLY I 268 80.12 6.58 -23.39
N ALA I 269 81.36 6.32 -22.94
CA ALA I 269 82.41 5.86 -23.84
C ALA I 269 82.14 4.47 -24.40
N VAL I 270 81.44 3.61 -23.66
CA VAL I 270 81.13 2.27 -24.16
C VAL I 270 80.23 2.30 -25.38
N LEU I 271 79.41 3.34 -25.54
CA LEU I 271 78.59 3.48 -26.74
C LEU I 271 79.45 3.62 -27.99
N ASP I 272 80.55 4.37 -27.90
CA ASP I 272 81.46 4.49 -29.03
C ASP I 272 82.14 3.16 -29.33
N GLU I 273 82.41 2.37 -28.29
CA GLU I 273 82.99 1.05 -28.50
C GLU I 273 81.99 0.12 -29.18
N ALA I 274 80.70 0.28 -28.90
CA ALA I 274 79.68 -0.57 -29.50
C ALA I 274 79.50 -0.28 -30.98
N LYS I 275 79.77 0.94 -31.42
CA LYS I 275 79.51 1.32 -32.81
C LYS I 275 80.48 0.62 -33.75
N ASN I 276 81.77 0.66 -33.45
CA ASN I 276 82.77 0.12 -34.36
C ASN I 276 82.70 -1.40 -34.47
N ILE I 277 82.35 -2.08 -33.39
CA ILE I 277 82.20 -3.54 -33.46
C ILE I 277 80.93 -3.92 -34.23
N ASN I 278 79.87 -3.13 -34.08
CA ASN I 278 78.61 -3.45 -34.76
C ASN I 278 78.69 -3.18 -36.26
N LYS I 279 79.51 -2.21 -36.68
CA LYS I 279 79.75 -2.00 -38.11
C LYS I 279 80.44 -3.21 -38.71
N SER I 280 81.36 -3.82 -37.97
CA SER I 280 82.15 -4.93 -38.51
C SER I 280 81.31 -6.20 -38.63
N LEU I 281 80.57 -6.56 -37.58
CA LEU I 281 79.79 -7.78 -37.63
C LEU I 281 78.62 -7.66 -38.61
N SER I 282 78.09 -6.45 -38.78
CA SER I 282 77.09 -6.22 -39.83
C SER I 282 77.75 -6.26 -41.21
N ALA I 283 79.00 -5.80 -41.31
CA ALA I 283 79.69 -5.80 -42.59
C ALA I 283 79.96 -7.22 -43.08
N LEU I 284 80.55 -8.06 -42.23
CA LEU I 284 80.77 -9.46 -42.60
C LEU I 284 79.45 -10.21 -42.71
N GLY I 285 78.42 -9.76 -42.00
CA GLY I 285 77.09 -10.33 -42.20
C GLY I 285 76.57 -10.12 -43.61
N ASN I 286 76.95 -8.99 -44.21
CA ASN I 286 76.64 -8.77 -45.63
C ASN I 286 77.49 -9.68 -46.51
N VAL I 287 78.72 -9.98 -46.08
CA VAL I 287 79.61 -10.82 -46.88
C VAL I 287 79.09 -12.25 -46.94
N ILE I 288 78.63 -12.78 -45.80
CA ILE I 288 78.12 -14.14 -45.78
C ILE I 288 76.81 -14.23 -46.56
N SER I 289 75.94 -13.23 -46.42
CA SER I 289 74.70 -13.21 -47.19
C SER I 289 74.98 -12.98 -48.68
N ALA I 290 75.98 -12.16 -48.99
CA ALA I 290 76.37 -11.97 -50.39
C ALA I 290 76.97 -13.24 -50.97
N LEU I 291 77.81 -13.92 -50.19
CA LEU I 291 78.40 -15.17 -50.65
C LEU I 291 77.39 -16.30 -50.67
N ALA I 292 76.42 -16.29 -49.75
CA ALA I 292 75.40 -17.34 -49.70
C ALA I 292 74.46 -17.23 -50.89
N GLU I 293 73.87 -16.05 -51.10
CA GLU I 293 73.02 -15.82 -52.27
C GLU I 293 73.81 -15.77 -53.58
N GLY I 294 75.11 -15.53 -53.52
CA GLY I 294 75.94 -15.54 -54.72
C GLY I 294 75.86 -14.24 -55.50
N SER I 295 76.22 -13.13 -54.85
CA SER I 295 76.18 -11.83 -55.51
C SER I 295 77.33 -11.72 -56.52
N THR I 296 77.31 -10.63 -57.28
CA THR I 296 78.34 -10.38 -58.29
C THR I 296 79.57 -9.74 -57.69
N TYR I 297 79.39 -8.71 -56.87
CA TYR I 297 80.50 -7.91 -56.35
C TYR I 297 81.08 -8.48 -55.06
N VAL I 298 80.24 -9.00 -54.17
CA VAL I 298 80.66 -9.57 -52.88
C VAL I 298 81.35 -8.48 -52.07
N PRO I 299 80.61 -7.50 -51.50
CA PRO I 299 81.27 -6.31 -50.95
C PRO I 299 82.05 -6.58 -49.66
N TYR I 300 83.29 -7.04 -49.82
CA TYR I 300 84.20 -7.16 -48.68
C TYR I 300 84.62 -5.80 -48.12
N ARG I 301 84.59 -4.73 -48.93
CA ARG I 301 85.16 -3.46 -48.56
C ARG I 301 84.18 -2.55 -47.79
N ASP I 302 83.15 -3.12 -47.17
CA ASP I 302 82.26 -2.31 -46.34
C ASP I 302 82.99 -1.80 -45.11
N SER I 303 83.57 -2.71 -44.32
CA SER I 303 84.37 -2.40 -43.15
C SER I 303 85.78 -2.95 -43.34
N LYS I 304 86.75 -2.28 -42.71
CA LYS I 304 88.14 -2.72 -42.80
C LYS I 304 88.39 -4.02 -42.07
N MET I 305 87.53 -4.39 -41.12
CA MET I 305 87.65 -5.72 -40.51
C MET I 305 87.35 -6.80 -41.54
N THR I 306 86.41 -6.52 -42.47
CA THR I 306 86.11 -7.48 -43.52
C THR I 306 87.24 -7.60 -44.52
N ARG I 307 88.07 -6.55 -44.68
CA ARG I 307 89.22 -6.64 -45.57
C ARG I 307 90.24 -7.66 -45.09
N ILE I 308 90.33 -7.88 -43.78
CA ILE I 308 91.26 -8.88 -43.25
C ILE I 308 90.80 -10.28 -43.62
N LEU I 309 89.48 -10.52 -43.61
CA LEU I 309 88.91 -11.85 -43.79
C LEU I 309 88.57 -12.15 -45.25
N GLN I 310 89.25 -11.52 -46.20
CA GLN I 310 88.98 -11.81 -47.61
C GLN I 310 89.58 -13.16 -48.02
N ASP I 311 90.84 -13.41 -47.65
CA ASP I 311 91.48 -14.66 -48.00
C ASP I 311 90.84 -15.85 -47.29
N SER I 312 90.19 -15.64 -46.14
CA SER I 312 89.56 -16.74 -45.43
C SER I 312 88.29 -17.21 -46.14
N LEU I 313 87.47 -16.28 -46.63
CA LEU I 313 86.17 -16.60 -47.21
C LEU I 313 86.19 -16.80 -48.72
N GLY I 314 87.17 -16.22 -49.41
CA GLY I 314 87.24 -16.29 -50.87
C GLY I 314 88.65 -16.42 -51.41
N GLY I 315 89.56 -17.01 -50.62
CA GLY I 315 90.96 -17.18 -50.96
C GLY I 315 91.34 -18.65 -51.02
N ASN I 316 92.61 -18.91 -50.72
CA ASN I 316 93.21 -20.24 -50.76
C ASN I 316 93.30 -20.85 -49.37
N CYS I 317 92.31 -20.56 -48.52
CA CYS I 317 92.32 -20.87 -47.10
C CYS I 317 91.26 -21.93 -46.78
N ARG I 318 91.43 -22.56 -45.62
CA ARG I 318 90.48 -23.54 -45.08
C ARG I 318 89.89 -22.95 -43.81
N THR I 319 88.75 -22.29 -43.94
CA THR I 319 88.11 -21.56 -42.84
C THR I 319 87.17 -22.49 -42.09
N THR I 320 87.03 -22.22 -40.78
CA THR I 320 86.13 -22.97 -39.90
C THR I 320 85.52 -22.01 -38.90
N ILE I 321 84.25 -21.66 -39.11
CA ILE I 321 83.53 -20.77 -38.19
C ILE I 321 82.92 -21.62 -37.09
N VAL I 322 83.06 -21.15 -35.85
CA VAL I 322 82.51 -21.81 -34.66
C VAL I 322 81.68 -20.77 -33.91
N ILE I 323 80.36 -20.87 -34.05
CA ILE I 323 79.43 -19.91 -33.45
C ILE I 323 79.15 -20.35 -32.01
N CYS I 324 79.12 -19.38 -31.10
CA CYS I 324 78.84 -19.60 -29.69
C CYS I 324 77.51 -18.93 -29.35
N CYS I 325 76.72 -19.60 -28.50
CA CYS I 325 75.41 -19.09 -28.09
C CYS I 325 75.14 -19.55 -26.66
N SER I 326 74.22 -18.83 -26.00
CA SER I 326 73.79 -19.10 -24.64
C SER I 326 72.48 -19.89 -24.65
N PRO I 327 72.24 -20.86 -23.75
CA PRO I 327 70.97 -21.60 -23.78
C PRO I 327 69.81 -20.92 -23.07
N SER I 328 69.97 -19.67 -22.64
CA SER I 328 68.93 -19.00 -21.88
C SER I 328 67.81 -18.51 -22.80
N SER I 329 66.60 -18.45 -22.24
CA SER I 329 65.44 -17.91 -22.94
C SER I 329 65.50 -16.39 -23.10
N TYR I 330 66.33 -15.69 -22.32
CA TYR I 330 66.39 -14.24 -22.39
C TYR I 330 67.11 -13.73 -23.63
N ASN I 331 68.02 -14.52 -24.20
CA ASN I 331 68.75 -14.19 -25.42
C ASN I 331 68.27 -15.02 -26.60
N GLU I 332 66.97 -15.34 -26.64
CA GLU I 332 66.45 -16.24 -27.66
C GLU I 332 66.47 -15.59 -29.05
N SER I 333 66.27 -14.28 -29.13
CA SER I 333 66.17 -13.63 -30.43
C SER I 333 67.54 -13.54 -31.11
N GLU I 334 68.55 -13.04 -30.39
CA GLU I 334 69.88 -12.91 -30.96
C GLU I 334 70.51 -14.27 -31.27
N THR I 335 70.16 -15.31 -30.49
CA THR I 335 70.73 -16.63 -30.75
C THR I 335 70.11 -17.26 -32.00
N LYS I 336 68.83 -17.02 -32.25
CA LYS I 336 68.22 -17.51 -33.49
C LYS I 336 68.84 -16.84 -34.70
N SER I 337 69.18 -15.55 -34.58
CA SER I 337 69.87 -14.87 -35.67
C SER I 337 71.26 -15.45 -35.91
N THR I 338 71.92 -15.93 -34.85
CA THR I 338 73.25 -16.51 -35.01
C THR I 338 73.18 -17.87 -35.68
N LEU I 339 72.13 -18.65 -35.40
CA LEU I 339 72.01 -19.97 -36.02
C LEU I 339 71.74 -19.86 -37.52
N LEU I 340 70.77 -19.05 -37.92
CA LEU I 340 70.50 -18.85 -39.34
C LEU I 340 71.66 -18.15 -40.04
N PHE I 341 72.40 -17.31 -39.31
CA PHE I 341 73.67 -16.79 -39.83
C PHE I 341 74.64 -17.93 -40.08
N GLY I 342 74.64 -18.95 -39.23
CA GLY I 342 75.45 -20.13 -39.48
C GLY I 342 74.96 -20.93 -40.67
N GLN I 343 73.64 -20.98 -40.87
CA GLN I 343 73.10 -21.69 -42.03
C GLN I 343 73.50 -21.01 -43.33
N ARG I 344 73.53 -19.68 -43.35
CA ARG I 344 74.05 -18.97 -44.52
C ARG I 344 75.54 -19.21 -44.72
N ALA I 345 76.29 -19.51 -43.66
CA ALA I 345 77.70 -19.81 -43.80
C ALA I 345 77.96 -21.20 -44.37
N LYS I 346 76.98 -22.11 -44.32
CA LYS I 346 77.21 -23.46 -44.81
C LYS I 346 77.32 -23.53 -46.32
N THR I 347 76.61 -22.66 -47.03
CA THR I 347 76.60 -22.67 -48.50
C THR I 347 77.81 -21.98 -49.13
N ILE I 348 78.80 -21.54 -48.33
CA ILE I 348 79.97 -20.83 -48.84
C ILE I 348 81.06 -21.84 -49.13
N LYS I 349 81.87 -21.54 -50.15
CA LYS I 349 83.01 -22.37 -50.54
C LYS I 349 84.19 -21.48 -50.86
N ASN I 350 85.37 -21.95 -50.48
CA ASN I 350 86.63 -21.25 -50.72
C ASN I 350 87.20 -21.65 -52.08
N THR I 351 88.09 -20.80 -52.59
CA THR I 351 88.79 -21.05 -53.85
C THR I 351 90.12 -21.73 -53.59
N VAL I 352 90.05 -22.83 -52.85
CA VAL I 352 91.25 -23.57 -52.43
C VAL I 352 91.70 -24.51 -53.55
N ARG J 2 66.75 42.63 20.78
CA ARG J 2 67.35 41.66 19.88
C ARG J 2 68.24 42.35 18.85
N GLU J 3 69.52 41.99 18.85
CA GLU J 3 70.49 42.55 17.93
C GLU J 3 71.53 41.50 17.58
N CYS J 4 72.30 41.77 16.53
CA CYS J 4 73.36 40.87 16.10
C CYS J 4 74.39 41.66 15.33
N ILE J 5 75.66 41.26 15.48
CA ILE J 5 76.80 41.91 14.85
C ILE J 5 77.46 40.90 13.92
N SER J 6 78.26 41.44 12.99
CA SER J 6 78.90 40.64 11.95
C SER J 6 80.26 41.23 11.58
N VAL J 7 81.19 40.35 11.22
CA VAL J 7 82.53 40.72 10.76
C VAL J 7 82.82 39.98 9.46
N HIS J 8 83.38 40.71 8.51
CA HIS J 8 83.68 40.21 7.16
C HIS J 8 85.19 40.15 7.00
N VAL J 9 85.68 39.01 6.48
CA VAL J 9 87.11 38.74 6.34
C VAL J 9 87.40 38.35 4.90
N GLY J 10 88.39 39.01 4.30
CA GLY J 10 88.87 38.64 2.98
C GLY J 10 88.11 39.30 1.85
N GLN J 11 88.59 39.04 0.63
CA GLN J 11 87.93 39.54 -0.57
C GLN J 11 86.54 38.93 -0.69
N ALA J 12 86.39 37.67 -0.30
CA ALA J 12 85.07 37.02 -0.36
C ALA J 12 84.10 37.65 0.63
N GLY J 13 84.60 38.06 1.80
CA GLY J 13 83.72 38.62 2.81
C GLY J 13 83.23 40.01 2.44
N VAL J 14 84.17 40.90 2.11
CA VAL J 14 83.82 42.29 1.83
C VAL J 14 83.01 42.43 0.55
N GLN J 15 83.23 41.55 -0.44
CA GLN J 15 82.39 41.57 -1.64
C GLN J 15 80.96 41.17 -1.32
N MET J 16 80.78 40.20 -0.41
CA MET J 16 79.46 39.93 0.13
C MET J 16 79.01 41.00 1.12
N GLY J 17 79.97 41.62 1.83
CA GLY J 17 79.62 42.69 2.74
C GLY J 17 79.10 43.91 2.01
N ASN J 18 79.74 44.28 0.91
CA ASN J 18 79.25 45.41 0.11
C ASN J 18 77.92 45.10 -0.55
N ALA J 19 77.66 43.82 -0.86
CA ALA J 19 76.44 43.42 -1.54
C ALA J 19 75.26 43.19 -0.61
N CYS J 20 75.51 42.79 0.64
CA CYS J 20 74.43 42.48 1.57
C CYS J 20 73.93 43.72 2.31
N TRP J 21 74.82 44.66 2.64
CA TRP J 21 74.39 45.86 3.36
C TRP J 21 73.67 46.86 2.47
N GLU J 22 73.89 46.82 1.16
CA GLU J 22 73.05 47.60 0.26
C GLU J 22 71.64 47.02 0.19
N LEU J 23 71.52 45.70 0.38
CA LEU J 23 70.19 45.10 0.45
C LEU J 23 69.50 45.43 1.75
N TYR J 24 70.24 45.43 2.87
CA TYR J 24 69.63 45.73 4.16
C TYR J 24 69.18 47.18 4.25
N CYS J 25 69.88 48.10 3.58
CA CYS J 25 69.53 49.51 3.66
C CYS J 25 68.29 49.86 2.85
N LEU J 26 68.11 49.24 1.68
CA LEU J 26 66.93 49.50 0.87
C LEU J 26 65.68 48.81 1.41
N GLU J 27 65.83 47.75 2.20
CA GLU J 27 64.67 47.13 2.83
C GLU J 27 64.01 48.05 3.83
N HIS J 28 64.81 48.65 4.72
CA HIS J 28 64.33 49.54 5.75
C HIS J 28 64.23 51.00 5.30
N GLY J 29 64.29 51.25 3.99
CA GLY J 29 64.20 52.62 3.50
C GLY J 29 65.37 53.51 3.87
N ILE J 30 66.53 52.93 4.17
CA ILE J 30 67.71 53.69 4.54
C ILE J 30 68.42 54.09 3.26
N GLN J 31 68.45 55.39 2.98
CA GLN J 31 69.14 55.90 1.80
C GLN J 31 70.65 55.71 1.98
N PRO J 32 71.42 55.69 0.88
CA PRO J 32 72.87 55.47 1.03
C PRO J 32 73.63 56.62 1.68
N ASP J 33 73.02 57.79 1.87
CA ASP J 33 73.68 58.92 2.51
C ASP J 33 73.74 58.83 4.03
N GLY J 34 73.18 57.77 4.64
CA GLY J 34 73.28 57.52 6.06
C GLY J 34 71.99 57.67 6.84
N GLN J 35 70.93 58.21 6.24
CA GLN J 35 69.64 58.45 6.89
C GLN J 35 68.53 57.88 6.01
N MET J 36 67.30 57.95 6.51
CA MET J 36 66.13 57.48 5.76
C MET J 36 65.86 58.38 4.57
N ASP J 52 59.92 51.09 12.96
CA ASP J 52 60.71 51.71 14.01
C ASP J 52 61.65 50.71 14.64
N ASP J 53 61.11 49.61 15.14
CA ASP J 53 61.89 48.54 15.77
C ASP J 53 62.33 47.46 14.77
N SER J 54 62.32 47.77 13.47
CA SER J 54 62.73 46.82 12.44
C SER J 54 64.21 46.90 12.12
N PHE J 55 64.77 48.11 12.07
CA PHE J 55 66.19 48.31 11.78
C PHE J 55 67.07 48.27 13.02
N THR J 56 66.50 48.14 14.22
CA THR J 56 67.30 48.15 15.44
C THR J 56 68.15 46.89 15.60
N THR J 57 67.87 45.82 14.85
CA THR J 57 68.66 44.60 14.99
C THR J 57 70.06 44.78 14.41
N PHE J 58 70.16 45.35 13.21
CA PHE J 58 71.41 45.54 12.50
C PHE J 58 71.95 46.96 12.56
N PHE J 59 71.08 47.96 12.44
CA PHE J 59 71.46 49.36 12.41
C PHE J 59 71.15 50.02 13.75
N CYS J 60 72.05 50.92 14.17
CA CYS J 60 71.91 51.66 15.41
C CYS J 60 71.27 53.02 15.13
N GLU J 61 71.02 53.77 16.21
CA GLU J 61 70.46 55.12 16.16
C GLU J 61 71.56 56.09 16.55
N THR J 62 72.07 56.83 15.57
CA THR J 62 73.20 57.74 15.77
C THR J 62 72.68 59.14 16.08
N GLY J 63 72.14 59.28 17.29
CA GLY J 63 71.71 60.57 17.79
C GLY J 63 70.34 61.00 17.31
N ALA J 64 70.26 61.46 16.06
CA ALA J 64 69.00 61.98 15.52
C ALA J 64 69.12 62.00 14.00
N GLY J 65 68.28 61.22 13.32
CA GLY J 65 68.23 61.21 11.88
C GLY J 65 69.52 60.73 11.23
N LYS J 66 70.14 59.70 11.82
CA LYS J 66 71.36 59.13 11.29
C LYS J 66 71.56 57.76 11.90
N HIS J 67 72.09 56.82 11.11
CA HIS J 67 72.27 55.43 11.50
C HIS J 67 73.69 54.99 11.17
N VAL J 68 74.11 53.89 11.77
CA VAL J 68 75.40 53.27 11.50
C VAL J 68 75.21 51.76 11.57
N PRO J 69 75.73 50.95 10.64
CA PRO J 69 75.59 49.50 10.79
C PRO J 69 76.49 48.95 11.90
N ARG J 70 76.07 47.78 12.40
CA ARG J 70 76.88 47.00 13.34
C ARG J 70 77.76 46.03 12.54
N ALA J 71 78.70 46.62 11.80
CA ALA J 71 79.59 45.90 10.90
C ALA J 71 81.02 46.37 11.11
N VAL J 72 81.96 45.44 10.97
CA VAL J 72 83.40 45.74 11.00
C VAL J 72 84.06 44.90 9.92
N PHE J 73 84.36 45.53 8.79
CA PHE J 73 85.03 44.86 7.68
C PHE J 73 86.53 44.87 7.97
N VAL J 74 87.09 43.68 8.23
CA VAL J 74 88.51 43.49 8.52
C VAL J 74 89.13 42.79 7.32
N ASP J 75 90.31 43.26 6.92
CA ASP J 75 91.06 42.63 5.85
C ASP J 75 92.49 43.12 5.91
N LEU J 76 93.42 42.21 5.63
CA LEU J 76 94.84 42.55 5.67
C LEU J 76 95.27 43.33 4.44
N GLU J 77 94.82 42.93 3.25
CA GLU J 77 95.16 43.65 2.03
C GLU J 77 94.29 44.91 1.91
N PRO J 78 94.85 46.08 1.61
CA PRO J 78 94.07 47.32 1.74
C PRO J 78 93.29 47.73 0.50
N THR J 79 93.31 46.95 -0.58
CA THR J 79 92.63 47.37 -1.80
C THR J 79 91.11 47.39 -1.65
N VAL J 80 90.55 46.45 -0.88
CA VAL J 80 89.10 46.40 -0.70
C VAL J 80 88.62 47.44 0.31
N ILE J 81 89.45 47.80 1.28
CA ILE J 81 88.99 48.68 2.36
C ILE J 81 88.84 50.11 1.84
N ASP J 82 89.89 50.64 1.21
CA ASP J 82 89.82 52.01 0.71
C ASP J 82 88.87 52.15 -0.47
N GLU J 83 88.63 51.07 -1.22
CA GLU J 83 87.62 51.11 -2.27
C GLU J 83 86.23 51.31 -1.67
N ILE J 84 85.98 50.73 -0.49
CA ILE J 84 84.71 50.96 0.19
C ILE J 84 84.66 52.38 0.71
N ARG J 85 85.80 52.92 1.17
CA ARG J 85 85.85 54.30 1.61
C ARG J 85 85.65 55.28 0.46
N ASN J 86 86.19 54.96 -0.72
CA ASN J 86 85.97 55.74 -1.94
C ASN J 86 84.84 55.18 -2.79
N GLY J 87 84.04 54.25 -2.27
CA GLY J 87 82.94 53.68 -3.01
C GLY J 87 81.72 54.60 -2.99
N PRO J 88 80.56 54.07 -3.38
CA PRO J 88 79.33 54.88 -3.28
C PRO J 88 78.79 54.94 -1.86
N TYR J 89 78.94 53.86 -1.10
CA TYR J 89 78.41 53.77 0.26
C TYR J 89 79.45 54.25 1.27
N ARG J 90 79.74 55.55 1.20
CA ARG J 90 80.74 56.15 2.08
C ARG J 90 80.17 56.49 3.45
N GLN J 91 79.01 57.15 3.49
CA GLN J 91 78.47 57.68 4.73
C GLN J 91 77.76 56.63 5.58
N LEU J 92 77.40 55.49 5.02
CA LEU J 92 76.72 54.45 5.81
C LEU J 92 77.66 53.86 6.84
N PHE J 93 78.76 53.25 6.39
CA PHE J 93 79.67 52.57 7.30
C PHE J 93 80.55 53.59 8.02
N HIS J 94 80.94 53.25 9.25
CA HIS J 94 81.80 54.12 10.02
C HIS J 94 83.19 54.15 9.39
N PRO J 95 83.88 55.30 9.35
CA PRO J 95 85.23 55.28 8.77
C PRO J 95 86.24 54.52 9.62
N GLU J 96 86.04 54.46 10.93
CA GLU J 96 86.95 53.72 11.81
C GLU J 96 86.68 52.23 11.78
N GLN J 97 85.42 51.82 11.57
CA GLN J 97 85.09 50.39 11.55
C GLN J 97 85.75 49.68 10.36
N LEU J 98 86.01 50.39 9.27
CA LEU J 98 86.65 49.80 8.10
C LEU J 98 88.13 49.62 8.40
N ILE J 99 88.48 48.49 9.00
CA ILE J 99 89.84 48.20 9.41
C ILE J 99 90.62 47.73 8.19
N THR J 100 91.88 48.16 8.08
CA THR J 100 92.80 47.76 7.04
C THR J 100 94.14 47.37 7.65
N GLY J 101 94.79 46.40 7.02
CA GLY J 101 96.09 45.92 7.45
C GLY J 101 97.24 46.66 6.81
N LYS J 102 98.38 45.97 6.71
CA LYS J 102 99.62 46.53 6.16
C LYS J 102 100.22 45.63 5.08
N GLU J 103 100.03 44.31 5.21
CA GLU J 103 100.60 43.34 4.29
C GLU J 103 99.62 42.19 4.11
N ASP J 104 99.49 41.73 2.87
CA ASP J 104 98.49 40.73 2.53
C ASP J 104 98.85 39.37 3.14
N ALA J 105 97.83 38.57 3.44
CA ALA J 105 98.04 37.21 3.92
C ALA J 105 98.74 36.35 2.89
N ALA J 106 98.53 36.63 1.60
CA ALA J 106 99.24 35.97 0.51
C ALA J 106 98.91 34.47 0.45
N ASN J 107 97.61 34.17 0.59
CA ASN J 107 97.08 32.84 0.30
C ASN J 107 97.65 31.76 1.24
N ASN J 108 98.07 32.17 2.44
CA ASN J 108 98.77 31.31 3.38
C ASN J 108 97.98 31.28 4.69
N TYR J 109 97.71 30.08 5.19
CA TYR J 109 97.05 29.94 6.48
C TYR J 109 97.92 30.46 7.61
N ALA J 110 99.23 30.21 7.54
CA ALA J 110 100.12 30.58 8.63
C ALA J 110 100.38 32.08 8.65
N ARG J 111 100.48 32.72 7.49
CA ARG J 111 100.87 34.13 7.45
C ARG J 111 99.78 35.03 7.99
N GLY J 112 98.52 34.72 7.71
CA GLY J 112 97.41 35.47 8.27
C GLY J 112 97.02 35.12 9.69
N HIS J 113 97.74 34.18 10.33
CA HIS J 113 97.43 33.68 11.66
C HIS J 113 98.49 34.01 12.71
N TYR J 114 99.77 34.04 12.33
CA TYR J 114 100.88 34.22 13.27
C TYR J 114 101.64 35.52 13.04
N THR J 115 102.12 35.77 11.82
CA THR J 115 102.92 36.97 11.57
C THR J 115 102.03 38.21 11.47
N ILE J 116 101.14 38.23 10.47
CA ILE J 116 100.25 39.36 10.27
C ILE J 116 98.99 39.27 11.14
N GLY J 117 98.62 38.06 11.56
CA GLY J 117 97.40 37.92 12.34
C GLY J 117 97.55 38.44 13.76
N LYS J 118 98.65 38.10 14.42
CA LYS J 118 98.84 38.47 15.81
C LYS J 118 98.94 39.97 16.04
N GLU J 119 99.46 40.72 15.06
CA GLU J 119 99.69 42.14 15.24
C GLU J 119 98.48 43.02 14.91
N ILE J 120 97.34 42.42 14.50
CA ILE J 120 96.15 43.16 14.08
C ILE J 120 94.90 42.73 14.84
N ILE J 121 94.94 41.55 15.49
CA ILE J 121 93.78 41.13 16.30
C ILE J 121 93.55 42.05 17.49
N ASP J 122 94.59 42.70 18.01
CA ASP J 122 94.43 43.51 19.21
C ASP J 122 93.57 44.75 18.94
N PRO J 123 93.75 45.45 17.82
CA PRO J 123 92.73 46.45 17.45
C PRO J 123 91.35 45.87 17.17
N VAL J 124 91.27 44.60 16.74
CA VAL J 124 90.01 44.04 16.27
C VAL J 124 89.21 43.45 17.44
N LEU J 125 89.88 42.70 18.32
CA LEU J 125 89.16 41.97 19.36
C LEU J 125 88.56 42.90 20.39
N ASP J 126 89.31 43.93 20.81
CA ASP J 126 88.76 44.91 21.73
C ASP J 126 87.67 45.77 21.11
N ARG J 127 87.63 45.89 19.78
CA ARG J 127 86.59 46.68 19.13
C ARG J 127 85.23 45.97 19.23
N ILE J 128 85.19 44.68 18.94
CA ILE J 128 83.93 43.94 19.04
C ILE J 128 83.46 43.85 20.49
N ARG J 129 84.38 43.93 21.46
CA ARG J 129 83.96 43.99 22.87
C ARG J 129 83.16 45.26 23.14
N LYS J 130 83.76 46.42 22.90
CA LYS J 130 83.07 47.67 23.19
C LYS J 130 81.94 47.94 22.20
N LEU J 131 82.04 47.43 20.97
CA LEU J 131 80.92 47.51 20.04
C LEU J 131 79.74 46.64 20.46
N SER J 132 79.99 45.61 21.28
CA SER J 132 78.93 44.82 21.88
C SER J 132 78.41 45.40 23.19
N ASP J 133 79.23 46.17 23.90
CA ASP J 133 78.80 46.74 25.18
C ASP J 133 77.69 47.76 25.00
N GLN J 134 77.75 48.57 23.94
CA GLN J 134 76.65 49.48 23.64
C GLN J 134 75.37 48.73 23.30
N CYS J 135 75.48 47.53 22.74
CA CYS J 135 74.34 46.67 22.52
C CYS J 135 73.93 45.99 23.83
N THR J 136 72.73 45.41 23.84
CA THR J 136 72.18 44.70 24.98
C THR J 136 71.55 43.36 24.64
N GLY J 137 71.05 43.16 23.42
CA GLY J 137 70.39 41.94 22.99
C GLY J 137 71.20 41.17 21.95
N LEU J 138 72.51 41.10 22.16
CA LEU J 138 73.39 40.41 21.22
C LEU J 138 73.07 38.93 21.22
N GLN J 139 72.43 38.46 20.14
CA GLN J 139 72.03 37.06 20.06
C GLN J 139 73.22 36.16 19.74
N GLY J 140 74.13 36.64 18.89
CA GLY J 140 75.27 35.83 18.51
C GLY J 140 76.17 36.56 17.53
N PHE J 141 76.82 35.79 16.66
CA PHE J 141 77.73 36.31 15.64
C PHE J 141 77.48 35.59 14.33
N LEU J 142 77.78 36.28 13.22
CA LEU J 142 77.82 35.66 11.91
C LEU J 142 78.98 36.27 11.14
N VAL J 143 79.80 35.41 10.53
CA VAL J 143 81.01 35.80 9.81
C VAL J 143 80.84 35.48 8.33
N PHE J 144 81.71 36.08 7.52
CA PHE J 144 81.72 35.91 6.08
C PHE J 144 83.17 35.86 5.61
N HIS J 145 83.54 34.78 4.94
CA HIS J 145 84.93 34.55 4.57
C HIS J 145 84.96 33.41 3.55
N SER J 146 86.17 32.98 3.19
CA SER J 146 86.38 31.83 2.32
C SER J 146 87.72 31.20 2.67
N PHE J 147 87.71 29.90 2.97
CA PHE J 147 88.92 29.19 3.34
C PHE J 147 89.85 28.91 2.17
N GLY J 148 89.50 29.27 0.94
CA GLY J 148 90.41 29.14 -0.18
C GLY J 148 91.60 30.07 -0.17
N GLY J 149 91.57 31.12 0.65
CA GLY J 149 92.66 32.07 0.76
C GLY J 149 93.40 31.98 2.08
N GLY J 150 94.22 32.99 2.33
CA GLY J 150 95.04 33.05 3.52
C GLY J 150 94.36 33.80 4.66
N THR J 151 93.91 35.02 4.38
CA THR J 151 93.25 35.81 5.41
C THR J 151 91.91 35.21 5.80
N GLY J 152 91.22 34.56 4.85
CA GLY J 152 89.99 33.87 5.16
C GLY J 152 90.16 32.58 5.94
N SER J 153 91.38 32.03 6.00
CA SER J 153 91.68 30.78 6.68
C SER J 153 92.40 31.00 8.01
N GLY J 154 93.51 31.74 7.99
CA GLY J 154 94.30 31.92 9.20
C GLY J 154 93.68 32.92 10.16
N PHE J 155 93.41 34.13 9.68
CA PHE J 155 92.89 35.18 10.55
C PHE J 155 91.49 34.86 11.06
N THR J 156 90.69 34.15 10.28
CA THR J 156 89.33 33.82 10.69
C THR J 156 89.34 32.83 11.85
N SER J 157 90.19 31.81 11.77
CA SER J 157 90.32 30.86 12.87
C SER J 157 90.88 31.52 14.12
N LEU J 158 91.73 32.54 13.93
CA LEU J 158 92.33 33.22 15.07
C LEU J 158 91.29 34.04 15.83
N LEU J 159 90.51 34.86 15.13
CA LEU J 159 89.53 35.70 15.79
C LEU J 159 88.40 34.86 16.37
N MET J 160 87.95 33.85 15.63
CA MET J 160 86.87 32.99 16.11
C MET J 160 87.32 32.18 17.32
N GLU J 161 88.61 31.83 17.39
CA GLU J 161 89.14 31.21 18.58
C GLU J 161 89.29 32.23 19.71
N ARG J 162 89.63 33.47 19.37
CA ARG J 162 89.86 34.50 20.39
C ARG J 162 88.57 34.98 21.04
N LEU J 163 87.44 34.94 20.32
CA LEU J 163 86.14 35.33 20.88
C LEU J 163 85.40 34.15 21.49
N SER J 164 85.66 32.92 21.02
CA SER J 164 84.99 31.76 21.57
C SER J 164 85.45 31.47 23.00
N VAL J 165 86.74 31.71 23.29
CA VAL J 165 87.22 31.56 24.66
C VAL J 165 86.68 32.65 25.58
N ASP J 166 86.29 33.80 25.03
CA ASP J 166 85.74 34.90 25.83
C ASP J 166 84.24 34.72 26.05
N TYR J 167 83.47 34.63 24.96
CA TYR J 167 82.02 34.47 25.05
C TYR J 167 81.61 33.01 25.18
N GLY J 168 81.96 32.19 24.20
CA GLY J 168 81.68 30.76 24.26
C GLY J 168 80.23 30.39 24.04
N LYS J 169 79.36 30.80 24.97
CA LYS J 169 77.96 30.40 24.93
C LYS J 169 77.20 30.97 23.74
N LYS J 170 77.63 32.09 23.19
CA LYS J 170 76.92 32.71 22.07
C LYS J 170 77.16 31.94 20.78
N SER J 171 76.22 32.07 19.85
CA SER J 171 76.25 31.31 18.62
C SER J 171 77.25 31.90 17.63
N LYS J 172 77.60 31.11 16.63
CA LYS J 172 78.53 31.50 15.57
C LYS J 172 78.02 30.93 14.25
N LEU J 173 77.57 31.80 13.35
CA LEU J 173 76.99 31.40 12.06
C LEU J 173 78.05 31.63 10.99
N GLU J 174 78.81 30.58 10.69
CA GLU J 174 79.88 30.67 9.71
C GLU J 174 79.33 30.53 8.30
N PHE J 175 79.86 31.36 7.39
CA PHE J 175 79.49 31.36 5.97
C PHE J 175 80.79 31.34 5.16
N SER J 176 81.26 30.13 4.85
CA SER J 176 82.51 29.92 4.12
C SER J 176 82.22 29.45 2.70
N ILE J 177 83.02 29.95 1.76
CA ILE J 177 82.93 29.57 0.35
C ILE J 177 84.02 28.53 0.09
N TYR J 178 83.60 27.24 -0.03
CA TYR J 178 84.51 26.14 -0.30
C TYR J 178 84.84 26.05 -1.79
N PRO J 179 85.92 25.39 -2.20
CA PRO J 179 86.20 25.27 -3.63
C PRO J 179 85.34 24.19 -4.26
N ALA J 180 85.16 24.31 -5.58
CA ALA J 180 84.36 23.36 -6.33
C ALA J 180 85.14 22.06 -6.54
N PRO J 181 84.47 20.97 -7.02
CA PRO J 181 85.21 19.71 -7.25
C PRO J 181 86.30 19.82 -8.30
N GLN J 182 85.98 20.41 -9.46
CA GLN J 182 86.92 20.56 -10.57
C GLN J 182 87.31 22.00 -10.84
N VAL J 183 86.40 22.94 -10.66
CA VAL J 183 86.71 24.36 -10.78
C VAL J 183 87.44 24.80 -9.53
N SER J 184 88.41 25.71 -9.68
CA SER J 184 89.14 26.23 -8.53
C SER J 184 89.86 27.50 -8.95
N THR J 185 90.01 28.41 -7.99
CA THR J 185 90.65 29.70 -8.18
C THR J 185 92.13 29.68 -7.84
N ALA J 186 92.51 28.89 -6.83
CA ALA J 186 93.89 28.76 -6.38
C ALA J 186 94.40 27.34 -6.66
N VAL J 187 95.62 27.07 -6.20
CA VAL J 187 96.23 25.75 -6.29
C VAL J 187 96.48 25.11 -4.93
N VAL J 188 96.71 25.91 -3.87
CA VAL J 188 96.99 25.41 -2.53
C VAL J 188 95.78 25.44 -1.61
N GLU J 189 94.57 25.62 -2.16
CA GLU J 189 93.37 25.66 -1.31
C GLU J 189 93.07 24.39 -0.51
N PRO J 190 93.54 23.17 -0.88
CA PRO J 190 93.40 22.07 0.08
C PRO J 190 94.23 22.29 1.34
N TYR J 191 95.44 22.85 1.20
CA TYR J 191 96.26 23.13 2.37
C TYR J 191 95.63 24.21 3.23
N ASN J 192 95.00 25.21 2.60
CA ASN J 192 94.38 26.28 3.36
C ASN J 192 93.11 25.80 4.06
N SER J 193 92.34 24.94 3.41
CA SER J 193 91.08 24.48 3.98
C SER J 193 91.30 23.40 5.03
N ILE J 194 92.30 22.53 4.82
CA ILE J 194 92.50 21.42 5.74
C ILE J 194 93.06 21.90 7.07
N LEU J 195 93.87 22.97 7.06
CA LEU J 195 94.45 23.47 8.30
C LEU J 195 93.45 24.27 9.12
N THR J 196 92.66 25.13 8.48
CA THR J 196 91.71 25.97 9.19
C THR J 196 90.51 25.20 9.70
N THR J 197 90.15 24.10 9.04
CA THR J 197 89.07 23.24 9.53
C THR J 197 89.46 22.47 10.77
N HIS J 198 90.76 22.28 11.02
CA HIS J 198 91.20 21.61 12.25
C HIS J 198 90.82 22.41 13.48
N THR J 199 90.86 23.74 13.39
CA THR J 199 90.43 24.61 14.48
C THR J 199 88.94 24.91 14.45
N THR J 200 88.32 24.92 13.28
CA THR J 200 86.89 25.19 13.15
C THR J 200 86.01 23.99 13.51
N LEU J 201 86.56 22.78 13.54
CA LEU J 201 85.75 21.59 13.78
C LEU J 201 85.18 21.55 15.20
N GLU J 202 85.85 22.19 16.16
CA GLU J 202 85.49 22.11 17.58
C GLU J 202 84.88 23.39 18.13
N HIS J 203 85.24 24.56 17.59
CA HIS J 203 84.78 25.84 18.12
C HIS J 203 83.51 26.35 17.46
N SER J 204 83.25 26.00 16.20
CA SER J 204 82.10 26.50 15.46
C SER J 204 80.86 25.68 15.79
N ASP J 205 79.76 26.38 16.08
CA ASP J 205 78.51 25.69 16.37
C ASP J 205 77.82 25.22 15.09
N CYS J 206 77.81 26.07 14.06
CA CYS J 206 77.24 25.71 12.76
C CYS J 206 77.94 26.53 11.69
N ALA J 207 77.93 26.00 10.47
CA ALA J 207 78.67 26.60 9.35
C ALA J 207 77.97 26.25 8.05
N PHE J 208 77.26 27.22 7.49
CA PHE J 208 76.67 27.08 6.16
C PHE J 208 77.74 27.31 5.10
N MET J 209 77.58 26.63 3.96
CA MET J 209 78.61 26.56 2.93
C MET J 209 78.05 26.98 1.57
N VAL J 210 78.96 27.52 0.75
CA VAL J 210 78.66 27.99 -0.59
C VAL J 210 79.77 27.47 -1.50
N ASP J 211 79.43 27.25 -2.78
CA ASP J 211 80.34 26.71 -3.78
C ASP J 211 80.42 27.67 -4.97
N ASN J 212 81.44 27.47 -5.81
CA ASN J 212 81.75 28.36 -6.92
C ASN J 212 80.99 28.01 -8.20
N GLU J 213 81.14 26.78 -8.72
CA GLU J 213 80.46 26.42 -9.95
C GLU J 213 78.98 26.11 -9.73
N ALA J 214 78.59 25.74 -8.50
CA ALA J 214 77.19 25.45 -8.23
C ALA J 214 76.32 26.69 -8.38
N ILE J 215 76.74 27.80 -7.78
CA ILE J 215 75.98 29.03 -7.88
C ILE J 215 76.01 29.57 -9.30
N TYR J 216 77.09 29.31 -10.05
CA TYR J 216 77.08 29.63 -11.48
C TYR J 216 76.03 28.81 -12.21
N ASP J 217 75.80 27.56 -11.79
CA ASP J 217 74.80 26.72 -12.44
C ASP J 217 73.38 27.23 -12.15
N ILE J 218 73.18 27.93 -11.04
CA ILE J 218 71.86 28.47 -10.72
C ILE J 218 71.49 29.56 -11.72
N CYS J 219 72.38 30.53 -11.91
CA CYS J 219 72.11 31.63 -12.82
C CYS J 219 72.22 31.25 -14.29
N ARG J 220 72.85 30.11 -14.61
CA ARG J 220 72.98 29.68 -16.00
C ARG J 220 71.68 29.09 -16.52
N ARG J 221 71.08 28.15 -15.78
CA ARG J 221 69.89 27.45 -16.25
C ARG J 221 68.63 28.28 -16.03
N ASN J 222 68.36 28.63 -14.77
CA ASN J 222 67.09 29.28 -14.43
C ASN J 222 67.08 30.77 -14.76
N LEU J 223 68.15 31.49 -14.41
CA LEU J 223 68.23 32.94 -14.64
C LEU J 223 68.80 33.31 -16.00
N ASP J 224 69.26 32.35 -16.80
CA ASP J 224 69.76 32.50 -18.18
C ASP J 224 70.78 33.62 -18.36
N ILE J 225 71.59 33.88 -17.33
CA ILE J 225 72.67 34.86 -17.39
C ILE J 225 73.90 34.10 -17.86
N GLU J 226 74.21 34.21 -19.15
CA GLU J 226 75.34 33.49 -19.72
C GLU J 226 76.69 34.13 -19.42
N ARG J 227 76.71 35.39 -18.96
CA ARG J 227 77.94 36.10 -18.58
C ARG J 227 77.74 36.79 -17.24
N PRO J 228 77.71 36.03 -16.14
CA PRO J 228 77.59 36.63 -14.81
C PRO J 228 78.96 37.00 -14.23
N THR J 229 78.92 37.69 -13.09
CA THR J 229 80.10 38.10 -12.35
C THR J 229 79.86 37.89 -10.86
N TYR J 230 80.89 38.13 -10.05
CA TYR J 230 80.77 37.99 -8.60
C TYR J 230 79.79 38.99 -8.02
N THR J 231 79.59 40.14 -8.67
CA THR J 231 78.59 41.09 -8.21
C THR J 231 77.19 40.49 -8.27
N ASN J 232 76.91 39.69 -9.31
CA ASN J 232 75.61 39.04 -9.41
C ASN J 232 75.50 37.87 -8.45
N LEU J 233 76.60 37.17 -8.18
CA LEU J 233 76.56 36.02 -7.27
C LEU J 233 76.24 36.46 -5.85
N ASN J 234 76.79 37.59 -5.41
CA ASN J 234 76.58 38.04 -4.04
C ASN J 234 75.17 38.56 -3.80
N ARG J 235 74.42 38.91 -4.85
CA ARG J 235 73.07 39.41 -4.66
C ARG J 235 72.15 38.31 -4.13
N LEU J 236 72.11 37.16 -4.81
CA LEU J 236 71.28 36.06 -4.33
C LEU J 236 71.81 35.47 -3.02
N ILE J 237 73.10 35.60 -2.75
CA ILE J 237 73.62 35.22 -1.44
C ILE J 237 73.11 36.18 -0.38
N SER J 238 72.99 37.46 -0.72
CA SER J 238 72.43 38.42 0.21
C SER J 238 70.95 38.12 0.47
N GLN J 239 70.24 37.59 -0.52
CA GLN J 239 68.85 37.18 -0.31
C GLN J 239 68.77 36.02 0.68
N ILE J 240 69.77 35.14 0.67
CA ILE J 240 69.76 33.99 1.59
C ILE J 240 69.98 34.47 3.02
N VAL J 241 71.10 35.17 3.26
CA VAL J 241 71.47 35.56 4.61
C VAL J 241 70.58 36.66 5.17
N SER J 242 69.87 37.41 4.32
CA SER J 242 68.88 38.37 4.79
C SER J 242 67.55 37.70 5.11
N SER J 243 67.21 36.62 4.42
CA SER J 243 65.96 35.91 4.66
C SER J 243 66.00 35.09 5.94
N ILE J 244 67.15 34.54 6.31
CA ILE J 244 67.23 33.78 7.56
C ILE J 244 67.08 34.68 8.79
N THR J 245 67.62 35.90 8.74
CA THR J 245 67.47 36.89 9.80
C THR J 245 66.25 37.79 9.60
N ALA J 246 65.38 37.49 8.63
CA ALA J 246 64.18 38.29 8.43
C ALA J 246 63.11 38.08 9.50
N SER J 247 63.20 36.98 10.26
CA SER J 247 62.20 36.73 11.31
C SER J 247 62.37 37.69 12.48
N LEU J 248 63.61 37.97 12.88
CA LEU J 248 63.85 38.88 13.99
C LEU J 248 63.63 40.34 13.61
N ARG J 249 63.78 40.69 12.34
CA ARG J 249 63.59 42.07 11.91
C ARG J 249 62.12 42.44 11.84
N PHE J 250 61.37 41.76 10.98
CA PHE J 250 59.95 42.01 10.75
C PHE J 250 59.11 40.98 11.50
N ASP J 251 57.84 41.34 11.71
CA ASP J 251 56.92 40.46 12.39
C ASP J 251 56.53 39.30 11.48
N GLY J 252 56.35 38.11 12.09
CA GLY J 252 56.01 36.91 11.36
C GLY J 252 54.99 36.09 12.12
N ALA J 253 54.30 35.22 11.37
CA ALA J 253 53.32 34.34 11.98
C ALA J 253 53.96 33.28 12.87
N LEU J 254 55.19 32.86 12.55
CA LEU J 254 55.96 31.90 13.35
C LEU J 254 57.39 32.45 13.39
N ASN J 255 57.68 33.24 14.41
CA ASN J 255 58.97 33.88 14.54
C ASN J 255 60.02 32.88 15.00
N VAL J 256 61.17 32.86 14.31
CA VAL J 256 62.31 32.05 14.66
C VAL J 256 63.51 32.96 14.88
N ASP J 257 64.44 32.49 15.69
CA ASP J 257 65.64 33.23 16.11
C ASP J 257 66.89 32.48 15.69
N LEU J 258 68.04 33.11 15.91
CA LEU J 258 69.32 32.53 15.51
C LEU J 258 69.68 31.28 16.30
N THR J 259 69.15 31.12 17.51
CA THR J 259 69.44 29.92 18.30
C THR J 259 68.73 28.68 17.78
N GLU J 260 67.74 28.83 16.89
CA GLU J 260 67.10 27.66 16.30
C GLU J 260 68.05 26.89 15.39
N PHE J 261 69.01 27.57 14.77
CA PHE J 261 69.96 26.92 13.88
C PHE J 261 70.95 26.01 14.60
N GLN J 262 71.08 26.11 15.93
CA GLN J 262 71.95 25.25 16.71
C GLN J 262 71.22 23.99 17.19
N THR J 263 69.95 24.14 17.60
CA THR J 263 69.22 23.03 18.18
C THR J 263 68.68 22.07 17.12
N ASN J 264 68.11 22.60 16.05
CA ASN J 264 67.38 21.81 15.07
C ASN J 264 68.26 21.20 13.97
N LEU J 265 69.50 21.66 13.81
CA LEU J 265 70.37 21.27 12.71
C LEU J 265 71.65 20.55 13.13
N VAL J 266 72.08 20.68 14.37
CA VAL J 266 73.33 20.11 14.86
C VAL J 266 72.97 18.89 15.73
N PRO J 267 72.90 17.66 15.16
CA PRO J 267 72.60 16.50 16.02
C PRO J 267 73.74 16.10 16.93
N TYR J 268 74.98 16.41 16.54
CA TYR J 268 76.18 16.11 17.32
C TYR J 268 77.11 17.31 17.23
N PRO J 269 77.92 17.58 18.26
CA PRO J 269 78.66 18.86 18.27
C PRO J 269 79.76 18.95 17.23
N ARG J 270 80.25 17.83 16.70
CA ARG J 270 81.30 17.80 15.69
C ARG J 270 80.78 17.53 14.28
N ILE J 271 79.47 17.33 14.10
CA ILE J 271 78.83 17.25 12.78
C ILE J 271 77.95 18.47 12.66
N HIS J 272 78.48 19.53 12.07
CA HIS J 272 77.88 20.87 12.07
C HIS J 272 78.04 21.52 10.70
N PHE J 273 77.66 20.79 9.65
CA PHE J 273 77.83 21.21 8.25
C PHE J 273 76.51 21.08 7.49
N PRO J 274 75.62 22.08 7.57
CA PRO J 274 74.44 22.07 6.69
C PRO J 274 74.77 22.56 5.28
N LEU J 275 73.84 22.26 4.37
CA LEU J 275 73.87 22.76 3.01
C LEU J 275 73.09 24.07 2.92
N ALA J 276 73.04 24.64 1.72
CA ALA J 276 72.36 25.91 1.47
C ALA J 276 71.76 25.91 0.08
N THR J 277 70.55 26.47 -0.03
CA THR J 277 69.87 26.60 -1.32
C THR J 277 68.82 27.69 -1.19
N TYR J 278 68.24 28.07 -2.32
CA TYR J 278 67.28 29.16 -2.38
C TYR J 278 66.37 28.96 -3.58
N ALA J 279 65.12 29.41 -3.45
CA ALA J 279 64.17 29.38 -4.54
C ALA J 279 63.07 30.39 -4.23
N PRO J 280 62.38 30.94 -5.26
CA PRO J 280 62.52 30.78 -6.71
C PRO J 280 63.54 31.72 -7.31
N VAL J 281 64.40 31.20 -8.19
CA VAL J 281 65.33 32.00 -8.98
C VAL J 281 64.75 32.08 -10.40
N ILE J 282 64.34 33.29 -10.79
CA ILE J 282 63.62 33.49 -12.04
C ILE J 282 63.88 34.91 -12.51
N SER J 283 63.98 35.10 -13.82
CA SER J 283 64.30 36.37 -14.42
C SER J 283 63.02 37.22 -14.53
N ALA J 284 63.16 38.43 -15.08
CA ALA J 284 62.03 39.35 -15.18
C ALA J 284 60.98 38.84 -16.16
N GLU J 285 61.39 38.62 -17.41
CA GLU J 285 60.45 38.13 -18.43
C GLU J 285 59.90 36.76 -18.10
N LYS J 286 60.65 35.92 -17.40
CA LYS J 286 60.18 34.60 -17.01
C LYS J 286 59.30 34.61 -15.77
N ALA J 287 59.34 35.68 -14.96
CA ALA J 287 58.54 35.73 -13.74
C ALA J 287 57.05 35.83 -14.07
N TYR J 288 56.69 36.60 -15.10
CA TYR J 288 55.29 36.79 -15.45
C TYR J 288 54.68 35.58 -16.13
N HIS J 289 55.47 34.73 -16.77
CA HIS J 289 54.98 33.51 -17.41
C HIS J 289 54.92 32.32 -16.46
N GLU J 290 55.79 32.29 -15.44
CA GLU J 290 55.85 31.17 -14.50
C GLU J 290 54.91 31.44 -13.33
N GLN J 291 54.20 30.39 -12.91
CA GLN J 291 53.27 30.50 -11.79
C GLN J 291 54.05 30.49 -10.48
N LEU J 292 53.60 31.28 -9.51
CA LEU J 292 54.26 31.46 -8.21
C LEU J 292 53.35 30.91 -7.11
N SER J 293 53.74 29.77 -6.55
CA SER J 293 53.07 29.22 -5.38
C SER J 293 54.08 28.39 -4.59
N VAL J 294 53.68 27.85 -3.43
CA VAL J 294 54.60 27.08 -2.60
C VAL J 294 54.87 25.69 -3.15
N ALA J 295 53.95 25.12 -3.95
CA ALA J 295 54.10 23.74 -4.39
C ALA J 295 55.26 23.60 -5.36
N GLU J 296 55.38 24.52 -6.33
CA GLU J 296 56.41 24.39 -7.34
C GLU J 296 57.80 24.72 -6.79
N ILE J 297 57.89 25.70 -5.88
CA ILE J 297 59.19 26.05 -5.29
C ILE J 297 59.61 25.06 -4.21
N THR J 298 58.67 24.40 -3.55
CA THR J 298 59.02 23.36 -2.59
C THR J 298 59.70 22.18 -3.28
N ASN J 299 59.30 21.87 -4.51
CA ASN J 299 59.98 20.87 -5.31
C ASN J 299 61.28 21.39 -5.90
N ALA J 300 61.43 22.71 -6.06
CA ALA J 300 62.61 23.26 -6.70
C ALA J 300 63.82 23.25 -5.76
N CYS J 301 63.62 23.55 -4.49
CA CYS J 301 64.74 23.58 -3.55
C CYS J 301 65.25 22.18 -3.24
N PHE J 302 64.37 21.17 -3.22
CA PHE J 302 64.79 19.79 -3.08
C PHE J 302 65.34 19.18 -4.37
N GLU J 303 65.26 19.90 -5.50
CA GLU J 303 65.88 19.43 -6.73
C GLU J 303 67.40 19.42 -6.54
N PRO J 304 68.11 18.36 -6.95
CA PRO J 304 69.54 18.27 -6.57
C PRO J 304 70.42 19.29 -7.26
N ALA J 305 70.17 19.61 -8.53
CA ALA J 305 70.96 20.59 -9.25
C ALA J 305 70.66 22.04 -8.85
N ASN J 306 69.61 22.28 -8.07
CA ASN J 306 69.24 23.62 -7.62
C ASN J 306 69.92 24.02 -6.30
N GLN J 307 70.94 23.28 -5.86
CA GLN J 307 71.65 23.57 -4.62
C GLN J 307 72.88 24.42 -4.93
N MET J 308 73.43 25.03 -3.86
CA MET J 308 74.64 25.84 -3.93
C MET J 308 75.91 25.03 -3.67
N VAL J 309 75.88 23.71 -3.92
CA VAL J 309 77.04 22.85 -3.71
C VAL J 309 76.91 21.66 -4.64
N LYS J 310 77.98 21.32 -5.35
CA LYS J 310 78.00 20.18 -6.25
C LYS J 310 78.07 18.93 -5.37
N CYS J 311 76.89 18.39 -5.05
CA CYS J 311 76.79 17.25 -4.17
C CYS J 311 75.43 16.60 -4.40
N ASP J 312 75.42 15.27 -4.48
CA ASP J 312 74.22 14.52 -4.77
C ASP J 312 73.50 14.20 -3.46
N PRO J 313 72.35 14.78 -3.14
CA PRO J 313 71.65 14.37 -1.91
C PRO J 313 71.08 12.96 -1.95
N ARG J 314 70.93 12.36 -3.13
CA ARG J 314 70.43 10.99 -3.20
C ARG J 314 71.44 10.00 -2.61
N HIS J 315 72.73 10.31 -2.66
CA HIS J 315 73.73 9.40 -2.12
C HIS J 315 73.65 9.31 -0.61
N GLY J 316 73.38 10.43 0.06
CA GLY J 316 73.33 10.49 1.51
C GLY J 316 71.93 10.45 2.08
N LYS J 317 71.79 10.86 3.33
CA LYS J 317 70.51 10.93 4.03
C LYS J 317 70.46 12.21 4.84
N TYR J 318 69.35 12.94 4.72
CA TYR J 318 69.19 14.20 5.42
C TYR J 318 69.05 13.94 6.93
N MET J 319 69.98 14.49 7.71
CA MET J 319 69.90 14.38 9.16
C MET J 319 68.80 15.29 9.71
N ALA J 320 68.73 16.52 9.20
CA ALA J 320 67.74 17.49 9.64
C ALA J 320 67.52 18.48 8.51
N CYS J 321 66.35 19.11 8.50
CA CYS J 321 65.97 20.08 7.48
C CYS J 321 65.21 21.23 8.13
N CYS J 322 65.52 22.44 7.68
CA CYS J 322 64.88 23.67 8.14
C CYS J 322 64.38 24.46 6.95
N LEU J 323 63.21 25.08 7.10
CA LEU J 323 62.56 25.86 6.05
C LEU J 323 62.19 27.22 6.62
N LEU J 324 62.39 28.26 5.84
CA LEU J 324 62.04 29.62 6.19
C LEU J 324 61.46 30.32 4.96
N TYR J 325 60.19 30.73 5.06
CA TYR J 325 59.46 31.35 3.97
C TYR J 325 59.29 32.83 4.22
N ARG J 326 58.92 33.56 3.16
CA ARG J 326 58.66 34.99 3.21
C ARG J 326 57.46 35.31 2.35
N GLY J 327 56.81 36.43 2.67
CA GLY J 327 55.68 36.90 1.89
C GLY J 327 54.36 36.30 2.33
N ASP J 328 53.36 36.45 1.46
CA ASP J 328 52.00 35.98 1.73
C ASP J 328 51.93 34.48 1.43
N VAL J 329 52.35 33.69 2.42
CA VAL J 329 52.31 32.23 2.37
C VAL J 329 51.49 31.77 3.56
N VAL J 330 50.30 31.24 3.29
CA VAL J 330 49.40 30.76 4.34
C VAL J 330 49.90 29.39 4.80
N PRO J 331 49.58 28.93 6.03
CA PRO J 331 50.17 27.67 6.51
C PRO J 331 49.48 26.42 6.00
N LYS J 332 48.47 26.55 5.13
CA LYS J 332 47.76 25.39 4.62
C LYS J 332 48.53 24.71 3.49
N ASP J 333 48.72 25.43 2.38
CA ASP J 333 49.35 24.83 1.20
C ASP J 333 50.83 24.54 1.41
N VAL J 334 51.48 25.19 2.37
CA VAL J 334 52.88 24.89 2.66
C VAL J 334 52.99 23.56 3.42
N ASN J 335 52.00 23.24 4.25
CA ASN J 335 52.02 21.98 4.97
C ASN J 335 51.66 20.82 4.05
N ALA J 336 50.78 21.05 3.08
CA ALA J 336 50.47 20.01 2.11
C ALA J 336 51.65 19.74 1.19
N ALA J 337 52.47 20.77 0.92
CA ALA J 337 53.63 20.59 0.05
C ALA J 337 54.67 19.69 0.70
N ILE J 338 55.03 19.96 1.95
CA ILE J 338 56.05 19.16 2.62
C ILE J 338 55.55 17.74 2.88
N ALA J 339 54.23 17.56 3.02
CA ALA J 339 53.68 16.22 3.16
C ALA J 339 53.90 15.39 1.89
N ALA J 340 53.88 16.05 0.73
CA ALA J 340 54.20 15.34 -0.52
C ALA J 340 55.68 14.99 -0.60
N ILE J 341 56.54 15.75 0.07
CA ILE J 341 57.97 15.43 0.08
C ILE J 341 58.23 14.20 0.94
N LYS J 342 57.42 13.98 1.98
CA LYS J 342 57.64 12.83 2.86
C LYS J 342 57.37 11.51 2.15
N THR J 343 56.30 11.43 1.37
CA THR J 343 55.95 10.22 0.63
C THR J 343 56.73 10.08 -0.68
N LYS J 344 57.39 11.15 -1.15
CA LYS J 344 58.21 11.04 -2.35
C LYS J 344 59.49 10.27 -2.01
N ARG J 345 59.67 9.12 -2.67
CA ARG J 345 60.81 8.24 -2.41
C ARG J 345 62.02 8.58 -3.27
N SER J 346 62.01 9.70 -4.02
CA SER J 346 63.20 10.10 -4.74
C SER J 346 64.34 10.46 -3.80
N ILE J 347 64.00 11.04 -2.64
CA ILE J 347 64.95 11.32 -1.56
C ILE J 347 64.55 10.46 -0.35
N GLN J 348 65.55 10.16 0.49
CA GLN J 348 65.39 9.28 1.64
C GLN J 348 65.96 9.96 2.88
N PHE J 349 65.16 10.01 3.94
CA PHE J 349 65.55 10.54 5.22
C PHE J 349 66.12 9.44 6.11
N VAL J 350 66.96 9.83 7.05
CA VAL J 350 67.61 8.89 7.94
C VAL J 350 66.64 8.50 9.04
N ASP J 351 66.77 7.26 9.54
CA ASP J 351 65.92 6.77 10.61
C ASP J 351 66.20 7.43 11.95
N TRP J 352 67.34 8.11 12.13
CA TRP J 352 67.66 8.74 13.39
C TRP J 352 66.91 10.05 13.63
N CYS J 353 66.17 10.55 12.63
CA CYS J 353 65.40 11.79 12.78
C CYS J 353 64.23 11.75 11.81
N PRO J 354 63.14 11.03 12.12
CA PRO J 354 62.00 11.00 11.18
C PRO J 354 61.33 12.34 11.00
N THR J 355 61.12 13.09 12.09
CA THR J 355 60.42 14.37 12.04
C THR J 355 61.43 15.52 11.91
N GLY J 356 62.29 15.39 10.91
CA GLY J 356 63.34 16.35 10.67
C GLY J 356 62.89 17.51 9.80
N PHE J 357 61.92 18.28 10.28
CA PHE J 357 61.38 19.43 9.56
C PHE J 357 61.17 20.57 10.55
N LYS J 358 61.70 21.75 10.23
CA LYS J 358 61.53 22.97 11.00
C LYS J 358 61.02 24.05 10.04
N VAL J 359 59.74 24.40 10.17
CA VAL J 359 59.07 25.30 9.25
C VAL J 359 59.06 26.70 9.87
N GLY J 360 59.22 27.71 9.03
CA GLY J 360 59.16 29.10 9.48
C GLY J 360 58.51 29.96 8.42
N ILE J 361 57.98 31.10 8.85
CA ILE J 361 57.22 31.99 7.98
C ILE J 361 57.39 33.42 8.49
N ASN J 362 57.62 34.35 7.56
CA ASN J 362 57.67 35.78 7.83
C ASN J 362 56.74 36.50 6.87
N TYR J 363 56.07 37.54 7.38
CA TYR J 363 55.11 38.28 6.58
C TYR J 363 55.76 39.22 5.57
N GLN J 364 56.95 39.75 5.86
CA GLN J 364 57.57 40.71 4.97
C GLN J 364 58.06 40.00 3.70
N PRO J 365 57.73 40.48 2.51
CA PRO J 365 58.01 39.69 1.31
C PRO J 365 59.44 39.86 0.85
N PRO J 366 59.89 39.09 -0.14
CA PRO J 366 61.22 39.33 -0.70
C PRO J 366 61.26 40.63 -1.49
N THR J 367 62.26 41.46 -1.21
CA THR J 367 62.44 42.72 -1.91
C THR J 367 63.14 42.47 -3.24
N VAL J 368 63.52 43.56 -3.91
CA VAL J 368 64.28 43.50 -5.15
C VAL J 368 65.15 44.74 -5.24
N VAL J 369 66.36 44.58 -5.76
CA VAL J 369 67.32 45.68 -5.87
C VAL J 369 67.02 46.44 -7.15
N PRO J 370 67.17 47.78 -7.20
CA PRO J 370 67.01 48.47 -8.49
C PRO J 370 68.14 48.09 -9.44
N GLY J 371 67.77 47.55 -10.59
CA GLY J 371 68.74 47.10 -11.57
C GLY J 371 69.32 45.73 -11.32
N GLY J 372 68.79 44.97 -10.35
CA GLY J 372 69.34 43.67 -10.05
C GLY J 372 68.92 42.61 -11.04
N ASP J 373 69.63 41.48 -10.98
CA ASP J 373 69.35 40.37 -11.90
C ASP J 373 68.10 39.60 -11.50
N LEU J 374 67.81 39.50 -10.21
CA LEU J 374 66.62 38.79 -9.74
C LEU J 374 65.39 39.68 -9.89
N ALA J 375 64.25 39.02 -10.12
CA ALA J 375 62.97 39.68 -10.30
C ALA J 375 62.19 39.70 -8.99
N LYS J 376 61.14 40.52 -8.98
CA LYS J 376 60.28 40.63 -7.80
C LYS J 376 59.36 39.42 -7.74
N VAL J 377 59.26 38.80 -6.55
CA VAL J 377 58.42 37.64 -6.31
C VAL J 377 57.64 37.86 -5.02
N GLN J 378 56.40 37.39 -5.01
CA GLN J 378 55.53 37.55 -3.85
C GLN J 378 55.82 36.52 -2.75
N ARG J 379 56.70 35.54 -2.98
CA ARG J 379 57.03 34.56 -1.96
C ARG J 379 58.40 33.97 -2.28
N ALA J 380 59.02 33.37 -1.26
CA ALA J 380 60.34 32.78 -1.43
C ALA J 380 60.56 31.76 -0.33
N VAL J 381 61.65 31.00 -0.46
CA VAL J 381 62.02 29.98 0.51
C VAL J 381 63.54 29.78 0.45
N CYS J 382 64.11 29.48 1.61
CA CYS J 382 65.52 29.13 1.74
C CYS J 382 65.63 27.95 2.70
N MET J 383 66.27 26.88 2.24
CA MET J 383 66.38 25.62 2.98
C MET J 383 67.82 25.41 3.43
N LEU J 384 67.99 25.21 4.73
CA LEU J 384 69.26 24.80 5.34
C LEU J 384 69.01 23.43 5.96
N SER J 385 69.79 22.44 5.56
CA SER J 385 69.55 21.04 5.93
C SER J 385 70.88 20.33 6.13
N ASN J 386 71.00 19.62 7.25
CA ASN J 386 72.15 18.76 7.51
C ASN J 386 71.94 17.42 6.81
N THR J 387 73.01 16.87 6.25
CA THR J 387 72.95 15.63 5.50
C THR J 387 74.32 14.95 5.56
N THR J 388 74.32 13.63 5.35
CA THR J 388 75.54 12.85 5.20
C THR J 388 76.06 12.84 3.77
N ALA J 389 75.48 13.64 2.87
CA ALA J 389 75.94 13.65 1.48
C ALA J 389 77.28 14.36 1.32
N ILE J 390 77.65 15.24 2.26
CA ILE J 390 78.86 16.05 2.11
C ILE J 390 80.12 15.29 2.54
N ALA J 391 80.00 14.01 2.92
CA ALA J 391 81.19 13.24 3.28
C ALA J 391 82.06 12.98 2.06
N GLU J 392 81.46 12.81 0.89
CA GLU J 392 82.24 12.55 -0.32
C GLU J 392 83.08 13.76 -0.71
N ALA J 393 82.61 14.97 -0.41
CA ALA J 393 83.40 16.17 -0.67
C ALA J 393 84.63 16.22 0.24
N TRP J 394 84.45 15.90 1.51
CA TRP J 394 85.60 15.79 2.41
C TRP J 394 86.51 14.63 2.00
N ALA J 395 85.92 13.55 1.47
CA ALA J 395 86.74 12.49 0.89
C ALA J 395 87.48 12.98 -0.35
N ARG J 396 86.83 13.83 -1.15
CA ARG J 396 87.49 14.37 -2.34
C ARG J 396 88.60 15.34 -1.95
N LEU J 397 88.32 16.24 -1.00
CA LEU J 397 89.34 17.18 -0.55
C LEU J 397 90.48 16.45 0.15
N ASP J 398 90.16 15.44 0.95
CA ASP J 398 91.20 14.66 1.61
C ASP J 398 91.97 13.80 0.61
N HIS J 399 91.29 13.33 -0.45
CA HIS J 399 91.97 12.51 -1.44
C HIS J 399 93.01 13.30 -2.22
N LYS J 400 92.64 14.48 -2.71
CA LYS J 400 93.59 15.30 -3.46
C LYS J 400 94.70 15.85 -2.57
N PHE J 401 94.44 16.07 -1.29
CA PHE J 401 95.46 16.50 -0.35
C PHE J 401 96.55 15.44 -0.18
N ASP J 402 96.19 14.16 -0.22
CA ASP J 402 97.19 13.10 -0.08
C ASP J 402 98.13 13.06 -1.28
N LEU J 403 97.65 13.46 -2.46
CA LEU J 403 98.52 13.49 -3.63
C LEU J 403 99.61 14.54 -3.49
N MET J 404 99.25 15.73 -3.00
CA MET J 404 100.24 16.79 -2.81
C MET J 404 101.05 16.57 -1.55
N TYR J 405 100.44 16.02 -0.49
CA TYR J 405 101.17 15.77 0.74
C TYR J 405 102.22 14.67 0.57
N ALA J 406 101.95 13.70 -0.31
CA ALA J 406 102.92 12.64 -0.56
C ALA J 406 104.19 13.18 -1.20
N LYS J 407 104.09 14.19 -2.06
CA LYS J 407 105.24 14.86 -2.66
C LYS J 407 105.72 16.07 -1.88
N ARG J 408 105.08 16.40 -0.74
CA ARG J 408 105.46 17.55 0.08
C ARG J 408 105.37 18.86 -0.72
N ALA J 409 104.30 19.00 -1.49
CA ALA J 409 104.12 20.14 -2.36
C ALA J 409 103.64 21.35 -1.58
N PHE J 410 104.23 22.50 -1.87
CA PHE J 410 103.85 23.79 -1.29
C PHE J 410 104.00 23.82 0.24
N VAL J 411 104.92 23.01 0.77
CA VAL J 411 105.10 22.90 2.22
C VAL J 411 106.14 23.89 2.73
N HIS J 412 107.15 24.25 1.91
CA HIS J 412 108.23 25.10 2.38
C HIS J 412 107.76 26.53 2.70
N TRP J 413 106.64 26.97 2.14
CA TRP J 413 106.10 28.27 2.49
C TRP J 413 105.49 28.29 3.88
N TYR J 414 104.81 27.19 4.27
CA TYR J 414 104.16 27.16 5.58
C TYR J 414 105.19 27.06 6.70
N VAL J 415 106.19 26.18 6.54
CA VAL J 415 107.24 26.06 7.55
C VAL J 415 108.15 27.27 7.57
N GLY J 416 108.26 28.00 6.47
CA GLY J 416 108.95 29.28 6.47
C GLY J 416 108.26 30.34 7.30
N GLU J 417 106.95 30.19 7.54
CA GLU J 417 106.21 31.11 8.39
C GLU J 417 106.39 30.83 9.87
N GLY J 418 106.65 29.59 10.26
CA GLY J 418 106.85 29.21 11.65
C GLY J 418 106.30 27.85 12.04
N MET J 419 105.51 27.22 11.17
CA MET J 419 104.91 25.92 11.47
C MET J 419 105.90 24.80 11.13
N GLU J 420 105.45 23.56 11.28
CA GLU J 420 106.29 22.37 11.08
C GLU J 420 105.45 21.32 10.35
N GLU J 421 105.96 20.08 10.29
CA GLU J 421 105.25 18.99 9.65
C GLU J 421 104.21 18.34 10.57
N GLY J 422 104.29 18.59 11.88
CA GLY J 422 103.44 17.85 12.81
C GLY J 422 101.97 18.20 12.69
N GLU J 423 101.65 19.49 12.69
CA GLU J 423 100.25 19.90 12.65
C GLU J 423 99.60 19.60 11.30
N PHE J 424 100.38 19.43 10.23
CA PHE J 424 99.83 18.90 8.99
C PHE J 424 99.28 17.49 9.21
N SER J 425 99.96 16.69 10.02
CA SER J 425 99.45 15.36 10.35
C SER J 425 98.20 15.45 11.21
N GLU J 426 98.13 16.44 12.10
CA GLU J 426 96.92 16.65 12.90
C GLU J 426 95.77 17.09 12.02
N ALA J 427 96.04 17.93 11.02
CA ALA J 427 94.99 18.35 10.10
C ALA J 427 94.50 17.19 9.25
N ARG J 428 95.38 16.25 8.91
CA ARG J 428 94.98 15.10 8.11
C ARG J 428 94.11 14.15 8.92
N GLU J 429 94.57 13.77 10.11
CA GLU J 429 93.84 12.80 10.92
C GLU J 429 92.54 13.38 11.46
N ASP J 430 92.45 14.69 11.66
CA ASP J 430 91.22 15.28 12.17
C ASP J 430 90.11 15.19 11.14
N MET J 431 90.43 15.40 9.86
CA MET J 431 89.46 15.17 8.80
C MET J 431 89.18 13.68 8.63
N ALA J 432 90.19 12.83 8.85
CA ALA J 432 89.97 11.39 8.81
C ALA J 432 89.03 10.96 9.93
N ALA J 433 89.09 11.63 11.08
CA ALA J 433 88.13 11.38 12.15
C ALA J 433 86.72 11.76 11.71
N LEU J 434 86.59 12.79 10.88
CA LEU J 434 85.27 13.25 10.46
C LEU J 434 84.61 12.26 9.50
N GLU J 435 85.40 11.59 8.66
CA GLU J 435 84.83 10.66 7.70
C GLU J 435 84.27 9.43 8.39
N LYS J 436 84.99 8.88 9.38
CA LYS J 436 84.48 7.74 10.12
C LYS J 436 83.25 8.11 10.95
N ASP J 437 83.12 9.38 11.35
CA ASP J 437 81.91 9.83 12.02
C ASP J 437 80.75 9.99 11.04
N TYR J 438 81.05 10.38 9.79
CA TYR J 438 79.99 10.58 8.80
C TYR J 438 79.43 9.25 8.30
N GLU J 439 80.28 8.23 8.15
CA GLU J 439 79.80 6.91 7.76
C GLU J 439 79.14 6.17 8.92
N GLU J 440 79.53 6.48 10.15
CA GLU J 440 78.87 5.87 11.31
C GLU J 440 77.49 6.48 11.54
N VAL J 441 77.40 7.81 11.53
CA VAL J 441 76.11 8.46 11.72
C VAL J 441 75.16 8.22 10.56
N GLY J 442 75.68 7.95 9.37
CA GLY J 442 74.85 7.67 8.21
C GLY J 442 74.27 6.28 8.13
N ILE J 443 74.47 5.43 9.14
CA ILE J 443 73.93 4.08 9.12
C ILE J 443 72.41 4.17 9.31
N MET K 1 101.97 51.98 1.30
CA MET K 1 101.32 50.64 1.40
C MET K 1 101.92 49.68 0.37
N ARG K 2 102.82 48.81 0.84
CA ARG K 2 103.38 47.73 0.04
C ARG K 2 104.17 48.26 -1.15
N GLU K 3 105.10 49.17 -0.86
CA GLU K 3 105.92 49.76 -1.91
C GLU K 3 106.87 48.73 -2.50
N ILE K 4 107.21 48.95 -3.77
CA ILE K 4 108.12 48.10 -4.53
C ILE K 4 109.30 48.97 -4.98
N VAL K 5 110.50 48.55 -4.63
CA VAL K 5 111.73 49.28 -4.94
C VAL K 5 112.27 48.74 -6.26
N HIS K 6 112.29 49.58 -7.28
CA HIS K 6 112.79 49.22 -8.60
C HIS K 6 114.28 49.49 -8.70
N ILE K 7 114.99 48.58 -9.36
CA ILE K 7 116.44 48.64 -9.48
C ILE K 7 116.81 48.09 -10.85
N GLN K 8 117.30 48.97 -11.73
CA GLN K 8 117.61 48.65 -13.12
C GLN K 8 119.10 48.40 -13.25
N ALA K 9 119.49 47.14 -13.41
CA ALA K 9 120.88 46.72 -13.53
C ALA K 9 121.14 46.22 -14.95
N GLY K 10 122.31 46.57 -15.48
CA GLY K 10 122.70 46.14 -16.80
C GLY K 10 122.12 47.02 -17.89
N GLN K 11 122.63 46.80 -19.12
CA GLN K 11 122.17 47.59 -20.26
C GLN K 11 120.73 47.25 -20.61
N CYS K 12 120.43 45.96 -20.77
CA CYS K 12 119.08 45.56 -21.14
C CYS K 12 118.08 45.84 -20.02
N GLY K 13 118.51 45.73 -18.77
CA GLY K 13 117.63 46.03 -17.65
C GLY K 13 117.24 47.49 -17.62
N ASN K 14 118.15 48.38 -18.02
CA ASN K 14 117.83 49.79 -18.10
C ASN K 14 116.87 50.08 -19.24
N GLN K 15 116.98 49.34 -20.35
CA GLN K 15 116.09 49.55 -21.48
C GLN K 15 114.67 49.10 -21.16
N ILE K 16 114.50 47.86 -20.71
CA ILE K 16 113.17 47.37 -20.36
C ILE K 16 112.66 48.07 -19.11
N GLY K 17 113.55 48.44 -18.19
CA GLY K 17 113.13 49.22 -17.04
C GLY K 17 112.66 50.61 -17.44
N ALA K 18 113.34 51.24 -18.40
CA ALA K 18 112.89 52.52 -18.91
C ALA K 18 111.56 52.39 -19.64
N LYS K 19 111.38 51.28 -20.37
CA LYS K 19 110.09 51.02 -21.01
C LYS K 19 109.03 50.65 -19.99
N PHE K 20 109.44 50.05 -18.86
CA PHE K 20 108.48 49.67 -17.83
C PHE K 20 107.85 50.91 -17.20
N TRP K 21 108.65 51.91 -16.87
CA TRP K 21 108.09 53.17 -16.37
C TRP K 21 107.30 53.90 -17.45
N GLU K 22 107.63 53.68 -18.73
CA GLU K 22 106.92 54.35 -19.81
C GLU K 22 105.49 53.81 -19.93
N VAL K 23 105.35 52.49 -19.97
CA VAL K 23 104.04 51.90 -20.26
C VAL K 23 103.08 52.09 -19.09
N ILE K 24 103.57 52.01 -17.86
CA ILE K 24 102.71 52.21 -16.69
C ILE K 24 102.40 53.68 -16.46
N SER K 25 103.25 54.60 -16.92
CA SER K 25 102.97 56.02 -16.79
C SER K 25 101.73 56.41 -17.59
N ASP K 26 101.51 55.77 -18.73
CA ASP K 26 100.29 56.02 -19.50
C ASP K 26 99.07 55.45 -18.79
N GLU K 27 99.25 54.33 -18.07
CA GLU K 27 98.14 53.75 -17.32
C GLU K 27 97.74 54.67 -16.17
N HIS K 28 98.71 55.20 -15.43
CA HIS K 28 98.46 56.16 -14.37
C HIS K 28 98.23 57.57 -14.88
N GLY K 29 98.53 57.87 -16.14
CA GLY K 29 98.30 59.19 -16.69
C GLY K 29 99.26 60.23 -16.15
N ILE K 30 100.56 59.91 -16.17
CA ILE K 30 101.61 60.80 -15.69
C ILE K 30 102.31 61.38 -16.91
N ASP K 31 102.55 62.70 -16.88
CA ASP K 31 103.27 63.36 -17.95
C ASP K 31 104.76 62.96 -17.87
N PRO K 32 105.53 63.10 -18.96
CA PRO K 32 106.97 62.88 -18.84
C PRO K 32 107.66 63.90 -17.94
N THR K 33 107.12 65.10 -17.81
CA THR K 33 107.70 66.09 -16.91
C THR K 33 107.52 65.70 -15.45
N GLY K 34 106.46 64.96 -15.12
CA GLY K 34 106.18 64.48 -13.77
C GLY K 34 104.83 64.86 -13.22
N SER K 35 104.05 65.71 -13.90
CA SER K 35 102.74 66.13 -13.43
C SER K 35 101.66 65.17 -13.91
N TYR K 36 100.54 65.15 -13.19
CA TYR K 36 99.42 64.28 -13.49
C TYR K 36 98.47 64.95 -14.47
N HIS K 37 98.07 64.20 -15.51
CA HIS K 37 97.08 64.65 -16.49
C HIS K 37 96.12 63.53 -16.87
N GLY K 38 95.84 62.62 -15.94
CA GLY K 38 94.95 61.51 -16.20
C GLY K 38 93.48 61.92 -16.12
N ASP K 39 92.62 60.90 -16.02
CA ASP K 39 91.17 61.06 -15.97
C ASP K 39 90.52 60.38 -14.78
N SER K 40 91.03 59.23 -14.35
CA SER K 40 90.44 58.44 -13.27
C SER K 40 91.06 58.81 -11.93
N ASP K 41 90.24 58.71 -10.88
CA ASP K 41 90.71 58.93 -9.52
C ASP K 41 91.45 57.73 -8.94
N LEU K 42 91.22 56.52 -9.47
CA LEU K 42 91.92 55.35 -8.98
C LEU K 42 93.40 55.34 -9.34
N GLN K 43 93.82 56.14 -10.32
CA GLN K 43 95.24 56.24 -10.64
C GLN K 43 96.04 56.81 -9.48
N LEU K 44 95.47 57.78 -8.75
CA LEU K 44 96.09 58.32 -7.55
C LEU K 44 95.90 57.44 -6.32
N GLU K 45 95.02 56.44 -6.38
CA GLU K 45 94.79 55.57 -5.24
C GLU K 45 96.03 54.77 -4.88
N ARG K 46 96.80 54.34 -5.89
CA ARG K 46 97.98 53.51 -5.71
C ARG K 46 99.11 54.00 -6.61
N ILE K 47 99.28 55.33 -6.66
CA ILE K 47 100.45 55.92 -7.29
C ILE K 47 101.68 55.86 -6.40
N ASN K 48 101.50 55.82 -5.07
CA ASN K 48 102.61 55.70 -4.14
C ASN K 48 103.23 54.32 -4.10
N VAL K 49 102.60 53.31 -4.71
CA VAL K 49 103.14 51.95 -4.65
C VAL K 49 104.42 51.82 -5.48
N TYR K 50 104.64 52.72 -6.45
CA TYR K 50 105.86 52.79 -7.24
C TYR K 50 106.54 54.16 -7.21
N TYR K 51 105.78 55.25 -7.07
CA TYR K 51 106.30 56.61 -7.11
C TYR K 51 106.34 57.19 -5.71
N ASN K 52 107.00 58.35 -5.59
CA ASN K 52 107.07 59.13 -4.37
C ASN K 52 106.48 60.51 -4.62
N GLU K 53 105.73 61.01 -3.65
CA GLU K 53 105.12 62.34 -3.78
C GLU K 53 106.17 63.42 -3.58
N ALA K 54 105.99 64.55 -4.27
CA ALA K 54 106.89 65.69 -4.16
C ALA K 54 106.10 66.99 -4.29
N ALA K 55 106.79 68.12 -4.23
CA ALA K 55 106.13 69.42 -4.31
C ALA K 55 105.58 69.67 -5.71
N GLY K 56 104.55 70.51 -5.78
CA GLY K 56 103.95 70.83 -7.05
C GLY K 56 103.19 69.70 -7.70
N ASN K 57 102.72 68.72 -6.91
CA ASN K 57 102.02 67.55 -7.42
C ASN K 57 102.85 66.75 -8.42
N LYS K 58 104.17 66.73 -8.21
CA LYS K 58 105.10 65.97 -9.04
C LYS K 58 105.40 64.64 -8.40
N TYR K 59 105.49 63.59 -9.22
CA TYR K 59 105.73 62.22 -8.77
C TYR K 59 107.00 61.70 -9.41
N VAL K 60 108.05 61.55 -8.61
CA VAL K 60 109.34 61.03 -9.06
C VAL K 60 109.28 59.51 -8.93
N PRO K 61 109.80 58.71 -9.88
CA PRO K 61 109.75 57.25 -9.70
C PRO K 61 110.82 56.75 -8.75
N ARG K 62 110.50 55.64 -8.09
CA ARG K 62 111.43 54.98 -7.16
C ARG K 62 112.27 53.98 -7.95
N ALA K 63 113.06 54.52 -8.86
CA ALA K 63 113.94 53.76 -9.74
C ALA K 63 115.39 54.04 -9.36
N ILE K 64 116.21 53.00 -9.37
CA ILE K 64 117.64 53.07 -9.05
C ILE K 64 118.36 52.47 -10.24
N LEU K 65 118.89 53.31 -11.13
CA LEU K 65 119.59 52.87 -12.32
C LEU K 65 121.05 52.68 -11.98
N VAL K 66 121.55 51.45 -12.17
CA VAL K 66 122.94 51.08 -11.91
C VAL K 66 123.51 50.45 -13.16
N ASP K 67 124.71 50.90 -13.53
CA ASP K 67 125.41 50.38 -14.69
C ASP K 67 126.86 50.84 -14.60
N LEU K 68 127.76 50.03 -15.14
CA LEU K 68 129.19 50.29 -15.13
C LEU K 68 129.68 50.99 -16.39
N GLU K 69 128.78 51.58 -17.18
CA GLU K 69 129.09 52.21 -18.46
C GLU K 69 128.32 53.54 -18.54
N PRO K 70 128.97 54.71 -18.51
CA PRO K 70 128.18 55.95 -18.41
C PRO K 70 127.41 56.31 -19.67
N GLY K 71 127.75 55.72 -20.82
CA GLY K 71 127.01 56.02 -22.04
C GLY K 71 125.58 55.53 -22.02
N THR K 72 125.31 54.48 -21.24
CA THR K 72 123.95 53.94 -21.16
C THR K 72 123.01 54.92 -20.48
N MET K 73 123.47 55.57 -19.40
CA MET K 73 122.63 56.52 -18.69
C MET K 73 122.34 57.76 -19.53
N ASP K 74 123.27 58.14 -20.42
CA ASP K 74 123.03 59.28 -21.29
C ASP K 74 121.90 59.00 -22.28
N SER K 75 121.77 57.76 -22.74
CA SER K 75 120.68 57.39 -23.63
C SER K 75 119.35 57.29 -22.89
N VAL K 76 119.38 56.81 -21.64
CA VAL K 76 118.16 56.70 -20.85
C VAL K 76 117.70 58.07 -20.37
N ARG K 77 118.65 58.92 -19.97
CA ARG K 77 118.31 60.26 -19.51
C ARG K 77 117.78 61.13 -20.65
N SER K 78 118.29 60.94 -21.86
CA SER K 78 117.85 61.68 -23.04
C SER K 78 116.66 61.04 -23.75
N GLY K 79 115.96 60.10 -23.11
CA GLY K 79 114.84 59.43 -23.71
C GLY K 79 113.57 60.25 -23.58
N PRO K 80 112.42 59.66 -23.95
CA PRO K 80 111.16 60.39 -23.75
C PRO K 80 110.83 60.64 -22.29
N PHE K 81 110.92 59.61 -21.44
CA PHE K 81 110.65 59.69 -20.01
C PHE K 81 111.94 59.74 -19.19
N GLY K 82 113.05 60.20 -19.79
CA GLY K 82 114.31 60.25 -19.07
C GLY K 82 114.41 61.34 -18.03
N GLN K 83 113.63 62.42 -18.18
CA GLN K 83 113.71 63.56 -17.27
C GLN K 83 112.93 63.35 -15.98
N ILE K 84 112.03 62.37 -15.91
CA ILE K 84 111.23 62.18 -14.70
C ILE K 84 112.03 61.51 -13.59
N PHE K 85 113.05 60.72 -13.91
CA PHE K 85 113.83 60.02 -12.90
C PHE K 85 114.61 61.01 -12.04
N ARG K 86 115.00 60.55 -10.86
CA ARG K 86 115.76 61.38 -9.94
C ARG K 86 117.21 61.46 -10.41
N PRO K 87 117.85 62.66 -10.42
CA PRO K 87 119.29 62.67 -10.77
C PRO K 87 120.17 61.98 -9.76
N ASP K 88 119.79 61.96 -8.48
CA ASP K 88 120.62 61.31 -7.46
C ASP K 88 120.65 59.80 -7.65
N ASN K 89 119.58 59.21 -8.15
CA ASN K 89 119.54 57.77 -8.39
C ASN K 89 120.47 57.32 -9.51
N PHE K 90 120.89 58.21 -10.41
CA PHE K 90 121.78 57.85 -11.50
C PHE K 90 123.20 57.71 -10.97
N VAL K 91 123.45 56.56 -10.35
CA VAL K 91 124.78 56.17 -9.87
C VAL K 91 125.36 55.21 -10.91
N PHE K 92 126.66 55.36 -11.19
CA PHE K 92 127.28 54.61 -12.26
C PHE K 92 128.79 54.75 -12.18
N GLY K 93 129.49 53.78 -12.75
CA GLY K 93 130.93 53.82 -12.88
C GLY K 93 131.36 54.55 -14.14
N GLN K 94 132.60 54.28 -14.55
CA GLN K 94 133.22 54.86 -15.74
C GLN K 94 133.74 53.80 -16.71
N SER K 95 134.31 52.71 -16.19
CA SER K 95 134.87 51.64 -17.00
C SER K 95 133.89 50.47 -17.05
N GLY K 96 133.61 50.00 -18.26
CA GLY K 96 132.71 48.89 -18.43
C GLY K 96 133.32 47.57 -18.01
N ALA K 97 132.45 46.58 -17.82
CA ALA K 97 132.88 45.24 -17.43
C ALA K 97 133.44 44.44 -18.59
N GLY K 98 133.04 44.74 -19.83
CA GLY K 98 133.55 44.02 -20.97
C GLY K 98 133.10 42.58 -21.04
N ASN K 99 131.88 42.29 -20.57
CA ASN K 99 131.31 40.93 -20.56
C ASN K 99 132.18 39.97 -19.77
N ASN K 100 132.35 40.27 -18.49
CA ASN K 100 133.13 39.46 -17.56
C ASN K 100 132.40 39.45 -16.21
N TRP K 101 132.00 38.26 -15.76
CA TRP K 101 131.29 38.15 -14.50
C TRP K 101 132.19 38.45 -13.32
N ALA K 102 133.48 38.12 -13.42
CA ALA K 102 134.40 38.34 -12.31
C ALA K 102 134.65 39.83 -12.08
N LYS K 103 134.69 40.63 -13.15
CA LYS K 103 134.97 42.05 -13.00
C LYS K 103 133.82 42.77 -12.29
N GLY K 104 132.60 42.54 -12.75
CA GLY K 104 131.44 43.19 -12.17
C GLY K 104 130.98 42.65 -10.84
N HIS K 105 131.63 41.60 -10.31
CA HIS K 105 131.24 40.94 -9.07
C HIS K 105 132.26 41.09 -7.95
N TYR K 106 133.56 41.19 -8.28
CA TYR K 106 134.66 41.21 -7.32
C TYR K 106 135.40 42.53 -7.25
N THR K 107 135.75 43.11 -8.40
CA THR K 107 136.58 44.31 -8.47
C THR K 107 135.80 45.53 -8.95
N GLU K 108 135.18 45.46 -10.13
CA GLU K 108 134.49 46.63 -10.66
C GLU K 108 133.17 46.88 -9.95
N GLY K 109 132.52 45.84 -9.43
CA GLY K 109 131.28 45.97 -8.71
C GLY K 109 131.47 46.32 -7.25
N ALA K 110 132.55 45.81 -6.64
CA ALA K 110 132.80 46.03 -5.22
C ALA K 110 133.07 47.49 -4.89
N GLU K 111 133.68 48.25 -5.80
CA GLU K 111 133.89 49.66 -5.56
C GLU K 111 132.61 50.48 -5.65
N LEU K 112 131.62 50.03 -6.42
CA LEU K 112 130.35 50.72 -6.59
C LEU K 112 129.25 50.18 -5.69
N VAL K 113 129.35 48.92 -5.21
CA VAL K 113 128.27 48.35 -4.41
C VAL K 113 128.16 49.04 -3.06
N ASP K 114 129.25 49.63 -2.56
CA ASP K 114 129.16 50.47 -1.38
C ASP K 114 128.38 51.74 -1.64
N SER K 115 128.37 52.22 -2.90
CA SER K 115 127.69 53.44 -3.26
C SER K 115 126.19 53.24 -3.53
N VAL K 116 125.79 52.06 -3.99
CA VAL K 116 124.39 51.79 -4.29
C VAL K 116 123.61 51.34 -3.06
N LEU K 117 124.26 50.73 -2.07
CA LEU K 117 123.54 50.25 -0.89
C LEU K 117 123.01 51.43 -0.07
N ASP K 118 123.74 52.53 -0.02
CA ASP K 118 123.24 53.72 0.67
C ASP K 118 122.10 54.39 -0.08
N VAL K 119 121.99 54.18 -1.40
CA VAL K 119 120.91 54.79 -2.17
C VAL K 119 119.62 54.00 -2.00
N VAL K 120 119.70 52.67 -2.12
CA VAL K 120 118.50 51.84 -1.94
C VAL K 120 118.02 51.87 -0.50
N ARG K 121 118.92 52.06 0.46
CA ARG K 121 118.50 52.23 1.85
C ARG K 121 117.67 53.49 2.03
N LYS K 122 117.95 54.54 1.25
CA LYS K 122 117.17 55.75 1.33
C LYS K 122 115.74 55.52 0.84
N GLU K 123 115.60 54.85 -0.31
CA GLU K 123 114.28 54.55 -0.83
C GLU K 123 113.52 53.52 0.01
N SER K 124 114.24 52.66 0.73
CA SER K 124 113.60 51.66 1.57
C SER K 124 113.04 52.23 2.86
N GLU K 125 113.80 53.08 3.55
CA GLU K 125 113.32 53.71 4.77
C GLU K 125 112.35 54.85 4.53
N SER K 126 112.42 55.50 3.36
CA SER K 126 111.51 56.59 3.05
C SER K 126 110.07 56.11 2.82
N CYS K 127 109.88 54.86 2.45
CA CYS K 127 108.54 54.34 2.19
C CYS K 127 107.83 54.00 3.51
N ASP K 128 106.53 53.75 3.40
CA ASP K 128 105.74 53.42 4.57
C ASP K 128 105.94 51.95 4.97
N CYS K 129 105.83 51.03 4.02
CA CYS K 129 106.08 49.62 4.29
C CYS K 129 106.44 48.95 2.98
N LEU K 130 107.71 48.60 2.81
CA LEU K 130 108.18 48.01 1.57
C LEU K 130 107.71 46.56 1.47
N GLN K 131 107.38 46.15 0.24
CA GLN K 131 106.92 44.81 -0.08
C GLN K 131 108.02 43.94 -0.66
N GLY K 132 108.70 44.43 -1.70
CA GLY K 132 109.73 43.64 -2.34
C GLY K 132 110.61 44.48 -3.23
N PHE K 133 111.30 43.81 -4.14
CA PHE K 133 112.24 44.43 -5.07
C PHE K 133 111.97 43.91 -6.48
N GLN K 134 111.71 44.85 -7.40
CA GLN K 134 111.43 44.54 -8.81
C GLN K 134 112.68 44.91 -9.62
N LEU K 135 113.51 43.90 -9.90
CA LEU K 135 114.80 44.07 -10.54
C LEU K 135 114.74 43.57 -11.99
N THR K 136 115.56 44.21 -12.84
CA THR K 136 115.69 43.84 -14.24
C THR K 136 117.17 43.72 -14.57
N HIS K 137 117.56 42.61 -15.19
CA HIS K 137 118.94 42.38 -15.56
C HIS K 137 118.98 41.37 -16.70
N SER K 138 120.20 41.01 -17.12
CA SER K 138 120.44 40.01 -18.16
C SER K 138 121.52 39.06 -17.67
N LEU K 139 121.29 37.76 -17.88
CA LEU K 139 122.27 36.75 -17.49
C LEU K 139 123.55 36.83 -18.31
N GLY K 140 123.51 37.42 -19.51
CA GLY K 140 124.71 37.68 -20.27
C GLY K 140 125.40 38.95 -19.81
N GLY K 141 126.65 39.10 -20.26
CA GLY K 141 127.44 40.25 -19.87
C GLY K 141 128.00 40.13 -18.47
N GLY K 142 128.70 41.18 -18.05
CA GLY K 142 129.35 41.23 -16.76
C GLY K 142 128.67 42.16 -15.77
N THR K 143 128.14 43.29 -16.26
CA THR K 143 127.52 44.26 -15.38
C THR K 143 126.12 43.82 -14.96
N GLY K 144 125.42 43.10 -15.82
CA GLY K 144 124.08 42.62 -15.49
C GLY K 144 124.12 41.41 -14.60
N SER K 145 124.92 40.41 -14.99
CA SER K 145 125.01 39.17 -14.23
C SER K 145 125.95 39.28 -13.03
N GLY K 146 127.01 40.07 -13.13
CA GLY K 146 127.98 40.17 -12.06
C GLY K 146 127.57 41.11 -10.95
N MET K 147 127.29 42.37 -11.31
CA MET K 147 126.92 43.37 -10.32
C MET K 147 125.44 43.27 -9.95
N GLY K 148 124.59 42.88 -10.91
CA GLY K 148 123.18 42.73 -10.62
C GLY K 148 122.90 41.59 -9.65
N THR K 149 123.58 40.46 -9.83
CA THR K 149 123.43 39.35 -8.91
C THR K 149 124.14 39.59 -7.58
N LEU K 150 125.12 40.49 -7.55
CA LEU K 150 125.83 40.79 -6.31
C LEU K 150 124.91 41.46 -5.30
N LEU K 151 124.21 42.53 -5.71
CA LEU K 151 123.33 43.24 -4.80
C LEU K 151 122.10 42.42 -4.43
N ILE K 152 121.74 41.41 -5.22
CA ILE K 152 120.74 40.44 -4.79
C ILE K 152 121.22 39.73 -3.54
N SER K 153 122.52 39.40 -3.48
CA SER K 153 123.06 38.74 -2.30
C SER K 153 123.08 39.68 -1.11
N LYS K 154 123.42 40.95 -1.33
CA LYS K 154 123.49 41.90 -0.23
C LYS K 154 122.10 42.25 0.29
N ILE K 155 121.11 42.37 -0.62
CA ILE K 155 119.76 42.68 -0.19
C ILE K 155 119.15 41.49 0.53
N ARG K 156 119.53 40.27 0.16
CA ARG K 156 119.10 39.09 0.90
C ARG K 156 119.64 39.12 2.33
N GLU K 157 120.86 39.62 2.51
CA GLU K 157 121.44 39.71 3.85
C GLU K 157 120.73 40.76 4.69
N GLU K 158 120.34 41.89 4.09
CA GLU K 158 119.73 42.98 4.83
C GLU K 158 118.23 42.77 5.01
N TYR K 159 117.55 42.32 3.94
CA TYR K 159 116.10 42.12 3.91
C TYR K 159 115.83 40.67 3.56
N PRO K 160 116.04 39.72 4.48
CA PRO K 160 115.76 38.32 4.17
C PRO K 160 114.28 37.96 4.10
N ASP K 161 113.39 38.80 4.65
CA ASP K 161 111.97 38.51 4.70
C ASP K 161 111.19 39.04 3.50
N ARG K 162 111.72 40.04 2.79
CA ARG K 162 111.00 40.64 1.68
C ARG K 162 111.11 39.78 0.42
N ILE K 163 110.23 40.06 -0.53
CA ILE K 163 110.17 39.34 -1.79
C ILE K 163 111.23 39.91 -2.72
N MET K 164 111.94 39.01 -3.42
CA MET K 164 113.00 39.38 -4.37
C MET K 164 112.55 38.93 -5.76
N ASN K 165 111.91 39.84 -6.50
CA ASN K 165 111.38 39.57 -7.83
C ASN K 165 112.40 40.02 -8.86
N THR K 166 112.58 39.21 -9.91
CA THR K 166 113.53 39.48 -10.98
C THR K 166 112.90 39.15 -12.33
N PHE K 167 112.95 40.13 -13.24
CA PHE K 167 112.60 39.94 -14.65
C PHE K 167 113.91 39.86 -15.43
N SER K 168 114.38 38.63 -15.65
CA SER K 168 115.71 38.36 -16.19
C SER K 168 115.60 37.76 -17.58
N VAL K 169 116.20 38.41 -18.57
CA VAL K 169 116.37 37.85 -19.90
C VAL K 169 117.63 37.01 -19.90
N MET K 170 117.63 35.91 -20.66
CA MET K 170 118.67 34.90 -20.65
C MET K 170 119.02 34.51 -22.08
N PRO K 171 120.23 33.95 -22.32
CA PRO K 171 120.66 33.73 -23.71
C PRO K 171 120.10 32.43 -24.29
N SER K 172 120.44 32.15 -25.55
CA SER K 172 120.02 30.94 -26.24
C SER K 172 121.01 30.66 -27.36
N PRO K 173 121.08 29.41 -27.85
CA PRO K 173 122.10 29.11 -28.87
C PRO K 173 121.76 29.62 -30.26
N LYS K 174 120.48 29.75 -30.59
CA LYS K 174 120.11 30.19 -31.93
C LYS K 174 120.42 31.68 -32.13
N VAL K 175 120.15 32.49 -31.10
CA VAL K 175 120.44 33.93 -31.09
C VAL K 175 121.41 34.16 -29.93
N SER K 176 122.65 34.52 -30.26
CA SER K 176 123.70 34.74 -29.28
C SER K 176 124.59 35.86 -29.76
N ASP K 177 124.46 37.04 -29.13
CA ASP K 177 125.23 38.23 -29.46
C ASP K 177 126.44 38.42 -28.54
N THR K 178 126.97 37.33 -27.99
CA THR K 178 128.09 37.42 -27.06
C THR K 178 128.70 36.04 -26.92
N VAL K 179 130.03 35.98 -26.84
CA VAL K 179 130.74 34.71 -26.79
C VAL K 179 130.73 34.11 -25.38
N VAL K 180 130.66 34.96 -24.35
CA VAL K 180 130.88 34.55 -22.96
C VAL K 180 129.52 34.35 -22.28
N GLU K 181 128.49 34.02 -23.06
CA GLU K 181 127.15 33.83 -22.48
C GLU K 181 127.05 32.65 -21.52
N PRO K 182 127.51 31.43 -21.85
CA PRO K 182 127.28 30.32 -20.91
C PRO K 182 128.07 30.44 -19.62
N TYR K 183 129.25 31.05 -19.66
CA TYR K 183 130.00 31.28 -18.43
C TYR K 183 129.28 32.30 -17.56
N ASN K 184 128.82 33.41 -18.16
CA ASN K 184 128.03 34.38 -17.41
C ASN K 184 126.68 33.82 -17.00
N ALA K 185 126.11 32.91 -17.80
CA ALA K 185 124.80 32.36 -17.48
C ALA K 185 124.88 31.42 -16.29
N THR K 186 125.80 30.46 -16.32
CA THR K 186 125.90 29.48 -15.26
C THR K 186 126.34 30.07 -13.93
N LEU K 187 127.07 31.19 -13.95
CA LEU K 187 127.46 31.87 -12.73
C LEU K 187 126.30 32.67 -12.13
N SER K 188 125.38 33.17 -12.97
CA SER K 188 124.26 33.95 -12.49
C SER K 188 123.17 33.09 -11.86
N VAL K 189 122.87 31.93 -12.44
CA VAL K 189 121.83 31.06 -11.89
C VAL K 189 122.24 30.45 -10.56
N HIS K 190 123.54 30.41 -10.24
CA HIS K 190 123.98 29.96 -8.92
C HIS K 190 123.45 30.89 -7.83
N GLN K 191 123.36 32.19 -8.11
CA GLN K 191 122.82 33.16 -7.16
C GLN K 191 121.31 33.27 -7.22
N LEU K 192 120.73 33.18 -8.42
CA LEU K 192 119.28 33.30 -8.55
C LEU K 192 118.56 32.10 -7.96
N VAL K 193 119.16 30.91 -8.02
CA VAL K 193 118.49 29.72 -7.52
C VAL K 193 118.45 29.67 -6.00
N GLU K 194 119.40 30.30 -5.32
CA GLU K 194 119.50 30.25 -3.86
C GLU K 194 118.83 31.45 -3.19
N ASN K 195 119.04 32.66 -3.70
CA ASN K 195 118.62 33.87 -3.02
C ASN K 195 117.21 34.30 -3.40
N THR K 196 116.93 34.44 -4.70
CA THR K 196 115.66 35.00 -5.13
C THR K 196 114.52 34.01 -4.93
N ASP K 197 113.34 34.57 -4.63
CA ASP K 197 112.13 33.79 -4.42
C ASP K 197 111.37 33.53 -5.72
N GLU K 198 111.51 34.41 -6.71
CA GLU K 198 110.80 34.29 -7.97
C GLU K 198 111.60 34.95 -9.09
N THR K 199 111.55 34.33 -10.26
CA THR K 199 112.29 34.78 -11.43
C THR K 199 111.51 34.41 -12.68
N TYR K 200 111.53 35.29 -13.69
CA TYR K 200 110.86 35.09 -14.97
C TYR K 200 111.91 34.81 -16.04
N SER K 201 111.85 33.62 -16.61
CA SER K 201 112.79 33.17 -17.64
C SER K 201 112.31 33.65 -19.01
N ILE K 202 112.99 34.67 -19.54
CA ILE K 202 112.66 35.27 -20.84
C ILE K 202 113.81 34.94 -21.79
N ASP K 203 113.45 34.34 -22.93
CA ASP K 203 114.41 33.95 -23.96
C ASP K 203 114.34 34.95 -25.12
N ASN K 204 115.51 35.37 -25.59
CA ASN K 204 115.57 36.43 -26.59
C ASN K 204 115.07 35.97 -27.95
N GLU K 205 115.30 34.71 -28.31
CA GLU K 205 114.84 34.23 -29.62
C GLU K 205 113.32 34.17 -29.68
N ALA K 206 112.66 33.87 -28.56
CA ALA K 206 111.21 33.85 -28.52
C ALA K 206 110.61 35.24 -28.67
N LEU K 207 111.35 36.28 -28.28
CA LEU K 207 110.90 37.64 -28.53
C LEU K 207 110.84 37.92 -30.02
N TYR K 208 111.76 37.30 -30.79
CA TYR K 208 111.69 37.40 -32.25
C TYR K 208 110.68 36.43 -32.84
N ASP K 209 110.51 35.27 -32.21
CA ASP K 209 109.58 34.27 -32.75
C ASP K 209 108.14 34.75 -32.64
N ILE K 210 107.80 35.43 -31.55
CA ILE K 210 106.43 35.91 -31.36
C ILE K 210 106.10 37.07 -32.28
N CYS K 211 107.09 37.87 -32.68
CA CYS K 211 106.83 39.03 -33.52
C CYS K 211 106.65 38.68 -34.99
N PHE K 212 107.07 37.48 -35.42
CA PHE K 212 106.84 37.04 -36.80
C PHE K 212 105.42 36.54 -36.96
N ARG K 213 105.00 35.60 -36.11
CA ARG K 213 103.76 34.85 -36.33
C ARG K 213 102.54 35.70 -36.01
N THR K 214 102.43 36.17 -34.77
CA THR K 214 101.23 36.85 -34.30
C THR K 214 101.24 38.34 -34.60
N LEU K 215 102.31 39.05 -34.26
CA LEU K 215 102.38 40.49 -34.44
C LEU K 215 102.83 40.89 -35.85
N LYS K 216 103.66 40.05 -36.48
CA LYS K 216 104.12 40.19 -37.88
C LYS K 216 104.66 41.59 -38.19
N LEU K 217 105.51 42.09 -37.30
CA LEU K 217 106.21 43.34 -37.57
C LEU K 217 107.28 43.14 -38.63
N THR K 218 107.25 43.98 -39.66
CA THR K 218 108.20 43.89 -40.76
C THR K 218 109.56 44.53 -40.44
N THR K 219 109.60 45.47 -39.51
CA THR K 219 110.84 46.15 -39.11
C THR K 219 110.88 46.29 -37.59
N PRO K 220 111.02 45.19 -36.87
CA PRO K 220 111.06 45.27 -35.40
C PRO K 220 112.42 45.66 -34.88
N THR K 221 112.41 46.56 -33.89
CA THR K 221 113.59 47.02 -33.18
C THR K 221 113.54 46.50 -31.74
N TYR K 222 114.57 46.83 -30.95
CA TYR K 222 114.59 46.41 -29.56
C TYR K 222 113.48 47.09 -28.76
N GLY K 223 113.06 48.28 -29.15
CA GLY K 223 111.97 48.95 -28.43
C GLY K 223 110.66 48.21 -28.55
N ASP K 224 110.42 47.56 -29.70
CA ASP K 224 109.21 46.75 -29.84
C ASP K 224 109.26 45.52 -28.95
N LEU K 225 110.46 44.94 -28.79
CA LEU K 225 110.60 43.80 -27.89
C LEU K 225 110.42 44.20 -26.44
N ASN K 226 110.86 45.41 -26.08
CA ASN K 226 110.68 45.90 -24.72
C ASN K 226 109.22 46.16 -24.39
N HIS K 227 108.39 46.45 -25.40
CA HIS K 227 106.99 46.78 -25.14
C HIS K 227 106.21 45.57 -24.65
N LEU K 228 106.43 44.41 -25.27
CA LEU K 228 105.65 43.22 -24.92
C LEU K 228 106.10 42.61 -23.60
N VAL K 229 107.40 42.67 -23.28
CA VAL K 229 107.88 42.14 -22.01
C VAL K 229 107.58 43.10 -20.86
N SER K 230 107.55 44.42 -21.12
CA SER K 230 107.16 45.37 -20.10
C SER K 230 105.68 45.30 -19.76
N ALA K 231 104.85 44.83 -20.69
CA ALA K 231 103.43 44.62 -20.39
C ALA K 231 103.27 43.53 -19.35
N THR K 232 104.11 42.50 -19.40
CA THR K 232 104.09 41.46 -18.38
C THR K 232 104.50 41.99 -17.02
N MET K 233 105.43 42.95 -16.98
CA MET K 233 105.78 43.58 -15.71
C MET K 233 104.62 44.38 -15.14
N SER K 234 103.78 44.94 -16.00
CA SER K 234 102.58 45.63 -15.54
C SER K 234 101.48 44.66 -15.13
N GLY K 235 101.44 43.46 -15.75
CA GLY K 235 100.41 42.51 -15.41
C GLY K 235 100.62 41.85 -14.06
N VAL K 236 101.86 41.62 -13.67
CA VAL K 236 102.14 40.96 -12.40
C VAL K 236 101.80 41.85 -11.22
N THR K 237 101.92 43.18 -11.36
CA THR K 237 101.67 44.15 -10.30
C THR K 237 100.43 44.98 -10.58
N THR K 238 99.42 44.40 -11.22
CA THR K 238 98.17 45.11 -11.51
C THR K 238 97.22 45.07 -10.33
N CYS K 239 97.23 43.98 -9.55
CA CYS K 239 96.26 43.81 -8.49
C CYS K 239 96.41 44.83 -7.37
N LEU K 240 97.64 45.29 -7.09
CA LEU K 240 97.90 46.28 -6.05
C LEU K 240 98.03 47.70 -6.59
N ARG K 241 98.10 47.88 -7.92
CA ARG K 241 98.06 49.21 -8.54
C ARG K 241 96.65 49.68 -8.85
N PHE K 242 95.67 48.79 -8.93
CA PHE K 242 94.27 49.13 -9.19
C PHE K 242 93.41 48.11 -8.46
N PRO K 243 92.15 48.43 -8.15
CA PRO K 243 91.31 47.45 -7.46
C PRO K 243 90.81 46.38 -8.42
N GLY K 244 90.34 45.28 -7.84
CA GLY K 244 89.85 44.16 -8.62
C GLY K 244 88.94 43.28 -7.79
N GLN K 245 88.23 42.39 -8.49
CA GLN K 245 87.31 41.48 -7.83
C GLN K 245 88.05 40.36 -7.11
N LEU K 246 89.24 39.97 -7.62
CA LEU K 246 90.08 38.94 -7.00
C LEU K 246 91.52 39.42 -7.14
N ASN K 247 92.01 40.09 -6.11
CA ASN K 247 93.37 40.61 -6.09
C ASN K 247 94.35 39.53 -5.69
N ALA K 248 95.50 39.50 -6.36
CA ALA K 248 96.59 38.59 -6.04
C ALA K 248 97.87 39.38 -5.99
N ASP K 249 98.41 39.56 -4.79
CA ASP K 249 99.67 40.28 -4.61
C ASP K 249 100.82 39.45 -5.15
N LEU K 250 102.01 40.06 -5.21
CA LEU K 250 103.20 39.36 -5.69
C LEU K 250 103.56 38.20 -4.77
N ARG K 251 103.29 38.33 -3.47
CA ARG K 251 103.49 37.22 -2.56
C ARG K 251 102.42 36.14 -2.76
N LYS K 252 101.19 36.56 -3.08
CA LYS K 252 100.14 35.60 -3.39
C LYS K 252 100.43 34.82 -4.67
N LEU K 253 101.16 35.43 -5.62
CA LEU K 253 101.61 34.69 -6.80
C LEU K 253 102.75 33.74 -6.46
N ALA K 254 103.56 34.08 -5.46
CA ALA K 254 104.75 33.27 -5.17
C ALA K 254 104.38 31.91 -4.58
N VAL K 255 103.42 31.88 -3.64
CA VAL K 255 103.11 30.63 -2.96
C VAL K 255 102.43 29.65 -3.90
N ASN K 256 101.67 30.14 -4.88
CA ASN K 256 101.01 29.27 -5.84
C ASN K 256 101.95 28.78 -6.94
N MET K 257 102.98 29.56 -7.28
CA MET K 257 103.88 29.25 -8.38
C MET K 257 105.19 28.60 -7.95
N VAL K 258 105.58 28.72 -6.68
CA VAL K 258 106.86 28.23 -6.17
C VAL K 258 106.58 27.07 -5.23
N PRO K 259 106.35 25.85 -5.76
CA PRO K 259 106.05 24.72 -4.86
C PRO K 259 107.22 24.25 -4.02
N PHE K 260 108.46 24.53 -4.47
CA PHE K 260 109.68 24.17 -3.77
C PHE K 260 110.61 25.37 -3.79
N PRO K 261 111.59 25.46 -2.86
CA PRO K 261 112.37 26.71 -2.75
C PRO K 261 113.26 27.00 -3.95
N ARG K 262 113.68 25.98 -4.70
CA ARG K 262 114.55 26.15 -5.86
C ARG K 262 113.77 26.27 -7.17
N LEU K 263 112.59 25.63 -7.26
CA LEU K 263 111.79 25.64 -8.48
C LEU K 263 110.91 26.89 -8.50
N HIS K 264 111.53 28.01 -8.90
CA HIS K 264 110.86 29.30 -9.01
C HIS K 264 111.20 30.03 -10.32
N PHE K 265 111.71 29.32 -11.33
CA PHE K 265 112.00 29.92 -12.63
C PHE K 265 110.76 29.80 -13.50
N PHE K 266 110.12 30.92 -13.79
CA PHE K 266 108.83 30.96 -14.46
C PHE K 266 109.02 31.19 -15.96
N MET K 267 107.89 31.21 -16.67
CA MET K 267 107.85 31.33 -18.13
C MET K 267 106.74 32.33 -18.51
N PRO K 268 107.02 33.62 -18.70
CA PRO K 268 105.93 34.58 -18.89
C PRO K 268 105.29 34.52 -20.27
N GLY K 269 104.12 35.15 -20.36
CA GLY K 269 103.39 35.26 -21.60
C GLY K 269 102.37 36.37 -21.49
N PHE K 270 101.87 36.82 -22.64
CA PHE K 270 100.95 37.94 -22.70
C PHE K 270 100.04 37.82 -23.91
N ALA K 271 98.81 38.33 -23.76
CA ALA K 271 97.81 38.36 -24.82
C ALA K 271 96.89 39.54 -24.52
N PRO K 272 96.21 40.12 -25.52
CA PRO K 272 96.17 39.83 -26.96
C PRO K 272 97.40 40.32 -27.70
N LEU K 273 97.95 39.47 -28.56
CA LEU K 273 99.05 39.80 -29.47
C LEU K 273 98.50 39.65 -30.88
N THR K 274 98.05 40.77 -31.45
CA THR K 274 97.43 40.80 -32.78
C THR K 274 97.90 42.03 -33.52
N SER K 275 98.17 41.86 -34.82
CA SER K 275 98.61 42.95 -35.66
C SER K 275 97.44 43.89 -35.96
N ARG K 276 97.78 45.07 -36.48
CA ARG K 276 96.75 46.03 -36.86
C ARG K 276 95.94 45.55 -38.05
N GLY K 277 96.57 44.81 -38.96
CA GLY K 277 95.87 44.25 -40.11
C GLY K 277 94.98 43.05 -39.82
N SER K 278 94.93 42.59 -38.56
CA SER K 278 94.07 41.47 -38.16
C SER K 278 93.38 41.73 -36.82
N GLN K 279 93.25 42.99 -36.41
CA GLN K 279 92.56 43.31 -35.15
C GLN K 279 91.05 43.22 -35.32
N GLN K 280 90.53 43.69 -36.46
CA GLN K 280 89.09 43.66 -36.70
C GLN K 280 88.56 42.24 -36.84
N TYR K 281 89.40 41.28 -37.24
CA TYR K 281 89.00 39.90 -37.47
C TYR K 281 89.23 39.01 -36.25
N ARG K 282 89.11 39.58 -35.04
CA ARG K 282 89.31 38.85 -33.80
C ARG K 282 88.28 39.31 -32.77
N ALA K 283 87.78 38.36 -31.99
CA ALA K 283 86.84 38.63 -30.91
C ALA K 283 87.59 38.74 -29.59
N LEU K 284 87.29 39.78 -28.82
CA LEU K 284 87.93 40.03 -27.54
C LEU K 284 87.37 39.18 -26.40
N THR K 285 86.46 38.23 -26.67
CA THR K 285 85.96 37.36 -25.63
C THR K 285 87.07 36.44 -25.11
N VAL K 286 86.90 35.99 -23.88
CA VAL K 286 87.94 35.24 -23.17
C VAL K 286 88.30 33.87 -23.75
N PRO K 287 87.43 33.10 -24.43
CA PRO K 287 87.92 31.80 -24.95
C PRO K 287 88.94 31.95 -26.07
N GLU K 288 88.83 32.99 -26.89
CA GLU K 288 89.87 33.23 -27.89
C GLU K 288 91.15 33.73 -27.23
N LEU K 289 91.04 34.36 -26.06
CA LEU K 289 92.23 34.76 -25.29
C LEU K 289 92.84 33.59 -24.53
N THR K 290 92.01 32.69 -24.02
CA THR K 290 92.53 31.60 -23.19
C THR K 290 93.33 30.61 -24.03
N GLN K 291 92.86 30.29 -25.24
CA GLN K 291 93.61 29.42 -26.13
C GLN K 291 94.93 30.05 -26.57
N GLN K 292 95.01 31.38 -26.61
CA GLN K 292 96.26 32.06 -26.93
C GLN K 292 97.20 32.08 -25.72
N MET K 293 96.67 32.09 -24.51
CA MET K 293 97.52 32.13 -23.32
C MET K 293 98.30 30.84 -23.15
N PHE K 294 97.60 29.70 -23.18
CA PHE K 294 98.21 28.39 -23.02
C PHE K 294 98.79 27.84 -24.32
N ASP K 295 98.87 28.64 -25.39
CA ASP K 295 99.45 28.16 -26.63
C ASP K 295 100.94 27.90 -26.47
N SER K 296 101.42 26.84 -27.13
CA SER K 296 102.83 26.48 -27.07
C SER K 296 103.74 27.54 -27.68
N LYS K 297 103.26 28.27 -28.68
CA LYS K 297 104.06 29.25 -29.43
C LYS K 297 103.87 30.68 -28.95
N ASN K 298 102.94 30.95 -28.03
CA ASN K 298 102.67 32.31 -27.59
C ASN K 298 103.67 32.83 -26.58
N MET K 299 104.25 31.95 -25.76
CA MET K 299 105.09 32.37 -24.66
C MET K 299 106.42 32.94 -25.17
N MET K 300 107.08 33.72 -24.30
CA MET K 300 108.37 34.35 -24.59
C MET K 300 109.56 33.49 -24.14
N ALA K 301 109.39 32.16 -24.14
CA ALA K 301 110.49 31.22 -23.94
C ALA K 301 110.41 30.15 -25.02
N ALA K 302 111.57 29.75 -25.53
CA ALA K 302 111.65 28.80 -26.62
C ALA K 302 111.40 27.35 -26.20
N CYS K 303 111.25 27.07 -24.91
CA CYS K 303 111.00 25.71 -24.45
C CYS K 303 109.57 25.32 -24.75
N ASP K 304 109.39 24.21 -25.45
CA ASP K 304 108.06 23.76 -25.83
C ASP K 304 107.41 23.06 -24.65
N PRO K 305 106.26 23.53 -24.14
CA PRO K 305 105.70 22.87 -22.93
C PRO K 305 105.16 21.47 -23.18
N ARG K 306 104.84 21.11 -24.42
CA ARG K 306 104.32 19.78 -24.71
C ARG K 306 105.34 18.69 -24.48
N HIS K 307 106.64 19.00 -24.50
CA HIS K 307 107.68 18.04 -24.16
C HIS K 307 107.82 17.78 -22.66
N GLY K 308 107.05 18.47 -21.81
CA GLY K 308 107.07 18.27 -20.37
C GLY K 308 105.69 18.36 -19.77
N ARG K 309 105.63 18.75 -18.48
CA ARG K 309 104.39 18.87 -17.74
C ARG K 309 104.44 20.11 -16.86
N TYR K 310 103.34 20.86 -16.85
CA TYR K 310 103.27 22.08 -16.06
C TYR K 310 103.23 21.77 -14.57
N LEU K 311 104.16 22.37 -13.81
CA LEU K 311 104.12 22.24 -12.37
C LEU K 311 103.01 23.10 -11.77
N THR K 312 102.92 24.35 -12.21
CA THR K 312 101.90 25.26 -11.72
C THR K 312 101.90 26.50 -12.59
N VAL K 313 100.72 27.08 -12.78
CA VAL K 313 100.50 28.17 -13.73
C VAL K 313 99.56 29.18 -13.09
N ALA K 314 99.72 30.45 -13.47
CA ALA K 314 98.90 31.55 -12.99
C ALA K 314 98.55 32.46 -14.15
N ALA K 315 97.33 33.00 -14.13
CA ALA K 315 96.83 33.90 -15.17
C ALA K 315 96.12 35.05 -14.48
N ILE K 316 96.70 36.25 -14.60
CA ILE K 316 96.15 37.47 -14.01
C ILE K 316 95.46 38.23 -15.13
N PHE K 317 94.14 38.22 -15.14
CA PHE K 317 93.34 38.91 -16.14
C PHE K 317 93.23 40.39 -15.81
N ARG K 318 92.75 41.16 -16.79
CA ARG K 318 92.55 42.59 -16.65
C ARG K 318 91.32 43.02 -17.43
N GLY K 319 90.53 43.92 -16.84
CA GLY K 319 89.34 44.47 -17.47
C GLY K 319 88.06 43.87 -16.92
N ARG K 320 86.95 44.59 -17.11
CA ARG K 320 85.65 44.11 -16.65
C ARG K 320 85.23 42.93 -17.51
N MET K 321 84.93 41.80 -16.87
CA MET K 321 84.58 40.58 -17.59
C MET K 321 83.71 39.71 -16.68
N SER K 322 83.19 38.63 -17.26
CA SER K 322 82.35 37.68 -16.56
C SER K 322 83.21 36.56 -16.00
N MET K 323 82.98 36.23 -14.72
CA MET K 323 83.83 35.26 -14.03
C MET K 323 83.54 33.82 -14.43
N LYS K 324 82.28 33.52 -14.80
CA LYS K 324 81.93 32.16 -15.17
C LYS K 324 82.67 31.71 -16.42
N GLU K 325 82.66 32.55 -17.46
CA GLU K 325 83.43 32.26 -18.66
C GLU K 325 84.93 32.23 -18.38
N VAL K 326 85.40 33.03 -17.42
CA VAL K 326 86.81 33.02 -17.06
C VAL K 326 87.15 31.72 -16.34
N ASP K 327 86.37 31.36 -15.32
CA ASP K 327 86.69 30.19 -14.51
C ASP K 327 86.51 28.89 -15.30
N GLU K 328 85.45 28.81 -16.11
CA GLU K 328 85.20 27.58 -16.86
C GLU K 328 86.24 27.34 -17.94
N GLN K 329 86.87 28.41 -18.46
CA GLN K 329 87.94 28.23 -19.41
C GLN K 329 89.17 27.59 -18.77
N MET K 330 89.38 27.84 -17.48
CA MET K 330 90.49 27.19 -16.78
C MET K 330 90.21 25.71 -16.55
N LEU K 331 88.94 25.28 -16.62
CA LEU K 331 88.62 23.87 -16.42
C LEU K 331 88.94 23.05 -17.67
N ASN K 332 88.38 23.44 -18.81
CA ASN K 332 88.56 22.64 -20.02
C ASN K 332 89.98 22.73 -20.58
N VAL K 333 90.72 23.79 -20.25
CA VAL K 333 92.08 23.93 -20.78
C VAL K 333 93.04 22.90 -20.16
N GLN K 334 92.80 22.48 -18.91
CA GLN K 334 93.68 21.57 -18.21
C GLN K 334 93.26 20.11 -18.30
N ASN K 335 91.95 19.83 -18.32
CA ASN K 335 91.50 18.43 -18.34
C ASN K 335 91.62 17.81 -19.73
N LYS K 336 91.39 18.59 -20.78
CA LYS K 336 91.62 18.09 -22.14
C LYS K 336 93.09 17.83 -22.44
N ASN K 337 94.01 18.48 -21.73
CA ASN K 337 95.45 18.37 -21.90
C ASN K 337 96.11 17.85 -20.63
N SER K 338 95.50 16.82 -20.03
CA SER K 338 95.98 16.24 -18.78
C SER K 338 97.39 15.66 -18.89
N SER K 339 97.81 15.25 -20.08
CA SER K 339 99.18 14.77 -20.26
C SER K 339 100.20 15.87 -20.02
N TYR K 340 99.86 17.12 -20.34
CA TYR K 340 100.74 18.27 -20.15
C TYR K 340 100.55 18.93 -18.78
N PHE K 341 99.96 18.23 -17.80
CA PHE K 341 99.80 18.74 -16.45
C PHE K 341 100.03 17.60 -15.47
N VAL K 342 100.69 17.91 -14.35
CA VAL K 342 101.04 16.89 -13.37
C VAL K 342 99.79 16.38 -12.68
N GLU K 343 99.72 15.06 -12.51
CA GLU K 343 98.60 14.40 -11.84
C GLU K 343 98.68 14.45 -10.32
N TRP K 344 99.85 14.71 -9.74
CA TRP K 344 100.02 14.84 -8.29
C TRP K 344 99.68 16.23 -7.77
N ILE K 345 99.00 17.07 -8.55
CA ILE K 345 98.42 18.33 -8.09
C ILE K 345 97.01 18.38 -8.68
N PRO K 346 95.96 18.64 -7.90
CA PRO K 346 94.62 18.57 -8.49
C PRO K 346 94.30 19.76 -9.38
N ASN K 347 94.79 20.95 -9.04
CA ASN K 347 94.52 22.18 -9.77
C ASN K 347 95.80 22.99 -9.85
N ASN K 348 96.33 23.12 -11.07
CA ASN K 348 97.57 23.84 -11.31
C ASN K 348 97.37 25.32 -11.62
N VAL K 349 96.14 25.77 -11.87
CA VAL K 349 95.87 27.11 -12.36
C VAL K 349 95.58 28.03 -11.17
N LYS K 350 96.05 29.27 -11.25
CA LYS K 350 95.78 30.33 -10.29
C LYS K 350 95.12 31.48 -11.04
N THR K 351 94.00 31.98 -10.50
CA THR K 351 93.16 32.96 -11.14
C THR K 351 93.28 34.32 -10.44
N ALA K 352 93.11 35.38 -11.23
CA ALA K 352 93.11 36.75 -10.73
C ALA K 352 92.61 37.65 -11.83
N VAL K 353 91.93 38.74 -11.45
CA VAL K 353 91.31 39.66 -12.39
C VAL K 353 91.33 41.06 -11.79
N CYS K 354 91.33 42.06 -12.67
CA CYS K 354 91.28 43.47 -12.29
C CYS K 354 90.20 44.18 -13.10
N ASP K 355 89.69 45.27 -12.54
CA ASP K 355 88.61 46.05 -13.15
C ASP K 355 89.09 47.19 -14.05
N ILE K 356 90.40 47.44 -14.12
CA ILE K 356 90.96 48.60 -14.83
C ILE K 356 91.91 48.08 -15.91
N PRO K 357 91.50 47.91 -17.17
CA PRO K 357 92.41 47.32 -18.16
C PRO K 357 93.44 48.33 -18.63
N PRO K 358 94.38 47.93 -19.49
CA PRO K 358 95.30 48.90 -20.07
C PRO K 358 94.58 49.91 -20.95
N ARG K 359 95.26 51.04 -21.19
CA ARG K 359 94.71 52.07 -22.05
C ARG K 359 94.79 51.61 -23.50
N GLY K 360 93.67 51.71 -24.21
CA GLY K 360 93.56 51.27 -25.59
C GLY K 360 93.09 49.84 -25.78
N LEU K 361 92.97 49.05 -24.71
CA LEU K 361 92.50 47.67 -24.77
C LEU K 361 91.47 47.45 -23.67
N LYS K 362 90.39 46.76 -24.02
CA LYS K 362 89.31 46.46 -23.09
C LYS K 362 89.46 45.12 -22.38
N MET K 363 90.18 44.18 -22.98
CA MET K 363 90.39 42.84 -22.43
C MET K 363 91.84 42.46 -22.61
N SER K 364 92.45 41.94 -21.54
CA SER K 364 93.84 41.52 -21.60
C SER K 364 94.15 40.64 -20.39
N ALA K 365 95.27 39.95 -20.48
CA ALA K 365 95.72 39.07 -19.42
C ALA K 365 97.20 38.78 -19.61
N THR K 366 97.84 38.26 -18.57
CA THR K 366 99.24 37.86 -18.57
C THR K 366 99.36 36.42 -18.10
N PHE K 367 100.17 35.66 -18.83
CA PHE K 367 100.36 34.23 -18.60
C PHE K 367 101.67 34.04 -17.83
N ILE K 368 101.58 33.34 -16.71
CA ILE K 368 102.72 33.06 -15.83
C ILE K 368 102.71 31.57 -15.58
N GLY K 369 103.77 30.88 -16.00
CA GLY K 369 103.86 29.43 -15.96
C GLY K 369 105.19 28.90 -15.47
N ASN K 370 105.15 27.99 -14.51
CA ASN K 370 106.31 27.23 -14.05
C ASN K 370 106.15 25.81 -14.59
N SER K 371 106.94 25.48 -15.61
CA SER K 371 106.85 24.21 -16.33
C SER K 371 108.20 23.51 -16.27
N THR K 372 108.15 22.18 -16.40
CA THR K 372 109.36 21.36 -16.46
C THR K 372 110.04 21.40 -17.82
N ALA K 373 109.45 22.05 -18.83
CA ALA K 373 110.13 22.22 -20.11
C ALA K 373 111.32 23.18 -20.03
N ILE K 374 111.41 23.99 -18.98
CA ILE K 374 112.52 24.93 -18.82
C ILE K 374 113.86 24.24 -18.67
N GLN K 375 113.89 22.96 -18.28
CA GLN K 375 115.16 22.23 -18.18
C GLN K 375 115.85 22.08 -19.54
N GLU K 376 115.11 22.15 -20.65
CA GLU K 376 115.74 22.12 -21.96
C GLU K 376 116.66 23.32 -22.15
N LEU K 377 116.28 24.48 -21.62
CA LEU K 377 117.18 25.63 -21.64
C LEU K 377 118.39 25.39 -20.74
N PHE K 378 118.18 24.80 -19.57
CA PHE K 378 119.30 24.48 -18.70
C PHE K 378 120.15 23.34 -19.28
N LYS K 379 119.55 22.47 -20.10
CA LYS K 379 120.33 21.45 -20.78
C LYS K 379 121.31 22.08 -21.76
N ARG K 380 120.82 22.88 -22.71
CA ARG K 380 121.67 23.46 -23.74
C ARG K 380 122.66 24.47 -23.15
N ILE K 381 122.25 25.20 -22.11
CA ILE K 381 123.17 26.14 -21.47
C ILE K 381 124.27 25.38 -20.74
N SER K 382 123.92 24.25 -20.13
CA SER K 382 124.91 23.45 -19.41
C SER K 382 125.91 22.81 -20.37
N GLU K 383 125.42 22.33 -21.52
CA GLU K 383 126.32 21.71 -22.49
C GLU K 383 127.26 22.73 -23.12
N GLN K 384 126.79 23.95 -23.34
CA GLN K 384 127.67 25.00 -23.84
C GLN K 384 128.71 25.39 -22.81
N PHE K 385 128.34 25.38 -21.53
CA PHE K 385 129.32 25.68 -20.48
C PHE K 385 130.30 24.53 -20.31
N THR K 386 129.82 23.29 -20.31
CA THR K 386 130.70 22.15 -20.18
C THR K 386 131.60 21.97 -21.40
N ALA K 387 131.11 22.35 -22.58
CA ALA K 387 131.93 22.25 -23.79
C ALA K 387 133.11 23.19 -23.77
N MET K 388 132.95 24.38 -23.21
CA MET K 388 134.02 25.37 -23.12
C MET K 388 134.85 25.24 -21.85
N PHE K 389 134.26 24.71 -20.78
CA PHE K 389 134.96 24.57 -19.50
C PHE K 389 135.88 23.35 -19.45
N ARG K 390 135.60 22.31 -20.24
CA ARG K 390 136.35 21.07 -20.14
C ARG K 390 137.81 21.20 -20.59
N ARG K 391 138.14 22.25 -21.34
CA ARG K 391 139.53 22.60 -21.67
C ARG K 391 139.92 23.97 -21.13
N LYS K 392 139.16 24.54 -20.19
CA LYS K 392 139.52 25.80 -19.52
C LYS K 392 139.61 26.96 -20.51
N ALA K 393 138.69 27.00 -21.47
CA ALA K 393 138.66 28.08 -22.44
C ALA K 393 138.03 29.33 -21.85
N PHE K 394 138.67 30.48 -22.13
CA PHE K 394 138.17 31.79 -21.71
C PHE K 394 138.07 31.93 -20.19
N LEU K 395 138.95 31.24 -19.45
CA LEU K 395 138.99 31.30 -17.99
C LEU K 395 140.15 32.14 -17.45
N HIS K 396 141.20 32.37 -18.24
CA HIS K 396 142.35 33.10 -17.73
C HIS K 396 142.02 34.56 -17.46
N TRP K 397 141.04 35.13 -18.18
CA TRP K 397 140.60 36.49 -17.88
C TRP K 397 139.89 36.56 -16.54
N TYR K 398 139.15 35.52 -16.17
CA TYR K 398 138.44 35.51 -14.89
C TYR K 398 139.40 35.36 -13.73
N THR K 399 140.48 34.59 -13.91
CA THR K 399 141.47 34.40 -12.85
C THR K 399 142.27 35.67 -12.55
N GLY K 400 142.32 36.62 -13.49
CA GLY K 400 143.00 37.88 -13.24
C GLY K 400 142.40 38.69 -12.11
N GLU K 401 141.10 38.58 -11.89
CA GLU K 401 140.40 39.25 -10.79
C GLU K 401 140.40 38.43 -9.50
N GLY K 402 141.22 37.37 -9.41
CA GLY K 402 141.27 36.55 -8.22
C GLY K 402 140.21 35.48 -8.12
N MET K 403 139.52 35.17 -9.21
CA MET K 403 138.48 34.15 -9.19
C MET K 403 139.10 32.77 -9.37
N ASP K 404 138.56 31.80 -8.63
CA ASP K 404 139.02 30.43 -8.65
C ASP K 404 138.20 29.59 -9.62
N GLU K 405 138.85 28.60 -10.22
CA GLU K 405 138.17 27.68 -11.13
C GLU K 405 137.22 26.74 -10.43
N MET K 406 137.36 26.54 -9.11
CA MET K 406 136.42 25.70 -8.37
C MET K 406 135.03 26.31 -8.34
N GLU K 407 134.94 27.65 -8.34
CA GLU K 407 133.64 28.30 -8.35
C GLU K 407 132.89 28.01 -9.64
N PHE K 408 133.61 27.87 -10.76
CA PHE K 408 132.99 27.43 -12.00
C PHE K 408 132.49 25.99 -11.87
N THR K 409 133.25 25.15 -11.16
CA THR K 409 132.80 23.78 -10.93
C THR K 409 131.63 23.74 -9.96
N GLU K 410 131.66 24.61 -8.93
CA GLU K 410 130.53 24.71 -8.02
C GLU K 410 129.29 25.24 -8.73
N ALA K 411 129.46 26.18 -9.65
CA ALA K 411 128.34 26.61 -10.48
C ALA K 411 127.87 25.48 -11.38
N GLU K 412 128.79 24.65 -11.85
CA GLU K 412 128.41 23.49 -12.66
C GLU K 412 127.69 22.45 -11.81
N SER K 413 128.05 22.32 -10.54
CA SER K 413 127.34 21.39 -9.66
C SER K 413 125.91 21.85 -9.43
N ASN K 414 125.69 23.16 -9.29
CA ASN K 414 124.34 23.67 -9.16
C ASN K 414 123.52 23.48 -10.43
N MET K 415 124.18 23.47 -11.59
CA MET K 415 123.45 23.42 -12.86
C MET K 415 122.79 22.07 -13.06
N ASN K 416 123.55 20.98 -12.90
CA ASN K 416 122.96 19.65 -13.04
C ASN K 416 122.00 19.32 -11.91
N ASP K 417 122.16 19.95 -10.74
CA ASP K 417 121.24 19.70 -9.63
C ASP K 417 119.85 20.24 -9.95
N LEU K 418 119.75 21.52 -10.32
CA LEU K 418 118.44 22.08 -10.66
C LEU K 418 117.87 21.45 -11.93
N VAL K 419 118.73 20.98 -12.83
CA VAL K 419 118.25 20.22 -13.98
C VAL K 419 117.60 18.92 -13.53
N SER K 420 118.29 18.19 -12.64
CA SER K 420 117.73 16.95 -12.12
C SER K 420 116.53 17.20 -11.21
N GLU K 421 116.44 18.39 -10.60
CA GLU K 421 115.28 18.70 -9.79
C GLU K 421 114.02 18.82 -10.64
N TYR K 422 114.12 19.52 -11.78
CA TYR K 422 113.00 19.57 -12.72
C TYR K 422 112.68 18.20 -13.30
N GLN K 423 113.69 17.34 -13.47
CA GLN K 423 113.46 16.00 -14.00
C GLN K 423 112.78 15.09 -12.97
N GLN K 424 112.93 15.39 -11.68
CA GLN K 424 112.27 14.60 -10.64
C GLN K 424 110.75 14.69 -10.77
N TYR K 425 110.24 15.89 -11.06
CA TYR K 425 108.81 16.17 -11.09
C TYR K 425 108.25 16.16 -12.51
N GLN K 426 108.77 15.28 -13.37
CA GLN K 426 108.26 15.07 -14.73
C GLN K 426 108.11 13.58 -15.01
N ALA L 28 130.94 -0.99 2.25
CA ALA L 28 130.32 -0.58 1.00
C ALA L 28 128.98 0.12 1.27
N GLU L 29 128.15 -0.52 2.08
CA GLU L 29 126.84 0.01 2.47
C GLU L 29 126.56 -0.39 3.91
N CYS L 30 126.31 0.61 4.76
CA CYS L 30 126.02 0.42 6.17
C CYS L 30 124.75 1.19 6.54
N ASN L 31 123.85 0.53 7.26
CA ASN L 31 122.60 1.16 7.66
C ASN L 31 122.82 2.16 8.78
N ILE L 32 122.11 3.28 8.71
CA ILE L 32 122.21 4.32 9.73
C ILE L 32 121.51 3.81 10.98
N LYS L 33 122.23 3.82 12.11
CA LYS L 33 121.67 3.32 13.36
C LYS L 33 120.68 4.33 13.91
N VAL L 34 119.44 3.87 14.14
CA VAL L 34 118.34 4.69 14.65
C VAL L 34 118.05 4.21 16.07
N MET L 35 118.30 5.08 17.05
CA MET L 35 118.06 4.82 18.46
C MET L 35 117.09 5.88 19.00
N CYS L 36 116.44 5.54 20.11
CA CYS L 36 115.44 6.38 20.76
C CYS L 36 115.78 6.53 22.23
N ARG L 37 115.38 7.68 22.81
CA ARG L 37 115.58 7.96 24.23
C ARG L 37 114.41 8.76 24.74
N PHE L 38 113.80 8.28 25.83
CA PHE L 38 112.81 9.01 26.60
C PHE L 38 113.45 9.50 27.89
N ARG L 39 112.91 10.61 28.43
CA ARG L 39 113.42 11.28 29.61
C ARG L 39 112.38 11.24 30.74
N PRO L 40 112.72 11.63 31.96
CA PRO L 40 111.69 11.84 32.99
C PRO L 40 110.88 13.09 32.71
N LEU L 41 109.75 13.20 33.41
CA LEU L 41 108.90 14.37 33.29
C LEU L 41 109.51 15.55 34.02
N ASN L 42 109.60 16.69 33.34
CA ASN L 42 110.19 17.90 33.91
C ASN L 42 109.17 18.57 34.81
N GLU L 43 109.51 19.76 35.31
CA GLU L 43 108.65 20.45 36.28
C GLU L 43 107.36 20.97 35.64
N SER L 44 107.39 21.35 34.37
CA SER L 44 106.22 21.92 33.72
C SER L 44 105.17 20.88 33.34
N GLU L 45 105.52 19.60 33.31
CA GLU L 45 104.60 18.53 32.90
C GLU L 45 103.96 17.81 34.08
N VAL L 46 104.70 17.60 35.17
CA VAL L 46 104.14 16.86 36.30
C VAL L 46 103.05 17.67 37.01
N ASN L 47 103.19 19.00 37.07
CA ASN L 47 102.17 19.83 37.69
C ASN L 47 100.91 19.96 36.85
N ARG L 48 101.02 19.82 35.53
CA ARG L 48 99.84 19.87 34.67
C ARG L 48 99.04 18.57 34.77
N GLY L 49 99.72 17.44 34.95
CA GLY L 49 99.10 16.15 35.18
C GLY L 49 99.12 15.24 33.97
N ASP L 50 100.22 15.28 33.21
CA ASP L 50 100.36 14.43 32.04
C ASP L 50 100.67 13.00 32.44
N LYS L 51 100.10 12.05 31.69
CA LYS L 51 100.26 10.64 31.97
C LYS L 51 101.50 10.09 31.25
N TYR L 52 102.17 9.14 31.89
CA TYR L 52 103.39 8.54 31.36
C TYR L 52 103.01 7.47 30.34
N ILE L 53 102.96 7.87 29.06
CA ILE L 53 102.52 6.97 27.99
C ILE L 53 103.64 6.08 27.45
N ALA L 54 104.90 6.34 27.83
CA ALA L 54 106.02 5.61 27.25
C ALA L 54 106.02 4.18 27.78
N LYS L 55 105.79 3.22 26.89
CA LYS L 55 105.80 1.80 27.19
C LYS L 55 106.88 1.12 26.37
N PHE L 56 107.82 0.47 27.05
CA PHE L 56 108.97 -0.17 26.43
C PHE L 56 108.77 -1.67 26.40
N GLN L 57 109.24 -2.30 25.32
CA GLN L 57 109.19 -3.75 25.13
C GLN L 57 110.59 -4.18 24.67
N GLY L 58 111.42 -4.58 25.62
CA GLY L 58 112.80 -4.92 25.29
C GLY L 58 113.61 -3.68 24.96
N GLU L 59 114.68 -3.89 24.19
CA GLU L 59 115.60 -2.82 23.80
C GLU L 59 115.34 -2.28 22.41
N ASP L 60 114.88 -3.11 21.47
CA ASP L 60 114.81 -2.73 20.07
C ASP L 60 113.54 -1.94 19.73
N THR L 61 112.40 -2.30 20.34
CA THR L 61 111.10 -1.75 19.99
C THR L 61 110.47 -1.07 21.18
N VAL L 62 109.60 -0.09 20.90
CA VAL L 62 108.85 0.66 21.90
C VAL L 62 107.40 0.73 21.46
N VAL L 63 106.49 0.64 22.43
CA VAL L 63 105.05 0.66 22.19
C VAL L 63 104.51 2.02 22.64
N ILE L 64 103.75 2.67 21.77
CA ILE L 64 103.11 3.95 22.06
C ILE L 64 101.69 3.88 21.54
N ALA L 65 100.71 3.94 22.45
CA ALA L 65 99.29 3.91 22.11
C ALA L 65 98.92 2.62 21.38
N SER L 66 99.48 1.50 21.86
CA SER L 66 99.24 0.18 21.29
C SER L 66 99.71 0.10 19.83
N LYS L 67 100.87 0.71 19.55
CA LYS L 67 101.51 0.71 18.24
C LYS L 67 103.00 0.45 18.42
N PRO L 68 103.55 -0.71 18.01
CA PRO L 68 105.00 -0.89 18.14
C PRO L 68 105.76 -0.07 17.12
N TYR L 69 106.95 0.37 17.51
CA TYR L 69 107.88 1.10 16.65
C TYR L 69 109.27 0.49 16.84
N ALA L 70 109.73 -0.24 15.84
CA ALA L 70 110.99 -0.97 15.92
C ALA L 70 112.16 -0.03 15.69
N PHE L 71 113.18 -0.14 16.54
CA PHE L 71 114.43 0.61 16.40
C PHE L 71 115.60 -0.32 16.72
N ASP L 72 116.82 0.22 16.73
CA ASP L 72 117.99 -0.57 17.09
C ASP L 72 118.15 -0.68 18.60
N ARG L 73 117.99 0.44 19.31
CA ARG L 73 118.13 0.47 20.77
C ARG L 73 117.34 1.65 21.31
N VAL L 74 116.40 1.36 22.21
CA VAL L 74 115.59 2.36 22.88
C VAL L 74 116.09 2.52 24.30
N PHE L 75 116.36 3.77 24.70
CA PHE L 75 116.83 4.10 26.03
C PHE L 75 115.66 4.57 26.88
N GLN L 76 115.57 4.07 28.11
CA GLN L 76 114.47 4.38 29.02
C GLN L 76 114.80 5.67 29.78
N SER L 77 113.88 6.10 30.64
CA SER L 77 114.08 7.33 31.40
C SER L 77 115.19 7.19 32.44
N SER L 78 115.39 5.99 33.00
CA SER L 78 116.43 5.77 33.99
C SER L 78 117.83 5.65 33.40
N THR L 79 117.98 5.73 32.08
CA THR L 79 119.30 5.63 31.48
C THR L 79 120.10 6.88 31.76
N SER L 80 121.25 6.72 32.42
CA SER L 80 122.09 7.85 32.79
C SER L 80 122.86 8.35 31.58
N GLN L 81 123.66 9.41 31.79
CA GLN L 81 124.41 10.01 30.69
C GLN L 81 125.51 9.08 30.20
N GLU L 82 126.20 8.42 31.12
CA GLU L 82 127.30 7.53 30.73
C GLU L 82 126.77 6.29 30.01
N GLN L 83 125.60 5.81 30.40
CA GLN L 83 125.04 4.61 29.77
C GLN L 83 124.66 4.84 28.32
N VAL L 84 124.15 6.03 27.99
CA VAL L 84 123.77 6.33 26.61
C VAL L 84 125.01 6.43 25.74
N TYR L 85 126.10 7.01 26.27
CA TYR L 85 127.31 7.20 25.48
C TYR L 85 127.96 5.87 25.15
N ASN L 86 128.06 4.97 26.13
CA ASN L 86 128.70 3.67 25.90
C ASN L 86 127.91 2.80 24.93
N ASP L 87 126.59 3.00 24.82
CA ASP L 87 125.76 2.19 23.95
C ASP L 87 125.70 2.72 22.52
N CYS L 88 125.65 4.05 22.34
CA CYS L 88 125.40 4.66 21.04
C CYS L 88 126.69 5.01 20.31
N ALA L 89 127.49 5.91 20.88
CA ALA L 89 128.63 6.52 20.20
C ALA L 89 129.98 5.93 20.63
N LYS L 90 129.98 4.73 21.20
CA LYS L 90 131.25 4.10 21.58
C LYS L 90 131.99 3.57 20.36
N LYS L 91 131.31 2.80 19.50
CA LYS L 91 131.93 2.27 18.30
C LYS L 91 132.19 3.33 17.25
N ILE L 92 131.48 4.46 17.29
CA ILE L 92 131.68 5.52 16.30
C ILE L 92 133.06 6.16 16.47
N VAL L 93 133.58 6.18 17.71
CA VAL L 93 134.92 6.71 17.92
C VAL L 93 135.96 5.80 17.24
N LYS L 94 135.70 4.49 17.22
CA LYS L 94 136.59 3.57 16.54
C LYS L 94 136.44 3.68 15.02
N ASP L 95 135.22 3.93 14.53
CA ASP L 95 135.00 3.96 13.09
C ASP L 95 135.59 5.22 12.47
N VAL L 96 135.45 6.38 13.14
CA VAL L 96 135.96 7.63 12.59
C VAL L 96 137.49 7.67 12.60
N LEU L 97 138.13 6.97 13.53
CA LEU L 97 139.59 6.88 13.56
C LEU L 97 140.14 5.82 12.61
N GLU L 98 139.33 4.87 12.18
CA GLU L 98 139.78 3.86 11.22
C GLU L 98 140.09 4.46 9.85
N GLY L 99 139.45 5.57 9.49
CA GLY L 99 139.63 6.22 8.20
C GLY L 99 138.36 6.81 7.63
N TYR L 100 137.20 6.33 8.08
CA TYR L 100 135.92 6.81 7.59
C TYR L 100 135.54 8.10 8.34
N ASN L 101 134.42 8.70 7.92
CA ASN L 101 133.87 9.89 8.54
C ASN L 101 132.83 9.51 9.58
N GLY L 102 132.41 10.50 10.35
CA GLY L 102 131.41 10.29 11.40
C GLY L 102 130.52 11.50 11.54
N THR L 103 129.26 11.24 11.92
CA THR L 103 128.29 12.30 12.12
C THR L 103 127.19 11.78 13.05
N ILE L 104 126.87 12.56 14.08
CA ILE L 104 125.81 12.25 15.02
C ILE L 104 124.99 13.52 15.25
N PHE L 105 123.67 13.38 15.22
CA PHE L 105 122.76 14.50 15.42
C PHE L 105 121.48 14.01 16.08
N ALA L 106 120.75 14.94 16.68
CA ALA L 106 119.56 14.65 17.48
C ALA L 106 118.37 15.39 16.90
N TYR L 107 117.28 14.65 16.67
CA TYR L 107 116.02 15.18 16.16
C TYR L 107 114.94 15.02 17.22
N GLY L 108 114.08 16.01 17.31
CA GLY L 108 112.99 15.98 18.26
C GLY L 108 112.41 17.36 18.47
N GLN L 109 111.43 17.42 19.39
CA GLN L 109 110.71 18.64 19.72
C GLN L 109 111.37 19.33 20.92
N THR L 110 110.91 20.54 21.21
CA THR L 110 111.45 21.32 22.32
C THR L 110 111.14 20.63 23.65
N SER L 111 112.09 20.71 24.57
CA SER L 111 112.05 20.07 25.88
C SER L 111 112.09 18.55 25.81
N SER L 112 112.50 17.98 24.67
CA SER L 112 112.61 16.53 24.53
C SER L 112 113.88 15.96 25.16
N GLY L 113 114.91 16.79 25.34
CA GLY L 113 116.15 16.38 25.99
C GLY L 113 117.29 16.20 25.01
N LYS L 114 117.36 17.07 24.00
CA LYS L 114 118.45 17.05 23.03
C LYS L 114 119.68 17.78 23.54
N THR L 115 119.49 18.94 24.17
CA THR L 115 120.63 19.69 24.70
C THR L 115 121.27 18.96 25.88
N HIS L 116 120.45 18.43 26.80
CA HIS L 116 120.99 17.70 27.94
C HIS L 116 121.68 16.41 27.51
N THR L 117 121.23 15.80 26.42
CA THR L 117 121.85 14.57 25.95
C THR L 117 123.26 14.83 25.44
N MET L 118 123.43 15.88 24.64
CA MET L 118 124.71 16.20 24.03
C MET L 118 125.56 17.15 24.88
N GLU L 119 124.98 18.25 25.35
CA GLU L 119 125.71 19.24 26.14
C GLU L 119 125.71 18.88 27.62
N GLY L 120 124.52 18.76 28.22
CA GLY L 120 124.44 18.50 29.65
C GLY L 120 125.02 19.62 30.48
N LYS L 121 125.80 19.24 31.49
CA LYS L 121 126.60 20.14 32.30
C LYS L 121 128.05 19.67 32.20
N LEU L 122 128.87 20.43 31.48
CA LEU L 122 130.16 19.93 31.02
C LEU L 122 131.15 19.71 32.16
N HIS L 123 131.12 20.55 33.18
CA HIS L 123 132.14 20.51 34.23
C HIS L 123 131.95 19.39 35.24
N ASP L 124 130.80 18.70 35.24
CA ASP L 124 130.53 17.60 36.16
C ASP L 124 130.95 16.26 35.55
N PRO L 125 131.43 15.25 36.29
CA PRO L 125 131.73 13.97 35.64
C PRO L 125 130.51 13.22 35.15
N GLU L 126 129.42 13.21 35.93
CA GLU L 126 128.22 12.45 35.59
C GLU L 126 127.26 13.21 34.69
N GLY L 127 126.97 14.47 35.02
CA GLY L 127 126.02 15.26 34.26
C GLY L 127 126.48 15.73 32.90
N MET L 128 127.73 15.48 32.51
CA MET L 128 128.21 15.91 31.21
C MET L 128 127.58 15.05 30.11
N GLY L 129 127.29 15.69 28.98
CA GLY L 129 126.65 15.03 27.86
C GLY L 129 127.62 14.24 27.01
N ILE L 130 127.37 14.23 25.70
CA ILE L 130 128.11 13.37 24.78
C ILE L 130 129.34 14.09 24.25
N ILE L 131 129.22 15.37 23.91
CA ILE L 131 130.29 16.07 23.20
C ILE L 131 131.57 16.26 24.02
N PRO L 132 131.57 16.31 25.41
CA PRO L 132 132.86 16.17 26.09
C PRO L 132 133.35 14.73 26.13
N ARG L 133 132.42 13.78 26.22
CA ARG L 133 132.80 12.37 26.21
C ARG L 133 133.40 11.96 24.89
N ILE L 134 132.94 12.56 23.78
CA ILE L 134 133.55 12.29 22.48
C ILE L 134 134.97 12.83 22.44
N VAL L 135 135.19 14.00 23.05
CA VAL L 135 136.53 14.60 23.07
C VAL L 135 137.46 13.76 23.94
N GLN L 136 136.98 13.33 25.11
CA GLN L 136 137.84 12.61 26.04
C GLN L 136 138.23 11.24 25.50
N ASP L 137 137.33 10.58 24.78
CA ASP L 137 137.62 9.25 24.24
C ASP L 137 138.65 9.32 23.11
N ILE L 138 138.65 10.40 22.34
CA ILE L 138 139.60 10.54 21.24
C ILE L 138 141.01 10.70 21.78
N PHE L 139 141.21 11.57 22.77
CA PHE L 139 142.53 11.77 23.35
C PHE L 139 142.96 10.57 24.19
N ASN L 140 142.05 9.92 24.91
CA ASN L 140 142.39 8.71 25.63
C ASN L 140 142.80 7.58 24.69
N TYR L 141 142.19 7.53 23.51
CA TYR L 141 142.59 6.52 22.52
C TYR L 141 143.96 6.83 21.92
N ILE L 142 144.29 8.12 21.78
CA ILE L 142 145.59 8.49 21.22
C ILE L 142 146.71 8.13 22.18
N TYR L 143 146.46 8.26 23.49
CA TYR L 143 147.47 7.90 24.48
C TYR L 143 147.71 6.39 24.49
N SER L 144 146.69 5.60 24.17
CA SER L 144 146.84 4.14 24.08
C SER L 144 147.56 3.70 22.81
N MET L 145 147.51 4.50 21.75
CA MET L 145 148.22 4.17 20.52
C MET L 145 149.71 4.46 20.66
N ASP L 146 150.48 3.91 19.73
CA ASP L 146 151.93 4.07 19.74
C ASP L 146 152.30 5.51 19.40
N GLU L 147 153.55 5.87 19.72
CA GLU L 147 153.99 7.26 19.58
C GLU L 147 154.14 7.67 18.12
N ASN L 148 154.43 6.73 17.22
CA ASN L 148 154.72 7.08 15.83
C ASN L 148 153.50 7.59 15.06
N LEU L 149 152.28 7.35 15.56
CA LEU L 149 151.07 7.86 14.91
C LEU L 149 150.90 9.33 15.30
N GLU L 150 151.19 10.23 14.38
CA GLU L 150 151.04 11.66 14.61
C GLU L 150 149.62 12.09 14.25
N PHE L 151 148.98 12.78 15.19
CA PHE L 151 147.60 13.25 15.05
C PHE L 151 147.60 14.77 14.91
N HIS L 152 146.80 15.27 13.96
CA HIS L 152 146.61 16.70 13.72
C HIS L 152 145.11 16.97 13.79
N ILE L 153 144.65 17.40 14.96
CA ILE L 153 143.23 17.65 15.23
C ILE L 153 143.02 19.15 15.21
N LYS L 154 142.01 19.60 14.45
CA LYS L 154 141.59 20.99 14.40
C LYS L 154 140.07 21.03 14.60
N VAL L 155 139.63 21.99 15.41
CA VAL L 155 138.23 22.10 15.83
C VAL L 155 137.61 23.33 15.18
N SER L 156 136.31 23.25 14.94
CA SER L 156 135.52 24.35 14.40
C SER L 156 134.14 24.30 15.02
N TYR L 157 133.51 25.46 15.17
CA TYR L 157 132.22 25.55 15.85
C TYR L 157 131.48 26.77 15.34
N PHE L 158 130.32 26.54 14.73
CA PHE L 158 129.46 27.61 14.22
C PHE L 158 128.01 27.19 14.40
N GLU L 159 127.10 28.12 14.09
CA GLU L 159 125.67 27.94 14.31
C GLU L 159 124.91 28.67 13.23
N ILE L 160 123.76 28.10 12.84
CA ILE L 160 122.94 28.60 11.74
C ILE L 160 121.73 29.29 12.36
N TYR L 161 121.79 30.61 12.44
CA TYR L 161 120.84 31.43 13.18
C TYR L 161 120.38 32.59 12.30
N LEU L 162 119.05 32.70 12.13
CA LEU L 162 118.43 33.70 11.25
C LEU L 162 118.99 33.58 9.83
N ASP L 163 118.96 32.33 9.33
CA ASP L 163 119.49 31.91 8.01
C ASP L 163 120.88 32.46 7.70
N LYS L 164 121.74 32.54 8.73
CA LYS L 164 123.13 32.96 8.60
C LYS L 164 124.01 32.08 9.47
N ILE L 165 125.16 31.69 8.92
CA ILE L 165 126.11 30.81 9.61
C ILE L 165 127.03 31.73 10.40
N ARG L 166 126.64 32.06 11.63
CA ARG L 166 127.44 32.89 12.51
C ARG L 166 128.45 32.03 13.26
N ASP L 167 129.70 32.48 13.27
CA ASP L 167 130.77 31.80 14.01
C ASP L 167 130.76 32.29 15.45
N LEU L 168 130.95 31.34 16.38
CA LEU L 168 130.97 31.61 17.81
C LEU L 168 132.39 31.65 18.37
N LEU L 169 133.36 31.03 17.70
CA LEU L 169 134.75 31.14 18.12
C LEU L 169 135.30 32.54 17.89
N ASP L 170 134.80 33.24 16.88
CA ASP L 170 135.10 34.65 16.63
C ASP L 170 133.80 35.40 16.38
N VAL L 171 133.66 36.55 17.06
CA VAL L 171 132.41 37.31 17.02
C VAL L 171 132.30 38.25 15.82
N SER L 172 133.39 38.45 15.06
CA SER L 172 133.35 39.43 13.98
C SER L 172 132.50 38.94 12.82
N LYS L 173 132.89 37.82 12.20
CA LYS L 173 132.19 37.32 11.03
C LYS L 173 130.89 36.63 11.45
N THR L 174 129.81 36.92 10.71
CA THR L 174 128.47 36.41 11.00
C THR L 174 127.90 35.51 9.91
N ASN L 175 128.57 35.38 8.76
CA ASN L 175 128.08 34.52 7.68
C ASN L 175 129.28 33.97 6.92
N LEU L 176 129.33 32.64 6.80
CA LEU L 176 130.36 31.91 6.07
C LEU L 176 129.75 31.26 4.84
N SER L 177 130.63 30.89 3.90
CA SER L 177 130.26 30.21 2.67
C SER L 177 130.52 28.71 2.80
N VAL L 178 129.79 27.94 2.00
CA VAL L 178 129.89 26.47 1.97
C VAL L 178 130.31 26.10 0.56
N HIS L 179 131.58 25.70 0.40
CA HIS L 179 132.18 25.38 -0.88
C HIS L 179 132.42 23.87 -0.97
N GLU L 180 132.70 23.41 -2.18
CA GLU L 180 132.92 22.01 -2.49
C GLU L 180 134.40 21.69 -2.53
N ASP L 181 134.75 20.49 -2.09
CA ASP L 181 136.13 20.00 -2.04
C ASP L 181 136.44 19.28 -3.35
N LYS L 182 137.54 18.52 -3.39
CA LYS L 182 138.00 17.88 -4.62
C LYS L 182 137.00 16.89 -5.18
N ASN L 183 136.31 16.12 -4.32
CA ASN L 183 135.34 15.12 -4.74
C ASN L 183 133.89 15.60 -4.57
N ARG L 184 133.67 16.91 -4.69
CA ARG L 184 132.33 17.50 -4.73
C ARG L 184 131.53 17.28 -3.45
N VAL L 185 132.22 17.11 -2.31
CA VAL L 185 131.57 17.00 -1.01
C VAL L 185 131.56 18.39 -0.39
N PRO L 186 130.40 18.96 -0.05
CA PRO L 186 130.41 20.35 0.44
C PRO L 186 130.93 20.43 1.87
N TYR L 187 131.61 21.53 2.16
CA TYR L 187 132.11 21.82 3.50
C TYR L 187 132.30 23.32 3.65
N VAL L 188 132.63 23.74 4.86
CA VAL L 188 132.70 25.16 5.22
C VAL L 188 134.07 25.71 4.88
N LYS L 189 134.11 26.99 4.51
CA LYS L 189 135.35 27.72 4.23
C LYS L 189 135.37 28.98 5.07
N GLY L 190 136.57 29.40 5.47
CA GLY L 190 136.76 30.62 6.22
C GLY L 190 136.54 30.50 7.72
N CYS L 191 136.00 29.37 8.19
CA CYS L 191 135.72 29.21 9.61
C CYS L 191 137.03 29.14 10.40
N THR L 192 136.93 29.46 11.69
CA THR L 192 138.09 29.49 12.58
C THR L 192 138.46 28.06 12.95
N GLU L 193 139.47 27.53 12.28
CA GLU L 193 139.98 26.17 12.53
C GLU L 193 141.11 26.28 13.55
N ARG L 194 140.77 26.14 14.82
CA ARG L 194 141.75 26.23 15.90
C ARG L 194 142.49 24.91 16.05
N PHE L 195 143.80 24.94 15.86
CA PHE L 195 144.63 23.75 16.05
C PHE L 195 144.84 23.54 17.54
N VAL L 196 144.45 22.36 18.02
CA VAL L 196 144.46 22.01 19.44
C VAL L 196 145.48 20.91 19.68
N CYS L 197 146.03 20.92 20.90
CA CYS L 197 147.07 19.99 21.34
C CYS L 197 146.61 19.07 22.45
N SER L 198 146.08 19.64 23.56
CA SER L 198 145.66 18.92 24.75
C SER L 198 144.14 18.82 24.81
N PRO L 199 143.58 17.87 25.57
CA PRO L 199 142.11 17.82 25.68
C PRO L 199 141.51 18.95 26.48
N ASP L 200 142.25 19.54 27.42
CA ASP L 200 141.72 20.62 28.23
C ASP L 200 141.47 21.86 27.40
N GLU L 201 142.30 22.11 26.40
CA GLU L 201 142.07 23.25 25.50
C GLU L 201 140.80 23.06 24.69
N VAL L 202 140.46 21.82 24.33
CA VAL L 202 139.23 21.57 23.61
C VAL L 202 138.02 21.82 24.51
N MET L 203 138.18 21.57 25.81
CA MET L 203 137.12 21.90 26.75
C MET L 203 136.98 23.42 26.90
N ASP L 204 138.09 24.15 26.76
CA ASP L 204 138.05 25.60 26.92
C ASP L 204 137.30 26.26 25.76
N THR L 205 137.62 25.88 24.52
CA THR L 205 136.96 26.49 23.37
C THR L 205 135.50 26.08 23.26
N ILE L 206 135.11 24.94 23.85
CA ILE L 206 133.70 24.55 23.88
C ILE L 206 132.96 25.43 24.88
N ASP L 207 133.58 25.74 26.02
CA ASP L 207 132.91 26.54 27.04
C ASP L 207 132.66 27.96 26.57
N GLU L 208 133.67 28.61 25.97
CA GLU L 208 133.48 29.96 25.46
C GLU L 208 132.53 29.97 24.27
N GLY L 209 132.46 28.89 23.51
CA GLY L 209 131.52 28.83 22.40
C GLY L 209 130.09 28.77 22.87
N LYS L 210 129.81 27.96 23.90
CA LYS L 210 128.46 27.86 24.43
C LYS L 210 128.03 29.14 25.14
N SER L 211 128.99 29.90 25.69
CA SER L 211 128.67 31.18 26.30
C SER L 211 128.17 32.20 25.29
N ASN L 212 128.68 32.15 24.05
CA ASN L 212 128.23 33.03 22.99
C ASN L 212 126.96 32.53 22.29
N ARG L 213 126.41 31.39 22.69
CA ARG L 213 125.24 30.84 22.04
C ARG L 213 124.01 31.66 22.41
N HIS L 214 123.22 32.04 21.40
CA HIS L 214 122.03 32.84 21.62
C HIS L 214 120.91 31.92 22.12
N VAL L 215 120.84 31.74 23.43
CA VAL L 215 119.84 30.91 24.09
C VAL L 215 118.73 31.81 24.62
N ALA L 216 117.53 31.62 24.10
CA ALA L 216 116.35 32.38 24.51
C ALA L 216 115.54 31.59 25.52
N VAL L 217 114.57 32.27 26.13
CA VAL L 217 113.68 31.71 27.14
C VAL L 217 112.27 31.64 26.59
N THR L 218 111.58 30.53 26.88
CA THR L 218 110.19 30.33 26.46
C THR L 218 109.47 29.57 27.57
N ASN L 219 108.19 29.33 27.36
CA ASN L 219 107.36 28.66 28.36
C ASN L 219 107.68 27.18 28.51
N MET L 220 108.17 26.53 27.46
CA MET L 220 108.42 25.09 27.48
C MET L 220 109.81 24.73 28.00
N ASN L 221 110.80 25.60 27.83
CA ASN L 221 112.16 25.31 28.28
C ASN L 221 112.92 26.62 28.45
N GLU L 222 113.42 26.85 29.66
CA GLU L 222 114.24 28.03 29.91
C GLU L 222 115.55 27.99 29.12
N HIS L 223 116.19 26.83 29.04
CA HIS L 223 117.44 26.64 28.27
C HIS L 223 117.13 26.14 26.87
N SER L 224 116.34 26.93 26.14
CA SER L 224 115.90 26.56 24.81
C SER L 224 116.96 26.94 23.78
N SER L 225 117.65 25.95 23.24
CA SER L 225 118.58 26.18 22.14
C SER L 225 117.79 26.45 20.85
N ARG L 226 117.83 27.70 20.39
CA ARG L 226 117.00 28.15 19.28
C ARG L 226 117.68 28.02 17.93
N SER L 227 118.70 27.16 17.80
CA SER L 227 119.38 26.98 16.52
C SER L 227 120.22 25.71 16.59
N HIS L 228 120.87 25.40 15.48
CA HIS L 228 121.61 24.15 15.29
C HIS L 228 123.11 24.45 15.44
N SER L 229 123.70 24.00 16.54
CA SER L 229 125.12 24.19 16.80
C SER L 229 125.90 23.02 16.23
N ILE L 230 126.71 23.28 15.20
CA ILE L 230 127.54 22.28 14.54
C ILE L 230 128.94 22.40 15.12
N PHE L 231 129.46 21.28 15.64
CA PHE L 231 130.80 21.18 16.20
C PHE L 231 131.57 20.12 15.43
N LEU L 232 132.66 20.53 14.78
CA LEU L 232 133.47 19.67 13.94
C LEU L 232 134.78 19.33 14.64
N ILE L 233 135.24 18.10 14.46
CA ILE L 233 136.55 17.65 14.93
C ILE L 233 137.19 16.95 13.74
N ASN L 234 137.99 17.69 12.97
CA ASN L 234 138.64 17.16 11.77
C ASN L 234 139.93 16.49 12.19
N VAL L 235 139.86 15.18 12.44
CA VAL L 235 140.99 14.41 12.93
C VAL L 235 141.79 13.91 11.73
N LYS L 236 142.94 14.55 11.49
CA LYS L 236 143.91 14.11 10.49
C LYS L 236 144.99 13.32 11.20
N GLN L 237 145.37 12.16 10.63
CA GLN L 237 146.37 11.29 11.20
C GLN L 237 147.21 10.67 10.08
N GLU L 238 148.47 10.38 10.41
CA GLU L 238 149.41 9.82 9.45
C GLU L 238 150.52 9.10 10.21
N ASN L 239 150.92 7.94 9.69
CA ASN L 239 151.98 7.13 10.28
C ASN L 239 153.30 7.48 9.61
N THR L 240 154.36 7.58 10.43
CA THR L 240 155.67 7.94 9.91
C THR L 240 156.33 6.78 9.15
N GLN L 241 156.07 5.54 9.56
CA GLN L 241 156.69 4.39 8.93
C GLN L 241 156.05 4.02 7.60
N THR L 242 154.73 3.80 7.58
CA THR L 242 154.04 3.41 6.37
C THR L 242 153.75 4.57 5.42
N GLU L 243 153.78 5.82 5.93
CA GLU L 243 153.53 7.01 5.10
C GLU L 243 152.13 6.98 4.50
N GLN L 244 151.15 6.61 5.32
CA GLN L 244 149.74 6.53 4.92
C GLN L 244 148.96 7.60 5.68
N LYS L 245 148.41 8.55 4.94
CA LYS L 245 147.65 9.66 5.50
C LYS L 245 146.16 9.31 5.52
N LEU L 246 145.50 9.67 6.61
CA LEU L 246 144.06 9.41 6.78
C LEU L 246 143.44 10.60 7.49
N SER L 247 142.18 10.87 7.16
CA SER L 247 141.40 11.96 7.74
C SER L 247 139.96 11.52 7.92
N GLY L 248 139.31 12.09 8.93
CA GLY L 248 137.91 11.81 9.22
C GLY L 248 137.19 13.01 9.80
N LYS L 249 136.08 13.40 9.17
CA LYS L 249 135.26 14.53 9.61
C LYS L 249 134.23 14.03 10.61
N LEU L 250 134.29 14.56 11.83
CA LEU L 250 133.44 14.16 12.95
C LEU L 250 132.48 15.32 13.26
N TYR L 251 131.26 15.22 12.77
CA TYR L 251 130.23 16.25 12.95
C TYR L 251 129.43 15.97 14.21
N LEU L 252 129.31 16.98 15.08
CA LEU L 252 128.48 16.94 16.28
C LEU L 252 127.46 18.08 16.17
N VAL L 253 126.24 17.73 15.78
CA VAL L 253 125.16 18.69 15.54
C VAL L 253 124.14 18.54 16.66
N ASP L 254 123.71 19.66 17.23
CA ASP L 254 122.69 19.71 18.28
C ASP L 254 121.60 20.67 17.79
N LEU L 255 120.52 20.10 17.25
CA LEU L 255 119.47 20.88 16.61
C LEU L 255 118.47 21.38 17.65
N ALA L 256 117.56 22.25 17.20
CA ALA L 256 116.51 22.84 18.03
C ALA L 256 115.22 22.04 17.90
N GLY L 257 114.18 22.49 18.57
CA GLY L 257 112.93 21.74 18.68
C GLY L 257 111.86 22.28 17.75
N SER L 258 111.10 21.37 17.15
CA SER L 258 109.99 21.71 16.28
C SER L 258 108.74 21.91 17.13
N ALA L 259 108.67 23.06 17.79
CA ALA L 259 107.60 23.38 18.74
C ALA L 259 106.46 24.11 18.05
N LYS L 260 105.27 23.95 18.60
CA LYS L 260 104.08 24.67 18.14
C LYS L 260 104.06 26.06 18.76
N VAL L 261 103.59 27.04 17.97
CA VAL L 261 103.52 28.41 18.47
C VAL L 261 102.46 28.55 19.54
N SER L 262 101.39 27.77 19.47
CA SER L 262 100.34 27.85 20.49
C SER L 262 100.83 27.33 21.84
N LYS L 263 101.70 26.33 21.84
CA LYS L 263 102.25 25.77 23.07
C LYS L 263 103.35 26.64 23.66
N THR L 264 104.27 27.12 22.82
CA THR L 264 105.35 27.96 23.30
C THR L 264 104.88 29.39 23.59
N GLY L 265 103.89 29.88 22.85
CA GLY L 265 103.46 31.26 23.01
C GLY L 265 104.53 32.23 22.57
N ALA L 266 105.08 31.99 21.38
CA ALA L 266 106.17 32.79 20.85
C ALA L 266 105.61 34.08 20.26
N GLU L 267 106.34 35.19 20.50
CA GLU L 267 105.95 36.49 19.97
C GLU L 267 107.19 37.38 19.92
N GLY L 268 107.32 38.13 18.83
CA GLY L 268 108.41 39.06 18.66
C GLY L 268 109.62 38.46 17.96
N ALA L 269 110.82 38.69 18.50
CA ALA L 269 112.04 38.21 17.89
C ALA L 269 112.15 36.69 17.86
N VAL L 270 111.55 36.01 18.85
CA VAL L 270 111.61 34.54 18.88
C VAL L 270 110.88 33.92 17.69
N LEU L 271 109.88 34.61 17.13
CA LEU L 271 109.20 34.11 15.94
C LEU L 271 110.17 34.00 14.76
N ASP L 272 111.05 34.98 14.60
CA ASP L 272 112.05 34.92 13.54
C ASP L 272 113.03 33.77 13.79
N GLU L 273 113.33 33.49 15.06
CA GLU L 273 114.20 32.37 15.37
C GLU L 273 113.52 31.03 15.05
N ALA L 274 112.19 30.97 15.20
CA ALA L 274 111.46 29.75 14.93
C ALA L 274 111.41 29.43 13.43
N LYS L 275 111.46 30.46 12.58
CA LYS L 275 111.31 30.24 11.15
C LYS L 275 112.51 29.51 10.56
N ASN L 276 113.72 29.98 10.88
CA ASN L 276 114.91 29.41 10.26
C ASN L 276 115.18 27.98 10.73
N ILE L 277 114.85 27.65 11.98
CA ILE L 277 115.02 26.28 12.45
C ILE L 277 113.98 25.37 11.83
N ASN L 278 112.76 25.86 11.63
CA ASN L 278 111.70 25.03 11.07
C ASN L 278 111.90 24.76 9.59
N LYS L 279 112.54 25.69 8.86
CA LYS L 279 112.90 25.43 7.48
C LYS L 279 113.90 24.30 7.38
N SER L 280 114.84 24.23 8.34
CA SER L 280 115.90 23.23 8.27
C SER L 280 115.37 21.83 8.61
N LEU L 281 114.60 21.71 9.69
CA LEU L 281 114.10 20.38 10.06
C LEU L 281 113.08 19.87 9.07
N SER L 282 112.32 20.78 8.44
CA SER L 282 111.45 20.36 7.34
C SER L 282 112.25 20.01 6.11
N ALA L 283 113.38 20.69 5.89
CA ALA L 283 114.21 20.40 4.72
C ALA L 283 114.84 19.02 4.81
N LEU L 284 115.48 18.70 5.94
CA LEU L 284 116.03 17.36 6.11
C LEU L 284 114.93 16.32 6.24
N GLY L 285 113.74 16.72 6.70
CA GLY L 285 112.61 15.82 6.67
C GLY L 285 112.23 15.39 5.26
N ASN L 286 112.42 16.29 4.30
CA ASN L 286 112.26 15.91 2.90
C ASN L 286 113.39 14.98 2.45
N VAL L 287 114.59 15.16 3.00
CA VAL L 287 115.72 14.34 2.60
C VAL L 287 115.54 12.90 3.06
N ILE L 288 115.07 12.71 4.30
CA ILE L 288 114.86 11.36 4.81
C ILE L 288 113.71 10.69 4.07
N SER L 289 112.63 11.42 3.80
CA SER L 289 111.53 10.87 3.02
C SER L 289 111.93 10.63 1.57
N ALA L 290 112.76 11.51 1.01
CA ALA L 290 113.26 11.28 -0.34
C ALA L 290 114.19 10.07 -0.38
N LEU L 291 115.07 9.93 0.63
CA LEU L 291 115.96 8.78 0.68
C LEU L 291 115.21 7.51 1.05
N ALA L 292 114.16 7.61 1.86
CA ALA L 292 113.39 6.43 2.25
C ALA L 292 112.60 5.87 1.08
N GLU L 293 111.81 6.73 0.41
CA GLU L 293 111.08 6.32 -0.77
C GLU L 293 111.99 6.10 -1.98
N GLY L 294 113.20 6.65 -1.98
CA GLY L 294 114.14 6.42 -3.05
C GLY L 294 113.89 7.30 -4.26
N SER L 295 113.93 8.62 -4.06
CA SER L 295 113.70 9.55 -5.15
C SER L 295 114.91 9.58 -6.08
N THR L 296 114.75 10.29 -7.20
CA THR L 296 115.82 10.40 -8.19
C THR L 296 116.81 11.50 -7.83
N TYR L 297 116.31 12.68 -7.44
CA TYR L 297 117.15 13.85 -7.22
C TYR L 297 117.67 13.93 -5.79
N VAL L 298 116.85 13.57 -4.81
CA VAL L 298 117.23 13.61 -3.39
C VAL L 298 117.56 15.06 -3.00
N PRO L 299 116.57 15.96 -2.87
CA PRO L 299 116.89 17.39 -2.77
C PRO L 299 117.54 17.79 -1.46
N TYR L 300 118.86 17.62 -1.38
CA TYR L 300 119.63 18.14 -0.26
C TYR L 300 119.67 19.65 -0.22
N ARG L 301 119.52 20.32 -1.37
CA ARG L 301 119.76 21.76 -1.48
C ARG L 301 118.53 22.60 -1.14
N ASP L 302 117.57 22.06 -0.40
CA ASP L 302 116.42 22.86 0.04
C ASP L 302 116.87 23.94 1.02
N SER L 303 117.52 23.54 2.11
CA SER L 303 118.09 24.42 3.11
C SER L 303 119.60 24.21 3.20
N LYS L 304 120.32 25.26 3.57
CA LYS L 304 121.77 25.17 3.69
C LYS L 304 122.21 24.31 4.87
N MET L 305 121.33 24.11 5.86
CA MET L 305 121.64 23.15 6.92
C MET L 305 121.71 21.74 6.35
N THR L 306 120.87 21.44 5.35
CA THR L 306 120.90 20.12 4.73
C THR L 306 122.16 19.93 3.88
N ARG L 307 122.75 21.02 3.38
CA ARG L 307 123.99 20.92 2.63
C ARG L 307 125.14 20.40 3.49
N ILE L 308 125.11 20.69 4.79
CA ILE L 308 126.15 20.21 5.68
C ILE L 308 126.05 18.70 5.85
N LEU L 309 124.83 18.16 5.90
CA LEU L 309 124.58 16.76 6.21
C LEU L 309 124.49 15.89 4.95
N GLN L 310 125.15 16.29 3.86
CA GLN L 310 125.12 15.47 2.65
C GLN L 310 126.03 14.26 2.79
N ASP L 311 127.26 14.47 3.27
CA ASP L 311 128.19 13.36 3.45
C ASP L 311 127.74 12.38 4.52
N SER L 312 126.92 12.83 5.48
CA SER L 312 126.44 11.92 6.52
C SER L 312 125.41 10.94 5.99
N LEU L 313 124.48 11.41 5.16
CA LEU L 313 123.35 10.60 4.70
C LEU L 313 123.61 9.89 3.37
N GLY L 314 124.52 10.40 2.54
CA GLY L 314 124.79 9.84 1.23
C GLY L 314 126.25 9.88 0.83
N GLY L 315 127.15 9.84 1.81
CA GLY L 315 128.58 9.91 1.61
C GLY L 315 129.27 8.66 2.12
N ASN L 316 130.52 8.84 2.53
CA ASN L 316 131.40 7.76 3.02
C ASN L 316 131.44 7.74 4.54
N CYS L 317 130.31 8.06 5.18
CA CYS L 317 130.22 8.27 6.61
C CYS L 317 129.38 7.17 7.25
N ARG L 318 129.53 7.05 8.58
CA ARG L 318 128.75 6.12 9.42
C ARG L 318 127.89 6.97 10.36
N THR L 319 126.66 7.24 9.94
CA THR L 319 125.76 8.12 10.66
C THR L 319 124.94 7.33 11.67
N THR L 320 124.59 7.99 12.78
CA THR L 320 123.77 7.40 13.83
C THR L 320 122.85 8.49 14.40
N ILE L 321 121.57 8.42 14.03
CA ILE L 321 120.57 9.35 14.50
C ILE L 321 120.03 8.83 15.83
N VAL L 322 119.90 9.72 16.81
CA VAL L 322 119.36 9.42 18.13
C VAL L 322 118.24 10.42 18.41
N ILE L 323 117.00 9.96 18.26
CA ILE L 323 115.82 10.81 18.45
C ILE L 323 115.47 10.85 19.92
N CYS L 324 115.12 12.05 20.40
CA CYS L 324 114.71 12.27 21.78
C CYS L 324 113.24 12.67 21.81
N CYS L 325 112.51 12.18 22.80
CA CYS L 325 111.09 12.47 22.96
C CYS L 325 110.74 12.49 24.43
N SER L 326 109.62 13.14 24.75
CA SER L 326 109.09 13.27 26.10
C SER L 326 107.99 12.23 26.34
N PRO L 327 107.85 11.62 27.52
CA PRO L 327 106.78 10.63 27.72
C PRO L 327 105.42 11.22 28.08
N SER L 328 105.26 12.54 28.02
CA SER L 328 104.01 13.17 28.43
C SER L 328 102.94 13.00 27.36
N SER L 329 101.68 12.97 27.82
CA SER L 329 100.54 12.92 26.91
C SER L 329 100.29 14.25 26.20
N TYR L 330 100.84 15.36 26.70
CA TYR L 330 100.60 16.66 26.11
C TYR L 330 101.34 16.86 24.78
N ASN L 331 102.48 16.17 24.59
CA ASN L 331 103.26 16.22 23.36
C ASN L 331 103.11 14.92 22.56
N GLU L 332 101.93 14.31 22.60
CA GLU L 332 101.74 13.01 21.96
C GLU L 332 101.80 13.11 20.43
N SER L 333 101.33 14.22 19.86
CA SER L 333 101.27 14.32 18.40
C SER L 333 102.66 14.50 17.80
N GLU L 334 103.43 15.45 18.32
CA GLU L 334 104.77 15.69 17.78
C GLU L 334 105.70 14.51 18.03
N THR L 335 105.49 13.76 19.12
CA THR L 335 106.34 12.62 19.40
C THR L 335 106.05 11.46 18.46
N LYS L 336 104.78 11.27 18.08
CA LYS L 336 104.45 10.24 17.09
C LYS L 336 105.06 10.57 15.74
N SER L 337 105.10 11.86 15.38
CA SER L 337 105.76 12.27 14.15
C SER L 337 107.26 11.98 14.19
N THR L 338 107.86 12.09 15.37
CA THR L 338 109.30 11.83 15.50
C THR L 338 109.62 10.34 15.38
N LEU L 339 108.72 9.48 15.89
CA LEU L 339 108.96 8.05 15.80
C LEU L 339 108.86 7.55 14.36
N LEU L 340 107.79 7.92 13.64
CA LEU L 340 107.67 7.53 12.25
C LEU L 340 108.73 8.19 11.38
N PHE L 341 109.18 9.39 11.78
CA PHE L 341 110.36 9.98 11.15
C PHE L 341 111.59 9.10 11.36
N GLY L 342 111.69 8.48 12.54
CA GLY L 342 112.75 7.52 12.78
C GLY L 342 112.59 6.26 11.95
N GLN L 343 111.36 5.82 11.73
CA GLN L 343 111.12 4.64 10.90
C GLN L 343 111.53 4.89 9.46
N ARG L 344 111.29 6.10 8.95
CA ARG L 344 111.77 6.46 7.62
C ARG L 344 113.29 6.52 7.57
N ALA L 345 113.95 6.82 8.70
CA ALA L 345 115.41 6.84 8.74
C ALA L 345 116.03 5.44 8.73
N LYS L 346 115.26 4.41 9.08
CA LYS L 346 115.83 3.06 9.15
C LYS L 346 116.14 2.50 7.76
N THR L 347 115.35 2.86 6.75
CA THR L 347 115.53 2.32 5.40
C THR L 347 116.64 3.02 4.61
N ILE L 348 117.40 3.95 5.22
CA ILE L 348 118.45 4.69 4.52
C ILE L 348 119.76 3.94 4.68
N LYS L 349 120.60 4.04 3.65
CA LYS L 349 121.93 3.44 3.63
C LYS L 349 122.93 4.41 3.04
N ASN L 350 124.13 4.42 3.63
CA ASN L 350 125.24 5.26 3.18
C ASN L 350 126.03 4.57 2.10
N THR L 351 126.77 5.37 1.33
CA THR L 351 127.67 4.87 0.28
C THR L 351 129.07 4.67 0.83
N VAL L 352 129.15 3.92 1.93
CA VAL L 352 130.40 3.69 2.63
C VAL L 352 131.18 2.55 1.96
N ARG M 2 -1.29 26.72 62.77
CA ARG M 2 -0.70 25.76 61.85
C ARG M 2 0.18 26.46 60.82
N GLU M 3 1.46 26.09 60.81
CA GLU M 3 2.44 26.65 59.89
C GLU M 3 3.46 25.59 59.54
N CYS M 4 4.24 25.88 58.49
CA CYS M 4 5.27 24.96 58.03
C CYS M 4 6.32 25.76 57.27
N ILE M 5 7.59 25.36 57.42
CA ILE M 5 8.73 26.01 56.79
C ILE M 5 9.38 25.01 55.84
N SER M 6 10.18 25.54 54.91
CA SER M 6 10.82 24.74 53.87
C SER M 6 12.17 25.34 53.50
N VAL M 7 13.10 24.45 53.12
CA VAL M 7 14.44 24.82 52.67
C VAL M 7 14.72 24.09 51.37
N HIS M 8 15.28 24.83 50.41
CA HIS M 8 15.58 24.34 49.06
C HIS M 8 17.09 24.27 48.90
N VAL M 9 17.56 23.14 48.37
CA VAL M 9 19.00 22.86 48.22
C VAL M 9 19.26 22.48 46.77
N GLY M 10 20.26 23.14 46.17
CA GLY M 10 20.74 22.78 44.85
C GLY M 10 19.99 23.47 43.73
N GLN M 11 20.45 23.20 42.51
CA GLN M 11 19.79 23.71 41.31
C GLN M 11 18.40 23.12 41.18
N ALA M 12 18.24 21.85 41.57
CA ALA M 12 16.93 21.21 41.50
C ALA M 12 15.96 21.84 42.52
N GLY M 13 16.47 22.23 43.68
CA GLY M 13 15.60 22.79 44.69
C GLY M 13 15.12 24.18 44.34
N VAL M 14 16.05 25.07 44.01
CA VAL M 14 15.71 26.46 43.75
C VAL M 14 14.89 26.62 42.46
N GLN M 15 15.10 25.76 41.48
CA GLN M 15 14.27 25.79 40.28
C GLN M 15 12.84 25.39 40.60
N MET M 16 12.65 24.42 41.50
CA MET M 16 11.33 24.14 42.04
C MET M 16 10.90 25.21 43.05
N GLY M 17 11.86 25.81 43.75
CA GLY M 17 11.51 26.89 44.67
C GLY M 17 11.00 28.12 43.96
N ASN M 18 11.64 28.50 42.85
CA ASN M 18 11.16 29.62 42.07
C ASN M 18 9.82 29.32 41.41
N ALA M 19 9.55 28.06 41.09
CA ALA M 19 8.33 27.67 40.40
C ALA M 19 7.16 27.44 41.35
N CYS M 20 7.40 27.02 42.60
CA CYS M 20 6.32 26.72 43.53
C CYS M 20 5.83 27.96 44.27
N TRP M 21 6.72 28.89 44.61
CA TRP M 21 6.32 30.08 45.35
C TRP M 21 5.58 31.08 44.47
N GLU M 22 5.80 31.06 43.16
CA GLU M 22 4.97 31.85 42.27
C GLU M 22 3.55 31.29 42.19
N LEU M 23 3.42 29.96 42.37
CA LEU M 23 2.09 29.37 42.44
C LEU M 23 1.41 29.68 43.75
N TYR M 24 2.15 29.68 44.86
CA TYR M 24 1.54 29.97 46.17
C TYR M 24 1.10 31.42 46.26
N CYS M 25 1.80 32.34 45.61
CA CYS M 25 1.46 33.75 45.70
C CYS M 25 0.23 34.11 44.88
N LEU M 26 0.04 33.50 43.71
CA LEU M 26 -1.15 33.78 42.91
C LEU M 26 -2.39 33.10 43.45
N GLU M 27 -2.24 32.04 44.24
CA GLU M 27 -3.41 31.40 44.85
C GLU M 27 -4.06 32.32 45.87
N HIS M 28 -3.25 32.91 46.76
CA HIS M 28 -3.73 33.80 47.81
C HIS M 28 -3.81 35.25 47.36
N GLY M 29 -3.76 35.53 46.06
CA GLY M 29 -3.85 36.89 45.58
C GLY M 29 -2.67 37.77 45.95
N ILE M 30 -1.52 37.18 46.25
CA ILE M 30 -0.32 37.93 46.62
C ILE M 30 0.38 38.35 45.34
N GLN M 31 0.41 39.64 45.08
CA GLN M 31 1.11 40.16 43.90
C GLN M 31 2.61 39.96 44.06
N PRO M 32 3.38 39.95 42.97
CA PRO M 32 4.83 39.72 43.11
C PRO M 32 5.60 40.86 43.77
N ASP M 33 4.99 42.02 43.97
CA ASP M 33 5.67 43.15 44.62
C ASP M 33 5.73 43.04 46.14
N GLY M 34 5.17 41.98 46.74
CA GLY M 34 5.28 41.71 48.16
C GLY M 34 3.99 41.87 48.95
N GLN M 35 2.93 42.42 48.35
CA GLN M 35 1.64 42.65 49.01
C GLN M 35 0.52 42.11 48.13
N MET M 36 -0.70 42.18 48.63
CA MET M 36 -1.87 41.72 47.89
C MET M 36 -2.15 42.63 46.71
N ASP M 52 -8.10 35.30 55.03
CA ASP M 52 -7.32 35.90 56.10
C ASP M 52 -6.36 34.88 56.71
N ASP M 53 -6.93 33.78 57.21
CA ASP M 53 -6.15 32.70 57.82
C ASP M 53 -5.71 31.64 56.81
N SER M 54 -5.72 31.96 55.51
CA SER M 54 -5.32 31.02 54.47
C SER M 54 -3.84 31.09 54.14
N PHE M 55 -3.27 32.30 54.10
CA PHE M 55 -1.85 32.49 53.81
C PHE M 55 -0.97 32.44 55.05
N THR M 56 -1.53 32.30 56.26
CA THR M 56 -0.73 32.28 57.47
C THR M 56 0.12 31.02 57.61
N THR M 57 -0.18 29.96 56.86
CA THR M 57 0.61 28.74 56.98
C THR M 57 2.01 28.92 56.41
N PHE M 58 2.10 29.50 55.21
CA PHE M 58 3.36 29.68 54.49
C PHE M 58 3.90 31.09 54.56
N PHE M 59 3.04 32.10 54.45
CA PHE M 59 3.43 33.51 54.44
C PHE M 59 3.13 34.15 55.79
N CYS M 60 4.03 35.04 56.20
CA CYS M 60 3.90 35.79 57.45
C CYS M 60 3.27 37.14 57.19
N GLU M 61 3.03 37.88 58.28
CA GLU M 61 2.47 39.23 58.25
C GLU M 61 3.58 40.19 58.65
N THR M 62 4.09 40.94 57.67
CA THR M 62 5.22 41.84 57.88
C THR M 62 4.71 43.25 58.19
N GLY M 63 4.19 43.38 59.41
CA GLY M 63 3.76 44.66 59.93
C GLY M 63 2.39 45.10 59.45
N ALA M 64 2.31 45.58 58.21
CA ALA M 64 1.05 46.10 57.67
C ALA M 64 1.16 46.14 56.16
N GLY M 65 0.32 45.38 55.48
CA GLY M 65 0.27 45.38 54.03
C GLY M 65 1.54 44.89 53.38
N LYS M 66 2.16 43.86 53.95
CA LYS M 66 3.37 43.29 53.40
C LYS M 66 3.57 41.91 54.01
N HIS M 67 4.09 40.98 53.20
CA HIS M 67 4.27 39.58 53.59
C HIS M 67 5.68 39.15 53.24
N VAL M 68 6.11 38.03 53.83
CA VAL M 68 7.39 37.40 53.55
C VAL M 68 7.18 35.89 53.61
N PRO M 69 7.71 35.09 52.67
CA PRO M 69 7.56 33.64 52.81
C PRO M 69 8.45 33.06 53.90
N ARG M 70 8.03 31.91 54.40
CA ARG M 70 8.83 31.10 55.32
C ARG M 70 9.70 30.14 54.52
N ALA M 71 10.65 30.73 53.78
CA ALA M 71 11.54 30.01 52.88
C ALA M 71 12.97 30.48 53.08
N VAL M 72 13.90 29.55 52.92
CA VAL M 72 15.34 29.83 52.95
C VAL M 72 15.99 29.00 51.86
N PHE M 73 16.29 29.63 50.73
CA PHE M 73 16.96 28.98 49.62
C PHE M 73 18.46 28.98 49.91
N VAL M 74 19.01 27.79 50.15
CA VAL M 74 20.42 27.58 50.43
C VAL M 74 21.05 26.88 49.23
N ASP M 75 22.22 27.35 48.83
CA ASP M 75 22.96 26.73 47.75
C ASP M 75 24.40 27.21 47.81
N LEU M 76 25.33 26.29 47.51
CA LEU M 76 26.74 26.62 47.56
C LEU M 76 27.19 27.42 46.33
N GLU M 77 26.72 27.03 45.14
CA GLU M 77 27.06 27.76 43.92
C GLU M 77 26.20 29.02 43.82
N PRO M 78 26.76 30.19 43.53
CA PRO M 78 25.99 31.44 43.67
C PRO M 78 25.21 31.87 42.44
N THR M 79 25.22 31.11 41.34
CA THR M 79 24.53 31.53 40.13
C THR M 79 23.02 31.56 40.29
N VAL M 80 22.46 30.62 41.05
CA VAL M 80 21.01 30.57 41.24
C VAL M 80 20.53 31.60 42.27
N ILE M 81 21.37 31.95 43.24
CA ILE M 81 20.92 32.82 44.32
C ILE M 81 20.77 34.25 43.82
N ASP M 82 21.82 34.79 43.20
CA ASP M 82 21.76 36.17 42.71
C ASP M 82 20.81 36.32 41.52
N GLU M 83 20.56 35.24 40.77
CA GLU M 83 19.55 35.30 39.72
C GLU M 83 18.16 35.50 40.32
N ILE M 84 17.91 34.91 41.49
CA ILE M 84 16.65 35.15 42.18
C ILE M 84 16.60 36.57 42.73
N ARG M 85 17.75 37.08 43.18
CA ARG M 85 17.81 38.47 43.64
C ARG M 85 17.61 39.46 42.49
N ASN M 86 18.15 39.15 41.31
CA ASN M 86 17.93 39.94 40.10
C ASN M 86 16.79 39.39 39.24
N GLY M 87 15.98 38.46 39.76
CA GLY M 87 14.87 37.91 39.02
C GLY M 87 13.68 38.83 39.05
N PRO M 88 12.50 38.32 38.66
CA PRO M 88 11.28 39.13 38.77
C PRO M 88 10.73 39.19 40.20
N TYR M 89 10.88 38.09 40.94
CA TYR M 89 10.36 37.99 42.30
C TYR M 89 11.40 38.46 43.32
N ARG M 90 11.71 39.77 43.26
CA ARG M 90 12.71 40.34 44.13
C ARG M 90 12.14 40.67 45.51
N GLN M 91 10.99 41.33 45.56
CA GLN M 91 10.46 41.85 46.81
C GLN M 91 9.75 40.81 47.66
N LEU M 92 9.37 39.66 47.09
CA LEU M 92 8.69 38.63 47.86
C LEU M 92 9.64 38.03 48.89
N PHE M 93 10.72 37.42 48.44
CA PHE M 93 11.64 36.72 49.33
C PHE M 93 12.52 37.72 50.06
N HIS M 94 12.91 37.37 51.27
CA HIS M 94 13.78 38.23 52.06
C HIS M 94 15.18 38.26 51.42
N PRO M 95 15.87 39.41 51.40
CA PRO M 95 17.22 39.39 50.81
C PRO M 95 18.23 38.61 51.64
N GLU M 96 18.03 38.53 52.96
CA GLU M 96 18.93 37.78 53.82
C GLU M 96 18.66 36.29 53.79
N GLN M 97 17.39 35.89 53.58
CA GLN M 97 17.07 34.47 53.54
C GLN M 97 17.71 33.76 52.34
N LEU M 98 17.97 34.48 51.26
CA LEU M 98 18.60 33.89 50.07
C LEU M 98 20.08 33.70 50.38
N ILE M 99 20.42 32.57 50.96
CA ILE M 99 21.79 32.27 51.37
C ILE M 99 22.57 31.81 50.14
N THR M 100 23.82 32.24 50.03
CA THR M 100 24.74 31.83 48.98
C THR M 100 26.08 31.43 49.59
N GLY M 101 26.73 30.47 48.94
CA GLY M 101 28.02 29.97 49.37
C GLY M 101 29.17 30.71 48.74
N LYS M 102 30.31 30.03 48.63
CA LYS M 102 31.54 30.57 48.07
C LYS M 102 32.14 29.69 46.98
N GLU M 103 31.94 28.37 47.08
CA GLU M 103 32.50 27.40 46.16
C GLU M 103 31.52 26.26 45.97
N ASP M 104 31.38 25.81 44.73
CA ASP M 104 30.38 24.81 44.38
C ASP M 104 30.74 23.45 44.98
N ALA M 105 29.71 22.66 45.28
CA ALA M 105 29.91 21.29 45.74
C ALA M 105 30.60 20.43 44.70
N ALA M 106 30.39 20.73 43.42
CA ALA M 106 31.09 20.07 42.31
C ALA M 106 30.75 18.58 42.25
N ASN M 107 29.46 18.28 42.38
CA ASN M 107 28.91 16.95 42.09
C ASN M 107 29.47 15.87 43.00
N ASN M 108 29.90 16.25 44.21
CA ASN M 108 30.59 15.38 45.15
C ASN M 108 29.82 15.35 46.45
N TYR M 109 29.54 14.14 46.95
CA TYR M 109 28.87 13.99 48.24
C TYR M 109 29.76 14.51 49.38
N ALA M 110 31.07 14.25 49.29
CA ALA M 110 31.96 14.60 50.38
C ALA M 110 32.23 16.10 50.42
N ARG M 111 32.33 16.75 49.26
CA ARG M 111 32.73 18.15 49.23
C ARG M 111 31.64 19.06 49.79
N GLY M 112 30.38 18.76 49.50
CA GLY M 112 29.27 19.51 50.07
C GLY M 112 28.90 19.13 51.50
N HIS M 113 29.61 18.20 52.12
CA HIS M 113 29.31 17.68 53.46
C HIS M 113 30.36 18.00 54.50
N TYR M 114 31.64 18.03 54.12
CA TYR M 114 32.76 18.19 55.05
C TYR M 114 33.53 19.49 54.84
N THR M 115 34.02 19.74 53.62
CA THR M 115 34.81 20.94 53.37
C THR M 115 33.93 22.19 53.28
N ILE M 116 33.04 22.23 52.29
CA ILE M 116 32.15 23.37 52.11
C ILE M 116 30.91 23.26 52.98
N GLY M 117 30.51 22.05 53.39
CA GLY M 117 29.29 21.91 54.17
C GLY M 117 29.45 22.43 55.59
N LYS M 118 30.56 22.08 56.24
CA LYS M 118 30.75 22.42 57.65
C LYS M 118 30.86 23.93 57.88
N GLU M 119 31.38 24.68 56.91
CA GLU M 119 31.62 26.11 57.10
C GLU M 119 30.42 26.98 56.78
N ILE M 120 29.27 26.40 56.38
CA ILE M 120 28.09 27.16 55.97
C ILE M 120 26.83 26.72 56.73
N ILE M 121 26.86 25.54 57.36
CA ILE M 121 25.71 25.11 58.18
C ILE M 121 25.49 26.03 59.37
N ASP M 122 26.53 26.67 59.89
CA ASP M 122 26.38 27.47 61.11
C ASP M 122 25.54 28.71 60.85
N PRO M 123 25.71 29.42 59.73
CA PRO M 123 24.69 30.43 59.37
C PRO M 123 23.32 29.85 59.10
N VAL M 124 23.23 28.60 58.66
CA VAL M 124 21.96 28.05 58.19
C VAL M 124 21.16 27.44 59.34
N LEU M 125 21.82 26.69 60.22
CA LEU M 125 21.10 25.95 61.25
C LEU M 125 20.51 26.88 62.30
N ASP M 126 21.26 27.89 62.72
CA ASP M 126 20.73 28.87 63.66
C ASP M 126 19.65 29.75 63.04
N ARG M 127 19.60 29.87 61.72
CA ARG M 127 18.56 30.67 61.08
C ARG M 127 17.20 29.98 61.18
N ILE M 128 17.15 28.68 60.87
CA ILE M 128 15.89 27.95 60.98
C ILE M 128 15.42 27.84 62.42
N ARG M 129 16.34 27.91 63.39
CA ARG M 129 15.93 27.97 64.79
C ARG M 129 15.14 29.23 65.10
N LYS M 130 15.74 30.39 64.87
CA LYS M 130 15.06 31.65 65.16
C LYS M 130 13.93 31.94 64.18
N LEU M 131 14.02 31.44 62.95
CA LEU M 131 12.90 31.53 62.01
C LEU M 131 11.73 30.66 62.43
N SER M 132 11.96 29.63 63.24
CA SER M 132 10.89 28.83 63.84
C SER M 132 10.39 29.40 65.15
N ASP M 133 11.21 30.16 65.87
CA ASP M 133 10.79 30.72 67.15
C ASP M 133 9.69 31.75 66.99
N GLN M 134 9.75 32.57 65.94
CA GLN M 134 8.65 33.50 65.65
C GLN M 134 7.37 32.75 65.31
N CYS M 135 7.48 31.55 64.73
CA CYS M 135 6.32 30.70 64.52
C CYS M 135 5.92 30.01 65.82
N THR M 136 4.71 29.45 65.82
CA THR M 136 4.15 28.72 66.97
C THR M 136 3.53 27.39 66.61
N GLY M 137 3.02 27.21 65.38
CA GLY M 137 2.36 25.99 64.95
C GLY M 137 3.15 25.23 63.91
N LEU M 138 4.47 25.15 64.10
CA LEU M 138 5.34 24.47 63.16
C LEU M 138 5.01 22.98 63.14
N GLN M 139 4.35 22.52 62.06
CA GLN M 139 3.95 21.13 61.97
C GLN M 139 5.14 20.23 61.63
N GLY M 140 6.04 20.71 60.78
CA GLY M 140 7.19 19.90 60.39
C GLY M 140 8.08 20.64 59.42
N PHE M 141 8.72 19.87 58.54
CA PHE M 141 9.62 20.40 57.53
C PHE M 141 9.37 19.68 56.20
N LEU M 142 9.68 20.38 55.11
CA LEU M 142 9.71 19.78 53.78
C LEU M 142 10.87 20.38 53.01
N VAL M 143 11.68 19.52 52.39
CA VAL M 143 12.89 19.91 51.68
C VAL M 143 12.71 19.61 50.20
N PHE M 144 13.59 20.22 49.39
CA PHE M 144 13.59 20.06 47.94
C PHE M 144 15.03 20.00 47.47
N HIS M 145 15.40 18.93 46.78
CA HIS M 145 16.79 18.69 46.40
C HIS M 145 16.81 17.56 45.37
N SER M 146 18.02 17.13 45.01
CA SER M 146 18.22 15.99 44.13
C SER M 146 19.55 15.35 44.47
N PHE M 147 19.53 14.04 44.75
CA PHE M 147 20.74 13.32 45.12
C PHE M 147 21.67 13.04 43.93
N GLY M 148 21.32 13.43 42.71
CA GLY M 148 22.21 13.30 41.59
C GLY M 148 23.41 14.23 41.60
N GLY M 149 23.40 15.26 42.44
CA GLY M 149 24.49 16.21 42.54
C GLY M 149 25.23 16.10 43.87
N GLY M 150 26.07 17.10 44.12
CA GLY M 150 26.88 17.15 45.32
C GLY M 150 26.22 17.90 46.46
N THR M 151 25.76 19.12 46.20
CA THR M 151 25.11 19.90 47.24
C THR M 151 23.77 19.30 47.62
N GLY M 152 23.08 18.67 46.67
CA GLY M 152 21.84 17.97 46.98
C GLY M 152 22.01 16.67 47.75
N SER M 153 23.24 16.13 47.79
CA SER M 153 23.52 14.86 48.46
C SER M 153 24.24 15.07 49.79
N GLY M 154 25.35 15.81 49.78
CA GLY M 154 26.15 15.97 50.98
C GLY M 154 25.55 16.96 51.96
N PHE M 155 25.27 18.18 51.49
CA PHE M 155 24.77 19.22 52.37
C PHE M 155 23.37 18.91 52.88
N THR M 156 22.56 18.20 52.09
CA THR M 156 21.20 17.88 52.51
C THR M 156 21.21 16.88 53.66
N SER M 157 22.05 15.85 53.56
CA SER M 157 22.18 14.90 54.66
C SER M 157 22.76 15.54 55.90
N LEU M 158 23.60 16.56 55.73
CA LEU M 158 24.21 17.22 56.87
C LEU M 158 23.18 18.04 57.64
N LEU M 159 22.41 18.88 56.95
CA LEU M 159 21.43 19.71 57.64
C LEU M 159 20.29 18.87 58.21
N MET M 160 19.83 17.87 57.45
CA MET M 160 18.75 17.01 57.93
C MET M 160 19.20 16.19 59.13
N GLU M 161 20.48 15.83 59.19
CA GLU M 161 21.02 15.19 60.38
C GLU M 161 21.18 16.20 61.51
N ARG M 162 21.52 17.44 61.18
CA ARG M 162 21.76 18.46 62.21
C ARG M 162 20.48 18.95 62.87
N LEU M 163 19.35 18.93 62.16
CA LEU M 163 18.06 19.31 62.73
C LEU M 163 17.31 18.12 63.32
N SER M 164 17.56 16.91 62.83
CA SER M 164 16.88 15.74 63.39
C SER M 164 17.36 15.44 64.81
N VAL M 165 18.64 15.67 65.10
CA VAL M 165 19.12 15.50 66.46
C VAL M 165 18.59 16.59 67.40
N ASP M 166 18.21 17.75 66.86
CA ASP M 166 17.67 18.84 67.67
C ASP M 166 16.16 18.66 67.89
N TYR M 167 15.39 18.59 66.81
CA TYR M 167 13.93 18.44 66.89
C TYR M 167 13.53 16.97 67.03
N GLY M 168 13.86 16.16 66.03
CA GLY M 168 13.58 14.75 66.07
C GLY M 168 12.12 14.38 65.86
N LYS M 169 11.27 14.78 66.79
CA LYS M 169 9.85 14.40 66.76
C LYS M 169 9.10 14.98 65.57
N LYS M 170 9.54 16.11 65.02
CA LYS M 170 8.82 16.74 63.92
C LYS M 170 9.05 15.97 62.62
N SER M 171 8.10 16.12 61.70
CA SER M 171 8.13 15.37 60.45
C SER M 171 9.14 15.97 59.48
N LYS M 172 9.48 15.18 58.45
CA LYS M 172 10.40 15.58 57.41
C LYS M 172 9.88 15.02 56.09
N LEU M 173 9.43 15.90 55.19
CA LEU M 173 8.84 15.53 53.90
C LEU M 173 9.91 15.75 52.82
N GLU M 174 10.64 14.69 52.51
CA GLU M 174 11.73 14.79 51.53
C GLU M 174 11.17 14.68 50.12
N PHE M 175 11.71 15.51 49.22
CA PHE M 175 11.34 15.53 47.80
C PHE M 175 12.62 15.51 46.99
N SER M 176 13.09 14.30 46.66
CA SER M 176 14.33 14.09 45.93
C SER M 176 14.04 13.63 44.50
N ILE M 177 14.84 14.14 43.57
CA ILE M 177 14.75 13.77 42.15
C ILE M 177 15.82 12.72 41.88
N TYR M 178 15.40 11.44 41.75
CA TYR M 178 16.31 10.33 41.47
C TYR M 178 16.62 10.26 39.97
N PRO M 179 17.70 9.59 39.55
CA PRO M 179 17.98 9.48 38.12
C PRO M 179 17.11 8.41 37.47
N ALA M 180 16.93 8.55 36.17
CA ALA M 180 16.11 7.61 35.41
C ALA M 180 16.89 6.31 35.19
N PRO M 181 16.21 5.23 34.70
CA PRO M 181 16.94 3.97 34.45
C PRO M 181 18.03 4.09 33.40
N GLN M 182 17.71 4.68 32.25
CA GLN M 182 18.65 4.83 31.13
C GLN M 182 19.05 6.28 30.87
N VAL M 183 18.14 7.23 31.06
CA VAL M 183 18.46 8.65 30.95
C VAL M 183 19.20 9.07 32.21
N SER M 184 20.17 9.97 32.06
CA SER M 184 20.90 10.48 33.21
C SER M 184 21.64 11.75 32.81
N THR M 185 21.79 12.64 33.78
CA THR M 185 22.44 13.94 33.59
C THR M 185 23.92 13.90 33.93
N ALA M 186 24.30 13.11 34.93
CA ALA M 186 25.68 12.95 35.38
C ALA M 186 26.18 11.54 35.08
N VAL M 187 27.40 11.26 35.54
CA VAL M 187 28.00 9.93 35.43
C VAL M 187 28.24 9.29 36.79
N VAL M 188 28.49 10.07 37.84
CA VAL M 188 28.78 9.56 39.18
C VAL M 188 27.56 9.59 40.10
N GLU M 189 26.35 9.77 39.57
CA GLU M 189 25.15 9.81 40.41
C GLU M 189 24.85 8.53 41.20
N PRO M 190 25.31 7.32 40.82
CA PRO M 190 25.17 6.21 41.77
C PRO M 190 26.00 6.41 43.03
N TYR M 191 27.22 6.96 42.90
CA TYR M 191 28.04 7.24 44.06
C TYR M 191 27.42 8.31 44.94
N ASN M 192 26.79 9.31 44.32
CA ASN M 192 26.17 10.39 45.09
C ASN M 192 24.92 9.90 45.80
N SER M 193 24.14 9.05 45.13
CA SER M 193 22.87 8.60 45.71
C SER M 193 23.09 7.50 46.74
N ILE M 194 24.08 6.64 46.52
CA ILE M 194 24.28 5.51 47.42
C ILE M 194 24.85 5.98 48.76
N LEU M 195 25.66 7.04 48.76
CA LEU M 195 26.26 7.52 50.00
C LEU M 195 25.27 8.33 50.84
N THR M 196 24.48 9.20 50.20
CA THR M 196 23.53 10.03 50.93
C THR M 196 22.33 9.26 51.43
N THR M 197 21.95 8.17 50.76
CA THR M 197 20.87 7.32 51.25
C THR M 197 21.27 6.53 52.48
N HIS M 198 22.56 6.33 52.73
CA HIS M 198 23.01 5.65 53.93
C HIS M 198 22.64 6.43 55.18
N THR M 199 22.68 7.76 55.11
CA THR M 199 22.26 8.64 56.21
C THR M 199 20.77 8.94 56.19
N THR M 200 20.14 8.96 55.02
CA THR M 200 18.72 9.24 54.89
C THR M 200 17.83 8.04 55.24
N LEU M 201 18.38 6.83 55.26
CA LEU M 201 17.57 5.65 55.50
C LEU M 201 17.00 5.60 56.92
N GLU M 202 17.67 6.23 57.88
CA GLU M 202 17.31 6.14 59.30
C GLU M 202 16.70 7.41 59.86
N HIS M 203 17.08 8.59 59.34
CA HIS M 203 16.62 9.86 59.88
C HIS M 203 15.36 10.39 59.22
N SER M 204 15.10 10.04 57.96
CA SER M 204 13.95 10.56 57.23
C SER M 204 12.71 9.74 57.56
N ASP M 205 11.61 10.44 57.86
CA ASP M 205 10.35 9.76 58.15
C ASP M 205 9.66 9.31 56.86
N CYS M 206 9.65 10.17 55.84
CA CYS M 206 9.08 9.82 54.55
C CYS M 206 9.76 10.65 53.47
N ALA M 207 9.76 10.13 52.25
CA ALA M 207 10.50 10.74 51.14
C ALA M 207 9.79 10.40 49.84
N PHE M 208 9.08 11.39 49.29
CA PHE M 208 8.49 11.26 47.96
C PHE M 208 9.55 11.49 46.90
N MET M 209 9.39 10.83 45.76
CA MET M 209 10.41 10.75 44.72
C MET M 209 9.86 11.19 43.37
N VAL M 210 10.76 11.74 42.55
CA VAL M 210 10.46 12.22 41.21
C VAL M 210 11.56 11.71 40.29
N ASP M 211 11.22 11.50 39.01
CA ASP M 211 12.12 10.96 38.00
C ASP M 211 12.21 11.94 36.82
N ASN M 212 13.22 11.73 35.97
CA ASN M 212 13.53 12.63 34.87
C ASN M 212 12.76 12.29 33.59
N GLU M 213 12.92 11.08 33.06
CA GLU M 213 12.22 10.72 31.83
C GLU M 213 10.74 10.42 32.06
N ALA M 214 10.35 10.04 33.28
CA ALA M 214 8.95 9.76 33.55
C ALA M 214 8.10 11.01 33.41
N ILE M 215 8.52 12.11 34.03
CA ILE M 215 7.76 13.35 33.94
C ILE M 215 7.79 13.90 32.52
N TYR M 216 8.86 13.64 31.76
CA TYR M 216 8.85 13.97 30.34
C TYR M 216 7.79 13.17 29.59
N ASP M 217 7.56 11.92 30.01
CA ASP M 217 6.55 11.09 29.37
C ASP M 217 5.14 11.60 29.65
N ILE M 218 4.95 12.29 30.78
CA ILE M 218 3.62 12.84 31.10
C ILE M 218 3.26 13.93 30.12
N CYS M 219 4.15 14.90 29.93
CA CYS M 219 3.89 16.02 29.04
C CYS M 219 3.99 15.64 27.56
N ARG M 220 4.61 14.51 27.23
CA ARG M 220 4.74 14.09 25.83
C ARG M 220 3.43 13.51 25.30
N ARG M 221 2.83 12.57 26.04
CA ARG M 221 1.64 11.88 25.57
C ARG M 221 0.38 12.72 25.81
N ASN M 222 0.11 13.06 27.07
CA ASN M 222 -1.14 13.71 27.42
C ASN M 222 -1.15 15.20 27.11
N LEU M 223 -0.07 15.92 27.46
CA LEU M 223 0.01 17.36 27.24
C LEU M 223 0.58 17.75 25.89
N ASP M 224 1.03 16.79 25.07
CA ASP M 224 1.52 16.95 23.70
C ASP M 224 2.55 18.06 23.52
N ILE M 225 3.36 18.32 24.55
CA ILE M 225 4.45 19.29 24.49
C ILE M 225 5.67 18.51 24.02
N GLU M 226 5.98 18.64 22.72
CA GLU M 226 7.11 17.92 22.13
C GLU M 226 8.45 18.56 22.45
N ARG M 227 8.50 19.80 22.92
CA ARG M 227 9.73 20.50 23.29
C ARG M 227 9.53 21.18 24.65
N PRO M 228 9.50 20.42 25.74
CA PRO M 228 9.39 21.01 27.08
C PRO M 228 10.76 21.35 27.65
N THR M 229 10.72 22.03 28.80
CA THR M 229 11.92 22.43 29.54
C THR M 229 11.68 22.21 31.04
N TYR M 230 12.72 22.44 31.84
CA TYR M 230 12.59 22.29 33.28
C TYR M 230 11.62 23.29 33.89
N THR M 231 11.44 24.44 33.24
CA THR M 231 10.43 25.40 33.71
C THR M 231 9.04 24.80 33.65
N ASN M 232 8.74 24.02 32.61
CA ASN M 232 7.44 23.37 32.51
C ASN M 232 7.32 22.19 33.46
N LEU M 233 8.42 21.48 33.71
CA LEU M 233 8.38 20.33 34.61
C LEU M 233 8.06 20.75 36.05
N ASN M 234 8.63 21.88 36.48
CA ASN M 234 8.43 22.31 37.85
C ASN M 234 7.02 22.84 38.11
N ARG M 235 6.27 23.20 37.08
CA ARG M 235 4.92 23.71 37.27
C ARG M 235 4.00 22.61 37.79
N LEU M 236 3.94 21.48 37.10
CA LEU M 236 3.12 20.37 37.57
C LEU M 236 3.64 19.76 38.87
N ILE M 237 4.94 19.89 39.14
CA ILE M 237 5.47 19.48 40.44
C ILE M 237 4.96 20.44 41.52
N SER M 238 4.84 21.72 41.18
CA SER M 238 4.29 22.68 42.13
C SER M 238 2.81 22.39 42.40
N GLN M 239 2.09 21.87 41.40
CA GLN M 239 0.72 21.46 41.61
C GLN M 239 0.62 20.30 42.59
N ILE M 240 1.62 19.41 42.57
CA ILE M 240 1.60 18.26 43.47
C ILE M 240 1.83 18.71 44.90
N VAL M 241 2.95 19.40 45.15
CA VAL M 241 3.33 19.79 46.51
C VAL M 241 2.45 20.88 47.08
N SER M 242 1.75 21.64 46.24
CA SER M 242 0.75 22.60 46.72
C SER M 242 -0.57 21.94 47.04
N SER M 243 -0.92 20.86 46.33
CA SER M 243 -2.17 20.17 46.58
C SER M 243 -2.14 19.32 47.85
N ILE M 244 -0.99 18.77 48.21
CA ILE M 244 -0.91 18.00 49.45
C ILE M 244 -1.05 18.89 50.68
N THR M 245 -0.51 20.10 50.64
CA THR M 245 -0.65 21.08 51.72
C THR M 245 -1.86 22.00 51.53
N ALA M 246 -2.75 21.72 50.57
CA ALA M 246 -3.94 22.52 50.37
C ALA M 246 -4.99 22.30 51.45
N SER M 247 -4.92 21.20 52.21
CA SER M 247 -5.91 20.94 53.24
C SER M 247 -5.73 21.89 54.42
N LEU M 248 -4.49 22.16 54.83
CA LEU M 248 -4.24 23.06 55.94
C LEU M 248 -4.45 24.53 55.58
N ARG M 249 -4.30 24.89 54.30
CA ARG M 249 -4.49 26.27 53.89
C ARG M 249 -5.96 26.64 53.83
N PHE M 250 -6.71 25.98 52.97
CA PHE M 250 -8.13 26.24 52.75
C PHE M 250 -8.97 25.21 53.48
N ASP M 251 -10.24 25.57 53.70
CA ASP M 251 -11.17 24.68 54.38
C ASP M 251 -11.56 23.54 53.47
N GLY M 252 -11.75 22.35 54.06
CA GLY M 252 -12.10 21.15 53.33
C GLY M 252 -13.12 20.32 54.08
N ALA M 253 -13.81 19.47 53.32
CA ALA M 253 -14.81 18.59 53.92
C ALA M 253 -14.16 17.53 54.80
N LEU M 254 -12.93 17.10 54.47
CA LEU M 254 -12.17 16.14 55.26
C LEU M 254 -10.75 16.66 55.30
N ASN M 255 -10.44 17.45 56.33
CA ASN M 255 -9.14 18.08 56.46
C ASN M 255 -8.10 17.07 56.91
N VAL M 256 -6.96 17.06 56.22
CA VAL M 256 -5.81 16.22 56.56
C VAL M 256 -4.62 17.14 56.77
N ASP M 257 -3.67 16.65 57.59
CA ASP M 257 -2.48 17.38 58.00
C ASP M 257 -1.23 16.62 57.56
N LEU M 258 -0.07 17.24 57.80
CA LEU M 258 1.19 16.67 57.38
C LEU M 258 1.56 15.41 58.16
N THR M 259 1.03 15.23 59.37
CA THR M 259 1.31 14.03 60.15
C THR M 259 0.61 12.79 59.61
N GLU M 260 -0.39 12.96 58.74
CA GLU M 260 -1.05 11.79 58.13
C GLU M 260 -0.11 11.03 57.21
N PHE M 261 0.85 11.71 56.59
CA PHE M 261 1.81 11.06 55.70
C PHE M 261 2.79 10.14 56.40
N GLN M 262 2.92 10.23 57.74
CA GLN M 262 3.78 9.35 58.51
C GLN M 262 3.05 8.10 58.98
N THR M 263 1.79 8.25 59.38
CA THR M 263 1.05 7.14 59.96
C THR M 263 0.50 6.19 58.90
N ASN M 264 -0.07 6.75 57.83
CA ASN M 264 -0.80 5.96 56.85
C ASN M 264 0.06 5.36 55.74
N LEU M 265 1.31 5.80 55.59
CA LEU M 265 2.17 5.43 54.47
C LEU M 265 3.45 4.69 54.87
N VAL M 266 3.88 4.80 56.12
CA VAL M 266 5.13 4.22 56.61
C VAL M 266 4.77 3.00 57.46
N PRO M 267 4.69 1.77 56.89
CA PRO M 267 4.38 0.60 57.72
C PRO M 267 5.53 0.20 58.64
N TYR M 268 6.77 0.50 58.25
CA TYR M 268 7.97 0.18 59.00
C TYR M 268 8.90 1.38 58.93
N PRO M 269 9.73 1.64 59.96
CA PRO M 269 10.47 2.91 59.99
C PRO M 269 11.58 3.01 58.95
N ARG M 270 12.05 1.88 58.40
CA ARG M 270 13.09 1.86 57.38
C ARG M 270 12.57 1.59 55.97
N ILE M 271 11.25 1.42 55.79
CA ILE M 271 10.62 1.35 54.48
C ILE M 271 9.73 2.58 54.37
N HIS M 272 10.28 3.64 53.79
CA HIS M 272 9.68 4.98 53.81
C HIS M 272 9.83 5.65 52.44
N PHE M 273 9.44 4.93 51.38
CA PHE M 273 9.62 5.37 49.99
C PHE M 273 8.30 5.25 49.23
N PRO M 274 7.42 6.24 49.32
CA PRO M 274 6.23 6.27 48.45
C PRO M 274 6.55 6.76 47.04
N LEU M 275 5.62 6.47 46.13
CA LEU M 275 5.64 6.99 44.78
C LEU M 275 4.88 8.30 44.71
N ALA M 276 4.83 8.88 43.51
CA ALA M 276 4.16 10.15 43.28
C ALA M 276 3.55 10.18 41.88
N THR M 277 2.35 10.73 41.78
CA THR M 277 1.67 10.89 40.49
C THR M 277 0.62 11.98 40.65
N TYR M 278 0.03 12.37 39.52
CA TYR M 278 -0.92 13.47 39.47
C TYR M 278 -1.84 13.29 38.27
N ALA M 279 -3.08 13.75 38.42
CA ALA M 279 -4.04 13.73 37.33
C ALA M 279 -5.13 14.74 37.64
N PRO M 280 -5.82 15.31 36.63
CA PRO M 280 -5.68 15.16 35.17
C PRO M 280 -4.66 16.11 34.57
N VAL M 281 -3.81 15.58 33.69
CA VAL M 281 -2.88 16.38 32.89
C VAL M 281 -3.45 16.48 31.49
N ILE M 282 -3.86 17.70 31.11
CA ILE M 282 -4.59 17.91 29.86
C ILE M 282 -4.31 19.34 29.41
N SER M 283 -4.22 19.53 28.10
CA SER M 283 -3.90 20.82 27.51
C SER M 283 -5.17 21.67 27.41
N ALA M 284 -5.03 22.88 26.87
CA ALA M 284 -6.15 23.81 26.79
C ALA M 284 -7.21 23.32 25.80
N GLU M 285 -6.81 23.10 24.54
CA GLU M 285 -7.75 22.64 23.52
C GLU M 285 -8.31 21.26 23.84
N LYS M 286 -7.55 20.41 24.54
CA LYS M 286 -8.03 19.09 24.92
C LYS M 286 -8.91 19.09 26.17
N ALA M 287 -8.86 20.16 26.98
CA ALA M 287 -9.67 20.20 28.20
C ALA M 287 -11.16 20.30 27.88
N TYR M 288 -11.50 21.09 26.86
CA TYR M 288 -12.90 21.30 26.51
C TYR M 288 -13.53 20.10 25.83
N HIS M 289 -12.74 19.25 25.17
CA HIS M 289 -13.24 18.05 24.53
C HIS M 289 -13.30 16.84 25.46
N GLU M 290 -12.43 16.78 26.47
CA GLU M 290 -12.38 15.67 27.40
C GLU M 290 -13.32 15.92 28.58
N GLN M 291 -14.03 14.89 28.99
CA GLN M 291 -14.95 14.99 30.12
C GLN M 291 -14.16 14.95 31.43
N LEU M 292 -14.61 15.75 32.41
CA LEU M 292 -13.94 15.91 33.70
C LEU M 292 -14.86 15.35 34.79
N SER M 293 -14.47 14.21 35.36
CA SER M 293 -15.13 13.64 36.52
C SER M 293 -14.13 12.79 37.30
N VAL M 294 -14.53 12.25 38.45
CA VAL M 294 -13.60 11.47 39.26
C VAL M 294 -13.35 10.08 38.71
N ALA M 295 -14.27 9.54 37.91
CA ALA M 295 -14.14 8.15 37.45
C ALA M 295 -12.98 8.01 36.47
N GLU M 296 -12.87 8.93 35.52
CA GLU M 296 -11.83 8.82 34.50
C GLU M 296 -10.44 9.13 35.05
N ILE M 297 -10.34 10.10 35.97
CA ILE M 297 -9.04 10.44 36.55
C ILE M 297 -8.61 9.44 37.62
N THR M 298 -9.56 8.78 38.28
CA THR M 298 -9.21 7.72 39.23
C THR M 298 -8.54 6.55 38.52
N ASN M 299 -8.96 6.26 37.30
CA ASN M 299 -8.28 5.25 36.49
C ASN M 299 -6.98 5.77 35.89
N ALA M 300 -6.82 7.09 35.75
CA ALA M 300 -5.63 7.64 35.11
C ALA M 300 -4.43 7.62 36.03
N CYS M 301 -4.62 7.91 37.32
CA CYS M 301 -3.50 7.91 38.25
C CYS M 301 -2.99 6.51 38.55
N PHE M 302 -3.87 5.51 38.56
CA PHE M 302 -3.46 4.12 38.68
C PHE M 302 -2.92 3.54 37.39
N GLU M 303 -3.01 4.26 36.27
CA GLU M 303 -2.38 3.80 35.03
C GLU M 303 -0.87 3.77 35.21
N PRO M 304 -0.17 2.71 34.79
CA PRO M 304 1.26 2.62 35.18
C PRO M 304 2.16 3.64 34.49
N ALA M 305 1.90 3.97 33.22
CA ALA M 305 2.70 4.95 32.51
C ALA M 305 2.39 6.39 32.91
N ASN M 306 1.35 6.64 33.72
CA ASN M 306 1.00 7.97 34.17
C ASN M 306 1.67 8.35 35.48
N GLN M 307 2.69 7.61 35.92
CA GLN M 307 3.42 7.89 37.15
C GLN M 307 4.65 8.73 36.86
N MET M 308 5.21 9.31 37.93
CA MET M 308 6.42 10.12 37.86
C MET M 308 7.68 9.30 38.11
N VAL M 309 7.64 8.00 37.86
CA VAL M 309 8.80 7.12 38.05
C VAL M 309 8.65 5.94 37.10
N LYS M 310 9.73 5.61 36.39
CA LYS M 310 9.73 4.47 35.49
C LYS M 310 9.80 3.21 36.34
N CYS M 311 8.62 2.68 36.66
CA CYS M 311 8.51 1.53 37.53
C CYS M 311 7.15 0.88 37.31
N ASP M 312 7.14 -0.44 37.21
CA ASP M 312 5.93 -1.18 36.92
C ASP M 312 5.22 -1.52 38.22
N PRO M 313 4.05 -0.93 38.56
CA PRO M 313 3.37 -1.35 39.79
C PRO M 313 2.80 -2.75 39.73
N ARG M 314 2.63 -3.34 38.55
CA ARG M 314 2.13 -4.71 38.46
C ARG M 314 3.13 -5.70 39.04
N HIS M 315 4.42 -5.40 38.99
CA HIS M 315 5.42 -6.33 39.52
C HIS M 315 5.35 -6.43 41.03
N GLY M 316 5.08 -5.32 41.71
CA GLY M 316 5.04 -5.27 43.17
C GLY M 316 3.63 -5.30 43.73
N LYS M 317 3.50 -4.91 45.00
CA LYS M 317 2.23 -4.84 45.70
C LYS M 317 2.18 -3.56 46.52
N TYR M 318 1.08 -2.82 46.40
CA TYR M 318 0.93 -1.57 47.13
C TYR M 318 0.79 -1.84 48.62
N MET M 319 1.73 -1.31 49.40
CA MET M 319 1.66 -1.43 50.86
C MET M 319 0.57 -0.52 51.42
N ALA M 320 0.49 0.71 50.92
CA ALA M 320 -0.49 1.68 51.37
C ALA M 320 -0.70 2.69 50.26
N CYS M 321 -1.87 3.32 50.26
CA CYS M 321 -2.24 4.30 49.25
C CYS M 321 -3.00 5.45 49.91
N CYS M 322 -2.68 6.68 49.47
CA CYS M 322 -3.32 7.90 49.95
C CYS M 322 -3.81 8.70 48.76
N LEU M 323 -4.98 9.32 48.93
CA LEU M 323 -5.64 10.12 47.89
C LEU M 323 -5.99 11.47 48.47
N LEU M 324 -5.79 12.53 47.68
CA LEU M 324 -6.13 13.88 48.06
C LEU M 324 -6.71 14.59 46.84
N TYR M 325 -7.97 15.02 46.95
CA TYR M 325 -8.71 15.64 45.86
C TYR M 325 -8.87 17.13 46.13
N ARG M 326 -9.23 17.87 45.08
CA ARG M 326 -9.48 19.30 45.15
C ARG M 326 -10.70 19.63 44.29
N GLY M 327 -11.33 20.74 44.62
CA GLY M 327 -12.46 21.24 43.85
C GLY M 327 -13.78 20.64 44.29
N ASP M 328 -14.78 20.80 43.41
CA ASP M 328 -16.14 20.34 43.70
C ASP M 328 -16.23 18.84 43.37
N VAL M 329 -15.80 18.04 44.36
CA VAL M 329 -15.85 16.59 44.30
C VAL M 329 -16.67 16.11 45.50
N VAL M 330 -17.87 15.60 45.21
CA VAL M 330 -18.77 15.11 46.27
C VAL M 330 -18.27 13.73 46.71
N PRO M 331 -18.59 13.27 47.94
CA PRO M 331 -18.01 12.00 48.40
C PRO M 331 -18.71 10.75 47.88
N LYS M 332 -19.72 10.90 47.02
CA LYS M 332 -20.45 9.74 46.49
C LYS M 332 -19.67 9.08 45.35
N ASP M 333 -19.48 9.81 44.25
CA ASP M 333 -18.87 9.22 43.07
C ASP M 333 -17.38 8.91 43.27
N VAL M 334 -16.72 9.55 44.23
CA VAL M 334 -15.32 9.23 44.51
C VAL M 334 -15.22 7.91 45.26
N ASN M 335 -16.21 7.58 46.09
CA ASN M 335 -16.20 6.31 46.80
C ASN M 335 -16.56 5.16 45.87
N ALA M 336 -17.45 5.40 44.91
CA ALA M 336 -17.77 4.37 43.92
C ALA M 336 -16.59 4.12 43.00
N ALA M 337 -15.76 5.13 42.74
CA ALA M 337 -14.61 4.95 41.87
C ALA M 337 -13.57 4.05 42.50
N ILE M 338 -13.20 4.30 43.75
CA ILE M 338 -12.19 3.48 44.41
C ILE M 338 -12.70 2.07 44.65
N ALA M 339 -14.01 1.89 44.80
CA ALA M 339 -14.57 0.56 44.93
C ALA M 339 -14.36 -0.25 43.66
N ALA M 340 -14.38 0.41 42.50
CA ALA M 340 -14.07 -0.28 41.25
C ALA M 340 -12.59 -0.65 41.15
N ILE M 341 -11.73 0.10 41.83
CA ILE M 341 -10.30 -0.23 41.83
C ILE M 341 -10.04 -1.47 42.67
N LYS M 342 -10.85 -1.70 43.72
CA LYS M 342 -10.63 -2.85 44.58
C LYS M 342 -10.92 -4.16 43.86
N THR M 343 -11.99 -4.22 43.09
CA THR M 343 -12.35 -5.42 42.33
C THR M 343 -11.58 -5.55 41.03
N LYS M 344 -10.91 -4.50 40.57
CA LYS M 344 -10.08 -4.59 39.37
C LYS M 344 -8.82 -5.38 39.68
N ARG M 345 -8.65 -6.52 39.02
CA ARG M 345 -7.52 -7.40 39.25
C ARG M 345 -6.30 -7.07 38.39
N SER M 346 -6.31 -5.94 37.66
CA SER M 346 -5.11 -5.54 36.93
C SER M 346 -3.98 -5.19 37.88
N ILE M 347 -4.30 -4.63 39.06
CA ILE M 347 -3.36 -4.37 40.13
C ILE M 347 -3.74 -5.22 41.33
N GLN M 348 -2.76 -5.54 42.16
CA GLN M 348 -2.91 -6.43 43.30
C GLN M 348 -2.34 -5.76 44.54
N PHE M 349 -3.13 -5.73 45.61
CA PHE M 349 -2.73 -5.20 46.91
C PHE M 349 -2.17 -6.32 47.77
N VAL M 350 -1.31 -5.94 48.71
CA VAL M 350 -0.68 -6.90 49.59
C VAL M 350 -1.64 -7.29 50.70
N ASP M 351 -1.51 -8.53 51.18
CA ASP M 351 -2.36 -9.03 52.25
C ASP M 351 -2.07 -8.39 53.60
N TRP M 352 -0.94 -7.72 53.77
CA TRP M 352 -0.60 -7.10 55.05
C TRP M 352 -1.35 -5.79 55.29
N CYS M 353 -2.09 -5.26 54.31
CA CYS M 353 -2.85 -4.04 54.47
C CYS M 353 -4.03 -4.06 53.50
N PRO M 354 -5.11 -4.77 53.81
CA PRO M 354 -6.25 -4.80 52.87
C PRO M 354 -6.92 -3.44 52.71
N THR M 355 -7.12 -2.70 53.80
CA THR M 355 -7.82 -1.42 53.77
C THR M 355 -6.80 -0.27 53.65
N GLY M 356 -5.95 -0.40 52.64
CA GLY M 356 -4.89 0.56 52.41
C GLY M 356 -5.33 1.73 51.55
N PHE M 357 -6.30 2.50 52.04
CA PHE M 357 -6.84 3.67 51.34
C PHE M 357 -7.03 4.80 52.34
N LYS M 358 -6.50 5.97 52.03
CA LYS M 358 -6.66 7.19 52.81
C LYS M 358 -7.17 8.27 51.86
N VAL M 359 -8.44 8.63 52.00
CA VAL M 359 -9.11 9.56 51.08
C VAL M 359 -9.12 10.94 51.72
N GLY M 360 -8.95 11.96 50.90
CA GLY M 360 -9.00 13.35 51.35
C GLY M 360 -9.64 14.22 50.30
N ILE M 361 -10.17 15.36 50.75
CA ILE M 361 -10.93 16.26 49.89
C ILE M 361 -10.74 17.68 50.41
N ASN M 362 -10.51 18.62 49.49
CA ASN M 362 -10.46 20.04 49.77
C ASN M 362 -11.39 20.78 48.82
N TYR M 363 -12.04 21.83 49.35
CA TYR M 363 -13.01 22.58 48.55
C TYR M 363 -12.35 23.52 47.55
N GLN M 364 -11.17 24.04 47.85
CA GLN M 364 -10.54 25.01 46.96
C GLN M 364 -10.06 24.31 45.69
N PRO M 365 -10.38 24.80 44.49
CA PRO M 365 -10.12 24.01 43.29
C PRO M 365 -8.68 24.19 42.83
N PRO M 366 -8.24 23.42 41.82
CA PRO M 366 -6.90 23.66 41.26
C PRO M 366 -6.87 24.97 40.48
N THR M 367 -5.87 25.79 40.78
CA THR M 367 -5.68 27.06 40.10
C THR M 367 -4.98 26.81 38.75
N VAL M 368 -4.60 27.91 38.09
CA VAL M 368 -3.84 27.85 36.85
C VAL M 368 -2.97 29.10 36.77
N VAL M 369 -1.76 28.93 36.24
CA VAL M 369 -0.80 30.03 36.14
C VAL M 369 -1.10 30.81 34.86
N PRO M 370 -0.94 32.14 34.83
CA PRO M 370 -1.10 32.84 33.55
C PRO M 370 0.03 32.47 32.59
N GLY M 371 -0.35 31.94 31.43
CA GLY M 371 0.61 31.50 30.44
C GLY M 371 1.19 30.12 30.68
N GLY M 372 0.66 29.35 31.64
CA GLY M 372 1.20 28.04 31.94
C GLY M 372 0.77 26.99 30.93
N ASP M 373 1.47 25.86 30.97
CA ASP M 373 1.19 24.76 30.05
C ASP M 373 -0.06 23.99 30.45
N LEU M 374 -0.35 23.88 31.74
CA LEU M 374 -1.54 23.18 32.21
C LEU M 374 -2.77 24.06 32.07
N ALA M 375 -3.91 23.43 31.84
CA ALA M 375 -5.20 24.09 31.66
C ALA M 375 -5.97 24.10 32.98
N LYS M 376 -7.01 24.93 33.01
CA LYS M 376 -7.87 25.03 34.18
C LYS M 376 -8.81 23.82 34.23
N VAL M 377 -8.90 23.21 35.41
CA VAL M 377 -9.74 22.04 35.65
C VAL M 377 -10.51 22.25 36.94
N GLN M 378 -11.76 21.79 36.95
CA GLN M 378 -12.62 21.94 38.12
C GLN M 378 -12.34 20.90 39.21
N ARG M 379 -11.47 19.92 38.96
CA ARG M 379 -11.14 18.93 39.97
C ARG M 379 -9.77 18.33 39.64
N ALA M 380 -9.15 17.73 40.66
CA ALA M 380 -7.84 17.13 40.49
C ALA M 380 -7.62 16.08 41.57
N VAL M 381 -6.53 15.33 41.43
CA VAL M 381 -6.16 14.30 42.38
C VAL M 381 -4.65 14.09 42.32
N CYS M 382 -4.08 13.78 43.48
CA CYS M 382 -2.67 13.41 43.59
C CYS M 382 -2.56 12.22 44.55
N MET M 383 -1.92 11.16 44.07
CA MET M 383 -1.83 9.89 44.80
C MET M 383 -0.38 9.67 45.24
N LEU M 384 -0.21 9.45 46.54
CA LEU M 384 1.05 9.02 47.13
C LEU M 384 0.80 7.66 47.74
N SER M 385 1.58 6.66 47.34
CA SER M 385 1.33 5.27 47.69
C SER M 385 2.65 4.54 47.88
N ASN M 386 2.77 3.82 49.00
CA ASN M 386 3.91 2.95 49.24
C ASN M 386 3.70 1.62 48.54
N THR M 387 4.77 1.07 47.97
CA THR M 387 4.70 -0.17 47.20
C THR M 387 6.06 -0.86 47.25
N THR M 388 6.06 -2.17 47.02
CA THR M 388 7.27 -2.95 46.87
C THR M 388 7.78 -2.96 45.43
N ALA M 389 7.20 -2.14 44.54
CA ALA M 389 7.66 -2.12 43.16
C ALA M 389 9.01 -1.42 43.00
N ILE M 390 9.38 -0.55 43.94
CA ILE M 390 10.60 0.26 43.79
C ILE M 390 11.84 -0.51 44.21
N ALA M 391 11.72 -1.80 44.58
CA ALA M 391 12.91 -2.57 44.93
C ALA M 391 13.78 -2.84 43.71
N GLU M 392 13.18 -2.98 42.53
CA GLU M 392 13.95 -3.23 41.33
C GLU M 392 14.80 -2.03 40.95
N ALA M 393 14.33 -0.82 41.26
CA ALA M 393 15.14 0.38 41.00
C ALA M 393 16.36 0.40 41.90
N TRP M 394 16.18 0.08 43.18
CA TRP M 394 17.34 -0.05 44.06
C TRP M 394 18.24 -1.21 43.65
N ALA M 395 17.64 -2.28 43.11
CA ALA M 395 18.46 -3.33 42.52
C ALA M 395 19.19 -2.85 41.28
N ARG M 396 18.55 -1.99 40.48
CA ARG M 396 19.21 -1.43 39.31
C ARG M 396 20.31 -0.48 39.70
N LEU M 397 20.05 0.41 40.65
CA LEU M 397 21.07 1.35 41.11
C LEU M 397 22.21 0.61 41.80
N ASP M 398 21.90 -0.41 42.59
CA ASP M 398 22.93 -1.20 43.25
C ASP M 398 23.69 -2.05 42.24
N HIS M 399 23.01 -2.51 41.17
CA HIS M 399 23.67 -3.33 40.16
C HIS M 399 24.72 -2.54 39.39
N LYS M 400 24.36 -1.35 38.91
CA LYS M 400 25.30 -0.53 38.17
C LYS M 400 26.43 0.00 39.05
N PHE M 401 26.16 0.22 40.35
CA PHE M 401 27.20 0.63 41.28
C PHE M 401 28.28 -0.43 41.44
N ASP M 402 27.91 -1.71 41.40
CA ASP M 402 28.90 -2.77 41.52
C ASP M 402 29.83 -2.82 40.32
N LEU M 403 29.36 -2.39 39.15
CA LEU M 403 30.22 -2.37 37.97
C LEU M 403 31.32 -1.32 38.11
N MET M 404 30.98 -0.14 38.62
CA MET M 404 31.96 0.92 38.82
C MET M 404 32.78 0.69 40.07
N TYR M 405 32.17 0.12 41.12
CA TYR M 405 32.90 -0.14 42.35
C TYR M 405 33.94 -1.23 42.16
N ALA M 406 33.67 -2.20 41.28
CA ALA M 406 34.63 -3.27 41.01
C ALA M 406 35.91 -2.72 40.38
N LYS M 407 35.80 -1.71 39.53
CA LYS M 407 36.96 -1.04 38.92
C LYS M 407 37.44 0.16 39.72
N ARG M 408 36.82 0.48 40.86
CA ARG M 408 37.20 1.63 41.69
C ARG M 408 37.12 2.94 40.91
N ALA M 409 36.05 3.09 40.14
CA ALA M 409 35.88 4.25 39.28
C ALA M 409 35.40 5.45 40.07
N PHE M 410 36.00 6.60 39.79
CA PHE M 410 35.62 7.89 40.39
C PHE M 410 35.78 7.89 41.91
N VAL M 411 36.70 7.08 42.43
CA VAL M 411 36.88 6.96 43.89
C VAL M 411 37.93 7.93 44.39
N HIS M 412 38.92 8.30 43.58
CA HIS M 412 40.02 9.13 44.06
C HIS M 412 39.57 10.55 44.39
N TRP M 413 38.45 11.01 43.83
CA TRP M 413 37.92 12.32 44.21
C TRP M 413 37.30 12.32 45.59
N TYR M 414 36.61 11.24 45.97
CA TYR M 414 35.99 11.18 47.28
C TYR M 414 37.01 11.06 48.39
N VAL M 415 38.00 10.18 48.23
CA VAL M 415 39.06 10.04 49.23
C VAL M 415 39.97 11.25 49.27
N GLY M 416 40.08 12.00 48.16
CA GLY M 416 40.78 13.27 48.19
C GLY M 416 40.09 14.33 49.03
N GLU M 417 38.79 14.18 49.27
CA GLU M 417 38.06 15.10 50.12
C GLU M 417 38.24 14.81 51.61
N GLY M 418 38.49 13.55 51.98
CA GLY M 418 38.69 13.17 53.36
C GLY M 418 38.13 11.81 53.74
N MET M 419 37.35 11.18 52.87
CA MET M 419 36.74 9.88 53.16
C MET M 419 37.72 8.77 52.81
N GLU M 420 37.27 7.52 52.95
CA GLU M 420 38.09 6.33 52.72
C GLU M 420 37.25 5.29 51.99
N GLU M 421 37.74 4.06 51.92
CA GLU M 421 37.03 2.97 51.27
C GLU M 421 35.99 2.32 52.19
N GLY M 422 36.07 2.55 53.51
CA GLY M 422 35.22 1.81 54.43
C GLY M 422 33.75 2.16 54.30
N GLU M 423 33.44 3.46 54.34
CA GLU M 423 32.04 3.88 54.30
C GLU M 423 31.38 3.60 52.95
N PHE M 424 32.17 3.43 51.88
CA PHE M 424 31.61 2.91 50.63
C PHE M 424 31.05 1.51 50.83
N SER M 425 31.73 0.69 51.64
CA SER M 425 31.22 -0.62 51.96
C SER M 425 29.97 -0.54 52.83
N GLU M 426 29.90 0.45 53.73
CA GLU M 426 28.70 0.64 54.52
C GLU M 426 27.54 1.10 53.66
N ALA M 427 27.82 1.94 52.67
CA ALA M 427 26.77 2.39 51.76
C ALA M 427 26.27 1.24 50.89
N ARG M 428 27.15 0.30 50.54
CA ARG M 428 26.74 -0.84 49.72
C ARG M 428 25.86 -1.80 50.53
N GLU M 429 26.33 -2.19 51.72
CA GLU M 429 25.58 -3.16 52.52
C GLU M 429 24.29 -2.59 53.08
N ASP M 430 24.21 -1.27 53.29
CA ASP M 430 22.99 -0.68 53.81
C ASP M 430 21.87 -0.76 52.77
N MET M 431 22.19 -0.53 51.50
CA MET M 431 21.21 -0.76 50.44
C MET M 431 20.93 -2.24 50.25
N ALA M 432 21.93 -3.10 50.47
CA ALA M 432 21.71 -4.53 50.42
C ALA M 432 20.76 -4.97 51.53
N ALA M 433 20.84 -4.31 52.69
CA ALA M 433 19.87 -4.57 53.76
C ALA M 433 18.47 -4.17 53.33
N LEU M 434 18.34 -3.13 52.51
CA LEU M 434 17.03 -2.66 52.10
C LEU M 434 16.35 -3.64 51.14
N GLU M 435 17.14 -4.30 50.28
CA GLU M 435 16.56 -5.22 49.31
C GLU M 435 15.99 -6.46 50.00
N LYS M 436 16.71 -7.01 50.97
CA LYS M 436 16.19 -8.17 51.70
C LYS M 436 14.97 -7.80 52.55
N ASP M 437 14.85 -6.53 52.94
CA ASP M 437 13.65 -6.08 53.63
C ASP M 437 12.48 -5.91 52.65
N TYR M 438 12.78 -5.51 51.41
CA TYR M 438 11.72 -5.29 50.44
C TYR M 438 11.15 -6.61 49.92
N GLU M 439 12.00 -7.63 49.75
CA GLU M 439 11.51 -8.94 49.35
C GLU M 439 10.85 -9.69 50.50
N GLU M 440 11.24 -9.40 51.75
CA GLU M 440 10.58 -10.01 52.89
C GLU M 440 9.21 -9.40 53.14
N VAL M 441 9.12 -8.07 53.14
CA VAL M 441 7.83 -7.41 53.35
C VAL M 441 6.88 -7.64 52.18
N GLY M 442 7.40 -7.90 50.98
CA GLY M 442 6.56 -8.16 49.83
C GLY M 442 5.98 -9.55 49.73
N ILE M 443 6.17 -10.40 50.74
CA ILE M 443 5.62 -11.75 50.71
C ILE M 443 4.11 -11.67 50.90
N MET N 1 33.91 36.06 43.25
CA MET N 1 33.26 34.73 43.34
C MET N 1 33.85 33.77 42.30
N ARG N 2 34.75 32.89 42.76
CA ARG N 2 35.29 31.80 41.94
C ARG N 2 36.09 32.35 40.75
N GLU N 3 37.02 33.24 41.05
CA GLU N 3 37.84 33.85 40.01
C GLU N 3 38.78 32.82 39.40
N ILE N 4 39.12 33.04 38.14
CA ILE N 4 40.03 32.19 37.36
C ILE N 4 41.20 33.07 36.92
N VAL N 5 42.41 32.64 37.26
CA VAL N 5 43.63 33.36 36.95
C VAL N 5 44.16 32.84 35.62
N HIS N 6 44.19 33.69 34.61
CA HIS N 6 44.68 33.33 33.28
C HIS N 6 46.17 33.60 33.19
N ILE N 7 46.88 32.69 32.52
CA ILE N 7 48.33 32.73 32.39
C ILE N 7 48.69 32.19 31.01
N GLN N 8 49.18 33.08 30.14
CA GLN N 8 49.48 32.77 28.75
C GLN N 8 50.98 32.53 28.61
N ALA N 9 51.36 31.26 28.45
CA ALA N 9 52.74 30.83 28.31
C ALA N 9 52.99 30.35 26.88
N GLY N 10 54.17 30.68 26.36
CA GLY N 10 54.55 30.27 25.02
C GLY N 10 53.98 31.17 23.94
N GLN N 11 54.48 30.96 22.71
CA GLN N 11 54.02 31.75 21.59
C GLN N 11 52.57 31.43 21.23
N CYS N 12 52.26 30.14 21.07
CA CYS N 12 50.91 29.74 20.70
C CYS N 12 49.92 30.03 21.82
N GLY N 13 50.35 29.89 23.07
CA GLY N 13 49.47 30.20 24.19
C GLY N 13 49.10 31.67 24.25
N ASN N 14 50.02 32.55 23.84
CA ASN N 14 49.69 33.97 23.78
C ASN N 14 48.73 34.27 22.64
N GLN N 15 48.83 33.54 21.54
CA GLN N 15 47.94 33.77 20.40
C GLN N 15 46.52 33.32 20.73
N ILE N 16 46.35 32.07 21.16
CA ILE N 16 45.01 31.59 21.51
C ILE N 16 44.51 32.28 22.77
N GLY N 17 45.41 32.64 23.69
CA GLY N 17 45.00 33.41 24.85
C GLY N 17 44.54 34.81 24.47
N ALA N 18 45.22 35.43 23.51
CA ALA N 18 44.77 36.73 23.00
C ALA N 18 43.43 36.60 22.29
N LYS N 19 43.25 35.51 21.54
CA LYS N 19 41.95 35.27 20.90
C LYS N 19 40.89 34.88 21.93
N PHE N 20 41.32 34.28 23.05
CA PHE N 20 40.36 33.90 24.08
C PHE N 20 39.72 35.13 24.72
N TRP N 21 40.54 36.13 25.06
CA TRP N 21 39.99 37.38 25.57
C TRP N 21 39.19 38.13 24.50
N GLU N 22 39.52 37.91 23.23
CA GLU N 22 38.81 38.60 22.15
C GLU N 22 37.38 38.07 22.02
N VAL N 23 37.22 36.74 21.98
CA VAL N 23 35.91 36.18 21.68
C VAL N 23 34.96 36.35 22.86
N ILE N 24 35.46 36.26 24.09
CA ILE N 24 34.60 36.45 25.26
C ILE N 24 34.29 37.92 25.51
N SER N 25 35.16 38.84 25.06
CA SER N 25 34.87 40.26 25.20
C SER N 25 33.64 40.68 24.41
N ASP N 26 33.41 40.04 23.26
CA ASP N 26 32.19 40.31 22.49
C ASP N 26 30.97 39.73 23.21
N GLU N 27 31.14 38.61 23.91
CA GLU N 27 30.04 38.03 24.67
C GLU N 27 29.64 38.94 25.83
N HIS N 28 30.62 39.46 26.56
CA HIS N 28 30.37 40.40 27.64
C HIS N 28 30.15 41.83 27.14
N GLY N 29 30.45 42.12 25.88
CA GLY N 29 30.23 43.45 25.34
C GLY N 29 31.20 44.49 25.89
N ILE N 30 32.49 44.17 25.86
CA ILE N 30 33.56 45.04 26.34
C ILE N 30 34.25 45.63 25.13
N ASP N 31 34.49 46.94 25.18
CA ASP N 31 35.22 47.60 24.11
C ASP N 31 36.70 47.21 24.18
N PRO N 32 37.46 47.35 23.09
CA PRO N 32 38.91 47.12 23.20
C PRO N 32 39.62 48.12 24.11
N THR N 33 39.07 49.34 24.24
CA THR N 33 39.67 50.30 25.17
C THR N 33 39.48 49.91 26.62
N GLY N 34 38.43 49.17 26.94
CA GLY N 34 38.15 48.67 28.28
C GLY N 34 36.79 49.06 28.85
N SER N 35 36.03 49.92 28.18
CA SER N 35 34.71 50.34 28.66
C SER N 35 33.63 49.39 28.17
N TYR N 36 32.51 49.38 28.89
CA TYR N 36 31.39 48.50 28.58
C TYR N 36 30.44 49.19 27.62
N HIS N 37 30.03 48.46 26.57
CA HIS N 37 29.04 48.93 25.60
C HIS N 37 28.06 47.82 25.22
N GLY N 38 27.78 46.89 26.14
CA GLY N 38 26.88 45.80 25.87
C GLY N 38 25.43 46.22 25.96
N ASP N 39 24.56 45.20 26.05
CA ASP N 39 23.11 45.36 26.11
C ASP N 39 22.46 44.68 27.30
N SER N 40 22.97 43.51 27.71
CA SER N 40 22.37 42.72 28.77
C SER N 40 23.00 43.08 30.12
N ASP N 41 22.19 42.97 31.18
CA ASP N 41 22.66 43.18 32.53
C ASP N 41 23.39 41.97 33.09
N LEU N 42 23.16 40.77 32.56
CA LEU N 42 23.84 39.58 33.04
C LEU N 42 25.32 39.57 32.67
N GLN N 43 25.75 40.38 31.70
CA GLN N 43 27.17 40.47 31.38
C GLN N 43 27.97 41.03 32.54
N LEU N 44 27.41 41.99 33.27
CA LEU N 44 28.04 42.52 34.48
C LEU N 44 27.85 41.63 35.71
N GLU N 45 26.97 40.63 35.63
CA GLU N 45 26.73 39.75 36.77
C GLU N 45 27.97 38.94 37.12
N ARG N 46 28.72 38.52 36.10
CA ARG N 46 29.91 37.67 36.27
C ARG N 46 31.04 38.17 35.38
N ILE N 47 31.21 39.50 35.34
CA ILE N 47 32.39 40.09 34.71
C ILE N 47 33.62 40.01 35.59
N ASN N 48 33.44 39.96 36.92
CA ASN N 48 34.56 39.84 37.84
C ASN N 48 35.17 38.44 37.87
N VAL N 49 34.53 37.44 37.25
CA VAL N 49 35.07 36.08 37.29
C VAL N 49 36.34 35.95 36.47
N TYR N 50 36.56 36.86 35.50
CA TYR N 50 37.78 36.94 34.70
C TYR N 50 38.47 38.29 34.75
N TYR N 51 37.72 39.39 34.89
CA TYR N 51 38.24 40.75 34.87
C TYR N 51 38.29 41.31 36.28
N ASN N 52 38.96 42.46 36.40
CA ASN N 52 39.04 43.24 37.64
C ASN N 52 38.46 44.62 37.40
N GLU N 53 37.71 45.12 38.37
CA GLU N 53 37.11 46.44 38.26
C GLU N 53 38.17 47.52 38.47
N ALA N 54 37.99 48.65 37.79
CA ALA N 54 38.89 49.79 37.91
C ALA N 54 38.11 51.10 37.79
N ALA N 55 38.81 52.22 37.85
CA ALA N 55 38.15 53.52 37.80
C ALA N 55 37.61 53.79 36.41
N GLY N 56 36.57 54.63 36.35
CA GLY N 56 35.97 54.98 35.07
C GLY N 56 35.21 53.85 34.42
N ASN N 57 34.74 52.87 35.19
CA ASN N 57 34.02 51.71 34.68
C ASN N 57 34.85 50.92 33.67
N LYS N 58 36.16 50.88 33.87
CA LYS N 58 37.08 50.13 33.02
C LYS N 58 37.38 48.78 33.67
N TYR N 59 37.47 47.75 32.84
CA TYR N 59 37.70 46.38 33.27
C TYR N 59 38.96 45.85 32.61
N VAL N 60 40.02 45.69 33.41
CA VAL N 60 41.30 45.16 32.95
C VAL N 60 41.23 43.64 33.07
N PRO N 61 41.75 42.85 32.12
CA PRO N 61 41.67 41.39 32.27
C PRO N 61 42.75 40.88 33.22
N ARG N 62 42.43 39.76 33.88
CA ARG N 62 43.36 39.08 34.79
C ARG N 62 44.19 38.08 33.99
N ALA N 63 44.99 38.63 33.08
CA ALA N 63 45.86 37.88 32.19
C ALA N 63 47.32 38.15 32.57
N ILE N 64 48.13 37.09 32.54
CA ILE N 64 49.55 37.16 32.86
C ILE N 64 50.27 36.55 31.67
N LEU N 65 50.80 37.41 30.78
CA LEU N 65 51.49 36.98 29.58
C LEU N 65 52.96 36.77 29.92
N VAL N 66 53.44 35.55 29.71
CA VAL N 66 54.83 35.17 29.97
C VAL N 66 55.40 34.55 28.70
N ASP N 67 56.59 34.99 28.33
CA ASP N 67 57.30 34.48 27.17
C ASP N 67 58.75 34.93 27.27
N LEU N 68 59.64 34.11 26.71
CA LEU N 68 61.08 34.37 26.71
C LEU N 68 61.57 35.08 25.45
N GLU N 69 60.67 35.69 24.68
CA GLU N 69 60.97 36.32 23.40
C GLU N 69 60.21 37.65 23.33
N PRO N 70 60.86 38.83 23.38
CA PRO N 70 60.08 40.07 23.49
C PRO N 70 59.31 40.44 22.24
N GLY N 71 59.64 39.87 21.08
CA GLY N 71 58.90 40.18 19.86
C GLY N 71 57.47 39.69 19.89
N THR N 72 57.19 38.63 20.66
CA THR N 72 55.83 38.11 20.73
C THR N 72 54.90 39.09 21.43
N MET N 73 55.37 39.73 22.51
CA MET N 73 54.53 40.68 23.24
C MET N 73 54.25 41.92 22.41
N ASP N 74 55.17 42.30 21.51
CA ASP N 74 54.94 43.45 20.66
C ASP N 74 53.80 43.20 19.68
N SER N 75 53.67 41.96 19.20
CA SER N 75 52.56 41.61 18.31
C SER N 75 51.24 41.50 19.06
N VAL N 76 51.28 41.02 20.30
CA VAL N 76 50.05 40.90 21.09
C VAL N 76 49.61 42.27 21.59
N ARG N 77 50.56 43.11 21.99
CA ARG N 77 50.22 44.45 22.46
C ARG N 77 49.70 45.32 21.33
N SER N 78 50.21 45.14 20.12
CA SER N 78 49.77 45.91 18.96
C SER N 78 48.57 45.27 18.24
N GLY N 79 47.88 44.33 18.88
CA GLY N 79 46.74 43.68 18.27
C GLY N 79 45.47 44.50 18.41
N PRO N 80 44.32 43.93 18.05
CA PRO N 80 43.06 44.67 18.25
C PRO N 80 42.75 44.90 19.72
N PHE N 81 42.83 43.84 20.55
CA PHE N 81 42.56 43.93 21.98
C PHE N 81 43.86 43.95 22.79
N GLY N 82 44.96 44.42 22.20
CA GLY N 82 46.23 44.45 22.91
C GLY N 82 46.34 45.53 23.97
N GLN N 83 45.57 46.62 23.83
CA GLN N 83 45.65 47.74 24.74
C GLN N 83 44.89 47.53 26.04
N ILE N 84 43.98 46.56 26.11
CA ILE N 84 43.19 46.35 27.31
C ILE N 84 43.98 45.66 28.42
N PHE N 85 44.99 44.88 28.09
CA PHE N 85 45.77 44.17 29.09
C PHE N 85 46.56 45.14 29.95
N ARG N 86 46.95 44.67 31.13
CA ARG N 86 47.72 45.49 32.05
C ARG N 86 49.17 45.57 31.58
N PRO N 87 49.82 46.75 31.59
CA PRO N 87 51.25 46.77 31.23
C PRO N 87 52.14 46.06 32.23
N ASP N 88 51.76 46.02 33.51
CA ASP N 88 52.59 45.36 34.51
C ASP N 88 52.62 43.85 34.31
N ASN N 89 51.53 43.28 33.80
CA ASN N 89 51.49 41.84 33.56
C ASN N 89 52.41 41.39 32.44
N PHE N 90 52.83 42.29 31.55
CA PHE N 90 53.71 41.94 30.43
C PHE N 90 55.13 41.79 30.97
N VAL N 91 55.39 40.63 31.59
CA VAL N 91 56.72 40.22 32.04
C VAL N 91 57.29 39.27 31.00
N PHE N 92 58.58 39.42 30.70
CA PHE N 92 59.20 38.67 29.62
C PHE N 92 60.70 38.80 29.71
N GLY N 93 61.39 37.83 29.13
CA GLY N 93 62.84 37.87 28.98
C GLY N 93 63.27 38.60 27.74
N GLN N 94 64.51 38.34 27.32
CA GLN N 94 65.12 38.92 26.14
C GLN N 94 65.63 37.87 25.16
N SER N 95 66.21 36.78 25.66
CA SER N 95 66.76 35.70 24.84
C SER N 95 65.77 34.55 24.78
N GLY N 96 65.47 34.09 23.57
CA GLY N 96 64.56 32.98 23.39
C GLY N 96 65.18 31.65 23.80
N ALA N 97 64.30 30.66 23.98
CA ALA N 97 64.72 29.32 24.36
C ALA N 97 65.27 28.53 23.19
N GLY N 98 64.87 28.84 21.96
CA GLY N 98 65.38 28.13 20.81
C GLY N 98 64.91 26.69 20.72
N ASN N 99 63.69 26.40 21.19
CA ASN N 99 63.12 25.06 21.18
C ASN N 99 63.99 24.08 21.96
N ASN N 100 64.16 24.37 23.25
CA ASN N 100 64.93 23.54 24.17
C ASN N 100 64.22 23.52 25.51
N TRP N 101 63.81 22.33 25.96
CA TRP N 101 63.10 22.21 27.22
C TRP N 101 64.01 22.50 28.40
N ALA N 102 65.29 22.17 28.29
CA ALA N 102 66.22 22.37 29.39
C ALA N 102 66.49 23.85 29.64
N LYS N 103 66.52 24.66 28.58
CA LYS N 103 66.81 26.08 28.75
C LYS N 103 65.68 26.80 29.46
N GLY N 104 64.44 26.58 29.00
CA GLY N 104 63.29 27.23 29.59
C GLY N 104 62.83 26.67 30.93
N HIS N 105 63.49 25.62 31.44
CA HIS N 105 63.09 24.96 32.68
C HIS N 105 64.12 25.08 33.80
N TYR N 106 65.41 25.18 33.46
CA TYR N 106 66.51 25.17 34.43
C TYR N 106 67.25 26.49 34.50
N THR N 107 67.61 27.09 33.35
CA THR N 107 68.45 28.28 33.29
C THR N 107 67.68 29.51 32.83
N GLU N 108 67.05 29.45 31.66
CA GLU N 108 66.36 30.63 31.12
C GLU N 108 65.04 30.89 31.85
N GLY N 109 64.39 29.84 32.35
CA GLY N 109 63.15 29.98 33.09
C GLY N 109 63.36 30.32 34.55
N ALA N 110 64.43 29.80 35.14
CA ALA N 110 64.68 29.99 36.56
C ALA N 110 64.96 31.44 36.91
N GLU N 111 65.57 32.21 36.01
CA GLU N 111 65.80 33.63 36.26
C GLU N 111 64.53 34.46 36.19
N LEU N 112 63.53 34.01 35.40
CA LEU N 112 62.26 34.71 35.26
C LEU N 112 61.16 34.16 36.16
N VAL N 113 61.25 32.91 36.61
CA VAL N 113 60.18 32.33 37.41
C VAL N 113 60.08 33.02 38.77
N ASP N 114 61.17 33.58 39.27
CA ASP N 114 61.09 34.42 40.47
C ASP N 114 60.31 35.70 40.21
N SER N 115 60.31 36.19 38.97
CA SER N 115 59.62 37.42 38.62
C SER N 115 58.13 37.23 38.36
N VAL N 116 57.71 36.05 37.88
CA VAL N 116 56.31 35.80 37.58
C VAL N 116 55.53 35.33 38.81
N LEU N 117 56.19 34.71 39.80
CA LEU N 117 55.47 34.23 40.97
C LEU N 117 54.94 35.39 41.81
N ASP N 118 55.68 36.50 41.87
CA ASP N 118 55.18 37.68 42.57
C ASP N 118 54.05 38.36 41.83
N VAL N 119 53.94 38.17 40.51
CA VAL N 119 52.86 38.79 39.74
C VAL N 119 51.57 38.00 39.91
N VAL N 120 51.63 36.67 39.77
CA VAL N 120 50.43 35.85 39.94
C VAL N 120 49.96 35.88 41.39
N ARG N 121 50.86 36.06 42.36
CA ARG N 121 50.44 36.20 43.75
C ARG N 121 49.63 37.47 43.95
N LYS N 122 49.92 38.52 43.17
CA LYS N 122 49.13 39.74 43.26
C LYS N 122 47.70 39.52 42.77
N GLU N 123 47.55 38.86 41.62
CA GLU N 123 46.23 38.57 41.09
C GLU N 123 45.47 37.55 41.94
N SER N 124 46.19 36.68 42.65
CA SER N 124 45.54 35.66 43.47
C SER N 124 44.99 36.23 44.78
N GLU N 125 45.75 37.07 45.47
CA GLU N 125 45.29 37.69 46.70
C GLU N 125 44.32 38.84 46.47
N SER N 126 44.39 39.50 45.31
CA SER N 126 43.48 40.60 45.01
C SER N 126 42.05 40.13 44.78
N CYS N 127 41.84 38.88 44.39
CA CYS N 127 40.50 38.37 44.14
C CYS N 127 39.80 38.03 45.45
N ASP N 128 38.49 37.78 45.36
CA ASP N 128 37.70 37.43 46.53
C ASP N 128 37.90 35.97 46.92
N CYS N 129 37.78 35.07 45.95
CA CYS N 129 38.02 33.65 46.21
C CYS N 129 38.37 32.99 44.88
N LEU N 130 39.64 32.64 44.71
CA LEU N 130 40.11 32.04 43.47
C LEU N 130 39.62 30.60 43.34
N GLN N 131 39.29 30.21 42.12
CA GLN N 131 38.81 28.87 41.78
C GLN N 131 39.92 28.00 41.19
N GLY N 132 40.60 28.49 40.16
CA GLY N 132 41.62 27.70 39.51
C GLY N 132 42.49 28.56 38.63
N PHE N 133 43.18 27.89 37.70
CA PHE N 133 44.12 28.50 36.77
C PHE N 133 43.84 28.01 35.36
N GLN N 134 43.58 28.95 34.45
CA GLN N 134 43.30 28.67 33.05
C GLN N 134 44.55 29.03 32.23
N LEU N 135 45.37 28.02 31.93
CA LEU N 135 46.66 28.19 31.29
C LEU N 135 46.60 27.71 29.84
N THR N 136 47.41 28.34 28.99
CA THR N 136 47.53 27.99 27.58
C THR N 136 49.02 27.87 27.25
N HIS N 137 49.39 26.75 26.63
CA HIS N 137 50.77 26.52 26.24
C HIS N 137 50.80 25.51 25.09
N SER N 138 52.02 25.17 24.66
CA SER N 138 52.25 24.18 23.63
C SER N 138 53.33 23.21 24.10
N LEU N 139 53.09 21.91 23.87
CA LEU N 139 54.06 20.89 24.25
C LEU N 139 55.35 20.98 23.43
N GLY N 140 55.30 21.58 22.23
CA GLY N 140 56.50 21.84 21.47
C GLY N 140 57.20 23.10 21.94
N GLY N 141 58.45 23.25 21.49
CA GLY N 141 59.25 24.38 21.88
C GLY N 141 59.81 24.24 23.28
N GLY N 142 60.51 25.29 23.71
CA GLY N 142 61.18 25.33 25.00
C GLY N 142 60.49 26.25 26.00
N THR N 143 59.98 27.38 25.51
CA THR N 143 59.36 28.35 26.41
C THR N 143 57.97 27.92 26.84
N GLY N 144 57.25 27.21 25.97
CA GLY N 144 55.92 26.74 26.30
C GLY N 144 55.96 25.51 27.18
N SER N 145 56.74 24.51 26.78
CA SER N 145 56.83 23.26 27.52
C SER N 145 57.78 23.36 28.72
N GLY N 146 58.84 24.15 28.62
CA GLY N 146 59.81 24.23 29.69
C GLY N 146 59.41 25.16 30.81
N MET N 147 59.14 26.43 30.47
CA MET N 147 58.77 27.42 31.47
C MET N 147 57.30 27.32 31.83
N GLY N 148 56.44 26.94 30.88
CA GLY N 148 55.02 26.81 31.18
C GLY N 148 54.73 25.66 32.13
N THR N 149 55.42 24.53 31.93
CA THR N 149 55.27 23.40 32.85
C THR N 149 55.98 23.63 34.18
N LEU N 150 56.97 24.53 34.21
CA LEU N 150 57.68 24.80 35.45
C LEU N 150 56.76 25.47 36.47
N LEU N 151 56.08 26.54 36.06
CA LEU N 151 55.21 27.25 36.99
C LEU N 151 53.97 26.44 37.37
N ILE N 152 53.60 25.43 36.56
CA ILE N 152 52.59 24.48 36.99
C ILE N 152 53.08 23.73 38.23
N SER N 153 54.37 23.41 38.28
CA SER N 153 54.91 22.73 39.45
C SER N 153 54.95 23.66 40.66
N LYS N 154 55.29 24.93 40.45
CA LYS N 154 55.37 25.87 41.57
C LYS N 154 53.97 26.22 42.08
N ILE N 155 53.00 26.35 41.17
CA ILE N 155 51.64 26.67 41.60
C ILE N 155 51.02 25.48 42.32
N ARG N 156 51.40 24.26 41.94
CA ARG N 156 50.96 23.08 42.68
C ARG N 156 51.51 23.08 44.10
N GLU N 157 52.74 23.58 44.27
CA GLU N 157 53.33 23.66 45.61
C GLU N 157 52.62 24.70 46.47
N GLU N 158 52.24 25.84 45.88
CA GLU N 158 51.63 26.93 46.64
C GLU N 158 50.13 26.72 46.81
N TYR N 159 49.45 26.29 45.75
CA TYR N 159 47.99 26.10 45.72
C TYR N 159 47.70 24.65 45.35
N PRO N 160 47.92 23.69 46.26
CA PRO N 160 47.63 22.29 45.95
C PRO N 160 46.15 21.94 45.88
N ASP N 161 45.27 22.78 46.43
CA ASP N 161 43.84 22.50 46.49
C ASP N 161 43.07 23.05 45.29
N ARG N 162 43.60 24.05 44.59
CA ARG N 162 42.88 24.67 43.49
C ARG N 162 42.98 23.81 42.23
N ILE N 163 42.09 24.11 41.28
CA ILE N 163 42.03 23.40 40.01
C ILE N 163 43.10 23.97 39.09
N MET N 164 43.80 23.09 38.37
CA MET N 164 44.85 23.45 37.42
C MET N 164 44.39 23.01 36.03
N ASN N 165 43.76 23.93 35.31
CA ASN N 165 43.22 23.68 33.97
C ASN N 165 44.24 24.13 32.94
N THR N 166 44.41 23.33 31.88
CA THR N 166 45.36 23.60 30.81
C THR N 166 44.72 23.30 29.47
N PHE N 167 44.78 24.28 28.56
CA PHE N 167 44.43 24.11 27.15
C PHE N 167 45.73 24.03 26.37
N SER N 168 46.19 22.81 26.12
CA SER N 168 47.52 22.53 25.58
C SER N 168 47.39 21.94 24.20
N VAL N 169 48.00 22.59 23.20
CA VAL N 169 48.16 22.05 21.86
C VAL N 169 49.43 21.20 21.86
N MET N 170 49.40 20.11 21.09
CA MET N 170 50.43 19.09 21.08
C MET N 170 50.78 18.71 19.65
N PRO N 171 52.00 18.16 19.40
CA PRO N 171 52.41 17.93 18.01
C PRO N 171 51.85 16.65 17.41
N SER N 172 52.18 16.38 16.15
CA SER N 172 51.75 15.19 15.45
C SER N 172 52.74 14.89 14.33
N PRO N 173 52.79 13.65 13.82
CA PRO N 173 53.81 13.36 12.80
C PRO N 173 53.47 13.90 11.42
N LYS N 174 52.18 14.03 11.08
CA LYS N 174 51.82 14.49 9.75
C LYS N 174 52.13 15.97 9.58
N VAL N 175 51.88 16.77 10.61
CA VAL N 175 52.18 18.21 10.63
C VAL N 175 53.14 18.43 11.78
N SER N 176 54.39 18.78 11.45
CA SER N 176 55.44 18.99 12.44
C SER N 176 56.34 20.11 11.96
N ASP N 177 56.22 21.28 12.61
CA ASP N 177 56.99 22.47 12.28
C ASP N 177 58.20 22.64 13.20
N THR N 178 58.74 21.54 13.73
CA THR N 178 59.85 21.62 14.67
C THR N 178 60.46 20.23 14.80
N VAL N 179 61.80 20.17 14.87
CA VAL N 179 62.50 18.90 14.90
C VAL N 179 62.48 18.29 16.30
N VAL N 180 62.42 19.13 17.34
CA VAL N 180 62.63 18.69 18.72
C VAL N 180 61.28 18.49 19.41
N GLU N 181 60.24 18.17 18.64
CA GLU N 181 58.91 18.00 19.22
C GLU N 181 58.80 16.80 20.16
N PRO N 182 59.26 15.58 19.82
CA PRO N 182 59.03 14.46 20.75
C PRO N 182 59.82 14.56 22.03
N TYR N 183 61.01 15.17 21.99
CA TYR N 183 61.76 15.40 23.22
C TYR N 183 61.05 16.41 24.11
N ASN N 184 60.59 17.51 23.53
CA ASN N 184 59.81 18.49 24.28
C ASN N 184 58.46 17.93 24.69
N ALA N 185 57.89 17.04 23.89
CA ALA N 185 56.57 16.49 24.20
C ALA N 185 56.65 15.54 25.40
N THR N 186 57.57 14.57 25.34
CA THR N 186 57.65 13.57 26.40
C THR N 186 58.11 14.16 27.73
N LEU N 187 58.85 15.27 27.71
CA LEU N 187 59.24 15.93 28.95
C LEU N 187 58.08 16.74 29.55
N SER N 188 57.17 17.25 28.72
CA SER N 188 56.05 18.03 29.22
C SER N 188 54.96 17.16 29.84
N VAL N 189 54.65 16.02 29.24
CA VAL N 189 53.60 15.15 29.79
C VAL N 189 54.02 14.52 31.12
N HIS N 190 55.31 14.47 31.42
CA HIS N 190 55.75 14.02 32.74
C HIS N 190 55.24 14.93 33.85
N GLN N 191 55.15 16.24 33.58
CA GLN N 191 54.64 17.20 34.54
C GLN N 191 53.12 17.32 34.49
N LEU N 192 52.53 17.25 33.28
CA LEU N 192 51.08 17.38 33.16
C LEU N 192 50.35 16.18 33.76
N VAL N 193 50.95 14.98 33.67
CA VAL N 193 50.28 13.79 34.16
C VAL N 193 50.24 13.72 35.68
N GLU N 194 51.20 14.34 36.37
CA GLU N 194 51.31 14.28 37.83
C GLU N 194 50.63 15.47 38.51
N ASN N 195 50.86 16.68 38.01
CA ASN N 195 50.44 17.90 38.70
C ASN N 195 49.03 18.34 38.33
N THR N 196 48.75 18.49 37.03
CA THR N 196 47.48 19.06 36.60
C THR N 196 46.34 18.08 36.80
N ASP N 197 45.16 18.64 37.12
CA ASP N 197 43.95 17.86 37.32
C ASP N 197 43.18 17.62 36.02
N GLU N 198 43.33 18.51 35.04
CA GLU N 198 42.61 18.41 33.78
C GLU N 198 43.41 19.07 32.67
N THR N 199 43.35 18.46 31.49
CA THR N 199 44.08 18.92 30.32
C THR N 199 43.30 18.56 29.07
N TYR N 200 43.33 19.46 28.08
CA TYR N 200 42.65 19.27 26.79
C TYR N 200 43.69 18.99 25.72
N SER N 201 43.62 17.81 25.13
CA SER N 201 44.57 17.37 24.10
C SER N 201 44.09 17.87 22.75
N ILE N 202 44.76 18.89 22.21
CA ILE N 202 44.44 19.50 20.92
C ILE N 202 45.57 19.17 19.95
N ASP N 203 45.21 18.58 18.81
CA ASP N 203 46.17 18.20 17.77
C ASP N 203 46.10 19.21 16.63
N ASN N 204 47.27 19.63 16.16
CA ASN N 204 47.34 20.69 15.17
C ASN N 204 46.82 20.25 13.80
N GLU N 205 47.05 18.99 13.43
CA GLU N 205 46.58 18.53 12.12
C GLU N 205 45.05 18.48 12.06
N ALA N 206 44.41 18.17 13.18
CA ALA N 206 42.94 18.15 13.22
C ALA N 206 42.36 19.56 13.10
N LEU N 207 43.10 20.59 13.50
CA LEU N 207 42.66 21.95 13.26
C LEU N 207 42.61 22.25 11.76
N TYR N 208 43.50 21.64 10.98
CA TYR N 208 43.45 21.74 9.54
C TYR N 208 42.43 20.79 8.94
N ASP N 209 42.24 19.61 9.55
CA ASP N 209 41.31 18.63 9.01
C ASP N 209 39.86 19.12 9.12
N ILE N 210 39.53 19.78 10.23
CA ILE N 210 38.17 20.27 10.42
C ILE N 210 37.84 21.45 9.51
N CYS N 211 38.84 22.25 9.13
CA CYS N 211 38.59 23.42 8.29
C CYS N 211 38.41 23.08 6.81
N PHE N 212 38.81 21.88 6.38
CA PHE N 212 38.57 21.47 5.00
C PHE N 212 37.15 20.97 4.83
N ARG N 213 36.74 20.02 5.67
CA ARG N 213 35.49 19.28 5.46
C ARG N 213 34.27 20.13 5.79
N THR N 214 34.17 20.59 7.03
CA THR N 214 32.97 21.27 7.51
C THR N 214 32.98 22.76 7.22
N LEU N 215 34.06 23.47 7.57
CA LEU N 215 34.14 24.91 7.40
C LEU N 215 34.59 25.31 6.00
N LYS N 216 35.41 24.48 5.35
CA LYS N 216 35.87 24.63 3.95
C LYS N 216 36.41 26.03 3.65
N LEU N 217 37.28 26.52 4.55
CA LEU N 217 37.98 27.78 4.29
C LEU N 217 39.03 27.56 3.22
N THR N 218 39.02 28.43 2.20
CA THR N 218 39.96 28.33 1.10
C THR N 218 41.31 28.96 1.41
N THR N 219 41.37 29.90 2.36
CA THR N 219 42.62 30.57 2.76
C THR N 219 42.66 30.69 4.27
N PRO N 220 42.79 29.58 4.99
CA PRO N 220 42.84 29.65 6.46
C PRO N 220 44.21 30.03 6.99
N THR N 221 44.21 30.92 7.97
CA THR N 221 45.39 31.37 8.69
C THR N 221 45.35 30.82 10.12
N TYR N 222 46.37 31.15 10.90
CA TYR N 222 46.40 30.72 12.30
C TYR N 222 45.29 31.38 13.11
N GLY N 223 44.88 32.59 12.73
CA GLY N 223 43.80 33.26 13.45
C GLY N 223 42.48 32.53 13.34
N ASP N 224 42.23 31.89 12.18
CA ASP N 224 41.02 31.09 12.03
C ASP N 224 41.07 29.84 12.91
N LEU N 225 42.26 29.26 13.08
CA LEU N 225 42.40 28.10 13.95
C LEU N 225 42.23 28.50 15.41
N ASN N 226 42.68 29.71 15.78
CA ASN N 226 42.50 30.17 17.14
C ASN N 226 41.04 30.44 17.48
N HIS N 227 40.22 30.75 16.47
CA HIS N 227 38.82 31.08 16.74
C HIS N 227 38.03 29.87 17.22
N LEU N 228 38.24 28.72 16.59
CA LEU N 228 37.46 27.53 16.93
C LEU N 228 37.91 26.90 18.25
N VAL N 229 39.21 26.95 18.56
CA VAL N 229 39.69 26.41 19.83
C VAL N 229 39.40 27.37 20.99
N SER N 230 39.37 28.67 20.74
CA SER N 230 39.00 29.63 21.77
C SER N 230 37.51 29.56 22.12
N ALA N 231 36.67 29.10 21.18
CA ALA N 231 35.26 28.90 21.49
C ALA N 231 35.09 27.80 22.53
N THR N 232 35.94 26.77 22.45
CA THR N 232 35.91 25.72 23.46
C THR N 232 36.33 26.23 24.83
N MET N 233 37.26 27.19 24.87
CA MET N 233 37.62 27.80 26.15
C MET N 233 36.46 28.59 26.73
N SER N 234 35.61 29.17 25.87
CA SER N 234 34.42 29.86 26.35
C SER N 234 33.33 28.89 26.75
N GLY N 235 33.28 27.71 26.12
CA GLY N 235 32.24 26.74 26.46
C GLY N 235 32.44 26.08 27.80
N VAL N 236 33.70 25.84 28.18
CA VAL N 236 33.99 25.17 29.45
C VAL N 236 33.64 26.05 30.64
N THR N 237 33.78 27.38 30.50
CA THR N 237 33.54 28.34 31.57
C THR N 237 32.29 29.19 31.31
N THR N 238 31.28 28.61 30.67
CA THR N 238 30.04 29.33 30.39
C THR N 238 29.08 29.29 31.57
N CYS N 239 29.09 28.19 32.34
CA CYS N 239 28.13 28.00 33.41
C CYS N 239 28.28 29.02 34.53
N LEU N 240 29.51 29.48 34.81
CA LEU N 240 29.79 30.45 35.86
C LEU N 240 29.93 31.88 35.33
N ARG N 241 29.99 32.08 34.01
CA ARG N 241 29.96 33.40 33.40
C ARG N 241 28.55 33.89 33.09
N PHE N 242 27.56 33.00 33.01
CA PHE N 242 26.17 33.35 32.76
C PHE N 242 25.30 32.33 33.48
N PRO N 243 24.04 32.65 33.80
CA PRO N 243 23.20 31.67 34.48
C PRO N 243 22.70 30.61 33.52
N GLY N 244 22.21 29.50 34.09
CA GLY N 244 21.72 28.40 33.29
C GLY N 244 20.81 27.52 34.12
N GLN N 245 20.08 26.65 33.41
CA GLN N 245 19.16 25.73 34.07
C GLN N 245 19.91 24.60 34.78
N LEU N 246 21.08 24.22 34.27
CA LEU N 246 21.91 23.17 34.87
C LEU N 246 23.37 23.63 34.73
N ASN N 247 23.86 24.30 35.77
CA ASN N 247 25.22 24.81 35.78
C ASN N 247 26.20 23.72 36.17
N ALA N 248 27.34 23.68 35.49
CA ALA N 248 28.44 22.76 35.79
C ALA N 248 29.73 23.56 35.85
N ASP N 249 30.27 23.72 37.06
CA ASP N 249 31.53 24.43 37.24
C ASP N 249 32.67 23.59 36.68
N LEU N 250 33.86 24.21 36.62
CA LEU N 250 35.04 23.49 36.14
C LEU N 250 35.40 22.33 37.05
N ARG N 251 35.14 22.45 38.35
CA ARG N 251 35.34 21.32 39.25
C ARG N 251 34.26 20.26 39.04
N LYS N 252 33.03 20.68 38.73
CA LYS N 252 31.97 19.73 38.42
C LYS N 252 32.25 18.97 37.12
N LEU N 253 32.98 19.57 36.18
CA LEU N 253 33.43 18.85 34.99
C LEU N 253 34.57 17.88 35.31
N ALA N 254 35.38 18.21 36.32
CA ALA N 254 36.56 17.40 36.60
C ALA N 254 36.18 16.04 37.17
N VAL N 255 35.24 16.00 38.11
CA VAL N 255 34.92 14.74 38.78
C VAL N 255 34.23 13.77 37.84
N ASN N 256 33.46 14.28 36.86
CA ASN N 256 32.79 13.43 35.90
C ASN N 256 33.73 12.93 34.80
N MET N 257 34.77 13.71 34.45
CA MET N 257 35.66 13.41 33.35
C MET N 257 36.97 12.75 33.77
N VAL N 258 37.37 12.85 35.04
CA VAL N 258 38.64 12.36 35.54
C VAL N 258 38.36 11.18 36.47
N PRO N 259 38.12 9.96 35.93
CA PRO N 259 37.81 8.83 36.81
C PRO N 259 38.99 8.35 37.65
N PHE N 260 40.22 8.63 37.20
CA PHE N 260 41.45 8.26 37.89
C PHE N 260 42.39 9.45 37.88
N PRO N 261 43.37 9.53 38.81
CA PRO N 261 44.15 10.77 38.93
C PRO N 261 45.05 11.06 37.73
N ARG N 262 45.45 10.05 36.96
CA ARG N 262 46.31 10.23 35.80
C ARG N 262 45.53 10.35 34.50
N LEU N 263 44.35 9.74 34.41
CA LEU N 263 43.55 9.76 33.18
C LEU N 263 42.67 11.00 33.18
N HIS N 264 43.30 12.13 32.78
CA HIS N 264 42.64 13.43 32.69
C HIS N 264 42.98 14.17 31.40
N PHE N 265 43.48 13.47 30.37
CA PHE N 265 43.77 14.07 29.08
C PHE N 265 42.53 13.96 28.21
N PHE N 266 41.89 15.10 27.93
CA PHE N 266 40.60 15.16 27.26
C PHE N 266 40.79 15.39 25.77
N MET N 267 39.66 15.44 25.06
CA MET N 267 39.61 15.57 23.61
C MET N 267 38.51 16.57 23.24
N PRO N 268 38.80 17.86 23.05
CA PRO N 268 37.71 18.82 22.88
C PRO N 268 37.07 18.78 21.50
N GLY N 269 35.90 19.43 21.42
CA GLY N 269 35.16 19.55 20.18
C GLY N 269 34.15 20.67 20.31
N PHE N 270 33.64 21.13 19.16
CA PHE N 270 32.73 22.26 19.12
C PHE N 270 31.82 22.15 17.91
N ALA N 271 30.59 22.67 18.06
CA ALA N 271 29.60 22.72 17.02
C ALA N 271 28.68 23.89 17.33
N PRO N 272 27.99 24.49 16.34
CA PRO N 272 27.95 24.21 14.90
C PRO N 272 29.19 24.70 14.16
N LEU N 273 29.72 23.85 13.29
CA LEU N 273 30.82 24.20 12.38
C LEU N 273 30.27 24.06 10.97
N THR N 274 29.82 25.18 10.40
CA THR N 274 29.20 25.22 9.09
C THR N 274 29.67 26.46 8.34
N SER N 275 29.94 26.30 7.05
CA SER N 275 30.37 27.41 6.23
C SER N 275 29.22 28.36 5.93
N ARG N 276 29.56 29.54 5.42
CA ARG N 276 28.53 30.51 5.06
C ARG N 276 27.71 30.04 3.86
N GLY N 277 28.34 29.30 2.95
CA GLY N 277 27.63 28.76 1.79
C GLY N 277 26.74 27.57 2.08
N SER N 278 26.69 27.09 3.32
CA SER N 278 25.83 25.97 3.72
C SER N 278 25.14 26.22 5.06
N GLN N 279 25.02 27.48 5.49
CA GLN N 279 24.33 27.79 6.75
C GLN N 279 22.83 27.71 6.58
N GLN N 280 22.30 28.20 5.45
CA GLN N 280 20.86 28.18 5.22
C GLN N 280 20.32 26.75 5.06
N TYR N 281 21.15 25.80 4.64
CA TYR N 281 20.74 24.43 4.42
C TYR N 281 20.97 23.52 5.63
N ARG N 282 20.86 24.07 6.83
CA ARG N 282 21.07 23.33 8.07
C ARG N 282 20.05 23.79 9.10
N ALA N 283 19.54 22.84 9.88
CA ALA N 283 18.60 23.10 10.97
C ALA N 283 19.36 23.20 12.28
N LEU N 284 19.07 24.23 13.06
CA LEU N 284 19.72 24.46 14.34
C LEU N 284 19.15 23.60 15.48
N THR N 285 18.24 22.67 15.20
CA THR N 285 17.73 21.79 16.24
C THR N 285 18.84 20.86 16.74
N VAL N 286 18.67 20.40 17.98
CA VAL N 286 19.72 19.63 18.67
C VAL N 286 20.06 18.26 18.07
N PRO N 287 19.18 17.50 17.39
CA PRO N 287 19.66 16.21 16.85
C PRO N 287 20.68 16.36 15.74
N GLU N 288 20.58 17.41 14.93
CA GLU N 288 21.61 17.66 13.92
C GLU N 288 22.90 18.14 14.59
N LEU N 289 22.79 18.76 15.77
CA LEU N 289 23.98 19.16 16.52
C LEU N 289 24.59 17.97 17.28
N THR N 290 23.75 17.07 17.79
CA THR N 290 24.27 15.96 18.60
C THR N 290 25.07 14.98 17.74
N GLN N 291 24.59 14.68 16.53
CA GLN N 291 25.33 13.81 15.63
C GLN N 291 26.65 14.43 15.20
N GLN N 292 26.74 15.77 15.17
CA GLN N 292 27.99 16.44 14.86
C GLN N 292 28.95 16.45 16.05
N MET N 293 28.41 16.44 17.28
CA MET N 293 29.27 16.48 18.46
C MET N 293 30.04 15.17 18.60
N PHE N 294 29.33 14.05 18.57
CA PHE N 294 29.94 12.73 18.72
C PHE N 294 30.51 12.18 17.41
N ASP N 295 30.60 12.99 16.36
CA ASP N 295 31.16 12.52 15.10
C ASP N 295 32.66 12.25 15.25
N SER N 296 33.12 11.20 14.58
CA SER N 296 34.54 10.83 14.64
C SER N 296 35.45 11.89 14.03
N LYS N 297 34.97 12.64 13.04
CA LYS N 297 35.77 13.61 12.31
C LYS N 297 35.59 15.04 12.79
N ASN N 298 34.66 15.30 13.72
CA ASN N 298 34.40 16.66 14.17
C ASN N 298 35.41 17.17 15.19
N MET N 299 35.99 16.28 15.99
CA MET N 299 36.84 16.68 17.09
C MET N 299 38.17 17.25 16.58
N MET N 300 38.84 18.01 17.45
CA MET N 300 40.13 18.64 17.17
C MET N 300 41.30 17.76 17.61
N ALA N 301 41.14 16.44 17.60
CA ALA N 301 42.23 15.49 17.78
C ALA N 301 42.14 14.44 16.69
N ALA N 302 43.29 14.03 16.18
CA ALA N 302 43.37 13.09 15.07
C ALA N 302 43.12 11.63 15.49
N CYS N 303 42.97 11.34 16.78
CA CYS N 303 42.71 9.99 17.22
C CYS N 303 41.28 9.61 16.93
N ASP N 304 41.09 8.51 16.20
CA ASP N 304 39.76 8.06 15.82
C ASP N 304 39.10 7.36 17.01
N PRO N 305 37.95 7.82 17.52
CA PRO N 305 37.39 7.17 18.72
C PRO N 305 36.84 5.78 18.48
N ARG N 306 36.53 5.43 17.23
CA ARG N 306 35.99 4.11 16.92
C ARG N 306 37.01 2.99 17.15
N HIS N 307 38.30 3.29 17.13
CA HIS N 307 39.35 2.33 17.45
C HIS N 307 39.48 2.06 18.94
N GLY N 308 38.72 2.74 19.80
CA GLY N 308 38.75 2.52 21.24
C GLY N 308 37.37 2.62 21.86
N ARG N 309 37.31 2.99 23.14
CA ARG N 309 36.07 3.11 23.88
C ARG N 309 36.13 4.34 24.77
N TYR N 310 35.04 5.11 24.80
CA TYR N 310 34.99 6.32 25.59
C TYR N 310 34.95 5.99 27.08
N LEU N 311 35.88 6.58 27.84
CA LEU N 311 35.86 6.44 29.29
C LEU N 311 34.75 7.30 29.90
N THR N 312 34.66 8.56 29.48
CA THR N 312 33.64 9.46 29.98
C THR N 312 33.65 10.72 29.11
N VAL N 313 32.47 11.29 28.93
CA VAL N 313 32.26 12.40 28.00
C VAL N 313 31.32 13.41 28.65
N ALA N 314 31.50 14.68 28.29
CA ALA N 314 30.68 15.78 28.78
C ALA N 314 30.33 16.70 27.62
N ALA N 315 29.11 17.24 27.65
CA ALA N 315 28.61 18.16 26.63
C ALA N 315 27.91 19.32 27.33
N ILE N 316 28.49 20.51 27.22
CA ILE N 316 27.95 21.73 27.82
C ILE N 316 27.28 22.51 26.71
N PHE N 317 25.95 22.50 26.71
CA PHE N 317 25.15 23.20 25.72
C PHE N 317 25.05 24.68 26.06
N ARG N 318 24.57 25.47 25.09
CA ARG N 318 24.39 26.90 25.25
C ARG N 318 23.15 27.33 24.47
N GLY N 319 22.37 28.23 25.07
CA GLY N 319 21.18 28.80 24.45
C GLY N 319 19.90 28.21 24.99
N ARG N 320 18.79 28.93 24.83
CA ARG N 320 17.49 28.45 25.28
C ARG N 320 17.05 27.29 24.41
N MET N 321 16.76 26.16 25.03
CA MET N 321 16.40 24.94 24.31
C MET N 321 15.53 24.07 25.20
N SER N 322 15.01 23.00 24.63
CA SER N 322 14.16 22.04 25.32
C SER N 322 15.01 20.91 25.87
N MET N 323 14.78 20.56 27.14
CA MET N 323 15.63 19.59 27.82
C MET N 323 15.32 18.16 27.41
N LYS N 324 14.07 17.87 27.04
CA LYS N 324 13.70 16.51 26.66
C LYS N 324 14.44 16.08 25.39
N GLU N 325 14.43 16.92 24.36
CA GLU N 325 15.20 16.64 23.16
C GLU N 325 16.70 16.59 23.45
N VAL N 326 17.17 17.39 24.41
CA VAL N 326 18.58 17.37 24.76
C VAL N 326 18.92 16.05 25.47
N ASP N 327 18.14 15.69 26.48
CA ASP N 327 18.45 14.51 27.28
C ASP N 327 18.26 13.22 26.48
N GLU N 328 17.20 13.15 25.67
CA GLU N 328 16.94 11.93 24.92
C GLU N 328 17.98 11.70 23.83
N GLN N 329 18.61 12.76 23.33
CA GLN N 329 19.68 12.59 22.35
C GLN N 329 20.90 11.93 22.99
N MET N 330 21.13 12.18 24.28
CA MET N 330 22.23 11.51 24.97
C MET N 330 21.94 10.02 25.19
N LEU N 331 20.67 9.60 25.13
CA LEU N 331 20.34 8.19 25.30
C LEU N 331 20.65 7.39 24.05
N ASN N 332 20.08 7.79 22.91
CA ASN N 332 20.26 7.00 21.69
C ASN N 332 21.68 7.09 21.13
N VAL N 333 22.44 8.15 21.48
CA VAL N 333 23.79 8.27 20.94
C VAL N 333 24.74 7.24 21.55
N GLN N 334 24.50 6.80 22.79
CA GLN N 334 25.39 5.88 23.48
C GLN N 334 24.95 4.42 23.38
N ASN N 335 23.65 4.15 23.36
CA ASN N 335 23.18 2.77 23.32
C ASN N 335 23.30 2.15 21.93
N LYS N 336 23.07 2.94 20.88
CA LYS N 336 23.29 2.46 19.52
C LYS N 336 24.77 2.18 19.22
N ASN N 337 25.69 2.83 19.94
CA ASN N 337 27.13 2.71 19.75
C ASN N 337 27.78 2.17 21.01
N SER N 338 27.16 1.14 21.60
CA SER N 338 27.65 0.56 22.85
C SER N 338 29.04 -0.04 22.73
N SER N 339 29.48 -0.44 21.54
CA SER N 339 30.84 -0.93 21.35
C SER N 339 31.86 0.17 21.59
N TYR N 340 31.53 1.42 21.28
CA TYR N 340 32.42 2.56 21.49
C TYR N 340 32.24 3.21 22.85
N PHE N 341 31.65 2.51 23.83
CA PHE N 341 31.49 2.99 25.19
C PHE N 341 31.72 1.85 26.16
N VAL N 342 32.39 2.15 27.28
CA VAL N 342 32.74 1.12 28.24
C VAL N 342 31.48 0.60 28.94
N GLU N 343 31.41 -0.72 29.11
CA GLU N 343 30.29 -1.37 29.77
C GLU N 343 30.37 -1.33 31.29
N TRP N 344 31.55 -1.10 31.86
CA TRP N 344 31.71 -0.98 33.31
C TRP N 344 31.39 0.41 33.85
N ILE N 345 30.71 1.26 33.08
CA ILE N 345 30.14 2.52 33.55
C ILE N 345 28.73 2.59 32.97
N PRO N 346 27.68 2.84 33.76
CA PRO N 346 26.33 2.78 33.16
C PRO N 346 26.02 3.98 32.29
N ASN N 347 26.53 5.17 32.64
CA ASN N 347 26.26 6.40 31.92
C ASN N 347 27.54 7.22 31.84
N ASN N 348 28.07 7.35 30.63
CA ASN N 348 29.32 8.07 30.38
C ASN N 348 29.13 9.55 30.09
N VAL N 349 27.89 10.01 29.86
CA VAL N 349 27.62 11.37 29.38
C VAL N 349 27.35 12.27 30.58
N LYS N 350 27.83 13.50 30.50
CA LYS N 350 27.56 14.56 31.47
C LYS N 350 26.91 15.72 30.74
N THR N 351 25.79 16.21 31.29
CA THR N 351 24.95 17.22 30.66
C THR N 351 25.08 18.56 31.36
N ALA N 352 24.92 19.63 30.58
CA ALA N 352 24.93 20.99 31.10
C ALA N 352 24.43 21.91 30.00
N VAL N 353 23.76 22.99 30.40
CA VAL N 353 23.14 23.93 29.48
C VAL N 353 23.17 25.33 30.09
N CYS N 354 23.17 26.34 29.23
CA CYS N 354 23.13 27.74 29.62
C CYS N 354 22.06 28.46 28.81
N ASP N 355 21.55 29.56 29.39
CA ASP N 355 20.47 30.33 28.79
C ASP N 355 20.95 31.48 27.90
N ILE N 356 22.27 31.73 27.82
CA ILE N 356 22.84 32.89 27.14
C ILE N 356 23.78 32.37 26.04
N PRO N 357 23.35 32.23 24.78
CA PRO N 357 24.26 31.64 23.78
C PRO N 357 25.30 32.64 23.32
N PRO N 358 26.22 32.25 22.45
CA PRO N 358 27.16 33.23 21.88
C PRO N 358 26.44 34.25 21.00
N ARG N 359 27.12 35.36 20.78
CA ARG N 359 26.57 36.41 19.92
C ARG N 359 26.65 35.96 18.46
N GLY N 360 25.52 36.08 17.76
CA GLY N 360 25.41 35.65 16.38
C GLY N 360 24.93 34.23 16.17
N LEU N 361 24.82 33.43 17.25
CA LEU N 361 24.33 32.05 17.18
C LEU N 361 23.31 31.83 18.27
N LYS N 362 22.22 31.14 17.93
CA LYS N 362 21.14 30.84 18.85
C LYS N 362 21.29 29.50 19.55
N MET N 363 22.00 28.55 18.93
CA MET N 363 22.19 27.21 19.47
C MET N 363 23.65 26.83 19.29
N SER N 364 24.26 26.29 20.35
CA SER N 364 25.65 25.86 20.28
C SER N 364 25.96 24.98 21.47
N ALA N 365 27.08 24.27 21.38
CA ALA N 365 27.53 23.37 22.43
C ALA N 365 29.01 23.10 22.22
N THR N 366 29.64 22.55 23.27
CA THR N 366 31.04 22.15 23.25
C THR N 366 31.16 20.70 23.71
N PHE N 367 31.96 19.93 22.97
CA PHE N 367 32.14 18.51 23.18
C PHE N 367 33.44 18.30 23.95
N ILE N 368 33.35 17.59 25.07
CA ILE N 368 34.49 17.30 25.93
C ILE N 368 34.48 15.80 26.18
N GLY N 369 35.54 15.12 25.75
CA GLY N 369 35.61 13.66 25.77
C GLY N 369 36.95 13.13 26.24
N ASN N 370 36.90 12.20 27.21
CA ASN N 370 38.06 11.43 27.65
C ASN N 370 37.88 10.02 27.10
N SER N 371 38.67 9.69 26.07
CA SER N 371 38.58 8.43 25.35
C SER N 371 39.93 7.72 25.38
N THR N 372 39.86 6.39 25.25
CA THR N 372 41.07 5.57 25.17
C THR N 372 41.75 5.62 23.81
N ALA N 373 41.15 6.28 22.82
CA ALA N 373 41.83 6.46 21.53
C ALA N 373 43.02 7.40 21.61
N ILE N 374 43.12 8.21 22.67
CA ILE N 374 44.24 9.14 22.83
C ILE N 374 45.59 8.45 22.98
N GLN N 375 45.60 7.16 23.35
CA GLN N 375 46.86 6.42 23.44
C GLN N 375 47.56 6.28 22.09
N GLU N 376 46.81 6.37 20.98
CA GLU N 376 47.43 6.35 19.66
C GLU N 376 48.36 7.54 19.49
N LEU N 377 47.99 8.69 20.03
CA LEU N 377 48.89 9.84 20.02
C LEU N 377 50.11 9.59 20.90
N PHE N 378 49.90 8.99 22.06
CA PHE N 378 51.02 8.65 22.94
C PHE N 378 51.86 7.52 22.34
N LYS N 379 51.25 6.66 21.52
CA LYS N 379 52.03 5.64 20.82
C LYS N 379 53.01 6.27 19.84
N ARG N 380 52.51 7.09 18.91
CA ARG N 380 53.37 7.66 17.89
C ARG N 380 54.35 8.66 18.47
N ILE N 381 53.96 9.39 19.52
CA ILE N 381 54.89 10.32 20.16
C ILE N 381 55.98 9.54 20.88
N SER N 382 55.64 8.40 21.49
CA SER N 382 56.63 7.61 22.20
C SER N 382 57.61 6.95 21.23
N GLU N 383 57.12 6.50 20.07
CA GLU N 383 58.01 5.88 19.09
C GLU N 383 58.95 6.90 18.47
N GLN N 384 58.48 8.13 18.26
CA GLN N 384 59.37 9.17 17.76
C GLN N 384 60.42 9.55 18.80
N PHE N 385 60.06 9.52 20.09
CA PHE N 385 61.03 9.81 21.13
C PHE N 385 62.02 8.66 21.28
N THR N 386 61.53 7.42 21.26
CA THR N 386 62.41 6.27 21.40
C THR N 386 63.30 6.10 20.17
N ALA N 387 62.81 6.49 18.99
CA ALA N 387 63.61 6.39 17.78
C ALA N 387 64.81 7.33 17.80
N MET N 388 64.66 8.52 18.38
CA MET N 388 65.73 9.51 18.47
C MET N 388 66.56 9.35 19.74
N PHE N 389 65.97 8.81 20.81
CA PHE N 389 66.67 8.66 22.07
C PHE N 389 67.58 7.43 22.11
N ARG N 390 67.30 6.40 21.31
CA ARG N 390 68.05 5.16 21.41
C ARG N 390 69.50 5.29 20.96
N ARG N 391 69.85 6.34 20.20
CA ARG N 391 71.23 6.69 19.87
C ARG N 391 71.64 8.05 20.42
N LYS N 392 70.88 8.62 21.36
CA LYS N 392 71.24 9.87 22.05
C LYS N 392 71.34 11.03 21.08
N ALA N 393 70.41 11.09 20.12
CA ALA N 393 70.39 12.17 19.16
C ALA N 393 69.77 13.43 19.77
N PHE N 394 70.40 14.57 19.50
CA PHE N 394 69.92 15.88 19.93
C PHE N 394 69.82 16.00 21.45
N LEU N 395 70.71 15.30 22.18
CA LEU N 395 70.76 15.36 23.63
C LEU N 395 71.92 16.18 24.18
N HIS N 396 72.97 16.42 23.39
CA HIS N 396 74.12 17.13 23.91
C HIS N 396 73.80 18.59 24.18
N TRP N 397 72.82 19.16 23.48
CA TRP N 397 72.40 20.52 23.79
C TRP N 397 71.68 20.59 25.14
N TYR N 398 70.93 19.55 25.49
CA TYR N 398 70.24 19.53 26.77
C TYR N 398 71.21 19.37 27.94
N THR N 399 72.28 18.60 27.75
CA THR N 399 73.27 18.40 28.80
C THR N 399 74.07 19.66 29.10
N GLY N 400 74.12 20.62 28.17
CA GLY N 400 74.81 21.87 28.44
C GLY N 400 74.23 22.66 29.58
N GLU N 401 72.92 22.57 29.80
CA GLU N 401 72.23 23.22 30.91
C GLU N 401 72.23 22.39 32.19
N GLY N 402 73.04 21.34 32.27
CA GLY N 402 73.10 20.50 33.45
C GLY N 402 72.03 19.43 33.55
N MET N 403 71.34 19.13 32.46
CA MET N 403 70.28 18.12 32.48
C MET N 403 70.89 16.74 32.26
N ASP N 404 70.35 15.76 33.00
CA ASP N 404 70.81 14.38 32.97
C ASP N 404 69.97 13.56 31.99
N GLU N 405 70.62 12.57 31.38
CA GLU N 405 69.94 11.67 30.46
C GLU N 405 68.97 10.73 31.16
N MET N 406 69.13 10.51 32.48
CA MET N 406 68.19 9.67 33.20
C MET N 406 66.80 10.29 33.26
N GLU N 407 66.71 11.63 33.27
CA GLU N 407 65.42 12.29 33.27
C GLU N 407 64.66 12.02 31.97
N PHE N 408 65.38 11.89 30.86
CA PHE N 408 64.75 11.45 29.62
C PHE N 408 64.24 10.03 29.74
N THR N 409 64.99 9.16 30.43
CA THR N 409 64.54 7.80 30.64
C THR N 409 63.37 7.76 31.63
N GLU N 410 63.41 8.61 32.65
CA GLU N 410 62.28 8.71 33.57
C GLU N 410 61.05 9.25 32.87
N ALA N 411 61.22 10.21 31.96
CA ALA N 411 60.10 10.65 31.14
C ALA N 411 59.62 9.54 30.23
N GLU N 412 60.53 8.70 29.75
CA GLU N 412 60.14 7.55 28.94
C GLU N 412 59.41 6.51 29.77
N SER N 413 59.78 6.36 31.05
CA SER N 413 59.07 5.44 31.92
C SER N 413 57.65 5.89 32.15
N ASN N 414 57.44 7.20 32.30
CA ASN N 414 56.08 7.72 32.45
C ASN N 414 55.26 7.56 31.18
N MET N 415 55.92 7.55 30.00
CA MET N 415 55.18 7.52 28.75
C MET N 415 54.51 6.16 28.54
N ASN N 416 55.26 5.08 28.68
CA ASN N 416 54.67 3.75 28.53
C ASN N 416 53.72 3.41 29.66
N ASP N 417 53.88 4.03 30.84
CA ASP N 417 52.96 3.78 31.94
C ASP N 417 51.57 4.32 31.64
N LEU N 418 51.48 5.61 31.28
CA LEU N 418 50.18 6.19 30.95
C LEU N 418 49.60 5.57 29.68
N VAL N 419 50.45 5.10 28.77
CA VAL N 419 49.96 4.36 27.61
C VAL N 419 49.32 3.05 28.06
N SER N 420 49.99 2.31 28.93
CA SER N 420 49.43 1.07 29.45
C SER N 420 48.23 1.32 30.35
N GLU N 421 48.16 2.49 30.98
CA GLU N 421 46.99 2.82 31.80
C GLU N 421 45.74 2.95 30.95
N TYR N 422 45.83 3.65 29.82
CA TYR N 422 44.71 3.72 28.89
C TYR N 422 44.38 2.35 28.29
N GLN N 423 45.39 1.49 28.11
CA GLN N 423 45.14 0.15 27.57
C GLN N 423 44.47 -0.76 28.59
N GLN N 424 44.63 -0.47 29.89
CA GLN N 424 43.96 -1.26 30.92
C GLN N 424 42.44 -1.16 30.79
N TYR N 425 41.93 0.04 30.52
CA TYR N 425 40.51 0.33 30.49
C TYR N 425 39.94 0.33 29.07
N GLN N 426 40.45 -0.54 28.20
CA GLN N 426 39.94 -0.73 26.85
C GLN N 426 39.78 -2.22 26.55
N ALA O 28 62.59 -17.09 43.60
CA ALA O 28 61.96 -16.65 42.36
C ALA O 28 60.63 -15.95 42.64
N GLU O 29 59.79 -16.60 43.45
CA GLU O 29 58.50 -16.07 43.83
C GLU O 29 58.21 -16.48 45.27
N CYS O 30 57.97 -15.48 46.14
CA CYS O 30 57.68 -15.69 47.55
C CYS O 30 56.43 -14.91 47.93
N ASN O 31 55.52 -15.57 48.65
CA ASN O 31 54.27 -14.94 49.05
C ASN O 31 54.50 -13.95 50.19
N ILE O 32 53.80 -12.83 50.12
CA ILE O 32 53.90 -11.79 51.15
C ILE O 32 53.20 -12.32 52.41
N LYS O 33 53.93 -12.33 53.52
CA LYS O 33 53.38 -12.83 54.77
C LYS O 33 52.38 -11.82 55.35
N VAL O 34 51.15 -12.26 55.56
CA VAL O 34 50.05 -11.46 56.10
C VAL O 34 49.77 -11.95 57.51
N MET O 35 50.03 -11.08 58.49
CA MET O 35 49.78 -11.35 59.90
C MET O 35 48.84 -10.30 60.47
N CYS O 36 48.18 -10.65 61.57
CA CYS O 36 47.19 -9.80 62.23
C CYS O 36 47.52 -9.66 63.70
N ARG O 37 47.13 -8.53 64.29
CA ARG O 37 47.36 -8.25 65.71
C ARG O 37 46.17 -7.46 66.24
N PHE O 38 45.57 -7.94 67.32
CA PHE O 38 44.59 -7.21 68.10
C PHE O 38 45.23 -6.74 69.40
N ARG O 39 44.71 -5.64 69.94
CA ARG O 39 45.21 -4.98 71.14
C ARG O 39 44.18 -5.03 72.27
N PRO O 40 44.54 -4.64 73.49
CA PRO O 40 43.51 -4.44 74.52
C PRO O 40 42.70 -3.18 74.27
N LEU O 41 41.58 -3.08 74.96
CA LEU O 41 40.73 -1.90 74.85
C LEU O 41 41.36 -0.72 75.60
N ASN O 42 41.45 0.42 74.92
CA ASN O 42 42.04 1.61 75.51
C ASN O 42 41.03 2.29 76.41
N GLU O 43 41.38 3.48 76.93
CA GLU O 43 40.53 4.16 77.90
C GLU O 43 39.24 4.69 77.29
N SER O 44 39.27 5.08 76.01
CA SER O 44 38.10 5.67 75.37
C SER O 44 37.04 4.64 74.97
N GLU O 45 37.39 3.35 74.93
CA GLU O 45 36.45 2.30 74.52
C GLU O 45 35.82 1.56 75.70
N VAL O 46 36.55 1.34 76.78
CA VAL O 46 36.00 0.60 77.91
C VAL O 46 34.92 1.40 78.62
N ASN O 47 35.05 2.73 78.69
CA ASN O 47 34.05 3.55 79.34
C ASN O 47 32.78 3.70 78.50
N ARG O 48 32.90 3.58 77.17
CA ARG O 48 31.71 3.63 76.32
C ARG O 48 30.90 2.35 76.41
N GLY O 49 31.58 1.21 76.58
CA GLY O 49 30.94 -0.08 76.80
C GLY O 49 30.96 -0.97 75.57
N ASP O 50 32.05 -0.93 74.82
CA ASP O 50 32.19 -1.77 73.63
C ASP O 50 32.49 -3.21 74.02
N LYS O 51 31.92 -4.15 73.27
CA LYS O 51 32.07 -5.57 73.53
C LYS O 51 33.30 -6.12 72.80
N TYR O 52 33.96 -7.08 73.43
CA TYR O 52 35.18 -7.67 72.89
C TYR O 52 34.79 -8.72 71.86
N ILE O 53 34.74 -8.32 70.58
CA ILE O 53 34.30 -9.21 69.51
C ILE O 53 35.41 -10.10 68.95
N ALA O 54 36.67 -9.85 69.32
CA ALA O 54 37.78 -10.58 68.75
C ALA O 54 37.79 -12.02 69.25
N LYS O 55 37.54 -12.97 68.36
CA LYS O 55 37.54 -14.39 68.65
C LYS O 55 38.61 -15.06 67.81
N PHE O 56 39.55 -15.73 68.49
CA PHE O 56 40.69 -16.37 67.86
C PHE O 56 40.48 -17.88 67.81
N GLN O 57 40.96 -18.49 66.72
CA GLN O 57 40.90 -19.94 66.52
C GLN O 57 42.28 -20.37 66.05
N GLY O 58 43.12 -20.79 66.99
CA GLY O 58 44.49 -21.13 66.66
C GLY O 58 45.30 -19.89 66.34
N GLU O 59 46.38 -20.09 65.56
CA GLU O 59 47.31 -19.04 65.18
C GLU O 59 47.04 -18.47 63.79
N ASP O 60 46.57 -19.31 62.86
CA ASP O 60 46.50 -18.90 61.46
C ASP O 60 45.24 -18.11 61.13
N THR O 61 44.10 -18.45 61.74
CA THR O 61 42.79 -17.90 61.39
C THR O 61 42.17 -17.22 62.60
N VAL O 62 41.31 -16.24 62.33
CA VAL O 62 40.56 -15.50 63.35
C VAL O 62 39.12 -15.41 62.90
N VAL O 63 38.20 -15.51 63.88
CA VAL O 63 36.76 -15.48 63.65
C VAL O 63 36.24 -14.12 64.11
N ILE O 64 35.47 -13.46 63.25
CA ILE O 64 34.84 -12.18 63.55
C ILE O 64 33.42 -12.23 63.03
N ALA O 65 32.44 -12.17 63.94
CA ALA O 65 31.02 -12.19 63.61
C ALA O 65 30.65 -13.47 62.86
N SER O 66 31.20 -14.60 63.33
CA SER O 66 30.96 -15.92 62.75
C SER O 66 31.42 -15.98 61.30
N LYS O 67 32.59 -15.38 61.01
CA LYS O 67 33.21 -15.37 59.70
C LYS O 67 34.70 -15.64 59.87
N PRO O 68 35.25 -16.80 59.46
CA PRO O 68 36.69 -16.98 59.57
C PRO O 68 37.46 -16.16 58.56
N TYR O 69 38.66 -15.73 58.95
CA TYR O 69 39.59 -14.99 58.10
C TYR O 69 40.96 -15.61 58.28
N ALA O 70 41.42 -16.35 57.26
CA ALA O 70 42.67 -17.08 57.34
C ALA O 70 43.85 -16.14 57.10
N PHE O 71 44.88 -16.27 57.95
CA PHE O 71 46.13 -15.53 57.83
C PHE O 71 47.30 -16.47 58.13
N ASP O 72 48.52 -15.93 58.14
CA ASP O 72 49.70 -16.73 58.49
C ASP O 72 49.85 -16.85 60.00
N ARG O 73 49.70 -15.74 60.72
CA ARG O 73 49.85 -15.73 62.17
C ARG O 73 49.06 -14.56 62.72
N VAL O 74 48.12 -14.85 63.63
CA VAL O 74 47.31 -13.85 64.31
C VAL O 74 47.82 -13.70 65.74
N PHE O 75 48.10 -12.46 66.14
CA PHE O 75 48.58 -12.14 67.48
C PHE O 75 47.41 -11.67 68.34
N GLN O 76 47.33 -12.19 69.55
CA GLN O 76 46.23 -11.87 70.47
C GLN O 76 46.57 -10.59 71.25
N SER O 77 45.66 -10.17 72.12
CA SER O 77 45.87 -8.95 72.89
C SER O 77 46.97 -9.10 73.92
N SER O 78 47.17 -10.30 74.46
CA SER O 78 48.21 -10.54 75.45
C SER O 78 49.61 -10.66 74.86
N THR O 79 49.76 -10.58 73.53
CA THR O 79 51.09 -10.69 72.93
C THR O 79 51.90 -9.42 73.22
N SER O 80 53.04 -9.61 73.88
CA SER O 80 53.88 -8.48 74.26
C SER O 80 54.66 -7.97 73.04
N GLN O 81 55.45 -6.93 73.26
CA GLN O 81 56.20 -6.33 72.17
C GLN O 81 57.29 -7.25 71.66
N GLU O 82 58.00 -7.93 72.57
CA GLU O 82 59.08 -8.82 72.16
C GLU O 82 58.55 -10.05 71.44
N GLN O 83 57.36 -10.52 71.83
CA GLN O 83 56.80 -11.72 71.20
C GLN O 83 56.41 -11.46 69.75
N VAL O 84 55.91 -10.26 69.43
CA VAL O 84 55.54 -9.95 68.06
C VAL O 84 56.78 -9.86 67.17
N TYR O 85 57.86 -9.29 67.72
CA TYR O 85 59.07 -9.10 66.92
C TYR O 85 59.72 -10.42 66.56
N ASN O 86 59.82 -11.34 67.54
CA ASN O 86 60.44 -12.63 67.29
C ASN O 86 59.65 -13.49 66.32
N ASP O 87 58.33 -13.28 66.22
CA ASP O 87 57.48 -14.08 65.34
C ASP O 87 57.42 -13.53 63.92
N CYS O 88 57.39 -12.21 63.76
CA CYS O 88 57.14 -11.59 62.46
C CYS O 88 58.42 -11.23 61.72
N ALA O 89 59.24 -10.34 62.30
CA ALA O 89 60.37 -9.73 61.63
C ALA O 89 61.72 -10.33 62.04
N LYS O 90 61.72 -11.55 62.60
CA LYS O 90 62.97 -12.18 62.97
C LYS O 90 63.72 -12.71 61.76
N LYS O 91 63.03 -13.46 60.89
CA LYS O 91 63.65 -13.98 59.68
C LYS O 91 63.91 -12.90 58.63
N ILE O 92 63.20 -11.78 58.69
CA ILE O 92 63.40 -10.71 57.71
C ILE O 92 64.78 -10.09 57.88
N VAL O 93 65.31 -10.07 59.11
CA VAL O 93 66.66 -9.57 59.33
C VAL O 93 67.69 -10.46 58.64
N LYS O 94 67.42 -11.77 58.61
CA LYS O 94 68.31 -12.69 57.90
C LYS O 94 68.15 -12.57 56.40
N ASP O 95 66.93 -12.32 55.91
CA ASP O 95 66.70 -12.25 54.47
C ASP O 95 67.31 -10.99 53.87
N VAL O 96 67.17 -9.86 54.55
CA VAL O 96 67.69 -8.60 54.01
C VAL O 96 69.21 -8.55 54.01
N LEU O 97 69.86 -9.28 54.93
CA LEU O 97 71.32 -9.37 54.96
C LEU O 97 71.86 -10.42 53.99
N GLU O 98 71.04 -11.38 53.55
CA GLU O 98 71.48 -12.37 52.59
C GLU O 98 71.78 -11.76 51.22
N GLY O 99 71.15 -10.63 50.87
CA GLY O 99 71.33 -9.98 49.60
C GLY O 99 70.06 -9.38 49.04
N TYR O 100 68.90 -9.86 49.47
CA TYR O 100 67.62 -9.36 49.00
C TYR O 100 67.25 -8.09 49.76
N ASN O 101 66.14 -7.48 49.35
CA ASN O 101 65.59 -6.28 49.98
C ASN O 101 64.56 -6.67 51.02
N GLY O 102 64.14 -5.68 51.80
CA GLY O 102 63.15 -5.89 52.85
C GLY O 102 62.26 -4.68 53.00
N THR O 103 61.00 -4.94 53.38
CA THR O 103 60.04 -3.87 53.61
C THR O 103 58.95 -4.39 54.53
N ILE O 104 58.63 -3.63 55.57
CA ILE O 104 57.57 -3.93 56.52
C ILE O 104 56.76 -2.67 56.75
N PHE O 105 55.44 -2.80 56.73
CA PHE O 105 54.53 -1.68 56.94
C PHE O 105 53.25 -2.17 57.59
N ALA O 106 52.53 -1.24 58.21
CA ALA O 106 51.35 -1.52 59.02
C ALA O 106 50.15 -0.78 58.44
N TYR O 107 49.06 -1.50 58.21
CA TYR O 107 47.80 -0.97 57.70
C TYR O 107 46.72 -1.12 58.77
N GLY O 108 45.86 -0.13 58.87
CA GLY O 108 44.78 -0.16 59.84
C GLY O 108 44.21 1.22 60.07
N GLN O 109 43.24 1.27 60.97
CA GLN O 109 42.53 2.49 61.32
C GLN O 109 43.19 3.17 62.53
N THR O 110 42.73 4.38 62.83
CA THR O 110 43.28 5.14 63.94
C THR O 110 42.98 4.44 65.26
N SER O 111 43.93 4.51 66.19
CA SER O 111 43.89 3.86 67.50
C SER O 111 43.93 2.33 67.41
N SER O 112 44.32 1.78 66.26
CA SER O 112 44.42 0.32 66.12
C SER O 112 45.69 -0.25 66.72
N GLY O 113 46.73 0.56 66.91
CA GLY O 113 47.96 0.14 67.55
C GLY O 113 49.11 -0.04 66.57
N LYS O 114 49.17 0.85 65.56
CA LYS O 114 50.26 0.82 64.59
C LYS O 114 51.51 1.55 65.10
N THR O 115 51.32 2.70 65.74
CA THR O 115 52.46 3.44 66.28
C THR O 115 53.10 2.69 67.44
N HIS O 116 52.29 2.16 68.36
CA HIS O 116 52.82 1.42 69.50
C HIS O 116 53.50 0.13 69.06
N THR O 117 53.04 -0.48 67.95
CA THR O 117 53.66 -1.71 67.47
C THR O 117 55.07 -1.44 66.96
N MET O 118 55.24 -0.39 66.17
CA MET O 118 56.53 -0.06 65.56
C MET O 118 57.38 0.87 66.42
N GLU O 119 56.81 1.97 66.90
CA GLU O 119 57.55 2.95 67.70
C GLU O 119 57.56 2.57 69.17
N GLY O 120 56.37 2.47 69.77
CA GLY O 120 56.27 2.18 71.20
C GLY O 120 56.88 3.29 72.04
N LYS O 121 57.65 2.90 73.04
CA LYS O 121 58.46 3.79 73.86
C LYS O 121 59.90 3.31 73.75
N LEU O 122 60.73 4.07 73.04
CA LEU O 122 62.02 3.57 72.57
C LEU O 122 63.00 3.33 73.70
N HIS O 123 62.98 4.16 74.73
CA HIS O 123 64.01 4.11 75.78
C HIS O 123 63.81 2.98 76.78
N ASP O 124 62.66 2.28 76.77
CA ASP O 124 62.39 1.18 77.69
C ASP O 124 62.81 -0.15 77.06
N PRO O 125 63.27 -1.17 77.79
CA PRO O 125 63.57 -2.45 77.13
C PRO O 125 62.34 -3.18 76.64
N GLU O 126 61.26 -3.20 77.41
CA GLU O 126 60.05 -3.95 77.08
C GLU O 126 59.08 -3.17 76.19
N GLY O 127 58.81 -1.91 76.53
CA GLY O 127 57.86 -1.11 75.78
C GLY O 127 58.32 -0.63 74.43
N MET O 128 59.56 -0.88 74.04
CA MET O 128 60.03 -0.45 72.73
C MET O 128 59.41 -1.29 71.62
N GLY O 129 59.12 -0.64 70.50
CA GLY O 129 58.47 -1.28 69.37
C GLY O 129 59.43 -2.07 68.52
N ILE O 130 59.17 -2.07 67.20
CA ILE O 130 59.91 -2.93 66.27
C ILE O 130 61.14 -2.21 65.74
N ILE O 131 61.02 -0.92 65.42
CA ILE O 131 62.09 -0.22 64.71
C ILE O 131 63.38 -0.06 65.53
N PRO O 132 63.38 -0.01 66.91
CA PRO O 132 64.68 -0.16 67.59
C PRO O 132 65.15 -1.61 67.62
N ARG O 133 64.22 -2.55 67.70
CA ARG O 133 64.59 -3.96 67.68
C ARG O 133 65.19 -4.37 66.34
N ILE O 134 64.74 -3.75 65.25
CA ILE O 134 65.33 -4.02 63.94
C ILE O 134 66.76 -3.48 63.92
N VAL O 135 66.99 -2.32 64.52
CA VAL O 135 68.32 -1.72 64.55
C VAL O 135 69.26 -2.58 65.41
N GLN O 136 68.78 -3.02 66.57
CA GLN O 136 69.64 -3.76 67.49
C GLN O 136 70.02 -5.12 66.94
N ASP O 137 69.11 -5.77 66.21
CA ASP O 137 69.40 -7.10 65.66
C ASP O 137 70.43 -7.02 64.54
N ILE O 138 70.42 -5.92 63.77
CA ILE O 138 71.36 -5.78 62.66
C ILE O 138 72.79 -5.65 63.20
N PHE O 139 72.98 -4.78 64.21
CA PHE O 139 74.31 -4.60 64.78
C PHE O 139 74.74 -5.80 65.61
N ASN O 140 73.82 -6.45 66.32
CA ASN O 140 74.17 -7.67 67.03
C ASN O 140 74.56 -8.80 66.08
N TYR O 141 73.96 -8.84 64.89
CA TYR O 141 74.34 -9.83 63.90
C TYR O 141 75.71 -9.53 63.30
N ILE O 142 76.05 -8.25 63.16
CA ILE O 142 77.34 -7.88 62.60
C ILE O 142 78.47 -8.26 63.56
N TYR O 143 78.23 -8.12 64.87
CA TYR O 143 79.23 -8.50 65.85
C TYR O 143 79.47 -10.01 65.85
N SER O 144 78.45 -10.80 65.53
CA SER O 144 78.59 -12.25 65.43
C SER O 144 79.30 -12.69 64.15
N MET O 145 79.26 -11.88 63.09
CA MET O 145 79.94 -12.20 61.86
C MET O 145 81.44 -11.92 61.99
N ASP O 146 82.21 -12.47 61.06
CA ASP O 146 83.66 -12.31 61.06
C ASP O 146 84.04 -10.87 60.73
N GLU O 147 85.28 -10.52 61.05
CA GLU O 147 85.73 -9.13 60.92
C GLU O 147 85.89 -8.71 59.47
N ASN O 148 86.17 -9.64 58.56
CA ASN O 148 86.45 -9.28 57.18
C ASN O 148 85.24 -8.75 56.42
N LEU O 149 84.01 -8.99 56.91
CA LEU O 149 82.81 -8.47 56.27
C LEU O 149 82.64 -7.01 56.68
N GLU O 150 82.94 -6.09 55.77
CA GLU O 150 82.80 -4.67 56.01
C GLU O 150 81.38 -4.23 55.67
N PHE O 151 80.73 -3.54 56.61
CA PHE O 151 79.36 -3.05 56.48
C PHE O 151 79.37 -1.54 56.35
N HIS O 152 78.57 -1.04 55.41
CA HIS O 152 78.39 0.41 55.18
C HIS O 152 76.89 0.68 55.26
N ILE O 153 76.43 1.10 56.44
CA ILE O 153 75.02 1.35 56.71
C ILE O 153 74.82 2.86 56.71
N LYS O 154 73.81 3.32 55.95
CA LYS O 154 73.39 4.71 55.93
C LYS O 154 71.89 4.77 56.12
N VAL O 155 71.44 5.72 56.95
CA VAL O 155 70.05 5.84 57.37
C VAL O 155 69.44 7.07 56.74
N SER O 156 68.13 7.00 56.50
CA SER O 156 67.35 8.10 55.97
C SER O 156 65.97 8.05 56.61
N TYR O 157 65.35 9.22 56.76
CA TYR O 157 64.06 9.32 57.45
C TYR O 157 63.33 10.55 56.94
N PHE O 158 62.16 10.33 56.34
CA PHE O 158 61.31 11.41 55.85
C PHE O 158 59.85 10.99 56.03
N GLU O 159 58.95 11.93 55.73
CA GLU O 159 57.52 11.75 55.96
C GLU O 159 56.75 12.50 54.88
N ILE O 160 55.61 11.94 54.48
CA ILE O 160 54.79 12.46 53.39
C ILE O 160 53.58 13.14 54.03
N TYR O 161 53.65 14.48 54.12
CA TYR O 161 52.70 15.29 54.87
C TYR O 161 52.24 16.46 54.00
N LEU O 162 50.92 16.58 53.84
CA LEU O 162 50.30 17.59 52.97
C LEU O 162 50.86 17.47 51.54
N ASP O 163 50.83 16.23 51.03
CA ASP O 163 51.33 15.83 49.70
C ASP O 163 52.74 16.38 49.40
N LYS O 164 53.59 16.43 50.43
CA LYS O 164 54.98 16.85 50.30
C LYS O 164 55.86 15.94 51.15
N ILE O 165 57.01 15.56 50.60
CA ILE O 165 57.96 14.67 51.29
C ILE O 165 58.89 15.58 52.07
N ARG O 166 58.50 15.90 53.30
CA ARG O 166 59.32 16.72 54.19
C ARG O 166 60.32 15.84 54.94
N ASP O 167 61.58 16.28 54.94
CA ASP O 167 62.63 15.60 55.67
C ASP O 167 62.64 16.06 57.12
N LEU O 168 62.82 15.11 58.04
CA LEU O 168 62.85 15.36 59.47
C LEU O 168 64.27 15.39 60.02
N LEU O 169 65.23 14.77 59.35
CA LEU O 169 66.63 14.87 59.77
C LEU O 169 67.19 16.27 59.54
N ASP O 170 66.68 16.98 58.53
CA ASP O 170 66.99 18.38 58.30
C ASP O 170 65.69 19.15 58.07
N VAL O 171 65.57 20.30 58.75
CA VAL O 171 64.33 21.06 58.73
C VAL O 171 64.21 22.01 57.54
N SER O 172 65.29 22.22 56.79
CA SER O 172 65.26 23.21 55.70
C SER O 172 64.40 22.73 54.55
N LYS O 173 64.79 21.63 53.91
CA LYS O 173 64.07 21.14 52.74
C LYS O 173 62.78 20.45 53.15
N THR O 174 61.70 20.75 52.42
CA THR O 174 60.35 20.25 52.70
C THR O 174 59.78 19.36 51.61
N ASN O 175 60.43 19.23 50.46
CA ASN O 175 59.95 18.39 49.37
C ASN O 175 61.14 17.83 48.60
N LEU O 176 61.18 16.51 48.48
CA LEU O 176 62.20 15.79 47.73
C LEU O 176 61.59 15.14 46.50
N SER O 177 62.46 14.78 45.56
CA SER O 177 62.08 14.12 44.32
C SER O 177 62.34 12.62 44.44
N VAL O 178 61.59 11.85 43.64
CA VAL O 178 61.69 10.39 43.58
C VAL O 178 62.11 10.02 42.17
N HIS O 179 63.37 9.63 42.00
CA HIS O 179 63.97 9.30 40.71
C HIS O 179 64.19 7.79 40.61
N GLU O 180 64.47 7.35 39.38
CA GLU O 180 64.68 5.94 39.07
C GLU O 180 66.17 5.62 39.02
N ASP O 181 66.50 4.41 39.46
CA ASP O 181 67.87 3.92 39.49
C ASP O 181 68.18 3.21 38.17
N LYS O 182 69.27 2.44 38.12
CA LYS O 182 69.72 1.82 36.89
C LYS O 182 68.72 0.82 36.31
N ASN O 183 68.03 0.06 37.18
CA ASN O 183 67.04 -0.93 36.76
C ASN O 183 65.61 -0.44 36.93
N ARG O 184 65.39 0.87 36.82
CA ARG O 184 64.05 1.47 36.78
C ARG O 184 63.26 1.24 38.07
N VAL O 185 63.95 1.06 39.20
CA VAL O 185 63.31 0.93 40.51
C VAL O 185 63.30 2.31 41.15
N PRO O 186 62.14 2.89 41.50
CA PRO O 186 62.16 4.27 42.00
C PRO O 186 62.70 4.35 43.43
N TYR O 187 63.38 5.44 43.72
CA TYR O 187 63.89 5.70 45.06
C TYR O 187 64.09 7.21 45.22
N VAL O 188 64.43 7.62 46.44
CA VAL O 188 64.50 9.02 46.81
C VAL O 188 65.88 9.57 46.47
N LYS O 189 65.92 10.85 46.12
CA LYS O 189 67.16 11.58 45.83
C LYS O 189 67.19 12.83 46.69
N GLY O 190 68.40 13.24 47.08
CA GLY O 190 68.59 14.45 47.86
C GLY O 190 68.37 14.31 49.34
N CYS O 191 67.84 13.19 49.82
CA CYS O 191 67.56 13.02 51.23
C CYS O 191 68.87 12.93 52.02
N THR O 192 68.78 13.24 53.31
CA THR O 192 69.94 13.26 54.19
C THR O 192 70.30 11.83 54.55
N GLU O 193 71.32 11.28 53.87
CA GLU O 193 71.81 9.92 54.11
C GLU O 193 72.95 10.02 55.12
N ARG O 194 72.61 9.87 56.39
CA ARG O 194 73.59 9.94 57.47
C ARG O 194 74.32 8.62 57.60
N PHE O 195 75.63 8.65 57.41
CA PHE O 195 76.46 7.45 57.59
C PHE O 195 76.67 7.21 59.08
N VAL O 196 76.28 6.03 59.55
CA VAL O 196 76.28 5.67 60.96
C VAL O 196 77.31 4.57 61.19
N CYS O 197 77.86 4.56 62.41
CA CYS O 197 78.90 3.62 62.83
C CYS O 197 78.43 2.69 63.94
N SER O 198 77.91 3.25 65.04
CA SER O 198 77.49 2.52 66.24
C SER O 198 75.97 2.44 66.31
N PRO O 199 75.40 1.48 67.06
CA PRO O 199 73.94 1.44 67.16
C PRO O 199 73.34 2.57 67.98
N ASP O 200 74.09 3.13 68.93
CA ASP O 200 73.56 4.22 69.75
C ASP O 200 73.32 5.47 68.93
N GLU O 201 74.16 5.73 67.93
CA GLU O 201 73.93 6.87 67.04
C GLU O 201 72.65 6.70 66.23
N VAL O 202 72.31 5.46 65.87
CA VAL O 202 71.06 5.23 65.14
C VAL O 202 69.87 5.48 66.05
N MET O 203 70.02 5.20 67.35
CA MET O 203 68.97 5.54 68.30
C MET O 203 68.84 7.05 68.45
N ASP O 204 69.96 7.78 68.32
CA ASP O 204 69.92 9.23 68.49
C ASP O 204 69.18 9.90 67.34
N THR O 205 69.48 9.53 66.11
CA THR O 205 68.83 10.15 64.96
C THR O 205 67.36 9.76 64.85
N ILE O 206 66.97 8.61 65.43
CA ILE O 206 65.56 8.24 65.47
C ILE O 206 64.82 9.11 66.47
N ASP O 207 65.45 9.41 67.61
CA ASP O 207 64.79 10.19 68.64
C ASP O 207 64.55 11.63 68.19
N GLU O 208 65.56 12.26 67.60
CA GLU O 208 65.37 13.62 67.09
C GLU O 208 64.42 13.67 65.91
N GLY O 209 64.35 12.57 65.13
CA GLY O 209 63.41 12.53 64.03
C GLY O 209 61.96 12.49 64.51
N LYS O 210 61.69 11.66 65.53
CA LYS O 210 60.34 11.57 66.06
C LYS O 210 59.92 12.84 66.78
N SER O 211 60.89 13.59 67.34
CA SER O 211 60.58 14.87 67.97
C SER O 211 60.08 15.90 66.96
N ASN O 212 60.58 15.87 65.72
CA ASN O 212 60.14 16.75 64.66
C ASN O 212 58.86 16.26 63.97
N ARG O 213 58.31 15.13 64.37
CA ARG O 213 57.12 14.59 63.71
C ARG O 213 55.90 15.41 64.09
N HIS O 214 55.12 15.80 63.09
CA HIS O 214 53.92 16.61 63.32
C HIS O 214 52.81 15.69 63.81
N VAL O 215 52.74 15.50 65.13
CA VAL O 215 51.74 14.66 65.78
C VAL O 215 50.65 15.57 66.31
N ALA O 216 49.43 15.39 65.81
CA ALA O 216 48.25 16.15 66.22
C ALA O 216 47.45 15.36 67.23
N VAL O 217 46.47 16.04 67.84
CA VAL O 217 45.60 15.47 68.86
C VAL O 217 44.18 15.42 68.30
N THR O 218 43.48 14.31 68.58
CA THR O 218 42.10 14.13 68.18
C THR O 218 41.37 13.35 69.28
N ASN O 219 40.08 13.12 69.07
CA ASN O 219 39.26 12.45 70.06
C ASN O 219 39.57 10.96 70.21
N MET O 220 40.06 10.32 69.15
CA MET O 220 40.30 8.89 69.15
C MET O 220 41.68 8.51 69.67
N ASN O 221 42.68 9.36 69.49
CA ASN O 221 44.04 9.07 69.94
C ASN O 221 44.80 10.38 70.12
N GLU O 222 45.32 10.59 71.33
CA GLU O 222 46.15 11.76 71.58
C GLU O 222 47.45 11.73 70.79
N HIS O 223 48.08 10.56 70.69
CA HIS O 223 49.32 10.38 69.93
C HIS O 223 49.00 9.89 68.52
N SER O 224 48.22 10.69 67.81
CA SER O 224 47.77 10.33 66.46
C SER O 224 48.84 10.72 65.44
N SER O 225 49.51 9.72 64.88
CA SER O 225 50.44 9.97 63.79
C SER O 225 49.64 10.25 62.51
N ARG O 226 49.70 11.50 62.05
CA ARG O 226 48.86 11.97 60.95
C ARG O 226 49.54 11.84 59.59
N SER O 227 50.56 10.99 59.45
CA SER O 227 51.23 10.81 58.18
C SER O 227 52.06 9.54 58.23
N HIS O 228 52.71 9.23 57.11
CA HIS O 228 53.45 7.98 56.91
C HIS O 228 54.94 8.27 57.04
N SER O 229 55.53 7.81 58.14
CA SER O 229 56.95 7.99 58.40
C SER O 229 57.73 6.82 57.82
N ILE O 230 58.54 7.09 56.79
CA ILE O 230 59.36 6.09 56.12
C ILE O 230 60.76 6.19 56.70
N PHE O 231 61.28 5.06 57.21
CA PHE O 231 62.62 4.96 57.76
C PHE O 231 63.38 3.90 56.98
N LEU O 232 64.46 4.31 56.33
CA LEU O 232 65.27 3.45 55.47
C LEU O 232 66.57 3.10 56.17
N ILE O 233 67.03 1.87 55.98
CA ILE O 233 68.33 1.41 56.43
C ILE O 233 68.97 0.71 55.23
N ASN O 234 69.77 1.45 54.48
CA ASN O 234 70.41 0.94 53.27
C ASN O 234 71.71 0.25 53.69
N VAL O 235 71.63 -1.07 53.91
CA VAL O 235 72.76 -1.85 54.40
C VAL O 235 73.54 -2.33 53.18
N LYS O 236 74.70 -1.70 52.94
CA LYS O 236 75.66 -2.14 51.93
C LYS O 236 76.74 -2.95 52.64
N GLN O 237 77.11 -4.09 52.05
CA GLN O 237 78.11 -4.98 52.62
C GLN O 237 78.95 -5.59 51.49
N GLU O 238 80.20 -5.89 51.80
CA GLU O 238 81.13 -6.45 50.84
C GLU O 238 82.24 -7.18 51.59
N ASN O 239 82.63 -8.33 51.06
CA ASN O 239 83.68 -9.16 51.63
C ASN O 239 85.02 -8.81 50.97
N THR O 240 86.08 -8.73 51.78
CA THR O 240 87.39 -8.37 51.26
C THR O 240 88.03 -9.52 50.49
N GLN O 241 87.76 -10.77 50.88
CA GLN O 241 88.39 -11.92 50.24
C GLN O 241 87.74 -12.27 48.91
N THR O 242 86.42 -12.47 48.89
CA THR O 242 85.72 -12.87 47.68
C THR O 242 85.43 -11.68 46.75
N GLU O 243 85.47 -10.45 47.25
CA GLU O 243 85.23 -9.24 46.45
C GLU O 243 83.82 -9.25 45.85
N GLN O 244 82.84 -9.62 46.67
CA GLN O 244 81.43 -9.70 46.28
C GLN O 244 80.65 -8.64 47.05
N LYS O 245 80.11 -7.67 46.31
CA LYS O 245 79.35 -6.56 46.89
C LYS O 245 77.87 -6.90 46.91
N LEU O 246 77.20 -6.55 48.01
CA LEU O 246 75.78 -6.80 48.19
C LEU O 246 75.15 -5.61 48.91
N SER O 247 73.89 -5.33 48.58
CA SER O 247 73.14 -4.25 49.17
C SER O 247 71.69 -4.68 49.36
N GLY O 248 71.05 -4.11 50.38
CA GLY O 248 69.64 -4.38 50.67
C GLY O 248 68.93 -3.19 51.26
N LYS O 249 67.82 -2.79 50.63
CA LYS O 249 67.02 -1.67 51.09
C LYS O 249 65.99 -2.16 52.09
N LEU O 250 66.05 -1.65 53.32
CA LEU O 250 65.19 -2.05 54.43
C LEU O 250 64.26 -0.90 54.76
N TYR O 251 63.03 -0.98 54.28
CA TYR O 251 62.01 0.06 54.47
C TYR O 251 61.21 -0.23 55.73
N LEU O 252 61.10 0.77 56.59
CA LEU O 252 60.28 0.72 57.81
C LEU O 252 59.26 1.86 57.71
N VAL O 253 58.03 1.54 57.32
CA VAL O 253 56.96 2.50 57.09
C VAL O 253 55.94 2.34 58.21
N ASP O 254 55.52 3.47 58.80
CA ASP O 254 54.50 3.51 59.85
C ASP O 254 53.42 4.48 59.37
N LEU O 255 52.33 3.92 58.83
CA LEU O 255 51.28 4.72 58.21
C LEU O 255 50.28 5.20 59.26
N ALA O 256 49.38 6.08 58.82
CA ALA O 256 48.35 6.68 59.66
C ALA O 256 47.05 5.89 59.51
N GLY O 257 46.00 6.33 60.20
CA GLY O 257 44.75 5.60 60.30
C GLY O 257 43.69 6.15 59.38
N SER O 258 42.92 5.24 58.78
CA SER O 258 41.80 5.60 57.90
C SER O 258 40.57 5.79 58.78
N ALA O 259 40.50 6.95 59.44
CA ALA O 259 39.44 7.25 60.40
C ALA O 259 38.30 8.00 59.71
N LYS O 260 37.10 7.86 60.27
CA LYS O 260 35.93 8.58 59.82
C LYS O 260 35.90 9.96 60.45
N VAL O 261 35.44 10.95 59.68
CA VAL O 261 35.39 12.32 60.18
C VAL O 261 34.33 12.46 61.27
N SER O 262 33.25 11.68 61.19
CA SER O 262 32.22 11.75 62.21
C SER O 262 32.70 11.22 63.55
N LYS O 263 33.57 10.21 63.54
CA LYS O 263 34.11 9.64 64.76
C LYS O 263 35.22 10.49 65.35
N THR O 264 36.14 10.98 64.53
CA THR O 264 37.22 11.81 65.00
C THR O 264 36.77 13.23 65.31
N GLY O 265 35.78 13.74 64.58
CA GLY O 265 35.35 15.11 64.76
C GLY O 265 36.43 16.09 64.32
N ALA O 266 36.98 15.85 63.12
CA ALA O 266 38.07 16.67 62.60
C ALA O 266 37.52 17.97 62.03
N GLU O 267 38.25 19.06 62.27
CA GLU O 267 37.88 20.36 61.76
C GLU O 267 39.12 21.25 61.72
N GLY O 268 39.24 22.01 60.63
CA GLY O 268 40.34 22.94 60.46
C GLY O 268 41.53 22.33 59.75
N ALA O 269 42.73 22.56 60.30
CA ALA O 269 43.96 22.08 59.66
C ALA O 269 44.06 20.56 59.63
N VAL O 270 43.46 19.86 60.61
CA VAL O 270 43.51 18.41 60.63
C VAL O 270 42.76 17.80 59.44
N LEU O 271 41.77 18.50 58.88
CA LEU O 271 41.09 18.00 57.69
C LEU O 271 42.05 17.90 56.51
N ASP O 272 42.94 18.88 56.36
CA ASP O 272 43.94 18.82 55.30
C ASP O 272 44.91 17.68 55.52
N GLU O 273 45.22 17.37 56.79
CA GLU O 273 46.08 16.23 57.09
C GLU O 273 45.39 14.91 56.77
N ALA O 274 44.06 14.87 56.91
CA ALA O 274 43.33 13.64 56.63
C ALA O 274 43.27 13.35 55.13
N LYS O 275 43.32 14.38 54.29
CA LYS O 275 43.16 14.17 52.86
C LYS O 275 44.35 13.44 52.26
N ASN O 276 45.57 13.90 52.58
CA ASN O 276 46.76 13.33 51.96
C ASN O 276 47.02 11.90 52.40
N ILE O 277 46.69 11.56 53.65
CA ILE O 277 46.86 10.18 54.11
C ILE O 277 45.81 9.28 53.48
N ASN O 278 44.58 9.77 53.30
CA ASN O 278 43.52 8.96 52.74
C ASN O 278 43.71 8.71 51.24
N LYS O 279 44.35 9.64 50.53
CA LYS O 279 44.72 9.40 49.13
C LYS O 279 45.70 8.24 49.03
N SER O 280 46.65 8.17 49.98
CA SER O 280 47.69 7.16 49.91
C SER O 280 47.16 5.77 50.22
N LEU O 281 46.39 5.63 51.31
CA LEU O 281 45.89 4.31 51.67
C LEU O 281 44.86 3.81 50.68
N SER O 282 44.11 4.72 50.06
CA SER O 282 43.23 4.33 48.96
C SER O 282 44.02 3.99 47.72
N ALA O 283 45.16 4.66 47.51
CA ALA O 283 45.99 4.38 46.34
C ALA O 283 46.61 3.00 46.41
N LEU O 284 47.25 2.66 47.53
CA LEU O 284 47.79 1.32 47.68
C LEU O 284 46.69 0.27 47.81
N GLY O 285 45.50 0.69 48.27
CA GLY O 285 44.36 -0.22 48.25
C GLY O 285 43.98 -0.62 46.83
N ASN O 286 44.18 0.28 45.87
CA ASN O 286 44.00 -0.08 44.47
C ASN O 286 45.11 -1.02 44.01
N VAL O 287 46.32 -0.85 44.56
CA VAL O 287 47.45 -1.67 44.15
C VAL O 287 47.27 -3.11 44.60
N ILE O 288 46.79 -3.31 45.83
CA ILE O 288 46.58 -4.67 46.33
C ILE O 288 45.42 -5.33 45.58
N SER O 289 44.35 -4.58 45.33
CA SER O 289 43.24 -5.13 44.55
C SER O 289 43.63 -5.35 43.10
N ALA O 290 44.48 -4.47 42.54
CA ALA O 290 44.97 -4.69 41.19
C ALA O 290 45.89 -5.90 41.13
N LEU O 291 46.76 -6.05 42.13
CA LEU O 291 47.65 -7.21 42.17
C LEU O 291 46.90 -8.49 42.53
N ALA O 292 45.85 -8.38 43.34
CA ALA O 292 45.07 -9.56 43.72
C ALA O 292 44.27 -10.10 42.55
N GLU O 293 43.49 -9.25 41.90
CA GLU O 293 42.75 -9.63 40.71
C GLU O 293 43.66 -9.85 39.49
N GLY O 294 44.87 -9.30 39.51
CA GLY O 294 45.81 -9.52 38.42
C GLY O 294 45.56 -8.64 37.23
N SER O 295 45.60 -7.32 37.44
CA SER O 295 45.38 -6.38 36.35
C SER O 295 46.59 -6.35 35.42
N THR O 296 46.42 -5.62 34.31
CA THR O 296 47.49 -5.51 33.32
C THR O 296 48.49 -4.41 33.69
N TYR O 297 48.00 -3.23 34.08
CA TYR O 297 48.86 -2.08 34.32
C TYR O 297 49.37 -2.01 35.74
N VAL O 298 48.56 -2.38 36.73
CA VAL O 298 48.93 -2.35 38.15
C VAL O 298 49.28 -0.92 38.54
N PRO O 299 48.29 -0.01 38.69
CA PRO O 299 48.62 1.42 38.79
C PRO O 299 49.28 1.80 40.11
N TYR O 300 50.60 1.63 40.18
CA TYR O 300 51.37 2.13 41.32
C TYR O 300 51.43 3.65 41.37
N ARG O 301 51.27 4.33 40.22
CA ARG O 301 51.51 5.77 40.12
C ARG O 301 50.29 6.61 40.48
N ASP O 302 49.33 6.07 41.22
CA ASP O 302 48.20 6.87 41.66
C ASP O 302 48.65 7.94 42.65
N SER O 303 49.30 7.52 43.73
CA SER O 303 49.88 8.40 44.74
C SER O 303 51.38 8.16 44.82
N LYS O 304 52.11 9.21 45.21
CA LYS O 304 53.56 9.12 45.32
C LYS O 304 54.00 8.25 46.50
N MET O 305 53.13 8.03 47.49
CA MET O 305 53.44 7.05 48.53
C MET O 305 53.50 5.65 47.94
N THR O 306 52.65 5.37 46.96
CA THR O 306 52.67 4.06 46.31
C THR O 306 53.92 3.87 45.45
N ARG O 307 54.53 4.97 44.97
CA ARG O 307 55.76 4.86 44.21
C ARG O 307 56.91 4.33 45.06
N ILE O 308 56.88 4.61 46.36
CA ILE O 308 57.93 4.11 47.25
C ILE O 308 57.82 2.59 47.40
N LEU O 309 56.60 2.07 47.45
CA LEU O 309 56.34 0.67 47.74
C LEU O 309 56.24 -0.20 46.48
N GLN O 310 56.89 0.22 45.39
CA GLN O 310 56.86 -0.59 44.17
C GLN O 310 57.77 -1.82 44.30
N ASP O 311 58.99 -1.62 44.78
CA ASP O 311 59.92 -2.73 44.94
C ASP O 311 59.46 -3.72 46.00
N SER O 312 58.65 -3.28 46.97
CA SER O 312 58.17 -4.19 48.01
C SER O 312 57.14 -5.16 47.47
N LEU O 313 56.20 -4.69 46.65
CA LEU O 313 55.07 -5.48 46.18
C LEU O 313 55.31 -6.17 44.84
N GLY O 314 56.23 -5.65 44.01
CA GLY O 314 56.49 -6.20 42.69
C GLY O 314 57.95 -6.17 42.29
N GLY O 315 58.86 -6.23 43.28
CA GLY O 315 60.28 -6.16 43.07
C GLY O 315 60.96 -7.43 43.56
N ASN O 316 62.22 -7.26 43.98
CA ASN O 316 63.09 -8.34 44.44
C ASN O 316 63.14 -8.39 45.96
N CYS O 317 62.02 -8.06 46.61
CA CYS O 317 61.92 -7.87 48.05
C CYS O 317 61.08 -8.95 48.69
N ARG O 318 61.23 -9.10 50.01
CA ARG O 318 60.46 -10.03 50.83
C ARG O 318 59.61 -9.19 51.79
N THR O 319 58.37 -8.91 51.37
CA THR O 319 57.47 -8.03 52.11
C THR O 319 56.66 -8.82 53.12
N THR O 320 56.31 -8.17 54.23
CA THR O 320 55.50 -8.77 55.29
C THR O 320 54.58 -7.68 55.86
N ILE O 321 53.31 -7.74 55.49
CA ILE O 321 52.30 -6.80 55.98
C ILE O 321 51.76 -7.34 57.31
N VAL O 322 51.66 -6.45 58.30
CA VAL O 322 51.12 -6.76 59.62
C VAL O 322 50.01 -5.76 59.91
N ILE O 323 48.76 -6.20 59.76
CA ILE O 323 47.58 -5.35 59.95
C ILE O 323 47.24 -5.33 61.43
N CYS O 324 46.90 -4.14 61.93
CA CYS O 324 46.50 -3.92 63.31
C CYS O 324 45.03 -3.51 63.34
N CYS O 325 44.30 -4.00 64.34
CA CYS O 325 42.88 -3.72 64.49
C CYS O 325 42.53 -3.70 65.97
N SER O 326 41.41 -3.04 66.30
CA SER O 326 40.89 -2.92 67.65
C SER O 326 39.79 -3.96 67.89
N PRO O 327 39.64 -4.58 69.06
CA PRO O 327 38.57 -5.57 69.26
C PRO O 327 37.22 -4.97 69.63
N SER O 328 37.06 -3.66 69.58
CA SER O 328 35.82 -3.03 70.01
C SER O 328 34.74 -3.18 68.94
N SER O 329 33.49 -3.21 69.39
CA SER O 329 32.34 -3.24 68.50
C SER O 329 32.10 -1.90 67.80
N TYR O 330 32.65 -0.80 68.31
CA TYR O 330 32.43 0.52 67.72
C TYR O 330 33.15 0.71 66.40
N ASN O 331 34.29 0.03 66.20
CA ASN O 331 35.06 0.07 64.96
C ASN O 331 34.91 -1.21 64.15
N GLU O 332 33.72 -1.81 64.19
CA GLU O 332 33.52 -3.11 63.53
C GLU O 332 33.58 -3.00 62.01
N SER O 333 33.11 -1.88 61.45
CA SER O 333 33.05 -1.76 60.00
C SER O 333 34.43 -1.58 59.39
N GLU O 334 35.22 -0.64 59.91
CA GLU O 334 36.56 -0.40 59.39
C GLU O 334 37.48 -1.59 59.61
N THR O 335 37.28 -2.35 60.69
CA THR O 335 38.13 -3.50 60.96
C THR O 335 37.81 -4.65 60.00
N LYS O 336 36.55 -4.83 59.63
CA LYS O 336 36.21 -5.84 58.64
C LYS O 336 36.82 -5.51 57.28
N SER O 337 36.86 -4.21 56.93
CA SER O 337 37.52 -3.80 55.70
C SER O 337 39.02 -4.09 55.74
N THR O 338 39.62 -4.00 56.92
CA THR O 338 41.06 -4.26 57.04
C THR O 338 41.37 -5.75 56.91
N LEU O 339 40.47 -6.61 57.40
CA LEU O 339 40.70 -8.05 57.30
C LEU O 339 40.59 -8.52 55.86
N LEU O 340 39.52 -8.15 55.16
CA LEU O 340 39.40 -8.53 53.75
C LEU O 340 40.46 -7.86 52.89
N PHE O 341 40.92 -6.67 53.30
CA PHE O 341 42.10 -6.09 52.67
C PHE O 341 43.32 -6.97 52.88
N GLY O 342 43.42 -7.60 54.05
CA GLY O 342 44.47 -8.57 54.27
C GLY O 342 44.31 -9.82 53.44
N GLN O 343 43.06 -10.26 53.21
CA GLN O 343 42.83 -11.42 52.37
C GLN O 343 43.23 -11.16 50.93
N ARG O 344 42.99 -9.95 50.43
CA ARG O 344 43.48 -9.58 49.10
C ARG O 344 45.00 -9.52 49.05
N ALA O 345 45.66 -9.24 50.18
CA ALA O 345 47.12 -9.23 50.22
C ALA O 345 47.72 -10.63 50.19
N LYS O 346 46.96 -11.66 50.53
CA LYS O 346 47.52 -13.01 50.58
C LYS O 346 47.82 -13.56 49.19
N THR O 347 47.03 -13.19 48.18
CA THR O 347 47.20 -13.71 46.83
C THR O 347 48.31 -13.01 46.04
N ILE O 348 49.09 -12.11 46.65
CA ILE O 348 50.12 -11.35 45.97
C ILE O 348 51.44 -12.12 46.10
N LYS O 349 52.28 -12.01 45.08
CA LYS O 349 53.61 -12.62 45.05
C LYS O 349 54.61 -11.65 44.47
N ASN O 350 55.82 -11.65 45.04
CA ASN O 350 56.91 -10.81 44.60
C ASN O 350 57.70 -11.50 43.51
N THR O 351 58.45 -10.69 42.76
CA THR O 351 59.34 -11.18 41.69
C THR O 351 60.75 -11.40 42.25
N VAL O 352 60.82 -12.16 43.33
CA VAL O 352 62.08 -12.40 44.02
C VAL O 352 62.84 -13.53 43.34
N ARG P 2 -69.30 10.76 104.77
CA ARG P 2 -68.73 9.79 103.84
C ARG P 2 -67.83 10.50 102.81
N GLU P 3 -66.55 10.12 102.80
CA GLU P 3 -65.58 10.70 101.88
C GLU P 3 -64.56 9.63 101.51
N CYS P 4 -63.78 9.92 100.46
CA CYS P 4 -62.74 9.01 100.00
C CYS P 4 -61.71 9.81 99.23
N ILE P 5 -60.44 9.40 99.38
CA ILE P 5 -59.29 10.05 98.76
C ILE P 5 -58.65 9.07 97.79
N SER P 6 -57.85 9.60 96.86
CA SER P 6 -57.23 8.81 95.82
C SER P 6 -55.87 9.40 95.45
N VAL P 7 -54.95 8.52 95.05
CA VAL P 7 -53.61 8.88 94.61
C VAL P 7 -53.34 8.17 93.29
N HIS P 8 -52.77 8.91 92.33
CA HIS P 8 -52.49 8.43 90.99
C HIS P 8 -50.98 8.36 90.82
N VAL P 9 -50.50 7.23 90.28
CA VAL P 9 -49.07 6.95 90.12
C VAL P 9 -48.81 6.59 88.66
N GLY P 10 -47.81 7.25 88.06
CA GLY P 10 -47.34 6.90 86.74
C GLY P 10 -48.10 7.60 85.63
N GLN P 11 -47.63 7.34 84.41
CA GLN P 11 -48.29 7.87 83.22
C GLN P 11 -49.70 7.29 83.09
N ALA P 12 -49.85 6.01 83.46
CA ALA P 12 -51.18 5.39 83.39
C ALA P 12 -52.13 6.00 84.41
N GLY P 13 -51.63 6.38 85.58
CA GLY P 13 -52.49 6.94 86.60
C GLY P 13 -52.95 8.33 86.27
N VAL P 14 -52.01 9.22 85.94
CA VAL P 14 -52.36 10.62 85.70
C VAL P 14 -53.18 10.79 84.42
N GLN P 15 -52.97 9.94 83.42
CA GLN P 15 -53.81 9.99 82.23
C GLN P 15 -55.25 9.59 82.55
N MET P 16 -55.43 8.62 83.44
CA MET P 16 -56.76 8.34 83.98
C MET P 16 -57.17 9.39 85.00
N GLY P 17 -56.21 9.99 85.70
CA GLY P 17 -56.54 11.05 86.64
C GLY P 17 -57.06 12.30 85.94
N ASN P 18 -56.42 12.68 84.84
CA ASN P 18 -56.90 13.83 84.07
C ASN P 18 -58.24 13.54 83.41
N ALA P 19 -58.51 12.27 83.08
CA ALA P 19 -59.74 11.90 82.39
C ALA P 19 -60.92 11.66 83.34
N CYS P 20 -60.67 11.22 84.58
CA CYS P 20 -61.75 10.92 85.51
C CYS P 20 -62.23 12.15 86.26
N TRP P 21 -61.33 13.07 86.62
CA TRP P 21 -61.72 14.25 87.37
C TRP P 21 -62.45 15.27 86.50
N GLU P 22 -62.24 15.27 85.18
CA GLU P 22 -63.08 16.08 84.31
C GLU P 22 -64.48 15.51 84.23
N LEU P 23 -64.64 14.20 84.39
CA LEU P 23 -65.96 13.59 84.45
C LEU P 23 -66.64 13.91 85.78
N TYR P 24 -65.90 13.88 86.89
CA TYR P 24 -66.50 14.16 88.19
C TYR P 24 -66.93 15.61 88.31
N CYS P 25 -66.23 16.54 87.66
CA CYS P 25 -66.56 17.95 87.77
C CYS P 25 -67.80 18.33 86.97
N LEU P 26 -67.99 17.73 85.79
CA LEU P 26 -69.18 18.03 84.99
C LEU P 26 -70.43 17.34 85.52
N GLU P 27 -70.28 16.27 86.29
CA GLU P 27 -71.45 15.64 86.91
C GLU P 27 -72.08 16.55 87.95
N HIS P 28 -71.28 17.11 88.84
CA HIS P 28 -71.75 18.00 89.90
C HIS P 28 -71.82 19.46 89.46
N GLY P 29 -71.78 19.75 88.16
CA GLY P 29 -71.86 21.12 87.70
C GLY P 29 -70.67 21.98 88.08
N ILE P 30 -69.53 21.39 88.37
CA ILE P 30 -68.32 22.13 88.75
C ILE P 30 -67.62 22.56 87.46
N GLN P 31 -67.58 23.86 87.22
CA GLN P 31 -66.90 24.38 86.05
C GLN P 31 -65.39 24.17 86.20
N PRO P 32 -64.62 24.17 85.10
CA PRO P 32 -63.18 23.93 85.24
C PRO P 32 -62.39 25.06 85.91
N ASP P 33 -63.00 26.23 86.13
CA ASP P 33 -62.31 27.34 86.77
C ASP P 33 -62.26 27.22 88.30
N GLY P 34 -62.81 26.15 88.89
CA GLY P 34 -62.71 25.87 90.31
C GLY P 34 -63.99 26.02 91.10
N GLN P 35 -65.05 26.59 90.51
CA GLN P 35 -66.33 26.81 91.18
C GLN P 35 -67.46 26.28 90.29
N MET P 36 -68.68 26.36 90.80
CA MET P 36 -69.86 25.91 90.06
C MET P 36 -70.13 26.84 88.89
N ASP P 52 -76.09 19.45 97.15
CA ASP P 52 -75.30 20.04 98.22
C ASP P 52 -74.35 19.00 98.82
N ASP P 53 -74.91 17.90 99.31
CA ASP P 53 -74.14 16.81 99.91
C ASP P 53 -73.71 15.75 98.88
N SER P 54 -73.73 16.09 97.59
CA SER P 54 -73.33 15.16 96.53
C SER P 54 -71.85 15.23 96.21
N PHE P 55 -71.27 16.43 96.18
CA PHE P 55 -69.86 16.63 95.88
C PHE P 55 -68.96 16.55 97.11
N THR P 56 -69.53 16.40 98.32
CA THR P 56 -68.72 16.37 99.53
C THR P 56 -67.89 15.10 99.66
N THR P 57 -68.18 14.05 98.89
CA THR P 57 -67.40 12.82 99.00
C THR P 57 -66.01 13.00 98.42
N PHE P 58 -65.92 13.59 97.23
CA PHE P 58 -64.66 13.77 96.52
C PHE P 58 -64.11 15.19 96.59
N PHE P 59 -64.97 16.20 96.49
CA PHE P 59 -64.57 17.60 96.50
C PHE P 59 -64.86 18.23 97.86
N CYS P 60 -63.96 19.12 98.28
CA CYS P 60 -64.07 19.84 99.54
C CYS P 60 -64.71 21.21 99.30
N GLU P 61 -64.94 21.94 100.39
CA GLU P 61 -65.50 23.29 100.38
C GLU P 61 -64.37 24.25 100.78
N THR P 62 -63.87 25.00 99.81
CA THR P 62 -62.73 25.89 100.02
C THR P 62 -63.23 27.30 100.36
N GLY P 63 -63.75 27.42 101.57
CA GLY P 63 -64.17 28.69 102.11
C GLY P 63 -65.54 29.15 101.65
N ALA P 64 -65.63 29.64 100.40
CA ALA P 64 -66.88 30.17 99.89
C ALA P 64 -66.77 30.23 98.36
N GLY P 65 -67.63 29.48 97.68
CA GLY P 65 -67.68 29.50 96.23
C GLY P 65 -66.41 29.01 95.57
N LYS P 66 -65.79 27.97 96.13
CA LYS P 66 -64.58 27.40 95.57
C LYS P 66 -64.39 26.01 96.17
N HIS P 67 -63.87 25.09 95.35
CA HIS P 67 -63.70 23.68 95.71
C HIS P 67 -62.29 23.25 95.36
N VAL P 68 -61.88 22.11 95.93
CA VAL P 68 -60.59 21.48 95.65
C VAL P 68 -60.81 19.98 95.68
N PRO P 69 -60.29 19.18 94.73
CA PRO P 69 -60.44 17.74 94.86
C PRO P 69 -59.55 17.14 95.94
N ARG P 70 -59.98 15.98 96.43
CA ARG P 70 -59.18 15.16 97.34
C ARG P 70 -58.31 14.20 96.52
N ALA P 71 -57.37 14.80 95.79
CA ALA P 71 -56.49 14.09 94.87
C ALA P 71 -55.05 14.54 95.08
N VAL P 72 -54.12 13.60 94.91
CA VAL P 72 -52.69 13.88 94.95
C VAL P 72 -52.04 13.06 93.83
N PHE P 73 -51.74 13.71 92.71
CA PHE P 73 -51.08 13.07 91.59
C PHE P 73 -49.58 13.05 91.88
N VAL P 74 -49.04 11.86 92.10
CA VAL P 74 -47.62 11.64 92.37
C VAL P 74 -47.01 10.96 91.16
N ASP P 75 -45.82 11.42 90.77
CA ASP P 75 -45.10 10.80 89.67
C ASP P 75 -43.64 11.28 89.74
N LEU P 76 -42.73 10.37 89.43
CA LEU P 76 -41.31 10.69 89.47
C LEU P 76 -40.87 11.49 88.26
N GLU P 77 -41.34 11.11 87.07
CA GLU P 77 -41.00 11.85 85.86
C GLU P 77 -41.86 13.12 85.77
N PRO P 78 -41.29 14.29 85.48
CA PRO P 78 -42.05 15.55 85.64
C PRO P 78 -42.84 16.00 84.42
N THR P 79 -42.83 15.23 83.32
CA THR P 79 -43.52 15.69 82.11
C THR P 79 -45.03 15.71 82.28
N VAL P 80 -45.60 14.77 83.03
CA VAL P 80 -47.05 14.73 83.21
C VAL P 80 -47.52 15.75 84.25
N ILE P 81 -46.67 16.09 85.22
CA ILE P 81 -47.11 16.95 86.32
C ILE P 81 -47.25 18.39 85.84
N ASP P 82 -46.21 18.93 85.21
CA ASP P 82 -46.26 20.31 84.75
C ASP P 82 -47.21 20.48 83.57
N GLU P 83 -47.47 19.41 82.81
CA GLU P 83 -48.49 19.48 81.75
C GLU P 83 -49.87 19.69 82.37
N ILE P 84 -50.12 19.08 83.53
CA ILE P 84 -51.38 19.31 84.23
C ILE P 84 -51.42 20.73 84.79
N ARG P 85 -50.27 21.24 85.24
CA ARG P 85 -50.20 22.61 85.71
C ARG P 85 -50.40 23.61 84.57
N ASN P 86 -49.86 23.32 83.39
CA ASN P 86 -50.09 24.12 82.19
C ASN P 86 -51.23 23.59 81.33
N GLY P 87 -52.04 22.66 81.84
CA GLY P 87 -53.15 22.12 81.09
C GLY P 87 -54.35 23.05 81.14
N PRO P 88 -55.53 22.54 80.75
CA PRO P 88 -56.74 23.36 80.88
C PRO P 88 -57.28 23.40 82.30
N TYR P 89 -57.14 22.30 83.03
CA TYR P 89 -57.66 22.18 84.39
C TYR P 89 -56.61 22.64 85.41
N ARG P 90 -56.30 23.94 85.36
CA ARG P 90 -55.29 24.50 86.25
C ARG P 90 -55.85 24.82 87.63
N GLN P 91 -57.00 25.49 87.69
CA GLN P 91 -57.52 26.01 88.95
C GLN P 91 -58.24 24.95 89.78
N LEU P 92 -58.62 23.82 89.20
CA LEU P 92 -59.30 22.78 89.97
C LEU P 92 -58.36 22.15 90.99
N PHE P 93 -57.27 21.55 90.52
CA PHE P 93 -56.36 20.83 91.40
C PHE P 93 -55.47 21.83 92.15
N HIS P 94 -55.07 21.46 93.36
CA HIS P 94 -54.20 22.31 94.15
C HIS P 94 -52.81 22.33 93.51
N PRO P 95 -52.11 23.48 93.49
CA PRO P 95 -50.76 23.45 92.90
C PRO P 95 -49.76 22.67 93.72
N GLU P 96 -49.95 22.57 95.04
CA GLU P 96 -49.05 21.81 95.88
C GLU P 96 -49.33 20.31 95.83
N GLN P 97 -50.60 19.93 95.62
CA GLN P 97 -50.94 18.50 95.57
C GLN P 97 -50.30 17.81 94.37
N LEU P 98 -50.04 18.54 93.29
CA LEU P 98 -49.42 17.96 92.10
C LEU P 98 -47.93 17.76 92.39
N ILE P 99 -47.59 16.62 92.97
CA ILE P 99 -46.22 16.31 93.35
C ILE P 99 -45.46 15.86 92.12
N THR P 100 -44.19 16.28 92.02
CA THR P 100 -43.28 15.89 90.95
C THR P 100 -41.95 15.48 91.55
N GLY P 101 -41.30 14.52 90.90
CA GLY P 101 -40.01 14.01 91.32
C GLY P 101 -38.87 14.75 90.69
N LYS P 102 -37.73 14.06 90.56
CA LYS P 102 -36.49 14.61 90.01
C LYS P 102 -35.90 13.72 88.92
N GLU P 103 -36.11 12.40 89.01
CA GLU P 103 -35.56 11.45 88.06
C GLU P 103 -36.54 10.32 87.87
N ASP P 104 -36.69 9.88 86.63
CA ASP P 104 -37.69 8.88 86.27
C ASP P 104 -37.34 7.52 86.86
N ALA P 105 -38.38 6.72 87.14
CA ALA P 105 -38.18 5.36 87.60
C ALA P 105 -37.49 4.50 86.54
N ALA P 106 -37.71 4.82 85.26
CA ALA P 106 -37.02 4.16 84.14
C ALA P 106 -37.36 2.67 84.06
N ASN P 107 -38.65 2.38 84.20
CA ASN P 107 -39.20 1.06 83.89
C ASN P 107 -38.65 -0.04 84.80
N ASN P 108 -38.21 0.33 86.00
CA ASN P 108 -37.52 -0.55 86.93
C ASN P 108 -38.28 -0.60 88.24
N TYR P 109 -38.58 -1.81 88.72
CA TYR P 109 -39.23 -1.96 90.01
C TYR P 109 -38.35 -1.47 91.14
N ALA P 110 -37.04 -1.73 91.05
CA ALA P 110 -36.14 -1.39 92.14
C ALA P 110 -35.86 0.10 92.21
N ARG P 111 -35.77 0.76 91.05
CA ARG P 111 -35.36 2.16 91.04
C ARG P 111 -36.44 3.07 91.61
N GLY P 112 -37.71 2.78 91.32
CA GLY P 112 -38.81 3.53 91.91
C GLY P 112 -39.19 3.14 93.32
N HIS P 113 -38.46 2.19 93.94
CA HIS P 113 -38.77 1.66 95.26
C HIS P 113 -37.71 1.97 96.31
N TYR P 114 -36.43 1.99 95.93
CA TYR P 114 -35.31 2.14 96.86
C TYR P 114 -34.54 3.44 96.65
N THR P 115 -34.05 3.70 95.44
CA THR P 115 -33.26 4.90 95.20
C THR P 115 -34.13 6.15 95.13
N ILE P 116 -35.02 6.21 94.14
CA ILE P 116 -35.91 7.36 93.97
C ILE P 116 -37.15 7.25 94.85
N GLY P 117 -37.55 6.04 95.25
CA GLY P 117 -38.77 5.89 96.03
C GLY P 117 -38.59 6.39 97.45
N LYS P 118 -37.49 6.03 98.10
CA LYS P 118 -37.29 6.35 99.50
C LYS P 118 -37.18 7.86 99.76
N GLU P 119 -36.65 8.61 98.80
CA GLU P 119 -36.40 10.04 98.99
C GLU P 119 -37.61 10.93 98.69
N ILE P 120 -38.75 10.35 98.28
CA ILE P 120 -39.94 11.11 97.88
C ILE P 120 -41.20 10.67 98.64
N ILE P 121 -41.17 9.48 99.27
CA ILE P 121 -42.31 9.06 100.07
C ILE P 121 -42.53 9.96 101.29
N ASP P 122 -41.48 10.59 101.81
CA ASP P 122 -41.63 11.38 103.03
C ASP P 122 -42.47 12.62 102.79
N PRO P 123 -42.30 13.35 101.68
CA PRO P 123 -43.31 14.38 101.34
C PRO P 123 -44.69 13.80 101.06
N VAL P 124 -44.78 12.55 100.61
CA VAL P 124 -46.06 12.01 100.13
C VAL P 124 -46.85 11.40 101.28
N LEU P 125 -46.19 10.63 102.15
CA LEU P 125 -46.91 9.88 103.18
C LEU P 125 -47.51 10.81 104.24
N ASP P 126 -46.74 11.81 104.66
CA ASP P 126 -47.27 12.78 105.62
C ASP P 126 -48.35 13.67 105.02
N ARG P 127 -48.40 13.81 103.70
CA ARG P 127 -49.43 14.61 103.06
C ARG P 127 -50.79 13.93 103.16
N ILE P 128 -50.85 12.65 102.84
CA ILE P 128 -52.11 11.91 102.94
C ILE P 128 -52.58 11.80 104.39
N ARG P 129 -51.66 11.85 105.36
CA ARG P 129 -52.06 11.88 106.76
C ARG P 129 -52.85 13.15 107.07
N LYS P 130 -52.25 14.32 106.86
CA LYS P 130 -52.92 15.57 107.17
C LYS P 130 -54.06 15.88 106.20
N LEU P 131 -53.96 15.39 104.96
CA LEU P 131 -55.08 15.50 104.03
C LEU P 131 -56.26 14.62 104.44
N SER P 132 -56.03 13.59 105.23
CA SER P 132 -57.11 12.78 105.82
C SER P 132 -57.60 13.35 107.15
N ASP P 133 -56.77 14.10 107.87
CA ASP P 133 -57.18 14.64 109.17
C ASP P 133 -58.29 15.68 109.01
N GLN P 134 -58.22 16.52 107.97
CA GLN P 134 -59.31 17.44 107.70
C GLN P 134 -60.60 16.71 107.34
N CYS P 135 -60.51 15.52 106.76
CA CYS P 135 -61.66 14.67 106.54
C CYS P 135 -62.06 13.97 107.83
N THR P 136 -63.27 13.42 107.83
CA THR P 136 -63.83 12.68 108.97
C THR P 136 -64.47 11.35 108.60
N GLY P 137 -64.97 11.18 107.38
CA GLY P 137 -65.65 9.97 106.93
C GLY P 137 -64.87 9.23 105.88
N LEU P 138 -63.55 9.14 106.07
CA LEU P 138 -62.68 8.46 105.11
C LEU P 138 -63.02 6.98 105.08
N GLN P 139 -63.67 6.53 104.00
CA GLN P 139 -64.09 5.14 103.90
C GLN P 139 -62.91 4.24 103.54
N GLY P 140 -62.00 4.71 102.70
CA GLY P 140 -60.86 3.91 102.30
C GLY P 140 -59.97 4.66 101.33
N PHE P 141 -59.33 3.89 100.44
CA PHE P 141 -58.43 4.43 99.43
C PHE P 141 -58.70 3.73 98.09
N LEU P 142 -58.38 4.44 97.01
CA LEU P 142 -58.36 3.85 95.67
C LEU P 142 -57.19 4.46 94.92
N VAL P 143 -56.39 3.60 94.28
CA VAL P 143 -55.19 4.00 93.57
C VAL P 143 -55.36 3.71 92.08
N PHE P 144 -54.49 4.32 91.28
CA PHE P 144 -54.50 4.18 89.83
C PHE P 144 -53.05 4.12 89.35
N HIS P 145 -52.69 3.05 88.66
CA HIS P 145 -51.31 2.81 88.27
C HIS P 145 -51.30 1.70 87.22
N SER P 146 -50.09 1.26 86.85
CA SER P 146 -49.90 0.13 85.95
C SER P 146 -48.57 -0.52 86.28
N PHE P 147 -48.59 -1.83 86.56
CA PHE P 147 -47.38 -2.56 86.90
C PHE P 147 -46.45 -2.83 85.72
N GLY P 148 -46.82 -2.42 84.50
CA GLY P 148 -45.93 -2.55 83.38
C GLY P 148 -44.72 -1.64 83.40
N GLY P 149 -44.73 -0.60 84.25
CA GLY P 149 -43.63 0.33 84.35
C GLY P 149 -42.89 0.21 85.68
N GLY P 150 -42.04 1.21 85.94
CA GLY P 150 -41.22 1.23 87.13
C GLY P 150 -41.88 1.97 88.28
N THR P 151 -42.33 3.19 88.04
CA THR P 151 -42.98 3.98 89.09
C THR P 151 -44.32 3.38 89.47
N GLY P 152 -45.02 2.76 88.51
CA GLY P 152 -46.26 2.06 88.82
C GLY P 152 -46.08 0.76 89.56
N SER P 153 -44.87 0.20 89.61
CA SER P 153 -44.58 -1.07 90.27
C SER P 153 -43.86 -0.88 91.59
N GLY P 154 -42.74 -0.15 91.58
CA GLY P 154 -41.94 0.00 92.79
C GLY P 154 -42.55 0.97 93.77
N PHE P 155 -42.81 2.20 93.31
CA PHE P 155 -43.30 3.24 94.22
C PHE P 155 -44.71 2.93 94.72
N THR P 156 -45.52 2.24 93.93
CA THR P 156 -46.88 1.91 94.35
C THR P 156 -46.88 0.90 95.49
N SER P 157 -46.04 -0.13 95.38
CA SER P 157 -45.91 -1.10 96.46
C SER P 157 -45.32 -0.47 97.71
N LEU P 158 -44.47 0.54 97.55
CA LEU P 158 -43.86 1.20 98.69
C LEU P 158 -44.88 2.02 99.47
N LEU P 159 -45.66 2.85 98.79
CA LEU P 159 -46.63 3.69 99.49
C LEU P 159 -47.77 2.84 100.06
N MET P 160 -48.24 1.86 99.29
CA MET P 160 -49.32 1.00 99.77
C MET P 160 -48.87 0.16 100.95
N GLU P 161 -47.58 -0.21 101.01
CA GLU P 161 -47.05 -0.86 102.19
C GLU P 161 -46.87 0.14 103.34
N ARG P 162 -46.54 1.39 103.02
CA ARG P 162 -46.29 2.39 104.05
C ARG P 162 -47.56 2.87 104.72
N LEU P 163 -48.69 2.86 104.01
CA LEU P 163 -49.98 3.24 104.59
C LEU P 163 -50.73 2.06 105.17
N SER P 164 -50.49 0.85 104.67
CA SER P 164 -51.17 -0.32 105.22
C SER P 164 -50.70 -0.64 106.63
N VAL P 165 -49.42 -0.42 106.92
CA VAL P 165 -48.93 -0.61 108.28
C VAL P 165 -49.46 0.47 109.22
N ASP P 166 -49.83 1.64 108.71
CA ASP P 166 -50.37 2.72 109.52
C ASP P 166 -51.86 2.55 109.75
N TYR P 167 -52.64 2.49 108.66
CA TYR P 167 -54.09 2.35 108.76
C TYR P 167 -54.51 0.89 108.88
N GLY P 168 -54.19 0.08 107.86
CA GLY P 168 -54.47 -1.34 107.90
C GLY P 168 -55.94 -1.70 107.69
N LYS P 169 -56.80 -1.29 108.62
CA LYS P 169 -58.20 -1.67 108.59
C LYS P 169 -58.96 -1.07 107.41
N LYS P 170 -58.51 0.05 106.88
CA LYS P 170 -59.23 0.70 105.79
C LYS P 170 -59.01 -0.05 104.48
N SER P 171 -59.96 0.11 103.56
CA SER P 171 -59.94 -0.62 102.30
C SER P 171 -58.93 -0.02 101.33
N LYS P 172 -58.60 -0.80 100.30
CA LYS P 172 -57.68 -0.39 99.25
C LYS P 172 -58.20 -0.94 97.93
N LEU P 173 -58.65 -0.04 97.05
CA LEU P 173 -59.24 -0.40 95.75
C LEU P 173 -58.19 -0.17 94.68
N GLU P 174 -57.44 -1.22 94.34
CA GLU P 174 -56.37 -1.13 93.37
C GLU P 174 -56.93 -1.22 91.95
N PHE P 175 -56.41 -0.38 91.06
CA PHE P 175 -56.78 -0.34 89.64
C PHE P 175 -55.49 -0.36 88.82
N SER P 176 -55.02 -1.57 88.48
CA SER P 176 -53.79 -1.77 87.75
C SER P 176 -54.09 -2.22 86.32
N ILE P 177 -53.29 -1.70 85.38
CA ILE P 177 -53.38 -2.06 83.96
C ILE P 177 -52.32 -3.10 83.68
N TYR P 178 -52.74 -4.39 83.53
CA TYR P 178 -51.85 -5.49 83.23
C TYR P 178 -51.54 -5.54 81.74
N PRO P 179 -50.46 -6.22 81.31
CA PRO P 179 -50.19 -6.31 79.87
C PRO P 179 -51.06 -7.36 79.22
N ALA P 180 -51.25 -7.22 77.91
CA ALA P 180 -52.07 -8.15 77.15
C ALA P 180 -51.30 -9.45 76.91
N PRO P 181 -51.98 -10.52 76.42
CA PRO P 181 -51.27 -11.78 76.16
C PRO P 181 -50.18 -11.66 75.10
N GLN P 182 -50.50 -11.05 73.95
CA GLN P 182 -49.57 -10.89 72.83
C GLN P 182 -49.16 -9.44 72.59
N VAL P 183 -50.06 -8.49 72.80
CA VAL P 183 -49.73 -7.07 72.70
C VAL P 183 -48.99 -6.66 73.97
N SER P 184 -48.01 -5.77 73.82
CA SER P 184 -47.27 -5.27 74.97
C SER P 184 -46.53 -4.01 74.58
N THR P 185 -46.38 -3.12 75.56
CA THR P 185 -45.72 -1.82 75.38
C THR P 185 -44.24 -1.87 75.71
N ALA P 186 -43.85 -2.69 76.71
CA ALA P 186 -42.48 -2.85 77.15
C ALA P 186 -41.99 -4.25 76.83
N VAL P 187 -40.77 -4.56 77.28
CA VAL P 187 -40.17 -5.89 77.17
C VAL P 187 -39.92 -6.54 78.51
N VAL P 188 -39.67 -5.77 79.58
CA VAL P 188 -39.39 -6.30 80.91
C VAL P 188 -40.60 -6.27 81.84
N GLU P 189 -41.82 -6.08 81.30
CA GLU P 189 -43.00 -6.04 82.15
C GLU P 189 -43.30 -7.32 82.92
N PRO P 190 -42.86 -8.54 82.53
CA PRO P 190 -43.00 -9.66 83.48
C PRO P 190 -42.16 -9.47 84.74
N TYR P 191 -40.95 -8.93 84.60
CA TYR P 191 -40.11 -8.67 85.77
C TYR P 191 -40.74 -7.61 86.66
N ASN P 192 -41.35 -6.59 86.05
CA ASN P 192 -41.96 -5.52 86.84
C ASN P 192 -43.22 -6.01 87.53
N SER P 193 -44.02 -6.84 86.86
CA SER P 193 -45.28 -7.30 87.43
C SER P 193 -45.06 -8.41 88.45
N ILE P 194 -44.07 -9.28 88.23
CA ILE P 194 -43.88 -10.41 89.12
C ILE P 194 -43.30 -9.97 90.46
N LEU P 195 -42.48 -8.91 90.47
CA LEU P 195 -41.88 -8.43 91.70
C LEU P 195 -42.87 -7.64 92.55
N THR P 196 -43.65 -6.76 91.93
CA THR P 196 -44.59 -5.93 92.67
C THR P 196 -45.79 -6.70 93.17
N THR P 197 -46.17 -7.78 92.49
CA THR P 197 -47.26 -8.63 92.97
C THR P 197 -46.87 -9.44 94.19
N HIS P 198 -45.57 -9.65 94.43
CA HIS P 198 -45.13 -10.34 95.64
C HIS P 198 -45.50 -9.57 96.89
N THR P 199 -45.45 -8.23 96.84
CA THR P 199 -45.86 -7.38 97.94
C THR P 199 -47.34 -7.06 97.93
N THR P 200 -47.97 -7.03 96.75
CA THR P 200 -49.39 -6.73 96.65
C THR P 200 -50.28 -7.93 96.99
N LEU P 201 -49.75 -9.15 96.99
CA LEU P 201 -50.57 -10.33 97.21
C LEU P 201 -51.13 -10.39 98.63
N GLU P 202 -50.45 -9.78 99.61
CA GLU P 202 -50.80 -9.89 101.02
C GLU P 202 -51.40 -8.62 101.60
N HIS P 203 -51.03 -7.44 101.09
CA HIS P 203 -51.47 -6.16 101.64
C HIS P 203 -52.73 -5.63 101.00
N SER P 204 -53.01 -5.96 99.74
CA SER P 204 -54.15 -5.42 99.01
C SER P 204 -55.40 -6.24 99.34
N ASP P 205 -56.49 -5.54 99.65
CA ASP P 205 -57.76 -6.21 99.92
C ASP P 205 -58.44 -6.65 98.64
N CYS P 206 -58.46 -5.79 97.63
CA CYS P 206 -59.04 -6.11 96.33
C CYS P 206 -58.34 -5.27 95.27
N ALA P 207 -58.35 -5.78 94.04
CA ALA P 207 -57.62 -5.16 92.94
C ALA P 207 -58.35 -5.48 91.63
N PHE P 208 -59.04 -4.49 91.09
CA PHE P 208 -59.64 -4.60 89.77
C PHE P 208 -58.58 -4.36 88.70
N MET P 209 -58.75 -5.01 87.55
CA MET P 209 -57.73 -5.08 86.51
C MET P 209 -58.28 -4.62 85.17
N VAL P 210 -57.38 -4.08 84.36
CA VAL P 210 -57.67 -3.58 83.02
C VAL P 210 -56.59 -4.08 82.09
N ASP P 211 -56.92 -4.27 80.82
CA ASP P 211 -56.04 -4.80 79.79
C ASP P 211 -55.95 -3.81 78.62
N ASN P 212 -54.94 -4.02 77.78
CA ASN P 212 -54.62 -3.11 76.68
C ASN P 212 -55.40 -3.42 75.40
N GLU P 213 -55.25 -4.64 74.85
CA GLU P 213 -55.96 -4.97 73.62
C GLU P 213 -57.43 -5.27 73.84
N ALA P 214 -57.83 -5.65 75.06
CA ALA P 214 -59.23 -5.94 75.33
C ALA P 214 -60.08 -4.68 75.21
N ILE P 215 -59.65 -3.59 75.85
CA ILE P 215 -60.40 -2.34 75.77
C ILE P 215 -60.37 -1.77 74.36
N TYR P 216 -59.30 -2.05 73.60
CA TYR P 216 -59.31 -1.70 72.18
C TYR P 216 -60.38 -2.49 71.43
N ASP P 217 -60.61 -3.74 71.83
CA ASP P 217 -61.63 -4.55 71.18
C ASP P 217 -63.04 -4.04 71.47
N ILE P 218 -63.24 -3.36 72.61
CA ILE P 218 -64.54 -2.82 72.95
C ILE P 218 -64.91 -1.70 71.97
N CYS P 219 -64.01 -0.74 71.79
CA CYS P 219 -64.27 0.39 70.91
C CYS P 219 -64.17 0.03 69.43
N ARG P 220 -63.56 -1.10 69.08
CA ARG P 220 -63.44 -1.51 67.68
C ARG P 220 -64.76 -2.07 67.15
N ARG P 221 -65.35 -3.01 67.88
CA ARG P 221 -66.56 -3.70 67.41
C ARG P 221 -67.80 -2.85 67.66
N ASN P 222 -68.07 -2.53 68.93
CA ASN P 222 -69.32 -1.88 69.28
C ASN P 222 -69.32 -0.38 69.00
N LEU P 223 -68.24 0.33 69.34
CA LEU P 223 -68.15 1.77 69.14
C LEU P 223 -67.58 2.18 67.79
N ASP P 224 -67.14 1.21 66.96
CA ASP P 224 -66.65 1.39 65.58
C ASP P 224 -65.62 2.50 65.42
N ILE P 225 -64.80 2.74 66.44
CA ILE P 225 -63.71 3.70 66.41
C ILE P 225 -62.49 2.93 65.91
N GLU P 226 -62.19 3.07 64.62
CA GLU P 226 -61.07 2.35 64.03
C GLU P 226 -59.71 2.98 64.34
N ARG P 227 -59.67 4.22 64.82
CA ARG P 227 -58.43 4.91 65.20
C ARG P 227 -58.61 5.57 66.56
N PRO P 228 -58.64 4.79 67.64
CA PRO P 228 -58.74 5.37 68.99
C PRO P 228 -57.38 5.71 69.57
N THR P 229 -57.40 6.37 70.72
CA THR P 229 -56.21 6.75 71.46
C THR P 229 -56.45 6.53 72.95
N TYR P 230 -55.40 6.74 73.75
CA TYR P 230 -55.52 6.56 75.19
C TYR P 230 -56.48 7.57 75.82
N THR P 231 -56.68 8.73 75.18
CA THR P 231 -57.67 9.69 75.67
C THR P 231 -59.07 9.10 75.61
N ASN P 232 -59.37 8.33 74.55
CA ASN P 232 -60.67 7.69 74.44
C ASN P 232 -60.79 6.50 75.38
N LEU P 233 -59.69 5.79 75.63
CA LEU P 233 -59.74 4.62 76.51
C LEU P 233 -60.05 5.02 77.95
N ASN P 234 -59.48 6.14 78.40
CA ASN P 234 -59.68 6.57 79.78
C ASN P 234 -61.08 7.09 80.06
N ARG P 235 -61.82 7.48 79.01
CA ARG P 235 -63.18 7.98 79.22
C ARG P 235 -64.10 6.89 79.73
N LEU P 236 -64.16 5.76 79.03
CA LEU P 236 -65.00 4.65 79.49
C LEU P 236 -64.47 4.03 80.78
N ILE P 237 -63.17 4.14 81.05
CA ILE P 237 -62.64 3.72 82.35
C ILE P 237 -63.14 4.67 83.44
N SER P 238 -63.25 5.96 83.12
CA SER P 238 -63.80 6.91 84.07
C SER P 238 -65.27 6.61 84.34
N GLN P 239 -66.00 6.11 83.34
CA GLN P 239 -67.39 5.72 83.56
C GLN P 239 -67.48 4.54 84.51
N ILE P 240 -66.49 3.64 84.49
CA ILE P 240 -66.50 2.48 85.37
C ILE P 240 -66.26 2.92 86.82
N VAL P 241 -65.14 3.60 87.06
CA VAL P 241 -64.76 3.97 88.43
C VAL P 241 -65.64 5.06 89.01
N SER P 242 -66.33 5.84 88.18
CA SER P 242 -67.32 6.80 88.67
C SER P 242 -68.65 6.13 88.99
N SER P 243 -69.00 5.06 88.27
CA SER P 243 -70.26 4.37 88.51
C SER P 243 -70.23 3.52 89.78
N ILE P 244 -69.07 2.95 90.13
CA ILE P 244 -69.00 2.16 91.36
C ILE P 244 -69.14 3.04 92.60
N THR P 245 -68.58 4.27 92.57
CA THR P 245 -68.72 5.23 93.66
C THR P 245 -69.93 6.15 93.49
N ALA P 246 -70.81 5.88 92.53
CA ALA P 246 -72.00 6.69 92.34
C ALA P 246 -73.05 6.47 93.41
N SER P 247 -72.98 5.36 94.15
CA SER P 247 -73.97 5.09 95.19
C SER P 247 -73.78 6.02 96.39
N LEU P 248 -72.54 6.29 96.79
CA LEU P 248 -72.29 7.17 97.92
C LEU P 248 -72.48 8.65 97.57
N ARG P 249 -72.34 9.02 96.30
CA ARG P 249 -72.52 10.41 95.90
C ARG P 249 -73.98 10.79 95.85
N PHE P 250 -74.76 10.13 94.99
CA PHE P 250 -76.17 10.41 94.77
C PHE P 250 -77.02 9.38 95.50
N ASP P 251 -78.27 9.73 95.72
CA ASP P 251 -79.21 8.85 96.39
C ASP P 251 -79.62 7.71 95.46
N GLY P 252 -79.80 6.52 96.05
CA GLY P 252 -80.16 5.34 95.29
C GLY P 252 -81.18 4.51 96.04
N ALA P 253 -81.89 3.67 95.28
CA ALA P 253 -82.88 2.78 95.87
C ALA P 253 -82.23 1.70 96.74
N LEU P 254 -81.02 1.28 96.40
CA LEU P 254 -80.26 0.29 97.18
C LEU P 254 -78.82 0.82 97.23
N ASN P 255 -78.51 1.59 98.26
CA ASN P 255 -77.21 2.21 98.39
C ASN P 255 -76.17 1.19 98.83
N VAL P 256 -75.03 1.19 98.13
CA VAL P 256 -73.89 0.34 98.46
C VAL P 256 -72.68 1.25 98.68
N ASP P 257 -71.74 0.75 99.48
CA ASP P 257 -70.55 1.46 99.91
C ASP P 257 -69.30 0.71 99.46
N LEU P 258 -68.14 1.31 99.69
CA LEU P 258 -66.88 0.74 99.27
C LEU P 258 -66.51 -0.53 100.03
N THR P 259 -67.04 -0.71 101.25
CA THR P 259 -66.76 -1.93 102.01
C THR P 259 -67.48 -3.16 101.46
N GLU P 260 -68.48 -2.98 100.58
CA GLU P 260 -69.13 -4.13 99.97
C GLU P 260 -68.21 -4.89 99.04
N PHE P 261 -67.24 -4.20 98.43
CA PHE P 261 -66.30 -4.84 97.52
C PHE P 261 -65.31 -5.78 98.22
N GLN P 262 -65.18 -5.71 99.54
CA GLN P 262 -64.32 -6.60 100.30
C GLN P 262 -65.06 -7.85 100.76
N THR P 263 -66.32 -7.70 101.18
CA THR P 263 -67.06 -8.82 101.75
C THR P 263 -67.62 -9.75 100.67
N ASN P 264 -68.19 -9.18 99.61
CA ASN P 264 -68.93 -9.94 98.62
C ASN P 264 -68.07 -10.55 97.51
N LEU P 265 -66.81 -10.09 97.35
CA LEU P 265 -65.96 -10.48 96.23
C LEU P 265 -64.69 -11.22 96.63
N VAL P 266 -64.25 -11.12 97.87
CA VAL P 266 -63.00 -11.71 98.36
C VAL P 266 -63.36 -12.94 99.18
N PRO P 267 -63.45 -14.16 98.60
CA PRO P 267 -63.76 -15.33 99.42
C PRO P 267 -62.62 -15.77 100.33
N TYR P 268 -61.37 -15.46 99.94
CA TYR P 268 -60.17 -15.79 100.69
C TYR P 268 -59.23 -14.59 100.62
N PRO P 269 -58.41 -14.36 101.65
CA PRO P 269 -57.65 -13.09 101.69
C PRO P 269 -56.55 -12.98 100.65
N ARG P 270 -56.09 -14.10 100.09
CA ARG P 270 -55.05 -14.12 99.06
C ARG P 270 -55.58 -14.37 97.65
N ILE P 271 -56.90 -14.54 97.48
CA ILE P 271 -57.54 -14.59 96.17
C ILE P 271 -58.42 -13.35 96.08
N HIS P 272 -57.86 -12.28 95.51
CA HIS P 272 -58.46 -10.95 95.53
C HIS P 272 -58.30 -10.26 94.18
N PHE P 273 -58.70 -10.97 93.11
CA PHE P 273 -58.52 -10.52 91.73
C PHE P 273 -59.85 -10.61 90.97
N PRO P 274 -60.73 -9.62 91.08
CA PRO P 274 -61.91 -9.59 90.20
C PRO P 274 -61.60 -9.08 88.81
N LEU P 275 -62.53 -9.35 87.90
CA LEU P 275 -62.51 -8.82 86.54
C LEU P 275 -63.27 -7.49 86.49
N ALA P 276 -63.33 -6.91 85.30
CA ALA P 276 -63.99 -5.63 85.08
C ALA P 276 -64.60 -5.58 83.69
N THR P 277 -65.80 -5.03 83.60
CA THR P 277 -66.48 -4.85 82.32
C THR P 277 -67.53 -3.76 82.49
N TYR P 278 -68.11 -3.35 81.36
CA TYR P 278 -69.05 -2.24 81.33
C TYR P 278 -69.98 -2.41 80.13
N ALA P 279 -71.23 -1.95 80.28
CA ALA P 279 -72.19 -1.95 79.20
C ALA P 279 -73.27 -0.94 79.53
N PRO P 280 -73.96 -0.36 78.53
CA PRO P 280 -73.83 -0.50 77.07
C PRO P 280 -72.80 0.46 76.47
N VAL P 281 -71.96 -0.06 75.58
CA VAL P 281 -71.03 0.75 74.80
C VAL P 281 -71.60 0.87 73.39
N ILE P 282 -72.01 2.09 73.03
CA ILE P 282 -72.74 2.32 71.78
C ILE P 282 -72.46 3.75 71.34
N SER P 283 -72.37 3.96 70.03
CA SER P 283 -72.04 5.24 69.46
C SER P 283 -73.30 6.11 69.37
N ALA P 284 -73.16 7.32 68.84
CA ALA P 284 -74.28 8.25 68.78
C ALA P 284 -75.34 7.78 67.79
N GLU P 285 -74.95 7.57 66.53
CA GLU P 285 -75.89 7.13 65.50
C GLU P 285 -76.46 5.75 65.80
N LYS P 286 -75.71 4.89 66.49
CA LYS P 286 -76.20 3.56 66.86
C LYS P 286 -77.06 3.56 68.12
N ALA P 287 -77.01 4.62 68.93
CA ALA P 287 -77.81 4.65 70.15
C ALA P 287 -79.29 4.76 69.84
N TYR P 288 -79.65 5.56 68.83
CA TYR P 288 -81.05 5.78 68.49
C TYR P 288 -81.68 4.58 67.81
N HIS P 289 -80.89 3.74 67.13
CA HIS P 289 -81.40 2.54 66.48
C HIS P 289 -81.47 1.33 67.40
N GLU P 290 -80.60 1.27 68.40
CA GLU P 290 -80.55 0.14 69.32
C GLU P 290 -81.48 0.39 70.50
N GLN P 291 -82.19 -0.66 70.91
CA GLN P 291 -83.11 -0.56 72.04
C GLN P 291 -82.33 -0.62 73.34
N LEU P 292 -82.77 0.17 74.33
CA LEU P 292 -82.09 0.31 75.62
C LEU P 292 -83.01 -0.25 76.72
N SER P 293 -82.62 -1.40 77.26
CA SER P 293 -83.28 -1.98 78.43
C SER P 293 -82.28 -2.84 79.19
N VAL P 294 -82.68 -3.40 80.33
CA VAL P 294 -81.76 -4.18 81.13
C VAL P 294 -81.51 -5.58 80.57
N ALA P 295 -82.44 -6.11 79.77
CA ALA P 295 -82.31 -7.49 79.29
C ALA P 295 -81.15 -7.62 78.32
N GLU P 296 -81.04 -6.68 77.37
CA GLU P 296 -80.01 -6.79 76.34
C GLU P 296 -78.62 -6.50 76.89
N ILE P 297 -78.50 -5.54 77.82
CA ILE P 297 -77.21 -5.21 78.40
C ILE P 297 -76.78 -6.23 79.45
N THR P 298 -77.73 -6.89 80.12
CA THR P 298 -77.37 -7.95 81.06
C THR P 298 -76.72 -9.11 80.34
N ASN P 299 -77.14 -9.40 79.10
CA ASN P 299 -76.46 -10.40 78.28
C ASN P 299 -75.16 -9.88 77.69
N ALA P 300 -75.01 -8.56 77.55
CA ALA P 300 -73.82 -8.00 76.92
C ALA P 300 -72.61 -8.05 77.84
N CYS P 301 -72.80 -7.77 79.13
CA CYS P 301 -71.67 -7.79 80.06
C CYS P 301 -71.17 -9.19 80.34
N PHE P 302 -72.06 -10.19 80.34
CA PHE P 302 -71.65 -11.58 80.45
C PHE P 302 -71.12 -12.15 79.14
N GLU P 303 -71.20 -11.43 78.03
CA GLU P 303 -70.59 -11.86 76.79
C GLU P 303 -69.07 -11.90 76.97
N PRO P 304 -68.37 -12.95 76.53
CA PRO P 304 -66.95 -13.06 76.91
C PRO P 304 -66.05 -12.03 76.23
N ALA P 305 -66.31 -11.69 74.98
CA ALA P 305 -65.51 -10.70 74.26
C ALA P 305 -65.81 -9.27 74.68
N ASN P 306 -66.85 -9.03 75.49
CA ASN P 306 -67.19 -7.70 75.97
C ASN P 306 -66.51 -7.33 77.29
N GLN P 307 -65.49 -8.09 77.71
CA GLN P 307 -64.76 -7.82 78.93
C GLN P 307 -63.52 -6.98 78.65
N MET P 308 -62.96 -6.42 79.72
CA MET P 308 -61.74 -5.61 79.65
C MET P 308 -60.48 -6.45 79.90
N VAL P 309 -60.53 -7.75 79.63
CA VAL P 309 -59.38 -8.62 79.81
C VAL P 309 -59.53 -9.80 78.85
N LYS P 310 -58.46 -10.13 78.14
CA LYS P 310 -58.47 -11.26 77.21
C LYS P 310 -58.40 -12.52 78.05
N CYS P 311 -59.58 -13.05 78.38
CA CYS P 311 -59.69 -14.22 79.23
C CYS P 311 -61.06 -14.85 79.01
N ASP P 312 -61.07 -16.18 78.89
CA ASP P 312 -62.30 -16.91 78.60
C ASP P 312 -63.00 -17.25 79.91
N PRO P 313 -64.16 -16.66 80.24
CA PRO P 313 -64.85 -17.09 81.47
C PRO P 313 -65.42 -18.49 81.40
N ARG P 314 -65.60 -19.06 80.21
CA ARG P 314 -66.10 -20.43 80.12
C ARG P 314 -65.11 -21.44 80.67
N HIS P 315 -63.81 -21.14 80.62
CA HIS P 315 -62.81 -22.07 81.14
C HIS P 315 -62.89 -22.19 82.66
N GLY P 316 -63.15 -21.09 83.35
CA GLY P 316 -63.18 -21.06 84.80
C GLY P 316 -64.59 -21.09 85.36
N LYS P 317 -64.71 -20.70 86.64
CA LYS P 317 -65.99 -20.64 87.34
C LYS P 317 -66.02 -19.37 88.18
N TYR P 318 -67.12 -18.63 88.08
CA TYR P 318 -67.26 -17.38 88.82
C TYR P 318 -67.39 -17.67 90.31
N MET P 319 -66.45 -17.14 91.09
CA MET P 319 -66.53 -17.28 92.54
C MET P 319 -67.60 -16.38 93.12
N ALA P 320 -67.67 -15.14 92.64
CA ALA P 320 -68.65 -14.17 93.10
C ALA P 320 -68.86 -13.14 92.00
N CYS P 321 -70.03 -12.50 92.01
CA CYS P 321 -70.40 -11.51 91.01
C CYS P 321 -71.15 -10.37 91.68
N CYS P 322 -70.83 -9.14 91.27
CA CYS P 322 -71.45 -7.93 91.75
C CYS P 322 -71.95 -7.11 90.57
N LEU P 323 -73.11 -6.48 90.75
CA LEU P 323 -73.76 -5.67 89.72
C LEU P 323 -74.11 -4.33 90.32
N LEU P 324 -73.90 -3.26 89.55
CA LEU P 324 -74.25 -1.91 89.94
C LEU P 324 -74.83 -1.18 88.73
N TYR P 325 -76.08 -0.75 88.84
CA TYR P 325 -76.82 -0.11 87.77
C TYR P 325 -76.97 1.38 88.05
N ARG P 326 -77.33 2.12 87.01
CA ARG P 326 -77.58 3.55 87.09
C ARG P 326 -78.79 3.91 86.24
N GLY P 327 -79.42 5.02 86.59
CA GLY P 327 -80.56 5.53 85.83
C GLY P 327 -81.88 4.94 86.28
N ASP P 328 -82.88 5.11 85.40
CA ASP P 328 -84.23 4.65 85.68
C ASP P 328 -84.33 3.16 85.34
N VAL P 329 -83.91 2.35 86.31
CA VAL P 329 -83.97 0.89 86.23
C VAL P 329 -84.78 0.40 87.43
N VAL P 330 -85.99 -0.10 87.15
CA VAL P 330 -86.88 -0.59 88.20
C VAL P 330 -86.39 -1.98 88.63
N PRO P 331 -86.70 -2.46 89.84
CA PRO P 331 -86.13 -3.73 90.30
C PRO P 331 -86.84 -4.98 89.76
N LYS P 332 -87.85 -4.82 88.91
CA LYS P 332 -88.58 -5.96 88.37
C LYS P 332 -87.82 -6.62 87.22
N ASP P 333 -87.62 -5.89 86.13
CA ASP P 333 -87.01 -6.46 84.93
C ASP P 333 -85.53 -6.77 85.13
N VAL P 334 -84.87 -6.14 86.10
CA VAL P 334 -83.48 -6.47 86.37
C VAL P 334 -83.36 -7.80 87.10
N ASN P 335 -84.35 -8.13 87.93
CA ASN P 335 -84.35 -9.42 88.63
C ASN P 335 -84.72 -10.56 87.69
N ALA P 336 -85.61 -10.29 86.73
CA ALA P 336 -85.94 -11.31 85.73
C ALA P 336 -84.77 -11.57 84.80
N ALA P 337 -83.94 -10.55 84.56
CA ALA P 337 -82.78 -10.72 83.67
C ALA P 337 -81.74 -11.64 84.29
N ILE P 338 -81.38 -11.41 85.55
CA ILE P 338 -80.37 -12.24 86.20
C ILE P 338 -80.88 -13.66 86.43
N ALA P 339 -82.19 -13.82 86.57
CA ALA P 339 -82.76 -15.16 86.69
C ALA P 339 -82.56 -15.95 85.41
N ALA P 340 -82.58 -15.28 84.25
CA ALA P 340 -82.28 -15.96 83.00
C ALA P 340 -80.80 -16.33 82.90
N ILE P 341 -79.92 -15.59 83.58
CA ILE P 341 -78.50 -15.93 83.57
C ILE P 341 -78.24 -17.18 84.40
N LYS P 342 -79.05 -17.41 85.44
CA LYS P 342 -78.84 -18.57 86.30
C LYS P 342 -79.12 -19.88 85.56
N THR P 343 -80.21 -19.93 84.79
CA THR P 343 -80.57 -21.11 84.02
C THR P 343 -79.80 -21.24 82.71
N LYS P 344 -79.13 -20.18 82.25
CA LYS P 344 -78.32 -20.26 81.05
C LYS P 344 -77.05 -21.06 81.35
N ARG P 345 -76.89 -22.20 80.69
CA ARG P 345 -75.75 -23.09 80.91
C ARG P 345 -74.54 -22.75 80.05
N SER P 346 -74.55 -21.62 79.33
CA SER P 346 -73.36 -21.20 78.60
C SER P 346 -72.21 -20.88 79.55
N ILE P 347 -72.53 -20.32 80.73
CA ILE P 347 -71.58 -20.08 81.80
C ILE P 347 -71.97 -20.95 82.98
N GLN P 348 -70.98 -21.29 83.82
CA GLN P 348 -71.14 -22.18 84.95
C GLN P 348 -70.55 -21.53 86.20
N PHE P 349 -71.35 -21.50 87.27
CA PHE P 349 -70.93 -21.00 88.56
C PHE P 349 -70.38 -22.12 89.41
N VAL P 350 -69.52 -21.76 90.36
CA VAL P 350 -68.88 -22.73 91.23
C VAL P 350 -69.85 -23.13 92.33
N ASP P 351 -69.73 -24.37 92.79
CA ASP P 351 -70.57 -24.88 93.87
C ASP P 351 -70.28 -24.25 95.22
N TRP P 352 -69.12 -23.60 95.39
CA TRP P 352 -68.79 -22.98 96.68
C TRP P 352 -69.53 -21.68 96.95
N CYS P 353 -70.27 -21.14 95.96
CA CYS P 353 -71.03 -19.91 96.15
C CYS P 353 -72.20 -19.91 95.18
N PRO P 354 -73.30 -20.63 95.48
CA PRO P 354 -74.44 -20.63 94.55
C PRO P 354 -75.10 -19.28 94.40
N THR P 355 -75.29 -18.55 95.50
CA THR P 355 -75.99 -17.25 95.49
C THR P 355 -74.96 -16.12 95.38
N GLY P 356 -74.11 -16.24 94.36
CA GLY P 356 -73.05 -15.28 94.13
C GLY P 356 -73.50 -14.10 93.29
N PHE P 357 -74.46 -13.32 93.79
CA PHE P 357 -74.99 -12.15 93.11
C PHE P 357 -75.18 -11.04 94.12
N LYS P 358 -74.63 -9.86 93.81
CA LYS P 358 -74.79 -8.65 94.62
C LYS P 358 -75.29 -7.54 93.68
N VAL P 359 -76.56 -7.19 93.82
CA VAL P 359 -77.24 -6.25 92.92
C VAL P 359 -77.23 -4.87 93.58
N GLY P 360 -77.06 -3.85 92.76
CA GLY P 360 -77.11 -2.47 93.24
C GLY P 360 -77.75 -1.58 92.20
N ILE P 361 -78.27 -0.45 92.66
CA ILE P 361 -79.03 0.47 91.81
C ILE P 361 -78.84 1.89 92.35
N ASN P 362 -78.61 2.84 91.43
CA ASN P 362 -78.53 4.26 91.73
C ASN P 362 -79.47 5.01 90.80
N TYR P 363 -80.13 6.05 91.33
CA TYR P 363 -81.08 6.82 90.54
C TYR P 363 -80.43 7.76 89.55
N GLN P 364 -79.23 8.28 89.86
CA GLN P 364 -78.60 9.25 88.97
C GLN P 364 -78.13 8.56 87.70
N PRO P 365 -78.46 9.07 86.51
CA PRO P 365 -78.20 8.30 85.29
C PRO P 365 -76.77 8.46 84.83
N PRO P 366 -76.33 7.70 83.82
CA PRO P 366 -75.00 7.95 83.25
C PRO P 366 -74.95 9.26 82.49
N THR P 367 -73.95 10.08 82.79
CA THR P 367 -73.76 11.35 82.11
C THR P 367 -73.06 11.13 80.77
N VAL P 368 -72.67 12.22 80.12
CA VAL P 368 -71.93 12.19 78.87
C VAL P 368 -71.04 13.42 78.81
N VAL P 369 -69.83 13.25 78.27
CA VAL P 369 -68.87 14.34 78.18
C VAL P 369 -69.18 15.14 76.91
N PRO P 370 -69.00 16.47 76.90
CA PRO P 370 -69.16 17.18 75.62
C PRO P 370 -68.04 16.82 74.65
N GLY P 371 -68.43 16.31 73.48
CA GLY P 371 -67.47 15.86 72.49
C GLY P 371 -66.90 14.48 72.72
N GLY P 372 -67.43 13.71 73.67
CA GLY P 372 -66.89 12.40 73.95
C GLY P 372 -67.34 11.36 72.94
N ASP P 373 -66.64 10.22 72.96
CA ASP P 373 -66.93 9.14 72.02
C ASP P 373 -68.18 8.36 72.41
N LEU P 374 -68.47 8.24 73.71
CA LEU P 374 -69.65 7.54 74.17
C LEU P 374 -70.89 8.44 74.04
N ALA P 375 -72.03 7.81 73.81
CA ALA P 375 -73.31 8.47 73.65
C ALA P 375 -74.08 8.48 74.96
N LYS P 376 -75.13 9.30 75.01
CA LYS P 376 -75.97 9.41 76.19
C LYS P 376 -76.91 8.20 76.23
N VAL P 377 -77.00 7.57 77.41
CA VAL P 377 -77.85 6.41 77.63
C VAL P 377 -78.62 6.60 78.93
N GLN P 378 -79.88 6.16 78.94
CA GLN P 378 -80.73 6.28 80.11
C GLN P 378 -80.45 5.24 81.19
N ARG P 379 -79.58 4.26 80.93
CA ARG P 379 -79.25 3.25 81.92
C ARG P 379 -77.89 2.66 81.58
N ALA P 380 -77.27 2.03 82.58
CA ALA P 380 -75.96 1.43 82.40
C ALA P 380 -75.74 0.37 83.47
N VAL P 381 -74.65 -0.38 83.33
CA VAL P 381 -74.28 -1.43 84.26
C VAL P 381 -72.78 -1.65 84.20
N CYS P 382 -72.20 -1.97 85.34
CA CYS P 382 -70.79 -2.35 85.46
C CYS P 382 -70.69 -3.54 86.39
N MET P 383 -70.06 -4.61 85.90
CA MET P 383 -69.97 -5.88 86.62
C MET P 383 -68.53 -6.11 87.06
N LEU P 384 -68.35 -6.35 88.35
CA LEU P 384 -67.08 -6.78 88.94
C LEU P 384 -67.35 -8.16 89.54
N SER P 385 -66.57 -9.16 89.11
CA SER P 385 -66.82 -10.55 89.45
C SER P 385 -65.50 -11.28 89.64
N ASN P 386 -65.39 -12.03 90.73
CA ASN P 386 -64.25 -12.90 90.96
C ASN P 386 -64.47 -14.22 90.25
N THR P 387 -63.40 -14.76 89.67
CA THR P 387 -63.48 -15.99 88.90
C THR P 387 -62.12 -16.69 88.93
N THR P 388 -62.14 -18.00 88.70
CA THR P 388 -60.93 -18.79 88.52
C THR P 388 -60.42 -18.78 87.09
N ALA P 389 -61.00 -17.96 86.21
CA ALA P 389 -60.55 -17.92 84.82
C ALA P 389 -59.20 -17.23 84.67
N ILE P 390 -58.82 -16.36 85.62
CA ILE P 390 -57.60 -15.56 85.47
C ILE P 390 -56.35 -16.34 85.89
N ALA P 391 -56.47 -17.63 86.23
CA ALA P 391 -55.29 -18.42 86.58
C ALA P 391 -54.42 -18.67 85.35
N GLU P 392 -55.04 -18.80 84.17
CA GLU P 392 -54.26 -19.04 82.96
C GLU P 392 -53.41 -17.84 82.59
N ALA P 393 -53.88 -16.62 82.91
CA ALA P 393 -53.06 -15.44 82.67
C ALA P 393 -51.84 -15.43 83.56
N TRP P 394 -52.00 -15.77 84.84
CA TRP P 394 -50.86 -15.91 85.73
C TRP P 394 -49.97 -17.06 85.29
N ALA P 395 -50.56 -18.12 84.74
CA ALA P 395 -49.76 -19.18 84.13
C ALA P 395 -49.02 -18.68 82.90
N ARG P 396 -49.67 -17.80 82.11
CA ARG P 396 -49.01 -17.24 80.94
C ARG P 396 -47.89 -16.30 81.34
N LEU P 397 -48.16 -15.41 82.31
CA LEU P 397 -47.12 -14.49 82.77
C LEU P 397 -45.98 -15.24 83.45
N ASP P 398 -46.31 -16.27 84.22
CA ASP P 398 -45.27 -17.08 84.87
C ASP P 398 -44.52 -17.92 83.84
N HIS P 399 -45.20 -18.36 82.78
CA HIS P 399 -44.55 -19.18 81.77
C HIS P 399 -43.50 -18.37 81.00
N LYS P 400 -43.86 -17.18 80.53
CA LYS P 400 -42.91 -16.35 79.79
C LYS P 400 -41.78 -15.84 80.68
N PHE P 401 -42.04 -15.63 81.98
CA PHE P 401 -41.00 -15.25 82.91
C PHE P 401 -39.92 -16.31 83.05
N ASP P 402 -40.30 -17.59 83.00
CA ASP P 402 -39.32 -18.66 83.10
C ASP P 402 -38.38 -18.69 81.90
N LEU P 403 -38.86 -18.26 80.73
CA LEU P 403 -38.00 -18.22 79.55
C LEU P 403 -36.90 -17.17 79.72
N MET P 404 -37.24 -16.00 80.23
CA MET P 404 -36.25 -14.95 80.44
C MET P 404 -35.42 -15.20 81.69
N TYR P 405 -36.03 -15.77 82.73
CA TYR P 405 -35.29 -16.05 83.95
C TYR P 405 -34.26 -17.15 83.76
N ALA P 406 -34.54 -18.10 82.86
CA ALA P 406 -33.58 -19.17 82.59
C ALA P 406 -32.30 -18.63 81.94
N LYS P 407 -32.41 -17.60 81.10
CA LYS P 407 -31.26 -16.94 80.50
C LYS P 407 -30.76 -15.74 81.31
N ARG P 408 -31.38 -15.43 82.46
CA ARG P 408 -30.99 -14.30 83.30
C ARG P 408 -31.06 -12.98 82.53
N ALA P 409 -32.15 -12.81 81.78
CA ALA P 409 -32.31 -11.65 80.92
C ALA P 409 -32.78 -10.45 81.73
N PHE P 410 -32.18 -9.29 81.45
CA PHE P 410 -32.54 -8.01 82.07
C PHE P 410 -32.38 -8.02 83.59
N VAL P 411 -31.47 -8.86 84.11
CA VAL P 411 -31.28 -8.99 85.56
C VAL P 411 -30.23 -8.03 86.07
N HIS P 412 -29.22 -7.66 85.26
CA HIS P 412 -28.13 -6.83 85.74
C HIS P 412 -28.57 -5.41 86.09
N TRP P 413 -29.69 -4.94 85.54
CA TRP P 413 -30.22 -3.63 85.93
C TRP P 413 -30.83 -3.65 87.32
N TYR P 414 -31.51 -4.73 87.69
CA TYR P 414 -32.15 -4.79 89.00
C TYR P 414 -31.11 -4.93 90.11
N VAL P 415 -30.13 -5.82 89.93
CA VAL P 415 -29.08 -5.98 90.93
C VAL P 415 -28.15 -4.76 90.97
N GLY P 416 -28.05 -4.01 89.88
CA GLY P 416 -27.34 -2.75 89.91
C GLY P 416 -28.01 -1.69 90.76
N GLU P 417 -29.32 -1.83 91.01
CA GLU P 417 -30.05 -0.92 91.88
C GLU P 417 -29.86 -1.23 93.36
N GLY P 418 -29.61 -2.49 93.72
CA GLY P 418 -29.41 -2.90 95.10
C GLY P 418 -29.98 -4.25 95.47
N MET P 419 -30.77 -4.87 94.59
CA MET P 419 -31.38 -6.16 94.86
C MET P 419 -30.41 -7.28 94.49
N GLU P 420 -30.86 -8.52 94.61
CA GLU P 420 -30.04 -9.72 94.38
C GLU P 420 -30.90 -10.75 93.65
N GLU P 421 -30.40 -11.98 93.56
CA GLU P 421 -31.12 -13.06 92.90
C GLU P 421 -32.17 -13.71 93.81
N GLY P 422 -32.08 -13.50 95.13
CA GLY P 422 -32.92 -14.24 96.05
C GLY P 422 -34.40 -13.87 95.94
N GLU P 423 -34.71 -12.58 95.98
CA GLU P 423 -36.10 -12.15 95.95
C GLU P 423 -36.76 -12.42 94.60
N PHE P 424 -35.98 -12.58 93.52
CA PHE P 424 -36.54 -13.08 92.27
C PHE P 424 -37.11 -14.48 92.45
N SER P 425 -36.43 -15.31 93.26
CA SER P 425 -36.95 -16.63 93.56
C SER P 425 -38.21 -16.55 94.43
N GLU P 426 -38.26 -15.58 95.34
CA GLU P 426 -39.45 -15.38 96.15
C GLU P 426 -40.62 -14.91 95.30
N ALA P 427 -40.34 -14.05 94.30
CA ALA P 427 -41.38 -13.60 93.41
C ALA P 427 -41.89 -14.73 92.53
N ARG P 428 -41.03 -15.67 92.16
CA ARG P 428 -41.44 -16.81 91.35
C ARG P 428 -42.32 -17.77 92.14
N GLU P 429 -41.85 -18.18 93.32
CA GLU P 429 -42.59 -19.15 94.11
C GLU P 429 -43.89 -18.58 94.68
N ASP P 430 -43.96 -17.27 94.91
CA ASP P 430 -45.18 -16.67 95.43
C ASP P 430 -46.30 -16.73 94.40
N MET P 431 -45.97 -16.50 93.13
CA MET P 431 -46.97 -16.69 92.08
C MET P 431 -47.25 -18.18 91.87
N ALA P 432 -46.25 -19.04 92.08
CA ALA P 432 -46.49 -20.47 92.01
C ALA P 432 -47.42 -20.92 93.12
N ALA P 433 -47.35 -20.27 94.28
CA ALA P 433 -48.31 -20.54 95.34
C ALA P 433 -49.72 -20.13 94.93
N LEU P 434 -49.85 -19.08 94.13
CA LEU P 434 -51.16 -18.60 93.72
C LEU P 434 -51.83 -19.57 92.75
N GLU P 435 -51.05 -20.23 91.89
CA GLU P 435 -51.65 -21.13 90.91
C GLU P 435 -52.22 -22.38 91.58
N LYS P 436 -51.49 -22.94 92.55
CA LYS P 436 -52.02 -24.10 93.28
C LYS P 436 -53.23 -23.73 94.12
N ASP P 437 -53.34 -22.47 94.54
CA ASP P 437 -54.54 -22.02 95.23
C ASP P 437 -55.70 -21.83 94.26
N TYR P 438 -55.41 -21.42 93.03
CA TYR P 438 -56.48 -21.19 92.06
C TYR P 438 -57.05 -22.49 91.52
N GLU P 439 -56.21 -23.52 91.34
CA GLU P 439 -56.71 -24.83 90.92
C GLU P 439 -57.37 -25.59 92.07
N GLU P 440 -56.97 -25.31 93.31
CA GLU P 440 -57.63 -25.94 94.47
C GLU P 440 -59.00 -25.32 94.71
N VAL P 441 -59.08 -23.99 94.73
CA VAL P 441 -60.37 -23.32 94.95
C VAL P 441 -61.33 -23.53 93.79
N GLY P 442 -60.81 -23.79 92.58
CA GLY P 442 -61.65 -24.03 91.43
C GLY P 442 -62.25 -25.41 91.32
N ILE P 443 -62.06 -26.27 92.32
CA ILE P 443 -62.61 -27.62 92.27
C ILE P 443 -64.12 -27.53 92.47
N MET Q 1 -34.11 20.14 85.26
CA MET Q 1 -34.77 18.80 85.32
C MET Q 1 -34.19 17.85 84.28
N ARG Q 2 -33.30 16.97 84.72
CA ARG Q 2 -32.76 15.89 83.89
C ARG Q 2 -31.96 16.44 82.70
N GLU Q 3 -31.03 17.33 83.01
CA GLU Q 3 -30.21 17.94 81.97
C GLU Q 3 -29.27 16.91 81.35
N ILE Q 4 -28.92 17.15 80.08
CA ILE Q 4 -28.03 16.30 79.30
C ILE Q 4 -26.86 17.17 78.86
N VAL Q 5 -25.65 16.73 79.19
CA VAL Q 5 -24.42 17.46 78.89
C VAL Q 5 -23.90 16.94 77.56
N HIS Q 6 -23.87 17.80 76.55
CA HIS Q 6 -23.38 17.46 75.22
C HIS Q 6 -21.89 17.72 75.12
N ILE Q 7 -21.19 16.81 74.44
CA ILE Q 7 -19.74 16.86 74.30
C ILE Q 7 -19.39 16.33 72.92
N GLN Q 8 -18.89 17.22 72.06
CA GLN Q 8 -18.60 16.93 70.66
C GLN Q 8 -17.10 16.68 70.52
N ALA Q 9 -16.73 15.40 70.33
CA ALA Q 9 -15.35 14.97 70.19
C ALA Q 9 -15.10 14.51 68.76
N GLY Q 10 -13.94 14.85 68.23
CA GLY Q 10 -13.56 14.44 66.89
C GLY Q 10 -14.13 15.36 65.82
N GLN Q 11 -13.64 15.16 64.60
CA GLN Q 11 -14.10 15.97 63.48
C GLN Q 11 -15.55 15.65 63.13
N CYS Q 12 -15.86 14.37 62.94
CA CYS Q 12 -17.22 13.99 62.58
C CYS Q 12 -18.20 14.27 63.70
N GLY Q 13 -17.75 14.11 64.95
CA GLY Q 13 -18.63 14.42 66.07
C GLY Q 13 -19.01 15.88 66.15
N ASN Q 14 -18.09 16.75 65.74
CA ASN Q 14 -18.39 18.18 65.71
C ASN Q 14 -19.37 18.49 64.57
N GLN Q 15 -19.27 17.77 63.46
CA GLN Q 15 -20.16 18.02 62.33
C GLN Q 15 -21.58 17.58 62.66
N ILE Q 16 -21.76 16.33 63.08
CA ILE Q 16 -23.10 15.85 63.42
C ILE Q 16 -23.60 16.52 64.70
N GLY Q 17 -22.69 16.87 65.61
CA GLY Q 17 -23.10 17.64 66.78
C GLY Q 17 -23.56 19.03 66.42
N ALA Q 18 -22.87 19.67 65.46
CA ALA Q 18 -23.31 20.97 64.98
C ALA Q 18 -24.65 20.86 64.27
N LYS Q 19 -24.85 19.78 63.51
CA LYS Q 19 -26.13 19.55 62.86
C LYS Q 19 -27.20 19.16 63.90
N PHE Q 20 -26.78 18.54 65.00
CA PHE Q 20 -27.74 18.15 66.03
C PHE Q 20 -28.36 19.38 66.69
N TRP Q 21 -27.54 20.37 67.04
CA TRP Q 21 -28.09 21.61 67.57
C TRP Q 21 -28.88 22.38 66.51
N GLU Q 22 -28.55 22.18 65.22
CA GLU Q 22 -29.27 22.88 64.17
C GLU Q 22 -30.69 22.36 64.03
N VAL Q 23 -30.86 21.04 63.97
CA VAL Q 23 -32.18 20.48 63.68
C VAL Q 23 -33.12 20.64 64.86
N ILE Q 24 -32.62 20.54 66.09
CA ILE Q 24 -33.47 20.72 67.27
C ILE Q 24 -33.78 22.18 67.53
N SER Q 25 -32.91 23.11 67.08
CA SER Q 25 -33.18 24.53 67.24
C SER Q 25 -34.42 24.96 66.45
N ASP Q 26 -34.66 24.33 65.29
CA ASP Q 26 -35.88 24.61 64.55
C ASP Q 26 -37.10 24.04 65.25
N GLU Q 27 -36.93 22.91 65.94
CA GLU Q 27 -38.03 22.33 66.70
C GLU Q 27 -38.42 23.22 67.87
N HIS Q 28 -37.44 23.73 68.61
CA HIS Q 28 -37.67 24.67 69.70
C HIS Q 28 -37.90 26.09 69.22
N GLY Q 29 -37.60 26.41 67.95
CA GLY Q 29 -37.81 27.74 67.44
C GLY Q 29 -36.84 28.76 67.99
N ILE Q 30 -35.55 28.43 67.95
CA ILE Q 30 -34.48 29.29 68.44
C ILE Q 30 -33.78 29.91 67.23
N ASP Q 31 -33.53 31.21 67.29
CA ASP Q 31 -32.80 31.88 66.22
C ASP Q 31 -31.33 31.48 66.30
N PRO Q 32 -30.57 31.63 65.19
CA PRO Q 32 -29.12 31.39 65.31
C PRO Q 32 -28.41 32.38 66.22
N THR Q 33 -28.94 33.59 66.37
CA THR Q 33 -28.34 34.55 67.30
C THR Q 33 -28.52 34.14 68.75
N GLY Q 34 -29.58 33.40 69.07
CA GLY Q 34 -29.86 32.89 70.40
C GLY Q 34 -31.21 33.27 70.98
N SER Q 35 -31.98 34.15 70.32
CA SER Q 35 -33.28 34.57 70.81
C SER Q 35 -34.38 33.62 70.32
N TYR Q 36 -35.49 33.61 71.04
CA TYR Q 36 -36.62 32.75 70.73
C TYR Q 36 -37.57 33.46 69.77
N HIS Q 37 -37.99 32.73 68.72
CA HIS Q 37 -38.98 33.21 67.76
C HIS Q 37 -39.96 32.11 67.36
N GLY Q 38 -40.23 31.18 68.27
CA GLY Q 38 -41.14 30.10 67.99
C GLY Q 38 -42.60 30.51 68.08
N ASP Q 39 -43.47 29.50 68.18
CA ASP Q 39 -44.92 29.67 68.24
C ASP Q 39 -45.56 28.98 69.42
N SER Q 40 -45.07 27.81 69.83
CA SER Q 40 -45.67 27.01 70.89
C SER Q 40 -45.03 27.34 72.22
N ASP Q 41 -45.84 27.23 73.28
CA ASP Q 41 -45.36 27.42 74.64
C ASP Q 41 -44.63 26.21 75.19
N LEU Q 42 -44.88 25.01 74.65
CA LEU Q 42 -44.19 23.82 75.11
C LEU Q 42 -42.71 23.80 74.74
N GLN Q 43 -42.29 24.62 73.77
CA GLN Q 43 -40.86 24.70 73.44
C GLN Q 43 -40.06 25.25 74.61
N LEU Q 44 -40.61 26.20 75.36
CA LEU Q 44 -39.98 26.71 76.57
C LEU Q 44 -40.16 25.81 77.78
N GLU Q 45 -41.06 24.81 77.70
CA GLU Q 45 -41.30 23.93 78.83
C GLU Q 45 -40.06 23.11 79.16
N ARG Q 46 -39.31 22.69 78.15
CA ARG Q 46 -38.12 21.84 78.29
C ARG Q 46 -37.00 22.35 77.41
N ILE Q 47 -36.82 23.68 77.38
CA ILE Q 47 -35.64 24.27 76.75
C ILE Q 47 -34.41 24.16 77.63
N ASN Q 48 -34.58 24.10 78.96
CA ASN Q 48 -33.47 23.96 79.88
C ASN Q 48 -32.86 22.57 79.89
N VAL Q 49 -33.50 21.57 79.26
CA VAL Q 49 -32.97 20.21 79.29
C VAL Q 49 -31.71 20.09 78.45
N TYR Q 50 -31.48 21.01 77.49
CA TYR Q 50 -30.26 21.08 76.69
C TYR Q 50 -29.57 22.44 76.76
N TYR Q 51 -30.32 23.53 76.92
CA TYR Q 51 -29.79 24.88 76.90
C TYR Q 51 -29.72 25.45 78.32
N ASN Q 52 -29.05 26.59 78.46
CA ASN Q 52 -28.97 27.34 79.70
C ASN Q 52 -29.54 28.73 79.48
N GLU Q 53 -30.28 29.23 80.46
CA GLU Q 53 -30.88 30.55 80.36
C GLU Q 53 -29.82 31.62 80.57
N ALA Q 54 -29.99 32.77 79.91
CA ALA Q 54 -29.09 33.90 80.04
C ALA Q 54 -29.86 35.20 79.93
N ALA Q 55 -29.15 36.33 80.01
CA ALA Q 55 -29.81 37.63 79.98
C ALA Q 55 -30.36 37.92 78.58
N GLY Q 56 -31.38 38.77 78.54
CA GLY Q 56 -31.98 39.13 77.27
C GLY Q 56 -32.76 38.02 76.60
N ASN Q 57 -33.23 37.03 77.38
CA ASN Q 57 -33.95 35.87 76.85
C ASN Q 57 -33.14 35.09 75.82
N LYS Q 58 -31.82 35.05 76.02
CA LYS Q 58 -30.90 34.30 75.17
C LYS Q 58 -30.61 32.95 75.79
N TYR Q 59 -30.54 31.91 74.95
CA TYR Q 59 -30.31 30.54 75.37
C TYR Q 59 -29.04 30.01 74.70
N VAL Q 60 -27.99 29.84 75.50
CA VAL Q 60 -26.71 29.31 75.02
C VAL Q 60 -26.79 27.79 75.12
N PRO Q 61 -26.27 27.00 74.16
CA PRO Q 61 -26.35 25.55 74.31
C PRO Q 61 -25.28 25.02 75.25
N ARG Q 62 -25.60 23.90 75.89
CA ARG Q 62 -24.68 23.21 76.79
C ARG Q 62 -23.85 22.20 75.98
N ALA Q 63 -23.05 22.76 75.07
CA ALA Q 63 -22.19 22.02 74.17
C ALA Q 63 -20.74 22.28 74.54
N ILE Q 64 -19.93 21.22 74.51
CA ILE Q 64 -18.50 21.27 74.81
C ILE Q 64 -17.78 20.68 73.62
N LEU Q 65 -17.26 21.54 72.75
CA LEU Q 65 -16.57 21.12 71.53
C LEU Q 65 -15.10 20.91 71.87
N VAL Q 66 -14.62 19.68 71.64
CA VAL Q 66 -13.24 19.28 71.89
C VAL Q 66 -12.67 18.67 70.61
N ASP Q 67 -11.48 19.13 70.25
CA ASP Q 67 -10.78 18.61 69.08
C ASP Q 67 -9.32 19.06 69.17
N LEU Q 68 -8.44 18.24 68.61
CA LEU Q 68 -7.01 18.50 68.62
C LEU Q 68 -6.52 19.22 67.36
N GLU Q 69 -7.41 19.84 66.58
CA GLU Q 69 -7.12 20.49 65.32
C GLU Q 69 -7.87 21.82 65.27
N PRO Q 70 -7.22 22.99 65.32
CA PRO Q 70 -7.98 24.24 65.45
C PRO Q 70 -8.76 24.62 64.21
N GLY Q 71 -8.43 24.06 63.04
CA GLY Q 71 -9.17 24.39 61.83
C GLY Q 71 -10.60 23.91 61.85
N THR Q 72 -10.88 22.84 62.61
CA THR Q 72 -12.25 22.33 62.69
C THR Q 72 -13.17 23.31 63.40
N MET Q 73 -12.70 23.92 64.48
CA MET Q 73 -13.53 24.86 65.22
C MET Q 73 -13.81 26.12 64.41
N ASP Q 74 -12.89 26.50 63.52
CA ASP Q 74 -13.12 27.67 62.67
C ASP Q 74 -14.26 27.43 61.69
N SER Q 75 -14.40 26.20 61.21
CA SER Q 75 -15.51 25.86 60.31
C SER Q 75 -16.82 25.75 61.07
N VAL Q 76 -16.80 25.26 62.31
CA VAL Q 76 -18.02 25.14 63.09
C VAL Q 76 -18.45 26.51 63.60
N ARG Q 77 -17.49 27.34 64.01
CA ARG Q 77 -17.82 28.67 64.50
C ARG Q 77 -18.35 29.56 63.39
N SER Q 78 -17.84 29.39 62.17
CA SER Q 78 -18.28 30.16 61.01
C SER Q 78 -19.48 29.55 60.30
N GLY Q 79 -20.19 28.61 60.92
CA GLY Q 79 -21.32 27.97 60.31
C GLY Q 79 -22.58 28.80 60.46
N PRO Q 80 -23.74 28.22 60.09
CA PRO Q 80 -25.00 28.96 60.32
C PRO Q 80 -25.31 29.18 61.79
N PHE Q 81 -25.22 28.12 62.61
CA PHE Q 81 -25.48 28.18 64.04
C PHE Q 81 -24.19 28.20 64.85
N GLY Q 82 -23.08 28.66 64.26
CA GLY Q 82 -21.81 28.68 64.97
C GLY Q 82 -21.69 29.76 66.03
N GLN Q 83 -22.45 30.84 65.90
CA GLN Q 83 -22.36 31.97 66.83
C GLN Q 83 -23.14 31.75 68.13
N ILE Q 84 -24.04 30.77 68.19
CA ILE Q 84 -24.84 30.55 69.39
C ILE Q 84 -24.05 29.85 70.50
N PHE Q 85 -23.03 29.06 70.15
CA PHE Q 85 -22.26 28.34 71.14
C PHE Q 85 -21.45 29.30 72.01
N ARG Q 86 -21.07 28.82 73.18
CA ARG Q 86 -20.29 29.62 74.12
C ARG Q 86 -18.84 29.70 73.64
N PRO Q 87 -18.19 30.88 73.65
CA PRO Q 87 -16.76 30.89 73.28
C PRO Q 87 -15.87 30.16 74.29
N ASP Q 88 -16.25 30.12 75.56
CA ASP Q 88 -15.42 29.44 76.56
C ASP Q 88 -15.40 27.94 76.33
N ASN Q 89 -16.49 27.37 75.82
CA ASN Q 89 -16.54 25.94 75.56
C ASN Q 89 -15.62 25.49 74.43
N PHE Q 90 -15.20 26.40 73.55
CA PHE Q 90 -14.32 26.05 72.43
C PHE Q 90 -12.89 25.89 72.96
N VAL Q 91 -12.65 24.73 73.57
CA VAL Q 91 -11.32 24.30 74.01
C VAL Q 91 -10.76 23.37 72.95
N PHE Q 92 -9.46 23.52 72.67
CA PHE Q 92 -8.86 22.77 71.57
C PHE Q 92 -7.35 22.90 71.66
N GLY Q 93 -6.66 21.92 71.05
CA GLY Q 93 -5.22 21.96 70.92
C GLY Q 93 -4.80 22.71 69.67
N GLN Q 94 -3.55 22.44 69.26
CA GLN Q 94 -2.93 23.03 68.07
C GLN Q 94 -2.44 22.00 67.08
N SER Q 95 -1.87 20.88 67.57
CA SER Q 95 -1.32 19.82 66.73
C SER Q 95 -2.31 18.67 66.66
N GLY Q 96 -2.62 18.22 65.45
CA GLY Q 96 -3.54 17.12 65.26
C GLY Q 96 -2.92 15.79 65.65
N ALA Q 97 -3.81 14.80 65.82
CA ALA Q 97 -3.40 13.46 66.19
C ALA Q 97 -2.85 12.67 65.00
N GLY Q 98 -3.25 13.00 63.78
CA GLY Q 98 -2.76 12.29 62.61
C GLY Q 98 -3.23 10.86 62.52
N ASN Q 99 -4.44 10.58 62.99
CA ASN Q 99 -5.02 9.23 62.97
C ASN Q 99 -4.16 8.24 63.74
N ASN Q 100 -3.98 8.52 65.03
CA ASN Q 100 -3.21 7.67 65.94
C ASN Q 100 -3.92 7.65 67.28
N TRP Q 101 -4.33 6.45 67.71
CA TRP Q 101 -5.04 6.32 68.98
C TRP Q 101 -4.13 6.60 70.16
N ALA Q 102 -2.84 6.25 70.04
CA ALA Q 102 -1.91 6.44 71.15
C ALA Q 102 -1.64 7.92 71.41
N LYS Q 103 -1.60 8.74 70.36
CA LYS Q 103 -1.30 10.15 70.54
C LYS Q 103 -2.44 10.87 71.26
N GLY Q 104 -3.67 10.66 70.80
CA GLY Q 104 -4.82 11.31 71.40
C GLY Q 104 -5.27 10.75 72.74
N HIS Q 105 -4.63 9.68 73.24
CA HIS Q 105 -5.02 9.00 74.46
C HIS Q 105 -3.99 9.12 75.58
N TYR Q 106 -2.70 9.22 75.24
CA TYR Q 106 -1.59 9.19 76.20
C TYR Q 106 -0.84 10.50 76.29
N THR Q 107 -0.49 11.12 75.14
CA THR Q 107 0.36 12.30 75.09
C THR Q 107 -0.41 13.53 74.65
N GLU Q 108 -1.04 13.50 73.48
CA GLU Q 108 -1.72 14.69 72.97
C GLU Q 108 -3.04 14.93 73.69
N GLY Q 109 -3.70 13.89 74.19
CA GLY Q 109 -4.93 14.03 74.93
C GLY Q 109 -4.72 14.34 76.39
N ALA Q 110 -3.65 13.81 76.98
CA ALA Q 110 -3.39 13.99 78.40
C ALA Q 110 -3.10 15.44 78.78
N GLU Q 111 -2.50 16.21 77.87
CA GLU Q 111 -2.25 17.62 78.13
C GLU Q 111 -3.53 18.45 78.07
N LEU Q 112 -4.53 18.02 77.29
CA LEU Q 112 -5.79 18.73 77.16
C LEU Q 112 -6.90 18.19 78.06
N VAL Q 113 -6.81 16.93 78.49
CA VAL Q 113 -7.88 16.34 79.29
C VAL Q 113 -7.98 17.02 80.66
N ASP Q 114 -6.87 17.57 81.16
CA ASP Q 114 -6.96 18.39 82.37
C ASP Q 114 -7.72 19.68 82.12
N SER Q 115 -7.73 20.19 80.89
CA SER Q 115 -8.41 21.42 80.55
C SER Q 115 -9.90 21.24 80.30
N VAL Q 116 -10.33 20.07 79.80
CA VAL Q 116 -11.74 19.82 79.52
C VAL Q 116 -12.51 19.35 80.73
N LEU Q 117 -11.85 18.71 81.71
CA LEU Q 117 -12.58 18.23 82.88
C LEU Q 117 -13.09 19.38 83.74
N ASP Q 118 -12.35 20.48 83.80
CA ASP Q 118 -12.83 21.66 84.52
C ASP Q 118 -13.97 22.36 83.79
N VAL Q 119 -14.08 22.17 82.47
CA VAL Q 119 -15.16 22.81 81.71
C VAL Q 119 -16.46 22.03 81.87
N VAL Q 120 -16.40 20.70 81.73
CA VAL Q 120 -17.60 19.89 81.89
C VAL Q 120 -18.07 19.88 83.34
N ARG Q 121 -17.16 20.06 84.30
CA ARG Q 121 -17.57 20.20 85.69
C ARG Q 121 -18.38 21.46 85.91
N LYS Q 122 -18.09 22.52 85.14
CA LYS Q 122 -18.88 23.75 85.25
C LYS Q 122 -20.30 23.53 84.77
N GLU Q 123 -20.46 22.88 83.61
CA GLU Q 123 -21.80 22.62 83.09
C GLU Q 123 -22.55 21.58 83.91
N SER Q 124 -21.83 20.70 84.62
CA SER Q 124 -22.48 19.67 85.43
C SER Q 124 -23.03 20.24 86.74
N GLU Q 125 -22.26 21.07 87.44
CA GLU Q 125 -22.72 21.67 88.68
C GLU Q 125 -23.68 22.83 88.47
N SER Q 126 -23.61 23.50 87.31
CA SER Q 126 -24.52 24.60 87.03
C SER Q 126 -25.96 24.14 86.80
N CYS Q 127 -26.17 22.89 86.40
CA CYS Q 127 -27.51 22.40 86.14
C CYS Q 127 -28.21 22.06 87.45
N ASP Q 128 -29.52 21.81 87.35
CA ASP Q 128 -30.31 21.45 88.52
C ASP Q 128 -30.12 19.99 88.90
N CYS Q 129 -30.24 19.09 87.93
CA CYS Q 129 -30.01 17.66 88.16
C CYS Q 129 -29.66 17.02 86.84
N LEU Q 130 -28.39 16.67 86.65
CA LEU Q 130 -27.94 16.09 85.40
C LEU Q 130 -28.43 14.65 85.26
N GLN Q 131 -28.77 14.27 84.04
CA GLN Q 131 -29.25 12.93 83.69
C GLN Q 131 -28.15 12.07 83.09
N GLY Q 132 -27.47 12.57 82.05
CA GLY Q 132 -26.46 11.77 81.39
C GLY Q 132 -25.58 12.64 80.51
N PHE Q 133 -24.91 11.97 79.58
CA PHE Q 133 -23.96 12.60 78.65
C PHE Q 133 -24.25 12.12 77.24
N GLN Q 134 -24.50 13.08 76.34
CA GLN Q 134 -24.79 12.81 74.93
C GLN Q 134 -23.54 13.17 74.11
N LEU Q 135 -22.73 12.17 73.81
CA LEU Q 135 -21.43 12.34 73.16
C LEU Q 135 -21.51 11.87 71.71
N THR Q 136 -20.70 12.50 70.86
CA THR Q 136 -20.57 12.17 69.45
C THR Q 136 -19.09 12.04 69.12
N HIS Q 137 -18.72 10.93 68.48
CA HIS Q 137 -17.34 10.70 68.08
C HIS Q 137 -17.33 9.71 66.93
N SER Q 138 -16.12 9.35 66.49
CA SER Q 138 -15.89 8.37 65.44
C SER Q 138 -14.81 7.40 65.89
N LEU Q 139 -15.06 6.10 65.65
CA LEU Q 139 -14.09 5.08 66.01
C LEU Q 139 -12.81 5.17 65.20
N GLY Q 140 -12.86 5.77 64.01
CA GLY Q 140 -11.66 6.05 63.24
C GLY Q 140 -10.95 7.29 63.73
N GLY Q 141 -9.71 7.44 63.27
CA GLY Q 141 -8.89 8.57 63.67
C GLY Q 141 -8.34 8.41 65.07
N GLY Q 142 -7.62 9.46 65.50
CA GLY Q 142 -6.95 9.48 66.80
C GLY Q 142 -7.63 10.38 67.80
N THR Q 143 -8.14 11.53 67.33
CA THR Q 143 -8.75 12.50 68.25
C THR Q 143 -10.14 12.06 68.67
N GLY Q 144 -10.87 11.36 67.80
CA GLY Q 144 -12.20 10.88 68.13
C GLY Q 144 -12.17 9.65 68.99
N SER Q 145 -11.38 8.66 68.58
CA SER Q 145 -11.30 7.40 69.31
C SER Q 145 -10.36 7.47 70.50
N GLY Q 146 -9.29 8.26 70.42
CA GLY Q 146 -8.30 8.32 71.48
C GLY Q 146 -8.71 9.25 72.61
N MET Q 147 -8.97 10.51 72.28
CA MET Q 147 -9.33 11.50 73.29
C MET Q 147 -10.80 11.40 73.66
N GLY Q 148 -11.66 11.04 72.71
CA GLY Q 148 -13.08 10.91 73.01
C GLY Q 148 -13.36 9.76 73.95
N THR Q 149 -12.69 8.62 73.74
CA THR Q 149 -12.85 7.49 74.64
C THR Q 149 -12.13 7.70 75.97
N LEU Q 150 -11.14 8.59 76.01
CA LEU Q 150 -10.42 8.85 77.26
C LEU Q 150 -11.33 9.51 78.28
N LEU Q 151 -12.01 10.59 77.89
CA LEU Q 151 -12.88 11.29 78.82
C LEU Q 151 -14.12 10.48 79.19
N ILE Q 152 -14.49 9.49 78.38
CA ILE Q 152 -15.50 8.52 78.80
C ILE Q 152 -15.02 7.77 80.03
N SER Q 153 -13.73 7.44 80.08
CA SER Q 153 -13.18 6.75 81.23
C SER Q 153 -13.14 7.66 82.45
N LYS Q 154 -12.79 8.94 82.25
CA LYS Q 154 -12.71 9.86 83.38
C LYS Q 154 -14.10 10.22 83.90
N ILE Q 155 -15.08 10.36 83.01
CA ILE Q 155 -16.43 10.68 83.44
C ILE Q 155 -17.05 9.48 84.15
N ARG Q 156 -16.68 8.26 83.75
CA ARG Q 156 -17.12 7.08 84.48
C ARG Q 156 -16.57 7.07 85.89
N GLU Q 157 -15.34 7.55 86.08
CA GLU Q 157 -14.75 7.62 87.41
C GLU Q 157 -15.45 8.65 88.29
N GLU Q 158 -15.83 9.80 87.70
CA GLU Q 158 -16.43 10.88 88.49
C GLU Q 158 -17.93 10.67 88.66
N TYR Q 159 -18.61 10.26 87.59
CA TYR Q 159 -20.07 10.08 87.57
C TYR Q 159 -20.37 8.63 87.18
N PRO Q 160 -20.14 7.66 88.08
CA PRO Q 160 -20.45 6.26 87.75
C PRO Q 160 -21.93 5.93 87.69
N ASP Q 161 -22.80 6.77 88.25
CA ASP Q 161 -24.24 6.49 88.30
C ASP Q 161 -25.01 7.05 87.12
N ARG Q 162 -24.48 8.06 86.43
CA ARG Q 162 -25.19 8.69 85.33
C ARG Q 162 -25.11 7.86 84.06
N ILE Q 163 -26.00 8.17 83.13
CA ILE Q 163 -26.06 7.47 81.85
C ILE Q 163 -24.99 8.05 80.93
N MET Q 164 -24.30 7.16 80.20
CA MET Q 164 -23.25 7.54 79.25
C MET Q 164 -23.72 7.12 77.85
N ASN Q 165 -24.35 8.04 77.14
CA ASN Q 165 -24.89 7.81 75.80
C ASN Q 165 -23.87 8.27 74.77
N THR Q 166 -23.72 7.48 73.71
CA THR Q 166 -22.76 7.76 72.64
C THR Q 166 -23.40 7.48 71.30
N PHE Q 167 -23.35 8.46 70.39
CA PHE Q 167 -23.71 8.31 68.99
C PHE Q 167 -22.41 8.23 68.20
N SER Q 168 -21.95 7.00 67.94
CA SER Q 168 -20.62 6.74 67.39
C SER Q 168 -20.76 6.15 65.99
N VAL Q 169 -20.14 6.82 65.02
CA VAL Q 169 -19.99 6.29 63.67
C VAL Q 169 -18.73 5.44 63.64
N MET Q 170 -18.77 4.36 62.87
CA MET Q 170 -17.74 3.33 62.84
C MET Q 170 -17.39 2.96 61.40
N PRO Q 171 -16.19 2.40 61.15
CA PRO Q 171 -15.78 2.20 59.75
C PRO Q 171 -16.34 0.92 59.14
N SER Q 172 -16.02 0.67 57.88
CA SER Q 172 -16.46 -0.52 57.17
C SER Q 172 -15.47 -0.80 56.04
N PRO Q 173 -15.42 -2.03 55.51
CA PRO Q 173 -14.41 -2.33 54.49
C PRO Q 173 -14.76 -1.78 53.11
N LYS Q 174 -16.04 -1.63 52.79
CA LYS Q 174 -16.41 -1.15 51.46
C LYS Q 174 -16.09 0.33 51.30
N VAL Q 175 -16.33 1.12 52.34
CA VAL Q 175 -16.03 2.55 52.38
C VAL Q 175 -15.06 2.76 53.53
N SER Q 176 -13.82 3.10 53.20
CA SER Q 176 -12.76 3.29 54.19
C SER Q 176 -11.86 4.42 53.72
N ASP Q 177 -11.97 5.58 54.37
CA ASP Q 177 -11.19 6.77 54.05
C ASP Q 177 -9.98 6.92 54.97
N THR Q 178 -9.45 5.83 55.50
CA THR Q 178 -8.32 5.89 56.43
C THR Q 178 -7.72 4.49 56.53
N VAL Q 179 -6.39 4.43 56.61
CA VAL Q 179 -5.69 3.14 56.63
C VAL Q 179 -5.71 2.52 58.01
N VAL Q 180 -5.75 3.35 59.06
CA VAL Q 180 -5.55 2.90 60.44
C VAL Q 180 -6.89 2.70 61.13
N GLU Q 181 -7.93 2.39 60.35
CA GLU Q 181 -9.27 2.21 60.94
C GLU Q 181 -9.38 1.01 61.88
N PRO Q 182 -8.94 -0.21 61.52
CA PRO Q 182 -9.17 -1.34 62.44
C PRO Q 182 -8.37 -1.25 63.72
N TYR Q 183 -7.18 -0.64 63.68
CA TYR Q 183 -6.42 -0.44 64.91
C TYR Q 183 -7.13 0.56 65.82
N ASN Q 184 -7.58 1.68 65.24
CA ASN Q 184 -8.36 2.65 66.01
C ASN Q 184 -9.71 2.09 66.42
N ALA Q 185 -10.29 1.21 65.60
CA ALA Q 185 -11.61 0.66 65.92
C ALA Q 185 -11.52 -0.30 67.10
N THR Q 186 -10.61 -1.27 67.03
CA THR Q 186 -10.52 -2.29 68.08
C THR Q 186 -10.07 -1.71 69.42
N LEU Q 187 -9.33 -0.60 69.41
CA LEU Q 187 -8.93 0.05 70.65
C LEU Q 187 -10.08 0.84 71.26
N SER Q 188 -10.98 1.37 70.45
CA SER Q 188 -12.10 2.15 70.94
C SER Q 188 -13.19 1.29 71.57
N VAL Q 189 -13.51 0.14 70.95
CA VAL Q 189 -14.56 -0.72 71.50
C VAL Q 189 -14.15 -1.36 72.82
N HIS Q 190 -12.85 -1.42 73.13
CA HIS Q 190 -12.41 -1.89 74.44
C HIS Q 190 -12.92 -0.99 75.55
N GLN Q 191 -12.99 0.32 75.30
CA GLN Q 191 -13.51 1.27 76.27
C GLN Q 191 -15.02 1.40 76.21
N LEU Q 192 -15.62 1.35 75.02
CA LEU Q 192 -17.06 1.48 74.90
C LEU Q 192 -17.79 0.27 75.48
N VAL Q 193 -17.20 -0.92 75.39
CA VAL Q 193 -17.88 -2.11 75.86
C VAL Q 193 -17.91 -2.19 77.39
N GLU Q 194 -16.95 -1.59 78.08
CA GLU Q 194 -16.84 -1.67 79.53
C GLU Q 194 -17.50 -0.48 80.23
N ASN Q 195 -17.27 0.73 79.74
CA ASN Q 195 -17.68 1.94 80.46
C ASN Q 195 -19.09 2.40 80.09
N THR Q 196 -19.37 2.56 78.80
CA THR Q 196 -20.64 3.14 78.38
C THR Q 196 -21.79 2.17 78.58
N ASP Q 197 -22.96 2.72 78.89
CA ASP Q 197 -24.18 1.95 79.09
C ASP Q 197 -24.95 1.73 77.79
N GLU Q 198 -24.81 2.64 76.82
CA GLU Q 198 -25.53 2.55 75.55
C GLU Q 198 -24.73 3.22 74.45
N THR Q 199 -24.79 2.62 73.26
CA THR Q 199 -24.05 3.08 72.10
C THR Q 199 -24.85 2.75 70.84
N TYR Q 200 -24.82 3.65 69.86
CA TYR Q 200 -25.50 3.49 68.58
C TYR Q 200 -24.46 3.21 67.50
N SER Q 201 -24.54 2.04 66.90
CA SER Q 201 -23.60 1.61 65.86
C SER Q 201 -24.09 2.12 64.51
N ILE Q 202 -23.41 3.14 63.99
CA ILE Q 202 -23.73 3.77 62.70
C ILE Q 202 -22.60 3.45 61.73
N ASP Q 203 -22.96 2.87 60.58
CA ASP Q 203 -22.02 2.49 59.54
C ASP Q 203 -22.08 3.51 58.41
N ASN Q 204 -20.91 3.93 57.93
CA ASN Q 204 -20.86 5.01 56.95
C ASN Q 204 -21.37 4.59 55.59
N GLU Q 205 -21.14 3.33 55.20
CA GLU Q 205 -21.62 2.88 53.90
C GLU Q 205 -23.14 2.84 53.84
N ALA Q 206 -23.80 2.53 54.96
CA ALA Q 206 -25.25 2.52 54.99
C ALA Q 206 -25.84 3.92 54.89
N LEU Q 207 -25.09 4.94 55.30
CA LEU Q 207 -25.52 6.31 55.08
C LEU Q 207 -25.58 6.63 53.58
N TYR Q 208 -24.68 6.02 52.80
CA TYR Q 208 -24.75 6.14 51.34
C TYR Q 208 -25.77 5.20 50.75
N ASP Q 209 -25.96 4.02 51.34
CA ASP Q 209 -26.91 3.05 50.80
C ASP Q 209 -28.34 3.53 50.92
N ILE Q 210 -28.67 4.19 52.03
CA ILE Q 210 -30.03 4.68 52.24
C ILE Q 210 -30.35 5.87 51.33
N CYS Q 211 -29.35 6.67 50.96
CA CYS Q 211 -29.60 7.85 50.14
C CYS Q 211 -29.79 7.53 48.66
N PHE Q 212 -29.39 6.33 48.20
CA PHE Q 212 -29.64 5.93 46.82
C PHE Q 212 -31.07 5.45 46.65
N ARG Q 213 -31.48 4.49 47.49
CA ARG Q 213 -32.73 3.77 47.26
C ARG Q 213 -33.95 4.61 47.61
N THR Q 214 -34.04 5.06 48.86
CA THR Q 214 -35.23 5.74 49.35
C THR Q 214 -35.21 7.24 49.08
N LEU Q 215 -34.12 7.93 49.43
CA LEU Q 215 -34.04 9.38 49.27
C LEU Q 215 -33.60 9.80 47.87
N LYS Q 216 -32.79 8.96 47.21
CA LYS Q 216 -32.33 9.13 45.82
C LYS Q 216 -31.78 10.52 45.53
N LEU Q 217 -30.91 11.00 46.43
CA LEU Q 217 -30.20 12.25 46.19
C LEU Q 217 -29.15 12.05 45.10
N THR Q 218 -29.17 12.93 44.10
CA THR Q 218 -28.22 12.83 43.00
C THR Q 218 -26.87 13.45 43.31
N THR Q 219 -26.80 14.38 44.27
CA THR Q 219 -25.55 15.05 44.67
C THR Q 219 -25.51 15.15 46.18
N PRO Q 220 -25.38 14.03 46.89
CA PRO Q 220 -25.33 14.07 48.36
C PRO Q 220 -23.95 14.44 48.89
N THR Q 221 -23.95 15.33 49.88
CA THR Q 221 -22.76 15.76 50.60
C THR Q 221 -22.80 15.21 52.03
N TYR Q 222 -21.77 15.52 52.81
CA TYR Q 222 -21.74 15.08 54.20
C TYR Q 222 -22.85 15.73 55.03
N GLY Q 223 -23.26 16.94 54.66
CA GLY Q 223 -24.32 17.61 55.40
C GLY Q 223 -25.65 16.89 55.27
N ASP Q 224 -25.90 16.26 54.12
CA ASP Q 224 -27.12 15.47 53.96
C ASP Q 224 -27.07 14.22 54.82
N LEU Q 225 -25.89 13.62 54.97
CA LEU Q 225 -25.75 12.46 55.84
C LEU Q 225 -25.92 12.84 57.30
N ASN Q 226 -25.46 14.04 57.69
CA ASN Q 226 -25.62 14.49 59.05
C ASN Q 226 -27.08 14.77 59.40
N HIS Q 227 -27.91 15.08 58.40
CA HIS Q 227 -29.30 15.42 58.67
C HIS Q 227 -30.09 14.21 59.14
N LEU Q 228 -29.91 13.06 58.49
CA LEU Q 228 -30.68 11.87 58.83
C LEU Q 228 -30.23 11.23 60.13
N VAL Q 229 -28.94 11.27 60.45
CA VAL Q 229 -28.45 10.71 61.70
C VAL Q 229 -28.73 11.65 62.88
N SER Q 230 -28.76 12.97 62.64
CA SER Q 230 -29.12 13.91 63.69
C SER Q 230 -30.60 13.85 64.03
N ALA Q 231 -31.45 13.40 63.09
CA ALA Q 231 -32.86 13.21 63.40
C ALA Q 231 -33.03 12.09 64.42
N THR Q 232 -32.19 11.06 64.35
CA THR Q 232 -32.21 9.99 65.34
C THR Q 232 -31.79 10.49 66.72
N MET Q 233 -30.86 11.45 66.76
CA MET Q 233 -30.48 12.04 68.04
C MET Q 233 -31.65 12.84 68.63
N SER Q 234 -32.49 13.43 67.80
CA SER Q 234 -33.68 14.12 68.28
C SER Q 234 -34.78 13.15 68.67
N GLY Q 235 -34.84 11.98 68.03
CA GLY Q 235 -35.88 11.01 68.36
C GLY Q 235 -35.67 10.33 69.69
N VAL Q 236 -34.42 10.08 70.06
CA VAL Q 236 -34.14 9.39 71.33
C VAL Q 236 -34.47 10.27 72.54
N THR Q 237 -34.32 11.59 72.40
CA THR Q 237 -34.56 12.54 73.49
C THR Q 237 -35.80 13.40 73.24
N THR Q 238 -36.82 12.84 72.59
CA THR Q 238 -38.05 13.56 72.32
C THR Q 238 -39.01 13.51 73.50
N CYS Q 239 -39.00 12.41 74.27
CA CYS Q 239 -39.97 12.22 75.33
C CYS Q 239 -39.81 13.22 76.47
N LEU Q 240 -38.57 13.66 76.75
CA LEU Q 240 -38.28 14.63 77.80
C LEU Q 240 -38.14 16.05 77.29
N ARG Q 241 -38.08 16.26 75.97
CA ARG Q 241 -38.11 17.60 75.38
C ARG Q 241 -39.52 18.10 75.08
N PHE Q 242 -40.51 17.21 74.99
CA PHE Q 242 -41.89 17.57 74.76
C PHE Q 242 -42.77 16.55 75.46
N PRO Q 243 -44.02 16.88 75.79
CA PRO Q 243 -44.87 15.90 76.46
C PRO Q 243 -45.38 14.84 75.49
N GLY Q 244 -45.86 13.74 76.05
CA GLY Q 244 -46.37 12.64 75.25
C GLY Q 244 -47.28 11.75 76.07
N GLN Q 245 -48.02 10.90 75.35
CA GLN Q 245 -48.94 9.97 76.00
C GLN Q 245 -48.20 8.83 76.69
N LEU Q 246 -47.03 8.44 76.18
CA LEU Q 246 -46.19 7.39 76.76
C LEU Q 246 -44.74 7.85 76.63
N ASN Q 247 -44.24 8.50 77.67
CA ASN Q 247 -42.88 9.01 77.68
C ASN Q 247 -41.91 7.90 78.06
N ALA Q 248 -40.76 7.87 77.37
CA ALA Q 248 -39.67 6.95 77.67
C ALA Q 248 -38.38 7.73 77.72
N ASP Q 249 -37.83 7.88 78.93
CA ASP Q 249 -36.57 8.58 79.11
C ASP Q 249 -35.43 7.74 78.55
N LEU Q 250 -34.24 8.35 78.49
CA LEU Q 250 -33.06 7.64 77.99
C LEU Q 250 -32.70 6.46 78.89
N ARG Q 251 -32.96 6.57 80.19
CA ARG Q 251 -32.77 5.43 81.08
C ARG Q 251 -33.85 4.38 80.86
N LYS Q 252 -35.08 4.81 80.56
CA LYS Q 252 -36.14 3.87 80.24
C LYS Q 252 -35.87 3.12 78.94
N LEU Q 253 -35.14 3.73 78.00
CA LEU Q 253 -34.70 3.01 76.81
C LEU Q 253 -33.57 2.04 77.11
N ALA Q 254 -32.74 2.35 78.11
CA ALA Q 254 -31.57 1.54 78.38
C ALA Q 254 -31.96 0.17 78.94
N VAL Q 255 -32.90 0.12 79.88
CA VAL Q 255 -33.21 -1.14 80.54
C VAL Q 255 -33.92 -2.09 79.59
N ASN Q 256 -34.68 -1.58 78.63
CA ASN Q 256 -35.36 -2.42 77.65
C ASN Q 256 -34.43 -2.89 76.55
N MET Q 257 -33.40 -2.12 76.21
CA MET Q 257 -32.49 -2.41 75.10
C MET Q 257 -31.20 -3.09 75.50
N VAL Q 258 -30.80 -3.00 76.77
CA VAL Q 258 -29.52 -3.51 77.26
C VAL Q 258 -29.81 -4.69 78.18
N PRO Q 259 -30.05 -5.90 77.63
CA PRO Q 259 -30.36 -7.04 78.51
C PRO Q 259 -29.18 -7.53 79.33
N PHE Q 260 -27.95 -7.27 78.88
CA PHE Q 260 -26.72 -7.64 79.56
C PHE Q 260 -25.77 -6.46 79.56
N PRO Q 261 -24.80 -6.40 80.48
CA PRO Q 261 -24.00 -5.16 80.61
C PRO Q 261 -23.12 -4.85 79.41
N ARG Q 262 -22.71 -5.86 78.65
CA ARG Q 262 -21.86 -5.68 77.48
C ARG Q 262 -22.64 -5.53 76.18
N LEU Q 263 -23.82 -6.14 76.09
CA LEU Q 263 -24.63 -6.10 74.87
C LEU Q 263 -25.50 -4.84 74.87
N HIS Q 264 -24.87 -3.72 74.49
CA HIS Q 264 -25.52 -2.43 74.41
C HIS Q 264 -25.18 -1.67 73.12
N PHE Q 265 -24.69 -2.36 72.09
CA PHE Q 265 -24.40 -1.74 70.80
C PHE Q 265 -25.65 -1.84 69.93
N PHE Q 266 -26.28 -0.70 69.67
CA PHE Q 266 -27.58 -0.63 69.01
C PHE Q 266 -27.38 -0.37 67.52
N MET Q 267 -28.52 -0.32 66.81
CA MET Q 267 -28.58 -0.17 65.36
C MET Q 267 -29.67 0.84 65.02
N PRO Q 268 -29.37 2.14 64.84
CA PRO Q 268 -30.46 3.11 64.68
C PRO Q 268 -31.11 3.08 63.31
N GLY Q 269 -32.27 3.73 63.24
CA GLY Q 269 -33.02 3.87 62.00
C GLY Q 269 -34.02 4.99 62.14
N PHE Q 270 -34.52 5.47 61.00
CA PHE Q 270 -35.43 6.60 60.97
C PHE Q 270 -36.35 6.51 59.77
N ALA Q 271 -37.57 7.04 59.93
CA ALA Q 271 -38.57 7.10 58.88
C ALA Q 271 -39.48 8.27 59.21
N PRO Q 272 -40.16 8.88 58.23
CA PRO Q 272 -40.21 8.62 56.79
C PRO Q 272 -38.99 9.12 56.05
N LEU Q 273 -38.45 8.28 55.17
CA LEU Q 273 -37.36 8.62 54.26
C LEU Q 273 -37.91 8.50 52.84
N THR Q 274 -38.35 9.63 52.30
CA THR Q 274 -38.98 9.69 50.98
C THR Q 274 -38.50 10.94 50.25
N SER Q 275 -38.24 10.79 48.96
CA SER Q 275 -37.80 11.90 48.14
C SER Q 275 -38.96 12.85 47.86
N ARG Q 276 -38.61 14.05 47.37
CA ARG Q 276 -39.63 15.02 47.01
C ARG Q 276 -40.46 14.57 45.81
N GLY Q 277 -39.84 13.84 44.88
CA GLY Q 277 -40.55 13.31 43.73
C GLY Q 277 -41.45 12.12 44.00
N SER Q 278 -41.50 11.63 45.25
CA SER Q 278 -42.36 10.51 45.64
C SER Q 278 -43.04 10.75 46.98
N GLN Q 279 -43.16 12.01 47.42
CA GLN Q 279 -43.83 12.30 48.68
C GLN Q 279 -45.35 12.24 48.52
N GLN Q 280 -45.87 12.74 47.40
CA GLN Q 280 -47.32 12.72 47.17
C GLN Q 280 -47.86 11.32 47.00
N TYR Q 281 -47.04 10.35 46.58
CA TYR Q 281 -47.45 8.98 46.33
C TYR Q 281 -47.23 8.07 47.53
N ARG Q 282 -47.33 8.61 48.75
CA ARG Q 282 -47.12 7.84 49.97
C ARG Q 282 -48.14 8.30 51.01
N ALA Q 283 -48.65 7.35 51.78
CA ALA Q 283 -49.59 7.60 52.86
C ALA Q 283 -48.82 7.68 54.19
N LEU Q 284 -49.12 8.71 54.98
CA LEU Q 284 -48.45 8.92 56.25
C LEU Q 284 -49.02 8.05 57.39
N THR Q 285 -49.94 7.13 57.10
CA THR Q 285 -50.45 6.24 58.13
C THR Q 285 -49.35 5.29 58.62
N VAL Q 286 -49.51 4.82 59.85
CA VAL Q 286 -48.46 4.04 60.53
C VAL Q 286 -48.12 2.68 59.92
N PRO Q 287 -49.01 1.93 59.23
CA PRO Q 287 -48.55 0.65 58.68
C PRO Q 287 -47.52 0.80 57.57
N GLU Q 288 -47.62 1.86 56.76
CA GLU Q 288 -46.59 2.11 55.76
C GLU Q 288 -45.29 2.59 56.42
N LEU Q 289 -45.39 3.19 57.62
CA LEU Q 289 -44.19 3.56 58.37
C LEU Q 289 -43.60 2.38 59.10
N THR Q 290 -44.43 1.46 59.61
CA THR Q 290 -43.93 0.35 60.40
C THR Q 290 -43.13 -0.63 59.53
N GLN Q 291 -43.62 -0.90 58.32
CA GLN Q 291 -42.88 -1.77 57.42
C GLN Q 291 -41.56 -1.15 56.98
N GLN Q 292 -41.47 0.18 56.97
CA GLN Q 292 -40.21 0.85 56.67
C GLN Q 292 -39.25 0.84 57.85
N MET Q 293 -39.78 0.84 59.08
CA MET Q 293 -38.92 0.84 60.26
C MET Q 293 -38.16 -0.47 60.39
N PHE Q 294 -38.87 -1.60 60.34
CA PHE Q 294 -38.27 -2.91 60.48
C PHE Q 294 -37.71 -3.45 59.16
N ASP Q 295 -37.62 -2.63 58.11
CA ASP Q 295 -37.06 -3.08 56.85
C ASP Q 295 -35.57 -3.36 56.99
N SER Q 296 -35.11 -4.41 56.31
CA SER Q 296 -33.70 -4.78 56.36
C SER Q 296 -32.78 -3.73 55.77
N LYS Q 297 -33.26 -2.96 54.78
CA LYS Q 297 -32.45 -1.99 54.05
C LYS Q 297 -32.62 -0.56 54.55
N ASN Q 298 -33.54 -0.31 55.49
CA ASN Q 298 -33.81 1.05 55.95
C ASN Q 298 -32.78 1.54 56.97
N MET Q 299 -32.21 0.64 57.76
CA MET Q 299 -31.36 1.03 58.87
C MET Q 299 -30.02 1.59 58.36
N MET Q 300 -29.35 2.34 59.25
CA MET Q 300 -28.06 2.96 58.96
C MET Q 300 -26.88 2.09 59.39
N ALA Q 301 -27.05 0.76 59.36
CA ALA Q 301 -25.97 -0.20 59.53
C ALA Q 301 -26.07 -1.24 58.43
N ALA Q 302 -24.91 -1.65 57.91
CA ALA Q 302 -24.86 -2.58 56.79
C ALA Q 302 -25.11 -4.03 57.19
N CYS Q 303 -25.25 -4.34 58.48
CA CYS Q 303 -25.51 -5.70 58.91
C CYS Q 303 -26.96 -6.07 58.61
N ASP Q 304 -27.15 -7.16 57.88
CA ASP Q 304 -28.49 -7.59 57.50
C ASP Q 304 -29.13 -8.31 58.68
N PRO Q 305 -30.29 -7.85 59.21
CA PRO Q 305 -30.83 -8.51 60.40
C PRO Q 305 -31.40 -9.90 60.13
N ARG Q 306 -31.73 -10.23 58.88
CA ARG Q 306 -32.26 -11.54 58.57
C ARG Q 306 -31.25 -12.66 58.78
N HIS Q 307 -29.95 -12.36 58.75
CA HIS Q 307 -28.92 -13.34 59.06
C HIS Q 307 -28.77 -13.63 60.55
N GLY Q 308 -29.53 -12.95 61.42
CA GLY Q 308 -29.50 -13.19 62.85
C GLY Q 308 -30.87 -13.09 63.47
N ARG Q 309 -30.92 -12.73 64.77
CA ARG Q 309 -32.16 -12.61 65.52
C ARG Q 309 -32.09 -11.38 66.42
N TYR Q 310 -33.19 -10.63 66.46
CA TYR Q 310 -33.23 -9.41 67.27
C TYR Q 310 -33.26 -9.76 68.75
N LEU Q 311 -32.33 -9.19 69.51
CA LEU Q 311 -32.35 -9.34 70.96
C LEU Q 311 -33.45 -8.49 71.58
N THR Q 312 -33.54 -7.22 71.17
CA THR Q 312 -34.55 -6.32 71.69
C THR Q 312 -34.53 -5.06 70.84
N VAL Q 313 -35.71 -4.46 70.67
CA VAL Q 313 -35.93 -3.36 69.75
C VAL Q 313 -36.85 -2.35 70.41
N ALA Q 314 -36.68 -1.07 70.05
CA ALA Q 314 -37.48 0.04 70.57
C ALA Q 314 -37.84 0.96 69.42
N ALA Q 315 -39.05 1.51 69.46
CA ALA Q 315 -39.54 2.44 68.44
C ALA Q 315 -40.24 3.60 69.16
N ILE Q 316 -39.65 4.79 69.06
CA ILE Q 316 -40.18 6.00 69.68
C ILE Q 316 -40.86 6.79 68.58
N PHE Q 317 -42.20 6.79 68.59
CA PHE Q 317 -42.99 7.51 67.60
C PHE Q 317 -43.08 8.98 67.97
N ARG Q 318 -43.56 9.78 67.00
CA ARG Q 318 -43.74 11.21 67.18
C ARG Q 318 -44.98 11.66 66.41
N GLY Q 319 -45.74 12.57 67.02
CA GLY Q 319 -46.93 13.14 66.41
C GLY Q 319 -48.22 12.54 66.95
N ARG Q 320 -49.32 13.27 66.79
CA ARG Q 320 -50.62 12.80 67.25
C ARG Q 320 -51.07 11.65 66.36
N MET Q 321 -51.37 10.51 66.97
CA MET Q 321 -51.74 9.30 66.24
C MET Q 321 -52.60 8.42 67.13
N SER Q 322 -53.14 7.36 66.54
CA SER Q 322 -53.99 6.40 67.23
C SER Q 322 -53.14 5.26 67.77
N MET Q 323 -53.36 4.90 69.03
CA MET Q 323 -52.52 3.92 69.70
C MET Q 323 -52.83 2.50 69.27
N LYS Q 324 -54.09 2.21 68.91
CA LYS Q 324 -54.45 0.86 68.52
C LYS Q 324 -53.73 0.44 67.24
N GLU Q 325 -53.74 1.29 66.22
CA GLU Q 325 -52.98 1.02 65.00
C GLU Q 325 -51.48 0.97 65.28
N VAL Q 326 -51.00 1.75 66.25
CA VAL Q 326 -49.58 1.71 66.60
C VAL Q 326 -49.25 0.39 67.29
N ASP Q 327 -50.03 0.02 68.30
CA ASP Q 327 -49.73 -1.17 69.09
C ASP Q 327 -49.92 -2.45 68.28
N GLU Q 328 -50.98 -2.50 67.47
CA GLU Q 328 -51.25 -3.72 66.71
C GLU Q 328 -50.22 -3.94 65.61
N GLN Q 329 -49.58 -2.88 65.12
CA GLN Q 329 -48.51 -3.04 64.14
C GLN Q 329 -47.29 -3.71 64.76
N MET Q 330 -47.07 -3.48 66.05
CA MET Q 330 -45.96 -4.17 66.74
C MET Q 330 -46.26 -5.65 66.94
N LEU Q 331 -47.53 -6.06 66.88
CA LEU Q 331 -47.88 -7.47 67.04
C LEU Q 331 -47.56 -8.26 65.77
N ASN Q 332 -48.13 -7.84 64.64
CA ASN Q 332 -47.96 -8.62 63.41
C ASN Q 332 -46.54 -8.54 62.87
N VAL Q 333 -45.78 -7.49 63.20
CA VAL Q 333 -44.44 -7.37 62.67
C VAL Q 333 -43.48 -8.40 63.26
N GLN Q 334 -43.72 -8.85 64.49
CA GLN Q 334 -42.84 -9.79 65.18
C GLN Q 334 -43.29 -11.24 65.06
N ASN Q 335 -44.59 -11.51 65.04
CA ASN Q 335 -45.07 -12.89 64.99
C ASN Q 335 -44.96 -13.50 63.60
N LYS Q 336 -45.17 -12.69 62.56
CA LYS Q 336 -44.96 -13.16 61.19
C LYS Q 336 -43.50 -13.43 60.88
N ASN Q 337 -42.57 -12.80 61.60
CA ASN Q 337 -41.12 -12.92 61.41
C ASN Q 337 -40.47 -13.48 62.66
N SER Q 338 -41.09 -14.51 63.24
CA SER Q 338 -40.60 -15.12 64.48
C SER Q 338 -39.21 -15.71 64.35
N SER Q 339 -38.79 -16.11 63.15
CA SER Q 339 -37.43 -16.60 62.96
C SER Q 339 -36.40 -15.51 63.21
N TYR Q 340 -36.72 -14.26 62.91
CA TYR Q 340 -35.83 -13.12 63.13
C TYR Q 340 -36.00 -12.48 64.51
N PHE Q 341 -36.60 -13.19 65.47
CA PHE Q 341 -36.74 -12.72 66.84
C PHE Q 341 -36.52 -13.88 67.79
N VAL Q 342 -35.85 -13.59 68.91
CA VAL Q 342 -35.51 -14.64 69.86
C VAL Q 342 -36.76 -15.16 70.56
N GLU Q 343 -36.83 -16.48 70.71
CA GLU Q 343 -37.96 -17.13 71.37
C GLU Q 343 -37.87 -17.11 72.88
N TRP Q 344 -36.69 -16.88 73.46
CA TRP Q 344 -36.51 -16.78 74.91
C TRP Q 344 -36.83 -15.40 75.47
N ILE Q 345 -37.50 -14.54 74.71
CA ILE Q 345 -38.07 -13.29 75.20
C ILE Q 345 -39.47 -13.20 74.61
N PRO Q 346 -40.53 -12.95 75.42
CA PRO Q 346 -41.87 -12.99 74.82
C PRO Q 346 -42.19 -11.79 73.96
N ASN Q 347 -41.68 -10.61 74.33
CA ASN Q 347 -41.94 -9.36 73.62
C ASN Q 347 -40.66 -8.56 73.54
N ASN Q 348 -40.12 -8.41 72.33
CA ASN Q 348 -38.88 -7.69 72.09
C ASN Q 348 -39.07 -6.21 71.81
N VAL Q 349 -40.30 -5.75 71.59
CA VAL Q 349 -40.56 -4.38 71.13
C VAL Q 349 -40.84 -3.50 72.33
N LYS Q 350 -40.34 -2.25 72.28
CA LYS Q 350 -40.60 -1.21 73.25
C LYS Q 350 -41.26 -0.04 72.54
N THR Q 351 -42.36 0.46 73.10
CA THR Q 351 -43.20 1.47 72.48
C THR Q 351 -43.06 2.81 73.20
N ALA Q 352 -43.22 3.89 72.44
CA ALA Q 352 -43.20 5.24 72.96
C ALA Q 352 -43.70 6.18 71.88
N VAL Q 353 -44.36 7.26 72.29
CA VAL Q 353 -44.98 8.20 71.38
C VAL Q 353 -44.95 9.59 72.00
N CYS Q 354 -44.94 10.62 71.15
CA CYS Q 354 -44.98 12.01 71.56
C CYS Q 354 -46.05 12.75 70.76
N ASP Q 355 -46.55 13.84 71.36
CA ASP Q 355 -47.62 14.63 70.76
C ASP Q 355 -47.13 15.78 69.89
N ILE Q 356 -45.83 16.03 69.81
CA ILE Q 356 -45.25 17.20 69.13
C ILE Q 356 -44.31 16.68 68.04
N PRO Q 357 -44.74 16.55 66.77
CA PRO Q 357 -43.84 15.97 65.76
C PRO Q 357 -42.81 16.98 65.30
N PRO Q 358 -41.87 16.59 64.43
CA PRO Q 358 -40.94 17.56 63.87
C PRO Q 358 -41.66 18.59 63.01
N ARG Q 359 -40.97 19.71 62.79
CA ARG Q 359 -41.51 20.77 61.95
C ARG Q 359 -41.45 20.34 60.49
N GLY Q 360 -42.58 20.46 59.79
CA GLY Q 360 -42.69 20.05 58.41
C GLY Q 360 -43.18 18.64 58.19
N LEU Q 361 -43.30 17.82 59.24
CA LEU Q 361 -43.79 16.46 59.16
C LEU Q 361 -44.81 16.23 60.27
N LYS Q 362 -45.91 15.55 59.91
CA LYS Q 362 -46.99 15.24 60.84
C LYS Q 362 -46.84 13.89 61.52
N MET Q 363 -46.14 12.95 60.89
CA MET Q 363 -45.94 11.59 61.40
C MET Q 363 -44.49 11.20 61.21
N SER Q 364 -43.87 10.65 62.27
CA SER Q 364 -42.49 10.23 62.19
C SER Q 364 -42.19 9.33 63.38
N ALA Q 365 -41.06 8.62 63.27
CA ALA Q 365 -40.62 7.70 64.31
C ALA Q 365 -39.14 7.42 64.10
N THR Q 366 -38.52 6.86 65.13
CA THR Q 366 -37.11 6.45 65.11
C THR Q 366 -37.00 5.00 65.54
N PHE Q 367 -36.21 4.24 64.79
CA PHE Q 367 -36.03 2.82 65.00
C PHE Q 367 -34.72 2.60 65.76
N ILE Q 368 -34.81 1.87 66.87
CA ILE Q 368 -33.67 1.57 67.73
C ILE Q 368 -33.69 0.06 67.96
N GLY Q 369 -32.63 -0.63 67.51
CA GLY Q 369 -32.57 -2.08 67.52
C GLY Q 369 -31.24 -2.63 67.99
N ASN Q 370 -31.29 -3.56 68.94
CA ASN Q 370 -30.13 -4.35 69.37
C ASN Q 370 -30.31 -5.75 68.80
N SER Q 371 -29.53 -6.07 67.76
CA SER Q 371 -29.63 -7.33 67.03
C SER Q 371 -28.29 -8.04 67.05
N THR Q 372 -28.36 -9.36 66.90
CA THR Q 372 -27.16 -10.20 66.81
C THR Q 372 -26.48 -10.13 65.46
N ALA Q 373 -27.07 -9.45 64.46
CA ALA Q 373 -26.40 -9.27 63.18
C ALA Q 373 -25.20 -8.33 63.27
N ILE Q 374 -25.09 -7.53 64.34
CA ILE Q 374 -23.97 -6.60 64.50
C ILE Q 374 -22.63 -7.31 64.63
N GLN Q 375 -22.62 -8.60 65.00
CA GLN Q 375 -21.36 -9.34 65.07
C GLN Q 375 -20.68 -9.48 63.72
N GLU Q 376 -21.43 -9.37 62.61
CA GLU Q 376 -20.82 -9.39 61.29
C GLU Q 376 -19.87 -8.19 61.12
N LEU Q 377 -20.23 -7.05 61.69
CA LEU Q 377 -19.33 -5.90 61.68
C LEU Q 377 -18.11 -6.17 62.55
N PHE Q 378 -18.32 -6.78 63.72
CA PHE Q 378 -17.20 -7.14 64.59
C PHE Q 378 -16.37 -8.26 63.98
N LYS Q 379 -16.98 -9.10 63.14
CA LYS Q 379 -16.21 -10.13 62.43
C LYS Q 379 -15.22 -9.49 61.45
N ARG Q 380 -15.72 -8.65 60.54
CA ARG Q 380 -14.87 -8.08 59.51
C ARG Q 380 -13.87 -7.09 60.10
N ILE Q 381 -14.26 -6.37 61.16
CA ILE Q 381 -13.33 -5.45 61.81
C ILE Q 381 -12.24 -6.24 62.53
N SER Q 382 -12.58 -7.39 63.12
CA SER Q 382 -11.59 -8.20 63.81
C SER Q 382 -10.62 -8.84 62.83
N GLU Q 383 -11.11 -9.28 61.67
CA GLU Q 383 -10.24 -9.90 60.68
C GLU Q 383 -9.29 -8.87 60.07
N GLN Q 384 -9.75 -7.64 59.88
CA GLN Q 384 -8.86 -6.59 59.39
C GLN Q 384 -7.80 -6.23 60.42
N PHE Q 385 -8.16 -6.27 61.71
CA PHE Q 385 -7.18 -6.01 62.76
C PHE Q 385 -6.20 -7.16 62.90
N THR Q 386 -6.70 -8.40 62.86
CA THR Q 386 -5.82 -9.55 62.99
C THR Q 386 -4.94 -9.71 61.75
N ALA Q 387 -5.43 -9.31 60.58
CA ALA Q 387 -4.62 -9.40 59.36
C ALA Q 387 -3.43 -8.46 59.39
N MET Q 388 -3.58 -7.27 59.98
CA MET Q 388 -2.49 -6.30 60.08
C MET Q 388 -1.66 -6.47 61.34
N PHE Q 389 -2.24 -7.01 62.41
CA PHE Q 389 -1.54 -7.19 63.68
C PHE Q 389 -0.64 -8.42 63.69
N ARG Q 390 -0.93 -9.43 62.88
CA ARG Q 390 -0.19 -10.70 62.96
C ARG Q 390 1.26 -10.56 62.51
N ARG Q 391 1.61 -9.51 61.76
CA ARG Q 391 2.99 -9.16 61.44
C ARG Q 391 3.42 -7.80 62.00
N LYS Q 392 2.66 -7.25 62.96
CA LYS Q 392 3.03 -6.01 63.65
C LYS Q 392 3.13 -4.83 62.68
N ALA Q 393 2.20 -4.76 61.73
CA ALA Q 393 2.17 -3.66 60.78
C ALA Q 393 1.57 -2.41 61.41
N PHE Q 394 2.21 -1.27 61.15
CA PHE Q 394 1.74 0.04 61.59
C PHE Q 394 1.64 0.14 63.12
N LEU Q 395 2.52 -0.56 63.84
CA LEU Q 395 2.57 -0.53 65.29
C LEU Q 395 3.73 0.29 65.85
N HIS Q 396 4.78 0.51 65.05
CA HIS Q 396 5.95 1.23 65.58
C HIS Q 396 5.64 2.70 65.87
N TRP Q 397 4.66 3.28 65.17
CA TRP Q 397 4.23 4.63 65.49
C TRP Q 397 3.53 4.69 66.85
N TYR Q 398 2.78 3.64 67.20
CA TYR Q 398 2.08 3.62 68.48
C TYR Q 398 3.05 3.43 69.64
N THR Q 399 4.12 2.66 69.43
CA THR Q 399 5.12 2.44 70.47
C THR Q 399 5.92 3.69 70.80
N GLY Q 400 5.98 4.67 69.88
CA GLY Q 400 6.67 5.91 70.15
C GLY Q 400 6.10 6.69 71.31
N GLU Q 401 4.78 6.60 71.53
CA GLU Q 401 4.11 7.25 72.65
C GLU Q 401 4.11 6.40 73.92
N GLY Q 402 4.92 5.34 73.99
CA GLY Q 402 4.97 4.50 75.17
C GLY Q 402 3.90 3.43 75.25
N MET Q 403 3.19 3.14 74.16
CA MET Q 403 2.14 2.14 74.16
C MET Q 403 2.74 0.76 73.94
N ASP Q 404 2.20 -0.22 74.67
CA ASP Q 404 2.66 -1.61 74.62
C ASP Q 404 1.80 -2.40 73.64
N GLU Q 405 2.45 -3.39 73.01
CA GLU Q 405 1.76 -4.28 72.08
C GLU Q 405 0.79 -5.23 72.78
N MET Q 406 0.95 -5.45 74.09
CA MET Q 406 0.01 -6.30 74.81
C MET Q 406 -1.38 -5.68 74.86
N GLU Q 407 -1.45 -4.35 74.90
CA GLU Q 407 -2.76 -3.68 74.90
C GLU Q 407 -3.51 -3.92 73.61
N PHE Q 408 -2.80 -4.05 72.49
CA PHE Q 408 -3.44 -4.47 71.25
C PHE Q 408 -3.95 -5.90 71.36
N THR Q 409 -3.20 -6.77 72.04
CA THR Q 409 -3.66 -8.14 72.24
C THR Q 409 -4.82 -8.18 73.22
N GLU Q 410 -4.78 -7.34 74.26
CA GLU Q 410 -5.90 -7.24 75.18
C GLU Q 410 -7.14 -6.69 74.50
N ALA Q 411 -6.96 -5.72 73.59
CA ALA Q 411 -8.09 -5.26 72.78
C ALA Q 411 -8.58 -6.37 71.86
N GLU Q 412 -7.65 -7.21 71.37
CA GLU Q 412 -8.06 -8.34 70.54
C GLU Q 412 -8.79 -9.39 71.36
N SER Q 413 -8.42 -9.54 72.64
CA SER Q 413 -9.13 -10.49 73.50
C SER Q 413 -10.56 -10.03 73.74
N ASN Q 414 -10.77 -8.72 73.91
CA ASN Q 414 -12.11 -8.19 74.07
C ASN Q 414 -12.93 -8.34 72.80
N MET Q 415 -12.28 -8.33 71.62
CA MET Q 415 -13.03 -8.36 70.36
C MET Q 415 -13.71 -9.70 70.15
N ASN Q 416 -12.95 -10.80 70.27
CA ASN Q 416 -13.55 -12.11 70.11
C ASN Q 416 -14.51 -12.45 71.24
N ASP Q 417 -14.33 -11.85 72.43
CA ASP Q 417 -15.25 -12.12 73.53
C ASP Q 417 -16.63 -11.56 73.24
N LEU Q 418 -16.72 -10.27 72.88
CA LEU Q 418 -18.02 -9.69 72.57
C LEU Q 418 -18.61 -10.28 71.30
N VAL Q 419 -17.77 -10.75 70.37
CA VAL Q 419 -18.26 -11.48 69.21
C VAL Q 419 -18.92 -12.77 69.65
N SER Q 420 -18.24 -13.53 70.51
CA SER Q 420 -18.80 -14.78 71.01
C SER Q 420 -20.00 -14.53 71.93
N GLU Q 421 -20.06 -13.36 72.57
CA GLU Q 421 -21.22 -13.05 73.40
C GLU Q 421 -22.48 -12.90 72.56
N TYR Q 422 -22.39 -12.19 71.43
CA TYR Q 422 -23.51 -12.10 70.51
C TYR Q 422 -23.85 -13.45 69.89
N GLN Q 423 -22.85 -14.32 69.69
CA GLN Q 423 -23.10 -15.65 69.14
C GLN Q 423 -23.77 -16.57 70.15
N GLN Q 424 -23.61 -16.29 71.45
CA GLN Q 424 -24.27 -17.10 72.48
C GLN Q 424 -25.79 -16.99 72.36
N TYR Q 425 -26.30 -15.78 72.11
CA TYR Q 425 -27.73 -15.49 72.08
C TYR Q 425 -28.29 -15.47 70.66
N GLN Q 426 -27.79 -16.33 69.78
CA GLN Q 426 -28.31 -16.50 68.43
C GLN Q 426 -28.47 -17.99 68.11
N ALA R 28 -5.69 -33.14 84.93
CA ALA R 28 -6.32 -32.70 83.69
C ALA R 28 -7.64 -31.99 83.98
N GLU R 29 -8.48 -32.64 84.78
CA GLU R 29 -9.78 -32.11 85.19
C GLU R 29 -10.05 -32.53 86.63
N CYS R 30 -10.29 -31.55 87.50
CA CYS R 30 -10.58 -31.76 88.91
C CYS R 30 -11.83 -30.99 89.30
N ASN R 31 -12.73 -31.65 90.02
CA ASN R 31 -13.98 -31.03 90.43
C ASN R 31 -13.73 -30.04 91.57
N ILE R 32 -14.44 -28.92 91.53
CA ILE R 32 -14.33 -27.91 92.57
C ILE R 32 -15.02 -28.44 93.82
N LYS R 33 -14.29 -28.45 94.93
CA LYS R 33 -14.85 -28.96 96.18
C LYS R 33 -15.84 -27.96 96.76
N VAL R 34 -17.07 -28.41 96.99
CA VAL R 34 -18.15 -27.60 97.53
C VAL R 34 -18.44 -28.10 98.93
N MET R 35 -18.17 -27.25 99.92
CA MET R 35 -18.42 -27.53 101.34
C MET R 35 -19.35 -26.48 101.91
N CYS R 36 -20.02 -26.83 103.01
CA CYS R 36 -21.00 -25.99 103.68
C CYS R 36 -20.65 -25.88 105.16
N ARG R 37 -21.03 -24.74 105.76
CA ARG R 37 -20.81 -24.49 107.18
C ARG R 37 -21.99 -23.69 107.72
N PHE R 38 -22.59 -24.19 108.80
CA PHE R 38 -23.57 -23.45 109.59
C PHE R 38 -22.92 -23.00 110.89
N ARG R 39 -23.43 -21.90 111.45
CA ARG R 39 -22.92 -21.26 112.66
C ARG R 39 -23.95 -21.32 113.78
N PRO R 40 -23.58 -20.94 115.01
CA PRO R 40 -24.61 -20.76 116.04
C PRO R 40 -25.41 -19.49 115.80
N LEU R 41 -26.53 -19.38 116.51
CA LEU R 41 -27.37 -18.20 116.41
C LEU R 41 -26.74 -17.04 117.17
N ASN R 42 -26.65 -15.89 116.51
CA ASN R 42 -26.04 -14.71 117.10
C ASN R 42 -27.06 -14.03 118.03
N GLU R 43 -26.70 -12.85 118.54
CA GLU R 43 -27.55 -12.18 119.53
C GLU R 43 -28.82 -11.64 118.92
N SER R 44 -28.80 -11.22 117.65
CA SER R 44 -29.97 -10.63 117.01
C SER R 44 -31.03 -11.64 116.61
N GLU R 45 -30.70 -12.94 116.55
CA GLU R 45 -31.63 -13.98 116.14
C GLU R 45 -32.27 -14.72 117.31
N VAL R 46 -31.53 -14.97 118.39
CA VAL R 46 -32.10 -15.72 119.51
C VAL R 46 -33.17 -14.91 120.23
N ASN R 47 -33.01 -13.59 120.32
CA ASN R 47 -34.02 -12.76 120.98
C ASN R 47 -35.29 -12.61 120.14
N ARG R 48 -35.18 -12.71 118.81
CA ARG R 48 -36.36 -12.64 117.97
C ARG R 48 -37.18 -13.93 118.05
N GLY R 49 -36.50 -15.07 118.20
CA GLY R 49 -37.15 -16.35 118.41
C GLY R 49 -37.14 -17.24 117.17
N ASP R 50 -36.05 -17.19 116.42
CA ASP R 50 -35.93 -18.02 115.22
C ASP R 50 -35.63 -19.46 115.59
N LYS R 51 -36.21 -20.38 114.83
CA LYS R 51 -36.06 -21.81 115.09
C LYS R 51 -34.84 -22.36 114.34
N TYR R 52 -34.17 -23.33 114.95
CA TYR R 52 -32.96 -23.92 114.40
C TYR R 52 -33.36 -24.97 113.36
N ILE R 53 -33.42 -24.55 112.09
CA ILE R 53 -33.87 -25.43 111.01
C ILE R 53 -32.76 -26.31 110.44
N ALA R 54 -31.49 -26.07 110.81
CA ALA R 54 -30.38 -26.80 110.21
C ALA R 54 -30.39 -28.24 110.72
N LYS R 55 -30.64 -29.19 109.80
CA LYS R 55 -30.65 -30.61 110.08
C LYS R 55 -29.58 -31.28 109.23
N PHE R 56 -28.63 -31.95 109.90
CA PHE R 56 -27.50 -32.60 109.26
C PHE R 56 -27.72 -34.09 109.20
N GLN R 57 -27.25 -34.70 108.10
CA GLN R 57 -27.32 -36.15 107.88
C GLN R 57 -25.94 -36.58 107.40
N GLY R 58 -25.10 -37.02 108.35
CA GLY R 58 -23.74 -37.36 108.00
C GLY R 58 -22.91 -36.12 107.69
N GLU R 59 -21.85 -36.32 106.91
CA GLU R 59 -20.92 -35.26 106.54
C GLU R 59 -21.18 -34.69 105.16
N ASP R 60 -21.65 -35.50 104.22
CA ASP R 60 -21.73 -35.08 102.81
C ASP R 60 -22.99 -34.28 102.50
N THR R 61 -24.13 -34.63 103.10
CA THR R 61 -25.43 -34.07 102.76
C THR R 61 -26.05 -33.39 103.99
N VAL R 62 -26.90 -32.41 103.73
CA VAL R 62 -27.63 -31.68 104.76
C VAL R 62 -29.09 -31.57 104.32
N VAL R 63 -30.00 -31.67 105.30
CA VAL R 63 -31.44 -31.64 105.07
C VAL R 63 -31.96 -30.28 105.55
N ILE R 64 -32.73 -29.61 104.71
CA ILE R 64 -33.35 -28.33 105.02
C ILE R 64 -34.77 -28.36 104.50
N ALA R 65 -35.74 -28.32 105.42
CA ALA R 65 -37.17 -28.32 105.09
C ALA R 65 -37.54 -29.60 104.33
N SER R 66 -37.00 -30.73 104.79
CA SER R 66 -37.25 -32.04 104.19
C SER R 66 -36.79 -32.10 102.73
N LYS R 67 -35.63 -31.49 102.45
CA LYS R 67 -35.01 -31.47 101.14
C LYS R 67 -33.51 -31.75 101.30
N PRO R 68 -32.98 -32.91 100.87
CA PRO R 68 -31.53 -33.10 100.98
C PRO R 68 -30.77 -32.26 99.97
N TYR R 69 -29.56 -31.84 100.37
CA TYR R 69 -28.64 -31.10 99.52
C TYR R 69 -27.26 -31.73 99.69
N ALA R 70 -26.81 -32.46 98.66
CA ALA R 70 -25.55 -33.20 98.73
C ALA R 70 -24.37 -32.27 98.50
N PHE R 71 -23.35 -32.41 99.34
CA PHE R 71 -22.10 -31.67 99.22
C PHE R 71 -20.94 -32.62 99.51
N ASP R 72 -19.70 -32.09 99.52
CA ASP R 72 -18.54 -32.90 99.86
C ASP R 72 -18.37 -33.03 101.37
N ARG R 73 -18.52 -31.94 102.10
CA ARG R 73 -18.36 -31.93 103.55
C ARG R 73 -19.14 -30.77 104.12
N VAL R 74 -20.08 -31.06 105.03
CA VAL R 74 -20.89 -30.06 105.72
C VAL R 74 -20.37 -29.93 107.13
N PHE R 75 -20.09 -28.70 107.56
CA PHE R 75 -19.60 -28.40 108.90
C PHE R 75 -20.76 -27.93 109.77
N GLN R 76 -20.85 -28.46 110.98
CA GLN R 76 -21.93 -28.15 111.89
C GLN R 76 -21.59 -26.88 112.69
N SER R 77 -22.49 -26.47 113.58
CA SER R 77 -22.28 -25.25 114.35
C SER R 77 -21.17 -25.42 115.38
N SER R 78 -20.98 -26.62 115.91
CA SER R 78 -19.94 -26.88 116.89
C SER R 78 -18.54 -27.00 116.30
N THR R 79 -18.39 -26.91 114.97
CA THR R 79 -17.08 -27.01 114.36
C THR R 79 -16.26 -25.77 114.67
N SER R 80 -15.11 -25.96 115.32
CA SER R 80 -14.26 -24.85 115.70
C SER R 80 -13.49 -24.32 114.50
N GLN R 81 -12.68 -23.28 114.72
CA GLN R 81 -11.94 -22.66 113.63
C GLN R 81 -10.84 -23.59 113.11
N GLU R 82 -10.14 -24.29 114.01
CA GLU R 82 -9.07 -25.17 113.59
C GLU R 82 -9.61 -26.40 112.85
N GLN R 83 -10.80 -26.87 113.24
CA GLN R 83 -11.37 -28.06 112.60
C GLN R 83 -11.76 -27.78 111.15
N VAL R 84 -12.25 -26.58 110.85
CA VAL R 84 -12.63 -26.26 109.48
C VAL R 84 -11.40 -26.15 108.60
N TYR R 85 -10.30 -25.59 109.14
CA TYR R 85 -9.10 -25.39 108.35
C TYR R 85 -8.45 -26.72 107.97
N ASN R 86 -8.36 -27.65 108.93
CA ASN R 86 -7.74 -28.94 108.68
C ASN R 86 -8.54 -29.79 107.69
N ASP R 87 -9.85 -29.57 107.60
CA ASP R 87 -10.71 -30.36 106.71
C ASP R 87 -10.78 -29.80 105.30
N CYS R 88 -10.81 -28.47 105.15
CA CYS R 88 -11.06 -27.84 103.87
C CYS R 88 -9.77 -27.47 103.13
N ALA R 89 -8.95 -26.60 103.72
CA ALA R 89 -7.81 -25.98 103.04
C ALA R 89 -6.47 -26.59 103.45
N LYS R 90 -6.47 -27.82 103.99
CA LYS R 90 -5.22 -28.46 104.36
C LYS R 90 -4.48 -28.98 103.12
N LYS R 91 -5.17 -29.70 102.25
CA LYS R 91 -4.56 -30.23 101.04
C LYS R 91 -4.30 -29.15 100.00
N ILE R 92 -5.01 -28.01 100.07
CA ILE R 92 -4.80 -26.94 99.10
C ILE R 92 -3.42 -26.32 99.28
N VAL R 93 -2.88 -26.32 100.50
CA VAL R 93 -1.53 -25.82 100.73
C VAL R 93 -0.51 -26.72 100.02
N LYS R 94 -0.78 -28.02 99.98
CA LYS R 94 0.10 -28.93 99.26
C LYS R 94 -0.06 -28.80 97.76
N ASP R 95 -1.28 -28.53 97.28
CA ASP R 95 -1.52 -28.46 95.85
C ASP R 95 -0.91 -27.19 95.24
N VAL R 96 -1.04 -26.06 95.93
CA VAL R 96 -0.52 -24.80 95.41
C VAL R 96 1.01 -24.76 95.42
N LEU R 97 1.66 -25.49 96.32
CA LEU R 97 3.11 -25.60 96.34
C LEU R 97 3.65 -26.64 95.37
N GLU R 98 2.82 -27.59 94.92
CA GLU R 98 3.26 -28.57 93.93
C GLU R 98 3.56 -27.95 92.57
N GLY R 99 2.92 -26.82 92.25
CA GLY R 99 3.11 -26.15 90.98
C GLY R 99 1.84 -25.53 90.43
N TYR R 100 0.68 -26.01 90.87
CA TYR R 100 -0.60 -25.50 90.40
C TYR R 100 -0.96 -24.24 91.17
N ASN R 101 -2.07 -23.62 90.77
CA ASN R 101 -2.61 -22.43 91.41
C ASN R 101 -3.64 -22.82 92.46
N GLY R 102 -4.06 -21.84 93.26
CA GLY R 102 -5.05 -22.06 94.29
C GLY R 102 -5.93 -20.85 94.47
N THR R 103 -7.18 -21.10 94.85
CA THR R 103 -8.14 -20.03 95.09
C THR R 103 -9.23 -20.56 96.01
N ILE R 104 -9.54 -19.81 97.06
CA ILE R 104 -10.60 -20.12 98.00
C ILE R 104 -11.40 -18.85 98.26
N PHE R 105 -12.73 -18.98 98.24
CA PHE R 105 -13.63 -17.85 98.47
C PHE R 105 -14.90 -18.34 99.12
N ALA R 106 -15.63 -17.42 99.74
CA ALA R 106 -16.81 -17.70 100.55
C ALA R 106 -18.00 -16.95 99.98
N TYR R 107 -19.09 -17.67 99.75
CA TYR R 107 -20.35 -17.11 99.25
C TYR R 107 -21.43 -17.28 100.32
N GLY R 108 -22.29 -16.28 100.44
CA GLY R 108 -23.36 -16.32 101.41
C GLY R 108 -23.93 -14.94 101.65
N GLN R 109 -24.89 -14.89 102.56
CA GLN R 109 -25.60 -13.68 102.93
C GLN R 109 -24.93 -13.01 104.14
N THR R 110 -25.38 -11.79 104.45
CA THR R 110 -24.83 -11.06 105.57
C THR R 110 -25.13 -11.76 106.89
N SER R 111 -24.17 -11.71 107.81
CA SER R 111 -24.21 -12.38 109.11
C SER R 111 -24.18 -13.90 109.00
N SER R 112 -23.79 -14.46 107.84
CA SER R 112 -23.71 -15.90 107.69
C SER R 112 -22.44 -16.49 108.29
N GLY R 113 -21.39 -15.69 108.48
CA GLY R 113 -20.15 -16.12 109.11
C GLY R 113 -19.01 -16.28 108.12
N LYS R 114 -18.95 -15.39 107.13
CA LYS R 114 -17.86 -15.42 106.15
C LYS R 114 -16.62 -14.70 106.66
N THR R 115 -16.80 -13.55 107.32
CA THR R 115 -15.65 -12.83 107.87
C THR R 115 -15.01 -13.58 109.02
N HIS R 116 -15.83 -14.13 109.93
CA HIS R 116 -15.29 -14.88 111.05
C HIS R 116 -14.61 -16.16 110.60
N THR R 117 -15.08 -16.76 109.50
CA THR R 117 -14.47 -17.98 109.00
C THR R 117 -13.06 -17.73 108.48
N MET R 118 -12.88 -16.65 107.71
CA MET R 118 -11.60 -16.34 107.09
C MET R 118 -10.74 -15.42 107.97
N GLU R 119 -11.31 -14.32 108.46
CA GLU R 119 -10.55 -13.36 109.25
C GLU R 119 -10.55 -13.75 110.73
N GLY R 120 -11.74 -13.86 111.33
CA GLY R 120 -11.82 -14.16 112.75
C GLY R 120 -11.21 -13.06 113.61
N LYS R 121 -10.44 -13.47 114.61
CA LYS R 121 -9.62 -12.59 115.43
C LYS R 121 -8.18 -13.08 115.31
N LEU R 122 -7.36 -12.30 114.60
CA LEU R 122 -6.07 -12.81 114.11
C LEU R 122 -5.08 -13.07 115.25
N HIS R 123 -5.10 -12.25 116.30
CA HIS R 123 -4.07 -12.31 117.33
C HIS R 123 -4.26 -13.46 118.31
N ASP R 124 -5.42 -14.14 118.31
CA ASP R 124 -5.69 -15.26 119.21
C ASP R 124 -5.28 -16.58 118.57
N PRO R 125 -4.82 -17.61 119.29
CA PRO R 125 -4.53 -18.89 118.61
C PRO R 125 -5.77 -19.61 118.11
N GLU R 126 -6.85 -19.62 118.89
CA GLU R 126 -8.06 -20.37 118.56
C GLU R 126 -9.01 -19.57 117.68
N GLY R 127 -9.29 -18.32 118.03
CA GLY R 127 -10.24 -17.51 117.29
C GLY R 127 -9.78 -17.01 115.94
N MET R 128 -8.54 -17.27 115.54
CA MET R 128 -8.07 -16.82 114.24
C MET R 128 -8.70 -17.65 113.13
N GLY R 129 -8.99 -16.98 112.02
CA GLY R 129 -9.65 -17.61 110.89
C GLY R 129 -8.70 -18.39 110.02
N ILE R 130 -8.96 -18.38 108.71
CA ILE R 130 -8.24 -19.22 107.77
C ILE R 130 -6.99 -18.51 107.24
N ILE R 131 -7.11 -17.22 106.93
CA ILE R 131 -6.04 -16.51 106.22
C ILE R 131 -4.75 -16.36 107.04
N PRO R 132 -4.74 -16.33 108.42
CA PRO R 132 -3.44 -16.49 109.10
C PRO R 132 -2.97 -17.94 109.11
N ARG R 133 -3.91 -18.89 109.18
CA ARG R 133 -3.55 -20.30 109.15
C ARG R 133 -2.95 -20.69 107.80
N ILE R 134 -3.41 -20.07 106.71
CA ILE R 134 -2.82 -20.31 105.40
C ILE R 134 -1.39 -19.79 105.38
N VAL R 135 -1.16 -18.63 106.00
CA VAL R 135 0.19 -18.05 106.03
C VAL R 135 1.12 -18.91 106.87
N GLN R 136 0.64 -19.36 108.03
CA GLN R 136 1.50 -20.12 108.95
C GLN R 136 1.87 -21.48 108.37
N ASP R 137 0.95 -22.11 107.64
CA ASP R 137 1.24 -23.43 107.08
C ASP R 137 2.26 -23.34 105.95
N ILE R 138 2.26 -22.25 105.19
CA ILE R 138 3.20 -22.10 104.09
C ILE R 138 4.63 -21.97 104.62
N PHE R 139 4.83 -21.12 105.64
CA PHE R 139 6.15 -20.95 106.21
C PHE R 139 6.59 -22.16 107.03
N ASN R 140 5.67 -22.82 107.72
CA ASN R 140 6.01 -24.05 108.42
C ASN R 140 6.39 -25.16 107.46
N TYR R 141 5.78 -25.19 106.27
CA TYR R 141 6.16 -26.18 105.26
C TYR R 141 7.52 -25.87 104.67
N ILE R 142 7.88 -24.59 104.55
CA ILE R 142 9.17 -24.22 103.98
C ILE R 142 10.30 -24.61 104.94
N TYR R 143 10.06 -24.49 106.25
CA TYR R 143 11.07 -24.89 107.22
C TYR R 143 11.30 -26.40 107.20
N SER R 144 10.27 -27.18 106.87
CA SER R 144 10.40 -28.63 106.76
C SER R 144 11.10 -29.05 105.48
N MET R 145 11.06 -28.24 104.42
CA MET R 145 11.75 -28.54 103.18
C MET R 145 13.25 -28.27 103.31
N ASP R 146 14.02 -28.82 102.38
CA ASP R 146 15.45 -28.66 102.38
C ASP R 146 15.85 -27.22 102.07
N GLU R 147 17.10 -26.88 102.38
CA GLU R 147 17.55 -25.50 102.27
C GLU R 147 17.70 -25.06 100.81
N ASN R 148 17.98 -25.98 99.89
CA ASN R 148 18.26 -25.61 98.51
C ASN R 148 17.04 -25.07 97.77
N LEU R 149 15.82 -25.30 98.26
CA LEU R 149 14.62 -24.76 97.64
C LEU R 149 14.45 -23.31 98.06
N GLU R 150 14.75 -22.39 97.15
CA GLU R 150 14.62 -20.96 97.40
C GLU R 150 13.20 -20.51 97.08
N PHE R 151 12.57 -19.83 98.03
CA PHE R 151 11.20 -19.34 97.90
C PHE R 151 11.20 -17.82 97.79
N HIS R 152 10.42 -17.29 96.85
CA HIS R 152 10.23 -15.86 96.65
C HIS R 152 8.74 -15.58 96.73
N ILE R 153 8.29 -15.17 97.92
CA ILE R 153 6.87 -14.91 98.20
C ILE R 153 6.67 -13.41 98.22
N LYS R 154 5.68 -12.94 97.47
CA LYS R 154 5.26 -11.54 97.46
C LYS R 154 3.75 -11.48 97.65
N VAL R 155 3.32 -10.53 98.50
CA VAL R 155 1.93 -10.42 98.93
C VAL R 155 1.31 -9.17 98.30
N SER R 156 0.00 -9.24 98.07
CA SER R 156 -0.77 -8.11 97.56
C SER R 156 -2.14 -8.17 98.19
N TYR R 157 -2.77 -7.00 98.37
CA TYR R 157 -4.05 -6.91 99.06
C TYR R 157 -4.78 -5.67 98.57
N PHE R 158 -5.94 -5.87 97.97
CA PHE R 158 -6.79 -4.78 97.49
C PHE R 158 -8.25 -5.19 97.67
N GLU R 159 -9.15 -4.25 97.39
CA GLU R 159 -10.58 -4.42 97.61
C GLU R 159 -11.35 -3.66 96.55
N ILE R 160 -12.49 -4.21 96.15
CA ILE R 160 -13.32 -3.68 95.07
C ILE R 160 -14.52 -2.99 95.72
N TYR R 161 -14.45 -1.66 95.81
CA TYR R 161 -15.38 -0.85 96.58
C TYR R 161 -15.84 0.33 95.73
N LEU R 162 -17.16 0.46 95.57
CA LEU R 162 -17.78 1.48 94.72
C LEU R 162 -17.23 1.38 93.29
N ASP R 163 -17.27 0.15 92.76
CA ASP R 163 -16.77 -0.25 91.42
C ASP R 163 -15.36 0.29 91.13
N LYS R 164 -14.50 0.34 92.15
CA LYS R 164 -13.11 0.75 92.02
C LYS R 164 -12.23 -0.16 92.86
N ILE R 165 -11.09 -0.55 92.30
CA ILE R 165 -10.15 -1.46 92.97
C ILE R 165 -9.20 -0.56 93.77
N ARG R 166 -9.59 -0.26 95.00
CA ARG R 166 -8.77 0.56 95.89
C ARG R 166 -7.77 -0.33 96.63
N ASP R 167 -6.51 0.10 96.64
CA ASP R 167 -5.45 -0.60 97.35
C ASP R 167 -5.44 -0.14 98.81
N LEU R 168 -5.26 -1.12 99.71
CA LEU R 168 -5.21 -0.87 101.15
C LEU R 168 -3.80 -0.87 101.71
N LEU R 169 -2.83 -1.48 101.02
CA LEU R 169 -1.44 -1.39 101.43
C LEU R 169 -0.87 0.00 101.22
N ASP R 170 -1.39 0.74 100.22
CA ASP R 170 -1.07 2.14 100.00
C ASP R 170 -2.37 2.91 99.78
N VAL R 171 -2.49 4.05 100.48
CA VAL R 171 -3.73 4.83 100.47
C VAL R 171 -3.83 5.78 99.29
N SER R 172 -2.76 6.00 98.54
CA SER R 172 -2.78 6.99 97.46
C SER R 172 -3.65 6.54 96.30
N LYS R 173 -3.28 5.43 95.66
CA LYS R 173 -3.99 4.96 94.48
C LYS R 173 -5.29 4.28 94.88
N THR R 174 -6.37 4.59 94.17
CA THR R 174 -7.72 4.10 94.45
C THR R 174 -8.31 3.22 93.35
N ASN R 175 -7.65 3.10 92.20
CA ASN R 175 -8.14 2.27 91.10
C ASN R 175 -6.96 1.72 90.32
N LEU R 176 -6.93 0.39 90.17
CA LEU R 176 -5.91 -0.33 89.42
C LEU R 176 -6.53 -0.95 88.18
N SER R 177 -5.66 -1.31 87.24
CA SER R 177 -6.04 -1.95 85.98
C SER R 177 -5.80 -3.46 86.09
N VAL R 178 -6.54 -4.22 85.28
CA VAL R 178 -6.45 -5.67 85.21
C VAL R 178 -6.04 -6.02 83.79
N HIS R 179 -4.79 -6.43 83.61
CA HIS R 179 -4.20 -6.74 82.32
C HIS R 179 -3.97 -8.24 82.20
N GLU R 180 -3.71 -8.68 80.98
CA GLU R 180 -3.51 -10.08 80.64
C GLU R 180 -2.01 -10.41 80.59
N ASP R 181 -1.68 -11.63 81.00
CA ASP R 181 -0.32 -12.12 81.03
C ASP R 181 -0.03 -12.82 79.70
N LYS R 182 1.07 -13.60 79.65
CA LYS R 182 1.52 -14.21 78.39
C LYS R 182 0.51 -15.19 77.82
N ASN R 183 -0.18 -15.96 78.67
CA ASN R 183 -1.18 -16.94 78.24
C ASN R 183 -2.61 -16.45 78.43
N ARG R 184 -2.82 -15.13 78.34
CA ARG R 184 -4.16 -14.53 78.31
C ARG R 184 -4.95 -14.77 79.60
N VAL R 185 -4.26 -14.97 80.72
CA VAL R 185 -4.89 -15.10 82.03
C VAL R 185 -4.89 -13.72 82.68
N PRO R 186 -6.05 -13.15 83.04
CA PRO R 186 -6.02 -11.77 83.56
C PRO R 186 -5.48 -11.72 84.99
N TYR R 187 -4.78 -10.63 85.29
CA TYR R 187 -4.28 -10.38 86.64
C TYR R 187 -4.07 -8.89 86.81
N VAL R 188 -3.72 -8.49 88.03
CA VAL R 188 -3.64 -7.08 88.42
C VAL R 188 -2.26 -6.55 88.08
N LYS R 189 -2.21 -5.26 87.74
CA LYS R 189 -0.98 -4.53 87.46
C LYS R 189 -0.93 -3.28 88.33
N GLY R 190 0.28 -2.88 88.72
CA GLY R 190 0.48 -1.69 89.51
C GLY R 190 0.26 -1.84 91.00
N CYS R 191 -0.27 -2.97 91.45
CA CYS R 191 -0.54 -3.15 92.87
C CYS R 191 0.76 -3.26 93.66
N THR R 192 0.67 -2.96 94.95
CA THR R 192 1.84 -2.96 95.83
C THR R 192 2.19 -4.40 96.17
N GLU R 193 3.20 -4.94 95.47
CA GLU R 193 3.69 -6.29 95.70
C GLU R 193 4.84 -6.22 96.71
N ARG R 194 4.50 -6.39 97.99
CA ARG R 194 5.48 -6.32 99.06
C ARG R 194 6.21 -7.65 99.18
N PHE R 195 7.52 -7.64 98.97
CA PHE R 195 8.34 -8.83 99.14
C PHE R 195 8.56 -9.09 100.63
N VAL R 196 8.16 -10.27 101.09
CA VAL R 196 8.17 -10.64 102.50
C VAL R 196 9.19 -11.76 102.71
N CYS R 197 9.74 -11.78 103.92
CA CYS R 197 10.78 -12.74 104.32
C CYS R 197 10.32 -13.67 105.43
N SER R 198 9.80 -13.12 106.54
CA SER R 198 9.38 -13.86 107.73
C SER R 198 7.85 -13.94 107.80
N PRO R 199 7.29 -14.90 108.55
CA PRO R 199 5.83 -14.94 108.66
C PRO R 199 5.24 -13.81 109.49
N ASP R 200 5.99 -13.26 110.44
CA ASP R 200 5.46 -12.19 111.28
C ASP R 200 5.23 -10.92 110.47
N GLU R 201 6.06 -10.66 109.47
CA GLU R 201 5.84 -9.50 108.59
C GLU R 201 4.56 -9.66 107.79
N VAL R 202 4.21 -10.89 107.40
CA VAL R 202 2.96 -11.12 106.69
C VAL R 202 1.77 -10.87 107.60
N MET R 203 1.93 -11.15 108.90
CA MET R 203 0.88 -10.83 109.85
C MET R 203 0.76 -9.31 110.02
N ASP R 204 1.88 -8.59 109.90
CA ASP R 204 1.85 -7.14 110.09
C ASP R 204 1.11 -6.45 108.94
N THR R 205 1.40 -6.82 107.70
CA THR R 205 0.75 -6.17 106.57
C THR R 205 -0.73 -6.57 106.46
N ILE R 206 -1.11 -7.72 107.03
CA ILE R 206 -2.53 -8.08 107.06
C ILE R 206 -3.26 -7.22 108.08
N ASP R 207 -2.62 -6.94 109.21
CA ASP R 207 -3.28 -6.15 110.26
C ASP R 207 -3.52 -4.72 109.82
N GLU R 208 -2.50 -4.08 109.24
CA GLU R 208 -2.68 -2.71 108.75
C GLU R 208 -3.64 -2.66 107.56
N GLY R 209 -3.72 -3.74 106.78
CA GLY R 209 -4.66 -3.76 105.68
C GLY R 209 -6.11 -3.80 106.16
N LYS R 210 -6.38 -4.64 107.16
CA LYS R 210 -7.73 -4.73 107.71
C LYS R 210 -8.14 -3.46 108.44
N SER R 211 -7.17 -2.73 109.01
CA SER R 211 -7.48 -1.45 109.65
C SER R 211 -7.97 -0.40 108.65
N ASN R 212 -7.47 -0.43 107.42
CA ASN R 212 -7.91 0.47 106.37
C ASN R 212 -9.20 0.00 105.67
N ARG R 213 -9.75 -1.15 106.06
CA ARG R 213 -10.94 -1.67 105.40
C ARG R 213 -12.15 -0.85 105.79
N HIS R 214 -12.93 -0.43 104.80
CA HIS R 214 -14.13 0.36 105.04
C HIS R 214 -15.25 -0.55 105.52
N VAL R 215 -15.32 -0.76 106.84
CA VAL R 215 -16.32 -1.60 107.48
C VAL R 215 -17.41 -0.69 108.03
N ALA R 216 -18.63 -0.86 107.53
CA ALA R 216 -19.79 -0.09 107.95
C ALA R 216 -20.60 -0.89 108.95
N VAL R 217 -21.57 -0.21 109.58
CA VAL R 217 -22.45 -0.79 110.59
C VAL R 217 -23.87 -0.83 110.05
N THR R 218 -24.56 -1.94 110.31
CA THR R 218 -25.96 -2.11 109.90
C THR R 218 -26.67 -2.89 111.00
N ASN R 219 -27.97 -3.12 110.79
CA ASN R 219 -28.80 -3.79 111.78
C ASN R 219 -28.49 -5.28 111.91
N MET R 220 -28.02 -5.92 110.84
CA MET R 220 -27.77 -7.36 110.83
C MET R 220 -26.39 -7.75 111.33
N ASN R 221 -25.39 -6.88 111.17
CA ASN R 221 -24.03 -7.19 111.61
C ASN R 221 -23.26 -5.90 111.80
N GLU R 222 -22.74 -5.70 113.01
CA GLU R 222 -21.91 -4.53 113.27
C GLU R 222 -20.61 -4.57 112.48
N HIS R 223 -19.98 -5.74 112.36
CA HIS R 223 -18.74 -5.91 111.60
C HIS R 223 -19.06 -6.38 110.18
N SER R 224 -19.85 -5.57 109.47
CA SER R 224 -20.30 -5.91 108.14
C SER R 224 -19.24 -5.52 107.12
N SER R 225 -18.57 -6.51 106.54
CA SER R 225 -17.64 -6.26 105.44
C SER R 225 -18.44 -5.95 104.17
N ARG R 226 -18.38 -4.70 103.73
CA ARG R 226 -19.22 -4.21 102.64
C ARG R 226 -18.54 -4.33 101.27
N SER R 227 -17.54 -5.19 101.12
CA SER R 227 -16.87 -5.36 99.84
C SER R 227 -16.05 -6.63 99.89
N HIS R 228 -15.40 -6.94 98.75
CA HIS R 228 -14.67 -8.18 98.54
C HIS R 228 -13.17 -7.90 98.67
N SER R 229 -12.58 -8.38 99.77
CA SER R 229 -11.16 -8.21 100.02
C SER R 229 -10.39 -9.38 99.42
N ILE R 230 -9.58 -9.10 98.40
CA ILE R 230 -8.77 -10.10 97.71
C ILE R 230 -7.36 -10.01 98.29
N PHE R 231 -6.86 -11.15 98.78
CA PHE R 231 -5.51 -11.26 99.34
C PHE R 231 -4.76 -12.31 98.53
N LEU R 232 -3.67 -11.90 97.89
CA LEU R 232 -2.87 -12.76 97.01
C LEU R 232 -1.57 -13.12 97.71
N ILE R 233 -1.11 -14.35 97.50
CA ILE R 233 0.19 -14.83 97.95
C ILE R 233 0.82 -15.52 96.73
N ASN R 234 1.62 -14.76 95.98
CA ASN R 234 2.25 -15.27 94.77
C ASN R 234 3.54 -15.97 95.17
N VAL R 235 3.46 -17.28 95.39
CA VAL R 235 4.58 -18.08 95.86
C VAL R 235 5.37 -18.56 94.63
N LYS R 236 6.52 -17.93 94.39
CA LYS R 236 7.47 -18.36 93.38
C LYS R 236 8.57 -19.18 94.08
N GLN R 237 8.92 -20.32 93.48
CA GLN R 237 9.93 -21.22 94.02
C GLN R 237 10.75 -21.81 92.89
N GLU R 238 12.01 -22.12 93.20
CA GLU R 238 12.94 -22.68 92.22
C GLU R 238 14.04 -23.43 92.96
N ASN R 239 14.43 -24.57 92.41
CA ASN R 239 15.48 -25.41 92.98
C ASN R 239 16.80 -25.06 92.31
N THR R 240 17.86 -24.99 93.13
CA THR R 240 19.17 -24.64 92.60
C THR R 240 19.81 -25.78 91.82
N GLN R 241 19.54 -27.03 92.20
CA GLN R 241 20.15 -28.18 91.54
C GLN R 241 19.50 -28.51 90.21
N THR R 242 18.18 -28.71 90.20
CA THR R 242 17.47 -29.07 88.98
C THR R 242 17.18 -27.90 88.07
N GLU R 243 17.24 -26.66 88.59
CA GLU R 243 16.99 -25.44 87.80
C GLU R 243 15.59 -25.44 87.19
N GLN R 244 14.60 -25.82 88.02
CA GLN R 244 13.21 -25.88 87.63
C GLN R 244 12.43 -24.82 88.41
N LYS R 245 11.89 -23.84 87.69
CA LYS R 245 11.15 -22.74 88.28
C LYS R 245 9.66 -23.08 88.30
N LEU R 246 9.00 -22.74 89.41
CA LEU R 246 7.57 -22.98 89.58
C LEU R 246 6.95 -21.80 90.32
N SER R 247 5.69 -21.51 90.00
CA SER R 247 4.93 -20.42 90.61
C SER R 247 3.49 -20.85 90.78
N GLY R 248 2.85 -20.29 91.83
CA GLY R 248 1.46 -20.56 92.11
C GLY R 248 0.74 -19.37 92.71
N LYS R 249 -0.36 -18.96 92.10
CA LYS R 249 -1.16 -17.83 92.57
C LYS R 249 -2.19 -18.34 93.57
N LEU R 250 -2.11 -17.82 94.80
CA LEU R 250 -2.98 -18.25 95.91
C LEU R 250 -3.91 -17.09 96.27
N TYR R 251 -5.14 -17.16 95.78
CA TYR R 251 -6.14 -16.12 95.98
C TYR R 251 -6.96 -16.42 97.23
N LEU R 252 -7.05 -15.42 98.12
CA LEU R 252 -7.88 -15.48 99.33
C LEU R 252 -8.88 -14.34 99.25
N VAL R 253 -10.11 -14.66 98.86
CA VAL R 253 -11.18 -13.68 98.65
C VAL R 253 -12.19 -13.86 99.77
N ASP R 254 -12.61 -12.73 100.37
CA ASP R 254 -13.63 -12.69 101.42
C ASP R 254 -14.71 -11.72 100.97
N LEU R 255 -15.80 -12.26 100.42
CA LEU R 255 -16.85 -11.46 99.81
C LEU R 255 -17.84 -10.97 100.87
N ALA R 256 -18.74 -10.09 100.44
CA ALA R 256 -19.77 -9.50 101.29
C ALA R 256 -21.07 -10.28 101.14
N GLY R 257 -22.10 -9.83 101.83
CA GLY R 257 -23.36 -10.57 101.94
C GLY R 257 -24.43 -10.00 101.03
N SER R 258 -25.20 -10.89 100.41
CA SER R 258 -26.32 -10.51 99.55
C SER R 258 -27.56 -10.33 100.42
N ALA R 259 -27.61 -9.19 101.10
CA ALA R 259 -28.66 -8.89 102.06
C ALA R 259 -29.81 -8.12 101.40
N LYS R 260 -31.00 -8.27 101.95
CA LYS R 260 -32.17 -7.54 101.52
C LYS R 260 -32.19 -6.16 102.17
N VAL R 261 -32.65 -5.16 101.40
CA VAL R 261 -32.69 -3.80 101.91
C VAL R 261 -33.75 -3.67 103.00
N SER R 262 -34.84 -4.44 102.92
CA SER R 262 -35.87 -4.37 103.95
C SER R 262 -35.38 -4.92 105.28
N LYS R 263 -34.51 -5.93 105.26
CA LYS R 263 -33.98 -6.52 106.47
C LYS R 263 -32.86 -5.68 107.07
N THR R 264 -31.94 -5.20 106.24
CA THR R 264 -30.84 -4.36 106.73
C THR R 264 -31.30 -2.95 107.05
N GLY R 265 -32.28 -2.42 106.32
CA GLY R 265 -32.71 -1.05 106.52
C GLY R 265 -31.63 -0.08 106.09
N ALA R 266 -31.08 -0.31 104.89
CA ALA R 266 -29.99 0.50 104.37
C ALA R 266 -30.53 1.82 103.81
N GLU R 267 -29.80 2.91 104.07
CA GLU R 267 -30.17 4.22 103.58
C GLU R 267 -28.92 5.09 103.54
N GLY R 268 -28.80 5.87 102.46
CA GLY R 268 -27.69 6.79 102.30
C GLY R 268 -26.50 6.19 101.57
N ALA R 269 -25.30 6.40 102.12
CA ALA R 269 -24.08 5.92 101.48
C ALA R 269 -23.99 4.40 101.43
N VAL R 270 -24.59 3.70 102.40
CA VAL R 270 -24.55 2.25 102.41
C VAL R 270 -25.29 1.66 101.21
N LEU R 271 -26.28 2.36 100.67
CA LEU R 271 -26.97 1.89 99.47
C LEU R 271 -26.03 1.79 98.28
N ASP R 272 -25.12 2.77 98.14
CA ASP R 272 -24.13 2.72 97.07
C ASP R 272 -23.16 1.56 97.28
N GLU R 273 -22.86 1.24 98.55
CA GLU R 273 -22.00 0.10 98.83
C GLU R 273 -22.69 -1.21 98.50
N ALA R 274 -24.02 -1.25 98.65
CA ALA R 274 -24.76 -2.47 98.35
C ALA R 274 -24.83 -2.76 96.86
N LYS R 275 -24.77 -1.71 96.03
CA LYS R 275 -24.94 -1.90 94.58
C LYS R 275 -23.74 -2.63 93.98
N ASN R 276 -22.53 -2.18 94.30
CA ASN R 276 -21.34 -2.76 93.66
C ASN R 276 -21.10 -4.19 94.09
N ILE R 277 -21.42 -4.55 95.34
CA ILE R 277 -21.25 -5.93 95.79
C ILE R 277 -22.32 -6.81 95.15
N ASN R 278 -23.53 -6.31 94.97
CA ASN R 278 -24.61 -7.11 94.40
C ASN R 278 -24.41 -7.35 92.91
N LYS R 279 -23.78 -6.41 92.20
CA LYS R 279 -23.42 -6.65 90.80
C LYS R 279 -22.43 -7.79 90.68
N SER R 280 -21.49 -7.89 91.63
CA SER R 280 -20.45 -8.90 91.55
C SER R 280 -20.98 -10.30 91.85
N LEU R 281 -21.74 -10.44 92.93
CA LEU R 281 -22.25 -11.77 93.29
C LEU R 281 -23.30 -12.24 92.29
N SER R 282 -24.05 -11.32 91.68
CA SER R 282 -24.93 -11.69 90.59
C SER R 282 -24.14 -12.04 89.34
N ALA R 283 -23.00 -11.37 89.13
CA ALA R 283 -22.18 -11.64 87.95
C ALA R 283 -21.57 -13.03 88.00
N LEU R 284 -20.92 -13.37 89.11
CA LEU R 284 -20.38 -14.72 89.26
C LEU R 284 -21.50 -15.76 89.38
N GLY R 285 -22.68 -15.35 89.84
CA GLY R 285 -23.82 -16.24 89.81
C GLY R 285 -24.21 -16.64 88.40
N ASN R 286 -24.01 -15.72 87.45
CA ASN R 286 -24.18 -16.07 86.04
C ASN R 286 -23.08 -17.00 85.57
N VAL R 287 -21.87 -16.85 86.12
CA VAL R 287 -20.74 -17.67 85.68
C VAL R 287 -20.94 -19.11 86.13
N ILE R 288 -21.41 -19.33 87.35
CA ILE R 288 -21.63 -20.68 87.84
C ILE R 288 -22.79 -21.33 87.09
N SER R 289 -23.86 -20.58 86.85
CA SER R 289 -24.98 -21.10 86.07
C SER R 289 -24.58 -21.32 84.61
N ALA R 290 -23.74 -20.44 84.06
CA ALA R 290 -23.25 -20.65 82.71
C ALA R 290 -22.34 -21.85 82.63
N LEU R 291 -21.46 -22.03 83.62
CA LEU R 291 -20.58 -23.19 83.65
C LEU R 291 -21.34 -24.46 84.00
N ALA R 292 -22.39 -24.37 84.82
CA ALA R 292 -23.16 -25.54 85.19
C ALA R 292 -23.97 -26.07 84.00
N GLU R 293 -24.75 -25.19 83.38
CA GLU R 293 -25.49 -25.57 82.18
C GLU R 293 -24.59 -25.78 80.97
N GLY R 294 -23.38 -25.23 80.98
CA GLY R 294 -22.44 -25.45 79.89
C GLY R 294 -22.69 -24.55 78.71
N SER R 295 -22.65 -23.23 78.92
CA SER R 295 -22.87 -22.28 77.86
C SER R 295 -21.67 -22.24 76.92
N THR R 296 -21.82 -21.50 75.81
CA THR R 296 -20.76 -21.39 74.82
C THR R 296 -19.75 -20.30 75.21
N TYR R 297 -20.23 -19.13 75.60
CA TYR R 297 -19.39 -17.97 75.85
C TYR R 297 -18.86 -17.93 77.28
N VAL R 298 -19.67 -18.31 78.26
CA VAL R 298 -19.29 -18.29 79.67
C VAL R 298 -18.93 -16.86 80.08
N PRO R 299 -19.92 -15.95 80.24
CA PRO R 299 -19.58 -14.52 80.36
C PRO R 299 -18.91 -14.16 81.68
N TYR R 300 -17.60 -14.35 81.75
CA TYR R 300 -16.83 -13.86 82.88
C TYR R 300 -16.75 -12.33 82.95
N ARG R 301 -16.91 -11.64 81.82
CA ARG R 301 -16.66 -10.21 81.73
C ARG R 301 -17.88 -9.36 82.10
N ASP R 302 -18.85 -9.91 82.84
CA ASP R 302 -19.97 -9.11 83.30
C ASP R 302 -19.51 -8.05 84.29
N SER R 303 -18.86 -8.48 85.37
CA SER R 303 -18.26 -7.61 86.39
C SER R 303 -16.77 -7.86 86.46
N LYS R 304 -16.03 -6.82 86.85
CA LYS R 304 -14.58 -6.92 86.95
C LYS R 304 -14.15 -7.81 88.12
N MET R 305 -15.01 -8.04 89.11
CA MET R 305 -14.71 -9.01 90.15
C MET R 305 -14.65 -10.41 89.55
N THR R 306 -15.51 -10.69 88.55
CA THR R 306 -15.49 -11.98 87.89
C THR R 306 -14.24 -12.17 87.04
N ARG R 307 -13.65 -11.08 86.56
CA ARG R 307 -12.41 -11.18 85.80
C ARG R 307 -11.26 -11.71 86.64
N ILE R 308 -11.28 -11.46 87.95
CA ILE R 308 -10.23 -11.97 88.82
C ILE R 308 -10.34 -13.48 88.96
N LEU R 309 -11.58 -14.01 89.01
CA LEU R 309 -11.83 -15.41 89.29
C LEU R 309 -11.95 -16.26 88.02
N GLN R 310 -11.30 -15.84 86.92
CA GLN R 310 -11.34 -16.64 85.71
C GLN R 310 -10.43 -17.87 85.81
N ASP R 311 -9.20 -17.68 86.28
CA ASP R 311 -8.28 -18.80 86.43
C ASP R 311 -8.74 -19.79 87.50
N SER R 312 -9.54 -19.36 88.46
CA SER R 312 -10.03 -20.28 89.49
C SER R 312 -11.07 -21.24 88.95
N LEU R 313 -12.01 -20.74 88.13
CA LEU R 313 -13.15 -21.54 87.66
C LEU R 313 -12.91 -22.21 86.32
N GLY R 314 -11.99 -21.69 85.49
CA GLY R 314 -11.73 -22.23 84.17
C GLY R 314 -10.28 -22.20 83.76
N GLY R 315 -9.37 -22.27 84.73
CA GLY R 315 -7.94 -22.21 84.53
C GLY R 315 -7.26 -23.48 85.01
N ASN R 316 -6.01 -23.32 85.41
CA ASN R 316 -5.14 -24.41 85.86
C ASN R 316 -5.08 -24.48 87.38
N CYS R 317 -6.21 -24.16 88.04
CA CYS R 317 -6.29 -23.97 89.48
C CYS R 317 -7.14 -25.07 90.11
N ARG R 318 -6.98 -25.22 91.43
CA ARG R 318 -7.76 -26.16 92.24
C ARG R 318 -8.60 -25.32 93.21
N THR R 319 -9.84 -25.04 92.81
CA THR R 319 -10.73 -24.16 93.56
C THR R 319 -11.55 -24.96 94.56
N THR R 320 -11.89 -24.32 95.68
CA THR R 320 -12.71 -24.92 96.73
C THR R 320 -13.61 -23.85 97.30
N ILE R 321 -14.89 -23.89 96.95
CA ILE R 321 -15.89 -22.95 97.46
C ILE R 321 -16.41 -23.50 98.78
N VAL R 322 -16.52 -22.62 99.77
CA VAL R 322 -17.06 -22.94 101.09
C VAL R 322 -18.17 -21.94 101.39
N ILE R 323 -19.41 -22.38 101.25
CA ILE R 323 -20.59 -21.52 101.45
C ILE R 323 -20.93 -21.51 102.93
N CYS R 324 -21.26 -20.32 103.45
CA CYS R 324 -21.66 -20.12 104.84
C CYS R 324 -23.13 -19.70 104.87
N CYS R 325 -23.85 -20.21 105.87
CA CYS R 325 -25.27 -19.91 106.03
C CYS R 325 -25.61 -19.92 107.51
N SER R 326 -26.72 -19.25 107.85
CA SER R 326 -27.24 -19.15 109.20
C SER R 326 -28.36 -20.18 109.42
N PRO R 327 -28.50 -20.82 110.60
CA PRO R 327 -29.56 -21.80 110.79
C PRO R 327 -30.91 -21.20 111.17
N SER R 328 -31.07 -19.88 111.14
CA SER R 328 -32.31 -19.26 111.57
C SER R 328 -33.39 -19.38 110.50
N SER R 329 -34.64 -19.41 110.96
CA SER R 329 -35.79 -19.42 110.06
C SER R 329 -36.03 -18.08 109.39
N TYR R 330 -35.46 -16.98 109.90
CA TYR R 330 -35.69 -15.68 109.33
C TYR R 330 -34.96 -15.46 108.01
N ASN R 331 -33.84 -16.15 107.79
CA ASN R 331 -33.06 -16.09 106.57
C ASN R 331 -33.22 -17.36 105.73
N GLU R 332 -34.41 -17.97 105.77
CA GLU R 332 -34.61 -19.25 105.10
C GLU R 332 -34.57 -19.12 103.58
N SER R 333 -35.02 -18.00 103.03
CA SER R 333 -35.10 -17.86 101.59
C SER R 333 -33.72 -17.69 100.97
N GLU R 334 -32.93 -16.74 101.50
CA GLU R 334 -31.59 -16.52 100.98
C GLU R 334 -30.67 -17.72 101.18
N THR R 335 -30.88 -18.48 102.26
CA THR R 335 -30.04 -19.64 102.51
C THR R 335 -30.35 -20.78 101.54
N LYS R 336 -31.62 -20.95 101.17
CA LYS R 336 -31.97 -21.95 100.16
C LYS R 336 -31.36 -21.59 98.81
N SER R 337 -31.31 -20.30 98.49
CA SER R 337 -30.66 -19.88 97.25
C SER R 337 -29.16 -20.17 97.28
N THR R 338 -28.54 -20.11 98.46
CA THR R 338 -27.11 -20.37 98.58
C THR R 338 -26.82 -21.86 98.42
N LEU R 339 -27.71 -22.72 98.91
CA LEU R 339 -27.50 -24.16 98.80
C LEU R 339 -27.60 -24.61 97.35
N LEU R 340 -28.68 -24.24 96.65
CA LEU R 340 -28.81 -24.59 95.25
C LEU R 340 -27.74 -23.93 94.39
N PHE R 341 -27.28 -22.74 94.80
CA PHE R 341 -26.10 -22.16 94.18
C PHE R 341 -24.89 -23.04 94.37
N GLY R 342 -24.79 -23.69 95.54
CA GLY R 342 -23.72 -24.67 95.75
C GLY R 342 -23.90 -25.90 94.90
N GLN R 343 -25.15 -26.33 94.68
CA GLN R 343 -25.39 -27.49 93.82
C GLN R 343 -24.99 -27.22 92.38
N ARG R 344 -25.22 -25.99 91.90
CA ARG R 344 -24.74 -25.62 90.58
C ARG R 344 -23.22 -25.56 90.51
N ALA R 345 -22.55 -25.30 91.64
CA ALA R 345 -21.10 -25.28 91.67
C ALA R 345 -20.50 -26.69 91.63
N LYS R 346 -21.27 -27.73 91.96
CA LYS R 346 -20.71 -29.08 92.00
C LYS R 346 -20.42 -29.62 90.60
N THR R 347 -21.21 -29.23 89.60
CA THR R 347 -21.05 -29.73 88.24
C THR R 347 -19.94 -29.04 87.46
N ILE R 348 -19.16 -28.13 88.08
CA ILE R 348 -18.11 -27.38 87.39
C ILE R 348 -16.81 -28.15 87.52
N LYS R 349 -15.97 -28.03 86.50
CA LYS R 349 -14.65 -28.66 86.45
C LYS R 349 -13.63 -27.68 85.88
N ASN R 350 -12.43 -27.70 86.46
CA ASN R 350 -11.33 -26.85 86.02
C ASN R 350 -10.54 -27.53 84.92
N THR R 351 -9.80 -26.72 84.17
CA THR R 351 -8.92 -27.21 83.10
C THR R 351 -7.50 -27.44 83.64
N VAL R 352 -7.43 -28.21 84.72
CA VAL R 352 -6.17 -28.47 85.41
C VAL R 352 -5.42 -29.59 84.71
N ARG S 2 6.23 15.17 -51.32
CA ARG S 2 6.32 14.97 -52.77
C ARG S 2 7.45 15.80 -53.37
N GLU S 3 8.41 15.13 -53.99
CA GLU S 3 9.55 15.77 -54.61
C GLU S 3 9.98 14.97 -55.84
N CYS S 4 10.81 15.60 -56.67
CA CYS S 4 11.32 14.95 -57.88
C CYS S 4 12.62 15.62 -58.27
N ILE S 5 13.56 14.82 -58.78
CA ILE S 5 14.88 15.26 -59.20
C ILE S 5 15.02 15.03 -60.70
N SER S 6 15.98 15.74 -61.30
CA SER S 6 16.19 15.71 -62.74
C SER S 6 17.67 15.86 -63.06
N VAL S 7 18.09 15.23 -64.16
CA VAL S 7 19.45 15.30 -64.67
C VAL S 7 19.39 15.62 -66.16
N HIS S 8 20.25 16.55 -66.58
CA HIS S 8 20.30 17.05 -67.96
C HIS S 8 21.61 16.59 -68.58
N VAL S 9 21.52 16.05 -69.80
CA VAL S 9 22.65 15.47 -70.52
C VAL S 9 22.75 16.12 -71.89
N GLY S 10 23.94 16.61 -72.24
CA GLY S 10 24.22 17.10 -73.56
C GLY S 10 23.89 18.57 -73.74
N GLN S 11 24.21 19.06 -74.94
CA GLN S 11 23.88 20.43 -75.30
C GLN S 11 22.36 20.64 -75.33
N ALA S 12 21.63 19.61 -75.78
CA ALA S 12 20.18 19.71 -75.80
C ALA S 12 19.59 19.76 -74.40
N GLY S 13 20.21 19.04 -73.46
CA GLY S 13 19.67 19.01 -72.10
C GLY S 13 19.90 20.32 -71.37
N VAL S 14 21.16 20.79 -71.35
CA VAL S 14 21.50 21.98 -70.59
C VAL S 14 20.87 23.24 -71.19
N GLN S 15 20.67 23.28 -72.51
CA GLN S 15 19.97 24.42 -73.11
C GLN S 15 18.51 24.45 -72.68
N MET S 16 17.88 23.28 -72.55
CA MET S 16 16.57 23.19 -71.92
C MET S 16 16.67 23.34 -70.41
N GLY S 17 17.79 22.91 -69.82
CA GLY S 17 17.97 23.10 -68.38
C GLY S 17 18.09 24.55 -67.99
N ASN S 18 18.86 25.33 -68.77
CA ASN S 18 18.97 26.75 -68.51
C ASN S 18 17.65 27.49 -68.77
N ALA S 19 16.83 26.98 -69.69
CA ALA S 19 15.58 27.62 -70.06
C ALA S 19 14.42 27.25 -69.15
N CYS S 20 14.43 26.04 -68.57
CA CYS S 20 13.31 25.60 -67.74
C CYS S 20 13.44 26.05 -66.29
N TRP S 21 14.65 26.11 -65.76
CA TRP S 21 14.83 26.51 -64.37
C TRP S 21 14.66 28.01 -64.17
N GLU S 22 14.88 28.82 -65.21
CA GLU S 22 14.52 30.23 -65.13
C GLU S 22 13.01 30.40 -65.10
N LEU S 23 12.27 29.49 -65.73
CA LEU S 23 10.82 29.52 -65.65
C LEU S 23 10.33 29.07 -64.27
N TYR S 24 10.96 28.04 -63.69
CA TYR S 24 10.55 27.56 -62.38
C TYR S 24 10.82 28.58 -61.28
N CYS S 25 11.89 29.38 -61.43
CA CYS S 25 12.23 30.34 -60.39
C CYS S 25 11.32 31.56 -60.38
N LEU S 26 10.90 32.04 -61.55
CA LEU S 26 9.99 33.18 -61.62
C LEU S 26 8.55 32.81 -61.26
N GLU S 27 8.17 31.53 -61.38
CA GLU S 27 6.85 31.12 -60.95
C GLU S 27 6.69 31.24 -59.45
N HIS S 28 7.65 30.73 -58.68
CA HIS S 28 7.62 30.76 -57.23
C HIS S 28 8.23 32.03 -56.65
N GLY S 29 8.42 33.07 -57.45
CA GLY S 29 8.99 34.31 -56.94
C GLY S 29 10.44 34.21 -56.50
N ILE S 30 11.18 33.22 -57.00
CA ILE S 30 12.57 33.03 -56.63
C ILE S 30 13.42 33.92 -57.52
N GLN S 31 14.06 34.92 -56.94
CA GLN S 31 14.92 35.81 -57.70
C GLN S 31 16.16 35.04 -58.15
N PRO S 32 16.87 35.51 -59.20
CA PRO S 32 18.03 34.76 -59.68
C PRO S 32 19.23 34.78 -58.73
N ASP S 33 19.24 35.60 -57.69
CA ASP S 33 20.35 35.65 -56.75
C ASP S 33 20.32 34.52 -55.71
N GLY S 34 19.33 33.62 -55.75
CA GLY S 34 19.26 32.45 -54.90
C GLY S 34 18.18 32.46 -53.84
N GLN S 35 17.52 33.60 -53.61
CA GLN S 35 16.47 33.76 -52.60
C GLN S 35 15.24 34.39 -53.24
N MET S 36 14.18 34.52 -52.45
CA MET S 36 12.94 35.15 -52.91
C MET S 36 13.15 36.64 -53.14
N ASP S 52 4.32 28.35 -49.70
CA ASP S 52 5.28 27.73 -48.79
C ASP S 52 5.64 26.32 -49.24
N ASP S 53 4.62 25.47 -49.39
CA ASP S 53 4.80 24.09 -49.83
C ASP S 53 4.71 23.94 -51.34
N SER S 54 4.87 25.03 -52.10
CA SER S 54 4.80 24.99 -53.56
C SER S 54 6.16 24.74 -54.21
N PHE S 55 7.22 25.35 -53.68
CA PHE S 55 8.58 25.18 -54.20
C PHE S 55 9.31 23.98 -53.60
N THR S 56 8.73 23.28 -52.63
CA THR S 56 9.41 22.16 -51.99
C THR S 56 9.57 20.95 -52.91
N THR S 57 8.84 20.88 -54.03
CA THR S 57 8.95 19.73 -54.92
C THR S 57 10.28 19.75 -55.66
N PHE S 58 10.66 20.91 -56.21
CA PHE S 58 11.87 21.08 -57.01
C PHE S 58 13.01 21.74 -56.26
N PHE S 59 12.72 22.77 -55.46
CA PHE S 59 13.71 23.54 -54.74
C PHE S 59 13.72 23.14 -53.26
N CYS S 60 14.92 23.12 -52.68
CA CYS S 60 15.13 22.78 -51.29
C CYS S 60 15.20 24.07 -50.46
N GLU S 61 15.32 23.88 -49.14
CA GLU S 61 15.45 24.98 -48.17
C GLU S 61 16.87 24.93 -47.63
N THR S 62 17.69 25.91 -48.04
CA THR S 62 19.11 25.94 -47.69
C THR S 62 19.30 26.81 -46.44
N GLY S 63 18.87 26.25 -45.32
CA GLY S 63 19.08 26.87 -44.03
C GLY S 63 18.09 27.96 -43.69
N ALA S 64 18.26 29.14 -44.28
CA ALA S 64 17.39 30.28 -43.97
C ALA S 64 17.54 31.31 -45.09
N GLY S 65 16.44 31.56 -45.80
CA GLY S 65 16.44 32.57 -46.84
C GLY S 65 17.35 32.26 -48.01
N LYS S 66 17.40 30.99 -48.40
CA LYS S 66 18.23 30.56 -49.52
C LYS S 66 17.74 29.19 -49.97
N HIS S 67 17.78 28.96 -51.29
CA HIS S 67 17.29 27.74 -51.91
C HIS S 67 18.35 27.20 -52.87
N VAL S 68 18.19 25.93 -53.24
CA VAL S 68 19.05 25.26 -54.22
C VAL S 68 18.15 24.33 -55.03
N PRO S 69 18.26 24.27 -56.37
CA PRO S 69 17.46 23.29 -57.11
C PRO S 69 17.96 21.87 -56.93
N ARG S 70 17.04 20.92 -57.14
CA ARG S 70 17.36 19.50 -57.19
C ARG S 70 17.70 19.12 -58.64
N ALA S 71 18.83 19.67 -59.11
CA ALA S 71 19.29 19.51 -60.48
C ALA S 71 20.78 19.18 -60.48
N VAL S 72 21.17 18.36 -61.45
CA VAL S 72 22.56 18.01 -61.69
C VAL S 72 22.78 17.99 -63.20
N PHE S 73 23.36 19.06 -63.73
CA PHE S 73 23.68 19.17 -65.15
C PHE S 73 24.99 18.44 -65.39
N VAL S 74 24.92 17.32 -66.11
CA VAL S 74 26.07 16.50 -66.46
C VAL S 74 26.32 16.65 -67.95
N ASP S 75 27.59 16.82 -68.32
CA ASP S 75 27.97 16.89 -69.72
C ASP S 75 29.47 16.65 -69.82
N LEU S 76 29.87 15.94 -70.86
CA LEU S 76 31.28 15.63 -71.07
C LEU S 76 32.06 16.81 -71.62
N GLU S 77 31.49 17.53 -72.59
CA GLU S 77 32.15 18.71 -73.14
C GLU S 77 31.97 19.90 -72.18
N PRO S 78 33.02 20.66 -71.86
CA PRO S 78 32.91 21.62 -70.76
C PRO S 78 32.44 23.02 -71.16
N THR S 79 32.12 23.26 -72.43
CA THR S 79 31.73 24.61 -72.84
C THR S 79 30.40 25.05 -72.25
N VAL S 80 29.45 24.13 -72.10
CA VAL S 80 28.14 24.48 -71.55
C VAL S 80 28.18 24.61 -70.03
N ILE S 81 29.07 23.88 -69.35
CA ILE S 81 29.06 23.86 -67.90
C ILE S 81 29.61 25.16 -67.34
N ASP S 82 30.79 25.57 -67.80
CA ASP S 82 31.38 26.81 -67.30
C ASP S 82 30.64 28.05 -67.78
N GLU S 83 29.93 27.96 -68.91
CA GLU S 83 29.08 29.07 -69.34
C GLU S 83 27.93 29.27 -68.35
N ILE S 84 27.42 28.18 -67.78
CA ILE S 84 26.39 28.30 -66.74
C ILE S 84 27.00 28.86 -65.46
N ARG S 85 28.24 28.49 -65.16
CA ARG S 85 28.94 29.04 -64.01
C ARG S 85 29.23 30.53 -64.19
N ASN S 86 29.59 30.95 -65.41
CA ASN S 86 29.78 32.35 -65.74
C ASN S 86 28.54 32.99 -66.35
N GLY S 87 27.38 32.31 -66.29
CA GLY S 87 26.16 32.85 -66.84
C GLY S 87 25.52 33.84 -65.89
N PRO S 88 24.25 34.19 -66.12
CA PRO S 88 23.54 35.07 -65.18
C PRO S 88 23.07 34.33 -63.94
N TYR S 89 22.67 33.07 -64.10
CA TYR S 89 22.14 32.25 -63.01
C TYR S 89 23.26 31.51 -62.29
N ARG S 90 24.13 32.28 -61.64
CA ARG S 90 25.29 31.70 -60.94
C ARG S 90 24.90 31.17 -59.57
N GLN S 91 24.20 31.97 -58.78
CA GLN S 91 23.95 31.64 -57.37
C GLN S 91 22.81 30.63 -57.18
N LEU S 92 21.96 30.43 -58.18
CA LEU S 92 20.87 29.47 -58.04
C LEU S 92 21.40 28.05 -57.94
N PHE S 93 22.08 27.58 -58.98
CA PHE S 93 22.57 26.22 -59.02
C PHE S 93 23.80 26.05 -58.14
N HIS S 94 23.96 24.85 -57.59
CA HIS S 94 25.11 24.57 -56.76
C HIS S 94 26.37 24.53 -57.63
N PRO S 95 27.52 25.05 -57.16
CA PRO S 95 28.72 24.96 -58.02
C PRO S 95 29.23 23.54 -58.18
N GLU S 96 28.99 22.66 -57.21
CA GLU S 96 29.44 21.27 -57.31
C GLU S 96 28.50 20.43 -58.16
N GLN S 97 27.20 20.76 -58.18
CA GLN S 97 26.25 19.99 -58.97
C GLN S 97 26.51 20.13 -60.46
N LEU S 98 27.09 21.24 -60.90
CA LEU S 98 27.40 21.43 -62.31
C LEU S 98 28.62 20.60 -62.67
N ILE S 99 28.39 19.34 -63.03
CA ILE S 99 29.45 18.40 -63.34
C ILE S 99 29.94 18.67 -64.76
N THR S 100 31.26 18.57 -64.95
CA THR S 100 31.90 18.71 -66.25
C THR S 100 32.89 17.58 -66.46
N GLY S 101 33.02 17.16 -67.71
CA GLY S 101 33.93 16.10 -68.09
C GLY S 101 35.31 16.61 -68.46
N LYS S 102 35.99 15.84 -69.31
CA LYS S 102 37.35 16.13 -69.76
C LYS S 102 37.48 16.09 -71.28
N GLU S 103 36.69 15.24 -71.94
CA GLU S 103 36.76 15.05 -73.38
C GLU S 103 35.36 14.79 -73.91
N ASP S 104 35.05 15.40 -75.05
CA ASP S 104 33.71 15.34 -75.61
C ASP S 104 33.39 13.93 -76.11
N ALA S 105 32.10 13.59 -76.06
CA ALA S 105 31.63 12.31 -76.61
C ALA S 105 31.87 12.23 -78.11
N ALA S 106 31.83 13.36 -78.80
CA ALA S 106 32.17 13.46 -80.22
C ALA S 106 31.18 12.65 -81.09
N ASN S 107 29.90 12.83 -80.77
CA ASN S 107 28.80 12.37 -81.63
C ASN S 107 28.78 10.85 -81.78
N ASN S 108 29.31 10.12 -80.80
CA ASN S 108 29.51 8.68 -80.86
C ASN S 108 28.79 8.04 -79.68
N TYR S 109 27.97 7.02 -79.97
CA TYR S 109 27.29 6.28 -78.91
C TYR S 109 28.29 5.53 -78.04
N ALA S 110 29.33 4.97 -78.66
CA ALA S 110 30.27 4.14 -77.92
C ALA S 110 31.21 4.97 -77.05
N ARG S 111 31.60 6.15 -77.54
CA ARG S 111 32.61 6.93 -76.83
C ARG S 111 32.07 7.52 -75.53
N GLY S 112 30.81 7.97 -75.54
CA GLY S 112 30.16 8.44 -74.33
C GLY S 112 29.64 7.37 -73.40
N HIS S 113 29.83 6.09 -73.74
CA HIS S 113 29.29 4.96 -72.98
C HIS S 113 30.36 4.09 -72.34
N TYR S 114 31.51 3.91 -72.99
CA TYR S 114 32.56 2.99 -72.55
C TYR S 114 33.84 3.70 -72.16
N THR S 115 34.41 4.53 -73.04
CA THR S 115 35.68 5.19 -72.73
C THR S 115 35.48 6.35 -71.77
N ILE S 116 34.73 7.36 -72.20
CA ILE S 116 34.47 8.54 -71.37
C ILE S 116 33.31 8.31 -70.41
N GLY S 117 32.39 7.40 -70.73
CA GLY S 117 31.24 7.20 -69.87
C GLY S 117 31.59 6.51 -68.57
N LYS S 118 32.39 5.45 -68.64
CA LYS S 118 32.70 4.65 -67.46
C LYS S 118 33.49 5.42 -66.41
N GLU S 119 34.32 6.38 -66.81
CA GLU S 119 35.19 7.08 -65.89
C GLU S 119 34.54 8.29 -65.22
N ILE S 120 33.26 8.59 -65.52
CA ILE S 120 32.56 9.77 -65.00
C ILE S 120 31.24 9.41 -64.32
N ILE S 121 30.70 8.21 -64.59
CA ILE S 121 29.47 7.78 -63.91
C ILE S 121 29.68 7.64 -62.40
N ASP S 122 30.89 7.33 -61.95
CA ASP S 122 31.11 7.07 -60.53
C ASP S 122 30.94 8.34 -59.69
N PRO S 123 31.44 9.50 -60.14
CA PRO S 123 31.02 10.74 -59.48
C PRO S 123 29.54 11.05 -59.61
N VAL S 124 28.88 10.57 -60.67
CA VAL S 124 27.51 10.98 -60.96
C VAL S 124 26.51 10.08 -60.24
N LEU S 125 26.73 8.77 -60.25
CA LEU S 125 25.73 7.84 -59.73
C LEU S 125 25.61 7.94 -58.22
N ASP S 126 26.75 8.05 -57.52
CA ASP S 126 26.71 8.22 -56.08
C ASP S 126 26.17 9.58 -55.66
N ARG S 127 26.21 10.58 -56.55
CA ARG S 127 25.67 11.89 -56.21
C ARG S 127 24.16 11.85 -56.15
N ILE S 128 23.51 11.25 -57.14
CA ILE S 128 22.05 11.15 -57.13
C ILE S 128 21.55 10.26 -55.99
N ARG S 129 22.39 9.32 -55.52
CA ARG S 129 22.02 8.54 -54.33
C ARG S 129 21.90 9.44 -53.10
N LYS S 130 22.98 10.14 -52.74
CA LYS S 130 22.96 10.97 -51.55
C LYS S 130 22.11 12.22 -51.75
N LEU S 131 21.97 12.70 -52.99
CA LEU S 131 21.05 13.79 -53.27
C LEU S 131 19.59 13.37 -53.14
N SER S 132 19.30 12.06 -53.26
CA SER S 132 17.99 11.52 -52.98
C SER S 132 17.78 11.17 -51.50
N ASP S 133 18.85 10.88 -50.77
CA ASP S 133 18.71 10.52 -49.36
C ASP S 133 18.21 11.68 -48.52
N GLN S 134 18.67 12.90 -48.81
CA GLN S 134 18.13 14.07 -48.13
C GLN S 134 16.66 14.28 -48.44
N CYS S 135 16.20 13.87 -49.62
CA CYS S 135 14.79 13.87 -49.94
C CYS S 135 14.10 12.68 -49.29
N THR S 136 12.76 12.75 -49.25
CA THR S 136 11.91 11.69 -48.70
C THR S 136 10.73 11.29 -49.58
N GLY S 137 10.23 12.19 -50.44
CA GLY S 137 9.08 11.93 -51.28
C GLY S 137 9.45 11.88 -52.75
N LEU S 138 10.57 11.24 -53.06
CA LEU S 138 11.05 11.13 -54.44
C LEU S 138 10.07 10.30 -55.25
N GLN S 139 9.30 10.97 -56.12
CA GLN S 139 8.29 10.27 -56.92
C GLN S 139 8.93 9.51 -58.06
N GLY S 140 9.96 10.08 -58.68
CA GLY S 140 10.61 9.42 -59.81
C GLY S 140 11.76 10.25 -60.33
N PHE S 141 11.99 10.12 -61.64
CA PHE S 141 13.05 10.84 -62.34
C PHE S 141 12.52 11.37 -63.66
N LEU S 142 13.13 12.46 -64.14
CA LEU S 142 12.91 12.96 -65.48
C LEU S 142 14.24 13.46 -66.03
N VAL S 143 14.55 13.05 -67.26
CA VAL S 143 15.82 13.36 -67.91
C VAL S 143 15.55 14.24 -69.13
N PHE S 144 16.62 14.87 -69.62
CA PHE S 144 16.58 15.75 -70.78
C PHE S 144 17.83 15.53 -71.60
N HIS S 145 17.67 15.18 -72.86
CA HIS S 145 18.80 14.80 -73.71
C HIS S 145 18.31 14.76 -75.15
N SER S 146 19.18 14.31 -76.05
CA SER S 146 18.85 14.11 -77.46
C SER S 146 19.72 13.00 -78.00
N PHE S 147 19.09 11.97 -78.58
CA PHE S 147 19.82 10.83 -79.13
C PHE S 147 20.55 11.13 -80.45
N GLY S 148 20.42 12.34 -81.00
CA GLY S 148 21.18 12.70 -82.17
C GLY S 148 22.67 12.87 -81.96
N GLY S 149 23.13 12.97 -80.72
CA GLY S 149 24.54 13.12 -80.40
C GLY S 149 25.11 11.89 -79.72
N GLY S 150 26.32 12.07 -79.18
CA GLY S 150 27.04 11.01 -78.52
C GLY S 150 26.78 10.94 -77.04
N THR S 151 26.94 12.07 -76.34
CA THR S 151 26.71 12.09 -74.90
C THR S 151 25.24 11.92 -74.57
N GLY S 152 24.35 12.39 -75.45
CA GLY S 152 22.93 12.17 -75.27
C GLY S 152 22.47 10.76 -75.56
N SER S 153 23.29 9.94 -76.22
CA SER S 153 22.95 8.57 -76.58
C SER S 153 23.66 7.54 -75.70
N GLY S 154 24.98 7.65 -75.61
CA GLY S 154 25.75 6.65 -74.87
C GLY S 154 25.64 6.83 -73.37
N PHE S 155 25.98 8.03 -72.88
CA PHE S 155 26.01 8.28 -71.44
C PHE S 155 24.61 8.22 -70.84
N THR S 156 23.59 8.59 -71.60
CA THR S 156 22.23 8.57 -71.08
C THR S 156 21.74 7.15 -70.84
N SER S 157 22.01 6.25 -71.80
CA SER S 157 21.65 4.85 -71.62
C SER S 157 22.45 4.21 -70.49
N LEU S 158 23.68 4.68 -70.26
CA LEU S 158 24.51 4.13 -69.19
C LEU S 158 23.97 4.49 -67.82
N LEU S 159 23.67 5.78 -67.59
CA LEU S 159 23.18 6.18 -66.28
C LEU S 159 21.78 5.66 -66.03
N MET S 160 20.91 5.68 -67.05
CA MET S 160 19.56 5.18 -66.89
C MET S 160 19.54 3.68 -66.65
N GLU S 161 20.51 2.96 -67.22
CA GLU S 161 20.68 1.55 -66.90
C GLU S 161 21.27 1.37 -65.50
N ARG S 162 22.16 2.28 -65.09
CA ARG S 162 22.82 2.15 -63.79
C ARG S 162 21.89 2.46 -62.62
N LEU S 163 20.90 3.33 -62.81
CA LEU S 163 19.93 3.64 -61.77
C LEU S 163 18.70 2.73 -61.82
N SER S 164 18.37 2.20 -63.00
CA SER S 164 17.22 1.30 -63.10
C SER S 164 17.47 -0.02 -62.38
N VAL S 165 18.70 -0.52 -62.42
CA VAL S 165 19.04 -1.73 -61.67
C VAL S 165 19.05 -1.47 -60.17
N ASP S 166 19.26 -0.24 -59.74
CA ASP S 166 19.27 0.12 -58.32
C ASP S 166 17.86 0.37 -57.80
N TYR S 167 17.15 1.33 -58.41
CA TYR S 167 15.81 1.70 -57.99
C TYR S 167 14.75 0.80 -58.66
N GLY S 168 14.68 0.85 -59.99
CA GLY S 168 13.78 0.00 -60.73
C GLY S 168 12.33 0.42 -60.66
N LYS S 169 11.74 0.36 -59.47
CA LYS S 169 10.31 0.62 -59.31
C LYS S 169 9.93 2.06 -59.59
N LYS S 170 10.85 3.01 -59.43
CA LYS S 170 10.53 4.42 -59.64
C LYS S 170 10.40 4.72 -61.13
N SER S 171 9.65 5.78 -61.43
CA SER S 171 9.35 6.13 -62.81
C SER S 171 10.53 6.83 -63.46
N LYS S 172 10.48 6.91 -64.79
CA LYS S 172 11.50 7.56 -65.60
C LYS S 172 10.80 8.27 -66.76
N LEU S 173 10.83 9.60 -66.74
CA LEU S 173 10.16 10.45 -67.73
C LEU S 173 11.22 10.95 -68.70
N GLU S 174 11.40 10.23 -69.80
CA GLU S 174 12.42 10.57 -70.79
C GLU S 174 11.90 11.66 -71.73
N PHE S 175 12.76 12.62 -72.04
CA PHE S 175 12.47 13.72 -72.95
C PHE S 175 13.62 13.82 -73.96
N SER S 176 13.48 13.10 -75.06
CA SER S 176 14.49 13.03 -76.12
C SER S 176 14.05 13.80 -77.34
N ILE S 177 15.00 14.49 -77.98
CA ILE S 177 14.78 15.25 -79.21
C ILE S 177 15.25 14.38 -80.37
N TYR S 178 14.28 13.79 -81.12
CA TYR S 178 14.58 12.96 -82.27
C TYR S 178 14.85 13.81 -83.51
N PRO S 179 15.50 13.28 -84.55
CA PRO S 179 15.72 14.10 -85.76
C PRO S 179 14.47 14.16 -86.61
N ALA S 180 14.38 15.20 -87.43
CA ALA S 180 13.25 15.38 -88.30
C ALA S 180 13.33 14.43 -89.50
N PRO S 181 12.25 14.31 -90.31
CA PRO S 181 12.30 13.41 -91.47
C PRO S 181 13.34 13.82 -92.50
N GLN S 182 13.36 15.11 -92.90
CA GLN S 182 14.28 15.62 -93.90
C GLN S 182 15.30 16.60 -93.33
N VAL S 183 14.93 17.39 -92.34
CA VAL S 183 15.89 18.27 -91.65
C VAL S 183 16.71 17.42 -90.69
N SER S 184 18.00 17.76 -90.56
CA SER S 184 18.86 17.06 -89.63
C SER S 184 20.10 17.89 -89.37
N THR S 185 20.63 17.75 -88.16
CA THR S 185 21.81 18.48 -87.71
C THR S 185 23.11 17.71 -87.94
N ALA S 186 23.06 16.38 -87.80
CA ALA S 186 24.20 15.50 -87.99
C ALA S 186 23.99 14.61 -89.22
N VAL S 187 24.93 13.69 -89.43
CA VAL S 187 24.85 12.70 -90.50
C VAL S 187 24.74 11.27 -89.97
N VAL S 188 25.30 10.97 -88.79
CA VAL S 188 25.29 9.63 -88.22
C VAL S 188 24.21 9.46 -87.15
N GLU S 189 23.24 10.36 -87.07
CA GLU S 189 22.19 10.24 -86.06
C GLU S 189 21.31 8.97 -86.17
N PRO S 190 21.16 8.30 -87.32
CA PRO S 190 20.50 6.98 -87.25
C PRO S 190 21.32 5.96 -86.48
N TYR S 191 22.64 5.99 -86.59
CA TYR S 191 23.49 5.08 -85.83
C TYR S 191 23.41 5.39 -84.35
N ASN S 192 23.34 6.67 -84.00
CA ASN S 192 23.28 7.06 -82.59
C ASN S 192 21.93 6.71 -81.99
N SER S 193 20.85 6.89 -82.75
CA SER S 193 19.51 6.65 -82.23
C SER S 193 19.17 5.17 -82.20
N ILE S 194 19.66 4.40 -83.19
CA ILE S 194 19.29 3.00 -83.27
C ILE S 194 20.00 2.18 -82.19
N LEU S 195 21.20 2.59 -81.79
CA LEU S 195 21.94 1.85 -80.76
C LEU S 195 21.42 2.15 -79.36
N THR S 196 21.14 3.41 -79.05
CA THR S 196 20.67 3.78 -77.73
C THR S 196 19.24 3.36 -77.46
N THR S 197 18.41 3.25 -78.50
CA THR S 197 17.05 2.76 -78.34
C THR S 197 17.01 1.27 -78.03
N HIS S 198 18.06 0.51 -78.37
CA HIS S 198 18.11 -0.90 -78.03
C HIS S 198 18.12 -1.11 -76.52
N THR S 199 18.78 -0.22 -75.78
CA THR S 199 18.80 -0.27 -74.33
C THR S 199 17.62 0.47 -73.69
N THR S 200 17.10 1.50 -74.36
CA THR S 200 15.97 2.26 -73.83
C THR S 200 14.63 1.57 -74.03
N LEU S 201 14.55 0.59 -74.93
CA LEU S 201 13.27 -0.05 -75.23
C LEU S 201 12.72 -0.85 -74.05
N GLU S 202 13.59 -1.34 -73.16
CA GLU S 202 13.21 -2.24 -72.07
C GLU S 202 13.26 -1.60 -70.70
N HIS S 203 14.13 -0.61 -70.48
CA HIS S 203 14.32 0.00 -69.17
C HIS S 203 13.46 1.24 -68.94
N SER S 204 13.07 1.96 -69.99
CA SER S 204 12.32 3.20 -69.87
C SER S 204 10.83 2.88 -69.75
N ASP S 205 10.18 3.51 -68.77
CA ASP S 205 8.75 3.33 -68.58
C ASP S 205 7.95 4.15 -69.59
N CYS S 206 8.35 5.40 -69.82
CA CYS S 206 7.71 6.26 -70.79
C CYS S 206 8.72 7.27 -71.29
N ALA S 207 8.50 7.77 -72.50
CA ALA S 207 9.45 8.66 -73.16
C ALA S 207 8.68 9.59 -74.11
N PHE S 208 8.53 10.85 -73.71
CA PHE S 208 7.97 11.87 -74.56
C PHE S 208 9.04 12.37 -75.53
N MET S 209 8.60 12.78 -76.72
CA MET S 209 9.49 13.08 -77.84
C MET S 209 9.23 14.47 -78.39
N VAL S 210 10.29 15.06 -78.93
CA VAL S 210 10.28 16.39 -79.53
C VAL S 210 11.03 16.30 -80.85
N ASP S 211 10.66 17.15 -81.81
CA ASP S 211 11.23 17.19 -83.15
C ASP S 211 11.77 18.59 -83.45
N ASN S 212 12.59 18.68 -84.50
CA ASN S 212 13.30 19.89 -84.87
C ASN S 212 12.49 20.81 -85.76
N GLU S 213 12.07 20.34 -86.94
CA GLU S 213 11.31 21.20 -87.85
C GLU S 213 9.86 21.36 -87.42
N ALA S 214 9.31 20.43 -86.63
CA ALA S 214 7.93 20.55 -86.18
C ALA S 214 7.77 21.75 -85.25
N ILE S 215 8.64 21.88 -84.27
CA ILE S 215 8.54 23.02 -83.34
C ILE S 215 8.85 24.32 -84.05
N TYR S 216 9.69 24.29 -85.10
CA TYR S 216 9.86 25.47 -85.93
C TYR S 216 8.56 25.84 -86.64
N ASP S 217 7.77 24.83 -87.03
CA ASP S 217 6.51 25.09 -87.70
C ASP S 217 5.49 25.72 -86.75
N ILE S 218 5.61 25.47 -85.44
CA ILE S 218 4.69 26.06 -84.47
C ILE S 218 4.90 27.57 -84.42
N CYS S 219 6.15 28.01 -84.23
CA CYS S 219 6.43 29.42 -84.13
C CYS S 219 6.39 30.15 -85.47
N ARG S 220 6.41 29.44 -86.59
CA ARG S 220 6.35 30.07 -87.91
C ARG S 220 4.94 30.51 -88.25
N ARG S 221 3.96 29.62 -88.09
CA ARG S 221 2.59 29.91 -88.50
C ARG S 221 1.86 30.74 -87.44
N ASN S 222 1.75 30.19 -86.22
CA ASN S 222 0.94 30.81 -85.18
C ASN S 222 1.63 31.98 -84.50
N LEU S 223 2.91 31.82 -84.13
CA LEU S 223 3.66 32.87 -83.43
C LEU S 223 4.37 33.85 -84.37
N ASP S 224 4.34 33.62 -85.69
CA ASP S 224 4.87 34.49 -86.75
C ASP S 224 6.30 34.96 -86.51
N ILE S 225 7.12 34.14 -85.85
CA ILE S 225 8.53 34.42 -85.63
C ILE S 225 9.27 33.83 -86.83
N GLU S 226 9.63 34.67 -87.79
CA GLU S 226 10.29 34.22 -89.00
C GLU S 226 11.78 33.93 -88.80
N ARG S 227 12.38 34.41 -87.70
CA ARG S 227 13.79 34.17 -87.38
C ARG S 227 13.92 33.75 -85.92
N PRO S 228 13.51 32.53 -85.58
CA PRO S 228 13.66 32.04 -84.20
C PRO S 228 15.03 31.39 -83.98
N THR S 229 15.29 31.06 -82.72
CA THR S 229 16.52 30.38 -82.31
C THR S 229 16.17 29.31 -81.27
N TYR S 230 17.19 28.56 -80.86
CA TYR S 230 16.99 27.51 -79.86
C TYR S 230 16.58 28.09 -78.51
N THR S 231 16.95 29.33 -78.22
CA THR S 231 16.51 29.98 -76.99
C THR S 231 14.99 30.12 -76.96
N ASN S 232 14.39 30.44 -78.12
CA ASN S 232 12.94 30.55 -78.19
C ASN S 232 12.27 29.18 -78.18
N LEU S 233 12.91 28.17 -78.76
CA LEU S 233 12.32 26.83 -78.79
C LEU S 233 12.21 26.23 -77.39
N ASN S 234 13.23 26.46 -76.56
CA ASN S 234 13.23 25.88 -75.22
C ASN S 234 12.22 26.53 -74.28
N ARG S 235 11.75 27.74 -74.59
CA ARG S 235 10.78 28.41 -73.72
C ARG S 235 9.45 27.67 -73.73
N LEU S 236 8.89 27.42 -74.91
CA LEU S 236 7.63 26.69 -74.99
C LEU S 236 7.79 25.23 -74.57
N ILE S 237 8.99 24.67 -74.69
CA ILE S 237 9.24 23.33 -74.14
C ILE S 237 9.22 23.40 -72.63
N SER S 238 9.73 24.49 -72.05
CA SER S 238 9.65 24.67 -70.60
C SER S 238 8.22 24.80 -70.14
N GLN S 239 7.35 25.40 -70.97
CA GLN S 239 5.93 25.48 -70.63
C GLN S 239 5.30 24.10 -70.60
N ILE S 240 5.77 23.19 -71.46
CA ILE S 240 5.20 21.84 -71.50
C ILE S 240 5.59 21.07 -70.24
N VAL S 241 6.90 20.97 -69.98
CA VAL S 241 7.39 20.15 -68.87
C VAL S 241 7.10 20.77 -67.52
N SER S 242 6.85 22.09 -67.44
CA SER S 242 6.42 22.72 -66.21
C SER S 242 4.92 22.54 -65.98
N SER S 243 4.12 22.45 -67.04
CA SER S 243 2.69 22.28 -66.90
C SER S 243 2.30 20.87 -66.49
N ILE S 244 3.06 19.85 -66.92
CA ILE S 244 2.75 18.48 -66.51
C ILE S 244 3.02 18.27 -65.02
N THR S 245 4.07 18.88 -64.47
CA THR S 245 4.37 18.84 -63.04
C THR S 245 3.73 19.97 -62.26
N ALA S 246 2.83 20.76 -62.87
CA ALA S 246 2.15 21.83 -62.15
C ALA S 246 1.10 21.33 -61.18
N SER S 247 0.64 20.08 -61.32
CA SER S 247 -0.37 19.54 -60.41
C SER S 247 0.20 19.30 -59.03
N LEU S 248 1.42 18.76 -58.95
CA LEU S 248 2.03 18.50 -57.65
C LEU S 248 2.54 19.75 -56.97
N ARG S 249 2.86 20.81 -57.73
CA ARG S 249 3.35 22.03 -57.13
C ARG S 249 2.23 22.84 -56.49
N PHE S 250 1.26 23.26 -57.30
CA PHE S 250 0.13 24.08 -56.87
C PHE S 250 -1.11 23.21 -56.71
N ASP S 251 -2.07 23.74 -55.94
CA ASP S 251 -3.32 23.03 -55.70
C ASP S 251 -4.18 23.05 -56.95
N GLY S 252 -4.90 21.95 -57.17
CA GLY S 252 -5.75 21.81 -58.34
C GLY S 252 -7.06 21.12 -57.98
N ALA S 253 -8.06 21.34 -58.84
CA ALA S 253 -9.36 20.71 -58.65
C ALA S 253 -9.30 19.19 -58.84
N LEU S 254 -8.40 18.72 -59.71
CA LEU S 254 -8.19 17.28 -59.95
C LEU S 254 -6.68 17.10 -60.03
N ASN S 255 -6.06 16.79 -58.89
CA ASN S 255 -4.62 16.66 -58.82
C ASN S 255 -4.18 15.33 -59.42
N VAL S 256 -3.16 15.40 -60.28
CA VAL S 256 -2.54 14.23 -60.89
C VAL S 256 -1.05 14.25 -60.54
N ASP S 257 -0.46 13.06 -60.53
CA ASP S 257 0.92 12.82 -60.15
C ASP S 257 1.69 12.19 -61.31
N LEU S 258 3.00 12.03 -61.11
CA LEU S 258 3.85 11.49 -62.16
C LEU S 258 3.58 10.02 -62.46
N THR S 259 3.02 9.27 -61.52
CA THR S 259 2.69 7.87 -61.77
C THR S 259 1.49 7.70 -62.70
N GLU S 260 0.71 8.74 -62.94
CA GLU S 260 -0.40 8.63 -63.88
C GLU S 260 0.10 8.45 -65.31
N PHE S 261 1.28 8.96 -65.64
CA PHE S 261 1.83 8.83 -66.99
C PHE S 261 2.26 7.40 -67.33
N GLN S 262 2.39 6.51 -66.33
CA GLN S 262 2.73 5.12 -66.57
C GLN S 262 1.49 4.25 -66.77
N THR S 263 0.44 4.51 -65.99
CA THR S 263 -0.74 3.65 -66.02
C THR S 263 -1.65 3.96 -67.20
N ASN S 264 -1.87 5.25 -67.48
CA ASN S 264 -2.88 5.68 -68.45
C ASN S 264 -2.37 5.74 -69.89
N LEU S 265 -1.04 5.69 -70.11
CA LEU S 265 -0.44 5.90 -71.43
C LEU S 265 0.33 4.71 -71.97
N VAL S 266 0.75 3.78 -71.12
CA VAL S 266 1.58 2.63 -71.49
C VAL S 266 0.67 1.40 -71.51
N PRO S 267 0.05 1.03 -72.64
CA PRO S 267 -0.78 -0.18 -72.65
C PRO S 267 0.03 -1.48 -72.58
N TYR S 268 1.27 -1.44 -73.06
CA TYR S 268 2.17 -2.59 -73.06
C TYR S 268 3.56 -2.10 -72.67
N PRO S 269 4.39 -2.92 -72.01
CA PRO S 269 5.64 -2.38 -71.45
C PRO S 269 6.68 -1.99 -72.48
N ARG S 270 6.59 -2.52 -73.71
CA ARG S 270 7.52 -2.20 -74.79
C ARG S 270 6.96 -1.23 -75.83
N ILE S 271 5.71 -0.76 -75.67
CA ILE S 271 5.14 0.31 -76.47
C ILE S 271 4.93 1.49 -75.53
N HIS S 272 5.92 2.37 -75.47
CA HIS S 272 6.00 3.44 -74.47
C HIS S 272 6.49 4.74 -75.11
N PHE S 273 5.82 5.14 -76.21
CA PHE S 273 6.20 6.30 -77.02
C PHE S 273 5.00 7.21 -77.24
N PRO S 274 4.67 8.10 -76.30
CA PRO S 274 3.65 9.11 -76.57
C PRO S 274 4.18 10.27 -77.39
N LEU S 275 3.24 11.04 -77.94
CA LEU S 275 3.52 12.29 -78.64
C LEU S 275 3.46 13.45 -77.65
N ALA S 276 3.70 14.66 -78.16
CA ALA S 276 3.71 15.87 -77.35
C ALA S 276 3.20 17.05 -78.17
N THR S 277 2.39 17.90 -77.54
CA THR S 277 1.89 19.10 -78.17
C THR S 277 1.47 20.08 -77.08
N TYR S 278 1.15 21.30 -77.49
CA TYR S 278 0.82 22.37 -76.57
C TYR S 278 -0.06 23.39 -77.27
N ALA S 279 -0.95 24.03 -76.52
CA ALA S 279 -1.79 25.09 -77.03
C ALA S 279 -2.29 25.92 -75.85
N PRO S 280 -2.62 27.21 -76.05
CA PRO S 280 -2.55 28.05 -77.24
C PRO S 280 -1.19 28.71 -77.41
N VAL S 281 -0.67 28.67 -78.64
CA VAL S 281 0.54 29.41 -79.02
C VAL S 281 0.12 30.63 -79.81
N ILE S 282 0.32 31.81 -79.22
CA ILE S 282 -0.20 33.06 -79.79
C ILE S 282 0.71 34.19 -79.32
N SER S 283 0.91 35.17 -80.20
CA SER S 283 1.80 36.29 -79.94
C SER S 283 1.07 37.35 -79.11
N ALA S 284 1.77 38.44 -78.82
CA ALA S 284 1.21 39.49 -77.97
C ALA S 284 0.06 40.22 -78.66
N GLU S 285 0.34 40.80 -79.84
CA GLU S 285 -0.69 41.52 -80.59
C GLU S 285 -1.84 40.61 -81.03
N LYS S 286 -1.58 39.32 -81.26
CA LYS S 286 -2.62 38.39 -81.64
C LYS S 286 -3.41 37.85 -80.46
N ALA S 287 -2.89 37.96 -79.23
CA ALA S 287 -3.61 37.44 -78.07
C ALA S 287 -4.86 38.25 -77.78
N TYR S 288 -4.80 39.57 -77.94
CA TYR S 288 -5.93 40.43 -77.65
C TYR S 288 -7.04 40.34 -78.68
N HIS S 289 -6.71 39.96 -79.93
CA HIS S 289 -7.71 39.80 -80.98
C HIS S 289 -8.34 38.42 -81.00
N GLU S 290 -7.62 37.39 -80.57
CA GLU S 290 -8.10 36.02 -80.58
C GLU S 290 -8.82 35.71 -79.28
N GLN S 291 -9.95 35.01 -79.38
CA GLN S 291 -10.74 34.63 -78.21
C GLN S 291 -10.08 33.45 -77.52
N LEU S 292 -10.13 33.45 -76.18
CA LEU S 292 -9.49 32.43 -75.34
C LEU S 292 -10.57 31.65 -74.60
N SER S 293 -10.77 30.40 -75.00
CA SER S 293 -11.65 29.47 -74.29
C SER S 293 -11.15 28.05 -74.55
N VAL S 294 -11.79 27.06 -73.91
CA VAL S 294 -11.34 25.68 -74.07
C VAL S 294 -11.76 25.07 -75.40
N ALA S 295 -12.81 25.58 -76.04
CA ALA S 295 -13.32 24.96 -77.26
C ALA S 295 -12.35 25.13 -78.41
N GLU S 296 -11.80 26.33 -78.58
CA GLU S 296 -10.92 26.59 -79.73
C GLU S 296 -9.55 25.93 -79.54
N ILE S 297 -9.03 25.88 -78.32
CA ILE S 297 -7.73 25.26 -78.07
C ILE S 297 -7.84 23.74 -78.04
N THR S 298 -9.00 23.19 -77.67
CA THR S 298 -9.19 21.74 -77.71
C THR S 298 -9.13 21.23 -79.15
N ASN S 299 -9.61 22.03 -80.11
CA ASN S 299 -9.46 21.69 -81.51
C ASN S 299 -8.06 21.98 -82.04
N ALA S 300 -7.30 22.87 -81.38
CA ALA S 300 -5.99 23.25 -81.88
C ALA S 300 -4.95 22.18 -81.58
N CYS S 301 -5.00 21.55 -80.40
CA CYS S 301 -4.03 20.52 -80.06
C CYS S 301 -4.24 19.25 -80.85
N PHE S 302 -5.48 18.91 -81.18
CA PHE S 302 -5.77 17.79 -82.07
C PHE S 302 -5.53 18.10 -83.55
N GLU S 303 -5.26 19.35 -83.89
CA GLU S 303 -4.90 19.68 -85.27
C GLU S 303 -3.57 19.02 -85.61
N PRO S 304 -3.42 18.37 -86.78
CA PRO S 304 -2.22 17.55 -87.00
C PRO S 304 -0.94 18.36 -87.14
N ALA S 305 -0.99 19.52 -87.79
CA ALA S 305 0.18 20.36 -87.96
C ALA S 305 0.58 21.13 -86.69
N ASN S 306 -0.24 21.10 -85.64
CA ASN S 306 0.05 21.78 -84.38
C ASN S 306 0.80 20.88 -83.40
N GLN S 307 1.35 19.75 -83.84
CA GLN S 307 2.11 18.84 -82.99
C GLN S 307 3.59 19.14 -83.07
N MET S 308 4.34 18.60 -82.09
CA MET S 308 5.79 18.74 -82.02
C MET S 308 6.52 17.60 -82.73
N VAL S 309 5.89 16.94 -83.70
CA VAL S 309 6.50 15.85 -84.45
C VAL S 309 5.84 15.78 -85.81
N LYS S 310 6.64 15.68 -86.86
CA LYS S 310 6.13 15.56 -88.22
C LYS S 310 5.59 14.14 -88.38
N CYS S 311 4.31 14.00 -88.10
CA CYS S 311 3.65 12.70 -88.14
C CYS S 311 2.15 12.91 -88.27
N ASP S 312 1.53 12.14 -89.15
CA ASP S 312 0.11 12.29 -89.44
C ASP S 312 -0.69 11.42 -88.48
N PRO S 313 -1.45 11.99 -87.53
CA PRO S 313 -2.28 11.12 -86.66
C PRO S 313 -3.44 10.45 -87.38
N ARG S 314 -3.83 10.94 -88.56
CA ARG S 314 -4.91 10.29 -89.31
C ARG S 314 -4.51 8.91 -89.80
N HIS S 315 -3.21 8.69 -90.05
CA HIS S 315 -2.76 7.39 -90.52
C HIS S 315 -2.91 6.31 -89.45
N GLY S 316 -2.64 6.66 -88.19
CA GLY S 316 -2.67 5.72 -87.09
C GLY S 316 -3.94 5.80 -86.26
N LYS S 317 -3.90 5.24 -85.06
CA LYS S 317 -5.02 5.26 -84.12
C LYS S 317 -4.48 5.54 -82.73
N TYR S 318 -5.10 6.46 -82.02
CA TYR S 318 -4.66 6.83 -80.69
C TYR S 318 -4.93 5.69 -79.72
N MET S 319 -3.87 5.18 -79.10
CA MET S 319 -4.02 4.14 -78.09
C MET S 319 -4.57 4.72 -76.79
N ALA S 320 -4.06 5.88 -76.38
CA ALA S 320 -4.49 6.54 -75.17
C ALA S 320 -4.18 8.02 -75.30
N CYS S 321 -4.93 8.83 -74.55
CA CYS S 321 -4.79 10.29 -74.58
C CYS S 321 -4.94 10.84 -73.17
N CYS S 322 -4.08 11.81 -72.85
CA CYS S 322 -4.08 12.50 -71.56
C CYS S 322 -4.12 13.99 -71.79
N LEU S 323 -4.87 14.69 -70.94
CA LEU S 323 -5.06 16.14 -71.01
C LEU S 323 -4.76 16.74 -69.66
N LEU S 324 -4.08 17.88 -69.65
CA LEU S 324 -3.76 18.62 -68.44
C LEU S 324 -3.92 20.11 -68.72
N TYR S 325 -4.84 20.74 -68.00
CA TYR S 325 -5.18 22.15 -68.20
C TYR S 325 -4.64 22.98 -67.05
N ARG S 326 -4.60 24.30 -67.26
CA ARG S 326 -4.16 25.26 -66.26
C ARG S 326 -5.07 26.48 -66.31
N GLY S 327 -5.11 27.20 -65.19
CA GLY S 327 -5.87 28.43 -65.12
C GLY S 327 -7.32 28.21 -64.75
N ASP S 328 -8.11 29.26 -64.99
CA ASP S 328 -9.55 29.25 -64.65
C ASP S 328 -10.31 28.54 -65.77
N VAL S 329 -10.33 27.21 -65.67
CA VAL S 329 -11.05 26.33 -66.59
C VAL S 329 -12.01 25.50 -65.75
N VAL S 330 -13.30 25.78 -65.90
CA VAL S 330 -14.34 25.06 -65.16
C VAL S 330 -14.55 23.70 -65.82
N PRO S 331 -15.07 22.68 -65.11
CA PRO S 331 -15.15 21.35 -65.71
C PRO S 331 -16.34 21.14 -66.64
N LYS S 332 -17.16 22.17 -66.88
CA LYS S 332 -18.33 22.04 -67.74
C LYS S 332 -17.93 22.12 -69.21
N ASP S 333 -17.41 23.26 -69.65
CA ASP S 333 -17.11 23.48 -71.06
C ASP S 333 -15.94 22.64 -71.55
N VAL S 334 -15.09 22.15 -70.65
CA VAL S 334 -13.99 21.27 -71.07
C VAL S 334 -14.53 19.87 -71.36
N ASN S 335 -15.57 19.44 -70.65
CA ASN S 335 -16.16 18.13 -70.91
C ASN S 335 -17.01 18.16 -72.18
N ALA S 336 -17.66 19.28 -72.46
CA ALA S 336 -18.40 19.41 -73.71
C ALA S 336 -17.47 19.45 -74.90
N ALA S 337 -16.26 19.99 -74.72
CA ALA S 337 -15.30 20.07 -75.83
C ALA S 337 -14.82 18.69 -76.23
N ILE S 338 -14.39 17.87 -75.27
CA ILE S 338 -13.88 16.54 -75.60
C ILE S 338 -15.00 15.64 -76.12
N ALA S 339 -16.25 15.89 -75.72
CA ALA S 339 -17.37 15.14 -76.28
C ALA S 339 -17.54 15.42 -77.76
N ALA S 340 -17.22 16.63 -78.20
CA ALA S 340 -17.25 16.94 -79.64
C ALA S 340 -16.11 16.24 -80.38
N ILE S 341 -15.00 15.95 -79.69
CA ILE S 341 -13.89 15.24 -80.32
C ILE S 341 -14.25 13.78 -80.54
N LYS S 342 -15.10 13.21 -79.67
CA LYS S 342 -15.46 11.80 -79.80
C LYS S 342 -16.30 11.54 -81.04
N THR S 343 -17.27 12.41 -81.32
CA THR S 343 -18.13 12.28 -82.49
C THR S 343 -17.48 12.81 -83.77
N LYS S 344 -16.39 13.58 -83.67
CA LYS S 344 -15.69 14.05 -84.85
C LYS S 344 -14.93 12.88 -85.49
N ARG S 345 -15.30 12.53 -86.71
CA ARG S 345 -14.71 11.41 -87.42
C ARG S 345 -13.46 11.79 -88.23
N SER S 346 -12.94 13.00 -88.07
CA SER S 346 -11.68 13.35 -88.72
C SER S 346 -10.53 12.52 -88.16
N ILE S 347 -10.58 12.20 -86.86
CA ILE S 347 -9.63 11.30 -86.20
C ILE S 347 -10.40 10.08 -85.73
N GLN S 348 -9.69 8.95 -85.62
CA GLN S 348 -10.26 7.66 -85.26
C GLN S 348 -9.46 7.04 -84.14
N PHE S 349 -10.17 6.62 -83.09
CA PHE S 349 -9.59 5.94 -81.95
C PHE S 349 -9.63 4.43 -82.17
N VAL S 350 -8.71 3.74 -81.50
CA VAL S 350 -8.60 2.29 -81.64
C VAL S 350 -9.67 1.63 -80.77
N ASP S 351 -10.13 0.46 -81.21
CA ASP S 351 -11.13 -0.29 -80.47
C ASP S 351 -10.60 -0.89 -79.18
N TRP S 352 -9.29 -0.98 -79.00
CA TRP S 352 -8.73 -1.57 -77.78
C TRP S 352 -8.78 -0.64 -76.58
N CYS S 353 -9.18 0.63 -76.76
CA CYS S 353 -9.28 1.58 -75.66
C CYS S 353 -10.31 2.64 -76.02
N PRO S 354 -11.62 2.34 -75.90
CA PRO S 354 -12.62 3.37 -76.25
C PRO S 354 -12.58 4.59 -75.34
N THR S 355 -12.44 4.38 -74.03
CA THR S 355 -12.45 5.48 -73.06
C THR S 355 -11.03 5.94 -72.76
N GLY S 356 -10.30 6.24 -73.84
CA GLY S 356 -8.92 6.66 -73.74
C GLY S 356 -8.75 8.14 -73.52
N PHE S 357 -9.27 8.65 -72.40
CA PHE S 357 -9.19 10.07 -72.04
C PHE S 357 -8.85 10.17 -70.56
N LYS S 358 -7.82 10.96 -70.24
CA LYS S 358 -7.42 11.28 -68.87
C LYS S 358 -7.34 12.79 -68.76
N VAL S 359 -8.30 13.38 -68.06
CA VAL S 359 -8.46 14.83 -67.95
C VAL S 359 -7.83 15.28 -66.64
N GLY S 360 -7.19 16.44 -66.68
CA GLY S 360 -6.61 17.04 -65.48
C GLY S 360 -6.75 18.54 -65.52
N ILE S 361 -6.71 19.15 -64.34
CA ILE S 361 -6.93 20.59 -64.19
C ILE S 361 -6.12 21.08 -63.00
N ASN S 362 -5.47 22.23 -63.17
CA ASN S 362 -4.75 22.94 -62.12
C ASN S 362 -5.22 24.38 -62.08
N TYR S 363 -5.33 24.93 -60.86
CA TYR S 363 -5.82 26.29 -60.69
C TYR S 363 -4.78 27.35 -61.05
N GLN S 364 -3.50 27.06 -60.88
CA GLN S 364 -2.47 28.07 -61.13
C GLN S 364 -2.36 28.31 -62.63
N PRO S 365 -2.39 29.56 -63.11
CA PRO S 365 -2.50 29.78 -64.55
C PRO S 365 -1.14 29.70 -65.23
N PRO S 366 -1.09 29.73 -66.56
CA PRO S 366 0.22 29.80 -67.23
C PRO S 366 0.87 31.16 -67.02
N THR S 367 2.13 31.15 -66.60
CA THR S 367 2.90 32.35 -66.39
C THR S 367 3.43 32.87 -67.73
N VAL S 368 4.29 33.89 -67.66
CA VAL S 368 4.95 34.44 -68.84
C VAL S 368 6.31 34.97 -68.41
N VAL S 369 7.31 34.81 -69.27
CA VAL S 369 8.67 35.24 -68.97
C VAL S 369 8.79 36.73 -69.33
N PRO S 370 9.55 37.55 -68.60
CA PRO S 370 9.76 38.92 -69.06
C PRO S 370 10.59 38.94 -70.34
N GLY S 371 10.04 39.52 -71.39
CA GLY S 371 10.70 39.57 -72.68
C GLY S 371 10.58 38.32 -73.52
N GLY S 372 9.72 37.36 -73.11
CA GLY S 372 9.59 36.13 -73.86
C GLY S 372 8.74 36.29 -75.11
N ASP S 373 8.84 35.28 -75.98
CA ASP S 373 8.09 35.30 -77.25
C ASP S 373 6.62 34.98 -77.04
N LEU S 374 6.29 34.13 -76.07
CA LEU S 374 4.91 33.78 -75.79
C LEU S 374 4.23 34.87 -74.98
N ALA S 375 2.92 35.01 -75.19
CA ALA S 375 2.10 36.02 -74.53
C ALA S 375 1.39 35.40 -73.31
N LYS S 376 0.85 36.28 -72.48
CA LYS S 376 0.12 35.84 -71.28
C LYS S 376 -1.26 35.36 -71.70
N VAL S 377 -1.65 34.20 -71.19
CA VAL S 377 -2.95 33.58 -71.46
C VAL S 377 -3.56 33.11 -70.15
N GLN S 378 -4.88 33.24 -70.04
CA GLN S 378 -5.59 32.83 -68.84
C GLN S 378 -5.84 31.34 -68.75
N ARG S 379 -5.52 30.56 -69.79
CA ARG S 379 -5.70 29.12 -69.77
C ARG S 379 -4.77 28.48 -70.78
N ALA S 380 -4.52 27.19 -70.61
CA ALA S 380 -3.63 26.46 -71.49
C ALA S 380 -3.94 24.98 -71.41
N VAL S 381 -3.32 24.21 -72.29
CA VAL S 381 -3.49 22.76 -72.34
C VAL S 381 -2.26 22.14 -72.97
N CYS S 382 -1.90 20.94 -72.49
CA CYS S 382 -0.83 20.14 -73.05
C CYS S 382 -1.30 18.69 -73.12
N MET S 383 -1.23 18.10 -74.30
CA MET S 383 -1.74 16.76 -74.57
C MET S 383 -0.58 15.81 -74.82
N LEU S 384 -0.55 14.72 -74.06
CA LEU S 384 0.36 13.61 -74.26
C LEU S 384 -0.51 12.40 -74.57
N SER S 385 -0.27 11.76 -75.72
CA SER S 385 -1.14 10.71 -76.23
C SER S 385 -0.31 9.64 -76.93
N ASN S 386 -0.56 8.39 -76.59
CA ASN S 386 0.04 7.26 -77.29
C ASN S 386 -0.76 6.95 -78.56
N THR S 387 -0.05 6.62 -79.63
CA THR S 387 -0.68 6.37 -80.92
C THR S 387 0.22 5.42 -81.72
N THR S 388 -0.40 4.73 -82.68
CA THR S 388 0.31 3.90 -83.64
C THR S 388 0.79 4.70 -84.86
N ALA S 389 0.67 6.02 -84.83
CA ALA S 389 1.11 6.82 -85.97
C ALA S 389 2.62 6.91 -86.08
N ILE S 390 3.35 6.70 -84.96
CA ILE S 390 4.80 6.89 -84.96
C ILE S 390 5.54 5.67 -85.50
N ALA S 391 4.84 4.64 -85.99
CA ALA S 391 5.51 3.48 -86.55
C ALA S 391 6.19 3.84 -87.87
N GLU S 392 5.60 4.76 -88.65
CA GLU S 392 6.19 5.14 -89.92
C GLU S 392 7.51 5.89 -89.72
N ALA S 393 7.65 6.62 -88.61
CA ALA S 393 8.93 7.28 -88.32
C ALA S 393 10.01 6.25 -88.02
N TRP S 394 9.68 5.23 -87.22
CA TRP S 394 10.62 4.14 -87.00
C TRP S 394 10.88 3.37 -88.28
N ALA S 395 9.88 3.25 -89.16
CA ALA S 395 10.11 2.69 -90.48
C ALA S 395 11.01 3.59 -91.31
N ARG S 396 10.86 4.91 -91.17
CA ARG S 396 11.72 5.84 -91.90
C ARG S 396 13.14 5.80 -91.37
N LEU S 397 13.30 5.81 -90.05
CA LEU S 397 14.64 5.74 -89.45
C LEU S 397 15.29 4.40 -89.74
N ASP S 398 14.51 3.31 -89.69
CA ASP S 398 15.05 2.00 -90.02
C ASP S 398 15.35 1.88 -91.50
N HIS S 399 14.56 2.54 -92.35
CA HIS S 399 14.78 2.46 -93.79
C HIS S 399 16.09 3.13 -94.19
N LYS S 400 16.32 4.35 -93.71
CA LYS S 400 17.56 5.05 -94.04
C LYS S 400 18.78 4.40 -93.41
N PHE S 401 18.62 3.76 -92.26
CA PHE S 401 19.71 3.02 -91.64
C PHE S 401 20.18 1.85 -92.49
N ASP S 402 19.26 1.19 -93.19
CA ASP S 402 19.64 0.07 -94.05
C ASP S 402 20.48 0.54 -95.24
N LEU S 403 20.27 1.76 -95.70
CA LEU S 403 21.07 2.29 -96.81
C LEU S 403 22.52 2.47 -96.40
N MET S 404 22.75 3.01 -95.20
CA MET S 404 24.12 3.21 -94.72
C MET S 404 24.71 1.91 -94.19
N TYR S 405 23.89 1.06 -93.58
CA TYR S 405 24.39 -0.21 -93.05
C TYR S 405 24.81 -1.15 -94.18
N ALA S 406 24.14 -1.07 -95.33
CA ALA S 406 24.50 -1.91 -96.46
C ALA S 406 25.90 -1.59 -96.99
N LYS S 407 26.28 -0.31 -96.96
CA LYS S 407 27.62 0.13 -97.35
C LYS S 407 28.60 0.18 -96.19
N ARG S 408 28.17 -0.16 -94.96
CA ARG S 408 29.03 -0.13 -93.78
C ARG S 408 29.58 1.27 -93.52
N ALA S 409 28.71 2.27 -93.67
CA ALA S 409 29.11 3.66 -93.55
C ALA S 409 29.24 4.06 -92.08
N PHE S 410 30.31 4.79 -91.77
CA PHE S 410 30.56 5.34 -90.43
C PHE S 410 30.68 4.25 -89.37
N VAL S 411 31.10 3.04 -89.76
CA VAL S 411 31.18 1.92 -88.83
C VAL S 411 32.56 1.83 -88.18
N HIS S 412 33.63 2.27 -88.86
CA HIS S 412 34.97 2.10 -88.33
C HIS S 412 35.23 2.95 -87.08
N TRP S 413 34.45 4.02 -86.87
CA TRP S 413 34.59 4.79 -85.64
C TRP S 413 34.02 4.05 -84.44
N TYR S 414 32.90 3.34 -84.61
CA TYR S 414 32.29 2.64 -83.49
C TYR S 414 33.13 1.45 -83.06
N VAL S 415 33.60 0.64 -84.02
CA VAL S 415 34.45 -0.49 -83.70
C VAL S 415 35.82 -0.06 -83.22
N GLY S 416 36.28 1.12 -83.60
CA GLY S 416 37.49 1.68 -83.02
C GLY S 416 37.37 2.02 -81.55
N GLU S 417 36.14 2.23 -81.06
CA GLU S 417 35.90 2.50 -79.66
C GLU S 417 35.90 1.23 -78.80
N GLY S 418 35.53 0.09 -79.37
CA GLY S 418 35.51 -1.19 -78.66
C GLY S 418 34.38 -2.11 -79.03
N MET S 419 33.40 -1.65 -79.82
CA MET S 419 32.25 -2.46 -80.21
C MET S 419 32.61 -3.28 -81.44
N GLU S 420 31.63 -4.02 -81.97
CA GLU S 420 31.81 -4.93 -83.10
C GLU S 420 30.59 -4.80 -84.01
N GLU S 421 30.47 -5.72 -84.97
CA GLU S 421 29.34 -5.73 -85.89
C GLU S 421 28.10 -6.40 -85.30
N GLY S 422 28.25 -7.19 -84.22
CA GLY S 422 27.15 -7.98 -83.73
C GLY S 422 26.01 -7.16 -83.16
N GLU S 423 26.33 -6.23 -82.24
CA GLU S 423 25.29 -5.45 -81.60
C GLU S 423 24.60 -4.48 -82.56
N PHE S 424 25.24 -4.14 -83.68
CA PHE S 424 24.52 -3.42 -84.74
C PHE S 424 23.38 -4.27 -85.28
N SER S 425 23.59 -5.58 -85.39
CA SER S 425 22.50 -6.47 -85.80
C SER S 425 21.43 -6.56 -84.74
N GLU S 426 21.81 -6.52 -83.45
CA GLU S 426 20.82 -6.52 -82.39
C GLU S 426 20.03 -5.22 -82.38
N ALA S 427 20.68 -4.10 -82.68
CA ALA S 427 19.97 -2.84 -82.76
C ALA S 427 19.01 -2.80 -83.94
N ARG S 428 19.36 -3.48 -85.04
CA ARG S 428 18.48 -3.52 -86.21
C ARG S 428 17.25 -4.37 -85.93
N GLU S 429 17.46 -5.60 -85.44
CA GLU S 429 16.33 -6.50 -85.22
C GLU S 429 15.44 -6.06 -84.07
N ASP S 430 15.98 -5.33 -83.09
CA ASP S 430 15.16 -4.87 -81.97
C ASP S 430 14.15 -3.83 -82.44
N MET S 431 14.57 -2.93 -83.33
CA MET S 431 13.61 -2.00 -83.94
C MET S 431 12.68 -2.73 -84.90
N ALA S 432 13.17 -3.78 -85.56
CA ALA S 432 12.30 -4.59 -86.41
C ALA S 432 11.24 -5.30 -85.58
N ALA S 433 11.60 -5.69 -84.35
CA ALA S 433 10.60 -6.25 -83.43
C ALA S 433 9.55 -5.21 -83.07
N LEU S 434 9.93 -3.94 -83.00
CA LEU S 434 8.99 -2.89 -82.61
C LEU S 434 7.97 -2.64 -83.71
N GLU S 435 8.36 -2.76 -84.98
CA GLU S 435 7.44 -2.48 -86.07
C GLU S 435 6.35 -3.54 -86.16
N LYS S 436 6.71 -4.81 -85.99
CA LYS S 436 5.70 -5.87 -86.00
C LYS S 436 4.79 -5.78 -84.79
N ASP S 437 5.26 -5.20 -83.68
CA ASP S 437 4.38 -4.95 -82.54
C ASP S 437 3.45 -3.77 -82.79
N TYR S 438 3.92 -2.77 -83.55
CA TYR S 438 3.10 -1.59 -83.82
C TYR S 438 2.00 -1.88 -84.83
N GLU S 439 2.27 -2.73 -85.82
CA GLU S 439 1.24 -3.13 -86.77
C GLU S 439 0.29 -4.16 -86.18
N GLU S 440 0.75 -4.95 -85.21
CA GLU S 440 -0.15 -5.90 -84.54
C GLU S 440 -1.08 -5.19 -83.57
N VAL S 441 -0.54 -4.31 -82.73
CA VAL S 441 -1.37 -3.58 -81.79
C VAL S 441 -2.31 -2.60 -82.49
N GLY S 442 -1.96 -2.13 -83.68
CA GLY S 442 -2.79 -1.22 -84.44
C GLY S 442 -3.95 -1.84 -85.17
N ILE S 443 -4.19 -3.13 -85.01
CA ILE S 443 -5.30 -3.80 -85.69
C ILE S 443 -6.60 -3.34 -85.03
N MET T 1 42.09 22.11 -70.66
CA MET T 1 40.88 21.42 -71.22
C MET T 1 40.98 21.30 -72.74
N ARG T 2 41.35 20.11 -73.22
CA ARG T 2 41.35 19.78 -74.64
C ARG T 2 42.32 20.65 -75.41
N GLU T 3 43.57 20.70 -74.94
CA GLU T 3 44.58 21.52 -75.59
C GLU T 3 44.95 20.94 -76.94
N ILE T 4 45.38 21.82 -77.84
CA ILE T 4 45.81 21.48 -79.20
C ILE T 4 47.26 21.94 -79.35
N VAL T 5 48.12 21.00 -79.73
CA VAL T 5 49.54 21.25 -79.89
C VAL T 5 49.80 21.62 -81.35
N HIS T 6 50.23 22.86 -81.57
CA HIS T 6 50.52 23.35 -82.92
C HIS T 6 51.97 23.06 -83.27
N ILE T 7 52.18 22.70 -84.54
CA ILE T 7 53.50 22.30 -85.04
C ILE T 7 53.59 22.77 -86.49
N GLN T 8 54.45 23.76 -86.73
CA GLN T 8 54.60 24.40 -88.04
C GLN T 8 55.81 23.81 -88.74
N ALA T 9 55.55 22.98 -89.76
CA ALA T 9 56.58 22.31 -90.54
C ALA T 9 56.61 22.89 -91.95
N GLY T 10 57.82 23.05 -92.48
CA GLY T 10 57.99 23.55 -93.83
C GLY T 10 57.91 25.06 -93.91
N GLN T 11 58.28 25.59 -95.08
CA GLN T 11 58.27 27.03 -95.29
C GLN T 11 56.84 27.57 -95.30
N CYS T 12 55.97 26.96 -96.11
CA CYS T 12 54.60 27.44 -96.21
C CYS T 12 53.83 27.21 -94.91
N GLY T 13 54.14 26.11 -94.21
CA GLY T 13 53.48 25.85 -92.94
C GLY T 13 53.83 26.89 -91.89
N ASN T 14 55.04 27.41 -91.93
CA ASN T 14 55.43 28.48 -91.01
C ASN T 14 54.73 29.78 -91.36
N GLN T 15 54.50 30.03 -92.66
CA GLN T 15 53.84 31.27 -93.08
C GLN T 15 52.37 31.25 -92.67
N ILE T 16 51.63 30.22 -93.07
CA ILE T 16 50.22 30.14 -92.69
C ILE T 16 50.07 29.90 -91.20
N GLY T 17 51.02 29.19 -90.59
CA GLY T 17 50.99 29.04 -89.14
C GLY T 17 51.24 30.36 -88.43
N ALA T 18 52.16 31.17 -88.96
CA ALA T 18 52.37 32.51 -88.39
C ALA T 18 51.13 33.38 -88.59
N LYS T 19 50.48 33.26 -89.75
CA LYS T 19 49.24 33.99 -89.97
C LYS T 19 48.10 33.42 -89.14
N PHE T 20 48.16 32.12 -88.80
CA PHE T 20 47.12 31.51 -87.99
C PHE T 20 47.11 32.09 -86.57
N TRP T 21 48.30 32.21 -85.97
CA TRP T 21 48.38 32.86 -84.66
C TRP T 21 48.04 34.34 -84.76
N GLU T 22 48.26 34.97 -85.92
CA GLU T 22 47.96 36.38 -86.07
C GLU T 22 46.46 36.64 -86.05
N VAL T 23 45.71 35.87 -86.84
CA VAL T 23 44.28 36.16 -87.00
C VAL T 23 43.50 35.81 -85.74
N ILE T 24 43.88 34.73 -85.05
CA ILE T 24 43.19 34.37 -83.81
C ILE T 24 43.59 35.24 -82.64
N SER T 25 44.79 35.85 -82.68
CA SER T 25 45.20 36.76 -81.62
C SER T 25 44.32 38.01 -81.58
N ASP T 26 43.84 38.46 -82.74
CA ASP T 26 42.89 39.57 -82.75
C ASP T 26 41.53 39.14 -82.22
N GLU T 27 41.15 37.88 -82.44
CA GLU T 27 39.89 37.39 -81.90
C GLU T 27 39.94 37.32 -80.37
N HIS T 28 41.04 36.81 -79.83
CA HIS T 28 41.23 36.77 -78.38
C HIS T 28 41.71 38.10 -77.81
N GLY T 29 42.15 39.05 -78.65
CA GLY T 29 42.56 40.34 -78.16
C GLY T 29 43.89 40.30 -77.42
N ILE T 30 44.89 39.66 -78.04
CA ILE T 30 46.23 39.52 -77.48
C ILE T 30 47.14 40.49 -78.21
N ASP T 31 47.96 41.21 -77.46
CA ASP T 31 48.93 42.11 -78.06
C ASP T 31 50.06 41.28 -78.70
N PRO T 32 50.82 41.85 -79.64
CA PRO T 32 52.01 41.12 -80.14
C PRO T 32 53.07 40.89 -79.09
N THR T 33 53.15 41.77 -78.07
CA THR T 33 54.11 41.56 -76.99
C THR T 33 53.74 40.38 -76.11
N GLY T 34 52.45 40.06 -76.00
CA GLY T 34 51.96 38.92 -75.24
C GLY T 34 50.93 39.27 -74.18
N SER T 35 50.65 40.54 -73.91
CA SER T 35 49.68 40.95 -72.90
C SER T 35 48.29 41.04 -73.51
N TYR T 36 47.28 40.94 -72.65
CA TYR T 36 45.88 40.98 -73.06
C TYR T 36 45.37 42.42 -73.07
N HIS T 37 44.69 42.80 -74.15
CA HIS T 37 44.05 44.11 -74.27
C HIS T 37 42.68 43.99 -74.94
N GLY T 38 41.99 42.88 -74.74
CA GLY T 38 40.68 42.67 -75.33
C GLY T 38 39.58 43.40 -74.57
N ASP T 39 38.35 42.98 -74.85
CA ASP T 39 37.14 43.55 -74.27
C ASP T 39 36.23 42.53 -73.61
N SER T 40 36.12 41.33 -74.17
CA SER T 40 35.21 40.30 -73.69
C SER T 40 35.90 39.39 -72.69
N ASP T 41 35.12 38.89 -71.73
CA ASP T 41 35.61 37.93 -70.75
C ASP T 41 35.69 36.51 -71.29
N LEU T 42 34.93 36.19 -72.35
CA LEU T 42 34.98 34.85 -72.93
C LEU T 42 36.29 34.57 -73.66
N GLN T 43 37.06 35.61 -74.01
CA GLN T 43 38.37 35.40 -74.62
C GLN T 43 39.32 34.68 -73.68
N LEU T 44 39.26 35.00 -72.38
CA LEU T 44 40.03 34.29 -71.37
C LEU T 44 39.44 32.96 -70.95
N GLU T 45 38.19 32.66 -71.34
CA GLU T 45 37.55 31.41 -70.97
C GLU T 45 38.27 30.22 -71.60
N ARG T 46 38.76 30.38 -72.83
CA ARG T 46 39.41 29.31 -73.58
C ARG T 46 40.65 29.83 -74.27
N ILE T 47 41.43 30.65 -73.55
CA ILE T 47 42.75 31.06 -74.00
C ILE T 47 43.79 29.97 -73.78
N ASN T 48 43.58 29.09 -72.79
CA ASN T 48 44.50 28.00 -72.53
C ASN T 48 44.39 26.86 -73.54
N VAL T 49 43.38 26.86 -74.41
CA VAL T 49 43.22 25.77 -75.37
C VAL T 49 44.30 25.81 -76.44
N TYR T 50 44.94 26.97 -76.66
CA TYR T 50 46.07 27.13 -77.58
C TYR T 50 47.31 27.73 -76.93
N TYR T 51 47.14 28.60 -75.92
CA TYR T 51 48.24 29.31 -75.27
C TYR T 51 48.52 28.70 -73.92
N ASN T 52 49.65 29.12 -73.32
CA ASN T 52 50.05 28.74 -71.97
C ASN T 52 50.19 30.00 -71.13
N GLU T 53 49.74 29.93 -69.88
CA GLU T 53 49.83 31.06 -68.98
C GLU T 53 51.26 31.24 -68.50
N ALA T 54 51.63 32.50 -68.24
CA ALA T 54 52.95 32.84 -67.74
C ALA T 54 52.88 34.03 -66.79
N ALA T 55 54.02 34.47 -66.28
CA ALA T 55 54.04 35.56 -65.32
C ALA T 55 53.71 36.88 -66.01
N GLY T 56 53.18 37.82 -65.23
CA GLY T 56 52.83 39.12 -65.76
C GLY T 56 51.64 39.12 -66.70
N ASN T 57 50.77 38.11 -66.59
CA ASN T 57 49.59 37.97 -67.45
C ASN T 57 49.97 37.86 -68.93
N LYS T 58 51.13 37.24 -69.20
CA LYS T 58 51.61 37.00 -70.56
C LYS T 58 51.23 35.60 -70.99
N TYR T 59 50.84 35.47 -72.26
CA TYR T 59 50.40 34.20 -72.85
C TYR T 59 51.29 33.88 -74.04
N VAL T 60 52.14 32.86 -73.87
CA VAL T 60 53.03 32.38 -74.92
C VAL T 60 52.25 31.35 -75.74
N PRO T 61 52.37 31.31 -77.08
CA PRO T 61 51.63 30.28 -77.83
C PRO T 61 52.32 28.93 -77.77
N ARG T 62 51.51 27.89 -77.87
CA ARG T 62 52.00 26.50 -77.90
C ARG T 62 52.28 26.11 -79.35
N ALA T 63 53.26 26.80 -79.93
CA ALA T 63 53.70 26.62 -81.31
C ALA T 63 55.11 26.03 -81.31
N ILE T 64 55.33 25.07 -82.20
CA ILE T 64 56.62 24.41 -82.38
C ILE T 64 57.00 24.57 -83.84
N LEU T 65 57.88 25.54 -84.12
CA LEU T 65 58.32 25.84 -85.48
C LEU T 65 59.51 24.96 -85.80
N VAL T 66 59.37 24.14 -86.85
CA VAL T 66 60.42 23.24 -87.32
C VAL T 66 60.66 23.50 -88.79
N ASP T 67 61.93 23.62 -89.16
CA ASP T 67 62.34 23.83 -90.53
C ASP T 67 63.83 23.56 -90.63
N LEU T 68 64.25 23.09 -91.81
CA LEU T 68 65.64 22.74 -92.07
C LEU T 68 66.42 23.89 -92.73
N GLU T 69 65.92 25.13 -92.65
CA GLU T 69 66.51 26.30 -93.28
C GLU T 69 66.45 27.46 -92.30
N PRO T 70 67.58 27.96 -91.76
CA PRO T 70 67.46 28.95 -90.68
C PRO T 70 66.97 30.33 -91.13
N GLY T 71 67.02 30.63 -92.42
CA GLY T 71 66.53 31.91 -92.90
C GLY T 71 65.04 32.08 -92.74
N THR T 72 64.29 30.97 -92.74
CA THR T 72 62.83 31.06 -92.60
C THR T 72 62.46 31.55 -91.19
N MET T 73 63.14 31.05 -90.17
CA MET T 73 62.84 31.47 -88.81
C MET T 73 63.18 32.93 -88.56
N ASP T 74 64.18 33.46 -89.27
CA ASP T 74 64.53 34.86 -89.12
C ASP T 74 63.43 35.76 -89.65
N SER T 75 62.73 35.34 -90.71
CA SER T 75 61.61 36.10 -91.24
C SER T 75 60.38 35.99 -90.35
N VAL T 76 60.16 34.82 -89.75
CA VAL T 76 59.01 34.64 -88.87
C VAL T 76 59.24 35.34 -87.54
N ARG T 77 60.48 35.27 -87.02
CA ARG T 77 60.78 35.93 -85.76
C ARG T 77 60.75 37.45 -85.88
N SER T 78 61.13 37.98 -87.04
CA SER T 78 61.12 39.41 -87.30
C SER T 78 59.78 39.91 -87.84
N GLY T 79 58.72 39.12 -87.74
CA GLY T 79 57.42 39.52 -88.23
C GLY T 79 56.67 40.40 -87.24
N PRO T 80 55.39 40.68 -87.51
CA PRO T 80 54.62 41.44 -86.53
C PRO T 80 54.42 40.71 -85.22
N PHE T 81 53.99 39.44 -85.27
CA PHE T 81 53.77 38.60 -84.09
C PHE T 81 54.92 37.61 -83.88
N GLY T 82 56.12 37.92 -84.36
CA GLY T 82 57.24 37.02 -84.20
C GLY T 82 57.83 36.97 -82.81
N GLN T 83 57.65 38.03 -82.02
CA GLN T 83 58.24 38.10 -80.69
C GLN T 83 57.43 37.35 -79.63
N ILE T 84 56.18 37.00 -79.90
CA ILE T 84 55.35 36.32 -78.90
C ILE T 84 55.71 34.85 -78.74
N PHE T 85 56.26 34.21 -79.78
CA PHE T 85 56.60 32.81 -79.72
C PHE T 85 57.74 32.56 -78.73
N ARG T 86 57.84 31.32 -78.27
CA ARG T 86 58.89 30.95 -77.33
C ARG T 86 60.22 30.81 -78.07
N PRO T 87 61.33 31.35 -77.55
CA PRO T 87 62.61 31.09 -78.24
C PRO T 87 63.06 29.65 -78.21
N ASP T 88 62.68 28.89 -77.17
CA ASP T 88 63.09 27.49 -77.09
C ASP T 88 62.42 26.65 -78.16
N ASN T 89 61.20 27.00 -78.56
CA ASN T 89 60.50 26.26 -79.60
C ASN T 89 61.13 26.41 -80.98
N PHE T 90 61.93 27.44 -81.21
CA PHE T 90 62.57 27.66 -82.52
C PHE T 90 63.75 26.70 -82.65
N VAL T 91 63.43 25.46 -82.97
CA VAL T 91 64.40 24.41 -83.30
C VAL T 91 64.48 24.32 -84.81
N PHE T 92 65.70 24.16 -85.32
CA PHE T 92 65.92 24.19 -86.76
C PHE T 92 67.32 23.69 -87.08
N GLY T 93 67.49 23.22 -88.32
CA GLY T 93 68.78 22.83 -88.83
C GLY T 93 69.52 24.00 -89.42
N GLN T 94 70.51 23.68 -90.27
CA GLN T 94 71.35 24.65 -90.98
C GLN T 94 71.33 24.46 -92.48
N SER T 95 71.32 23.22 -92.96
CA SER T 95 71.32 22.89 -94.38
C SER T 95 69.91 22.53 -94.83
N GLY T 96 69.46 23.16 -95.91
CA GLY T 96 68.14 22.90 -96.43
C GLY T 96 68.06 21.54 -97.13
N ALA T 97 66.82 21.10 -97.33
CA ALA T 97 66.56 19.83 -98.00
C ALA T 97 66.70 19.92 -99.51
N GLY T 98 66.52 21.10 -100.10
CA GLY T 98 66.65 21.25 -101.53
C GLY T 98 65.57 20.55 -102.32
N ASN T 99 64.35 20.46 -101.78
CA ASN T 99 63.22 19.81 -102.43
C ASN T 99 63.53 18.34 -102.72
N ASN T 100 63.79 17.59 -101.66
CA ASN T 100 64.07 16.16 -101.72
C ASN T 100 63.41 15.48 -100.53
N TRP T 101 62.49 14.56 -100.81
CA TRP T 101 61.77 13.88 -99.74
C TRP T 101 62.70 12.94 -98.97
N ALA T 102 63.68 12.34 -99.65
CA ALA T 102 64.57 11.40 -98.99
C ALA T 102 65.49 12.08 -97.99
N LYS T 103 65.92 13.33 -98.29
CA LYS T 103 66.83 14.02 -97.39
C LYS T 103 66.14 14.40 -96.09
N GLY T 104 64.96 15.00 -96.18
CA GLY T 104 64.23 15.41 -95.00
C GLY T 104 63.55 14.32 -94.22
N HIS T 105 63.62 13.06 -94.68
CA HIS T 105 62.94 11.93 -94.07
C HIS T 105 63.89 10.89 -93.48
N TYR T 106 65.09 10.73 -94.06
CA TYR T 106 66.04 9.68 -93.69
C TYR T 106 67.31 10.22 -93.06
N THR T 107 67.93 11.26 -93.65
CA THR T 107 69.23 11.77 -93.22
C THR T 107 69.12 13.14 -92.58
N GLU T 108 68.56 14.13 -93.29
CA GLU T 108 68.51 15.49 -92.74
C GLU T 108 67.44 15.62 -91.65
N GLY T 109 66.38 14.83 -91.73
CA GLY T 109 65.33 14.86 -90.73
C GLY T 109 65.64 14.01 -89.51
N ALA T 110 66.34 12.89 -89.72
CA ALA T 110 66.63 11.96 -88.64
C ALA T 110 67.55 12.56 -87.58
N GLU T 111 68.45 13.46 -87.96
CA GLU T 111 69.32 14.11 -86.99
C GLU T 111 68.57 15.14 -86.15
N LEU T 112 67.49 15.73 -86.69
CA LEU T 112 66.69 16.73 -85.98
C LEU T 112 65.45 16.16 -85.31
N VAL T 113 64.95 15.01 -85.78
CA VAL T 113 63.71 14.46 -85.22
C VAL T 113 63.92 14.03 -83.77
N ASP T 114 65.14 13.66 -83.40
CA ASP T 114 65.43 13.41 -81.99
C ASP T 114 65.34 14.68 -81.16
N SER T 115 65.59 15.84 -81.77
CA SER T 115 65.56 17.12 -81.07
C SER T 115 64.15 17.69 -80.92
N VAL T 116 63.25 17.41 -81.86
CA VAL T 116 61.89 17.94 -81.80
C VAL T 116 60.96 17.08 -80.95
N LEU T 117 61.24 15.78 -80.81
CA LEU T 117 60.36 14.92 -80.02
C LEU T 117 60.42 15.28 -78.54
N ASP T 118 61.59 15.70 -78.05
CA ASP T 118 61.68 16.15 -76.66
C ASP T 118 61.00 17.50 -76.45
N VAL T 119 60.84 18.31 -77.50
CA VAL T 119 60.19 19.61 -77.36
C VAL T 119 58.68 19.44 -77.32
N VAL T 120 58.11 18.66 -78.24
CA VAL T 120 56.67 18.43 -78.25
C VAL T 120 56.23 17.62 -77.03
N ARG T 121 57.10 16.77 -76.49
CA ARG T 121 56.78 16.06 -75.26
C ARG T 121 56.64 17.03 -74.08
N LYS T 122 57.40 18.13 -74.11
CA LYS T 122 57.27 19.14 -73.06
C LYS T 122 55.91 19.82 -73.12
N GLU T 123 55.49 20.23 -74.31
CA GLU T 123 54.19 20.87 -74.47
C GLU T 123 53.04 19.90 -74.25
N SER T 124 53.25 18.60 -74.48
CA SER T 124 52.19 17.61 -74.29
C SER T 124 51.94 17.30 -72.82
N GLU T 125 52.99 17.10 -72.03
CA GLU T 125 52.85 16.82 -70.61
C GLU T 125 52.54 18.05 -69.79
N SER T 126 52.92 19.24 -70.25
CA SER T 126 52.63 20.47 -69.54
C SER T 126 51.15 20.83 -69.54
N CYS T 127 50.39 20.36 -70.53
CA CYS T 127 48.97 20.68 -70.62
C CYS T 127 48.17 19.82 -69.64
N ASP T 128 46.90 20.18 -69.48
CA ASP T 128 46.02 19.44 -68.59
C ASP T 128 45.51 18.16 -69.25
N CYS T 129 44.99 18.27 -70.47
CA CYS T 129 44.54 17.11 -71.22
C CYS T 129 44.57 17.46 -72.70
N LEU T 130 45.55 16.91 -73.43
CA LEU T 130 45.69 17.20 -74.85
C LEU T 130 44.60 16.53 -75.65
N GLN T 131 44.14 17.23 -76.70
CA GLN T 131 43.11 16.76 -77.62
C GLN T 131 43.69 16.22 -78.92
N GLY T 132 44.54 17.00 -79.57
CA GLY T 132 45.09 16.58 -80.85
C GLY T 132 46.28 17.42 -81.24
N PHE T 133 46.59 17.37 -82.54
CA PHE T 133 47.73 18.08 -83.12
C PHE T 133 47.27 18.82 -84.37
N GLN T 134 47.50 20.14 -84.39
CA GLN T 134 47.15 21.01 -85.50
C GLN T 134 48.42 21.36 -86.26
N LEU T 135 48.69 20.62 -87.34
CA LEU T 135 49.93 20.72 -88.11
C LEU T 135 49.67 21.41 -89.43
N THR T 136 50.70 22.11 -89.92
CA THR T 136 50.67 22.81 -91.20
C THR T 136 51.93 22.43 -91.98
N HIS T 137 51.76 22.01 -93.23
CA HIS T 137 52.89 21.63 -94.08
C HIS T 137 52.45 21.76 -95.54
N SER T 138 53.38 21.40 -96.43
CA SER T 138 53.15 21.39 -97.86
C SER T 138 53.63 20.07 -98.44
N LEU T 139 52.83 19.47 -99.32
CA LEU T 139 53.21 18.22 -99.96
C LEU T 139 54.40 18.38 -100.90
N GLY T 140 54.65 19.60 -101.40
CA GLY T 140 55.86 19.87 -102.16
C GLY T 140 57.06 20.11 -101.26
N GLY T 141 58.24 20.08 -101.88
CA GLY T 141 59.47 20.26 -101.15
C GLY T 141 59.87 19.02 -100.38
N GLY T 142 60.98 19.14 -99.64
CA GLY T 142 61.56 18.06 -98.88
C GLY T 142 61.36 18.22 -97.38
N THR T 143 61.45 19.45 -96.89
CA THR T 143 61.33 19.69 -95.44
C THR T 143 59.89 19.61 -94.98
N GLY T 144 58.94 19.99 -95.83
CA GLY T 144 57.53 19.93 -95.46
C GLY T 144 56.98 18.53 -95.58
N SER T 145 57.23 17.88 -96.72
CA SER T 145 56.71 16.54 -96.96
C SER T 145 57.57 15.46 -96.33
N GLY T 146 58.88 15.66 -96.23
CA GLY T 146 59.76 14.64 -95.70
C GLY T 146 59.81 14.62 -94.18
N MET T 147 60.17 15.77 -93.59
CA MET T 147 60.28 15.85 -92.13
C MET T 147 58.92 16.05 -91.47
N GLY T 148 58.01 16.76 -92.15
CA GLY T 148 56.69 16.97 -91.58
C GLY T 148 55.89 15.69 -91.49
N THR T 149 55.97 14.85 -92.53
CA THR T 149 55.29 13.55 -92.50
C THR T 149 56.01 12.55 -91.61
N LEU T 150 57.30 12.76 -91.34
CA LEU T 150 58.04 11.83 -90.48
C LEU T 150 57.52 11.89 -89.05
N LEU T 151 57.42 13.09 -88.48
CA LEU T 151 56.95 13.24 -87.11
C LEU T 151 55.48 12.89 -86.95
N ILE T 152 54.70 12.92 -88.04
CA ILE T 152 53.36 12.36 -88.01
C ILE T 152 53.42 10.88 -87.69
N SER T 153 54.40 10.18 -88.25
CA SER T 153 54.56 8.76 -87.97
C SER T 153 54.99 8.51 -86.53
N LYS T 154 55.89 9.36 -86.01
CA LYS T 154 56.37 9.18 -84.65
C LYS T 154 55.30 9.54 -83.62
N ILE T 155 54.51 10.58 -83.92
CA ILE T 155 53.45 10.97 -83.00
C ILE T 155 52.33 9.93 -83.00
N ARG T 156 52.12 9.27 -84.14
CA ARG T 156 51.16 8.17 -84.19
C ARG T 156 51.63 7.01 -83.32
N GLU T 157 52.94 6.77 -83.26
CA GLU T 157 53.47 5.71 -82.41
C GLU T 157 53.31 6.05 -80.93
N GLU T 158 53.51 7.31 -80.56
CA GLU T 158 53.47 7.71 -79.14
C GLU T 158 52.04 7.99 -78.69
N TYR T 159 51.26 8.68 -79.52
CA TYR T 159 49.88 9.07 -79.22
C TYR T 159 48.96 8.50 -80.28
N PRO T 160 48.69 7.19 -80.27
CA PRO T 160 47.78 6.60 -81.26
C PRO T 160 46.31 6.94 -81.07
N ASP T 161 45.92 7.42 -79.88
CA ASP T 161 44.52 7.70 -79.58
C ASP T 161 44.11 9.14 -79.88
N ARG T 162 45.05 10.08 -79.95
CA ARG T 162 44.73 11.47 -80.16
C ARG T 162 44.44 11.75 -81.64
N ILE T 163 43.81 12.89 -81.87
CA ILE T 163 43.45 13.33 -83.23
C ILE T 163 44.68 13.95 -83.88
N MET T 164 44.90 13.61 -85.15
CA MET T 164 46.01 14.14 -85.95
C MET T 164 45.43 14.95 -87.10
N ASN T 165 45.30 16.26 -86.87
CA ASN T 165 44.73 17.20 -87.84
C ASN T 165 45.87 17.84 -88.62
N THR T 166 45.67 17.98 -89.94
CA THR T 166 46.65 18.54 -90.85
C THR T 166 45.98 19.49 -91.83
N PHE T 167 46.49 20.72 -91.91
CA PHE T 167 46.12 21.69 -92.93
C PHE T 167 47.25 21.72 -93.96
N SER T 168 47.10 20.93 -95.03
CA SER T 168 48.15 20.66 -95.99
C SER T 168 47.79 21.27 -97.33
N VAL T 169 48.66 22.15 -97.84
CA VAL T 169 48.57 22.66 -99.20
C VAL T 169 49.30 21.68 -100.11
N MET T 170 48.78 21.51 -101.33
CA MET T 170 49.22 20.49 -102.27
C MET T 170 49.37 21.10 -103.66
N PRO T 171 50.20 20.48 -104.55
CA PRO T 171 50.48 21.14 -105.83
C PRO T 171 49.40 20.92 -106.88
N SER T 172 49.60 21.49 -108.07
CA SER T 172 48.67 21.34 -109.17
C SER T 172 49.43 21.57 -110.48
N PRO T 173 48.92 21.10 -111.62
CA PRO T 173 49.69 21.26 -112.85
C PRO T 173 49.66 22.66 -113.44
N LYS T 174 48.60 23.43 -113.21
CA LYS T 174 48.51 24.75 -113.80
C LYS T 174 49.48 25.72 -113.12
N VAL T 175 49.61 25.62 -111.80
CA VAL T 175 50.53 26.42 -111.00
C VAL T 175 51.47 25.44 -110.31
N SER T 176 52.74 25.46 -110.72
CA SER T 176 53.75 24.55 -110.20
C SER T 176 55.08 25.28 -110.12
N ASP T 177 55.51 25.63 -108.91
CA ASP T 177 56.75 26.35 -108.66
C ASP T 177 57.88 25.41 -108.26
N THR T 178 57.84 24.16 -108.69
CA THR T 178 58.84 23.18 -108.30
C THR T 178 58.74 21.98 -109.23
N VAL T 179 59.89 21.43 -109.63
CA VAL T 179 59.92 20.34 -110.60
C VAL T 179 59.59 19.00 -109.93
N VAL T 180 59.92 18.84 -108.65
CA VAL T 180 59.88 17.56 -107.97
C VAL T 180 58.58 17.44 -107.16
N GLU T 181 57.52 18.12 -107.61
CA GLU T 181 56.26 18.08 -106.89
C GLU T 181 55.59 16.71 -106.89
N PRO T 182 55.42 15.99 -108.01
CA PRO T 182 54.68 14.72 -107.95
C PRO T 182 55.42 13.64 -107.18
N TYR T 183 56.75 13.63 -107.21
CA TYR T 183 57.50 12.68 -106.40
C TYR T 183 57.32 12.97 -104.92
N ASN T 184 57.44 14.25 -104.54
CA ASN T 184 57.19 14.63 -103.15
C ASN T 184 55.72 14.46 -102.78
N ALA T 185 54.81 14.65 -103.74
CA ALA T 185 53.39 14.53 -103.44
C ALA T 185 53.00 13.08 -103.16
N THR T 186 53.36 12.18 -104.07
CA THR T 186 52.95 10.78 -103.94
C THR T 186 53.60 10.10 -102.73
N LEU T 187 54.78 10.56 -102.31
CA LEU T 187 55.40 10.02 -101.11
C LEU T 187 54.75 10.53 -99.83
N SER T 188 54.20 11.74 -99.85
CA SER T 188 53.55 12.30 -98.67
C SER T 188 52.18 11.70 -98.41
N VAL T 189 51.38 11.47 -99.46
CA VAL T 189 50.05 10.92 -99.26
C VAL T 189 50.09 9.46 -98.79
N HIS T 190 51.22 8.77 -98.99
CA HIS T 190 51.37 7.42 -98.44
C HIS T 190 51.32 7.44 -96.91
N GLN T 191 51.86 8.49 -96.29
CA GLN T 191 51.82 8.64 -94.84
C GLN T 191 50.54 9.29 -94.35
N LEU T 192 50.01 10.26 -95.09
CA LEU T 192 48.78 10.94 -94.66
C LEU T 192 47.57 10.01 -94.74
N VAL T 193 47.55 9.10 -95.70
CA VAL T 193 46.38 8.23 -95.88
C VAL T 193 46.30 7.17 -94.79
N GLU T 194 47.43 6.75 -94.20
CA GLU T 194 47.47 5.69 -93.20
C GLU T 194 47.40 6.22 -91.77
N ASN T 195 48.18 7.27 -91.46
CA ASN T 195 48.36 7.72 -90.09
C ASN T 195 47.33 8.75 -89.67
N THR T 196 47.17 9.83 -90.43
CA THR T 196 46.31 10.94 -90.02
C THR T 196 44.85 10.58 -90.12
N ASP T 197 44.06 11.13 -89.20
CA ASP T 197 42.61 10.92 -89.15
C ASP T 197 41.86 11.92 -90.02
N GLU T 198 42.42 13.11 -90.23
CA GLU T 198 41.75 14.16 -90.99
C GLU T 198 42.78 15.05 -91.65
N THR T 199 42.48 15.49 -92.88
CA THR T 199 43.36 16.32 -93.68
C THR T 199 42.51 17.22 -94.57
N TYR T 200 42.98 18.46 -94.76
CA TYR T 200 42.31 19.45 -95.60
C TYR T 200 43.13 19.63 -96.88
N SER T 201 42.52 19.29 -98.01
CA SER T 201 43.18 19.39 -99.32
C SER T 201 43.00 20.79 -99.86
N ILE T 202 44.08 21.58 -99.84
CA ILE T 202 44.10 22.96 -100.31
C ILE T 202 44.97 23.01 -101.56
N ASP T 203 44.41 23.53 -102.65
CA ASP T 203 45.08 23.66 -103.94
C ASP T 203 45.51 25.11 -104.14
N ASN T 204 46.76 25.29 -104.59
CA ASN T 204 47.32 26.64 -104.67
C ASN T 204 46.69 27.46 -105.79
N GLU T 205 46.31 26.82 -106.90
CA GLU T 205 45.70 27.58 -108.00
C GLU T 205 44.33 28.12 -107.61
N ALA T 206 43.59 27.39 -106.77
CA ALA T 206 42.29 27.87 -106.32
C ALA T 206 42.42 29.06 -105.38
N LEU T 207 43.56 29.18 -104.68
CA LEU T 207 43.80 30.38 -103.89
C LEU T 207 43.92 31.60 -104.78
N TYR T 208 44.45 31.43 -106.01
CA TYR T 208 44.47 32.51 -106.98
C TYR T 208 43.13 32.65 -107.70
N ASP T 209 42.41 31.55 -107.90
CA ASP T 209 41.14 31.61 -108.61
C ASP T 209 40.09 32.35 -107.80
N ILE T 210 40.08 32.14 -106.47
CA ILE T 210 39.09 32.81 -105.62
C ILE T 210 39.37 34.30 -105.48
N CYS T 211 40.63 34.72 -105.57
CA CYS T 211 40.96 36.13 -105.40
C CYS T 211 40.67 36.98 -106.63
N PHE T 212 40.48 36.37 -107.80
CA PHE T 212 40.09 37.12 -108.99
C PHE T 212 38.60 37.42 -108.98
N ARG T 213 37.79 36.37 -108.81
CA ARG T 213 36.35 36.49 -109.05
C ARG T 213 35.66 37.25 -107.91
N THR T 214 35.75 36.72 -106.68
CA THR T 214 35.01 37.26 -105.56
C THR T 214 35.72 38.41 -104.86
N LEU T 215 37.00 38.24 -104.52
CA LEU T 215 37.74 39.26 -103.78
C LEU T 215 38.34 40.32 -104.70
N LYS T 216 38.70 39.93 -105.94
CA LYS T 216 39.19 40.82 -107.01
C LYS T 216 40.34 41.74 -106.53
N LEU T 217 41.31 41.14 -105.85
CA LEU T 217 42.51 41.86 -105.48
C LEU T 217 43.37 42.09 -106.73
N THR T 218 43.78 43.35 -106.93
CA THR T 218 44.59 43.71 -108.10
C THR T 218 46.07 43.42 -107.89
N THR T 219 46.55 43.36 -106.64
CA THR T 219 47.95 43.08 -106.33
C THR T 219 48.02 42.12 -105.15
N PRO T 220 47.60 40.87 -105.34
CA PRO T 220 47.65 39.89 -104.24
C PRO T 220 49.03 39.29 -104.05
N THR T 221 49.43 39.20 -102.78
CA THR T 221 50.67 38.58 -102.34
C THR T 221 50.36 37.28 -101.61
N TYR T 222 51.40 36.60 -101.15
CA TYR T 222 51.20 35.36 -100.40
C TYR T 222 50.52 35.62 -99.06
N GLY T 223 50.71 36.81 -98.47
CA GLY T 223 50.06 37.11 -97.21
C GLY T 223 48.55 37.19 -97.34
N ASP T 224 48.05 37.65 -98.49
CA ASP T 224 46.62 37.66 -98.72
C ASP T 224 46.07 36.25 -98.85
N LEU T 225 46.84 35.34 -99.46
CA LEU T 225 46.41 33.96 -99.56
C LEU T 225 46.42 33.27 -98.19
N ASN T 226 47.37 33.64 -97.33
CA ASN T 226 47.42 33.08 -95.99
C ASN T 226 46.24 33.53 -95.14
N HIS T 227 45.66 34.70 -95.43
CA HIS T 227 44.58 35.24 -94.61
C HIS T 227 43.32 34.40 -94.75
N LEU T 228 42.96 34.02 -95.98
CA LEU T 228 41.73 33.29 -96.21
C LEU T 228 41.81 31.83 -95.77
N VAL T 229 42.97 31.20 -95.90
CA VAL T 229 43.13 29.82 -95.45
C VAL T 229 43.30 29.74 -93.94
N SER T 230 43.88 30.77 -93.32
CA SER T 230 43.98 30.81 -91.86
C SER T 230 42.62 31.05 -91.20
N ALA T 231 41.69 31.68 -91.91
CA ALA T 231 40.33 31.84 -91.37
C ALA T 231 39.65 30.49 -91.23
N THR T 232 39.93 29.57 -92.17
CA THR T 232 39.39 28.22 -92.07
C THR T 232 39.98 27.47 -90.88
N MET T 233 41.25 27.73 -90.55
CA MET T 233 41.84 27.14 -89.36
C MET T 233 41.17 27.66 -88.09
N SER T 234 40.70 28.91 -88.11
CA SER T 234 39.96 29.45 -86.98
C SER T 234 38.52 28.93 -86.94
N GLY T 235 37.94 28.63 -88.10
CA GLY T 235 36.58 28.14 -88.13
C GLY T 235 36.43 26.72 -87.61
N VAL T 236 37.42 25.87 -87.87
CA VAL T 236 37.33 24.48 -87.43
C VAL T 236 37.42 24.35 -85.91
N THR T 237 38.16 25.25 -85.25
CA THR T 237 38.37 25.22 -83.80
C THR T 237 37.66 26.38 -83.11
N THR T 238 36.51 26.81 -83.62
CA THR T 238 35.75 27.89 -83.01
C THR T 238 34.87 27.39 -81.88
N CYS T 239 34.35 26.17 -81.98
CA CYS T 239 33.39 25.67 -81.01
C CYS T 239 33.99 25.48 -79.62
N LEU T 240 35.27 25.17 -79.51
CA LEU T 240 35.96 24.97 -78.24
C LEU T 240 36.75 26.21 -77.80
N ARG T 241 36.92 27.22 -78.67
CA ARG T 241 37.51 28.48 -78.29
C ARG T 241 36.50 29.51 -77.79
N PHE T 242 35.22 29.34 -78.10
CA PHE T 242 34.15 30.22 -77.64
C PHE T 242 32.90 29.39 -77.47
N PRO T 243 31.93 29.82 -76.65
CA PRO T 243 30.72 29.01 -76.50
C PRO T 243 29.79 29.16 -77.70
N GLY T 244 28.85 28.23 -77.80
CA GLY T 244 27.90 28.24 -78.90
C GLY T 244 26.67 27.43 -78.56
N GLN T 245 25.64 27.61 -79.39
CA GLN T 245 24.39 26.89 -79.18
C GLN T 245 24.50 25.42 -79.58
N LEU T 246 25.37 25.10 -80.55
CA LEU T 246 25.62 23.73 -81.00
C LEU T 246 27.12 23.61 -81.26
N ASN T 247 27.85 23.16 -80.25
CA ASN T 247 29.29 23.01 -80.34
C ASN T 247 29.64 21.69 -81.02
N ALA T 248 30.65 21.73 -81.88
CA ALA T 248 31.18 20.55 -82.55
C ALA T 248 32.70 20.57 -82.42
N ASP T 249 33.23 19.67 -81.61
CA ASP T 249 34.67 19.56 -81.42
C ASP T 249 35.31 19.00 -82.69
N LEU T 250 36.65 19.02 -82.73
CA LEU T 250 37.37 18.47 -83.88
C LEU T 250 37.14 16.98 -84.03
N ARG T 251 36.94 16.26 -82.92
CA ARG T 251 36.56 14.86 -83.00
C ARG T 251 35.13 14.69 -83.47
N LYS T 252 34.23 15.60 -83.07
CA LYS T 252 32.86 15.58 -83.56
C LYS T 252 32.79 15.87 -85.06
N LEU T 253 33.73 16.64 -85.60
CA LEU T 253 33.80 16.83 -87.04
C LEU T 253 34.36 15.59 -87.74
N ALA T 254 35.22 14.84 -87.06
CA ALA T 254 35.88 13.70 -87.70
C ALA T 254 34.90 12.57 -88.00
N VAL T 255 34.03 12.24 -87.05
CA VAL T 255 33.15 11.09 -87.23
C VAL T 255 32.11 11.34 -88.30
N ASN T 256 31.68 12.61 -88.46
CA ASN T 256 30.71 12.94 -89.49
C ASN T 256 31.33 13.06 -90.88
N MET T 257 32.61 13.43 -90.97
CA MET T 257 33.28 13.66 -92.24
C MET T 257 34.13 12.50 -92.74
N VAL T 258 34.50 11.57 -91.86
CA VAL T 258 35.40 10.46 -92.19
C VAL T 258 34.59 9.16 -92.13
N PRO T 259 33.81 8.83 -93.19
CA PRO T 259 33.00 7.61 -93.14
C PRO T 259 33.81 6.32 -93.19
N PHE T 260 35.03 6.37 -93.73
CA PHE T 260 35.93 5.23 -93.82
C PHE T 260 37.32 5.68 -93.39
N PRO T 261 38.21 4.76 -92.95
CA PRO T 261 39.48 5.20 -92.36
C PRO T 261 40.43 5.88 -93.33
N ARG T 262 40.34 5.60 -94.62
CA ARG T 262 41.20 6.21 -95.64
C ARG T 262 40.59 7.46 -96.27
N LEU T 263 39.26 7.53 -96.35
CA LEU T 263 38.58 8.67 -96.99
C LEU T 263 38.38 9.79 -95.96
N HIS T 264 39.47 10.55 -95.77
CA HIS T 264 39.49 11.68 -94.84
C HIS T 264 40.16 12.92 -95.44
N PHE T 265 40.29 12.99 -96.77
CA PHE T 265 40.85 14.15 -97.44
C PHE T 265 39.71 15.11 -97.77
N PHE T 266 39.68 16.26 -97.08
CA PHE T 266 38.58 17.20 -97.15
C PHE T 266 38.88 18.31 -98.15
N MET T 267 37.91 19.21 -98.30
CA MET T 267 37.95 20.31 -99.27
C MET T 267 37.45 21.57 -98.59
N PRO T 268 38.30 22.44 -98.03
CA PRO T 268 37.80 23.56 -97.23
C PRO T 268 37.23 24.69 -98.07
N GLY T 269 36.49 25.57 -97.38
CA GLY T 269 35.93 26.76 -97.99
C GLY T 269 35.55 27.74 -96.91
N PHE T 270 35.33 28.99 -97.32
CA PHE T 270 35.05 30.07 -96.38
C PHE T 270 34.21 31.14 -97.05
N ALA T 271 33.37 31.80 -96.25
CA ALA T 271 32.52 32.90 -96.69
C ALA T 271 32.25 33.75 -95.46
N PRO T 272 31.95 35.06 -95.62
CA PRO T 272 31.80 35.87 -96.83
C PRO T 272 33.13 36.27 -97.45
N LEU T 273 33.23 36.12 -98.77
CA LEU T 273 34.37 36.58 -99.56
C LEU T 273 33.85 37.65 -100.51
N THR T 274 33.99 38.91 -100.10
CA THR T 274 33.48 40.05 -100.85
C THR T 274 34.48 41.19 -100.78
N SER T 275 34.67 41.87 -101.91
CA SER T 275 35.58 42.99 -101.98
C SER T 275 35.00 44.21 -101.27
N ARG T 276 35.86 45.19 -101.02
CA ARG T 276 35.41 46.42 -100.38
C ARG T 276 34.50 47.22 -101.29
N GLY T 277 34.71 47.15 -102.61
CA GLY T 277 33.85 47.83 -103.56
C GLY T 277 32.51 47.18 -103.81
N SER T 278 32.22 46.04 -103.17
CA SER T 278 30.93 45.36 -103.29
C SER T 278 30.41 44.85 -101.95
N GLN T 279 30.88 45.41 -100.83
CA GLN T 279 30.40 44.99 -99.52
C GLN T 279 29.03 45.59 -99.22
N GLN T 280 28.81 46.85 -99.60
CA GLN T 280 27.54 47.50 -99.35
C GLN T 280 26.40 46.89 -100.15
N TYR T 281 26.70 46.26 -101.30
CA TYR T 281 25.70 45.68 -102.18
C TYR T 281 25.47 44.19 -101.91
N ARG T 282 25.60 43.76 -100.65
CA ARG T 282 25.41 42.37 -100.27
C ARG T 282 24.70 42.33 -98.92
N ALA T 283 23.80 41.35 -98.77
CA ALA T 283 23.07 41.12 -97.54
C ALA T 283 23.76 40.02 -96.75
N LEU T 284 23.96 40.26 -95.45
CA LEU T 284 24.64 39.31 -94.57
C LEU T 284 23.71 38.18 -94.09
N THR T 285 22.48 38.09 -94.59
CA THR T 285 21.60 36.99 -94.20
C THR T 285 22.13 35.66 -94.74
N VAL T 286 21.75 34.58 -94.07
CA VAL T 286 22.31 33.26 -94.34
C VAL T 286 21.99 32.66 -95.72
N PRO T 287 20.87 32.95 -96.41
CA PRO T 287 20.70 32.31 -97.73
C PRO T 287 21.69 32.81 -98.77
N GLU T 288 22.11 34.07 -98.71
CA GLU T 288 23.16 34.55 -99.60
C GLU T 288 24.51 33.96 -99.22
N LEU T 289 24.69 33.58 -97.94
CA LEU T 289 25.91 32.91 -97.51
C LEU T 289 25.89 31.43 -97.86
N THR T 290 24.72 30.79 -97.79
CA THR T 290 24.65 29.35 -98.03
C THR T 290 24.91 29.02 -99.48
N GLN T 291 24.36 29.82 -100.41
CA GLN T 291 24.63 29.60 -101.83
C GLN T 291 26.10 29.84 -102.17
N GLN T 292 26.80 30.69 -101.40
CA GLN T 292 28.23 30.89 -101.61
C GLN T 292 29.05 29.75 -101.02
N MET T 293 28.56 29.10 -99.96
CA MET T 293 29.31 28.02 -99.33
C MET T 293 29.38 26.81 -100.25
N PHE T 294 28.23 26.35 -100.75
CA PHE T 294 28.15 25.19 -101.63
C PHE T 294 28.43 25.52 -103.09
N ASP T 295 28.90 26.74 -103.40
CA ASP T 295 29.21 27.10 -104.77
C ASP T 295 30.40 26.29 -105.28
N SER T 296 30.35 25.91 -106.56
CA SER T 296 31.42 25.14 -107.18
C SER T 296 32.72 25.91 -107.25
N LYS T 297 32.66 27.24 -107.37
CA LYS T 297 33.85 28.08 -107.57
C LYS T 297 34.34 28.73 -106.29
N ASN T 298 33.62 28.59 -105.16
CA ASN T 298 34.02 29.26 -103.92
C ASN T 298 35.13 28.53 -103.18
N MET T 299 35.21 27.21 -103.31
CA MET T 299 36.13 26.42 -102.51
C MET T 299 37.59 26.67 -102.95
N MET T 300 38.51 26.34 -102.05
CA MET T 300 39.95 26.48 -102.28
C MET T 300 40.59 25.20 -102.83
N ALA T 301 39.82 24.41 -103.60
CA ALA T 301 40.35 23.30 -104.38
C ALA T 301 39.79 23.38 -105.79
N ALA T 302 40.64 23.07 -106.76
CA ALA T 302 40.28 23.19 -108.17
C ALA T 302 39.38 22.07 -108.68
N CYS T 303 39.09 21.06 -107.87
CA CYS T 303 38.22 19.97 -108.29
C CYS T 303 36.77 20.43 -108.30
N ASP T 304 36.12 20.28 -109.44
CA ASP T 304 34.74 20.72 -109.58
C ASP T 304 33.81 19.68 -108.94
N PRO T 305 32.99 20.03 -107.94
CA PRO T 305 32.18 18.99 -107.28
C PRO T 305 31.04 18.47 -108.15
N ARG T 306 30.62 19.20 -109.17
CA ARG T 306 29.55 18.74 -110.04
C ARG T 306 29.93 17.52 -110.86
N HIS T 307 31.21 17.28 -111.09
CA HIS T 307 31.67 16.06 -111.76
C HIS T 307 31.65 14.82 -110.88
N GLY T 308 31.28 14.95 -109.59
CA GLY T 308 31.18 13.83 -108.68
C GLY T 308 30.00 13.95 -107.75
N ARG T 309 30.10 13.34 -106.57
CA ARG T 309 29.03 13.34 -105.56
C ARG T 309 29.65 13.50 -104.18
N TYR T 310 29.04 14.36 -103.37
CA TYR T 310 29.53 14.62 -102.03
C TYR T 310 29.33 13.41 -101.13
N LEU T 311 30.40 12.95 -100.50
CA LEU T 311 30.29 11.88 -99.51
C LEU T 311 29.70 12.41 -98.21
N THR T 312 30.21 13.54 -97.72
CA THR T 312 29.72 14.13 -96.50
C THR T 312 30.33 15.51 -96.37
N VAL T 313 29.55 16.44 -95.79
CA VAL T 313 29.89 17.85 -95.74
C VAL T 313 29.53 18.39 -94.36
N ALA T 314 30.27 19.39 -93.91
CA ALA T 314 30.06 20.05 -92.62
C ALA T 314 30.20 21.55 -92.81
N ALA T 315 29.36 22.31 -92.08
CA ALA T 315 29.37 23.77 -92.13
C ALA T 315 29.28 24.29 -90.70
N ILE T 316 30.35 24.92 -90.22
CA ILE T 316 30.42 25.48 -88.88
C ILE T 316 30.20 26.99 -89.01
N PHE T 317 29.02 27.44 -88.61
CA PHE T 317 28.66 28.84 -88.67
C PHE T 317 29.25 29.60 -87.49
N ARG T 318 29.20 30.93 -87.57
CA ARG T 318 29.71 31.81 -86.53
C ARG T 318 28.83 33.05 -86.46
N GLY T 319 28.55 33.50 -85.23
CA GLY T 319 27.77 34.69 -84.98
C GLY T 319 26.35 34.40 -84.55
N ARG T 320 25.70 35.37 -83.89
CA ARG T 320 24.32 35.21 -83.45
C ARG T 320 23.42 35.21 -84.68
N MET T 321 22.61 34.16 -84.81
CA MET T 321 21.74 34.00 -85.97
C MET T 321 20.56 33.13 -85.58
N SER T 322 19.60 33.01 -86.50
CA SER T 322 18.39 32.23 -86.31
C SER T 322 18.62 30.82 -86.85
N MET T 323 18.23 29.82 -86.07
CA MET T 323 18.52 28.43 -86.43
C MET T 323 17.58 27.90 -87.50
N LYS T 324 16.35 28.39 -87.56
CA LYS T 324 15.41 27.91 -88.56
C LYS T 324 15.87 28.24 -89.98
N GLU T 325 16.28 29.49 -90.21
CA GLU T 325 16.85 29.85 -91.51
C GLU T 325 18.14 29.11 -91.78
N VAL T 326 18.92 28.80 -90.74
CA VAL T 326 20.15 28.04 -90.92
C VAL T 326 19.83 26.60 -91.31
N ASP T 327 18.95 25.96 -90.54
CA ASP T 327 18.67 24.54 -90.77
C ASP T 327 17.91 24.32 -92.08
N GLU T 328 16.95 25.20 -92.40
CA GLU T 328 16.18 25.01 -93.61
C GLU T 328 17.00 25.25 -94.87
N GLN T 329 18.06 26.05 -94.78
CA GLN T 329 18.95 26.23 -95.92
C GLN T 329 19.71 24.94 -96.23
N MET T 330 20.01 24.14 -95.21
CA MET T 330 20.65 22.85 -95.45
C MET T 330 19.71 21.86 -96.09
N LEU T 331 18.39 22.07 -96.01
CA LEU T 331 17.44 21.16 -96.64
C LEU T 331 17.36 21.39 -98.15
N ASN T 332 17.07 22.62 -98.57
CA ASN T 332 16.89 22.89 -99.99
C ASN T 332 18.19 22.81 -100.77
N VAL T 333 19.35 23.00 -100.12
CA VAL T 333 20.60 22.98 -100.84
C VAL T 333 20.96 21.56 -101.31
N GLN T 334 20.52 20.53 -100.60
CA GLN T 334 20.87 19.14 -100.92
C GLN T 334 19.80 18.43 -101.75
N ASN T 335 18.52 18.73 -101.54
CA ASN T 335 17.47 18.02 -102.26
C ASN T 335 17.31 18.53 -103.69
N LYS T 336 17.50 19.84 -103.91
CA LYS T 336 17.49 20.38 -105.26
C LYS T 336 18.67 19.89 -106.10
N ASN T 337 19.77 19.49 -105.47
CA ASN T 337 21.00 19.04 -106.12
C ASN T 337 21.30 17.60 -105.72
N SER T 338 20.27 16.75 -105.72
CA SER T 338 20.40 15.36 -105.32
C SER T 338 21.37 14.56 -106.19
N SER T 339 21.58 14.97 -107.45
CA SER T 339 22.56 14.30 -108.29
C SER T 339 23.98 14.48 -107.76
N TYR T 340 24.27 15.62 -107.12
CA TYR T 340 25.58 15.90 -106.55
C TYR T 340 25.71 15.45 -105.09
N PHE T 341 24.84 14.54 -104.63
CA PHE T 341 24.90 13.98 -103.29
C PHE T 341 24.55 12.51 -103.35
N VAL T 342 25.26 11.71 -102.55
CA VAL T 342 25.07 10.26 -102.57
C VAL T 342 23.72 9.90 -101.99
N GLU T 343 23.04 8.96 -102.66
CA GLU T 343 21.72 8.48 -102.23
C GLU T 343 21.79 7.44 -101.12
N TRP T 344 22.93 6.80 -100.90
CA TRP T 344 23.11 5.82 -99.83
C TRP T 344 23.47 6.46 -98.48
N ILE T 345 23.27 7.77 -98.33
CA ILE T 345 23.34 8.46 -97.05
C ILE T 345 22.14 9.39 -96.99
N PRO T 346 21.31 9.39 -95.94
CA PRO T 346 20.10 10.23 -96.00
C PRO T 346 20.39 11.71 -95.81
N ASN T 347 21.38 12.05 -95.00
CA ASN T 347 21.73 13.43 -94.69
C ASN T 347 23.24 13.55 -94.65
N ASN T 348 23.80 14.28 -95.62
CA ASN T 348 25.24 14.47 -95.74
C ASN T 348 25.76 15.70 -94.98
N VAL T 349 24.89 16.58 -94.51
CA VAL T 349 25.28 17.87 -93.95
C VAL T 349 25.44 17.74 -92.43
N LYS T 350 26.45 18.41 -91.89
CA LYS T 350 26.67 18.52 -90.44
C LYS T 350 26.64 20.00 -90.08
N THR T 351 25.89 20.33 -89.03
CA THR T 351 25.61 21.71 -88.63
C THR T 351 26.35 22.04 -87.33
N ALA T 352 26.71 23.31 -87.21
CA ALA T 352 27.34 23.83 -86.00
C ALA T 352 27.35 25.35 -86.08
N VAL T 353 27.25 26.01 -84.93
CA VAL T 353 27.15 27.46 -84.85
C VAL T 353 27.81 27.93 -83.56
N CYS T 354 28.30 29.17 -83.58
CA CYS T 354 28.91 29.82 -82.43
C CYS T 354 28.31 31.21 -82.25
N ASP T 355 28.36 31.70 -81.01
CA ASP T 355 27.78 32.98 -80.65
C ASP T 355 28.76 34.16 -80.75
N ILE T 356 30.03 33.91 -81.05
CA ILE T 356 31.09 34.93 -81.03
C ILE T 356 31.70 35.00 -82.42
N PRO T 357 31.28 35.91 -83.31
CA PRO T 357 31.82 35.90 -84.67
C PRO T 357 33.21 36.51 -84.71
N PRO T 358 33.87 36.51 -85.88
CA PRO T 358 35.17 37.20 -85.98
C PRO T 358 35.02 38.70 -85.78
N ARG T 359 36.14 39.33 -85.48
CA ARG T 359 36.16 40.78 -85.30
C ARG T 359 36.05 41.46 -86.67
N GLY T 360 35.11 42.41 -86.77
CA GLY T 360 34.84 43.11 -88.00
C GLY T 360 33.75 42.51 -88.87
N LEU T 361 33.26 41.31 -88.54
CA LEU T 361 32.19 40.64 -89.28
C LEU T 361 31.16 40.10 -88.30
N LYS T 362 29.89 40.28 -88.64
CA LYS T 362 28.78 39.84 -87.81
C LYS T 362 28.27 38.45 -88.17
N MET T 363 28.48 38.01 -89.41
CA MET T 363 28.01 36.71 -89.90
C MET T 363 29.13 36.07 -90.71
N SER T 364 29.39 34.80 -90.45
CA SER T 364 30.43 34.08 -91.18
C SER T 364 30.28 32.59 -90.94
N ALA T 365 30.94 31.81 -91.78
CA ALA T 365 30.90 30.37 -91.69
C ALA T 365 32.08 29.80 -92.46
N THR T 366 32.38 28.51 -92.23
CA THR T 366 33.42 27.78 -92.90
C THR T 366 32.85 26.50 -93.49
N PHE T 367 33.21 26.24 -94.74
CA PHE T 367 32.72 25.10 -95.50
C PHE T 367 33.76 23.99 -95.47
N ILE T 368 33.34 22.80 -95.05
CA ILE T 368 34.19 21.62 -94.95
C ILE T 368 33.47 20.50 -95.67
N GLY T 369 34.10 19.98 -96.74
CA GLY T 369 33.49 19.00 -97.62
C GLY T 369 34.42 17.87 -98.01
N ASN T 370 33.93 16.63 -97.85
CA ASN T 370 34.59 15.43 -98.35
C ASN T 370 33.79 14.96 -99.56
N SER T 371 34.34 15.18 -100.76
CA SER T 371 33.69 14.89 -102.02
C SER T 371 34.55 13.94 -102.85
N THR T 372 33.89 13.19 -103.73
CA THR T 372 34.56 12.30 -104.65
C THR T 372 35.22 13.02 -105.83
N ALA T 373 35.03 14.33 -105.97
CA ALA T 373 35.73 15.07 -107.01
C ALA T 373 37.22 15.21 -106.73
N ILE T 374 37.67 14.97 -105.50
CA ILE T 374 39.09 15.07 -105.16
C ILE T 374 39.95 14.05 -105.89
N GLN T 375 39.37 12.96 -106.40
CA GLN T 375 40.13 11.99 -107.17
C GLN T 375 40.70 12.57 -108.46
N GLU T 376 40.10 13.64 -108.99
CA GLU T 376 40.66 14.31 -110.16
C GLU T 376 42.05 14.88 -109.85
N LEU T 377 42.24 15.37 -108.63
CA LEU T 377 43.58 15.81 -108.22
C LEU T 377 44.52 14.61 -108.09
N PHE T 378 44.03 13.51 -107.54
CA PHE T 378 44.86 12.30 -107.45
C PHE T 378 45.08 11.69 -108.82
N LYS T 379 44.16 11.91 -109.77
CA LYS T 379 44.39 11.46 -111.14
C LYS T 379 45.57 12.18 -111.77
N ARG T 380 45.52 13.52 -111.80
CA ARG T 380 46.56 14.28 -112.47
C ARG T 380 47.89 14.19 -111.73
N ILE T 381 47.87 14.07 -110.40
CA ILE T 381 49.10 13.91 -109.65
C ILE T 381 49.70 12.53 -109.92
N SER T 382 48.86 11.51 -110.07
CA SER T 382 49.35 10.17 -110.34
C SER T 382 49.94 10.07 -111.74
N GLU T 383 49.31 10.73 -112.72
CA GLU T 383 49.82 10.69 -114.08
C GLU T 383 51.15 11.44 -114.21
N GLN T 384 51.31 12.53 -113.47
CA GLN T 384 52.59 13.23 -113.46
C GLN T 384 53.67 12.40 -112.80
N PHE T 385 53.32 11.64 -111.76
CA PHE T 385 54.29 10.76 -111.11
C PHE T 385 54.63 9.57 -112.00
N THR T 386 53.62 8.96 -112.62
CA THR T 386 53.86 7.82 -113.50
C THR T 386 54.59 8.24 -114.77
N ALA T 387 54.36 9.47 -115.25
CA ALA T 387 55.05 9.94 -116.44
C ALA T 387 56.54 10.11 -116.21
N MET T 388 56.95 10.54 -115.02
CA MET T 388 58.36 10.74 -114.68
C MET T 388 59.01 9.48 -114.10
N PHE T 389 58.22 8.61 -113.47
CA PHE T 389 58.74 7.40 -112.84
C PHE T 389 58.98 6.27 -113.84
N ARG T 390 58.26 6.25 -114.96
CA ARG T 390 58.34 5.12 -115.88
C ARG T 390 59.70 5.01 -116.57
N ARG T 391 60.50 6.08 -116.60
CA ARG T 391 61.89 6.03 -117.05
C ARG T 391 62.88 6.40 -115.94
N LYS T 392 62.46 6.39 -114.67
CA LYS T 392 63.34 6.59 -113.52
C LYS T 392 63.99 7.98 -113.55
N ALA T 393 63.21 8.98 -113.93
CA ALA T 393 63.71 10.35 -113.98
C ALA T 393 63.73 10.96 -112.58
N PHE T 394 64.84 11.66 -112.28
CA PHE T 394 65.00 12.37 -111.01
C PHE T 394 64.95 11.45 -109.79
N LEU T 395 65.39 10.20 -109.96
CA LEU T 395 65.43 9.21 -108.87
C LEU T 395 66.83 8.97 -108.32
N HIS T 396 67.88 9.28 -109.08
CA HIS T 396 69.24 8.99 -108.61
C HIS T 396 69.63 9.86 -107.42
N TRP T 397 69.03 11.05 -107.29
CA TRP T 397 69.28 11.87 -106.10
C TRP T 397 68.66 11.24 -104.86
N TYR T 398 67.51 10.59 -105.01
CA TYR T 398 66.86 9.95 -103.87
C TYR T 398 67.62 8.71 -103.41
N THR T 399 68.21 7.97 -104.35
CA THR T 399 68.97 6.78 -104.00
C THR T 399 70.26 7.10 -103.26
N GLY T 400 70.78 8.33 -103.36
CA GLY T 400 71.96 8.72 -102.62
C GLY T 400 71.80 8.65 -101.12
N GLU T 401 70.58 8.91 -100.63
CA GLU T 401 70.27 8.81 -99.20
C GLU T 401 69.85 7.41 -98.78
N GLY T 402 70.08 6.38 -99.60
CA GLY T 402 69.73 5.02 -99.26
C GLY T 402 68.28 4.64 -99.51
N MET T 403 67.54 5.43 -100.29
CA MET T 403 66.14 5.15 -100.58
C MET T 403 66.04 4.18 -101.75
N ASP T 404 65.10 3.25 -101.63
CA ASP T 404 64.86 2.22 -102.64
C ASP T 404 63.76 2.66 -103.60
N GLU T 405 63.89 2.21 -104.84
CA GLU T 405 62.88 2.49 -105.86
C GLU T 405 61.58 1.74 -105.63
N MET T 406 61.59 0.66 -104.84
CA MET T 406 60.36 -0.05 -104.53
C MET T 406 59.41 0.80 -103.71
N GLU T 407 59.96 1.69 -102.85
CA GLU T 407 59.11 2.56 -102.06
C GLU T 407 58.34 3.54 -102.93
N PHE T 408 58.94 3.96 -104.05
CA PHE T 408 58.20 4.74 -105.03
C PHE T 408 57.08 3.92 -105.66
N THR T 409 57.34 2.64 -105.91
CA THR T 409 56.29 1.77 -106.44
C THR T 409 55.22 1.49 -105.39
N GLU T 410 55.63 1.32 -104.13
CA GLU T 410 54.67 1.15 -103.05
C GLU T 410 53.84 2.41 -102.85
N ALA T 411 54.46 3.59 -103.00
CA ALA T 411 53.68 4.83 -102.99
C ALA T 411 52.75 4.89 -104.19
N GLU T 412 53.19 4.35 -105.33
CA GLU T 412 52.32 4.32 -106.50
C GLU T 412 51.18 3.32 -106.30
N SER T 413 51.42 2.24 -105.57
CA SER T 413 50.34 1.29 -105.28
C SER T 413 49.27 1.93 -104.40
N ASN T 414 49.70 2.75 -103.43
CA ASN T 414 48.74 3.45 -102.59
C ASN T 414 47.96 4.50 -103.37
N MET T 415 48.57 5.07 -104.43
CA MET T 415 47.91 6.16 -105.15
C MET T 415 46.69 5.66 -105.92
N ASN T 416 46.85 4.61 -106.71
CA ASN T 416 45.72 4.05 -107.45
C ASN T 416 44.70 3.42 -106.52
N ASP T 417 45.10 2.95 -105.34
CA ASP T 417 44.15 2.35 -104.41
C ASP T 417 43.18 3.40 -103.88
N LEU T 418 43.70 4.51 -103.33
CA LEU T 418 42.82 5.56 -102.82
C LEU T 418 42.05 6.23 -103.95
N VAL T 419 42.60 6.25 -105.16
CA VAL T 419 41.84 6.73 -106.32
C VAL T 419 40.66 5.82 -106.58
N SER T 420 40.90 4.51 -106.60
CA SER T 420 39.81 3.55 -106.81
C SER T 420 38.86 3.52 -105.63
N GLU T 421 39.32 3.87 -104.43
CA GLU T 421 38.43 3.93 -103.27
C GLU T 421 37.39 5.03 -103.44
N TYR T 422 37.82 6.22 -103.87
CA TYR T 422 36.87 7.29 -104.16
C TYR T 422 35.97 6.94 -105.33
N GLN T 423 36.45 6.16 -106.30
CA GLN T 423 35.63 5.75 -107.43
C GLN T 423 34.59 4.70 -107.04
N GLN T 424 34.83 3.95 -105.96
CA GLN T 424 33.86 2.97 -105.48
C GLN T 424 32.57 3.65 -105.04
N TYR T 425 32.68 4.79 -104.37
CA TYR T 425 31.54 5.50 -103.78
C TYR T 425 31.08 6.66 -104.64
N GLN T 426 31.14 6.51 -105.97
CA GLN T 426 30.62 7.50 -106.91
C GLN T 426 29.80 6.79 -107.98
N ALA U 28 42.79 -22.37 -111.50
CA ALA U 28 42.45 -21.03 -111.96
C ALA U 28 41.60 -20.30 -110.93
N GLU U 29 40.54 -20.97 -110.47
CA GLU U 29 39.63 -20.43 -109.47
C GLU U 29 39.17 -21.58 -108.57
N CYS U 30 39.39 -21.44 -107.27
CA CYS U 30 39.02 -22.43 -106.27
C CYS U 30 38.26 -21.75 -105.13
N ASN U 31 37.15 -22.35 -104.73
CA ASN U 31 36.33 -21.79 -103.67
C ASN U 31 36.97 -22.00 -102.31
N ILE U 32 36.86 -20.99 -101.45
CA ILE U 32 37.42 -21.06 -100.11
C ILE U 32 36.54 -22.01 -99.30
N LYS U 33 37.15 -23.03 -98.71
CA LYS U 33 36.41 -24.01 -97.92
C LYS U 33 35.99 -23.39 -96.59
N VAL U 34 34.68 -23.41 -96.33
CA VAL U 34 34.09 -22.86 -95.11
C VAL U 34 33.58 -24.03 -94.28
N MET U 35 34.19 -24.24 -93.11
CA MET U 35 33.83 -25.29 -92.17
C MET U 35 33.46 -24.65 -90.83
N CYS U 36 32.70 -25.40 -90.03
CA CYS U 36 32.20 -24.95 -88.73
C CYS U 36 32.54 -25.99 -87.67
N ARG U 37 32.71 -25.53 -86.44
CA ARG U 37 33.01 -26.39 -85.30
C ARG U 37 32.33 -25.82 -84.06
N PHE U 38 31.55 -26.67 -83.38
CA PHE U 38 31.01 -26.38 -82.06
C PHE U 38 31.78 -27.18 -81.02
N ARG U 39 31.82 -26.67 -79.80
CA ARG U 39 32.55 -27.23 -78.67
C ARG U 39 31.59 -27.67 -77.56
N PRO U 40 32.06 -28.38 -76.53
CA PRO U 40 31.22 -28.59 -75.35
C PRO U 40 31.10 -27.32 -74.53
N LEU U 41 30.14 -27.34 -73.60
CA LEU U 41 29.94 -26.21 -72.70
C LEU U 41 31.02 -26.18 -71.64
N ASN U 42 31.64 -25.01 -71.47
CA ASN U 42 32.73 -24.86 -70.50
C ASN U 42 32.12 -24.68 -69.10
N GLU U 43 32.97 -24.39 -68.11
CA GLU U 43 32.52 -24.32 -66.72
C GLU U 43 31.64 -23.10 -66.47
N SER U 44 31.87 -21.99 -67.16
CA SER U 44 31.12 -20.77 -66.92
C SER U 44 29.71 -20.79 -67.51
N GLU U 45 29.41 -21.71 -68.43
CA GLU U 45 28.11 -21.78 -69.09
C GLU U 45 27.18 -22.83 -68.49
N VAL U 46 27.71 -23.98 -68.06
CA VAL U 46 26.85 -25.02 -67.51
C VAL U 46 26.25 -24.61 -66.17
N ASN U 47 27.00 -23.85 -65.35
CA ASN U 47 26.47 -23.41 -64.06
C ASN U 47 25.44 -22.30 -64.22
N ARG U 48 25.50 -21.50 -65.28
CA ARG U 48 24.50 -20.48 -65.52
C ARG U 48 23.18 -21.09 -65.99
N GLY U 49 23.25 -22.17 -66.76
CA GLY U 49 22.08 -22.92 -67.19
C GLY U 49 21.70 -22.67 -68.64
N ASP U 50 22.71 -22.52 -69.50
CA ASP U 50 22.45 -22.29 -70.91
C ASP U 50 22.05 -23.59 -71.60
N LYS U 51 21.12 -23.48 -72.56
CA LYS U 51 20.59 -24.63 -73.27
C LYS U 51 21.44 -24.91 -74.51
N TYR U 52 21.57 -26.20 -74.84
CA TYR U 52 22.38 -26.63 -75.97
C TYR U 52 21.56 -26.48 -77.25
N ILE U 53 21.72 -25.33 -77.92
CA ILE U 53 20.93 -25.01 -79.12
C ILE U 53 21.52 -25.60 -80.40
N ALA U 54 22.75 -26.13 -80.36
CA ALA U 54 23.40 -26.60 -81.57
C ALA U 54 22.73 -27.87 -82.07
N LYS U 55 22.08 -27.78 -83.23
CA LYS U 55 21.41 -28.89 -83.89
C LYS U 55 22.07 -29.14 -85.24
N PHE U 56 22.59 -30.35 -85.43
CA PHE U 56 23.32 -30.74 -86.64
C PHE U 56 22.43 -31.60 -87.51
N GLN U 57 22.57 -31.43 -88.84
CA GLN U 57 21.86 -32.20 -89.85
C GLN U 57 22.88 -32.64 -90.87
N GLY U 58 23.42 -33.84 -90.69
CA GLY U 58 24.48 -34.32 -91.57
C GLY U 58 25.78 -33.59 -91.29
N GLU U 59 26.65 -33.57 -92.31
CA GLU U 59 27.97 -32.95 -92.23
C GLU U 59 28.02 -31.55 -92.82
N ASP U 60 27.24 -31.29 -93.87
CA ASP U 60 27.38 -30.04 -94.63
C ASP U 60 26.64 -28.88 -94.00
N THR U 61 25.46 -29.11 -93.43
CA THR U 61 24.56 -28.06 -92.94
C THR U 61 24.32 -28.22 -91.44
N VAL U 62 24.01 -27.11 -90.79
CA VAL U 62 23.68 -27.06 -89.37
C VAL U 62 22.44 -26.20 -89.19
N VAL U 63 21.58 -26.59 -88.27
CA VAL U 63 20.32 -25.92 -87.98
C VAL U 63 20.47 -25.18 -86.65
N ILE U 64 20.12 -23.90 -86.64
CA ILE U 64 20.16 -23.05 -85.45
C ILE U 64 18.88 -22.24 -85.43
N ALA U 65 18.03 -22.48 -84.42
CA ALA U 65 16.76 -21.77 -84.25
C ALA U 65 15.85 -21.95 -85.46
N SER U 66 15.80 -23.19 -85.96
CA SER U 66 14.98 -23.56 -87.12
C SER U 66 15.39 -22.77 -88.37
N LYS U 67 16.70 -22.60 -88.56
CA LYS U 67 17.29 -21.92 -89.71
C LYS U 67 18.49 -22.74 -90.21
N PRO U 68 18.43 -23.39 -91.38
CA PRO U 68 19.63 -24.09 -91.85
C PRO U 68 20.70 -23.14 -92.33
N TYR U 69 21.96 -23.55 -92.14
CA TYR U 69 23.13 -22.82 -92.60
C TYR U 69 24.07 -23.83 -93.27
N ALA U 70 24.15 -23.77 -94.60
CA ALA U 70 24.92 -24.73 -95.37
C ALA U 70 26.39 -24.38 -95.33
N PHE U 71 27.23 -25.40 -95.10
CA PHE U 71 28.69 -25.28 -95.12
C PHE U 71 29.27 -26.50 -95.83
N ASP U 72 30.61 -26.59 -95.88
CA ASP U 72 31.27 -27.75 -96.46
C ASP U 72 31.34 -28.91 -95.48
N ARG U 73 31.69 -28.64 -94.22
CA ARG U 73 31.81 -29.67 -93.20
C ARG U 73 31.64 -29.01 -91.84
N VAL U 74 30.67 -29.49 -91.06
CA VAL U 74 30.40 -29.02 -89.71
C VAL U 74 30.89 -30.07 -88.73
N PHE U 75 31.71 -29.65 -87.77
CA PHE U 75 32.26 -30.53 -86.74
C PHE U 75 31.43 -30.39 -85.47
N GLN U 76 31.09 -31.53 -84.86
CA GLN U 76 30.26 -31.56 -83.67
C GLN U 76 31.14 -31.39 -82.43
N SER U 77 30.51 -31.39 -81.25
CA SER U 77 31.25 -31.20 -80.00
C SER U 77 32.15 -32.39 -79.68
N SER U 78 31.75 -33.60 -80.07
CA SER U 78 32.54 -34.80 -79.81
C SER U 78 33.73 -34.97 -80.74
N THR U 79 33.93 -34.06 -81.71
CA THR U 79 35.06 -34.18 -82.62
C THR U 79 36.36 -33.86 -81.89
N SER U 80 37.27 -34.82 -81.86
CA SER U 80 38.53 -34.66 -81.16
C SER U 80 39.48 -33.76 -81.98
N GLN U 81 40.67 -33.52 -81.42
CA GLN U 81 41.63 -32.65 -82.08
C GLN U 81 42.18 -33.29 -83.35
N GLU U 82 42.47 -34.59 -83.31
CA GLU U 82 43.02 -35.26 -84.49
C GLU U 82 41.99 -35.38 -85.60
N GLN U 83 40.71 -35.53 -85.24
CA GLN U 83 39.67 -35.67 -86.26
C GLN U 83 39.48 -34.38 -87.04
N VAL U 84 39.59 -33.22 -86.40
CA VAL U 84 39.42 -31.96 -87.11
C VAL U 84 40.58 -31.73 -88.07
N TYR U 85 41.80 -32.11 -87.65
CA TYR U 85 42.98 -31.88 -88.48
C TYR U 85 42.94 -32.72 -89.76
N ASN U 86 42.58 -33.99 -89.63
CA ASN U 86 42.54 -34.87 -90.79
C ASN U 86 41.46 -34.48 -91.78
N ASP U 87 40.39 -33.83 -91.32
CA ASP U 87 39.28 -33.45 -92.20
C ASP U 87 39.50 -32.11 -92.89
N CYS U 88 40.08 -31.13 -92.19
CA CYS U 88 40.18 -29.76 -92.69
C CYS U 88 41.50 -29.48 -93.40
N ALA U 89 42.62 -29.60 -92.68
CA ALA U 89 43.93 -29.13 -93.15
C ALA U 89 44.82 -30.27 -93.62
N LYS U 90 44.26 -31.44 -93.96
CA LYS U 90 45.07 -32.54 -94.45
C LYS U 90 45.50 -32.30 -95.90
N LYS U 91 44.56 -31.96 -96.77
CA LYS U 91 44.88 -31.68 -98.17
C LYS U 91 45.64 -30.37 -98.36
N ILE U 92 45.53 -29.44 -97.41
CA ILE U 92 46.22 -28.16 -97.54
C ILE U 92 47.73 -28.36 -97.45
N VAL U 93 48.18 -29.38 -96.72
CA VAL U 93 49.61 -29.67 -96.65
C VAL U 93 50.11 -30.14 -98.02
N LYS U 94 49.27 -30.87 -98.75
CA LYS U 94 49.64 -31.29 -100.10
C LYS U 94 49.59 -30.12 -101.08
N ASP U 95 48.63 -29.21 -100.90
CA ASP U 95 48.49 -28.11 -101.85
C ASP U 95 49.62 -27.10 -101.72
N VAL U 96 50.01 -26.78 -100.49
CA VAL U 96 51.06 -25.78 -100.28
C VAL U 96 52.43 -26.30 -100.71
N LEU U 97 52.66 -27.61 -100.67
CA LEU U 97 53.89 -28.20 -101.16
C LEU U 97 53.91 -28.41 -102.66
N GLU U 98 52.75 -28.44 -103.32
CA GLU U 98 52.69 -28.57 -104.77
C GLU U 98 53.27 -27.35 -105.48
N GLY U 99 53.23 -26.18 -104.86
CA GLY U 99 53.72 -24.95 -105.46
C GLY U 99 52.89 -23.72 -105.11
N TYR U 100 51.63 -23.93 -104.73
CA TYR U 100 50.74 -22.84 -104.39
C TYR U 100 50.99 -22.41 -102.94
N ASN U 101 50.29 -21.35 -102.53
CA ASN U 101 50.36 -20.82 -101.18
C ASN U 101 49.24 -21.42 -100.32
N GLY U 102 49.31 -21.17 -99.03
CA GLY U 102 48.32 -21.66 -98.09
C GLY U 102 48.09 -20.68 -96.97
N THR U 103 46.85 -20.67 -96.46
CA THR U 103 46.49 -19.79 -95.35
C THR U 103 45.27 -20.37 -94.67
N ILE U 104 45.33 -20.48 -93.34
CA ILE U 104 44.22 -20.94 -92.51
C ILE U 104 44.09 -20.01 -91.32
N PHE U 105 42.86 -19.62 -91.01
CA PHE U 105 42.58 -18.72 -89.90
C PHE U 105 41.20 -19.03 -89.33
N ALA U 106 40.98 -18.60 -88.09
CA ALA U 106 39.79 -18.92 -87.31
C ALA U 106 39.09 -17.62 -86.92
N TYR U 107 37.79 -17.55 -87.20
CA TYR U 107 36.94 -16.42 -86.85
C TYR U 107 35.89 -16.86 -85.84
N GLY U 108 35.58 -15.99 -84.90
CA GLY U 108 34.60 -16.30 -83.88
C GLY U 108 34.73 -15.35 -82.70
N GLN U 109 33.87 -15.60 -81.71
CA GLN U 109 33.80 -14.80 -80.49
C GLN U 109 34.68 -15.42 -79.40
N THR U 110 34.83 -14.69 -78.30
CA THR U 110 35.66 -15.15 -77.19
C THR U 110 35.04 -16.38 -76.55
N SER U 111 35.90 -17.31 -76.13
CA SER U 111 35.54 -18.60 -75.56
C SER U 111 34.86 -19.54 -76.56
N SER U 112 34.98 -19.26 -77.86
CA SER U 112 34.39 -20.12 -78.88
C SER U 112 35.24 -21.35 -79.17
N GLY U 113 36.53 -21.32 -78.86
CA GLY U 113 37.42 -22.46 -79.02
C GLY U 113 38.37 -22.31 -80.19
N LYS U 114 38.86 -21.09 -80.41
CA LYS U 114 39.82 -20.81 -81.48
C LYS U 114 41.25 -21.14 -81.03
N THR U 115 41.61 -20.76 -79.80
CA THR U 115 42.95 -21.05 -79.31
C THR U 115 43.16 -22.55 -79.10
N HIS U 116 42.16 -23.23 -78.51
CA HIS U 116 42.28 -24.67 -78.30
C HIS U 116 42.30 -25.44 -79.62
N THR U 117 41.63 -24.92 -80.65
CA THR U 117 41.60 -25.59 -81.93
C THR U 117 42.98 -25.57 -82.58
N MET U 118 43.65 -24.42 -82.57
CA MET U 118 44.95 -24.24 -83.21
C MET U 118 46.11 -24.54 -82.28
N GLU U 119 46.11 -23.95 -81.08
CA GLU U 119 47.20 -24.12 -80.13
C GLU U 119 47.02 -25.36 -79.27
N GLY U 120 45.90 -25.43 -78.54
CA GLY U 120 45.66 -26.56 -77.64
C GLY U 120 46.70 -26.61 -76.54
N LYS U 121 47.17 -27.83 -76.28
CA LYS U 121 48.30 -28.10 -75.37
C LYS U 121 49.35 -28.84 -76.19
N LEU U 122 50.45 -28.15 -76.50
CA LEU U 122 51.37 -28.60 -77.55
C LEU U 122 52.11 -29.88 -77.17
N HIS U 123 52.46 -30.04 -75.89
CA HIS U 123 53.32 -31.13 -75.47
C HIS U 123 52.60 -32.48 -75.37
N ASP U 124 51.26 -32.51 -75.44
CA ASP U 124 50.50 -33.76 -75.36
C ASP U 124 50.26 -34.32 -76.75
N PRO U 125 50.18 -35.64 -76.98
CA PRO U 125 49.87 -36.12 -78.34
C PRO U 125 48.44 -35.82 -78.78
N GLU U 126 47.46 -35.98 -77.88
CA GLU U 126 46.05 -35.81 -78.22
C GLU U 126 45.58 -34.38 -78.10
N GLY U 127 45.92 -33.70 -77.01
CA GLY U 127 45.46 -32.35 -76.78
C GLY U 127 46.11 -31.26 -77.61
N MET U 128 47.10 -31.60 -78.43
CA MET U 128 47.74 -30.60 -79.27
C MET U 128 46.82 -30.17 -80.40
N GLY U 129 46.89 -28.88 -80.74
CA GLY U 129 46.03 -28.30 -81.75
C GLY U 129 46.53 -28.57 -83.16
N ILE U 130 46.32 -27.58 -84.04
CA ILE U 130 46.59 -27.75 -85.46
C ILE U 130 48.03 -27.37 -85.79
N ILE U 131 48.53 -26.29 -85.21
CA ILE U 131 49.81 -25.72 -85.62
C ILE U 131 51.01 -26.61 -85.32
N PRO U 132 51.02 -27.53 -84.28
CA PRO U 132 52.08 -28.55 -84.27
C PRO U 132 51.83 -29.66 -85.27
N ARG U 133 50.56 -30.00 -85.51
CA ARG U 133 50.23 -31.02 -86.49
C ARG U 133 50.61 -30.58 -87.90
N ILE U 134 50.50 -29.28 -88.19
CA ILE U 134 50.93 -28.77 -89.49
C ILE U 134 52.44 -28.91 -89.62
N VAL U 135 53.17 -28.65 -88.53
CA VAL U 135 54.63 -28.76 -88.56
C VAL U 135 55.05 -30.22 -88.74
N GLN U 136 54.39 -31.13 -88.00
CA GLN U 136 54.80 -32.53 -88.04
C GLN U 136 54.51 -33.17 -89.40
N ASP U 137 53.42 -32.77 -90.05
CA ASP U 137 53.07 -33.35 -91.34
C ASP U 137 54.04 -32.89 -92.43
N ILE U 138 54.56 -31.67 -92.32
CA ILE U 138 55.47 -31.16 -93.34
C ILE U 138 56.79 -31.93 -93.29
N PHE U 139 57.34 -32.13 -92.09
CA PHE U 139 58.59 -32.87 -91.96
C PHE U 139 58.41 -34.36 -92.22
N ASN U 140 57.27 -34.93 -91.82
CA ASN U 140 57.00 -36.32 -92.14
C ASN U 140 56.85 -36.54 -93.64
N TYR U 141 56.30 -35.55 -94.36
CA TYR U 141 56.21 -35.65 -95.81
C TYR U 141 57.57 -35.52 -96.48
N ILE U 142 58.47 -34.73 -95.90
CA ILE U 142 59.80 -34.55 -96.48
C ILE U 142 60.59 -35.85 -96.34
N TYR U 143 60.42 -36.57 -95.24
CA TYR U 143 61.12 -37.84 -95.06
C TYR U 143 60.63 -38.89 -96.05
N SER U 144 59.36 -38.82 -96.45
CA SER U 144 58.82 -39.73 -97.45
C SER U 144 59.26 -39.39 -98.87
N MET U 145 59.62 -38.14 -99.14
CA MET U 145 60.11 -37.73 -100.45
C MET U 145 61.56 -38.18 -100.64
N ASP U 146 62.00 -38.17 -101.89
CA ASP U 146 63.35 -38.58 -102.23
C ASP U 146 64.37 -37.56 -101.71
N GLU U 147 65.63 -37.98 -101.65
CA GLU U 147 66.67 -37.17 -101.03
C GLU U 147 67.03 -35.96 -101.89
N ASN U 148 66.86 -36.04 -103.21
CA ASN U 148 67.31 -34.96 -104.08
C ASN U 148 66.48 -33.68 -103.94
N LEU U 149 65.28 -33.74 -103.36
CA LEU U 149 64.47 -32.55 -103.14
C LEU U 149 64.99 -31.83 -101.89
N GLU U 150 65.70 -30.71 -102.11
CA GLU U 150 66.23 -29.92 -101.02
C GLU U 150 65.18 -28.91 -100.57
N PHE U 151 64.92 -28.88 -99.26
CA PHE U 151 63.93 -28.00 -98.65
C PHE U 151 64.64 -26.94 -97.82
N HIS U 152 64.20 -25.69 -97.96
CA HIS U 152 64.70 -24.55 -97.20
C HIS U 152 63.51 -23.89 -96.51
N ILE U 153 63.26 -24.26 -95.25
CA ILE U 153 62.13 -23.80 -94.46
C ILE U 153 62.66 -22.76 -93.49
N LYS U 154 61.98 -21.60 -93.46
CA LYS U 154 62.26 -20.53 -92.51
C LYS U 154 60.95 -20.10 -91.86
N VAL U 155 60.98 -19.90 -90.55
CA VAL U 155 59.79 -19.62 -89.74
C VAL U 155 59.83 -18.18 -89.27
N SER U 156 58.65 -17.60 -89.09
CA SER U 156 58.49 -16.26 -88.56
C SER U 156 57.23 -16.23 -87.71
N TYR U 157 57.22 -15.38 -86.69
CA TYR U 157 56.11 -15.33 -85.74
C TYR U 157 56.04 -13.94 -85.13
N PHE U 158 54.92 -13.26 -85.35
CA PHE U 158 54.68 -11.93 -84.79
C PHE U 158 53.19 -11.81 -84.47
N GLU U 159 52.83 -10.69 -83.85
CA GLU U 159 51.48 -10.45 -83.35
C GLU U 159 51.16 -8.97 -83.46
N ILE U 160 49.89 -8.66 -83.74
CA ILE U 160 49.43 -7.29 -83.97
C ILE U 160 48.67 -6.87 -82.71
N TYR U 161 49.34 -6.09 -81.86
CA TYR U 161 48.87 -5.74 -80.52
C TYR U 161 49.02 -4.25 -80.31
N LEU U 162 47.92 -3.60 -79.96
CA LEU U 162 47.84 -2.14 -79.79
C LEU U 162 48.31 -1.44 -81.06
N ASP U 163 47.71 -1.87 -82.19
CA ASP U 163 48.00 -1.41 -83.57
C ASP U 163 49.50 -1.34 -83.88
N LYS U 164 50.27 -2.30 -83.36
CA LYS U 164 51.70 -2.43 -83.63
C LYS U 164 52.04 -3.90 -83.81
N ILE U 165 52.88 -4.18 -84.81
CA ILE U 165 53.30 -5.55 -85.13
C ILE U 165 54.54 -5.83 -84.29
N ARG U 166 54.31 -6.33 -83.08
CA ARG U 166 55.41 -6.69 -82.17
C ARG U 166 55.87 -8.10 -82.46
N ASP U 167 57.18 -8.27 -82.57
CA ASP U 167 57.79 -9.58 -82.78
C ASP U 167 57.99 -10.27 -81.44
N LEU U 168 57.68 -11.57 -81.40
CA LEU U 168 57.82 -12.40 -80.21
C LEU U 168 59.06 -13.25 -80.22
N LEU U 169 59.65 -13.53 -81.39
CA LEU U 169 60.93 -14.23 -81.45
C LEU U 169 62.08 -13.38 -80.93
N ASP U 170 61.97 -12.06 -81.06
CA ASP U 170 62.90 -11.10 -80.49
C ASP U 170 62.11 -10.00 -79.79
N VAL U 171 62.52 -9.69 -78.56
CA VAL U 171 61.77 -8.74 -77.72
C VAL U 171 62.14 -7.28 -78.00
N SER U 172 63.21 -7.01 -78.75
CA SER U 172 63.66 -5.64 -78.93
C SER U 172 62.69 -4.84 -79.80
N LYS U 173 62.52 -5.26 -81.06
CA LYS U 173 61.69 -4.53 -82.00
C LYS U 173 60.21 -4.80 -81.72
N THR U 174 59.42 -3.73 -81.74
CA THR U 174 57.99 -3.76 -81.42
C THR U 174 57.08 -3.41 -82.59
N ASN U 175 57.62 -2.93 -83.72
CA ASN U 175 56.82 -2.56 -84.88
C ASN U 175 57.63 -2.80 -86.14
N LEU U 176 57.06 -3.59 -87.06
CA LEU U 176 57.64 -3.91 -88.35
C LEU U 176 56.82 -3.26 -89.46
N SER U 177 57.43 -3.16 -90.64
CA SER U 177 56.82 -2.61 -91.83
C SER U 177 56.34 -3.75 -92.73
N VAL U 178 55.35 -3.44 -93.56
CA VAL U 178 54.76 -4.37 -94.53
C VAL U 178 54.98 -3.78 -95.91
N HIS U 179 55.91 -4.38 -96.65
CA HIS U 179 56.31 -3.92 -97.98
C HIS U 179 55.81 -4.90 -99.04
N GLU U 180 55.87 -4.45 -100.29
CA GLU U 180 55.42 -5.21 -101.44
C GLU U 180 56.58 -5.91 -102.12
N ASP U 181 56.30 -7.10 -102.65
CA ASP U 181 57.29 -7.92 -103.34
C ASP U 181 57.26 -7.58 -104.83
N LYS U 182 57.87 -8.43 -105.67
CA LYS U 182 58.00 -8.15 -107.09
C LYS U 182 56.66 -8.04 -107.81
N ASN U 183 55.68 -8.88 -107.43
CA ASN U 183 54.35 -8.89 -108.04
C ASN U 183 53.31 -8.19 -107.19
N ARG U 184 53.73 -7.18 -106.40
CA ARG U 184 52.82 -6.31 -105.65
C ARG U 184 51.99 -7.06 -104.60
N VAL U 185 52.50 -8.18 -104.10
CA VAL U 185 51.85 -8.93 -103.03
C VAL U 185 52.47 -8.48 -101.71
N PRO U 186 51.71 -7.93 -100.75
CA PRO U 186 52.36 -7.39 -99.55
C PRO U 186 52.84 -8.50 -98.62
N TYR U 187 53.96 -8.25 -97.95
CA TYR U 187 54.49 -9.17 -96.95
C TYR U 187 55.36 -8.38 -95.99
N VAL U 188 55.84 -9.06 -94.95
CA VAL U 188 56.54 -8.43 -93.84
C VAL U 188 58.03 -8.33 -94.18
N LYS U 189 58.67 -7.28 -93.67
CA LYS U 189 60.10 -7.05 -93.81
C LYS U 189 60.71 -6.85 -92.43
N GLY U 190 61.96 -7.27 -92.27
CA GLY U 190 62.67 -7.08 -91.02
C GLY U 190 62.39 -8.11 -89.95
N CYS U 191 61.38 -8.97 -90.13
CA CYS U 191 61.04 -9.95 -89.10
C CYS U 191 62.14 -11.00 -88.98
N THR U 192 62.17 -11.65 -87.82
CA THR U 192 63.20 -12.64 -87.51
C THR U 192 62.84 -13.93 -88.23
N GLU U 193 63.51 -14.18 -89.37
CA GLU U 193 63.31 -15.38 -90.18
C GLU U 193 64.34 -16.41 -89.73
N ARG U 194 63.95 -17.26 -88.79
CA ARG U 194 64.84 -18.28 -88.24
C ARG U 194 64.87 -19.49 -89.18
N PHE U 195 66.04 -19.80 -89.71
CA PHE U 195 66.22 -20.97 -90.55
C PHE U 195 66.27 -22.22 -89.67
N VAL U 196 65.36 -23.16 -89.93
CA VAL U 196 65.18 -24.35 -89.11
C VAL U 196 65.57 -25.58 -89.93
N CYS U 197 66.04 -26.61 -89.21
CA CYS U 197 66.51 -27.86 -89.79
C CYS U 197 65.64 -29.05 -89.40
N SER U 198 65.43 -29.26 -88.09
CA SER U 198 64.70 -30.40 -87.53
C SER U 198 63.30 -29.96 -87.07
N PRO U 199 62.35 -30.88 -86.93
CA PRO U 199 61.02 -30.48 -86.43
C PRO U 199 61.01 -30.10 -84.96
N ASP U 200 61.92 -30.65 -84.15
CA ASP U 200 61.94 -30.32 -82.73
C ASP U 200 62.32 -28.86 -82.49
N GLU U 201 63.21 -28.31 -83.33
CA GLU U 201 63.54 -26.90 -83.21
C GLU U 201 62.35 -26.01 -83.52
N VAL U 202 61.47 -26.43 -84.44
CA VAL U 202 60.28 -25.65 -84.74
C VAL U 202 59.32 -25.69 -83.55
N MET U 203 59.31 -26.81 -82.81
CA MET U 203 58.51 -26.86 -81.59
C MET U 203 59.10 -25.95 -80.51
N ASP U 204 60.43 -25.79 -80.50
CA ASP U 204 61.07 -24.96 -79.49
C ASP U 204 60.74 -23.49 -79.69
N THR U 205 60.86 -22.99 -80.93
CA THR U 205 60.59 -21.58 -81.18
C THR U 205 59.11 -21.24 -81.05
N ILE U 206 58.22 -22.24 -81.21
CA ILE U 206 56.80 -22.01 -80.98
C ILE U 206 56.52 -21.87 -79.49
N ASP U 207 57.21 -22.68 -78.67
CA ASP U 207 56.97 -22.64 -77.23
C ASP U 207 57.43 -21.33 -76.62
N GLU U 208 58.63 -20.87 -76.98
CA GLU U 208 59.11 -19.59 -76.45
C GLU U 208 58.30 -18.42 -77.01
N GLY U 209 57.74 -18.57 -78.21
CA GLY U 209 56.91 -17.52 -78.76
C GLY U 209 55.60 -17.37 -78.00
N LYS U 210 54.96 -18.49 -77.68
CA LYS U 210 53.71 -18.44 -76.93
C LYS U 210 53.92 -17.97 -75.49
N SER U 211 55.11 -18.19 -74.92
CA SER U 211 55.41 -17.70 -73.59
C SER U 211 55.48 -16.17 -73.55
N ASN U 212 55.92 -15.54 -74.63
CA ASN U 212 55.96 -14.08 -74.73
C ASN U 212 54.61 -13.47 -75.14
N ARG U 213 53.59 -14.29 -75.38
CA ARG U 213 52.31 -13.77 -75.83
C ARG U 213 51.59 -13.07 -74.68
N HIS U 214 51.11 -11.86 -74.94
CA HIS U 214 50.41 -11.08 -73.91
C HIS U 214 49.00 -11.61 -73.77
N VAL U 215 48.82 -12.61 -72.90
CA VAL U 215 47.53 -13.24 -72.63
C VAL U 215 46.98 -12.64 -71.35
N ALA U 216 45.82 -11.98 -71.46
CA ALA U 216 45.14 -11.36 -70.34
C ALA U 216 44.04 -12.28 -69.83
N VAL U 217 43.48 -11.91 -68.67
CA VAL U 217 42.41 -12.66 -68.01
C VAL U 217 41.15 -11.82 -68.02
N THR U 218 40.02 -12.48 -68.27
CA THR U 218 38.71 -11.83 -68.26
C THR U 218 37.69 -12.82 -67.71
N ASN U 219 36.44 -12.38 -67.60
CA ASN U 219 35.39 -13.20 -67.03
C ASN U 219 34.97 -14.37 -67.92
N MET U 220 35.11 -14.22 -69.24
CA MET U 220 34.65 -15.24 -70.19
C MET U 220 35.70 -16.32 -70.46
N ASN U 221 36.99 -16.00 -70.37
CA ASN U 221 38.04 -16.96 -70.64
C ASN U 221 39.33 -16.52 -69.95
N GLU U 222 39.87 -17.38 -69.08
CA GLU U 222 41.14 -17.10 -68.44
C GLU U 222 42.28 -17.04 -69.44
N HIS U 223 42.30 -17.94 -70.41
CA HIS U 223 43.33 -17.98 -71.45
C HIS U 223 42.85 -17.22 -72.70
N SER U 224 42.54 -15.95 -72.49
CA SER U 224 42.01 -15.10 -73.55
C SER U 224 43.14 -14.52 -74.39
N SER U 225 43.29 -15.03 -75.61
CA SER U 225 44.24 -14.45 -76.56
C SER U 225 43.69 -13.12 -77.06
N ARG U 226 44.32 -12.03 -76.66
CA ARG U 226 43.83 -10.68 -76.92
C ARG U 226 44.39 -10.07 -78.21
N SER U 227 44.89 -10.88 -79.14
CA SER U 227 45.43 -10.36 -80.38
C SER U 227 45.57 -11.52 -81.37
N HIS U 228 46.03 -11.17 -82.58
CA HIS U 228 46.10 -12.10 -83.71
C HIS U 228 47.56 -12.53 -83.89
N SER U 229 47.85 -13.78 -83.55
CA SER U 229 49.19 -14.34 -83.68
C SER U 229 49.34 -14.98 -85.06
N ILE U 230 50.19 -14.38 -85.90
CA ILE U 230 50.47 -14.85 -87.25
C ILE U 230 51.75 -15.68 -87.18
N PHE U 231 51.67 -16.92 -87.64
CA PHE U 231 52.80 -17.84 -87.72
C PHE U 231 53.00 -18.26 -89.17
N LEU U 232 54.16 -17.93 -89.73
CA LEU U 232 54.49 -18.18 -91.13
C LEU U 232 55.47 -19.35 -91.22
N ILE U 233 55.31 -20.16 -92.26
CA ILE U 233 56.24 -21.23 -92.60
C ILE U 233 56.49 -21.08 -94.10
N ASN U 234 57.56 -20.36 -94.45
CA ASN U 234 57.92 -20.10 -95.84
C ASN U 234 58.73 -21.29 -96.36
N VAL U 235 58.05 -22.25 -96.96
CA VAL U 235 58.67 -23.48 -97.42
C VAL U 235 59.18 -23.25 -98.85
N LYS U 236 60.49 -23.08 -99.00
CA LYS U 236 61.15 -23.02 -100.29
C LYS U 236 61.73 -24.39 -100.60
N GLN U 237 61.53 -24.86 -101.84
CA GLN U 237 62.00 -26.17 -102.27
C GLN U 237 62.47 -26.09 -103.71
N GLU U 238 63.45 -26.93 -104.05
CA GLU U 238 64.02 -26.96 -105.38
C GLU U 238 64.64 -28.33 -105.62
N ASN U 239 64.47 -28.85 -106.84
CA ASN U 239 65.01 -30.14 -107.24
C ASN U 239 66.36 -29.93 -107.91
N THR U 240 67.32 -30.80 -107.59
CA THR U 240 68.66 -30.68 -108.15
C THR U 240 68.71 -31.12 -109.61
N GLN U 241 67.88 -32.09 -110.00
CA GLN U 241 67.91 -32.62 -111.36
C GLN U 241 67.20 -31.71 -112.36
N THR U 242 65.93 -31.37 -112.09
CA THR U 242 65.16 -30.54 -113.00
C THR U 242 65.46 -29.06 -112.87
N GLU U 243 66.06 -28.62 -111.76
CA GLU U 243 66.43 -27.21 -111.54
C GLU U 243 65.18 -26.32 -111.56
N GLN U 244 64.13 -26.77 -110.89
CA GLN U 244 62.86 -26.06 -110.79
C GLN U 244 62.65 -25.62 -109.34
N LYS U 245 62.63 -24.31 -109.12
CA LYS U 245 62.47 -23.73 -107.80
C LYS U 245 61.00 -23.43 -107.54
N LEU U 246 60.55 -23.72 -106.32
CA LEU U 246 59.17 -23.51 -105.91
C LEU U 246 59.15 -23.01 -104.47
N SER U 247 58.17 -22.17 -104.15
CA SER U 247 58.00 -21.61 -102.82
C SER U 247 56.51 -21.50 -102.51
N GLY U 248 56.18 -21.60 -101.22
CA GLY U 248 54.81 -21.49 -100.75
C GLY U 248 54.72 -20.87 -99.37
N LYS U 249 53.94 -19.80 -99.25
CA LYS U 249 53.74 -19.11 -97.99
C LYS U 249 52.58 -19.74 -97.24
N LEU U 250 52.86 -20.27 -96.04
CA LEU U 250 51.89 -20.99 -95.21
C LEU U 250 51.59 -20.15 -93.98
N TYR U 251 50.47 -19.43 -94.01
CA TYR U 251 50.06 -18.54 -92.94
C TYR U 251 49.18 -19.30 -91.95
N LEU U 252 49.54 -19.21 -90.66
CA LEU U 252 48.76 -19.77 -89.55
C LEU U 252 48.39 -18.62 -88.62
N VAL U 253 47.16 -18.13 -88.73
CA VAL U 253 46.66 -16.98 -87.99
C VAL U 253 45.67 -17.49 -86.95
N ASP U 254 45.81 -17.02 -85.71
CA ASP U 254 44.91 -17.35 -84.61
C ASP U 254 44.40 -16.02 -84.04
N LEU U 255 43.20 -15.63 -84.43
CA LEU U 255 42.65 -14.33 -84.09
C LEU U 255 41.97 -14.38 -82.71
N ALA U 256 41.58 -13.20 -82.23
CA ALA U 256 40.93 -13.02 -80.94
C ALA U 256 39.42 -12.98 -81.13
N GLY U 257 38.69 -12.79 -80.04
CA GLY U 257 37.24 -12.91 -80.03
C GLY U 257 36.56 -11.54 -80.04
N SER U 258 35.48 -11.43 -80.80
CA SER U 258 34.66 -10.23 -80.88
C SER U 258 33.65 -10.25 -79.75
N ALA U 259 34.11 -9.95 -78.54
CA ALA U 259 33.29 -10.03 -77.33
C ALA U 259 32.65 -8.68 -77.03
N LYS U 260 31.51 -8.74 -76.34
CA LYS U 260 30.82 -7.55 -75.87
C LYS U 260 31.43 -7.08 -74.56
N VAL U 261 31.49 -5.76 -74.39
CA VAL U 261 32.07 -5.20 -73.18
C VAL U 261 31.18 -5.48 -71.97
N SER U 262 29.86 -5.55 -72.17
CA SER U 262 28.95 -5.83 -71.06
C SER U 262 29.11 -7.26 -70.55
N LYS U 263 29.42 -8.20 -71.45
CA LYS U 263 29.60 -9.60 -71.06
C LYS U 263 30.98 -9.84 -70.43
N THR U 264 32.03 -9.28 -71.03
CA THR U 264 33.37 -9.45 -70.51
C THR U 264 33.62 -8.59 -69.27
N GLY U 265 33.00 -7.42 -69.20
CA GLY U 265 33.25 -6.50 -68.11
C GLY U 265 34.66 -5.95 -68.17
N ALA U 266 35.06 -5.49 -69.35
CA ALA U 266 36.41 -4.99 -69.57
C ALA U 266 36.55 -3.57 -69.04
N GLU U 267 37.69 -3.30 -68.41
CA GLU U 267 37.98 -1.98 -67.87
C GLU U 267 39.49 -1.81 -67.75
N GLY U 268 39.97 -0.63 -68.11
CA GLY U 268 41.38 -0.30 -68.00
C GLY U 268 42.18 -0.63 -69.26
N ALA U 269 43.32 -1.27 -69.09
CA ALA U 269 44.20 -1.58 -70.23
C ALA U 269 43.58 -2.57 -71.19
N VAL U 270 42.72 -3.47 -70.72
CA VAL U 270 42.07 -4.44 -71.61
C VAL U 270 41.16 -3.76 -72.63
N LEU U 271 40.62 -2.59 -72.31
CA LEU U 271 39.81 -1.85 -73.27
C LEU U 271 40.62 -1.45 -74.49
N ASP U 272 41.87 -1.03 -74.28
CA ASP U 272 42.74 -0.69 -75.40
C ASP U 272 43.06 -1.93 -76.22
N GLU U 273 43.17 -3.09 -75.58
CA GLU U 273 43.41 -4.33 -76.31
C GLU U 273 42.19 -4.71 -77.14
N ALA U 274 40.99 -4.38 -76.66
CA ALA U 274 39.77 -4.72 -77.39
C ALA U 274 39.60 -3.88 -78.64
N LYS U 275 40.15 -2.66 -78.64
CA LYS U 275 39.94 -1.74 -79.77
C LYS U 275 40.67 -2.23 -81.02
N ASN U 276 41.94 -2.58 -80.88
CA ASN U 276 42.75 -2.94 -82.04
C ASN U 276 42.30 -4.26 -82.67
N ILE U 277 41.84 -5.21 -81.87
CA ILE U 277 41.33 -6.47 -82.42
C ILE U 277 39.99 -6.25 -83.10
N ASN U 278 39.15 -5.37 -82.56
CA ASN U 278 37.83 -5.15 -83.15
C ASN U 278 37.92 -4.36 -84.45
N LYS U 279 38.93 -3.49 -84.60
CA LYS U 279 39.16 -2.83 -85.89
C LYS U 279 39.52 -3.85 -86.96
N SER U 280 40.29 -4.87 -86.60
CA SER U 280 40.75 -5.84 -87.59
C SER U 280 39.62 -6.77 -88.04
N LEU U 281 38.86 -7.33 -87.10
CA LEU U 281 37.80 -8.25 -87.48
C LEU U 281 36.67 -7.52 -88.20
N SER U 282 36.44 -6.25 -87.86
CA SER U 282 35.49 -5.45 -88.64
C SER U 282 36.07 -5.11 -90.01
N ALA U 283 37.38 -4.93 -90.09
CA ALA U 283 38.00 -4.59 -91.37
C ALA U 283 37.91 -5.76 -92.35
N LEU U 284 38.30 -6.97 -91.93
CA LEU U 284 38.16 -8.13 -92.81
C LEU U 284 36.69 -8.49 -93.00
N GLY U 285 35.83 -8.13 -92.05
CA GLY U 285 34.39 -8.29 -92.28
C GLY U 285 33.90 -7.45 -93.45
N ASN U 286 34.51 -6.29 -93.65
CA ASN U 286 34.22 -5.51 -94.85
C ASN U 286 34.78 -6.19 -96.10
N VAL U 287 35.91 -6.88 -95.96
CA VAL U 287 36.54 -7.52 -97.11
C VAL U 287 35.68 -8.69 -97.60
N ILE U 288 35.16 -9.49 -96.67
CA ILE U 288 34.33 -10.62 -97.06
C ILE U 288 33.02 -10.13 -97.67
N SER U 289 32.41 -9.10 -97.08
CA SER U 289 31.19 -8.54 -97.63
C SER U 289 31.46 -7.84 -98.95
N ALA U 290 32.62 -7.18 -99.09
CA ALA U 290 32.99 -6.57 -100.36
C ALA U 290 33.24 -7.63 -101.42
N LEU U 291 33.92 -8.73 -101.04
CA LEU U 291 34.17 -9.80 -101.98
C LEU U 291 32.91 -10.61 -102.27
N ALA U 292 32.00 -10.73 -101.29
CA ALA U 292 30.77 -11.48 -101.49
C ALA U 292 29.84 -10.74 -102.44
N GLU U 293 29.55 -9.48 -102.15
CA GLU U 293 28.74 -8.66 -103.05
C GLU U 293 29.46 -8.28 -104.34
N GLY U 294 30.79 -8.37 -104.36
CA GLY U 294 31.54 -8.09 -105.58
C GLY U 294 31.75 -6.62 -105.84
N SER U 295 32.39 -5.93 -104.90
CA SER U 295 32.64 -4.51 -105.05
C SER U 295 33.75 -4.28 -106.08
N THR U 296 33.96 -3.00 -106.41
CA THR U 296 34.98 -2.63 -107.38
C THR U 296 36.36 -2.53 -106.76
N TYR U 297 36.47 -1.86 -105.61
CA TYR U 297 37.76 -1.58 -104.99
C TYR U 297 38.23 -2.70 -104.05
N VAL U 298 37.31 -3.31 -103.32
CA VAL U 298 37.63 -4.38 -102.37
C VAL U 298 38.60 -3.85 -101.31
N PRO U 299 38.15 -3.03 -100.35
CA PRO U 299 39.11 -2.30 -99.51
C PRO U 299 39.84 -3.18 -98.51
N TYR U 300 40.92 -3.81 -98.96
CA TYR U 300 41.81 -4.52 -98.07
C TYR U 300 42.58 -3.60 -97.12
N ARG U 301 42.77 -2.33 -97.49
CA ARG U 301 43.65 -1.42 -96.76
C ARG U 301 42.96 -0.69 -95.62
N ASP U 302 41.84 -1.21 -95.12
CA ASP U 302 41.20 -0.60 -93.95
C ASP U 302 42.08 -0.74 -92.72
N SER U 303 42.45 -1.98 -92.38
CA SER U 303 43.35 -2.30 -91.29
C SER U 303 44.58 -3.03 -91.83
N LYS U 304 45.70 -2.87 -91.13
CA LYS U 304 46.94 -3.52 -91.54
C LYS U 304 46.89 -5.04 -91.35
N MET U 305 46.01 -5.53 -90.49
CA MET U 305 45.81 -6.99 -90.41
C MET U 305 45.22 -7.51 -91.72
N THR U 306 44.35 -6.72 -92.35
CA THR U 306 43.78 -7.14 -93.63
C THR U 306 44.81 -7.12 -94.75
N ARG U 307 45.86 -6.29 -94.62
CA ARG U 307 46.91 -6.27 -95.62
C ARG U 307 47.68 -7.59 -95.66
N ILE U 308 47.76 -8.29 -94.54
CA ILE U 308 48.45 -9.59 -94.51
C ILE U 308 47.64 -10.63 -95.29
N LEU U 309 46.31 -10.56 -95.20
CA LEU U 309 45.43 -11.58 -95.76
C LEU U 309 44.96 -11.24 -97.17
N GLN U 310 45.74 -10.47 -97.92
CA GLN U 310 45.36 -10.14 -99.30
C GLN U 310 45.59 -11.33 -100.22
N ASP U 311 46.77 -11.96 -100.13
CA ASP U 311 47.07 -13.12 -100.97
C ASP U 311 46.18 -14.31 -100.66
N SER U 312 45.66 -14.41 -99.43
CA SER U 312 44.79 -15.53 -99.08
C SER U 312 43.42 -15.43 -99.75
N LEU U 313 42.83 -14.23 -99.78
CA LEU U 313 41.47 -14.03 -100.26
C LEU U 313 41.40 -13.65 -101.73
N GLY U 314 42.46 -13.07 -102.31
CA GLY U 314 42.46 -12.62 -103.69
C GLY U 314 43.77 -12.83 -104.41
N GLY U 315 44.53 -13.85 -104.00
CA GLY U 315 45.83 -14.18 -104.54
C GLY U 315 45.84 -15.56 -105.16
N ASN U 316 47.02 -16.18 -105.14
CA ASN U 316 47.29 -17.49 -105.72
C ASN U 316 47.27 -18.58 -104.64
N CYS U 317 46.43 -18.42 -103.64
CA CYS U 317 46.41 -19.24 -102.44
C CYS U 317 45.14 -20.08 -102.37
N ARG U 318 45.18 -21.12 -101.54
CA ARG U 318 44.05 -22.00 -101.25
C ARG U 318 43.67 -21.82 -99.79
N THR U 319 42.71 -20.93 -99.54
CA THR U 319 42.32 -20.54 -98.20
C THR U 319 41.21 -21.46 -97.69
N THR U 320 41.18 -21.67 -96.38
CA THR U 320 40.17 -22.48 -95.72
C THR U 320 39.85 -21.86 -94.37
N ILE U 321 38.71 -21.20 -94.28
CA ILE U 321 38.24 -20.57 -93.03
C ILE U 321 37.50 -21.63 -92.23
N VAL U 322 37.79 -21.69 -90.94
CA VAL U 322 37.15 -22.60 -89.99
C VAL U 322 36.62 -21.77 -88.83
N ILE U 323 35.31 -21.52 -88.83
CA ILE U 323 34.66 -20.69 -87.81
C ILE U 323 34.34 -21.56 -86.60
N CYS U 324 34.59 -21.01 -85.42
CA CYS U 324 34.31 -21.67 -84.15
C CYS U 324 33.19 -20.92 -83.43
N CYS U 325 32.31 -21.66 -82.77
CA CYS U 325 31.18 -21.08 -82.05
C CYS U 325 30.85 -21.96 -80.86
N SER U 326 30.16 -21.37 -79.87
CA SER U 326 29.73 -22.03 -78.65
C SER U 326 28.27 -22.46 -78.78
N PRO U 327 27.83 -23.61 -78.25
CA PRO U 327 26.42 -24.01 -78.38
C PRO U 327 25.49 -23.40 -77.33
N SER U 328 25.97 -22.46 -76.51
CA SER U 328 25.15 -21.91 -75.45
C SER U 328 24.15 -20.91 -75.99
N SER U 329 23.02 -20.79 -75.29
CA SER U 329 22.00 -19.79 -75.62
C SER U 329 22.42 -18.38 -75.24
N TYR U 330 23.42 -18.21 -74.37
CA TYR U 330 23.83 -16.88 -73.93
C TYR U 330 24.60 -16.12 -75.01
N ASN U 331 25.28 -16.82 -75.91
CA ASN U 331 26.02 -16.22 -77.03
C ASN U 331 25.30 -16.43 -78.35
N GLU U 332 23.96 -16.43 -78.33
CA GLU U 332 23.20 -16.75 -79.54
C GLU U 332 23.32 -15.66 -80.60
N SER U 333 23.44 -14.40 -80.19
CA SER U 333 23.46 -13.32 -81.16
C SER U 333 24.78 -13.27 -81.92
N GLU U 334 25.90 -13.30 -81.20
CA GLU U 334 27.21 -13.25 -81.85
C GLU U 334 27.46 -14.50 -82.70
N THR U 335 26.92 -15.65 -82.30
CA THR U 335 27.13 -16.87 -83.07
C THR U 335 26.34 -16.85 -84.37
N LYS U 336 25.14 -16.26 -84.37
CA LYS U 336 24.39 -16.12 -85.61
C LYS U 336 25.11 -15.19 -86.58
N SER U 337 25.76 -14.15 -86.06
CA SER U 337 26.55 -13.27 -86.91
C SER U 337 27.74 -14.00 -87.51
N THR U 338 28.30 -14.97 -86.79
CA THR U 338 29.44 -15.72 -87.30
C THR U 338 29.02 -16.69 -88.39
N LEU U 339 27.82 -17.27 -88.27
CA LEU U 339 27.36 -18.21 -89.29
C LEU U 339 27.07 -17.49 -90.61
N LEU U 340 26.31 -16.40 -90.58
CA LEU U 340 26.04 -15.64 -91.79
C LEU U 340 27.31 -15.00 -92.34
N PHE U 341 28.26 -14.67 -91.46
CA PHE U 341 29.59 -14.28 -91.92
C PHE U 341 30.26 -15.42 -92.68
N GLY U 342 30.03 -16.66 -92.24
CA GLY U 342 30.52 -17.80 -92.98
C GLY U 342 29.81 -17.98 -94.31
N GLN U 343 28.50 -17.67 -94.35
CA GLN U 343 27.77 -17.76 -95.61
C GLN U 343 28.27 -16.76 -96.63
N ARG U 344 28.64 -15.55 -96.19
CA ARG U 344 29.26 -14.59 -97.08
C ARG U 344 30.63 -15.05 -97.56
N ALA U 345 31.32 -15.86 -96.76
CA ALA U 345 32.62 -16.39 -97.16
C ALA U 345 32.51 -17.49 -98.22
N LYS U 346 31.34 -18.12 -98.37
CA LYS U 346 31.21 -19.22 -99.32
C LYS U 346 31.25 -18.73 -100.77
N THR U 347 30.74 -17.53 -101.04
CA THR U 347 30.68 -17.00 -102.39
C THR U 347 31.99 -16.40 -102.88
N ILE U 348 33.09 -16.51 -102.12
CA ILE U 348 34.38 -15.92 -102.49
C ILE U 348 35.17 -16.96 -103.25
N LYS U 349 35.99 -16.50 -104.19
CA LYS U 349 36.88 -17.34 -104.99
C LYS U 349 38.24 -16.67 -105.12
N ASN U 350 39.28 -17.48 -105.07
CA ASN U 350 40.66 -17.02 -105.21
C ASN U 350 41.07 -17.01 -106.68
N THR U 351 42.11 -16.23 -106.97
CA THR U 351 42.68 -16.14 -108.32
C THR U 351 43.82 -17.15 -108.48
N VAL U 352 43.51 -18.40 -108.17
CA VAL U 352 44.51 -19.47 -108.19
C VAL U 352 44.67 -20.00 -109.61
N ARG V 2 -62.08 0.20 -9.48
CA ARG V 2 -62.00 0.01 -10.93
C ARG V 2 -60.87 0.84 -11.51
N GLU V 3 -59.91 0.16 -12.14
CA GLU V 3 -58.77 0.82 -12.77
C GLU V 3 -58.35 0.03 -14.00
N CYS V 4 -57.52 0.65 -14.83
CA CYS V 4 -57.01 0.02 -16.04
C CYS V 4 -55.71 0.69 -16.43
N ILE V 5 -54.78 -0.12 -16.96
CA ILE V 5 -53.46 0.32 -17.38
C ILE V 5 -53.32 0.12 -18.88
N SER V 6 -52.36 0.80 -19.47
CA SER V 6 -52.15 0.79 -20.91
C SER V 6 -50.67 0.95 -21.24
N VAL V 7 -50.26 0.32 -22.35
CA VAL V 7 -48.90 0.39 -22.86
C VAL V 7 -48.96 0.73 -24.35
N HIS V 8 -48.10 1.66 -24.76
CA HIS V 8 -48.05 2.16 -26.13
C HIS V 8 -46.76 1.71 -26.77
N VAL V 9 -46.85 1.18 -27.99
CA VAL V 9 -45.71 0.61 -28.72
C VAL V 9 -45.62 1.26 -30.08
N GLY V 10 -44.42 1.75 -30.43
CA GLY V 10 -44.14 2.25 -31.76
C GLY V 10 -44.47 3.73 -31.92
N GLN V 11 -44.15 4.23 -33.10
CA GLN V 11 -44.48 5.61 -33.46
C GLN V 11 -45.99 5.81 -33.48
N ALA V 12 -46.72 4.80 -33.93
CA ALA V 12 -48.18 4.90 -33.95
C ALA V 12 -48.76 4.94 -32.54
N GLY V 13 -48.15 4.21 -31.61
CA GLY V 13 -48.69 4.18 -30.26
C GLY V 13 -48.44 5.47 -29.51
N VAL V 14 -47.19 5.93 -29.49
CA VAL V 14 -46.84 7.12 -28.73
C VAL V 14 -47.46 8.39 -29.31
N GLN V 15 -47.66 8.45 -30.63
CA GLN V 15 -48.36 9.58 -31.21
C GLN V 15 -49.82 9.61 -30.78
N MET V 16 -50.45 8.44 -30.67
CA MET V 16 -51.76 8.37 -30.03
C MET V 16 -51.66 8.50 -28.52
N GLY V 17 -50.54 8.07 -27.93
CA GLY V 17 -50.36 8.23 -26.50
C GLY V 17 -50.23 9.68 -26.10
N ASN V 18 -49.47 10.46 -26.87
CA ASN V 18 -49.34 11.89 -26.58
C ASN V 18 -50.66 12.62 -26.84
N ALA V 19 -51.48 12.12 -27.77
CA ALA V 19 -52.73 12.78 -28.12
C ALA V 19 -53.89 12.40 -27.22
N CYS V 20 -53.89 11.20 -26.65
CA CYS V 20 -55.00 10.74 -25.82
C CYS V 20 -54.88 11.19 -24.37
N TRP V 21 -53.65 11.23 -23.83
CA TRP V 21 -53.47 11.62 -22.44
C TRP V 21 -53.62 13.12 -22.23
N GLU V 22 -53.41 13.94 -23.27
CA GLU V 22 -53.76 15.35 -23.17
C GLU V 22 -55.27 15.53 -23.13
N LEU V 23 -56.03 14.62 -23.77
CA LEU V 23 -57.48 14.65 -23.67
C LEU V 23 -57.95 14.20 -22.31
N TYR V 24 -57.33 13.16 -21.74
CA TYR V 24 -57.74 12.68 -20.43
C TYR V 24 -57.45 13.68 -19.33
N CYS V 25 -56.39 14.47 -19.46
CA CYS V 25 -56.04 15.42 -18.42
C CYS V 25 -56.94 16.64 -18.40
N LEU V 26 -57.37 17.13 -19.56
CA LEU V 26 -58.27 18.28 -19.61
C LEU V 26 -59.71 17.92 -19.26
N GLU V 27 -60.09 16.64 -19.39
CA GLU V 27 -61.43 16.23 -18.96
C GLU V 27 -61.58 16.34 -17.45
N HIS V 28 -60.62 15.82 -16.70
CA HIS V 28 -60.64 15.83 -15.25
C HIS V 28 -60.02 17.09 -14.65
N GLY V 29 -59.83 18.15 -15.44
CA GLY V 29 -59.25 19.38 -14.93
C GLY V 29 -57.81 19.26 -14.49
N ILE V 30 -57.07 18.27 -15.00
CA ILE V 30 -55.67 18.07 -14.63
C ILE V 30 -54.82 18.97 -15.52
N GLN V 31 -54.18 19.97 -14.93
CA GLN V 31 -53.31 20.85 -15.68
C GLN V 31 -52.08 20.09 -16.16
N PRO V 32 -51.39 20.56 -17.20
CA PRO V 32 -50.22 19.81 -17.69
C PRO V 32 -49.01 19.81 -16.74
N ASP V 33 -49.01 20.63 -15.70
CA ASP V 33 -47.89 20.67 -14.75
C ASP V 33 -47.92 19.52 -13.72
N GLY V 34 -48.92 18.64 -13.77
CA GLY V 34 -48.98 17.45 -12.93
C GLY V 34 -50.06 17.46 -11.86
N GLN V 35 -50.72 18.60 -11.62
CA GLN V 35 -51.77 18.75 -10.61
C GLN V 35 -52.99 19.40 -11.24
N MET V 36 -54.05 19.53 -10.44
CA MET V 36 -55.29 20.16 -10.90
C MET V 36 -55.07 21.66 -11.12
N ASP V 52 -63.93 13.36 -7.72
CA ASP V 52 -62.97 12.74 -6.81
C ASP V 52 -62.61 11.33 -7.29
N ASP V 53 -63.64 10.49 -7.44
CA ASP V 53 -63.47 9.11 -7.90
C ASP V 53 -63.57 8.98 -9.41
N SER V 54 -63.40 10.07 -10.16
CA SER V 54 -63.47 10.05 -11.62
C SER V 54 -62.12 9.80 -12.27
N PHE V 55 -61.05 10.39 -11.73
CA PHE V 55 -59.70 10.22 -12.27
C PHE V 55 -58.97 9.01 -11.68
N THR V 56 -59.56 8.30 -10.72
CA THR V 56 -58.88 7.18 -10.09
C THR V 56 -58.72 5.97 -11.02
N THR V 57 -59.46 5.93 -12.13
CA THR V 57 -59.34 4.78 -13.03
C THR V 57 -58.02 4.80 -13.78
N PHE V 58 -57.64 5.96 -14.32
CA PHE V 58 -56.44 6.13 -15.12
C PHE V 58 -55.29 6.79 -14.37
N PHE V 59 -55.58 7.81 -13.57
CA PHE V 59 -54.57 8.58 -12.83
C PHE V 59 -54.56 8.16 -11.37
N CYS V 60 -53.35 8.12 -10.79
CA CYS V 60 -53.14 7.78 -9.40
C CYS V 60 -53.07 9.05 -8.55
N GLU V 61 -52.95 8.85 -7.23
CA GLU V 61 -52.81 9.94 -6.26
C GLU V 61 -51.39 9.88 -5.72
N THR V 62 -50.56 10.85 -6.13
CA THR V 62 -49.15 10.88 -5.78
C THR V 62 -48.94 11.73 -4.53
N GLY V 63 -49.37 11.17 -3.41
CA GLY V 63 -49.15 11.78 -2.10
C GLY V 63 -50.15 12.86 -1.76
N ALA V 64 -49.98 14.05 -2.34
CA ALA V 64 -50.84 15.19 -2.02
C ALA V 64 -50.68 16.22 -3.13
N GLY V 65 -51.78 16.50 -3.83
CA GLY V 65 -51.79 17.52 -4.87
C GLY V 65 -50.88 17.20 -6.04
N LYS V 66 -50.84 15.94 -6.44
CA LYS V 66 -50.01 15.52 -7.57
C LYS V 66 -50.50 14.15 -8.03
N HIS V 67 -50.47 13.94 -9.35
CA HIS V 67 -50.96 12.72 -9.98
C HIS V 67 -49.92 12.18 -10.95
N VAL V 68 -50.08 10.92 -11.33
CA VAL V 68 -49.23 10.26 -12.32
C VAL V 68 -50.13 9.34 -13.14
N PRO V 69 -50.03 9.29 -14.47
CA PRO V 69 -50.84 8.32 -15.22
C PRO V 69 -50.34 6.90 -15.05
N ARG V 70 -51.27 5.96 -15.27
CA ARG V 70 -50.95 4.54 -15.34
C ARG V 70 -50.61 4.16 -16.79
N ALA V 71 -49.49 4.72 -17.25
CA ALA V 71 -49.03 4.57 -18.63
C ALA V 71 -47.55 4.23 -18.64
N VAL V 72 -47.16 3.40 -19.61
CA VAL V 72 -45.76 3.07 -19.86
C VAL V 72 -45.55 3.05 -21.37
N PHE V 73 -44.97 4.13 -21.90
CA PHE V 73 -44.66 4.25 -23.31
C PHE V 73 -43.35 3.52 -23.57
N VAL V 74 -43.43 2.41 -24.29
CA VAL V 74 -42.28 1.58 -24.66
C VAL V 74 -42.03 1.75 -26.15
N ASP V 75 -40.76 1.90 -26.51
CA ASP V 75 -40.38 1.99 -27.92
C ASP V 75 -38.89 1.74 -28.02
N LEU V 76 -38.49 1.04 -29.08
CA LEU V 76 -37.09 0.73 -29.28
C LEU V 76 -36.30 1.92 -29.83
N GLU V 77 -36.87 2.65 -30.79
CA GLU V 77 -36.21 3.83 -31.33
C GLU V 77 -36.39 5.01 -30.35
N PRO V 78 -35.33 5.75 -30.04
CA PRO V 78 -35.42 6.71 -28.93
C PRO V 78 -35.89 8.11 -29.31
N THR V 79 -36.22 8.37 -30.58
CA THR V 79 -36.60 9.73 -30.99
C THR V 79 -37.93 10.16 -30.37
N VAL V 80 -38.88 9.25 -30.23
CA VAL V 80 -40.19 9.59 -29.67
C VAL V 80 -40.14 9.72 -28.15
N ILE V 81 -39.26 8.97 -27.49
CA ILE V 81 -39.25 8.93 -26.03
C ILE V 81 -38.71 10.24 -25.47
N ASP V 82 -37.52 10.64 -25.92
CA ASP V 82 -36.92 11.87 -25.42
C ASP V 82 -37.67 13.12 -25.89
N GLU V 83 -38.38 13.04 -27.00
CA GLU V 83 -39.23 14.16 -27.42
C GLU V 83 -40.37 14.36 -26.43
N ILE V 84 -40.89 13.27 -25.86
CA ILE V 84 -41.91 13.38 -24.83
C ILE V 84 -41.29 13.93 -23.55
N ARG V 85 -40.05 13.54 -23.26
CA ARG V 85 -39.35 14.09 -22.10
C ARG V 85 -39.05 15.57 -22.26
N ASN V 86 -38.68 16.00 -23.47
CA ASN V 86 -38.49 17.41 -23.80
C ASN V 86 -39.74 18.05 -24.40
N GLY V 87 -40.89 17.39 -24.35
CA GLY V 87 -42.11 17.94 -24.89
C GLY V 87 -42.75 18.93 -23.92
N PRO V 88 -44.02 19.28 -24.15
CA PRO V 88 -44.72 20.15 -23.20
C PRO V 88 -45.19 19.40 -21.96
N TYR V 89 -45.59 18.14 -22.13
CA TYR V 89 -46.13 17.32 -21.04
C TYR V 89 -45.00 16.56 -20.34
N ARG V 90 -44.13 17.32 -19.68
CA ARG V 90 -42.98 16.73 -19.00
C ARG V 90 -43.36 16.18 -17.62
N GLN V 91 -44.06 16.98 -16.82
CA GLN V 91 -44.31 16.64 -15.43
C GLN V 91 -45.45 15.64 -15.24
N LEU V 92 -46.30 15.45 -16.24
CA LEU V 92 -47.39 14.50 -16.09
C LEU V 92 -46.88 13.07 -16.02
N PHE V 93 -46.19 12.61 -17.05
CA PHE V 93 -45.72 11.24 -17.12
C PHE V 93 -44.48 11.06 -16.25
N HIS V 94 -44.33 9.86 -15.70
CA HIS V 94 -43.17 9.57 -14.87
C HIS V 94 -41.92 9.53 -15.76
N PRO V 95 -40.77 10.04 -15.28
CA PRO V 95 -39.57 9.95 -16.14
C PRO V 95 -39.06 8.53 -16.32
N GLU V 96 -39.30 7.64 -15.36
CA GLU V 96 -38.87 6.26 -15.47
C GLU V 96 -39.81 5.43 -16.32
N GLN V 97 -41.11 5.77 -16.34
CA GLN V 97 -42.07 5.00 -17.13
C GLN V 97 -41.81 5.15 -18.64
N LEU V 98 -41.22 6.26 -19.06
CA LEU V 98 -40.92 6.48 -20.47
C LEU V 98 -39.70 5.63 -20.84
N ILE V 99 -39.94 4.38 -21.20
CA ILE V 99 -38.88 3.44 -21.53
C ILE V 99 -38.40 3.72 -22.94
N THR V 100 -37.08 3.61 -23.15
CA THR V 100 -36.44 3.76 -24.44
C THR V 100 -35.45 2.63 -24.66
N GLY V 101 -35.32 2.23 -25.92
CA GLY V 101 -34.42 1.16 -26.32
C GLY V 101 -33.05 1.66 -26.68
N LYS V 102 -32.37 0.90 -27.54
CA LYS V 102 -31.00 1.19 -27.99
C LYS V 102 -30.88 1.16 -29.50
N GLU V 103 -31.68 0.32 -30.18
CA GLU V 103 -31.61 0.15 -31.63
C GLU V 103 -33.02 -0.11 -32.15
N ASP V 104 -33.33 0.51 -33.28
CA ASP V 104 -34.67 0.47 -33.84
C ASP V 104 -35.00 -0.93 -34.35
N ALA V 105 -36.29 -1.27 -34.29
CA ALA V 105 -36.76 -2.54 -34.86
C ALA V 105 -36.54 -2.61 -36.37
N ALA V 106 -36.56 -1.46 -37.05
CA ALA V 106 -36.23 -1.36 -38.46
C ALA V 106 -37.23 -2.15 -39.33
N ASN V 107 -38.51 -1.98 -39.01
CA ASN V 107 -39.61 -2.42 -39.87
C ASN V 107 -39.63 -3.95 -40.04
N ASN V 108 -39.10 -4.68 -39.06
CA ASN V 108 -38.91 -6.12 -39.13
C ASN V 108 -39.64 -6.77 -37.96
N TYR V 109 -40.47 -7.78 -38.26
CA TYR V 109 -41.14 -8.53 -37.20
C TYR V 109 -40.14 -9.29 -36.35
N ALA V 110 -39.11 -9.85 -36.97
CA ALA V 110 -38.16 -10.70 -36.24
C ALA V 110 -37.23 -9.87 -35.38
N ARG V 111 -36.82 -8.68 -35.84
CA ARG V 111 -35.81 -7.92 -35.13
C ARG V 111 -36.35 -7.35 -33.83
N GLY V 112 -37.61 -6.90 -33.83
CA GLY V 112 -38.24 -6.42 -32.61
C GLY V 112 -38.77 -7.50 -31.69
N HIS V 113 -38.59 -8.78 -32.03
CA HIS V 113 -39.13 -9.91 -31.30
C HIS V 113 -38.06 -10.79 -30.66
N TYR V 114 -36.91 -10.97 -31.33
CA TYR V 114 -35.87 -11.90 -30.90
C TYR V 114 -34.58 -11.20 -30.49
N THR V 115 -34.01 -10.37 -31.36
CA THR V 115 -32.74 -9.72 -31.05
C THR V 115 -32.93 -8.57 -30.09
N ILE V 116 -33.68 -7.54 -30.50
CA ILE V 116 -33.93 -6.38 -29.66
C ILE V 116 -35.09 -6.60 -28.70
N GLY V 117 -36.01 -7.52 -29.03
CA GLY V 117 -37.17 -7.71 -28.17
C GLY V 117 -36.82 -8.41 -26.87
N LYS V 118 -36.01 -9.48 -26.96
CA LYS V 118 -35.71 -10.29 -25.79
C LYS V 118 -34.91 -9.54 -24.73
N GLU V 119 -34.08 -8.58 -25.13
CA GLU V 119 -33.20 -7.88 -24.20
C GLU V 119 -33.85 -6.68 -23.51
N ILE V 120 -35.12 -6.37 -23.81
CA ILE V 120 -35.81 -5.19 -23.28
C ILE V 120 -37.14 -5.55 -22.60
N ILE V 121 -37.68 -6.75 -22.87
CA ILE V 121 -38.91 -7.17 -22.20
C ILE V 121 -38.70 -7.34 -20.69
N ASP V 122 -37.48 -7.65 -20.25
CA ASP V 122 -37.26 -7.93 -18.83
C ASP V 122 -37.43 -6.67 -17.98
N PRO V 123 -36.91 -5.51 -18.41
CA PRO V 123 -37.33 -4.26 -17.74
C PRO V 123 -38.82 -3.95 -17.86
N VAL V 124 -39.47 -4.42 -18.93
CA VAL V 124 -40.85 -4.00 -19.21
C VAL V 124 -41.85 -4.89 -18.50
N LEU V 125 -41.64 -6.20 -18.53
CA LEU V 125 -42.65 -7.13 -18.01
C LEU V 125 -42.75 -7.05 -16.49
N ASP V 126 -41.61 -6.96 -15.80
CA ASP V 126 -41.65 -6.80 -14.35
C ASP V 126 -42.18 -5.44 -13.92
N ARG V 127 -42.13 -4.43 -14.80
CA ARG V 127 -42.66 -3.12 -14.45
C ARG V 127 -44.19 -3.15 -14.38
N ILE V 128 -44.83 -3.75 -15.38
CA ILE V 128 -46.29 -3.84 -15.37
C ILE V 128 -46.79 -4.74 -14.23
N ARG V 129 -45.97 -5.67 -13.76
CA ARG V 129 -46.32 -6.47 -12.59
C ARG V 129 -46.44 -5.59 -11.36
N LYS V 130 -45.35 -4.90 -10.99
CA LYS V 130 -45.38 -4.07 -9.79
C LYS V 130 -46.23 -2.82 -9.98
N LEU V 131 -46.36 -2.31 -11.21
CA LEU V 131 -47.28 -1.23 -11.48
C LEU V 131 -48.74 -1.65 -11.35
N SER V 132 -49.03 -2.95 -11.47
CA SER V 132 -50.35 -3.49 -11.20
C SER V 132 -50.56 -3.84 -9.73
N ASP V 133 -49.48 -4.15 -9.00
CA ASP V 133 -49.61 -4.53 -7.59
C ASP V 133 -50.11 -3.37 -6.74
N GLN V 134 -49.64 -2.15 -7.01
CA GLN V 134 -50.18 -0.98 -6.32
C GLN V 134 -51.65 -0.76 -6.63
N CYS V 135 -52.11 -1.16 -7.81
CA CYS V 135 -53.52 -1.16 -8.14
C CYS V 135 -54.23 -2.35 -7.49
N THR V 136 -55.56 -2.28 -7.46
CA THR V 136 -56.41 -3.33 -6.90
C THR V 136 -57.59 -3.72 -7.79
N GLY V 137 -58.10 -2.81 -8.62
CA GLY V 137 -59.24 -3.05 -9.48
C GLY V 137 -58.88 -3.09 -10.94
N LEU V 138 -57.76 -3.74 -11.26
CA LEU V 138 -57.29 -3.84 -12.65
C LEU V 138 -58.28 -4.65 -13.46
N GLN V 139 -59.04 -3.96 -14.32
CA GLN V 139 -60.05 -4.65 -15.12
C GLN V 139 -59.43 -5.41 -16.28
N GLY V 140 -58.40 -4.84 -16.89
CA GLY V 140 -57.75 -5.49 -18.02
C GLY V 140 -56.59 -4.67 -18.55
N PHE V 141 -56.37 -4.78 -19.86
CA PHE V 141 -55.31 -4.07 -20.56
C PHE V 141 -55.85 -3.51 -21.87
N LEU V 142 -55.23 -2.43 -22.34
CA LEU V 142 -55.45 -1.91 -23.68
C LEU V 142 -54.13 -1.41 -24.22
N VAL V 143 -53.81 -1.82 -25.46
CA VAL V 143 -52.55 -1.49 -26.11
C VAL V 143 -52.82 -0.61 -27.31
N PHE V 144 -51.75 0.02 -27.81
CA PHE V 144 -51.79 0.92 -28.95
C PHE V 144 -50.54 0.70 -29.77
N HIS V 145 -50.70 0.36 -31.05
CA HIS V 145 -49.58 -0.02 -31.90
C HIS V 145 -50.07 -0.04 -33.35
N SER V 146 -49.20 -0.49 -34.26
CA SER V 146 -49.54 -0.67 -35.66
C SER V 146 -48.67 -1.79 -36.22
N PHE V 147 -49.31 -2.81 -36.81
CA PHE V 147 -48.58 -3.94 -37.36
C PHE V 147 -47.87 -3.63 -38.67
N GLY V 148 -47.98 -2.42 -39.21
CA GLY V 148 -47.23 -2.05 -40.39
C GLY V 148 -45.74 -1.89 -40.19
N GLY V 149 -45.28 -1.80 -38.93
CA GLY V 149 -43.87 -1.66 -38.62
C GLY V 149 -43.30 -2.90 -37.96
N GLY V 150 -42.09 -2.72 -37.42
CA GLY V 150 -41.36 -3.80 -36.78
C GLY V 150 -41.63 -3.88 -35.28
N THR V 151 -41.46 -2.76 -34.58
CA THR V 151 -41.68 -2.76 -33.14
C THR V 151 -43.16 -2.92 -32.81
N GLY V 152 -44.05 -2.43 -33.68
CA GLY V 152 -45.46 -2.64 -33.49
C GLY V 152 -45.93 -4.06 -33.79
N SER V 153 -45.11 -4.88 -34.46
CA SER V 153 -45.47 -6.24 -34.84
C SER V 153 -44.75 -7.27 -33.97
N GLY V 154 -43.42 -7.19 -33.89
CA GLY V 154 -42.68 -8.20 -33.16
C GLY V 154 -42.76 -8.03 -31.65
N PHE V 155 -42.42 -6.83 -31.16
CA PHE V 155 -42.40 -6.59 -29.72
C PHE V 155 -43.78 -6.65 -29.10
N THR V 156 -44.82 -6.27 -29.86
CA THR V 156 -46.18 -6.29 -29.34
C THR V 156 -46.66 -7.71 -29.11
N SER V 157 -46.40 -8.60 -30.08
CA SER V 157 -46.76 -10.01 -29.92
C SER V 157 -45.96 -10.65 -28.78
N LEU V 158 -44.73 -10.19 -28.56
CA LEU V 158 -43.90 -10.76 -27.50
C LEU V 158 -44.45 -10.40 -26.13
N LEU V 159 -44.73 -9.12 -25.88
CA LEU V 159 -45.22 -8.72 -24.56
C LEU V 159 -46.62 -9.25 -24.31
N MET V 160 -47.48 -9.21 -25.33
CA MET V 160 -48.85 -9.70 -25.17
C MET V 160 -48.87 -11.21 -24.95
N GLU V 161 -47.90 -11.93 -25.52
CA GLU V 161 -47.74 -13.35 -25.21
C GLU V 161 -47.14 -13.54 -23.83
N ARG V 162 -46.26 -12.64 -23.40
CA ARG V 162 -45.59 -12.77 -22.11
C ARG V 162 -46.50 -12.47 -20.93
N LEU V 163 -47.50 -11.60 -21.11
CA LEU V 163 -48.47 -11.29 -20.06
C LEU V 163 -49.70 -12.19 -20.13
N SER V 164 -50.03 -12.72 -21.31
CA SER V 164 -51.19 -13.61 -21.42
C SER V 164 -50.94 -14.93 -20.71
N VAL V 165 -49.71 -15.44 -20.75
CA VAL V 165 -49.39 -16.66 -20.02
C VAL V 165 -49.36 -16.42 -18.51
N ASP V 166 -49.14 -15.18 -18.07
CA ASP V 166 -49.13 -14.85 -16.65
C ASP V 166 -50.54 -14.59 -16.13
N TYR V 167 -51.24 -13.62 -16.72
CA TYR V 167 -52.59 -13.26 -16.29
C TYR V 167 -53.64 -14.14 -16.97
N GLY V 168 -53.71 -14.08 -18.29
CA GLY V 168 -54.63 -14.93 -19.04
C GLY V 168 -56.09 -14.49 -18.98
N LYS V 169 -56.67 -14.57 -17.78
CA LYS V 169 -58.09 -14.30 -17.61
C LYS V 169 -58.47 -12.85 -17.88
N LYS V 170 -57.54 -11.91 -17.72
CA LYS V 170 -57.86 -10.50 -17.91
C LYS V 170 -57.99 -10.17 -19.39
N SER V 171 -58.74 -9.11 -19.68
CA SER V 171 -59.04 -8.75 -21.05
C SER V 171 -57.86 -8.05 -21.71
N LYS V 172 -57.91 -7.96 -23.03
CA LYS V 172 -56.88 -7.30 -23.85
C LYS V 172 -57.58 -6.58 -24.98
N LEU V 173 -57.55 -5.25 -24.95
CA LEU V 173 -58.21 -4.40 -25.93
C LEU V 173 -57.15 -3.88 -26.90
N GLU V 174 -56.99 -4.60 -28.01
CA GLU V 174 -55.97 -4.25 -29.00
C GLU V 174 -56.49 -3.15 -29.93
N PHE V 175 -55.61 -2.19 -30.24
CA PHE V 175 -55.91 -1.07 -31.14
C PHE V 175 -54.76 -0.98 -32.14
N SER V 176 -54.90 -1.68 -33.26
CA SER V 176 -53.90 -1.76 -34.31
C SER V 176 -54.34 -0.96 -35.53
N ILE V 177 -53.39 -0.28 -36.15
CA ILE V 177 -53.62 0.49 -37.38
C ILE V 177 -53.14 -0.37 -38.55
N TYR V 178 -54.12 -0.95 -39.30
CA TYR V 178 -53.83 -1.77 -40.47
C TYR V 178 -53.56 -0.90 -41.70
N PRO V 179 -52.91 -1.42 -42.74
CA PRO V 179 -52.69 -0.61 -43.94
C PRO V 179 -53.95 -0.52 -44.79
N ALA V 180 -54.02 0.52 -45.61
CA ALA V 180 -55.17 0.73 -46.47
C ALA V 180 -55.09 -0.22 -47.67
N PRO V 181 -56.18 -0.33 -48.49
CA PRO V 181 -56.13 -1.22 -49.66
C PRO V 181 -55.08 -0.81 -50.69
N GLN V 182 -55.07 0.49 -51.07
CA GLN V 182 -54.15 1.01 -52.07
C GLN V 182 -53.12 1.97 -51.50
N VAL V 183 -53.48 2.76 -50.49
CA VAL V 183 -52.53 3.63 -49.80
C VAL V 183 -51.70 2.77 -48.86
N SER V 184 -50.42 3.10 -48.72
CA SER V 184 -49.55 2.38 -47.80
C SER V 184 -48.31 3.20 -47.54
N THR V 185 -47.76 3.05 -46.33
CA THR V 185 -46.59 3.78 -45.88
C THR V 185 -45.30 3.00 -46.11
N ALA V 186 -45.35 1.67 -46.00
CA ALA V 186 -44.21 0.78 -46.18
C ALA V 186 -44.43 -0.09 -47.43
N VAL V 187 -43.49 -1.01 -47.65
CA VAL V 187 -43.59 -1.99 -48.73
C VAL V 187 -43.69 -3.42 -48.21
N VAL V 188 -43.13 -3.73 -47.04
CA VAL V 188 -43.15 -5.08 -46.48
C VAL V 188 -44.22 -5.26 -45.41
N GLU V 189 -45.19 -4.35 -45.31
CA GLU V 189 -46.25 -4.49 -44.30
C GLU V 189 -47.13 -5.74 -44.42
N PRO V 190 -47.29 -6.41 -45.58
CA PRO V 190 -47.95 -7.72 -45.52
C PRO V 190 -47.14 -8.76 -44.74
N TYR V 191 -45.81 -8.73 -44.88
CA TYR V 191 -44.97 -9.66 -44.13
C TYR V 191 -45.03 -9.36 -42.63
N ASN V 192 -45.10 -8.07 -42.27
CA ASN V 192 -45.16 -7.70 -40.87
C ASN V 192 -46.51 -8.05 -40.26
N SER V 193 -47.59 -7.85 -41.02
CA SER V 193 -48.93 -8.10 -40.49
C SER V 193 -49.27 -9.57 -40.48
N ILE V 194 -48.79 -10.32 -41.48
CA ILE V 194 -49.17 -11.73 -41.58
C ILE V 194 -48.47 -12.56 -40.49
N LEU V 195 -47.25 -12.17 -40.09
CA LEU V 195 -46.52 -12.92 -39.08
C LEU V 195 -47.03 -12.63 -37.68
N THR V 196 -47.31 -11.38 -37.36
CA THR V 196 -47.76 -11.00 -36.02
C THR V 196 -49.21 -11.43 -35.76
N THR V 197 -50.03 -11.52 -36.79
CA THR V 197 -51.39 -12.01 -36.63
C THR V 197 -51.44 -13.51 -36.34
N HIS V 198 -50.39 -14.26 -36.69
CA HIS V 198 -50.35 -15.68 -36.36
C HIS V 198 -50.33 -15.90 -34.85
N THR V 199 -49.67 -15.02 -34.11
CA THR V 199 -49.64 -15.08 -32.65
C THR V 199 -50.82 -14.35 -32.01
N THR V 200 -51.34 -13.31 -32.66
CA THR V 200 -52.46 -12.54 -32.13
C THR V 200 -53.81 -13.22 -32.34
N LEU V 201 -53.89 -14.21 -33.24
CA LEU V 201 -55.18 -14.83 -33.54
C LEU V 201 -55.73 -15.63 -32.37
N GLU V 202 -54.86 -16.14 -31.49
CA GLU V 202 -55.25 -17.05 -30.41
C GLU V 202 -55.19 -16.42 -29.02
N HIS V 203 -54.30 -15.44 -28.80
CA HIS V 203 -54.11 -14.84 -27.48
C HIS V 203 -54.97 -13.60 -27.24
N SER V 204 -55.35 -12.87 -28.28
CA SER V 204 -56.10 -11.63 -28.15
C SER V 204 -57.59 -11.94 -28.02
N ASP V 205 -58.24 -11.31 -27.03
CA ASP V 205 -59.67 -11.50 -26.85
C ASP V 205 -60.47 -10.66 -27.85
N CYS V 206 -60.06 -9.42 -28.06
CA CYS V 206 -60.70 -8.54 -29.03
C CYS V 206 -59.68 -7.52 -29.52
N ALA V 207 -59.90 -7.01 -30.73
CA ALA V 207 -58.95 -6.12 -31.39
C ALA V 207 -59.71 -5.18 -32.32
N PHE V 208 -59.86 -3.93 -31.90
CA PHE V 208 -60.42 -2.90 -32.75
C PHE V 208 -59.35 -2.38 -33.71
N MET V 209 -59.79 -1.97 -34.90
CA MET V 209 -58.90 -1.66 -36.02
C MET V 209 -59.16 -0.26 -36.55
N VAL V 210 -58.09 0.32 -37.10
CA VAL V 210 -58.10 1.66 -37.69
C VAL V 210 -57.35 1.58 -39.01
N ASP V 211 -57.73 2.45 -39.95
CA ASP V 211 -57.16 2.49 -41.30
C ASP V 211 -56.61 3.88 -41.58
N ASN V 212 -55.80 3.98 -42.64
CA ASN V 212 -55.09 5.20 -42.99
C ASN V 212 -55.88 6.13 -43.88
N GLU V 213 -56.32 5.68 -45.06
CA GLU V 213 -57.08 6.54 -45.96
C GLU V 213 -58.53 6.71 -45.52
N ALA V 214 -59.07 5.78 -44.74
CA ALA V 214 -60.46 5.90 -44.28
C ALA V 214 -60.61 7.09 -43.35
N ILE V 215 -59.74 7.21 -42.35
CA ILE V 215 -59.83 8.33 -41.43
C ILE V 215 -59.51 9.65 -42.13
N TYR V 216 -58.68 9.62 -43.18
CA TYR V 216 -58.50 10.81 -44.00
C TYR V 216 -59.80 11.18 -44.70
N ASP V 217 -60.60 10.18 -45.10
CA ASP V 217 -61.87 10.46 -45.76
C ASP V 217 -62.87 11.08 -44.80
N ILE V 218 -62.75 10.81 -43.49
CA ILE V 218 -63.67 11.40 -42.52
C ILE V 218 -63.45 12.90 -42.45
N CYS V 219 -62.21 13.34 -42.27
CA CYS V 219 -61.90 14.76 -42.14
C CYS V 219 -61.95 15.49 -43.48
N ARG V 220 -61.94 14.79 -44.61
CA ARG V 220 -62.00 15.43 -45.91
C ARG V 220 -63.41 15.88 -46.25
N ARG V 221 -64.39 14.99 -46.11
CA ARG V 221 -65.76 15.31 -46.50
C ARG V 221 -66.48 16.12 -45.43
N ASN V 222 -66.59 15.56 -44.22
CA ASN V 222 -67.40 16.17 -43.18
C ASN V 222 -66.70 17.33 -42.48
N LEU V 223 -65.42 17.17 -42.12
CA LEU V 223 -64.66 18.20 -41.42
C LEU V 223 -63.96 19.19 -42.35
N ASP V 224 -63.99 18.97 -43.67
CA ASP V 224 -63.45 19.85 -44.72
C ASP V 224 -62.02 20.32 -44.48
N ILE V 225 -61.20 19.48 -43.83
CA ILE V 225 -59.79 19.75 -43.61
C ILE V 225 -59.06 19.16 -44.82
N GLU V 226 -58.71 20.02 -45.77
CA GLU V 226 -58.05 19.58 -46.99
C GLU V 226 -56.55 19.28 -46.79
N ARG V 227 -55.95 19.74 -45.69
CA ARG V 227 -54.54 19.50 -45.37
C ARG V 227 -54.41 19.06 -43.92
N PRO V 228 -54.82 17.84 -43.59
CA PRO V 228 -54.66 17.34 -42.22
C PRO V 228 -53.30 16.68 -42.01
N THR V 229 -53.04 16.33 -40.75
CA THR V 229 -51.81 15.65 -40.35
C THR V 229 -52.16 14.57 -39.32
N TYR V 230 -51.14 13.80 -38.92
CA TYR V 230 -51.36 12.76 -37.93
C TYR V 230 -51.74 13.32 -36.56
N THR V 231 -51.37 14.56 -36.27
CA THR V 231 -51.80 15.19 -35.03
C THR V 231 -53.32 15.35 -35.01
N ASN V 232 -53.93 15.68 -36.16
CA ASN V 232 -55.38 15.80 -36.22
C ASN V 232 -56.06 14.44 -36.21
N LEU V 233 -55.42 13.42 -36.81
CA LEU V 233 -56.02 12.08 -36.85
C LEU V 233 -56.12 11.48 -35.45
N ASN V 234 -55.11 11.70 -34.62
CA ASN V 234 -55.10 11.09 -33.29
C ASN V 234 -56.11 11.75 -32.35
N ARG V 235 -56.57 12.96 -32.65
CA ARG V 235 -57.53 13.62 -31.77
C ARG V 235 -58.88 12.89 -31.78
N LEU V 236 -59.45 12.66 -32.97
CA LEU V 236 -60.70 11.93 -33.04
C LEU V 236 -60.55 10.47 -32.63
N ILE V 237 -59.35 9.89 -32.76
CA ILE V 237 -59.10 8.57 -32.23
C ILE V 237 -59.11 8.61 -30.71
N SER V 238 -58.60 9.69 -30.13
CA SER V 238 -58.67 9.85 -28.68
C SER V 238 -60.11 10.00 -28.21
N GLN V 239 -60.96 10.61 -29.03
CA GLN V 239 -62.38 10.69 -28.69
C GLN V 239 -63.03 9.32 -28.67
N ILE V 240 -62.57 8.40 -29.53
CA ILE V 240 -63.14 7.07 -29.59
C ILE V 240 -62.74 6.29 -28.33
N VAL V 241 -61.44 6.16 -28.09
CA VAL V 241 -60.96 5.34 -26.98
C VAL V 241 -61.23 5.95 -25.61
N SER V 242 -61.47 7.26 -25.53
CA SER V 242 -61.90 7.89 -24.30
C SER V 242 -63.40 7.71 -24.05
N SER V 243 -64.20 7.64 -25.12
CA SER V 243 -65.64 7.46 -24.99
C SER V 243 -66.02 6.05 -24.58
N ILE V 244 -65.27 5.04 -25.02
CA ILE V 244 -65.59 3.67 -24.62
C ILE V 244 -65.31 3.44 -23.13
N THR V 245 -64.26 4.05 -22.59
CA THR V 245 -63.96 3.97 -21.16
C THR V 245 -64.60 5.11 -20.36
N ALA V 246 -65.48 5.91 -20.96
CA ALA V 246 -66.16 6.98 -20.24
C ALA V 246 -67.21 6.47 -19.26
N SER V 247 -67.68 5.23 -19.41
CA SER V 247 -68.69 4.70 -18.52
C SER V 247 -68.11 4.43 -17.13
N LEU V 248 -66.90 3.88 -17.05
CA LEU V 248 -66.28 3.60 -15.76
C LEU V 248 -65.76 4.85 -15.07
N ARG V 249 -65.44 5.91 -15.82
CA ARG V 249 -64.94 7.14 -15.21
C ARG V 249 -66.07 7.93 -14.57
N PHE V 250 -67.04 8.37 -15.37
CA PHE V 250 -68.16 9.18 -14.93
C PHE V 250 -69.40 8.33 -14.77
N ASP V 251 -70.36 8.85 -13.99
CA ASP V 251 -71.60 8.15 -13.75
C ASP V 251 -72.47 8.18 -15.00
N GLY V 252 -73.20 7.08 -15.23
CA GLY V 252 -74.05 6.96 -16.40
C GLY V 252 -75.36 6.28 -16.04
N ALA V 253 -76.36 6.49 -16.90
CA ALA V 253 -77.66 5.86 -16.70
C ALA V 253 -77.61 4.36 -16.91
N LEU V 254 -76.72 3.89 -17.79
CA LEU V 254 -76.52 2.45 -18.04
C LEU V 254 -75.01 2.26 -18.14
N ASN V 255 -74.40 1.95 -17.00
CA ASN V 255 -72.95 1.81 -16.93
C ASN V 255 -72.51 0.48 -17.55
N VAL V 256 -71.50 0.56 -18.41
CA VAL V 256 -70.88 -0.62 -19.03
C VAL V 256 -69.39 -0.61 -18.68
N ASP V 257 -68.81 -1.80 -18.69
CA ASP V 257 -67.43 -2.05 -18.31
C ASP V 257 -66.67 -2.66 -19.48
N LEU V 258 -65.36 -2.84 -19.29
CA LEU V 258 -64.50 -3.37 -20.34
C LEU V 258 -64.78 -4.83 -20.65
N THR V 259 -65.36 -5.59 -19.71
CA THR V 259 -65.68 -6.99 -19.98
C THR V 259 -66.88 -7.16 -20.91
N GLU V 260 -67.67 -6.09 -21.14
CA GLU V 260 -68.78 -6.19 -22.08
C GLU V 260 -68.29 -6.37 -23.51
N PHE V 261 -67.11 -5.85 -23.83
CA PHE V 261 -66.56 -5.98 -25.18
C PHE V 261 -66.14 -7.40 -25.54
N GLN V 262 -66.01 -8.30 -24.56
CA GLN V 262 -65.67 -9.70 -24.81
C GLN V 262 -66.91 -10.56 -25.00
N THR V 263 -67.96 -10.30 -24.22
CA THR V 263 -69.15 -11.14 -24.26
C THR V 263 -70.05 -10.82 -25.44
N ASN V 264 -70.28 -9.54 -25.70
CA ASN V 264 -71.28 -9.10 -26.67
C ASN V 264 -70.78 -9.03 -28.10
N LEU V 265 -69.46 -9.07 -28.33
CA LEU V 265 -68.85 -8.85 -29.64
C LEU V 265 -68.08 -10.05 -30.20
N VAL V 266 -67.67 -10.99 -29.36
CA VAL V 266 -66.85 -12.14 -29.75
C VAL V 266 -67.75 -13.36 -29.77
N PRO V 267 -68.39 -13.71 -30.92
CA PRO V 267 -69.22 -14.93 -30.93
C PRO V 267 -68.42 -16.22 -30.87
N TYR V 268 -67.18 -16.19 -31.35
CA TYR V 268 -66.27 -17.34 -31.37
C TYR V 268 -64.89 -16.85 -30.98
N PRO V 269 -64.06 -17.68 -30.33
CA PRO V 269 -62.81 -17.16 -29.76
C PRO V 269 -61.77 -16.77 -30.80
N ARG V 270 -61.87 -17.28 -32.03
CA ARG V 270 -60.93 -16.96 -33.11
C ARG V 270 -61.50 -15.97 -34.13
N ILE V 271 -62.74 -15.51 -33.97
CA ILE V 271 -63.31 -14.42 -34.76
C ILE V 271 -63.52 -13.25 -33.81
N HIS V 272 -62.52 -12.37 -33.74
CA HIS V 272 -62.42 -11.32 -32.73
C HIS V 272 -61.95 -10.02 -33.36
N PHE V 273 -62.61 -9.60 -34.45
CA PHE V 273 -62.22 -8.43 -35.25
C PHE V 273 -63.42 -7.52 -35.46
N PRO V 274 -63.75 -6.63 -34.51
CA PRO V 274 -64.76 -5.62 -34.77
C PRO V 274 -64.23 -4.44 -35.58
N LEU V 275 -65.16 -3.67 -36.13
CA LEU V 275 -64.88 -2.42 -36.81
C LEU V 275 -64.93 -1.27 -35.81
N ALA V 276 -64.69 -0.05 -36.31
CA ALA V 276 -64.68 1.15 -35.49
C ALA V 276 -65.17 2.34 -36.30
N THR V 277 -65.98 3.18 -35.65
CA THR V 277 -66.48 4.40 -36.28
C THR V 277 -66.90 5.37 -35.17
N TYR V 278 -67.21 6.60 -35.58
CA TYR V 278 -67.53 7.65 -34.64
C TYR V 278 -68.41 8.69 -35.34
N ALA V 279 -69.29 9.32 -34.57
CA ALA V 279 -70.13 10.40 -35.07
C ALA V 279 -70.62 11.20 -33.89
N PRO V 280 -70.94 12.50 -34.06
CA PRO V 280 -70.87 13.36 -35.25
C PRO V 280 -69.51 14.01 -35.42
N VAL V 281 -68.99 13.98 -36.64
CA VAL V 281 -67.78 14.72 -37.02
C VAL V 281 -68.21 15.96 -37.80
N ILE V 282 -68.00 17.12 -37.20
CA ILE V 282 -68.51 18.38 -37.76
C ILE V 282 -67.60 19.50 -37.29
N SER V 283 -67.39 20.49 -38.15
CA SER V 283 -66.50 21.59 -37.89
C SER V 283 -67.21 22.65 -37.05
N ALA V 284 -66.51 23.75 -36.75
CA ALA V 284 -67.07 24.78 -35.88
C ALA V 284 -68.22 25.52 -36.57
N GLU V 285 -67.94 26.11 -37.74
CA GLU V 285 -68.96 26.84 -38.47
C GLU V 285 -70.12 25.96 -38.92
N LYS V 286 -69.86 24.66 -39.16
CA LYS V 286 -70.91 23.74 -39.55
C LYS V 286 -71.70 23.19 -38.37
N ALA V 287 -71.18 23.29 -37.14
CA ALA V 287 -71.89 22.76 -35.98
C ALA V 287 -73.15 23.57 -35.69
N TYR V 288 -73.07 24.89 -35.84
CA TYR V 288 -74.20 25.76 -35.53
C TYR V 288 -75.31 25.68 -36.57
N HIS V 289 -74.99 25.31 -37.81
CA HIS V 289 -75.99 25.17 -38.86
C HIS V 289 -76.63 23.79 -38.91
N GLU V 290 -75.91 22.75 -38.47
CA GLU V 290 -76.40 21.39 -38.50
C GLU V 290 -77.12 21.07 -37.19
N GLN V 291 -78.25 20.37 -37.31
CA GLN V 291 -79.03 19.99 -36.14
C GLN V 291 -78.38 18.79 -35.47
N LEU V 292 -78.42 18.77 -34.12
CA LEU V 292 -77.79 17.75 -33.29
C LEU V 292 -78.87 16.97 -32.56
N SER V 293 -79.08 15.72 -32.97
CA SER V 293 -79.96 14.79 -32.27
C SER V 293 -79.47 13.37 -32.53
N VAL V 294 -80.11 12.38 -31.91
CA VAL V 294 -79.67 10.99 -32.08
C VAL V 294 -80.09 10.40 -33.42
N ALA V 295 -81.14 10.93 -34.05
CA ALA V 295 -81.67 10.32 -35.26
C ALA V 295 -80.68 10.49 -36.43
N GLU V 296 -80.13 11.69 -36.58
CA GLU V 296 -79.25 11.96 -37.72
C GLU V 296 -77.89 11.29 -37.55
N ILE V 297 -77.37 11.23 -36.32
CA ILE V 297 -76.07 10.60 -36.10
C ILE V 297 -76.18 9.08 -36.07
N THR V 298 -77.35 8.54 -35.71
CA THR V 298 -77.54 7.08 -35.77
C THR V 298 -77.48 6.59 -37.21
N ASN V 299 -77.97 7.40 -38.15
CA ASN V 299 -77.83 7.07 -39.56
C ASN V 299 -76.42 7.35 -40.08
N ALA V 300 -75.67 8.24 -39.43
CA ALA V 300 -74.35 8.62 -39.93
C ALA V 300 -73.31 7.54 -39.64
N CYS V 301 -73.37 6.90 -38.47
CA CYS V 301 -72.40 5.87 -38.13
C CYS V 301 -72.62 4.59 -38.93
N PHE V 302 -73.86 4.27 -39.27
CA PHE V 302 -74.15 3.15 -40.16
C PHE V 302 -73.92 3.48 -41.63
N GLU V 303 -73.64 4.73 -41.97
CA GLU V 303 -73.29 5.08 -43.35
C GLU V 303 -71.96 4.41 -43.69
N PRO V 304 -71.83 3.77 -44.87
CA PRO V 304 -70.62 2.95 -45.10
C PRO V 304 -69.34 3.76 -45.24
N ALA V 305 -69.38 4.92 -45.88
CA ALA V 305 -68.21 5.76 -46.04
C ALA V 305 -67.81 6.50 -44.77
N ASN V 306 -68.63 6.48 -43.72
CA ASN V 306 -68.32 7.13 -42.46
C ASN V 306 -67.57 6.23 -41.48
N GLN V 307 -67.03 5.10 -41.94
CA GLN V 307 -66.28 4.18 -41.10
C GLN V 307 -64.79 4.48 -41.18
N MET V 308 -64.04 3.93 -40.21
CA MET V 308 -62.60 4.06 -40.15
C MET V 308 -61.87 2.91 -40.86
N VAL V 309 -62.52 2.27 -41.83
CA VAL V 309 -61.90 1.18 -42.59
C VAL V 309 -62.57 1.13 -43.96
N LYS V 310 -61.76 1.03 -45.01
CA LYS V 310 -62.28 0.94 -46.37
C LYS V 310 -62.83 -0.48 -46.54
N CYS V 311 -64.12 -0.63 -46.26
CA CYS V 311 -64.78 -1.92 -46.31
C CYS V 311 -66.27 -1.69 -46.43
N ASP V 312 -66.91 -2.46 -47.32
CA ASP V 312 -68.32 -2.30 -47.61
C ASP V 312 -69.13 -3.17 -46.64
N PRO V 313 -69.87 -2.61 -45.68
CA PRO V 313 -70.70 -3.49 -44.83
C PRO V 313 -71.87 -4.15 -45.56
N ARG V 314 -72.26 -3.64 -46.73
CA ARG V 314 -73.35 -4.27 -47.47
C ARG V 314 -72.95 -5.66 -47.98
N HIS V 315 -71.66 -5.88 -48.23
CA HIS V 315 -71.22 -7.18 -48.72
C HIS V 315 -71.37 -8.26 -47.66
N GLY V 316 -71.09 -7.94 -46.40
CA GLY V 316 -71.13 -8.89 -45.31
C GLY V 316 -72.39 -8.80 -44.48
N LYS V 317 -72.35 -9.37 -43.28
CA LYS V 317 -73.46 -9.36 -42.33
C LYS V 317 -72.91 -9.10 -40.94
N TYR V 318 -73.53 -8.17 -40.22
CA TYR V 318 -73.10 -7.82 -38.89
C TYR V 318 -73.37 -8.97 -37.93
N MET V 319 -72.31 -9.49 -37.31
CA MET V 319 -72.46 -10.54 -36.31
C MET V 319 -73.00 -9.97 -35.01
N ALA V 320 -72.48 -8.82 -34.59
CA ALA V 320 -72.91 -8.16 -33.36
C ALA V 320 -72.60 -6.68 -33.49
N CYS V 321 -73.33 -5.87 -32.74
CA CYS V 321 -73.18 -4.42 -32.75
C CYS V 321 -73.33 -3.88 -31.34
N CYS V 322 -72.47 -2.91 -30.99
CA CYS V 322 -72.47 -2.25 -29.71
C CYS V 322 -72.50 -0.74 -29.92
N LEU V 323 -73.24 -0.05 -29.06
CA LEU V 323 -73.43 1.40 -29.13
C LEU V 323 -73.11 1.99 -27.76
N LEU V 324 -72.43 3.13 -27.75
CA LEU V 324 -72.10 3.86 -26.53
C LEU V 324 -72.26 5.35 -26.80
N TYR V 325 -73.17 5.98 -26.08
CA TYR V 325 -73.51 7.38 -26.25
C TYR V 325 -72.96 8.20 -25.10
N ARG V 326 -72.92 9.51 -25.30
CA ARG V 326 -72.47 10.47 -24.29
C ARG V 326 -73.37 11.70 -24.33
N GLY V 327 -73.41 12.41 -23.20
CA GLY V 327 -74.16 13.64 -23.12
C GLY V 327 -75.61 13.43 -22.75
N ASP V 328 -76.41 14.48 -22.97
CA ASP V 328 -77.83 14.48 -22.63
C ASP V 328 -78.60 13.78 -23.75
N VAL V 329 -78.62 12.45 -23.67
CA VAL V 329 -79.35 11.58 -24.59
C VAL V 329 -80.32 10.74 -23.76
N VAL V 330 -81.61 11.02 -23.90
CA VAL V 330 -82.65 10.31 -23.16
C VAL V 330 -82.87 8.96 -23.83
N PRO V 331 -83.39 7.93 -23.13
CA PRO V 331 -83.49 6.60 -23.74
C PRO V 331 -84.68 6.41 -24.68
N LYS V 332 -85.48 7.45 -24.90
CA LYS V 332 -86.65 7.33 -25.76
C LYS V 332 -86.26 7.42 -27.24
N ASP V 333 -85.73 8.57 -27.65
CA ASP V 333 -85.44 8.80 -29.07
C ASP V 333 -84.28 7.95 -29.57
N VAL V 334 -83.42 7.46 -28.68
CA VAL V 334 -82.33 6.57 -29.11
C VAL V 334 -82.87 5.18 -29.41
N ASN V 335 -83.92 4.75 -28.70
CA ASN V 335 -84.52 3.44 -28.97
C ASN V 335 -85.36 3.48 -30.23
N ALA V 336 -86.01 4.61 -30.51
CA ALA V 336 -86.76 4.75 -31.76
C ALA V 336 -85.83 4.80 -32.96
N ALA V 337 -84.61 5.34 -32.77
CA ALA V 337 -83.66 5.42 -33.87
C ALA V 337 -83.18 4.04 -34.30
N ILE V 338 -82.76 3.21 -33.34
CA ILE V 338 -82.26 1.88 -33.68
C ILE V 338 -83.38 0.99 -34.21
N ALA V 339 -84.62 1.24 -33.80
CA ALA V 339 -85.75 0.50 -34.36
C ALA V 339 -85.92 0.80 -35.85
N ALA V 340 -85.60 2.02 -36.28
CA ALA V 340 -85.63 2.33 -37.70
C ALA V 340 -84.50 1.64 -38.46
N ILE V 341 -83.38 1.33 -37.77
CA ILE V 341 -82.28 0.63 -38.42
C ILE V 341 -82.66 -0.83 -38.65
N LYS V 342 -83.50 -1.40 -37.78
CA LYS V 342 -83.86 -2.81 -37.92
C LYS V 342 -84.70 -3.05 -39.17
N THR V 343 -85.68 -2.18 -39.43
CA THR V 343 -86.54 -2.30 -40.61
C THR V 343 -85.90 -1.75 -41.88
N LYS V 344 -84.80 -0.99 -41.77
CA LYS V 344 -84.10 -0.51 -42.96
C LYS V 344 -83.35 -1.68 -43.59
N ARG V 345 -83.73 -2.01 -44.84
CA ARG V 345 -83.14 -3.13 -45.55
C ARG V 345 -81.90 -2.77 -46.35
N SER V 346 -81.37 -1.54 -46.19
CA SER V 346 -80.11 -1.20 -46.84
C SER V 346 -78.96 -2.03 -46.29
N ILE V 347 -79.00 -2.37 -44.99
CA ILE V 347 -78.07 -3.27 -44.34
C ILE V 347 -78.83 -4.50 -43.88
N GLN V 348 -78.12 -5.63 -43.78
CA GLN V 348 -78.70 -6.93 -43.44
C GLN V 348 -77.91 -7.56 -42.31
N PHE V 349 -78.61 -7.98 -41.27
CA PHE V 349 -78.03 -8.68 -40.14
C PHE V 349 -78.08 -10.18 -40.37
N VAL V 350 -77.16 -10.89 -39.72
CA VAL V 350 -77.06 -12.33 -39.87
C VAL V 350 -78.12 -13.00 -39.00
N ASP V 351 -78.59 -14.16 -39.45
CA ASP V 351 -79.60 -14.92 -38.72
C ASP V 351 -79.07 -15.54 -37.44
N TRP V 352 -77.75 -15.63 -37.25
CA TRP V 352 -77.19 -16.23 -36.04
C TRP V 352 -77.24 -15.30 -34.83
N CYS V 353 -77.62 -14.03 -35.00
CA CYS V 353 -77.73 -13.10 -33.90
C CYS V 353 -78.76 -12.03 -34.23
N PRO V 354 -80.06 -12.32 -34.11
CA PRO V 354 -81.05 -11.29 -34.46
C PRO V 354 -81.01 -10.08 -33.54
N THR V 355 -80.87 -10.29 -32.23
CA THR V 355 -80.87 -9.20 -31.24
C THR V 355 -79.44 -8.76 -30.95
N GLY V 356 -78.72 -8.45 -32.03
CA GLY V 356 -77.33 -8.04 -31.93
C GLY V 356 -77.16 -6.55 -31.70
N PHE V 357 -77.67 -6.06 -30.57
CA PHE V 357 -77.58 -4.64 -30.19
C PHE V 357 -77.25 -4.55 -28.72
N LYS V 358 -76.21 -3.77 -28.40
CA LYS V 358 -75.79 -3.48 -27.02
C LYS V 358 -75.71 -1.96 -26.90
N VAL V 359 -76.67 -1.38 -26.18
CA VAL V 359 -76.82 0.08 -26.06
C VAL V 359 -76.18 0.51 -24.75
N GLY V 360 -75.54 1.68 -24.78
CA GLY V 360 -74.95 2.26 -23.58
C GLY V 360 -75.09 3.76 -23.61
N ILE V 361 -75.04 4.36 -22.42
CA ILE V 361 -75.26 5.79 -22.25
C ILE V 361 -74.44 6.27 -21.07
N ASN V 362 -73.78 7.42 -21.23
CA ASN V 362 -73.06 8.11 -20.17
C ASN V 362 -73.53 9.56 -20.11
N TYR V 363 -73.62 10.10 -18.89
CA TYR V 363 -74.11 11.46 -18.70
C TYR V 363 -73.07 12.52 -19.06
N GLN V 364 -71.78 12.22 -18.89
CA GLN V 364 -70.76 13.23 -19.14
C GLN V 364 -70.64 13.48 -20.64
N PRO V 365 -70.67 14.74 -21.10
CA PRO V 365 -70.79 14.97 -22.55
C PRO V 365 -69.43 14.89 -23.22
N PRO V 366 -69.38 14.94 -24.56
CA PRO V 366 -68.07 15.00 -25.23
C PRO V 366 -67.42 16.35 -25.00
N THR V 367 -66.15 16.33 -24.59
CA THR V 367 -65.38 17.54 -24.38
C THR V 367 -64.85 18.06 -25.72
N VAL V 368 -63.99 19.07 -25.65
CA VAL V 368 -63.32 19.64 -26.81
C VAL V 368 -61.96 20.16 -26.38
N VAL V 369 -60.97 19.99 -27.25
CA VAL V 369 -59.59 20.42 -26.95
C VAL V 369 -59.48 21.91 -27.30
N PRO V 370 -58.72 22.72 -26.55
CA PRO V 370 -58.50 24.10 -27.00
C PRO V 370 -57.66 24.12 -28.28
N GLY V 371 -58.22 24.72 -29.33
CA GLY V 371 -57.56 24.78 -30.62
C GLY V 371 -57.69 23.53 -31.47
N GLY V 372 -58.55 22.58 -31.08
CA GLY V 372 -58.70 21.35 -31.83
C GLY V 372 -59.55 21.52 -33.07
N ASP V 373 -59.46 20.53 -33.95
CA ASP V 373 -60.20 20.57 -35.21
C ASP V 373 -61.68 20.25 -35.02
N LEU V 374 -62.01 19.39 -34.04
CA LEU V 374 -63.39 19.04 -33.77
C LEU V 374 -64.06 20.13 -32.94
N ALA V 375 -65.37 20.29 -33.16
CA ALA V 375 -66.18 21.28 -32.47
C ALA V 375 -66.88 20.66 -31.27
N LYS V 376 -67.43 21.52 -30.42
CA LYS V 376 -68.16 21.09 -29.23
C LYS V 376 -69.54 20.61 -29.64
N VAL V 377 -69.94 19.44 -29.14
CA VAL V 377 -71.24 18.84 -29.42
C VAL V 377 -71.83 18.35 -28.11
N GLN V 378 -73.15 18.49 -28.00
CA GLN V 378 -73.88 18.08 -26.80
C GLN V 378 -74.13 16.58 -26.73
N ARG V 379 -73.81 15.82 -27.77
CA ARG V 379 -74.01 14.37 -27.76
C ARG V 379 -73.08 13.74 -28.79
N ALA V 380 -72.83 12.44 -28.62
CA ALA V 380 -71.95 11.71 -29.52
C ALA V 380 -72.26 10.24 -29.43
N VAL V 381 -71.65 9.47 -30.34
CA VAL V 381 -71.83 8.02 -30.39
C VAL V 381 -70.59 7.41 -31.03
N CYS V 382 -70.25 6.20 -30.57
CA CYS V 382 -69.18 5.39 -31.14
C CYS V 382 -69.66 3.96 -31.22
N MET V 383 -69.59 3.37 -32.41
CA MET V 383 -70.11 2.04 -32.69
C MET V 383 -68.96 1.09 -32.95
N LEU V 384 -68.93 -0.01 -32.19
CA LEU V 384 -68.02 -1.13 -32.41
C LEU V 384 -68.90 -2.33 -32.73
N SER V 385 -68.66 -2.96 -33.89
CA SER V 385 -69.54 -3.99 -34.40
C SER V 385 -68.72 -5.06 -35.12
N ASN V 386 -68.98 -6.32 -34.79
CA ASN V 386 -68.38 -7.44 -35.51
C ASN V 386 -69.18 -7.73 -36.76
N THR V 387 -68.48 -8.06 -37.85
CA THR V 387 -69.11 -8.30 -39.14
C THR V 387 -68.23 -9.24 -39.95
N THR V 388 -68.84 -9.93 -40.91
CA THR V 388 -68.14 -10.74 -41.88
C THR V 388 -67.66 -9.95 -43.09
N ALA V 389 -67.78 -8.61 -43.06
CA ALA V 389 -67.34 -7.80 -44.20
C ALA V 389 -65.82 -7.72 -44.29
N ILE V 390 -65.09 -7.94 -43.19
CA ILE V 390 -63.64 -7.77 -43.19
C ILE V 390 -62.91 -8.98 -43.74
N ALA V 391 -63.61 -10.01 -44.23
CA ALA V 391 -62.95 -11.16 -44.81
C ALA V 391 -62.28 -10.79 -46.13
N GLU V 392 -62.86 -9.86 -46.89
CA GLU V 392 -62.27 -9.46 -48.16
C GLU V 392 -60.95 -8.74 -47.96
N ALA V 393 -60.80 -8.01 -46.84
CA ALA V 393 -59.53 -7.36 -46.56
C ALA V 393 -58.45 -8.40 -46.27
N TRP V 394 -58.78 -9.42 -45.48
CA TRP V 394 -57.84 -10.52 -45.27
C TRP V 394 -57.58 -11.28 -46.56
N ALA V 395 -58.59 -11.39 -47.43
CA ALA V 395 -58.36 -11.93 -48.75
C ALA V 395 -57.46 -11.02 -49.58
N ARG V 396 -57.61 -9.71 -49.43
CA ARG V 396 -56.75 -8.78 -50.16
C ARG V 396 -55.32 -8.84 -49.63
N LEU V 397 -55.16 -8.83 -48.30
CA LEU V 397 -53.83 -8.92 -47.71
C LEU V 397 -53.18 -10.26 -48.02
N ASP V 398 -53.96 -11.34 -47.98
CA ASP V 398 -53.43 -12.65 -48.30
C ASP V 398 -53.13 -12.77 -49.81
N HIS V 399 -53.93 -12.09 -50.63
CA HIS V 399 -53.71 -12.16 -52.08
C HIS V 399 -52.40 -11.49 -52.48
N LYS V 400 -52.16 -10.27 -51.99
CA LYS V 400 -50.92 -9.57 -52.31
C LYS V 400 -49.69 -10.23 -51.69
N PHE V 401 -49.86 -10.90 -50.55
CA PHE V 401 -48.77 -11.64 -49.94
C PHE V 401 -48.31 -12.81 -50.80
N ASP V 402 -49.23 -13.45 -51.52
CA ASP V 402 -48.86 -14.56 -52.39
C ASP V 402 -48.02 -14.09 -53.56
N LEU V 403 -48.22 -12.86 -54.01
CA LEU V 403 -47.43 -12.33 -55.12
C LEU V 403 -45.98 -12.16 -54.71
N MET V 404 -45.74 -11.62 -53.51
CA MET V 404 -44.38 -11.43 -53.03
C MET V 404 -43.79 -12.74 -52.52
N TYR V 405 -44.61 -13.60 -51.91
CA TYR V 405 -44.10 -14.88 -51.40
C TYR V 405 -43.70 -15.81 -52.53
N ALA V 406 -44.37 -15.72 -53.68
CA ALA V 406 -44.01 -16.55 -54.83
C ALA V 406 -42.62 -16.22 -55.35
N LYS V 407 -42.22 -14.94 -55.32
CA LYS V 407 -40.89 -14.51 -55.70
C LYS V 407 -39.90 -14.47 -54.55
N ARG V 408 -40.33 -14.82 -53.32
CA ARG V 408 -39.47 -14.82 -52.13
C ARG V 408 -38.91 -13.41 -51.88
N ALA V 409 -39.78 -12.41 -52.00
CA ALA V 409 -39.37 -11.02 -51.87
C ALA V 409 -39.24 -10.63 -50.40
N PHE V 410 -38.16 -9.91 -50.09
CA PHE V 410 -37.90 -9.38 -48.75
C PHE V 410 -37.78 -10.47 -47.69
N VAL V 411 -37.38 -11.68 -48.09
CA VAL V 411 -37.29 -12.81 -47.18
C VAL V 411 -35.91 -12.92 -46.52
N HIS V 412 -34.86 -12.48 -47.20
CA HIS V 412 -33.50 -12.66 -46.68
C HIS V 412 -33.24 -11.82 -45.43
N TRP V 413 -34.01 -10.75 -45.21
CA TRP V 413 -33.87 -9.99 -43.97
C TRP V 413 -34.43 -10.73 -42.77
N TYR V 414 -35.56 -11.44 -42.95
CA TYR V 414 -36.17 -12.15 -41.83
C TYR V 414 -35.34 -13.35 -41.42
N VAL V 415 -34.87 -14.15 -42.38
CA VAL V 415 -34.03 -15.30 -42.07
C VAL V 415 -32.65 -14.88 -41.59
N GLY V 416 -32.18 -13.68 -41.97
CA GLY V 416 -30.98 -13.14 -41.39
C GLY V 416 -31.09 -12.81 -39.91
N GLU V 417 -32.31 -12.60 -39.42
CA GLU V 417 -32.56 -12.35 -38.01
C GLU V 417 -32.55 -13.62 -37.17
N GLY V 418 -32.92 -14.76 -37.75
CA GLY V 418 -32.95 -16.03 -37.04
C GLY V 418 -34.09 -16.96 -37.42
N MET V 419 -35.07 -16.48 -38.21
CA MET V 419 -36.22 -17.28 -38.60
C MET V 419 -35.87 -18.10 -39.84
N GLU V 420 -36.86 -18.82 -40.37
CA GLU V 420 -36.68 -19.72 -41.51
C GLU V 420 -37.90 -19.57 -42.42
N GLU V 421 -38.03 -20.49 -43.37
CA GLU V 421 -39.17 -20.49 -44.30
C GLU V 421 -40.41 -21.16 -43.71
N GLY V 422 -40.25 -21.94 -42.63
CA GLY V 422 -41.37 -22.75 -42.15
C GLY V 422 -42.50 -21.93 -41.57
N GLU V 423 -42.16 -21.01 -40.66
CA GLU V 423 -43.20 -20.23 -39.99
C GLU V 423 -43.89 -19.25 -40.94
N PHE V 424 -43.26 -18.89 -42.07
CA PHE V 424 -43.97 -18.17 -43.12
C PHE V 424 -45.12 -19.00 -43.66
N SER V 425 -44.92 -20.31 -43.78
CA SER V 425 -46.00 -21.20 -44.21
C SER V 425 -47.08 -21.29 -43.13
N GLU V 426 -46.69 -21.27 -41.85
CA GLU V 426 -47.68 -21.27 -40.77
C GLU V 426 -48.47 -19.97 -40.77
N ALA V 427 -47.81 -18.85 -41.05
CA ALA V 427 -48.51 -17.57 -41.12
C ALA V 427 -49.48 -17.53 -42.29
N ARG V 428 -49.14 -18.20 -43.40
CA ARG V 428 -50.02 -18.22 -44.56
C ARG V 428 -51.25 -19.07 -44.30
N GLU V 429 -51.05 -20.30 -43.82
CA GLU V 429 -52.17 -21.21 -43.60
C GLU V 429 -53.06 -20.77 -42.44
N ASP V 430 -52.51 -20.05 -41.46
CA ASP V 430 -53.33 -19.60 -40.34
C ASP V 430 -54.33 -18.55 -40.79
N MET V 431 -53.91 -17.64 -41.68
CA MET V 431 -54.87 -16.71 -42.27
C MET V 431 -55.80 -17.42 -43.24
N ALA V 432 -55.32 -18.46 -43.91
CA ALA V 432 -56.20 -19.26 -44.77
C ALA V 432 -57.26 -19.98 -43.93
N ALA V 433 -56.90 -20.38 -42.71
CA ALA V 433 -57.90 -20.94 -41.79
C ALA V 433 -58.95 -19.90 -41.42
N LEU V 434 -58.56 -18.63 -41.34
CA LEU V 434 -59.49 -17.59 -40.94
C LEU V 434 -60.52 -17.31 -42.03
N GLU V 435 -60.12 -17.42 -43.31
CA GLU V 435 -61.05 -17.14 -44.39
C GLU V 435 -62.14 -18.19 -44.47
N LYS V 436 -61.79 -19.47 -44.33
CA LYS V 436 -62.80 -20.52 -44.34
C LYS V 436 -63.71 -20.44 -43.13
N ASP V 437 -63.24 -19.87 -42.02
CA ASP V 437 -64.10 -19.62 -40.87
C ASP V 437 -65.04 -18.43 -41.12
N TYR V 438 -64.56 -17.43 -41.86
CA TYR V 438 -65.38 -16.25 -42.11
C TYR V 438 -66.49 -16.52 -43.12
N GLU V 439 -66.21 -17.36 -44.13
CA GLU V 439 -67.25 -17.75 -45.07
C GLU V 439 -68.21 -18.78 -44.49
N GLU V 440 -67.75 -19.59 -43.53
CA GLU V 440 -68.65 -20.54 -42.87
C GLU V 440 -69.57 -19.83 -41.90
N VAL V 441 -69.03 -18.96 -41.05
CA VAL V 441 -69.86 -18.23 -40.09
C VAL V 441 -70.78 -17.24 -40.78
N GLY V 442 -70.43 -16.76 -41.97
CA GLY V 442 -71.27 -15.84 -42.72
C GLY V 442 -72.43 -16.46 -43.45
N ILE V 443 -72.69 -17.75 -43.30
CA ILE V 443 -73.80 -18.40 -43.98
C ILE V 443 -75.10 -17.94 -43.32
N MET W 1 -26.25 7.15 -28.85
CA MET W 1 -27.46 6.47 -29.40
C MET W 1 -27.37 6.37 -30.93
N ARG W 2 -27.00 5.19 -31.41
CA ARG W 2 -27.01 4.87 -32.84
C ARG W 2 -26.02 5.75 -33.62
N GLU W 3 -24.79 5.79 -33.14
CA GLU W 3 -23.77 6.60 -33.79
C GLU W 3 -23.41 6.03 -35.15
N ILE W 4 -22.96 6.93 -36.04
CA ILE W 4 -22.56 6.60 -37.40
C ILE W 4 -21.11 7.04 -37.55
N VAL W 5 -20.25 6.11 -37.95
CA VAL W 5 -18.82 6.35 -38.11
C VAL W 5 -18.57 6.73 -39.56
N HIS W 6 -18.13 7.97 -39.77
CA HIS W 6 -17.84 8.48 -41.11
C HIS W 6 -16.39 8.19 -41.48
N ILE W 7 -16.18 7.83 -42.75
CA ILE W 7 -14.88 7.43 -43.26
C ILE W 7 -14.79 7.91 -44.71
N GLN W 8 -13.92 8.89 -44.94
CA GLN W 8 -13.78 9.55 -46.24
C GLN W 8 -12.57 8.96 -46.96
N ALA W 9 -12.83 8.14 -47.98
CA ALA W 9 -11.81 7.48 -48.77
C ALA W 9 -11.78 8.06 -50.17
N GLY W 10 -10.58 8.23 -50.71
CA GLY W 10 -10.41 8.74 -52.05
C GLY W 10 -10.48 10.25 -52.12
N GLN W 11 -10.12 10.79 -53.28
CA GLN W 11 -10.12 12.24 -53.47
C GLN W 11 -11.54 12.78 -53.48
N CYS W 12 -12.41 12.18 -54.29
CA CYS W 12 -13.78 12.67 -54.38
C CYS W 12 -14.55 12.43 -53.09
N GLY W 13 -14.25 11.32 -52.40
CA GLY W 13 -14.90 11.06 -51.12
C GLY W 13 -14.55 12.08 -50.07
N ASN W 14 -13.32 12.60 -50.11
CA ASN W 14 -12.93 13.66 -49.18
C ASN W 14 -13.63 14.96 -49.52
N GLN W 15 -13.86 15.22 -50.81
CA GLN W 15 -14.52 16.46 -51.21
C GLN W 15 -15.99 16.46 -50.81
N ILE W 16 -16.73 15.43 -51.21
CA ILE W 16 -18.13 15.35 -50.83
C ILE W 16 -18.29 15.10 -49.34
N GLY W 17 -17.34 14.38 -48.73
CA GLY W 17 -17.37 14.22 -47.29
C GLY W 17 -17.12 15.54 -46.56
N ALA W 18 -16.20 16.35 -47.09
CA ALA W 18 -15.97 17.67 -46.52
C ALA W 18 -17.20 18.56 -46.71
N LYS W 19 -17.86 18.44 -47.85
CA LYS W 19 -19.10 19.18 -48.07
C LYS W 19 -20.24 18.61 -47.23
N PHE W 20 -20.19 17.31 -46.92
CA PHE W 20 -21.23 16.69 -46.11
C PHE W 20 -21.22 17.25 -44.69
N TRP W 21 -20.03 17.37 -44.08
CA TRP W 21 -19.95 18.01 -42.77
C TRP W 21 -20.28 19.49 -42.85
N GLU W 22 -20.06 20.13 -44.00
CA GLU W 22 -20.35 21.55 -44.14
C GLU W 22 -21.85 21.81 -44.12
N VAL W 23 -22.62 21.05 -44.91
CA VAL W 23 -24.04 21.35 -45.07
C VAL W 23 -24.81 20.99 -43.81
N ILE W 24 -24.44 19.91 -43.13
CA ILE W 24 -25.12 19.52 -41.89
C ILE W 24 -24.71 20.39 -40.71
N SER W 25 -23.51 20.99 -40.75
CA SER W 25 -23.11 21.89 -39.69
C SER W 25 -23.98 23.14 -39.63
N ASP W 26 -24.46 23.61 -40.78
CA ASP W 26 -25.40 24.72 -40.79
C ASP W 26 -26.76 24.30 -40.25
N GLU W 27 -27.15 23.04 -40.47
CA GLU W 27 -28.41 22.55 -39.94
C GLU W 27 -28.36 22.47 -38.42
N HIS W 28 -27.26 21.94 -37.88
CA HIS W 28 -27.06 21.89 -36.43
C HIS W 28 -26.57 23.21 -35.85
N GLY W 29 -26.14 24.17 -36.67
CA GLY W 29 -25.71 25.45 -36.18
C GLY W 29 -24.38 25.39 -35.45
N ILE W 30 -23.39 24.76 -36.06
CA ILE W 30 -22.04 24.60 -35.52
C ILE W 30 -21.13 25.58 -36.25
N ASP W 31 -20.30 26.29 -35.48
CA ASP W 31 -19.33 27.19 -36.08
C ASP W 31 -18.21 26.37 -36.73
N PRO W 32 -17.45 26.94 -37.68
CA PRO W 32 -16.27 26.20 -38.18
C PRO W 32 -15.21 25.97 -37.13
N THR W 33 -15.11 26.84 -36.12
CA THR W 33 -14.15 26.61 -35.04
C THR W 33 -14.52 25.42 -34.17
N GLY W 34 -15.82 25.11 -34.06
CA GLY W 34 -16.32 23.97 -33.30
C GLY W 34 -17.34 24.31 -32.24
N SER W 35 -17.61 25.58 -31.95
CA SER W 35 -18.57 25.98 -30.94
C SER W 35 -19.97 26.09 -31.54
N TYR W 36 -20.98 25.98 -30.68
CA TYR W 36 -22.37 26.03 -31.09
C TYR W 36 -22.88 27.48 -31.07
N HIS W 37 -23.57 27.87 -32.16
CA HIS W 37 -24.20 29.18 -32.26
C HIS W 37 -25.57 29.08 -32.93
N GLY W 38 -26.27 27.96 -32.73
CA GLY W 38 -27.57 27.76 -33.32
C GLY W 38 -28.66 28.49 -32.55
N ASP W 39 -29.90 28.08 -32.84
CA ASP W 39 -31.11 28.65 -32.25
C ASP W 39 -32.03 27.62 -31.59
N SER W 40 -32.13 26.43 -32.16
CA SER W 40 -33.05 25.41 -31.70
C SER W 40 -32.36 24.48 -30.71
N ASP W 41 -33.14 23.98 -29.75
CA ASP W 41 -32.66 23.00 -28.78
C ASP W 41 -32.58 21.60 -29.33
N LEU W 42 -33.35 21.28 -30.39
CA LEU W 42 -33.31 19.95 -30.99
C LEU W 42 -32.00 19.68 -31.72
N GLN W 43 -31.22 20.71 -32.06
CA GLN W 43 -29.92 20.49 -32.68
C GLN W 43 -28.96 19.76 -31.74
N LEU W 44 -29.03 20.07 -30.44
CA LEU W 44 -28.25 19.35 -29.44
C LEU W 44 -28.85 18.02 -29.03
N GLU W 45 -30.11 17.74 -29.43
CA GLU W 45 -30.74 16.48 -29.06
C GLU W 45 -30.03 15.29 -29.70
N ARG W 46 -29.55 15.46 -30.93
CA ARG W 46 -28.90 14.39 -31.70
C ARG W 46 -27.66 14.92 -32.38
N ILE W 47 -26.88 15.73 -31.65
CA ILE W 47 -25.55 16.13 -32.12
C ILE W 47 -24.51 15.03 -31.90
N ASN W 48 -24.72 14.16 -30.92
CA ASN W 48 -23.81 13.05 -30.67
C ASN W 48 -23.93 11.93 -31.70
N VAL W 49 -24.95 11.94 -32.56
CA VAL W 49 -25.11 10.85 -33.53
C VAL W 49 -24.03 10.90 -34.60
N TYR W 50 -23.39 12.07 -34.82
CA TYR W 50 -22.27 12.23 -35.73
C TYR W 50 -21.02 12.81 -35.07
N TYR W 51 -21.18 13.67 -34.06
CA TYR W 51 -20.08 14.37 -33.42
C TYR W 51 -19.80 13.75 -32.06
N ASN W 52 -18.67 14.15 -31.47
CA ASN W 52 -18.27 13.76 -30.12
C ASN W 52 -18.11 15.02 -29.27
N GLU W 53 -18.56 14.93 -28.02
CA GLU W 53 -18.46 16.06 -27.11
C GLU W 53 -17.03 16.23 -26.63
N ALA W 54 -16.65 17.48 -26.36
CA ALA W 54 -15.32 17.80 -25.86
C ALA W 54 -15.39 18.99 -24.90
N ALA W 55 -14.25 19.42 -24.38
CA ALA W 55 -14.21 20.51 -23.41
C ALA W 55 -14.55 21.83 -24.10
N GLY W 56 -15.06 22.77 -23.30
CA GLY W 56 -15.41 24.08 -23.83
C GLY W 56 -16.61 24.08 -24.76
N ASN W 57 -17.49 23.08 -24.65
CA ASN W 57 -18.67 22.96 -25.52
C ASN W 57 -18.28 22.86 -26.99
N LYS W 58 -17.14 22.23 -27.28
CA LYS W 58 -16.66 22.01 -28.63
C LYS W 58 -17.05 20.61 -29.09
N TYR W 59 -17.44 20.49 -30.36
CA TYR W 59 -17.89 19.24 -30.95
C TYR W 59 -17.00 18.91 -32.15
N VAL W 60 -16.17 17.89 -31.99
CA VAL W 60 -15.27 17.41 -33.05
C VAL W 60 -16.05 16.40 -33.88
N PRO W 61 -15.94 16.37 -35.22
CA PRO W 61 -16.69 15.35 -35.97
C PRO W 61 -16.01 14.00 -35.93
N ARG W 62 -16.82 12.95 -36.03
CA ARG W 62 -16.34 11.57 -36.08
C ARG W 62 -16.06 11.18 -37.53
N ALA W 63 -15.08 11.89 -38.11
CA ALA W 63 -14.65 11.71 -39.49
C ALA W 63 -13.24 11.12 -39.50
N ILE W 64 -13.02 10.17 -40.41
CA ILE W 64 -11.74 9.51 -40.59
C ILE W 64 -11.36 9.68 -42.05
N LEU W 65 -10.48 10.65 -42.32
CA LEU W 65 -10.04 10.95 -43.68
C LEU W 65 -8.85 10.07 -44.01
N VAL W 66 -9.00 9.26 -45.07
CA VAL W 66 -7.96 8.35 -45.55
C VAL W 66 -7.72 8.64 -47.03
N ASP W 67 -6.45 8.75 -47.39
CA ASP W 67 -6.05 8.97 -48.77
C ASP W 67 -4.55 8.68 -48.86
N LEU W 68 -4.14 8.23 -50.05
CA LEU W 68 -2.75 7.89 -50.33
C LEU W 68 -1.96 9.03 -50.97
N GLU W 69 -2.46 10.27 -50.87
CA GLU W 69 -1.87 11.44 -51.51
C GLU W 69 -1.92 12.60 -50.51
N PRO W 70 -0.79 13.08 -49.96
CA PRO W 70 -0.90 14.07 -48.87
C PRO W 70 -1.38 15.45 -49.32
N GLY W 71 -1.33 15.76 -50.61
CA GLY W 71 -1.81 17.05 -51.07
C GLY W 71 -3.32 17.23 -50.91
N THR W 72 -4.07 16.13 -50.91
CA THR W 72 -5.52 16.23 -50.76
C THR W 72 -5.89 16.69 -49.36
N MET W 73 -5.20 16.19 -48.34
CA MET W 73 -5.51 16.59 -46.96
C MET W 73 -5.16 18.05 -46.71
N ASP W 74 -4.15 18.57 -47.41
CA ASP W 74 -3.80 19.98 -47.26
C ASP W 74 -4.91 20.89 -47.78
N SER W 75 -5.60 20.48 -48.84
CA SER W 75 -6.72 21.25 -49.35
C SER W 75 -7.95 21.14 -48.47
N VAL W 76 -8.17 19.97 -47.87
CA VAL W 76 -9.32 19.78 -46.99
C VAL W 76 -9.08 20.47 -45.65
N ARG W 77 -7.85 20.39 -45.15
CA ARG W 77 -7.54 21.03 -43.87
C ARG W 77 -7.56 22.55 -43.99
N SER W 78 -7.17 23.09 -45.14
CA SER W 78 -7.19 24.52 -45.38
C SER W 78 -8.52 25.03 -45.91
N GLY W 79 -9.59 24.25 -45.82
CA GLY W 79 -10.90 24.65 -46.31
C GLY W 79 -11.62 25.53 -45.31
N PRO W 80 -12.91 25.81 -45.57
CA PRO W 80 -13.68 26.58 -44.57
C PRO W 80 -13.88 25.83 -43.27
N PHE W 81 -14.31 24.57 -43.33
CA PHE W 81 -14.52 23.72 -42.16
C PHE W 81 -13.38 22.72 -41.95
N GLY W 82 -12.18 23.04 -42.45
CA GLY W 82 -11.06 22.12 -42.30
C GLY W 82 -10.47 22.06 -40.91
N GLN W 83 -10.64 23.11 -40.11
CA GLN W 83 -10.06 23.17 -38.77
C GLN W 83 -10.86 22.41 -37.72
N ILE W 84 -12.12 22.07 -37.99
CA ILE W 84 -12.95 21.38 -37.00
C ILE W 84 -12.59 19.91 -36.85
N PHE W 85 -12.05 19.28 -37.90
CA PHE W 85 -11.72 17.86 -37.85
C PHE W 85 -10.57 17.62 -36.87
N ARG W 86 -10.48 16.37 -36.42
CA ARG W 86 -9.44 15.98 -35.48
C ARG W 86 -8.10 15.84 -36.23
N PRO W 87 -6.97 16.37 -35.71
CA PRO W 87 -5.70 16.12 -36.40
C PRO W 87 -5.27 14.67 -36.38
N ASP W 88 -5.64 13.91 -35.35
CA ASP W 88 -5.24 12.50 -35.29
C ASP W 88 -5.91 11.67 -36.37
N ASN W 89 -7.14 12.03 -36.76
CA ASN W 89 -7.85 11.31 -37.81
C ASN W 89 -7.22 11.47 -39.18
N PHE W 90 -6.41 12.50 -39.41
CA PHE W 90 -5.77 12.73 -40.71
C PHE W 90 -4.60 11.76 -40.85
N VAL W 91 -4.93 10.52 -41.19
CA VAL W 91 -3.96 9.48 -41.53
C VAL W 91 -3.88 9.39 -43.04
N PHE W 92 -2.67 9.23 -43.56
CA PHE W 92 -2.45 9.28 -45.00
C PHE W 92 -1.05 8.78 -45.33
N GLY W 93 -0.89 8.32 -46.57
CA GLY W 93 0.40 7.93 -47.09
C GLY W 93 1.14 9.11 -47.68
N GLN W 94 2.13 8.78 -48.52
CA GLN W 94 2.97 9.75 -49.22
C GLN W 94 2.94 9.58 -50.73
N SER W 95 2.92 8.33 -51.22
CA SER W 95 2.92 8.03 -52.64
C SER W 95 1.51 7.68 -53.09
N GLY W 96 1.06 8.32 -54.17
CA GLY W 96 -0.26 8.06 -54.69
C GLY W 96 -0.35 6.72 -55.39
N ALA W 97 -1.60 6.28 -55.60
CA ALA W 97 -1.86 5.02 -56.28
C ALA W 97 -1.72 5.13 -57.79
N GLY W 98 -1.91 6.31 -58.36
CA GLY W 98 -1.78 6.47 -59.79
C GLY W 98 -2.86 5.78 -60.58
N ASN W 99 -4.08 5.70 -60.05
CA ASN W 99 -5.21 5.05 -60.70
C ASN W 99 -4.92 3.59 -61.00
N ASN W 100 -4.66 2.83 -59.94
CA ASN W 100 -4.37 1.40 -60.02
C ASN W 100 -5.05 0.71 -58.84
N TRP W 101 -5.97 -0.20 -59.13
CA TRP W 101 -6.69 -0.89 -58.06
C TRP W 101 -5.77 -1.85 -57.30
N ALA W 102 -4.78 -2.44 -57.99
CA ALA W 102 -3.89 -3.40 -57.34
C ALA W 102 -2.97 -2.72 -56.34
N LYS W 103 -2.53 -1.48 -56.62
CA LYS W 103 -1.61 -0.79 -55.73
C LYS W 103 -2.30 -0.43 -54.42
N GLY W 104 -3.48 0.18 -54.50
CA GLY W 104 -4.21 0.59 -53.32
C GLY W 104 -4.89 -0.52 -52.54
N HIS W 105 -4.82 -1.77 -53.01
CA HIS W 105 -5.51 -2.90 -52.40
C HIS W 105 -4.55 -3.94 -51.83
N TYR W 106 -3.36 -4.11 -52.41
CA TYR W 106 -2.41 -5.17 -52.06
C TYR W 106 -1.14 -4.64 -51.43
N THR W 107 -0.52 -3.59 -52.01
CA THR W 107 0.78 -3.09 -51.58
C THR W 107 0.68 -1.72 -50.93
N GLU W 108 0.12 -0.73 -51.62
CA GLU W 108 0.08 0.62 -51.06
C GLU W 108 -0.99 0.75 -49.98
N GLY W 109 -2.05 -0.04 -50.05
CA GLY W 109 -3.09 -0.01 -49.04
C GLY W 109 -2.78 -0.87 -47.85
N ALA W 110 -2.09 -2.00 -48.06
CA ALA W 110 -1.80 -2.94 -46.99
C ALA W 110 -0.88 -2.35 -45.92
N GLU W 111 0.03 -1.45 -46.31
CA GLU W 111 0.90 -0.81 -45.33
C GLU W 111 0.15 0.22 -44.48
N LEU W 112 -0.92 0.81 -45.01
CA LEU W 112 -1.71 1.81 -44.29
C LEU W 112 -2.95 1.24 -43.63
N VAL W 113 -3.47 0.09 -44.09
CA VAL W 113 -4.71 -0.45 -43.53
C VAL W 113 -4.50 -0.91 -42.10
N ASP W 114 -3.27 -1.28 -41.72
CA ASP W 114 -2.98 -1.55 -40.32
C ASP W 114 -3.06 -0.28 -39.48
N SER W 115 -2.80 0.89 -40.08
CA SER W 115 -2.83 2.16 -39.37
C SER W 115 -4.23 2.74 -39.21
N VAL W 116 -5.14 2.46 -40.16
CA VAL W 116 -6.50 2.99 -40.09
C VAL W 116 -7.43 2.13 -39.24
N LEU W 117 -7.15 0.83 -39.11
CA LEU W 117 -8.03 -0.02 -38.32
C LEU W 117 -7.97 0.32 -36.84
N ASP W 118 -6.80 0.73 -36.35
CA ASP W 118 -6.69 1.16 -34.96
C ASP W 118 -7.37 2.51 -34.73
N VAL W 119 -7.53 3.33 -35.78
CA VAL W 119 -8.17 4.63 -35.62
C VAL W 119 -9.69 4.47 -35.58
N VAL W 120 -10.26 3.70 -36.50
CA VAL W 120 -11.70 3.48 -36.51
C VAL W 120 -12.14 2.66 -35.30
N ARG W 121 -11.27 1.80 -34.77
CA ARG W 121 -11.60 1.09 -33.55
C ARG W 121 -11.73 2.05 -32.37
N LYS W 122 -10.97 3.14 -32.37
CA LYS W 122 -11.09 4.13 -31.32
C LYS W 122 -12.44 4.83 -31.37
N GLU W 123 -12.87 5.25 -32.56
CA GLU W 123 -14.16 5.90 -32.70
C GLU W 123 -15.32 4.94 -32.49
N SER W 124 -15.12 3.64 -32.73
CA SER W 124 -16.18 2.65 -32.55
C SER W 124 -16.42 2.32 -31.08
N GLU W 125 -15.36 2.11 -30.30
CA GLU W 125 -15.51 1.82 -28.88
C GLU W 125 -15.82 3.05 -28.05
N SER W 126 -15.43 4.24 -28.51
CA SER W 126 -15.72 5.47 -27.77
C SER W 126 -17.20 5.82 -27.78
N CYS W 127 -17.96 5.37 -28.76
CA CYS W 127 -19.37 5.69 -28.85
C CYS W 127 -20.17 4.82 -27.87
N ASP W 128 -21.44 5.19 -27.71
CA ASP W 128 -22.33 4.45 -26.82
C ASP W 128 -22.84 3.18 -27.48
N CYS W 129 -23.36 3.30 -28.71
CA CYS W 129 -23.82 2.14 -29.47
C CYS W 129 -23.79 2.51 -30.94
N LEU W 130 -22.82 1.96 -31.67
CA LEU W 130 -22.67 2.28 -33.09
C LEU W 130 -23.77 1.62 -33.90
N GLN W 131 -24.23 2.33 -34.93
CA GLN W 131 -25.26 1.87 -35.85
C GLN W 131 -24.70 1.34 -37.16
N GLY W 132 -23.84 2.12 -37.82
CA GLY W 132 -23.30 1.70 -39.10
C GLY W 132 -22.12 2.55 -39.48
N PHE W 133 -21.81 2.51 -40.78
CA PHE W 133 -20.66 3.21 -41.37
C PHE W 133 -21.12 3.97 -42.60
N GLN W 134 -20.87 5.28 -42.61
CA GLN W 134 -21.24 6.17 -43.72
C GLN W 134 -19.96 6.52 -44.48
N LEU W 135 -19.70 5.79 -45.56
CA LEU W 135 -18.47 5.89 -46.33
C LEU W 135 -18.72 6.60 -47.65
N THR W 136 -17.70 7.30 -48.13
CA THR W 136 -17.72 8.00 -49.42
C THR W 136 -16.46 7.63 -50.19
N HIS W 137 -16.64 7.21 -51.44
CA HIS W 137 -15.52 6.85 -52.30
C HIS W 137 -15.95 6.99 -53.76
N SER W 138 -15.03 6.64 -54.65
CA SER W 138 -15.27 6.64 -56.09
C SER W 138 -14.78 5.32 -56.68
N LEU W 139 -15.59 4.74 -57.56
CA LEU W 139 -15.22 3.49 -58.22
C LEU W 139 -14.04 3.65 -59.16
N GLY W 140 -13.78 4.87 -59.65
CA GLY W 140 -12.58 5.13 -60.41
C GLY W 140 -11.37 5.37 -59.52
N GLY W 141 -10.19 5.34 -60.14
CA GLY W 141 -8.96 5.51 -59.40
C GLY W 141 -8.56 4.26 -58.64
N GLY W 142 -7.46 4.38 -57.92
CA GLY W 142 -6.87 3.29 -57.15
C GLY W 142 -7.07 3.42 -55.66
N THR W 143 -6.98 4.65 -55.15
CA THR W 143 -7.08 4.88 -53.71
C THR W 143 -8.53 4.81 -53.23
N GLY W 144 -9.48 5.20 -54.08
CA GLY W 144 -10.88 5.14 -53.72
C GLY W 144 -11.44 3.74 -53.84
N SER W 145 -11.20 3.11 -54.99
CA SER W 145 -11.72 1.77 -55.24
C SER W 145 -10.87 0.68 -54.61
N GLY W 146 -9.56 0.86 -54.52
CA GLY W 146 -8.68 -0.16 -54.01
C GLY W 146 -8.63 -0.18 -52.49
N MET W 147 -8.26 0.95 -51.89
CA MET W 147 -8.14 1.01 -50.43
C MET W 147 -9.50 1.21 -49.77
N GLY W 148 -10.40 1.94 -50.43
CA GLY W 148 -11.72 2.14 -49.86
C GLY W 148 -12.53 0.86 -49.78
N THR W 149 -12.46 0.03 -50.82
CA THR W 149 -13.15 -1.26 -50.80
C THR W 149 -12.43 -2.27 -49.93
N LEU W 150 -11.13 -2.08 -49.65
CA LEU W 150 -10.40 -3.01 -48.81
C LEU W 150 -10.91 -2.96 -47.37
N LEU W 151 -11.01 -1.76 -46.80
CA LEU W 151 -11.47 -1.63 -45.41
C LEU W 151 -12.94 -1.97 -45.26
N ILE W 152 -13.72 -1.93 -46.35
CA ILE W 152 -15.07 -2.48 -46.31
C ILE W 152 -15.02 -3.97 -46.01
N SER W 153 -14.03 -4.67 -46.59
CA SER W 153 -13.89 -6.09 -46.32
C SER W 153 -13.45 -6.34 -44.88
N LYS W 154 -12.54 -5.51 -44.36
CA LYS W 154 -12.06 -5.71 -42.99
C LYS W 154 -13.13 -5.35 -41.97
N ILE W 155 -13.91 -4.30 -42.24
CA ILE W 155 -14.98 -3.92 -41.32
C ILE W 155 -16.09 -4.95 -41.33
N ARG W 156 -16.32 -5.60 -42.48
CA ARG W 156 -17.28 -6.69 -42.53
C ARG W 156 -16.82 -7.86 -41.67
N GLU W 157 -15.50 -8.11 -41.62
CA GLU W 157 -14.98 -9.18 -40.78
C GLU W 157 -15.13 -8.86 -39.29
N GLU W 158 -14.92 -7.59 -38.91
CA GLU W 158 -14.96 -7.22 -37.50
C GLU W 158 -16.38 -6.94 -37.03
N TYR W 159 -17.17 -6.24 -37.85
CA TYR W 159 -18.54 -5.83 -37.55
C TYR W 159 -19.47 -6.39 -38.61
N PRO W 160 -19.73 -7.70 -38.60
CA PRO W 160 -20.65 -8.28 -39.60
C PRO W 160 -22.11 -7.93 -39.41
N ASP W 161 -22.50 -7.46 -38.22
CA ASP W 161 -23.90 -7.18 -37.91
C ASP W 161 -24.31 -5.73 -38.20
N ARG W 162 -23.36 -4.80 -38.25
CA ARG W 162 -23.68 -3.40 -38.45
C ARG W 162 -23.98 -3.11 -39.92
N ILE W 163 -24.60 -1.96 -40.16
CA ILE W 163 -24.96 -1.53 -41.49
C ILE W 163 -23.73 -0.90 -42.15
N MET W 164 -23.52 -1.22 -43.42
CA MET W 164 -22.40 -0.69 -44.22
C MET W 164 -22.98 0.14 -45.36
N ASN W 165 -23.11 1.45 -45.12
CA ASN W 165 -23.67 2.39 -46.08
C ASN W 165 -22.54 3.03 -46.87
N THR W 166 -22.74 3.19 -48.18
CA THR W 166 -21.75 3.76 -49.08
C THR W 166 -22.43 4.72 -50.04
N PHE W 167 -21.91 5.94 -50.12
CA PHE W 167 -22.27 6.93 -51.14
C PHE W 167 -21.15 6.95 -52.16
N SER W 168 -21.31 6.18 -53.24
CA SER W 168 -20.25 5.92 -54.21
C SER W 168 -20.62 6.53 -55.54
N VAL W 169 -19.75 7.41 -56.05
CA VAL W 169 -19.85 7.93 -57.41
C VAL W 169 -19.12 6.96 -58.32
N MET W 170 -19.64 6.81 -59.54
CA MET W 170 -19.21 5.80 -60.50
C MET W 170 -19.06 6.42 -61.88
N PRO W 171 -18.24 5.80 -62.78
CA PRO W 171 -17.95 6.47 -64.05
C PRO W 171 -19.04 6.26 -65.09
N SER W 172 -18.85 6.85 -66.27
CA SER W 172 -19.78 6.72 -67.39
C SER W 172 -19.02 6.96 -68.68
N PRO W 173 -19.54 6.50 -69.84
CA PRO W 173 -18.76 6.66 -71.08
C PRO W 173 -18.79 8.07 -71.64
N LYS W 174 -19.85 8.84 -71.41
CA LYS W 174 -19.94 10.18 -71.97
C LYS W 174 -18.96 11.12 -71.30
N VAL W 175 -18.82 11.01 -69.98
CA VAL W 175 -17.90 11.81 -69.17
C VAL W 175 -16.95 10.82 -68.50
N SER W 176 -15.69 10.82 -68.90
CA SER W 176 -14.68 9.90 -68.39
C SER W 176 -13.35 10.64 -68.32
N ASP W 177 -12.93 10.97 -67.10
CA ASP W 177 -11.68 11.68 -66.85
C ASP W 177 -10.54 10.74 -66.46
N THR W 178 -10.60 9.48 -66.90
CA THR W 178 -9.59 8.50 -66.53
C THR W 178 -9.71 7.31 -67.48
N VAL W 179 -8.56 6.76 -67.87
CA VAL W 179 -8.54 5.67 -68.85
C VAL W 179 -8.86 4.33 -68.20
N VAL W 180 -8.54 4.16 -66.92
CA VAL W 180 -8.58 2.87 -66.24
C VAL W 180 -9.88 2.75 -65.44
N GLU W 181 -10.93 3.44 -65.89
CA GLU W 181 -12.20 3.39 -65.15
C GLU W 181 -12.88 2.03 -65.16
N PRO W 182 -13.05 1.33 -66.30
CA PRO W 182 -13.79 0.06 -66.24
C PRO W 182 -13.06 -1.04 -65.49
N TYR W 183 -11.73 -1.05 -65.51
CA TYR W 183 -10.98 -2.01 -64.72
C TYR W 183 -11.16 -1.73 -63.23
N ASN W 184 -11.02 -0.46 -62.84
CA ASN W 184 -11.27 -0.09 -61.45
C ASN W 184 -12.74 -0.25 -61.08
N ALA W 185 -13.64 -0.06 -62.03
CA ALA W 185 -15.07 -0.16 -61.73
C ALA W 185 -15.47 -1.62 -61.47
N THR W 186 -15.12 -2.52 -62.39
CA THR W 186 -15.52 -3.91 -62.26
C THR W 186 -14.88 -4.61 -61.07
N LEU W 187 -13.70 -4.15 -60.63
CA LEU W 187 -13.07 -4.72 -59.44
C LEU W 187 -13.72 -4.22 -58.16
N SER W 188 -14.26 -3.00 -58.17
CA SER W 188 -14.90 -2.45 -56.99
C SER W 188 -16.27 -3.04 -56.72
N VAL W 189 -17.08 -3.25 -57.76
CA VAL W 189 -18.42 -3.81 -57.57
C VAL W 189 -18.37 -5.27 -57.12
N HIS W 190 -17.25 -5.97 -57.34
CA HIS W 190 -17.11 -7.32 -56.78
C HIS W 190 -17.15 -7.32 -55.27
N GLN W 191 -16.61 -6.27 -54.64
CA GLN W 191 -16.64 -6.13 -53.18
C GLN W 191 -17.92 -5.49 -52.68
N LEU W 192 -18.45 -4.51 -53.41
CA LEU W 192 -19.66 -3.82 -52.98
C LEU W 192 -20.88 -4.73 -53.05
N VAL W 193 -20.92 -5.65 -54.03
CA VAL W 193 -22.09 -6.51 -54.20
C VAL W 193 -22.17 -7.59 -53.12
N GLU W 194 -21.04 -8.01 -52.54
CA GLU W 194 -21.01 -9.07 -51.55
C GLU W 194 -21.06 -8.56 -50.12
N ASN W 195 -20.28 -7.52 -49.81
CA ASN W 195 -20.10 -7.08 -48.43
C ASN W 195 -21.12 -6.05 -47.99
N THR W 196 -21.28 -4.97 -48.75
CA THR W 196 -22.12 -3.86 -48.32
C THR W 196 -23.60 -4.21 -48.42
N ASP W 197 -24.37 -3.66 -47.49
CA ASP W 197 -25.82 -3.86 -47.45
C ASP W 197 -26.58 -2.86 -48.29
N GLU W 198 -26.02 -1.67 -48.51
CA GLU W 198 -26.68 -0.61 -49.26
C GLU W 198 -25.64 0.29 -49.91
N THR W 199 -25.96 0.74 -51.13
CA THR W 199 -25.07 1.57 -51.92
C THR W 199 -25.92 2.49 -52.81
N TYR W 200 -25.44 3.72 -52.99
CA TYR W 200 -26.10 4.73 -53.81
C TYR W 200 -25.29 4.92 -55.09
N SER W 201 -25.90 4.59 -56.23
CA SER W 201 -25.24 4.70 -57.53
C SER W 201 -25.41 6.11 -58.06
N ILE W 202 -24.33 6.89 -58.04
CA ILE W 202 -24.31 8.27 -58.51
C ILE W 202 -23.45 8.33 -59.75
N ASP W 203 -24.01 8.86 -60.83
CA ASP W 203 -23.34 9.00 -62.12
C ASP W 203 -22.90 10.45 -62.31
N ASN W 204 -21.65 10.63 -62.76
CA ASN W 204 -21.09 11.97 -62.84
C ASN W 204 -21.72 12.81 -63.94
N GLU W 205 -22.11 12.19 -65.06
CA GLU W 205 -22.71 12.95 -66.15
C GLU W 205 -24.08 13.50 -65.75
N ALA W 206 -24.82 12.76 -64.92
CA ALA W 206 -26.11 13.24 -64.45
C ALA W 206 -25.98 14.42 -63.50
N LEU W 207 -24.84 14.54 -62.81
CA LEU W 207 -24.58 15.73 -62.00
C LEU W 207 -24.47 16.96 -62.89
N TYR W 208 -23.94 16.79 -64.11
CA TYR W 208 -23.92 17.88 -65.08
C TYR W 208 -25.26 18.04 -65.78
N ASP W 209 -25.99 16.93 -66.00
CA ASP W 209 -27.26 17.02 -66.71
C ASP W 209 -28.31 17.74 -65.88
N ILE W 210 -28.31 17.54 -64.57
CA ILE W 210 -29.29 18.19 -63.70
C ILE W 210 -29.01 19.68 -63.54
N CYS W 211 -27.75 20.09 -63.64
CA CYS W 211 -27.41 21.50 -63.45
C CYS W 211 -27.70 22.36 -64.67
N PHE W 212 -27.89 21.77 -65.85
CA PHE W 212 -28.28 22.53 -67.03
C PHE W 212 -29.77 22.84 -67.02
N ARG W 213 -30.59 21.80 -66.86
CA ARG W 213 -32.03 21.92 -67.08
C ARG W 213 -32.72 22.66 -65.94
N THR W 214 -32.61 22.13 -64.73
CA THR W 214 -33.35 22.66 -63.59
C THR W 214 -32.64 23.80 -62.88
N LEU W 215 -31.36 23.62 -62.54
CA LEU W 215 -30.61 24.63 -61.80
C LEU W 215 -30.00 25.69 -62.71
N LYS W 216 -29.66 25.32 -63.96
CA LYS W 216 -29.16 26.22 -65.01
C LYS W 216 -28.01 27.12 -64.54
N LEU W 217 -27.04 26.51 -63.86
CA LEU W 217 -25.83 27.23 -63.49
C LEU W 217 -24.97 27.47 -64.73
N THR W 218 -24.56 28.73 -64.93
CA THR W 218 -23.75 29.09 -66.09
C THR W 218 -22.27 28.79 -65.89
N THR W 219 -21.79 28.73 -64.65
CA THR W 219 -20.39 28.43 -64.34
C THR W 219 -20.32 27.45 -63.17
N PRO W 220 -20.74 26.21 -63.37
CA PRO W 220 -20.70 25.22 -62.29
C PRO W 220 -19.32 24.62 -62.09
N THR W 221 -18.93 24.51 -60.82
CA THR W 221 -17.68 23.89 -60.39
C THR W 221 -18.00 22.57 -59.68
N TYR W 222 -16.95 21.88 -59.22
CA TYR W 222 -17.16 20.63 -58.49
C TYR W 222 -17.84 20.89 -57.14
N GLY W 223 -17.64 22.07 -56.56
CA GLY W 223 -18.28 22.37 -55.28
C GLY W 223 -19.79 22.46 -55.41
N ASP W 224 -20.28 22.92 -56.55
CA ASP W 224 -21.73 22.95 -56.78
C ASP W 224 -22.29 21.54 -56.93
N LEU W 225 -21.52 20.63 -57.53
CA LEU W 225 -21.95 19.25 -57.64
C LEU W 225 -21.94 18.56 -56.29
N ASN W 226 -20.98 18.91 -55.43
CA ASN W 226 -20.94 18.34 -54.09
C ASN W 226 -22.12 18.78 -53.23
N HIS W 227 -22.68 19.96 -53.52
CA HIS W 227 -23.76 20.49 -52.69
C HIS W 227 -25.04 19.66 -52.83
N LEU W 228 -25.38 19.29 -54.06
CA LEU W 228 -26.63 18.57 -54.30
C LEU W 228 -26.55 17.11 -53.87
N VAL W 229 -25.40 16.47 -54.02
CA VAL W 229 -25.24 15.09 -53.57
C VAL W 229 -25.07 14.99 -52.06
N SER W 230 -24.48 16.01 -51.43
CA SER W 230 -24.39 16.04 -49.98
C SER W 230 -25.73 16.29 -49.32
N ALA W 231 -26.67 16.93 -50.00
CA ALA W 231 -28.02 17.09 -49.47
C ALA W 231 -28.70 15.74 -49.34
N THR W 232 -28.44 14.83 -50.29
CA THR W 232 -28.97 13.48 -50.20
C THR W 232 -28.39 12.71 -49.02
N MET W 233 -27.12 12.97 -48.69
CA MET W 233 -26.53 12.36 -47.50
C MET W 233 -27.19 12.87 -46.23
N SER W 234 -27.65 14.12 -46.23
CA SER W 234 -28.39 14.65 -45.09
C SER W 234 -29.83 14.14 -45.06
N GLY W 235 -30.41 13.85 -46.22
CA GLY W 235 -31.78 13.37 -46.24
C GLY W 235 -31.94 11.95 -45.74
N VAL W 236 -30.95 11.10 -46.00
CA VAL W 236 -31.05 9.70 -45.58
C VAL W 236 -30.95 9.56 -44.06
N THR W 237 -30.20 10.45 -43.39
CA THR W 237 -29.99 10.41 -41.95
C THR W 237 -30.69 11.57 -41.24
N THR W 238 -31.84 12.00 -41.75
CA THR W 238 -32.59 13.08 -41.13
C THR W 238 -33.48 12.58 -39.99
N CYS W 239 -33.99 11.35 -40.11
CA CYS W 239 -34.96 10.84 -39.14
C CYS W 239 -34.36 10.65 -37.75
N LEU W 240 -33.08 10.32 -37.66
CA LEU W 240 -32.39 10.12 -36.39
C LEU W 240 -31.59 11.35 -35.93
N ARG W 241 -31.42 12.36 -36.80
CA ARG W 241 -30.81 13.63 -36.40
C ARG W 241 -31.82 14.65 -35.88
N PHE W 242 -33.10 14.49 -36.20
CA PHE W 242 -34.17 15.37 -35.73
C PHE W 242 -35.43 14.54 -35.56
N PRO W 243 -36.39 14.97 -34.74
CA PRO W 243 -37.61 14.16 -34.59
C PRO W 243 -38.53 14.33 -35.78
N GLY W 244 -39.48 13.40 -35.89
CA GLY W 244 -40.43 13.42 -37.00
C GLY W 244 -41.66 12.62 -36.65
N GLN W 245 -42.70 12.81 -37.48
CA GLN W 245 -43.95 12.09 -37.28
C GLN W 245 -43.84 10.62 -37.69
N LEU W 246 -42.97 10.31 -38.66
CA LEU W 246 -42.74 8.95 -39.13
C LEU W 246 -41.24 8.83 -39.39
N ASN W 247 -40.50 8.36 -38.38
CA ASN W 247 -39.06 8.21 -38.48
C ASN W 247 -38.72 6.89 -39.17
N ALA W 248 -37.71 6.94 -40.04
CA ALA W 248 -37.20 5.76 -40.73
C ALA W 248 -35.68 5.77 -40.60
N ASP W 249 -35.14 4.86 -39.79
CA ASP W 249 -33.70 4.74 -39.62
C ASP W 249 -33.07 4.18 -40.89
N LEU W 250 -31.74 4.19 -40.93
CA LEU W 250 -31.02 3.66 -42.08
C LEU W 250 -31.26 2.17 -42.24
N ARG W 251 -31.46 1.44 -41.14
CA ARG W 251 -31.84 0.04 -41.24
C ARG W 251 -33.28 -0.11 -41.71
N LYS W 252 -34.16 0.79 -41.30
CA LYS W 252 -35.53 0.79 -41.78
C LYS W 252 -35.62 1.09 -43.27
N LEU W 253 -34.67 1.87 -43.81
CA LEU W 253 -34.60 2.07 -45.26
C LEU W 253 -34.05 0.83 -45.97
N ALA W 254 -33.20 0.06 -45.30
CA ALA W 254 -32.55 -1.07 -45.96
C ALA W 254 -33.53 -2.19 -46.25
N VAL W 255 -34.40 -2.52 -45.30
CA VAL W 255 -35.28 -3.67 -45.49
C VAL W 255 -36.33 -3.40 -46.56
N ASN W 256 -36.74 -2.15 -46.71
CA ASN W 256 -37.72 -1.78 -47.74
C ASN W 256 -37.10 -1.67 -49.12
N MET W 257 -35.81 -1.30 -49.21
CA MET W 257 -35.14 -1.05 -50.49
C MET W 257 -34.31 -2.22 -50.99
N VAL W 258 -33.94 -3.16 -50.13
CA VAL W 258 -33.05 -4.27 -50.47
C VAL W 258 -33.87 -5.56 -50.42
N PRO W 259 -34.64 -5.87 -51.48
CA PRO W 259 -35.46 -7.10 -51.44
C PRO W 259 -34.66 -8.39 -51.50
N PHE W 260 -33.44 -8.34 -52.05
CA PHE W 260 -32.54 -9.47 -52.15
C PHE W 260 -31.14 -9.05 -51.71
N PRO W 261 -30.27 -9.97 -51.29
CA PRO W 261 -28.99 -9.54 -50.70
C PRO W 261 -28.05 -8.85 -51.66
N ARG W 262 -28.15 -9.12 -52.96
CA ARG W 262 -27.28 -8.50 -53.97
C ARG W 262 -27.88 -7.26 -54.59
N LEU W 263 -29.22 -7.16 -54.67
CA LEU W 263 -29.89 -6.03 -55.29
C LEU W 263 -30.08 -4.92 -54.26
N HIS W 264 -29.00 -4.16 -54.05
CA HIS W 264 -28.96 -3.03 -53.12
C HIS W 264 -28.29 -1.80 -53.70
N PHE W 265 -28.16 -1.71 -55.03
CA PHE W 265 -27.60 -0.54 -55.70
C PHE W 265 -28.73 0.42 -56.01
N PHE W 266 -28.75 1.55 -55.32
CA PHE W 266 -29.86 2.51 -55.36
C PHE W 266 -29.55 3.62 -56.36
N MET W 267 -30.51 4.52 -56.50
CA MET W 267 -30.48 5.63 -57.46
C MET W 267 -30.96 6.90 -56.77
N PRO W 268 -30.11 7.76 -56.20
CA PRO W 268 -30.61 8.87 -55.39
C PRO W 268 -31.17 10.02 -56.22
N GLY W 269 -31.90 10.89 -55.53
CA GLY W 269 -32.47 12.08 -56.11
C GLY W 269 -32.83 13.06 -55.03
N PHE W 270 -33.04 14.32 -55.43
CA PHE W 270 -33.33 15.39 -54.47
C PHE W 270 -34.15 16.47 -55.14
N ALA W 271 -34.99 17.13 -54.33
CA ALA W 271 -35.84 18.23 -54.75
C ALA W 271 -36.10 19.08 -53.51
N PRO W 272 -36.41 20.38 -53.66
CA PRO W 272 -36.55 21.21 -54.86
C PRO W 272 -35.22 21.60 -55.47
N LEU W 273 -35.12 21.47 -56.80
CA LEU W 273 -33.98 21.92 -57.60
C LEU W 273 -34.50 23.00 -58.53
N THR W 274 -34.35 24.26 -58.12
CA THR W 274 -34.87 25.40 -58.85
C THR W 274 -33.85 26.55 -58.78
N SER W 275 -33.67 27.23 -59.90
CA SER W 275 -32.75 28.36 -59.96
C SER W 275 -33.33 29.56 -59.23
N ARG W 276 -32.46 30.54 -58.98
CA ARG W 276 -32.90 31.77 -58.33
C ARG W 276 -33.81 32.58 -59.23
N GLY W 277 -33.59 32.53 -60.54
CA GLY W 277 -34.45 33.22 -61.48
C GLY W 277 -35.81 32.58 -61.74
N SER W 278 -36.10 31.43 -61.11
CA SER W 278 -37.39 30.76 -61.24
C SER W 278 -37.91 30.24 -59.89
N GLN W 279 -37.42 30.79 -58.77
CA GLN W 279 -37.91 30.36 -57.47
C GLN W 279 -39.28 30.96 -57.16
N GLN W 280 -39.49 32.22 -57.52
CA GLN W 280 -40.77 32.88 -57.26
C GLN W 280 -41.91 32.28 -58.07
N TYR W 281 -41.62 31.66 -59.22
CA TYR W 281 -42.62 31.09 -60.11
C TYR W 281 -42.85 29.60 -59.85
N ARG W 282 -42.73 29.16 -58.60
CA ARG W 282 -42.92 27.77 -58.22
C ARG W 282 -43.62 27.71 -56.87
N ALA W 283 -44.53 26.74 -56.73
CA ALA W 283 -45.26 26.50 -55.49
C ALA W 283 -44.57 25.39 -54.72
N LEU W 284 -44.35 25.62 -53.42
CA LEU W 284 -43.69 24.65 -52.55
C LEU W 284 -44.62 23.52 -52.08
N THR W 285 -45.85 23.45 -52.57
CA THR W 285 -46.74 22.35 -52.20
C THR W 285 -46.21 21.02 -52.74
N VAL W 286 -46.59 19.94 -52.08
CA VAL W 286 -46.05 18.61 -52.37
C VAL W 286 -46.37 18.03 -53.75
N PRO W 287 -47.49 18.32 -54.44
CA PRO W 287 -47.66 17.70 -55.77
C PRO W 287 -46.67 18.20 -56.80
N GLU W 288 -46.25 19.47 -56.72
CA GLU W 288 -45.20 19.95 -57.61
C GLU W 288 -43.85 19.35 -57.24
N LEU W 289 -43.67 18.97 -55.97
CA LEU W 289 -42.45 18.27 -55.55
C LEU W 289 -42.49 16.80 -55.91
N THR W 290 -43.66 16.16 -55.85
CA THR W 290 -43.73 14.73 -56.09
C THR W 290 -43.48 14.41 -57.57
N GLN W 291 -44.02 15.21 -58.48
CA GLN W 291 -43.75 15.02 -59.90
C GLN W 291 -42.28 15.24 -60.24
N GLN W 292 -41.59 16.08 -59.47
CA GLN W 292 -40.15 16.28 -59.67
C GLN W 292 -39.34 15.14 -59.10
N MET W 293 -39.83 14.48 -58.04
CA MET W 293 -39.08 13.38 -57.43
C MET W 293 -39.01 12.18 -58.36
N PHE W 294 -40.17 11.74 -58.86
CA PHE W 294 -40.26 10.58 -59.75
C PHE W 294 -39.98 10.94 -61.21
N ASP W 295 -39.50 12.14 -61.51
CA ASP W 295 -39.20 12.52 -62.88
C ASP W 295 -38.01 11.71 -63.40
N SER W 296 -38.07 11.34 -64.68
CA SER W 296 -37.00 10.57 -65.30
C SER W 296 -35.70 11.33 -65.38
N LYS W 297 -35.75 12.66 -65.49
CA LYS W 297 -34.57 13.50 -65.68
C LYS W 297 -34.06 14.14 -64.39
N ASN W 298 -34.78 14.00 -63.27
CA ASN W 298 -34.38 14.65 -62.03
C ASN W 298 -33.26 13.91 -61.30
N MET W 299 -33.19 12.59 -61.43
CA MET W 299 -32.27 11.79 -60.65
C MET W 299 -30.83 12.04 -61.08
N MET W 300 -29.89 11.69 -60.18
CA MET W 300 -28.46 11.82 -60.42
C MET W 300 -27.83 10.55 -60.99
N ALA W 301 -28.59 9.78 -61.76
CA ALA W 301 -28.08 8.67 -62.55
C ALA W 301 -28.64 8.77 -63.96
N ALA W 302 -27.79 8.45 -64.94
CA ALA W 302 -28.16 8.59 -66.35
C ALA W 302 -29.07 7.48 -66.85
N CYS W 303 -29.35 6.46 -66.05
CA CYS W 303 -30.23 5.38 -66.49
C CYS W 303 -31.67 5.85 -66.48
N ASP W 304 -32.33 5.72 -67.63
CA ASP W 304 -33.71 6.16 -67.76
C ASP W 304 -34.64 5.12 -67.13
N PRO W 305 -35.45 5.47 -66.12
CA PRO W 305 -36.27 4.42 -65.47
C PRO W 305 -37.40 3.91 -66.33
N ARG W 306 -37.83 4.66 -67.36
CA ARG W 306 -38.92 4.21 -68.22
C ARG W 306 -38.55 2.99 -69.06
N HIS W 307 -37.25 2.74 -69.29
CA HIS W 307 -36.80 1.54 -69.97
C HIS W 307 -36.82 0.29 -69.10
N GLY W 308 -37.20 0.41 -67.82
CA GLY W 308 -37.30 -0.73 -66.91
C GLY W 308 -38.48 -0.61 -65.98
N ARG W 309 -38.38 -1.23 -64.80
CA ARG W 309 -39.43 -1.24 -63.80
C ARG W 309 -38.82 -1.09 -62.41
N TYR W 310 -39.43 -0.23 -61.59
CA TYR W 310 -38.92 0.02 -60.24
C TYR W 310 -39.14 -1.20 -59.36
N LEU W 311 -38.05 -1.68 -58.74
CA LEU W 311 -38.17 -2.75 -57.76
C LEU W 311 -38.76 -2.24 -56.45
N THR W 312 -38.24 -1.11 -55.97
CA THR W 312 -38.72 -0.53 -54.72
C THR W 312 -38.10 0.86 -54.59
N VAL W 313 -38.87 1.77 -53.99
CA VAL W 313 -38.53 3.18 -53.93
C VAL W 313 -38.90 3.71 -52.55
N ALA W 314 -38.14 4.71 -52.09
CA ALA W 314 -38.34 5.35 -50.79
C ALA W 314 -38.21 6.86 -50.97
N ALA W 315 -39.03 7.61 -50.23
CA ALA W 315 -39.01 9.07 -50.26
C ALA W 315 -39.10 9.57 -48.83
N ILE W 316 -38.03 10.20 -48.36
CA ILE W 316 -37.94 10.75 -47.00
C ILE W 316 -38.16 12.26 -47.12
N PHE W 317 -39.34 12.71 -46.71
CA PHE W 317 -39.70 14.12 -46.75
C PHE W 317 -39.09 14.86 -45.57
N ARG W 318 -39.14 16.19 -45.65
CA ARG W 318 -38.63 17.06 -44.60
C ARG W 318 -39.50 18.30 -44.50
N GLY W 319 -39.78 18.74 -43.28
CA GLY W 319 -40.55 19.94 -43.01
C GLY W 319 -41.97 19.65 -42.58
N ARG W 320 -42.61 20.61 -41.92
CA ARG W 320 -43.99 20.44 -41.47
C ARG W 320 -44.90 20.47 -42.68
N MET W 321 -45.71 19.42 -42.84
CA MET W 321 -46.58 19.27 -43.99
C MET W 321 -47.77 18.41 -43.61
N SER W 322 -48.73 18.31 -44.53
CA SER W 322 -49.94 17.53 -44.34
C SER W 322 -49.73 16.13 -44.90
N MET W 323 -50.12 15.11 -44.13
CA MET W 323 -49.83 13.73 -44.48
C MET W 323 -50.77 13.21 -45.56
N LYS W 324 -52.00 13.72 -45.62
CA LYS W 324 -52.95 13.24 -46.63
C LYS W 324 -52.48 13.58 -48.03
N GLU W 325 -52.08 14.83 -48.26
CA GLU W 325 -51.51 15.21 -49.55
C GLU W 325 -50.22 14.46 -49.83
N VAL W 326 -49.44 14.14 -48.80
CA VAL W 326 -48.21 13.37 -48.99
C VAL W 326 -48.55 11.94 -49.39
N ASP W 327 -49.42 11.29 -48.63
CA ASP W 327 -49.72 9.88 -48.88
C ASP W 327 -50.47 9.67 -50.18
N GLU W 328 -51.43 10.56 -50.48
CA GLU W 328 -52.21 10.39 -51.70
C GLU W 328 -51.38 10.63 -52.96
N GLN W 329 -50.32 11.43 -52.86
CA GLN W 329 -49.44 11.61 -54.01
C GLN W 329 -48.68 10.33 -54.33
N MET W 330 -48.39 9.52 -53.32
CA MET W 330 -47.75 8.22 -53.56
C MET W 330 -48.70 7.23 -54.23
N LEU W 331 -50.02 7.46 -54.13
CA LEU W 331 -50.98 6.56 -54.77
C LEU W 331 -51.05 6.80 -56.27
N ASN W 332 -51.34 8.03 -56.68
CA ASN W 332 -51.52 8.32 -58.10
C ASN W 332 -50.23 8.25 -58.89
N VAL W 333 -49.07 8.42 -58.23
CA VAL W 333 -47.81 8.39 -58.96
C VAL W 333 -47.46 6.99 -59.44
N GLN W 334 -47.90 5.95 -58.74
CA GLN W 334 -47.57 4.57 -59.07
C GLN W 334 -48.64 3.87 -59.91
N ASN W 335 -49.91 4.17 -59.69
CA ASN W 335 -50.98 3.47 -60.42
C ASN W 335 -51.14 4.00 -61.84
N LYS W 336 -50.94 5.30 -62.05
CA LYS W 336 -50.95 5.85 -63.40
C LYS W 336 -49.77 5.36 -64.24
N ASN W 337 -48.67 4.96 -63.61
CA ASN W 337 -47.45 4.51 -64.27
C ASN W 337 -47.14 3.06 -63.89
N SER W 338 -48.18 2.22 -63.90
CA SER W 338 -48.05 0.82 -63.51
C SER W 338 -47.10 0.04 -64.39
N SER W 339 -46.90 0.45 -65.64
CA SER W 339 -45.91 -0.21 -66.49
C SER W 339 -44.48 -0.05 -65.96
N TYR W 340 -44.19 1.08 -65.32
CA TYR W 340 -42.88 1.35 -64.75
C TYR W 340 -42.75 0.88 -63.29
N PHE W 341 -43.63 -0.02 -62.84
CA PHE W 341 -43.56 -0.60 -61.50
C PHE W 341 -43.92 -2.06 -61.58
N VAL W 342 -43.22 -2.88 -60.79
CA VAL W 342 -43.41 -4.32 -60.82
C VAL W 342 -44.77 -4.69 -60.24
N GLU W 343 -45.45 -5.61 -60.91
CA GLU W 343 -46.76 -6.09 -60.49
C GLU W 343 -46.69 -7.14 -59.38
N TRP W 344 -45.56 -7.79 -59.18
CA TRP W 344 -45.37 -8.77 -58.12
C TRP W 344 -45.02 -8.15 -56.77
N ILE W 345 -45.21 -6.84 -56.60
CA ILE W 345 -45.13 -6.17 -55.31
C ILE W 345 -46.33 -5.23 -55.24
N PRO W 346 -47.15 -5.23 -54.19
CA PRO W 346 -48.36 -4.39 -54.24
C PRO W 346 -48.06 -2.92 -54.04
N ASN W 347 -47.07 -2.59 -53.22
CA ASN W 347 -46.71 -1.20 -52.90
C ASN W 347 -45.19 -1.08 -52.86
N ASN W 348 -44.64 -0.36 -53.82
CA ASN W 348 -43.21 -0.17 -53.94
C ASN W 348 -42.67 1.04 -53.19
N VAL W 349 -43.54 1.93 -52.70
CA VAL W 349 -43.13 3.21 -52.12
C VAL W 349 -42.98 3.06 -50.61
N LYS W 350 -41.97 3.73 -50.06
CA LYS W 350 -41.73 3.82 -48.63
C LYS W 350 -41.76 5.30 -48.24
N THR W 351 -42.51 5.62 -47.19
CA THR W 351 -42.78 6.99 -46.78
C THR W 351 -42.03 7.32 -45.49
N ALA W 352 -41.67 8.58 -45.34
CA ALA W 352 -41.02 9.08 -44.14
C ALA W 352 -41.02 10.60 -44.21
N VAL W 353 -41.11 11.25 -43.04
CA VAL W 353 -41.20 12.70 -42.95
C VAL W 353 -40.54 13.15 -41.66
N CYS W 354 -40.04 14.40 -41.66
CA CYS W 354 -39.43 15.03 -40.51
C CYS W 354 -40.01 16.42 -40.32
N ASP W 355 -39.96 16.90 -39.07
CA ASP W 355 -40.53 18.19 -38.69
C ASP W 355 -39.56 19.36 -38.79
N ILE W 356 -38.28 19.10 -39.10
CA ILE W 356 -37.22 20.12 -39.06
C ILE W 356 -36.61 20.21 -40.47
N PRO W 357 -37.03 21.13 -41.34
CA PRO W 357 -36.48 21.12 -42.71
C PRO W 357 -35.09 21.72 -42.75
N PRO W 358 -34.44 21.73 -43.91
CA PRO W 358 -33.15 22.42 -44.02
C PRO W 358 -33.28 23.92 -43.80
N ARG W 359 -32.16 24.55 -43.49
CA ARG W 359 -32.14 25.99 -43.31
C ARG W 359 -32.25 26.69 -44.65
N GLY W 360 -33.18 27.64 -44.75
CA GLY W 360 -33.45 28.35 -45.98
C GLY W 360 -34.54 27.76 -46.86
N LEU W 361 -35.04 26.56 -46.54
CA LEU W 361 -36.10 25.90 -47.27
C LEU W 361 -37.14 25.36 -46.29
N LYS W 362 -38.41 25.55 -46.63
CA LYS W 362 -39.54 25.11 -45.80
C LYS W 362 -40.04 23.72 -46.17
N MET W 363 -39.84 23.29 -47.42
CA MET W 363 -40.31 22.00 -47.92
C MET W 363 -39.21 21.37 -48.74
N SER W 364 -38.94 20.09 -48.48
CA SER W 364 -37.91 19.37 -49.22
C SER W 364 -38.07 17.88 -49.00
N ALA W 365 -37.41 17.10 -49.84
CA ALA W 365 -37.45 15.65 -49.77
C ALA W 365 -36.27 15.09 -50.55
N THR W 366 -35.99 13.80 -50.32
CA THR W 366 -34.94 13.07 -51.01
C THR W 366 -35.53 11.80 -51.60
N PHE W 367 -35.17 11.55 -52.87
CA PHE W 367 -35.68 10.41 -53.64
C PHE W 367 -34.64 9.31 -53.62
N ILE W 368 -35.06 8.11 -53.21
CA ILE W 368 -34.21 6.93 -53.12
C ILE W 368 -34.94 5.82 -53.86
N GLY W 369 -34.31 5.30 -54.92
CA GLY W 369 -34.93 4.34 -55.81
C GLY W 369 -34.02 3.21 -56.22
N ASN W 370 -34.51 1.97 -56.07
CA ASN W 370 -33.85 0.76 -56.58
C ASN W 370 -34.66 0.31 -57.79
N SER W 371 -34.10 0.53 -58.99
CA SER W 371 -34.76 0.27 -60.25
C SER W 371 -33.91 -0.69 -61.09
N THR W 372 -34.58 -1.41 -61.97
CA THR W 372 -33.91 -2.31 -62.91
C THR W 372 -33.25 -1.58 -64.08
N ALA W 373 -33.44 -0.26 -64.21
CA ALA W 373 -32.74 0.49 -65.25
C ALA W 373 -31.24 0.61 -64.97
N ILE W 374 -30.80 0.36 -63.74
CA ILE W 374 -29.38 0.45 -63.41
C ILE W 374 -28.52 -0.57 -64.14
N GLN W 375 -29.11 -1.65 -64.67
CA GLN W 375 -28.35 -2.62 -65.44
C GLN W 375 -27.78 -2.03 -66.74
N GLU W 376 -28.38 -0.95 -67.26
CA GLU W 376 -27.81 -0.27 -68.41
C GLU W 376 -26.43 0.28 -68.10
N LEU W 377 -26.22 0.77 -66.88
CA LEU W 377 -24.89 1.19 -66.46
C LEU W 377 -23.95 0.00 -66.36
N PHE W 378 -24.44 -1.11 -65.81
CA PHE W 378 -23.63 -2.32 -65.73
C PHE W 378 -23.41 -2.92 -67.12
N LYS W 379 -24.33 -2.69 -68.06
CA LYS W 379 -24.11 -3.13 -69.43
C LYS W 379 -22.93 -2.41 -70.06
N ARG W 380 -22.97 -1.08 -70.08
CA ARG W 380 -21.92 -0.30 -70.74
C ARG W 380 -20.58 -0.42 -70.01
N ILE W 381 -20.62 -0.54 -68.68
CA ILE W 381 -19.38 -0.72 -67.93
C ILE W 381 -18.79 -2.09 -68.22
N SER W 382 -19.64 -3.11 -68.37
CA SER W 382 -19.15 -4.45 -68.66
C SER W 382 -18.57 -4.53 -70.06
N GLU W 383 -19.19 -3.87 -71.03
CA GLU W 383 -18.68 -3.90 -72.39
C GLU W 383 -17.36 -3.16 -72.52
N GLN W 384 -17.19 -2.07 -71.76
CA GLN W 384 -15.90 -1.37 -71.76
C GLN W 384 -14.83 -2.21 -71.11
N PHE W 385 -15.17 -2.98 -70.08
CA PHE W 385 -14.21 -3.87 -69.44
C PHE W 385 -13.88 -5.06 -70.35
N THR W 386 -14.90 -5.65 -70.96
CA THR W 386 -14.66 -6.79 -71.85
C THR W 386 -13.93 -6.36 -73.12
N ALA W 387 -14.15 -5.13 -73.58
CA ALA W 387 -13.47 -4.64 -74.77
C ALA W 387 -11.97 -4.48 -74.56
N MET W 388 -11.56 -4.07 -73.36
CA MET W 388 -10.15 -3.89 -73.02
C MET W 388 -9.51 -5.14 -72.45
N PHE W 389 -10.30 -6.01 -71.82
CA PHE W 389 -9.78 -7.23 -71.21
C PHE W 389 -9.55 -8.36 -72.23
N ARG W 390 -10.27 -8.36 -73.34
CA ARG W 390 -10.20 -9.48 -74.28
C ARG W 390 -8.85 -9.60 -74.97
N ARG W 391 -8.04 -8.53 -74.98
CA ARG W 391 -6.65 -8.57 -75.43
C ARG W 391 -5.66 -8.23 -74.33
N LYS W 392 -6.07 -8.25 -73.05
CA LYS W 392 -5.18 -8.05 -71.91
C LYS W 392 -4.52 -6.68 -71.93
N ALA W 393 -5.30 -5.66 -72.30
CA ALA W 393 -4.80 -4.29 -72.33
C ALA W 393 -4.76 -3.70 -70.93
N PHE W 394 -3.66 -3.02 -70.62
CA PHE W 394 -3.48 -2.30 -69.36
C PHE W 394 -3.54 -3.25 -68.14
N LEU W 395 -3.10 -4.50 -68.32
CA LEU W 395 -3.07 -5.49 -67.24
C LEU W 395 -1.67 -5.75 -66.69
N HIS W 396 -0.62 -5.42 -67.45
CA HIS W 396 0.74 -5.73 -66.99
C HIS W 396 1.14 -4.88 -65.79
N TRP W 397 0.55 -3.68 -65.66
CA TRP W 397 0.80 -2.89 -64.46
C TRP W 397 0.18 -3.52 -63.23
N TYR W 398 -0.98 -4.16 -63.38
CA TYR W 398 -1.62 -4.81 -62.23
C TYR W 398 -0.86 -6.06 -61.80
N THR W 399 -0.28 -6.78 -62.75
CA THR W 399 0.48 -7.99 -62.41
C THR W 399 1.77 -7.67 -61.66
N GLY W 400 2.29 -6.45 -61.76
CA GLY W 400 3.47 -6.08 -61.02
C GLY W 400 3.31 -6.15 -59.51
N GLU W 401 2.10 -5.91 -59.01
CA GLU W 401 1.80 -6.01 -57.59
C GLU W 401 1.37 -7.41 -57.17
N GLY W 402 1.60 -8.43 -58.01
CA GLY W 402 1.23 -9.79 -57.69
C GLY W 402 -0.21 -10.16 -57.93
N MET W 403 -0.95 -9.35 -58.70
CA MET W 403 -2.35 -9.64 -58.98
C MET W 403 -2.46 -10.59 -60.17
N ASP W 404 -3.41 -11.52 -60.06
CA ASP W 404 -3.65 -12.54 -61.07
C ASP W 404 -4.75 -12.10 -62.02
N GLU W 405 -4.64 -12.53 -63.28
CA GLU W 405 -5.64 -12.23 -64.29
C GLU W 405 -6.95 -12.98 -64.06
N MET W 406 -6.93 -14.06 -63.29
CA MET W 406 -8.17 -14.77 -62.98
C MET W 406 -9.11 -13.92 -62.13
N GLU W 407 -8.56 -13.06 -61.28
CA GLU W 407 -9.40 -12.18 -60.46
C GLU W 407 -10.17 -11.18 -61.34
N PHE W 408 -9.57 -10.76 -62.46
CA PHE W 408 -10.31 -9.96 -63.42
C PHE W 408 -11.43 -10.77 -64.05
N THR W 409 -11.19 -12.06 -64.32
CA THR W 409 -12.24 -12.92 -64.86
C THR W 409 -13.29 -13.20 -63.81
N GLU W 410 -12.88 -13.39 -62.55
CA GLU W 410 -13.84 -13.56 -61.47
C GLU W 410 -14.67 -12.29 -61.26
N ALA W 411 -14.05 -11.12 -61.39
CA ALA W 411 -14.82 -9.88 -61.36
C ALA W 411 -15.75 -9.79 -62.57
N GLU W 412 -15.32 -10.32 -63.71
CA GLU W 412 -16.19 -10.35 -64.89
C GLU W 412 -17.34 -11.33 -64.69
N SER W 413 -17.11 -12.43 -63.97
CA SER W 413 -18.19 -13.37 -63.68
C SER W 413 -19.25 -12.73 -62.79
N ASN W 414 -18.82 -11.94 -61.82
CA ASN W 414 -19.77 -11.23 -60.97
C ASN W 414 -20.54 -10.17 -61.74
N MET W 415 -19.95 -9.60 -62.79
CA MET W 415 -20.60 -8.50 -63.50
C MET W 415 -21.81 -8.98 -64.27
N ASN W 416 -21.66 -10.04 -65.08
CA ASN W 416 -22.80 -10.57 -65.81
C ASN W 416 -23.83 -11.22 -64.89
N ASP W 417 -23.41 -11.69 -63.72
CA ASP W 417 -24.36 -12.29 -62.78
C ASP W 417 -25.33 -11.25 -62.23
N LEU W 418 -24.80 -10.15 -61.69
CA LEU W 418 -25.68 -9.11 -61.16
C LEU W 418 -26.45 -8.42 -62.28
N VAL W 419 -25.90 -8.39 -63.50
CA VAL W 419 -26.66 -7.89 -64.65
C VAL W 419 -27.85 -8.80 -64.92
N SER W 420 -27.61 -10.11 -64.94
CA SER W 420 -28.70 -11.06 -65.16
C SER W 420 -29.66 -11.09 -63.98
N GLU W 421 -29.19 -10.75 -62.77
CA GLU W 421 -30.08 -10.70 -61.63
C GLU W 421 -31.12 -9.60 -61.78
N TYR W 422 -30.68 -8.41 -62.19
CA TYR W 422 -31.62 -7.33 -62.47
C TYR W 422 -32.54 -7.66 -63.65
N GLN W 423 -32.05 -8.44 -64.62
CA GLN W 423 -32.89 -8.84 -65.76
C GLN W 423 -33.92 -9.88 -65.37
N GLN W 424 -33.68 -10.64 -64.30
CA GLN W 424 -34.65 -11.62 -63.82
C GLN W 424 -35.94 -10.94 -63.38
N TYR W 425 -35.82 -9.80 -62.68
CA TYR W 425 -36.95 -9.10 -62.09
C TYR W 425 -37.43 -7.92 -62.94
N GLN W 426 -37.36 -8.06 -64.26
CA GLN W 426 -37.88 -7.07 -65.20
C GLN W 426 -38.71 -7.76 -66.28
N ALA X 28 -25.86 -36.95 -70.11
CA ALA X 28 -26.19 -35.60 -70.55
C ALA X 28 -27.04 -34.88 -69.50
N GLU X 29 -28.10 -35.55 -69.06
CA GLU X 29 -29.01 -35.02 -68.04
C GLU X 29 -29.47 -36.17 -67.15
N CYS X 30 -29.24 -36.04 -65.85
CA CYS X 30 -29.61 -37.04 -64.85
C CYS X 30 -30.37 -36.37 -63.72
N ASN X 31 -31.49 -36.97 -63.32
CA ASN X 31 -32.31 -36.40 -62.25
C ASN X 31 -31.65 -36.64 -60.89
N ILE X 32 -31.75 -35.63 -60.02
CA ILE X 32 -31.19 -35.72 -58.67
C ILE X 32 -32.08 -36.67 -57.88
N LYS X 33 -31.45 -37.69 -57.29
CA LYS X 33 -32.20 -38.68 -56.51
C LYS X 33 -32.62 -38.08 -55.18
N VAL X 34 -33.93 -38.08 -54.91
CA VAL X 34 -34.52 -37.55 -53.69
C VAL X 34 -35.03 -38.72 -52.88
N MET X 35 -34.41 -38.95 -51.71
CA MET X 35 -34.78 -40.00 -50.78
C MET X 35 -35.14 -39.38 -49.43
N CYS X 36 -35.90 -40.13 -48.63
CA CYS X 36 -36.39 -39.70 -47.33
C CYS X 36 -36.05 -40.75 -46.27
N ARG X 37 -35.88 -40.29 -45.03
CA ARG X 37 -35.58 -41.17 -43.91
C ARG X 37 -36.26 -40.61 -42.66
N PHE X 38 -37.05 -41.45 -41.99
CA PHE X 38 -37.58 -41.18 -40.66
C PHE X 38 -36.81 -42.00 -39.63
N ARG X 39 -36.77 -41.48 -38.40
CA ARG X 39 -36.04 -42.07 -37.28
C ARG X 39 -36.99 -42.51 -36.18
N PRO X 40 -36.52 -43.23 -35.16
CA PRO X 40 -37.36 -43.45 -33.97
C PRO X 40 -37.47 -42.18 -33.14
N LEU X 41 -38.43 -42.21 -32.21
CA LEU X 41 -38.62 -41.09 -31.31
C LEU X 41 -37.53 -41.07 -30.24
N ASN X 42 -36.91 -39.91 -30.06
CA ASN X 42 -35.82 -39.76 -29.09
C ASN X 42 -36.42 -39.60 -27.69
N GLU X 43 -35.57 -39.32 -26.71
CA GLU X 43 -36.02 -39.26 -25.32
C GLU X 43 -36.89 -38.04 -25.04
N SER X 44 -36.66 -36.93 -25.74
CA SER X 44 -37.40 -35.71 -25.47
C SER X 44 -38.81 -35.72 -26.06
N GLU X 45 -39.12 -36.63 -27.00
CA GLU X 45 -40.43 -36.69 -27.65
C GLU X 45 -41.35 -37.74 -27.05
N VAL X 46 -40.83 -38.89 -26.62
CA VAL X 46 -41.69 -39.93 -26.09
C VAL X 46 -42.28 -39.53 -24.75
N ASN X 47 -41.53 -38.79 -23.92
CA ASN X 47 -42.05 -38.35 -22.63
C ASN X 47 -43.08 -37.23 -22.76
N ARG X 48 -43.01 -36.43 -23.84
CA ARG X 48 -44.02 -35.40 -24.05
C ARG X 48 -45.34 -36.00 -24.53
N GLY X 49 -45.28 -37.08 -25.31
CA GLY X 49 -46.44 -37.81 -25.74
C GLY X 49 -46.83 -37.56 -27.18
N ASP X 50 -45.83 -37.39 -28.05
CA ASP X 50 -46.09 -37.15 -29.46
C ASP X 50 -46.49 -38.44 -30.16
N LYS X 51 -47.43 -38.32 -31.11
CA LYS X 51 -47.96 -39.46 -31.83
C LYS X 51 -47.12 -39.73 -33.08
N TYR X 52 -47.00 -41.01 -33.42
CA TYR X 52 -46.19 -41.45 -34.56
C TYR X 52 -47.01 -41.27 -35.83
N ILE X 53 -46.85 -40.12 -36.49
CA ILE X 53 -47.64 -39.79 -37.68
C ILE X 53 -47.05 -40.36 -38.97
N ALA X 54 -45.83 -40.91 -38.94
CA ALA X 54 -45.19 -41.36 -40.16
C ALA X 54 -45.86 -42.64 -40.66
N LYS X 55 -46.51 -42.53 -41.82
CA LYS X 55 -47.19 -43.64 -42.49
C LYS X 55 -46.53 -43.86 -43.85
N PHE X 56 -46.03 -45.08 -44.04
CA PHE X 56 -45.31 -45.46 -45.25
C PHE X 56 -46.20 -46.31 -46.15
N GLN X 57 -46.05 -46.12 -47.46
CA GLN X 57 -46.78 -46.88 -48.48
C GLN X 57 -45.75 -47.32 -49.51
N GLY X 58 -45.22 -48.53 -49.35
CA GLY X 58 -44.16 -49.00 -50.22
C GLY X 58 -42.85 -48.27 -49.95
N GLU X 59 -42.00 -48.25 -50.97
CA GLU X 59 -40.67 -47.64 -50.89
C GLU X 59 -40.62 -46.24 -51.47
N ASP X 60 -41.40 -45.96 -52.51
CA ASP X 60 -41.25 -44.71 -53.26
C ASP X 60 -41.99 -43.54 -52.62
N THR X 61 -43.17 -43.77 -52.04
CA THR X 61 -44.06 -42.73 -51.55
C THR X 61 -44.31 -42.91 -50.05
N VAL X 62 -44.60 -41.79 -49.37
CA VAL X 62 -44.93 -41.76 -47.95
C VAL X 62 -46.17 -40.89 -47.77
N VAL X 63 -47.03 -41.29 -46.84
CA VAL X 63 -48.28 -40.61 -46.55
C VAL X 63 -48.12 -39.89 -45.21
N ILE X 64 -48.47 -38.60 -45.19
CA ILE X 64 -48.42 -37.77 -43.99
C ILE X 64 -49.71 -36.94 -43.96
N ALA X 65 -50.55 -37.20 -42.96
CA ALA X 65 -51.81 -36.48 -42.78
C ALA X 65 -52.73 -36.65 -43.99
N SER X 66 -52.78 -37.88 -44.50
CA SER X 66 -53.60 -38.23 -45.66
C SER X 66 -53.19 -37.44 -46.90
N LYS X 67 -51.89 -37.27 -47.10
CA LYS X 67 -51.30 -36.59 -48.24
C LYS X 67 -50.10 -37.39 -48.75
N PRO X 68 -50.17 -38.05 -49.92
CA PRO X 68 -48.97 -38.75 -50.40
C PRO X 68 -47.89 -37.79 -50.87
N TYR X 69 -46.64 -38.22 -50.69
CA TYR X 69 -45.46 -37.48 -51.15
C TYR X 69 -44.54 -38.49 -51.83
N ALA X 70 -44.46 -38.41 -53.16
CA ALA X 70 -43.70 -39.37 -53.95
C ALA X 70 -42.22 -39.04 -53.91
N PHE X 71 -41.39 -40.06 -53.69
CA PHE X 71 -39.93 -39.94 -53.71
C PHE X 71 -39.34 -41.15 -54.43
N ASP X 72 -38.02 -41.26 -54.48
CA ASP X 72 -37.36 -42.41 -55.08
C ASP X 72 -37.31 -43.59 -54.11
N ARG X 73 -36.94 -43.32 -52.85
CA ARG X 73 -36.82 -44.36 -51.84
C ARG X 73 -36.98 -43.72 -50.47
N VAL X 74 -37.95 -44.20 -49.70
CA VAL X 74 -38.22 -43.74 -48.34
C VAL X 74 -37.73 -44.81 -47.37
N PHE X 75 -36.91 -44.39 -46.40
CA PHE X 75 -36.36 -45.29 -45.39
C PHE X 75 -37.18 -45.16 -44.12
N GLN X 76 -37.52 -46.31 -43.52
CA GLN X 76 -38.35 -46.34 -42.33
C GLN X 76 -37.48 -46.18 -41.08
N SER X 77 -38.09 -46.19 -39.90
CA SER X 77 -37.36 -46.02 -38.66
C SER X 77 -36.46 -47.22 -38.35
N SER X 78 -36.86 -48.42 -38.75
CA SER X 78 -36.08 -49.62 -38.50
C SER X 78 -34.89 -49.78 -39.44
N THR X 79 -34.69 -48.87 -40.39
CA THR X 79 -33.57 -48.99 -41.31
C THR X 79 -32.27 -48.68 -40.58
N SER X 80 -31.35 -49.64 -40.57
CA SER X 80 -30.08 -49.49 -39.87
C SER X 80 -29.14 -48.60 -40.67
N GLN X 81 -27.94 -48.37 -40.12
CA GLN X 81 -26.98 -47.49 -40.78
C GLN X 81 -26.44 -48.12 -42.06
N GLU X 82 -26.16 -49.43 -42.03
CA GLU X 82 -25.61 -50.09 -43.21
C GLU X 82 -26.64 -50.19 -44.32
N GLN X 83 -27.92 -50.33 -43.96
CA GLN X 83 -28.97 -50.47 -44.98
C GLN X 83 -29.16 -49.17 -45.76
N VAL X 84 -29.04 -48.01 -45.10
CA VAL X 84 -29.20 -46.74 -45.79
C VAL X 84 -28.04 -46.51 -46.75
N TYR X 85 -26.83 -46.90 -46.35
CA TYR X 85 -25.65 -46.66 -47.17
C TYR X 85 -25.70 -47.49 -48.45
N ASN X 86 -26.06 -48.77 -48.33
CA ASN X 86 -26.10 -49.64 -49.51
C ASN X 86 -27.20 -49.24 -50.49
N ASP X 87 -28.26 -48.58 -50.03
CA ASP X 87 -29.36 -48.18 -50.89
C ASP X 87 -29.14 -46.84 -51.57
N CYS X 88 -28.55 -45.86 -50.86
CA CYS X 88 -28.45 -44.49 -51.35
C CYS X 88 -27.13 -44.22 -52.06
N ALA X 89 -26.01 -44.35 -51.35
CA ALA X 89 -24.71 -43.89 -51.81
C ALA X 89 -23.81 -45.02 -52.30
N LYS X 90 -24.38 -46.18 -52.65
CA LYS X 90 -23.58 -47.29 -53.15
C LYS X 90 -23.15 -47.04 -54.60
N LYS X 91 -24.09 -46.68 -55.47
CA LYS X 91 -23.77 -46.39 -56.86
C LYS X 91 -23.02 -45.09 -57.04
N ILE X 92 -23.12 -44.16 -56.09
CA ILE X 92 -22.41 -42.88 -56.21
C ILE X 92 -20.90 -43.08 -56.13
N VAL X 93 -20.45 -44.11 -55.40
CA VAL X 93 -19.03 -44.41 -55.34
C VAL X 93 -18.53 -44.87 -56.70
N LYS X 94 -19.38 -45.59 -57.45
CA LYS X 94 -19.02 -46.00 -58.80
C LYS X 94 -19.06 -44.83 -59.78
N ASP X 95 -20.02 -43.91 -59.59
CA ASP X 95 -20.16 -42.80 -60.52
C ASP X 95 -19.03 -41.79 -60.38
N VAL X 96 -18.63 -41.49 -59.14
CA VAL X 96 -17.57 -40.50 -58.93
C VAL X 96 -16.20 -41.01 -59.37
N LEU X 97 -15.98 -42.32 -59.35
CA LEU X 97 -14.75 -42.93 -59.84
C LEU X 97 -14.74 -43.12 -61.35
N GLU X 98 -15.91 -43.14 -62.00
CA GLU X 98 -15.96 -43.25 -63.46
C GLU X 98 -15.38 -42.04 -64.16
N GLY X 99 -15.41 -40.86 -63.53
CA GLY X 99 -14.92 -39.63 -64.11
C GLY X 99 -15.75 -38.41 -63.75
N TYR X 100 -17.01 -38.61 -63.37
CA TYR X 100 -17.89 -37.52 -63.01
C TYR X 100 -17.63 -37.10 -61.56
N ASN X 101 -18.33 -36.04 -61.14
CA ASN X 101 -18.26 -35.53 -59.78
C ASN X 101 -19.37 -36.12 -58.93
N GLY X 102 -19.29 -35.89 -57.64
CA GLY X 102 -20.29 -36.39 -56.70
C GLY X 102 -20.52 -35.41 -55.57
N THR X 103 -21.74 -35.40 -55.06
CA THR X 103 -22.10 -34.53 -53.94
C THR X 103 -23.33 -35.11 -53.26
N ILE X 104 -23.26 -35.23 -51.93
CA ILE X 104 -24.37 -35.70 -51.10
C ILE X 104 -24.49 -34.78 -49.90
N PHE X 105 -25.72 -34.38 -49.59
CA PHE X 105 -25.99 -33.49 -48.47
C PHE X 105 -27.36 -33.80 -47.89
N ALA X 106 -27.58 -33.38 -46.65
CA ALA X 106 -28.77 -33.69 -45.88
C ALA X 106 -29.47 -32.40 -45.47
N TYR X 107 -30.77 -32.32 -45.74
CA TYR X 107 -31.62 -31.20 -45.38
C TYR X 107 -32.67 -31.65 -44.38
N GLY X 108 -32.96 -30.78 -43.42
CA GLY X 108 -33.95 -31.09 -42.40
C GLY X 108 -33.81 -30.16 -41.22
N GLN X 109 -34.66 -30.42 -40.22
CA GLN X 109 -34.73 -29.63 -39.00
C GLN X 109 -33.85 -30.25 -37.92
N THR X 110 -33.68 -29.53 -36.81
CA THR X 110 -32.86 -30.01 -35.70
C THR X 110 -33.49 -31.25 -35.08
N SER X 111 -32.63 -32.18 -34.67
CA SER X 111 -32.99 -33.48 -34.11
C SER X 111 -33.68 -34.40 -35.12
N SER X 112 -33.56 -34.11 -36.41
CA SER X 112 -34.16 -34.96 -37.44
C SER X 112 -33.32 -36.19 -37.74
N GLY X 113 -32.02 -36.17 -37.43
CA GLY X 113 -31.14 -37.31 -37.61
C GLY X 113 -30.20 -37.16 -38.78
N LYS X 114 -29.70 -35.93 -38.99
CA LYS X 114 -28.73 -35.65 -40.05
C LYS X 114 -27.31 -35.99 -39.62
N THR X 115 -26.94 -35.62 -38.40
CA THR X 115 -25.60 -35.93 -37.90
C THR X 115 -25.40 -37.42 -37.71
N HIS X 116 -26.40 -38.11 -37.12
CA HIS X 116 -26.29 -39.55 -36.92
C HIS X 116 -26.28 -40.30 -38.25
N THR X 117 -26.96 -39.77 -39.26
CA THR X 117 -26.98 -40.43 -40.56
C THR X 117 -25.60 -40.42 -41.21
N MET X 118 -24.93 -39.26 -41.19
CA MET X 118 -23.64 -39.09 -41.83
C MET X 118 -22.47 -39.40 -40.91
N GLU X 119 -22.46 -38.82 -39.70
CA GLU X 119 -21.37 -39.00 -38.76
C GLU X 119 -21.56 -40.26 -37.91
N GLY X 120 -22.67 -40.33 -37.18
CA GLY X 120 -22.91 -41.45 -36.30
C GLY X 120 -21.88 -41.53 -35.18
N LYS X 121 -21.40 -42.76 -34.94
CA LYS X 121 -20.28 -43.04 -34.05
C LYS X 121 -19.23 -43.77 -34.87
N LEU X 122 -18.13 -43.08 -35.18
CA LEU X 122 -17.22 -43.53 -36.23
C LEU X 122 -16.48 -44.81 -35.86
N HIS X 123 -16.13 -44.99 -34.59
CA HIS X 123 -15.26 -46.09 -34.18
C HIS X 123 -15.99 -47.43 -34.09
N ASP X 124 -17.33 -47.46 -34.16
CA ASP X 124 -18.10 -48.70 -34.09
C ASP X 124 -18.34 -49.25 -35.49
N PRO X 125 -18.43 -50.58 -35.73
CA PRO X 125 -18.75 -51.03 -37.08
C PRO X 125 -20.18 -50.73 -37.51
N GLU X 126 -21.16 -50.89 -36.62
CA GLU X 126 -22.56 -50.71 -36.95
C GLU X 126 -23.04 -49.27 -36.82
N GLY X 127 -22.69 -48.60 -35.72
CA GLY X 127 -23.14 -47.26 -35.48
C GLY X 127 -22.49 -46.17 -36.31
N MET X 128 -21.51 -46.51 -37.14
CA MET X 128 -20.85 -45.49 -37.95
C MET X 128 -21.77 -45.05 -39.09
N GLY X 129 -21.71 -43.76 -39.41
CA GLY X 129 -22.57 -43.17 -40.42
C GLY X 129 -22.08 -43.42 -41.83
N ILE X 130 -22.28 -42.42 -42.69
CA ILE X 130 -22.01 -42.59 -44.12
C ILE X 130 -20.58 -42.21 -44.45
N ILE X 131 -20.07 -41.13 -43.86
CA ILE X 131 -18.78 -40.56 -44.27
C ILE X 131 -17.59 -41.47 -43.98
N PRO X 132 -17.59 -42.39 -42.95
CA PRO X 132 -16.53 -43.42 -42.95
C PRO X 132 -16.78 -44.53 -43.97
N ARG X 133 -18.05 -44.86 -44.20
CA ARG X 133 -18.38 -45.87 -45.20
C ARG X 133 -18.02 -45.41 -46.59
N ILE X 134 -18.12 -44.11 -46.88
CA ILE X 134 -17.68 -43.58 -48.17
C ILE X 134 -16.17 -43.73 -48.31
N VAL X 135 -15.44 -43.49 -47.22
CA VAL X 135 -13.98 -43.61 -47.26
C VAL X 135 -13.57 -45.07 -47.44
N GLN X 136 -14.23 -45.98 -46.71
CA GLN X 136 -13.83 -47.38 -46.77
C GLN X 136 -14.12 -48.00 -48.13
N ASP X 137 -15.22 -47.60 -48.78
CA ASP X 137 -15.57 -48.16 -50.07
C ASP X 137 -14.61 -47.69 -51.16
N ILE X 138 -14.08 -46.47 -51.05
CA ILE X 138 -13.16 -45.95 -52.05
C ILE X 138 -11.85 -46.74 -52.02
N PHE X 139 -11.30 -46.95 -50.82
CA PHE X 139 -10.06 -47.69 -50.71
C PHE X 139 -10.25 -49.18 -50.98
N ASN X 140 -11.38 -49.76 -50.58
CA ASN X 140 -11.66 -51.15 -50.91
C ASN X 140 -11.82 -51.34 -52.41
N TYR X 141 -12.36 -50.34 -53.12
CA TYR X 141 -12.46 -50.43 -54.57
C TYR X 141 -11.10 -50.30 -55.24
N ILE X 142 -10.19 -49.51 -54.66
CA ILE X 142 -8.86 -49.35 -55.24
C ILE X 142 -8.07 -50.64 -55.12
N TYR X 143 -8.24 -51.38 -54.02
CA TYR X 143 -7.55 -52.65 -53.85
C TYR X 143 -8.05 -53.68 -54.86
N SER X 144 -9.32 -53.61 -55.26
CA SER X 144 -9.87 -54.50 -56.26
C SER X 144 -9.43 -54.15 -57.68
N MET X 145 -9.07 -52.90 -57.93
CA MET X 145 -8.58 -52.49 -59.24
C MET X 145 -7.13 -52.93 -59.44
N ASP X 146 -6.69 -52.91 -60.69
CA ASP X 146 -5.34 -53.33 -61.04
C ASP X 146 -4.32 -52.32 -60.51
N GLU X 147 -3.06 -52.76 -60.45
CA GLU X 147 -2.01 -51.95 -59.84
C GLU X 147 -1.66 -50.73 -60.67
N ASN X 148 -1.83 -50.80 -62.00
CA ASN X 148 -1.38 -49.71 -62.87
C ASN X 148 -2.20 -48.44 -62.71
N LEU X 149 -3.39 -48.50 -62.13
CA LEU X 149 -4.20 -47.30 -61.90
C LEU X 149 -3.68 -46.59 -60.65
N GLU X 150 -2.97 -45.48 -60.85
CA GLU X 150 -2.42 -44.70 -59.75
C GLU X 150 -3.46 -43.68 -59.30
N PHE X 151 -3.73 -43.67 -57.99
CA PHE X 151 -4.70 -42.79 -57.36
C PHE X 151 -3.99 -41.74 -56.52
N HIS X 152 -4.43 -40.48 -56.65
CA HIS X 152 -3.92 -39.36 -55.88
C HIS X 152 -5.11 -38.70 -55.18
N ILE X 153 -5.34 -39.08 -53.94
CA ILE X 153 -6.48 -38.62 -53.14
C ILE X 153 -5.95 -37.59 -52.15
N LYS X 154 -6.61 -36.43 -52.10
CA LYS X 154 -6.33 -35.37 -51.15
C LYS X 154 -7.64 -34.93 -50.50
N VAL X 155 -7.60 -34.75 -49.18
CA VAL X 155 -8.78 -34.47 -48.37
C VAL X 155 -8.73 -33.03 -47.87
N SER X 156 -9.91 -32.46 -47.69
CA SER X 156 -10.07 -31.12 -47.14
C SER X 156 -11.32 -31.10 -46.29
N TYR X 157 -11.33 -30.25 -45.26
CA TYR X 157 -12.43 -30.20 -44.31
C TYR X 157 -12.50 -28.82 -43.70
N PHE X 158 -13.62 -28.12 -43.91
CA PHE X 158 -13.85 -26.81 -43.33
C PHE X 158 -15.34 -26.68 -43.01
N GLU X 159 -15.69 -25.57 -42.37
CA GLU X 159 -17.04 -25.33 -41.87
C GLU X 159 -17.35 -23.84 -41.96
N ILE X 160 -18.62 -23.53 -42.22
CA ILE X 160 -19.08 -22.15 -42.45
C ILE X 160 -19.83 -21.73 -41.19
N TYR X 161 -19.15 -20.97 -40.33
CA TYR X 161 -19.62 -20.64 -38.99
C TYR X 161 -19.46 -19.14 -38.76
N LEU X 162 -20.56 -18.48 -38.40
CA LEU X 162 -20.62 -17.03 -38.21
C LEU X 162 -20.16 -16.32 -39.49
N ASP X 163 -20.76 -16.74 -40.62
CA ASP X 163 -20.48 -16.27 -42.00
C ASP X 163 -18.98 -16.20 -42.31
N LYS X 164 -18.21 -17.17 -41.80
CA LYS X 164 -16.79 -17.30 -42.07
C LYS X 164 -16.45 -18.78 -42.28
N ILE X 165 -15.61 -19.05 -43.27
CA ILE X 165 -15.21 -20.42 -43.61
C ILE X 165 -13.96 -20.71 -42.77
N ARG X 166 -14.19 -21.22 -41.56
CA ARG X 166 -13.10 -21.60 -40.66
C ARG X 166 -12.63 -23.01 -40.97
N ASP X 167 -11.32 -23.18 -41.09
CA ASP X 167 -10.72 -24.49 -41.30
C ASP X 167 -10.52 -25.19 -39.96
N LEU X 168 -10.83 -26.49 -39.95
CA LEU X 168 -10.71 -27.33 -38.76
C LEU X 168 -9.45 -28.20 -38.78
N LEU X 169 -8.88 -28.47 -39.95
CA LEU X 169 -7.61 -29.17 -40.02
C LEU X 169 -6.45 -28.33 -39.50
N ASP X 170 -6.55 -27.00 -39.63
CA ASP X 170 -5.62 -26.06 -39.04
C ASP X 170 -6.39 -24.96 -38.33
N VAL X 171 -5.99 -24.66 -37.09
CA VAL X 171 -6.72 -23.71 -36.26
C VAL X 171 -6.35 -22.26 -36.51
N SER X 172 -5.28 -21.98 -37.26
CA SER X 172 -4.83 -20.60 -37.43
C SER X 172 -5.79 -19.80 -38.30
N LYS X 173 -5.96 -20.21 -39.55
CA LYS X 173 -6.80 -19.46 -40.49
C LYS X 173 -8.27 -19.72 -40.20
N THR X 174 -9.06 -18.65 -40.21
CA THR X 174 -10.49 -18.69 -39.90
C THR X 174 -11.41 -18.31 -41.06
N ASN X 175 -10.86 -17.83 -42.18
CA ASN X 175 -11.67 -17.45 -43.34
C ASN X 175 -10.86 -17.68 -44.61
N LEU X 176 -11.44 -18.46 -45.52
CA LEU X 176 -10.87 -18.77 -46.82
C LEU X 176 -11.68 -18.11 -47.92
N SER X 177 -11.07 -17.99 -49.10
CA SER X 177 -11.69 -17.44 -50.29
C SER X 177 -12.18 -18.56 -51.20
N VAL X 178 -13.18 -18.24 -52.03
CA VAL X 178 -13.77 -19.17 -52.99
C VAL X 178 -13.55 -18.57 -54.37
N HIS X 179 -12.62 -19.15 -55.13
CA HIS X 179 -12.22 -18.68 -56.45
C HIS X 179 -12.72 -19.64 -57.51
N GLU X 180 -12.66 -19.19 -58.76
CA GLU X 180 -13.14 -19.94 -59.92
C GLU X 180 -11.97 -20.63 -60.61
N ASP X 181 -12.25 -21.82 -61.14
CA ASP X 181 -11.27 -22.63 -61.85
C ASP X 181 -11.32 -22.28 -63.34
N LYS X 182 -10.71 -23.13 -64.18
CA LYS X 182 -10.57 -22.83 -65.61
C LYS X 182 -11.92 -22.72 -66.32
N ASN X 183 -12.89 -23.55 -65.95
CA ASN X 183 -14.22 -23.55 -66.56
C ASN X 183 -15.27 -22.85 -65.68
N ARG X 184 -14.84 -21.86 -64.89
CA ARG X 184 -15.74 -20.98 -64.12
C ARG X 184 -16.57 -21.74 -63.08
N VAL X 185 -16.07 -22.87 -62.60
CA VAL X 185 -16.72 -23.62 -61.52
C VAL X 185 -16.08 -23.18 -60.21
N PRO X 186 -16.85 -22.65 -59.23
CA PRO X 186 -16.19 -22.12 -58.04
C PRO X 186 -15.71 -23.25 -57.13
N TYR X 187 -14.59 -22.99 -56.45
CA TYR X 187 -14.06 -23.93 -55.46
C TYR X 187 -13.18 -23.15 -54.50
N VAL X 188 -12.71 -23.85 -53.47
CA VAL X 188 -11.99 -23.23 -52.35
C VAL X 188 -10.51 -23.14 -52.69
N LYS X 189 -9.87 -22.10 -52.18
CA LYS X 189 -8.43 -21.87 -52.32
C LYS X 189 -7.82 -21.68 -50.94
N GLY X 190 -6.57 -22.11 -50.78
CA GLY X 190 -5.85 -21.94 -49.53
C GLY X 190 -6.14 -22.98 -48.47
N CYS X 191 -7.15 -23.83 -48.66
CA CYS X 191 -7.49 -24.81 -47.64
C CYS X 191 -6.40 -25.88 -47.53
N THR X 192 -6.35 -26.53 -46.37
CA THR X 192 -5.33 -27.53 -46.08
C THR X 192 -5.70 -28.82 -46.82
N GLU X 193 -5.04 -29.05 -47.96
CA GLU X 193 -5.25 -30.25 -48.77
C GLU X 193 -4.22 -31.29 -48.34
N ARG X 194 -4.61 -32.14 -47.39
CA ARG X 194 -3.73 -33.17 -46.87
C ARG X 194 -3.71 -34.37 -47.81
N PHE X 195 -2.53 -34.69 -48.34
CA PHE X 195 -2.37 -35.85 -49.20
C PHE X 195 -2.32 -37.10 -48.34
N VAL X 196 -3.23 -38.03 -48.60
CA VAL X 196 -3.41 -39.24 -47.79
C VAL X 196 -3.04 -40.46 -48.62
N CYS X 197 -2.57 -41.50 -47.92
CA CYS X 197 -2.11 -42.74 -48.51
C CYS X 197 -2.98 -43.93 -48.13
N SER X 198 -3.19 -44.15 -46.82
CA SER X 198 -3.93 -45.28 -46.26
C SER X 198 -5.32 -44.85 -45.80
N PRO X 199 -6.28 -45.78 -45.66
CA PRO X 199 -7.59 -45.37 -45.16
C PRO X 199 -7.60 -45.00 -43.69
N ASP X 200 -6.69 -45.55 -42.88
CA ASP X 200 -6.66 -45.25 -41.46
C ASP X 200 -6.27 -43.80 -41.20
N GLU X 201 -5.40 -43.24 -42.04
CA GLU X 201 -5.05 -41.83 -41.92
C GLU X 201 -6.24 -40.93 -42.22
N VAL X 202 -7.12 -41.35 -43.12
CA VAL X 202 -8.31 -40.56 -43.41
C VAL X 202 -9.27 -40.60 -42.22
N MET X 203 -9.28 -41.72 -41.50
CA MET X 203 -10.07 -41.79 -40.27
C MET X 203 -9.48 -40.89 -39.19
N ASP X 204 -8.15 -40.74 -39.19
CA ASP X 204 -7.51 -39.91 -38.17
C ASP X 204 -7.83 -38.43 -38.35
N THR X 205 -7.71 -37.93 -39.58
CA THR X 205 -7.97 -36.51 -39.83
C THR X 205 -9.46 -36.18 -39.69
N ILE X 206 -10.34 -37.16 -39.86
CA ILE X 206 -11.76 -36.93 -39.62
C ILE X 206 -12.04 -36.80 -38.13
N ASP X 207 -11.35 -37.62 -37.31
CA ASP X 207 -11.59 -37.60 -35.87
C ASP X 207 -11.13 -36.29 -35.25
N GLU X 208 -9.92 -35.83 -35.60
CA GLU X 208 -9.44 -34.57 -35.07
C GLU X 208 -10.23 -33.38 -35.62
N GLY X 209 -10.79 -33.52 -36.82
CA GLY X 209 -11.63 -32.46 -37.35
C GLY X 209 -12.94 -32.31 -36.59
N LYS X 210 -13.58 -33.43 -36.27
CA LYS X 210 -14.83 -33.38 -35.52
C LYS X 210 -14.61 -32.93 -34.08
N SER X 211 -13.42 -33.17 -33.52
CA SER X 211 -13.11 -32.67 -32.18
C SER X 211 -13.04 -31.15 -32.13
N ASN X 212 -12.59 -30.51 -33.21
CA ASN X 212 -12.55 -29.06 -33.30
C ASN X 212 -13.89 -28.44 -33.70
N ARG X 213 -14.92 -29.25 -33.94
CA ARG X 213 -16.21 -28.72 -34.38
C ARG X 213 -16.91 -28.03 -33.21
N HIS X 214 -17.39 -26.81 -33.46
CA HIS X 214 -18.08 -26.04 -32.43
C HIS X 214 -19.50 -26.57 -32.29
N VAL X 215 -19.68 -27.57 -31.42
CA VAL X 215 -20.97 -28.20 -31.17
C VAL X 215 -21.52 -27.60 -29.87
N ALA X 216 -22.66 -26.93 -29.97
CA ALA X 216 -23.34 -26.33 -28.84
C ALA X 216 -24.46 -27.24 -28.35
N VAL X 217 -25.00 -26.89 -27.18
CA VAL X 217 -26.07 -27.64 -26.52
C VAL X 217 -27.33 -26.80 -26.51
N THR X 218 -28.47 -27.44 -26.77
CA THR X 218 -29.77 -26.79 -26.75
C THR X 218 -30.79 -27.79 -26.20
N ASN X 219 -32.04 -27.33 -26.10
CA ASN X 219 -33.10 -28.15 -25.53
C ASN X 219 -33.52 -29.30 -26.43
N MET X 220 -33.38 -29.16 -27.75
CA MET X 220 -33.85 -30.17 -28.70
C MET X 220 -32.81 -31.25 -28.98
N ASN X 221 -31.51 -30.93 -28.90
CA ASN X 221 -30.46 -31.90 -29.17
C ASN X 221 -29.18 -31.47 -28.48
N GLU X 222 -28.65 -32.34 -27.63
CA GLU X 222 -27.37 -32.06 -26.98
C GLU X 222 -26.22 -32.00 -27.99
N HIS X 223 -26.21 -32.90 -28.97
CA HIS X 223 -25.19 -32.92 -30.02
C HIS X 223 -25.67 -32.15 -31.25
N SER X 224 -25.97 -30.88 -31.03
CA SER X 224 -26.51 -30.02 -32.08
C SER X 224 -25.37 -29.45 -32.92
N SER X 225 -25.23 -29.94 -34.14
CA SER X 225 -24.28 -29.36 -35.08
C SER X 225 -24.82 -28.02 -35.58
N ARG X 226 -24.19 -26.93 -35.17
CA ARG X 226 -24.68 -25.57 -35.42
C ARG X 226 -24.11 -24.97 -36.69
N SER X 227 -23.62 -25.77 -37.63
CA SER X 227 -23.08 -25.24 -38.88
C SER X 227 -22.95 -26.38 -39.89
N HIS X 228 -22.50 -26.03 -41.09
CA HIS X 228 -22.43 -26.95 -42.23
C HIS X 228 -20.97 -27.38 -42.41
N SER X 229 -20.69 -28.64 -42.09
CA SER X 229 -19.35 -29.20 -42.22
C SER X 229 -19.21 -29.82 -43.61
N ILE X 230 -18.35 -29.23 -44.44
CA ILE X 230 -18.08 -29.69 -45.80
C ILE X 230 -16.80 -30.52 -45.75
N PHE X 231 -16.89 -31.76 -46.23
CA PHE X 231 -15.76 -32.68 -46.31
C PHE X 231 -15.57 -33.09 -47.77
N LEU X 232 -14.41 -32.76 -48.33
CA LEU X 232 -14.09 -33.00 -49.73
C LEU X 232 -13.11 -34.16 -49.83
N ILE X 233 -13.28 -34.98 -50.87
CA ILE X 233 -12.35 -36.04 -51.23
C ILE X 233 -12.10 -35.88 -52.73
N ASN X 234 -11.03 -35.16 -53.07
CA ASN X 234 -10.68 -34.90 -54.46
C ASN X 234 -9.87 -36.07 -54.99
N VAL X 235 -10.56 -37.03 -55.60
CA VAL X 235 -9.94 -38.26 -56.08
C VAL X 235 -9.45 -38.02 -57.50
N LYS X 236 -8.13 -37.85 -57.65
CA LYS X 236 -7.47 -37.78 -58.95
C LYS X 236 -6.89 -39.15 -59.27
N GLN X 237 -7.10 -39.61 -60.51
CA GLN X 237 -6.64 -40.92 -60.96
C GLN X 237 -6.17 -40.82 -62.40
N GLU X 238 -5.20 -41.66 -62.74
CA GLU X 238 -4.63 -41.70 -64.08
C GLU X 238 -4.02 -43.06 -64.33
N ASN X 239 -4.19 -43.56 -65.55
CA ASN X 239 -3.66 -44.86 -65.97
C ASN X 239 -2.31 -44.64 -66.64
N THR X 240 -1.36 -45.53 -66.34
CA THR X 240 -0.02 -45.40 -66.91
C THR X 240 0.03 -45.82 -68.36
N GLN X 241 -0.80 -46.79 -68.76
CA GLN X 241 -0.78 -47.30 -70.13
C GLN X 241 -1.50 -46.39 -71.11
N THR X 242 -2.76 -46.05 -70.83
CA THR X 242 -3.53 -45.20 -71.73
C THR X 242 -3.22 -43.72 -71.60
N GLU X 243 -2.61 -43.30 -70.48
CA GLU X 243 -2.25 -41.89 -70.25
C GLU X 243 -3.48 -40.99 -70.26
N GLN X 244 -4.54 -41.45 -69.58
CA GLN X 244 -5.81 -40.72 -69.48
C GLN X 244 -6.00 -40.31 -68.03
N LYS X 245 -6.02 -38.99 -67.80
CA LYS X 245 -6.18 -38.43 -66.46
C LYS X 245 -7.65 -38.13 -66.20
N LEU X 246 -8.10 -38.43 -64.98
CA LEU X 246 -9.47 -38.21 -64.56
C LEU X 246 -9.48 -37.73 -63.11
N SER X 247 -10.46 -36.89 -62.79
CA SER X 247 -10.62 -36.33 -61.45
C SER X 247 -12.12 -36.22 -61.14
N GLY X 248 -12.43 -36.33 -59.86
CA GLY X 248 -13.81 -36.22 -59.38
C GLY X 248 -13.88 -35.61 -57.99
N LYS X 249 -14.67 -34.54 -57.86
CA LYS X 249 -14.86 -33.86 -56.59
C LYS X 249 -16.03 -34.50 -55.84
N LEU X 250 -15.74 -35.03 -54.65
CA LEU X 250 -16.71 -35.76 -53.83
C LEU X 250 -17.00 -34.92 -52.59
N TYR X 251 -18.12 -34.21 -52.61
CA TYR X 251 -18.53 -33.32 -51.52
C TYR X 251 -19.40 -34.07 -50.54
N LEU X 252 -19.04 -34.00 -49.25
CA LEU X 252 -19.82 -34.58 -48.15
C LEU X 252 -20.17 -33.43 -47.20
N VAL X 253 -21.41 -32.94 -47.31
CA VAL X 253 -21.90 -31.79 -46.55
C VAL X 253 -22.89 -32.31 -45.51
N ASP X 254 -22.74 -31.85 -44.27
CA ASP X 254 -23.64 -32.18 -43.16
C ASP X 254 -24.14 -30.86 -42.58
N LEU X 255 -25.35 -30.46 -42.98
CA LEU X 255 -25.89 -29.15 -42.61
C LEU X 255 -26.56 -29.22 -41.25
N ALA X 256 -26.94 -28.04 -40.74
CA ALA X 256 -27.60 -27.87 -39.45
C ALA X 256 -29.11 -27.82 -39.64
N GLY X 257 -29.83 -27.64 -38.54
CA GLY X 257 -31.28 -27.75 -38.53
C GLY X 257 -31.95 -26.38 -38.52
N SER X 258 -33.04 -26.27 -39.29
CA SER X 258 -33.84 -25.05 -39.35
C SER X 258 -34.86 -25.09 -38.22
N ALA X 259 -34.40 -24.79 -37.00
CA ALA X 259 -35.20 -24.88 -35.80
C ALA X 259 -35.84 -23.53 -35.47
N LYS X 260 -36.97 -23.59 -34.79
CA LYS X 260 -37.67 -22.40 -34.30
C LYS X 260 -37.06 -21.95 -32.99
N VAL X 261 -36.99 -20.63 -32.81
CA VAL X 261 -36.40 -20.09 -31.59
C VAL X 261 -37.28 -20.37 -30.38
N SER X 262 -38.61 -20.43 -30.58
CA SER X 262 -39.51 -20.72 -29.47
C SER X 262 -39.35 -22.15 -28.97
N LYS X 263 -39.06 -23.10 -29.87
CA LYS X 263 -38.87 -24.48 -29.50
C LYS X 263 -37.50 -24.75 -28.89
N THR X 264 -36.45 -24.18 -29.49
CA THR X 264 -35.10 -24.37 -28.96
C THR X 264 -34.85 -23.52 -27.72
N GLY X 265 -35.47 -22.34 -27.64
CA GLY X 265 -35.20 -21.44 -26.54
C GLY X 265 -33.80 -20.90 -26.59
N ALA X 266 -33.39 -20.42 -27.77
CA ALA X 266 -32.04 -19.93 -27.99
C ALA X 266 -31.90 -18.51 -27.44
N GLU X 267 -30.75 -18.25 -26.82
CA GLU X 267 -30.46 -16.94 -26.27
C GLU X 267 -28.95 -16.78 -26.15
N GLY X 268 -28.46 -15.60 -26.50
CA GLY X 268 -27.05 -15.27 -26.40
C GLY X 268 -26.26 -15.59 -27.67
N ALA X 269 -25.11 -16.24 -27.51
CA ALA X 269 -24.24 -16.54 -28.64
C ALA X 269 -24.87 -17.53 -29.62
N VAL X 270 -25.73 -18.42 -29.15
CA VAL X 270 -26.38 -19.39 -30.05
C VAL X 270 -27.30 -18.70 -31.05
N LEU X 271 -27.83 -17.52 -30.72
CA LEU X 271 -28.65 -16.77 -31.68
C LEU X 271 -27.83 -16.36 -32.89
N ASP X 272 -26.58 -15.95 -32.68
CA ASP X 272 -25.71 -15.60 -33.80
C ASP X 272 -25.39 -16.83 -34.63
N GLU X 273 -25.29 -18.01 -34.00
CA GLU X 273 -25.06 -19.24 -34.75
C GLU X 273 -26.29 -19.61 -35.58
N ALA X 274 -27.49 -19.27 -35.09
CA ALA X 274 -28.70 -19.60 -35.81
C ALA X 274 -28.87 -18.74 -37.06
N LYS X 275 -28.32 -17.52 -37.06
CA LYS X 275 -28.53 -16.61 -38.18
C LYS X 275 -27.81 -17.09 -39.43
N ASN X 276 -26.53 -17.44 -39.30
CA ASN X 276 -25.73 -17.79 -40.47
C ASN X 276 -26.19 -19.10 -41.11
N ILE X 277 -26.66 -20.06 -40.30
CA ILE X 277 -27.17 -21.31 -40.86
C ILE X 277 -28.50 -21.09 -41.55
N ASN X 278 -29.35 -20.21 -41.00
CA ASN X 278 -30.66 -19.97 -41.58
C ASN X 278 -30.58 -19.16 -42.87
N LYS X 279 -29.56 -18.30 -43.02
CA LYS X 279 -29.33 -17.63 -44.30
C LYS X 279 -28.99 -18.64 -45.38
N SER X 280 -28.22 -19.67 -45.04
CA SER X 280 -27.75 -20.63 -46.03
C SER X 280 -28.89 -21.54 -46.49
N LEU X 281 -29.66 -22.11 -45.55
CA LEU X 281 -30.72 -23.02 -45.94
C LEU X 281 -31.85 -22.29 -46.64
N SER X 282 -32.07 -21.02 -46.30
CA SER X 282 -33.01 -20.21 -47.06
C SER X 282 -32.45 -19.86 -48.43
N ALA X 283 -31.13 -19.68 -48.52
CA ALA X 283 -30.51 -19.34 -49.80
C ALA X 283 -30.61 -20.49 -50.79
N LEU X 284 -30.22 -21.70 -50.38
CA LEU X 284 -30.38 -22.85 -51.26
C LEU X 284 -31.84 -23.21 -51.46
N GLY X 285 -32.71 -22.86 -50.51
CA GLY X 285 -34.13 -23.00 -50.72
C GLY X 285 -34.63 -22.16 -51.88
N ASN X 286 -34.02 -20.99 -52.09
CA ASN X 286 -34.31 -20.20 -53.27
C ASN X 286 -33.76 -20.87 -54.52
N VAL X 287 -32.63 -21.57 -54.40
CA VAL X 287 -32.00 -22.20 -55.56
C VAL X 287 -32.86 -23.36 -56.06
N ILE X 288 -33.40 -24.16 -55.13
CA ILE X 288 -34.23 -25.29 -55.54
C ILE X 288 -35.54 -24.79 -56.12
N SER X 289 -36.14 -23.76 -55.52
CA SER X 289 -37.36 -23.19 -56.07
C SER X 289 -37.09 -22.48 -57.39
N ALA X 290 -35.93 -21.83 -57.52
CA ALA X 290 -35.56 -21.21 -58.79
C ALA X 290 -35.31 -22.27 -59.85
N LEU X 291 -34.63 -23.36 -59.49
CA LEU X 291 -34.39 -24.44 -60.45
C LEU X 291 -35.66 -25.23 -60.74
N ALA X 292 -36.56 -25.35 -59.76
CA ALA X 292 -37.80 -26.09 -59.96
C ALA X 292 -38.74 -25.35 -60.90
N GLU X 293 -39.02 -24.08 -60.59
CA GLU X 293 -39.83 -23.25 -61.48
C GLU X 293 -39.10 -22.86 -62.77
N GLY X 294 -37.78 -22.96 -62.80
CA GLY X 294 -37.03 -22.68 -64.02
C GLY X 294 -36.82 -21.21 -64.26
N SER X 295 -36.17 -20.53 -63.32
CA SER X 295 -35.90 -19.11 -63.46
C SER X 295 -34.80 -18.86 -64.49
N THR X 296 -34.59 -17.59 -64.80
CA THR X 296 -33.57 -17.21 -65.79
C THR X 296 -32.18 -17.12 -65.16
N TYR X 297 -32.07 -16.47 -63.99
CA TYR X 297 -30.78 -16.19 -63.38
C TYR X 297 -30.32 -17.32 -62.46
N VAL X 298 -31.23 -17.94 -61.72
CA VAL X 298 -30.91 -19.03 -60.79
C VAL X 298 -29.94 -18.51 -59.73
N PRO X 299 -30.39 -17.69 -58.76
CA PRO X 299 -29.42 -16.96 -57.91
C PRO X 299 -28.69 -17.86 -56.92
N TYR X 300 -27.61 -18.48 -57.39
CA TYR X 300 -26.72 -19.22 -56.50
C TYR X 300 -25.96 -18.31 -55.55
N ARG X 301 -25.75 -17.03 -55.90
CA ARG X 301 -24.86 -16.14 -55.18
C ARG X 301 -25.55 -15.41 -54.02
N ASP X 302 -26.67 -15.93 -53.51
CA ASP X 302 -27.30 -15.33 -52.35
C ASP X 302 -26.41 -15.49 -51.12
N SER X 303 -26.06 -16.73 -50.79
CA SER X 303 -25.15 -17.07 -49.70
C SER X 303 -23.93 -17.80 -50.25
N LYS X 304 -22.81 -17.65 -49.55
CA LYS X 304 -21.57 -18.30 -49.98
C LYS X 304 -21.62 -19.81 -49.80
N MET X 305 -22.51 -20.33 -48.94
CA MET X 305 -22.71 -21.76 -48.88
C MET X 305 -23.31 -22.29 -50.18
N THR X 306 -24.18 -21.48 -50.81
CA THR X 306 -24.75 -21.88 -52.09
C THR X 306 -23.72 -21.86 -53.21
N ARG X 307 -22.67 -21.04 -53.08
CA ARG X 307 -21.61 -21.02 -54.09
C ARG X 307 -20.86 -22.34 -54.14
N ILE X 308 -20.78 -23.05 -53.01
CA ILE X 308 -20.10 -24.35 -53.00
C ILE X 308 -20.91 -25.37 -53.80
N LEU X 309 -22.24 -25.31 -53.71
CA LEU X 309 -23.12 -26.31 -54.27
C LEU X 309 -23.60 -25.96 -55.68
N GLN X 310 -22.81 -25.18 -56.42
CA GLN X 310 -23.20 -24.85 -57.79
C GLN X 310 -22.98 -26.02 -58.73
N ASP X 311 -21.80 -26.66 -58.65
CA ASP X 311 -21.51 -27.81 -59.50
C ASP X 311 -22.39 -29.00 -59.19
N SER X 312 -22.93 -29.10 -57.97
CA SER X 312 -23.79 -30.23 -57.62
C SER X 312 -25.16 -30.12 -58.29
N LEU X 313 -25.74 -28.91 -58.30
CA LEU X 313 -27.11 -28.71 -58.78
C LEU X 313 -27.19 -28.30 -60.25
N GLY X 314 -26.12 -27.73 -60.82
CA GLY X 314 -26.13 -27.27 -62.20
C GLY X 314 -24.82 -27.48 -62.92
N GLY X 315 -24.06 -28.51 -62.51
CA GLY X 315 -22.75 -28.83 -63.08
C GLY X 315 -22.77 -30.21 -63.70
N ASN X 316 -21.58 -30.83 -63.70
CA ASN X 316 -21.33 -32.14 -64.28
C ASN X 316 -21.34 -33.24 -63.23
N CYS X 317 -22.18 -33.08 -62.21
CA CYS X 317 -22.20 -33.92 -61.01
C CYS X 317 -23.47 -34.75 -60.96
N ARG X 318 -23.43 -35.80 -60.14
CA ARG X 318 -24.57 -36.68 -59.86
C ARG X 318 -24.94 -36.51 -58.39
N THR X 319 -25.89 -35.61 -58.13
CA THR X 319 -26.29 -35.24 -56.78
C THR X 319 -27.40 -36.15 -56.29
N THR X 320 -27.42 -36.38 -54.97
CA THR X 320 -28.44 -37.20 -54.31
C THR X 320 -28.75 -36.57 -52.96
N ILE X 321 -29.90 -35.91 -52.86
CA ILE X 321 -30.35 -35.30 -51.60
C ILE X 321 -31.10 -36.36 -50.81
N VAL X 322 -30.81 -36.43 -49.51
CA VAL X 322 -31.44 -37.36 -48.58
C VAL X 322 -31.96 -36.52 -47.41
N ILE X 323 -33.27 -36.27 -47.40
CA ILE X 323 -33.91 -35.45 -46.38
C ILE X 323 -34.23 -36.33 -45.18
N CYS X 324 -33.99 -35.79 -43.98
CA CYS X 324 -34.26 -36.46 -42.72
C CYS X 324 -35.37 -35.71 -41.99
N CYS X 325 -36.26 -36.45 -41.34
CA CYS X 325 -37.38 -35.88 -40.61
C CYS X 325 -37.71 -36.76 -39.42
N SER X 326 -38.40 -36.18 -38.43
CA SER X 326 -38.83 -36.85 -37.22
C SER X 326 -40.29 -37.28 -37.34
N PRO X 327 -40.73 -38.43 -36.82
CA PRO X 327 -42.14 -38.81 -36.95
C PRO X 327 -43.06 -38.22 -35.89
N SER X 328 -42.58 -37.29 -35.07
CA SER X 328 -43.40 -36.75 -34.00
C SER X 328 -44.40 -35.72 -34.53
N SER X 329 -45.52 -35.61 -33.83
CA SER X 329 -46.53 -34.60 -34.14
C SER X 329 -46.11 -33.20 -33.75
N TYR X 330 -45.11 -33.04 -32.88
CA TYR X 330 -44.69 -31.73 -32.43
C TYR X 330 -43.92 -30.94 -33.49
N ASN X 331 -43.25 -31.65 -34.42
CA ASN X 331 -42.51 -31.04 -35.52
C ASN X 331 -43.24 -31.23 -36.85
N GLU X 332 -44.57 -31.24 -36.83
CA GLU X 332 -45.34 -31.53 -38.04
C GLU X 332 -45.21 -30.44 -39.09
N SER X 333 -45.08 -29.18 -38.67
CA SER X 333 -45.07 -28.09 -39.62
C SER X 333 -43.74 -28.04 -40.39
N GLU X 334 -42.62 -28.08 -39.67
CA GLU X 334 -41.31 -28.03 -40.33
C GLU X 334 -41.07 -29.27 -41.18
N THR X 335 -41.62 -30.43 -40.80
CA THR X 335 -41.42 -31.63 -41.58
C THR X 335 -42.20 -31.60 -42.88
N LYS X 336 -43.41 -31.01 -42.86
CA LYS X 336 -44.17 -30.85 -44.10
C LYS X 336 -43.44 -29.92 -45.06
N SER X 337 -42.79 -28.88 -44.54
CA SER X 337 -42.00 -28.00 -45.39
C SER X 337 -40.81 -28.74 -46.00
N THR X 338 -40.24 -29.71 -45.28
CA THR X 338 -39.10 -30.46 -45.80
C THR X 338 -39.54 -31.42 -46.90
N LEU X 339 -40.73 -31.99 -46.79
CA LEU X 339 -41.21 -32.92 -47.82
C LEU X 339 -41.49 -32.19 -49.12
N LEU X 340 -42.25 -31.10 -49.07
CA LEU X 340 -42.52 -30.33 -50.29
C LEU X 340 -41.25 -29.69 -50.83
N PHE X 341 -40.30 -29.36 -49.95
CA PHE X 341 -38.97 -28.97 -50.41
C PHE X 341 -38.31 -30.11 -51.18
N GLY X 342 -38.53 -31.35 -50.75
CA GLY X 342 -38.06 -32.49 -51.51
C GLY X 342 -38.77 -32.65 -52.84
N GLN X 343 -40.07 -32.34 -52.87
CA GLN X 343 -40.82 -32.42 -54.12
C GLN X 343 -40.32 -31.41 -55.14
N ARG X 344 -39.94 -30.21 -54.68
CA ARG X 344 -39.32 -29.24 -55.58
C ARG X 344 -37.95 -29.70 -56.05
N ALA X 345 -37.26 -30.52 -55.26
CA ALA X 345 -35.97 -31.06 -55.68
C ALA X 345 -36.07 -32.14 -56.75
N LYS X 346 -37.24 -32.76 -56.90
CA LYS X 346 -37.38 -33.85 -57.86
C LYS X 346 -37.35 -33.36 -59.30
N THR X 347 -37.86 -32.15 -59.55
CA THR X 347 -37.93 -31.60 -60.90
C THR X 347 -36.61 -31.00 -61.40
N ILE X 348 -35.51 -31.12 -60.64
CA ILE X 348 -34.22 -30.55 -61.00
C ILE X 348 -33.43 -31.58 -61.77
N LYS X 349 -32.61 -31.11 -62.71
CA LYS X 349 -31.73 -31.94 -63.52
C LYS X 349 -30.36 -31.28 -63.66
N ASN X 350 -29.32 -32.11 -63.62
CA ASN X 350 -27.95 -31.65 -63.75
C ASN X 350 -27.55 -31.62 -65.23
N THR X 351 -26.50 -30.84 -65.51
CA THR X 351 -25.93 -30.74 -66.86
C THR X 351 -24.80 -31.75 -67.04
N VAL X 352 -25.11 -33.01 -66.74
CA VAL X 352 -24.13 -34.09 -66.77
C VAL X 352 -23.97 -34.60 -68.20
N ARG Y 2 -130.42 -14.83 32.31
CA ARG Y 2 -130.35 -15.00 30.87
C ARG Y 2 -129.20 -14.17 30.29
N GLU Y 3 -128.26 -14.84 29.64
CA GLU Y 3 -127.11 -14.19 29.03
C GLU Y 3 -126.71 -14.97 27.78
N CYS Y 4 -125.86 -14.34 26.96
CA CYS Y 4 -125.37 -14.97 25.75
C CYS Y 4 -124.05 -14.30 25.36
N ILE Y 5 -123.14 -15.11 24.82
CA ILE Y 5 -121.81 -14.67 24.40
C ILE Y 5 -121.69 -14.86 22.91
N SER Y 6 -120.71 -14.16 22.31
CA SER Y 6 -120.50 -14.16 20.87
C SER Y 6 -119.02 -14.01 20.55
N VAL Y 7 -118.62 -14.62 19.43
CA VAL Y 7 -117.26 -14.56 18.91
C VAL Y 7 -117.32 -14.20 17.44
N HIS Y 8 -116.46 -13.27 17.03
CA HIS Y 8 -116.41 -12.74 15.66
C HIS Y 8 -115.11 -13.21 15.02
N VAL Y 9 -115.21 -13.72 13.79
CA VAL Y 9 -114.08 -14.29 13.06
C VAL Y 9 -113.98 -13.62 11.70
N GLY Y 10 -112.79 -13.14 11.37
CA GLY Y 10 -112.51 -12.62 10.04
C GLY Y 10 -112.82 -11.14 9.90
N GLN Y 11 -112.50 -10.62 8.70
CA GLN Y 11 -112.83 -9.24 8.37
C GLN Y 11 -114.33 -9.03 8.35
N ALA Y 12 -115.08 -10.03 7.90
CA ALA Y 12 -116.53 -9.92 7.87
C ALA Y 12 -117.11 -9.89 9.29
N GLY Y 13 -116.51 -10.64 10.21
CA GLY Y 13 -117.03 -10.68 11.56
C GLY Y 13 -116.79 -9.39 12.32
N VAL Y 14 -115.53 -8.95 12.34
CA VAL Y 14 -115.16 -7.76 13.13
C VAL Y 14 -115.78 -6.49 12.56
N GLN Y 15 -115.98 -6.41 11.24
CA GLN Y 15 -116.68 -5.27 10.68
C GLN Y 15 -118.14 -5.23 11.10
N MET Y 16 -118.78 -6.40 11.22
CA MET Y 16 -120.09 -6.48 11.85
C MET Y 16 -119.98 -6.37 13.36
N GLY Y 17 -118.87 -6.81 13.94
CA GLY Y 17 -118.68 -6.67 15.37
C GLY Y 17 -118.54 -5.21 15.79
N ASN Y 18 -117.77 -4.44 15.04
CA ASN Y 18 -117.64 -3.02 15.33
C ASN Y 18 -118.95 -2.27 15.08
N ALA Y 19 -119.78 -2.75 14.16
CA ALA Y 19 -121.02 -2.09 13.81
C ALA Y 19 -122.19 -2.46 14.71
N CYS Y 20 -122.19 -3.68 15.27
CA CYS Y 20 -123.30 -4.13 16.09
C CYS Y 20 -123.17 -3.71 17.55
N TRP Y 21 -121.95 -3.68 18.08
CA TRP Y 21 -121.77 -3.31 19.48
C TRP Y 21 -121.91 -1.81 19.71
N GLU Y 22 -121.70 -0.98 18.68
CA GLU Y 22 -122.03 0.43 18.80
C GLU Y 22 -123.55 0.62 18.84
N LEU Y 23 -124.30 -0.27 18.19
CA LEU Y 23 -125.75 -0.23 18.29
C LEU Y 23 -126.24 -0.70 19.65
N TYR Y 24 -125.61 -1.75 20.20
CA TYR Y 24 -126.03 -2.25 21.51
C TYR Y 24 -125.73 -1.26 22.62
N CYS Y 25 -124.66 -0.47 22.50
CA CYS Y 25 -124.30 0.47 23.55
C CYS Y 25 -125.20 1.69 23.59
N LEU Y 26 -125.62 2.19 22.43
CA LEU Y 26 -126.52 3.35 22.40
C LEU Y 26 -127.96 2.99 22.75
N GLU Y 27 -128.35 1.72 22.60
CA GLU Y 27 -129.69 1.31 23.02
C GLU Y 27 -129.84 1.40 24.53
N HIS Y 28 -128.87 0.87 25.28
CA HIS Y 28 -128.90 0.86 26.74
C HIS Y 28 -128.26 2.11 27.35
N GLY Y 29 -128.07 3.17 26.57
CA GLY Y 29 -127.48 4.39 27.09
C GLY Y 29 -126.04 4.26 27.53
N ILE Y 30 -125.31 3.28 27.01
CA ILE Y 30 -123.91 3.06 27.37
C ILE Y 30 -123.06 3.97 26.49
N GLN Y 31 -122.41 4.95 27.10
CA GLN Y 31 -121.54 5.84 26.35
C GLN Y 31 -120.30 5.08 25.87
N PRO Y 32 -119.61 5.56 24.83
CA PRO Y 32 -118.45 4.80 24.33
C PRO Y 32 -117.25 4.79 25.27
N ASP Y 33 -117.23 5.59 26.33
CA ASP Y 33 -116.12 5.60 27.27
C ASP Y 33 -116.15 4.46 28.28
N GLY Y 34 -117.15 3.58 28.23
CA GLY Y 34 -117.22 2.38 29.05
C GLY Y 34 -118.31 2.38 30.12
N GLN Y 35 -118.95 3.51 30.37
CA GLN Y 35 -120.00 3.66 31.39
C GLN Y 35 -121.22 4.33 30.77
N MET Y 36 -122.28 4.46 31.57
CA MET Y 36 -123.50 5.10 31.13
C MET Y 36 -123.29 6.59 30.93
N ASP Y 52 -132.19 -1.69 34.24
CA ASP Y 52 -131.23 -2.33 35.13
C ASP Y 52 -130.89 -3.72 34.64
N ASP Y 53 -131.92 -4.57 34.48
CA ASP Y 53 -131.76 -5.94 34.01
C ASP Y 53 -131.86 -6.05 32.49
N SER Y 54 -131.69 -4.95 31.75
CA SER Y 54 -131.75 -4.95 30.30
C SER Y 54 -130.41 -5.20 29.64
N PHE Y 55 -129.34 -4.63 30.18
CA PHE Y 55 -127.99 -4.80 29.65
C PHE Y 55 -127.26 -6.00 30.22
N THR Y 56 -127.86 -6.73 31.17
CA THR Y 56 -127.18 -7.87 31.79
C THR Y 56 -127.03 -9.06 30.83
N THR Y 57 -127.77 -9.09 29.73
CA THR Y 57 -127.66 -10.22 28.81
C THR Y 57 -126.34 -10.21 28.06
N PHE Y 58 -125.96 -9.04 27.53
CA PHE Y 58 -124.75 -8.87 26.73
C PHE Y 58 -123.59 -8.22 27.50
N PHE Y 59 -123.88 -7.21 28.32
CA PHE Y 59 -122.87 -6.47 29.05
C PHE Y 59 -122.86 -6.89 30.51
N CYS Y 60 -121.65 -6.94 31.08
CA CYS Y 60 -121.44 -7.31 32.47
C CYS Y 60 -121.36 -6.05 33.34
N GLU Y 61 -121.24 -6.27 34.65
CA GLU Y 61 -121.09 -5.20 35.64
C GLU Y 61 -119.66 -5.27 36.18
N THR Y 62 -118.84 -4.29 35.77
CA THR Y 62 -117.42 -4.28 36.12
C THR Y 62 -117.20 -3.44 37.38
N GLY Y 63 -117.65 -4.02 38.50
CA GLY Y 63 -117.41 -3.43 39.80
C GLY Y 63 -118.40 -2.34 40.17
N ALA Y 64 -118.22 -1.14 39.60
CA ALA Y 64 -119.07 -0.01 39.94
C ALA Y 64 -118.91 1.04 38.84
N GLY Y 65 -120.01 1.33 38.14
CA GLY Y 65 -120.02 2.36 37.12
C GLY Y 65 -119.11 2.06 35.95
N LYS Y 66 -119.08 0.80 35.52
CA LYS Y 66 -118.26 0.38 34.40
C LYS Y 66 -118.76 -0.97 33.91
N HIS Y 67 -118.73 -1.17 32.59
CA HIS Y 67 -119.23 -2.37 31.94
C HIS Y 67 -118.19 -2.91 30.97
N VAL Y 68 -118.36 -4.17 30.57
CA VAL Y 68 -117.52 -4.82 29.58
C VAL Y 68 -118.42 -5.72 28.74
N PRO Y 69 -118.31 -5.75 27.41
CA PRO Y 69 -119.13 -6.71 26.65
C PRO Y 69 -118.65 -8.14 26.81
N ARG Y 70 -119.58 -9.07 26.57
CA ARG Y 70 -119.27 -10.50 26.49
C ARG Y 70 -118.94 -10.85 25.03
N ALA Y 71 -117.81 -10.29 24.58
CA ALA Y 71 -117.36 -10.43 23.20
C ALA Y 71 -115.88 -10.79 23.18
N VAL Y 72 -115.50 -11.59 22.20
CA VAL Y 72 -114.10 -11.94 21.94
C VAL Y 72 -113.89 -11.93 20.43
N PHE Y 73 -113.31 -10.85 19.92
CA PHE Y 73 -113.00 -10.72 18.50
C PHE Y 73 -111.69 -11.46 18.24
N VAL Y 74 -111.78 -12.56 17.49
CA VAL Y 74 -110.63 -13.39 17.12
C VAL Y 74 -110.39 -13.20 15.63
N ASP Y 75 -109.13 -13.04 15.27
CA ASP Y 75 -108.74 -12.95 13.87
C ASP Y 75 -107.25 -13.20 13.76
N LEU Y 76 -106.86 -13.89 12.68
CA LEU Y 76 -105.45 -14.22 12.47
C LEU Y 76 -104.67 -13.02 11.94
N GLU Y 77 -105.23 -12.28 10.99
CA GLU Y 77 -104.56 -11.09 10.47
C GLU Y 77 -104.73 -9.93 11.45
N PRO Y 78 -103.66 -9.19 11.79
CA PRO Y 78 -103.76 -8.24 12.90
C PRO Y 78 -104.21 -6.83 12.54
N THR Y 79 -104.54 -6.56 11.28
CA THR Y 79 -104.92 -5.20 10.89
C THR Y 79 -106.25 -4.77 11.50
N VAL Y 80 -107.20 -5.67 11.63
CA VAL Y 80 -108.50 -5.33 12.19
C VAL Y 80 -108.46 -5.23 13.72
N ILE Y 81 -107.58 -5.98 14.37
CA ILE Y 81 -107.58 -6.04 15.84
C ILE Y 81 -107.02 -4.74 16.41
N ASP Y 82 -105.82 -4.33 15.96
CA ASP Y 82 -105.21 -3.12 16.48
C ASP Y 82 -105.96 -1.87 16.03
N GLU Y 83 -106.67 -1.93 14.90
CA GLU Y 83 -107.51 -0.79 14.51
C GLU Y 83 -108.65 -0.60 15.50
N ILE Y 84 -109.17 -1.70 16.05
CA ILE Y 84 -110.19 -1.59 17.09
C ILE Y 84 -109.57 -1.06 18.38
N ARG Y 85 -108.33 -1.45 18.67
CA ARG Y 85 -107.62 -0.93 19.83
C ARG Y 85 -107.31 0.55 19.68
N ASN Y 86 -106.96 1.00 18.48
CA ASN Y 86 -106.75 2.41 18.16
C ASN Y 86 -107.99 3.07 17.57
N GLY Y 87 -109.16 2.41 17.62
CA GLY Y 87 -110.38 2.97 17.10
C GLY Y 87 -111.00 3.95 18.07
N PRO Y 88 -112.26 4.32 17.85
CA PRO Y 88 -112.96 5.17 18.82
C PRO Y 88 -113.44 4.42 20.04
N TYR Y 89 -113.84 3.16 19.85
CA TYR Y 89 -114.38 2.33 20.93
C TYR Y 89 -113.27 1.56 21.63
N ARG Y 90 -112.39 2.30 22.29
CA ARG Y 90 -111.23 1.70 22.97
C ARG Y 90 -111.62 1.14 24.33
N GLN Y 91 -112.31 1.93 25.15
CA GLN Y 91 -112.56 1.58 26.54
C GLN Y 91 -113.71 0.58 26.72
N LEU Y 92 -114.56 0.40 25.72
CA LEU Y 92 -115.66 -0.55 25.85
C LEU Y 92 -115.15 -1.98 25.91
N PHE Y 93 -114.47 -2.43 24.86
CA PHE Y 93 -114.01 -3.80 24.78
C PHE Y 93 -112.77 -4.00 25.65
N HIS Y 94 -112.62 -5.21 26.18
CA HIS Y 94 -111.46 -5.52 27.01
C HIS Y 94 -110.22 -5.55 26.12
N PRO Y 95 -109.05 -5.06 26.60
CA PRO Y 95 -107.86 -5.14 25.73
C PRO Y 95 -107.37 -6.56 25.53
N GLU Y 96 -107.61 -7.45 26.49
CA GLU Y 96 -107.19 -8.84 26.36
C GLU Y 96 -108.13 -9.66 25.50
N GLN Y 97 -109.42 -9.31 25.49
CA GLN Y 97 -110.39 -10.05 24.69
C GLN Y 97 -110.13 -9.90 23.19
N LEU Y 98 -109.54 -8.79 22.77
CA LEU Y 98 -109.24 -8.55 21.37
C LEU Y 98 -108.03 -9.39 20.99
N ILE Y 99 -108.28 -10.65 20.60
CA ILE Y 99 -107.22 -11.59 20.27
C ILE Y 99 -106.74 -11.30 18.85
N THR Y 100 -105.43 -11.41 18.66
CA THR Y 100 -104.78 -11.24 17.35
C THR Y 100 -103.81 -12.39 17.11
N GLY Y 101 -103.68 -12.77 15.85
CA GLY Y 101 -102.78 -13.84 15.44
C GLY Y 101 -101.41 -13.34 15.09
N LYS Y 102 -100.73 -14.09 14.22
CA LYS Y 102 -99.37 -13.80 13.76
C LYS Y 102 -99.24 -13.81 12.25
N GLU Y 103 -100.05 -14.64 11.57
CA GLU Y 103 -99.99 -14.79 10.13
C GLU Y 103 -101.40 -15.04 9.60
N ASP Y 104 -101.70 -14.40 8.47
CA ASP Y 104 -103.05 -14.43 7.92
C ASP Y 104 -103.39 -15.82 7.39
N ALA Y 105 -104.68 -16.16 7.44
CA ALA Y 105 -105.17 -17.40 6.86
C ALA Y 105 -104.93 -17.47 5.35
N ALA Y 106 -104.95 -16.32 4.68
CA ALA Y 106 -104.63 -16.20 3.26
C ALA Y 106 -105.63 -16.97 2.39
N ASN Y 107 -106.92 -16.79 2.72
CA ASN Y 107 -108.02 -17.22 1.86
C ASN Y 107 -108.05 -18.74 1.67
N ASN Y 108 -107.52 -19.48 2.63
CA ASN Y 108 -107.34 -20.93 2.55
C ASN Y 108 -108.07 -21.59 3.71
N TYR Y 109 -108.90 -22.58 3.41
CA TYR Y 109 -109.57 -23.34 4.45
C TYR Y 109 -108.58 -24.12 5.30
N ALA Y 110 -107.55 -24.68 4.66
CA ALA Y 110 -106.62 -25.55 5.39
C ALA Y 110 -105.67 -24.73 6.26
N ARG Y 111 -105.26 -23.55 5.81
CA ARG Y 111 -104.23 -22.80 6.52
C ARG Y 111 -104.78 -22.23 7.82
N GLY Y 112 -106.03 -21.77 7.84
CA GLY Y 112 -106.66 -21.31 9.06
C GLY Y 112 -107.20 -22.40 9.97
N HIS Y 113 -107.02 -23.68 9.61
CA HIS Y 113 -107.57 -24.82 10.34
C HIS Y 113 -106.51 -25.71 10.96
N TYR Y 114 -105.36 -25.89 10.29
CA TYR Y 114 -104.32 -26.83 10.71
C TYR Y 114 -103.02 -26.14 11.12
N THR Y 115 -102.44 -25.31 10.25
CA THR Y 115 -101.17 -24.67 10.57
C THR Y 115 -101.36 -23.52 11.55
N ILE Y 116 -102.10 -22.49 11.15
CA ILE Y 116 -102.34 -21.32 12.01
C ILE Y 116 -103.50 -21.56 12.96
N GLY Y 117 -104.43 -22.47 12.63
CA GLY Y 117 -105.59 -22.67 13.49
C GLY Y 117 -105.24 -23.38 14.78
N LYS Y 118 -104.44 -24.45 14.68
CA LYS Y 118 -104.13 -25.29 15.84
C LYS Y 118 -103.34 -24.54 16.90
N GLU Y 119 -102.50 -23.59 16.51
CA GLU Y 119 -101.61 -22.91 17.46
C GLU Y 119 -102.26 -21.71 18.15
N ILE Y 120 -103.53 -21.39 17.86
CA ILE Y 120 -104.21 -20.21 18.41
C ILE Y 120 -105.54 -20.58 19.08
N ILE Y 121 -106.08 -21.76 18.80
CA ILE Y 121 -107.31 -22.19 19.47
C ILE Y 121 -107.10 -22.37 20.97
N ASP Y 122 -105.88 -22.70 21.42
CA ASP Y 122 -105.67 -22.99 22.83
C ASP Y 122 -105.82 -21.74 23.68
N PRO Y 123 -105.31 -20.57 23.27
CA PRO Y 123 -105.71 -19.34 23.96
C PRO Y 123 -107.20 -19.02 23.84
N VAL Y 124 -107.86 -19.47 22.77
CA VAL Y 124 -109.23 -19.04 22.49
C VAL Y 124 -110.23 -19.94 23.21
N LEU Y 125 -110.03 -21.25 23.15
CA LEU Y 125 -111.04 -22.19 23.67
C LEU Y 125 -111.15 -22.12 25.19
N ASP Y 126 -110.01 -22.05 25.87
CA ASP Y 126 -110.04 -21.90 27.33
C ASP Y 126 -110.56 -20.54 27.77
N ARG Y 127 -110.52 -19.52 26.90
CA ARG Y 127 -111.04 -18.21 27.27
C ARG Y 127 -112.56 -18.23 27.35
N ILE Y 128 -113.22 -18.80 26.33
CA ILE Y 128 -114.67 -18.89 26.35
C ILE Y 128 -115.17 -19.80 27.47
N ARG Y 129 -114.35 -20.76 27.93
CA ARG Y 129 -114.71 -21.56 29.09
C ARG Y 129 -114.82 -20.69 30.34
N LYS Y 130 -113.73 -20.02 30.71
CA LYS Y 130 -113.74 -19.20 31.92
C LYS Y 130 -114.59 -17.94 31.75
N LEU Y 131 -114.72 -17.43 30.53
CA LEU Y 131 -115.63 -16.33 30.27
C LEU Y 131 -117.09 -16.73 30.39
N SER Y 132 -117.39 -18.04 30.27
CA SER Y 132 -118.72 -18.57 30.54
C SER Y 132 -118.92 -18.95 31.99
N ASP Y 133 -117.85 -19.27 32.72
CA ASP Y 133 -117.98 -19.66 34.12
C ASP Y 133 -118.47 -18.51 34.99
N GLN Y 134 -117.99 -17.29 34.73
CA GLN Y 134 -118.52 -16.12 35.43
C GLN Y 134 -119.99 -15.90 35.13
N CYS Y 135 -120.46 -16.28 33.95
CA CYS Y 135 -121.87 -16.26 33.63
C CYS Y 135 -122.58 -17.45 34.26
N THR Y 136 -123.92 -17.37 34.30
CA THR Y 136 -124.77 -18.43 34.85
C THR Y 136 -125.95 -18.80 33.95
N GLY Y 137 -126.45 -17.88 33.12
CA GLY Y 137 -127.61 -18.11 32.28
C GLY Y 137 -127.24 -18.12 30.81
N LEU Y 138 -126.13 -18.78 30.47
CA LEU Y 138 -125.66 -18.86 29.09
C LEU Y 138 -126.66 -19.66 28.27
N GLN Y 139 -127.42 -18.96 27.42
CA GLN Y 139 -128.44 -19.62 26.61
C GLN Y 139 -127.81 -20.37 25.43
N GLY Y 140 -126.78 -19.81 24.83
CA GLY Y 140 -126.14 -20.44 23.69
C GLY Y 140 -124.98 -19.62 23.17
N PHE Y 141 -124.76 -19.72 21.86
CA PHE Y 141 -123.70 -19.00 21.17
C PHE Y 141 -124.23 -18.44 19.86
N LEU Y 142 -123.61 -17.34 19.42
CA LEU Y 142 -123.83 -16.81 18.08
C LEU Y 142 -122.50 -16.31 17.54
N VAL Y 143 -122.19 -16.70 16.30
CA VAL Y 143 -120.92 -16.38 15.65
C VAL Y 143 -121.19 -15.48 14.45
N PHE Y 144 -120.12 -14.85 13.98
CA PHE Y 144 -120.15 -13.94 12.83
C PHE Y 144 -118.91 -14.16 12.00
N HIS Y 145 -119.07 -14.48 10.73
CA HIS Y 145 -117.95 -14.85 9.87
C HIS Y 145 -118.45 -14.85 8.42
N SER Y 146 -117.59 -15.29 7.51
CA SER Y 146 -117.92 -15.46 6.10
C SER Y 146 -117.07 -16.57 5.53
N PHE Y 147 -117.71 -17.58 4.93
CA PHE Y 147 -117.00 -18.71 4.36
C PHE Y 147 -116.28 -18.39 3.05
N GLY Y 148 -116.38 -17.17 2.52
CA GLY Y 148 -115.63 -16.79 1.36
C GLY Y 148 -114.14 -16.64 1.56
N GLY Y 149 -113.68 -16.57 2.81
CA GLY Y 149 -112.27 -16.44 3.12
C GLY Y 149 -111.70 -17.70 3.77
N GLY Y 150 -110.49 -17.54 4.31
CA GLY Y 150 -109.77 -18.63 4.94
C GLY Y 150 -110.03 -18.72 6.42
N THR Y 151 -109.85 -17.61 7.14
CA THR Y 151 -110.07 -17.62 8.59
C THR Y 151 -111.56 -17.79 8.92
N GLY Y 152 -112.43 -17.28 8.05
CA GLY Y 152 -113.86 -17.48 8.24
C GLY Y 152 -114.34 -18.89 7.92
N SER Y 153 -113.52 -19.71 7.24
CA SER Y 153 -113.89 -21.06 6.84
C SER Y 153 -113.18 -22.11 7.70
N GLY Y 154 -111.85 -22.03 7.79
CA GLY Y 154 -111.11 -23.06 8.51
C GLY Y 154 -111.19 -22.89 10.01
N PHE Y 155 -110.84 -21.72 10.51
CA PHE Y 155 -110.81 -21.50 11.95
C PHE Y 155 -112.20 -21.56 12.57
N THR Y 156 -113.23 -21.16 11.82
CA THR Y 156 -114.59 -21.18 12.35
C THR Y 156 -115.08 -22.60 12.56
N SER Y 157 -114.82 -23.47 11.58
CA SER Y 157 -115.19 -24.88 11.73
C SER Y 157 -114.40 -25.55 12.85
N LEU Y 158 -113.17 -25.09 13.08
CA LEU Y 158 -112.34 -25.68 14.12
C LEU Y 158 -112.88 -25.34 15.51
N LEU Y 159 -113.15 -24.06 15.77
CA LEU Y 159 -113.63 -23.67 17.09
C LEU Y 159 -115.05 -24.19 17.34
N MET Y 160 -115.91 -24.13 16.33
CA MET Y 160 -117.27 -24.62 16.48
C MET Y 160 -117.30 -26.13 16.69
N GLU Y 161 -116.33 -26.85 16.10
CA GLU Y 161 -116.19 -28.27 16.39
C GLU Y 161 -115.59 -28.48 17.78
N ARG Y 162 -114.70 -27.60 18.21
CA ARG Y 162 -114.03 -27.76 19.49
C ARG Y 162 -114.94 -27.46 20.68
N LEU Y 163 -115.93 -26.58 20.51
CA LEU Y 163 -116.89 -26.28 21.57
C LEU Y 163 -118.13 -27.17 21.50
N SER Y 164 -118.48 -27.68 20.31
CA SER Y 164 -119.64 -28.55 20.19
C SER Y 164 -119.39 -29.89 20.88
N VAL Y 165 -118.17 -30.41 20.83
CA VAL Y 165 -117.85 -31.64 21.54
C VAL Y 165 -117.83 -31.42 23.05
N ASP Y 166 -117.60 -30.19 23.51
CA ASP Y 166 -117.58 -29.87 24.94
C ASP Y 166 -118.98 -29.61 25.47
N TYR Y 167 -119.68 -28.63 24.89
CA TYR Y 167 -121.02 -28.27 25.32
C TYR Y 167 -122.08 -29.13 24.63
N GLY Y 168 -122.16 -29.05 23.30
CA GLY Y 168 -123.08 -29.88 22.55
C GLY Y 168 -124.53 -29.44 22.63
N LYS Y 169 -125.12 -29.53 23.82
CA LYS Y 169 -126.53 -29.25 24.01
C LYS Y 169 -126.90 -27.80 23.75
N LYS Y 170 -125.96 -26.87 23.92
CA LYS Y 170 -126.27 -25.45 23.74
C LYS Y 170 -126.42 -25.11 22.27
N SER Y 171 -127.15 -24.04 22.00
CA SER Y 171 -127.46 -23.65 20.63
C SER Y 171 -126.27 -22.95 19.99
N LYS Y 172 -126.32 -22.85 18.65
CA LYS Y 172 -125.30 -22.20 17.85
C LYS Y 172 -125.99 -21.45 16.72
N LEU Y 173 -125.95 -20.12 16.77
CA LEU Y 173 -126.62 -19.25 15.79
C LEU Y 173 -125.55 -18.74 14.83
N GLU Y 174 -125.39 -19.43 13.71
CA GLU Y 174 -124.37 -19.08 12.73
C GLU Y 174 -124.88 -17.97 11.82
N PHE Y 175 -124.01 -17.01 11.52
CA PHE Y 175 -124.29 -15.87 10.63
C PHE Y 175 -123.15 -15.78 9.63
N SER Y 176 -123.30 -16.47 8.50
CA SER Y 176 -122.29 -16.53 7.45
C SER Y 176 -122.73 -15.73 6.23
N ILE Y 177 -121.77 -15.04 5.62
CA ILE Y 177 -122.00 -14.25 4.41
C ILE Y 177 -121.54 -15.10 3.22
N TYR Y 178 -122.51 -15.66 2.47
CA TYR Y 178 -122.23 -16.47 1.29
C TYR Y 178 -121.96 -15.58 0.07
N PRO Y 179 -121.32 -16.10 -0.98
CA PRO Y 179 -121.09 -15.27 -2.16
C PRO Y 179 -122.36 -15.17 -3.02
N ALA Y 180 -122.42 -14.11 -3.82
CA ALA Y 180 -123.56 -13.90 -4.68
C ALA Y 180 -123.49 -14.82 -5.90
N PRO Y 181 -124.58 -14.91 -6.70
CA PRO Y 181 -124.54 -15.79 -7.89
C PRO Y 181 -123.50 -15.37 -8.92
N GLN Y 182 -123.48 -14.08 -9.29
CA GLN Y 182 -122.56 -13.54 -10.28
C GLN Y 182 -121.51 -12.60 -9.69
N VAL Y 183 -121.86 -11.82 -8.68
CA VAL Y 183 -120.91 -10.97 -7.99
C VAL Y 183 -120.08 -11.85 -7.05
N SER Y 184 -118.80 -11.52 -6.91
CA SER Y 184 -117.94 -12.26 -6.00
C SER Y 184 -116.69 -11.45 -5.73
N THR Y 185 -116.15 -11.61 -4.52
CA THR Y 185 -114.96 -10.90 -4.06
C THR Y 185 -113.68 -11.68 -4.31
N ALA Y 186 -113.74 -13.02 -4.21
CA ALA Y 186 -112.60 -13.90 -4.42
C ALA Y 186 -112.83 -14.76 -5.67
N VAL Y 187 -111.91 -15.69 -5.90
CA VAL Y 187 -112.00 -16.66 -6.99
C VAL Y 187 -112.12 -18.09 -6.49
N VAL Y 188 -111.55 -18.42 -5.32
CA VAL Y 188 -111.59 -19.78 -4.77
C VAL Y 188 -112.65 -19.96 -3.71
N GLU Y 189 -113.62 -19.05 -3.60
CA GLU Y 189 -114.67 -19.18 -2.58
C GLU Y 189 -115.56 -20.44 -2.72
N PRO Y 190 -115.72 -21.08 -3.90
CA PRO Y 190 -116.39 -22.39 -3.84
C PRO Y 190 -115.59 -23.44 -3.09
N TYR Y 191 -114.26 -23.43 -3.23
CA TYR Y 191 -113.43 -24.37 -2.48
C TYR Y 191 -113.49 -24.08 -0.98
N ASN Y 192 -113.55 -22.80 -0.61
CA ASN Y 192 -113.59 -22.45 0.80
C ASN Y 192 -114.95 -22.80 1.41
N SER Y 193 -116.03 -22.59 0.65
CA SER Y 193 -117.37 -22.82 1.18
C SER Y 193 -117.72 -24.30 1.18
N ILE Y 194 -117.25 -25.05 0.17
CA ILE Y 194 -117.63 -26.45 0.06
C ILE Y 194 -116.93 -27.29 1.12
N LEU Y 195 -115.71 -26.92 1.52
CA LEU Y 195 -114.99 -27.69 2.53
C LEU Y 195 -115.50 -27.41 3.94
N THR Y 196 -115.77 -26.15 4.26
CA THR Y 196 -116.22 -25.80 5.61
C THR Y 196 -117.66 -26.21 5.87
N THR Y 197 -118.49 -26.29 4.84
CA THR Y 197 -119.85 -26.78 5.01
C THR Y 197 -119.90 -28.27 5.27
N HIS Y 198 -118.86 -29.03 4.91
CA HIS Y 198 -118.82 -30.45 5.21
C HIS Y 198 -118.81 -30.69 6.72
N THR Y 199 -118.14 -29.82 7.48
CA THR Y 199 -118.12 -29.90 8.93
C THR Y 199 -119.29 -29.17 9.59
N THR Y 200 -119.79 -28.12 8.94
CA THR Y 200 -120.91 -27.35 9.49
C THR Y 200 -122.26 -28.03 9.28
N LEU Y 201 -122.36 -29.00 8.36
CA LEU Y 201 -123.65 -29.61 8.05
C LEU Y 201 -124.21 -30.43 9.22
N GLU Y 202 -123.33 -30.95 10.10
CA GLU Y 202 -123.73 -31.86 11.17
C GLU Y 202 -123.66 -31.25 12.56
N HIS Y 203 -122.77 -30.28 12.79
CA HIS Y 203 -122.57 -29.70 14.11
C HIS Y 203 -123.43 -28.46 14.37
N SER Y 204 -123.79 -27.71 13.34
CA SER Y 204 -124.54 -26.47 13.49
C SER Y 204 -126.03 -26.77 13.62
N ASP Y 205 -126.67 -26.15 14.61
CA ASP Y 205 -128.11 -26.33 14.79
C ASP Y 205 -128.90 -25.48 13.81
N CYS Y 206 -128.48 -24.23 13.61
CA CYS Y 206 -129.13 -23.34 12.65
C CYS Y 206 -128.10 -22.33 12.18
N ALA Y 207 -128.32 -21.80 10.97
CA ALA Y 207 -127.37 -20.90 10.32
C ALA Y 207 -128.13 -19.95 9.40
N PHE Y 208 -128.26 -18.70 9.84
CA PHE Y 208 -128.82 -17.65 9.00
C PHE Y 208 -127.75 -17.14 8.04
N MET Y 209 -128.18 -16.70 6.86
CA MET Y 209 -127.30 -16.39 5.74
C MET Y 209 -127.54 -14.98 5.22
N VAL Y 210 -126.48 -14.39 4.69
CA VAL Y 210 -126.47 -13.05 4.12
C VAL Y 210 -125.74 -13.12 2.80
N ASP Y 211 -126.10 -12.24 1.87
CA ASP Y 211 -125.54 -12.19 0.52
C ASP Y 211 -124.98 -10.78 0.25
N ASN Y 212 -124.17 -10.68 -0.81
CA ASN Y 212 -123.44 -9.46 -1.14
C ASN Y 212 -124.25 -8.52 -2.03
N GLU Y 213 -124.68 -8.96 -3.21
CA GLU Y 213 -125.44 -8.08 -4.09
C GLU Y 213 -126.89 -7.90 -3.65
N ALA Y 214 -127.44 -8.84 -2.88
CA ALA Y 214 -128.81 -8.72 -2.42
C ALA Y 214 -128.97 -7.54 -1.47
N ILE Y 215 -128.09 -7.44 -0.48
CA ILE Y 215 -128.17 -6.33 0.46
C ILE Y 215 -127.85 -5.00 -0.22
N TYR Y 216 -127.01 -5.02 -1.27
CA TYR Y 216 -126.83 -3.83 -2.08
C TYR Y 216 -128.13 -3.43 -2.77
N ASP Y 217 -128.93 -4.42 -3.18
CA ASP Y 217 -130.20 -4.13 -3.83
C ASP Y 217 -131.21 -3.51 -2.87
N ILE Y 218 -131.08 -3.80 -1.57
CA ILE Y 218 -131.99 -3.22 -0.58
C ILE Y 218 -131.77 -1.71 -0.49
N CYS Y 219 -130.52 -1.30 -0.31
CA CYS Y 219 -130.21 0.12 -0.18
C CYS Y 219 -130.26 0.88 -1.49
N ARG Y 220 -130.24 0.18 -2.64
CA ARG Y 220 -130.30 0.84 -3.94
C ARG Y 220 -131.72 1.31 -4.26
N ARG Y 221 -132.70 0.42 -4.13
CA ARG Y 221 -134.08 0.75 -4.52
C ARG Y 221 -134.78 1.55 -3.43
N ASN Y 222 -134.89 0.98 -2.23
CA ASN Y 222 -135.70 1.58 -1.18
C ASN Y 222 -134.98 2.73 -0.47
N LEU Y 223 -133.71 2.56 -0.11
CA LEU Y 223 -132.95 3.58 0.60
C LEU Y 223 -132.23 4.57 -0.31
N ASP Y 224 -132.27 4.37 -1.65
CA ASP Y 224 -131.73 5.26 -2.68
C ASP Y 224 -130.29 5.71 -2.44
N ILE Y 225 -129.48 4.86 -1.80
CA ILE Y 225 -128.06 5.12 -1.58
C ILE Y 225 -127.34 4.54 -2.79
N GLU Y 226 -126.99 5.41 -3.74
CA GLU Y 226 -126.32 4.98 -4.96
C GLU Y 226 -124.84 4.67 -4.77
N ARG Y 227 -124.22 5.11 -3.67
CA ARG Y 227 -122.81 4.85 -3.36
C ARG Y 227 -122.69 4.41 -1.91
N PRO Y 228 -123.11 3.18 -1.59
CA PRO Y 228 -122.95 2.66 -0.23
C PRO Y 228 -121.59 1.99 -0.03
N THR Y 229 -121.33 1.62 1.23
CA THR Y 229 -120.11 0.94 1.62
C THR Y 229 -120.46 -0.15 2.64
N TYR Y 230 -119.45 -0.94 3.03
CA TYR Y 230 -119.67 -2.00 4.00
C TYR Y 230 -120.06 -1.45 5.37
N THR Y 231 -119.67 -0.21 5.68
CA THR Y 231 -120.10 0.41 6.93
C THR Y 231 -121.61 0.58 6.96
N ASN Y 232 -122.22 0.92 5.82
CA ASN Y 232 -123.67 1.05 5.75
C ASN Y 232 -124.35 -0.31 5.74
N LEU Y 233 -123.72 -1.32 5.14
CA LEU Y 233 -124.33 -2.65 5.08
C LEU Y 233 -124.43 -3.27 6.46
N ASN Y 234 -123.42 -3.08 7.31
CA ASN Y 234 -123.41 -3.69 8.63
C ASN Y 234 -124.41 -3.04 9.59
N ARG Y 235 -124.87 -1.82 9.30
CA ARG Y 235 -125.83 -1.17 10.18
C ARG Y 235 -127.17 -1.89 10.17
N LEU Y 236 -127.74 -2.10 8.98
CA LEU Y 236 -129.01 -2.83 8.90
C LEU Y 236 -128.87 -4.29 9.28
N ILE Y 237 -127.67 -4.87 9.14
CA ILE Y 237 -127.43 -6.21 9.66
C ILE Y 237 -127.43 -6.19 11.18
N SER Y 238 -126.91 -5.11 11.78
CA SER Y 238 -126.98 -4.96 13.22
C SER Y 238 -128.42 -4.82 13.70
N GLN Y 239 -129.28 -4.19 12.90
CA GLN Y 239 -130.70 -4.10 13.24
C GLN Y 239 -131.35 -5.48 13.24
N ILE Y 240 -130.89 -6.38 12.36
CA ILE Y 240 -131.47 -7.71 12.30
C ILE Y 240 -131.08 -8.52 13.53
N VAL Y 241 -129.77 -8.64 13.78
CA VAL Y 241 -129.29 -9.48 14.88
C VAL Y 241 -129.56 -8.89 16.25
N SER Y 242 -129.80 -7.58 16.34
CA SER Y 242 -130.23 -6.97 17.59
C SER Y 242 -131.72 -7.14 17.84
N SER Y 243 -132.52 -7.20 16.76
CA SER Y 243 -133.96 -7.35 16.91
C SER Y 243 -134.35 -8.77 17.29
N ILE Y 244 -133.61 -9.79 16.84
CA ILE Y 244 -133.93 -11.16 17.22
C ILE Y 244 -133.66 -11.41 18.71
N THR Y 245 -132.60 -10.81 19.26
CA THR Y 245 -132.30 -10.89 20.68
C THR Y 245 -132.93 -9.77 21.50
N ALA Y 246 -133.81 -8.96 20.91
CA ALA Y 246 -134.48 -7.90 21.65
C ALA Y 246 -135.53 -8.41 22.61
N SER Y 247 -136.00 -9.65 22.45
CA SER Y 247 -137.02 -10.19 23.35
C SER Y 247 -136.44 -10.48 24.73
N LEU Y 248 -135.23 -11.03 24.79
CA LEU Y 248 -134.61 -11.33 26.07
C LEU Y 248 -134.09 -10.09 26.79
N ARG Y 249 -133.76 -9.03 26.04
CA ARG Y 249 -133.25 -7.81 26.67
C ARG Y 249 -134.37 -7.01 27.33
N PHE Y 250 -135.34 -6.57 26.53
CA PHE Y 250 -136.45 -5.75 26.98
C PHE Y 250 -137.70 -6.60 27.14
N ASP Y 251 -138.65 -6.08 27.92
CA ASP Y 251 -139.90 -6.78 28.15
C ASP Y 251 -140.77 -6.72 26.90
N GLY Y 252 -141.52 -7.82 26.65
CA GLY Y 252 -142.37 -7.92 25.50
C GLY Y 252 -143.68 -8.60 25.85
N ALA Y 253 -144.68 -8.37 25.00
CA ALA Y 253 -145.98 -8.98 25.19
C ALA Y 253 -145.94 -10.49 24.95
N LEU Y 254 -145.06 -10.95 24.07
CA LEU Y 254 -144.86 -12.39 23.80
C LEU Y 254 -143.34 -12.59 23.71
N ASN Y 255 -142.73 -12.92 24.84
CA ASN Y 255 -141.29 -13.07 24.91
C ASN Y 255 -140.86 -14.39 24.27
N VAL Y 256 -139.85 -14.32 23.40
CA VAL Y 256 -139.24 -15.47 22.77
C VAL Y 256 -137.76 -15.48 23.12
N ASP Y 257 -137.18 -16.68 23.09
CA ASP Y 257 -135.79 -16.94 23.47
C ASP Y 257 -135.04 -17.55 22.29
N LEU Y 258 -133.74 -17.73 22.48
CA LEU Y 258 -132.88 -18.25 21.42
C LEU Y 258 -133.17 -19.72 21.09
N THR Y 259 -133.75 -20.48 22.00
CA THR Y 259 -134.09 -21.87 21.73
C THR Y 259 -135.29 -22.02 20.81
N GLU Y 260 -136.07 -20.96 20.59
CA GLU Y 260 -137.18 -21.03 19.65
C GLU Y 260 -136.69 -21.20 18.21
N PHE Y 261 -135.51 -20.68 17.89
CA PHE Y 261 -134.96 -20.79 16.55
C PHE Y 261 -134.55 -22.21 16.17
N GLN Y 262 -134.42 -23.13 17.14
CA GLN Y 262 -134.10 -24.52 16.87
C GLN Y 262 -135.34 -25.37 16.67
N THR Y 263 -136.39 -25.12 17.45
CA THR Y 263 -137.58 -25.96 17.41
C THR Y 263 -138.49 -25.61 16.23
N ASN Y 264 -138.70 -24.32 15.98
CA ASN Y 264 -139.71 -23.86 15.03
C ASN Y 264 -139.20 -23.78 13.58
N LEU Y 265 -137.88 -23.83 13.35
CA LEU Y 265 -137.28 -23.60 12.05
C LEU Y 265 -136.52 -24.78 11.48
N VAL Y 266 -136.10 -25.74 12.31
CA VAL Y 266 -135.30 -26.88 11.90
C VAL Y 266 -136.21 -28.11 11.87
N PRO Y 267 -136.85 -28.45 10.73
CA PRO Y 267 -137.69 -29.66 10.70
C PRO Y 267 -136.90 -30.95 10.73
N TYR Y 268 -135.65 -30.92 10.25
CA TYR Y 268 -134.75 -32.08 10.22
C TYR Y 268 -133.37 -31.61 10.61
N PRO Y 269 -132.55 -32.46 11.25
CA PRO Y 269 -131.29 -31.94 11.82
C PRO Y 269 -130.25 -31.54 10.80
N ARG Y 270 -130.35 -32.03 9.55
CA ARG Y 270 -129.42 -31.70 8.47
C ARG Y 270 -129.98 -30.71 7.46
N ILE Y 271 -131.21 -30.23 7.63
CA ILE Y 271 -131.78 -29.13 6.86
C ILE Y 271 -131.97 -27.98 7.82
N HIS Y 272 -130.98 -27.10 7.90
CA HIS Y 272 -130.87 -26.06 8.93
C HIS Y 272 -130.39 -24.75 8.31
N PHE Y 273 -131.05 -24.33 7.22
CA PHE Y 273 -130.65 -23.15 6.44
C PHE Y 273 -131.86 -22.22 6.24
N PRO Y 274 -132.17 -21.35 7.21
CA PRO Y 274 -133.18 -20.32 6.97
C PRO Y 274 -132.64 -19.14 6.16
N LEU Y 275 -133.57 -18.36 5.63
CA LEU Y 275 -133.28 -17.10 4.96
C LEU Y 275 -133.33 -15.96 5.97
N ALA Y 276 -133.08 -14.74 5.49
CA ALA Y 276 -133.06 -13.55 6.32
C ALA Y 276 -133.54 -12.35 5.53
N THR Y 277 -134.34 -11.51 6.18
CA THR Y 277 -134.84 -10.28 5.57
C THR Y 277 -135.24 -9.32 6.69
N TYR Y 278 -135.55 -8.09 6.31
CA TYR Y 278 -135.87 -7.03 7.25
C TYR Y 278 -136.73 -5.99 6.57
N ALA Y 279 -137.62 -5.36 7.35
CA ALA Y 279 -138.44 -4.28 6.86
C ALA Y 279 -138.94 -3.48 8.06
N PRO Y 280 -139.25 -2.18 7.90
CA PRO Y 280 -139.17 -1.31 6.72
C PRO Y 280 -137.81 -0.66 6.55
N VAL Y 281 -137.29 -0.67 5.34
CA VAL Y 281 -136.07 0.06 4.96
C VAL Y 281 -136.49 1.30 4.20
N ILE Y 282 -136.28 2.47 4.81
CA ILE Y 282 -136.79 3.72 4.27
C ILE Y 282 -135.86 4.84 4.75
N SER Y 283 -135.66 5.83 3.89
CA SER Y 283 -134.75 6.94 4.17
C SER Y 283 -135.46 7.99 5.03
N ALA Y 284 -134.75 9.07 5.35
CA ALA Y 284 -135.31 10.10 6.23
C ALA Y 284 -136.44 10.86 5.54
N GLU Y 285 -136.17 11.46 4.39
CA GLU Y 285 -137.19 12.21 3.66
C GLU Y 285 -138.35 11.32 3.20
N LYS Y 286 -138.10 10.05 2.94
CA LYS Y 286 -139.16 9.12 2.54
C LYS Y 286 -139.95 8.57 3.73
N ALA Y 287 -139.42 8.65 4.95
CA ALA Y 287 -140.14 8.11 6.10
C ALA Y 287 -141.39 8.93 6.41
N TYR Y 288 -141.30 10.25 6.28
CA TYR Y 288 -142.43 11.12 6.60
C TYR Y 288 -143.54 11.05 5.56
N HIS Y 289 -143.22 10.70 4.32
CA HIS Y 289 -144.22 10.58 3.26
C HIS Y 289 -144.87 9.20 3.21
N GLU Y 290 -144.16 8.16 3.62
CA GLU Y 290 -144.66 6.79 3.59
C GLU Y 290 -145.38 6.46 4.88
N GLN Y 291 -146.51 5.77 4.76
CA GLN Y 291 -147.30 5.38 5.93
C GLN Y 291 -146.66 4.17 6.59
N LEU Y 292 -146.70 4.14 7.92
CA LEU Y 292 -146.06 3.11 8.75
C LEU Y 292 -147.15 2.32 9.47
N SER Y 293 -147.36 1.07 9.04
CA SER Y 293 -148.24 0.15 9.74
C SER Y 293 -147.77 -1.27 9.45
N VAL Y 294 -148.41 -2.28 10.07
CA VAL Y 294 -147.98 -3.65 9.88
C VAL Y 294 -148.41 -4.23 8.53
N ALA Y 295 -149.46 -3.69 7.92
CA ALA Y 295 -149.99 -4.28 6.69
C ALA Y 295 -149.01 -4.10 5.53
N GLU Y 296 -148.45 -2.90 5.38
CA GLU Y 296 -147.58 -2.63 4.25
C GLU Y 296 -146.22 -3.30 4.40
N ILE Y 297 -145.68 -3.38 5.63
CA ILE Y 297 -144.40 -4.03 5.85
C ILE Y 297 -144.51 -5.54 5.85
N THR Y 298 -145.68 -6.09 6.22
CA THR Y 298 -145.89 -7.53 6.14
C THR Y 298 -145.83 -8.02 4.70
N ASN Y 299 -146.32 -7.19 3.76
CA ASN Y 299 -146.17 -7.50 2.34
C ASN Y 299 -144.77 -7.22 1.82
N ALA Y 300 -144.01 -6.34 2.49
CA ALA Y 300 -142.68 -5.97 2.00
C ALA Y 300 -141.66 -7.07 2.26
N CYS Y 301 -141.71 -7.71 3.43
CA CYS Y 301 -140.75 -8.75 3.75
C CYS Y 301 -140.97 -10.01 2.94
N PHE Y 302 -142.22 -10.33 2.60
CA PHE Y 302 -142.53 -11.43 1.69
C PHE Y 302 -142.29 -11.09 0.22
N GLU Y 303 -142.00 -9.83 -0.10
CA GLU Y 303 -141.65 -9.47 -1.47
C GLU Y 303 -140.33 -10.15 -1.83
N PRO Y 304 -140.20 -10.77 -3.02
CA PRO Y 304 -139.00 -11.59 -3.26
C PRO Y 304 -137.71 -10.80 -3.39
N ALA Y 305 -137.76 -9.62 -4.01
CA ALA Y 305 -136.57 -8.79 -4.17
C ALA Y 305 -136.17 -8.06 -2.89
N ASN Y 306 -136.99 -8.10 -1.84
CA ASN Y 306 -136.68 -7.46 -0.56
C ASN Y 306 -135.93 -8.38 0.40
N GLN Y 307 -135.39 -9.51 -0.08
CA GLN Y 307 -134.64 -10.44 0.76
C GLN Y 307 -133.16 -10.16 0.68
N MET Y 308 -132.41 -10.72 1.64
CA MET Y 308 -130.96 -10.60 1.70
C MET Y 308 -130.25 -11.73 0.97
N VAL Y 309 -130.89 -12.36 -0.02
CA VAL Y 309 -130.28 -13.44 -0.78
C VAL Y 309 -130.96 -13.48 -2.15
N LYS Y 310 -130.15 -13.57 -3.21
CA LYS Y 310 -130.68 -13.65 -4.56
C LYS Y 310 -131.23 -15.05 -4.75
N CYS Y 311 -132.53 -15.19 -4.47
CA CYS Y 311 -133.19 -16.49 -4.53
C CYS Y 311 -134.68 -16.25 -4.66
N ASP Y 312 -135.32 -17.00 -5.55
CA ASP Y 312 -136.74 -16.83 -5.83
C ASP Y 312 -137.54 -17.70 -4.87
N PRO Y 313 -138.29 -17.16 -3.91
CA PRO Y 313 -139.12 -18.03 -3.07
C PRO Y 313 -140.29 -18.67 -3.80
N ARG Y 314 -140.70 -18.15 -4.96
CA ARG Y 314 -141.77 -18.78 -5.71
C ARG Y 314 -141.39 -20.15 -6.24
N HIS Y 315 -140.10 -20.38 -6.50
CA HIS Y 315 -139.67 -21.68 -7.00
C HIS Y 315 -139.82 -22.77 -5.96
N GLY Y 316 -139.53 -22.46 -4.69
CA GLY Y 316 -139.59 -23.42 -3.61
C GLY Y 316 -140.85 -23.33 -2.78
N LYS Y 317 -140.80 -23.93 -1.58
CA LYS Y 317 -141.91 -23.92 -0.63
C LYS Y 317 -141.36 -23.68 0.77
N TYR Y 318 -141.98 -22.76 1.49
CA TYR Y 318 -141.53 -22.42 2.84
C TYR Y 318 -141.81 -23.58 3.77
N MET Y 319 -140.75 -24.12 4.38
CA MET Y 319 -140.91 -25.18 5.37
C MET Y 319 -141.45 -24.62 6.68
N ALA Y 320 -140.92 -23.48 7.11
CA ALA Y 320 -141.34 -22.83 8.35
C ALA Y 320 -141.02 -21.35 8.24
N CYS Y 321 -141.75 -20.54 9.00
CA CYS Y 321 -141.59 -19.10 9.00
C CYS Y 321 -141.73 -18.57 10.42
N CYS Y 322 -140.86 -17.62 10.78
CA CYS Y 322 -140.85 -16.97 12.08
C CYS Y 322 -140.87 -15.46 11.87
N LEU Y 323 -141.62 -14.78 12.75
CA LEU Y 323 -141.79 -13.33 12.70
C LEU Y 323 -141.47 -12.76 14.07
N LEU Y 324 -140.78 -11.62 14.10
CA LEU Y 324 -140.44 -10.91 15.32
C LEU Y 324 -140.59 -9.42 15.07
N TYR Y 325 -141.51 -8.79 15.81
CA TYR Y 325 -141.84 -7.37 15.65
C TYR Y 325 -141.28 -6.57 16.82
N ARG Y 326 -141.22 -5.26 16.63
CA ARG Y 326 -140.77 -4.32 17.65
C ARG Y 326 -141.66 -3.09 17.62
N GLY Y 327 -141.70 -2.39 18.76
CA GLY Y 327 -142.44 -1.15 18.86
C GLY Y 327 -143.89 -1.36 19.23
N ASP Y 328 -144.68 -0.30 19.03
CA ASP Y 328 -146.11 -0.30 19.36
C ASP Y 328 -146.88 -0.99 18.24
N VAL Y 329 -146.92 -2.31 18.31
CA VAL Y 329 -147.65 -3.16 17.37
C VAL Y 329 -148.62 -4.01 18.19
N VAL Y 330 -149.91 -3.71 18.06
CA VAL Y 330 -150.95 -4.43 18.79
C VAL Y 330 -151.17 -5.77 18.10
N PRO Y 331 -151.70 -6.81 18.79
CA PRO Y 331 -151.81 -8.13 18.16
C PRO Y 331 -153.00 -8.30 17.22
N LYS Y 332 -153.80 -7.25 17.02
CA LYS Y 332 -154.97 -7.35 16.15
C LYS Y 332 -154.58 -7.25 14.69
N ASP Y 333 -154.05 -6.10 14.28
CA ASP Y 333 -153.76 -5.86 12.87
C ASP Y 333 -152.60 -6.71 12.36
N VAL Y 334 -151.75 -7.22 13.24
CA VAL Y 334 -150.66 -8.09 12.80
C VAL Y 334 -151.22 -9.49 12.48
N ASN Y 335 -152.26 -9.92 13.19
CA ASN Y 335 -152.88 -11.21 12.90
C ASN Y 335 -153.72 -11.15 11.64
N ALA Y 336 -154.36 -10.02 11.38
CA ALA Y 336 -155.10 -9.86 10.14
C ALA Y 336 -154.17 -9.80 8.93
N ALA Y 337 -152.96 -9.28 9.13
CA ALA Y 337 -152.01 -9.18 8.02
C ALA Y 337 -151.53 -10.55 7.58
N ILE Y 338 -151.12 -11.40 8.52
CA ILE Y 338 -150.63 -12.73 8.17
C ILE Y 338 -151.76 -13.61 7.62
N ALA Y 339 -153.00 -13.35 8.05
CA ALA Y 339 -154.13 -14.08 7.48
C ALA Y 339 -154.30 -13.77 6.00
N ALA Y 340 -153.98 -12.54 5.58
CA ALA Y 340 -154.00 -12.21 4.16
C ALA Y 340 -152.88 -12.91 3.40
N ILE Y 341 -151.77 -13.22 4.07
CA ILE Y 341 -150.67 -13.92 3.42
C ILE Y 341 -151.05 -15.38 3.17
N LYS Y 342 -151.89 -15.96 4.03
CA LYS Y 342 -152.27 -17.36 3.87
C LYS Y 342 -153.11 -17.58 2.63
N THR Y 343 -154.08 -16.69 2.37
CA THR Y 343 -154.94 -16.79 1.21
C THR Y 343 -154.29 -16.24 -0.07
N LYS Y 344 -153.20 -15.49 0.04
CA LYS Y 344 -152.50 -15.01 -1.13
C LYS Y 344 -151.76 -16.16 -1.79
N ARG Y 345 -152.14 -16.48 -3.03
CA ARG Y 345 -151.56 -17.60 -3.77
C ARG Y 345 -150.32 -17.22 -4.57
N SER Y 346 -149.77 -16.01 -4.38
CA SER Y 346 -148.52 -15.67 -5.03
C SER Y 346 -147.37 -16.51 -4.50
N ILE Y 347 -147.41 -16.86 -3.21
CA ILE Y 347 -146.48 -17.79 -2.57
C ILE Y 347 -147.26 -19.01 -2.12
N GLN Y 348 -146.56 -20.15 -2.03
CA GLN Y 348 -147.14 -21.44 -1.71
C GLN Y 348 -146.34 -22.09 -0.59
N PHE Y 349 -147.05 -22.52 0.45
CA PHE Y 349 -146.46 -23.24 1.58
C PHE Y 349 -146.53 -24.74 1.33
N VAL Y 350 -145.61 -25.46 1.96
CA VAL Y 350 -145.53 -26.90 1.80
C VAL Y 350 -146.59 -27.57 2.66
N ASP Y 351 -147.06 -28.72 2.19
CA ASP Y 351 -148.07 -29.49 2.92
C ASP Y 351 -147.55 -30.12 4.20
N TRP Y 352 -146.23 -30.23 4.37
CA TRP Y 352 -145.67 -30.85 5.57
C TRP Y 352 -145.71 -29.94 6.79
N CYS Y 353 -146.10 -28.66 6.64
CA CYS Y 353 -146.18 -27.74 7.77
C CYS Y 353 -147.21 -26.66 7.43
N PRO Y 354 -148.52 -26.94 7.55
CA PRO Y 354 -149.51 -25.89 7.23
C PRO Y 354 -149.46 -24.69 8.16
N THR Y 355 -149.30 -24.93 9.46
CA THR Y 355 -149.31 -23.85 10.47
C THR Y 355 -147.87 -23.42 10.76
N GLY Y 356 -147.15 -23.10 9.69
CA GLY Y 356 -145.76 -22.70 9.79
C GLY Y 356 -145.58 -21.22 10.04
N PHE Y 357 -146.08 -20.73 11.17
CA PHE Y 357 -145.98 -19.33 11.56
C PHE Y 357 -145.65 -19.25 13.05
N LYS Y 358 -144.60 -18.49 13.37
CA LYS Y 358 -144.18 -18.21 14.75
C LYS Y 358 -144.09 -16.70 14.89
N VAL Y 359 -145.05 -16.12 15.62
CA VAL Y 359 -145.19 -14.67 15.76
C VAL Y 359 -144.54 -14.25 17.07
N GLY Y 360 -143.90 -13.09 17.05
CA GLY Y 360 -143.30 -12.53 18.26
C GLY Y 360 -143.43 -11.02 18.26
N ILE Y 361 -143.37 -10.44 19.44
CA ILE Y 361 -143.59 -9.01 19.63
C ILE Y 361 -142.76 -8.54 20.82
N ASN Y 362 -142.09 -7.40 20.68
CA ASN Y 362 -141.37 -6.73 21.74
C ASN Y 362 -141.83 -5.28 21.82
N TYR Y 363 -141.92 -4.75 23.04
CA TYR Y 363 -142.40 -3.39 23.25
C TYR Y 363 -141.35 -2.33 22.90
N GLN Y 364 -140.06 -2.64 23.07
CA GLN Y 364 -139.03 -1.64 22.83
C GLN Y 364 -138.92 -1.36 21.33
N PRO Y 365 -138.94 -0.11 20.88
CA PRO Y 365 -139.06 0.15 19.44
C PRO Y 365 -137.71 0.08 18.76
N PRO Y 366 -137.65 0.13 17.42
CA PRO Y 366 -136.35 0.20 16.75
C PRO Y 366 -135.69 1.54 17.00
N THR Y 367 -134.42 1.50 17.41
CA THR Y 367 -133.64 2.71 17.63
C THR Y 367 -133.10 3.24 16.30
N VAL Y 368 -132.24 4.25 16.39
CA VAL Y 368 -131.57 4.81 15.22
C VAL Y 368 -130.21 5.34 15.66
N VAL Y 369 -129.22 5.17 14.79
CA VAL Y 369 -127.84 5.59 15.09
C VAL Y 369 -127.71 7.07 14.76
N PRO Y 370 -126.94 7.87 15.51
CA PRO Y 370 -126.73 9.25 15.07
C PRO Y 370 -125.89 9.29 13.80
N GLY Y 371 -126.44 9.90 12.76
CA GLY Y 371 -125.79 9.97 11.47
C GLY Y 371 -125.93 8.74 10.60
N GLY Y 372 -126.78 7.79 10.99
CA GLY Y 372 -126.94 6.57 10.22
C GLY Y 372 -127.79 6.77 8.98
N ASP Y 373 -127.71 5.78 8.09
CA ASP Y 373 -128.46 5.84 6.83
C ASP Y 373 -129.94 5.52 7.02
N LEU Y 374 -130.27 4.65 7.98
CA LEU Y 374 -131.66 4.31 8.26
C LEU Y 374 -132.32 5.40 9.10
N ALA Y 375 -133.63 5.56 8.90
CA ALA Y 375 -134.43 6.55 9.60
C ALA Y 375 -135.14 5.91 10.78
N LYS Y 376 -135.67 6.77 11.65
CA LYS Y 376 -136.40 6.33 12.83
C LYS Y 376 -137.80 5.87 12.41
N VAL Y 377 -138.20 4.69 12.90
CA VAL Y 377 -139.50 4.10 12.62
C VAL Y 377 -140.10 3.60 13.93
N GLN Y 378 -141.42 3.75 14.04
CA GLN Y 378 -142.13 3.32 15.24
C GLN Y 378 -142.40 1.83 15.29
N ARG Y 379 -142.09 1.07 14.23
CA ARG Y 379 -142.29 -0.36 14.23
C ARG Y 379 -141.37 -0.99 13.19
N ALA Y 380 -141.12 -2.29 13.34
CA ALA Y 380 -140.25 -3.01 12.43
C ALA Y 380 -140.58 -4.49 12.50
N VAL Y 381 -139.97 -5.25 11.59
CA VAL Y 381 -140.15 -6.69 11.51
C VAL Y 381 -138.93 -7.31 10.86
N CYS Y 382 -138.59 -8.51 11.31
CA CYS Y 382 -137.53 -9.33 10.73
C CYS Y 382 -138.02 -10.77 10.64
N MET Y 383 -137.96 -11.34 9.43
CA MET Y 383 -138.48 -12.65 9.14
C MET Y 383 -137.32 -13.61 8.87
N LEU Y 384 -137.31 -14.72 9.61
CA LEU Y 384 -136.40 -15.84 9.38
C LEU Y 384 -137.30 -17.04 9.05
N SER Y 385 -137.06 -17.64 7.88
CA SER Y 385 -137.95 -18.68 7.35
C SER Y 385 -137.14 -19.73 6.62
N ASN Y 386 -137.40 -21.00 6.93
CA ASN Y 386 -136.81 -22.11 6.21
C ASN Y 386 -137.62 -22.39 4.95
N THR Y 387 -136.92 -22.70 3.86
CA THR Y 387 -137.54 -22.93 2.56
C THR Y 387 -136.67 -23.87 1.74
N THR Y 388 -137.30 -24.53 0.78
CA THR Y 388 -136.60 -25.35 -0.21
C THR Y 388 -136.12 -24.53 -1.41
N ALA Y 389 -136.22 -23.19 -1.36
CA ALA Y 389 -135.78 -22.38 -2.49
C ALA Y 389 -134.26 -22.31 -2.60
N ILE Y 390 -133.54 -22.55 -1.50
CA ILE Y 390 -132.09 -22.37 -1.49
C ILE Y 390 -131.36 -23.58 -2.05
N ALA Y 391 -132.08 -24.60 -2.56
CA ALA Y 391 -131.41 -25.75 -3.15
C ALA Y 391 -130.74 -25.38 -4.47
N GLU Y 392 -131.32 -24.43 -5.21
CA GLU Y 392 -130.73 -24.02 -6.48
C GLU Y 392 -129.40 -23.30 -6.27
N ALA Y 393 -129.25 -22.59 -5.15
CA ALA Y 393 -127.97 -21.96 -4.85
C ALA Y 393 -126.89 -23.00 -4.57
N TRP Y 394 -127.24 -24.03 -3.80
CA TRP Y 394 -126.30 -25.14 -3.61
C TRP Y 394 -126.05 -25.89 -4.91
N ALA Y 395 -127.06 -25.98 -5.78
CA ALA Y 395 -126.84 -26.51 -7.12
C ALA Y 395 -125.93 -25.59 -7.93
N ARG Y 396 -126.08 -24.28 -7.76
CA ARG Y 396 -125.21 -23.35 -8.48
C ARG Y 396 -123.78 -23.41 -7.95
N LEU Y 397 -123.62 -23.43 -6.63
CA LEU Y 397 -122.28 -23.53 -6.04
C LEU Y 397 -121.65 -24.87 -6.36
N ASP Y 398 -122.44 -25.95 -6.34
CA ASP Y 398 -121.91 -27.26 -6.69
C ASP Y 398 -121.62 -27.36 -8.18
N HIS Y 399 -122.41 -26.67 -9.01
CA HIS Y 399 -122.19 -26.72 -10.45
C HIS Y 399 -120.88 -26.05 -10.84
N LYS Y 400 -120.63 -24.84 -10.34
CA LYS Y 400 -119.39 -24.14 -10.65
C LYS Y 400 -118.17 -24.82 -10.05
N PHE Y 401 -118.33 -25.49 -8.91
CA PHE Y 401 -117.24 -26.26 -8.31
C PHE Y 401 -116.79 -27.41 -9.19
N ASP Y 402 -117.73 -28.05 -9.90
CA ASP Y 402 -117.36 -29.15 -10.79
C ASP Y 402 -116.52 -28.67 -11.97
N LEU Y 403 -116.72 -27.42 -12.40
CA LEU Y 403 -115.93 -26.89 -13.50
C LEU Y 403 -114.47 -26.73 -13.09
N MET Y 404 -114.23 -26.21 -11.88
CA MET Y 404 -112.86 -26.04 -11.41
C MET Y 404 -112.27 -27.35 -10.90
N TYR Y 405 -113.09 -28.21 -10.30
CA TYR Y 405 -112.60 -29.50 -9.82
C TYR Y 405 -112.21 -30.42 -10.96
N ALA Y 406 -112.88 -30.32 -12.11
CA ALA Y 406 -112.53 -31.14 -13.27
C ALA Y 406 -111.14 -30.80 -13.79
N LYS Y 407 -110.73 -29.54 -13.74
CA LYS Y 407 -109.40 -29.10 -14.13
C LYS Y 407 -108.40 -29.09 -12.96
N ARG Y 408 -108.83 -29.45 -11.74
CA ARG Y 408 -107.97 -29.45 -10.55
C ARG Y 408 -107.41 -28.06 -10.28
N ALA Y 409 -108.26 -27.05 -10.40
CA ALA Y 409 -107.85 -25.67 -10.25
C ALA Y 409 -107.71 -25.30 -8.78
N PHE Y 410 -106.63 -24.60 -8.45
CA PHE Y 410 -106.37 -24.08 -7.11
C PHE Y 410 -106.25 -25.19 -6.07
N VAL Y 411 -105.85 -26.39 -6.48
CA VAL Y 411 -105.77 -27.53 -5.58
C VAL Y 411 -104.39 -27.66 -4.93
N HIS Y 412 -103.34 -27.21 -5.61
CA HIS Y 412 -101.98 -27.41 -5.10
C HIS Y 412 -101.71 -26.59 -3.83
N TRP Y 413 -102.48 -25.51 -3.59
CA TRP Y 413 -102.32 -24.77 -2.34
C TRP Y 413 -102.90 -25.52 -1.16
N TYR Y 414 -104.02 -26.22 -1.34
CA TYR Y 414 -104.63 -26.94 -0.23
C TYR Y 414 -103.81 -28.16 0.17
N VAL Y 415 -103.35 -28.94 -0.81
CA VAL Y 415 -102.51 -30.10 -0.51
C VAL Y 415 -101.13 -29.69 -0.03
N GLY Y 416 -100.66 -28.49 -0.39
CA GLY Y 416 -99.44 -27.97 0.19
C GLY Y 416 -99.56 -27.65 1.68
N GLU Y 417 -100.78 -27.44 2.17
CA GLU Y 417 -101.02 -27.20 3.59
C GLU Y 417 -101.02 -28.49 4.41
N GLY Y 418 -101.40 -29.61 3.82
CA GLY Y 418 -101.44 -30.90 4.51
C GLY Y 418 -102.59 -31.82 4.11
N MET Y 419 -103.56 -31.32 3.35
CA MET Y 419 -104.71 -32.12 2.94
C MET Y 419 -104.37 -32.91 1.69
N GLU Y 420 -105.36 -33.63 1.15
CA GLU Y 420 -105.19 -34.51 -0.01
C GLU Y 420 -106.42 -34.35 -0.90
N GLU Y 421 -106.55 -35.25 -1.87
CA GLU Y 421 -107.69 -35.23 -2.80
C GLU Y 421 -108.94 -35.90 -2.21
N GLY Y 422 -108.78 -36.70 -1.15
CA GLY Y 422 -109.90 -37.51 -0.67
C GLY Y 422 -111.02 -36.68 -0.08
N GLU Y 423 -110.68 -35.78 0.85
CA GLU Y 423 -111.71 -35.00 1.52
C GLU Y 423 -112.39 -34.00 0.59
N PHE Y 424 -111.76 -33.64 -0.54
CA PHE Y 424 -112.47 -32.89 -1.57
C PHE Y 424 -113.64 -33.71 -2.12
N SER Y 425 -113.44 -35.03 -2.27
CA SER Y 425 -114.53 -35.89 -2.70
C SER Y 425 -115.60 -36.00 -1.62
N GLU Y 426 -115.21 -35.99 -0.35
CA GLU Y 426 -116.20 -36.00 0.73
C GLU Y 426 -116.98 -34.69 0.76
N ALA Y 427 -116.31 -33.58 0.48
CA ALA Y 427 -117.01 -32.29 0.43
C ALA Y 427 -117.97 -32.23 -0.74
N ARG Y 428 -117.64 -32.90 -1.86
CA ARG Y 428 -118.53 -32.89 -3.01
C ARG Y 428 -119.76 -33.74 -2.75
N GLU Y 429 -119.57 -34.98 -2.29
CA GLU Y 429 -120.70 -35.88 -2.08
C GLU Y 429 -121.58 -35.45 -0.92
N ASP Y 430 -121.03 -34.75 0.07
CA ASP Y 430 -121.84 -34.31 1.20
C ASP Y 430 -122.84 -33.24 0.77
N MET Y 431 -122.42 -32.33 -0.11
CA MET Y 431 -123.36 -31.38 -0.70
C MET Y 431 -124.31 -32.08 -1.66
N ALA Y 432 -123.83 -33.11 -2.36
CA ALA Y 432 -124.71 -33.90 -3.22
C ALA Y 432 -125.78 -34.62 -2.39
N ALA Y 433 -125.42 -35.03 -1.18
CA ALA Y 433 -126.42 -35.60 -0.26
C ALA Y 433 -127.46 -34.56 0.13
N LEU Y 434 -127.06 -33.29 0.22
CA LEU Y 434 -127.99 -32.24 0.63
C LEU Y 434 -129.01 -31.95 -0.45
N GLU Y 435 -128.63 -32.05 -1.72
CA GLU Y 435 -129.55 -31.74 -2.81
C GLU Y 435 -130.66 -32.79 -2.91
N LYS Y 436 -130.30 -34.07 -2.78
CA LYS Y 436 -131.32 -35.12 -2.80
C LYS Y 436 -132.24 -35.04 -1.58
N ASP Y 437 -131.75 -34.49 -0.46
CA ASP Y 437 -132.62 -34.26 0.68
C ASP Y 437 -133.54 -33.06 0.45
N TYR Y 438 -133.06 -32.05 -0.28
CA TYR Y 438 -133.87 -30.85 -0.51
C TYR Y 438 -134.98 -31.13 -1.52
N GLU Y 439 -134.72 -31.94 -2.54
CA GLU Y 439 -135.76 -32.31 -3.49
C GLU Y 439 -136.73 -33.35 -2.92
N GLU Y 440 -136.27 -34.17 -1.97
CA GLU Y 440 -137.16 -35.12 -1.32
C GLU Y 440 -138.09 -34.43 -0.33
N VAL Y 441 -137.54 -33.56 0.52
CA VAL Y 441 -138.36 -32.85 1.49
C VAL Y 441 -139.28 -31.83 0.82
N GLY Y 442 -138.93 -31.34 -0.37
CA GLY Y 442 -139.76 -30.41 -1.10
C GLY Y 442 -140.93 -31.01 -1.85
N ILE Y 443 -141.19 -32.30 -1.71
CA ILE Y 443 -142.31 -32.93 -2.40
C ILE Y 443 -143.60 -32.48 -1.72
N MET Z 1 -94.59 -7.86 12.97
CA MET Z 1 -95.79 -8.52 12.40
C MET Z 1 -95.71 -8.61 10.89
N ARG Z 2 -95.34 -9.79 10.38
CA ARG Z 2 -95.36 -10.09 8.95
C ARG Z 2 -94.38 -9.21 8.19
N GLU Z 3 -93.14 -9.18 8.66
CA GLU Z 3 -92.11 -8.37 8.03
C GLU Z 3 -91.75 -8.93 6.65
N ILE Z 4 -91.32 -8.02 5.77
CA ILE Z 4 -90.91 -8.34 4.40
C ILE Z 4 -89.45 -7.89 4.26
N VAL Z 5 -88.59 -8.84 3.85
CA VAL Z 5 -87.17 -8.59 3.70
C VAL Z 5 -86.92 -8.19 2.25
N HIS Z 6 -86.47 -6.96 2.04
CA HIS Z 6 -86.19 -6.43 0.72
C HIS Z 6 -84.74 -6.73 0.33
N ILE Z 7 -84.53 -7.08 -0.93
CA ILE Z 7 -83.23 -7.47 -1.45
C ILE Z 7 -83.13 -6.97 -2.89
N GLN Z 8 -82.27 -5.99 -3.12
CA GLN Z 8 -82.13 -5.33 -4.41
C GLN Z 8 -80.92 -5.91 -5.13
N ALA Z 9 -81.18 -6.72 -6.16
CA ALA Z 9 -80.16 -7.38 -6.96
C ALA Z 9 -80.14 -6.78 -8.36
N GLY Z 10 -78.93 -6.61 -8.90
CA GLY Z 10 -78.76 -6.08 -10.24
C GLY Z 10 -78.83 -4.56 -10.27
N GLN Z 11 -78.46 -4.02 -11.44
CA GLN Z 11 -78.46 -2.57 -11.61
C GLN Z 11 -79.88 -2.02 -11.61
N CYS Z 12 -80.76 -2.61 -12.43
CA CYS Z 12 -82.13 -2.11 -12.51
C CYS Z 12 -82.89 -2.36 -11.22
N GLY Z 13 -82.59 -3.47 -10.54
CA GLY Z 13 -83.25 -3.75 -9.27
C GLY Z 13 -82.88 -2.74 -8.20
N ASN Z 14 -81.65 -2.23 -8.24
CA ASN Z 14 -81.26 -1.19 -7.30
C ASN Z 14 -81.95 0.14 -7.63
N GLN Z 15 -82.17 0.41 -8.92
CA GLN Z 15 -82.83 1.65 -9.30
C GLN Z 15 -84.29 1.66 -8.89
N ILE Z 16 -85.04 0.63 -9.30
CA ILE Z 16 -86.46 0.56 -8.92
C ILE Z 16 -86.60 0.29 -7.43
N GLY Z 17 -85.66 -0.44 -6.83
CA GLY Z 17 -85.68 -0.61 -5.39
C GLY Z 17 -85.42 0.68 -4.65
N ALA Z 18 -84.49 1.50 -5.17
CA ALA Z 18 -84.27 2.81 -4.59
C ALA Z 18 -85.49 3.71 -4.76
N LYS Z 19 -86.15 3.61 -5.90
CA LYS Z 19 -87.39 4.35 -6.11
C LYS Z 19 -88.53 3.78 -5.28
N PHE Z 20 -88.48 2.48 -4.98
CA PHE Z 20 -89.53 1.86 -4.17
C PHE Z 20 -89.51 2.40 -2.75
N TRP Z 21 -88.33 2.50 -2.14
CA TRP Z 21 -88.23 3.13 -0.83
C TRP Z 21 -88.55 4.62 -0.89
N GLU Z 22 -88.34 5.25 -2.03
CA GLU Z 22 -88.62 6.69 -2.16
C GLU Z 22 -90.12 6.95 -2.12
N VAL Z 23 -90.89 6.22 -2.92
CA VAL Z 23 -92.30 6.52 -3.07
C VAL Z 23 -93.08 6.15 -1.82
N ILE Z 24 -92.72 5.05 -1.14
CA ILE Z 24 -93.40 4.67 0.08
C ILE Z 24 -92.98 5.52 1.27
N SER Z 25 -91.78 6.11 1.24
CA SER Z 25 -91.36 7.00 2.31
C SER Z 25 -92.23 8.25 2.39
N ASP Z 26 -92.72 8.73 1.24
CA ASP Z 26 -93.64 9.86 1.25
C ASP Z 26 -95.01 9.43 1.78
N GLU Z 27 -95.40 8.18 1.54
CA GLU Z 27 -96.66 7.68 2.08
C GLU Z 27 -96.61 7.58 3.60
N HIS Z 28 -95.51 7.05 4.13
CA HIS Z 28 -95.31 6.98 5.58
C HIS Z 28 -94.81 8.29 6.17
N GLY Z 29 -94.37 9.25 5.36
CA GLY Z 29 -93.93 10.53 5.86
C GLY Z 29 -92.61 10.45 6.59
N ILE Z 30 -91.63 9.81 5.96
CA ILE Z 30 -90.28 9.64 6.51
C ILE Z 30 -89.36 10.62 5.79
N ASP Z 31 -88.53 11.32 6.56
CA ASP Z 31 -87.55 12.22 5.98
C ASP Z 31 -86.43 11.40 5.31
N PRO Z 32 -85.67 11.98 4.38
CA PRO Z 32 -84.50 11.24 3.86
C PRO Z 32 -83.43 10.99 4.91
N THR Z 33 -83.34 11.84 5.93
CA THR Z 33 -82.38 11.61 7.00
C THR Z 33 -82.76 10.40 7.86
N GLY Z 34 -84.04 10.10 7.97
CA GLY Z 34 -84.56 8.95 8.71
C GLY Z 34 -85.58 9.28 9.78
N SER Z 35 -85.83 10.55 10.08
CA SER Z 35 -86.79 10.95 11.10
C SER Z 35 -88.19 11.07 10.49
N TYR Z 36 -89.19 10.95 11.36
CA TYR Z 36 -90.60 11.03 10.96
C TYR Z 36 -91.08 12.46 10.99
N HIS Z 37 -91.78 12.88 9.92
CA HIS Z 37 -92.40 14.20 9.83
C HIS Z 37 -93.77 14.11 9.16
N GLY Z 38 -94.47 12.99 9.35
CA GLY Z 38 -95.78 12.82 8.76
C GLY Z 38 -96.87 13.53 9.53
N ASP Z 39 -98.12 13.13 9.25
CA ASP Z 39 -99.31 13.71 9.85
C ASP Z 39 -100.23 12.68 10.49
N SER Z 40 -100.36 11.49 9.90
CA SER Z 40 -101.27 10.47 10.37
C SER Z 40 -100.59 9.52 11.34
N ASP Z 41 -101.38 9.01 12.30
CA ASP Z 41 -100.88 8.03 13.24
C ASP Z 41 -100.83 6.62 12.67
N LEU Z 42 -101.59 6.33 11.62
CA LEU Z 42 -101.56 5.00 11.01
C LEU Z 42 -100.26 4.73 10.26
N GLN Z 43 -99.48 5.77 9.94
CA GLN Z 43 -98.18 5.55 9.31
C GLN Z 43 -97.23 4.80 10.24
N LEU Z 44 -97.29 5.09 11.54
CA LEU Z 44 -96.50 4.36 12.53
C LEU Z 44 -97.12 3.02 12.92
N GLU Z 45 -98.37 2.76 12.53
CA GLU Z 45 -99.02 1.50 12.88
C GLU Z 45 -98.31 0.31 12.23
N ARG Z 46 -97.83 0.48 11.00
CA ARG Z 46 -97.19 -0.57 10.22
C ARG Z 46 -95.94 -0.04 9.53
N ILE Z 47 -95.16 0.75 10.27
CA ILE Z 47 -93.82 1.15 9.82
C ILE Z 47 -92.80 0.05 10.01
N ASN Z 48 -93.02 -0.84 10.98
CA ASN Z 48 -92.11 -1.96 11.22
C ASN Z 48 -92.23 -3.07 10.17
N VAL Z 49 -93.26 -3.04 9.32
CA VAL Z 49 -93.43 -4.11 8.34
C VAL Z 49 -92.35 -4.06 7.26
N TYR Z 50 -91.71 -2.89 7.06
CA TYR Z 50 -90.58 -2.73 6.15
C TYR Z 50 -89.33 -2.16 6.81
N TYR Z 51 -89.48 -1.31 7.82
CA TYR Z 51 -88.37 -0.63 8.48
C TYR Z 51 -88.08 -1.27 9.84
N ASN Z 52 -86.95 -0.88 10.43
CA ASN Z 52 -86.55 -1.28 11.76
C ASN Z 52 -86.40 -0.05 12.63
N GLU Z 53 -86.85 -0.14 13.89
CA GLU Z 53 -86.74 0.98 14.81
C GLU Z 53 -85.30 1.12 15.29
N ALA Z 54 -84.92 2.37 15.57
CA ALA Z 54 -83.58 2.69 16.08
C ALA Z 54 -83.64 3.86 17.04
N ALA Z 55 -82.50 4.27 17.58
CA ALA Z 55 -82.46 5.35 18.55
C ALA Z 55 -82.78 6.69 17.89
N GLY Z 56 -83.29 7.62 18.69
CA GLY Z 56 -83.64 8.93 18.18
C GLY Z 56 -84.83 8.96 17.26
N ASN Z 57 -85.71 7.96 17.35
CA ASN Z 57 -86.90 7.85 16.49
C ASN Z 57 -86.51 7.77 15.01
N LYS Z 58 -85.38 7.14 14.71
CA LYS Z 58 -84.91 6.94 13.35
C LYS Z 58 -85.30 5.54 12.89
N TYR Z 59 -85.70 5.45 11.61
CA TYR Z 59 -86.15 4.20 11.00
C TYR Z 59 -85.26 3.89 9.81
N VAL Z 60 -84.43 2.86 9.95
CA VAL Z 60 -83.55 2.39 8.88
C VAL Z 60 -84.33 1.38 8.04
N PRO Z 61 -84.22 1.37 6.71
CA PRO Z 61 -84.98 0.37 5.94
C PRO Z 61 -84.30 -0.99 5.96
N ARG Z 62 -85.13 -2.03 5.84
CA ARG Z 62 -84.65 -3.41 5.78
C ARG Z 62 -84.38 -3.79 4.32
N ALA Z 63 -83.39 -3.09 3.76
CA ALA Z 63 -82.97 -3.24 2.37
C ALA Z 63 -81.57 -3.85 2.35
N ILE Z 64 -81.35 -4.77 1.43
CA ILE Z 64 -80.08 -5.46 1.25
C ILE Z 64 -79.70 -5.26 -0.22
N LEU Z 65 -78.81 -4.30 -0.48
CA LEU Z 65 -78.38 -3.97 -1.83
C LEU Z 65 -77.19 -4.86 -2.18
N VAL Z 66 -77.34 -5.66 -3.24
CA VAL Z 66 -76.31 -6.57 -3.74
C VAL Z 66 -76.07 -6.26 -5.21
N ASP Z 67 -74.80 -6.16 -5.58
CA ASP Z 67 -74.39 -5.91 -6.96
C ASP Z 67 -72.90 -6.21 -7.07
N LEU Z 68 -72.50 -6.66 -8.25
CA LEU Z 68 -71.11 -7.01 -8.54
C LEU Z 68 -70.32 -5.86 -9.16
N GLU Z 69 -70.81 -4.61 -9.06
CA GLU Z 69 -70.21 -3.44 -9.67
C GLU Z 69 -70.25 -2.29 -8.66
N PRO Z 70 -69.12 -1.83 -8.10
CA PRO Z 70 -69.22 -0.85 -7.01
C PRO Z 70 -69.70 0.54 -7.43
N GLY Z 71 -69.65 0.86 -8.72
CA GLY Z 71 -70.12 2.16 -9.17
C GLY Z 71 -71.62 2.35 -8.99
N THR Z 72 -72.38 1.25 -9.01
CA THR Z 72 -73.82 1.35 -8.85
C THR Z 72 -74.20 1.81 -7.45
N MET Z 73 -73.51 1.28 -6.43
CA MET Z 73 -73.81 1.67 -5.06
C MET Z 73 -73.45 3.13 -4.80
N ASP Z 74 -72.44 3.65 -5.48
CA ASP Z 74 -72.08 5.05 -5.31
C ASP Z 74 -73.18 5.98 -5.82
N SER Z 75 -73.88 5.58 -6.89
CA SER Z 75 -75.00 6.38 -7.39
C SER Z 75 -76.22 6.25 -6.50
N VAL Z 76 -76.45 5.08 -5.92
CA VAL Z 76 -77.60 4.89 -5.05
C VAL Z 76 -77.35 5.56 -3.69
N ARG Z 77 -76.13 5.46 -3.19
CA ARG Z 77 -75.80 6.08 -1.91
C ARG Z 77 -75.82 7.61 -2.01
N SER Z 78 -75.43 8.16 -3.15
CA SER Z 78 -75.44 9.61 -3.38
C SER Z 78 -76.78 10.13 -3.90
N GLY Z 79 -77.84 9.34 -3.81
CA GLY Z 79 -79.15 9.76 -4.29
C GLY Z 79 -79.87 10.63 -3.28
N PRO Z 80 -81.14 10.93 -3.54
CA PRO Z 80 -81.92 11.69 -2.53
C PRO Z 80 -82.12 10.92 -1.23
N PHE Z 81 -82.55 9.66 -1.32
CA PHE Z 81 -82.78 8.80 -0.16
C PHE Z 81 -81.64 7.79 0.04
N GLY Z 82 -80.44 8.10 -0.45
CA GLY Z 82 -79.32 7.18 -0.32
C GLY Z 82 -78.74 7.09 1.07
N GLN Z 83 -78.90 8.14 1.89
CA GLN Z 83 -78.31 8.17 3.22
C GLN Z 83 -79.12 7.42 4.26
N ILE Z 84 -80.37 7.08 4.00
CA ILE Z 84 -81.20 6.39 4.98
C ILE Z 84 -80.85 4.91 5.11
N PHE Z 85 -80.32 4.29 4.05
CA PHE Z 85 -79.99 2.88 4.08
C PHE Z 85 -78.85 2.60 5.05
N ARG Z 86 -78.77 1.35 5.49
CA ARG Z 86 -77.71 0.95 6.42
C ARG Z 86 -76.39 0.81 5.67
N PRO Z 87 -75.27 1.32 6.19
CA PRO Z 87 -73.99 1.07 5.49
C PRO Z 87 -73.57 -0.39 5.50
N ASP Z 88 -73.95 -1.15 6.51
CA ASP Z 88 -73.55 -2.56 6.57
C ASP Z 88 -74.24 -3.37 5.47
N ASN Z 89 -75.45 -3.00 5.09
CA ASN Z 89 -76.16 -3.70 4.04
C ASN Z 89 -75.54 -3.54 2.66
N PHE Z 90 -74.73 -2.50 2.45
CA PHE Z 90 -74.09 -2.26 1.15
C PHE Z 90 -72.92 -3.24 0.99
N VAL Z 91 -73.27 -4.47 0.64
CA VAL Z 91 -72.30 -5.51 0.29
C VAL Z 91 -72.22 -5.58 -1.23
N PHE Z 92 -71.01 -5.74 -1.75
CA PHE Z 92 -70.79 -5.68 -3.20
C PHE Z 92 -69.41 -6.18 -3.52
N GLY Z 93 -69.25 -6.63 -4.77
CA GLY Z 93 -67.96 -7.03 -5.30
C GLY Z 93 -67.20 -5.85 -5.88
N GLN Z 94 -66.22 -6.16 -6.73
CA GLN Z 94 -65.38 -5.18 -7.41
C GLN Z 94 -65.41 -5.34 -8.93
N SER Z 95 -65.44 -6.57 -9.43
CA SER Z 95 -65.43 -6.87 -10.86
C SER Z 95 -66.86 -7.21 -11.31
N GLY Z 96 -67.31 -6.55 -12.37
CA GLY Z 96 -68.63 -6.79 -12.90
C GLY Z 96 -68.73 -8.13 -13.62
N ALA Z 97 -69.97 -8.56 -13.82
CA ALA Z 97 -70.25 -9.81 -14.52
C ALA Z 97 -70.11 -9.68 -16.03
N GLY Z 98 -70.29 -8.48 -16.59
CA GLY Z 98 -70.15 -8.31 -18.02
C GLY Z 98 -71.25 -8.98 -18.82
N ASN Z 99 -72.46 -9.06 -18.28
CA ASN Z 99 -73.61 -9.69 -18.94
C ASN Z 99 -73.32 -11.16 -19.26
N ASN Z 100 -73.06 -11.93 -18.21
CA ASN Z 100 -72.79 -13.36 -18.30
C ASN Z 100 -73.46 -14.06 -17.13
N TRP Z 101 -74.39 -14.97 -17.42
CA TRP Z 101 -75.11 -15.67 -16.37
C TRP Z 101 -74.19 -16.63 -15.63
N ALA Z 102 -73.21 -17.22 -16.32
CA ALA Z 102 -72.33 -18.19 -15.68
C ALA Z 102 -71.40 -17.53 -14.68
N LYS Z 103 -70.96 -16.30 -14.94
CA LYS Z 103 -70.03 -15.63 -14.03
C LYS Z 103 -70.71 -15.27 -12.72
N GLY Z 104 -71.89 -14.65 -12.81
CA GLY Z 104 -72.61 -14.25 -11.61
C GLY Z 104 -73.30 -15.36 -10.84
N HIS Z 105 -73.24 -16.61 -11.33
CA HIS Z 105 -73.93 -17.75 -10.74
C HIS Z 105 -72.99 -18.81 -10.18
N TYR Z 106 -71.79 -18.97 -10.77
CA TYR Z 106 -70.85 -20.03 -10.43
C TYR Z 106 -69.57 -19.52 -9.79
N THR Z 107 -68.95 -18.48 -10.36
CA THR Z 107 -67.64 -17.99 -9.93
C THR Z 107 -67.73 -16.62 -9.26
N GLU Z 108 -68.29 -15.62 -9.94
CA GLU Z 108 -68.32 -14.28 -9.37
C GLU Z 108 -69.38 -14.16 -8.27
N GLY Z 109 -70.47 -14.93 -8.36
CA GLY Z 109 -71.51 -14.91 -7.35
C GLY Z 109 -71.19 -15.80 -6.15
N ALA Z 110 -70.51 -16.92 -6.39
CA ALA Z 110 -70.23 -17.87 -5.32
C ALA Z 110 -69.30 -17.31 -4.26
N GLU Z 111 -68.38 -16.41 -4.63
CA GLU Z 111 -67.51 -15.78 -3.65
C GLU Z 111 -68.24 -14.76 -2.78
N LEU Z 112 -69.31 -14.14 -3.30
CA LEU Z 112 -70.10 -13.16 -2.58
C LEU Z 112 -71.35 -13.73 -1.91
N VAL Z 113 -71.87 -14.87 -2.40
CA VAL Z 113 -73.10 -15.41 -1.84
C VAL Z 113 -72.90 -15.89 -0.40
N ASP Z 114 -71.67 -16.27 -0.05
CA ASP Z 114 -71.38 -16.56 1.36
C ASP Z 114 -71.45 -15.30 2.21
N SER Z 115 -71.19 -14.13 1.62
CA SER Z 115 -71.20 -12.87 2.35
C SER Z 115 -72.61 -12.28 2.52
N VAL Z 116 -73.52 -12.54 1.57
CA VAL Z 116 -74.87 -12.00 1.66
C VAL Z 116 -75.80 -12.86 2.49
N LEU Z 117 -75.53 -14.16 2.60
CA LEU Z 117 -76.43 -15.03 3.38
C LEU Z 117 -76.36 -14.71 4.86
N ASP Z 118 -75.18 -14.31 5.36
CA ASP Z 118 -75.07 -13.89 6.75
C ASP Z 118 -75.73 -12.54 7.00
N VAL Z 119 -75.90 -11.71 5.97
CA VAL Z 119 -76.54 -10.40 6.14
C VAL Z 119 -78.05 -10.56 6.19
N VAL Z 120 -78.62 -11.31 5.25
CA VAL Z 120 -80.07 -11.53 5.25
C VAL Z 120 -80.51 -12.35 6.44
N ARG Z 121 -79.64 -13.23 6.95
CA ARG Z 121 -79.97 -13.95 8.18
C ARG Z 121 -80.09 -13.01 9.37
N LYS Z 122 -79.32 -11.92 9.37
CA LYS Z 122 -79.44 -10.94 10.45
C LYS Z 122 -80.79 -10.24 10.41
N GLU Z 123 -81.22 -9.80 9.22
CA GLU Z 123 -82.51 -9.14 9.09
C GLU Z 123 -83.67 -10.10 9.29
N SER Z 124 -83.47 -11.39 9.04
CA SER Z 124 -84.54 -12.37 9.20
C SER Z 124 -84.78 -12.72 10.66
N GLU Z 125 -83.73 -12.94 11.44
CA GLU Z 125 -83.87 -13.26 12.86
C GLU Z 125 -84.18 -12.03 13.71
N SER Z 126 -83.77 -10.85 13.26
CA SER Z 126 -84.05 -9.63 14.02
C SER Z 126 -85.53 -9.25 14.02
N CYS Z 127 -86.30 -9.69 13.03
CA CYS Z 127 -87.71 -9.37 12.95
C CYS Z 127 -88.52 -10.24 13.91
N ASP Z 128 -89.78 -9.86 14.08
CA ASP Z 128 -90.67 -10.61 14.97
C ASP Z 128 -91.19 -11.87 14.29
N CYS Z 129 -91.72 -11.72 13.07
CA CYS Z 129 -92.18 -12.88 12.29
C CYS Z 129 -92.15 -12.49 10.82
N LEU Z 130 -91.18 -13.03 10.08
CA LEU Z 130 -91.04 -12.71 8.67
C LEU Z 130 -92.15 -13.35 7.85
N GLN Z 131 -92.60 -12.62 6.82
CA GLN Z 131 -93.64 -13.06 5.91
C GLN Z 131 -93.07 -13.58 4.59
N GLY Z 132 -92.22 -12.80 3.94
CA GLY Z 132 -91.68 -13.20 2.66
C GLY Z 132 -90.49 -12.35 2.28
N PHE Z 133 -90.18 -12.38 0.98
CA PHE Z 133 -89.04 -11.68 0.40
C PHE Z 133 -89.49 -10.90 -0.83
N GLN Z 134 -89.24 -9.59 -0.82
CA GLN Z 134 -89.59 -8.69 -1.91
C GLN Z 134 -88.32 -8.34 -2.67
N LEU Z 135 -88.07 -9.05 -3.76
CA LEU Z 135 -86.83 -8.95 -4.53
C LEU Z 135 -87.08 -8.23 -5.85
N THR Z 136 -86.06 -7.53 -6.33
CA THR Z 136 -86.07 -6.81 -7.60
C THR Z 136 -84.82 -7.18 -8.38
N HIS Z 137 -85.00 -7.57 -9.63
CA HIS Z 137 -83.89 -7.94 -10.49
C HIS Z 137 -84.32 -7.77 -11.95
N SER Z 138 -83.41 -8.13 -12.86
CA SER Z 138 -83.64 -8.10 -14.30
C SER Z 138 -83.18 -9.42 -14.90
N LEU Z 139 -83.98 -9.99 -15.78
CA LEU Z 139 -83.62 -11.23 -16.45
C LEU Z 139 -82.44 -11.06 -17.40
N GLY Z 140 -82.16 -9.84 -17.87
CA GLY Z 140 -80.97 -9.57 -18.64
C GLY Z 140 -79.76 -9.35 -17.74
N GLY Z 141 -78.58 -9.39 -18.36
CA GLY Z 141 -77.35 -9.23 -17.63
C GLY Z 141 -76.96 -10.49 -16.89
N GLY Z 142 -75.84 -10.39 -16.16
CA GLY Z 142 -75.27 -11.49 -15.41
C GLY Z 142 -75.46 -11.37 -13.91
N THR Z 143 -75.36 -10.14 -13.40
CA THR Z 143 -75.46 -9.95 -11.95
C THR Z 143 -76.91 -10.02 -11.47
N GLY Z 144 -77.86 -9.61 -12.31
CA GLY Z 144 -79.26 -9.66 -11.95
C GLY Z 144 -79.83 -11.06 -12.09
N SER Z 145 -79.60 -11.68 -13.24
CA SER Z 145 -80.12 -13.01 -13.52
C SER Z 145 -79.28 -14.12 -12.90
N GLY Z 146 -77.97 -13.94 -12.81
CA GLY Z 146 -77.09 -14.97 -12.30
C GLY Z 146 -77.04 -15.01 -10.79
N MET Z 147 -76.67 -13.90 -10.17
CA MET Z 147 -76.54 -13.85 -8.72
C MET Z 147 -77.89 -13.64 -8.04
N GLY Z 148 -78.80 -12.90 -8.69
CA GLY Z 148 -80.12 -12.70 -8.12
C GLY Z 148 -80.94 -13.98 -8.05
N THR Z 149 -80.87 -14.79 -9.11
CA THR Z 149 -81.56 -16.08 -9.10
C THR Z 149 -80.84 -17.11 -8.23
N LEU Z 150 -79.55 -16.92 -7.97
CA LEU Z 150 -78.82 -17.86 -7.13
C LEU Z 150 -79.33 -17.83 -5.70
N LEU Z 151 -79.42 -16.64 -5.10
CA LEU Z 151 -79.87 -16.53 -3.73
C LEU Z 151 -81.36 -16.86 -3.57
N ILE Z 152 -82.13 -16.80 -4.66
CA ILE Z 152 -83.49 -17.34 -4.63
C ILE Z 152 -83.44 -18.84 -4.35
N SER Z 153 -82.46 -19.53 -4.92
CA SER Z 153 -82.33 -20.96 -4.67
C SER Z 153 -81.88 -21.23 -3.24
N LYS Z 154 -80.97 -20.41 -2.72
CA LYS Z 154 -80.49 -20.63 -1.35
C LYS Z 154 -81.55 -20.28 -0.32
N ILE Z 155 -82.33 -19.23 -0.58
CA ILE Z 155 -83.39 -18.84 0.35
C ILE Z 155 -84.51 -19.87 0.32
N ARG Z 156 -84.75 -20.51 -0.83
CA ARG Z 156 -85.71 -21.60 -0.89
C ARG Z 156 -85.26 -22.78 -0.04
N GLU Z 157 -83.94 -23.03 0.01
CA GLU Z 157 -83.42 -24.11 0.83
C GLU Z 157 -83.57 -23.81 2.31
N GLU Z 158 -83.35 -22.55 2.71
CA GLU Z 158 -83.39 -22.19 4.12
C GLU Z 158 -84.81 -21.91 4.60
N TYR Z 159 -85.59 -21.19 3.78
CA TYR Z 159 -86.96 -20.78 4.10
C TYR Z 159 -87.89 -21.33 3.03
N PRO Z 160 -88.17 -22.63 3.02
CA PRO Z 160 -89.09 -23.19 2.01
C PRO Z 160 -90.55 -22.84 2.22
N ASP Z 161 -90.94 -22.39 3.42
CA ASP Z 161 -92.33 -22.09 3.73
C ASP Z 161 -92.73 -20.65 3.46
N ARG Z 162 -91.78 -19.72 3.41
CA ARG Z 162 -92.10 -18.31 3.24
C ARG Z 162 -92.39 -18.00 1.76
N ILE Z 163 -93.00 -16.85 1.56
CA ILE Z 163 -93.36 -16.39 0.21
C ILE Z 163 -92.14 -15.76 -0.42
N MET Z 164 -91.92 -16.06 -1.71
CA MET Z 164 -90.80 -15.54 -2.50
C MET Z 164 -91.38 -14.69 -3.62
N ASN Z 165 -91.49 -13.39 -3.38
CA ASN Z 165 -92.06 -12.43 -4.32
C ASN Z 165 -90.92 -11.78 -5.10
N THR Z 166 -91.13 -11.61 -6.41
CA THR Z 166 -90.13 -11.03 -7.31
C THR Z 166 -90.81 -10.06 -8.26
N PHE Z 167 -90.28 -8.83 -8.33
CA PHE Z 167 -90.64 -7.84 -9.33
C PHE Z 167 -89.51 -7.80 -10.35
N SER Z 168 -89.69 -8.56 -11.43
CA SER Z 168 -88.63 -8.82 -12.41
C SER Z 168 -89.00 -8.19 -13.73
N VAL Z 169 -88.13 -7.30 -14.23
CA VAL Z 169 -88.21 -6.76 -15.59
C VAL Z 169 -87.51 -7.74 -16.51
N MET Z 170 -88.02 -7.87 -17.73
CA MET Z 170 -87.60 -8.87 -18.70
C MET Z 170 -87.45 -8.23 -20.08
N PRO Z 171 -86.63 -8.84 -20.98
CA PRO Z 171 -86.34 -8.15 -22.24
C PRO Z 171 -87.43 -8.35 -23.29
N SER Z 172 -87.24 -7.75 -24.47
CA SER Z 172 -88.18 -7.86 -25.58
C SER Z 172 -87.41 -7.61 -26.87
N PRO Z 173 -87.94 -8.05 -28.03
CA PRO Z 173 -87.16 -7.88 -29.27
C PRO Z 173 -87.18 -6.47 -29.82
N LYS Z 174 -88.24 -5.69 -29.56
CA LYS Z 174 -88.32 -4.35 -30.12
C LYS Z 174 -87.33 -3.42 -29.43
N VAL Z 175 -87.19 -3.54 -28.11
CA VAL Z 175 -86.26 -2.76 -27.30
C VAL Z 175 -85.33 -3.77 -26.64
N SER Z 176 -84.05 -3.77 -27.05
CA SER Z 176 -83.06 -4.69 -26.55
C SER Z 176 -81.72 -3.97 -26.48
N ASP Z 177 -81.29 -3.64 -25.25
CA ASP Z 177 -80.03 -2.95 -24.99
C ASP Z 177 -78.91 -3.91 -24.62
N THR Z 178 -78.97 -5.16 -25.07
CA THR Z 178 -77.97 -6.16 -24.71
C THR Z 178 -78.10 -7.32 -25.67
N VAL Z 179 -76.95 -7.88 -26.07
CA VAL Z 179 -76.94 -8.96 -27.08
C VAL Z 179 -77.27 -10.30 -26.44
N VAL Z 180 -76.95 -10.49 -25.16
CA VAL Z 180 -77.00 -11.79 -24.50
C VAL Z 180 -78.29 -11.92 -23.70
N GLU Z 181 -79.34 -11.21 -24.12
CA GLU Z 181 -80.61 -11.25 -23.40
C GLU Z 181 -81.30 -12.61 -23.42
N PRO Z 182 -81.47 -13.31 -24.57
CA PRO Z 182 -82.23 -14.58 -24.53
C PRO Z 182 -81.50 -15.68 -23.78
N TYR Z 183 -80.17 -15.70 -23.82
CA TYR Z 183 -79.42 -16.68 -23.04
C TYR Z 183 -79.60 -16.40 -21.55
N ASN Z 184 -79.46 -15.15 -21.13
CA ASN Z 184 -79.70 -14.79 -19.74
C ASN Z 184 -81.16 -14.95 -19.36
N ALA Z 185 -82.07 -14.74 -20.31
CA ALA Z 185 -83.49 -14.84 -20.01
C ALA Z 185 -83.91 -16.29 -19.77
N THR Z 186 -83.56 -17.19 -20.70
CA THR Z 186 -83.97 -18.59 -20.59
C THR Z 186 -83.33 -19.30 -19.41
N LEU Z 187 -82.15 -18.85 -18.97
CA LEU Z 187 -81.52 -19.43 -17.79
C LEU Z 187 -82.16 -18.95 -16.50
N SER Z 188 -82.70 -17.73 -16.49
CA SER Z 188 -83.33 -17.18 -15.29
C SER Z 188 -84.72 -17.78 -15.04
N VAL Z 189 -85.52 -17.96 -16.08
CA VAL Z 189 -86.86 -18.52 -15.89
C VAL Z 189 -86.82 -19.98 -15.46
N HIS Z 190 -85.71 -20.69 -15.69
CA HIS Z 190 -85.57 -22.03 -15.16
C HIS Z 190 -85.62 -22.06 -13.64
N GLN Z 191 -85.07 -21.03 -12.99
CA GLN Z 191 -85.09 -20.90 -11.54
C GLN Z 191 -86.37 -20.25 -11.02
N LEU Z 192 -86.89 -19.26 -11.75
CA LEU Z 192 -88.10 -18.58 -11.29
C LEU Z 192 -89.32 -19.48 -11.39
N VAL Z 193 -89.37 -20.38 -12.37
CA VAL Z 193 -90.53 -21.23 -12.55
C VAL Z 193 -90.63 -22.32 -11.49
N GLU Z 194 -89.51 -22.76 -10.92
CA GLU Z 194 -89.47 -23.84 -9.94
C GLU Z 194 -89.51 -23.34 -8.50
N ASN Z 195 -88.73 -22.31 -8.17
CA ASN Z 195 -88.54 -21.89 -6.79
C ASN Z 195 -89.56 -20.85 -6.34
N THR Z 196 -89.71 -19.76 -7.09
CA THR Z 196 -90.55 -18.66 -6.64
C THR Z 196 -92.02 -19.00 -6.75
N ASP Z 197 -92.80 -18.45 -5.80
CA ASP Z 197 -94.24 -18.65 -5.75
C ASP Z 197 -95.01 -17.62 -6.60
N GLU Z 198 -94.43 -16.44 -6.79
CA GLU Z 198 -95.09 -15.37 -7.53
C GLU Z 198 -94.05 -14.47 -8.18
N THR Z 199 -94.35 -14.00 -9.38
CA THR Z 199 -93.47 -13.17 -10.17
C THR Z 199 -94.30 -12.24 -11.05
N TYR Z 200 -93.83 -11.00 -11.22
CA TYR Z 200 -94.49 -9.98 -12.02
C TYR Z 200 -93.67 -9.78 -13.29
N SER Z 201 -94.29 -10.08 -14.43
CA SER Z 201 -93.64 -9.97 -15.74
C SER Z 201 -93.81 -8.55 -16.25
N ILE Z 202 -92.71 -7.77 -16.23
CA ILE Z 202 -92.69 -6.38 -16.67
C ILE Z 202 -91.82 -6.32 -17.92
N ASP Z 203 -92.39 -5.76 -19.00
CA ASP Z 203 -91.71 -5.62 -20.28
C ASP Z 203 -91.27 -4.17 -20.45
N ASN Z 204 -90.02 -3.99 -20.90
CA ASN Z 204 -89.44 -2.65 -20.96
C ASN Z 204 -90.08 -1.80 -22.06
N GLU Z 205 -90.46 -2.41 -23.18
CA GLU Z 205 -91.06 -1.63 -24.26
C GLU Z 205 -92.43 -1.07 -23.85
N ALA Z 206 -93.17 -1.82 -23.03
CA ALA Z 206 -94.47 -1.34 -22.55
C ALA Z 206 -94.31 -0.17 -21.59
N LEU Z 207 -93.18 -0.07 -20.90
CA LEU Z 207 -92.91 1.12 -20.08
C LEU Z 207 -92.79 2.35 -20.96
N TYR Z 208 -92.27 2.20 -22.18
CA TYR Z 208 -92.25 3.30 -23.13
C TYR Z 208 -93.58 3.47 -23.83
N ASP Z 209 -94.31 2.38 -24.06
CA ASP Z 209 -95.58 2.47 -24.76
C ASP Z 209 -96.63 3.21 -23.93
N ILE Z 210 -96.63 2.97 -22.60
CA ILE Z 210 -97.61 3.62 -21.74
C ILE Z 210 -97.31 5.10 -21.56
N CYS Z 211 -96.05 5.52 -21.65
CA CYS Z 211 -95.70 6.92 -21.45
C CYS Z 211 -95.99 7.79 -22.66
N PHE Z 212 -96.19 7.21 -23.85
CA PHE Z 212 -96.58 8.00 -25.02
C PHE Z 212 -98.06 8.31 -25.00
N ARG Z 213 -98.89 7.28 -24.85
CA ARG Z 213 -100.33 7.41 -25.07
C ARG Z 213 -101.01 8.14 -23.92
N THR Z 214 -100.91 7.59 -22.71
CA THR Z 214 -101.65 8.10 -21.56
C THR Z 214 -100.92 9.24 -20.84
N LEU Z 215 -99.64 9.05 -20.51
CA LEU Z 215 -98.89 10.04 -19.76
C LEU Z 215 -98.28 11.12 -20.65
N LYS Z 216 -97.94 10.76 -21.89
CA LYS Z 216 -97.43 11.66 -22.95
C LYS Z 216 -96.28 12.55 -22.47
N LEU Z 217 -95.31 11.93 -21.79
CA LEU Z 217 -94.09 12.64 -21.42
C LEU Z 217 -93.23 12.89 -22.66
N THR Z 218 -92.82 14.14 -22.85
CA THR Z 218 -92.01 14.51 -24.00
C THR Z 218 -90.52 14.21 -23.81
N THR Z 219 -90.05 14.12 -22.56
CA THR Z 219 -88.64 13.82 -22.26
C THR Z 219 -88.59 12.83 -21.10
N PRO Z 220 -89.01 11.58 -21.33
CA PRO Z 220 -88.98 10.59 -20.25
C PRO Z 220 -87.59 9.97 -20.07
N THR Z 221 -87.20 9.85 -18.80
CA THR Z 221 -85.96 9.20 -18.38
C THR Z 221 -86.29 7.89 -17.67
N TYR Z 222 -85.24 7.18 -17.24
CA TYR Z 222 -85.46 5.93 -16.52
C TYR Z 222 -86.13 6.17 -15.17
N GLY Z 223 -85.92 7.35 -14.56
CA GLY Z 223 -86.56 7.64 -13.29
C GLY Z 223 -88.07 7.72 -13.41
N ASP Z 224 -88.57 8.22 -14.55
CA ASP Z 224 -90.01 8.25 -14.77
C ASP Z 224 -90.57 6.84 -14.94
N LEU Z 225 -89.81 5.94 -15.55
CA LEU Z 225 -90.25 4.56 -15.68
C LEU Z 225 -90.25 3.86 -14.34
N ASN Z 226 -89.28 4.19 -13.47
CA ASN Z 226 -89.24 3.60 -12.14
C ASN Z 226 -90.41 4.05 -11.27
N HIS Z 227 -90.98 5.22 -11.54
CA HIS Z 227 -92.04 5.75 -10.70
C HIS Z 227 -93.32 4.93 -10.86
N LEU Z 228 -93.69 4.58 -12.10
CA LEU Z 228 -94.93 3.87 -12.34
C LEU Z 228 -94.86 2.41 -11.93
N VAL Z 229 -93.71 1.76 -12.08
CA VAL Z 229 -93.56 0.37 -11.65
C VAL Z 229 -93.39 0.27 -10.14
N SER Z 230 -92.79 1.27 -9.50
CA SER Z 230 -92.69 1.28 -8.05
C SER Z 230 -94.04 1.52 -7.37
N ALA Z 231 -94.98 2.18 -8.06
CA ALA Z 231 -96.32 2.34 -7.52
C ALA Z 231 -97.02 0.99 -7.41
N THR Z 232 -96.76 0.10 -8.37
CA THR Z 232 -97.30 -1.26 -8.29
C THR Z 232 -96.71 -2.04 -7.12
N MET Z 233 -95.44 -1.80 -6.79
CA MET Z 233 -94.86 -2.43 -5.61
C MET Z 233 -95.52 -1.92 -4.33
N SER Z 234 -95.97 -0.67 -4.32
CA SER Z 234 -96.70 -0.15 -3.17
C SER Z 234 -98.14 -0.65 -3.14
N GLY Z 235 -98.73 -0.93 -4.31
CA GLY Z 235 -100.10 -1.39 -4.34
C GLY Z 235 -100.27 -2.82 -3.84
N VAL Z 236 -99.29 -3.68 -4.13
CA VAL Z 236 -99.38 -5.08 -3.72
C VAL Z 236 -99.29 -5.24 -2.21
N THR Z 237 -98.54 -4.37 -1.52
CA THR Z 237 -98.33 -4.42 -0.08
C THR Z 237 -99.01 -3.26 0.64
N THR Z 238 -100.17 -2.82 0.14
CA THR Z 238 -100.91 -1.74 0.78
C THR Z 238 -101.79 -2.26 1.91
N CYS Z 239 -102.31 -3.47 1.78
CA CYS Z 239 -103.28 -3.99 2.74
C CYS Z 239 -102.69 -4.20 4.12
N LEU Z 240 -101.40 -4.54 4.21
CA LEU Z 240 -100.71 -4.76 5.48
C LEU Z 240 -99.90 -3.55 5.95
N ARG Z 241 -99.73 -2.53 5.10
CA ARG Z 241 -99.12 -1.26 5.50
C ARG Z 241 -100.12 -0.25 6.03
N PHE Z 242 -101.40 -0.39 5.72
CA PHE Z 242 -102.46 0.49 6.21
C PHE Z 242 -103.73 -0.34 6.36
N PRO Z 243 -104.68 0.09 7.19
CA PRO Z 243 -105.90 -0.71 7.34
C PRO Z 243 -106.83 -0.53 6.15
N GLY Z 244 -107.79 -1.44 6.03
CA GLY Z 244 -108.74 -1.41 4.93
C GLY Z 244 -109.97 -2.21 5.25
N GLN Z 245 -111.00 -2.00 4.43
CA GLN Z 245 -112.26 -2.72 4.63
C GLN Z 245 -112.16 -4.17 4.21
N LEU Z 246 -111.30 -4.48 3.22
CA LEU Z 246 -111.08 -5.84 2.75
C LEU Z 246 -109.58 -5.97 2.48
N ASN Z 247 -108.84 -6.45 3.48
CA ASN Z 247 -107.40 -6.61 3.37
C ASN Z 247 -107.08 -7.92 2.66
N ALA Z 248 -106.07 -7.87 1.80
CA ALA Z 248 -105.55 -9.04 1.10
C ALA Z 248 -104.04 -9.04 1.22
N ASP Z 249 -103.51 -9.97 2.02
CA ASP Z 249 -102.07 -10.10 2.19
C ASP Z 249 -101.44 -10.64 0.91
N LEU Z 250 -100.10 -10.64 0.86
CA LEU Z 250 -99.39 -11.16 -0.29
C LEU Z 250 -99.64 -12.65 -0.49
N ARG Z 251 -99.84 -13.38 0.61
CA ARG Z 251 -100.23 -14.79 0.50
C ARG Z 251 -101.67 -14.92 0.03
N LYS Z 252 -102.55 -14.01 0.46
CA LYS Z 252 -103.93 -14.01 -0.02
C LYS Z 252 -104.00 -13.69 -1.51
N LEU Z 253 -103.06 -12.91 -2.05
CA LEU Z 253 -102.99 -12.70 -3.49
C LEU Z 253 -102.45 -13.92 -4.21
N ALA Z 254 -101.60 -14.70 -3.55
CA ALA Z 254 -100.95 -15.82 -4.22
C ALA Z 254 -101.94 -16.94 -4.54
N VAL Z 255 -102.81 -17.28 -3.59
CA VAL Z 255 -103.70 -18.43 -3.78
C VAL Z 255 -104.74 -18.13 -4.85
N ASN Z 256 -105.16 -16.87 -4.99
CA ASN Z 256 -106.13 -16.49 -6.01
C ASN Z 256 -105.52 -16.36 -7.39
N MET Z 257 -104.23 -16.00 -7.48
CA MET Z 257 -103.56 -15.74 -8.74
C MET Z 257 -102.73 -16.91 -9.27
N VAL Z 258 -102.37 -17.86 -8.43
CA VAL Z 258 -101.48 -18.97 -8.77
C VAL Z 258 -102.31 -20.26 -8.74
N PRO Z 259 -103.08 -20.55 -9.81
CA PRO Z 259 -103.91 -21.77 -9.78
C PRO Z 259 -103.12 -23.07 -9.85
N PHE Z 260 -101.90 -23.02 -10.40
CA PHE Z 260 -101.01 -24.16 -10.52
C PHE Z 260 -99.60 -23.75 -10.08
N PRO Z 261 -98.74 -24.69 -9.68
CA PRO Z 261 -97.45 -24.27 -9.07
C PRO Z 261 -96.51 -23.57 -10.03
N ARG Z 262 -96.61 -23.82 -11.33
CA ARG Z 262 -95.75 -23.20 -12.34
C ARG Z 262 -96.34 -21.94 -12.94
N LEU Z 263 -97.67 -21.85 -13.01
CA LEU Z 263 -98.33 -20.70 -13.62
C LEU Z 263 -98.52 -19.59 -12.58
N HIS Z 264 -97.42 -18.84 -12.36
CA HIS Z 264 -97.39 -17.74 -11.42
C HIS Z 264 -96.71 -16.50 -11.99
N PHE Z 265 -96.59 -16.39 -13.32
CA PHE Z 265 -96.01 -15.21 -13.97
C PHE Z 265 -97.14 -14.24 -14.27
N PHE Z 266 -97.16 -13.12 -13.55
CA PHE Z 266 -98.26 -12.15 -13.60
C PHE Z 266 -97.95 -11.03 -14.58
N MET Z 267 -98.91 -10.12 -14.71
CA MET Z 267 -98.86 -9.01 -15.64
C MET Z 267 -99.33 -7.74 -14.94
N PRO Z 268 -98.47 -6.90 -14.37
CA PRO Z 268 -98.96 -5.79 -13.54
C PRO Z 268 -99.53 -4.63 -14.36
N GLY Z 269 -100.25 -3.76 -13.65
CA GLY Z 269 -100.80 -2.55 -14.23
C GLY Z 269 -101.17 -1.59 -13.12
N PHE Z 270 -101.38 -0.33 -13.50
CA PHE Z 270 -101.64 0.73 -12.54
C PHE Z 270 -102.48 1.83 -13.19
N ALA Z 271 -103.31 2.47 -12.37
CA ALA Z 271 -104.14 3.59 -12.77
C ALA Z 271 -104.39 4.42 -11.53
N PRO Z 272 -104.70 5.73 -11.66
CA PRO Z 272 -104.83 6.57 -12.85
C PRO Z 272 -103.50 6.97 -13.46
N LEU Z 273 -103.41 6.85 -14.78
CA LEU Z 273 -102.26 7.30 -15.58
C LEU Z 273 -102.78 8.41 -16.50
N THR Z 274 -102.63 9.66 -16.07
CA THR Z 274 -103.13 10.82 -16.79
C THR Z 274 -102.11 11.94 -16.70
N SER Z 275 -101.92 12.65 -17.81
CA SER Z 275 -101.00 13.76 -17.86
C SER Z 275 -101.57 14.96 -17.12
N ARG Z 276 -100.69 15.93 -16.85
CA ARG Z 276 -101.13 17.16 -16.19
C ARG Z 276 -102.04 17.98 -17.08
N GLY Z 277 -101.83 17.94 -18.39
CA GLY Z 277 -102.68 18.65 -19.34
C GLY Z 277 -104.04 18.03 -19.59
N SER Z 278 -104.34 16.87 -18.97
CA SER Z 278 -105.63 16.21 -19.10
C SER Z 278 -106.15 15.67 -17.77
N GLN Z 279 -105.66 16.21 -16.64
CA GLN Z 279 -106.14 15.76 -15.34
C GLN Z 279 -107.50 16.37 -15.02
N GLN Z 280 -107.71 17.64 -15.36
CA GLN Z 280 -108.99 18.30 -15.10
C GLN Z 280 -110.14 17.71 -15.91
N TYR Z 281 -109.84 17.10 -17.07
CA TYR Z 281 -110.85 16.56 -17.96
C TYR Z 281 -111.10 15.07 -17.72
N ARG Z 282 -110.97 14.61 -16.47
CA ARG Z 282 -111.17 13.21 -16.11
C ARG Z 282 -111.87 13.14 -14.77
N ALA Z 283 -112.78 12.18 -14.64
CA ALA Z 283 -113.51 11.92 -13.40
C ALA Z 283 -112.82 10.80 -12.64
N LEU Z 284 -112.62 11.01 -11.35
CA LEU Z 284 -111.96 10.04 -10.49
C LEU Z 284 -112.88 8.90 -10.02
N THR Z 285 -114.12 8.84 -10.52
CA THR Z 285 -115.01 7.75 -10.15
C THR Z 285 -114.49 6.42 -10.72
N VAL Z 286 -114.88 5.33 -10.06
CA VAL Z 286 -114.34 4.00 -10.38
C VAL Z 286 -114.67 3.44 -11.77
N PRO Z 287 -115.79 3.76 -12.45
CA PRO Z 287 -115.97 3.15 -13.78
C PRO Z 287 -114.97 3.66 -14.81
N GLU Z 288 -114.55 4.92 -14.72
CA GLU Z 288 -113.50 5.40 -15.60
C GLU Z 288 -112.14 4.79 -15.24
N LEU Z 289 -111.97 4.39 -13.97
CA LEU Z 289 -110.75 3.69 -13.57
C LEU Z 289 -110.80 2.21 -13.95
N THR Z 290 -111.97 1.59 -13.88
CA THR Z 290 -112.06 0.15 -14.15
C THR Z 290 -111.81 -0.15 -15.62
N GLN Z 291 -112.35 0.68 -16.53
CA GLN Z 291 -112.08 0.49 -17.94
C GLN Z 291 -110.62 0.72 -18.29
N GLN Z 292 -109.91 1.54 -17.51
CA GLN Z 292 -108.48 1.73 -17.71
C GLN Z 292 -107.67 0.57 -17.16
N MET Z 293 -108.15 -0.09 -16.10
CA MET Z 293 -107.42 -1.20 -15.50
C MET Z 293 -107.36 -2.39 -16.46
N PHE Z 294 -108.51 -2.82 -16.96
CA PHE Z 294 -108.61 -3.96 -17.86
C PHE Z 294 -108.34 -3.60 -19.32
N ASP Z 295 -107.85 -2.39 -19.60
CA ASP Z 295 -107.55 -2.00 -20.97
C ASP Z 295 -106.37 -2.80 -21.50
N SER Z 296 -106.43 -3.16 -22.78
CA SER Z 296 -105.37 -3.94 -23.42
C SER Z 296 -104.06 -3.17 -23.48
N LYS Z 297 -104.10 -1.84 -23.58
CA LYS Z 297 -102.92 -1.01 -23.77
C LYS Z 297 -102.40 -0.39 -22.47
N ASN Z 298 -103.12 -0.54 -21.35
CA ASN Z 298 -102.72 0.08 -20.09
C ASN Z 298 -101.60 -0.66 -19.37
N MET Z 299 -101.54 -1.98 -19.53
CA MET Z 299 -100.62 -2.79 -18.75
C MET Z 299 -99.17 -2.55 -19.19
N MET Z 300 -98.24 -2.92 -18.30
CA MET Z 300 -96.80 -2.79 -18.53
C MET Z 300 -96.19 -4.06 -19.13
N ALA Z 301 -96.96 -4.82 -19.90
CA ALA Z 301 -96.45 -5.93 -20.70
C ALA Z 301 -97.02 -5.80 -22.11
N ALA Z 302 -96.18 -6.10 -23.10
CA ALA Z 302 -96.53 -5.95 -24.50
C ALA Z 302 -97.46 -7.05 -25.02
N CYS Z 303 -97.75 -8.08 -24.23
CA CYS Z 303 -98.62 -9.15 -24.68
C CYS Z 303 -100.07 -8.66 -24.66
N ASP Z 304 -100.73 -8.78 -25.81
CA ASP Z 304 -102.11 -8.33 -25.94
C ASP Z 304 -103.05 -9.37 -25.32
N PRO Z 305 -103.85 -9.03 -24.29
CA PRO Z 305 -104.68 -10.07 -23.67
C PRO Z 305 -105.82 -10.58 -24.53
N ARG Z 306 -106.24 -9.81 -25.54
CA ARG Z 306 -107.32 -10.24 -26.41
C ARG Z 306 -106.96 -11.45 -27.27
N HIS Z 307 -105.67 -11.70 -27.50
CA HIS Z 307 -105.23 -12.90 -28.20
C HIS Z 307 -105.26 -14.16 -27.34
N GLY Z 308 -105.63 -14.06 -26.06
CA GLY Z 308 -105.74 -15.21 -25.17
C GLY Z 308 -106.92 -15.09 -24.23
N ARG Z 309 -106.82 -15.72 -23.06
CA ARG Z 309 -107.87 -15.74 -22.06
C ARG Z 309 -107.25 -15.60 -20.67
N TYR Z 310 -107.86 -14.76 -19.84
CA TYR Z 310 -107.34 -14.53 -18.50
C TYR Z 310 -107.56 -15.76 -17.62
N LEU Z 311 -106.48 -16.26 -17.00
CA LEU Z 311 -106.61 -17.34 -16.04
C LEU Z 311 -107.19 -16.84 -14.73
N THR Z 312 -106.66 -15.73 -14.22
CA THR Z 312 -107.14 -15.15 -12.98
C THR Z 312 -106.52 -13.77 -12.82
N VAL Z 313 -107.28 -12.86 -12.21
CA VAL Z 313 -106.92 -11.45 -12.14
C VAL Z 313 -107.28 -10.93 -10.75
N ALA Z 314 -106.52 -9.95 -10.27
CA ALA Z 314 -106.72 -9.32 -8.97
C ALA Z 314 -106.57 -7.82 -9.14
N ALA Z 315 -107.39 -7.06 -8.39
CA ALA Z 315 -107.37 -5.60 -8.40
C ALA Z 315 -107.44 -5.12 -6.95
N ILE Z 316 -106.37 -4.50 -6.47
CA ILE Z 316 -106.29 -3.97 -5.11
C ILE Z 316 -106.50 -2.47 -5.22
N PHE Z 317 -107.66 -2.01 -4.80
CA PHE Z 317 -108.02 -0.59 -4.83
C PHE Z 317 -107.41 0.13 -3.63
N ARG Z 318 -107.45 1.46 -3.69
CA ARG Z 318 -106.92 2.31 -2.63
C ARG Z 318 -107.79 3.56 -2.52
N GLY Z 319 -108.06 3.98 -1.29
CA GLY Z 319 -108.83 5.19 -1.01
C GLY Z 319 -110.25 4.90 -0.57
N ARG Z 320 -110.87 5.86 0.10
CA ARG Z 320 -112.26 5.69 0.54
C ARG Z 320 -113.18 5.74 -0.67
N MET Z 321 -113.99 4.69 -0.84
CA MET Z 321 -114.86 4.57 -1.99
C MET Z 321 -116.06 3.70 -1.61
N SER Z 322 -117.02 3.63 -2.53
CA SER Z 322 -118.24 2.85 -2.35
C SER Z 322 -118.03 1.45 -2.93
N MET Z 323 -118.42 0.43 -2.16
CA MET Z 323 -118.14 -0.94 -2.54
C MET Z 323 -119.09 -1.45 -3.64
N LYS Z 324 -120.31 -0.93 -3.68
CA LYS Z 324 -121.28 -1.39 -4.68
C LYS Z 324 -120.81 -1.04 -6.08
N GLU Z 325 -120.39 0.21 -6.29
CA GLU Z 325 -119.82 0.60 -7.58
C GLU Z 325 -118.54 -0.15 -7.89
N VAL Z 326 -117.76 -0.50 -6.84
CA VAL Z 326 -116.54 -1.26 -7.06
C VAL Z 326 -116.88 -2.68 -7.47
N ASP Z 327 -117.76 -3.34 -6.72
CA ASP Z 327 -118.07 -4.75 -6.98
C ASP Z 327 -118.83 -4.93 -8.28
N GLU Z 328 -119.77 -4.03 -8.58
CA GLU Z 328 -120.56 -4.18 -9.80
C GLU Z 328 -119.74 -3.93 -11.05
N GLN Z 329 -118.66 -3.15 -10.95
CA GLN Z 329 -117.78 -2.95 -12.09
C GLN Z 329 -117.03 -4.23 -12.43
N MET Z 330 -116.75 -5.06 -11.42
CA MET Z 330 -116.11 -6.35 -11.69
C MET Z 330 -117.07 -7.33 -12.36
N LEU Z 331 -118.39 -7.09 -12.27
CA LEU Z 331 -119.35 -7.99 -12.91
C LEU Z 331 -119.42 -7.73 -14.41
N ASN Z 332 -119.71 -6.48 -14.80
CA ASN Z 332 -119.89 -6.19 -16.21
C ASN Z 332 -118.60 -6.25 -17.01
N VAL Z 333 -117.44 -6.09 -16.35
CA VAL Z 333 -116.18 -6.12 -17.08
C VAL Z 333 -115.84 -7.52 -17.59
N GLN Z 334 -116.29 -8.57 -16.89
CA GLN Z 334 -115.96 -9.95 -17.25
C GLN Z 334 -117.03 -10.63 -18.09
N ASN Z 335 -118.31 -10.33 -17.86
CA ASN Z 335 -119.38 -11.01 -18.60
C ASN Z 335 -119.53 -10.46 -20.02
N LYS Z 336 -119.33 -9.15 -20.20
CA LYS Z 336 -119.34 -8.59 -21.55
C LYS Z 336 -118.17 -9.07 -22.40
N ASN Z 337 -117.07 -9.49 -21.78
CA ASN Z 337 -115.85 -9.94 -22.44
C ASN Z 337 -115.56 -11.39 -22.07
N SER Z 338 -116.60 -12.23 -22.10
CA SER Z 338 -116.48 -13.63 -21.72
C SER Z 338 -115.52 -14.42 -22.62
N SER Z 339 -115.32 -13.99 -23.87
CA SER Z 339 -114.34 -14.64 -24.72
C SER Z 339 -112.92 -14.49 -24.20
N TYR Z 340 -112.62 -13.37 -23.54
CA TYR Z 340 -111.30 -13.11 -22.96
C TYR Z 340 -111.18 -13.60 -21.52
N PHE Z 341 -112.06 -14.51 -21.07
CA PHE Z 341 -111.99 -15.10 -19.74
C PHE Z 341 -112.35 -16.57 -19.83
N VAL Z 342 -111.65 -17.39 -19.05
CA VAL Z 342 -111.85 -18.84 -19.11
C VAL Z 342 -113.21 -19.20 -18.54
N GLU Z 343 -113.91 -20.12 -19.21
CA GLU Z 343 -115.22 -20.59 -18.79
C GLU Z 343 -115.17 -21.65 -17.70
N TRP Z 344 -114.02 -22.31 -17.51
CA TRP Z 344 -113.85 -23.31 -16.46
C TRP Z 344 -113.49 -22.70 -15.10
N ILE Z 345 -113.67 -21.40 -14.91
CA ILE Z 345 -113.58 -20.74 -13.61
C ILE Z 345 -114.78 -19.79 -13.55
N PRO Z 346 -115.60 -19.81 -12.48
CA PRO Z 346 -116.80 -18.95 -12.52
C PRO Z 346 -116.49 -17.48 -12.30
N ASN Z 347 -115.49 -17.17 -11.48
CA ASN Z 347 -115.13 -15.80 -11.14
C ASN Z 347 -113.61 -15.69 -11.11
N ASN Z 348 -113.06 -14.95 -12.06
CA ASN Z 348 -111.62 -14.78 -12.18
C ASN Z 348 -111.08 -13.58 -11.41
N VAL Z 349 -111.94 -12.68 -10.91
CA VAL Z 349 -111.52 -11.42 -10.32
C VAL Z 349 -111.37 -11.59 -8.81
N LYS Z 350 -110.35 -10.93 -8.25
CA LYS Z 350 -110.11 -10.86 -6.82
C LYS Z 350 -110.12 -9.39 -6.42
N THR Z 351 -110.87 -9.07 -5.36
CA THR Z 351 -111.13 -7.70 -4.93
C THR Z 351 -110.39 -7.40 -3.63
N ALA Z 352 -110.01 -6.14 -3.47
CA ALA Z 352 -109.37 -5.65 -2.27
C ALA Z 352 -109.35 -4.13 -2.32
N VAL Z 353 -109.44 -3.50 -1.15
CA VAL Z 353 -109.52 -2.05 -1.03
C VAL Z 353 -108.85 -1.62 0.26
N CYS Z 354 -108.34 -0.38 0.27
CA CYS Z 354 -107.72 0.25 1.43
C CYS Z 354 -108.31 1.64 1.64
N ASP Z 355 -108.25 2.10 2.88
CA ASP Z 355 -108.82 3.39 3.29
C ASP Z 355 -107.83 4.55 3.21
N ILE Z 356 -106.56 4.29 2.89
CA ILE Z 356 -105.48 5.29 2.93
C ILE Z 356 -104.89 5.40 1.53
N PRO Z 357 -105.29 6.33 0.67
CA PRO Z 357 -104.76 6.33 -0.70
C PRO Z 357 -103.36 6.94 -0.73
N PRO Z 358 -102.70 6.96 -1.89
CA PRO Z 358 -101.40 7.63 -2.00
C PRO Z 358 -101.54 9.13 -1.76
N ARG Z 359 -100.41 9.75 -1.45
CA ARG Z 359 -100.37 11.19 -1.24
C ARG Z 359 -100.49 11.91 -2.58
N GLY Z 360 -101.41 12.86 -2.66
CA GLY Z 360 -101.68 13.59 -3.88
C GLY Z 360 -102.77 13.01 -4.77
N LEU Z 361 -103.28 11.82 -4.45
CA LEU Z 361 -104.35 11.17 -5.20
C LEU Z 361 -105.38 10.63 -4.23
N LYS Z 362 -106.66 10.83 -4.56
CA LYS Z 362 -107.78 10.38 -3.74
C LYS Z 362 -108.30 9.00 -4.12
N MET Z 363 -108.10 8.58 -5.38
CA MET Z 363 -108.58 7.31 -5.89
C MET Z 363 -107.48 6.67 -6.72
N SER Z 364 -107.21 5.39 -6.48
CA SER Z 364 -106.19 4.68 -7.23
C SER Z 364 -106.36 3.19 -7.02
N ALA Z 365 -105.71 2.42 -7.88
CA ALA Z 365 -105.76 0.97 -7.83
C ALA Z 365 -104.59 0.41 -8.62
N THR Z 366 -104.31 -0.88 -8.40
CA THR Z 366 -103.27 -1.62 -9.11
C THR Z 366 -103.87 -2.88 -9.72
N PHE Z 367 -103.51 -3.12 -10.97
CA PHE Z 367 -104.02 -4.24 -11.76
C PHE Z 367 -103.00 -5.35 -11.75
N ILE Z 368 -103.43 -6.55 -11.36
CA ILE Z 368 -102.59 -7.74 -11.28
C ILE Z 368 -103.31 -8.84 -12.03
N GLY Z 369 -102.70 -9.33 -13.11
CA GLY Z 369 -103.32 -10.28 -14.01
C GLY Z 369 -102.41 -11.43 -14.43
N ASN Z 370 -102.92 -12.66 -14.30
CA ASN Z 370 -102.26 -13.86 -14.83
C ASN Z 370 -103.08 -14.30 -16.04
N SER Z 371 -102.52 -14.06 -17.23
CA SER Z 371 -103.18 -14.32 -18.50
C SER Z 371 -102.34 -15.26 -19.34
N THR Z 372 -103.01 -15.97 -20.24
CA THR Z 372 -102.35 -16.86 -21.19
C THR Z 372 -101.69 -16.12 -22.35
N ALA Z 373 -101.87 -14.80 -22.47
CA ALA Z 373 -101.17 -14.04 -23.50
C ALA Z 373 -99.67 -13.93 -23.22
N ILE Z 374 -99.22 -14.20 -22.00
CA ILE Z 374 -97.81 -14.12 -21.66
C ILE Z 374 -96.96 -15.13 -22.41
N GLN Z 375 -97.55 -16.20 -22.94
CA GLN Z 375 -96.80 -17.17 -23.74
C GLN Z 375 -96.23 -16.56 -25.02
N GLU Z 376 -96.82 -15.47 -25.51
CA GLU Z 376 -96.25 -14.78 -26.68
C GLU Z 376 -94.86 -14.25 -26.36
N LEU Z 377 -94.65 -13.78 -25.13
CA LEU Z 377 -93.31 -13.37 -24.72
C LEU Z 377 -92.38 -14.57 -24.63
N PHE Z 378 -92.88 -15.69 -24.08
CA PHE Z 378 -92.07 -16.90 -24.03
C PHE Z 378 -91.86 -17.48 -25.42
N LYS Z 379 -92.78 -17.23 -26.36
CA LYS Z 379 -92.56 -17.66 -27.74
C LYS Z 379 -91.38 -16.93 -28.36
N ARG Z 380 -91.41 -15.59 -28.36
CA ARG Z 380 -90.36 -14.82 -29.01
C ARG Z 380 -89.03 -14.95 -28.29
N ILE Z 381 -89.06 -15.09 -26.96
CA ILE Z 381 -87.81 -15.30 -26.21
C ILE Z 381 -87.23 -16.67 -26.52
N SER Z 382 -88.10 -17.67 -26.68
CA SER Z 382 -87.61 -19.02 -26.99
C SER Z 382 -87.03 -19.08 -28.40
N GLU Z 383 -87.66 -18.40 -29.35
CA GLU Z 383 -87.15 -18.42 -30.72
C GLU Z 383 -85.83 -17.68 -30.83
N GLN Z 384 -85.65 -16.61 -30.07
CA GLN Z 384 -84.35 -15.92 -30.06
C GLN Z 384 -83.27 -16.77 -29.41
N PHE Z 385 -83.63 -17.55 -28.39
CA PHE Z 385 -82.67 -18.46 -27.77
C PHE Z 385 -82.35 -19.63 -28.69
N THR Z 386 -83.37 -20.22 -29.32
CA THR Z 386 -83.14 -21.34 -30.22
C THR Z 386 -82.41 -20.90 -31.48
N ALA Z 387 -82.63 -19.66 -31.94
CA ALA Z 387 -81.94 -19.17 -33.12
C ALA Z 387 -80.44 -19.02 -32.90
N MET Z 388 -80.03 -18.62 -31.70
CA MET Z 388 -78.62 -18.45 -31.36
C MET Z 388 -77.99 -19.72 -30.81
N PHE Z 389 -78.78 -20.60 -30.19
CA PHE Z 389 -78.26 -21.82 -29.59
C PHE Z 389 -78.04 -22.93 -30.61
N ARG Z 390 -78.77 -22.92 -31.73
CA ARG Z 390 -78.70 -24.03 -32.68
C ARG Z 390 -77.35 -24.15 -33.38
N ARG Z 391 -76.54 -23.09 -33.38
CA ARG Z 391 -75.15 -23.14 -33.83
C ARG Z 391 -74.15 -22.81 -32.72
N LYS Z 392 -74.57 -22.84 -31.45
CA LYS Z 392 -73.67 -22.67 -30.31
C LYS Z 392 -73.01 -21.29 -30.31
N ALA Z 393 -73.78 -20.27 -30.67
CA ALA Z 393 -73.27 -18.90 -30.69
C ALA Z 393 -73.23 -18.32 -29.28
N PHE Z 394 -72.12 -17.65 -28.96
CA PHE Z 394 -71.94 -16.97 -27.68
C PHE Z 394 -72.00 -17.91 -26.49
N LEU Z 395 -71.57 -19.17 -26.67
CA LEU Z 395 -71.54 -20.17 -25.61
C LEU Z 395 -70.13 -20.44 -25.07
N HIS Z 396 -69.09 -20.12 -25.83
CA HIS Z 396 -67.73 -20.43 -25.37
C HIS Z 396 -67.33 -19.59 -24.16
N TRP Z 397 -67.91 -18.41 -24.01
CA TRP Z 397 -67.65 -17.62 -22.80
C TRP Z 397 -68.27 -18.27 -21.57
N TYR Z 398 -69.43 -18.90 -21.73
CA TYR Z 398 -70.08 -19.56 -20.59
C TYR Z 398 -69.33 -20.82 -20.17
N THR Z 399 -68.75 -21.54 -21.14
CA THR Z 399 -68.00 -22.75 -20.82
C THR Z 399 -66.70 -22.46 -20.06
N GLY Z 400 -66.18 -21.23 -20.15
CA GLY Z 400 -64.98 -20.87 -19.40
C GLY Z 400 -65.14 -20.97 -17.90
N GLU Z 401 -66.36 -20.71 -17.39
CA GLU Z 401 -66.66 -20.84 -15.98
C GLU Z 401 -67.09 -22.25 -15.58
N GLY Z 402 -66.87 -23.25 -16.43
CA GLY Z 402 -67.25 -24.61 -16.11
C GLY Z 402 -68.69 -24.97 -16.37
N MET Z 403 -69.43 -24.15 -17.12
CA MET Z 403 -70.83 -24.42 -17.41
C MET Z 403 -70.95 -25.36 -18.61
N ASP Z 404 -71.90 -26.28 -18.51
CA ASP Z 404 -72.14 -27.29 -19.53
C ASP Z 404 -73.25 -26.83 -20.48
N GLU Z 405 -73.14 -27.25 -21.73
CA GLU Z 405 -74.14 -26.93 -22.73
C GLU Z 405 -75.46 -27.67 -22.51
N MET Z 406 -75.45 -28.77 -21.75
CA MET Z 406 -76.69 -29.47 -21.46
C MET Z 406 -77.62 -28.62 -20.60
N GLU Z 407 -77.06 -27.78 -19.73
CA GLU Z 407 -77.89 -26.90 -18.91
C GLU Z 407 -78.66 -25.89 -19.77
N PHE Z 408 -78.07 -25.46 -20.88
CA PHE Z 408 -78.80 -24.64 -21.83
C PHE Z 408 -79.93 -25.44 -22.47
N THR Z 409 -79.69 -26.72 -22.75
CA THR Z 409 -80.75 -27.57 -23.30
C THR Z 409 -81.80 -27.86 -22.26
N GLU Z 410 -81.39 -28.07 -21.00
CA GLU Z 410 -82.36 -28.24 -19.92
C GLU Z 410 -83.18 -26.98 -19.69
N ALA Z 411 -82.55 -25.80 -19.81
CA ALA Z 411 -83.31 -24.56 -19.77
C ALA Z 411 -84.24 -24.45 -20.97
N GLU Z 412 -83.82 -24.97 -22.12
CA GLU Z 412 -84.69 -24.99 -23.29
C GLU Z 412 -85.84 -25.96 -23.11
N SER Z 413 -85.61 -27.07 -22.40
CA SER Z 413 -86.70 -28.00 -22.12
C SER Z 413 -87.75 -27.38 -21.22
N ASN Z 414 -87.31 -26.58 -20.24
CA ASN Z 414 -88.25 -25.88 -19.38
C ASN Z 414 -89.03 -24.81 -20.14
N MET Z 415 -88.43 -24.23 -21.18
CA MET Z 415 -89.07 -23.12 -21.89
C MET Z 415 -90.29 -23.59 -22.65
N ASN Z 416 -90.16 -24.63 -23.47
CA ASN Z 416 -91.29 -25.14 -24.21
C ASN Z 416 -92.33 -25.79 -23.30
N ASP Z 417 -91.91 -26.30 -22.13
CA ASP Z 417 -92.86 -26.89 -21.21
C ASP Z 417 -93.82 -25.85 -20.64
N LEU Z 418 -93.29 -24.77 -20.08
CA LEU Z 418 -94.15 -23.72 -19.54
C LEU Z 418 -94.92 -23.01 -20.65
N VAL Z 419 -94.38 -22.98 -21.87
CA VAL Z 419 -95.14 -22.45 -23.00
C VAL Z 419 -96.33 -23.36 -23.29
N SER Z 420 -96.10 -24.67 -23.33
CA SER Z 420 -97.21 -25.60 -23.56
C SER Z 420 -98.16 -25.65 -22.38
N GLU Z 421 -97.68 -25.33 -21.16
CA GLU Z 421 -98.56 -25.29 -20.01
C GLU Z 421 -99.60 -24.17 -20.15
N TYR Z 422 -99.15 -22.98 -20.55
CA TYR Z 422 -100.10 -21.90 -20.82
C TYR Z 422 -101.01 -22.21 -21.99
N GLN Z 423 -100.53 -22.98 -22.98
CA GLN Z 423 -101.37 -23.35 -24.11
C GLN Z 423 -102.42 -24.39 -23.74
N GLN Z 424 -102.17 -25.17 -22.67
CA GLN Z 424 -103.16 -26.15 -22.22
C GLN Z 424 -104.44 -25.47 -21.76
N TYR Z 425 -104.31 -24.34 -21.05
CA TYR Z 425 -105.43 -23.64 -20.45
C TYR Z 425 -105.90 -22.45 -21.29
N GLN Z 426 -105.84 -22.58 -22.61
CA GLN Z 426 -106.35 -21.57 -23.54
C GLN Z 426 -107.19 -22.24 -24.62
N ALA AA 28 -94.52 -51.45 -28.82
CA ALA AA 28 -94.84 -50.10 -29.25
C ALA AA 28 -95.69 -49.38 -28.19
N GLU AA 29 -96.75 -50.05 -27.75
CA GLU AA 29 -97.65 -49.53 -26.72
C GLU AA 29 -98.12 -50.69 -25.86
N CYS AA 30 -97.89 -50.58 -24.55
CA CYS AA 30 -98.27 -51.59 -23.57
C CYS AA 30 -99.01 -50.92 -22.41
N ASN AA 31 -100.13 -51.51 -22.02
CA ASN AA 31 -100.95 -50.97 -20.95
C ASN AA 31 -100.30 -51.21 -19.60
N ILE AA 32 -100.39 -50.22 -18.71
CA ILE AA 32 -99.83 -50.33 -17.37
C ILE AA 32 -100.71 -51.28 -16.59
N LYS AA 33 -100.11 -52.33 -16.01
CA LYS AA 33 -100.86 -53.31 -15.25
C LYS AA 33 -101.27 -52.72 -13.90
N VAL AA 34 -102.57 -52.73 -13.63
CA VAL AA 34 -103.16 -52.20 -12.40
C VAL AA 34 -103.68 -53.39 -11.60
N MET AA 35 -103.06 -53.62 -10.45
CA MET AA 35 -103.43 -54.69 -9.52
C MET AA 35 -103.78 -54.08 -8.16
N CYS AA 36 -104.55 -54.84 -7.38
CA CYS AA 36 -105.03 -54.41 -6.07
C CYS AA 36 -104.70 -55.48 -5.02
N ARG AA 37 -104.52 -55.04 -3.78
CA ARG AA 37 -104.23 -55.93 -2.67
C ARG AA 37 -104.91 -55.39 -1.41
N PHE AA 38 -105.69 -56.23 -0.75
CA PHE AA 38 -106.23 -55.97 0.58
C PHE AA 38 -105.45 -56.81 1.60
N ARG AA 39 -105.41 -56.32 2.84
CA ARG AA 39 -104.67 -56.92 3.95
C ARG AA 39 -105.63 -57.36 5.05
N PRO AA 40 -105.17 -58.10 6.06
CA PRO AA 40 -106.00 -58.33 7.24
C PRO AA 40 -106.11 -57.07 8.10
N LEU AA 41 -107.06 -57.10 9.02
CA LEU AA 41 -107.25 -55.99 9.94
C LEU AA 41 -106.15 -55.99 11.00
N ASN AA 42 -105.53 -54.84 11.20
CA ASN AA 42 -104.44 -54.71 12.17
C ASN AA 42 -105.03 -54.56 13.57
N GLU AA 43 -104.18 -54.30 14.55
CA GLU AA 43 -104.62 -54.26 15.95
C GLU AA 43 -105.49 -53.03 16.24
N SER AA 44 -105.25 -51.92 15.56
CA SER AA 44 -105.99 -50.69 15.84
C SER AA 44 -107.40 -50.68 15.26
N GLU AA 45 -107.71 -51.58 14.31
CA GLU AA 45 -109.02 -51.62 13.66
C GLU AA 45 -109.95 -52.68 14.24
N VAL AA 46 -109.43 -53.84 14.65
CA VAL AA 46 -110.30 -54.88 15.17
C VAL AA 46 -110.89 -54.50 16.54
N ASN AA 47 -110.13 -53.76 17.36
CA ASN AA 47 -110.64 -53.33 18.65
C ASN AA 47 -111.67 -52.22 18.54
N ARG AA 48 -111.60 -51.40 17.48
CA ARG AA 48 -112.60 -50.36 17.27
C ARG AA 48 -113.92 -50.94 16.79
N GLY AA 49 -113.86 -52.02 16.00
CA GLY AA 49 -115.05 -52.74 15.57
C GLY AA 49 -115.43 -52.45 14.12
N ASP AA 50 -114.43 -52.30 13.26
CA ASP AA 50 -114.69 -52.03 11.85
C ASP AA 50 -115.10 -53.32 11.14
N LYS AA 51 -116.03 -53.17 10.20
CA LYS AA 51 -116.57 -54.30 9.45
C LYS AA 51 -115.75 -54.57 8.20
N TYR AA 52 -115.63 -55.85 7.85
CA TYR AA 52 -114.82 -56.27 6.70
C TYR AA 52 -115.65 -56.07 5.43
N ILE AA 53 -115.48 -54.91 4.78
CA ILE AA 53 -116.27 -54.57 3.60
C ILE AA 53 -115.69 -55.12 2.31
N ALA AA 54 -114.47 -55.68 2.33
CA ALA AA 54 -113.83 -56.12 1.09
C ALA AA 54 -114.52 -57.38 0.58
N LYS AA 55 -115.16 -57.26 -0.58
CA LYS AA 55 -115.84 -58.35 -1.25
C LYS AA 55 -115.20 -58.57 -2.61
N PHE AA 56 -114.70 -59.78 -2.84
CA PHE AA 56 -113.98 -60.15 -4.05
C PHE AA 56 -114.88 -60.98 -4.95
N GLN AA 57 -114.73 -60.78 -6.26
CA GLN AA 57 -115.46 -61.53 -7.28
C GLN AA 57 -114.44 -61.95 -8.33
N GLY AA 58 -113.93 -63.17 -8.18
CA GLY AA 58 -112.87 -63.64 -9.06
C GLY AA 58 -111.56 -62.92 -8.78
N GLU AA 59 -110.69 -62.89 -9.80
CA GLU AA 59 -109.37 -62.30 -9.71
C GLU AA 59 -109.31 -60.88 -10.28
N ASP AA 60 -110.10 -60.58 -11.32
CA ASP AA 60 -109.93 -59.33 -12.04
C ASP AA 60 -110.67 -58.15 -11.39
N THR AA 61 -111.84 -58.39 -10.81
CA THR AA 61 -112.72 -57.35 -10.31
C THR AA 61 -112.98 -57.54 -8.81
N VAL AA 62 -113.26 -56.44 -8.13
CA VAL AA 62 -113.58 -56.42 -6.71
C VAL AA 62 -114.81 -55.54 -6.51
N VAL AA 63 -115.68 -55.95 -5.58
CA VAL AA 63 -116.93 -55.26 -5.28
C VAL AA 63 -116.76 -54.57 -3.93
N ILE AA 64 -117.10 -53.28 -3.89
CA ILE AA 64 -117.06 -52.46 -2.68
C ILE AA 64 -118.32 -51.63 -2.64
N ALA AA 65 -119.17 -51.89 -1.64
CA ALA AA 65 -120.43 -51.17 -1.44
C ALA AA 65 -121.34 -51.31 -2.66
N SER AA 66 -121.40 -52.54 -3.19
CA SER AA 66 -122.23 -52.86 -4.35
C SER AA 66 -121.82 -52.06 -5.58
N LYS AA 67 -120.51 -51.90 -5.78
CA LYS AA 67 -119.92 -51.21 -6.91
C LYS AA 67 -118.73 -52.02 -7.43
N PRO AA 68 -118.81 -52.65 -8.62
CA PRO AA 68 -117.61 -53.36 -9.11
C PRO AA 68 -116.53 -52.40 -9.57
N TYR AA 69 -115.28 -52.83 -9.40
CA TYR AA 69 -114.10 -52.10 -9.84
C TYR AA 69 -113.18 -53.10 -10.54
N ALA AA 70 -113.10 -53.02 -11.87
CA ALA AA 70 -112.36 -53.97 -12.66
C ALA AA 70 -110.86 -53.64 -12.62
N PHE AA 71 -110.04 -54.68 -12.42
CA PHE AA 71 -108.58 -54.56 -12.44
C PHE AA 71 -108.01 -55.77 -13.17
N ASP AA 72 -106.67 -55.88 -13.23
CA ASP AA 72 -106.03 -57.03 -13.84
C ASP AA 72 -105.98 -58.22 -12.88
N ARG AA 73 -105.61 -57.97 -11.63
CA ARG AA 73 -105.50 -59.02 -10.63
C ARG AA 73 -105.65 -58.40 -9.26
N VAL AA 74 -106.63 -58.89 -8.48
CA VAL AA 74 -106.88 -58.44 -7.12
C VAL AA 74 -106.40 -59.51 -6.17
N PHE AA 75 -105.57 -59.13 -5.20
CA PHE AA 75 -105.04 -60.03 -4.20
C PHE AA 75 -105.86 -59.92 -2.92
N GLN AA 76 -106.21 -61.06 -2.34
CA GLN AA 76 -107.03 -61.11 -1.14
C GLN AA 76 -106.14 -60.98 0.10
N SER AA 77 -106.76 -60.99 1.28
CA SER AA 77 -106.02 -60.84 2.54
C SER AA 77 -105.13 -62.05 2.83
N SER AA 78 -105.55 -63.24 2.41
CA SER AA 78 -104.77 -64.45 2.65
C SER AA 78 -103.58 -64.61 1.69
N THR AA 79 -103.38 -63.69 0.75
CA THR AA 79 -102.25 -63.80 -0.17
C THR AA 79 -100.96 -63.50 0.57
N SER AA 80 -100.05 -64.48 0.57
CA SER AA 80 -98.78 -64.34 1.27
C SER AA 80 -97.82 -63.45 0.47
N GLN AA 81 -96.63 -63.23 1.02
CA GLN AA 81 -95.66 -62.35 0.37
C GLN AA 81 -95.13 -62.96 -0.92
N GLU AA 82 -94.85 -64.28 -0.90
CA GLU AA 82 -94.31 -64.93 -2.08
C GLU AA 82 -95.35 -65.00 -3.20
N GLN AA 83 -96.62 -65.15 -2.84
CA GLN AA 83 -97.67 -65.26 -3.85
C GLN AA 83 -97.85 -63.96 -4.62
N VAL AA 84 -97.73 -62.81 -3.94
CA VAL AA 84 -97.89 -61.52 -4.62
C VAL AA 84 -96.72 -61.29 -5.58
N TYR AA 85 -95.52 -61.69 -5.19
CA TYR AA 85 -94.34 -61.45 -6.02
C TYR AA 85 -94.39 -62.26 -7.31
N ASN AA 86 -94.76 -63.54 -7.20
CA ASN AA 86 -94.81 -64.40 -8.38
C ASN AA 86 -95.89 -63.97 -9.36
N ASP AA 87 -96.96 -63.31 -8.89
CA ASP AA 87 -98.06 -62.90 -9.75
C ASP AA 87 -97.83 -61.55 -10.41
N CYS AA 88 -97.23 -60.59 -9.69
CA CYS AA 88 -97.13 -59.21 -10.16
C CYS AA 88 -95.81 -58.94 -10.87
N ALA AA 89 -94.69 -59.08 -10.16
CA ALA AA 89 -93.38 -58.62 -10.62
C ALA AA 89 -92.49 -59.76 -11.13
N LYS AA 90 -93.08 -60.91 -11.48
CA LYS AA 90 -92.27 -62.01 -12.00
C LYS AA 90 -91.84 -61.75 -13.44
N LYS AA 91 -92.79 -61.37 -14.31
CA LYS AA 91 -92.47 -61.07 -15.70
C LYS AA 91 -91.71 -59.77 -15.87
N ILE AA 92 -91.80 -58.85 -14.90
CA ILE AA 92 -91.09 -57.58 -15.01
C ILE AA 92 -89.59 -57.79 -14.93
N VAL AA 93 -89.14 -58.83 -14.21
CA VAL AA 93 -87.71 -59.14 -14.15
C VAL AA 93 -87.22 -59.58 -15.53
N LYS AA 94 -88.08 -60.29 -16.29
CA LYS AA 94 -87.71 -60.69 -17.64
C LYS AA 94 -87.76 -59.50 -18.60
N ASP AA 95 -88.70 -58.57 -18.40
CA ASP AA 95 -88.85 -57.46 -19.32
C ASP AA 95 -87.70 -56.46 -19.17
N VAL AA 96 -87.30 -56.17 -17.93
CA VAL AA 96 -86.24 -55.20 -17.71
C VAL AA 96 -84.88 -55.71 -18.16
N LEU AA 97 -84.67 -57.03 -18.15
CA LEU AA 97 -83.43 -57.62 -18.65
C LEU AA 97 -83.43 -57.80 -20.16
N GLU AA 98 -84.60 -57.79 -20.81
CA GLU AA 98 -84.65 -57.90 -22.27
C GLU AA 98 -84.07 -56.67 -22.96
N GLY AA 99 -84.09 -55.51 -22.31
CA GLY AA 99 -83.59 -54.27 -22.88
C GLY AA 99 -84.41 -53.06 -22.50
N TYR AA 100 -85.68 -53.25 -22.12
CA TYR AA 100 -86.55 -52.16 -21.75
C TYR AA 100 -86.29 -51.75 -20.30
N ASN AA 101 -86.97 -50.70 -19.86
CA ASN AA 101 -86.90 -50.19 -18.50
C ASN AA 101 -88.01 -50.80 -17.65
N GLY AA 102 -87.93 -50.59 -16.36
CA GLY AA 102 -88.93 -51.09 -15.42
C GLY AA 102 -89.15 -50.13 -14.28
N THR AA 103 -90.38 -50.11 -13.76
CA THR AA 103 -90.73 -49.26 -12.63
C THR AA 103 -91.95 -49.84 -11.96
N ILE AA 104 -91.89 -49.97 -10.63
CA ILE AA 104 -93.00 -50.45 -9.81
C ILE AA 104 -93.11 -49.54 -8.60
N PHE AA 105 -94.34 -49.13 -8.27
CA PHE AA 105 -94.59 -48.26 -7.14
C PHE AA 105 -95.97 -48.57 -6.58
N ALA AA 106 -96.19 -48.16 -5.32
CA ALA AA 106 -97.38 -48.49 -4.55
C ALA AA 106 -98.07 -47.19 -4.13
N TYR AA 107 -99.37 -47.10 -4.40
CA TYR AA 107 -100.20 -45.97 -4.02
C TYR AA 107 -101.26 -46.42 -3.01
N GLY AA 108 -101.54 -45.57 -2.05
CA GLY AA 108 -102.54 -45.88 -1.04
C GLY AA 108 -102.39 -44.96 0.16
N GLN AA 109 -103.24 -45.23 1.15
CA GLN AA 109 -103.30 -44.46 2.38
C GLN AA 109 -102.42 -45.11 3.46
N THR AA 110 -102.25 -44.40 4.57
CA THR AA 110 -101.43 -44.89 5.67
C THR AA 110 -102.06 -46.14 6.28
N SER AA 111 -101.20 -47.08 6.68
CA SER AA 111 -101.58 -48.38 7.23
C SER AA 111 -102.27 -49.29 6.21
N SER AA 112 -102.16 -48.98 4.91
CA SER AA 112 -102.77 -49.81 3.88
C SER AA 112 -101.93 -51.06 3.55
N GLY AA 113 -100.63 -51.05 3.87
CA GLY AA 113 -99.75 -52.19 3.68
C GLY AA 113 -98.81 -52.02 2.50
N LYS AA 114 -98.31 -50.80 2.31
CA LYS AA 114 -97.35 -50.52 1.25
C LYS AA 114 -95.92 -50.85 1.67
N THR AA 115 -95.54 -50.51 2.91
CA THR AA 115 -94.20 -50.83 3.39
C THR AA 115 -94.02 -52.33 3.56
N HIS AA 116 -95.01 -53.02 4.15
CA HIS AA 116 -94.92 -54.46 4.33
C HIS AA 116 -94.91 -55.20 3.00
N THR AA 117 -95.58 -54.65 1.98
CA THR AA 117 -95.62 -55.30 0.68
C THR AA 117 -94.24 -55.28 0.02
N MET AA 118 -93.57 -54.13 0.06
CA MET AA 118 -92.27 -53.95 -0.58
C MET AA 118 -91.10 -54.27 0.34
N GLU AA 119 -91.09 -53.71 1.56
CA GLU AA 119 -89.99 -53.92 2.49
C GLU AA 119 -90.20 -55.19 3.32
N GLY AA 120 -91.31 -55.26 4.06
CA GLY AA 120 -91.55 -56.39 4.92
C GLY AA 120 -90.51 -56.48 6.03
N LYS AA 121 -90.04 -57.72 6.26
CA LYS AA 121 -88.92 -58.01 7.15
C LYS AA 121 -87.87 -58.75 6.32
N LEU AA 122 -86.77 -58.06 6.01
CA LEU AA 122 -85.87 -58.50 4.95
C LEU AA 122 -85.13 -59.80 5.31
N HIS AA 123 -84.78 -59.99 6.57
CA HIS AA 123 -83.94 -61.10 6.97
C HIS AA 123 -84.66 -62.44 7.05
N ASP AA 124 -86.00 -62.45 6.98
CA ASP AA 124 -86.78 -63.69 7.03
C ASP AA 124 -87.03 -64.23 5.63
N PRO AA 125 -87.12 -65.54 5.37
CA PRO AA 125 -87.44 -65.99 4.01
C PRO AA 125 -88.87 -65.67 3.59
N GLU AA 126 -89.86 -65.83 4.48
CA GLU AA 126 -91.26 -65.65 4.15
C GLU AA 126 -91.72 -64.20 4.30
N GLY AA 127 -91.37 -63.55 5.41
CA GLY AA 127 -91.82 -62.20 5.67
C GLY AA 127 -91.16 -61.11 4.85
N MET AA 128 -90.17 -61.44 4.02
CA MET AA 128 -89.52 -60.42 3.20
C MET AA 128 -90.44 -59.96 2.08
N GLY AA 129 -90.36 -58.67 1.77
CA GLY AA 129 -91.23 -58.05 0.78
C GLY AA 129 -90.73 -58.29 -0.63
N ILE AA 130 -90.93 -57.29 -1.48
CA ILE AA 130 -90.67 -57.44 -2.91
C ILE AA 130 -89.24 -57.05 -3.25
N ILE AA 131 -88.72 -55.99 -2.64
CA ILE AA 131 -87.43 -55.43 -3.05
C ILE AA 131 -86.24 -56.35 -2.76
N PRO AA 132 -86.24 -57.29 -1.75
CA PRO AA 132 -85.18 -58.31 -1.77
C PRO AA 132 -85.45 -59.40 -2.79
N ARG AA 133 -86.72 -59.72 -3.03
CA ARG AA 133 -87.06 -60.72 -4.03
C ARG AA 133 -86.70 -60.25 -5.43
N ILE AA 134 -86.79 -58.94 -5.70
CA ILE AA 134 -86.36 -58.41 -6.99
C ILE AA 134 -84.84 -58.56 -7.13
N VAL AA 135 -84.10 -58.34 -6.04
CA VAL AA 135 -82.65 -58.47 -6.08
C VAL AA 135 -82.25 -59.91 -6.28
N GLN AA 136 -82.91 -60.84 -5.57
CA GLN AA 136 -82.52 -62.25 -5.64
C GLN AA 136 -82.83 -62.85 -7.01
N ASP AA 137 -83.91 -62.43 -7.64
CA ASP AA 137 -84.26 -62.97 -8.94
C ASP AA 137 -83.31 -62.50 -10.03
N ILE AA 138 -82.77 -61.28 -9.89
CA ILE AA 138 -81.85 -60.75 -10.90
C ILE AA 138 -80.55 -61.55 -10.89
N PHE AA 139 -79.99 -61.78 -9.69
CA PHE AA 139 -78.75 -62.53 -9.59
C PHE AA 139 -78.95 -64.01 -9.88
N ASN AA 140 -80.09 -64.58 -9.48
CA ASN AA 140 -80.38 -65.97 -9.84
C ASN AA 140 -80.54 -66.14 -11.34
N TYR AA 141 -81.07 -65.13 -12.02
CA TYR AA 141 -81.18 -65.20 -13.47
C TYR AA 141 -79.82 -65.08 -14.15
N ILE AA 142 -78.91 -64.30 -13.56
CA ILE AA 142 -77.58 -64.14 -14.14
C ILE AA 142 -76.79 -65.43 -14.04
N TYR AA 143 -76.97 -66.18 -12.94
CA TYR AA 143 -76.29 -67.46 -12.80
C TYR AA 143 -76.78 -68.48 -13.81
N SER AA 144 -78.05 -68.39 -14.20
CA SER AA 144 -78.62 -69.28 -15.22
C SER AA 144 -78.17 -68.91 -16.63
N MET AA 145 -77.81 -67.65 -16.87
CA MET AA 145 -77.32 -67.23 -18.18
C MET AA 145 -75.88 -67.68 -18.38
N ASP AA 146 -75.44 -67.65 -19.63
CA ASP AA 146 -74.09 -68.07 -19.99
C ASP AA 146 -73.07 -67.07 -19.45
N GLU AA 147 -71.81 -67.51 -19.41
CA GLU AA 147 -70.75 -66.72 -18.78
C GLU AA 147 -70.39 -65.49 -19.60
N ASN AA 148 -70.57 -65.54 -20.93
CA ASN AA 148 -70.11 -64.46 -21.79
C ASN AA 148 -70.92 -63.17 -21.62
N LEU AA 149 -72.11 -63.23 -21.03
CA LEU AA 149 -72.91 -62.03 -20.77
C LEU AA 149 -72.38 -61.34 -19.52
N GLU AA 150 -71.67 -60.24 -19.71
CA GLU AA 150 -71.11 -59.46 -18.61
C GLU AA 150 -72.15 -58.45 -18.13
N PHE AA 151 -72.41 -58.45 -16.82
CA PHE AA 151 -73.39 -57.57 -16.19
C PHE AA 151 -72.66 -56.54 -15.34
N HIS AA 152 -73.10 -55.28 -15.45
CA HIS AA 152 -72.57 -54.16 -14.66
C HIS AA 152 -73.76 -53.51 -13.95
N ILE AA 153 -74.00 -53.91 -12.71
CA ILE AA 153 -75.12 -53.45 -11.91
C ILE AA 153 -74.58 -52.43 -10.91
N LYS AA 154 -75.24 -51.27 -10.85
CA LYS AA 154 -74.96 -50.23 -9.87
C LYS AA 154 -76.26 -49.79 -9.22
N VAL AA 155 -76.22 -49.62 -7.90
CA VAL AA 155 -77.40 -49.36 -7.08
C VAL AA 155 -77.34 -47.92 -6.58
N SER AA 156 -78.51 -47.33 -6.38
CA SER AA 156 -78.66 -46.00 -5.82
C SER AA 156 -79.92 -45.99 -4.97
N TYR AA 157 -79.91 -45.15 -3.93
CA TYR AA 157 -81.01 -45.10 -2.97
C TYR AA 157 -81.07 -43.73 -2.34
N PHE AA 158 -82.19 -43.03 -2.53
CA PHE AA 158 -82.41 -41.72 -1.95
C PHE AA 158 -83.90 -41.59 -1.62
N GLU AA 159 -84.25 -40.47 -0.96
CA GLU AA 159 -85.59 -40.24 -0.46
C GLU AA 159 -85.89 -38.75 -0.53
N ILE AA 160 -87.16 -38.42 -0.80
CA ILE AA 160 -87.62 -37.04 -1.00
C ILE AA 160 -88.36 -36.64 0.28
N TYR AA 161 -87.67 -35.88 1.13
CA TYR AA 161 -88.13 -35.57 2.48
C TYR AA 161 -87.96 -34.07 2.72
N LEU AA 162 -89.06 -33.41 3.10
CA LEU AA 162 -89.11 -31.96 3.29
C LEU AA 162 -88.65 -31.23 2.03
N ASP AA 163 -89.26 -31.63 0.90
CA ASP AA 163 -88.97 -31.16 -0.46
C ASP AA 163 -87.47 -31.10 -0.78
N LYS AA 164 -86.71 -32.08 -0.28
CA LYS AA 164 -85.29 -32.21 -0.56
C LYS AA 164 -84.96 -33.68 -0.79
N ILE AA 165 -84.12 -33.94 -1.78
CA ILE AA 165 -83.73 -35.31 -2.15
C ILE AA 165 -82.49 -35.62 -1.32
N ARG AA 166 -82.70 -36.14 -0.11
CA ARG AA 166 -81.62 -36.54 0.78
C ARG AA 166 -81.17 -37.95 0.46
N ASP AA 167 -79.86 -38.13 0.34
CA ASP AA 167 -79.26 -39.44 0.11
C ASP AA 167 -79.06 -40.16 1.43
N LEU AA 168 -79.38 -41.46 1.44
CA LEU AA 168 -79.25 -42.31 2.61
C LEU AA 168 -78.01 -43.18 2.58
N LEU AA 169 -77.44 -43.44 1.40
CA LEU AA 169 -76.18 -44.16 1.32
C LEU AA 169 -75.02 -43.33 1.85
N ASP AA 170 -75.11 -42.00 1.74
CA ASP AA 170 -74.17 -41.06 2.34
C ASP AA 170 -74.93 -39.97 3.06
N VAL AA 171 -74.53 -39.68 4.30
CA VAL AA 171 -75.25 -38.76 5.16
C VAL AA 171 -74.88 -37.29 4.92
N SER AA 172 -73.80 -37.01 4.17
CA SER AA 172 -73.34 -35.64 4.01
C SER AA 172 -74.30 -34.82 3.16
N LYS AA 173 -74.48 -35.21 1.89
CA LYS AA 173 -75.31 -34.45 0.98
C LYS AA 173 -76.78 -34.71 1.26
N THR AA 174 -77.57 -33.63 1.26
CA THR AA 174 -79.00 -33.67 1.59
C THR AA 174 -79.91 -33.26 0.42
N ASN AA 175 -79.37 -32.77 -0.68
CA ASN AA 175 -80.16 -32.36 -1.84
C ASN AA 175 -79.37 -32.60 -3.11
N LEU AA 176 -79.95 -33.35 -4.04
CA LEU AA 176 -79.38 -33.65 -5.35
C LEU AA 176 -80.20 -32.97 -6.44
N SER AA 177 -79.58 -32.86 -7.61
CA SER AA 177 -80.20 -32.27 -8.80
C SER AA 177 -80.69 -33.38 -9.72
N VAL AA 178 -81.69 -33.05 -10.54
CA VAL AA 178 -82.29 -33.95 -11.51
C VAL AA 178 -82.07 -33.34 -12.88
N HIS AA 179 -81.15 -33.92 -13.65
CA HIS AA 179 -80.75 -33.44 -14.97
C HIS AA 179 -81.25 -34.39 -16.04
N GLU AA 180 -81.20 -33.91 -17.29
CA GLU AA 180 -81.68 -34.64 -18.45
C GLU AA 180 -80.52 -35.34 -19.16
N ASP AA 181 -80.80 -36.51 -19.70
CA ASP AA 181 -79.83 -37.33 -20.41
C ASP AA 181 -79.88 -36.96 -21.90
N LYS AA 182 -79.27 -37.80 -22.76
CA LYS AA 182 -79.14 -37.48 -24.17
C LYS AA 182 -80.48 -37.35 -24.88
N ASN AA 183 -81.47 -38.18 -24.52
CA ASN AA 183 -82.80 -38.16 -25.12
C ASN AA 183 -83.85 -37.47 -24.24
N ARG AA 184 -83.41 -36.49 -23.44
CA ARG AA 184 -84.30 -35.63 -22.67
C ARG AA 184 -85.13 -36.39 -21.63
N VAL AA 185 -84.64 -37.53 -21.16
CA VAL AA 185 -85.29 -38.29 -20.10
C VAL AA 185 -84.65 -37.87 -18.78
N PRO AA 186 -85.41 -37.34 -17.80
CA PRO AA 186 -84.75 -36.84 -16.58
C PRO AA 186 -84.28 -37.97 -15.69
N TYR AA 187 -83.15 -37.74 -15.01
CA TYR AA 187 -82.62 -38.69 -14.05
C TYR AA 187 -81.74 -37.93 -13.07
N VAL AA 188 -81.26 -38.63 -12.05
CA VAL AA 188 -80.54 -38.04 -10.93
C VAL AA 188 -79.07 -37.95 -11.27
N LYS AA 189 -78.41 -36.92 -10.74
CA LYS AA 189 -76.97 -36.70 -10.88
C LYS AA 189 -76.36 -36.53 -9.50
N GLY AA 190 -75.12 -36.97 -9.35
CA GLY AA 190 -74.39 -36.82 -8.10
C GLY AA 190 -74.68 -37.87 -7.06
N CYS AA 191 -75.70 -38.71 -7.25
CA CYS AA 191 -76.04 -39.70 -6.25
C CYS AA 191 -74.96 -40.78 -6.14
N THR AA 192 -74.92 -41.45 -5.00
CA THR AA 192 -73.90 -42.45 -4.72
C THR AA 192 -74.27 -43.74 -5.47
N GLU AA 193 -73.63 -43.95 -6.62
CA GLU AA 193 -73.84 -45.14 -7.45
C GLU AA 193 -72.81 -46.19 -7.02
N ARG AA 194 -73.21 -47.05 -6.10
CA ARG AA 194 -72.33 -48.10 -5.58
C ARG AA 194 -72.32 -49.29 -6.54
N PHE AA 195 -71.15 -49.60 -7.07
CA PHE AA 195 -70.99 -50.75 -7.95
C PHE AA 195 -70.95 -52.01 -7.10
N VAL AA 196 -71.87 -52.94 -7.37
CA VAL AA 196 -72.06 -54.15 -6.58
C VAL AA 196 -71.68 -55.36 -7.43
N CYS AA 197 -71.23 -56.41 -6.73
CA CYS AA 197 -70.78 -57.66 -7.34
C CYS AA 197 -71.65 -58.84 -6.96
N SER AA 198 -71.87 -59.08 -5.67
CA SER AA 198 -72.60 -60.22 -5.13
C SER AA 198 -73.98 -59.78 -4.65
N PRO AA 199 -74.95 -60.70 -4.52
CA PRO AA 199 -76.27 -60.28 -4.01
C PRO AA 199 -76.27 -59.94 -2.53
N ASP AA 200 -75.37 -60.51 -1.74
CA ASP AA 200 -75.34 -60.22 -0.31
C ASP AA 200 -74.93 -58.77 -0.04
N GLU AA 201 -74.06 -58.21 -0.88
CA GLU AA 201 -73.70 -56.80 -0.72
C GLU AA 201 -74.89 -55.89 -1.01
N VAL AA 202 -75.77 -56.29 -1.93
CA VAL AA 202 -76.96 -55.50 -2.21
C VAL AA 202 -77.91 -55.55 -1.02
N MET AA 203 -77.93 -56.68 -0.30
CA MET AA 203 -78.71 -56.75 0.92
C MET AA 203 -78.11 -55.87 2.01
N ASP AA 204 -76.79 -55.73 2.01
CA ASP AA 204 -76.13 -54.92 3.04
C ASP AA 204 -76.45 -53.43 2.88
N THR AA 205 -76.33 -52.92 1.65
CA THR AA 205 -76.58 -51.50 1.43
C THR AA 205 -78.07 -51.15 1.57
N ILE AA 206 -78.95 -52.13 1.40
CA ILE AA 206 -80.37 -51.90 1.64
C ILE AA 206 -80.64 -51.78 3.14
N ASP AA 207 -79.97 -52.62 3.94
CA ASP AA 207 -80.21 -52.61 5.38
C ASP AA 207 -79.72 -51.31 6.02
N GLU AA 208 -78.52 -50.86 5.67
CA GLU AA 208 -78.03 -49.60 6.20
C GLU AA 208 -78.81 -48.41 5.68
N GLY AA 209 -79.38 -48.53 4.47
CA GLY AA 209 -80.22 -47.45 3.96
C GLY AA 209 -81.52 -47.31 4.73
N LYS AA 210 -82.17 -48.43 5.03
CA LYS AA 210 -83.42 -48.38 5.78
C LYS AA 210 -83.19 -47.94 7.23
N SER AA 211 -82.00 -48.20 7.78
CA SER AA 211 -81.68 -47.72 9.12
C SER AA 211 -81.61 -46.21 9.20
N ASN AA 212 -81.16 -45.55 8.13
CA ASN AA 212 -81.11 -44.09 8.06
C ASN AA 212 -82.45 -43.46 7.67
N ARG AA 213 -83.49 -44.26 7.42
CA ARG AA 213 -84.76 -43.72 6.99
C ARG AA 213 -85.46 -43.04 8.15
N HIS AA 214 -85.94 -41.82 7.93
CA HIS AA 214 -86.62 -41.05 8.97
C HIS AA 214 -88.04 -41.58 9.11
N VAL AA 215 -88.22 -42.59 9.96
CA VAL AA 215 -89.52 -43.21 10.21
C VAL AA 215 -90.06 -42.62 11.52
N ALA AA 216 -91.20 -41.95 11.43
CA ALA AA 216 -91.88 -41.35 12.56
C ALA AA 216 -92.99 -42.27 13.05
N VAL AA 217 -93.54 -41.93 14.21
CA VAL AA 217 -94.60 -42.68 14.87
C VAL AA 217 -95.86 -41.82 14.90
N THR AA 218 -97.01 -42.46 14.63
CA THR AA 218 -98.30 -41.81 14.66
C THR AA 218 -99.33 -42.80 15.20
N ASN AA 219 -100.58 -42.34 15.31
CA ASN AA 219 -101.64 -43.16 15.87
C ASN AA 219 -102.07 -44.31 14.96
N MET AA 220 -101.93 -44.14 13.64
CA MET AA 220 -102.40 -45.13 12.67
C MET AA 220 -101.37 -46.21 12.37
N ASN AA 221 -100.08 -45.90 12.47
CA ASN AA 221 -99.03 -46.87 12.17
C ASN AA 221 -97.74 -46.47 12.86
N GLU AA 222 -97.22 -47.35 13.71
CA GLU AA 222 -95.94 -47.08 14.36
C GLU AA 222 -94.79 -47.02 13.35
N HIS AA 223 -94.79 -47.91 12.36
CA HIS AA 223 -93.76 -47.93 11.31
C HIS AA 223 -94.24 -47.14 10.09
N SER AA 224 -94.53 -45.86 10.32
CA SER AA 224 -95.07 -45.00 9.27
C SER AA 224 -93.93 -44.42 8.46
N SER AA 225 -93.79 -44.89 7.22
CA SER AA 225 -92.84 -44.30 6.28
C SER AA 225 -93.37 -42.96 5.80
N ARG AA 226 -92.73 -41.87 6.23
CA ARG AA 226 -93.22 -40.51 6.00
C ARG AA 226 -92.64 -39.89 4.73
N SER AA 227 -92.16 -40.69 3.78
CA SER AA 227 -91.62 -40.15 2.54
C SER AA 227 -91.49 -41.27 1.52
N HIS AA 228 -91.04 -40.92 0.32
CA HIS AA 228 -90.99 -41.82 -0.83
C HIS AA 228 -89.53 -42.26 -1.02
N SER AA 229 -89.25 -43.53 -0.71
CA SER AA 229 -87.92 -44.09 -0.86
C SER AA 229 -87.78 -44.70 -2.26
N ILE AA 230 -86.93 -44.10 -3.08
CA ILE AA 230 -86.66 -44.54 -4.45
C ILE AA 230 -85.39 -45.38 -4.41
N PHE AA 231 -85.48 -46.61 -4.90
CA PHE AA 231 -84.36 -47.55 -5.00
C PHE AA 231 -84.18 -47.93 -6.45
N LEU AA 232 -83.01 -47.60 -7.02
CA LEU AA 232 -82.69 -47.82 -8.42
C LEU AA 232 -81.72 -48.99 -8.54
N ILE AA 233 -81.91 -49.79 -9.59
CA ILE AA 233 -80.97 -50.86 -9.96
C ILE AA 233 -80.73 -50.68 -11.45
N ASN AA 234 -79.66 -49.97 -11.79
CA ASN AA 234 -79.30 -49.68 -13.18
C ASN AA 234 -78.50 -50.86 -13.72
N VAL AA 235 -79.20 -51.81 -14.34
CA VAL AA 235 -78.59 -53.04 -14.85
C VAL AA 235 -78.09 -52.78 -16.26
N LYS AA 236 -76.78 -52.62 -16.41
CA LYS AA 236 -76.11 -52.53 -17.71
C LYS AA 236 -75.55 -53.91 -18.05
N GLN AA 237 -75.77 -54.35 -19.29
CA GLN AA 237 -75.32 -55.65 -19.77
C GLN AA 237 -74.84 -55.54 -21.20
N GLU AA 238 -73.89 -56.39 -21.55
CA GLU AA 238 -73.31 -56.39 -22.90
C GLU AA 238 -72.71 -57.76 -23.17
N ASN AA 239 -72.89 -58.25 -24.39
CA ASN AA 239 -72.37 -59.54 -24.82
C ASN AA 239 -71.02 -59.33 -25.50
N THR AA 240 -70.06 -60.22 -25.20
CA THR AA 240 -68.73 -60.10 -25.77
C THR AA 240 -68.68 -60.51 -27.24
N GLN AA 241 -69.52 -61.47 -27.64
CA GLN AA 241 -69.51 -61.96 -29.02
C GLN AA 241 -70.22 -61.02 -29.98
N THR AA 242 -71.48 -60.68 -29.70
CA THR AA 242 -72.25 -59.82 -30.59
C THR AA 242 -71.92 -58.34 -30.43
N GLU AA 243 -71.31 -57.93 -29.32
CA GLU AA 243 -70.94 -56.53 -29.08
C GLU AA 243 -72.17 -55.62 -29.06
N GLN AA 244 -73.23 -56.08 -28.40
CA GLN AA 244 -74.49 -55.36 -28.27
C GLN AA 244 -74.69 -54.95 -26.82
N LYS AA 245 -74.69 -53.65 -26.57
CA LYS AA 245 -74.85 -53.10 -25.24
C LYS AA 245 -76.31 -52.79 -24.97
N LEU AA 246 -76.76 -53.11 -23.75
CA LEU AA 246 -78.14 -52.87 -23.32
C LEU AA 246 -78.15 -52.42 -21.88
N SER AA 247 -79.11 -51.57 -21.53
CA SER AA 247 -79.27 -51.04 -20.19
C SER AA 247 -80.76 -50.92 -19.87
N GLY AA 248 -81.08 -51.05 -18.59
CA GLY AA 248 -82.45 -50.93 -18.11
C GLY AA 248 -82.52 -50.33 -16.72
N LYS AA 249 -83.30 -49.27 -16.57
CA LYS AA 249 -83.49 -48.59 -15.29
C LYS AA 249 -84.65 -49.23 -14.55
N LEU AA 250 -84.36 -49.79 -13.36
CA LEU AA 250 -85.34 -50.51 -12.54
C LEU AA 250 -85.62 -49.69 -11.30
N TYR AA 251 -86.74 -48.97 -11.31
CA TYR AA 251 -87.14 -48.10 -10.20
C TYR AA 251 -88.02 -48.87 -9.23
N LEU AA 252 -87.66 -48.81 -7.94
CA LEU AA 252 -88.43 -49.39 -6.84
C LEU AA 252 -88.78 -48.26 -5.89
N VAL AA 253 -90.01 -47.75 -5.99
CA VAL AA 253 -90.49 -46.61 -5.21
C VAL AA 253 -91.48 -47.13 -4.18
N ASP AA 254 -91.33 -46.69 -2.93
CA ASP AA 254 -92.23 -47.03 -1.83
C ASP AA 254 -92.72 -45.71 -1.23
N LEU AA 255 -93.93 -45.30 -1.61
CA LEU AA 255 -94.46 -44.01 -1.24
C LEU AA 255 -95.13 -44.07 0.14
N ALA AA 256 -95.51 -42.89 0.65
CA ALA AA 256 -96.16 -42.74 1.95
C ALA AA 256 -97.67 -42.68 1.76
N GLY AA 257 -98.39 -42.51 2.86
CA GLY AA 257 -99.84 -42.61 2.87
C GLY AA 257 -100.50 -41.23 2.90
N SER AA 258 -101.59 -41.11 2.14
CA SER AA 258 -102.39 -39.88 2.09
C SER AA 258 -103.40 -39.93 3.23
N ALA AA 259 -102.93 -39.66 4.44
CA ALA AA 259 -103.74 -39.75 5.65
C ALA AA 259 -104.37 -38.40 5.99
N LYS AA 260 -105.50 -38.46 6.67
CA LYS AA 260 -106.18 -37.28 7.17
C LYS AA 260 -105.57 -36.84 8.50
N VAL AA 261 -105.49 -35.53 8.69
CA VAL AA 261 -104.89 -35.00 9.92
C VAL AA 261 -105.79 -35.30 11.12
N SER AA 262 -107.11 -35.35 10.92
CA SER AA 262 -108.01 -35.64 12.03
C SER AA 262 -107.86 -37.08 12.51
N LYS AA 263 -107.57 -38.01 11.60
CA LYS AA 263 -107.40 -39.42 11.95
C LYS AA 263 -106.03 -39.69 12.56
N THR AA 264 -104.96 -39.13 11.96
CA THR AA 264 -103.63 -39.32 12.49
C THR AA 264 -103.36 -38.49 13.74
N GLY AA 265 -103.97 -37.31 13.84
CA GLY AA 265 -103.70 -36.43 14.95
C GLY AA 265 -102.29 -35.89 14.90
N ALA AA 266 -101.89 -35.40 13.72
CA ALA AA 266 -100.54 -34.91 13.50
C ALA AA 266 -100.39 -33.51 14.07
N GLU AA 267 -99.23 -33.26 14.70
CA GLU AA 267 -98.93 -31.95 15.26
C GLU AA 267 -97.42 -31.81 15.39
N GLY AA 268 -96.93 -30.63 15.04
CA GLY AA 268 -95.51 -30.31 15.14
C GLY AA 268 -94.73 -30.62 13.88
N ALA AA 269 -93.58 -31.28 14.02
CA ALA AA 269 -92.72 -31.57 12.89
C ALA AA 269 -93.35 -32.53 11.90
N VAL AA 270 -94.22 -33.44 12.36
CA VAL AA 270 -94.88 -34.38 11.45
C VAL AA 270 -95.79 -33.67 10.45
N LEU AA 271 -96.32 -32.50 10.80
CA LEU AA 271 -97.13 -31.73 9.86
C LEU AA 271 -96.31 -31.31 8.65
N ASP AA 272 -95.05 -30.91 8.86
CA ASP AA 272 -94.19 -30.56 7.74
C ASP AA 272 -93.88 -31.78 6.89
N GLU AA 273 -93.78 -32.96 7.51
CA GLU AA 273 -93.57 -34.18 6.75
C GLU AA 273 -94.79 -34.53 5.92
N ALA AA 274 -95.99 -34.19 6.41
CA ALA AA 274 -97.21 -34.51 5.68
C ALA AA 274 -97.38 -33.64 4.44
N LYS AA 275 -96.82 -32.42 4.46
CA LYS AA 275 -97.01 -31.49 3.36
C LYS AA 275 -96.30 -31.95 2.09
N ASN AA 276 -95.03 -32.33 2.23
CA ASN AA 276 -94.22 -32.67 1.05
C ASN AA 276 -94.70 -33.97 0.39
N ILE AA 277 -95.17 -34.93 1.19
CA ILE AA 277 -95.68 -36.17 0.61
C ILE AA 277 -97.03 -35.92 -0.07
N ASN AA 278 -97.86 -35.05 0.49
CA ASN AA 278 -99.17 -34.78 -0.08
C ASN AA 278 -99.08 -33.97 -1.37
N LYS AA 279 -98.07 -33.12 -1.50
CA LYS AA 279 -97.83 -32.43 -2.77
C LYS AA 279 -97.50 -33.43 -3.88
N SER AA 280 -96.73 -34.48 -3.54
CA SER AA 280 -96.29 -35.42 -4.55
C SER AA 280 -97.42 -36.32 -5.02
N LEU AA 281 -98.19 -36.89 -4.07
CA LEU AA 281 -99.26 -37.80 -4.47
C LEU AA 281 -100.39 -37.05 -5.17
N SER AA 282 -100.60 -35.78 -4.82
CA SER AA 282 -101.54 -34.95 -5.57
C SER AA 282 -100.97 -34.59 -6.93
N ALA AA 283 -99.65 -34.42 -7.02
CA ALA AA 283 -99.03 -34.06 -8.29
C ALA AA 283 -99.14 -35.20 -9.30
N LEU AA 284 -98.76 -36.42 -8.91
CA LEU AA 284 -98.92 -37.56 -9.80
C LEU AA 284 -100.39 -37.91 -10.01
N GLY AA 285 -101.25 -37.56 -9.04
CA GLY AA 285 -102.68 -37.69 -9.26
C GLY AA 285 -103.17 -36.84 -10.40
N ASN AA 286 -102.55 -35.67 -10.59
CA ASN AA 286 -102.86 -34.86 -11.77
C ASN AA 286 -102.30 -35.51 -13.03
N VAL AA 287 -101.17 -36.23 -12.91
CA VAL AA 287 -100.55 -36.85 -14.08
C VAL AA 287 -101.42 -38.00 -14.59
N ILE AA 288 -101.95 -38.81 -13.69
CA ILE AA 288 -102.79 -39.93 -14.10
C ILE AA 288 -104.11 -39.41 -14.68
N SER AA 289 -104.69 -38.39 -14.06
CA SER AA 289 -105.91 -37.80 -14.60
C SER AA 289 -105.64 -37.07 -15.91
N ALA AA 290 -104.47 -36.43 -16.04
CA ALA AA 290 -104.11 -35.80 -17.30
C ALA AA 290 -103.87 -36.84 -18.37
N LEU AA 291 -103.20 -37.94 -18.02
CA LEU AA 291 -102.96 -39.01 -19.00
C LEU AA 291 -104.24 -39.79 -19.29
N ALA AA 292 -105.13 -39.91 -18.32
CA ALA AA 292 -106.38 -40.64 -18.52
C ALA AA 292 -107.31 -39.88 -19.45
N GLU AA 293 -107.59 -38.62 -19.13
CA GLU AA 293 -108.39 -37.77 -20.01
C GLU AA 293 -107.67 -37.39 -21.29
N GLY AA 294 -106.35 -37.47 -21.33
CA GLY AA 294 -105.60 -37.20 -22.55
C GLY AA 294 -105.38 -35.71 -22.77
N SER AA 295 -104.72 -35.05 -21.81
CA SER AA 295 -104.45 -33.63 -21.94
C SER AA 295 -103.35 -33.39 -22.97
N THR AA 296 -103.13 -32.11 -23.27
CA THR AA 296 -102.10 -31.72 -24.24
C THR AA 296 -100.72 -31.65 -23.62
N TYR AA 297 -100.61 -31.02 -22.46
CA TYR AA 297 -99.31 -30.75 -21.83
C TYR AA 297 -98.84 -31.90 -20.93
N VAL AA 298 -99.77 -32.52 -20.19
CA VAL AA 298 -99.45 -33.62 -19.28
C VAL AA 298 -98.47 -33.11 -18.21
N PRO AA 299 -98.91 -32.30 -17.24
CA PRO AA 299 -97.95 -31.61 -16.38
C PRO AA 299 -97.22 -32.51 -15.39
N TYR AA 300 -96.14 -33.14 -15.87
CA TYR AA 300 -95.25 -33.89 -15.00
C TYR AA 300 -94.47 -32.99 -14.04
N ARG AA 301 -94.27 -31.72 -14.38
CA ARG AA 301 -93.38 -30.84 -13.64
C ARG AA 301 -94.05 -30.12 -12.48
N ASP AA 302 -95.18 -30.64 -11.98
CA ASP AA 302 -95.80 -30.05 -10.80
C ASP AA 302 -94.92 -30.23 -9.57
N SER AA 303 -94.56 -31.48 -9.26
CA SER AA 303 -93.66 -31.82 -8.18
C SER AA 303 -92.45 -32.56 -8.74
N LYS AA 304 -91.31 -32.43 -8.04
CA LYS AA 304 -90.09 -33.08 -8.48
C LYS AA 304 -90.15 -34.60 -8.32
N MET AA 305 -91.04 -35.11 -7.46
CA MET AA 305 -91.25 -36.55 -7.41
C MET AA 305 -91.84 -37.05 -8.72
N THR AA 306 -92.71 -36.24 -9.35
CA THR AA 306 -93.29 -36.62 -10.63
C THR AA 306 -92.26 -36.58 -11.75
N ARG AA 307 -91.21 -35.77 -11.61
CA ARG AA 307 -90.15 -35.74 -12.62
C ARG AA 307 -89.41 -37.07 -12.69
N ILE AA 308 -89.33 -37.80 -11.58
CA ILE AA 308 -88.66 -39.09 -11.57
C ILE AA 308 -89.47 -40.11 -12.38
N LEU AA 309 -90.81 -40.04 -12.28
CA LEU AA 309 -91.70 -41.04 -12.86
C LEU AA 309 -92.18 -40.66 -14.27
N GLN AA 310 -91.39 -39.88 -15.01
CA GLN AA 310 -91.77 -39.53 -16.37
C GLN AA 310 -91.56 -40.69 -17.31
N ASP AA 311 -90.39 -41.33 -17.24
CA ASP AA 311 -90.10 -42.47 -18.11
C ASP AA 311 -91.00 -43.66 -17.81
N SER AA 312 -91.52 -43.77 -16.59
CA SER AA 312 -92.39 -44.90 -16.26
C SER AA 312 -93.77 -44.76 -16.92
N LEU AA 313 -94.33 -43.56 -16.92
CA LEU AA 313 -95.70 -43.34 -17.39
C LEU AA 313 -95.78 -42.93 -18.86
N GLY AA 314 -94.72 -42.36 -19.42
CA GLY AA 314 -94.72 -41.86 -20.79
C GLY AA 314 -93.41 -42.08 -21.52
N GLY AA 315 -92.66 -43.12 -21.14
CA GLY AA 315 -91.36 -43.44 -21.70
C GLY AA 315 -91.38 -44.81 -22.34
N ASN AA 316 -90.20 -45.44 -22.34
CA ASN AA 316 -89.95 -46.75 -22.95
C ASN AA 316 -89.96 -47.86 -21.91
N CYS AA 317 -90.82 -47.70 -20.89
CA CYS AA 317 -90.83 -48.55 -19.70
C CYS AA 317 -92.11 -49.38 -19.65
N ARG AA 318 -92.07 -50.44 -18.84
CA ARG AA 318 -93.21 -51.32 -18.58
C ARG AA 318 -93.58 -51.16 -17.10
N THR AA 319 -94.53 -50.26 -16.84
CA THR AA 319 -94.92 -49.91 -15.48
C THR AA 319 -96.03 -50.81 -14.99
N THR AA 320 -96.06 -51.06 -13.67
CA THR AA 320 -97.08 -51.87 -13.03
C THR AA 320 -97.38 -51.28 -11.67
N ILE AA 321 -98.52 -50.60 -11.56
CA ILE AA 321 -98.98 -50.00 -10.30
C ILE AA 321 -99.72 -51.08 -9.52
N VAL AA 322 -99.43 -51.17 -8.22
CA VAL AA 322 -100.08 -52.09 -7.30
C VAL AA 322 -100.59 -51.27 -6.12
N ILE AA 323 -101.89 -51.01 -6.10
CA ILE AA 323 -102.53 -50.20 -5.07
C ILE AA 323 -102.85 -51.08 -3.87
N CYS AA 324 -102.61 -50.57 -2.67
CA CYS AA 324 -102.89 -51.25 -1.42
C CYS AA 324 -103.99 -50.50 -0.68
N CYS AA 325 -104.88 -51.25 -0.03
CA CYS AA 325 -106.00 -50.67 0.70
C CYS AA 325 -106.33 -51.57 1.88
N SER AA 326 -107.00 -50.99 2.87
CA SER AA 326 -107.44 -51.67 4.09
C SER AA 326 -108.91 -52.09 3.96
N PRO AA 327 -109.34 -53.26 4.46
CA PRO AA 327 -110.77 -53.62 4.33
C PRO AA 327 -111.68 -53.04 5.39
N SER AA 328 -111.20 -52.12 6.24
CA SER AA 328 -112.01 -51.58 7.32
C SER AA 328 -113.00 -50.56 6.79
N SER AA 329 -114.12 -50.45 7.50
CA SER AA 329 -115.13 -49.43 7.20
C SER AA 329 -114.70 -48.03 7.61
N TYR AA 330 -113.69 -47.89 8.48
CA TYR AA 330 -113.26 -46.58 8.94
C TYR AA 330 -112.49 -45.80 7.89
N ASN AA 331 -111.82 -46.49 6.96
CA ASN AA 331 -111.09 -45.87 5.86
C ASN AA 331 -111.81 -46.04 4.53
N GLU AA 332 -113.14 -46.04 4.55
CA GLU AA 332 -113.92 -46.32 3.34
C GLU AA 332 -113.78 -45.21 2.30
N SER AA 333 -113.64 -43.95 2.74
CA SER AA 333 -113.62 -42.85 1.80
C SER AA 333 -112.31 -42.80 1.03
N GLU AA 334 -111.18 -42.86 1.74
CA GLU AA 334 -109.88 -42.81 1.09
C GLU AA 334 -109.63 -44.04 0.21
N THR AA 335 -110.20 -45.19 0.59
CA THR AA 335 -110.01 -46.40 -0.20
C THR AA 335 -110.79 -46.34 -1.50
N LYS AA 336 -111.99 -45.75 -1.48
CA LYS AA 336 -112.75 -45.57 -2.72
C LYS AA 336 -112.03 -44.62 -3.66
N SER AA 337 -111.36 -43.60 -3.13
CA SER AA 337 -110.56 -42.71 -3.97
C SER AA 337 -109.38 -43.45 -4.59
N THR AA 338 -108.83 -44.43 -3.89
CA THR AA 338 -107.69 -45.18 -4.42
C THR AA 338 -108.13 -46.12 -5.53
N LEU AA 339 -109.34 -46.69 -5.42
CA LEU AA 339 -109.82 -47.60 -6.46
C LEU AA 339 -110.09 -46.86 -7.76
N LEU AA 340 -110.85 -45.76 -7.70
CA LEU AA 340 -111.11 -44.97 -8.89
C LEU AA 340 -109.84 -44.34 -9.43
N PHE AA 341 -108.88 -44.03 -8.56
CA PHE AA 341 -107.55 -43.64 -9.01
C PHE AA 341 -106.90 -44.78 -9.80
N GLY AA 342 -107.14 -46.02 -9.38
CA GLY AA 342 -106.67 -47.16 -10.16
C GLY AA 342 -107.38 -47.30 -11.48
N GLN AA 343 -108.69 -46.97 -11.52
CA GLN AA 343 -109.42 -47.03 -12.77
C GLN AA 343 -108.92 -46.00 -13.77
N ARG AA 344 -108.54 -44.81 -13.30
CA ARG AA 344 -107.91 -43.84 -14.18
C ARG AA 344 -106.54 -44.30 -14.66
N ALA AA 345 -105.85 -45.14 -13.89
CA ALA AA 345 -104.56 -45.67 -14.31
C ALA AA 345 -104.69 -46.75 -15.39
N LYS AA 346 -105.87 -47.36 -15.55
CA LYS AA 346 -106.01 -48.43 -16.53
C LYS AA 346 -105.97 -47.92 -17.96
N THR AA 347 -106.47 -46.71 -18.20
CA THR AA 347 -106.54 -46.15 -19.55
C THR AA 347 -105.22 -45.56 -20.03
N ILE AA 348 -104.12 -45.69 -19.27
CA ILE AA 348 -102.83 -45.11 -19.62
C ILE AA 348 -102.04 -46.15 -20.42
N LYS AA 349 -101.23 -45.67 -21.35
CA LYS AA 349 -100.35 -46.49 -22.17
C LYS AA 349 -98.99 -45.83 -22.30
N ASN AA 350 -97.95 -46.67 -22.27
CA ASN AA 350 -96.57 -46.22 -22.41
C ASN AA 350 -96.17 -46.17 -23.88
N THR AA 351 -95.12 -45.41 -24.15
CA THR AA 351 -94.55 -45.29 -25.50
C THR AA 351 -93.42 -46.30 -25.69
N VAL AA 352 -93.74 -47.56 -25.40
CA VAL AA 352 -92.76 -48.64 -25.46
C VAL AA 352 -92.61 -49.14 -26.88
PG GTP BA . -3.47 -0.82 2.28
O1G GTP BA . -4.24 -2.12 2.29
O2G GTP BA . -2.25 -0.95 3.15
O3G GTP BA . -3.05 -0.50 0.85
O3B GTP BA . -4.44 0.33 2.86
PB GTP BA . -5.79 0.76 2.09
O1B GTP BA . -5.45 1.49 0.81
O2B GTP BA . -6.64 1.61 3.00
O3A GTP BA . -6.52 -0.63 1.74
PA GTP BA . -8.05 -0.93 2.17
O1A GTP BA . -8.86 0.34 2.11
O2A GTP BA . -8.11 -1.56 3.54
O5' GTP BA . -8.59 -1.95 1.04
C5' GTP BA . -9.00 -1.49 -0.24
C4' GTP BA . -10.52 -1.66 -0.34
O4' GTP BA . -11.18 -0.73 0.49
C3' GTP BA . -11.06 -1.42 -1.74
O3' GTP BA . -11.20 -2.63 -2.44
C2' GTP BA . -12.41 -0.76 -1.52
O2' GTP BA . -13.46 -1.61 -1.95
C1' GTP BA . -12.47 -0.45 -0.02
N9 GTP BA . -12.79 0.98 0.17
C8 GTP BA . -11.94 1.96 0.57
N7 GTP BA . -12.62 3.12 0.65
C5 GTP BA . -13.91 2.88 0.34
C6 GTP BA . -15.02 3.71 0.26
O6 GTP BA . -14.92 4.91 0.53
N1 GTP BA . -16.25 3.19 -0.09
C2 GTP BA . -16.35 1.84 -0.39
N2 GTP BA . -17.53 1.33 -0.74
N3 GTP BA . -15.24 1.03 -0.31
C4 GTP BA . -14.04 1.54 0.04
PG G2P CA . 30.13 8.37 -17.64
O1G G2P CA . 30.91 8.70 -16.28
O2G G2P CA . 29.55 9.67 -18.23
O3G G2P CA . 31.07 7.76 -18.61
O3B G2P CA . 28.95 7.37 -17.35
PB G2P CA . 27.27 7.85 -17.28
O1B G2P CA . 26.54 6.94 -16.32
O2B G2P CA . 27.17 9.25 -16.82
C3A G2P CA . 26.51 7.69 -19.01
PA G2P CA . 24.83 8.44 -19.01
O1A G2P CA . 24.51 8.87 -17.66
O2A G2P CA . 24.81 9.65 -19.95
O5' G2P CA . 23.71 7.34 -19.52
C5' G2P CA . 23.97 6.52 -20.71
C4' G2P CA . 22.87 6.76 -21.75
O4' G2P CA . 21.63 7.45 -21.12
C3' G2P CA . 23.26 7.59 -22.64
O3' G2P CA . 24.02 6.90 -23.69
C2' G2P CA . 21.84 8.21 -23.25
O2' G2P CA . 21.23 7.26 -24.17
C1' G2P CA . 21.09 8.39 -22.25
N9 G2P CA . 21.11 9.82 -21.78
C8 G2P CA . 22.14 10.63 -21.50
N7 G2P CA . 21.63 11.81 -21.11
C5 G2P CA . 20.28 11.72 -21.14
C6 G2P CA . 19.29 12.62 -20.85
O6 G2P CA . 19.58 13.75 -20.48
N1 G2P CA . 18.01 12.25 -20.97
C2 G2P CA . 17.68 11.00 -21.40
N2 G2P CA . 16.23 10.52 -21.56
N3 G2P CA . 18.65 10.13 -21.68
C4 G2P CA . 19.97 10.50 -21.55
PG ATP DA . 14.16 -26.56 15.88
O1G ATP DA . 12.84 -25.93 15.53
O2G ATP DA . 14.68 -27.51 14.83
O3G ATP DA . 15.20 -25.59 16.39
PB ATP DA . 13.41 -29.04 16.99
O1B ATP DA . 12.03 -29.08 16.41
O2B ATP DA . 14.54 -29.79 16.32
O3B ATP DA . 13.85 -27.49 17.15
PA ATP DA . 14.62 -30.10 19.30
O1A ATP DA . 15.51 -28.93 19.63
O2A ATP DA . 15.20 -31.27 18.52
O3A ATP DA . 13.33 -29.52 18.54
O5' ATP DA . 14.01 -30.70 20.67
C5' ATP DA . 14.68 -30.50 21.91
C4' ATP DA . 14.45 -31.68 22.84
O4' ATP DA . 13.44 -32.57 22.33
C3' ATP DA . 15.68 -32.55 23.06
O3' ATP DA . 16.50 -32.06 24.14
C2' ATP DA . 15.14 -33.95 23.28
O2' ATP DA . 15.10 -34.37 24.65
C1' ATP DA . 13.72 -33.91 22.74
N9 ATP DA . 13.57 -34.86 21.61
C8 ATP DA . 13.52 -34.51 20.31
N7 ATP DA . 13.39 -35.61 19.52
C5 ATP DA . 13.35 -36.69 20.32
C6 ATP DA . 13.23 -38.15 20.14
N6 ATP DA . 13.11 -38.70 18.92
N1 ATP DA . 13.24 -38.92 21.25
C2 ATP DA . 13.35 -38.40 22.49
N3 ATP DA . 13.46 -37.08 22.72
C4 ATP DA . 13.47 -36.19 21.70
PG GTP EA . -71.77 -16.17 43.99
O1G GTP EA . -72.54 -17.47 44.00
O2G GTP EA . -70.54 -16.33 44.85
O3G GTP EA . -71.34 -15.85 42.56
O3B GTP EA . -72.72 -15.02 44.58
PB GTP EA . -74.08 -14.59 43.83
O1B GTP EA . -73.74 -13.85 42.56
O2B GTP EA . -74.92 -13.74 44.76
O3A GTP EA . -74.81 -15.98 43.47
PA GTP EA . -76.35 -16.27 43.89
O1A GTP EA . -77.15 -15.00 43.85
O2A GTP EA . -76.41 -16.90 45.26
O5' GTP EA . -76.88 -17.26 42.75
C5' GTP EA . -77.31 -16.79 41.48
C4' GTP EA . -78.82 -16.96 41.39
O4' GTP EA . -79.47 -16.03 42.22
C3' GTP EA . -79.37 -16.70 39.99
O3' GTP EA . -79.52 -17.90 39.27
C2' GTP EA . -80.71 -16.04 40.23
O2' GTP EA . -81.77 -16.86 39.78
C1' GTP EA . -80.77 -15.73 41.72
N9 GTP EA . -81.09 -14.31 41.93
C8 GTP EA . -80.21 -13.34 42.34
N7 GTP EA . -80.89 -12.18 42.43
C5 GTP EA . -82.19 -12.40 42.11
C6 GTP EA . -83.30 -11.57 42.06
O6 GTP EA . -83.19 -10.37 42.34
N1 GTP EA . -84.52 -12.08 41.70
C2 GTP EA . -84.64 -13.42 41.39
N2 GTP EA . -85.82 -13.92 41.04
N3 GTP EA . -83.53 -14.25 41.45
C4 GTP EA . -82.32 -13.74 41.80
PG G2P FA . -38.17 -6.94 24.08
O1G G2P FA . -37.37 -6.64 25.45
O2G G2P FA . -38.73 -5.64 23.52
O3G G2P FA . -37.22 -7.55 23.10
O3B G2P FA . -39.34 -7.95 24.37
PB G2P FA . -41.03 -7.46 24.45
O1B G2P FA . -41.75 -8.36 25.40
O2B G2P FA . -41.11 -6.06 24.92
C3A G2P FA . -41.79 -7.58 22.72
PA G2P FA . -43.47 -6.83 22.73
O1A G2P FA . -43.79 -6.41 24.09
O2A G2P FA . -43.48 -5.61 21.82
O5' G2P FA . -44.60 -7.92 22.22
C5' G2P FA . -44.34 -8.73 21.02
C4' G2P FA . -45.44 -8.47 19.98
O4' G2P FA . -46.67 -7.79 20.61
C3' G2P FA . -45.05 -7.64 19.10
O3' G2P FA . -44.30 -8.32 18.05
C2' G2P FA . -46.47 -7.00 18.50
O2' G2P FA . -47.09 -7.94 17.56
C1' G2P FA . -47.22 -6.82 19.50
N9 G2P FA . -47.18 -5.40 19.99
C8 G2P FA . -46.16 -4.59 20.27
N7 G2P FA . -46.66 -3.42 20.68
C5 G2P FA . -48.01 -3.50 20.65
C6 G2P FA . -48.99 -2.61 20.96
O6 G2P FA . -48.69 -1.49 21.35
N1 G2P FA . -50.28 -2.96 20.83
C2 G2P FA . -50.61 -4.22 20.40
N2 G2P FA . -52.06 -4.67 20.23
N3 G2P FA . -49.65 -5.08 20.10
C4 G2P FA . -48.33 -4.72 20.22
PG ATP GA . -54.23 -42.17 57.25
O1G ATP GA . -55.56 -41.52 56.92
O2G ATP GA . -53.73 -43.12 56.19
O3G ATP GA . -53.19 -41.21 57.78
PB ATP GA . -55.00 -44.65 58.35
O1B ATP GA . -56.38 -44.68 57.76
O2B ATP GA . -53.88 -45.40 57.66
O3B ATP GA . -54.55 -43.11 58.53
PA ATP GA . -53.79 -45.75 60.64
O1A ATP GA . -52.89 -44.58 60.98
O2A ATP GA . -53.23 -46.91 59.83
O3A ATP GA . -55.08 -45.15 59.88
O5' ATP GA . -54.40 -46.35 61.99
C5' ATP GA . -53.72 -46.17 63.24
C4' ATP GA . -53.96 -47.36 64.17
O4' ATP GA . -54.97 -48.24 63.64
C3' ATP GA . -52.72 -48.24 64.37
O3' ATP GA . -51.92 -47.77 65.45
C2' ATP GA . -53.28 -49.65 64.58
O2' ATP GA . -53.32 -50.08 65.94
C1' ATP GA . -54.71 -49.59 64.04
N9 ATP GA . -54.86 -50.52 62.89
C8 ATP GA . -54.91 -50.16 61.60
N7 ATP GA . -55.05 -51.25 60.80
C5 ATP GA . -55.09 -52.33 61.60
C6 ATP GA . -55.22 -53.80 61.40
N6 ATP GA . -55.35 -54.33 60.15
N1 ATP GA . -55.22 -54.58 62.50
C2 ATP GA . -55.10 -54.08 63.74
N3 ATP GA . -54.97 -52.75 63.98
C4 ATP GA . -54.96 -51.85 62.98
PG GTP HA . 64.88 14.55 -39.41
O1G GTP HA . 64.12 13.24 -39.38
O2G GTP HA . 66.10 14.42 -38.53
O3G GTP HA . 65.31 14.84 -40.83
O3B GTP HA . 63.91 15.70 -38.84
PB GTP HA . 62.56 16.10 -39.61
O1B GTP HA . 62.89 16.83 -40.89
O2B GTP HA . 61.70 16.96 -38.71
O3A GTP HA . 61.84 14.70 -39.94
PA GTP HA . 60.31 14.41 -39.53
O1A GTP HA . 59.48 15.66 -39.60
O2A GTP HA . 60.24 13.79 -38.14
O5' GTP HA . 59.79 13.38 -40.65
C5' GTP HA . 59.36 13.82 -41.93
C4' GTP HA . 57.85 13.64 -42.03
O4' GTP HA . 57.18 14.57 -41.21
C3' GTP HA . 57.31 13.86 -43.44
O3' GTP HA . 57.18 12.64 -44.12
C2' GTP HA . 55.96 14.51 -43.22
O2' GTP HA . 54.92 13.66 -43.65
C1' GTP HA . 55.90 14.84 -41.73
N9 GTP HA . 55.56 16.26 -41.55
C8 GTP HA . 56.41 17.26 -41.16
N7 GTP HA . 55.72 18.42 -41.09
C5 GTP HA . 54.43 18.17 -41.41
C6 GTP HA . 53.31 19.00 -41.49
O6 GTP HA . 53.42 20.19 -41.24
N1 GTP HA . 52.10 18.46 -41.85
C2 GTP HA . 52.00 17.11 -42.13
N2 GTP HA . 50.82 16.59 -42.48
N3 GTP HA . 53.11 16.30 -42.05
C4 GTP HA . 54.31 16.81 -41.69
PG G2P IA . 98.50 23.72 -59.30
O1G G2P IA . 99.28 24.06 -57.94
O2G G2P IA . 97.92 25.01 -59.90
O3G G2P IA . 99.45 23.10 -60.26
O3B G2P IA . 97.33 22.71 -59.00
PB G2P IA . 95.65 23.17 -58.94
O1B G2P IA . 94.91 22.29 -57.98
O2B G2P IA . 95.54 24.59 -58.49
C3A G2P IA . 94.89 23.01 -60.68
PA G2P IA . 93.21 23.75 -60.69
O1A G2P IA . 92.88 24.19 -59.34
O2A G2P IA . 93.18 24.95 -61.63
O5' G2P IA . 92.09 22.63 -61.18
C5' G2P IA . 92.36 21.80 -62.37
C4' G2P IA . 91.26 22.03 -63.43
O4' G2P IA . 90.02 22.72 -62.80
C3' G2P IA . 91.65 22.85 -64.31
O3' G2P IA . 92.41 22.16 -65.34
C2' G2P IA . 90.23 23.46 -64.94
O2' G2P IA . 89.63 22.50 -65.85
C1' G2P IA . 89.47 23.65 -63.94
N9 G2P IA . 89.49 25.08 -63.48
C8 G2P IA . 90.51 25.90 -63.21
N7 G2P IA . 89.99 27.08 -62.83
C5 G2P IA . 88.65 26.99 -62.86
C6 G2P IA . 87.65 27.87 -62.58
O6 G2P IA . 87.93 29.01 -62.21
N1 G2P IA . 86.37 27.50 -62.70
C2 G2P IA . 86.05 26.25 -63.11
N2 G2P IA . 84.61 25.76 -63.28
N3 G2P IA . 87.02 25.38 -63.39
C4 G2P IA . 88.34 25.76 -63.26
PG ATP JA . 82.61 -10.99 -25.51
O1G ATP JA . 81.28 -10.36 -25.86
O2G ATP JA . 83.13 -11.95 -26.55
O3G ATP JA . 83.63 -10.01 -25.01
PB ATP JA . 81.87 -13.46 -24.37
O1B ATP JA . 80.48 -13.51 -24.95
O2B ATP JA . 82.99 -14.21 -25.04
O3B ATP JA . 82.29 -11.91 -24.22
PA ATP JA . 83.07 -14.49 -22.06
O1A ATP JA . 83.95 -13.32 -21.73
O2A ATP JA . 83.65 -15.66 -22.82
O3A ATP JA . 81.78 -13.93 -22.83
O5' ATP JA . 82.46 -15.08 -20.69
C5' ATP JA . 83.12 -14.87 -19.44
C4' ATP JA . 82.89 -16.05 -18.49
O4' ATP JA . 81.89 -16.94 -19.01
C3' ATP JA . 84.14 -16.90 -18.27
O3' ATP JA . 84.93 -16.40 -17.19
C2' ATP JA . 83.60 -18.30 -18.04
O2' ATP JA . 83.55 -18.71 -16.66
C1' ATP JA . 82.17 -18.28 -18.57
N9 ATP JA . 82.04 -19.23 -19.71
C8 ATP JA . 81.99 -18.90 -21.01
N7 ATP JA . 81.86 -20.01 -21.78
C5 ATP JA . 81.83 -21.08 -20.98
C6 ATP JA . 81.71 -22.54 -21.14
N6 ATP JA . 81.60 -23.10 -22.36
N1 ATP JA . 81.72 -23.30 -20.02
C2 ATP JA . 81.83 -22.76 -18.79
N3 ATP JA . 81.94 -21.44 -18.57
C4 ATP JA . 81.94 -20.56 -19.61
PG GTP KA . 95.14 36.30 -0.43
O1G GTP KA . 94.68 34.95 0.05
O2G GTP KA . 96.24 36.81 0.47
O3G GTP KA . 95.67 36.18 -1.85
O3B GTP KA . 93.88 37.32 -0.37
PB GTP KA . 92.58 37.09 -1.30
O1B GTP KA . 92.91 37.36 -2.74
O2B GTP KA . 91.45 37.97 -0.80
O3A GTP KA . 92.21 35.52 -1.11
PA GTP KA . 90.75 35.03 -0.67
O1A GTP KA . 89.69 35.95 -1.24
O2A GTP KA . 90.65 34.95 0.84
O5' GTP KA . 90.60 33.58 -1.35
C5' GTP KA . 90.26 33.43 -2.72
C4' GTP KA . 88.84 32.87 -2.80
O4' GTP KA . 87.89 33.83 -2.40
C3' GTP KA . 88.45 32.43 -4.20
O3' GTP KA . 88.67 31.06 -4.40
C2' GTP KA . 86.96 32.77 -4.30
O2' GTP KA . 86.19 31.59 -4.42
C1' GTP KA . 86.65 33.57 -3.05
N9 GTP KA . 86.00 34.84 -3.41
C8 GTP KA . 86.58 36.09 -3.39
N7 GTP KA . 85.64 36.99 -3.79
C5 GTP KA . 84.49 36.34 -4.04
C6 GTP KA . 83.25 36.78 -4.46
O6 GTP KA . 83.05 37.99 -4.66
N1 GTP KA . 82.22 35.87 -4.64
C2 GTP KA . 82.44 34.53 -4.40
N2 GTP KA . 81.45 33.66 -4.57
N3 GTP KA . 83.69 34.11 -3.98
C4 GTP KA . 84.70 34.99 -3.81
PG G2P LA . 128.25 45.77 -21.05
O1G G2P LA . 128.76 46.75 -19.88
O2G G2P LA . 127.48 46.58 -22.10
O3G G2P LA . 129.42 45.11 -21.68
O3B G2P LA . 127.28 44.68 -20.44
PB G2P LA . 125.55 44.72 -20.63
O1B G2P LA . 124.91 44.07 -19.42
O2B G2P LA . 125.09 46.12 -20.74
C3A G2P LA . 125.06 43.76 -22.19
PA G2P LA . 123.27 44.02 -22.55
O1A G2P LA . 122.69 44.82 -21.47
O2A G2P LA . 123.12 44.77 -23.86
O5' G2P LA . 122.50 42.57 -22.63
C5' G2P LA . 123.08 41.47 -23.41
C4' G2P LA . 122.10 41.03 -24.51
O4' G2P LA . 120.67 41.58 -24.24
C3' G2P LA . 122.41 41.56 -25.63
O3' G2P LA . 123.43 40.75 -26.30
C2' G2P LA . 120.99 41.55 -26.49
O2' G2P LA . 120.72 40.20 -27.00
C1' G2P LA . 120.08 41.87 -25.66
N9 G2P LA . 119.74 43.34 -25.77
C8 G2P LA . 120.51 44.42 -25.78
N7 G2P LA . 119.72 45.50 -25.89
C5 G2P LA . 118.44 45.08 -25.94
C6 G2P LA . 117.26 45.73 -26.04
O6 G2P LA . 117.24 46.96 -26.11
N1 G2P LA . 116.10 45.04 -26.06
C2 G2P LA . 116.12 43.69 -25.99
N2 G2P LA . 114.84 42.84 -26.01
N3 G2P LA . 117.28 43.04 -25.89
C4 G2P LA . 118.45 43.74 -25.86
PG ATP MA . 116.02 22.44 22.60
O1G ATP MA . 114.64 22.56 21.99
O2G ATP MA . 116.86 21.34 22.02
O3G ATP MA . 116.75 23.76 22.75
PB ATP MA . 115.68 20.44 24.55
O1B ATP MA . 114.42 19.84 23.97
O2B ATP MA . 117.02 19.80 24.25
O3B ATP MA . 115.75 21.99 24.13
PA ATP MA . 116.79 20.61 27.13
O1A ATP MA . 117.34 22.00 27.03
O2A ATP MA . 117.68 19.42 26.87
O3A ATP MA . 115.50 20.53 26.15
O5' ATP MA . 116.14 20.41 28.59
C5' ATP MA . 116.59 21.20 29.70
C4' ATP MA . 116.50 20.42 31.00
O4' ATP MA . 115.79 19.19 30.82
C3' ATP MA . 117.85 20.03 31.58
O3' ATP MA . 118.39 21.06 32.42
C2' ATP MA . 117.60 18.71 32.30
O2' ATP MA . 117.48 18.82 33.72
C1' ATP MA . 116.28 18.20 31.72
N9 ATP MA . 116.49 16.90 31.03
C8 ATP MA . 116.54 16.73 29.70
N7 ATP MA . 116.75 15.43 29.39
C5 ATP MA . 116.84 14.74 30.53
C6 ATP MA . 117.07 13.33 30.92
N6 ATP MA . 117.23 12.36 29.99
N1 ATP MA . 117.09 13.04 32.25
C2 ATP MA . 116.93 13.98 33.19
N3 ATP MA . 116.73 15.28 32.90
C4 ATP MA . 116.67 15.72 31.62
PG GTP NA . 26.99 20.44 41.39
O1G GTP NA . 26.52 19.09 41.87
O2G GTP NA . 28.09 20.93 42.30
O3G GTP NA . 27.51 20.32 39.96
O3B GTP NA . 25.74 21.46 41.47
PB GTP NA . 24.42 21.24 40.55
O1B GTP NA . 24.76 21.53 39.11
O2B GTP NA . 23.31 22.13 41.04
O3A GTP NA . 24.06 19.68 40.71
PA GTP NA . 22.60 19.20 41.16
O1A GTP NA . 21.53 20.11 40.60
O2A GTP NA . 22.49 19.09 42.66
O5' GTP NA . 22.43 17.75 40.46
C5' GTP NA . 22.08 17.61 39.09
C4' GTP NA . 20.66 17.06 39.01
O4' GTP NA . 19.72 18.02 39.41
C3' GTP NA . 20.26 16.64 37.61
O3' GTP NA . 20.47 15.27 37.39
C2' GTP NA . 18.78 16.98 37.52
O2' GTP NA . 18.00 15.82 37.39
C1' GTP NA . 18.48 17.79 38.78
N9 GTP NA . 17.83 19.06 38.43
C8 GTP NA . 18.41 20.30 38.45
N7 GTP NA . 17.49 21.20 38.08
C5 GTP NA . 16.33 20.57 37.82
C6 GTP NA . 15.08 21.02 37.42
O6 GTP NA . 14.90 22.22 37.22
N1 GTP NA . 14.05 20.13 37.22
C2 GTP NA . 14.27 18.78 37.45
N2 GTP NA . 13.28 17.91 37.27
N3 GTP NA . 15.51 18.34 37.85
C4 GTP NA . 16.52 19.21 38.04
PG G2P OA . 60.08 29.91 20.75
O1G G2P OA . 60.60 30.88 21.94
O2G G2P OA . 59.32 30.73 19.71
O3G G2P OA . 61.25 29.25 20.12
O3B G2P OA . 59.12 28.82 21.35
PB G2P OA . 57.38 28.87 21.17
O1B G2P OA . 56.74 28.21 22.38
O2B G2P OA . 56.93 30.28 21.08
C3A G2P OA . 56.88 27.93 19.60
PA G2P OA . 55.10 28.21 19.26
O1A G2P OA . 54.51 29.00 20.35
O2A G2P OA . 54.93 28.96 17.95
O5' G2P OA . 54.30 26.76 19.16
C5' G2P OA . 54.88 25.67 18.37
C4' G2P OA . 53.90 25.24 17.27
O4' G2P OA . 52.46 25.79 17.54
C3' G2P OA . 54.20 25.77 16.16
O3' G2P OA . 55.22 24.97 15.48
C2' G2P OA . 52.78 25.79 15.30
O2' G2P OA . 52.50 24.44 14.78
C1' G2P OA . 51.87 26.11 16.13
N9 G2P OA . 51.54 27.57 16.04
C8 G2P OA . 52.33 28.66 16.04
N7 G2P OA . 51.54 29.74 15.94
C5 G2P OA . 50.26 29.32 15.89
C6 G2P OA . 49.07 29.99 15.81
O6 G2P OA . 49.05 31.21 15.74
N1 G2P OA . 47.91 29.30 15.78
C2 G2P OA . 47.92 27.94 15.84
N2 G2P OA . 46.64 27.11 15.81
N3 G2P OA . 49.07 27.29 15.93
C4 G2P OA . 50.26 27.99 15.95
PG ATP PA . 47.85 6.24 64.22
O1G ATP PA . 46.48 6.37 63.62
O2G ATP PA . 48.70 5.13 63.62
O3G ATP PA . 48.59 7.55 64.39
PB ATP PA . 47.52 4.22 66.16
O1B ATP PA . 46.26 3.63 65.57
O2B ATP PA . 48.85 3.57 65.84
O3B ATP PA . 47.59 5.77 65.74
PA ATP PA . 48.63 4.36 68.73
O1A ATP PA . 49.20 5.75 68.63
O2A ATP PA . 49.53 3.17 68.45
O3A ATP PA . 47.34 4.29 67.75
O5' ATP PA . 48.00 4.15 70.19
C5' ATP PA . 48.45 4.93 71.30
C4' ATP PA . 48.36 4.13 72.60
O4' ATP PA . 47.65 2.91 72.41
C3' ATP PA . 49.71 3.72 73.17
O3' ATP PA . 50.26 4.74 74.01
C2' ATP PA . 49.46 2.39 73.88
O2' ATP PA . 49.33 2.50 75.30
C1' ATP PA . 48.14 1.90 73.31
N9 ATP PA . 48.33 0.61 72.59
C8 ATP PA . 48.37 0.45 71.26
N7 ATP PA . 48.58 -0.84 70.94
C5 ATP PA . 48.67 -1.55 72.07
C6 ATP PA . 48.89 -2.96 72.45
N6 ATP PA . 49.04 -3.93 71.51
N1 ATP PA . 48.91 -3.27 73.77
C2 ATP PA . 48.76 -2.33 74.72
N3 ATP PA . 48.56 -1.03 74.45
C4 ATP PA . 48.51 -0.58 73.17
PG GTP QA . -41.11 4.57 83.24
O1G GTP QA . -41.59 3.22 83.69
O2G GTP QA . -40.01 5.04 84.14
O3G GTP QA . -40.59 4.47 81.81
O3B GTP QA . -42.36 5.58 83.33
PB GTP QA . -43.67 5.38 82.41
O1B GTP QA . -43.35 5.70 80.97
O2B GTP QA . -44.79 6.28 82.92
O3A GTP QA . -44.05 3.83 82.56
PA GTP QA . -45.52 3.35 83.01
O1A GTP QA . -46.58 4.28 82.47
O2A GTP QA . -45.61 3.22 84.51
O5' GTP QA . -45.70 1.90 82.29
C5' GTP QA . -46.04 1.79 80.93
C4' GTP QA . -47.46 1.24 80.84
O4' GTP QA . -48.40 2.21 81.26
C3' GTP QA . -47.88 0.84 79.43
O3' GTP QA . -47.67 -0.53 79.20
C2' GTP QA . -49.35 1.19 79.35
O2' GTP QA . -50.13 0.03 79.21
C1' GTP QA . -49.64 1.98 80.63
N9 GTP QA . -50.29 3.26 80.29
C8 GTP QA . -49.70 4.49 80.33
N7 GTP QA . -50.63 5.41 79.97
C5 GTP QA . -51.79 4.79 79.71
C6 GTP QA . -53.03 5.25 79.30
O6 GTP QA . -53.21 6.46 79.12
N1 GTP QA . -54.07 4.36 79.11
C2 GTP QA . -53.86 3.01 79.32
N2 GTP QA . -54.85 2.15 79.14
N3 GTP QA . -52.62 2.55 79.72
C4 GTP QA . -51.60 3.43 79.91
PG G2P RA . -8.04 14.11 62.60
O1G G2P RA . -7.51 15.06 63.80
O2G G2P RA . -8.80 14.95 61.58
O3G G2P RA . -6.88 13.44 61.96
O3B G2P RA . -9.01 13.01 63.19
PB G2P RA . -10.75 13.07 63.03
O1B G2P RA . -11.39 12.41 64.22
O2B G2P RA . -11.20 14.49 62.95
C3A G2P RA . -11.26 12.16 61.44
PA G2P RA . -13.03 12.44 61.11
O1A G2P RA . -13.61 13.22 62.20
O2A G2P RA . -13.20 13.22 59.81
O5' G2P RA . -13.84 11.00 60.99
C5' G2P RA . -13.27 9.91 60.20
C4' G2P RA . -14.25 9.50 59.09
O4' G2P RA . -15.69 10.05 59.37
C3' G2P RA . -13.95 10.05 57.98
O3' G2P RA . -12.95 9.24 57.29
C2' G2P RA . -15.38 10.07 57.13
O2' G2P RA . -15.66 8.74 56.59
C1' G2P RA . -16.28 10.40 57.97
N9 G2P RA . -16.60 11.86 57.90
C8 G2P RA . -15.81 12.94 57.89
N7 G2P RA . -16.60 14.03 57.82
C5 G2P RA . -17.89 13.62 57.77
C6 G2P RA . -19.06 14.29 57.68
O6 G2P RA . -19.07 15.51 57.65
N1 G2P RA . -20.22 13.61 57.65
C2 G2P RA . -20.22 12.25 57.70
N2 G2P RA . -21.51 11.42 57.67
N3 G2P RA . -19.07 11.60 57.78
C4 G2P RA . -17.89 12.28 57.82
PG ATP SA . -20.24 -9.98 105.85
O1G ATP SA . -21.62 -9.84 105.25
O2G ATP SA . -19.41 -11.08 105.24
O3G ATP SA . -19.51 -8.67 106.02
PB ATP SA . -20.58 -12.02 107.76
O1B ATP SA . -21.86 -12.60 107.18
O2B ATP SA . -19.26 -12.68 107.45
O3B ATP SA . -20.51 -10.47 107.36
PA ATP SA . -19.46 -11.92 110.33
O1A ATP SA . -18.90 -10.52 110.25
O2A ATP SA . -18.57 -13.10 110.04
O3A ATP SA . -20.75 -11.96 109.36
O5' ATP SA . -20.10 -12.13 111.80
C5' ATP SA . -19.64 -11.36 112.91
C4' ATP SA . -19.73 -12.19 114.20
O4' ATP SA . -20.46 -13.40 114.00
C3' ATP SA . -18.37 -12.60 114.76
O3' ATP SA . -17.82 -11.60 115.62
C2' ATP SA . -18.64 -13.93 115.46
O2' ATP SA . -18.75 -13.85 116.88
C1' ATP SA . -19.96 -14.42 114.88
N9 ATP SA . -19.77 -15.70 114.17
C8 ATP SA . -19.73 -15.85 112.82
N7 ATP SA . -19.53 -17.14 112.48
C5 ATP SA . -19.44 -17.85 113.62
C6 ATP SA . -19.23 -19.28 113.97
N6 ATP SA . -19.09 -20.23 113.02
N1 ATP SA . -19.21 -19.60 115.29
C2 ATP SA . -19.35 -18.67 116.25
N3 ATP SA . -19.54 -17.36 115.99
C4 ATP SA . -19.59 -16.90 114.72
PG GTP TA . 28.74 15.76 -79.43
O1G GTP TA . 27.67 14.74 -79.76
O2G GTP TA . 29.92 15.07 -78.81
O3G GTP TA . 29.16 16.47 -80.70
O3B GTP TA . 28.08 16.80 -78.38
PB GTP TA . 26.85 17.74 -78.78
O1B GTP TA . 27.30 18.80 -79.76
O2B GTP TA . 26.26 18.37 -77.54
O3A GTP TA . 25.80 16.76 -79.50
PA GTP TA . 24.26 16.65 -79.02
O1A GTP TA . 23.76 17.99 -78.54
O2A GTP TA . 24.10 15.60 -77.95
O5' GTP TA . 23.45 16.25 -80.36
C5' GTP TA . 23.11 17.22 -81.34
C4' GTP TA . 21.60 17.41 -81.30
O4' GTP TA . 21.21 18.10 -80.13
C3' GTP TA . 21.08 18.25 -82.46
O3' GTP TA . 20.63 17.44 -83.52
C2' GTP TA . 19.93 19.06 -81.87
O2' GTP TA . 18.69 18.66 -82.43
C1' GTP TA . 20.01 18.81 -80.36
N9 GTP TA . 20.03 20.10 -79.64
C8 GTP TA . 21.12 20.68 -79.05
N7 GTP TA . 20.73 21.84 -78.49
C5 GTP TA . 19.41 22.02 -78.71
C6 GTP TA . 18.53 23.02 -78.36
O6 GTP TA . 18.93 23.99 -77.71
N1 GTP TA . 17.20 22.93 -78.73
C2 GTP TA . 16.76 21.84 -79.44
N2 GTP TA . 15.48 21.75 -79.80
N3 GTP TA . 17.65 20.84 -79.80
C4 GTP TA . 18.96 20.92 -79.44
PG G2P UA . 62.79 24.29 -98.86
O1G G2P UA . 63.68 23.92 -97.57
O2G G2P UA . 62.52 25.80 -98.89
O3G G2P UA . 63.53 23.89 -100.09
O3B G2P UA . 61.42 23.51 -98.79
PB G2P UA . 59.90 24.28 -98.36
O1B G2P UA . 59.02 23.26 -97.69
O2B G2P UA . 60.16 25.41 -97.44
C3A G2P UA . 59.07 24.93 -99.94
PA G2P UA . 57.61 25.95 -99.48
O1A G2P UA . 57.45 25.92 -98.03
O2A G2P UA . 57.85 27.39 -99.92
O5' G2P UA . 56.24 25.38 -100.19
C5' G2P UA . 56.26 25.00 -101.61
C4' G2P UA . 55.20 25.83 -102.38
O4' G2P UA . 54.19 26.49 -101.40
C3' G2P UA . 55.75 26.81 -102.96
O3' G2P UA . 56.28 26.41 -104.26
C2' G2P UA . 54.50 27.91 -103.15
O2' G2P UA . 53.64 27.50 -104.26
C1' G2P UA . 53.84 27.86 -102.06
N9 G2P UA . 54.23 28.99 -101.14
C8 G2P UA . 55.42 29.41 -100.72
N7 G2P UA . 55.23 30.45 -99.89
C5 G2P UA . 53.90 30.66 -99.79
C6 G2P UA . 53.17 31.57 -99.09
O6 G2P UA . 53.73 32.40 -98.38
N1 G2P UA . 51.83 31.55 -99.18
C2 G2P UA . 51.19 30.63 -99.95
N2 G2P UA . 49.67 30.56 -100.10
N3 G2P UA . 51.92 29.75 -100.64
C4 G2P UA . 53.28 29.76 -100.55
PG ATP VA . 40.22 -16.24 -77.71
O1G ATP VA . 39.06 -15.26 -77.66
O2G ATP VA . 40.45 -16.83 -79.07
O3G ATP VA . 41.47 -15.76 -77.02
PB ATP VA . 38.94 -18.74 -77.43
O1B ATP VA . 37.56 -18.27 -77.83
O2B ATP VA . 39.83 -19.41 -78.46
O3B ATP VA . 39.74 -17.48 -76.80
PA ATP VA . 39.94 -20.79 -75.79
O1A ATP VA . 41.10 -20.02 -75.18
O2A ATP VA . 40.19 -21.68 -76.99
O3A ATP VA . 38.80 -19.71 -76.15
O5' ATP VA . 39.26 -21.69 -74.65
C5' ATP VA . 40.01 -22.10 -73.50
C4' ATP VA . 39.53 -23.47 -73.01
O4' ATP VA . 38.33 -23.88 -73.68
C3' ATP VA . 40.53 -24.59 -73.26
O3' ATP VA . 41.47 -24.71 -72.18
C2' ATP VA . 39.67 -25.84 -73.47
O2' ATP VA . 39.59 -26.70 -72.33
C1' ATP VA . 38.28 -25.31 -73.78
N9 ATP VA . 37.87 -25.72 -75.15
C8 ATP VA . 37.86 -24.93 -76.24
N7 ATP VA . 37.45 -25.62 -77.33
C5 ATP VA . 37.18 -26.87 -76.94
C6 ATP VA . 36.71 -28.11 -77.60
N6 ATP VA . 36.42 -28.14 -78.92
N1 ATP VA . 36.56 -29.22 -76.83
C2 ATP VA . 36.85 -29.21 -75.51
N3 ATP VA . 37.28 -28.12 -74.86
C4 ATP VA . 37.47 -26.94 -75.50
PG GTP WA . -39.66 0.95 -37.63
O1G GTP WA . -40.72 -0.07 -37.98
O2G GTP WA . -38.47 0.25 -37.02
O3G GTP WA . -39.22 1.67 -38.90
O3B GTP WA . -40.29 1.98 -36.57
PB GTP WA . -41.53 2.94 -36.97
O1B GTP WA . -41.07 3.99 -37.94
O2B GTP WA . -42.11 3.55 -35.72
O3A GTP WA . -42.59 1.96 -37.69
PA GTP WA . -44.13 1.86 -37.21
O1A GTP WA . -44.61 3.19 -36.72
O2A GTP WA . -44.29 0.80 -36.14
O5' GTP WA . -44.94 1.48 -38.55
C5' GTP WA . -45.27 2.45 -39.51
C4' GTP WA . -46.79 2.66 -39.48
O4' GTP WA . -47.18 3.33 -38.29
C3' GTP WA . -47.30 3.50 -40.62
O3' GTP WA . -47.77 2.69 -41.68
C2' GTP WA . -48.45 4.30 -40.02
O2' GTP WA . -49.69 3.92 -40.59
C1' GTP WA . -48.37 4.05 -38.52
N9 GTP WA . -48.34 5.33 -37.79
C8 GTP WA . -47.25 5.89 -37.19
N7 GTP WA . -47.63 7.05 -36.62
C5 GTP WA . -48.95 7.23 -36.84
C6 GTP WA . -49.82 8.25 -36.47
O6 GTP WA . -49.42 9.20 -35.82
N1 GTP WA . -51.15 8.16 -36.83
C2 GTP WA . -51.59 7.07 -37.57
N2 GTP WA . -52.88 7.00 -37.92
N3 GTP WA . -50.72 6.07 -37.93
C4 GTP WA . -49.41 6.15 -37.57
PG G2P XA . -5.61 9.51 -57.09
O1G G2P XA . -4.73 9.12 -55.80
O2G G2P XA . -5.87 11.01 -57.10
O3G G2P XA . -4.89 9.11 -58.33
O3B G2P XA . -6.99 8.73 -57.03
PB G2P XA . -8.50 9.49 -56.58
O1B G2P XA . -9.38 8.49 -55.91
O2B G2P XA . -8.23 10.62 -55.64
C3A G2P XA . -9.34 10.17 -58.14
PA G2P XA . -10.79 11.19 -57.67
O1A G2P XA . -10.94 11.15 -56.22
O2A G2P XA . -10.54 12.63 -58.11
O5' G2P XA . -12.16 10.63 -58.39
C5' G2P XA . -12.15 10.27 -59.81
C4' G2P XA . -13.20 11.11 -60.56
O4' G2P XA . -14.21 11.77 -59.58
C3' G2P XA . -12.66 12.10 -61.14
O3' G2P XA . -12.13 11.70 -62.44
C2' G2P XA . -13.90 13.19 -61.31
O2' G2P XA . -14.76 12.80 -62.43
C1' G2P XA . -14.55 13.15 -60.23
N9 G2P XA . -14.16 14.26 -59.30
C8 G2P XA . -12.96 14.68 -58.88
N7 G2P XA . -13.15 15.71 -58.04
C5 G2P XA . -14.47 15.92 -57.92
C6 G2P XA . -15.21 16.83 -57.22
O6 G2P XA . -14.64 17.65 -56.51
N1 G2P XA . -16.55 16.82 -57.30
C2 G2P XA . -17.18 15.91 -58.10
N2 G2P XA . -18.71 15.85 -58.22
N3 G2P XA . -16.47 15.03 -58.79
C4 G2P XA . -15.11 15.03 -58.71
PG ATP YA . -28.31 -31.12 -36.25
O1G ATP YA . -29.45 -30.13 -36.18
O2G ATP YA . -28.08 -31.70 -37.62
O3G ATP YA . -27.05 -30.65 -35.55
PB ATP YA . -29.60 -33.61 -35.98
O1B ATP YA . -30.97 -33.14 -36.37
O2B ATP YA . -28.72 -34.27 -37.02
O3B ATP YA . -28.79 -32.36 -35.35
PA ATP YA . -28.60 -35.68 -34.38
O1A ATP YA . -27.44 -34.93 -33.76
O2A ATP YA . -28.36 -36.56 -35.58
O3A ATP YA . -29.74 -34.60 -34.71
O5' ATP YA . -29.28 -36.59 -33.24
C5' ATP YA . -28.53 -37.01 -32.09
C4' ATP YA . -29.02 -38.39 -31.61
O4' ATP YA . -30.22 -38.78 -32.28
C3' ATP YA . -28.03 -39.52 -31.87
O3' ATP YA . -27.07 -39.64 -30.80
C2' ATP YA . -28.89 -40.75 -32.09
O2' ATP YA . -28.97 -41.63 -30.96
C1' ATP YA . -30.28 -40.21 -32.40
N9 ATP YA . -30.68 -40.62 -33.76
C8 ATP YA . -30.70 -39.81 -34.85
N7 ATP YA . -31.13 -40.48 -35.95
C5 ATP YA . -31.39 -41.74 -35.57
C6 ATP YA . -31.87 -42.98 -36.24
N6 ATP YA . -32.17 -42.99 -37.57
N1 ATP YA . -32.02 -44.09 -35.48
C2 ATP YA . -31.74 -44.09 -34.16
N3 ATP YA . -31.29 -43.01 -33.51
C4 ATP YA . -31.10 -41.82 -34.13
PG GTP ZA . -108.04 -13.87 4.13
O1G GTP ZA . -109.10 -14.88 3.78
O2G GTP ZA . -106.85 -14.59 4.73
O3G GTP ZA . -107.60 -13.15 2.87
O3B GTP ZA . -108.66 -12.85 5.21
PB GTP ZA . -109.90 -11.89 4.83
O1B GTP ZA . -109.44 -10.82 3.86
O2B GTP ZA . -110.47 -11.28 6.08
O3A GTP ZA . -110.97 -12.84 4.10
PA GTP ZA . -112.50 -12.94 4.58
O1A GTP ZA . -112.98 -11.61 5.08
O2A GTP ZA . -112.66 -14.01 5.63
O5' GTP ZA . -113.31 -13.30 3.23
C5' GTP ZA . -113.65 -12.32 2.28
C4' GTP ZA . -115.16 -12.10 2.32
O4' GTP ZA . -115.54 -11.44 3.51
C3' GTP ZA . -115.68 -11.24 1.19
O3' GTP ZA . -116.15 -12.03 0.11
C2' GTP ZA . -116.82 -10.44 1.80
O2' GTP ZA . -118.06 -10.80 1.24
C1' GTP ZA . -116.73 -10.72 3.30
N9 GTP ZA . -116.70 -9.44 4.04
C8 GTP ZA . -115.60 -8.90 4.65
N7 GTP ZA . -115.97 -7.73 5.23
C5 GTP ZA . -117.29 -7.54 5.02
C6 GTP ZA . -118.16 -6.54 5.40
O6 GTP ZA . -117.75 -5.59 6.07
N1 GTP ZA . -119.49 -6.60 5.03
C2 GTP ZA . -119.94 -7.68 4.30
N2 GTP ZA . -121.22 -7.75 3.94
N3 GTP ZA . -119.07 -8.68 3.92
C4 GTP ZA . -117.76 -8.61 4.28
PG G2P AB . -73.98 -5.29 -15.27
O1G G2P AB . -73.08 -5.69 -13.99
O2G G2P AB . -74.23 -3.78 -15.26
O3G G2P AB . -73.25 -5.67 -16.51
O3B G2P AB . -75.35 -6.05 -15.22
PB G2P AB . -76.86 -5.29 -14.75
O1B G2P AB . -77.75 -6.29 -14.11
O2B G2P AB . -76.58 -4.17 -13.81
C3A G2P AB . -77.70 -4.59 -16.31
PA G2P AB . -79.14 -3.55 -15.82
O1A G2P AB . -79.29 -3.61 -14.37
O2A G2P AB . -78.89 -2.11 -16.25
O5' G2P AB . -80.52 -4.11 -16.54
C5' G2P AB . -80.51 -4.45 -17.97
C4' G2P AB . -81.56 -3.59 -18.71
O4' G2P AB . -82.55 -2.95 -17.72
C3' G2P AB . -81.00 -2.60 -19.28
O3' G2P AB . -80.48 -2.99 -20.59
C2' G2P AB . -82.24 -1.49 -19.44
O2' G2P AB . -83.11 -1.87 -20.56
C1' G2P AB . -82.90 -1.54 -18.35
N9 G2P AB . -82.49 -0.45 -17.40
C8 G2P AB . -81.30 -0.05 -16.99
N7 G2P AB . -81.47 0.97 -16.12
C5 G2P AB . -82.80 1.20 -16.01
C6 G2P AB . -83.52 2.09 -15.29
O6 G2P AB . -82.95 2.90 -14.58
N1 G2P AB . -84.86 2.10 -15.37
C2 G2P AB . -85.50 1.20 -16.17
N2 G2P AB . -87.02 1.15 -16.31
N3 G2P AB . -84.80 0.32 -16.88
C4 G2P AB . -83.43 0.32 -16.81
PG ATP BB . -96.88 -46.02 5.11
O1G ATP BB . -98.02 -45.03 5.19
O2G ATP BB . -96.66 -46.58 3.73
O3G ATP BB . -95.62 -45.58 5.80
PB ATP BB . -98.18 -48.51 5.34
O1B ATP BB . -99.57 -48.02 4.97
O2B ATP BB . -97.31 -49.17 4.30
O3B ATP BB . -97.38 -47.28 5.99
PA ATP BB . -97.20 -50.61 6.92
O1A ATP BB . -96.03 -49.88 7.54
O2A ATP BB . -96.96 -51.48 5.71
O3A ATP BB . -98.33 -49.51 6.60
O5' ATP BB . -97.89 -51.53 8.05
C5' ATP BB . -97.14 -51.97 9.19
C4' ATP BB . -97.63 -53.35 9.65
O4' ATP BB . -98.83 -53.73 8.98
C3' ATP BB . -96.64 -54.47 9.38
O3' ATP BB . -95.70 -54.62 10.44
C2' ATP BB . -97.51 -55.70 9.14
O2' ATP BB . -97.61 -56.59 10.27
C1' ATP BB . -98.90 -55.15 8.85
N9 ATP BB . -99.31 -55.54 7.47
C8 ATP BB . -99.32 -54.72 6.40
N7 ATP BB . -99.76 -55.37 5.30
C5 ATP BB . -100.03 -56.64 5.65
C6 ATP BB . -100.52 -57.86 4.98
N6 ATP BB . -100.82 -57.85 3.65
N1 ATP BB . -100.67 -58.98 5.73
C2 ATP BB . -100.38 -59.00 7.04
N3 ATP BB . -99.92 -57.93 7.71
C4 ATP BB . -99.74 -56.74 7.10
#